data_9PBE
#
_entry.id   9PBE
#
loop_
_entity.id
_entity.type
_entity.pdbx_description
1 polymer 'Isoform 2 of SERPINE1 mRNA-binding protein 1'
2 polymer 'Transcription factor BTF3'
3 polymer '28S rRNA'
4 polymer '5S rRNA [Homo sapiens]'
5 polymer '5.8S rRNA [Homo sapiens]'
6 polymer '60S ribosomal protein L8'
7 polymer 'Large ribosomal subunit protein uL3'
8 polymer '60S ribosomal protein L4'
9 polymer 'Large ribosomal subunit protein uL18'
10 polymer 'Large ribosomal subunit protein eL6'
11 polymer '60S ribosomal protein L7'
12 polymer '60S ribosomal protein L7a'
13 polymer '60S ribosomal protein L9'
14 polymer 'Ribosomal protein uL16-like'
15 polymer '60S ribosomal protein L11'
16 polymer 'Large ribosomal subunit protein eL13'
17 polymer '60S ribosomal protein L14'
18 polymer '60S ribosomal protein L15'
19 polymer '60S ribosomal protein L13a'
20 polymer '60S ribosomal protein L17'
21 polymer '60S ribosomal protein L18'
22 polymer '60S ribosomal protein L19'
23 polymer '60S ribosomal protein L18a'
24 polymer '60S ribosomal protein L21'
25 polymer 'Heparin-binding protein HBp15'
26 polymer '60S ribosomal protein L23'
27 polymer 'Ribosomal protein L24'
28 polymer '60S ribosomal protein L23a'
29 polymer '60S ribosomal protein L26'
30 polymer '60S ribosomal protein L27'
31 polymer '60S ribosomal protein L27a'
32 polymer 'Large ribosomal subunit protein eL29'
33 polymer '60S ribosomal protein L30'
34 polymer '60S ribosomal protein L31'
35 polymer '60S ribosomal protein L32'
36 polymer '60S ribosomal protein L35a'
37 polymer '60S ribosomal protein L34'
38 polymer '60S ribosomal protein L35'
39 polymer '60S ribosomal protein L36'
40 polymer '60S ribosomal protein L37'
41 polymer '60S ribosomal protein L38'
42 polymer '60S ribosomal protein L39'
43 polymer 'Large ribosomal subunit protein eL40'
44 polymer '60S ribosomal protein L41'
45 polymer '60S ribosomal protein L36a'
46 polymer '60S ribosomal protein L37a'
47 polymer '60S ribosomal protein L28'
48 polymer '60S acidic ribosomal protein P0'
49 polymer 'Large ribosomal subunit protein uL11'
50 polymer 'P site tRNA'
51 polymer '18S rRNA'
52 polymer '40S ribosomal protein SA'
53 polymer '40S ribosomal protein S3a'
54 polymer '40S ribosomal protein S2'
55 polymer 'Small ribosomal subunit protein uS3'
56 polymer 'Small ribosomal subunit protein eS4, X isoform'
57 polymer '40S ribosomal protein S5'
58 polymer '40S ribosomal protein S6'
59 polymer 'Small ribosomal subunit protein eS7'
60 polymer '40S ribosomal protein S8'
61 polymer '40S ribosomal protein S9'
62 polymer '40S ribosomal protein S10'
63 polymer '40S ribosomal protein S11'
64 polymer 'Small ribosomal subunit protein eS12'
65 polymer '40S ribosomal protein S13'
66 polymer 'Small ribosomal subunit protein uS11'
67 polymer 'Small ribosomal subunit protein uS19'
68 polymer 'Small ribosomal subunit protein uS9'
69 polymer 'Small ribosomal subunit protein eS17'
70 polymer '40S ribosomal protein S18'
71 polymer '40S ribosomal protein S19'
72 polymer '40S ribosomal protein S20'
73 polymer 'Small ribosomal subunit protein eS21'
74 polymer '40S ribosomal protein S15a'
75 polymer '40S ribosomal protein S23'
76 polymer '40S ribosomal protein S24'
77 polymer 'Small ribosomal subunit protein eS25'
78 polymer '40S ribosomal protein S26'
79 polymer 'Small ribosomal subunit protein eS27'
80 polymer '40S ribosomal protein S28'
81 polymer '40S ribosomal protein S29'
82 polymer 'Small ribosomal subunit protein eS30'
83 polymer 'Ubiquitin-40S ribosomal protein S27a'
84 polymer 'Receptor of activated protein C kinase 1'
85 non-polymer 'MAGNESIUM ION'
86 non-polymer SPERMINE
87 non-polymer SPERMIDINE
88 non-polymer 'POTASSIUM ION'
89 non-polymer 'ZINC ION'
90 non-polymer 1,4-DIAMINOBUTANE
91 water water
#
loop_
_entity_poly.entity_id
_entity_poly.type
_entity_poly.pdbx_seq_one_letter_code
_entity_poly.pdbx_strand_id
1 'polypeptide(L)' PGHLQEGFGCVVTNRFDQLFDDESDPFEVLKAAENKAPDVDDPEAFPALA CD
2 'polypeptide(L)' IMNQEKLAKLQAQVRIGGKGTARRKKKVVHR CI
3 'polyribonucleotide'
;CGCGACCUCAGAUCAGACGUGGCGACCCGCUGAAUUUAAGCAUAUUAGUCAGCGGAGGAGAAGAAACUAACCAGGAUUCC
CUCAGUAACGGCGAGUGAACAGGGAAGAGCCCAGCGCCGAAUCCCCGCCCCGCGGCGGGGCGCGGGACAUGUGGCGUACG
GAAGACCCGCUCCCCGGCGCCGCUCGUGGGGGGCCCAAGUCCUUCUGAUCGAGGCCCAGCCCGUGGACGGUGUGAGGCCG
GUAGCGGCCCCCGGCGCGCCGGGCCCGGGUCUUCCCGGAGUCGGGUUGCUUGGGAAUGCAGCCCAAAGCGGGUGGUAAAC
UCCAUCUAAGGCUAAAUACCGGCACGAGACCGAUAGUCAACAAGUACCGUAAGGGAAAGUUGAAAAGAACUUUGAAG
(A2M)G(A2M)GAGUUCAAGAGGGCGUGAAACCGUUAAGAGGUAAACGGGUGGGGUCCGCGCAGUCCGCCCGGAGGAUUC
AACCCGGCGGCGGGUCCGGCCGUGUCGGCGGCCCGGCGGAUCUUUCCCGCCCCCCGUUCCUCCCGACCCCUCCACCCGCC
CUCCCUUCCCCCGCCGCCCCUCCUCCUCCUCCCCGGAGGGGGCGGGCUCCGGCGGGUGCGGGGGUGGGCGGGCGGGGCCG
GGGGUGGGGUCGGCGGGGGACCGUCCCCCGACCGGCGACCGGCCGCCGCCGGGCGCAUUUCCACCGCGGCGGUGCGCCGC
GACCGGCUCCGGGACGGCUGGGAAGGCCCGGCGGGGAAGGUGGCUCGGGGGGCCCCGUCCGUCCGUCCGUCCGUCCUCCU
CCUCCCCCGUCUCCGCCCCCCGGCCCCGCGUCCUCCCUCGGGAGGGCGCGCGGGUCGGGGCGGCGGCGGCGGCGGCGGUG
GCGGCGGCGGCGGCGGCGGCGGGACCGAAACCCCCCCCGAGUGUUACAGCCCCCCCGGCAGCAGCACUCGCCGAAUCCCG
GGGCCGAGGGAGCGAGACCCGUCGCCGCGCUCUCCCCCCUCCCGGCGCCCACCCCCGCGGGGAAUCCCCCGCGAGGGGGG
UCUCCCCCGCGGGGGCGCGCCGGCGUCUCCUCGUGGGGGGGCCGGGCCACCCCUCCCACGGCGCGACCGCUCUCCCACCC
CUCCUCCCCGCGCCCCCGCCCCGGCGACGGGGGGGGUGCCGCGCGCGGGUCGGGGGGCGGGGCGGACUGUCCCCAGUGCG
CCCCGGGCGGGUCGCGCCGUCGGGCCCGGGGGAGGUUCUCUCGGGGCCACGCGCGCGUCCCCCGAAGAGGGGGACGGCGG
AGCGAGCGCACGGGGUCGGCGGCGACGUCGGCUACCCACCCGACCC(OMG)UCUUG(1MA)(A2M)AC(A2M)CGGACCA
AGGAGU(OMC)UAACACGUGCGCGAGUCGGGGGCUCGCACGAAAGCCGCCGUGGCGCAAUGAAGGUGAAGGCCGGCGCGC
UCGCCGGCCGAGGUGGGAUCCCGAGGCCUCUCCAGUCCGCCGAGGGCGCACCACCGGCCCGUCUCGCCCGCCGCGCCGGG
GAGGUGGAGCACGAGCGCACGUGUUAGGACCC(OMG)A(A2M)AGAUGGUGA(A2M)C(PSU)AUGCCUGGGCAGGGCGA
AGCCAGAGGAAACUCUGGUGGAGGUCCG(PSU)AGCGGUCCUGACGUGCAAAUCGGUCGUCCGACCUGGGUAUAG(OMG)
GGCGAAAGACUAAUCGAACCAUCUAGUAGCUGGUUCCCUCCGAAGUUUCCC(PSU)CAGGA(PSU)AGCUGGCGCUCUCG
CAGACCCGACGCACCCCCGCCACGCAGUUUUAUCCGGUAAAGCGAA(PSU)GAUUAGAGGUCUUGGGGCCGAAACGAUCU
CAACCUA(PSU)(PSU)CUCAAACUU(PSU)AAAUGGGUAAGAAGCCCGGCUCGCUGGCGUGGAGCCGGGCGUGGAAUGC
GAGUGCCUAGUGGGCCAC(PSU)U(PSU)UGGUAAGC(A2M)GAACUGGCGCUGCGGGAUGAACCGAACGCCGGGUUAAG
GCGCCCGAUGCCGACGCUCAUCAGACCCCAGAAAAGGUGUUGGUUGAUAUAGACAGCAGGACGGUGGCCAUGGAAGUCGG
AAUCCGCUAAGGAGUGUGUAACAACUCACCUGCCGAAUCAACUAGCCCUGAAAAUGGAUGGCGCUGGAGCGUCGGGCCCA
UACCCGGCCGUCGCCGGCAGUCGAGAGUGGACGGGAGCGGCGGGGGCGGCGCGCGCGCGCGCGCGUGUGGUGUGCGUCGG
AGGGCGGCGGCGGCGGCGGCGGCGGGGGUGUGGGGUCCUUCCCCCGCCCCCCCCCCCACGCCUCCUCCCCUCCUCCCGCC
CACGCCCCGCUCCCCGCCCCCGGAGCCCCGCGGACGCUACGCCGCGACGAGUAGGAGGGCCGCUGCGGUGAGCCUUGAAG
CCUAGGGCGCGGGCCCGGGUGGAGCCGCCGCAGGUGCAGAU(OMC)UUGGUGGUAGU(A2M)(OMG)(OMC)AAAUAUUC
AAACGAGAACUUUGAAGGCCGAAGUGG(A2M)GAAGGGUUCCAUGUGAACAG(OMC)A(OMG)UUGAACAUGGGUCAGUC
GGUCCUGAGAGAUGGGCGAGCGCCGUUCCGAAGGGACGGGCGAUGGCCUCCGUUGCCCUCGGCCGAUCGAAAGGGAGUCG
GGUUCAGAUCCCCGAAUCCGGAGUGGCGGAGAUGGGCGCCGCGAGGCGUCCAGUGCGGUAACGCGACCGAUCCCGGAGAA
GCCGGCGGGAGCCCCGGGGAGAGUUCUCUU(PSU)UCUUUGUGAAGGGCAGGGCGCCCUGGAAUGGGUUCGCCCCGAGAG
AGGGGCCCGUGCCUUGGAAAGCGUCGCGGUUCCGGCGGCGUCCGGUGAGCUCUCGCUGGCCCUUGAAAAUCCGGGGGAGA
GGGUGUAAAUCUCGCGCCGGGCCGUACCC(A2M)UAUCCGCAGCAGGUCU(OMC)CAAGGUGAAC(A2M)GCCUCUGG
(OMC)AUGUUGGAACAA(OMU)G(PSU)AGGUAAGGGAAGUCGGCAAGC(OMC)GGAUCCGUAACUUC(OMG)GGAUAAG
GAUUGGCUCUAAGGGCUGGGUCGGUCGGGCUGGGGCGCGAAGCGGGGCUGGGCGCGCGCCGCGGCUGGACGAGGCGCCGC
CGCCCCCCCCACGCCCGGGGCACCCCCCUCGCGGCCCUCCCCCGCCCCACCCCGCGCGCGCCGCUCGCUCCCUCCCCGCC
CCGCGCCCUCUCUCUCUCUCUCUCCCCCGCUCCCCGUCCUCCCCCCUCCCCGGGGGAGCGCCGCGUGGGGGCGGCGGCGG
GGGGAGAAGGGUCGGGGCGGCAGGGGCCGGCGGCGGCCCGCCGCGGGGCCCCGGCGGCGGGGGCACGGUCCCCCGCGAGG
GGGGCCCGGGCACCCGGGGGGCCGGCGGCGGCGGCGACUCUGGACGCGAGCCGGGCCCUUCCCGUGGAUCGCCCCAGCUG
CGGCGGGCGUCGCGGCCGCCCCCGGGGAGCCCGGCGGGCGCCGGCGCGCCCCCCCCCCCACCCCACGUCUCGUCGCGCGC
GCGUCCGCUGGGGGCGGGGAGCGGUCGGGCGGCGGCGGUCGGCGGGCGGCGGGGCGGGGCGGUUCGUCCCCCCGCCCUAC
CCCCCCGGCCCCGUCCGCCCCCCGUUCCCCCCUCCUCCUCGGCGCGCGGCGGCGGCGGCGGCAGGCGGCGGAGGGGCCGC
GGGCCGGUCCCCCCCGCCGGGUCCGCCCCCGGGGCCGCGGUUCCGCGCGGCGCCUCGCCUCGGCCGGCGCCUAGCAGCCG
ACUUAGAACUGGUGCGGACCAGG(OMG)GAAUCCGAC(PSU)G(PSU)UUAAUUAAAACAAAGCAUCGCGAAGGCCCGCG
GCGGGUGUUGACGCGAUGUGAUU(PSU)CUGCC(OMC)AGUGCUCUGAAUGUCA(A2M)AGUGAAGAAAUUCAAUGAAGC
GCGG(OMG)UAAACGGCGGGAGUAACUAUGACUCUCUUAAGGUAGC(5MC)AA(A2M)UGCCUC(OMG)UCAUCUAAUUA
GUGA(OMC)GCGCAUGAA(UY1)GGA(PSU)GA(A2M)CGAG(A2M)UUCCCACUGU(OMC)CC(PSU)ACCUAC(PSU)
A(PSU)CCAGCGAAACCAC(A2M)G(OMC)CAAGGGAACGGGCU(PSU)GG(OMC)GGAAUCAGCGG(OMG)GAAAGAAG
ACCCUGUUGAGC(PSU)UGAC(OMU)CUAGUCUGGCACGGUGAAGAGACAUGAGAGGUGUAGAAUAAGUGGGAGGCCCCC
GGCGCCCCCCCGGUGUCCCCGCGAGGGGCCCGGGGCGGGGUCCGCCGGCCCUGCGGGCCGCCGGUGAAAUACCACUACUC
UGAUCGUUUUUUCACUGACCCGGUGAGGCGGGGGGGCGAGCCCCGAGGGGCUCUCGCUUCUGGCGCCAAGCGCCCGGCCG
CGCGCCGGCCGGGCGCGACCCGCUCCGGGGACAGUGCCAGGUGGGGAGUUUGACUG(OMG)GGCGGUACACCUGUCAAAC
GGUA(6MZ)CGCAGG(OMU)(OMG)UCCUAAGGCGAGCUCAGGGAGGACAGAAACCUCCCGUGGAGCAGAAGGGCAAAAG
CUCGCUUGA(PSU)CU(PSU)GA(PSU)UUUCAG(OMU)ACGAA(PSU)ACAGACCGUGAAAGCGGGGCCUCACGAUCCU
UCUGACCUU(PSU)UGGGUUU(PSU)AAGCAGGA(OMG)GUGUCAGAAAAGUUACCACAG(OMG)GAUAACUGGC(PSU)
UGUGGCGGCCAAGCGUUCAUAGCGACG(PSU)CGCUUUUUGA(PSU)CCUU(5MC)GAUGUCGG(OMC)(PSU)CUUCCU
AUCAUUG(PSU)GAAGCAGAAUUCACCAAGCGU(PSU)(OMG)GAU(OMU)(OMG)(PSU)UCACCCACUAAUAGGGAAC
G(PSU)G(A2M)GCUGGG(UR3)U(PSU)AGA(OMC)CGUCGUGAGACAGGU(PSU)AGUUUUACCCUACUGAUG(A2M)
UGUG(PSU)UG(PSU)UGCCAUGGUA(A2M)UCCUGCUCAGUACGAGAGGAACCGCAG(OMG)U(OMU)CA(OMG)ACAU
(PSU)UGGUGUA(PSU)(OMG)UGCUUGGCUGAGGAGCCAAUGGGGCGAAGCUACCA(PSU)CUGUGGGAUUAUGAC
(PSU)GAACGCCUCUAAGUCAGAAUCCCGCCCAGGCGGAACGAUACGGCAGCGCCGCGGAGCCUCGGUUGGCCUCGGAUA
GCCGGUCCCCCGCCUGUCCCCGCCGGCGGGCCGCCCCCCCCCUCCACGCGCCCCGCGCGCGCGGGAGGGCGCGUGCCCCG
CCGCGCGCCGGGACCGGGGUCCGGUGCGGAGUGCCCUUCGUCCUGGGAAACGGGGCGCGGCCGGAGAGGCGGCCGCCCCC
UCGCCCGUCACGCACCGCACGUUCGUGGGGAACCUGGCGCUAAACCA(PSU)(PSU)CGUAGACGACCUGCUUCUGGGUC
GGGG(PSU)UUCGUACG(PSU)AGCAGAGCAGCUCCCUCGCUGCGAUCUAUUGAAAGUCAGCCCUCGACACAAGGGUUUG
UC
;
L5
4 'polyribonucleotide'
;GUCUACGGCCAUACCACCCUGAACGCGCCCGAUCUCGUCUGAUCUCGGAAGCUAAGCAGGGUCGGGCCUGGUUAGUACUU
GGAUGGGAGACCGCCUGGGAAUACCGGGUGCUGUAGGCUU
;
L7
5 'polyribonucleotide'
;CGACUCUUAGCGGUGGAUCACUCGGCUCGUGCGUCGAUGAAGAACGCAGCUAGC(PSU)GCGAGAAUUAAUG(PSU)GAA
UU(OMG)CAGGACACAUUGAUCAUCGACACUUCGAACGCACUUGCGGCCCCGGGUUCCUCCCGGGGCUACGCCUGUCUGA
GCGUCGCU
;
L8
6 'polypeptide(L)'
;GRVIRGQRKGAGSVFRAHVKHRKGAARLRAVDFAERHGYIKGIVKDIIHDPGRGAPLAKVVFRDPYRFKKRTELFIAAEG
IHTGQFVYCGKKAQLNIGNVLPVGTMPEGTIVCCLEEKPGDRGKLARASGNYATVISHNPETKKTRVKLPSGSKKVISSA
NRAVVGVVAGGGRIDKPILKAGRAYHKYKAKRNCWPRVRGVAMNPVEHPFGGGNHQHIGKPSTIRRDAPAGRKVGLIAAR
RTGRLRGT
;
LA
7 'polypeptide(L)'
;SHRKFSAPRHGSLGFLPRKRSSRHRGKVKSFPKDDPSKPVHLTAFLGYKAGMTHIVREVDRPGSKVNKKEVVEAVTIVET
PPMVVVGIVGYVETPRGLRTFKTVFAEHISDECKRRFYKNWHKSKKKAFTKYCKKWQDEDGKKQLEKDFSSMKKYCQVIR
VIAHTQMRLLPLRQKKAHLMEIQVNGGTVAEKLDWARERLEQQVPVNQVFGQDEMIDVIGVTKGKGYKGVTSRWHTKKLP
RKTHRGLRKVACIGAWHPARVAFSVARAGQKGYHHRTEINKKIYKIGQGYLIKDGKLIKNNASTDYDLSDKSINPLGGFV
HYGEVTNDFVMLKGCVVGTKKRVLTLRKSLLVQTKRRALEKIDLKFIDTTSKFGHGRFQTMEEKKAFMGPLKKDRIAKEE
GA
;
LB
8 'polypeptide(L)'
;MACARPLISVYSEKGESSGKNVTLPAVFKAPIRPDIVNFVHTNLRKNNRQPYAVSELAGHQTSAESWGTGRAVARIPRVR
GGGTHRSGQGAFGNMCRGGRMFAPTKTWRRWHRRVNTTQKRYAICSALAASALPALVMSKGHRIEEVPELPLVVEDKVEG
YKKTKEAVLLLKKLKAWNDIKKVYASQRMRAGKGKMRNRRRIQRRGPCIIYNEDNGIIKAFRNIPGITLLNVSKLNILKL
APGGHVGRFCIWTESAFRKLDELYGTWRKAASLKSNYNLPMHKMINTDLSRILKSPEIQRALRAPRKKIHRRVLKKNPLK
NLRIMLKLNPYAKTMRRNTILRQARNHKLRVDKAAAAAAALQAKSDEK
;
LC
9 'polypeptide(L)'
;GFVKVVKNKAYFKRYQVKFRRRREGKTDYYARKRLVIQDKNKYNTPKYRMIVRVTNRDIICQIAYARIEGDMIVCAAYAH
ELPKYGVKVGLTNYAAAYCTGLLLARRLLNRFGMDKIYEGQVEVTGDEYNVESIDGQPGAFTCYLDAGLARTTTGNKVFG
ALKGAVDGGLSIPHSTKRFPGYDSESKEFNAEVHRKHIMGQNVADYMRYLMEEDEDAYKKQFSQYIKNSVTPDMMEEMYK
KAHAAIRENPVYEKKPKKEVKKKRWNRPKMSLAQKKDRVAQKKASFLRAQERA
;
LD
10 'polypeptide(L)'
;KGKPHCSRNPVLVRGIGRYSRSAMYSRKAMYKRKYSAAKSKVEKKKKEKVLATVTKPVGGDKNGGTRVVKLRKMPRYYPT
EDVPRKLLSHGKKPFSQHVRKLRASITPGTILIILTGRHRGKRVVFLKQLASGLLLVTGPLVLNRVPLRRTHQKFVIATS
TKIDISNVKIPKHLTDAYFKKKKLRKPRHQEGEIFDTEKEKYEITEQRKIDQKAVDSQILPKIKAIPQLQGYLRSVFALT
NGIYPHKLVF
;
LE
11 'polypeptide(L)'
;NFAELKIKRLRKKFAQKMLRKARRKLIYEKAKHYHKEYRQMYRTEIRMARMARKAGNFYVPAEPKLAFVIRIRGINGVSP
KVRKVLQLLRLRQIFNGTFVKLNKASINMLRIVEPYIAWGYPNLKSVNELIYKRGYGKINKKRIALTDNALIARSLGKYG
IICMEDLIHEIYTVGKRFKEANNFLWPFKLSSPRGGMKKKTTHFVEGGDAGNREDQINRLIRRMN
;
LF
12 'polypeptide(L)'
;KVVNPLFEKRPKNFGIGQDIQPKRDLTRFVKWPRYIRLQRQRAILYKRLKVPPAINQFTQALDRQTATQLLKLAHKYRPE
TKQEKKQRLLARAEKKAAGKGDVPTKRPPVLRAGVNTVTTLVENKKAQLVVIAHDVDPIELVVFLPALCRKMGVPYCIIK
GKARLGRLVHRKTCTTVAFTQVNSEDKGALAKLVEAIRTNYNDRYDEIRRHWGGNVLGPKSVARIAKLEKAKAKELATKL
G
;
LG
13 'polypeptide(L)'
;MKTILSNQTVDIPENVDITLKGRTVIVKGPRGTLRRDFNHINVELSLLGKKKKRLRVDKWWGNRKELATVRTICSHVQNM
IKGVTLGFRYKMRSVYAHFPINVVIQENGSLVEIRNFLGEKYIRRVRMRPGVACSVSQAQKDELILEGNDIELVSNSAAL
IQQATTVKNKDIRKFLDGIYVSEKGTVQQA
;
LH
14 'polypeptide(L)'
;GRRPARCYRYCKNKPYPKSRFCRGVPDAKIRIFDLGRKKAKVDEFPLGGHMVSDEYEQLSSEALEAARICANKYMVKSCG
RDGFHMRVRLHPFHVIRINKMLSCAGADRLQTGMRGAFGKPQGTVARVHIGQVIMSIRTKLQNEEHVIEALRRAKFKFPG
RQKIHISKKWGFTKFNADEFEDMVAKKCLIPDGCGVKYVPSHGPLDKWRVLHS
;
LI
15 'polypeptide(L)'
;QDQGEKENPMRELRIRKLCLNICVGESGDRLTRAAKVLEQLTGQTPVFSKARYTVRSFGIRRNEKIAVHCTVRGAKAEEI
LEKGLKVREYELRKNNFSDTGNFGFGIQEHIDLGIKYDPSIGIYGLDFYVVLGRPGFSIADKKRRTGCIGAKHRISKEEA
MRWFQQKYDGIILPGK
;
LJ
16 'polypeptide(L)'
;APSRNGMVLKPHFHKDWQRRVATWFNQPARKIRRRKARQAKARRIAPRPASGPIRPIVRCPTVRYHTKVRAGRGFSLEEL
RVAGIHKKVARTIGISVDPRRRNKSTESLQANVQRLKEYRSKLILFPRKPSAPKKGDSSAEELKLATQLTGPVMPVRNVY
KKEKARVITEEEKNFKAFASLRMARANARLFGIRAKRAKEAAEQDVEKKK
;
LL
17 'polypeptide(L)'
;VFRRFVEVGRVAYVSFGPHAGKLVAIVDVIDQNRALVDGPCTQVRRQAMPFKCMQLTDFILKFPHSAHQKYVRQAWQKAD
INTKWAATRWAKKIEARERKAKMTDFDRFKVMKAKKMRNRIIKNEVKKLQKAALLKASP
;
LM
18 'polypeptide(L)'
;GAYKYIQELWRKKQSDVMRFLLRVRCWQYRQLSALHRAPRPTRPDKARRLGYKAKQGYVIYRIRVRRGGRKRPVPKGATY
GKPVHHGVNQLKFARSLQSVAEERAGRHCGALRVLNSYWVGEDSTYKFFEVILIDPFHKAIRRNPDTQWITKPVHKHREM
RGLTSAGRKSRGLGKGHKFHHTIGGSRRAAWRRRNTLQLHRYR
;
LN
19 'polypeptide(L)'
;EVQVLVLDGRGHLLGRLAAIVAKQVLLGRKVVVVRCEGINISGNFYRNKLKYLAFLRKRMNTNPSRGPYHFRAPSRIFWR
TVRGMLPHKTKRGQAALDRLKVFDGIPPPYDKKKRMVVPAALKVVRLKPTRKFAYLGRLAHEVGWKYQAVTATLEEKRKE
KAKIHYRKKKQLMRLRKQAEKNVEKKIDKYTEVLKTHGLLV
;
LO
20 'polypeptide(L)'
;VRYSLDPENPTKSCKSRGSNLRVHFKNTRETAQAIKGMHIRKATKYLKDVTLQKQCVPFRRYNGGVGRCAQAKQWGWTQG
RWPKKSAEFLLHMLKNAESNAELKGLDVDSLVIEHIQVNKAPKMRRRTYRAHGRINPYMSSPCHIEMILTEKE
;
LP
21 'polypeptide(L)'
;GVDIRHNKDRKVRRKEPKSQDIYLRLLVKLYRFLARRTNSTFNQVVLKRLFMSRTNRPPLSLSRMIRKMKLPGRENKTAV
VVGTITDDVRVQEVPKLKVCALRVTSRARSRILRAGGKILTFDQLALDSPKGCGTVLLSGPRKGREVYRHFGKAPGTPHS
HTKPYVRSKGRKFERARGRRASRGYKN
;
LQ
22 'polypeptide(L)'
;SMLRLQKRLASSVLRCGKKKVWLDPNETNEIANANSRQQIRKLIKDGLIIRKPVTVHSRARCRKNTLARRKGRHMGIGKR
KGTANARMPEKVTWMRRMRILRRLLRRYRESKKIDRHMYHSLYLKVKGNVFKNKRILMEHIHKLKADKARKKLLADQAEA
RRSKTKEARKRREERLQAKKEEIIKTL
;
LR
23 'polypeptide(L)'
;KASGTLREYKVVGRCLPTPKCHTPPLYRMRIFAPNHVVAKSRFWYFVSQLKKMKKSSGEIVYCGQVFEKSPLRVKNFGIW
LRYDSRSGTHNMYREYRDLTTAGAVTQCYRDMGARHRARAHSIQIMKVEEIAASKCRRPAVKQFHDSKIKFPLPHRVLRR
QHKPRFTTKRPNTFF
;
LS
24 'polypeptide(L)'
;TNTKGKRRGTRYMFSRPFRKHGVVPLATYMRIYKKGDIVDIKGMGTVQKGMPHKCYHGKTGRVYNVTQHAVGIVVNKQVK
GKILAKRINVRIEHIKHSKSRDSFLKRVKENDQKKKEAKEKGTWVQLKRQPAPPREAHFVRTNGKEPELLEPIPYEFMA
;
LT
25 'polypeptide(L)'
;QVLKFTLDCTHPVEDGIMDAANFEQFLQERIKVNGKAGNLGGGVVTIERSKSKITVTSEVPFSKRYLKYLTKKYLKKNNL
RDWLRVVANSKESYELRYFQI
;
LU
26 'polypeptide(L)'
;SGAKFRISLGLPVGAVINCADNTGAKNLYIISVKGIKGRLNRLPAAGVGDMVMATVKKGKPELRKKVHPAVVIRQRKSYR
RKDGVFLYFEDNAGVIVNNKGEMKGSAITGPVAKECADLWPRIASNAGSIA
;
LV
27 'polypeptide(L)'
;MKVELCSFSGYKIYPGHGRRYARTDGKVFQFLNAKCESAFLSKRNPRQINWTVLYRRKHKKGQKRTRRAVKFQRAITGAS
LADIMAKRNQKPEVRKAQREQAIRAAKEAKKAKQASKK
;
LW
28 'polypeptide(L)'
;KKKIRTSPTFRRPKTLRLRRQPKYPRKSAPRRNKLDHYAIIKFPLTTESAMKKIEDNNTLVFIVDVKANKHQIKQAVKKL
YDIDVAKVNTLIRPDGEKKAYVRLAPDYDALDVANKIGII
;
LX
29 'polypeptide(L)'
;MKFNPFVTSDRSKNRKRHFNAPSHIRRKIMSSPLSKELRQKYNVRSMPIRKDDEVQVVRGHYKGQQIGKVVQVYRKKYVI
YIERVQREKANGTTVHVGIHPSKVVITRLKLDKDRKKILERKAKSRQVGKEKGK
;
LY
30 'polypeptide(L)'
;GKFMKPGKVVLVLAGRYSGRKAVIVKNIDDGTSDRPYSHALVAGIDRYPRKVTAAMGKKKIAKRSKIKSFVKVYNYNHLM
PTRYSVDIPLDKTVVNKDVFRDPALKRKARREAKVKFEERYKTGKNKWFFQKLRF
;
LZ
31 'polypeptide(L)'
;PSRLRKTRKLRGHVSHGHGRIGKHRKHPGGRGNAGGLHHHRINFDKYHPGYFGKVGMKHYHLKRNQSFCPTVNLDKLWTL
VSEQTRVNAAKNKTGAAPIIDVVRSGYYKVLGKGKLPKQPVIVKAKFFSRRAEEKIKSVGGACVLVA
;
La
32 'polypeptide(L)'
;AKSKNHTTHNQSRKWHRNGIKKPRSQRYESLKGVDPKFLRNMRFAKKHNKKGLKKMQANNAKAMSARAEAIKALVVSRKL
DRLAYIAHPKLGKRARARIAKGLRLCRPK
;
Lb
33 'polypeptide(L)'
;KSLESINSRLQLVMKSGKYVLGYKQTLKMIRQGKAKLVILANNCPALRKSEIEYYAMLAKTGVHHYSGNNIELGTACGKY
YRVCTLAIIDPGDSDIIR
;
Lc
34 'polypeptide(L)'
;NEVVTREYTINIHKRIHGVGFKKRAPRALKEIRKFAMKEMGTPDVRIDTRLNKAVWAKGIRNVPYRIRVRLSRKRNEDED
SPNKLYTLVTYVPVTTFKNLQTVNVDE
;
Ld
35 'polypeptide(L)'
;AALRPLVKPKIVKKRTKKFIRHQSDRYVKIKRNWRKPRGIDNRVRRRFKGQILMPNIGYGSNKKTKHMLPSGFRKFLVHN
VKELEVLLMCNKSYCAEIAHNVSSKNRKAIVERAAQLAIRVTNPNARL
;
Le
36 'polypeptide(L)'
;SGRLWSKAIFAGYKRGLRNQREHTALLKIEGVYARDETEFYLGKRCAYVYKAKNNTVTPGGKPNKTRVIWGKVTRAHGNS
GMVRAKFRSNLPAKAIGHRIRVMLYPSRI
;
Lf
37 'polypeptide(L)'
;VQRLTYRRRLSYNTASNKTRLSRTPGNRIVYLYTKKVGKAPKSACGVCPGRLRGVRAVRPKVLMRLSKTKKHVSRAYGGS
MCAKCVRDRIKRAFLIEEQKIVVKVLKAQAQSQK
;
Lg
38 'polypeptide(L)'
;AKIKARDLRGKKKEELLKQLDDLKVELSQLRVAKVTGGAASKLSKIRVVRKSIARVLTVINQTQKENLRKFYKGKKYKPL
DLRPKKTRAMRRRLNKHEENLKTKKQQRKERLYPLRKYAVKA
;
Lh
39 'polypeptide(L)'
;ALRYPMAVGLNKGHKVTKNVSKPRHSRRRGRLTKHTKFVRDMIREVCGFAPYERRAMELLKVSKDKRALKFIKKRVGTHI
RAKRKREELSNVLAAMRKAAAK
;
Li
40 'polypeptide(L)'
;TKGTSSFGKRRNKTHTLCRRCGSKAYHLQKSTCGKCGYPAKRKRKYNWSAKAKRRNTTGTGRMRHLKIVYRRFRHGFREG
TTPKPK
;
Lj
41 'polypeptide(L)' PRKIEEIKDFLLTARRKDAKSVKIKKNKDNVKFKVRCSRYLYTLVITDKEKAEKLKQSLPPGLAVKELK Lk
42 'polypeptide(L)' SSHKTFRIKRFLAKKQKQNRPIPQWIRMKTGNKIRYNSKRRHWRRTKLGL Ll
43 'polypeptide(L)' IIEPSLRQLAQKYNCDKMICRKCYARLHPRAVNCRKKKCGHTNNLRPKKKVK Lm
44 'polypeptide(L)' MRAKWRKKRMRRLKRKRRKMRQRS Ln
45 'polypeptide(L)'
;VNVPKTRRTFCKKCGKHQPHKVTQYKKGKDSLYAQGKRRYDRKQSGYGGQTKPIFRKKAKTTKKIVLRLECVEPNCRSKR
MLAIKRCKHFELGGDKKRKGQVIQF
;
Lo
46 'polypeptide(L)'
;AKRTKKVGIVGKYGTRYGASLRKMVKKIEISQHAKYTCSFCGKTKMKRRAVGIWHCGSCMKTVAGGAWTYNTTSAVTVKS
AIRRLKELKDQ
;
Lp
47 'polypeptide(L)'
;SAHLQWMVVRNCSSFLIKRNKQTYSTEPNNLKARNSFRYNGLIHRKTVGVEPAADGKGVVVVIKRRSGQRKPATSYVRTT
INKNARATLSSIRHMIRKNKYRPDLRMAAIRRASAILRSQKPVMV
;
Lr
48 'polypeptide(L)'
;DRATWKSNYFLKIIQLLDDYPKCFIVGADNVGSKQMQQIRMSLRGKAVVLMGKNTMMRKAIRGHLENNPALEKLLPHIRG
NVGFVFTKEDLTEIRDMLLANKVPAAARAGAIAPCEVTVPAQNTGLGPEKTSFFQALGITTKISRGTIEILSDVQLIKTG
DKVGASEATLLNMLNISPFSFGLVIQQVFDNGSIYN
;
Ls
49 'polypeptide(L)'
;PNEIKVVYLRCTGGEVGATSALAPKIGPLGLSPKKVGDDIAKATGDWKGLRITVKLTIQNRQAQIEVVPSASALIIKALK
EITFDEIVNIARQMRHRSLARELSGTIKEILGTAQSVGCNVDGRHPHDIIDDINSGAVECP
;
Lt
50 'polyribonucleotide' GUCUCCGUAGUGUAGGGUAUCACGUUCGCCUAAUACGCGAAAGGUCCUCGGUUCGAAACCGGGCGGAAACACCA Pt
51 'polyribonucleotide'
;UACCUGGUUGAUCCUGCCAGUAGCAU(A2M)UGCUUGUCUCAAAGAUUAAGCCAUGCAUGUCUAAGUACGCACGGCCGGU
ACAGUGAAACUGCGAA(PSU)GGCUC(A2M)UUAAA(PSU)CAG(PSU)UAUGGU(OMU)CCUU(OMU)GGUCGCUCGCU
CCUCUCCCACUUGGAUAACUGUGGUA(A2M)UUCUAG(A2M)GCUAA(OMU)A(OMC)AUGCCGACGGGCGCUGACCCCC
UUCGCGGGGGGGAUGCGUGCAUUUAUCAGUGGUGACUCUAGAUAACCUCGGGCCGAUCGCACGCCCCCCGUGGCGGCGAC
GACCCAUUCGAACGUC(OMU)GCCCUAUCAACUUUCGAUGGUAGUCGCCGUGCCUACCAUGGUGACCACGGG(PSU)GAC
GGGGAAUCAGGGUUCGAU(OMU)CCGGAGA(OMG)GGAGCCUGAGAAACGGCUACCACAU(OMC)CAAGG(A2M)AGGCA
GCAGGCGCGC(A2M)AAUUACCCACUCCCGACCCGGGGA(OMG)GUAGUGA(OMC)GAAAAAUAACAAUACAGGACUCUU
UCGAGGCCCUGUAAUUGGAAUGAGUCCACUUUAA(A2M)UCCUUUAACGAGGAUCCAUUGGAG(OMG)GCAAGUCUGGUG
CCAGCAGCCGCGG(OMU)AAUUCCAGCUCCAAUA(OMG)CGUA(PSU)A(PSU)UAAAGUUGCUGCAGUU(A2M)AAAAG
CUCGUAG(PSU)U(OMG)GA(PSU)CUUGGGAGCGGGCGUCCCCGCCCUCUCGGCCGGGGCCCGAAGCG(OMU)U(PSU)
ACUUUGAAAAAA(PSU)UAGAGUGUUCAAAGCAGGCCCGAGCCGCCUGGAUACCGCAGCUAGGAA(PSU)AA(PSU)
(OMG)GAAUAGGACCGCGGUUCUAUUUUGUUGGUUUUCGGAACUGAGGCCAUGAUUAAGAGGGACGGCCGGGGGCAUUCG
UAUUGCGCCGCUAGAGGUGAAAU(PSU)CUUGGACCGGCGCAAGACGGACCAGAGCGAAAGCAUU(PSU)GCCAAGAAUG
UUUUCAUUAAUCAAGA(A2M)CGAAAGUCGGAGG(PSU)(PSU)CGAAGACGA(PSU)CAGAUACCGUCGUAGUUCCGAC
CA(PSU)AAACGAUGCCGACCGGCGAUGCGGCGGCGUUAUUCCCAUGACCCGCCGGGCAGCUUCCGGGAAACCAAAGUCU
UUGGGUUCCGGGGGGAGUA(PSU)GG(PSU)UGCAAAGCUGAAACUUAAAGGAAUUGACGGAAGGGCACCACCAGGAGUG
GAGCC(PSU)GCGGCUUAAUU(PSU)GAC(B8N)CAACACGGGAAACCUCACCCGGC(OMC)CGGACACGGACAGGA
(OMU)UGACAGAUUGAUAGCUCUUUCUCGAUUCCGUGGGUGG(OMU)G(OMG)UGCAUGGC(4AC)GUUCUUAGUUGGUG
GAGCGAUUUGUCUGG(PSU)UAAUUCCGAUAACGA(A2M)CGAGACU(OMC)UGGCAUGCUAACUAGUUACGCGACCCCC
GAGCGGUCGGCGUCCCCCAACU(OMU)CUUAGAGGGACAAGUGGCGUUCAGCCACCCGAGAUUGAGCAAUAACA(OMG)G
UCUGUGAUGCCCUUAGAUGUCCGGGGCUGCACGCGCGCUACACUGACUGGCUCAGCGUGUGCCUACCCUACGCCGGCAGG
CGCGGGUAACCCGUUGAACCCCAUUCGUGAUGGGGAUCGGGGAUUGCAAUUAUUCCCCAUGAACGAG(G7M)AAUUCCCA
GUAAGUGCGGGUCAUAAGCUUGCGUUGAUUAAGUCCCUGCCCUUUGUACACACCG(OMC)CCGUCGCUACUACCGAUUGG
AUGGUUUAGUGAGGCCCUCGGAUCGGCCCCGCCGGGGUCGGCCCACGGCCCUGGCGGAGCGCUGAGAAGACGGUCGAACU
UGACUAUCUAGAGGAAGUAAAAGUCGUA(6MZ)CAAGGUUUC(4AC)GUAGGUG(MA6)(MA6)CCUGCGGAAGGAUCAU
UA
;
S2
52 'polypeptide(L)'
;GALDVLQMKEEDVLKFLAAGTHLGGTNLDFQMEQYIYKRKSDGIYIINLKRTWEKLLLAARAIVAIENPADVSVISSRNT
GQRAVLKFAAATGATPIAGRFTPGTFTNQIQAAFREPRLLVVTDPRADHQPLTEASYVNLPTIALCNTDSPLRYVDIAIP
CNNKGAHSVGLMWWMLAREVLRMRGTISREHPWEVMPDLYFYRDPEEIEKEEQAAAEKAVT
;
SA
53 'polypeptide(L)'
;VVDPFSKKDWYDVKAPAMFNIRNIGKTLVTRTQGTKIASDGLKGRVFEVSLADLQNDEVAFRKFKLITEDVQGKNCLTNF
HGMDLTRDKMCSMVKKWQTMIEAHVDVKTTDGYLLRLFCVGFTKKRNNQIRKTSYAQHQQVRQIRKKMMEIMTREVQTND
LKEVVNKLIPDSIGKDIEKACQSIYPLHDVFVRKVKMLKKPKFELGKLMELHGE
;
SB
54 'polypeptide(L)'
;EWMPVTKLGRLVKDMKIKSLEEIYLFSLPIKESEIIDFFLGASLKDEVLKIMPVQKQTRAGQRTRFKAFVAIGDYNGHVG
LGVKCSKEVATAIRGAIILAKLSIVPVRRGYWGNKIGKPHTVPCKVTGRCGSVLVRLIPAPRGTGIVSAPVPKKLLMMAG
IDDCYTSARGCTATLGNFAKATFDAISKTYSYLTPDLWKETVFTKSPYQEFTDHLVKTHTRV
;
SC
55 'polypeptide(L)'
;MAVQISKKRKFVADGIFKAELNEFLTRELAEDGYSGVEVRVTPTRTEIIILATRTQNVLGEKGRRIRELTAVVQKRFGFP
EGSVELYAEKVATRGLCAIAQAESLRYKLLGGLAVRRACYGVLRFIMESGAKGCEVVVSGKLRGQRAKSMKFVDGLMIHS
GDPVNYYVDTAVRHVLLRQGVLGIKVKIMLPWDPTGKIGPKKPLPDHVSIVEPKDEILPTTPISEQK
;
SD
56 'polypeptide(L)'
;ARGPKKHLKRVAAPKHWMLDKLTGVFAPRPSTGPHKLRECLPLIIFLRNRLKYALTGDEVKKICMQRFIKIDGKVRTDIT
YPAGFMDVISIDKTGENFRLIYDTKGRFAVHRITPEEAKYKLCKVRKIFVGTKGIPHLVTHDARTIRYPDPLIKVNDTIQ
IDLETGKITDFIKFDTGNLCMVTGGANLGRIGVITNRERHPGSFDVVHVKDANGNSFATRLSNIFVIGKGNKPWISLPRG
KGIRLTIAEERDKRLAAKQSSG
;
SE
57 'polypeptide(L)'
;DIKLFGKWSTDDVQINDISLQDYIAVKEKYAKYLPHSAGRYAAKRFRKAQCPIVERLTNSMMMHGRNNGKKLMTVRIVKH
AFEIIHLLTGENPLQVLVNAIINSGPREDSTRIGRAGTVRRQAVDVSPLRRVNQAIWLLCTGAREAAFRNIKTIAECLAD
ELINAAKGSSNSYAIKKKDELERVAKSNR
;
SF
58 'polypeptide(L)'
;MKLNISFPATGCQKLIEVDDERKLRTFYEKRMATEVAADALGEEWKGYVVRISGGNDKQGFPMKQGVLTHGRVRLLLSKG
HSCYRPRRTGERKRKSVRGCIVDANLSVLNLVIVKKGEKDIPGLTDTTVPRRLGPKRASRIRKLFNLSKEDDVRQYVVRK
PLNKEGKKPRTKAPKIQRLVTPRVLQHKRRRIALKKQRTKKNKEEAAEYAKLLAKRMKEAKEKRQEQIAKRRRLSSL
;
SG
59 'polypeptide(L)'
;SAKIVKPNGEKPDEFESGISQALLELEMNSDLKAQLRELNITAAKEIEVGGGRKAIIIFVPVPQLKSFQKIQVRLVRELE
KKFSGKHVVFIAQRRILPKPTRKKNKQKRPRSRTLTAVHDAILEDLVFPSEIVGKRIRVKLDGSRLIKVHLDKAQQNNVE
HKVETFSGVYKKLTGKDVNFEFPEFQ
;
SH
60 'polypeptide(L)'
;GISRDNWHKRRKTGGKRKPYHKKRKYELGRPAANTKIGPRRIHTVRVRGGNKKYRALRLDVGNFSWGSECCTRKTRIIDV
VYNASNNELVRTKTLVKNCIVLIDSTPYRQWYESHYALPLGRKKGAKLTPEEEEILNKKRSKKIQKKYDERKKNAKISSL
LEEQFQQGKLLACIASRPGQCGRADGYVLEGKELEFYLRKIKARKG
;
SI
61 'polypeptide(L)'
;PVARSWVCRKTYVTPRRPFEKSRLDQELKLIGEYGLRNKREVWRVKFTLAKIRKAARELLTLDEKDPRRLFEGNALLRRL
VRIGVLDEGKMKLDYILGLKIEDFLERRLQTQVFKLGLAKSIHHARVLIRQRHIRVRKQVVNIPSFIVRLDSQKHIDFSL
RSPYGGGRPGRVKRKNAKKGQGGAG
;
SJ
62 'polypeptide(L)'
;MLMPKKNRIAIYELLFKEGVMVAKKDVHMPKHPELADKNVPNLHVMKAMQSLKSRGYVKEQFAWRHFYWYLTNEGIQYLR
DYLHLPPEIVPATLRRSR
;
SK
63 'polypeptide(L)'
;ADIQTERAYQKQPTIFQNKKRVLLGETGKEKLPRYYKNIGLGFKTPKEAIEGTYIDKKCPFTGNVSIRGRILSGVVTKMK
MQRTIVIRRDYLHYIRKYNRFEKRHKNMSVHLSPCFRDVQIGDIVTVGECRPLSKTVRFNVLKVTKAAGTKKQ
;
SL
64 'polypeptide(L)'
;VMDVNTALQEVLKTALIHDGLARGIREAAKALDKRQAHLCVLASNCDEPMYVKLVEALCAEHQINLIKVDDNKKLGEWVG
LCKIDREGKPRKVVGCSCVVVKDYGKESQAKDVIEEYFKCKK
;
SM
65 'polypeptide(L)'
;GRMHAPGKGLSQSALPYRRSVPTWLKLTSDDVKEQIYKLAKKGLTPSQIGVILRDSHGVAQVRFVTGNKILRILKSKGLA
PDLPEDLYHLIKKAVAVRKHLERNRKDKDAKFRLILIESRIHRLARYYKTKRVLPPNWKYESSTASALVA
;
SN
66 'polypeptide(L)'
;EQVISLGPQVAEGENVFGVCHIFASFNDTFVHVTDLSGKETICRVTGGMKVKADRDESSPYAAMLAAQDVAQRCKELGIT
ALHIKLRATGGNRTKTPGPGAQSALRALARSGMKIGRIEDVTPIPSDSTRRKGGRRGRRL
;
SO
67 'polypeptide(L)'
;TYRGVDLDQLLDMSYEQLMQLYSARQRRRLNRGLRRKQHSLLKRLRKAKKEAPPMEKPEVVKTHLRDMIILPEMVGSMVG
VYNGKTFNQVEIKPEMIGHYLGEFSITYKPVKHGRPGIGAT
;
SP
68 'polypeptide(L)'
;SKGPLQSVQVFGRKKTATAVAHCKRGNGLIKVNGRPLEMIEPRTLQYKLLEPVLLLGKERFAGVDIRVRVKGGGHVAQIY
AIRQSISKALVAYYQKYVDEASKKEIKDILIQYDRTLLVADPRRCESKKFGGPGARARYQKSYR
;
SQ
69 'polypeptide(L)'
;MGRVRTKTVKKAARVIIEKYYTRLGNDFHTNKRVCEEIAIIPSKKLRNKIAGYVTHLMKRIQRGPVRGISIKLQEEERER
RDNYVPEVSALDQEIIEVDPDTKEMLKLLDFGSLSNLQVTQPTVGMNFKTPRGPV
;
SR
70 'polypeptide(L)'
;MSLVIPEKFQHILRVLNTNIDGRRKIAFAITAIKGVGRRYAHVVLRKADIDLTKRAGELTEDEVERVITIMQNPRQYKIP
DWFLNRQKDVKDGKYSQVLANGLDNKLREDLERLKKIRAHRGLRHFWGLRVRGQHTKTTGRRGRT
;
SS
71 'polypeptide(L)'
;PGVTVKDVNQQEFVRALAAFLKKSGKLKVPEWVDTVKLAKHKELAPYDENWFYTRAASTARHLYLRGGAGVGSMTKIYGG
RQRNGVMPSHFSRGSKSVARRVLQALEGLKMVEKDQDGGRKLTPQGQRDLDRIAGQVAAANKK
;
ST
72 'polypeptide(L)'
;AIHRIRITLTSRNVKSLEKVCADLIRGAKEKNLKVKGPVRMPTKTLRITTRKTPCGEGSKTWDRFQMRIHKRLIDLHSPS
EIVKQITSISIEPGVEVEVTIADA
;
SU
73 'polypeptide(L)'
;MQNDAGEFVDLYVPRKCSASNRIIGAKDHASIQMNVAEVDKVTGRFNGQFKTYAICGAIRRMGESDDSILRLAKADGIVS
KNF
;
SV
74 'polypeptide(L)'
;VRMNVLADALKSINNAEKRGKRQVLIRPCSKVIVRFLTVMMKHGYIGEFEIIDDHRAGKIVVNLTGRLNKCGVISPRFDV
QLKDLEKWQNNLLPSRQFGFIVLTTSAGIMDHEEARRKHTGGKILGFFF
;
SW
75 'polypeptide(L)'
;GKCRGLRTARKLRSHRRDQKWHDKQYKKAHLGTALKANPFGGASHAKGIVLEKVGVEAKQPNSAIRKCVRVQLIKNGKKI
TAFVPNDGCLNFIEENDEVLVAGFGRKGHAVGDIPGVRFKVVKVANVSLLALYKGKKERPR
;
SX
76 'polypeptide(L)'
;NDTVTIRTRKFMTNRLLQRKQMVIDVLHPGKATVPKTEIREKLAKMYKTTPDVIFVFGFRTHFGGGKTTGFGMIYDSLDY
AKKNEPKHRLARHGLYEKKKTSRKQRKERKNRMKKVRGTAKANVGAGKKPK
;
SY
77 'polypeptide(L)' RDKLNNLVLFDKATYDKLCKEVPNYKLITPAVVSERLKIRGSLARAALQELLSKGLIKLVSKHRAQVIYTRNTKG SZ
78 'polypeptide(L)'
;TKKRRNNGRAKKGRGHVQPIRCTNCARCVPKDKAIKKFVIRNIVEAAAVRDISEASVFDAYVLPKLYVKLHYCVSCAIHS
KVVRNRSREARKDRTPPPRFRP
;
Sa
79 'polypeptide(L)'
;PLAKDLLHPSPEEEKRKHKKKRLVQSPNSYFMDVKCPGCYKITTVFSHAQTVVLCVGCSTVLCQPTGGKARLTEGCSFRR
KQH
;
Sb
80 'polypeptide(L)' RVQPIKLARVTKVLGRTGSQGQCTQVRVEFMDDTSRSIIRNVKGPVREGDVLTLLESEREARRL Sc
81 'polypeptide(L)' GHQQLYWSHPRKFGQGSRSCRVCSNRHGLIRKYGLNMCRQCFRQYAKDIGFIKLD Sd
82 'polypeptide(L)' VHGSLARAGKVRGQTPKVAKQEKKKKKTGRAKRRMQYNRRFVNVVPTFGKKKGPNANS Se
83 'polypeptide(L)' YTTPKKNKHKRKKVKLAVLKYYKVDENGKISRLRRECPSDECGAGVFMASHFDRHYCGKCCLTYCFN Sf
84 'polypeptide(L)'
;TEQMTLRGTLKGHNGWVTQIATTPQFPDMILSASRDKTIIMWKLTRDETNYGIPQRALRGHSHFVSDVVISSDGQFALSG
SWDGTLRLWDLTTGTTTRRFVGHTKDVLSVAFSSDNRQIVSGSRDKTIKLWNTLGVCKYTVQDESHSEWVSCVRFSPNSS
NPIIVSCGWDKLVKVWNLANCKLKTNHIGHTGYLNTVTVSPDGSLCASGGKDGQAMLWDLNEGKHLYTLDGGDIINALCF
SPNRYWLCAATGPSIKIWDLEGKIIVDELKQEVISTSSKAEPPQCTSLAWSADGQTLFAGYTDNLVRVWQVTI
;
Sg
#
# COMPACT_ATOMS: atom_id res chain seq x y z
N PRO A 1 14.62 -17.03 88.43
CA PRO A 1 15.02 -18.45 88.47
C PRO A 1 16.30 -18.67 89.27
N GLY A 2 16.47 -19.88 89.80
CA GLY A 2 17.64 -20.21 90.56
C GLY A 2 17.55 -19.71 92.00
N HIS A 3 18.66 -19.86 92.71
CA HIS A 3 18.76 -19.46 94.10
C HIS A 3 19.16 -18.00 94.27
N LEU A 4 19.34 -17.27 93.17
CA LEU A 4 19.75 -15.87 93.23
C LEU A 4 18.62 -14.90 92.92
N GLN A 5 17.49 -15.37 92.40
CA GLN A 5 16.42 -14.48 91.95
C GLN A 5 15.91 -13.60 93.08
N GLU A 6 16.13 -13.98 94.34
CA GLU A 6 15.73 -13.15 95.47
C GLU A 6 16.32 -11.76 95.39
N GLY A 7 17.64 -11.68 95.19
CA GLY A 7 18.38 -10.43 95.27
C GLY A 7 18.52 -9.68 93.98
N PHE A 8 17.74 -10.01 92.96
CA PHE A 8 17.81 -9.35 91.66
C PHE A 8 16.41 -8.92 91.24
N GLY A 9 16.26 -7.64 90.92
CA GLY A 9 14.98 -7.16 90.42
C GLY A 9 14.65 -7.73 89.05
N CYS A 10 15.67 -7.89 88.21
CA CYS A 10 15.47 -8.47 86.89
C CYS A 10 15.50 -9.99 86.97
N VAL A 11 15.13 -10.63 85.86
CA VAL A 11 15.12 -12.09 85.78
C VAL A 11 16.54 -12.58 85.52
N VAL A 12 17.01 -13.50 86.36
CA VAL A 12 18.34 -14.08 86.24
C VAL A 12 18.20 -15.59 86.12
N THR A 13 18.83 -16.16 85.10
CA THR A 13 18.85 -17.61 84.88
C THR A 13 20.28 -18.06 84.66
N ASN A 14 20.59 -19.29 85.10
CA ASN A 14 21.89 -19.89 84.88
C ASN A 14 21.72 -21.36 84.61
N ARG A 15 22.28 -21.83 83.49
CA ARG A 15 22.12 -23.23 83.10
C ARG A 15 22.87 -24.16 84.05
N PHE A 16 24.00 -23.70 84.60
CA PHE A 16 24.81 -24.51 85.50
C PHE A 16 24.42 -24.34 86.97
N ASP A 17 23.18 -23.90 87.24
CA ASP A 17 22.76 -23.65 88.62
C ASP A 17 22.88 -24.88 89.50
N GLN A 18 22.43 -26.04 89.01
CA GLN A 18 22.41 -27.24 89.85
C GLN A 18 23.81 -27.68 90.28
N LEU A 19 24.84 -27.20 89.60
CA LEU A 19 26.21 -27.52 89.97
C LEU A 19 26.73 -26.66 91.13
N PHE A 20 25.91 -25.75 91.64
CA PHE A 20 26.35 -24.88 92.73
C PHE A 20 26.66 -25.68 93.98
N ASP A 21 27.76 -25.31 94.65
CA ASP A 21 28.18 -25.94 95.91
C ASP A 21 28.39 -27.45 95.75
N ASP A 22 28.93 -27.85 94.59
CA ASP A 22 29.21 -29.25 94.30
C ASP A 22 30.66 -29.34 93.82
N GLU A 23 31.59 -29.44 94.77
CA GLU A 23 33.00 -29.59 94.47
C GLU A 23 33.44 -31.06 94.46
N SER A 24 32.54 -31.98 94.76
CA SER A 24 32.88 -33.39 94.82
C SER A 24 33.01 -33.98 93.41
N ASP A 25 33.65 -35.13 93.33
CA ASP A 25 33.91 -35.76 92.04
C ASP A 25 32.62 -36.28 91.44
N PRO A 26 32.32 -35.96 90.18
CA PRO A 26 31.07 -36.45 89.57
C PRO A 26 31.01 -37.95 89.49
N PHE A 27 32.15 -38.62 89.30
CA PHE A 27 32.13 -40.08 89.22
C PHE A 27 31.80 -40.69 90.57
N GLU A 28 32.28 -40.11 91.66
CA GLU A 28 31.93 -40.65 92.97
C GLU A 28 30.50 -40.30 93.37
N VAL A 29 29.98 -39.13 92.97
CA VAL A 29 28.57 -38.88 93.25
C VAL A 29 27.70 -39.83 92.44
N LEU A 30 28.12 -40.16 91.22
CA LEU A 30 27.43 -41.19 90.45
C LEU A 30 27.46 -42.52 91.18
N LYS A 31 28.66 -42.97 91.58
CA LYS A 31 28.79 -44.23 92.31
C LYS A 31 27.87 -44.27 93.51
N ALA A 32 27.76 -43.17 94.25
CA ALA A 32 26.81 -43.10 95.36
C ALA A 32 25.38 -43.25 94.85
N ALA A 33 25.05 -42.61 93.72
CA ALA A 33 23.68 -42.67 93.21
C ALA A 33 23.28 -44.08 92.80
N GLU A 34 24.12 -44.78 92.02
CA GLU A 34 23.80 -46.16 91.67
C GLU A 34 24.00 -47.12 92.83
N ASN A 35 24.73 -46.73 93.88
CA ASN A 35 24.65 -47.47 95.13
C ASN A 35 23.26 -47.39 95.72
N LYS A 36 22.70 -46.19 95.76
CA LYS A 36 21.36 -45.98 96.29
C LYS A 36 20.33 -45.95 95.17
N ALA A 37 -125.98 43.07 60.55
CA ALA A 37 -126.31 42.11 61.58
C ALA A 37 -127.53 41.28 61.20
N PRO A 38 -127.35 39.97 61.09
CA PRO A 38 -128.45 39.13 60.62
C PRO A 38 -129.38 38.71 61.73
N ASP A 39 -130.63 39.13 61.65
CA ASP A 39 -131.59 38.71 62.63
C ASP A 39 -131.65 37.22 62.44
N VAL A 40 -131.34 36.47 63.48
CA VAL A 40 -131.24 35.03 63.31
C VAL A 40 -132.58 34.35 63.37
N ASP A 41 -133.52 34.92 64.11
CA ASP A 41 -134.80 34.25 64.32
C ASP A 41 -135.73 34.36 63.13
N ASP A 42 -135.45 33.59 62.08
CA ASP A 42 -136.25 33.67 60.87
C ASP A 42 -135.82 32.64 59.88
N PRO A 43 -136.79 32.01 59.20
CA PRO A 43 -136.46 31.06 58.17
C PRO A 43 -136.03 31.76 56.91
N GLU A 44 -136.11 33.08 56.91
CA GLU A 44 -135.61 33.79 55.76
C GLU A 44 -134.11 33.80 55.85
N ALA A 45 -133.55 34.76 56.59
CA ALA A 45 -132.12 34.86 56.71
C ALA A 45 -131.55 33.55 57.19
N PHE A 46 -132.39 32.71 57.76
CA PHE A 46 -131.91 31.43 58.21
C PHE A 46 -132.95 30.36 58.00
N PRO A 47 -133.02 29.81 56.80
CA PRO A 47 -133.94 28.71 56.54
C PRO A 47 -133.46 27.47 57.26
N ALA A 48 -134.34 26.51 57.49
CA ALA A 48 -133.94 25.28 58.14
C ALA A 48 -132.88 24.53 57.36
N LEU A 49 -132.23 23.58 58.01
CA LEU A 49 -131.28 22.75 57.28
C LEU A 49 -132.14 21.77 56.53
N ALA A 50 -132.26 22.00 55.24
CA ALA A 50 -133.12 21.16 54.43
C ALA A 50 -132.99 19.71 54.87
N ILE B 1 117.40 2.91 19.71
CA ILE B 1 116.30 3.75 20.16
C ILE B 1 115.51 4.20 18.93
N MET B 2 114.63 5.19 19.08
CA MET B 2 113.76 5.64 18.00
C MET B 2 114.50 6.69 17.18
N ASN B 3 114.92 6.33 15.96
CA ASN B 3 115.48 7.30 15.03
C ASN B 3 114.37 7.99 14.26
N GLN B 4 114.73 9.03 13.51
CA GLN B 4 113.72 9.81 12.78
C GLN B 4 113.03 8.96 11.71
N GLU B 5 113.79 8.13 11.00
CA GLU B 5 113.19 7.23 10.01
C GLU B 5 112.25 6.23 10.68
N LYS B 6 112.64 5.72 11.84
CA LYS B 6 111.76 4.86 12.61
C LYS B 6 110.48 5.58 13.00
N LEU B 7 110.59 6.86 13.37
CA LEU B 7 109.39 7.62 13.67
C LEU B 7 108.48 7.76 12.45
N ALA B 8 109.09 7.99 11.28
CA ALA B 8 108.31 8.12 10.05
C ALA B 8 107.57 6.82 9.74
N LYS B 9 108.22 5.66 9.92
CA LYS B 9 107.52 4.41 9.64
C LYS B 9 106.50 4.08 10.74
N LEU B 10 106.83 4.41 11.99
CA LEU B 10 105.89 4.22 13.09
C LEU B 10 104.62 5.01 12.86
N GLN B 11 104.73 6.17 12.20
CA GLN B 11 103.54 6.90 11.78
C GLN B 11 102.60 5.99 11.00
N ALA B 12 103.14 5.35 9.96
CA ALA B 12 102.31 4.49 9.13
C ALA B 12 101.75 3.32 9.90
N GLN B 13 102.57 2.68 10.75
CA GLN B 13 102.07 1.49 11.44
C GLN B 13 101.08 1.83 12.55
N VAL B 14 101.14 3.03 13.13
CA VAL B 14 100.34 3.29 14.31
C VAL B 14 98.89 3.63 13.95
N ARG B 15 98.65 4.35 12.85
CA ARG B 15 97.29 4.64 12.41
C ARG B 15 96.76 3.43 11.65
N ILE B 16 95.61 2.94 12.07
CA ILE B 16 94.88 1.91 11.34
C ILE B 16 93.50 2.42 10.92
N GLY B 17 93.35 3.73 10.84
CA GLY B 17 92.08 4.32 10.46
C GLY B 17 92.19 5.83 10.42
N GLY B 18 91.03 6.47 10.31
CA GLY B 18 90.96 7.91 10.22
C GLY B 18 90.74 8.56 11.58
N LYS B 19 90.13 9.75 11.54
CA LYS B 19 89.85 10.48 12.77
C LYS B 19 88.86 9.72 13.64
N GLY B 20 89.14 9.67 14.93
CA GLY B 20 88.28 8.98 15.87
C GLY B 20 88.58 7.50 16.06
N THR B 21 89.56 6.96 15.35
CA THR B 21 89.92 5.55 15.46
C THR B 21 91.09 5.38 16.43
N ALA B 22 91.06 4.29 17.18
CA ALA B 22 92.11 4.02 18.15
C ALA B 22 93.41 3.65 17.46
N ARG B 23 94.52 4.19 17.98
CA ARG B 23 95.83 3.90 17.43
C ARG B 23 96.27 2.48 17.79
N ARG B 24 97.06 1.89 16.91
CA ARG B 24 97.62 0.56 17.18
C ARG B 24 98.63 0.64 18.31
N LYS B 25 98.62 -0.36 19.19
CA LYS B 25 99.49 -0.38 20.36
C LYS B 25 100.74 -1.22 20.17
N LYS B 26 100.64 -2.37 19.50
CA LYS B 26 101.77 -3.28 19.40
C LYS B 26 101.59 -4.18 18.19
N LYS B 27 102.72 -4.76 17.74
CA LYS B 27 102.71 -5.73 16.66
C LYS B 27 103.96 -6.59 16.82
N VAL B 28 103.82 -7.71 17.52
CA VAL B 28 104.94 -8.56 17.91
C VAL B 28 104.90 -9.85 17.11
N VAL B 29 106.04 -10.25 16.57
CA VAL B 29 106.21 -11.54 15.91
C VAL B 29 107.09 -12.40 16.80
N HIS B 30 106.59 -13.58 17.16
CA HIS B 30 107.30 -14.46 18.09
C HIS B 30 106.86 -15.89 17.83
N ARG B 31 107.81 -16.82 17.97
CA ARG B 31 107.55 -18.23 17.74
C ARG B 31 107.39 -18.99 19.05
N GLY F 1 16.90 -32.04 4.12
CA GLY F 1 17.63 -33.27 3.89
C GLY F 1 18.80 -33.46 4.83
N ARG F 2 18.89 -32.58 5.83
CA ARG F 2 19.99 -32.57 6.78
C ARG F 2 19.44 -32.68 8.20
N VAL F 3 20.16 -33.40 9.05
CA VAL F 3 19.76 -33.55 10.44
C VAL F 3 19.74 -32.18 11.11
N ILE F 4 18.59 -31.83 11.69
CA ILE F 4 18.40 -30.48 12.22
C ILE F 4 19.02 -30.37 13.61
N ARG F 5 19.18 -29.14 14.06
CA ARG F 5 19.58 -28.91 15.45
C ARG F 5 18.47 -29.35 16.38
N GLY F 6 18.86 -29.87 17.53
CA GLY F 6 17.90 -30.52 18.41
C GLY F 6 17.91 -32.00 18.20
N GLN F 7 17.86 -32.43 16.94
CA GLN F 7 18.17 -33.81 16.62
C GLN F 7 19.62 -34.13 16.93
N ARG F 8 20.53 -33.18 16.63
CA ARG F 8 21.94 -33.38 16.91
C ARG F 8 22.25 -33.34 18.40
N LYS F 9 21.33 -32.86 19.23
CA LYS F 9 21.59 -32.72 20.65
C LYS F 9 21.60 -34.06 21.37
N GLY F 10 20.86 -35.05 20.87
CA GLY F 10 20.81 -36.34 21.52
C GLY F 10 22.07 -37.16 21.37
N ALA F 11 22.84 -36.91 20.31
CA ALA F 11 24.12 -37.61 20.14
C ALA F 11 25.12 -37.24 21.23
N GLY F 12 24.95 -36.08 21.86
CA GLY F 12 25.74 -35.69 23.02
C GLY F 12 27.01 -34.92 22.74
N SER F 13 27.77 -35.34 21.73
CA SER F 13 29.15 -34.91 21.50
C SER F 13 29.46 -33.49 21.97
N VAL F 14 28.91 -32.50 21.28
CA VAL F 14 29.15 -31.11 21.62
C VAL F 14 28.12 -30.56 22.63
N PHE F 15 26.95 -31.15 22.69
CA PHE F 15 25.87 -30.66 23.57
C PHE F 15 25.83 -31.42 24.90
N ARG F 16 27.00 -31.68 25.49
CA ARG F 16 27.07 -32.32 26.79
C ARG F 16 27.23 -31.28 27.89
N ALA F 17 26.79 -31.65 29.08
CA ALA F 17 26.85 -30.75 30.23
C ALA F 17 28.30 -30.45 30.59
N HIS F 18 28.57 -29.19 30.93
CA HIS F 18 29.89 -28.76 31.35
C HIS F 18 30.01 -29.02 32.84
N VAL F 19 30.53 -30.20 33.19
CA VAL F 19 30.55 -30.68 34.57
C VAL F 19 31.95 -30.72 35.13
N LYS F 20 32.91 -30.04 34.50
CA LYS F 20 34.30 -30.12 34.96
C LYS F 20 34.47 -29.55 36.36
N HIS F 21 33.87 -28.39 36.63
CA HIS F 21 34.09 -27.70 37.90
C HIS F 21 32.93 -27.86 38.87
N ARG F 22 31.95 -28.70 38.54
CA ARG F 22 30.83 -28.91 39.45
C ARG F 22 31.29 -29.67 40.68
N LYS F 23 30.65 -29.38 41.81
CA LYS F 23 31.12 -29.81 43.12
C LYS F 23 30.59 -31.18 43.52
N GLY F 24 29.75 -31.80 42.70
CA GLY F 24 29.17 -33.09 43.02
C GLY F 24 27.66 -33.05 42.95
N ALA F 25 27.07 -34.24 42.97
CA ALA F 25 25.62 -34.38 42.93
C ALA F 25 25.04 -33.98 44.27
N ALA F 26 24.12 -33.02 44.27
CA ALA F 26 23.49 -32.55 45.49
C ALA F 26 22.36 -33.49 45.88
N ARG F 27 22.52 -34.16 47.01
CA ARG F 27 21.62 -35.25 47.39
C ARG F 27 21.41 -35.23 48.90
N LEU F 28 20.28 -35.77 49.32
CA LEU F 28 20.13 -36.13 50.72
C LEU F 28 20.99 -37.36 51.02
N ARG F 29 21.23 -37.61 52.29
CA ARG F 29 21.97 -38.82 52.66
C ARG F 29 21.07 -40.03 52.49
N ALA F 30 21.69 -41.16 52.18
CA ALA F 30 20.94 -42.39 51.97
C ALA F 30 20.20 -42.80 53.24
N VAL F 31 18.96 -43.25 53.07
CA VAL F 31 18.14 -43.63 54.21
C VAL F 31 18.75 -44.85 54.89
N ASP F 32 18.84 -44.81 56.21
CA ASP F 32 19.47 -45.86 56.98
C ASP F 32 18.66 -46.06 58.26
N PHE F 33 19.21 -46.85 59.18
CA PHE F 33 18.49 -47.16 60.42
C PHE F 33 18.25 -45.91 61.25
N ALA F 34 19.28 -45.07 61.40
CA ALA F 34 19.15 -43.90 62.24
C ALA F 34 18.09 -42.94 61.72
N GLU F 35 18.07 -42.72 60.41
CA GLU F 35 17.10 -41.81 59.82
C GLU F 35 15.71 -42.44 59.72
N ARG F 36 15.61 -43.76 59.79
CA ARG F 36 14.34 -44.44 59.70
C ARG F 36 13.61 -44.49 61.04
N HIS F 37 14.34 -44.48 62.15
CA HIS F 37 13.75 -44.64 63.47
C HIS F 37 13.96 -43.45 64.40
N GLY F 38 15.07 -42.72 64.27
CA GLY F 38 15.33 -41.59 65.12
C GLY F 38 15.81 -40.38 64.34
N TYR F 39 16.90 -39.76 64.80
CA TYR F 39 17.52 -38.67 64.05
C TYR F 39 19.03 -38.78 64.17
N ILE F 40 19.71 -38.24 63.16
CA ILE F 40 21.17 -38.15 63.16
C ILE F 40 21.53 -36.67 63.01
N LYS F 41 22.47 -36.20 63.84
CA LYS F 41 22.85 -34.80 63.83
C LYS F 41 24.07 -34.59 62.94
N GLY F 42 23.98 -33.60 62.06
CA GLY F 42 25.10 -33.18 61.25
C GLY F 42 25.34 -31.69 61.42
N ILE F 43 26.54 -31.27 61.04
CA ILE F 43 26.95 -29.88 61.16
C ILE F 43 27.23 -29.33 59.77
N VAL F 44 26.74 -28.11 59.51
CA VAL F 44 26.98 -27.45 58.24
C VAL F 44 28.39 -26.88 58.27
N LYS F 45 29.26 -27.41 57.41
CA LYS F 45 30.66 -26.99 57.42
C LYS F 45 30.93 -25.88 56.42
N ASP F 46 30.28 -25.90 55.26
CA ASP F 46 30.51 -24.85 54.28
C ASP F 46 29.31 -24.75 53.36
N ILE F 47 29.08 -23.54 52.85
CA ILE F 47 28.09 -23.28 51.82
C ILE F 47 28.85 -22.77 50.60
N ILE F 48 28.68 -23.45 49.47
CA ILE F 48 29.53 -23.23 48.31
C ILE F 48 28.67 -22.98 47.08
N HIS F 49 29.31 -22.42 46.06
CA HIS F 49 28.66 -22.15 44.79
C HIS F 49 28.92 -23.30 43.83
N ASP F 50 27.86 -23.83 43.24
CA ASP F 50 27.99 -24.90 42.27
C ASP F 50 27.89 -24.32 40.87
N PRO F 51 28.92 -24.42 40.04
CA PRO F 51 28.86 -23.85 38.69
C PRO F 51 27.74 -24.47 37.88
N GLY F 52 27.07 -23.64 37.08
CA GLY F 52 25.93 -24.07 36.31
C GLY F 52 24.65 -24.19 37.10
N ARG F 53 24.69 -23.97 38.41
CA ARG F 53 23.53 -24.03 39.28
C ARG F 53 23.39 -22.71 40.02
N GLY F 54 22.18 -22.15 40.01
CA GLY F 54 21.93 -20.91 40.72
C GLY F 54 21.50 -21.09 42.15
N ALA F 55 21.79 -22.25 42.74
CA ALA F 55 21.40 -22.56 44.10
C ALA F 55 22.63 -22.95 44.92
N PRO F 56 22.86 -22.33 46.06
CA PRO F 56 24.01 -22.72 46.89
C PRO F 56 23.90 -24.16 47.37
N LEU F 57 25.05 -24.80 47.51
CA LEU F 57 25.15 -26.15 48.06
C LEU F 57 25.72 -26.09 49.46
N ALA F 58 25.17 -26.90 50.36
CA ALA F 58 25.60 -26.95 51.74
C ALA F 58 26.39 -28.24 51.98
N LYS F 59 27.58 -28.09 52.53
CA LYS F 59 28.42 -29.23 52.89
C LYS F 59 28.17 -29.57 54.34
N VAL F 60 27.56 -30.74 54.58
CA VAL F 60 27.15 -31.16 55.91
C VAL F 60 27.90 -32.43 56.27
N VAL F 61 28.48 -32.44 57.47
CA VAL F 61 29.30 -33.55 57.95
C VAL F 61 28.53 -34.31 59.02
N PHE F 62 28.37 -35.61 58.82
CA PHE F 62 27.71 -36.50 59.77
C PHE F 62 28.72 -37.49 60.34
N ARG F 63 28.31 -38.12 61.44
CA ARG F 63 29.05 -39.22 62.04
C ARG F 63 28.53 -40.53 61.46
N ASP F 64 29.44 -41.38 61.02
CA ASP F 64 29.04 -42.71 60.57
C ASP F 64 28.60 -43.53 61.77
N PRO F 65 27.37 -44.08 61.75
CA PRO F 65 26.87 -44.79 62.93
C PRO F 65 27.48 -46.17 63.14
N TYR F 66 28.19 -46.72 62.16
CA TYR F 66 28.68 -48.09 62.24
C TYR F 66 30.20 -48.20 62.30
N ARG F 67 30.93 -47.22 61.79
CA ARG F 67 32.38 -47.23 61.87
C ARG F 67 32.86 -45.83 62.22
N PHE F 68 34.08 -45.77 62.77
CA PHE F 68 34.68 -44.52 63.21
C PHE F 68 35.09 -43.72 61.98
N LYS F 69 34.17 -42.93 61.44
CA LYS F 69 34.46 -42.13 60.26
C LYS F 69 33.49 -40.96 60.21
N LYS F 70 33.84 -39.96 59.42
CA LYS F 70 33.00 -38.79 59.19
C LYS F 70 32.48 -38.81 57.77
N ARG F 71 31.17 -38.70 57.61
CA ARG F 71 30.53 -38.70 56.31
C ARG F 71 30.19 -37.28 55.90
N THR F 72 30.55 -36.91 54.68
CA THR F 72 30.31 -35.58 54.16
C THR F 72 29.19 -35.64 53.12
N GLU F 73 28.16 -34.82 53.31
CA GLU F 73 27.04 -34.75 52.39
C GLU F 73 27.08 -33.43 51.64
N LEU F 74 26.32 -33.37 50.55
CA LEU F 74 26.24 -32.19 49.69
C LEU F 74 24.80 -31.76 49.52
N PHE F 75 24.17 -31.35 50.62
CA PHE F 75 22.77 -30.98 50.61
C PHE F 75 22.55 -29.72 49.78
N ILE F 76 21.34 -29.62 49.23
CA ILE F 76 20.90 -28.37 48.63
C ILE F 76 20.50 -27.41 49.74
N ALA F 77 21.11 -26.22 49.74
CA ALA F 77 21.00 -25.30 50.86
C ALA F 77 19.63 -24.63 50.89
N ALA F 78 18.87 -24.90 51.96
CA ALA F 78 17.67 -24.14 52.22
C ALA F 78 18.04 -22.75 52.74
N GLU F 79 17.27 -21.75 52.33
CA GLU F 79 17.60 -20.37 52.69
C GLU F 79 17.46 -20.17 54.19
N GLY F 80 18.46 -19.55 54.80
CA GLY F 80 18.50 -19.32 56.23
C GLY F 80 19.50 -20.15 56.97
N ILE F 81 20.01 -21.24 56.39
CA ILE F 81 20.99 -22.07 57.06
C ILE F 81 22.37 -21.42 56.96
N HIS F 82 23.17 -21.61 57.99
CA HIS F 82 24.49 -20.98 58.06
C HIS F 82 25.52 -22.02 58.48
N THR F 83 26.78 -21.70 58.22
CA THR F 83 27.87 -22.58 58.62
C THR F 83 27.94 -22.65 60.14
N GLY F 84 28.25 -23.84 60.65
CA GLY F 84 28.28 -24.08 62.08
C GLY F 84 26.95 -24.46 62.68
N GLN F 85 25.87 -24.41 61.90
CA GLN F 85 24.56 -24.84 62.34
C GLN F 85 24.47 -26.36 62.37
N PHE F 86 23.72 -26.88 63.34
CA PHE F 86 23.46 -28.31 63.45
C PHE F 86 22.14 -28.62 62.75
N VAL F 87 22.19 -29.55 61.80
CA VAL F 87 21.00 -30.02 61.08
C VAL F 87 20.73 -31.45 61.51
N TYR F 88 19.45 -31.80 61.59
CA TYR F 88 19.02 -33.09 62.11
C TYR F 88 18.15 -33.78 61.09
N CYS F 89 18.52 -35.02 60.75
CA CYS F 89 17.82 -35.79 59.74
C CYS F 89 17.26 -37.07 60.35
N GLY F 90 16.00 -37.33 60.12
CA GLY F 90 15.38 -38.56 60.59
C GLY F 90 13.89 -38.38 60.82
N LYS F 91 13.27 -39.48 61.21
CA LYS F 91 11.84 -39.46 61.55
C LYS F 91 11.56 -38.59 62.76
N LYS F 92 12.46 -38.58 63.74
CA LYS F 92 12.25 -37.88 65.00
C LYS F 92 12.83 -36.47 65.00
N ALA F 93 13.31 -35.99 63.87
CA ALA F 93 13.81 -34.61 63.78
C ALA F 93 12.66 -33.62 63.87
N GLN F 94 12.91 -32.47 64.48
CA GLN F 94 11.86 -31.48 64.67
C GLN F 94 11.82 -30.50 63.50
N LEU F 95 10.71 -29.75 63.44
CA LEU F 95 10.48 -28.80 62.36
C LEU F 95 11.38 -27.58 62.44
N ASN F 96 12.47 -27.57 61.70
CA ASN F 96 13.34 -26.43 61.62
C ASN F 96 13.91 -26.32 60.21
N ILE F 97 14.29 -25.10 59.82
CA ILE F 97 14.84 -24.89 58.49
C ILE F 97 16.13 -25.66 58.37
N GLY F 98 16.19 -26.56 57.38
CA GLY F 98 17.37 -27.36 57.10
C GLY F 98 17.24 -28.81 57.53
N ASN F 99 16.38 -29.11 58.49
CA ASN F 99 16.23 -30.48 58.94
C ASN F 99 15.54 -31.32 57.86
N VAL F 100 15.93 -32.59 57.79
CA VAL F 100 15.39 -33.54 56.84
C VAL F 100 14.54 -34.54 57.59
N LEU F 101 13.26 -34.64 57.22
CA LEU F 101 12.36 -35.55 57.93
C LEU F 101 11.23 -35.94 56.98
N PRO F 102 10.60 -37.10 57.18
CA PRO F 102 9.61 -37.57 56.21
C PRO F 102 8.39 -36.67 56.16
N VAL F 103 7.78 -36.60 54.98
CA VAL F 103 6.63 -35.73 54.78
C VAL F 103 5.41 -36.18 55.58
N GLY F 104 5.31 -37.48 55.88
CA GLY F 104 4.15 -37.98 56.59
C GLY F 104 4.05 -37.50 58.03
N THR F 105 5.17 -37.12 58.63
CA THR F 105 5.22 -36.62 59.99
C THR F 105 5.35 -35.09 60.03
N MET F 106 4.62 -34.41 59.17
CA MET F 106 4.65 -32.96 59.06
C MET F 106 3.25 -32.40 59.14
N PRO F 107 3.10 -31.16 59.63
CA PRO F 107 1.78 -30.51 59.63
C PRO F 107 1.18 -30.38 58.24
N GLU F 108 -0.06 -29.90 58.16
CA GLU F 108 -0.78 -29.89 56.89
C GLU F 108 -0.43 -28.72 55.98
N GLY F 109 0.46 -27.84 56.39
CA GLY F 109 0.74 -26.67 55.56
C GLY F 109 2.22 -26.40 55.37
N THR F 110 3.05 -27.30 55.89
CA THR F 110 4.50 -27.13 55.81
C THR F 110 4.96 -27.17 54.37
N ILE F 111 6.01 -26.41 54.08
CA ILE F 111 6.55 -26.28 52.74
C ILE F 111 8.01 -26.70 52.76
N VAL F 112 8.39 -27.57 51.82
CA VAL F 112 9.63 -28.34 51.89
C VAL F 112 10.51 -27.99 50.71
N CYS F 113 11.76 -28.48 50.78
CA CYS F 113 12.82 -28.05 49.88
C CYS F 113 13.20 -29.12 48.87
N CYS F 114 13.83 -30.20 49.30
CA CYS F 114 14.40 -31.19 48.39
C CYS F 114 13.60 -32.48 48.54
N LEU F 115 12.46 -32.54 47.85
CA LEU F 115 11.50 -33.62 48.05
C LEU F 115 11.92 -34.88 47.30
N GLU F 116 11.62 -36.03 47.90
CA GLU F 116 11.87 -37.31 47.27
C GLU F 116 10.68 -37.70 46.40
N GLU F 117 10.96 -38.12 45.17
CA GLU F 117 9.90 -38.60 44.29
C GLU F 117 9.47 -40.01 44.69
N LYS F 118 10.40 -40.84 45.15
CA LYS F 118 10.13 -42.19 45.60
C LYS F 118 10.69 -42.39 47.01
N PRO F 119 10.08 -43.27 47.79
CA PRO F 119 10.53 -43.43 49.19
C PRO F 119 11.85 -44.18 49.29
N GLY F 120 12.97 -43.48 49.19
CA GLY F 120 14.26 -44.12 49.32
C GLY F 120 15.36 -43.43 48.54
N ASP F 121 15.02 -42.87 47.38
CA ASP F 121 16.01 -42.12 46.62
C ASP F 121 16.37 -40.84 47.35
N ARG F 122 17.20 -40.02 46.73
CA ARG F 122 17.55 -38.75 47.32
C ARG F 122 16.59 -37.69 46.79
N GLY F 123 16.82 -36.43 47.14
CA GLY F 123 15.89 -35.39 46.74
C GLY F 123 15.80 -35.25 45.23
N LYS F 124 14.58 -35.07 44.73
CA LYS F 124 14.34 -34.91 43.31
C LYS F 124 13.46 -33.72 42.94
N LEU F 125 12.69 -33.18 43.86
CA LEU F 125 11.70 -32.16 43.54
C LEU F 125 12.02 -30.85 44.27
N ALA F 126 11.65 -29.74 43.62
CA ALA F 126 11.81 -28.39 44.17
C ALA F 126 13.26 -28.08 44.51
N ARG F 127 14.18 -28.47 43.61
CA ARG F 127 15.61 -28.30 43.85
C ARG F 127 16.16 -27.00 43.30
N ALA F 128 15.46 -26.32 42.40
CA ALA F 128 15.96 -25.09 41.80
C ALA F 128 15.75 -23.91 42.75
N SER F 129 16.59 -22.89 42.58
CA SER F 129 16.67 -21.80 43.54
C SER F 129 15.33 -21.11 43.74
N GLY F 130 15.01 -20.83 45.00
CA GLY F 130 13.77 -20.14 45.34
C GLY F 130 12.52 -20.97 45.22
N ASN F 131 12.65 -22.28 45.02
CA ASN F 131 11.50 -23.15 44.82
C ASN F 131 11.20 -23.95 46.08
N TYR F 132 9.97 -24.46 46.15
CA TYR F 132 9.52 -25.22 47.30
C TYR F 132 8.31 -26.03 46.91
N ALA F 133 8.00 -27.02 47.74
CA ALA F 133 6.80 -27.84 47.60
C ALA F 133 6.01 -27.75 48.89
N THR F 134 4.69 -27.69 48.77
CA THR F 134 3.81 -27.60 49.91
C THR F 134 3.16 -28.95 50.19
N VAL F 135 3.09 -29.32 51.46
CA VAL F 135 2.37 -30.51 51.89
C VAL F 135 0.91 -30.13 52.06
N ILE F 136 0.03 -30.84 51.35
CA ILE F 136 -1.39 -30.49 51.36
C ILE F 136 -2.14 -31.34 52.36
N SER F 137 -2.13 -32.66 52.18
CA SER F 137 -2.92 -33.54 53.03
C SER F 137 -2.26 -34.90 53.13
N HIS F 138 -2.33 -35.49 54.32
CA HIS F 138 -1.97 -36.88 54.52
C HIS F 138 -3.22 -37.74 54.57
N ASN F 139 -3.02 -39.05 54.52
CA ASN F 139 -4.04 -39.96 54.98
C ASN F 139 -3.36 -41.09 55.73
N PRO F 140 -3.70 -41.31 57.00
CA PRO F 140 -3.00 -42.33 57.79
C PRO F 140 -3.01 -43.72 57.15
N GLU F 141 -4.10 -44.10 56.51
CA GLU F 141 -4.13 -45.34 55.77
C GLU F 141 -3.35 -45.19 54.46
N THR F 142 -2.90 -46.33 53.93
CA THR F 142 -2.17 -46.47 52.65
C THR F 142 -0.98 -45.52 52.52
N LYS F 143 -0.56 -44.88 53.62
CA LYS F 143 0.75 -44.24 53.72
C LYS F 143 1.01 -43.27 52.56
N LYS F 144 0.07 -42.37 52.35
CA LYS F 144 0.15 -41.46 51.20
C LYS F 144 0.11 -40.01 51.67
N THR F 145 0.86 -39.17 50.95
CA THR F 145 0.85 -37.73 51.16
C THR F 145 0.65 -37.04 49.82
N ARG F 146 -0.11 -35.96 49.85
CA ARG F 146 -0.38 -35.14 48.68
C ARG F 146 0.33 -33.80 48.80
N VAL F 147 1.11 -33.46 47.78
CA VAL F 147 1.98 -32.30 47.79
C VAL F 147 1.72 -31.44 46.56
N LYS F 148 2.05 -30.16 46.68
CA LYS F 148 1.94 -29.21 45.58
C LYS F 148 3.35 -28.88 45.08
N LEU F 149 3.60 -29.19 43.81
CA LEU F 149 4.91 -28.97 43.23
C LEU F 149 5.06 -27.52 42.78
N PRO F 150 6.30 -27.06 42.56
CA PRO F 150 6.50 -25.69 42.07
C PRO F 150 5.71 -25.35 40.82
N SER F 151 5.45 -26.33 39.95
CA SER F 151 4.64 -26.08 38.77
C SER F 151 3.17 -25.86 39.10
N GLY F 152 2.76 -26.10 40.34
CA GLY F 152 1.36 -26.03 40.71
C GLY F 152 0.62 -27.34 40.62
N SER F 153 1.25 -28.40 40.10
CA SER F 153 0.60 -29.69 40.02
C SER F 153 0.52 -30.32 41.40
N LYS F 154 -0.48 -31.17 41.58
CA LYS F 154 -0.66 -31.95 42.79
C LYS F 154 -0.15 -33.36 42.56
N LYS F 155 0.64 -33.88 43.49
CA LYS F 155 1.21 -35.21 43.38
C LYS F 155 0.96 -35.98 44.66
N VAL F 156 0.67 -37.27 44.51
CA VAL F 156 0.50 -38.18 45.64
C VAL F 156 1.78 -38.99 45.78
N ILE F 157 2.41 -38.92 46.95
CA ILE F 157 3.65 -39.61 47.22
C ILE F 157 3.52 -40.32 48.56
N SER F 158 4.43 -41.27 48.79
CA SER F 158 4.43 -42.00 50.06
C SER F 158 4.77 -41.05 51.20
N SER F 159 4.22 -41.36 52.38
CA SER F 159 4.54 -40.58 53.57
C SER F 159 5.98 -40.74 54.03
N ALA F 160 6.69 -41.75 53.52
CA ALA F 160 8.08 -41.98 53.89
C ALA F 160 9.06 -41.14 53.08
N ASN F 161 8.59 -40.41 52.08
CA ASN F 161 9.48 -39.54 51.32
C ASN F 161 10.03 -38.44 52.20
N ARG F 162 11.34 -38.21 52.12
CA ARG F 162 11.98 -37.22 52.95
C ARG F 162 12.11 -35.90 52.19
N ALA F 163 12.29 -34.82 52.94
CA ALA F 163 12.46 -33.51 52.34
C ALA F 163 13.09 -32.57 53.36
N VAL F 164 13.79 -31.57 52.85
CA VAL F 164 14.35 -30.51 53.70
C VAL F 164 13.26 -29.48 53.96
N VAL F 165 13.19 -28.99 55.18
CA VAL F 165 12.19 -28.00 55.56
C VAL F 165 12.70 -26.61 55.18
N GLY F 166 11.91 -25.88 54.40
CA GLY F 166 12.22 -24.51 54.04
C GLY F 166 12.23 -24.35 52.54
N VAL F 167 12.74 -23.20 52.11
CA VAL F 167 12.88 -22.87 50.70
C VAL F 167 14.37 -22.86 50.36
N VAL F 168 14.71 -23.49 49.24
CA VAL F 168 16.08 -23.44 48.74
C VAL F 168 16.54 -22.01 48.54
N ALA F 169 17.80 -21.74 48.88
CA ALA F 169 18.37 -20.42 48.73
C ALA F 169 18.59 -20.11 47.24
N GLY F 170 18.96 -18.86 46.98
CA GLY F 170 19.08 -18.35 45.63
C GLY F 170 17.98 -17.39 45.24
N GLY F 171 16.92 -17.29 46.02
CA GLY F 171 15.90 -16.27 45.89
C GLY F 171 15.43 -15.94 44.49
N GLY F 172 15.02 -14.70 44.27
CA GLY F 172 14.54 -14.27 42.98
C GLY F 172 15.68 -13.96 42.02
N ARG F 173 16.41 -15.00 41.62
CA ARG F 173 17.53 -14.82 40.70
C ARG F 173 17.06 -14.34 39.33
N ILE F 174 15.93 -14.88 38.84
CA ILE F 174 15.40 -14.51 37.53
C ILE F 174 14.89 -13.09 37.46
N ASP F 175 14.78 -12.39 38.60
CA ASP F 175 14.25 -11.03 38.57
C ASP F 175 15.19 -10.06 37.89
N LYS F 176 16.49 -10.30 37.96
CA LYS F 176 17.46 -9.37 37.41
C LYS F 176 17.59 -9.56 35.90
N PRO F 177 17.38 -8.51 35.11
CA PRO F 177 17.63 -8.64 33.66
C PRO F 177 19.10 -8.93 33.37
N ILE F 178 19.33 -9.78 32.38
CA ILE F 178 20.70 -10.14 32.01
C ILE F 178 21.39 -8.97 31.32
N LEU F 179 20.64 -8.15 30.57
CA LEU F 179 21.12 -6.92 29.95
C LEU F 179 22.06 -7.17 28.78
N LYS F 180 23.14 -7.90 29.01
CA LYS F 180 24.22 -8.02 28.04
C LYS F 180 24.23 -9.43 27.45
N ALA F 181 24.44 -9.51 26.13
CA ALA F 181 24.61 -10.81 25.50
C ALA F 181 25.78 -11.57 26.11
N GLY F 182 26.81 -10.84 26.54
CA GLY F 182 27.95 -11.50 27.15
C GLY F 182 27.62 -12.15 28.47
N ARG F 183 26.73 -11.53 29.25
CA ARG F 183 26.33 -12.13 30.52
C ARG F 183 25.60 -13.44 30.29
N ALA F 184 24.76 -13.50 29.26
CA ALA F 184 24.14 -14.77 28.89
C ALA F 184 25.17 -15.77 28.39
N TYR F 185 26.23 -15.30 27.74
CA TYR F 185 27.30 -16.18 27.28
C TYR F 185 27.99 -16.85 28.47
N HIS F 186 28.29 -16.09 29.52
CA HIS F 186 28.96 -16.64 30.69
C HIS F 186 28.02 -17.55 31.47
N LYS F 187 26.74 -17.20 31.54
CA LYS F 187 25.75 -18.05 32.18
C LYS F 187 25.72 -19.45 31.57
N TYR F 188 25.61 -19.51 30.23
CA TYR F 188 25.46 -20.78 29.56
C TYR F 188 26.79 -21.47 29.26
N LYS F 189 27.91 -20.77 29.38
CA LYS F 189 29.20 -21.44 29.25
C LYS F 189 29.44 -22.41 30.39
N ALA F 190 28.85 -22.17 31.55
CA ALA F 190 28.96 -23.06 32.69
C ALA F 190 27.88 -24.13 32.72
N LYS F 191 26.98 -24.16 31.72
CA LYS F 191 25.88 -25.10 31.69
C LYS F 191 26.04 -26.12 30.57
N ARG F 192 25.89 -25.71 29.32
CA ARG F 192 26.01 -26.58 28.16
C ARG F 192 26.05 -25.69 26.92
N ASN F 193 26.17 -26.33 25.75
CA ASN F 193 26.22 -25.60 24.48
C ASN F 193 24.80 -25.48 23.95
N CYS F 194 24.13 -24.38 24.32
CA CYS F 194 22.76 -24.18 23.89
C CYS F 194 22.39 -22.72 23.63
N TRP F 195 23.25 -21.76 23.95
CA TRP F 195 22.73 -20.40 24.12
C TRP F 195 22.48 -19.71 22.78
N PRO F 196 23.50 -19.44 21.92
CA PRO F 196 23.22 -18.67 20.72
C PRO F 196 22.24 -19.39 19.82
N ARG F 197 20.98 -18.97 19.87
CA ARG F 197 19.88 -19.71 19.26
C ARG F 197 19.51 -19.05 17.94
N VAL F 198 19.76 -19.74 16.84
CA VAL F 198 19.38 -19.24 15.53
C VAL F 198 17.94 -19.64 15.25
N ARG F 199 17.14 -18.67 14.81
CA ARG F 199 15.75 -18.93 14.48
C ARG F 199 15.66 -19.83 13.25
N GLY F 200 14.71 -20.77 13.28
CA GLY F 200 14.55 -21.68 12.16
C GLY F 200 14.15 -20.99 10.88
N VAL F 201 13.38 -19.91 10.98
CA VAL F 201 12.97 -19.15 9.80
C VAL F 201 14.17 -18.53 9.11
N ALA F 202 15.25 -18.28 9.85
CA ALA F 202 16.48 -17.73 9.30
C ALA F 202 17.36 -18.80 8.68
N MET F 203 16.94 -20.07 8.72
CA MET F 203 17.70 -21.17 8.17
C MET F 203 17.22 -21.51 6.76
N ASN F 204 17.95 -22.38 6.11
CA ASN F 204 17.57 -22.92 4.82
C ASN F 204 16.67 -24.14 5.00
N PRO F 205 15.87 -24.49 3.99
CA PRO F 205 14.94 -25.62 4.16
C PRO F 205 15.63 -26.94 4.47
N VAL F 206 16.90 -27.10 4.12
CA VAL F 206 17.57 -28.37 4.33
C VAL F 206 17.82 -28.65 5.80
N GLU F 207 18.03 -27.62 6.62
CA GLU F 207 18.33 -27.84 8.03
C GLU F 207 17.17 -27.49 8.97
N HIS F 208 15.99 -27.16 8.46
CA HIS F 208 14.87 -26.89 9.36
C HIS F 208 13.57 -26.97 8.60
N PRO F 209 12.50 -27.47 9.23
CA PRO F 209 11.17 -27.42 8.60
C PRO F 209 10.67 -26.01 8.34
N PHE F 210 11.13 -25.02 9.12
CA PHE F 210 10.70 -23.64 8.93
C PHE F 210 11.62 -22.86 8.00
N GLY F 211 12.67 -23.48 7.49
CA GLY F 211 13.63 -22.75 6.69
C GLY F 211 13.15 -22.45 5.29
N GLY F 212 13.77 -21.44 4.68
CA GLY F 212 13.49 -21.10 3.31
C GLY F 212 12.44 -20.02 3.14
N GLY F 213 12.24 -19.66 1.88
CA GLY F 213 11.28 -18.64 1.51
C GLY F 213 11.95 -17.31 1.24
N ASN F 214 11.34 -16.52 0.36
CA ASN F 214 11.86 -15.20 0.05
C ASN F 214 11.55 -14.18 1.12
N HIS F 215 10.58 -14.45 1.98
CA HIS F 215 10.39 -13.72 3.23
C HIS F 215 10.57 -14.71 4.38
N GLN F 216 11.03 -14.22 5.52
CA GLN F 216 11.17 -15.08 6.69
C GLN F 216 9.78 -15.31 7.28
N HIS F 217 9.17 -16.41 6.88
CA HIS F 217 7.85 -16.81 7.37
C HIS F 217 7.87 -18.31 7.62
N ILE F 218 6.98 -18.74 8.51
CA ILE F 218 6.93 -20.17 8.82
C ILE F 218 6.34 -20.96 7.65
N GLY F 219 5.26 -20.46 7.06
CA GLY F 219 4.64 -21.09 5.91
C GLY F 219 3.75 -22.28 6.23
N LYS F 220 3.70 -22.70 7.49
CA LYS F 220 2.88 -23.82 7.93
C LYS F 220 2.56 -23.59 9.40
N PRO F 221 1.49 -24.19 9.92
CA PRO F 221 1.16 -23.99 11.33
C PRO F 221 2.31 -24.41 12.24
N SER F 222 2.70 -23.51 13.13
CA SER F 222 3.82 -23.80 14.02
C SER F 222 3.46 -24.83 15.08
N THR F 223 2.18 -24.98 15.39
CA THR F 223 1.75 -26.06 16.28
C THR F 223 1.93 -27.40 15.57
N ILE F 224 2.55 -28.34 16.26
CA ILE F 224 2.90 -29.63 15.67
C ILE F 224 2.39 -30.73 16.58
N ARG F 225 1.94 -31.83 15.97
CA ARG F 225 1.33 -32.91 16.72
C ARG F 225 2.37 -33.63 17.59
N ARG F 226 1.87 -34.33 18.60
CA ARG F 226 2.76 -35.02 19.55
C ARG F 226 3.54 -36.14 18.87
N ASP F 227 2.87 -36.92 18.02
CA ASP F 227 3.48 -38.05 17.33
C ASP F 227 4.27 -37.68 16.08
N ALA F 228 4.60 -36.40 15.89
CA ALA F 228 5.43 -36.03 14.76
C ALA F 228 6.83 -36.59 14.93
N PRO F 229 7.46 -37.08 13.86
CA PRO F 229 8.79 -37.67 13.99
C PRO F 229 9.84 -36.62 14.31
N ALA F 230 10.93 -37.09 14.92
CA ALA F 230 12.07 -36.22 15.18
C ALA F 230 12.62 -35.66 13.88
N GLY F 231 13.00 -34.39 13.91
CA GLY F 231 13.33 -33.66 12.70
C GLY F 231 12.16 -32.91 12.09
N ARG F 232 10.94 -33.16 12.57
CA ARG F 232 9.76 -32.43 12.14
C ARG F 232 9.09 -31.65 13.26
N LYS F 233 8.95 -32.25 14.45
CA LYS F 233 8.25 -31.55 15.53
C LYS F 233 9.14 -30.43 16.06
N VAL F 234 8.98 -29.26 15.45
CA VAL F 234 9.59 -28.02 15.92
C VAL F 234 8.47 -26.99 16.03
N GLY F 235 8.72 -25.97 16.84
CA GLY F 235 7.69 -24.99 17.11
C GLY F 235 6.96 -25.29 18.40
N LEU F 236 5.64 -25.20 18.39
CA LEU F 236 4.83 -25.43 19.58
C LEU F 236 4.34 -26.87 19.52
N ILE F 237 4.89 -27.70 20.40
CA ILE F 237 4.70 -29.14 20.35
C ILE F 237 3.46 -29.52 21.14
N ALA F 238 2.48 -30.12 20.46
CA ALA F 238 1.26 -30.62 21.10
C ALA F 238 0.58 -29.54 21.92
N ALA F 239 0.52 -28.33 21.37
CA ALA F 239 0.00 -27.19 22.10
C ALA F 239 -1.51 -27.29 22.26
N ARG F 240 -1.98 -27.23 23.50
CA ARG F 240 -3.41 -27.21 23.76
C ARG F 240 -4.05 -25.90 23.35
N ARG F 241 -3.28 -24.82 23.33
CA ARG F 241 -3.77 -23.51 22.95
C ARG F 241 -2.59 -22.65 22.54
N THR F 242 -2.89 -21.51 21.95
CA THR F 242 -1.89 -20.53 21.58
C THR F 242 -2.42 -19.14 21.91
N GLY F 243 -1.56 -18.15 21.80
CA GLY F 243 -2.01 -16.79 21.96
C GLY F 243 -1.36 -16.07 23.11
N ARG F 244 -2.14 -15.72 24.12
CA ARG F 244 -1.73 -14.71 25.06
C ARG F 244 -2.03 -15.06 26.52
N LEU F 245 -2.79 -16.12 26.79
CA LEU F 245 -3.22 -16.47 28.15
C LEU F 245 -3.84 -15.28 28.85
N ARG F 246 -5.11 -15.04 28.52
CA ARG F 246 -5.90 -13.99 29.14
C ARG F 246 -6.93 -14.66 30.04
N GLY F 247 -6.75 -14.55 31.35
CA GLY F 247 -7.69 -15.10 32.29
C GLY F 247 -7.08 -15.89 33.44
N THR F 248 -5.94 -16.52 33.19
CA THR F 248 -5.28 -17.31 34.23
C THR F 248 -3.78 -17.43 33.97
N SER G 1 26.99 4.92 -34.22
CA SER G 1 26.11 6.07 -34.08
C SER G 1 26.92 7.37 -33.99
N HIS G 2 26.25 8.49 -34.21
CA HIS G 2 26.92 9.79 -34.22
C HIS G 2 27.44 10.13 -32.82
N ARG G 3 28.55 10.87 -32.78
CA ARG G 3 29.05 11.34 -31.50
C ARG G 3 28.05 12.33 -30.90
N LYS G 4 27.83 12.21 -29.59
CA LYS G 4 26.72 12.90 -28.94
C LYS G 4 26.78 14.40 -29.14
N PHE G 5 27.92 15.01 -28.84
CA PHE G 5 28.10 16.44 -28.96
C PHE G 5 29.26 16.70 -29.92
N SER G 6 29.11 17.73 -30.74
CA SER G 6 30.14 18.06 -31.72
C SER G 6 31.34 18.69 -31.05
N ALA G 7 32.51 18.49 -31.67
CA ALA G 7 33.75 19.09 -31.20
C ALA G 7 34.73 19.09 -32.36
N PRO G 8 35.45 20.19 -32.58
CA PRO G 8 36.44 20.21 -33.68
C PRO G 8 37.57 19.23 -33.40
N ARG G 9 38.16 18.72 -34.47
CA ARG G 9 39.24 17.75 -34.34
C ARG G 9 40.50 18.41 -33.78
N HIS G 10 41.33 17.59 -33.14
CA HIS G 10 42.56 18.06 -32.51
C HIS G 10 43.68 18.07 -33.56
N GLY G 11 44.30 19.22 -33.74
CA GLY G 11 45.42 19.34 -34.64
C GLY G 11 45.01 19.45 -36.10
N SER G 12 45.96 19.84 -36.93
CA SER G 12 45.73 20.04 -38.35
C SER G 12 46.31 18.87 -39.14
N LEU G 13 45.61 18.47 -40.20
CA LEU G 13 46.09 17.44 -41.10
C LEU G 13 46.94 18.01 -42.23
N GLY G 14 47.17 19.33 -42.25
CA GLY G 14 48.07 19.91 -43.22
C GLY G 14 49.54 19.77 -42.89
N PHE G 15 49.84 19.26 -41.70
CA PHE G 15 51.21 19.04 -41.24
C PHE G 15 51.40 17.57 -40.88
N LEU G 16 50.70 16.68 -41.58
CA LEU G 16 50.54 15.31 -41.11
C LEU G 16 51.81 14.51 -40.91
N PRO G 17 52.76 14.42 -41.85
CA PRO G 17 53.96 13.66 -41.54
C PRO G 17 54.66 14.36 -40.39
N ARG G 18 54.12 14.16 -39.19
CA ARG G 18 54.56 14.89 -38.01
C ARG G 18 55.90 14.28 -37.60
N LYS G 19 56.86 14.40 -38.52
CA LYS G 19 58.13 13.70 -38.48
C LYS G 19 59.26 14.69 -38.29
N ARG G 20 60.43 14.17 -37.92
CA ARG G 20 61.63 15.00 -37.90
C ARG G 20 61.92 15.50 -39.30
N SER G 21 62.30 16.77 -39.38
CA SER G 21 62.64 17.37 -40.66
C SER G 21 63.85 16.67 -41.27
N SER G 22 63.78 16.39 -42.58
CA SER G 22 64.91 15.81 -43.27
C SER G 22 66.06 16.78 -43.43
N ARG G 23 65.85 18.06 -43.14
CA ARG G 23 66.87 19.08 -43.26
C ARG G 23 66.95 19.88 -41.97
N HIS G 24 68.11 20.51 -41.76
CA HIS G 24 68.33 21.35 -40.60
C HIS G 24 68.23 22.84 -40.92
N ARG G 25 68.45 23.23 -42.17
CA ARG G 25 68.52 24.64 -42.52
C ARG G 25 67.13 25.25 -42.67
N GLY G 26 66.24 24.58 -43.38
CA GLY G 26 64.93 25.16 -43.69
C GLY G 26 64.91 25.78 -45.06
N LYS G 27 64.38 25.06 -46.04
CA LYS G 27 64.42 25.49 -47.43
C LYS G 27 63.24 26.38 -47.76
N VAL G 28 63.44 27.25 -48.76
CA VAL G 28 62.46 28.28 -49.07
C VAL G 28 61.18 27.67 -49.61
N LYS G 29 61.30 26.72 -50.56
CA LYS G 29 60.18 25.98 -51.14
C LYS G 29 59.29 26.83 -52.04
N SER G 30 59.39 28.16 -51.93
CA SER G 30 58.63 29.04 -52.80
C SER G 30 59.19 30.46 -52.78
N PHE G 31 59.82 30.86 -53.86
CA PHE G 31 60.35 32.21 -53.95
C PHE G 31 59.30 33.16 -54.48
N PRO G 32 59.41 34.45 -54.16
CA PRO G 32 58.43 35.42 -54.67
C PRO G 32 58.38 35.41 -56.19
N LYS G 33 57.18 35.62 -56.71
CA LYS G 33 56.98 35.57 -58.15
C LYS G 33 57.80 36.67 -58.82
N ASP G 34 58.50 36.33 -59.89
CA ASP G 34 59.43 37.25 -60.54
C ASP G 34 58.72 38.06 -61.61
N ASP G 35 58.88 39.38 -61.56
CA ASP G 35 58.42 40.26 -62.60
C ASP G 35 59.58 41.14 -63.04
N PRO G 36 59.91 41.18 -64.33
CA PRO G 36 61.11 41.90 -64.79
C PRO G 36 61.02 43.42 -64.64
N SER G 37 59.87 43.96 -64.27
CA SER G 37 59.75 45.42 -64.13
C SER G 37 60.57 45.93 -62.94
N LYS G 38 60.64 45.16 -61.87
CA LYS G 38 61.33 45.60 -60.66
C LYS G 38 62.83 45.54 -60.86
N PRO G 39 63.59 46.31 -60.07
CA PRO G 39 65.05 46.21 -60.12
C PRO G 39 65.54 44.87 -59.63
N VAL G 40 66.75 44.51 -60.07
CA VAL G 40 67.35 43.24 -59.68
C VAL G 40 67.64 43.26 -58.18
N HIS G 41 67.22 42.22 -57.48
CA HIS G 41 67.34 42.16 -56.03
C HIS G 41 67.40 40.70 -55.59
N LEU G 42 67.76 40.51 -54.33
CA LEU G 42 67.76 39.20 -53.70
C LEU G 42 66.48 39.00 -52.89
N THR G 43 66.07 37.75 -52.78
CA THR G 43 64.79 37.41 -52.18
C THR G 43 64.89 36.71 -50.84
N ALA G 44 66.08 36.28 -50.42
CA ALA G 44 66.21 35.52 -49.19
C ALA G 44 67.51 35.86 -48.49
N PHE G 45 67.62 35.39 -47.25
CA PHE G 45 68.80 35.61 -46.42
C PHE G 45 68.81 34.54 -45.33
N LEU G 46 69.97 34.33 -44.73
CA LEU G 46 70.13 33.42 -43.61
C LEU G 46 70.55 34.18 -42.36
N GLY G 47 69.86 33.91 -41.26
CA GLY G 47 70.21 34.49 -39.97
C GLY G 47 70.27 33.41 -38.92
N TYR G 48 70.62 33.84 -37.70
CA TYR G 48 70.75 32.93 -36.58
C TYR G 48 70.00 33.50 -35.39
N LYS G 49 69.08 32.70 -34.85
CA LYS G 49 68.25 33.14 -33.74
C LYS G 49 69.11 33.38 -32.51
N ALA G 50 69.38 34.65 -32.21
CA ALA G 50 70.22 34.99 -31.08
C ALA G 50 69.44 34.92 -29.76
N GLY G 51 68.29 35.57 -29.71
CA GLY G 51 67.51 35.57 -28.49
C GLY G 51 66.30 36.46 -28.64
N MET G 52 65.63 36.70 -27.52
CA MET G 52 64.43 37.52 -27.48
C MET G 52 64.58 38.61 -26.45
N THR G 53 63.86 39.71 -26.69
CA THR G 53 63.75 40.80 -25.73
C THR G 53 62.44 41.52 -26.04
N HIS G 54 62.22 42.66 -25.39
CA HIS G 54 61.02 43.44 -25.62
C HIS G 54 61.39 44.91 -25.73
N ILE G 55 60.52 45.66 -26.42
CA ILE G 55 60.77 47.05 -26.77
C ILE G 55 59.60 47.89 -26.29
N VAL G 56 59.77 49.20 -26.36
CA VAL G 56 58.71 50.17 -26.14
C VAL G 56 58.61 51.05 -27.37
N ARG G 57 57.42 51.17 -27.93
CA ARG G 57 57.20 51.99 -29.11
C ARG G 57 55.86 52.69 -29.00
N GLU G 58 55.62 53.60 -29.93
CA GLU G 58 54.38 54.37 -30.00
C GLU G 58 53.56 53.88 -31.18
N VAL G 59 52.29 53.55 -30.94
CA VAL G 59 51.42 52.98 -31.97
C VAL G 59 50.70 54.11 -32.69
N ASP G 60 50.73 54.06 -34.02
CA ASP G 60 50.10 55.08 -34.86
C ASP G 60 48.85 54.56 -35.56
N ARG G 61 48.08 53.70 -34.89
CA ARG G 61 46.92 53.03 -35.48
C ARG G 61 45.64 53.77 -35.15
N PRO G 62 45.08 54.54 -36.08
CA PRO G 62 43.86 55.31 -35.77
C PRO G 62 42.66 54.41 -35.54
N GLY G 63 41.75 54.88 -34.69
CA GLY G 63 40.58 54.11 -34.32
C GLY G 63 40.83 53.02 -33.32
N SER G 64 42.04 52.91 -32.80
CA SER G 64 42.41 51.87 -31.86
C SER G 64 42.54 52.42 -30.45
N LYS G 65 42.36 51.53 -29.47
CA LYS G 65 42.56 51.91 -28.08
C LYS G 65 44.02 52.23 -27.77
N VAL G 66 44.95 51.76 -28.60
CA VAL G 66 46.37 51.97 -28.37
C VAL G 66 46.94 53.07 -29.26
N ASN G 67 46.08 53.84 -29.93
CA ASN G 67 46.56 54.96 -30.73
C ASN G 67 47.17 56.03 -29.83
N LYS G 68 48.36 56.50 -30.21
CA LYS G 68 49.12 57.48 -29.42
C LYS G 68 49.34 56.96 -28.00
N LYS G 69 49.54 55.65 -27.88
CA LYS G 69 49.74 55.00 -26.60
C LYS G 69 50.98 54.12 -26.65
N GLU G 70 51.76 54.16 -25.59
CA GLU G 70 52.92 53.28 -25.46
C GLU G 70 52.47 51.82 -25.40
N VAL G 71 53.23 50.95 -26.05
CA VAL G 71 53.07 49.51 -25.92
C VAL G 71 54.44 48.89 -25.75
N VAL G 72 54.47 47.70 -25.17
CA VAL G 72 55.66 46.86 -25.19
C VAL G 72 55.35 45.63 -26.00
N GLU G 73 56.37 45.10 -26.66
CA GLU G 73 56.23 44.06 -27.67
C GLU G 73 57.46 43.19 -27.70
N ALA G 74 57.25 41.88 -27.55
CA ALA G 74 58.33 40.93 -27.62
C ALA G 74 58.92 40.92 -29.03
N VAL G 75 60.25 40.92 -29.10
CA VAL G 75 60.95 40.89 -30.38
C VAL G 75 62.02 39.81 -30.34
N THR G 76 62.34 39.29 -31.51
CA THR G 76 63.38 38.28 -31.67
C THR G 76 64.54 38.90 -32.42
N ILE G 77 65.75 38.68 -31.92
CA ILE G 77 66.97 39.18 -32.55
C ILE G 77 67.57 38.05 -33.37
N VAL G 78 67.74 38.30 -34.67
CA VAL G 78 68.33 37.33 -35.59
C VAL G 78 69.63 37.93 -36.11
N GLU G 79 70.75 37.39 -35.68
CA GLU G 79 72.04 37.89 -36.12
C GLU G 79 72.26 37.53 -37.59
N THR G 80 72.57 38.53 -38.40
CA THR G 80 72.69 38.38 -39.85
C THR G 80 73.99 38.98 -40.35
N PRO G 81 75.11 38.27 -40.20
CA PRO G 81 76.33 38.70 -40.86
C PRO G 81 76.19 38.56 -42.37
N PRO G 82 76.96 39.32 -43.14
CA PRO G 82 76.74 39.35 -44.59
C PRO G 82 76.99 38.01 -45.25
N MET G 83 76.21 37.74 -46.29
CA MET G 83 76.41 36.63 -47.21
C MET G 83 77.66 36.82 -48.05
N VAL G 84 78.19 35.71 -48.57
CA VAL G 84 79.23 35.70 -49.57
C VAL G 84 78.72 34.90 -50.76
N VAL G 85 78.67 35.52 -51.94
CA VAL G 85 78.18 34.87 -53.14
C VAL G 85 79.34 34.08 -53.76
N VAL G 86 79.14 32.79 -53.97
CA VAL G 86 80.21 31.92 -54.43
C VAL G 86 79.80 31.10 -55.65
N GLY G 87 78.62 31.40 -56.21
CA GLY G 87 78.19 30.65 -57.38
C GLY G 87 76.89 31.19 -57.92
N ILE G 88 76.54 30.68 -59.11
CA ILE G 88 75.30 31.02 -59.81
C ILE G 88 74.72 29.74 -60.37
N VAL G 89 73.41 29.56 -60.23
CA VAL G 89 72.70 28.41 -60.78
C VAL G 89 71.67 28.92 -61.78
N GLY G 90 71.52 28.23 -62.89
CA GLY G 90 70.49 28.54 -63.87
C GLY G 90 69.47 27.42 -63.95
N TYR G 91 68.21 27.79 -64.10
CA TYR G 91 67.11 26.83 -64.24
C TYR G 91 66.37 27.07 -65.54
N VAL G 92 65.88 25.98 -66.13
CA VAL G 92 65.12 26.03 -67.36
C VAL G 92 63.76 25.38 -67.11
N GLU G 93 62.70 26.04 -67.57
CA GLU G 93 61.35 25.52 -67.40
C GLU G 93 61.10 24.39 -68.39
N THR G 94 60.64 23.26 -67.87
CA THR G 94 60.35 22.06 -68.66
C THR G 94 58.94 21.60 -68.33
N PRO G 95 58.30 20.84 -69.23
CA PRO G 95 56.99 20.27 -68.90
C PRO G 95 57.03 19.27 -67.75
N ARG G 96 58.22 18.95 -67.23
CA ARG G 96 58.35 18.13 -66.04
C ARG G 96 58.70 18.95 -64.80
N GLY G 97 58.87 20.27 -64.95
CA GLY G 97 59.18 21.17 -63.87
C GLY G 97 60.42 21.98 -64.19
N LEU G 98 61.00 22.59 -63.15
CA LEU G 98 62.30 23.24 -63.28
C LEU G 98 63.40 22.22 -63.11
N ARG G 99 64.37 22.22 -64.02
CA ARG G 99 65.57 21.43 -63.81
C ARG G 99 66.79 22.34 -63.86
N THR G 100 67.78 22.02 -63.02
CA THR G 100 69.02 22.76 -62.98
C THR G 100 69.74 22.63 -64.32
N PHE G 101 70.03 23.77 -64.93
CA PHE G 101 70.65 23.78 -66.24
C PHE G 101 72.17 23.76 -66.15
N LYS G 102 72.75 24.75 -65.48
CA LYS G 102 74.19 24.85 -65.37
C LYS G 102 74.54 25.62 -64.11
N THR G 103 75.61 25.21 -63.44
CA THR G 103 76.11 25.84 -62.23
C THR G 103 77.53 26.31 -62.47
N VAL G 104 77.80 27.58 -62.14
CA VAL G 104 79.14 28.14 -62.22
C VAL G 104 79.53 28.64 -60.84
N PHE G 105 80.69 28.20 -60.36
CA PHE G 105 81.20 28.60 -59.06
C PHE G 105 82.34 29.59 -59.24
N ALA G 106 82.42 30.55 -58.33
CA ALA G 106 83.47 31.54 -58.39
C ALA G 106 84.81 30.93 -58.01
N GLU G 107 85.88 31.65 -58.38
CA GLU G 107 87.19 31.34 -57.85
C GLU G 107 87.25 31.73 -56.37
N HIS G 108 88.27 31.24 -55.68
CA HIS G 108 88.53 31.59 -54.29
C HIS G 108 87.30 31.37 -53.41
N ILE G 109 87.01 30.09 -53.19
CA ILE G 109 85.96 29.72 -52.25
C ILE G 109 86.55 29.64 -50.85
N SER G 110 85.89 30.29 -49.90
CA SER G 110 86.41 30.39 -48.55
C SER G 110 86.44 29.01 -47.89
N ASP G 111 87.32 28.87 -46.89
CA ASP G 111 87.45 27.59 -46.18
C ASP G 111 86.15 27.23 -45.47
N GLU G 112 85.49 28.20 -44.83
CA GLU G 112 84.25 27.91 -44.13
C GLU G 112 83.19 27.39 -45.08
N CYS G 113 83.14 27.94 -46.30
CA CYS G 113 82.25 27.39 -47.32
C CYS G 113 82.65 25.98 -47.72
N LYS G 114 83.95 25.75 -47.90
CA LYS G 114 84.42 24.43 -48.34
C LYS G 114 84.21 23.37 -47.27
N ARG G 115 84.02 23.76 -46.02
CA ARG G 115 83.74 22.78 -44.97
C ARG G 115 82.39 22.12 -45.18
N ARG G 116 81.44 22.81 -45.82
CA ARG G 116 80.13 22.24 -46.07
C ARG G 116 80.22 21.00 -46.96
N PHE G 117 81.26 20.92 -47.79
CA PHE G 117 81.40 19.82 -48.74
C PHE G 117 82.01 18.58 -48.12
N TYR G 118 82.38 18.62 -46.84
CA TYR G 118 83.06 17.51 -46.18
C TYR G 118 82.32 17.09 -44.93
N LYS G 119 82.35 15.79 -44.66
CA LYS G 119 81.81 15.24 -43.42
C LYS G 119 82.85 15.18 -42.32
N ASN G 120 84.13 15.08 -42.69
CA ASN G 120 85.24 15.09 -41.73
C ASN G 120 86.30 16.03 -42.29
N TRP G 121 86.15 17.32 -41.98
CA TRP G 121 87.12 18.31 -42.43
C TRP G 121 88.50 18.06 -41.83
N HIS G 122 88.54 17.47 -40.64
CA HIS G 122 89.82 17.20 -39.97
C HIS G 122 90.68 16.24 -40.79
N LYS G 123 90.12 15.10 -41.17
CA LYS G 123 90.89 14.12 -41.92
C LYS G 123 90.96 14.41 -43.40
N SER G 124 90.17 15.36 -43.88
CA SER G 124 90.17 15.71 -45.29
C SER G 124 91.48 16.39 -45.67
N LYS G 125 91.71 16.46 -46.98
CA LYS G 125 92.87 17.15 -47.54
C LYS G 125 92.48 18.36 -48.37
N LYS G 126 91.24 18.84 -48.19
CA LYS G 126 90.82 20.17 -48.64
C LYS G 126 90.90 20.30 -50.15
N LYS G 127 90.61 19.20 -50.85
CA LYS G 127 90.79 19.16 -52.29
C LYS G 127 89.60 19.69 -53.07
N ALA G 128 88.49 20.03 -52.40
CA ALA G 128 87.29 20.44 -53.11
C ALA G 128 87.53 21.71 -53.91
N PHE G 129 87.06 21.71 -55.15
CA PHE G 129 87.14 22.84 -56.08
C PHE G 129 88.58 23.26 -56.36
N THR G 130 89.55 22.38 -56.11
CA THR G 130 90.94 22.71 -56.41
C THR G 130 91.21 22.68 -57.91
N LYS G 131 90.63 21.70 -58.62
CA LYS G 131 90.79 21.64 -60.06
C LYS G 131 89.80 22.52 -60.80
N TYR G 132 88.70 22.89 -60.14
CA TYR G 132 87.70 23.76 -60.77
C TYR G 132 88.18 25.21 -60.82
N CYS G 133 88.87 25.66 -59.76
CA CYS G 133 89.34 27.03 -59.72
C CYS G 133 90.39 27.33 -60.78
N LYS G 134 91.04 26.30 -61.33
CA LYS G 134 92.05 26.54 -62.34
C LYS G 134 91.43 26.96 -63.67
N LYS G 135 90.19 26.56 -63.95
CA LYS G 135 89.58 26.96 -65.20
C LYS G 135 89.21 28.44 -65.22
N TRP G 136 89.29 29.13 -64.09
CA TRP G 136 89.13 30.57 -64.07
C TRP G 136 90.38 31.31 -64.54
N GLN G 137 91.48 30.61 -64.72
CA GLN G 137 92.76 31.23 -65.09
C GLN G 137 93.25 30.82 -66.47
N ASP G 138 93.13 29.55 -66.85
CA ASP G 138 93.59 29.14 -68.16
C ASP G 138 92.63 29.63 -69.24
N GLU G 139 93.05 29.51 -70.49
CA GLU G 139 92.27 30.11 -71.55
C GLU G 139 91.13 29.19 -72.00
N ASP G 140 91.37 27.88 -72.01
CA ASP G 140 90.29 26.95 -72.34
C ASP G 140 89.17 27.02 -71.30
N GLY G 141 89.54 27.10 -70.02
CA GLY G 141 88.52 27.16 -68.98
C GLY G 141 87.70 28.44 -69.03
N LYS G 142 88.36 29.58 -69.25
CA LYS G 142 87.63 30.84 -69.31
C LYS G 142 86.68 30.86 -70.50
N LYS G 143 87.11 30.34 -71.65
CA LYS G 143 86.20 30.23 -72.78
C LYS G 143 85.03 29.33 -72.46
N GLN G 144 85.28 28.22 -71.77
CA GLN G 144 84.19 27.34 -71.38
C GLN G 144 83.29 28.00 -70.35
N LEU G 145 83.88 28.83 -69.48
CA LEU G 145 83.08 29.58 -68.52
C LEU G 145 82.19 30.61 -69.22
N GLU G 146 82.74 31.31 -70.22
CA GLU G 146 81.95 32.28 -70.96
C GLU G 146 80.81 31.60 -71.72
N LYS G 147 81.06 30.40 -72.25
CA LYS G 147 79.99 29.67 -72.92
C LYS G 147 78.89 29.28 -71.93
N ASP G 148 79.28 28.91 -70.71
CA ASP G 148 78.28 28.57 -69.69
C ASP G 148 77.40 29.77 -69.35
N PHE G 149 78.01 30.95 -69.22
CA PHE G 149 77.23 32.15 -68.95
C PHE G 149 76.34 32.51 -70.13
N SER G 150 76.86 32.37 -71.35
CA SER G 150 76.05 32.66 -72.53
C SER G 150 74.89 31.68 -72.66
N SER G 151 75.14 30.40 -72.39
CA SER G 151 74.07 29.41 -72.47
C SER G 151 73.01 29.67 -71.41
N MET G 152 73.42 30.09 -70.21
CA MET G 152 72.46 30.48 -69.19
C MET G 152 71.64 31.68 -69.64
N LYS G 153 72.30 32.65 -70.28
CA LYS G 153 71.63 33.88 -70.70
C LYS G 153 70.57 33.64 -71.76
N LYS G 154 70.68 32.57 -72.54
CA LYS G 154 69.77 32.33 -73.64
C LYS G 154 68.80 31.18 -73.40
N TYR G 155 69.04 30.33 -72.39
CA TYR G 155 68.20 29.16 -72.17
C TYR G 155 67.54 29.12 -70.81
N CYS G 156 68.03 29.86 -69.82
CA CYS G 156 67.50 29.79 -68.47
C CYS G 156 66.45 30.87 -68.25
N GLN G 157 65.42 30.53 -67.47
CA GLN G 157 64.35 31.45 -67.13
C GLN G 157 64.55 32.11 -65.77
N VAL G 158 64.90 31.34 -64.75
CA VAL G 158 65.22 31.86 -63.43
C VAL G 158 66.64 31.47 -63.09
N ILE G 159 67.36 32.38 -62.43
CA ILE G 159 68.70 32.05 -61.96
C ILE G 159 68.72 32.25 -60.45
N ARG G 160 69.68 31.60 -59.81
CA ARG G 160 69.88 31.73 -58.37
C ARG G 160 71.37 31.82 -58.09
N VAL G 161 71.71 32.42 -56.96
CA VAL G 161 73.08 32.56 -56.51
C VAL G 161 73.26 31.67 -55.28
N ILE G 162 74.36 30.93 -55.25
CA ILE G 162 74.70 30.16 -54.05
C ILE G 162 75.47 31.08 -53.12
N ALA G 163 74.91 31.34 -51.95
CA ALA G 163 75.56 32.20 -50.97
C ALA G 163 75.72 31.43 -49.66
N HIS G 164 76.77 31.75 -48.93
CA HIS G 164 77.06 31.08 -47.66
C HIS G 164 77.24 32.10 -46.57
N THR G 165 76.97 31.67 -45.33
CA THR G 165 77.15 32.51 -44.17
C THR G 165 78.62 32.52 -43.75
N GLN G 166 78.93 33.38 -42.79
CA GLN G 166 80.30 33.55 -42.29
C GLN G 166 80.33 33.08 -40.85
N MET G 167 80.82 31.85 -40.63
CA MET G 167 80.83 31.26 -39.30
C MET G 167 81.73 32.04 -38.35
N ARG G 168 82.91 32.42 -38.81
CA ARG G 168 83.92 32.96 -37.91
C ARG G 168 83.49 34.29 -37.31
N LEU G 169 82.50 34.97 -37.90
CA LEU G 169 81.93 36.16 -37.27
C LEU G 169 80.93 35.82 -36.18
N LEU G 170 80.41 34.60 -36.16
CA LEU G 170 79.46 34.15 -35.17
C LEU G 170 80.16 33.66 -33.91
N PRO G 171 79.49 33.69 -32.77
CA PRO G 171 80.07 33.15 -31.53
C PRO G 171 79.85 31.66 -31.32
N LEU G 172 79.41 30.94 -32.35
CA LEU G 172 79.03 29.54 -32.19
C LEU G 172 80.26 28.64 -32.32
N ARG G 173 80.09 27.40 -31.86
CA ARG G 173 81.15 26.40 -31.98
C ARG G 173 81.33 25.95 -33.42
N GLN G 174 80.25 25.91 -34.19
CA GLN G 174 80.29 25.43 -35.57
C GLN G 174 81.12 26.38 -36.45
N LYS G 175 82.00 25.79 -37.25
CA LYS G 175 82.75 26.52 -38.27
C LYS G 175 82.28 26.19 -39.68
N LYS G 176 81.41 25.20 -39.84
CA LYS G 176 80.88 24.85 -41.15
C LYS G 176 79.82 25.86 -41.58
N ALA G 177 80.00 26.45 -42.75
CA ALA G 177 79.08 27.48 -43.22
C ALA G 177 77.81 26.85 -43.78
N HIS G 178 76.77 27.69 -43.90
CA HIS G 178 75.48 27.29 -44.44
C HIS G 178 75.32 27.86 -45.85
N LEU G 179 75.06 27.00 -46.82
CA LEU G 179 74.87 27.40 -48.21
C LEU G 179 73.38 27.37 -48.56
N MET G 180 72.94 28.38 -49.31
CA MET G 180 71.58 28.44 -49.80
C MET G 180 71.55 29.02 -51.21
N GLU G 181 70.72 28.42 -52.06
CA GLU G 181 70.37 29.05 -53.33
C GLU G 181 69.37 30.17 -53.06
N ILE G 182 69.76 31.40 -53.38
CA ILE G 182 68.90 32.57 -53.22
C ILE G 182 68.51 33.03 -54.62
N GLN G 183 67.21 33.09 -54.88
CA GLN G 183 66.73 33.48 -56.18
C GLN G 183 66.95 34.97 -56.42
N VAL G 184 67.27 35.31 -57.66
CA VAL G 184 67.42 36.69 -58.09
C VAL G 184 66.19 37.06 -58.90
N ASN G 185 65.48 38.09 -58.46
CA ASN G 185 64.22 38.51 -59.09
C ASN G 185 64.36 39.90 -59.67
N GLY G 186 63.40 40.25 -60.52
CA GLY G 186 63.27 41.60 -61.03
C GLY G 186 64.23 41.99 -62.13
N GLY G 187 64.00 41.48 -63.33
CA GLY G 187 64.78 41.89 -64.48
C GLY G 187 64.84 40.78 -65.51
N THR G 188 65.50 41.12 -66.62
CA THR G 188 65.76 40.12 -67.64
C THR G 188 66.82 39.14 -67.15
N VAL G 189 66.87 37.97 -67.79
CA VAL G 189 67.84 36.96 -67.40
C VAL G 189 69.25 37.47 -67.62
N ALA G 190 69.47 38.22 -68.70
CA ALA G 190 70.77 38.82 -68.94
C ALA G 190 71.15 39.81 -67.83
N GLU G 191 70.19 40.63 -67.40
CA GLU G 191 70.47 41.62 -66.37
C GLU G 191 70.80 40.96 -65.04
N LYS G 192 70.07 39.92 -64.66
CA LYS G 192 70.31 39.27 -63.38
C LYS G 192 71.57 38.41 -63.40
N LEU G 193 71.99 37.89 -64.56
CA LEU G 193 73.31 37.27 -64.65
C LEU G 193 74.44 38.29 -64.54
N ASP G 194 74.32 39.44 -65.21
CA ASP G 194 75.34 40.47 -65.07
C ASP G 194 75.42 40.96 -63.63
N TRP G 195 74.25 41.12 -62.99
CA TRP G 195 74.23 41.50 -61.58
C TRP G 195 74.89 40.43 -60.72
N ALA G 196 74.55 39.16 -60.95
CA ALA G 196 75.11 38.09 -60.13
C ALA G 196 76.60 37.91 -60.39
N ARG G 197 77.03 38.06 -61.64
CA ARG G 197 78.45 37.86 -61.97
C ARG G 197 79.33 38.86 -61.24
N GLU G 198 78.91 40.13 -61.17
CA GLU G 198 79.70 41.14 -60.51
C GLU G 198 79.62 41.06 -58.99
N ARG G 199 78.67 40.31 -58.44
CA ARG G 199 78.63 40.05 -57.01
C ARG G 199 79.34 38.78 -56.61
N LEU G 200 79.93 38.05 -57.56
CA LEU G 200 80.67 36.84 -57.20
C LEU G 200 81.85 37.20 -56.30
N GLU G 201 82.08 36.36 -55.30
CA GLU G 201 83.10 36.53 -54.26
C GLU G 201 82.82 37.69 -53.32
N GLN G 202 81.75 38.45 -53.53
CA GLN G 202 81.50 39.66 -52.77
C GLN G 202 80.61 39.38 -51.57
N GLN G 203 80.45 40.37 -50.70
CA GLN G 203 79.58 40.28 -49.53
C GLN G 203 78.28 41.05 -49.79
N VAL G 204 77.17 40.42 -49.42
CA VAL G 204 75.85 41.04 -49.52
C VAL G 204 75.35 41.25 -48.09
N PRO G 205 75.33 42.48 -47.58
CA PRO G 205 74.77 42.74 -46.26
C PRO G 205 73.26 42.60 -46.26
N VAL G 206 72.70 42.44 -45.06
CA VAL G 206 71.26 42.23 -44.94
C VAL G 206 70.50 43.51 -45.28
N ASN G 207 71.18 44.66 -45.28
CA ASN G 207 70.55 45.92 -45.70
C ASN G 207 70.07 45.86 -47.13
N GLN G 208 70.87 45.27 -48.03
CA GLN G 208 70.57 45.23 -49.44
C GLN G 208 69.46 44.25 -49.79
N VAL G 209 69.04 43.40 -48.86
CA VAL G 209 67.98 42.43 -49.10
C VAL G 209 66.66 42.88 -48.47
N PHE G 210 66.68 43.24 -47.20
CA PHE G 210 65.47 43.63 -46.48
C PHE G 210 65.57 45.07 -46.02
N GLY G 211 64.40 45.63 -45.68
CA GLY G 211 64.32 47.02 -45.27
C GLY G 211 63.54 47.18 -43.98
N GLN G 212 63.52 48.42 -43.48
CA GLN G 212 62.84 48.72 -42.24
C GLN G 212 61.34 48.53 -42.37
N ASP G 213 60.71 48.09 -41.28
CA ASP G 213 59.27 47.87 -41.14
C ASP G 213 58.61 47.22 -42.35
N GLU G 214 59.24 46.21 -42.93
CA GLU G 214 58.60 45.41 -43.96
C GLU G 214 58.33 44.01 -43.41
N MET G 215 57.33 43.35 -43.99
CA MET G 215 56.85 42.06 -43.52
C MET G 215 57.54 40.97 -44.30
N ILE G 216 58.21 40.06 -43.59
CA ILE G 216 58.95 38.98 -44.21
C ILE G 216 58.44 37.65 -43.66
N ASP G 217 58.89 36.57 -44.30
CA ASP G 217 58.57 35.22 -43.88
C ASP G 217 59.82 34.56 -43.31
N VAL G 218 59.64 33.85 -42.19
CA VAL G 218 60.74 33.17 -41.52
C VAL G 218 60.53 31.67 -41.70
N ILE G 219 61.55 31.00 -42.22
CA ILE G 219 61.51 29.57 -42.49
C ILE G 219 62.59 28.89 -41.67
N GLY G 220 62.20 27.91 -40.88
CA GLY G 220 63.15 27.21 -40.05
C GLY G 220 62.56 25.93 -39.50
N VAL G 221 63.34 25.29 -38.63
CA VAL G 221 62.96 24.03 -38.01
C VAL G 221 62.68 24.30 -36.54
N THR G 222 61.55 23.81 -36.05
CA THR G 222 61.13 24.07 -34.69
C THR G 222 62.01 23.31 -33.70
N LYS G 223 61.86 23.64 -32.42
CA LYS G 223 62.62 22.97 -31.38
C LYS G 223 62.19 21.52 -31.24
N GLY G 224 63.17 20.63 -31.12
CA GLY G 224 62.87 19.23 -30.94
C GLY G 224 62.37 18.94 -29.53
N LYS G 225 61.41 18.02 -29.46
CA LYS G 225 60.86 17.60 -28.17
C LYS G 225 60.98 16.10 -27.95
N GLY G 226 61.58 15.36 -28.88
CA GLY G 226 61.69 13.94 -28.70
C GLY G 226 60.35 13.25 -28.94
N TYR G 227 60.26 12.05 -28.40
CA TYR G 227 59.08 11.22 -28.64
C TYR G 227 58.04 11.48 -27.57
N LYS G 228 56.84 11.84 -28.00
CA LYS G 228 55.81 12.41 -27.14
C LYS G 228 54.50 11.67 -27.35
N GLY G 229 53.67 11.67 -26.31
CA GLY G 229 52.37 11.05 -26.37
C GLY G 229 51.32 11.94 -27.00
N VAL G 230 50.10 11.39 -27.12
CA VAL G 230 49.02 12.10 -27.80
C VAL G 230 48.63 13.36 -27.06
N THR G 231 48.73 13.35 -25.72
CA THR G 231 48.30 14.51 -24.95
C THR G 231 49.18 15.74 -25.22
N SER G 232 50.47 15.54 -25.43
CA SER G 232 51.36 16.65 -25.75
C SER G 232 51.44 16.90 -27.25
N ARG G 233 51.47 15.83 -28.05
CA ARG G 233 51.64 15.96 -29.49
C ARG G 233 50.38 16.52 -30.15
N TRP G 234 49.21 16.02 -29.75
CA TRP G 234 47.96 16.43 -30.39
C TRP G 234 47.01 17.16 -29.46
N HIS G 235 47.37 17.33 -28.19
CA HIS G 235 46.59 18.10 -27.23
C HIS G 235 45.18 17.56 -27.09
N THR G 236 45.07 16.23 -27.05
CA THR G 236 43.80 15.57 -26.80
C THR G 236 43.44 15.66 -25.32
N LYS G 237 42.18 15.37 -25.02
CA LYS G 237 41.69 15.46 -23.66
C LYS G 237 42.28 14.35 -22.81
N LYS G 238 42.75 14.71 -21.62
CA LYS G 238 43.23 13.71 -20.67
C LYS G 238 42.07 12.89 -20.14
N LEU G 239 42.26 11.57 -20.07
CA LEU G 239 41.22 10.68 -19.58
C LEU G 239 41.09 10.82 -18.06
N PRO G 240 39.95 10.42 -17.50
CA PRO G 240 39.73 10.57 -16.06
C PRO G 240 40.75 9.78 -15.25
N ARG G 241 40.93 10.22 -14.00
CA ARG G 241 41.93 9.61 -13.13
C ARG G 241 41.68 8.13 -12.89
N LYS G 242 40.43 7.70 -13.01
CA LYS G 242 40.06 6.32 -12.73
C LYS G 242 40.42 5.34 -13.85
N THR G 243 41.07 5.81 -14.91
CA THR G 243 41.35 4.95 -16.07
C THR G 243 42.43 3.93 -15.73
N HIS G 244 42.21 2.67 -16.11
CA HIS G 244 43.01 1.57 -15.60
C HIS G 244 44.43 1.58 -16.16
N ARG G 245 44.56 1.50 -17.49
CA ARG G 245 45.86 1.28 -18.12
C ARG G 245 46.53 2.56 -18.59
N GLY G 246 46.03 3.72 -18.18
CA GLY G 246 46.64 4.97 -18.58
C GLY G 246 45.64 5.99 -19.05
N LEU G 247 45.85 7.25 -18.67
CA LEU G 247 44.91 8.32 -19.01
C LEU G 247 45.43 9.29 -20.06
N ARG G 248 46.73 9.29 -20.34
CA ARG G 248 47.29 10.16 -21.38
C ARG G 248 47.22 9.50 -22.75
N LYS G 249 46.02 9.08 -23.13
CA LYS G 249 45.80 8.32 -24.36
C LYS G 249 44.54 8.82 -25.04
N VAL G 250 44.34 8.37 -26.27
CA VAL G 250 43.06 8.53 -26.97
C VAL G 250 42.27 7.24 -26.77
N ALA G 251 41.06 7.38 -26.24
CA ALA G 251 40.30 6.20 -25.82
C ALA G 251 39.92 5.33 -27.01
N CYS G 252 39.40 5.92 -28.08
CA CYS G 252 39.01 5.18 -29.27
C CYS G 252 39.86 5.65 -30.44
N ILE G 253 40.62 4.72 -31.02
CA ILE G 253 41.45 5.03 -32.18
C ILE G 253 40.78 4.62 -33.49
N GLY G 254 39.49 4.37 -33.46
CA GLY G 254 38.73 4.07 -34.67
C GLY G 254 37.57 3.15 -34.38
N ALA G 255 36.61 3.15 -35.31
CA ALA G 255 35.47 2.26 -35.22
C ALA G 255 35.83 0.87 -35.74
N TRP G 256 34.90 -0.07 -35.56
CA TRP G 256 35.12 -1.43 -36.04
C TRP G 256 35.37 -1.45 -37.54
N HIS G 257 34.60 -0.70 -38.30
CA HIS G 257 34.85 -0.52 -39.72
C HIS G 257 35.07 0.95 -39.99
N PRO G 258 36.03 1.33 -40.84
CA PRO G 258 36.77 0.57 -41.88
C PRO G 258 37.74 -0.55 -41.48
N ALA G 259 37.84 -0.99 -40.24
CA ALA G 259 38.68 -2.13 -39.79
C ALA G 259 40.17 -1.85 -39.89
N ARG G 260 40.57 -0.58 -39.98
CA ARG G 260 41.95 -0.18 -39.93
C ARG G 260 42.04 1.10 -39.12
N VAL G 261 43.22 1.41 -38.60
CA VAL G 261 43.45 2.70 -37.97
C VAL G 261 43.70 3.73 -39.06
N ALA G 262 42.93 4.81 -39.03
CA ALA G 262 43.03 5.84 -40.05
C ALA G 262 44.20 6.78 -39.79
N PHE G 263 44.64 7.47 -40.84
CA PHE G 263 45.73 8.42 -40.75
C PHE G 263 45.37 9.66 -39.96
N SER G 264 44.09 9.90 -39.70
CA SER G 264 43.62 11.10 -39.02
C SER G 264 43.59 10.99 -37.50
N VAL G 265 43.86 9.81 -36.96
CA VAL G 265 43.75 9.58 -35.52
C VAL G 265 45.04 9.99 -34.83
N ALA G 266 44.91 10.62 -33.67
CA ALA G 266 46.07 11.08 -32.92
C ALA G 266 46.84 9.90 -32.33
N ARG G 267 48.15 9.86 -32.59
CA ARG G 267 48.99 8.77 -32.16
C ARG G 267 50.35 9.30 -31.73
N ALA G 268 50.97 8.61 -30.79
CA ALA G 268 52.23 9.07 -30.22
C ALA G 268 53.35 9.01 -31.24
N GLY G 269 54.28 9.95 -31.12
CA GLY G 269 55.40 10.01 -32.05
C GLY G 269 56.35 11.15 -31.78
N GLN G 270 57.19 11.47 -32.77
CA GLN G 270 58.04 12.64 -32.68
C GLN G 270 57.21 13.91 -32.51
N LYS G 271 57.66 14.78 -31.62
CA LYS G 271 57.13 16.14 -31.52
C LYS G 271 58.30 17.10 -31.64
N GLY G 272 58.11 18.15 -32.43
CA GLY G 272 59.17 19.11 -32.64
C GLY G 272 60.13 18.69 -33.73
N TYR G 273 61.13 19.55 -33.95
CA TYR G 273 62.05 19.42 -35.08
C TYR G 273 61.30 19.21 -36.38
N HIS G 274 60.28 20.03 -36.59
CA HIS G 274 59.46 20.03 -37.79
C HIS G 274 59.79 21.27 -38.61
N HIS G 275 59.71 21.15 -39.93
CA HIS G 275 59.91 22.30 -40.80
C HIS G 275 58.65 23.16 -40.84
N ARG G 276 58.80 24.45 -40.62
CA ARG G 276 57.67 25.36 -40.59
C ARG G 276 58.06 26.67 -41.25
N THR G 277 57.08 27.34 -41.87
CA THR G 277 57.25 28.69 -42.41
C THR G 277 56.18 29.57 -41.81
N GLU G 278 56.60 30.66 -41.17
CA GLU G 278 55.68 31.66 -40.63
C GLU G 278 55.77 32.91 -41.49
N ILE G 279 54.63 33.38 -41.97
CA ILE G 279 54.60 34.57 -42.80
C ILE G 279 54.24 35.78 -41.96
N ASN G 280 54.47 36.96 -42.53
CA ASN G 280 54.05 38.23 -41.94
C ASN G 280 54.74 38.51 -40.60
N LYS G 281 56.07 38.45 -40.62
CA LYS G 281 56.89 38.88 -39.50
C LYS G 281 57.49 40.24 -39.83
N LYS G 282 57.14 41.25 -39.03
CA LYS G 282 57.56 42.61 -39.32
C LYS G 282 58.98 42.85 -38.80
N ILE G 283 59.76 43.60 -39.57
CA ILE G 283 61.12 43.95 -39.20
C ILE G 283 61.05 45.26 -38.40
N TYR G 284 61.36 45.17 -37.11
CA TYR G 284 61.29 46.37 -36.29
C TYR G 284 62.57 47.19 -36.36
N LYS G 285 63.70 46.55 -36.67
CA LYS G 285 64.98 47.25 -36.77
C LYS G 285 65.99 46.35 -37.46
N ILE G 286 66.86 46.96 -38.25
CA ILE G 286 68.04 46.30 -38.80
C ILE G 286 69.25 46.94 -38.16
N GLY G 287 69.94 46.20 -37.30
CA GLY G 287 71.05 46.74 -36.53
C GLY G 287 72.35 46.76 -37.31
N GLN G 288 73.18 47.76 -37.02
CA GLN G 288 74.37 48.01 -37.84
C GLN G 288 75.50 47.05 -37.50
N GLY G 289 75.59 46.60 -36.26
CA GLY G 289 76.71 45.76 -35.89
C GLY G 289 77.93 46.58 -35.49
N TYR G 290 78.83 45.95 -34.74
CA TYR G 290 79.94 46.71 -34.15
C TYR G 290 80.91 47.19 -35.22
N LEU G 291 81.46 48.39 -35.00
CA LEU G 291 82.37 49.02 -35.94
C LEU G 291 83.57 49.61 -35.21
N ILE G 292 84.67 49.78 -35.94
CA ILE G 292 85.87 50.43 -35.40
C ILE G 292 86.36 51.47 -36.40
N LYS G 293 86.07 52.73 -36.14
CA LYS G 293 86.62 53.83 -36.93
C LYS G 293 87.80 54.50 -36.22
N ASP G 294 87.64 54.84 -34.95
CA ASP G 294 88.76 55.23 -34.09
C ASP G 294 88.65 54.44 -32.79
N GLY G 295 87.42 54.19 -32.35
CA GLY G 295 87.16 53.37 -31.20
C GLY G 295 85.96 52.48 -31.44
N LYS G 296 85.77 51.53 -30.53
CA LYS G 296 84.68 50.58 -30.67
C LYS G 296 83.34 51.28 -30.53
N LEU G 297 82.56 51.28 -31.60
CA LEU G 297 81.24 51.91 -31.65
C LEU G 297 80.18 50.82 -31.52
N ILE G 298 79.49 50.82 -30.39
CA ILE G 298 78.46 49.82 -30.07
C ILE G 298 77.09 50.44 -29.94
N LYS G 299 76.98 51.77 -30.07
CA LYS G 299 75.75 52.50 -29.81
C LYS G 299 74.57 52.01 -30.64
N ASN G 300 74.75 51.92 -31.95
CA ASN G 300 73.62 51.87 -32.87
C ASN G 300 72.73 50.65 -32.64
N ASN G 301 73.24 49.62 -31.94
CA ASN G 301 72.52 48.37 -31.82
C ASN G 301 71.23 48.53 -31.02
N ALA G 302 71.31 49.17 -29.85
CA ALA G 302 70.15 49.28 -28.97
C ALA G 302 69.83 50.71 -28.56
N SER G 303 70.51 51.70 -29.12
CA SER G 303 70.17 53.09 -28.84
C SER G 303 69.01 53.54 -29.73
N THR G 304 68.04 54.20 -29.11
CA THR G 304 66.93 54.80 -29.83
C THR G 304 67.04 56.31 -29.71
N ASP G 305 66.32 57.04 -30.57
CA ASP G 305 66.48 58.49 -30.57
C ASP G 305 65.91 59.09 -29.28
N TYR G 306 65.06 58.34 -28.58
CA TYR G 306 64.62 58.75 -27.25
C TYR G 306 65.56 58.25 -26.16
N ASP G 307 66.17 57.08 -26.38
CA ASP G 307 67.01 56.48 -25.33
C ASP G 307 68.36 57.17 -25.23
N LEU G 308 69.11 57.22 -26.34
CA LEU G 308 70.42 57.88 -26.37
C LEU G 308 71.36 57.33 -25.31
N SER G 309 71.47 56.01 -25.25
CA SER G 309 72.39 55.33 -24.33
C SER G 309 73.34 54.46 -25.13
N ASP G 310 74.61 54.45 -24.75
CA ASP G 310 75.63 53.67 -25.45
C ASP G 310 75.51 52.21 -25.03
N LYS G 311 74.49 51.55 -25.55
CA LYS G 311 74.28 50.14 -25.22
C LYS G 311 74.02 49.33 -26.48
N SER G 312 74.56 48.12 -26.49
CA SER G 312 74.34 47.16 -27.55
C SER G 312 73.03 46.41 -27.34
N ILE G 313 72.59 45.72 -28.39
CA ILE G 313 71.43 44.85 -28.29
C ILE G 313 71.68 43.71 -27.31
N ASN G 314 72.94 43.40 -27.02
CA ASN G 314 73.25 42.30 -26.13
C ASN G 314 72.77 42.60 -24.72
N PRO G 315 72.05 41.70 -24.08
CA PRO G 315 71.60 41.93 -22.70
C PRO G 315 72.77 41.90 -21.75
N LEU G 316 72.51 42.31 -20.52
CA LEU G 316 73.56 42.37 -19.52
C LEU G 316 73.91 40.94 -19.13
N GLY G 317 75.19 40.56 -19.31
CA GLY G 317 75.59 39.19 -19.15
C GLY G 317 75.48 38.33 -20.40
N GLY G 318 75.05 38.89 -21.51
CA GLY G 318 75.03 38.19 -22.79
C GLY G 318 73.72 37.47 -23.06
N PHE G 319 73.49 37.19 -24.33
CA PHE G 319 72.35 36.39 -24.74
C PHE G 319 72.52 34.96 -24.23
N VAL G 320 71.55 34.50 -23.44
CA VAL G 320 71.68 33.19 -22.80
C VAL G 320 71.63 32.09 -23.86
N HIS G 321 72.56 31.14 -23.75
CA HIS G 321 72.67 29.99 -24.65
C HIS G 321 72.93 30.41 -26.09
N TYR G 322 73.54 31.57 -26.31
CA TYR G 322 73.91 31.97 -27.66
C TYR G 322 75.32 32.56 -27.67
N GLY G 323 75.49 33.71 -27.02
CA GLY G 323 76.75 34.42 -27.05
C GLY G 323 76.55 35.92 -27.16
N GLU G 324 77.50 36.61 -27.78
CA GLU G 324 77.44 38.04 -27.96
C GLU G 324 77.17 38.35 -29.43
N VAL G 325 76.22 39.24 -29.69
CA VAL G 325 75.87 39.62 -31.04
C VAL G 325 76.72 40.82 -31.45
N THR G 326 77.52 40.65 -32.49
CA THR G 326 78.46 41.66 -32.95
C THR G 326 78.17 42.15 -34.36
N ASN G 327 77.62 41.30 -35.23
CA ASN G 327 77.41 41.64 -36.62
C ASN G 327 76.06 42.34 -36.79
N ASP G 328 75.59 42.43 -38.04
CA ASP G 328 74.27 42.98 -38.31
C ASP G 328 73.22 42.09 -37.68
N PHE G 329 72.08 42.69 -37.32
CA PHE G 329 70.98 41.90 -36.80
C PHE G 329 69.67 42.48 -37.29
N VAL G 330 68.67 41.61 -37.41
CA VAL G 330 67.30 41.98 -37.75
C VAL G 330 66.45 41.74 -36.52
N MET G 331 65.72 42.78 -36.10
CA MET G 331 64.82 42.68 -34.96
C MET G 331 63.41 42.43 -35.49
N LEU G 332 62.92 41.22 -35.33
CA LEU G 332 61.60 40.81 -35.80
C LEU G 332 60.59 40.90 -34.67
N LYS G 333 59.34 41.21 -35.03
CA LYS G 333 58.28 41.30 -34.05
C LYS G 333 57.78 39.91 -33.69
N GLY G 334 57.72 39.61 -32.40
CA GLY G 334 57.17 38.35 -31.94
C GLY G 334 58.18 37.24 -31.86
N CYS G 335 57.65 36.02 -31.87
CA CYS G 335 58.47 34.82 -31.69
C CYS G 335 58.78 34.17 -33.04
N VAL G 336 59.83 33.35 -33.03
CA VAL G 336 60.34 32.70 -34.23
C VAL G 336 60.65 31.25 -33.92
N VAL G 337 60.35 30.37 -34.88
CA VAL G 337 60.61 28.94 -34.68
C VAL G 337 62.10 28.70 -34.42
N GLY G 338 62.38 27.61 -33.75
CA GLY G 338 63.74 27.14 -33.57
C GLY G 338 64.29 27.47 -32.19
N THR G 339 65.36 26.76 -31.83
CA THR G 339 66.06 27.00 -30.58
C THR G 339 66.91 28.24 -30.71
N LYS G 340 67.74 28.52 -29.71
CA LYS G 340 68.77 29.53 -29.87
C LYS G 340 69.83 29.03 -30.85
N LYS G 341 70.59 29.98 -31.39
CA LYS G 341 71.60 29.75 -32.43
C LYS G 341 71.14 28.75 -33.49
N ARG G 342 69.86 28.78 -33.82
CA ARG G 342 69.30 27.95 -34.88
C ARG G 342 69.21 28.77 -36.16
N VAL G 343 69.73 28.23 -37.25
CA VAL G 343 69.80 28.96 -38.51
C VAL G 343 68.40 29.16 -39.05
N LEU G 344 68.08 30.40 -39.44
CA LEU G 344 66.77 30.77 -39.92
C LEU G 344 66.88 31.35 -41.32
N THR G 345 65.90 31.04 -42.16
CA THR G 345 65.81 31.60 -43.50
C THR G 345 64.78 32.72 -43.51
N LEU G 346 65.19 33.90 -43.96
CA LEU G 346 64.33 35.05 -44.09
C LEU G 346 64.01 35.24 -45.56
N ARG G 347 62.74 35.22 -45.91
CA ARG G 347 62.30 35.30 -47.29
C ARG G 347 61.34 36.46 -47.48
N LYS G 348 61.44 37.11 -48.64
CA LYS G 348 60.51 38.17 -49.00
C LYS G 348 59.08 37.62 -49.03
N SER G 349 58.13 38.47 -48.65
CA SER G 349 56.74 38.05 -48.63
C SER G 349 56.25 37.74 -50.05
N LEU G 350 55.56 36.60 -50.19
CA LEU G 350 54.91 36.26 -51.45
C LEU G 350 53.65 37.07 -51.69
N LEU G 351 53.11 37.70 -50.65
CA LEU G 351 51.85 38.44 -50.73
C LEU G 351 52.13 39.91 -51.01
N VAL G 352 51.07 40.63 -51.37
CA VAL G 352 51.11 42.08 -51.54
C VAL G 352 50.56 42.70 -50.26
N GLN G 353 51.41 43.45 -49.56
CA GLN G 353 51.11 43.98 -48.24
C GLN G 353 50.39 45.32 -48.39
N THR G 354 49.08 45.34 -48.13
CA THR G 354 48.30 46.55 -48.23
C THR G 354 47.58 46.94 -46.94
N LYS G 355 47.40 46.00 -46.01
CA LYS G 355 46.66 46.29 -44.79
C LYS G 355 47.40 47.32 -43.93
N ARG G 356 46.64 48.03 -43.09
CA ARG G 356 47.22 49.06 -42.24
C ARG G 356 48.10 48.46 -41.16
N ARG G 357 47.89 47.18 -40.80
CA ARG G 357 48.81 46.51 -39.90
C ARG G 357 50.19 46.37 -40.52
N ALA G 358 50.25 46.01 -41.80
CA ALA G 358 51.47 46.12 -42.57
C ALA G 358 51.67 47.57 -42.99
N LEU G 359 52.77 47.84 -43.69
CA LEU G 359 53.12 49.18 -44.16
C LEU G 359 52.93 50.25 -43.08
N GLU G 360 53.00 49.85 -41.82
CA GLU G 360 52.96 50.76 -40.68
C GLU G 360 54.39 51.04 -40.24
N LYS G 361 54.74 52.32 -40.12
CA LYS G 361 56.09 52.69 -39.72
C LYS G 361 56.30 52.42 -38.24
N ILE G 362 57.47 51.89 -37.91
CA ILE G 362 57.81 51.47 -36.55
C ILE G 362 58.93 52.37 -36.05
N ASP G 363 58.65 53.15 -35.01
CA ASP G 363 59.66 54.00 -34.37
C ASP G 363 59.81 53.56 -32.92
N LEU G 364 60.96 52.96 -32.62
CA LEU G 364 61.22 52.44 -31.29
C LEU G 364 61.58 53.56 -30.33
N LYS G 365 61.08 53.46 -29.10
CA LYS G 365 61.43 54.38 -28.04
C LYS G 365 62.43 53.80 -27.06
N PHE G 366 62.41 52.49 -26.84
CA PHE G 366 63.22 51.86 -25.83
C PHE G 366 63.41 50.40 -26.20
N ILE G 367 64.64 49.91 -26.01
CA ILE G 367 64.96 48.50 -26.23
C ILE G 367 65.51 47.96 -24.92
N ASP G 368 64.85 46.93 -24.38
CA ASP G 368 65.24 46.37 -23.09
C ASP G 368 66.53 45.56 -23.24
N THR G 369 67.50 45.82 -22.37
CA THR G 369 68.76 45.07 -22.36
C THR G 369 69.08 44.57 -20.96
N THR G 370 68.07 44.33 -20.14
CA THR G 370 68.28 43.69 -18.85
C THR G 370 68.71 42.25 -19.05
N SER G 371 69.35 41.70 -18.02
CA SER G 371 69.79 40.31 -18.10
C SER G 371 68.60 39.37 -18.24
N LYS G 372 68.72 38.43 -19.18
CA LYS G 372 67.72 37.40 -19.36
C LYS G 372 68.08 36.13 -18.60
N PHE G 373 69.20 36.13 -17.89
CA PHE G 373 69.69 35.02 -17.07
C PHE G 373 69.20 35.12 -15.63
N GLY G 374 67.92 35.45 -15.45
CA GLY G 374 67.33 35.76 -14.18
C GLY G 374 66.49 37.00 -14.32
N HIS G 375 65.91 37.45 -13.22
CA HIS G 375 65.13 38.69 -13.26
C HIS G 375 66.11 39.85 -13.19
N GLY G 376 66.72 40.17 -14.33
CA GLY G 376 67.62 41.31 -14.37
C GLY G 376 66.88 42.61 -14.13
N ARG G 377 67.56 43.54 -13.45
CA ARG G 377 66.94 44.80 -13.04
C ARG G 377 67.75 46.02 -13.44
N PHE G 378 68.78 45.86 -14.27
CA PHE G 378 69.61 46.97 -14.72
C PHE G 378 69.79 46.89 -16.23
N GLN G 379 69.75 48.05 -16.89
CA GLN G 379 69.88 48.06 -18.35
C GLN G 379 71.32 47.92 -18.79
N THR G 380 72.25 48.59 -18.11
CA THR G 380 73.65 48.62 -18.50
C THR G 380 74.54 48.40 -17.28
N MET G 381 75.82 48.12 -17.55
CA MET G 381 76.81 48.02 -16.47
C MET G 381 76.89 49.32 -15.70
N GLU G 382 77.02 50.44 -16.42
CA GLU G 382 77.28 51.72 -15.78
C GLU G 382 76.12 52.12 -14.86
N GLU G 383 74.89 51.86 -15.30
CA GLU G 383 73.73 52.09 -14.43
C GLU G 383 73.83 51.24 -13.17
N LYS G 384 74.22 49.97 -13.33
CA LYS G 384 74.33 49.08 -12.18
C LYS G 384 75.41 49.55 -11.21
N LYS G 385 76.55 50.00 -11.73
CA LYS G 385 77.58 50.56 -10.86
C LYS G 385 77.11 51.82 -10.16
N ALA G 386 76.45 52.71 -10.90
CA ALA G 386 76.00 53.96 -10.31
C ALA G 386 74.96 53.74 -9.23
N PHE G 387 74.17 52.68 -9.36
CA PHE G 387 73.13 52.42 -8.36
C PHE G 387 73.71 51.76 -7.11
N MET G 388 74.43 50.65 -7.28
CA MET G 388 74.94 49.89 -6.15
C MET G 388 76.20 50.49 -5.54
N GLY G 389 76.87 51.40 -6.25
CA GLY G 389 78.09 51.98 -5.75
C GLY G 389 79.23 50.98 -5.74
N PRO G 390 80.30 51.30 -5.00
CA PRO G 390 81.42 50.36 -4.92
C PRO G 390 81.10 49.17 -4.03
N LEU G 391 81.62 48.01 -4.43
CA LEU G 391 81.43 46.77 -3.70
C LEU G 391 82.74 46.35 -3.04
N LYS G 392 82.71 45.21 -2.37
CA LYS G 392 83.89 44.71 -1.67
C LYS G 392 85.01 44.39 -2.64
N LYS G 393 84.69 43.74 -3.76
CA LYS G 393 85.71 43.39 -4.75
C LYS G 393 86.32 44.64 -5.37
N ASP G 394 85.49 45.66 -5.63
CA ASP G 394 86.03 46.93 -6.11
C ASP G 394 86.87 47.61 -5.04
N ARG G 395 86.44 47.53 -3.78
CA ARG G 395 87.15 48.21 -2.71
C ARG G 395 88.55 47.64 -2.51
N ILE G 396 88.68 46.30 -2.52
CA ILE G 396 90.00 45.70 -2.34
C ILE G 396 90.88 46.02 -3.54
N ALA G 397 90.32 46.01 -4.75
CA ALA G 397 91.11 46.30 -5.93
C ALA G 397 91.66 47.71 -5.90
N LYS G 398 90.85 48.67 -5.45
CA LYS G 398 91.33 50.03 -5.26
C LYS G 398 92.42 50.09 -4.20
N GLU G 399 92.25 49.35 -3.11
CA GLU G 399 93.25 49.31 -2.05
C GLU G 399 94.57 48.71 -2.52
N GLU G 400 94.53 47.61 -3.27
CA GLU G 400 95.78 47.02 -3.76
C GLU G 400 96.38 47.86 -4.88
N GLY G 401 95.56 48.54 -5.67
CA GLY G 401 96.06 49.40 -6.72
C GLY G 401 96.51 50.77 -6.28
N ALA G 402 96.24 51.13 -5.02
CA ALA G 402 96.61 52.43 -4.47
C ALA G 402 96.10 53.59 -5.33
N MET H 1 40.03 -97.56 -67.46
CA MET H 1 41.11 -97.12 -66.59
C MET H 1 40.80 -97.27 -65.11
N ALA H 2 39.64 -96.76 -64.69
CA ALA H 2 39.28 -96.81 -63.27
C ALA H 2 39.12 -98.25 -62.79
N CYS H 3 38.45 -99.08 -63.59
CA CYS H 3 38.26 -100.48 -63.22
C CYS H 3 39.54 -101.30 -63.37
N ALA H 4 40.50 -100.83 -64.17
CA ALA H 4 41.73 -101.56 -64.39
C ALA H 4 42.66 -101.39 -63.19
N ARG H 5 43.02 -102.50 -62.55
CA ARG H 5 43.93 -102.49 -61.42
C ARG H 5 45.21 -103.23 -61.78
N PRO H 6 46.32 -102.52 -62.02
CA PRO H 6 47.56 -103.19 -62.44
C PRO H 6 48.19 -104.02 -61.34
N LEU H 7 49.28 -104.70 -61.66
CA LEU H 7 50.09 -105.44 -60.70
C LEU H 7 51.36 -104.67 -60.44
N ILE H 8 51.72 -104.53 -59.16
CA ILE H 8 52.90 -103.78 -58.74
C ILE H 8 53.90 -104.74 -58.13
N SER H 9 55.13 -104.66 -58.60
CA SER H 9 56.21 -105.48 -58.06
C SER H 9 56.55 -105.03 -56.64
N VAL H 10 56.87 -106.00 -55.79
CA VAL H 10 57.42 -105.73 -54.46
C VAL H 10 58.93 -105.78 -54.58
N TYR H 11 59.60 -104.68 -54.29
CA TYR H 11 61.04 -104.61 -54.46
C TYR H 11 61.76 -105.06 -53.20
N SER H 12 62.89 -105.72 -53.39
CA SER H 12 63.69 -106.22 -52.30
C SER H 12 64.53 -105.10 -51.69
N GLU H 13 65.10 -105.37 -50.52
CA GLU H 13 65.93 -104.37 -49.86
C GLU H 13 67.16 -104.00 -50.67
N LYS H 14 67.61 -104.87 -51.58
CA LYS H 14 68.71 -104.53 -52.46
C LYS H 14 68.28 -103.60 -53.59
N GLY H 15 66.97 -103.36 -53.76
CA GLY H 15 66.48 -102.39 -54.70
C GLY H 15 65.89 -102.95 -55.98
N GLU H 16 66.07 -104.23 -56.25
CA GLU H 16 65.55 -104.85 -57.46
C GLU H 16 64.28 -105.63 -57.16
N SER H 17 63.52 -105.92 -58.22
CA SER H 17 62.26 -106.63 -58.08
C SER H 17 62.49 -108.02 -57.50
N SER H 18 61.67 -108.37 -56.51
CA SER H 18 61.77 -109.66 -55.83
C SER H 18 60.96 -110.76 -56.50
N GLY H 19 60.18 -110.43 -57.53
CA GLY H 19 59.34 -111.40 -58.19
C GLY H 19 57.94 -111.51 -57.63
N LYS H 20 57.68 -110.91 -56.48
CA LYS H 20 56.34 -110.88 -55.91
C LYS H 20 55.57 -109.69 -56.46
N ASN H 21 54.26 -109.88 -56.64
CA ASN H 21 53.41 -108.83 -57.17
C ASN H 21 52.18 -108.68 -56.29
N VAL H 22 51.72 -107.43 -56.17
CA VAL H 22 50.49 -107.11 -55.47
C VAL H 22 49.61 -106.31 -56.43
N THR H 23 48.37 -106.75 -56.62
CA THR H 23 47.43 -105.99 -57.41
C THR H 23 47.18 -104.63 -56.75
N LEU H 24 47.03 -103.60 -57.58
CA LEU H 24 46.89 -102.26 -57.06
C LEU H 24 45.62 -102.16 -56.23
N PRO H 25 45.70 -101.71 -54.97
CA PRO H 25 44.48 -101.52 -54.19
C PRO H 25 43.57 -100.51 -54.84
N ALA H 26 42.26 -100.74 -54.69
CA ALA H 26 41.28 -99.89 -55.35
C ALA H 26 41.33 -98.45 -54.86
N VAL H 27 41.93 -98.20 -53.68
CA VAL H 27 41.99 -96.86 -53.14
C VAL H 27 42.82 -95.94 -54.04
N PHE H 28 43.79 -96.50 -54.77
CA PHE H 28 44.61 -95.70 -55.66
C PHE H 28 43.87 -95.27 -56.93
N LYS H 29 42.69 -95.82 -57.18
CA LYS H 29 41.85 -95.36 -58.28
C LYS H 29 40.71 -94.48 -57.79
N ALA H 30 40.73 -94.09 -56.52
CA ALA H 30 39.70 -93.21 -55.98
C ALA H 30 39.82 -91.83 -56.60
N PRO H 31 38.72 -91.05 -56.59
CA PRO H 31 38.80 -89.70 -57.16
C PRO H 31 39.82 -88.84 -56.44
N ILE H 32 40.65 -88.16 -57.23
CA ILE H 32 41.64 -87.22 -56.72
C ILE H 32 40.97 -85.86 -56.71
N ARG H 33 40.96 -85.21 -55.56
CA ARG H 33 40.03 -84.11 -55.32
C ARG H 33 40.64 -83.15 -54.31
N PRO H 34 41.54 -82.28 -54.80
CA PRO H 34 42.31 -81.39 -53.90
C PRO H 34 41.45 -80.42 -53.12
N ASP H 35 40.32 -79.98 -53.66
CA ASP H 35 39.48 -79.04 -52.92
C ASP H 35 38.96 -79.66 -51.62
N ILE H 36 38.65 -80.95 -51.62
CA ILE H 36 38.32 -81.63 -50.38
C ILE H 36 39.57 -81.81 -49.52
N VAL H 37 40.69 -82.20 -50.14
CA VAL H 37 41.93 -82.36 -49.39
C VAL H 37 42.34 -81.04 -48.75
N ASN H 38 42.25 -79.95 -49.51
CA ASN H 38 42.57 -78.64 -48.94
C ASN H 38 41.61 -78.28 -47.82
N PHE H 39 40.32 -78.59 -47.99
CA PHE H 39 39.34 -78.28 -46.96
C PHE H 39 39.61 -79.06 -45.68
N VAL H 40 39.82 -80.37 -45.80
CA VAL H 40 40.08 -81.20 -44.63
C VAL H 40 41.39 -80.79 -43.97
N HIS H 41 42.43 -80.54 -44.78
CA HIS H 41 43.70 -80.09 -44.23
C HIS H 41 43.56 -78.75 -43.53
N THR H 42 42.76 -77.85 -44.10
CA THR H 42 42.60 -76.51 -43.51
C THR H 42 41.99 -76.60 -42.12
N ASN H 43 40.99 -77.46 -41.95
CA ASN H 43 40.26 -77.52 -40.69
C ASN H 43 40.89 -78.49 -39.69
N LEU H 44 41.74 -79.42 -40.14
CA LEU H 44 42.38 -80.32 -39.19
C LEU H 44 43.69 -79.75 -38.64
N ARG H 45 44.38 -78.88 -39.39
CA ARG H 45 45.51 -78.19 -38.80
C ARG H 45 45.12 -77.24 -37.68
N LYS H 46 43.86 -76.82 -37.61
CA LYS H 46 43.42 -75.97 -36.52
C LYS H 46 43.24 -76.74 -35.21
N ASN H 47 43.26 -78.07 -35.25
CA ASN H 47 42.88 -78.89 -34.12
C ASN H 47 44.01 -79.14 -33.13
N ASN H 48 45.26 -78.96 -33.53
CA ASN H 48 46.39 -79.09 -32.61
C ASN H 48 46.83 -77.74 -32.05
N ARG H 49 46.11 -76.68 -32.38
CA ARG H 49 46.51 -75.34 -31.96
C ARG H 49 46.36 -75.19 -30.46
N GLN H 50 47.17 -74.32 -29.90
CA GLN H 50 47.20 -74.05 -28.48
C GLN H 50 46.74 -72.62 -28.23
N PRO H 51 45.80 -72.41 -27.30
CA PRO H 51 45.15 -71.10 -27.18
C PRO H 51 46.13 -70.00 -26.77
N TYR H 52 45.86 -68.80 -27.27
CA TYR H 52 46.58 -67.60 -26.84
C TYR H 52 45.57 -66.51 -26.54
N ALA H 53 45.91 -65.65 -25.58
CA ALA H 53 45.08 -64.53 -25.22
C ALA H 53 45.92 -63.54 -24.42
N VAL H 54 45.48 -62.29 -24.41
CA VAL H 54 46.09 -61.28 -23.54
C VAL H 54 45.49 -61.42 -22.15
N SER H 55 46.14 -60.81 -21.17
CA SER H 55 45.60 -60.85 -19.82
C SER H 55 44.29 -60.07 -19.76
N GLU H 56 43.30 -60.66 -19.09
CA GLU H 56 42.02 -59.99 -18.90
C GLU H 56 42.15 -58.71 -18.08
N LEU H 57 43.21 -58.59 -17.27
CA LEU H 57 43.44 -57.42 -16.45
C LEU H 57 44.27 -56.34 -17.15
N ALA H 58 44.81 -56.64 -18.32
CA ALA H 58 45.77 -55.75 -18.96
C ALA H 58 45.11 -54.42 -19.32
N GLY H 59 45.74 -53.33 -18.87
CA GLY H 59 45.25 -52.00 -19.14
C GLY H 59 44.09 -51.54 -18.30
N HIS H 60 43.66 -52.33 -17.32
CA HIS H 60 42.48 -52.00 -16.51
C HIS H 60 42.76 -52.10 -15.02
N GLN H 61 43.96 -51.73 -14.60
CA GLN H 61 44.31 -51.74 -13.19
C GLN H 61 44.99 -50.41 -12.88
N THR H 62 44.21 -49.33 -13.07
CA THR H 62 44.70 -47.97 -13.08
C THR H 62 43.86 -47.02 -12.24
N SER H 63 42.56 -47.29 -12.09
CA SER H 63 41.64 -46.42 -11.35
C SER H 63 41.57 -45.02 -11.96
N ALA H 64 41.78 -44.94 -13.27
CA ALA H 64 41.77 -43.66 -13.96
C ALA H 64 40.33 -43.19 -14.22
N GLU H 65 40.17 -41.88 -14.30
CA GLU H 65 38.88 -41.28 -14.57
C GLU H 65 39.08 -40.08 -15.49
N SER H 66 38.02 -39.73 -16.22
CA SER H 66 38.07 -38.59 -17.12
C SER H 66 38.14 -37.29 -16.33
N TRP H 67 38.86 -36.32 -16.89
CA TRP H 67 39.00 -35.02 -16.25
C TRP H 67 37.78 -34.14 -16.44
N GLY H 68 36.89 -34.48 -17.36
CA GLY H 68 35.78 -33.60 -17.68
C GLY H 68 35.95 -32.97 -19.04
N THR H 69 35.33 -31.80 -19.24
CA THR H 69 35.38 -31.15 -20.54
C THR H 69 35.87 -29.72 -20.51
N GLY H 70 36.05 -29.11 -19.34
CA GLY H 70 36.43 -27.72 -19.29
C GLY H 70 37.89 -27.47 -18.96
N ARG H 71 38.77 -28.38 -19.38
CA ARG H 71 40.17 -28.32 -19.03
C ARG H 71 41.10 -28.40 -20.22
N ALA H 72 40.57 -28.16 -21.43
CA ALA H 72 41.36 -28.03 -22.66
C ALA H 72 42.13 -29.30 -23.00
N VAL H 73 41.62 -30.45 -22.56
CA VAL H 73 42.24 -31.74 -22.85
C VAL H 73 41.16 -32.70 -23.32
N ALA H 74 41.59 -33.75 -24.01
CA ALA H 74 40.67 -34.76 -24.51
C ALA H 74 39.99 -35.48 -23.35
N ARG H 75 38.76 -35.93 -23.59
CA ARG H 75 37.91 -36.51 -22.55
C ARG H 75 38.29 -37.94 -22.19
N ILE H 76 39.45 -38.40 -22.62
CA ILE H 76 39.93 -39.76 -22.32
C ILE H 76 40.17 -39.86 -20.81
N PRO H 77 39.98 -41.03 -20.20
CA PRO H 77 40.32 -41.15 -18.78
C PRO H 77 41.80 -40.92 -18.53
N ARG H 78 42.08 -40.34 -17.36
CA ARG H 78 43.40 -39.85 -17.00
C ARG H 78 43.82 -40.46 -15.67
N VAL H 79 45.08 -40.87 -15.58
CA VAL H 79 45.59 -41.49 -14.36
C VAL H 79 45.61 -40.45 -13.25
N ARG H 80 45.06 -40.81 -12.10
CA ARG H 80 44.94 -39.91 -10.97
C ARG H 80 46.27 -39.79 -10.22
N GLY H 81 46.39 -38.74 -9.42
CA GLY H 81 47.54 -38.55 -8.56
C GLY H 81 48.55 -37.57 -9.14
N GLY H 82 49.73 -37.59 -8.53
CA GLY H 82 50.83 -36.73 -8.93
C GLY H 82 52.15 -37.34 -8.52
N GLY H 83 53.23 -36.63 -8.85
CA GLY H 83 54.56 -37.06 -8.49
C GLY H 83 55.17 -38.11 -9.38
N THR H 84 54.50 -38.51 -10.45
CA THR H 84 55.03 -39.49 -11.38
C THR H 84 54.66 -39.08 -12.79
N HIS H 85 55.42 -39.60 -13.77
CA HIS H 85 55.11 -39.32 -15.17
C HIS H 85 53.72 -39.83 -15.53
N ARG H 86 53.31 -40.94 -14.92
CA ARG H 86 52.05 -41.58 -15.27
C ARG H 86 50.85 -40.69 -14.94
N SER H 87 50.99 -39.80 -13.96
CA SER H 87 49.87 -38.96 -13.56
C SER H 87 49.40 -38.08 -14.70
N GLY H 88 48.09 -38.04 -14.91
CA GLY H 88 47.50 -37.25 -15.97
C GLY H 88 47.62 -37.84 -17.36
N GLN H 89 48.06 -39.09 -17.48
CA GLN H 89 48.20 -39.73 -18.78
C GLN H 89 46.94 -40.52 -19.11
N GLY H 90 46.68 -40.64 -20.41
CA GLY H 90 45.48 -41.36 -20.84
C GLY H 90 45.55 -42.83 -20.48
N ALA H 91 44.37 -43.43 -20.30
CA ALA H 91 44.29 -44.82 -19.86
C ALA H 91 43.05 -45.47 -20.45
N PHE H 92 43.03 -46.81 -20.37
CA PHE H 92 41.87 -47.65 -20.68
C PHE H 92 41.58 -47.76 -22.17
N GLY H 93 42.02 -46.79 -22.97
CA GLY H 93 41.70 -46.75 -24.38
C GLY H 93 42.65 -47.57 -25.23
N ASN H 94 42.13 -48.10 -26.34
CA ASN H 94 42.97 -48.79 -27.29
C ASN H 94 43.95 -47.84 -27.98
N MET H 95 43.65 -46.55 -28.00
CA MET H 95 44.52 -45.55 -28.57
C MET H 95 45.54 -45.01 -27.56
N CYS H 96 45.41 -45.40 -26.30
CA CYS H 96 46.28 -44.89 -25.25
C CYS H 96 47.46 -45.84 -25.02
N ARG H 97 48.64 -45.28 -24.88
CA ARG H 97 49.81 -46.07 -24.53
C ARG H 97 49.63 -46.65 -23.13
N GLY H 98 49.83 -47.96 -23.01
CA GLY H 98 49.60 -48.64 -21.75
C GLY H 98 48.15 -48.97 -21.47
N GLY H 99 47.25 -48.73 -22.42
CA GLY H 99 45.85 -49.03 -22.25
C GLY H 99 45.49 -50.43 -22.69
N ARG H 100 44.19 -50.70 -22.68
CA ARG H 100 43.66 -52.00 -23.09
C ARG H 100 43.52 -52.06 -24.61
N MET H 101 43.92 -53.18 -25.20
CA MET H 101 43.76 -53.34 -26.63
C MET H 101 42.29 -53.47 -26.99
N PHE H 102 41.95 -53.08 -28.22
CA PHE H 102 40.57 -53.20 -28.68
C PHE H 102 40.19 -54.67 -28.80
N ALA H 103 39.04 -55.02 -28.23
CA ALA H 103 38.51 -56.38 -28.26
C ALA H 103 39.60 -57.37 -27.88
N PRO H 104 39.96 -57.45 -26.59
CA PRO H 104 41.07 -58.31 -26.20
C PRO H 104 40.83 -59.75 -26.61
N THR H 105 41.88 -60.40 -27.09
CA THR H 105 41.77 -61.79 -27.50
C THR H 105 41.45 -62.66 -26.30
N LYS H 106 40.59 -63.64 -26.49
CA LYS H 106 40.09 -64.46 -25.41
C LYS H 106 40.27 -65.93 -25.73
N THR H 107 40.46 -66.74 -24.67
CA THR H 107 40.83 -68.13 -24.86
C THR H 107 39.72 -68.95 -25.52
N TRP H 108 38.47 -68.53 -25.43
CA TRP H 108 37.38 -69.29 -26.04
C TRP H 108 37.07 -68.78 -27.45
N ARG H 109 38.10 -68.84 -28.30
CA ARG H 109 38.02 -68.37 -29.67
C ARG H 109 37.48 -69.44 -30.63
N ARG H 110 37.19 -70.64 -30.15
CA ARG H 110 36.83 -71.77 -31.01
C ARG H 110 37.98 -72.10 -31.97
N TRP H 111 39.03 -72.65 -31.36
CA TRP H 111 40.25 -72.95 -32.12
C TRP H 111 40.07 -74.19 -32.98
N HIS H 112 39.21 -75.11 -32.57
CA HIS H 112 39.07 -76.40 -33.21
C HIS H 112 37.89 -76.41 -34.18
N ARG H 113 37.98 -77.31 -35.16
CA ARG H 113 36.94 -77.53 -36.14
C ARG H 113 36.65 -79.02 -36.22
N ARG H 114 35.38 -79.38 -36.34
CA ARG H 114 35.05 -80.78 -36.57
C ARG H 114 34.77 -80.99 -38.05
N VAL H 115 35.36 -82.03 -38.62
CA VAL H 115 35.20 -82.39 -40.02
C VAL H 115 34.52 -83.75 -40.07
N ASN H 116 33.49 -83.87 -40.91
CA ASN H 116 32.74 -85.12 -40.99
C ASN H 116 33.68 -86.28 -41.32
N THR H 117 33.42 -87.43 -40.72
CA THR H 117 34.29 -88.59 -40.91
C THR H 117 34.35 -89.00 -42.38
N THR H 118 33.23 -88.88 -43.09
CA THR H 118 33.22 -89.26 -44.50
C THR H 118 34.03 -88.28 -45.33
N GLN H 119 33.97 -86.98 -44.99
CA GLN H 119 34.93 -86.01 -45.52
C GLN H 119 36.37 -86.49 -45.33
N LYS H 120 36.73 -86.81 -44.09
CA LYS H 120 38.13 -87.10 -43.76
C LYS H 120 38.62 -88.36 -44.43
N ARG H 121 37.78 -89.40 -44.48
CA ARG H 121 38.16 -90.61 -45.20
C ARG H 121 38.33 -90.34 -46.68
N TYR H 122 37.54 -89.41 -47.22
CA TYR H 122 37.60 -89.10 -48.64
C TYR H 122 38.78 -88.19 -48.97
N ALA H 123 39.31 -87.46 -47.98
CA ALA H 123 40.56 -86.77 -48.20
C ALA H 123 41.73 -87.75 -48.24
N ILE H 124 41.70 -88.77 -47.38
CA ILE H 124 42.75 -89.78 -47.38
C ILE H 124 42.78 -90.54 -48.70
N CYS H 125 41.61 -90.90 -49.22
CA CYS H 125 41.55 -91.63 -50.48
C CYS H 125 42.11 -90.80 -51.62
N SER H 126 41.79 -89.51 -51.65
CA SER H 126 42.35 -88.63 -52.68
C SER H 126 43.86 -88.49 -52.53
N ALA H 127 44.35 -88.38 -51.30
CA ALA H 127 45.79 -88.27 -51.07
C ALA H 127 46.51 -89.54 -51.50
N LEU H 128 45.95 -90.70 -51.20
CA LEU H 128 46.58 -91.95 -51.60
C LEU H 128 46.58 -92.12 -53.11
N ALA H 129 45.46 -91.79 -53.76
CA ALA H 129 45.40 -91.94 -55.22
C ALA H 129 46.34 -90.99 -55.92
N ALA H 130 46.58 -89.80 -55.36
CA ALA H 130 47.50 -88.86 -55.98
C ALA H 130 48.95 -89.29 -55.80
N SER H 131 49.25 -90.07 -54.77
CA SER H 131 50.62 -90.50 -54.48
C SER H 131 51.09 -91.61 -55.42
N ALA H 132 50.23 -92.12 -56.28
CA ALA H 132 50.62 -93.14 -57.26
C ALA H 132 50.80 -92.57 -58.66
N LEU H 133 50.63 -91.27 -58.84
CA LEU H 133 50.79 -90.63 -60.15
C LEU H 133 52.09 -89.85 -60.20
N PRO H 134 53.00 -90.17 -61.12
CA PRO H 134 54.31 -89.49 -61.14
C PRO H 134 54.23 -87.99 -61.30
N ALA H 135 53.29 -87.49 -62.11
CA ALA H 135 53.23 -86.05 -62.35
C ALA H 135 52.91 -85.29 -61.07
N LEU H 136 52.02 -85.84 -60.24
CA LEU H 136 51.66 -85.15 -59.00
C LEU H 136 52.77 -85.24 -57.95
N VAL H 137 53.41 -86.40 -57.84
CA VAL H 137 54.50 -86.53 -56.88
C VAL H 137 55.70 -85.68 -57.31
N MET H 138 55.99 -85.65 -58.61
CA MET H 138 57.04 -84.77 -59.11
C MET H 138 56.70 -83.30 -58.87
N SER H 139 55.43 -82.94 -59.06
CA SER H 139 54.99 -81.56 -58.84
C SER H 139 55.05 -81.16 -57.37
N LYS H 140 55.17 -82.11 -56.45
CA LYS H 140 55.52 -81.78 -55.09
C LYS H 140 57.03 -81.68 -54.89
N GLY H 141 57.81 -81.97 -55.93
CA GLY H 141 59.25 -81.81 -55.87
C GLY H 141 59.99 -82.90 -55.12
N HIS H 142 59.62 -84.16 -55.32
CA HIS H 142 60.15 -85.24 -54.50
C HIS H 142 61.29 -86.00 -55.17
N ARG H 143 61.77 -85.54 -56.33
CA ARG H 143 62.95 -86.13 -56.99
C ARG H 143 62.78 -87.64 -57.19
N ILE H 144 61.63 -88.02 -57.72
CA ILE H 144 61.35 -89.43 -58.03
C ILE H 144 61.74 -89.63 -59.49
N GLU H 145 63.02 -89.41 -59.77
CA GLU H 145 63.53 -89.55 -61.12
C GLU H 145 63.90 -90.99 -61.45
N GLU H 146 64.58 -91.66 -60.52
CA GLU H 146 65.13 -93.00 -60.74
C GLU H 146 64.42 -94.03 -59.88
N VAL H 147 63.29 -93.68 -59.29
CA VAL H 147 62.50 -94.63 -58.50
C VAL H 147 61.91 -95.69 -59.42
N PRO H 148 62.03 -96.98 -59.08
CA PRO H 148 61.57 -98.03 -60.00
C PRO H 148 60.09 -97.99 -60.32
N GLU H 149 59.25 -97.62 -59.35
CA GLU H 149 57.80 -97.71 -59.49
C GLU H 149 57.19 -96.91 -58.35
N LEU H 150 56.20 -96.05 -58.65
CA LEU H 150 55.78 -95.08 -57.65
C LEU H 150 54.82 -95.63 -56.62
N PRO H 151 53.81 -96.44 -56.94
CA PRO H 151 53.23 -97.24 -55.87
C PRO H 151 54.34 -98.17 -55.40
N LEU H 152 55.24 -97.62 -54.59
CA LEU H 152 56.55 -98.21 -54.34
C LEU H 152 56.47 -99.08 -53.10
N VAL H 153 56.71 -100.37 -53.27
CA VAL H 153 56.46 -101.36 -52.24
C VAL H 153 57.74 -102.15 -52.01
N VAL H 154 58.09 -102.34 -50.74
CA VAL H 154 59.27 -103.10 -50.35
C VAL H 154 58.84 -104.28 -49.49
N GLU H 155 59.76 -105.21 -49.32
CA GLU H 155 59.49 -106.43 -48.58
C GLU H 155 59.29 -106.12 -47.10
N ASP H 156 58.65 -107.06 -46.39
CA ASP H 156 58.35 -106.89 -44.98
C ASP H 156 59.59 -106.85 -44.11
N LYS H 157 60.73 -107.29 -44.65
CA LYS H 157 61.99 -107.29 -43.93
C LYS H 157 62.37 -105.92 -43.41
N VAL H 158 61.92 -104.85 -44.08
CA VAL H 158 62.27 -103.49 -43.69
C VAL H 158 61.70 -103.17 -42.32
N GLU H 159 60.55 -103.76 -41.97
CA GLU H 159 59.92 -103.44 -40.69
C GLU H 159 60.80 -103.83 -39.51
N GLY H 160 61.69 -104.80 -39.70
CA GLY H 160 62.59 -105.27 -38.66
C GLY H 160 63.94 -104.58 -38.62
N TYR H 161 64.11 -103.49 -39.38
CA TYR H 161 65.38 -102.77 -39.35
C TYR H 161 65.63 -102.18 -37.97
N LYS H 162 66.90 -102.16 -37.55
CA LYS H 162 67.25 -101.65 -36.24
C LYS H 162 68.25 -100.50 -36.27
N LYS H 163 69.09 -100.40 -37.30
CA LYS H 163 70.14 -99.40 -37.37
C LYS H 163 69.78 -98.34 -38.41
N THR H 164 70.27 -97.13 -38.19
CA THR H 164 70.06 -96.05 -39.16
C THR H 164 70.86 -96.29 -40.43
N LYS H 165 72.01 -96.98 -40.33
CA LYS H 165 72.83 -97.23 -41.51
C LYS H 165 72.08 -98.06 -42.54
N GLU H 166 71.41 -99.13 -42.10
CA GLU H 166 70.66 -99.97 -43.02
C GLU H 166 69.39 -99.28 -43.52
N ALA H 167 68.85 -98.33 -42.76
CA ALA H 167 67.78 -97.49 -43.29
C ALA H 167 68.31 -96.56 -44.38
N VAL H 168 69.51 -96.00 -44.17
CA VAL H 168 70.13 -95.16 -45.20
C VAL H 168 70.42 -95.99 -46.46
N LEU H 169 70.99 -97.18 -46.26
CA LEU H 169 71.35 -98.03 -47.39
C LEU H 169 70.13 -98.42 -48.21
N LEU H 170 69.00 -98.65 -47.54
CA LEU H 170 67.78 -99.01 -48.26
C LEU H 170 67.33 -97.86 -49.15
N LEU H 171 67.34 -96.63 -48.62
CA LEU H 171 66.89 -95.48 -49.38
C LEU H 171 67.78 -95.24 -50.59
N LYS H 172 69.09 -95.42 -50.44
CA LYS H 172 69.98 -95.28 -51.58
C LYS H 172 69.68 -96.32 -52.66
N LYS H 173 69.43 -97.56 -52.25
CA LYS H 173 69.21 -98.64 -53.21
C LYS H 173 67.82 -98.60 -53.84
N LEU H 174 66.86 -97.93 -53.21
CA LEU H 174 65.58 -97.66 -53.85
C LEU H 174 65.58 -96.36 -54.66
N LYS H 175 66.72 -95.70 -54.78
CA LYS H 175 66.85 -94.43 -55.48
C LYS H 175 66.01 -93.33 -54.83
N ALA H 176 65.70 -93.48 -53.55
CA ALA H 176 64.99 -92.45 -52.80
C ALA H 176 65.93 -91.56 -52.01
N TRP H 177 67.25 -91.74 -52.14
CA TRP H 177 68.19 -90.95 -51.36
C TRP H 177 68.26 -89.51 -51.85
N ASN H 178 68.04 -89.29 -53.15
CA ASN H 178 68.06 -87.93 -53.68
C ASN H 178 67.00 -87.05 -53.02
N ASP H 179 65.88 -87.65 -52.62
CA ASP H 179 64.87 -86.89 -51.89
C ASP H 179 65.40 -86.43 -50.53
N ILE H 180 66.17 -87.29 -49.86
CA ILE H 180 66.76 -86.92 -48.57
C ILE H 180 67.77 -85.80 -48.75
N LYS H 181 68.59 -85.88 -49.80
CA LYS H 181 69.58 -84.83 -50.03
C LYS H 181 68.93 -83.50 -50.36
N LYS H 182 67.74 -83.53 -50.97
CA LYS H 182 67.00 -82.30 -51.16
C LYS H 182 66.52 -81.73 -49.82
N VAL H 183 66.18 -82.60 -48.87
CA VAL H 183 65.85 -82.14 -47.53
C VAL H 183 67.06 -81.50 -46.87
N TYR H 184 68.23 -82.13 -47.03
CA TYR H 184 69.46 -81.57 -46.48
C TYR H 184 69.76 -80.20 -47.06
N ALA H 185 69.59 -80.06 -48.38
CA ALA H 185 69.86 -78.77 -49.02
C ALA H 185 68.87 -77.71 -48.57
N SER H 186 67.69 -78.11 -48.10
CA SER H 186 66.65 -77.18 -47.72
C SER H 186 66.74 -76.73 -46.26
N GLN H 187 67.69 -77.25 -45.50
CA GLN H 187 67.80 -76.88 -44.09
C GLN H 187 68.38 -75.47 -43.99
N ARG H 188 67.54 -74.51 -43.61
CA ARG H 188 68.00 -73.15 -43.37
C ARG H 188 67.23 -72.59 -42.18
N MET H 189 67.42 -71.30 -41.93
CA MET H 189 66.74 -70.63 -40.81
C MET H 189 65.41 -70.05 -41.28
N ARG H 190 64.43 -70.15 -40.40
CA ARG H 190 63.15 -69.49 -40.63
C ARG H 190 63.33 -67.97 -40.62
N ALA H 191 62.42 -67.28 -41.29
CA ALA H 191 62.43 -65.83 -41.32
C ALA H 191 61.34 -65.30 -40.39
N GLY H 192 61.74 -64.46 -39.45
CA GLY H 192 60.80 -63.74 -38.61
C GLY H 192 60.82 -64.18 -37.16
N LYS H 193 59.71 -63.89 -36.48
CA LYS H 193 59.59 -64.10 -35.04
C LYS H 193 59.52 -65.57 -34.65
N GLY H 194 59.35 -66.48 -35.61
CA GLY H 194 59.34 -67.89 -35.27
C GLY H 194 60.63 -68.36 -34.64
N LYS H 195 61.74 -67.68 -34.96
CA LYS H 195 63.02 -68.04 -34.36
C LYS H 195 63.01 -67.82 -32.85
N MET H 196 62.37 -66.73 -32.39
CA MET H 196 62.22 -66.50 -30.96
C MET H 196 61.19 -67.43 -30.33
N ARG H 197 60.43 -68.18 -31.13
CA ARG H 197 59.32 -68.98 -30.64
C ARG H 197 59.54 -70.46 -30.88
N ASN H 198 60.79 -70.91 -30.82
CA ASN H 198 61.22 -72.30 -30.88
C ASN H 198 61.03 -72.95 -32.25
N ARG H 199 60.62 -72.19 -33.27
CA ARG H 199 60.58 -72.69 -34.63
C ARG H 199 61.75 -72.13 -35.43
N ARG H 200 62.94 -72.29 -34.86
CA ARG H 200 64.16 -71.73 -35.43
C ARG H 200 64.48 -72.32 -36.79
N ARG H 201 64.33 -73.63 -36.97
CA ARG H 201 64.77 -74.33 -38.17
C ARG H 201 63.59 -74.76 -39.02
N ILE H 202 63.77 -74.68 -40.34
CA ILE H 202 62.81 -75.22 -41.29
C ILE H 202 63.55 -76.08 -42.30
N GLN H 203 62.81 -77.02 -42.88
CA GLN H 203 63.35 -77.89 -43.91
C GLN H 203 62.20 -78.46 -44.73
N ARG H 204 62.56 -79.03 -45.88
CA ARG H 204 61.63 -79.70 -46.76
C ARG H 204 61.13 -81.01 -46.15
N ARG H 205 59.97 -81.46 -46.63
CA ARG H 205 59.41 -82.77 -46.31
C ARG H 205 60.01 -83.84 -47.20
N GLY H 206 60.40 -84.96 -46.61
CA GLY H 206 60.93 -86.08 -47.35
C GLY H 206 59.88 -87.13 -47.65
N PRO H 207 60.32 -88.33 -48.03
CA PRO H 207 59.37 -89.40 -48.31
C PRO H 207 58.72 -89.93 -47.05
N CYS H 208 57.54 -90.52 -47.24
CA CYS H 208 56.75 -91.06 -46.14
C CYS H 208 56.83 -92.58 -46.17
N ILE H 209 57.29 -93.17 -45.08
CA ILE H 209 57.40 -94.62 -44.97
C ILE H 209 56.16 -95.13 -44.26
N ILE H 210 55.41 -96.02 -44.91
CA ILE H 210 54.17 -96.55 -44.36
C ILE H 210 54.40 -98.02 -44.03
N TYR H 211 54.12 -98.39 -42.78
CA TYR H 211 54.42 -99.71 -42.25
C TYR H 211 53.16 -100.31 -41.66
N ASN H 212 53.10 -101.64 -41.62
CA ASN H 212 52.02 -102.32 -40.90
C ASN H 212 52.40 -102.58 -39.45
N GLU H 213 53.60 -103.12 -39.23
CA GLU H 213 54.11 -103.42 -37.90
C GLU H 213 55.30 -102.52 -37.59
N ASP H 214 55.58 -102.37 -36.30
CA ASP H 214 56.77 -101.69 -35.82
C ASP H 214 57.65 -102.72 -35.12
N ASN H 215 58.62 -103.25 -35.84
CA ASN H 215 59.63 -104.14 -35.28
C ASN H 215 60.99 -103.45 -35.20
N GLY H 216 60.99 -102.14 -35.02
CA GLY H 216 62.20 -101.35 -35.00
C GLY H 216 62.35 -100.40 -36.17
N ILE H 217 61.44 -100.41 -37.13
CA ILE H 217 61.58 -99.56 -38.31
C ILE H 217 61.56 -98.08 -37.92
N ILE H 218 60.75 -97.73 -36.92
CA ILE H 218 60.67 -96.34 -36.49
C ILE H 218 62.00 -95.87 -35.93
N LYS H 219 62.63 -96.71 -35.10
CA LYS H 219 63.93 -96.34 -34.54
C LYS H 219 65.00 -96.33 -35.62
N ALA H 220 64.93 -97.25 -36.58
CA ALA H 220 65.91 -97.30 -37.65
C ALA H 220 65.89 -96.02 -38.47
N PHE H 221 64.70 -95.56 -38.83
CA PHE H 221 64.55 -94.26 -39.47
C PHE H 221 64.48 -93.20 -38.36
N ARG H 222 63.73 -92.12 -38.57
CA ARG H 222 63.42 -91.08 -37.60
C ARG H 222 64.64 -90.19 -37.29
N ASN H 223 65.87 -90.64 -37.53
CA ASN H 223 67.02 -89.75 -37.52
C ASN H 223 67.35 -89.24 -38.92
N ILE H 224 66.56 -89.62 -39.92
CA ILE H 224 66.75 -89.18 -41.29
C ILE H 224 65.87 -87.94 -41.49
N PRO H 225 66.45 -86.77 -41.77
CA PRO H 225 65.61 -85.58 -41.94
C PRO H 225 64.61 -85.74 -43.07
N GLY H 226 63.38 -85.28 -42.82
CA GLY H 226 62.31 -85.32 -43.80
C GLY H 226 61.50 -86.60 -43.78
N ILE H 227 62.02 -87.68 -43.21
CA ILE H 227 61.32 -88.95 -43.20
C ILE H 227 60.25 -88.93 -42.11
N THR H 228 59.01 -89.20 -42.50
CA THR H 228 57.90 -89.40 -41.58
C THR H 228 57.39 -90.82 -41.73
N LEU H 229 57.23 -91.52 -40.61
CA LEU H 229 56.71 -92.88 -40.63
C LEU H 229 55.25 -92.87 -40.21
N LEU H 230 54.44 -93.63 -40.95
CA LEU H 230 53.01 -93.65 -40.74
C LEU H 230 52.54 -95.11 -40.71
N ASN H 231 51.76 -95.46 -39.70
CA ASN H 231 51.14 -96.78 -39.66
C ASN H 231 49.94 -96.75 -40.62
N VAL H 232 49.81 -97.80 -41.43
CA VAL H 232 48.75 -97.81 -42.45
C VAL H 232 47.39 -97.73 -41.79
N SER H 233 47.22 -98.37 -40.63
CA SER H 233 45.93 -98.36 -39.94
C SER H 233 45.59 -96.99 -39.37
N LYS H 234 46.55 -96.06 -39.34
CA LYS H 234 46.38 -94.76 -38.69
C LYS H 234 46.89 -93.66 -39.62
N LEU H 235 46.31 -93.57 -40.81
CA LEU H 235 46.78 -92.60 -41.79
C LEU H 235 46.36 -91.19 -41.40
N ASN H 236 47.26 -90.24 -41.62
CA ASN H 236 47.06 -88.85 -41.23
C ASN H 236 47.14 -87.98 -42.48
N ILE H 237 46.05 -87.28 -42.78
CA ILE H 237 46.04 -86.36 -43.92
C ILE H 237 47.03 -85.23 -43.71
N LEU H 238 47.36 -84.90 -42.46
CA LEU H 238 48.37 -83.88 -42.20
C LEU H 238 49.75 -84.34 -42.65
N LYS H 239 49.98 -85.64 -42.73
CA LYS H 239 51.26 -86.18 -43.18
C LYS H 239 51.26 -86.60 -44.63
N LEU H 240 50.11 -87.04 -45.15
CA LEU H 240 50.03 -87.47 -46.55
C LEU H 240 49.93 -86.29 -47.50
N ALA H 241 49.35 -85.17 -47.06
CA ALA H 241 49.27 -83.94 -47.84
C ALA H 241 49.81 -82.84 -46.96
N PRO H 242 51.15 -82.74 -46.86
CA PRO H 242 51.75 -81.90 -45.81
C PRO H 242 51.32 -80.44 -45.83
N GLY H 243 51.18 -79.84 -47.02
CA GLY H 243 50.79 -78.45 -47.07
C GLY H 243 49.36 -78.27 -47.56
N GLY H 244 48.57 -79.33 -47.50
CA GLY H 244 47.29 -79.36 -48.16
C GLY H 244 47.37 -79.69 -49.64
N HIS H 245 48.56 -79.98 -50.14
CA HIS H 245 48.76 -80.34 -51.54
C HIS H 245 49.01 -81.84 -51.64
N VAL H 246 48.28 -82.49 -52.53
CA VAL H 246 48.42 -83.93 -52.70
C VAL H 246 49.70 -84.22 -53.48
N GLY H 247 50.26 -85.41 -53.25
CA GLY H 247 51.39 -85.87 -54.03
C GLY H 247 52.67 -86.09 -53.24
N ARG H 248 52.56 -86.50 -51.98
CA ARG H 248 53.76 -86.83 -51.22
C ARG H 248 54.29 -88.19 -51.62
N PHE H 249 55.61 -88.28 -51.73
CA PHE H 249 56.28 -89.54 -52.01
C PHE H 249 56.12 -90.48 -50.83
N CYS H 250 55.56 -91.66 -51.09
CA CYS H 250 55.28 -92.64 -50.04
C CYS H 250 55.90 -93.98 -50.43
N ILE H 251 56.75 -94.51 -49.55
CA ILE H 251 57.26 -95.87 -49.71
C ILE H 251 56.44 -96.78 -48.81
N TRP H 252 55.91 -97.85 -49.40
CA TRP H 252 55.01 -98.77 -48.71
C TRP H 252 55.73 -100.08 -48.38
N THR H 253 55.47 -100.61 -47.19
CA THR H 253 55.83 -101.97 -46.86
C THR H 253 54.75 -102.92 -47.39
N GLU H 254 55.16 -104.14 -47.76
CA GLU H 254 54.24 -105.05 -48.43
C GLU H 254 53.03 -105.36 -47.56
N SER H 255 53.25 -105.60 -46.26
CA SER H 255 52.13 -105.88 -45.37
C SER H 255 51.17 -104.70 -45.29
N ALA H 256 51.71 -103.48 -45.21
CA ALA H 256 50.87 -102.30 -45.22
C ALA H 256 50.14 -102.16 -46.54
N PHE H 257 50.79 -102.51 -47.64
CA PHE H 257 50.17 -102.39 -48.96
C PHE H 257 49.01 -103.36 -49.11
N ARG H 258 49.15 -104.59 -48.61
CA ARG H 258 48.09 -105.57 -48.75
C ARG H 258 46.90 -105.25 -47.85
N LYS H 259 47.14 -104.65 -46.69
CA LYS H 259 46.06 -104.29 -45.79
C LYS H 259 45.22 -103.14 -46.32
N LEU H 260 45.67 -102.48 -47.40
CA LEU H 260 44.99 -101.28 -47.88
C LEU H 260 43.61 -101.59 -48.43
N ASP H 261 43.44 -102.72 -49.12
CA ASP H 261 42.11 -103.13 -49.57
C ASP H 261 41.17 -103.40 -48.40
N GLU H 262 41.66 -104.08 -47.36
CA GLU H 262 40.80 -104.35 -46.21
C GLU H 262 40.49 -103.09 -45.43
N LEU H 263 41.31 -102.04 -45.59
CA LEU H 263 41.18 -100.84 -44.78
C LEU H 263 40.20 -99.85 -45.37
N TYR H 264 40.15 -99.76 -46.70
CA TYR H 264 39.23 -98.84 -47.37
C TYR H 264 38.28 -99.53 -48.34
N GLY H 265 38.42 -100.82 -48.56
CA GLY H 265 37.50 -101.54 -49.41
C GLY H 265 37.78 -101.34 -50.88
N THR H 266 36.99 -102.04 -51.69
CA THR H 266 36.97 -101.91 -53.14
C THR H 266 35.67 -101.19 -53.49
N TRP H 267 35.38 -101.06 -54.77
CA TRP H 267 34.05 -100.58 -55.15
C TRP H 267 33.03 -101.71 -55.15
N ARG H 268 33.49 -102.96 -55.03
CA ARG H 268 32.61 -104.12 -54.90
C ARG H 268 32.79 -104.84 -53.57
N LYS H 269 33.68 -104.36 -52.71
CA LYS H 269 33.73 -104.78 -51.30
C LYS H 269 33.73 -103.54 -50.42
N ALA H 270 32.89 -103.55 -49.39
CA ALA H 270 33.01 -102.57 -48.34
C ALA H 270 34.24 -102.86 -47.50
N ALA H 271 34.77 -101.82 -46.85
CA ALA H 271 35.94 -102.00 -46.00
C ALA H 271 35.62 -102.93 -44.84
N SER H 272 36.47 -103.93 -44.63
CA SER H 272 36.28 -104.89 -43.56
C SER H 272 36.83 -104.42 -42.23
N LEU H 273 37.58 -103.31 -42.22
CA LEU H 273 38.10 -102.72 -40.98
C LEU H 273 37.50 -101.36 -40.66
N LYS H 274 36.43 -100.94 -41.33
CA LYS H 274 35.74 -99.72 -40.98
C LYS H 274 34.23 -99.91 -40.82
N SER H 275 33.70 -101.11 -41.08
CA SER H 275 32.36 -101.51 -40.67
C SER H 275 31.24 -100.75 -41.37
N ASN H 276 31.56 -99.65 -42.04
CA ASN H 276 30.51 -98.92 -42.75
C ASN H 276 31.05 -98.12 -43.93
N TYR H 277 32.33 -98.20 -44.26
CA TYR H 277 32.92 -97.35 -45.28
C TYR H 277 33.02 -98.09 -46.61
N ASN H 278 32.83 -97.33 -47.70
CA ASN H 278 33.02 -97.84 -49.04
C ASN H 278 33.68 -96.74 -49.85
N LEU H 279 34.37 -97.13 -50.92
CA LEU H 279 35.15 -96.16 -51.68
C LEU H 279 34.22 -95.14 -52.32
N PRO H 280 34.61 -93.86 -52.33
CA PRO H 280 33.79 -92.84 -53.00
C PRO H 280 33.70 -93.09 -54.50
N MET H 281 32.58 -92.69 -55.07
CA MET H 281 32.26 -92.98 -56.46
C MET H 281 32.66 -91.83 -57.37
N HIS H 282 33.08 -92.17 -58.59
CA HIS H 282 33.43 -91.18 -59.58
C HIS H 282 32.19 -90.59 -60.21
N LYS H 283 32.15 -89.27 -60.34
CA LYS H 283 31.13 -88.60 -61.14
C LYS H 283 31.54 -88.46 -62.58
N MET H 284 32.72 -88.94 -62.95
CA MET H 284 33.19 -88.91 -64.34
C MET H 284 34.12 -90.11 -64.51
N ILE H 285 33.62 -91.15 -65.18
CA ILE H 285 34.38 -92.40 -65.29
C ILE H 285 35.65 -92.18 -66.11
N ASN H 286 35.51 -91.58 -67.28
CA ASN H 286 36.61 -91.41 -68.21
C ASN H 286 36.94 -89.93 -68.28
N THR H 287 38.01 -89.53 -67.59
CA THR H 287 38.43 -88.13 -67.55
C THR H 287 39.50 -87.84 -68.60
N ASP H 288 39.32 -88.42 -69.79
CA ASP H 288 40.21 -88.21 -70.92
C ASP H 288 39.48 -87.33 -71.92
N LEU H 289 39.58 -86.01 -71.73
CA LEU H 289 38.83 -85.07 -72.54
C LEU H 289 39.24 -85.15 -74.01
N SER H 290 40.55 -85.25 -74.27
CA SER H 290 41.02 -85.30 -75.66
C SER H 290 40.49 -86.53 -76.38
N ARG H 291 40.49 -87.69 -75.70
CA ARG H 291 40.01 -88.91 -76.33
C ARG H 291 38.50 -88.86 -76.55
N ILE H 292 37.75 -88.32 -75.58
CA ILE H 292 36.31 -88.22 -75.73
C ILE H 292 35.94 -87.31 -76.89
N LEU H 293 36.60 -86.14 -76.96
CA LEU H 293 36.26 -85.16 -78.00
C LEU H 293 36.63 -85.66 -79.39
N LYS H 294 37.69 -86.46 -79.50
CA LYS H 294 38.13 -87.00 -80.78
C LYS H 294 37.42 -88.29 -81.15
N SER H 295 36.52 -88.78 -80.31
CA SER H 295 35.81 -90.01 -80.62
C SER H 295 34.90 -89.79 -81.83
N PRO H 296 34.77 -90.79 -82.71
CA PRO H 296 33.92 -90.61 -83.89
C PRO H 296 32.46 -90.33 -83.57
N GLU H 297 31.97 -90.78 -82.42
CA GLU H 297 30.60 -90.48 -82.02
C GLU H 297 30.41 -88.98 -81.81
N ILE H 298 31.35 -88.34 -81.11
CA ILE H 298 31.27 -86.90 -80.90
C ILE H 298 31.46 -86.16 -82.22
N GLN H 299 32.47 -86.55 -83.00
CA GLN H 299 32.82 -85.80 -84.19
C GLN H 299 31.70 -85.85 -85.23
N ARG H 300 30.95 -86.95 -85.29
CA ARG H 300 29.86 -87.06 -86.25
C ARG H 300 28.75 -86.06 -85.96
N ALA H 301 28.50 -85.77 -84.68
CA ALA H 301 27.40 -84.89 -84.31
C ALA H 301 27.75 -83.41 -84.40
N LEU H 302 29.02 -83.07 -84.62
CA LEU H 302 29.44 -81.68 -84.59
C LEU H 302 29.16 -80.98 -85.91
N ARG H 303 29.00 -79.67 -85.84
CA ARG H 303 29.01 -78.80 -86.99
C ARG H 303 30.44 -78.39 -87.33
N ALA H 304 30.64 -77.93 -88.56
CA ALA H 304 31.97 -77.56 -89.01
C ALA H 304 32.50 -76.36 -88.23
N PRO H 305 33.80 -76.34 -87.93
CA PRO H 305 34.36 -75.21 -87.18
C PRO H 305 34.39 -73.94 -88.02
N ARG H 306 34.14 -72.82 -87.36
CA ARG H 306 34.14 -71.50 -88.00
C ARG H 306 35.45 -70.81 -87.63
N LYS H 307 36.47 -71.00 -88.46
CA LYS H 307 37.82 -70.57 -88.08
C LYS H 307 38.27 -69.29 -88.77
N LYS H 308 37.49 -68.75 -89.71
CA LYS H 308 37.85 -67.47 -90.30
C LYS H 308 37.52 -66.33 -89.32
N ILE H 309 38.46 -65.41 -89.16
CA ILE H 309 38.28 -64.25 -88.29
C ILE H 309 37.79 -63.09 -89.14
N HIS H 310 36.67 -62.50 -88.75
CA HIS H 310 36.11 -61.34 -89.43
C HIS H 310 36.39 -60.10 -88.58
N ARG H 311 37.31 -59.27 -89.05
CA ARG H 311 37.72 -58.06 -88.36
C ARG H 311 36.88 -56.88 -88.86
N ARG H 312 36.83 -55.79 -88.08
CA ARG H 312 35.91 -54.72 -88.42
C ARG H 312 36.28 -54.17 -89.79
N VAL H 313 35.27 -53.87 -90.58
CA VAL H 313 35.46 -53.31 -91.92
C VAL H 313 35.47 -51.80 -91.81
N LEU H 314 36.54 -51.18 -92.30
CA LEU H 314 36.59 -49.72 -92.35
C LEU H 314 35.55 -49.22 -93.34
N LYS H 315 34.57 -48.47 -92.84
CA LYS H 315 33.49 -47.98 -93.69
C LYS H 315 34.05 -46.90 -94.61
N LYS H 316 34.32 -47.28 -95.86
CA LYS H 316 34.67 -46.30 -96.88
C LYS H 316 33.41 -45.65 -97.40
N ASN H 317 33.43 -44.33 -97.50
CA ASN H 317 32.23 -43.60 -97.86
C ASN H 317 31.93 -43.77 -99.34
N PRO H 318 30.77 -44.30 -99.72
CA PRO H 318 30.29 -44.09 -101.08
C PRO H 318 29.92 -42.63 -101.26
N LEU H 319 29.60 -42.26 -102.49
CA LEU H 319 29.48 -40.86 -102.93
C LEU H 319 30.86 -40.20 -103.04
N LYS H 320 31.88 -40.76 -102.41
CA LYS H 320 33.28 -40.34 -102.51
C LYS H 320 34.17 -41.42 -103.09
N ASN H 321 33.92 -42.68 -102.76
CA ASN H 321 34.68 -43.80 -103.28
C ASN H 321 33.84 -44.50 -104.35
N LEU H 322 34.33 -44.48 -105.60
CA LEU H 322 33.52 -44.96 -106.71
C LEU H 322 33.31 -46.47 -106.64
N ARG H 323 34.37 -47.23 -106.39
CA ARG H 323 34.24 -48.69 -106.39
C ARG H 323 33.40 -49.17 -105.23
N ILE H 324 33.50 -48.50 -104.08
CA ILE H 324 32.63 -48.82 -102.96
C ILE H 324 31.17 -48.55 -103.33
N MET H 325 30.92 -47.46 -104.06
CA MET H 325 29.58 -47.19 -104.56
C MET H 325 29.11 -48.28 -105.53
N LEU H 326 29.99 -48.74 -106.41
CA LEU H 326 29.60 -49.76 -107.38
C LEU H 326 29.37 -51.11 -106.72
N LYS H 327 30.06 -51.37 -105.61
CA LYS H 327 29.86 -52.62 -104.88
C LYS H 327 28.46 -52.69 -104.29
N LEU H 328 27.91 -51.55 -103.87
CA LEU H 328 26.56 -51.50 -103.31
C LEU H 328 25.50 -51.25 -104.37
N ASN H 329 25.82 -50.49 -105.41
CA ASN H 329 24.86 -50.15 -106.45
C ASN H 329 25.58 -50.15 -107.80
N PRO H 330 25.63 -51.30 -108.47
CA PRO H 330 26.33 -51.36 -109.76
C PRO H 330 25.72 -50.45 -110.82
N TYR H 331 24.44 -50.12 -110.71
CA TYR H 331 23.81 -49.22 -111.67
C TYR H 331 24.34 -47.80 -111.56
N ALA H 332 25.01 -47.45 -110.46
CA ALA H 332 25.52 -46.10 -110.30
C ALA H 332 26.57 -45.76 -111.36
N LYS H 333 27.26 -46.77 -111.89
CA LYS H 333 28.27 -46.50 -112.91
C LYS H 333 27.64 -45.98 -114.19
N THR H 334 26.51 -46.58 -114.61
CA THR H 334 25.88 -46.17 -115.87
C THR H 334 25.19 -44.81 -115.72
N MET H 335 24.53 -44.58 -114.58
CA MET H 335 24.05 -43.24 -114.27
C MET H 335 25.18 -42.23 -114.31
N ARG H 336 26.33 -42.59 -113.72
CA ARG H 336 27.45 -41.65 -113.68
C ARG H 336 27.99 -41.38 -115.07
N ARG H 337 28.13 -42.42 -115.90
CA ARG H 337 28.71 -42.18 -117.23
C ARG H 337 27.68 -41.52 -118.15
N ASN H 338 26.40 -41.81 -117.94
CA ASN H 338 25.36 -41.13 -118.71
C ASN H 338 25.35 -39.64 -118.42
N THR H 339 25.49 -39.26 -117.15
CA THR H 339 25.46 -37.85 -116.81
C THR H 339 26.74 -37.13 -117.23
N ILE H 340 27.86 -37.86 -117.30
CA ILE H 340 29.10 -37.26 -117.78
C ILE H 340 29.01 -37.01 -119.28
N LEU H 341 28.51 -37.99 -120.03
CA LEU H 341 28.32 -37.81 -121.47
C LEU H 341 27.29 -36.72 -121.76
N ARG H 342 26.19 -36.72 -121.01
CA ARG H 342 25.15 -35.72 -121.22
C ARG H 342 25.66 -34.31 -120.93
N GLN H 343 26.39 -34.15 -119.84
CA GLN H 343 26.90 -32.83 -119.47
C GLN H 343 27.90 -32.32 -120.50
N ALA H 344 28.76 -33.21 -121.01
CA ALA H 344 29.70 -32.81 -122.05
C ALA H 344 28.98 -32.43 -123.34
N ARG H 345 27.94 -33.18 -123.71
CA ARG H 345 27.18 -32.84 -124.91
C ARG H 345 26.48 -31.49 -124.76
N ASN H 346 25.86 -31.26 -123.61
CA ASN H 346 25.18 -29.98 -123.39
C ASN H 346 26.18 -28.83 -123.36
N HIS H 347 27.33 -29.04 -122.71
CA HIS H 347 28.36 -28.01 -122.69
C HIS H 347 28.84 -27.69 -124.10
N LYS H 348 29.06 -28.72 -124.90
CA LYS H 348 29.51 -28.50 -126.28
C LYS H 348 28.44 -27.83 -127.12
N LEU H 349 27.17 -28.14 -126.86
CA LEU H 349 26.07 -27.48 -127.55
C LEU H 349 26.04 -25.98 -127.23
N ARG H 350 26.24 -25.63 -125.96
CA ARG H 350 26.18 -24.22 -125.58
C ARG H 350 27.39 -23.45 -126.06
N VAL H 351 28.56 -24.09 -126.13
CA VAL H 351 29.78 -23.39 -126.54
C VAL H 351 29.70 -23.00 -128.01
N ASP H 352 29.32 -23.94 -128.87
CA ASP H 352 29.25 -23.63 -130.30
C ASP H 352 28.06 -22.72 -130.62
N LYS H 353 26.95 -22.89 -129.90
CA LYS H 353 25.81 -22.00 -130.10
C LYS H 353 26.16 -20.56 -129.74
N ALA H 354 26.89 -20.35 -128.64
CA ALA H 354 27.36 -19.02 -128.30
C ALA H 354 28.35 -18.50 -129.34
N ALA H 355 29.25 -19.37 -129.81
CA ALA H 355 30.19 -18.97 -130.85
C ALA H 355 29.45 -18.63 -132.15
N ALA H 356 28.43 -19.43 -132.49
CA ALA H 356 27.64 -19.14 -133.69
C ALA H 356 26.91 -17.80 -133.56
N ALA H 357 26.37 -17.52 -132.37
CA ALA H 357 25.71 -16.24 -132.15
C ALA H 357 26.69 -15.07 -132.30
N ALA H 358 27.89 -15.22 -131.75
CA ALA H 358 28.90 -14.18 -131.92
C ALA H 358 29.32 -14.03 -133.38
N ALA H 359 29.49 -15.16 -134.08
CA ALA H 359 29.84 -15.10 -135.49
C ALA H 359 28.72 -14.48 -136.31
N ALA H 360 27.47 -14.82 -136.02
CA ALA H 360 26.35 -14.20 -136.72
C ALA H 360 26.28 -12.71 -136.41
N LEU H 361 26.54 -12.32 -135.16
CA LEU H 361 26.64 -10.90 -134.83
C LEU H 361 27.75 -10.22 -135.61
N GLN H 362 28.90 -10.87 -135.73
CA GLN H 362 30.00 -10.28 -136.49
C GLN H 362 29.64 -10.11 -137.95
N ALA H 363 28.97 -11.10 -138.54
CA ALA H 363 28.60 -11.02 -139.95
C ALA H 363 27.57 -9.92 -140.20
N LYS H 364 26.55 -9.83 -139.34
CA LYS H 364 25.52 -8.80 -139.52
C LYS H 364 26.01 -7.41 -139.18
N SER H 365 27.17 -7.29 -138.53
CA SER H 365 27.74 -5.99 -138.21
C SER H 365 28.76 -5.52 -139.25
N ASP H 366 29.55 -6.43 -139.81
CA ASP H 366 30.52 -6.08 -140.85
C ASP H 366 30.17 -6.71 -142.19
N GLU H 367 28.89 -6.70 -142.55
CA GLU H 367 28.47 -7.30 -143.81
C GLU H 367 28.93 -6.46 -145.01
N LYS H 368 29.08 -5.15 -144.82
CA LYS H 368 29.50 -4.22 -145.87
C LYS H 368 28.61 -4.33 -147.11
N GLY I 1 -52.06 -7.09 -58.92
CA GLY I 1 -51.00 -7.99 -58.52
C GLY I 1 -50.36 -7.60 -57.21
N PHE I 2 -50.51 -8.45 -56.19
CA PHE I 2 -50.03 -8.13 -54.86
C PHE I 2 -49.27 -9.29 -54.24
N VAL I 3 -49.24 -10.44 -54.90
CA VAL I 3 -48.59 -11.65 -54.40
C VAL I 3 -47.69 -12.19 -55.49
N LYS I 4 -46.51 -12.69 -55.09
CA LYS I 4 -45.58 -13.26 -56.05
C LYS I 4 -46.25 -14.38 -56.85
N VAL I 5 -46.09 -14.35 -58.16
CA VAL I 5 -46.60 -15.42 -59.01
C VAL I 5 -45.71 -16.64 -58.78
N VAL I 6 -46.28 -17.69 -58.19
CA VAL I 6 -45.49 -18.89 -57.92
C VAL I 6 -45.05 -19.55 -59.22
N LYS I 7 -45.96 -19.68 -60.17
CA LYS I 7 -45.66 -20.32 -61.45
C LYS I 7 -45.15 -19.31 -62.47
N ASN I 8 -44.02 -18.70 -62.12
CA ASN I 8 -43.35 -17.75 -62.99
C ASN I 8 -42.45 -18.51 -63.97
N LYS I 9 -41.58 -17.77 -64.67
CA LYS I 9 -40.69 -18.42 -65.63
C LYS I 9 -39.71 -19.35 -64.93
N ALA I 10 -39.18 -18.92 -63.79
CA ALA I 10 -38.19 -19.73 -63.08
C ALA I 10 -38.78 -21.02 -62.55
N TYR I 11 -40.08 -21.01 -62.20
CA TYR I 11 -40.71 -22.23 -61.70
C TYR I 11 -40.72 -23.31 -62.76
N PHE I 12 -41.04 -22.96 -64.00
CA PHE I 12 -41.06 -23.93 -65.08
C PHE I 12 -39.67 -24.32 -65.54
N LYS I 13 -38.68 -23.45 -65.37
CA LYS I 13 -37.33 -23.78 -65.80
C LYS I 13 -36.72 -24.88 -64.95
N ARG I 14 -37.05 -24.93 -63.66
CA ARG I 14 -36.52 -25.95 -62.76
C ARG I 14 -37.47 -27.12 -62.56
N TYR I 15 -38.66 -27.06 -63.15
CA TYR I 15 -39.65 -28.11 -62.91
C TYR I 15 -39.18 -29.42 -63.52
N GLN I 16 -39.24 -30.48 -62.73
CA GLN I 16 -38.98 -31.84 -63.21
C GLN I 16 -40.30 -32.59 -63.24
N VAL I 17 -40.77 -32.89 -64.45
CA VAL I 17 -42.00 -33.66 -64.57
C VAL I 17 -41.75 -35.09 -64.08
N LYS I 18 -42.82 -35.71 -63.59
CA LYS I 18 -42.74 -37.10 -63.19
C LYS I 18 -42.85 -38.00 -64.42
N PHE I 19 -42.77 -39.31 -64.20
CA PHE I 19 -42.95 -40.24 -65.30
C PHE I 19 -44.33 -40.10 -65.90
N ARG I 20 -44.44 -40.37 -67.20
CA ARG I 20 -45.70 -40.13 -67.90
C ARG I 20 -46.84 -40.91 -67.27
N ARG I 21 -46.61 -42.18 -66.95
CA ARG I 21 -47.67 -42.98 -66.35
C ARG I 21 -47.87 -42.65 -64.88
N ARG I 22 -46.90 -42.01 -64.24
CA ARG I 22 -47.13 -41.45 -62.91
C ARG I 22 -47.97 -40.19 -62.99
N ARG I 23 -47.70 -39.33 -63.98
CA ARG I 23 -48.53 -38.14 -64.17
C ARG I 23 -49.96 -38.52 -64.51
N GLU I 24 -50.13 -39.57 -65.31
CA GLU I 24 -51.46 -40.06 -65.67
C GLU I 24 -52.17 -40.74 -64.51
N GLY I 25 -51.48 -41.01 -63.41
CA GLY I 25 -52.08 -41.70 -62.29
C GLY I 25 -52.46 -43.13 -62.58
N LYS I 26 -51.58 -43.87 -63.27
CA LYS I 26 -51.85 -45.24 -63.65
C LYS I 26 -50.87 -46.24 -63.08
N THR I 27 -49.60 -45.87 -62.90
CA THR I 27 -48.56 -46.79 -62.48
C THR I 27 -47.97 -46.33 -61.16
N ASP I 28 -47.92 -47.23 -60.18
CA ASP I 28 -47.23 -47.01 -58.92
C ASP I 28 -45.83 -47.59 -59.10
N TYR I 29 -44.85 -46.72 -59.36
CA TYR I 29 -43.51 -47.18 -59.68
C TYR I 29 -42.78 -47.71 -58.46
N TYR I 30 -43.20 -47.34 -57.26
CA TYR I 30 -42.66 -47.95 -56.05
C TYR I 30 -43.00 -49.42 -55.97
N ALA I 31 -44.27 -49.75 -56.24
CA ALA I 31 -44.70 -51.15 -56.23
C ALA I 31 -44.27 -51.89 -57.48
N ARG I 32 -44.19 -51.19 -58.62
CA ARG I 32 -43.84 -51.86 -59.87
C ARG I 32 -42.42 -52.42 -59.82
N LYS I 33 -41.49 -51.68 -59.23
CA LYS I 33 -40.11 -52.16 -59.16
C LYS I 33 -40.03 -53.48 -58.40
N ARG I 34 -40.74 -53.58 -57.29
CA ARG I 34 -40.72 -54.81 -56.51
C ARG I 34 -41.47 -55.95 -57.19
N LEU I 35 -42.28 -55.65 -58.20
CA LEU I 35 -43.09 -56.66 -58.87
C LEU I 35 -42.42 -57.21 -60.13
N VAL I 36 -41.73 -56.36 -60.90
CA VAL I 36 -41.29 -56.75 -62.23
C VAL I 36 -39.81 -57.09 -62.29
N ILE I 37 -39.03 -56.75 -61.29
CA ILE I 37 -37.58 -56.85 -61.36
C ILE I 37 -37.15 -58.24 -60.88
N GLN I 38 -36.41 -58.94 -61.74
CA GLN I 38 -35.91 -60.27 -61.44
C GLN I 38 -34.54 -60.17 -60.79
N ASP I 39 -34.23 -61.16 -59.96
CA ASP I 39 -32.90 -61.25 -59.37
C ASP I 39 -31.85 -61.37 -60.47
N LYS I 40 -30.73 -60.67 -60.28
CA LYS I 40 -29.69 -60.67 -61.30
C LYS I 40 -29.05 -62.04 -61.49
N ASN I 41 -29.12 -62.91 -60.48
CA ASN I 41 -28.59 -64.26 -60.62
C ASN I 41 -29.60 -65.23 -61.20
N LYS I 42 -30.80 -64.76 -61.55
CA LYS I 42 -31.74 -65.52 -62.35
C LYS I 42 -31.75 -65.08 -63.81
N TYR I 43 -30.99 -64.03 -64.13
CA TYR I 43 -30.65 -63.62 -65.51
C TYR I 43 -31.92 -63.35 -66.30
N ASN I 44 -32.11 -63.96 -67.46
CA ASN I 44 -33.23 -63.66 -68.34
C ASN I 44 -34.45 -64.52 -68.04
N THR I 45 -34.48 -65.18 -66.89
CA THR I 45 -35.68 -65.89 -66.48
C THR I 45 -36.82 -64.90 -66.33
N PRO I 46 -37.95 -65.13 -67.00
CA PRO I 46 -39.07 -64.18 -66.89
C PRO I 46 -39.68 -64.20 -65.50
N LYS I 47 -40.10 -63.03 -65.03
CA LYS I 47 -40.91 -62.92 -63.82
C LYS I 47 -42.32 -62.54 -64.23
N TYR I 48 -43.25 -63.48 -64.07
CA TYR I 48 -44.62 -63.31 -64.54
C TYR I 48 -45.47 -62.69 -63.44
N ARG I 49 -46.47 -61.94 -63.85
CA ARG I 49 -47.40 -61.33 -62.91
C ARG I 49 -48.77 -61.26 -63.54
N MET I 50 -49.80 -61.43 -62.71
CA MET I 50 -51.19 -61.40 -63.16
C MET I 50 -51.72 -59.99 -62.94
N ILE I 51 -51.88 -59.24 -64.02
CA ILE I 51 -52.41 -57.89 -63.94
C ILE I 51 -53.93 -57.96 -63.93
N VAL I 52 -54.55 -57.43 -62.88
CA VAL I 52 -55.99 -57.36 -62.77
C VAL I 52 -56.38 -55.89 -62.69
N ARG I 53 -57.21 -55.45 -63.62
CA ARG I 53 -57.67 -54.07 -63.67
C ARG I 53 -59.19 -54.07 -63.82
N VAL I 54 -59.87 -53.54 -62.83
CA VAL I 54 -61.34 -53.49 -62.84
C VAL I 54 -61.76 -52.11 -63.34
N THR I 55 -62.45 -52.10 -64.47
CA THR I 55 -62.96 -50.89 -65.09
C THR I 55 -64.44 -50.74 -64.77
N ASN I 56 -64.93 -49.50 -64.82
CA ASN I 56 -66.34 -49.17 -64.60
C ASN I 56 -67.28 -50.18 -65.25
N ARG I 57 -66.90 -50.70 -66.42
CA ARG I 57 -67.75 -51.63 -67.15
C ARG I 57 -67.08 -52.94 -67.53
N ASP I 58 -65.77 -53.08 -67.32
CA ASP I 58 -65.04 -54.26 -67.77
C ASP I 58 -64.06 -54.70 -66.70
N ILE I 59 -63.60 -55.94 -66.84
CA ILE I 59 -62.49 -56.48 -66.05
C ILE I 59 -61.43 -56.97 -67.01
N ILE I 60 -60.18 -56.55 -66.77
CA ILE I 60 -59.06 -56.91 -67.63
C ILE I 60 -58.09 -57.74 -66.81
N CYS I 61 -57.80 -58.94 -67.28
CA CYS I 61 -56.83 -59.84 -66.65
C CYS I 61 -55.75 -60.16 -67.66
N GLN I 62 -54.51 -59.82 -67.33
CA GLN I 62 -53.38 -60.02 -68.22
C GLN I 62 -52.24 -60.68 -67.45
N ILE I 63 -51.46 -61.48 -68.17
CA ILE I 63 -50.22 -62.05 -67.64
C ILE I 63 -49.07 -61.49 -68.46
N ALA I 64 -48.09 -60.90 -67.80
CA ALA I 64 -47.03 -60.20 -68.50
C ALA I 64 -45.72 -60.34 -67.73
N TYR I 65 -44.62 -60.15 -68.45
CA TYR I 65 -43.30 -60.06 -67.86
C TYR I 65 -42.57 -58.86 -68.46
N ALA I 66 -41.67 -58.28 -67.66
CA ALA I 66 -41.03 -57.04 -68.04
C ALA I 66 -39.85 -57.29 -68.98
N ARG I 67 -39.71 -56.41 -69.97
CA ARG I 67 -38.55 -56.36 -70.83
C ARG I 67 -38.19 -54.88 -71.02
N ILE I 68 -36.95 -54.62 -71.44
CA ILE I 68 -36.47 -53.24 -71.50
C ILE I 68 -37.31 -52.42 -72.49
N GLU I 69 -37.66 -53.00 -73.63
CA GLU I 69 -38.49 -52.31 -74.60
C GLU I 69 -39.94 -52.15 -74.15
N GLY I 70 -40.34 -52.82 -73.06
CA GLY I 70 -41.71 -52.73 -72.59
C GLY I 70 -42.24 -54.06 -72.12
N ASP I 71 -43.38 -54.04 -71.42
CA ASP I 71 -43.97 -55.27 -70.92
C ASP I 71 -44.46 -56.13 -72.08
N MET I 72 -44.26 -57.44 -71.95
CA MET I 72 -44.71 -58.42 -72.92
C MET I 72 -45.87 -59.20 -72.32
N ILE I 73 -47.02 -59.12 -72.95
CA ILE I 73 -48.22 -59.82 -72.47
C ILE I 73 -48.33 -61.14 -73.21
N VAL I 74 -48.33 -62.24 -72.45
CA VAL I 74 -48.39 -63.57 -73.08
C VAL I 74 -49.82 -64.09 -73.19
N CYS I 75 -50.73 -63.58 -72.37
CA CYS I 75 -52.12 -64.03 -72.40
C CYS I 75 -52.98 -62.97 -71.72
N ALA I 76 -54.17 -62.73 -72.29
CA ALA I 76 -55.09 -61.75 -71.75
C ALA I 76 -56.50 -62.32 -71.78
N ALA I 77 -57.29 -61.94 -70.79
CA ALA I 77 -58.70 -62.33 -70.72
C ALA I 77 -59.50 -61.12 -70.27
N TYR I 78 -60.68 -60.94 -70.88
CA TYR I 78 -61.53 -59.80 -70.61
C TYR I 78 -62.90 -60.28 -70.15
N ALA I 79 -63.58 -59.44 -69.37
CA ALA I 79 -64.94 -59.75 -68.93
C ALA I 79 -65.98 -59.46 -70.00
N HIS I 80 -65.61 -58.74 -71.08
CA HIS I 80 -66.55 -58.46 -72.14
C HIS I 80 -66.72 -59.63 -73.11
N GLU I 81 -65.83 -60.62 -73.06
CA GLU I 81 -66.02 -61.84 -73.83
C GLU I 81 -66.71 -62.92 -73.02
N LEU I 82 -67.10 -62.62 -71.77
CA LEU I 82 -67.95 -63.54 -71.01
C LEU I 82 -69.25 -63.89 -71.71
N PRO I 83 -69.97 -62.97 -72.36
CA PRO I 83 -71.24 -63.35 -73.02
C PRO I 83 -71.07 -64.42 -74.09
N LYS I 84 -69.85 -64.72 -74.54
CA LYS I 84 -69.66 -65.82 -75.48
C LYS I 84 -70.19 -67.13 -74.92
N TYR I 85 -70.27 -67.23 -73.60
CA TYR I 85 -70.75 -68.40 -72.88
C TYR I 85 -71.50 -67.95 -71.63
N GLY I 86 -72.78 -68.31 -71.57
CA GLY I 86 -73.59 -68.08 -70.39
C GLY I 86 -73.73 -66.63 -69.98
N VAL I 87 -72.95 -66.22 -68.98
CA VAL I 87 -73.07 -64.91 -68.35
C VAL I 87 -72.91 -63.77 -69.35
N LYS I 88 -73.99 -63.04 -69.59
CA LYS I 88 -73.98 -61.90 -70.49
C LYS I 88 -74.24 -60.57 -69.80
N VAL I 89 -74.80 -60.58 -68.59
CA VAL I 89 -75.12 -59.36 -67.87
C VAL I 89 -74.45 -59.45 -66.51
N GLY I 90 -74.39 -58.30 -65.82
CA GLY I 90 -73.79 -58.25 -64.51
C GLY I 90 -72.31 -58.53 -64.53
N LEU I 91 -71.60 -57.99 -65.50
CA LEU I 91 -70.14 -58.10 -65.53
C LEU I 91 -69.56 -57.23 -64.41
N THR I 92 -68.24 -57.07 -64.42
CA THR I 92 -67.46 -56.31 -63.43
C THR I 92 -67.96 -56.48 -62.00
N ASN I 93 -68.45 -57.67 -61.67
CA ASN I 93 -68.76 -58.03 -60.29
C ASN I 93 -67.79 -59.13 -59.84
N TYR I 94 -67.95 -59.57 -58.58
CA TYR I 94 -67.03 -60.57 -58.04
C TYR I 94 -67.15 -61.88 -58.80
N ALA I 95 -68.37 -62.29 -59.14
CA ALA I 95 -68.55 -63.53 -59.87
C ALA I 95 -67.92 -63.48 -61.25
N ALA I 96 -68.10 -62.35 -61.95
CA ALA I 96 -67.43 -62.19 -63.25
C ALA I 96 -65.92 -62.10 -63.09
N ALA I 97 -65.45 -61.52 -61.99
CA ALA I 97 -64.01 -61.49 -61.73
C ALA I 97 -63.43 -62.88 -61.60
N TYR I 98 -64.15 -63.78 -60.92
CA TYR I 98 -63.73 -65.17 -60.85
C TYR I 98 -63.73 -65.80 -62.24
N CYS I 99 -64.76 -65.51 -63.04
CA CYS I 99 -64.86 -66.13 -64.36
C CYS I 99 -63.73 -65.69 -65.27
N THR I 100 -63.41 -64.40 -65.28
CA THR I 100 -62.34 -63.92 -66.16
C THR I 100 -60.97 -64.36 -65.66
N GLY I 101 -60.79 -64.48 -64.34
CA GLY I 101 -59.55 -65.04 -63.82
C GLY I 101 -59.41 -66.51 -64.17
N LEU I 102 -60.52 -67.26 -64.09
CA LEU I 102 -60.49 -68.65 -64.51
C LEU I 102 -60.25 -68.78 -66.00
N LEU I 103 -60.86 -67.89 -66.80
CA LEU I 103 -60.65 -67.92 -68.24
C LEU I 103 -59.19 -67.64 -68.59
N LEU I 104 -58.57 -66.68 -67.91
CA LEU I 104 -57.16 -66.40 -68.14
C LEU I 104 -56.30 -67.59 -67.80
N ALA I 105 -56.60 -68.27 -66.69
CA ALA I 105 -55.83 -69.45 -66.29
C ALA I 105 -55.97 -70.57 -67.31
N ARG I 106 -57.19 -70.86 -67.74
CA ARG I 106 -57.40 -71.94 -68.71
C ARG I 106 -56.80 -71.60 -70.06
N ARG I 107 -56.92 -70.34 -70.49
CA ARG I 107 -56.37 -69.93 -71.78
C ARG I 107 -54.85 -70.02 -71.78
N LEU I 108 -54.20 -69.55 -70.72
CA LEU I 108 -52.75 -69.62 -70.65
C LEU I 108 -52.26 -71.07 -70.62
N LEU I 109 -52.90 -71.91 -69.82
CA LEU I 109 -52.50 -73.31 -69.74
C LEU I 109 -52.70 -74.02 -71.07
N ASN I 110 -53.74 -73.64 -71.81
CA ASN I 110 -53.98 -74.23 -73.13
C ASN I 110 -52.85 -73.88 -74.09
N ARG I 111 -52.42 -72.62 -74.08
CA ARG I 111 -51.35 -72.19 -74.98
C ARG I 111 -50.04 -72.91 -74.67
N PHE I 112 -49.71 -73.06 -73.38
CA PHE I 112 -48.49 -73.76 -73.00
C PHE I 112 -48.59 -75.26 -73.19
N GLY I 113 -49.80 -75.80 -73.29
CA GLY I 113 -50.00 -77.22 -73.44
C GLY I 113 -50.16 -78.01 -72.17
N MET I 114 -50.46 -77.35 -71.04
CA MET I 114 -50.59 -78.01 -69.75
C MET I 114 -52.03 -77.84 -69.27
N ASP I 115 -52.95 -78.57 -69.90
CA ASP I 115 -54.33 -78.56 -69.46
C ASP I 115 -54.69 -79.82 -68.69
N LYS I 116 -54.22 -80.96 -69.19
CA LYS I 116 -54.59 -82.24 -68.59
C LYS I 116 -53.96 -82.36 -67.21
N ILE I 117 -52.67 -82.04 -67.12
CA ILE I 117 -52.02 -81.80 -65.85
C ILE I 117 -52.40 -80.41 -65.36
N TYR I 118 -52.56 -80.27 -64.04
CA TYR I 118 -53.03 -79.04 -63.41
C TYR I 118 -54.41 -78.65 -63.95
N GLU I 119 -55.39 -79.50 -63.65
CA GLU I 119 -56.77 -79.14 -63.90
C GLU I 119 -57.24 -78.01 -62.99
N GLY I 120 -56.58 -77.81 -61.86
CA GLY I 120 -57.08 -76.89 -60.87
C GLY I 120 -58.24 -77.51 -60.10
N GLN I 121 -58.95 -76.65 -59.38
CA GLN I 121 -60.09 -77.06 -58.57
C GLN I 121 -61.35 -76.92 -59.42
N VAL I 122 -61.74 -78.02 -60.08
CA VAL I 122 -62.89 -77.98 -60.98
C VAL I 122 -64.17 -77.69 -60.21
N GLU I 123 -64.41 -78.43 -59.13
CA GLU I 123 -65.54 -78.17 -58.27
C GLU I 123 -65.27 -76.91 -57.46
N VAL I 124 -66.14 -75.91 -57.59
CA VAL I 124 -65.87 -74.59 -57.03
C VAL I 124 -66.23 -74.59 -55.55
N THR I 125 -65.22 -74.44 -54.71
CA THR I 125 -65.39 -74.18 -53.29
C THR I 125 -64.48 -73.04 -52.89
N GLY I 126 -64.94 -72.25 -51.91
CA GLY I 126 -64.21 -71.06 -51.53
C GLY I 126 -62.98 -71.28 -50.69
N ASP I 127 -62.73 -72.51 -50.25
CA ASP I 127 -61.62 -72.78 -49.36
C ASP I 127 -60.29 -72.59 -50.07
N GLU I 128 -59.22 -72.49 -49.28
CA GLU I 128 -57.91 -72.26 -49.86
C GLU I 128 -57.46 -73.46 -50.68
N TYR I 129 -57.07 -73.19 -51.93
CA TYR I 129 -56.53 -74.19 -52.81
C TYR I 129 -55.23 -73.68 -53.41
N ASN I 130 -54.23 -74.55 -53.49
CA ASN I 130 -52.95 -74.22 -54.10
C ASN I 130 -52.47 -75.41 -54.90
N VAL I 131 -52.12 -75.15 -56.16
CA VAL I 131 -51.68 -76.22 -57.05
C VAL I 131 -50.23 -76.59 -56.74
N GLU I 132 -49.95 -77.88 -56.73
CA GLU I 132 -48.61 -78.39 -56.53
C GLU I 132 -48.09 -78.98 -57.83
N SER I 133 -46.82 -78.69 -58.14
CA SER I 133 -46.21 -79.26 -59.34
C SER I 133 -46.12 -80.78 -59.22
N ILE I 134 -46.33 -81.46 -60.33
CA ILE I 134 -46.32 -82.91 -60.39
C ILE I 134 -44.96 -83.38 -60.91
N ASP I 135 -44.37 -84.35 -60.23
CA ASP I 135 -43.03 -84.79 -60.58
C ASP I 135 -43.07 -85.51 -61.93
N GLY I 136 -42.05 -85.27 -62.75
CA GLY I 136 -42.02 -85.82 -64.08
C GLY I 136 -42.86 -85.08 -65.10
N GLN I 137 -43.50 -83.99 -64.69
CA GLN I 137 -44.30 -83.14 -65.55
C GLN I 137 -43.76 -81.71 -65.48
N PRO I 138 -44.03 -80.88 -66.50
CA PRO I 138 -43.59 -79.49 -66.43
C PRO I 138 -44.18 -78.79 -65.21
N GLY I 139 -43.40 -77.92 -64.61
CA GLY I 139 -43.81 -77.27 -63.39
C GLY I 139 -45.01 -76.38 -63.58
N ALA I 140 -45.75 -76.18 -62.49
CA ALA I 140 -46.92 -75.32 -62.52
C ALA I 140 -46.50 -73.88 -62.81
N PHE I 141 -47.31 -73.18 -63.60
CA PHE I 141 -47.03 -71.80 -63.93
C PHE I 141 -47.16 -70.93 -62.68
N THR I 142 -46.11 -70.19 -62.37
CA THR I 142 -46.06 -69.35 -61.19
C THR I 142 -46.07 -67.89 -61.59
N CYS I 143 -47.01 -67.13 -61.03
CA CYS I 143 -47.10 -65.70 -61.29
C CYS I 143 -47.58 -65.01 -60.02
N TYR I 144 -47.50 -63.69 -60.01
CA TYR I 144 -47.82 -62.89 -58.84
C TYR I 144 -48.89 -61.87 -59.19
N LEU I 145 -49.75 -61.58 -58.23
CA LEU I 145 -50.85 -60.65 -58.48
C LEU I 145 -50.35 -59.21 -58.48
N ASP I 146 -50.74 -58.46 -59.51
CA ASP I 146 -50.44 -57.03 -59.62
C ASP I 146 -51.76 -56.29 -59.42
N ALA I 147 -52.01 -55.85 -58.19
CA ALA I 147 -53.27 -55.18 -57.87
C ALA I 147 -53.32 -53.75 -58.38
N GLY I 148 -52.18 -53.17 -58.72
CA GLY I 148 -52.19 -51.78 -59.18
C GLY I 148 -52.42 -50.82 -58.04
N LEU I 149 -53.27 -49.81 -58.29
CA LEU I 149 -53.61 -48.82 -57.30
C LEU I 149 -54.86 -49.17 -56.51
N ALA I 150 -55.45 -50.34 -56.75
CA ALA I 150 -56.65 -50.73 -56.02
C ALA I 150 -56.33 -50.97 -54.55
N ARG I 151 -57.25 -50.52 -53.69
CA ARG I 151 -57.09 -50.72 -52.25
C ARG I 151 -57.44 -52.17 -51.93
N THR I 152 -56.45 -52.93 -51.49
CA THR I 152 -56.60 -54.37 -51.30
C THR I 152 -57.15 -54.66 -49.91
N THR I 153 -58.41 -54.27 -49.71
CA THR I 153 -59.14 -54.68 -48.53
C THR I 153 -59.89 -55.98 -48.80
N THR I 154 -60.41 -56.57 -47.73
CA THR I 154 -61.10 -57.85 -47.86
C THR I 154 -62.32 -57.72 -48.77
N GLY I 155 -62.44 -58.64 -49.72
CA GLY I 155 -63.55 -58.63 -50.65
C GLY I 155 -63.31 -57.84 -51.92
N ASN I 156 -62.07 -57.44 -52.19
CA ASN I 156 -61.76 -56.73 -53.43
C ASN I 156 -61.87 -57.67 -54.61
N LYS I 157 -62.36 -57.16 -55.73
CA LYS I 157 -62.59 -58.01 -56.91
C LYS I 157 -61.28 -58.51 -57.53
N VAL I 158 -60.16 -57.84 -57.29
CA VAL I 158 -58.89 -58.33 -57.82
C VAL I 158 -58.54 -59.67 -57.20
N PHE I 159 -58.96 -59.91 -55.96
CA PHE I 159 -58.76 -61.20 -55.34
C PHE I 159 -59.74 -62.23 -55.86
N GLY I 160 -60.91 -61.80 -56.34
CA GLY I 160 -61.80 -62.70 -57.05
C GLY I 160 -61.19 -63.21 -58.34
N ALA I 161 -60.50 -62.33 -59.06
CA ALA I 161 -59.75 -62.77 -60.24
C ALA I 161 -58.62 -63.72 -59.86
N LEU I 162 -57.94 -63.44 -58.75
CA LEU I 162 -56.89 -64.34 -58.27
C LEU I 162 -57.46 -65.71 -57.92
N LYS I 163 -58.63 -65.73 -57.27
CA LYS I 163 -59.24 -67.01 -56.90
C LYS I 163 -59.59 -67.83 -58.13
N GLY I 164 -60.09 -67.18 -59.18
CA GLY I 164 -60.39 -67.90 -60.41
C GLY I 164 -59.14 -68.47 -61.06
N ALA I 165 -58.03 -67.74 -61.00
CA ALA I 165 -56.80 -68.22 -61.62
C ALA I 165 -56.19 -69.38 -60.84
N VAL I 166 -56.16 -69.29 -59.50
CA VAL I 166 -55.59 -70.37 -58.71
C VAL I 166 -56.44 -71.63 -58.82
N ASP I 167 -57.77 -71.47 -58.91
CA ASP I 167 -58.62 -72.61 -59.19
C ASP I 167 -58.50 -73.08 -60.63
N GLY I 168 -57.96 -72.23 -61.52
CA GLY I 168 -57.74 -72.63 -62.89
C GLY I 168 -56.49 -73.44 -63.12
N GLY I 169 -55.53 -73.38 -62.19
CA GLY I 169 -54.31 -74.16 -62.32
C GLY I 169 -53.03 -73.37 -62.09
N LEU I 170 -53.11 -72.05 -62.15
CA LEU I 170 -51.96 -71.19 -61.88
C LEU I 170 -51.58 -71.18 -60.41
N SER I 171 -50.28 -71.17 -60.16
CA SER I 171 -49.72 -71.11 -58.81
C SER I 171 -49.42 -69.66 -58.48
N ILE I 172 -50.31 -69.05 -57.71
CA ILE I 172 -50.16 -67.66 -57.29
C ILE I 172 -50.08 -67.63 -55.77
N PRO I 173 -48.98 -67.16 -55.19
CA PRO I 173 -48.90 -67.08 -53.72
C PRO I 173 -49.92 -66.09 -53.19
N HIS I 174 -50.65 -66.50 -52.16
CA HIS I 174 -51.71 -65.69 -51.59
C HIS I 174 -52.11 -66.26 -50.24
N SER I 175 -53.00 -65.54 -49.56
CA SER I 175 -53.65 -66.01 -48.35
C SER I 175 -55.13 -65.71 -48.47
N THR I 176 -55.92 -66.26 -47.54
CA THR I 176 -57.35 -66.10 -47.56
C THR I 176 -57.83 -64.87 -46.79
N LYS I 177 -56.91 -64.06 -46.27
CA LYS I 177 -57.29 -62.90 -45.48
C LYS I 177 -58.07 -61.87 -46.28
N ARG I 178 -57.91 -61.86 -47.61
CA ARG I 178 -58.56 -60.86 -48.46
C ARG I 178 -59.72 -61.44 -49.27
N PHE I 179 -60.18 -62.62 -48.92
CA PHE I 179 -61.37 -63.15 -49.57
C PHE I 179 -62.63 -62.74 -48.80
N PRO I 180 -63.77 -62.65 -49.49
CA PRO I 180 -64.99 -62.16 -48.82
C PRO I 180 -65.41 -62.99 -47.61
N GLY I 181 -65.00 -64.26 -47.53
CA GLY I 181 -65.36 -65.08 -46.40
C GLY I 181 -64.56 -64.86 -45.14
N TYR I 182 -63.52 -64.04 -45.19
CA TYR I 182 -62.66 -63.84 -44.03
C TYR I 182 -63.35 -62.97 -42.99
N ASP I 183 -63.25 -63.38 -41.74
CA ASP I 183 -63.85 -62.66 -40.61
C ASP I 183 -62.75 -61.88 -39.89
N SER I 184 -62.91 -60.56 -39.83
CA SER I 184 -61.88 -59.71 -39.22
C SER I 184 -61.76 -59.97 -37.73
N GLU I 185 -62.88 -60.01 -37.02
CA GLU I 185 -62.85 -60.11 -35.56
C GLU I 185 -62.37 -61.49 -35.11
N SER I 186 -62.84 -62.54 -35.78
CA SER I 186 -62.49 -63.90 -35.36
C SER I 186 -61.24 -64.43 -36.06
N LYS I 187 -60.70 -63.70 -37.03
CA LYS I 187 -59.52 -64.15 -37.78
C LYS I 187 -59.73 -65.54 -38.38
N GLU I 188 -60.93 -65.75 -38.90
CA GLU I 188 -61.40 -67.03 -39.45
C GLU I 188 -61.99 -66.86 -40.84
N PHE I 189 -61.53 -67.69 -41.77
CA PHE I 189 -62.03 -67.72 -43.13
C PHE I 189 -63.19 -68.70 -43.22
N ASN I 190 -64.37 -68.18 -43.57
CA ASN I 190 -65.57 -69.01 -43.58
C ASN I 190 -65.55 -70.00 -44.74
N ALA I 191 -65.05 -69.58 -45.90
CA ALA I 191 -64.93 -70.37 -47.13
C ALA I 191 -66.27 -70.77 -47.73
N GLU I 192 -67.40 -70.41 -47.11
CA GLU I 192 -68.71 -70.71 -47.64
C GLU I 192 -69.44 -69.48 -48.15
N VAL I 193 -69.30 -68.35 -47.45
CA VAL I 193 -69.81 -67.10 -47.99
C VAL I 193 -68.90 -66.58 -49.10
N HIS I 194 -67.64 -67.04 -49.11
CA HIS I 194 -66.79 -66.78 -50.27
C HIS I 194 -67.29 -67.51 -51.50
N ARG I 195 -67.73 -68.76 -51.34
CA ARG I 195 -68.30 -69.50 -52.46
C ARG I 195 -69.58 -68.84 -52.95
N LYS I 196 -70.37 -68.29 -52.03
CA LYS I 196 -71.58 -67.57 -52.43
C LYS I 196 -71.24 -66.35 -53.26
N HIS I 197 -70.20 -65.61 -52.88
CA HIS I 197 -69.77 -64.46 -53.68
C HIS I 197 -69.28 -64.91 -55.05
N ILE I 198 -68.57 -66.04 -55.12
CA ILE I 198 -68.09 -66.54 -56.40
C ILE I 198 -69.26 -66.86 -57.32
N MET I 199 -70.35 -67.39 -56.75
CA MET I 199 -71.54 -67.73 -57.50
C MET I 199 -72.51 -66.56 -57.61
N GLY I 200 -72.12 -65.37 -57.15
CA GLY I 200 -72.98 -64.21 -57.23
C GLY I 200 -74.25 -64.32 -56.41
N GLN I 201 -74.19 -65.00 -55.26
CA GLN I 201 -75.37 -65.11 -54.42
C GLN I 201 -75.67 -63.81 -53.69
N ASN I 202 -74.65 -63.02 -53.38
CA ASN I 202 -74.90 -61.69 -52.82
C ASN I 202 -75.71 -60.83 -53.76
N VAL I 203 -75.40 -60.88 -55.06
CA VAL I 203 -76.22 -60.19 -56.05
C VAL I 203 -77.60 -60.82 -56.13
N ALA I 204 -77.66 -62.15 -56.12
CA ALA I 204 -78.95 -62.84 -56.23
C ALA I 204 -79.86 -62.50 -55.06
N ASP I 205 -79.31 -62.45 -53.84
CA ASP I 205 -80.11 -62.04 -52.69
C ASP I 205 -80.59 -60.59 -52.86
N TYR I 206 -79.73 -59.72 -53.39
CA TYR I 206 -80.11 -58.34 -53.59
C TYR I 206 -81.30 -58.20 -54.54
N MET I 207 -81.30 -58.99 -55.60
CA MET I 207 -82.42 -58.93 -56.56
C MET I 207 -83.72 -59.34 -55.89
N ARG I 208 -83.72 -60.47 -55.17
CA ARG I 208 -84.92 -60.89 -54.46
C ARG I 208 -85.19 -60.03 -53.23
N TYR I 209 -84.16 -59.39 -52.68
CA TYR I 209 -84.39 -58.42 -51.62
C TYR I 209 -85.17 -57.24 -52.15
N LEU I 210 -84.65 -56.57 -53.18
CA LEU I 210 -85.32 -55.41 -53.76
C LEU I 210 -86.71 -55.71 -54.27
N MET I 211 -87.00 -56.96 -54.63
CA MET I 211 -88.33 -57.31 -55.11
C MET I 211 -89.39 -57.07 -54.04
N GLU I 212 -89.06 -57.33 -52.78
CA GLU I 212 -90.05 -57.30 -51.72
C GLU I 212 -90.20 -55.94 -51.03
N GLU I 213 -89.25 -55.02 -51.18
CA GLU I 213 -89.43 -53.69 -50.58
C GLU I 213 -89.92 -52.67 -51.61
N ASP I 214 -89.23 -52.54 -52.74
CA ASP I 214 -89.59 -51.52 -53.73
C ASP I 214 -89.43 -52.11 -55.12
N GLU I 215 -90.54 -52.28 -55.84
CA GLU I 215 -90.50 -52.93 -57.14
C GLU I 215 -89.81 -52.06 -58.17
N ASP I 216 -90.16 -50.78 -58.26
CA ASP I 216 -89.57 -49.93 -59.29
C ASP I 216 -88.10 -49.66 -59.02
N ALA I 217 -87.70 -49.63 -57.75
CA ALA I 217 -86.29 -49.51 -57.42
C ALA I 217 -85.52 -50.73 -57.91
N TYR I 218 -86.13 -51.91 -57.80
CA TYR I 218 -85.53 -53.11 -58.36
C TYR I 218 -85.38 -53.00 -59.88
N LYS I 219 -86.39 -52.45 -60.54
CA LYS I 219 -86.31 -52.28 -62.00
C LYS I 219 -85.25 -51.26 -62.37
N LYS I 220 -85.10 -50.20 -61.56
CA LYS I 220 -84.03 -49.23 -61.81
C LYS I 220 -82.66 -49.87 -61.67
N GLN I 221 -82.45 -50.66 -60.62
CA GLN I 221 -81.13 -51.20 -60.34
C GLN I 221 -80.77 -52.31 -61.32
N PHE I 222 -81.66 -53.28 -61.50
CA PHE I 222 -81.38 -54.44 -62.35
C PHE I 222 -82.21 -54.38 -63.63
N SER I 223 -82.06 -53.28 -64.38
CA SER I 223 -82.84 -53.12 -65.60
C SER I 223 -82.39 -54.09 -66.68
N GLN I 224 -81.07 -54.23 -66.87
CA GLN I 224 -80.57 -55.13 -67.90
C GLN I 224 -80.65 -56.60 -67.47
N TYR I 225 -80.78 -56.86 -66.17
CA TYR I 225 -81.06 -58.22 -65.72
C TYR I 225 -82.44 -58.67 -66.17
N ILE I 226 -83.40 -57.76 -66.24
CA ILE I 226 -84.74 -58.11 -66.71
C ILE I 226 -84.68 -58.59 -68.15
N LYS I 227 -83.89 -57.91 -68.98
CA LYS I 227 -83.71 -58.36 -70.35
C LYS I 227 -83.08 -59.73 -70.38
N ASN I 228 -83.66 -60.63 -71.17
CA ASN I 228 -83.25 -62.03 -71.29
C ASN I 228 -83.44 -62.81 -69.99
N SER I 229 -84.16 -62.22 -69.03
CA SER I 229 -84.67 -62.94 -67.85
C SER I 229 -83.56 -63.65 -67.09
N VAL I 230 -82.68 -62.86 -66.47
CA VAL I 230 -81.70 -63.38 -65.53
C VAL I 230 -82.27 -63.16 -64.14
N THR I 231 -82.73 -64.24 -63.52
CA THR I 231 -83.40 -64.20 -62.24
C THR I 231 -82.50 -64.73 -61.14
N PRO I 232 -82.76 -64.38 -59.87
CA PRO I 232 -81.85 -64.79 -58.79
C PRO I 232 -81.66 -66.29 -58.68
N ASP I 233 -82.71 -67.06 -59.00
CA ASP I 233 -82.68 -68.50 -58.77
C ASP I 233 -81.81 -69.22 -59.80
N MET I 234 -81.66 -68.64 -61.00
CA MET I 234 -80.86 -69.25 -62.05
C MET I 234 -79.42 -68.76 -62.08
N MET I 235 -79.03 -67.89 -61.15
CA MET I 235 -77.71 -67.26 -61.25
C MET I 235 -76.59 -68.26 -61.00
N GLU I 236 -76.72 -69.11 -59.98
CA GLU I 236 -75.64 -70.05 -59.67
C GLU I 236 -75.44 -71.05 -60.80
N GLU I 237 -76.54 -71.57 -61.37
CA GLU I 237 -76.41 -72.49 -62.49
C GLU I 237 -75.82 -71.79 -63.71
N MET I 238 -76.16 -70.52 -63.91
CA MET I 238 -75.55 -69.75 -64.98
C MET I 238 -74.04 -69.68 -64.82
N TYR I 239 -73.57 -69.49 -63.59
CA TYR I 239 -72.14 -69.38 -63.36
C TYR I 239 -71.46 -70.75 -63.43
N LYS I 240 -72.15 -71.82 -63.04
CA LYS I 240 -71.56 -73.15 -63.19
C LYS I 240 -71.39 -73.51 -64.66
N LYS I 241 -72.42 -73.23 -65.48
CA LYS I 241 -72.30 -73.49 -66.91
C LYS I 241 -71.20 -72.63 -67.54
N ALA I 242 -71.07 -71.38 -67.07
CA ALA I 242 -70.01 -70.53 -67.56
C ALA I 242 -68.64 -71.10 -67.23
N HIS I 243 -68.46 -71.58 -66.00
CA HIS I 243 -67.19 -72.19 -65.62
C HIS I 243 -66.90 -73.43 -66.46
N ALA I 244 -67.90 -74.29 -66.64
CA ALA I 244 -67.71 -75.49 -67.44
C ALA I 244 -67.40 -75.15 -68.89
N ALA I 245 -68.08 -74.14 -69.45
CA ALA I 245 -67.80 -73.73 -70.82
C ALA I 245 -66.40 -73.13 -70.94
N ILE I 246 -65.95 -72.41 -69.91
CA ILE I 246 -64.57 -71.92 -69.89
C ILE I 246 -63.59 -73.08 -69.95
N ARG I 247 -63.85 -74.12 -69.15
CA ARG I 247 -62.95 -75.26 -69.11
C ARG I 247 -62.87 -75.95 -70.46
N GLU I 248 -64.00 -76.05 -71.15
CA GLU I 248 -64.04 -76.85 -72.37
C GLU I 248 -63.29 -76.15 -73.50
N ASN I 249 -63.57 -74.85 -73.70
CA ASN I 249 -62.97 -74.09 -74.79
C ASN I 249 -62.50 -72.74 -74.29
N PRO I 250 -61.24 -72.64 -73.84
CA PRO I 250 -60.70 -71.35 -73.41
C PRO I 250 -59.97 -70.58 -74.51
N VAL I 251 -59.84 -71.16 -75.70
CA VAL I 251 -59.08 -70.52 -76.77
C VAL I 251 -59.80 -69.27 -77.26
N TYR I 252 -59.02 -68.26 -77.63
CA TYR I 252 -59.56 -66.99 -78.09
C TYR I 252 -59.35 -66.86 -79.60
N GLU I 253 -60.42 -66.49 -80.30
CA GLU I 253 -60.39 -66.22 -81.72
C GLU I 253 -60.74 -64.75 -81.94
N LYS I 254 -60.11 -64.14 -82.93
CA LYS I 254 -60.27 -62.71 -83.18
C LYS I 254 -61.15 -62.49 -84.41
N LYS I 255 -61.98 -61.46 -84.34
CA LYS I 255 -62.81 -61.07 -85.46
C LYS I 255 -61.97 -60.34 -86.50
N PRO I 256 -61.98 -60.78 -87.76
CA PRO I 256 -61.25 -60.05 -88.80
C PRO I 256 -62.07 -58.87 -89.30
N LYS I 257 -61.37 -57.77 -89.61
CA LYS I 257 -62.04 -56.57 -90.10
C LYS I 257 -61.00 -55.69 -90.81
N LYS I 258 -61.01 -55.73 -92.14
CA LYS I 258 -60.11 -54.91 -92.95
C LYS I 258 -60.85 -54.01 -93.93
N GLU I 259 -62.18 -54.10 -93.98
CA GLU I 259 -62.96 -53.32 -94.95
C GLU I 259 -63.25 -51.92 -94.39
N VAL I 260 -62.16 -51.22 -94.08
CA VAL I 260 -62.20 -49.91 -93.46
C VAL I 260 -61.44 -48.92 -94.33
N LYS I 261 -62.01 -47.73 -94.54
CA LYS I 261 -61.39 -46.65 -95.27
C LYS I 261 -60.45 -45.87 -94.35
N LYS I 262 -59.54 -45.09 -94.97
CA LYS I 262 -58.84 -44.02 -94.25
C LYS I 262 -59.69 -42.76 -94.16
N LYS I 263 -60.57 -42.78 -93.18
CA LYS I 263 -61.23 -41.59 -92.69
C LYS I 263 -60.43 -41.05 -91.50
N ARG I 264 -60.00 -39.80 -91.60
CA ARG I 264 -59.27 -39.14 -90.52
C ARG I 264 -60.25 -38.30 -89.71
N TRP I 265 -60.24 -38.47 -88.39
CA TRP I 265 -61.16 -37.76 -87.53
C TRP I 265 -60.51 -36.65 -86.72
N ASN I 266 -59.19 -36.61 -86.65
CA ASN I 266 -58.46 -35.60 -85.89
C ASN I 266 -57.91 -34.54 -86.84
N ARG I 267 -57.96 -33.29 -86.41
CA ARG I 267 -57.40 -32.21 -87.21
C ARG I 267 -55.89 -32.37 -87.30
N PRO I 268 -55.30 -32.32 -88.49
CA PRO I 268 -53.85 -32.39 -88.61
C PRO I 268 -53.18 -31.14 -88.05
N LYS I 269 -51.91 -31.31 -87.69
CA LYS I 269 -51.13 -30.21 -87.14
C LYS I 269 -50.92 -29.15 -88.22
N MET I 270 -51.10 -27.88 -87.83
CA MET I 270 -50.89 -26.78 -88.77
C MET I 270 -49.42 -26.62 -89.13
N SER I 271 -49.16 -26.36 -90.40
CA SER I 271 -47.80 -26.19 -90.89
C SER I 271 -47.26 -24.81 -90.48
N LEU I 272 -45.95 -24.66 -90.60
CA LEU I 272 -45.31 -23.40 -90.22
C LEU I 272 -45.79 -22.25 -91.10
N ALA I 273 -45.96 -22.50 -92.39
CA ALA I 273 -46.42 -21.44 -93.30
C ALA I 273 -47.82 -20.97 -92.92
N GLN I 274 -48.71 -21.90 -92.54
CA GLN I 274 -50.05 -21.50 -92.13
C GLN I 274 -50.03 -20.68 -90.84
N LYS I 275 -49.14 -21.01 -89.91
CA LYS I 275 -49.04 -20.24 -88.67
C LYS I 275 -48.62 -18.81 -88.95
N LYS I 276 -47.64 -18.62 -89.84
CA LYS I 276 -47.18 -17.27 -90.14
C LYS I 276 -48.21 -16.51 -90.95
N ASP I 277 -48.90 -17.18 -91.87
CA ASP I 277 -49.97 -16.54 -92.61
C ASP I 277 -51.08 -16.09 -91.67
N ARG I 278 -51.40 -16.91 -90.66
CA ARG I 278 -52.43 -16.54 -89.70
C ARG I 278 -52.01 -15.31 -88.91
N VAL I 279 -50.75 -15.23 -88.50
CA VAL I 279 -50.26 -14.05 -87.79
C VAL I 279 -50.27 -12.84 -88.72
N ALA I 280 -49.87 -13.03 -89.98
CA ALA I 280 -49.86 -11.92 -90.93
C ALA I 280 -51.27 -11.38 -91.15
N GLN I 281 -52.25 -12.28 -91.32
CA GLN I 281 -53.63 -11.85 -91.51
C GLN I 281 -54.17 -11.12 -90.27
N LYS I 282 -53.88 -11.66 -89.09
CA LYS I 282 -54.38 -11.03 -87.86
C LYS I 282 -53.75 -9.66 -87.64
N LYS I 283 -52.46 -9.52 -87.99
CA LYS I 283 -51.82 -8.22 -87.92
C LYS I 283 -52.48 -7.24 -88.89
N ALA I 284 -52.73 -7.68 -90.11
CA ALA I 284 -53.32 -6.82 -91.12
C ALA I 284 -54.74 -6.41 -90.73
N SER I 285 -55.52 -7.35 -90.19
CA SER I 285 -56.89 -7.04 -89.80
C SER I 285 -56.93 -5.99 -88.69
N PHE I 286 -56.02 -6.10 -87.72
CA PHE I 286 -56.00 -5.14 -86.63
C PHE I 286 -55.68 -3.73 -87.13
N LEU I 287 -54.68 -3.62 -88.01
CA LEU I 287 -54.35 -2.31 -88.59
C LEU I 287 -55.49 -1.78 -89.44
N ARG I 288 -56.12 -2.64 -90.25
CA ARG I 288 -57.23 -2.21 -91.08
C ARG I 288 -58.41 -1.76 -90.24
N ALA I 289 -58.70 -2.46 -89.14
CA ALA I 289 -59.78 -2.05 -88.26
C ALA I 289 -59.48 -0.69 -87.63
N GLN I 290 -58.21 -0.40 -87.36
CA GLN I 290 -57.84 0.90 -86.80
C GLN I 290 -58.12 2.02 -87.79
N GLU I 291 -57.84 1.78 -89.08
CA GLU I 291 -58.08 2.82 -90.07
C GLU I 291 -59.58 3.08 -90.26
N ARG I 292 -60.44 2.12 -89.91
CA ARG I 292 -61.87 2.41 -89.85
C ARG I 292 -62.18 3.40 -88.75
N ALA I 293 -61.53 3.23 -87.60
CA ALA I 293 -61.79 4.05 -86.42
C ALA I 293 -63.25 3.98 -86.03
N LYS J 1 49.19 -66.90 -129.94
CA LYS J 1 49.11 -65.61 -129.28
C LYS J 1 48.88 -64.49 -130.30
N GLY J 2 47.86 -63.68 -130.06
CA GLY J 2 47.58 -62.54 -130.92
C GLY J 2 48.30 -61.28 -130.46
N LYS J 3 48.33 -60.31 -131.36
CA LYS J 3 48.97 -59.04 -131.04
C LYS J 3 48.11 -58.24 -130.07
N PRO J 4 48.68 -57.71 -128.99
CA PRO J 4 47.87 -56.94 -128.04
C PRO J 4 47.29 -55.69 -128.69
N HIS J 5 46.00 -55.47 -128.47
CA HIS J 5 45.31 -54.31 -128.99
C HIS J 5 45.24 -53.22 -127.93
N CYS J 6 44.90 -52.01 -128.38
CA CYS J 6 44.65 -50.92 -127.46
C CYS J 6 43.37 -51.19 -126.67
N SER J 7 43.04 -50.28 -125.74
CA SER J 7 41.99 -50.56 -124.78
C SER J 7 40.61 -50.64 -125.42
N ARG J 8 40.39 -49.93 -126.53
CA ARG J 8 39.07 -49.86 -127.18
C ARG J 8 37.95 -49.39 -126.27
N ASN J 9 38.27 -49.01 -125.05
CA ASN J 9 37.31 -48.35 -124.16
C ASN J 9 37.99 -47.09 -123.67
N PRO J 10 37.83 -45.98 -124.38
CA PRO J 10 38.44 -44.72 -123.95
C PRO J 10 37.93 -44.32 -122.58
N VAL J 11 38.84 -43.83 -121.74
CA VAL J 11 38.48 -43.36 -120.41
C VAL J 11 38.02 -41.91 -120.51
N LEU J 12 36.81 -41.65 -120.04
CA LEU J 12 36.29 -40.28 -119.96
C LEU J 12 36.44 -39.69 -118.58
N VAL J 13 36.33 -40.52 -117.54
CA VAL J 13 36.67 -40.17 -116.16
C VAL J 13 37.38 -41.37 -115.55
N ARG J 14 38.36 -41.11 -114.69
CA ARG J 14 39.12 -42.18 -114.06
C ARG J 14 38.19 -43.19 -113.40
N GLY J 15 38.36 -44.45 -113.78
CA GLY J 15 37.53 -45.53 -113.27
C GLY J 15 36.27 -45.79 -114.08
N ILE J 16 35.97 -44.97 -115.08
CA ILE J 16 34.78 -45.13 -115.89
C ILE J 16 35.18 -45.08 -117.36
N GLY J 17 34.77 -46.09 -118.13
CA GLY J 17 34.98 -46.06 -119.55
C GLY J 17 33.82 -45.40 -120.28
N ARG J 18 34.06 -45.03 -121.53
CA ARG J 18 33.02 -44.33 -122.29
C ARG J 18 31.90 -45.29 -122.70
N TYR J 19 32.24 -46.55 -122.93
CA TYR J 19 31.28 -47.51 -123.47
C TYR J 19 30.81 -48.48 -122.39
N SER J 20 29.57 -48.94 -122.56
CA SER J 20 28.93 -49.81 -121.58
C SER J 20 29.39 -51.25 -121.77
N ARG J 21 28.78 -52.16 -121.00
CA ARG J 21 29.14 -53.57 -121.10
C ARG J 21 28.75 -54.14 -122.46
N SER J 22 27.51 -53.90 -122.89
CA SER J 22 27.07 -54.41 -124.18
C SER J 22 27.80 -53.71 -125.32
N ALA J 23 28.06 -52.41 -125.19
CA ALA J 23 28.81 -51.70 -126.21
C ALA J 23 30.21 -52.26 -126.37
N MET J 24 30.86 -52.61 -125.26
CA MET J 24 32.19 -53.18 -125.32
C MET J 24 32.17 -54.64 -125.77
N TYR J 25 31.08 -55.36 -125.47
CA TYR J 25 30.95 -56.73 -125.96
C TYR J 25 30.96 -56.78 -127.48
N SER J 26 30.25 -55.84 -128.11
CA SER J 26 30.22 -55.79 -129.58
C SER J 26 31.52 -55.25 -130.15
N ARG J 27 32.10 -54.24 -129.51
CA ARG J 27 33.38 -53.70 -130.00
C ARG J 27 34.48 -54.74 -129.93
N LYS J 28 34.41 -55.65 -128.96
CA LYS J 28 35.38 -56.72 -128.83
C LYS J 28 35.04 -57.94 -129.68
N ALA J 29 33.87 -57.94 -130.33
CA ALA J 29 33.38 -59.10 -131.08
C ALA J 29 33.37 -60.35 -130.21
N MET J 30 32.92 -60.18 -128.96
CA MET J 30 32.86 -61.32 -128.05
C MET J 30 31.81 -62.33 -128.46
N TYR J 31 30.92 -61.99 -129.40
CA TYR J 31 29.92 -62.93 -129.86
C TYR J 31 30.53 -64.11 -130.62
N LYS J 32 31.67 -63.89 -131.27
CA LYS J 32 32.34 -64.94 -132.01
C LYS J 32 33.63 -65.42 -131.35
N ARG J 33 34.10 -64.74 -130.31
CA ARG J 33 35.28 -65.18 -129.57
C ARG J 33 34.87 -65.91 -128.30
N LYS J 34 34.19 -67.04 -128.49
CA LYS J 34 33.70 -67.85 -127.38
C LYS J 34 34.48 -69.16 -127.32
N TYR J 35 34.95 -69.50 -126.13
CA TYR J 35 35.84 -70.65 -125.93
C TYR J 35 35.20 -71.60 -124.93
N SER J 36 35.16 -72.88 -125.29
CA SER J 36 34.52 -73.91 -124.48
C SER J 36 35.49 -74.58 -123.52
N ALA J 37 36.48 -75.30 -124.05
CA ALA J 37 37.45 -76.02 -123.24
C ALA J 37 38.77 -76.07 -124.01
N ALA J 38 39.73 -76.81 -123.46
CA ALA J 38 41.05 -76.93 -124.08
C ALA J 38 40.98 -77.79 -125.33
N LYS J 49 58.36 -78.37 -112.72
CA LYS J 49 58.56 -77.04 -113.28
C LYS J 49 59.97 -76.56 -113.02
N VAL J 50 60.24 -76.12 -111.80
CA VAL J 50 61.57 -75.70 -111.37
C VAL J 50 62.17 -76.83 -110.56
N LEU J 51 63.18 -77.49 -111.12
CA LEU J 51 63.77 -78.68 -110.50
C LEU J 51 64.49 -78.28 -109.22
N ALA J 52 63.93 -78.68 -108.07
CA ALA J 52 64.56 -78.35 -106.80
C ALA J 52 65.82 -79.16 -106.57
N THR J 53 65.86 -80.40 -107.07
CA THR J 53 67.01 -81.28 -106.92
C THR J 53 67.66 -81.52 -108.27
N VAL J 54 68.99 -81.60 -108.27
CA VAL J 54 69.78 -81.88 -109.45
C VAL J 54 70.75 -83.01 -109.14
N THR J 55 70.78 -84.02 -110.02
CA THR J 55 71.74 -85.10 -109.90
C THR J 55 73.09 -84.69 -110.48
N LYS J 56 74.15 -85.03 -109.77
CA LYS J 56 75.49 -84.66 -110.20
C LYS J 56 76.45 -85.82 -109.97
N PRO J 57 77.34 -86.09 -110.92
CA PRO J 57 78.33 -87.16 -110.73
C PRO J 57 79.32 -86.84 -109.62
N VAL J 58 79.21 -87.55 -108.50
CA VAL J 58 80.07 -87.28 -107.36
C VAL J 58 81.51 -87.69 -107.65
N GLY J 59 81.70 -88.82 -108.32
CA GLY J 59 83.05 -89.27 -108.63
C GLY J 59 83.67 -90.04 -107.47
N GLY J 60 84.55 -90.96 -107.84
CA GLY J 60 85.21 -91.81 -106.86
C GLY J 60 84.72 -93.24 -106.99
N ASP J 61 85.66 -94.18 -106.93
CA ASP J 61 85.31 -95.59 -107.04
C ASP J 61 84.48 -96.02 -105.84
N LYS J 62 83.45 -96.83 -106.12
CA LYS J 62 82.48 -97.31 -105.14
C LYS J 62 82.00 -96.21 -104.20
N ASN J 63 81.87 -95.00 -104.74
CA ASN J 63 81.27 -93.86 -104.06
C ASN J 63 79.85 -93.59 -104.56
N GLY J 64 79.22 -94.57 -105.19
CA GLY J 64 77.93 -94.36 -105.79
C GLY J 64 78.02 -93.62 -107.11
N GLY J 65 76.99 -93.81 -107.93
CA GLY J 65 77.00 -93.20 -109.26
C GLY J 65 76.94 -91.68 -109.21
N THR J 66 75.97 -91.15 -108.47
CA THR J 66 75.74 -89.71 -108.44
C THR J 66 75.27 -89.31 -107.06
N ARG J 67 74.88 -88.04 -106.91
CA ARG J 67 74.31 -87.53 -105.67
C ARG J 67 73.12 -86.64 -106.02
N VAL J 68 71.96 -86.95 -105.47
CA VAL J 68 70.77 -86.13 -105.68
C VAL J 68 70.90 -84.91 -104.78
N VAL J 69 71.44 -83.82 -105.33
CA VAL J 69 71.68 -82.59 -104.59
C VAL J 69 70.48 -81.67 -104.77
N LYS J 70 69.88 -81.27 -103.65
CA LYS J 70 68.74 -80.37 -103.68
C LYS J 70 69.21 -78.94 -103.51
N LEU J 71 68.67 -78.05 -104.32
CA LEU J 71 68.99 -76.64 -104.17
C LEU J 71 68.16 -76.08 -103.02
N ARG J 72 68.59 -74.93 -102.49
CA ARG J 72 67.87 -74.26 -101.41
C ARG J 72 67.67 -75.22 -100.22
N LYS J 73 68.76 -75.41 -99.49
CA LYS J 73 68.74 -76.33 -98.36
C LYS J 73 67.94 -75.75 -97.20
N MET J 74 67.60 -76.62 -96.25
CA MET J 74 66.82 -76.21 -95.10
C MET J 74 67.69 -75.39 -94.15
N PRO J 75 67.08 -74.48 -93.39
CA PRO J 75 67.86 -73.63 -92.48
C PRO J 75 68.53 -74.46 -91.41
N ARG J 76 69.71 -74.00 -90.99
CA ARG J 76 70.47 -74.69 -89.96
C ARG J 76 70.34 -74.01 -88.61
N TYR J 77 69.48 -73.00 -88.50
CA TYR J 77 69.16 -72.36 -87.23
C TYR J 77 67.81 -71.70 -87.35
N TYR J 78 67.02 -71.78 -86.28
CA TYR J 78 65.74 -71.12 -86.19
C TYR J 78 65.72 -70.18 -84.99
N PRO J 79 65.21 -68.96 -85.13
CA PRO J 79 65.08 -68.08 -83.97
C PRO J 79 64.08 -68.65 -82.98
N THR J 80 64.19 -68.18 -81.73
CA THR J 80 63.26 -68.64 -80.69
C THR J 80 61.83 -68.23 -81.01
N GLU J 81 61.65 -67.17 -81.78
CA GLU J 81 60.32 -66.71 -82.16
C GLU J 81 60.40 -65.83 -83.38
N ASP J 82 59.35 -65.84 -84.19
CA ASP J 82 59.22 -65.06 -85.41
C ASP J 82 58.05 -64.10 -85.33
N VAL J 83 57.85 -63.36 -86.41
CA VAL J 83 56.81 -62.34 -86.51
C VAL J 83 55.79 -62.81 -87.55
N PRO J 84 54.50 -62.75 -87.25
CA PRO J 84 53.50 -63.16 -88.26
C PRO J 84 53.56 -62.24 -89.48
N ARG J 85 53.22 -62.81 -90.63
CA ARG J 85 53.26 -62.04 -91.87
C ARG J 85 52.13 -61.01 -91.88
N LYS J 86 52.28 -60.02 -92.75
CA LYS J 86 51.32 -58.93 -92.82
C LYS J 86 50.08 -59.33 -93.60
N LEU J 87 49.01 -58.59 -93.38
CA LEU J 87 47.83 -58.67 -94.24
C LEU J 87 48.11 -57.94 -95.55
N LEU J 88 47.30 -58.26 -96.56
CA LEU J 88 47.49 -57.69 -97.89
C LEU J 88 46.77 -56.34 -98.00
N SER J 89 47.38 -55.42 -98.74
CA SER J 89 47.00 -54.02 -98.70
C SER J 89 46.32 -53.50 -99.96
N HIS J 90 46.43 -54.20 -101.09
CA HIS J 90 45.85 -53.89 -102.40
C HIS J 90 46.16 -52.48 -102.89
N GLY J 91 47.11 -51.78 -102.29
CA GLY J 91 47.56 -50.51 -102.82
C GLY J 91 49.03 -50.30 -102.53
N LYS J 92 49.40 -49.09 -102.11
CA LYS J 92 50.73 -48.82 -101.56
C LYS J 92 51.85 -49.27 -102.50
N LYS J 93 51.91 -48.61 -103.66
CA LYS J 93 52.92 -48.93 -104.64
C LYS J 93 54.27 -48.37 -104.20
N PRO J 94 55.37 -48.94 -104.70
CA PRO J 94 56.69 -48.39 -104.38
C PRO J 94 56.90 -47.04 -105.05
N PHE J 95 57.88 -46.31 -104.53
CA PHE J 95 58.09 -44.93 -104.98
C PHE J 95 58.41 -44.85 -106.45
N SER J 96 59.11 -45.85 -107.00
CA SER J 96 59.49 -45.82 -108.41
C SER J 96 58.29 -45.96 -109.33
N GLN J 97 57.12 -46.36 -108.81
CA GLN J 97 55.92 -46.53 -109.62
C GLN J 97 54.87 -45.47 -109.32
N HIS J 98 55.16 -44.53 -108.43
CA HIS J 98 54.24 -43.43 -108.18
C HIS J 98 54.12 -42.55 -109.42
N VAL J 99 52.93 -42.00 -109.62
CA VAL J 99 52.74 -41.01 -110.68
C VAL J 99 53.39 -39.70 -110.24
N ARG J 100 53.97 -38.99 -111.19
CA ARG J 100 54.71 -37.77 -110.90
C ARG J 100 53.86 -36.57 -111.32
N LYS J 101 53.56 -35.71 -110.36
CA LYS J 101 52.73 -34.54 -110.59
C LYS J 101 53.59 -33.27 -110.60
N LEU J 102 53.38 -32.43 -111.60
CA LEU J 102 54.11 -31.19 -111.77
C LEU J 102 53.13 -30.04 -111.82
N ARG J 103 53.42 -28.96 -111.08
CA ARG J 103 52.52 -27.82 -111.06
C ARG J 103 52.41 -27.20 -112.45
N ALA J 104 51.20 -26.73 -112.77
CA ALA J 104 50.93 -26.15 -114.08
C ALA J 104 51.73 -24.88 -114.34
N SER J 105 52.21 -24.21 -113.28
CA SER J 105 53.00 -23.01 -113.45
C SER J 105 54.46 -23.29 -113.79
N ILE J 106 54.88 -24.55 -113.75
CA ILE J 106 56.26 -24.93 -114.07
C ILE J 106 56.24 -25.62 -115.43
N THR J 107 56.85 -24.98 -116.42
CA THR J 107 57.01 -25.51 -117.76
C THR J 107 58.45 -25.27 -118.21
N PRO J 108 58.97 -26.07 -119.14
CA PRO J 108 60.37 -25.92 -119.54
C PRO J 108 60.67 -24.50 -120.01
N GLY J 109 61.76 -23.94 -119.49
CA GLY J 109 62.14 -22.57 -119.74
C GLY J 109 61.66 -21.58 -118.70
N THR J 110 60.87 -22.01 -117.73
CA THR J 110 60.39 -21.11 -116.69
C THR J 110 61.50 -20.77 -115.71
N ILE J 111 61.56 -19.51 -115.32
CA ILE J 111 62.51 -19.07 -114.30
C ILE J 111 61.93 -19.40 -112.93
N LEU J 112 62.71 -20.13 -112.13
CA LEU J 112 62.31 -20.52 -110.79
C LEU J 112 63.19 -19.82 -109.76
N ILE J 113 62.69 -19.76 -108.54
CA ILE J 113 63.42 -19.20 -107.42
C ILE J 113 63.65 -20.31 -106.41
N ILE J 114 64.93 -20.58 -106.12
CA ILE J 114 65.27 -21.61 -105.15
C ILE J 114 65.02 -21.09 -103.75
N LEU J 115 64.36 -21.89 -102.92
CA LEU J 115 63.99 -21.47 -101.57
C LEU J 115 64.84 -22.07 -100.47
N THR J 116 65.54 -23.18 -100.74
CA THR J 116 66.34 -23.84 -99.73
C THR J 116 67.70 -24.22 -100.33
N GLY J 117 68.62 -24.65 -99.47
CA GLY J 117 69.94 -25.05 -99.91
C GLY J 117 70.90 -23.89 -99.98
N ARG J 118 72.13 -24.22 -100.37
CA ARG J 118 73.18 -23.20 -100.50
C ARG J 118 72.88 -22.20 -101.61
N HIS J 119 72.03 -22.56 -102.56
CA HIS J 119 71.59 -21.65 -103.62
C HIS J 119 70.28 -20.96 -103.25
N ARG J 120 70.14 -20.60 -101.99
CA ARG J 120 68.91 -20.00 -101.47
C ARG J 120 68.65 -18.67 -102.14
N GLY J 121 67.43 -18.50 -102.67
CA GLY J 121 67.03 -17.24 -103.25
C GLY J 121 67.55 -16.95 -104.64
N LYS J 122 68.28 -17.88 -105.26
CA LYS J 122 68.76 -17.64 -106.60
C LYS J 122 67.66 -17.94 -107.62
N ARG J 123 67.81 -17.36 -108.81
CA ARG J 123 66.86 -17.53 -109.90
C ARG J 123 67.49 -18.40 -110.98
N VAL J 124 66.84 -19.52 -111.27
CA VAL J 124 67.39 -20.54 -112.16
C VAL J 124 66.37 -20.85 -113.25
N VAL J 125 66.82 -21.56 -114.28
CA VAL J 125 65.98 -21.96 -115.41
C VAL J 125 65.58 -23.43 -115.24
N PHE J 126 64.33 -23.74 -115.56
CA PHE J 126 63.81 -25.09 -115.47
C PHE J 126 63.91 -25.77 -116.82
N LEU J 127 64.45 -26.98 -116.84
CA LEU J 127 64.69 -27.71 -118.08
C LEU J 127 63.71 -28.86 -118.27
N LYS J 128 63.62 -29.76 -117.31
CA LYS J 128 62.76 -30.93 -117.42
C LYS J 128 62.49 -31.45 -116.01
N GLN J 129 61.40 -32.19 -115.89
CA GLN J 129 61.15 -32.99 -114.69
C GLN J 129 61.77 -34.36 -114.90
N LEU J 130 62.49 -34.83 -113.89
CA LEU J 130 63.15 -36.12 -113.98
C LEU J 130 62.19 -37.23 -113.54
N ALA J 131 62.64 -38.48 -113.73
CA ALA J 131 61.76 -39.63 -113.53
C ALA J 131 61.25 -39.74 -112.10
N SER J 132 61.96 -39.17 -111.12
CA SER J 132 61.54 -39.20 -109.73
C SER J 132 60.67 -38.00 -109.36
N GLY J 133 60.35 -37.13 -110.31
CA GLY J 133 59.62 -35.91 -110.04
C GLY J 133 60.49 -34.74 -109.68
N LEU J 134 61.77 -34.96 -109.41
CA LEU J 134 62.68 -33.85 -109.15
C LEU J 134 62.90 -33.05 -110.42
N LEU J 135 62.94 -31.73 -110.28
CA LEU J 135 63.16 -30.85 -111.40
C LEU J 135 64.65 -30.72 -111.68
N LEU J 136 64.99 -30.72 -112.97
CA LEU J 136 66.36 -30.42 -113.39
C LEU J 136 66.45 -28.94 -113.74
N VAL J 137 67.32 -28.24 -113.04
CA VAL J 137 67.46 -26.80 -113.22
C VAL J 137 68.90 -26.46 -113.56
N THR J 138 69.06 -25.42 -114.38
CA THR J 138 70.35 -24.78 -114.54
C THR J 138 70.12 -23.29 -114.50
N GLY J 139 70.72 -22.63 -113.53
CA GLY J 139 70.94 -21.21 -113.64
C GLY J 139 72.28 -21.11 -114.31
N PRO J 140 72.31 -20.61 -115.56
CA PRO J 140 73.56 -20.66 -116.34
C PRO J 140 74.75 -20.38 -115.46
N LEU J 141 75.62 -21.38 -115.31
CA LEU J 141 76.61 -21.36 -114.23
C LEU J 141 77.43 -20.08 -114.29
N VAL J 142 77.60 -19.52 -115.49
CA VAL J 142 78.27 -18.24 -115.63
C VAL J 142 77.46 -17.13 -114.95
N LEU J 143 76.13 -17.25 -114.95
CA LEU J 143 75.30 -16.14 -114.49
C LEU J 143 75.16 -16.13 -112.97
N ASN J 144 74.90 -17.29 -112.35
CA ASN J 144 74.68 -17.32 -110.91
C ASN J 144 75.29 -18.52 -110.20
N ARG J 145 76.24 -19.21 -110.82
CA ARG J 145 77.00 -20.29 -110.17
C ARG J 145 76.10 -21.44 -109.71
N VAL J 146 75.03 -21.71 -110.42
CA VAL J 146 74.17 -22.87 -110.15
C VAL J 146 74.39 -23.89 -111.26
N PRO J 147 74.97 -25.04 -110.98
CA PRO J 147 75.23 -26.01 -112.06
C PRO J 147 73.95 -26.70 -112.51
N LEU J 148 74.08 -27.65 -113.43
CA LEU J 148 72.98 -28.57 -113.69
C LEU J 148 72.71 -29.35 -112.41
N ARG J 149 71.55 -29.11 -111.80
CA ARG J 149 71.30 -29.61 -110.46
C ARG J 149 69.83 -30.00 -110.36
N ARG J 150 69.57 -30.98 -109.50
CA ARG J 150 68.19 -31.36 -109.22
C ARG J 150 67.60 -30.43 -108.16
N THR J 151 66.28 -30.29 -108.18
CA THR J 151 65.60 -29.54 -107.15
C THR J 151 64.18 -30.07 -107.02
N HIS J 152 63.54 -29.71 -105.91
CA HIS J 152 62.20 -30.19 -105.62
C HIS J 152 61.19 -29.09 -105.90
N GLN J 153 60.14 -29.42 -106.65
CA GLN J 153 59.13 -28.43 -107.02
C GLN J 153 58.42 -27.85 -105.81
N LYS J 154 58.38 -28.58 -104.70
CA LYS J 154 57.75 -28.08 -103.49
C LYS J 154 58.57 -27.01 -102.78
N PHE J 155 59.82 -26.79 -103.20
CA PHE J 155 60.71 -25.81 -102.58
C PHE J 155 61.20 -24.78 -103.58
N VAL J 156 60.40 -24.50 -104.62
CA VAL J 156 60.72 -23.48 -105.59
C VAL J 156 59.49 -22.62 -105.82
N ILE J 157 59.73 -21.41 -106.32
CA ILE J 157 58.66 -20.50 -106.71
C ILE J 157 58.75 -20.34 -108.23
N ALA J 158 57.65 -20.66 -108.91
CA ALA J 158 57.59 -20.56 -110.36
C ALA J 158 57.17 -19.15 -110.75
N THR J 159 58.10 -18.38 -111.28
CA THR J 159 57.79 -17.04 -111.74
C THR J 159 57.10 -17.10 -113.11
N SER J 160 56.45 -16.00 -113.48
CA SER J 160 55.73 -15.94 -114.74
C SER J 160 56.65 -15.71 -115.93
N THR J 161 57.90 -15.28 -115.71
CA THR J 161 58.81 -15.04 -116.82
C THR J 161 59.36 -16.37 -117.34
N LYS J 162 59.31 -16.55 -118.66
CA LYS J 162 59.67 -17.79 -119.31
C LYS J 162 60.52 -17.50 -120.54
N ILE J 163 61.43 -18.43 -120.85
CA ILE J 163 62.16 -18.40 -122.10
C ILE J 163 61.82 -19.67 -122.87
N ASP J 164 61.85 -19.58 -124.19
CA ASP J 164 61.53 -20.71 -125.05
C ASP J 164 62.77 -21.60 -125.14
N ILE J 165 62.80 -22.68 -124.38
CA ILE J 165 63.89 -23.65 -124.48
C ILE J 165 63.47 -24.87 -125.31
N SER J 166 62.45 -24.74 -126.14
CA SER J 166 62.19 -25.80 -127.09
C SER J 166 63.33 -25.88 -128.09
N ASN J 167 63.40 -27.02 -128.79
CA ASN J 167 64.46 -27.32 -129.75
C ASN J 167 65.87 -27.12 -129.18
N VAL J 168 66.02 -27.24 -127.86
CA VAL J 168 67.34 -27.41 -127.27
C VAL J 168 67.42 -28.86 -126.83
N LYS J 169 68.63 -29.39 -126.77
CA LYS J 169 68.84 -30.81 -126.51
C LYS J 169 69.43 -30.97 -125.11
N ILE J 170 68.61 -31.38 -124.16
CA ILE J 170 69.07 -31.79 -122.84
C ILE J 170 69.61 -33.21 -122.97
N PRO J 171 70.89 -33.45 -122.66
CA PRO J 171 71.47 -34.79 -122.93
C PRO J 171 70.73 -35.93 -122.25
N LYS J 172 70.69 -37.07 -122.94
CA LYS J 172 69.84 -38.19 -122.58
C LYS J 172 70.26 -38.82 -121.25
N HIS J 173 71.56 -38.85 -120.98
CA HIS J 173 72.09 -39.47 -119.76
C HIS J 173 71.86 -38.62 -118.52
N LEU J 174 71.28 -37.43 -118.66
CA LEU J 174 70.99 -36.57 -117.51
C LEU J 174 69.74 -37.10 -116.81
N THR J 175 69.95 -38.14 -116.01
CA THR J 175 68.88 -38.83 -115.30
C THR J 175 69.10 -38.73 -113.80
N ASP J 176 68.19 -39.34 -113.03
CA ASP J 176 68.33 -39.34 -111.58
C ASP J 176 69.58 -40.09 -111.14
N ALA J 177 69.89 -41.21 -111.81
CA ALA J 177 71.10 -41.95 -111.49
C ALA J 177 72.35 -41.12 -111.76
N TYR J 178 72.30 -40.24 -112.75
CA TYR J 178 73.42 -39.35 -113.03
C TYR J 178 73.68 -38.40 -111.87
N PHE J 179 72.63 -37.85 -111.28
CA PHE J 179 72.76 -36.82 -110.25
C PHE J 179 72.78 -37.39 -108.84
N LYS J 180 72.61 -38.69 -108.67
CA LYS J 180 72.56 -39.26 -107.34
C LYS J 180 73.93 -39.20 -106.67
N LYS J 181 73.93 -38.92 -105.37
CA LYS J 181 75.19 -38.71 -104.65
C LYS J 181 75.99 -40.01 -104.55
N LYS J 182 77.29 -39.84 -104.37
CA LYS J 182 78.22 -40.95 -104.20
C LYS J 182 78.96 -40.81 -102.88
N LYS J 183 79.42 -41.94 -102.35
CA LYS J 183 80.07 -41.98 -101.06
C LYS J 183 81.26 -42.95 -101.10
N LEU J 184 82.15 -42.77 -100.12
CA LEU J 184 83.31 -43.63 -99.96
C LEU J 184 83.19 -44.53 -98.73
N ARG J 185 83.11 -43.92 -97.55
CA ARG J 185 83.14 -44.66 -96.30
C ARG J 185 81.92 -45.56 -96.13
N LYS J 186 82.10 -46.66 -95.40
CA LYS J 186 83.34 -47.04 -94.72
C LYS J 186 83.69 -48.52 -94.92
N PRO J 187 84.21 -48.87 -96.10
CA PRO J 187 84.65 -50.24 -96.33
C PRO J 187 86.01 -50.49 -95.68
N ARG J 188 86.41 -51.76 -95.71
CA ARG J 188 87.69 -52.31 -95.25
C ARG J 188 88.15 -51.67 -93.94
N HIS J 189 87.21 -51.21 -93.12
CA HIS J 189 87.54 -50.37 -91.97
C HIS J 189 86.34 -50.39 -91.03
N GLN J 190 86.55 -50.87 -89.81
CA GLN J 190 85.48 -51.01 -88.82
C GLN J 190 85.70 -50.11 -87.61
N GLU J 191 86.87 -50.20 -86.97
CA GLU J 191 87.15 -49.41 -85.78
C GLU J 191 87.76 -48.08 -86.20
N GLY J 192 87.11 -46.98 -85.82
CA GLY J 192 87.53 -45.66 -86.22
C GLY J 192 88.58 -45.04 -85.30
N GLU J 193 89.86 -45.22 -85.65
CA GLU J 193 90.95 -44.56 -84.97
C GLU J 193 91.76 -43.66 -85.89
N ILE J 194 91.94 -44.04 -87.14
CA ILE J 194 92.51 -43.18 -88.18
C ILE J 194 91.36 -42.64 -89.00
N PHE J 195 91.31 -41.31 -89.14
CA PHE J 195 90.18 -40.67 -89.81
C PHE J 195 90.10 -41.11 -91.26
N ASP J 196 88.88 -41.42 -91.70
CA ASP J 196 88.59 -41.69 -93.10
C ASP J 196 87.98 -40.47 -93.79
N THR J 197 88.25 -39.27 -93.25
CA THR J 197 87.74 -37.99 -93.75
C THR J 197 88.37 -37.59 -95.06
N GLU J 198 89.14 -38.46 -95.68
CA GLU J 198 89.68 -38.19 -97.01
C GLU J 198 88.57 -38.27 -98.04
N LYS J 199 88.84 -37.71 -99.22
CA LYS J 199 87.94 -37.64 -100.36
C LYS J 199 86.85 -36.59 -100.15
N GLU J 200 86.60 -36.17 -98.90
CA GLU J 200 85.50 -35.23 -98.63
C GLU J 200 85.42 -34.10 -99.63
N LYS J 201 86.55 -33.64 -100.15
CA LYS J 201 86.50 -32.70 -101.24
C LYS J 201 85.83 -33.37 -102.44
N TYR J 202 84.53 -33.14 -102.60
CA TYR J 202 83.82 -33.64 -103.76
C TYR J 202 84.41 -33.03 -105.03
N GLU J 203 84.73 -33.88 -106.00
CA GLU J 203 85.37 -33.43 -107.23
C GLU J 203 84.35 -33.33 -108.35
N ILE J 204 84.39 -32.23 -109.08
CA ILE J 204 83.53 -32.05 -110.24
C ILE J 204 84.08 -32.92 -111.37
N THR J 205 83.30 -33.92 -111.76
CA THR J 205 83.72 -34.83 -112.82
C THR J 205 83.83 -34.07 -114.13
N GLU J 206 84.83 -34.43 -114.94
CA GLU J 206 85.00 -33.79 -116.23
C GLU J 206 83.79 -34.00 -117.12
N GLN J 207 83.06 -35.10 -116.91
CA GLN J 207 81.81 -35.31 -117.62
C GLN J 207 80.77 -34.26 -117.24
N ARG J 208 80.71 -33.90 -115.95
CA ARG J 208 79.76 -32.88 -115.51
C ARG J 208 80.08 -31.53 -116.13
N LYS J 209 81.36 -31.20 -116.25
CA LYS J 209 81.75 -29.94 -116.89
C LYS J 209 81.38 -29.95 -118.36
N ILE J 210 81.55 -31.08 -119.03
CA ILE J 210 81.18 -31.17 -120.44
C ILE J 210 79.68 -30.98 -120.61
N ASP J 211 78.87 -31.63 -119.78
CA ASP J 211 77.43 -31.50 -119.88
C ASP J 211 76.97 -30.09 -119.55
N GLN J 212 77.55 -29.47 -118.52
CA GLN J 212 77.21 -28.10 -118.19
C GLN J 212 77.51 -27.17 -119.34
N LYS J 213 78.63 -27.39 -120.02
CA LYS J 213 79.02 -26.54 -121.14
C LYS J 213 78.06 -26.73 -122.30
N ALA J 214 77.55 -27.95 -122.48
CA ALA J 214 76.69 -28.26 -123.61
C ALA J 214 75.31 -27.60 -123.47
N VAL J 215 74.72 -27.68 -122.28
CA VAL J 215 73.39 -27.10 -122.08
C VAL J 215 73.47 -25.58 -122.09
N ASP J 216 74.49 -25.02 -121.41
CA ASP J 216 74.58 -23.56 -121.31
C ASP J 216 74.87 -22.92 -122.67
N SER J 217 75.65 -23.59 -123.51
CA SER J 217 76.01 -23.03 -124.81
C SER J 217 74.79 -22.74 -125.68
N GLN J 218 73.66 -23.39 -125.39
CA GLN J 218 72.43 -23.26 -126.13
C GLN J 218 71.27 -22.67 -125.35
N ILE J 219 71.46 -22.37 -124.06
CA ILE J 219 70.42 -21.69 -123.27
C ILE J 219 70.82 -20.22 -123.08
N LEU J 220 72.12 -19.99 -122.87
CA LEU J 220 72.62 -18.63 -122.67
C LEU J 220 72.28 -17.72 -123.85
N PRO J 221 72.45 -18.15 -125.11
CA PRO J 221 72.05 -17.26 -126.22
C PRO J 221 70.59 -16.83 -126.17
N LYS J 222 69.69 -17.72 -125.74
CA LYS J 222 68.29 -17.34 -125.67
C LYS J 222 68.01 -16.43 -124.49
N ILE J 223 68.81 -16.52 -123.43
CA ILE J 223 68.69 -15.58 -122.32
C ILE J 223 69.14 -14.19 -122.74
N LYS J 224 70.22 -14.11 -123.51
CA LYS J 224 70.71 -12.84 -124.02
C LYS J 224 69.76 -12.20 -125.03
N ALA J 225 68.78 -12.96 -125.55
CA ALA J 225 67.93 -12.43 -126.60
C ALA J 225 67.09 -11.25 -126.11
N ILE J 226 66.35 -11.45 -125.03
CA ILE J 226 65.50 -10.40 -124.47
C ILE J 226 66.27 -9.59 -123.45
N PRO J 227 65.97 -8.30 -123.29
CA PRO J 227 66.85 -7.42 -122.51
C PRO J 227 66.91 -7.76 -121.03
N GLN J 228 68.07 -7.50 -120.44
CA GLN J 228 68.37 -7.59 -119.01
C GLN J 228 67.66 -8.76 -118.32
N LEU J 229 67.75 -9.93 -118.93
CA LEU J 229 67.39 -11.15 -118.23
C LEU J 229 68.58 -11.77 -117.50
N GLN J 230 69.78 -11.65 -118.08
CA GLN J 230 70.97 -12.14 -117.40
C GLN J 230 71.19 -11.42 -116.08
N GLY J 231 70.96 -10.10 -116.06
CA GLY J 231 71.01 -9.38 -114.80
C GLY J 231 69.96 -9.84 -113.82
N TYR J 232 68.78 -10.19 -114.32
CA TYR J 232 67.73 -10.74 -113.47
C TYR J 232 68.14 -12.08 -112.88
N LEU J 233 68.69 -12.97 -113.71
CA LEU J 233 69.16 -14.26 -113.22
C LEU J 233 70.37 -14.09 -112.31
N ARG J 234 71.05 -12.97 -112.44
CA ARG J 234 72.30 -12.77 -111.70
C ARG J 234 72.03 -12.29 -110.29
N SER J 235 70.90 -11.62 -110.07
CA SER J 235 70.51 -11.19 -108.73
C SER J 235 69.82 -12.32 -107.98
N VAL J 236 69.66 -12.13 -106.68
CA VAL J 236 68.98 -13.10 -105.83
C VAL J 236 67.66 -12.49 -105.39
N PHE J 237 66.74 -13.35 -104.99
CA PHE J 237 65.43 -12.92 -104.51
C PHE J 237 65.48 -12.68 -103.01
N ALA J 238 64.79 -11.63 -102.56
CA ALA J 238 64.78 -11.26 -101.16
C ALA J 238 63.46 -10.62 -100.82
N LEU J 239 63.12 -10.63 -99.53
CA LEU J 239 61.92 -9.98 -99.02
C LEU J 239 62.31 -8.66 -98.36
N THR J 240 61.69 -7.58 -98.84
CA THR J 240 61.89 -6.24 -98.31
C THR J 240 60.75 -5.89 -97.37
N ASN J 241 61.04 -5.08 -96.36
CA ASN J 241 60.07 -4.81 -95.30
C ASN J 241 58.77 -4.19 -95.81
N GLY J 242 58.74 -3.70 -97.04
CA GLY J 242 57.50 -3.16 -97.59
C GLY J 242 56.57 -4.21 -98.15
N ILE J 243 57.11 -5.14 -98.92
CA ILE J 243 56.32 -6.08 -99.69
C ILE J 243 56.03 -7.34 -98.87
N TYR J 244 54.98 -8.06 -99.27
CA TYR J 244 54.56 -9.30 -98.66
C TYR J 244 54.29 -10.35 -99.73
N PRO J 245 54.66 -11.61 -99.47
CA PRO J 245 54.58 -12.64 -100.53
C PRO J 245 53.18 -12.87 -101.06
N HIS J 246 52.14 -12.74 -100.22
CA HIS J 246 50.78 -13.00 -100.70
C HIS J 246 50.28 -11.91 -101.64
N LYS J 247 50.85 -10.70 -101.56
CA LYS J 247 50.50 -9.62 -102.47
C LYS J 247 51.33 -9.62 -103.75
N LEU J 248 52.37 -10.45 -103.82
CA LEU J 248 53.27 -10.44 -104.97
C LEU J 248 52.75 -11.33 -106.07
N VAL J 249 52.85 -10.83 -107.31
CA VAL J 249 52.61 -11.63 -108.50
C VAL J 249 53.96 -12.10 -109.01
N PHE J 250 54.12 -13.40 -109.14
CA PHE J 250 55.40 -13.96 -109.57
C PHE J 250 55.34 -14.32 -111.04
N ASN K 1 39.74 -90.88 -106.88
CA ASN K 1 38.67 -90.04 -106.36
C ASN K 1 39.12 -88.58 -106.26
N PHE K 2 40.44 -88.36 -106.34
CA PHE K 2 40.96 -87.01 -106.26
C PHE K 2 40.46 -86.15 -107.40
N ALA K 3 40.43 -86.70 -108.62
CA ALA K 3 39.90 -85.96 -109.75
C ALA K 3 38.40 -85.72 -109.60
N GLU K 4 37.66 -86.72 -109.15
CA GLU K 4 36.21 -86.58 -109.00
C GLU K 4 35.87 -85.51 -107.97
N LEU K 5 36.59 -85.49 -106.84
CA LEU K 5 36.31 -84.48 -105.82
C LEU K 5 36.74 -83.10 -106.28
N LYS K 6 37.84 -83.02 -107.05
CA LYS K 6 38.27 -81.73 -107.59
C LYS K 6 37.24 -81.17 -108.56
N ILE K 7 36.69 -82.03 -109.42
CA ILE K 7 35.62 -81.59 -110.33
C ILE K 7 34.39 -81.18 -109.52
N LYS K 8 34.04 -81.96 -108.50
CA LYS K 8 32.89 -81.64 -107.68
C LYS K 8 33.06 -80.26 -107.03
N ARG K 9 34.28 -79.93 -106.60
CA ARG K 9 34.51 -78.63 -106.00
C ARG K 9 34.46 -77.52 -107.05
N LEU K 10 34.92 -77.80 -108.27
CA LEU K 10 34.83 -76.80 -109.32
C LEU K 10 33.38 -76.56 -109.75
N ARG K 11 32.57 -77.61 -109.78
CA ARG K 11 31.17 -77.46 -110.14
C ARG K 11 30.45 -76.56 -109.14
N LYS K 12 30.69 -76.78 -107.85
CA LYS K 12 30.04 -75.96 -106.83
C LYS K 12 30.49 -74.51 -106.91
N LYS K 13 31.79 -74.29 -107.10
CA LYS K 13 32.29 -72.91 -107.19
C LYS K 13 31.70 -72.18 -108.39
N PHE K 14 31.60 -72.86 -109.52
CA PHE K 14 30.99 -72.25 -110.71
C PHE K 14 29.52 -71.92 -110.46
N ALA K 15 28.79 -72.84 -109.81
CA ALA K 15 27.39 -72.59 -109.52
C ALA K 15 27.23 -71.40 -108.58
N GLN K 16 28.09 -71.30 -107.56
CA GLN K 16 28.06 -70.14 -106.67
C GLN K 16 28.39 -68.87 -107.43
N LYS K 17 29.34 -68.94 -108.37
CA LYS K 17 29.69 -67.78 -109.17
C LYS K 17 28.53 -67.34 -110.04
N MET K 18 27.83 -68.29 -110.66
CA MET K 18 26.67 -67.93 -111.47
C MET K 18 25.56 -67.35 -110.63
N LEU K 19 25.46 -67.78 -109.37
CA LEU K 19 24.40 -67.26 -108.50
C LEU K 19 24.63 -65.80 -108.13
N ARG K 20 25.87 -65.43 -107.78
CA ARG K 20 26.16 -64.02 -107.58
C ARG K 20 25.95 -63.23 -108.85
N LYS K 21 26.36 -63.79 -109.98
CA LYS K 21 26.24 -63.08 -111.24
C LYS K 21 24.78 -62.80 -111.56
N ALA K 22 23.90 -63.77 -111.31
CA ALA K 22 22.47 -63.53 -111.48
C ALA K 22 21.95 -62.55 -110.43
N ARG K 23 22.41 -62.67 -109.19
CA ARG K 23 21.97 -61.74 -108.15
C ARG K 23 22.44 -60.33 -108.45
N ARG K 24 23.67 -60.17 -108.95
CA ARG K 24 24.17 -58.84 -109.29
C ARG K 24 23.37 -58.22 -110.43
N LYS K 25 23.00 -59.03 -111.42
CA LYS K 25 22.20 -58.51 -112.52
C LYS K 25 20.82 -58.07 -112.05
N LEU K 26 20.24 -58.80 -111.10
CA LEU K 26 18.95 -58.39 -110.53
C LEU K 26 19.08 -57.07 -109.80
N ILE K 27 20.15 -56.90 -109.01
CA ILE K 27 20.37 -55.65 -108.29
C ILE K 27 20.56 -54.50 -109.26
N TYR K 28 21.30 -54.73 -110.34
CA TYR K 28 21.51 -53.69 -111.34
C TYR K 28 20.20 -53.25 -111.97
N GLU K 29 19.34 -54.20 -112.36
CA GLU K 29 18.13 -53.84 -113.09
C GLU K 29 17.10 -53.20 -112.18
N LYS K 30 17.01 -53.65 -110.93
CA LYS K 30 16.06 -53.05 -110.01
C LYS K 30 16.41 -51.59 -109.72
N ALA K 31 17.70 -51.29 -109.61
CA ALA K 31 18.12 -49.90 -109.48
C ALA K 31 17.76 -49.08 -110.72
N LYS K 32 17.91 -49.69 -111.90
CA LYS K 32 17.47 -49.03 -113.12
C LYS K 32 15.96 -48.77 -113.10
N HIS K 33 15.19 -49.75 -112.64
CA HIS K 33 13.74 -49.58 -112.57
C HIS K 33 13.34 -48.51 -111.57
N TYR K 34 14.03 -48.44 -110.44
CA TYR K 34 13.74 -47.42 -109.44
C TYR K 34 14.02 -46.02 -109.99
N HIS K 35 15.10 -45.90 -110.76
CA HIS K 35 15.41 -44.61 -111.39
C HIS K 35 14.29 -44.18 -112.33
N LYS K 36 13.74 -45.13 -113.09
CA LYS K 36 12.60 -44.82 -113.94
C LYS K 36 11.39 -44.40 -113.12
N GLU K 37 11.15 -45.08 -111.99
CA GLU K 37 10.02 -44.74 -111.15
C GLU K 37 10.20 -43.38 -110.48
N TYR K 38 11.43 -43.05 -110.07
CA TYR K 38 11.67 -41.81 -109.34
C TYR K 38 11.37 -40.58 -110.19
N ARG K 39 11.86 -40.56 -111.44
CA ARG K 39 11.53 -39.42 -112.29
C ARG K 39 10.07 -39.41 -112.70
N GLN K 40 9.43 -40.56 -112.76
CA GLN K 40 8.01 -40.58 -113.11
C GLN K 40 7.18 -39.82 -112.07
N MET K 41 7.47 -40.04 -110.78
CA MET K 41 6.77 -39.30 -109.75
C MET K 41 7.17 -37.84 -109.72
N TYR K 42 8.46 -37.54 -109.95
CA TYR K 42 8.90 -36.15 -109.98
C TYR K 42 8.25 -35.39 -111.12
N ARG K 43 8.19 -36.00 -112.32
CA ARG K 43 7.57 -35.31 -113.45
C ARG K 43 6.05 -35.25 -113.31
N THR K 44 5.45 -36.26 -112.68
CA THR K 44 3.99 -36.28 -112.54
C THR K 44 3.50 -35.13 -111.70
N GLU K 45 4.18 -34.85 -110.57
CA GLU K 45 3.77 -33.74 -109.72
C GLU K 45 3.87 -32.42 -110.46
N ILE K 46 4.92 -32.25 -111.26
CA ILE K 46 5.05 -31.04 -112.07
C ILE K 46 3.91 -30.97 -113.08
N ARG K 47 3.62 -32.08 -113.76
CA ARG K 47 2.58 -32.09 -114.78
C ARG K 47 1.20 -31.92 -114.17
N MET K 48 0.96 -32.52 -113.00
CA MET K 48 -0.34 -32.39 -112.34
C MET K 48 -0.63 -30.93 -112.00
N ALA K 49 0.31 -30.26 -111.33
CA ALA K 49 0.12 -28.86 -111.01
C ALA K 49 0.14 -27.99 -112.26
N ARG K 50 0.78 -28.47 -113.33
CA ARG K 50 0.91 -27.66 -114.53
C ARG K 50 -0.42 -27.59 -115.28
N MET K 51 -1.22 -28.67 -115.20
CA MET K 51 -2.50 -28.73 -115.89
C MET K 51 -3.62 -28.06 -115.10
N ALA K 52 -3.52 -28.04 -113.77
CA ALA K 52 -4.49 -27.28 -112.98
C ALA K 52 -4.39 -25.80 -113.28
N ARG K 53 -3.17 -25.29 -113.45
CA ARG K 53 -2.98 -23.88 -113.73
C ARG K 53 -3.52 -23.51 -115.11
N LYS K 54 -3.46 -24.44 -116.06
CA LYS K 54 -4.05 -24.22 -117.37
C LYS K 54 -5.57 -24.00 -117.25
N ALA K 55 -6.22 -24.76 -116.38
CA ALA K 55 -7.65 -24.65 -116.17
C ALA K 55 -8.03 -23.52 -115.23
N GLY K 56 -7.05 -22.83 -114.64
CA GLY K 56 -7.34 -21.83 -113.65
C GLY K 56 -7.63 -22.37 -112.27
N ASN K 57 -7.35 -23.65 -112.02
CA ASN K 57 -7.61 -24.32 -110.76
C ASN K 57 -6.30 -24.53 -110.01
N PHE K 58 -6.40 -25.25 -108.89
CA PHE K 58 -5.24 -25.51 -108.03
C PHE K 58 -5.07 -27.01 -107.85
N TYR K 59 -3.84 -27.49 -107.99
CA TYR K 59 -3.49 -28.86 -107.65
C TYR K 59 -2.87 -28.86 -106.27
N VAL K 60 -3.50 -29.54 -105.33
CA VAL K 60 -3.00 -29.66 -103.97
C VAL K 60 -2.25 -30.99 -103.87
N PRO K 61 -0.94 -30.98 -103.69
CA PRO K 61 -0.19 -32.23 -103.66
C PRO K 61 -0.57 -33.07 -102.44
N ALA K 62 -0.35 -34.38 -102.56
CA ALA K 62 -0.59 -35.28 -101.45
C ALA K 62 0.26 -34.86 -100.26
N GLU K 63 -0.32 -34.93 -99.07
CA GLU K 63 0.44 -34.63 -97.87
C GLU K 63 1.62 -35.60 -97.75
N PRO K 64 2.81 -35.11 -97.41
CA PRO K 64 3.97 -36.00 -97.33
C PRO K 64 3.75 -37.10 -96.31
N LYS K 65 4.17 -38.30 -96.67
CA LYS K 65 4.02 -39.47 -95.81
C LYS K 65 5.33 -39.90 -95.17
N LEU K 66 6.41 -39.17 -95.43
CA LEU K 66 7.71 -39.49 -94.85
C LEU K 66 8.28 -38.23 -94.20
N ALA K 67 8.81 -38.39 -92.99
CA ALA K 67 9.44 -37.30 -92.27
C ALA K 67 10.77 -37.76 -91.70
N PHE K 68 11.76 -36.86 -91.70
CA PHE K 68 13.02 -37.09 -91.03
C PHE K 68 13.06 -36.22 -89.79
N VAL K 69 13.17 -36.85 -88.63
CA VAL K 69 13.09 -36.17 -87.34
C VAL K 69 14.48 -36.14 -86.71
N ILE K 70 14.94 -34.95 -86.35
CA ILE K 70 16.25 -34.75 -85.74
C ILE K 70 16.04 -34.17 -84.36
N ARG K 71 16.62 -34.81 -83.35
CA ARG K 71 16.57 -34.27 -82.00
C ARG K 71 17.62 -33.18 -81.85
N ILE K 72 17.20 -32.02 -81.35
CA ILE K 72 18.06 -30.85 -81.31
C ILE K 72 18.31 -30.36 -79.88
N ARG K 73 17.80 -31.05 -78.87
CA ARG K 73 18.07 -30.71 -77.49
C ARG K 73 18.68 -31.90 -76.76
N GLY K 74 19.39 -31.61 -75.69
CA GLY K 74 20.09 -32.62 -74.92
C GLY K 74 19.17 -33.41 -74.01
N ILE K 75 19.78 -34.15 -73.11
CA ILE K 75 19.09 -35.11 -72.26
C ILE K 75 18.95 -34.62 -70.83
N ASN K 76 19.14 -33.32 -70.59
CA ASN K 76 19.07 -32.76 -69.25
C ASN K 76 17.72 -32.09 -69.05
N GLY K 77 17.06 -32.42 -67.93
CA GLY K 77 15.81 -31.77 -67.57
C GLY K 77 14.68 -31.95 -68.55
N VAL K 78 14.38 -33.20 -68.90
CA VAL K 78 13.33 -33.53 -69.87
C VAL K 78 12.15 -34.10 -69.11
N SER K 79 10.96 -33.58 -69.40
CA SER K 79 9.75 -34.05 -68.74
C SER K 79 9.48 -35.50 -69.13
N PRO K 80 8.81 -36.28 -68.26
CA PRO K 80 8.66 -37.71 -68.54
C PRO K 80 7.92 -38.02 -69.82
N LYS K 81 6.90 -37.25 -70.18
CA LYS K 81 6.14 -37.54 -71.38
C LYS K 81 6.96 -37.26 -72.63
N VAL K 82 7.74 -36.18 -72.62
CA VAL K 82 8.64 -35.91 -73.74
C VAL K 82 9.75 -36.94 -73.79
N ARG K 83 10.26 -37.35 -72.63
CA ARG K 83 11.31 -38.37 -72.59
C ARG K 83 10.82 -39.69 -73.17
N LYS K 84 9.59 -40.09 -72.85
CA LYS K 84 9.07 -41.36 -73.34
C LYS K 84 8.91 -41.36 -74.85
N VAL K 85 8.40 -40.26 -75.41
CA VAL K 85 8.16 -40.21 -76.85
C VAL K 85 9.47 -40.22 -77.62
N LEU K 86 10.50 -39.52 -77.11
CA LEU K 86 11.79 -39.52 -77.78
C LEU K 86 12.39 -40.91 -77.82
N GLN K 87 12.21 -41.69 -76.75
CA GLN K 87 12.65 -43.09 -76.75
C GLN K 87 11.87 -43.90 -77.78
N LEU K 88 10.56 -43.65 -77.87
CA LEU K 88 9.75 -44.34 -78.87
C LEU K 88 10.12 -43.93 -80.30
N LEU K 89 10.72 -42.77 -80.47
CA LEU K 89 11.25 -42.33 -81.76
C LEU K 89 12.70 -42.73 -81.96
N ARG K 90 13.30 -43.44 -80.99
CA ARG K 90 14.70 -43.85 -81.04
C ARG K 90 15.64 -42.65 -81.11
N LEU K 91 15.26 -41.56 -80.46
CA LEU K 91 16.08 -40.35 -80.41
C LEU K 91 16.55 -40.17 -78.98
N ARG K 92 17.55 -40.96 -78.58
CA ARG K 92 18.07 -40.93 -77.23
C ARG K 92 19.28 -40.02 -77.08
N GLN K 93 19.71 -39.37 -78.17
CA GLN K 93 20.89 -38.53 -78.15
C GLN K 93 20.61 -37.29 -78.98
N ILE K 94 21.31 -36.21 -78.69
CA ILE K 94 21.16 -34.99 -79.45
C ILE K 94 21.73 -35.19 -80.85
N PHE K 95 21.07 -34.60 -81.84
CA PHE K 95 21.47 -34.72 -83.25
C PHE K 95 21.41 -36.17 -83.73
N ASN K 96 20.48 -36.93 -83.17
CA ASN K 96 20.14 -38.26 -83.68
C ASN K 96 18.94 -38.13 -84.60
N GLY K 97 19.11 -38.49 -85.86
CA GLY K 97 18.02 -38.45 -86.80
C GLY K 97 17.41 -39.83 -87.03
N THR K 98 16.14 -39.82 -87.41
CA THR K 98 15.47 -41.06 -87.78
C THR K 98 14.35 -40.73 -88.75
N PHE K 99 13.93 -41.74 -89.50
CA PHE K 99 12.81 -41.59 -90.43
C PHE K 99 11.51 -42.00 -89.74
N VAL K 100 10.50 -41.17 -89.90
CA VAL K 100 9.19 -41.40 -89.29
C VAL K 100 8.14 -41.42 -90.38
N LYS K 101 7.37 -42.50 -90.45
CA LYS K 101 6.23 -42.57 -91.34
C LYS K 101 5.09 -41.73 -90.78
N LEU K 102 4.55 -40.84 -91.61
CA LEU K 102 3.59 -39.85 -91.15
C LEU K 102 2.18 -40.37 -91.23
N ASN K 103 1.46 -40.29 -90.12
CA ASN K 103 0.02 -40.54 -90.04
C ASN K 103 -0.50 -39.78 -88.83
N LYS K 104 -1.78 -39.96 -88.52
CA LYS K 104 -2.36 -39.25 -87.38
C LYS K 104 -1.70 -39.66 -86.08
N ALA K 105 -1.41 -40.95 -85.92
CA ALA K 105 -0.80 -41.42 -84.69
C ALA K 105 0.61 -40.86 -84.50
N SER K 106 1.41 -40.85 -85.56
CA SER K 106 2.79 -40.40 -85.44
C SER K 106 2.90 -38.88 -85.36
N ILE K 107 2.03 -38.15 -86.06
CA ILE K 107 2.10 -36.69 -86.04
C ILE K 107 1.82 -36.14 -84.66
N ASN K 108 0.81 -36.70 -83.98
CA ASN K 108 0.50 -36.23 -82.63
C ASN K 108 1.63 -36.52 -81.65
N MET K 109 2.41 -37.57 -81.92
CA MET K 109 3.61 -37.81 -81.13
C MET K 109 4.67 -36.75 -81.42
N LEU K 110 4.80 -36.32 -82.67
CA LEU K 110 5.77 -35.29 -83.02
C LEU K 110 5.40 -33.96 -82.39
N ARG K 111 4.12 -33.69 -82.19
CA ARG K 111 3.70 -32.43 -81.58
C ARG K 111 4.03 -32.40 -80.09
N ILE K 112 4.04 -33.55 -79.42
CA ILE K 112 4.41 -33.59 -78.01
C ILE K 112 5.86 -33.18 -77.81
N VAL K 113 6.76 -33.68 -78.65
CA VAL K 113 8.18 -33.41 -78.54
C VAL K 113 8.58 -32.23 -79.43
N GLU K 114 7.65 -31.33 -79.70
CA GLU K 114 7.89 -30.19 -80.60
C GLU K 114 9.11 -29.35 -80.21
N PRO K 115 9.29 -28.92 -78.95
CA PRO K 115 10.47 -28.11 -78.63
C PRO K 115 11.79 -28.86 -78.73
N TYR K 116 11.76 -30.20 -78.75
CA TYR K 116 12.99 -30.98 -78.66
C TYR K 116 13.49 -31.48 -80.01
N ILE K 117 12.71 -31.35 -81.07
CA ILE K 117 13.07 -31.92 -82.37
C ILE K 117 12.95 -30.87 -83.46
N ALA K 118 13.68 -31.10 -84.53
CA ALA K 118 13.48 -30.40 -85.81
C ALA K 118 13.22 -31.46 -86.86
N TRP K 119 12.13 -31.32 -87.60
CA TRP K 119 11.76 -32.34 -88.57
C TRP K 119 11.17 -31.70 -89.80
N GLY K 120 11.06 -32.49 -90.85
CA GLY K 120 10.54 -32.01 -92.10
C GLY K 120 10.36 -33.14 -93.08
N TYR K 121 10.30 -32.80 -94.36
CA TYR K 121 10.01 -33.79 -95.39
C TYR K 121 11.25 -34.00 -96.26
N PRO K 122 12.01 -35.07 -96.06
CA PRO K 122 13.22 -35.27 -96.85
C PRO K 122 12.90 -35.54 -98.31
N ASN K 123 13.80 -35.08 -99.17
CA ASN K 123 13.70 -35.36 -100.60
C ASN K 123 14.56 -36.58 -100.93
N LEU K 124 14.60 -36.92 -102.22
CA LEU K 124 15.28 -38.15 -102.64
C LEU K 124 16.77 -38.08 -102.34
N LYS K 125 17.41 -36.93 -102.58
CA LYS K 125 18.84 -36.81 -102.33
C LYS K 125 19.16 -36.96 -100.85
N SER K 126 18.32 -36.40 -99.97
CA SER K 126 18.57 -36.51 -98.54
C SER K 126 18.52 -37.96 -98.09
N VAL K 127 17.57 -38.74 -98.60
CA VAL K 127 17.49 -40.15 -98.25
C VAL K 127 18.72 -40.90 -98.72
N ASN K 128 19.18 -40.62 -99.94
CA ASN K 128 20.36 -41.31 -100.47
C ASN K 128 21.59 -41.04 -99.63
N GLU K 129 21.82 -39.77 -99.30
CA GLU K 129 23.05 -39.41 -98.60
C GLU K 129 23.04 -39.85 -97.15
N LEU K 130 21.85 -39.89 -96.55
CA LEU K 130 21.74 -40.40 -95.18
C LEU K 130 22.02 -41.89 -95.13
N ILE K 131 21.46 -42.66 -96.07
CA ILE K 131 21.66 -44.11 -96.07
C ILE K 131 23.09 -44.46 -96.47
N TYR K 132 23.63 -43.79 -97.48
CA TYR K 132 24.94 -44.19 -97.99
C TYR K 132 26.06 -43.77 -97.06
N LYS K 133 26.02 -42.53 -96.57
CA LYS K 133 27.11 -42.06 -95.73
C LYS K 133 27.00 -42.57 -94.30
N ARG K 134 25.79 -42.59 -93.73
CA ARG K 134 25.61 -42.87 -92.31
C ARG K 134 24.68 -44.04 -92.06
N GLY K 135 24.45 -44.89 -93.06
CA GLY K 135 23.57 -46.02 -92.89
C GLY K 135 24.19 -47.17 -92.12
N TYR K 136 23.64 -47.45 -90.95
CA TYR K 136 24.07 -48.58 -90.14
C TYR K 136 22.86 -49.45 -89.85
N GLY K 137 23.05 -50.76 -89.94
CA GLY K 137 21.99 -51.71 -89.68
C GLY K 137 22.05 -52.28 -88.28
N LYS K 138 20.88 -52.56 -87.71
CA LYS K 138 20.79 -53.24 -86.42
C LYS K 138 20.74 -54.73 -86.69
N ILE K 139 21.92 -55.34 -86.73
CA ILE K 139 22.07 -56.76 -87.06
C ILE K 139 22.48 -57.49 -85.80
N ASN K 140 21.63 -58.41 -85.34
CA ASN K 140 21.86 -59.15 -84.10
C ASN K 140 22.13 -58.20 -82.94
N LYS K 141 21.35 -57.13 -82.88
CA LYS K 141 21.41 -56.08 -81.86
C LYS K 141 22.71 -55.29 -81.91
N LYS K 142 23.49 -55.43 -82.98
CA LYS K 142 24.75 -54.71 -83.14
C LYS K 142 24.61 -53.65 -84.21
N ARG K 143 25.36 -52.56 -84.05
CA ARG K 143 25.37 -51.47 -85.03
C ARG K 143 26.45 -51.79 -86.05
N ILE K 144 26.03 -52.26 -87.22
CA ILE K 144 26.94 -52.74 -88.27
C ILE K 144 26.81 -51.82 -89.47
N ALA K 145 27.95 -51.33 -89.96
CA ALA K 145 27.95 -50.47 -91.13
C ALA K 145 27.52 -51.25 -92.37
N LEU K 146 26.72 -50.60 -93.21
CA LEU K 146 26.18 -51.22 -94.43
C LEU K 146 27.24 -51.13 -95.52
N THR K 147 28.27 -51.97 -95.39
CA THR K 147 29.36 -52.01 -96.35
C THR K 147 29.13 -53.00 -97.48
N ASP K 148 28.27 -53.98 -97.28
CA ASP K 148 27.98 -55.00 -98.28
C ASP K 148 26.47 -55.15 -98.40
N ASN K 149 26.02 -55.51 -99.61
CA ASN K 149 24.59 -55.77 -99.80
C ASN K 149 24.14 -57.02 -99.06
N ALA K 150 25.05 -57.96 -98.81
CA ALA K 150 24.68 -59.19 -98.13
C ALA K 150 24.17 -58.93 -96.72
N LEU K 151 24.66 -57.86 -96.08
CA LEU K 151 24.15 -57.51 -94.76
C LEU K 151 22.67 -57.13 -94.81
N ILE K 152 22.27 -56.40 -95.85
CA ILE K 152 20.86 -56.03 -96.00
C ILE K 152 20.02 -57.26 -96.36
N ALA K 153 20.50 -58.08 -97.29
CA ALA K 153 19.71 -59.20 -97.78
C ALA K 153 19.51 -60.27 -96.72
N ARG K 154 20.51 -60.48 -95.85
CA ARG K 154 20.39 -61.52 -94.84
C ARG K 154 19.26 -61.23 -93.87
N SER K 155 19.10 -59.96 -93.47
CA SER K 155 18.12 -59.59 -92.46
C SER K 155 16.80 -59.10 -93.05
N LEU K 156 16.79 -58.64 -94.30
CA LEU K 156 15.59 -58.08 -94.90
C LEU K 156 15.19 -58.76 -96.20
N GLY K 157 15.89 -59.82 -96.62
CA GLY K 157 15.57 -60.47 -97.87
C GLY K 157 14.19 -61.08 -97.89
N LYS K 158 13.70 -61.55 -96.74
CA LYS K 158 12.36 -62.11 -96.66
C LYS K 158 11.29 -61.10 -97.02
N TYR K 159 11.59 -59.82 -96.92
CA TYR K 159 10.66 -58.75 -97.30
C TYR K 159 10.88 -58.27 -98.73
N GLY K 160 11.80 -58.88 -99.47
CA GLY K 160 12.11 -58.45 -100.82
C GLY K 160 13.20 -57.40 -100.91
N ILE K 161 13.72 -56.92 -99.79
CA ILE K 161 14.77 -55.91 -99.78
C ILE K 161 16.11 -56.62 -99.70
N ILE K 162 16.93 -56.43 -100.74
CA ILE K 162 18.19 -57.17 -100.86
C ILE K 162 19.37 -56.27 -101.21
N CYS K 163 19.19 -54.96 -101.29
CA CYS K 163 20.29 -54.07 -101.63
C CYS K 163 19.99 -52.69 -101.06
N MET K 164 20.99 -51.81 -101.16
CA MET K 164 20.83 -50.44 -100.67
C MET K 164 19.75 -49.71 -101.45
N GLU K 165 19.63 -50.00 -102.74
CA GLU K 165 18.60 -49.36 -103.56
C GLU K 165 17.21 -49.76 -103.08
N ASP K 166 17.01 -51.04 -102.75
CA ASP K 166 15.74 -51.48 -102.21
C ASP K 166 15.45 -50.82 -100.87
N LEU K 167 16.47 -50.70 -100.02
CA LEU K 167 16.29 -50.02 -98.74
C LEU K 167 15.91 -48.56 -98.94
N ILE K 168 16.54 -47.90 -99.90
CA ILE K 168 16.23 -46.50 -100.17
C ILE K 168 14.83 -46.38 -100.75
N HIS K 169 14.45 -47.31 -101.63
CA HIS K 169 13.11 -47.26 -102.22
C HIS K 169 12.04 -47.44 -101.15
N GLU K 170 12.25 -48.36 -100.21
CA GLU K 170 11.26 -48.59 -99.17
C GLU K 170 11.14 -47.38 -98.25
N ILE K 171 12.27 -46.74 -97.93
CA ILE K 171 12.23 -45.57 -97.06
C ILE K 171 11.57 -44.40 -97.76
N TYR K 172 11.97 -44.13 -99.00
CA TYR K 172 11.46 -42.95 -99.71
C TYR K 172 9.98 -43.11 -100.02
N THR K 173 9.63 -44.08 -100.86
CA THR K 173 8.24 -44.41 -101.15
C THR K 173 7.77 -45.39 -100.08
N VAL K 174 7.17 -44.86 -99.01
CA VAL K 174 6.83 -45.63 -97.82
C VAL K 174 6.05 -46.88 -98.21
N GLY K 175 6.75 -48.00 -98.31
CA GLY K 175 6.17 -49.24 -98.81
C GLY K 175 5.48 -50.04 -97.73
N LYS K 176 5.14 -51.28 -98.08
CA LYS K 176 4.45 -52.15 -97.16
C LYS K 176 5.32 -52.50 -95.96
N ARG K 177 6.62 -52.67 -96.17
CA ARG K 177 7.54 -53.12 -95.14
C ARG K 177 8.42 -51.99 -94.63
N PHE K 178 7.85 -50.78 -94.53
CA PHE K 178 8.62 -49.64 -94.05
C PHE K 178 9.05 -49.84 -92.60
N LYS K 179 8.15 -50.35 -91.76
CA LYS K 179 8.47 -50.53 -90.35
C LYS K 179 9.68 -51.42 -90.17
N GLU K 180 9.72 -52.54 -90.89
CA GLU K 180 10.86 -53.46 -90.79
C GLU K 180 12.12 -52.82 -91.37
N ALA K 181 12.00 -52.13 -92.50
CA ALA K 181 13.16 -51.50 -93.10
C ALA K 181 13.66 -50.33 -92.26
N ASN K 182 12.74 -49.54 -91.71
CA ASN K 182 13.14 -48.40 -90.90
C ASN K 182 13.76 -48.85 -89.59
N ASN K 183 13.16 -49.84 -88.92
CA ASN K 183 13.72 -50.30 -87.66
C ASN K 183 15.04 -51.04 -87.85
N PHE K 184 15.23 -51.64 -89.04
CA PHE K 184 16.53 -52.23 -89.35
C PHE K 184 17.64 -51.18 -89.32
N LEU K 185 17.32 -49.96 -89.71
CA LEU K 185 18.30 -48.88 -89.71
C LEU K 185 18.57 -48.42 -88.28
N TRP K 186 19.84 -48.41 -87.90
CA TRP K 186 20.22 -47.78 -86.65
C TRP K 186 19.94 -46.28 -86.74
N PRO K 187 19.49 -45.64 -85.67
CA PRO K 187 19.24 -44.19 -85.74
C PRO K 187 20.50 -43.45 -86.16
N PHE K 188 20.30 -42.47 -87.04
CA PHE K 188 21.42 -41.80 -87.68
C PHE K 188 22.13 -40.89 -86.70
N LYS K 189 23.45 -41.03 -86.61
CA LYS K 189 24.28 -40.26 -85.70
C LYS K 189 24.91 -39.13 -86.51
N LEU K 190 24.29 -37.96 -86.46
CA LEU K 190 24.70 -36.82 -87.28
C LEU K 190 25.62 -35.90 -86.50
N SER K 191 26.48 -35.19 -87.24
CA SER K 191 27.37 -34.22 -86.64
C SER K 191 26.61 -32.94 -86.30
N SER K 192 27.28 -32.06 -85.56
CA SER K 192 26.71 -30.76 -85.29
C SER K 192 26.52 -30.00 -86.61
N PRO K 193 25.45 -29.22 -86.74
CA PRO K 193 25.20 -28.52 -88.01
C PRO K 193 26.30 -27.53 -88.32
N ARG K 194 27.02 -27.77 -89.40
CA ARG K 194 28.06 -26.84 -89.84
C ARG K 194 27.43 -25.53 -90.26
N GLY K 195 27.96 -24.42 -89.74
CA GLY K 195 27.34 -23.13 -89.94
C GLY K 195 26.40 -22.70 -88.83
N GLY K 196 26.15 -23.56 -87.83
CA GLY K 196 25.38 -23.18 -86.67
C GLY K 196 23.89 -23.40 -86.81
N MET K 197 23.19 -23.06 -85.73
CA MET K 197 21.73 -23.07 -85.68
C MET K 197 21.24 -21.66 -85.41
N LYS K 198 20.06 -21.33 -85.94
CA LYS K 198 19.53 -19.99 -85.73
C LYS K 198 19.17 -19.77 -84.26
N LYS K 199 18.41 -20.70 -83.66
CA LYS K 199 18.09 -20.63 -82.24
C LYS K 199 17.35 -21.91 -81.87
N LYS K 200 18.01 -22.80 -81.12
CA LYS K 200 17.45 -24.12 -80.85
C LYS K 200 16.26 -24.08 -79.89
N THR K 201 16.10 -22.98 -79.15
CA THR K 201 15.12 -22.93 -78.07
C THR K 201 13.74 -22.46 -78.51
N THR K 202 13.59 -22.06 -79.78
CA THR K 202 12.32 -21.55 -80.27
C THR K 202 11.95 -22.27 -81.56
N HIS K 203 10.69 -22.10 -81.97
CA HIS K 203 10.17 -22.77 -83.15
C HIS K 203 10.74 -22.16 -84.43
N PHE K 204 10.73 -22.97 -85.49
CA PHE K 204 11.29 -22.53 -86.76
C PHE K 204 10.54 -21.32 -87.32
N VAL K 205 9.20 -21.32 -87.20
CA VAL K 205 8.41 -20.21 -87.74
C VAL K 205 8.60 -18.92 -86.98
N GLU K 206 9.24 -18.95 -85.82
CA GLU K 206 9.54 -17.74 -85.05
C GLU K 206 11.05 -17.48 -84.99
N GLY K 207 11.76 -17.86 -86.03
CA GLY K 207 13.19 -17.60 -86.14
C GLY K 207 14.08 -18.65 -85.51
N GLY K 208 13.52 -19.68 -84.89
CA GLY K 208 14.28 -20.71 -84.23
C GLY K 208 14.53 -21.92 -85.10
N ASP K 209 14.74 -23.06 -84.44
CA ASP K 209 15.10 -24.30 -85.12
C ASP K 209 14.16 -25.46 -84.82
N ALA K 210 13.20 -25.28 -83.91
CA ALA K 210 12.34 -26.38 -83.50
C ALA K 210 11.09 -26.46 -84.37
N GLY K 211 10.45 -27.63 -84.33
CA GLY K 211 9.19 -27.81 -85.02
C GLY K 211 9.36 -28.29 -86.45
N ASN K 212 8.27 -28.15 -87.21
CA ASN K 212 8.19 -28.67 -88.57
C ASN K 212 8.61 -27.58 -89.55
N ARG K 213 9.71 -27.83 -90.25
CA ARG K 213 10.08 -27.08 -91.44
C ARG K 213 9.92 -28.03 -92.63
N GLU K 214 9.03 -27.69 -93.55
CA GLU K 214 8.53 -28.66 -94.52
C GLU K 214 9.63 -29.26 -95.37
N ASP K 215 10.14 -28.47 -96.32
CA ASP K 215 11.27 -28.89 -97.15
C ASP K 215 12.61 -28.32 -96.69
N GLN K 216 12.62 -27.46 -95.68
CA GLN K 216 13.87 -26.87 -95.23
C GLN K 216 14.70 -27.85 -94.40
N ILE K 217 14.14 -29.02 -94.08
CA ILE K 217 14.91 -30.04 -93.39
C ILE K 217 16.07 -30.53 -94.25
N ASN K 218 15.94 -30.40 -95.58
CA ASN K 218 17.01 -30.84 -96.47
C ASN K 218 18.23 -29.93 -96.36
N ARG K 219 18.01 -28.63 -96.21
CA ARG K 219 19.13 -27.73 -95.95
C ARG K 219 19.84 -28.10 -94.65
N LEU K 220 19.07 -28.44 -93.62
CA LEU K 220 19.66 -28.86 -92.36
C LEU K 220 20.46 -30.15 -92.54
N ILE K 221 19.94 -31.09 -93.33
CA ILE K 221 20.60 -32.38 -93.48
C ILE K 221 21.98 -32.22 -94.15
N ARG K 222 22.06 -31.36 -95.18
CA ARG K 222 23.34 -31.18 -95.86
C ARG K 222 24.41 -30.66 -94.91
N ARG K 223 24.05 -29.70 -94.06
CA ARG K 223 25.00 -29.16 -93.10
C ARG K 223 25.27 -30.12 -91.95
N MET K 224 24.49 -31.19 -91.84
CA MET K 224 24.49 -31.98 -90.63
C MET K 224 25.11 -33.36 -90.78
N ASN K 225 25.22 -33.87 -92.00
CA ASN K 225 25.98 -35.09 -92.23
C ASN K 225 27.09 -34.84 -93.24
N LYS L 1 36.76 -57.15 98.21
CA LYS L 1 37.56 -56.80 99.37
C LYS L 1 38.96 -56.34 98.96
N VAL L 2 39.61 -57.14 98.10
CA VAL L 2 40.94 -56.80 97.61
C VAL L 2 40.87 -56.25 96.19
N VAL L 3 39.66 -56.04 95.66
CA VAL L 3 39.50 -55.53 94.30
C VAL L 3 40.15 -54.15 94.18
N ASN L 4 40.90 -53.96 93.11
CA ASN L 4 41.58 -52.69 92.88
C ASN L 4 40.54 -51.60 92.61
N PRO L 5 40.60 -50.47 93.33
CA PRO L 5 39.59 -49.43 93.15
C PRO L 5 39.60 -48.79 91.77
N LEU L 6 40.69 -48.91 91.00
CA LEU L 6 40.74 -48.28 89.69
C LEU L 6 39.85 -48.96 88.67
N PHE L 7 39.53 -50.23 88.86
CA PHE L 7 38.64 -50.92 87.93
C PHE L 7 37.22 -50.43 88.08
N GLU L 8 36.54 -50.24 86.95
CA GLU L 8 35.13 -49.86 86.98
C GLU L 8 34.52 -50.21 85.64
N LYS L 9 33.20 -50.31 85.63
CA LYS L 9 32.49 -50.55 84.38
C LYS L 9 32.48 -49.30 83.51
N ARG L 10 32.60 -49.50 82.21
CA ARG L 10 32.53 -48.43 81.22
C ARG L 10 31.50 -48.81 80.17
N PRO L 11 30.22 -48.82 80.53
CA PRO L 11 29.20 -49.26 79.59
C PRO L 11 29.02 -48.25 78.47
N LYS L 12 28.85 -48.76 77.25
CA LYS L 12 28.55 -47.95 76.08
C LYS L 12 27.14 -48.28 75.61
N ASN L 13 26.30 -47.25 75.51
CA ASN L 13 24.96 -47.42 75.01
C ASN L 13 24.92 -47.23 73.50
N PHE L 14 24.19 -48.10 72.82
CA PHE L 14 24.17 -48.12 71.36
C PHE L 14 22.90 -47.52 70.79
N GLY L 15 22.35 -46.51 71.49
CA GLY L 15 21.21 -45.80 70.96
C GLY L 15 21.57 -45.00 69.72
N ILE L 16 20.54 -44.56 69.01
CA ILE L 16 20.75 -43.82 67.77
C ILE L 16 21.51 -42.53 68.06
N GLY L 17 22.54 -42.27 67.27
CA GLY L 17 23.35 -41.08 67.43
C GLY L 17 24.37 -41.14 68.53
N GLN L 18 24.47 -42.24 69.25
CA GLN L 18 25.40 -42.36 70.36
C GLN L 18 26.59 -43.20 69.91
N ASP L 19 27.21 -43.95 70.83
CA ASP L 19 28.41 -44.72 70.52
C ASP L 19 28.15 -45.64 69.33
N ILE L 20 29.17 -45.83 68.48
CA ILE L 20 28.95 -46.52 67.22
C ILE L 20 28.50 -47.95 67.51
N GLN L 21 27.82 -48.54 66.54
CA GLN L 21 27.20 -49.84 66.75
C GLN L 21 28.26 -50.94 66.86
N PRO L 22 27.98 -51.98 67.65
CA PRO L 22 28.91 -53.11 67.72
C PRO L 22 28.87 -53.94 66.45
N LYS L 23 29.91 -54.73 66.27
CA LYS L 23 30.02 -55.61 65.10
C LYS L 23 29.11 -56.81 65.31
N ARG L 24 27.85 -56.65 64.96
CA ARG L 24 26.86 -57.70 65.14
C ARG L 24 26.72 -58.53 63.87
N ASP L 25 25.90 -59.58 63.94
CA ASP L 25 25.74 -60.49 62.83
C ASP L 25 24.89 -59.84 61.75
N LEU L 26 25.37 -59.91 60.49
CA LEU L 26 24.65 -59.34 59.36
C LEU L 26 24.40 -60.37 58.27
N THR L 27 24.46 -61.67 58.59
CA THR L 27 24.26 -62.71 57.57
C THR L 27 22.96 -62.51 56.80
N ARG L 28 21.94 -62.01 57.49
CA ARG L 28 20.65 -61.84 56.83
C ARG L 28 20.71 -60.71 55.81
N PHE L 29 21.65 -59.79 55.98
CA PHE L 29 21.69 -58.55 55.19
C PHE L 29 22.94 -58.49 54.32
N VAL L 30 23.35 -59.65 53.81
CA VAL L 30 24.60 -59.78 53.09
C VAL L 30 24.33 -59.75 51.59
N LYS L 31 25.11 -58.94 50.87
CA LYS L 31 25.14 -58.99 49.41
C LYS L 31 25.80 -60.30 49.01
N TRP L 32 25.00 -61.30 48.70
CA TRP L 32 25.48 -62.64 48.42
C TRP L 32 25.90 -62.78 46.97
N PRO L 33 26.78 -63.73 46.67
CA PRO L 33 27.09 -64.04 45.27
C PRO L 33 25.85 -64.54 44.54
N ARG L 34 25.86 -64.33 43.21
CA ARG L 34 24.68 -64.63 42.42
C ARG L 34 24.31 -66.11 42.46
N TYR L 35 25.31 -66.99 42.53
CA TYR L 35 25.02 -68.41 42.60
C TYR L 35 24.37 -68.79 43.92
N ILE L 36 24.72 -68.11 45.01
CA ILE L 36 24.05 -68.35 46.28
C ILE L 36 22.63 -67.80 46.25
N ARG L 37 22.45 -66.61 45.66
CA ARG L 37 21.12 -66.03 45.54
C ARG L 37 20.22 -66.89 44.67
N LEU L 38 20.76 -67.42 43.58
CA LEU L 38 19.95 -68.22 42.66
C LEU L 38 19.42 -69.48 43.31
N GLN L 39 20.27 -70.20 44.05
CA GLN L 39 19.84 -71.45 44.66
C GLN L 39 18.92 -71.22 45.86
N ARG L 40 19.05 -70.08 46.53
CA ARG L 40 18.13 -69.77 47.63
C ARG L 40 16.78 -69.33 47.09
N GLN L 41 16.77 -68.57 45.99
CA GLN L 41 15.51 -68.16 45.39
C GLN L 41 14.81 -69.32 44.71
N ARG L 42 15.57 -70.31 44.23
CA ARG L 42 14.95 -71.51 43.68
C ARG L 42 14.20 -72.28 44.75
N ALA L 43 14.74 -72.34 45.96
CA ALA L 43 14.05 -73.00 47.06
C ALA L 43 12.74 -72.30 47.40
N ILE L 44 12.77 -70.96 47.42
CA ILE L 44 11.57 -70.19 47.75
C ILE L 44 10.52 -70.36 46.66
N LEU L 45 10.96 -70.41 45.40
CA LEU L 45 10.01 -70.55 44.29
C LEU L 45 9.25 -71.86 44.38
N TYR L 46 9.92 -72.95 44.76
CA TYR L 46 9.22 -74.22 44.92
C TYR L 46 8.19 -74.14 46.03
N LYS L 47 8.40 -73.24 47.00
CA LYS L 47 7.42 -73.07 48.08
C LYS L 47 6.27 -72.18 47.64
N ARG L 48 6.56 -71.12 46.87
CA ARG L 48 5.48 -70.26 46.37
C ARG L 48 4.57 -70.97 45.40
N LEU L 49 5.14 -71.63 44.40
CA LEU L 49 4.40 -72.03 43.22
C LEU L 49 3.60 -73.30 43.47
N LYS L 50 2.54 -73.46 42.67
CA LYS L 50 1.82 -74.72 42.65
C LYS L 50 2.74 -75.82 42.15
N VAL L 51 3.02 -76.79 43.00
CA VAL L 51 3.87 -77.92 42.66
C VAL L 51 2.97 -79.10 42.31
N PRO L 52 3.01 -79.60 41.07
CA PRO L 52 2.14 -80.71 40.70
C PRO L 52 2.44 -81.93 41.55
N PRO L 53 1.44 -82.76 41.83
CA PRO L 53 1.67 -83.92 42.71
C PRO L 53 2.73 -84.87 42.22
N ALA L 54 2.94 -84.97 40.90
CA ALA L 54 3.97 -85.85 40.38
C ALA L 54 5.36 -85.39 40.82
N ILE L 55 5.52 -84.10 41.11
CA ILE L 55 6.79 -83.56 41.57
C ILE L 55 6.76 -83.45 43.08
N ASN L 56 5.57 -83.19 43.62
CA ASN L 56 5.44 -83.02 45.06
C ASN L 56 5.53 -84.33 45.83
N GLN L 57 5.31 -85.46 45.17
CA GLN L 57 5.34 -86.74 45.87
C GLN L 57 6.72 -87.04 46.44
N PHE L 58 7.78 -86.49 45.84
CA PHE L 58 9.13 -86.74 46.33
C PHE L 58 9.46 -85.95 47.58
N THR L 59 8.63 -84.99 47.97
CA THR L 59 8.82 -84.33 49.26
C THR L 59 8.46 -85.25 50.41
N GLN L 60 7.53 -86.18 50.20
CA GLN L 60 7.19 -87.17 51.21
C GLN L 60 8.21 -88.29 51.14
N ALA L 61 9.20 -88.25 52.03
CA ALA L 61 10.24 -89.26 52.08
C ALA L 61 10.11 -90.09 53.35
N LEU L 62 10.93 -91.14 53.42
CA LEU L 62 10.89 -92.04 54.56
C LEU L 62 11.32 -91.32 55.84
N ASP L 63 10.77 -91.75 56.96
CA ASP L 63 11.21 -91.21 58.23
C ASP L 63 12.60 -91.73 58.57
N ARG L 64 13.24 -91.07 59.56
CA ARG L 64 14.63 -91.37 59.87
C ARG L 64 14.80 -92.81 60.35
N GLN L 65 13.89 -93.29 61.20
CA GLN L 65 13.88 -94.70 61.59
C GLN L 65 13.87 -95.63 60.38
N THR L 66 12.84 -95.52 59.55
CA THR L 66 12.66 -96.48 58.46
C THR L 66 13.79 -96.39 57.45
N ALA L 67 14.31 -95.18 57.21
CA ALA L 67 15.45 -95.03 56.32
C ALA L 67 16.67 -95.78 56.86
N THR L 68 16.89 -95.72 58.17
CA THR L 68 18.04 -96.39 58.77
C THR L 68 17.95 -97.90 58.60
N GLN L 69 16.79 -98.48 58.90
CA GLN L 69 16.66 -99.93 58.79
C GLN L 69 16.71 -100.38 57.33
N LEU L 70 16.23 -99.55 56.41
CA LEU L 70 16.32 -99.87 54.99
C LEU L 70 17.77 -99.88 54.52
N LEU L 71 18.52 -98.81 54.82
CA LEU L 71 19.94 -98.78 54.45
C LEU L 71 20.72 -99.84 55.20
N LYS L 72 20.30 -100.15 56.42
CA LYS L 72 20.94 -101.20 57.20
C LYS L 72 20.79 -102.56 56.53
N LEU L 73 19.61 -102.85 56.00
CA LEU L 73 19.42 -104.06 55.21
C LEU L 73 20.15 -103.97 53.88
N ALA L 74 20.11 -102.80 53.23
CA ALA L 74 20.75 -102.64 51.94
C ALA L 74 22.27 -102.71 52.04
N HIS L 75 22.83 -102.50 53.22
CA HIS L 75 24.29 -102.60 53.38
C HIS L 75 24.75 -104.05 53.28
N LYS L 76 23.87 -105.01 53.58
CA LYS L 76 24.25 -106.42 53.45
C LYS L 76 24.30 -106.86 52.00
N TYR L 77 23.85 -106.03 51.06
CA TYR L 77 23.78 -106.42 49.65
C TYR L 77 24.46 -105.39 48.74
N ARG L 78 25.51 -104.73 49.23
CA ARG L 78 26.23 -103.78 48.41
C ARG L 78 26.84 -104.49 47.22
N PRO L 79 26.84 -103.87 46.03
CA PRO L 79 27.65 -104.41 44.94
C PRO L 79 29.12 -104.43 45.33
N GLU L 80 29.81 -105.49 44.92
CA GLU L 80 31.23 -105.59 45.21
C GLU L 80 31.99 -104.54 44.39
N THR L 81 33.06 -104.02 44.98
CA THR L 81 33.85 -102.99 44.33
C THR L 81 34.86 -103.64 43.37
N LYS L 82 35.76 -102.82 42.83
CA LYS L 82 36.76 -103.33 41.89
C LYS L 82 37.74 -104.27 42.57
N GLN L 83 38.09 -104.01 43.82
CA GLN L 83 39.16 -104.76 44.48
C GLN L 83 38.76 -106.21 44.71
N GLU L 84 37.65 -106.43 45.42
CA GLU L 84 37.24 -107.80 45.73
C GLU L 84 36.64 -108.54 44.54
N LYS L 85 36.26 -107.83 43.48
CA LYS L 85 35.93 -108.53 42.24
C LYS L 85 37.19 -109.19 41.65
N LYS L 86 38.31 -108.48 41.69
CA LYS L 86 39.57 -109.09 41.27
C LYS L 86 39.93 -110.28 42.14
N GLN L 87 39.79 -110.14 43.45
CA GLN L 87 40.07 -111.26 44.35
C GLN L 87 39.14 -112.43 44.07
N ARG L 88 37.86 -112.13 43.79
CA ARG L 88 36.94 -113.18 43.38
C ARG L 88 37.36 -113.81 42.06
N LEU L 89 37.80 -112.98 41.11
CA LEU L 89 38.23 -113.50 39.82
C LEU L 89 39.53 -114.29 39.94
N LEU L 90 40.50 -113.76 40.69
CA LEU L 90 41.77 -114.48 40.85
C LEU L 90 41.55 -115.82 41.57
N ALA L 91 40.72 -115.82 42.60
CA ALA L 91 40.39 -117.07 43.27
C ALA L 91 39.67 -118.03 42.33
N ARG L 92 38.78 -117.50 41.49
CA ARG L 92 38.08 -118.34 40.53
C ARG L 92 39.05 -118.95 39.52
N ALA L 93 40.02 -118.15 39.05
CA ALA L 93 40.97 -118.64 38.05
C ALA L 93 41.82 -119.77 38.61
N GLU L 94 42.34 -119.59 39.83
CA GLU L 94 43.14 -120.64 40.44
C GLU L 94 42.30 -121.87 40.76
N LYS L 95 41.07 -121.66 41.26
CA LYS L 95 40.18 -122.78 41.54
C LYS L 95 39.80 -123.51 40.26
N LYS L 96 39.57 -122.76 39.17
CA LYS L 96 39.32 -123.37 37.87
C LYS L 96 40.51 -124.22 37.43
N ALA L 97 41.72 -123.69 37.58
CA ALA L 97 42.91 -124.42 37.12
C ALA L 97 43.08 -125.72 37.89
N ALA L 98 42.84 -125.70 39.19
CA ALA L 98 42.96 -126.89 40.03
C ALA L 98 41.86 -126.82 41.09
N GLY L 99 40.71 -127.43 40.79
CA GLY L 99 40.44 -128.09 39.53
C GLY L 99 38.95 -128.20 39.26
N LYS L 100 38.16 -127.43 40.01
CA LYS L 100 36.71 -127.52 39.90
C LYS L 100 36.22 -127.05 38.52
N GLY L 101 36.76 -125.94 38.04
CA GLY L 101 36.39 -125.44 36.72
C GLY L 101 35.27 -124.39 36.81
N ASP L 102 34.05 -124.81 36.44
CA ASP L 102 32.90 -123.91 36.42
C ASP L 102 32.60 -123.37 37.81
N VAL L 103 32.04 -124.22 38.67
CA VAL L 103 31.71 -123.86 40.06
C VAL L 103 30.89 -122.59 40.10
N PRO L 104 29.62 -122.62 39.67
CA PRO L 104 28.80 -121.40 39.77
C PRO L 104 28.65 -120.89 41.19
N THR L 105 28.54 -121.80 42.16
CA THR L 105 28.53 -121.46 43.59
C THR L 105 27.42 -120.49 43.96
N LYS L 106 26.31 -120.51 43.22
CA LYS L 106 25.10 -119.76 43.55
C LYS L 106 25.42 -118.27 43.71
N ARG L 107 25.44 -117.59 42.56
CA ARG L 107 25.77 -116.17 42.47
C ARG L 107 24.90 -115.39 43.45
N PRO L 108 25.52 -114.64 44.38
CA PRO L 108 24.76 -114.13 45.51
C PRO L 108 23.82 -113.01 45.09
N PRO L 109 22.71 -112.83 45.80
CA PRO L 109 21.85 -111.68 45.52
C PRO L 109 22.58 -110.38 45.77
N VAL L 110 22.30 -109.39 44.93
CA VAL L 110 22.99 -108.12 44.98
C VAL L 110 21.99 -107.00 44.71
N LEU L 111 22.32 -105.81 45.15
CA LEU L 111 21.42 -104.68 44.98
C LEU L 111 21.58 -104.12 43.57
N ARG L 112 20.46 -103.89 42.90
CA ARG L 112 20.47 -103.40 41.53
C ARG L 112 20.33 -101.89 41.53
N ALA L 113 21.19 -101.20 40.77
CA ALA L 113 21.27 -99.76 40.80
C ALA L 113 21.12 -99.19 39.39
N GLY L 114 20.71 -97.94 39.32
CA GLY L 114 20.50 -97.26 38.06
C GLY L 114 19.05 -97.21 37.66
N VAL L 115 18.60 -96.05 37.17
CA VAL L 115 17.18 -95.89 36.86
C VAL L 115 16.78 -96.79 35.69
N ASN L 116 17.67 -96.98 34.72
CA ASN L 116 17.34 -97.83 33.58
C ASN L 116 17.28 -99.30 33.99
N THR L 117 18.20 -99.73 34.87
CA THR L 117 18.18 -101.11 35.34
C THR L 117 16.94 -101.38 36.17
N VAL L 118 16.57 -100.45 37.05
CA VAL L 118 15.46 -100.68 37.96
C VAL L 118 14.13 -100.69 37.21
N THR L 119 13.95 -99.75 36.27
CA THR L 119 12.67 -99.65 35.59
C THR L 119 12.37 -100.88 34.75
N THR L 120 13.41 -101.56 34.25
CA THR L 120 13.20 -102.82 33.54
C THR L 120 12.79 -103.92 34.51
N LEU L 121 13.37 -103.92 35.71
CA LEU L 121 12.98 -104.90 36.73
C LEU L 121 11.54 -104.68 37.18
N VAL L 122 11.13 -103.41 37.33
CA VAL L 122 9.76 -103.12 37.72
C VAL L 122 8.79 -103.56 36.64
N GLU L 123 9.12 -103.27 35.37
CA GLU L 123 8.28 -103.71 34.26
C GLU L 123 8.21 -105.22 34.17
N ASN L 124 9.30 -105.91 34.55
CA ASN L 124 9.35 -107.36 34.50
C ASN L 124 8.88 -108.01 35.80
N LYS L 125 8.38 -107.23 36.75
CA LYS L 125 7.83 -107.75 38.01
C LYS L 125 8.88 -108.46 38.86
N LYS L 126 10.15 -108.18 38.62
CA LYS L 126 11.24 -108.87 39.29
C LYS L 126 11.84 -108.07 40.44
N ALA L 127 11.29 -106.90 40.76
CA ALA L 127 11.78 -106.09 41.86
C ALA L 127 10.89 -106.30 43.08
N GLN L 128 11.51 -106.54 44.23
CA GLN L 128 10.76 -106.70 45.46
C GLN L 128 10.56 -105.39 46.20
N LEU L 129 11.50 -104.46 46.10
CA LEU L 129 11.40 -103.17 46.76
C LEU L 129 12.26 -102.17 46.01
N VAL L 130 11.68 -101.02 45.68
CA VAL L 130 12.35 -99.98 44.92
C VAL L 130 12.54 -98.77 45.83
N VAL L 131 13.76 -98.25 45.86
CA VAL L 131 14.11 -97.09 46.68
C VAL L 131 14.50 -95.97 45.73
N ILE L 132 13.82 -94.83 45.84
CA ILE L 132 13.99 -93.70 44.94
C ILE L 132 14.51 -92.51 45.74
N ALA L 133 15.57 -91.89 45.24
CA ALA L 133 16.08 -90.67 45.85
C ALA L 133 15.09 -89.53 45.64
N HIS L 134 15.02 -88.63 46.60
CA HIS L 134 14.07 -87.54 46.60
C HIS L 134 14.58 -86.29 45.89
N ASP L 135 15.87 -86.20 45.60
CA ASP L 135 16.46 -84.97 45.10
C ASP L 135 17.19 -85.19 43.79
N VAL L 136 16.61 -85.98 42.88
CA VAL L 136 17.16 -86.12 41.54
C VAL L 136 16.98 -84.79 40.82
N ASP L 137 18.07 -84.05 40.67
CA ASP L 137 17.95 -82.63 40.32
C ASP L 137 17.30 -82.43 38.96
N PRO L 138 17.68 -83.16 37.89
CA PRO L 138 16.81 -83.21 36.71
C PRO L 138 15.62 -84.12 36.96
N ILE L 139 14.57 -83.59 37.60
CA ILE L 139 13.47 -84.42 38.06
C ILE L 139 12.55 -84.78 36.90
N GLU L 140 13.08 -85.54 35.95
CA GLU L 140 12.28 -86.30 35.00
C GLU L 140 12.67 -87.76 34.94
N LEU L 141 13.81 -88.14 35.52
CA LEU L 141 14.28 -89.52 35.47
C LEU L 141 13.45 -90.45 36.37
N VAL L 142 12.68 -89.90 37.30
CA VAL L 142 11.98 -90.71 38.29
C VAL L 142 10.54 -90.28 38.53
N VAL L 143 10.04 -89.26 37.84
CA VAL L 143 8.67 -88.82 38.08
C VAL L 143 7.69 -89.92 37.70
N PHE L 144 8.08 -90.79 36.77
CA PHE L 144 7.20 -91.87 36.34
C PHE L 144 7.32 -93.11 37.23
N LEU L 145 8.43 -93.27 37.96
CA LEU L 145 8.62 -94.49 38.75
C LEU L 145 7.54 -94.74 39.80
N PRO L 146 7.15 -93.78 40.64
CA PRO L 146 6.11 -94.09 41.64
C PRO L 146 4.82 -94.61 41.02
N ALA L 147 4.42 -94.05 39.88
CA ALA L 147 3.24 -94.55 39.20
C ALA L 147 3.50 -95.90 38.55
N LEU L 148 4.69 -96.08 37.99
CA LEU L 148 5.03 -97.37 37.38
C LEU L 148 5.10 -98.48 38.43
N CYS L 149 5.70 -98.17 39.59
CA CYS L 149 5.78 -99.17 40.65
C CYS L 149 4.40 -99.53 41.18
N ARG L 150 3.51 -98.55 41.29
CA ARG L 150 2.14 -98.81 41.75
C ARG L 150 1.45 -99.79 40.82
N LYS L 151 1.47 -99.51 39.51
CA LYS L 151 0.76 -100.34 38.55
C LYS L 151 1.31 -101.76 38.52
N MET L 152 2.63 -101.89 38.48
CA MET L 152 3.23 -103.22 38.50
C MET L 152 3.11 -103.89 39.87
N GLY L 153 2.72 -103.14 40.90
CA GLY L 153 2.48 -103.71 42.21
C GLY L 153 3.71 -103.87 43.08
N VAL L 154 4.88 -103.46 42.61
CA VAL L 154 6.09 -103.56 43.43
C VAL L 154 6.09 -102.42 44.45
N PRO L 155 6.34 -102.71 45.73
CA PRO L 155 6.40 -101.64 46.73
C PRO L 155 7.59 -100.72 46.48
N TYR L 156 7.35 -99.42 46.63
CA TYR L 156 8.38 -98.42 46.40
C TYR L 156 8.35 -97.41 47.54
N CYS L 157 9.53 -96.88 47.85
CA CYS L 157 9.67 -95.84 48.87
C CYS L 157 10.58 -94.75 48.35
N ILE L 158 10.47 -93.58 48.96
CA ILE L 158 11.30 -92.43 48.62
C ILE L 158 12.18 -92.13 49.82
N ILE L 159 13.49 -92.09 49.61
CA ILE L 159 14.46 -91.86 50.68
C ILE L 159 15.14 -90.52 50.43
N LYS L 160 15.62 -89.91 51.51
CA LYS L 160 16.32 -88.63 51.43
C LYS L 160 17.77 -88.87 51.05
N GLY L 161 18.19 -88.32 49.91
CA GLY L 161 19.59 -88.32 49.56
C GLY L 161 19.96 -89.28 48.46
N LYS L 162 20.25 -88.74 47.27
CA LYS L 162 20.86 -89.55 46.23
C LYS L 162 22.32 -89.85 46.52
N ALA L 163 22.94 -89.07 47.43
CA ALA L 163 24.30 -89.36 47.84
C ALA L 163 24.36 -90.61 48.71
N ARG L 164 23.34 -90.81 49.57
CA ARG L 164 23.31 -92.02 50.39
C ARG L 164 23.17 -93.27 49.52
N LEU L 165 22.32 -93.20 48.49
CA LEU L 165 22.23 -94.33 47.56
C LEU L 165 23.52 -94.48 46.77
N GLY L 166 24.17 -93.36 46.43
CA GLY L 166 25.46 -93.45 45.76
C GLY L 166 26.51 -94.11 46.62
N ARG L 167 26.58 -93.73 47.89
CA ARG L 167 27.51 -94.38 48.82
C ARG L 167 27.19 -95.85 48.99
N LEU L 168 25.93 -96.24 48.79
CA LEU L 168 25.54 -97.65 48.85
C LEU L 168 26.17 -98.46 47.72
N VAL L 169 26.33 -97.86 46.55
CA VAL L 169 26.88 -98.54 45.39
C VAL L 169 28.29 -98.05 45.08
N HIS L 170 28.98 -97.46 46.07
CA HIS L 170 30.37 -97.02 45.92
C HIS L 170 30.53 -96.01 44.79
N ARG L 171 29.55 -95.12 44.65
CA ARG L 171 29.60 -94.07 43.66
C ARG L 171 29.19 -92.74 44.30
N LYS L 172 29.29 -91.66 43.53
CA LYS L 172 28.91 -90.36 44.06
C LYS L 172 27.41 -90.25 44.25
N THR L 173 26.64 -90.70 43.27
CA THR L 173 25.20 -90.54 43.26
C THR L 173 24.55 -91.74 42.61
N CYS L 174 23.49 -92.25 43.22
CA CYS L 174 22.64 -93.27 42.63
C CYS L 174 21.20 -92.78 42.64
N THR L 175 20.57 -92.78 41.48
CA THR L 175 19.20 -92.29 41.39
C THR L 175 18.24 -93.22 42.12
N THR L 176 18.29 -94.52 41.83
CA THR L 176 17.42 -95.49 42.45
C THR L 176 18.17 -96.80 42.65
N VAL L 177 17.75 -97.56 43.66
CA VAL L 177 18.21 -98.92 43.87
C VAL L 177 16.99 -99.80 44.05
N ALA L 178 17.14 -101.08 43.73
CA ALA L 178 16.05 -102.03 43.79
C ALA L 178 16.50 -103.29 44.52
N PHE L 179 15.55 -103.94 45.16
CA PHE L 179 15.77 -105.21 45.86
C PHE L 179 15.22 -106.34 45.01
N THR L 180 16.11 -107.12 44.41
CA THR L 180 15.75 -108.39 43.79
C THR L 180 15.69 -109.41 44.94
N GLN L 181 15.79 -110.71 44.63
CA GLN L 181 15.65 -111.74 45.66
C GLN L 181 16.64 -111.52 46.80
N VAL L 182 16.29 -111.99 47.99
CA VAL L 182 17.03 -111.69 49.21
C VAL L 182 17.29 -113.01 49.93
N ASN L 183 18.33 -113.00 50.76
CA ASN L 183 18.68 -114.21 51.50
C ASN L 183 17.63 -114.53 52.55
N SER L 184 17.59 -115.80 52.96
CA SER L 184 16.53 -116.28 53.82
C SER L 184 16.53 -115.58 55.17
N GLU L 185 17.71 -115.39 55.77
CA GLU L 185 17.80 -114.71 57.05
C GLU L 185 17.42 -113.23 56.97
N ASP L 186 17.33 -112.68 55.77
CA ASP L 186 16.91 -111.30 55.57
C ASP L 186 15.49 -111.18 55.02
N LYS L 187 14.81 -112.30 54.77
CA LYS L 187 13.45 -112.21 54.24
C LYS L 187 12.50 -111.56 55.24
N GLY L 188 12.64 -111.91 56.53
CA GLY L 188 11.80 -111.29 57.54
C GLY L 188 12.04 -109.79 57.64
N ALA L 189 13.29 -109.37 57.59
CA ALA L 189 13.59 -107.94 57.64
C ALA L 189 13.03 -107.21 56.43
N LEU L 190 13.16 -107.80 55.23
CA LEU L 190 12.58 -107.20 54.04
C LEU L 190 11.05 -107.18 54.15
N ALA L 191 10.46 -108.24 54.71
CA ALA L 191 9.02 -108.26 54.90
C ALA L 191 8.57 -107.18 55.88
N LYS L 192 9.33 -106.95 56.96
CA LYS L 192 9.02 -105.85 57.86
C LYS L 192 9.13 -104.49 57.21
N LEU L 193 9.92 -104.37 56.16
CA LEU L 193 10.01 -103.08 55.48
C LEU L 193 8.90 -102.92 54.46
N VAL L 194 8.55 -103.98 53.74
CA VAL L 194 7.64 -103.86 52.61
C VAL L 194 6.27 -103.38 53.07
N GLU L 195 5.69 -104.03 54.09
CA GLU L 195 4.32 -103.72 54.46
C GLU L 195 4.21 -102.30 55.00
N ALA L 196 5.27 -101.79 55.63
CA ALA L 196 5.28 -100.40 56.08
C ALA L 196 5.47 -99.45 54.90
N ILE L 197 6.38 -99.80 53.97
CA ILE L 197 6.53 -99.02 52.75
C ILE L 197 5.23 -99.01 51.97
N ARG L 198 4.59 -100.16 51.90
CA ARG L 198 3.42 -100.35 51.05
C ARG L 198 2.21 -99.61 51.63
N THR L 199 2.17 -99.46 52.95
CA THR L 199 1.09 -98.69 53.59
C THR L 199 1.22 -97.19 53.33
N ASN L 200 2.45 -96.68 53.22
CA ASN L 200 2.68 -95.26 53.09
C ASN L 200 2.74 -94.76 51.67
N TYR L 201 2.95 -95.64 50.69
CA TYR L 201 3.17 -95.22 49.31
C TYR L 201 2.18 -95.87 48.35
N ASN L 202 2.13 -97.20 48.29
CA ASN L 202 1.27 -97.87 47.32
C ASN L 202 -0.20 -97.80 47.71
N ASP L 203 -0.50 -97.93 49.01
CA ASP L 203 -1.90 -97.99 49.43
C ASP L 203 -2.60 -96.64 49.29
N ARG L 204 -1.86 -95.54 49.46
CA ARG L 204 -2.44 -94.20 49.39
C ARG L 204 -1.99 -93.46 48.13
N TYR L 205 -1.74 -94.20 47.06
CA TYR L 205 -1.33 -93.60 45.79
C TYR L 205 -2.43 -92.72 45.21
N ASP L 206 -3.70 -93.04 45.48
CA ASP L 206 -4.78 -92.21 44.95
C ASP L 206 -4.77 -90.80 45.52
N GLU L 207 -4.56 -90.64 46.84
CA GLU L 207 -4.49 -89.26 47.30
C GLU L 207 -3.10 -88.67 47.18
N ILE L 208 -2.08 -89.48 46.88
CA ILE L 208 -0.80 -88.93 46.47
C ILE L 208 -0.94 -88.27 45.11
N ARG L 209 -1.78 -88.83 44.23
CA ARG L 209 -1.98 -88.28 42.89
C ARG L 209 -2.55 -86.86 42.94
N ARG L 210 -3.28 -86.52 44.00
CA ARG L 210 -4.00 -85.26 44.05
C ARG L 210 -3.39 -84.26 45.01
N HIS L 211 -2.30 -84.60 45.69
CA HIS L 211 -1.74 -83.74 46.73
C HIS L 211 -0.76 -82.77 46.09
N TRP L 212 -1.23 -81.57 45.78
CA TRP L 212 -0.38 -80.53 45.26
C TRP L 212 0.51 -79.96 46.36
N GLY L 213 1.63 -79.37 45.96
CA GLY L 213 2.59 -78.80 46.87
C GLY L 213 2.72 -77.29 46.70
N GLY L 214 3.57 -76.72 47.54
CA GLY L 214 3.83 -75.29 47.46
C GLY L 214 2.60 -74.48 47.85
N ASN L 215 2.41 -73.37 47.13
CA ASN L 215 1.30 -72.44 47.37
C ASN L 215 1.28 -71.92 48.80
N VAL L 216 2.46 -71.70 49.38
CA VAL L 216 2.59 -71.09 50.70
C VAL L 216 3.33 -69.77 50.54
N LEU L 217 2.74 -68.71 51.07
CA LEU L 217 3.32 -67.38 50.94
C LEU L 217 4.44 -67.17 51.97
N GLY L 218 5.19 -66.09 51.79
CA GLY L 218 6.27 -65.74 52.67
C GLY L 218 5.78 -65.33 54.04
N PRO L 219 6.64 -65.50 55.06
CA PRO L 219 6.22 -65.18 56.43
C PRO L 219 5.77 -63.74 56.61
N LYS L 220 6.44 -62.78 55.95
CA LYS L 220 6.01 -61.39 56.04
C LYS L 220 4.60 -61.22 55.47
N SER L 221 4.33 -61.84 54.32
CA SER L 221 3.00 -61.77 53.72
C SER L 221 1.97 -62.44 54.61
N VAL L 222 2.32 -63.60 55.18
CA VAL L 222 1.39 -64.30 56.06
C VAL L 222 1.14 -63.49 57.33
N ALA L 223 2.20 -62.91 57.91
CA ALA L 223 2.04 -62.17 59.16
C ALA L 223 1.14 -60.96 58.98
N ARG L 224 1.32 -60.20 57.89
CA ARG L 224 0.49 -59.03 57.69
C ARG L 224 -0.94 -59.40 57.33
N ILE L 225 -1.13 -60.51 56.61
CA ILE L 225 -2.49 -60.99 56.36
C ILE L 225 -3.15 -61.39 57.69
N ALA L 226 -2.43 -62.15 58.51
CA ALA L 226 -2.98 -62.57 59.80
C ALA L 226 -3.26 -61.37 60.70
N LYS L 227 -2.40 -60.34 60.61
CA LYS L 227 -2.65 -59.11 61.36
C LYS L 227 -3.97 -58.47 60.96
N LEU L 228 -4.24 -58.40 59.65
CA LEU L 228 -5.52 -57.89 59.18
C LEU L 228 -6.68 -58.80 59.57
N GLU L 229 -6.49 -60.13 59.52
CA GLU L 229 -7.57 -61.02 59.96
C GLU L 229 -7.87 -60.80 61.44
N LYS L 230 -6.84 -60.71 62.26
CA LYS L 230 -7.01 -60.36 63.66
C LYS L 230 -7.48 -58.91 63.83
N ALA L 231 -7.20 -58.04 62.85
CA ALA L 231 -7.50 -56.62 63.00
C ALA L 231 -9.01 -56.37 63.08
N LYS L 232 -9.80 -57.05 62.26
CA LYS L 232 -11.24 -56.86 62.28
C LYS L 232 -11.96 -57.87 63.16
N ALA L 233 -11.37 -59.05 63.38
CA ALA L 233 -11.98 -60.04 64.26
C ALA L 233 -12.05 -59.55 65.71
N LYS L 234 -11.24 -58.56 66.07
CA LYS L 234 -11.28 -58.03 67.43
C LYS L 234 -12.49 -57.13 67.65
N GLU L 235 -13.16 -56.69 66.58
CA GLU L 235 -14.42 -55.98 66.72
C GLU L 235 -15.62 -56.78 66.25
N LEU L 236 -15.43 -57.78 65.38
CA LEU L 236 -16.53 -58.67 65.03
C LEU L 236 -16.94 -59.51 66.24
N ALA L 237 -15.97 -59.90 67.07
CA ALA L 237 -16.30 -60.62 68.30
C ALA L 237 -17.12 -59.76 69.24
N THR L 238 -16.76 -58.47 69.36
CA THR L 238 -17.59 -57.55 70.14
C THR L 238 -18.93 -57.34 69.47
N LYS L 239 -18.96 -57.35 68.14
CA LYS L 239 -20.21 -57.21 67.40
C LYS L 239 -21.18 -58.33 67.72
N LEU L 240 -20.70 -59.57 67.71
CA LEU L 240 -21.55 -60.72 67.96
C LEU L 240 -21.76 -60.89 69.46
N GLY L 241 -22.95 -61.35 69.82
CA GLY L 241 -23.29 -61.55 71.22
C GLY L 241 -23.56 -60.27 71.97
N MET M 1 13.12 13.38 -89.15
CA MET M 1 13.21 13.67 -90.57
C MET M 1 14.37 14.60 -90.88
N LYS M 2 15.14 14.27 -91.91
CA LYS M 2 16.22 15.13 -92.40
C LYS M 2 15.74 15.83 -93.66
N THR M 3 15.76 17.17 -93.63
CA THR M 3 15.36 17.96 -94.78
C THR M 3 16.52 18.09 -95.75
N ILE M 4 16.24 17.96 -97.05
CA ILE M 4 17.29 18.01 -98.06
C ILE M 4 18.02 19.34 -97.98
N LEU M 5 17.31 20.44 -98.19
CA LEU M 5 17.92 21.76 -98.25
C LEU M 5 17.11 22.75 -97.45
N SER M 6 17.77 23.47 -96.55
CA SER M 6 17.20 24.61 -95.86
C SER M 6 18.11 25.80 -96.13
N ASN M 7 17.60 26.80 -96.85
CA ASN M 7 18.45 27.89 -97.27
C ASN M 7 17.73 29.21 -97.05
N GLN M 8 18.52 30.26 -96.90
CA GLN M 8 18.02 31.60 -96.67
C GLN M 8 19.09 32.60 -97.06
N THR M 9 18.66 33.70 -97.67
CA THR M 9 19.57 34.68 -98.25
C THR M 9 19.39 36.03 -97.57
N VAL M 10 20.51 36.69 -97.28
CA VAL M 10 20.53 38.05 -96.79
C VAL M 10 21.06 38.95 -97.89
N ASP M 11 20.57 40.19 -97.94
CA ASP M 11 20.89 41.12 -99.01
C ASP M 11 21.91 42.12 -98.47
N ILE M 12 23.07 42.20 -99.11
CA ILE M 12 24.13 43.09 -98.66
C ILE M 12 23.99 44.45 -99.35
N PRO M 13 23.95 45.55 -98.59
CA PRO M 13 23.88 46.87 -99.22
C PRO M 13 25.14 47.18 -100.03
N GLU M 14 25.06 48.28 -100.77
CA GLU M 14 26.10 48.65 -101.72
C GLU M 14 27.33 49.21 -101.02
N ASN M 15 27.15 49.98 -99.94
CA ASN M 15 28.28 50.65 -99.30
C ASN M 15 29.09 49.71 -98.41
N VAL M 16 28.65 48.48 -98.23
CA VAL M 16 29.34 47.49 -97.40
C VAL M 16 29.61 46.26 -98.25
N ASP M 17 30.80 45.69 -98.10
CA ASP M 17 31.16 44.47 -98.80
C ASP M 17 31.42 43.37 -97.78
N ILE M 18 31.20 42.14 -98.19
CA ILE M 18 31.36 40.98 -97.33
C ILE M 18 32.36 40.03 -97.96
N THR M 19 33.33 39.57 -97.17
CA THR M 19 34.36 38.66 -97.63
C THR M 19 34.27 37.38 -96.79
N LEU M 20 34.31 36.24 -97.47
CA LEU M 20 34.19 34.94 -96.83
C LEU M 20 35.55 34.23 -96.84
N LYS M 21 35.93 33.70 -95.68
CA LYS M 21 37.10 32.82 -95.54
C LYS M 21 36.60 31.57 -94.86
N GLY M 22 36.05 30.64 -95.64
CA GLY M 22 35.34 29.52 -95.05
C GLY M 22 34.05 30.02 -94.42
N ARG M 23 33.86 29.67 -93.14
CA ARG M 23 32.72 30.17 -92.38
C ARG M 23 33.13 31.33 -91.49
N THR M 24 33.94 32.24 -92.03
CA THR M 24 34.36 33.44 -91.33
C THR M 24 33.89 34.64 -92.15
N VAL M 25 32.91 35.37 -91.65
CA VAL M 25 32.34 36.50 -92.36
C VAL M 25 33.06 37.77 -91.93
N ILE M 26 33.63 38.48 -92.90
CA ILE M 26 34.25 39.77 -92.68
C ILE M 26 33.37 40.82 -93.34
N VAL M 27 32.85 41.75 -92.54
CA VAL M 27 31.97 42.80 -93.01
C VAL M 27 32.70 44.12 -92.89
N LYS M 28 32.83 44.82 -94.02
CA LYS M 28 33.66 46.01 -94.14
C LYS M 28 32.80 47.20 -94.57
N GLY M 29 32.02 47.72 -93.62
CA GLY M 29 31.18 48.85 -93.88
C GLY M 29 31.88 50.17 -93.64
N PRO M 30 31.15 51.28 -93.78
CA PRO M 30 31.77 52.60 -93.60
C PRO M 30 32.18 52.89 -92.17
N ARG M 31 31.59 52.24 -91.17
CA ARG M 31 31.90 52.53 -89.78
C ARG M 31 32.99 51.64 -89.20
N GLY M 32 33.55 50.73 -89.97
CA GLY M 32 34.61 49.87 -89.49
C GLY M 32 34.50 48.49 -90.12
N THR M 33 35.12 47.52 -89.45
CA THR M 33 35.14 46.15 -89.91
C THR M 33 34.68 45.23 -88.79
N LEU M 34 33.73 44.34 -89.11
CA LEU M 34 33.25 43.34 -88.17
C LEU M 34 33.58 41.96 -88.72
N ARG M 35 34.17 41.12 -87.87
CA ARG M 35 34.62 39.79 -88.25
C ARG M 35 34.14 38.78 -87.21
N ARG M 36 33.56 37.69 -87.68
CA ARG M 36 33.05 36.66 -86.78
C ARG M 36 33.00 35.33 -87.52
N ASP M 37 33.47 34.28 -86.87
CA ASP M 37 33.50 32.96 -87.48
C ASP M 37 32.29 32.14 -87.06
N PHE M 38 31.91 31.18 -87.91
CA PHE M 38 30.80 30.28 -87.64
C PHE M 38 31.22 28.83 -87.82
N ASN M 39 32.47 28.51 -87.47
CA ASN M 39 32.98 27.16 -87.66
C ASN M 39 32.30 26.15 -86.73
N HIS M 40 31.55 26.61 -85.73
CA HIS M 40 30.78 25.71 -84.89
C HIS M 40 29.47 25.27 -85.54
N ILE M 41 29.15 25.79 -86.72
CA ILE M 41 27.95 25.41 -87.45
C ILE M 41 28.37 24.88 -88.81
N ASN M 42 27.84 23.71 -89.18
CA ASN M 42 28.20 23.07 -90.44
C ASN M 42 27.21 23.52 -91.52
N VAL M 43 27.49 24.69 -92.08
CA VAL M 43 26.67 25.26 -93.14
C VAL M 43 27.58 25.66 -94.30
N GLU M 44 26.94 25.97 -95.42
CA GLU M 44 27.61 26.42 -96.63
C GLU M 44 27.28 27.88 -96.88
N LEU M 45 28.31 28.72 -96.95
CA LEU M 45 28.14 30.15 -97.18
C LEU M 45 28.63 30.50 -98.59
N SER M 46 27.84 31.29 -99.30
CA SER M 46 28.15 31.64 -100.68
C SER M 46 27.76 33.09 -100.94
N LEU M 47 28.66 33.81 -101.62
CA LEU M 47 28.33 35.12 -102.18
C LEU M 47 27.79 34.91 -103.58
N LEU M 48 26.58 35.40 -103.83
CA LEU M 48 25.86 35.07 -105.06
C LEU M 48 26.05 36.15 -106.13
N GLY M 49 25.69 37.39 -105.84
CA GLY M 49 25.64 38.44 -106.82
C GLY M 49 26.88 39.32 -106.85
N LYS M 50 27.24 39.76 -108.05
CA LYS M 50 28.30 40.73 -108.29
C LYS M 50 27.76 42.14 -108.41
N LYS M 51 26.46 42.31 -108.20
CA LYS M 51 25.70 43.50 -108.57
C LYS M 51 24.83 43.92 -107.40
N LYS M 52 24.26 42.92 -106.72
CA LYS M 52 23.37 43.12 -105.60
C LYS M 52 23.91 42.53 -104.31
N LYS M 53 24.94 41.68 -104.39
CA LYS M 53 25.63 41.14 -103.23
C LYS M 53 24.66 40.39 -102.32
N ARG M 54 24.31 39.18 -102.75
CA ARG M 54 23.53 38.29 -101.91
C ARG M 54 24.44 37.29 -101.22
N LEU M 55 24.14 37.01 -99.95
CA LEU M 55 24.84 35.99 -99.19
C LEU M 55 23.82 34.93 -98.81
N ARG M 56 24.10 33.69 -99.22
CA ARG M 56 23.18 32.58 -99.02
C ARG M 56 23.80 31.57 -98.07
N VAL M 57 23.01 31.14 -97.08
CA VAL M 57 23.41 30.11 -96.14
C VAL M 57 22.63 28.86 -96.49
N ASP M 58 23.30 27.71 -96.58
CA ASP M 58 22.63 26.47 -96.92
C ASP M 58 23.01 25.39 -95.91
N LYS M 59 22.00 24.65 -95.45
CA LYS M 59 22.22 23.44 -94.68
C LYS M 59 21.64 22.27 -95.45
N TRP M 60 22.44 21.24 -95.65
CA TRP M 60 22.02 20.05 -96.37
C TRP M 60 21.83 18.90 -95.38
N TRP M 61 20.68 18.23 -95.49
CA TRP M 61 20.37 17.05 -94.68
C TRP M 61 20.40 17.37 -93.20
N GLY M 62 19.67 18.41 -92.81
CA GLY M 62 19.66 18.88 -91.43
C GLY M 62 18.46 18.33 -90.66
N ASN M 63 18.67 18.08 -89.37
CA ASN M 63 17.57 17.78 -88.48
C ASN M 63 16.97 19.09 -87.95
N ARG M 64 15.89 18.96 -87.19
CA ARG M 64 15.21 20.15 -86.68
C ARG M 64 16.14 21.08 -85.92
N LYS M 65 17.02 20.54 -85.08
CA LYS M 65 17.88 21.38 -84.25
C LYS M 65 18.84 22.21 -85.10
N GLU M 66 19.36 21.63 -86.17
CA GLU M 66 20.37 22.29 -86.97
C GLU M 66 19.79 23.00 -88.20
N LEU M 67 18.49 22.91 -88.45
CA LEU M 67 17.82 23.91 -89.28
C LEU M 67 17.61 25.22 -88.56
N ALA M 68 17.56 25.21 -87.23
CA ALA M 68 17.39 26.44 -86.48
C ALA M 68 18.61 27.35 -86.61
N THR M 69 19.76 26.82 -87.00
CA THR M 69 20.98 27.62 -87.11
C THR M 69 21.07 28.40 -88.42
N VAL M 70 20.21 28.11 -89.40
CA VAL M 70 20.28 28.79 -90.68
C VAL M 70 19.91 30.26 -90.51
N ARG M 71 18.78 30.53 -89.83
CA ARG M 71 18.38 31.92 -89.66
C ARG M 71 19.20 32.61 -88.57
N THR M 72 19.76 31.84 -87.64
CA THR M 72 20.62 32.43 -86.61
C THR M 72 21.86 33.06 -87.24
N ILE M 73 22.47 32.37 -88.20
CA ILE M 73 23.62 32.94 -88.90
C ILE M 73 23.21 34.17 -89.70
N CYS M 74 22.06 34.09 -90.39
CA CYS M 74 21.58 35.22 -91.16
C CYS M 74 21.30 36.43 -90.28
N SER M 75 20.68 36.22 -89.13
CA SER M 75 20.42 37.31 -88.21
C SER M 75 21.71 37.90 -87.68
N HIS M 76 22.69 37.06 -87.37
CA HIS M 76 23.99 37.55 -86.90
C HIS M 76 24.68 38.36 -87.98
N VAL M 77 24.62 37.90 -89.23
CA VAL M 77 25.23 38.63 -90.33
C VAL M 77 24.52 39.97 -90.55
N GLN M 78 23.19 39.98 -90.46
CA GLN M 78 22.46 41.22 -90.64
C GLN M 78 22.79 42.23 -89.55
N ASN M 79 23.11 41.77 -88.35
CA ASN M 79 23.57 42.68 -87.31
C ASN M 79 24.96 43.23 -87.62
N MET M 80 25.81 42.43 -88.27
CA MET M 80 27.11 42.93 -88.70
C MET M 80 26.95 44.05 -89.72
N ILE M 81 26.05 43.84 -90.69
CA ILE M 81 25.78 44.88 -91.69
C ILE M 81 25.23 46.12 -91.01
N LYS M 82 24.28 45.92 -90.09
CA LYS M 82 23.69 47.05 -89.37
C LYS M 82 24.73 47.76 -88.52
N GLY M 83 25.63 47.01 -87.88
CA GLY M 83 26.63 47.62 -87.02
C GLY M 83 27.64 48.46 -87.79
N VAL M 84 28.10 47.97 -88.93
CA VAL M 84 29.13 48.68 -89.69
C VAL M 84 28.57 49.78 -90.57
N THR M 85 27.25 49.87 -90.72
CA THR M 85 26.62 50.92 -91.51
C THR M 85 25.98 51.99 -90.63
N LEU M 86 25.20 51.58 -89.64
CA LEU M 86 24.52 52.52 -88.76
C LEU M 86 25.05 52.52 -87.33
N GLY M 87 25.71 51.45 -86.90
CA GLY M 87 26.16 51.34 -85.53
C GLY M 87 25.03 50.94 -84.61
N PHE M 88 25.41 50.64 -83.37
CA PHE M 88 24.46 50.22 -82.35
C PHE M 88 24.55 51.18 -81.17
N ARG M 89 23.41 51.74 -80.77
CA ARG M 89 23.35 52.70 -79.68
C ARG M 89 22.32 52.21 -78.67
N TYR M 90 22.76 52.00 -77.44
CA TYR M 90 21.90 51.60 -76.33
C TYR M 90 21.81 52.75 -75.34
N LYS M 91 20.58 53.17 -75.04
CA LYS M 91 20.33 54.23 -74.07
C LYS M 91 19.88 53.61 -72.76
N MET M 92 20.53 54.01 -71.67
CA MET M 92 20.23 53.49 -70.34
C MET M 92 19.80 54.64 -69.43
N ARG M 93 18.71 54.44 -68.72
CA ARG M 93 18.24 55.41 -67.73
C ARG M 93 18.61 54.92 -66.33
N SER M 94 19.07 55.85 -65.50
CA SER M 94 19.38 55.57 -64.10
C SER M 94 18.20 56.03 -63.26
N VAL M 95 17.40 55.09 -62.80
CA VAL M 95 16.22 55.40 -62.01
C VAL M 95 16.56 55.26 -60.54
N TYR M 96 16.01 56.17 -59.73
CA TYR M 96 16.26 56.13 -58.30
C TYR M 96 15.14 56.87 -57.59
N ALA M 97 14.92 56.48 -56.33
CA ALA M 97 13.89 57.11 -55.51
C ALA M 97 14.46 58.22 -54.63
N HIS M 98 15.55 57.97 -53.93
CA HIS M 98 16.14 58.95 -53.03
C HIS M 98 17.56 59.33 -53.43
N PHE M 99 18.49 58.38 -53.45
CA PHE M 99 19.88 58.67 -53.73
C PHE M 99 20.12 58.74 -55.22
N PRO M 100 20.54 59.88 -55.77
CA PRO M 100 20.83 59.94 -57.21
C PRO M 100 22.09 59.17 -57.55
N ILE M 101 22.01 58.39 -58.63
CA ILE M 101 23.13 57.56 -59.07
C ILE M 101 24.07 58.44 -59.87
N ASN M 102 25.26 58.68 -59.33
CA ASN M 102 26.26 59.50 -60.00
C ASN M 102 27.11 58.62 -60.89
N VAL M 103 27.16 58.94 -62.18
CA VAL M 103 27.91 58.16 -63.15
C VAL M 103 29.05 59.03 -63.68
N VAL M 104 30.28 58.52 -63.55
CA VAL M 104 31.47 59.18 -64.06
C VAL M 104 32.09 58.27 -65.11
N ILE M 105 32.35 58.82 -66.29
CA ILE M 105 32.90 58.06 -67.40
C ILE M 105 34.40 58.32 -67.45
N GLN M 106 35.19 57.28 -67.26
CA GLN M 106 36.64 57.41 -67.26
C GLN M 106 37.17 57.25 -68.69
N GLU M 107 38.42 56.81 -68.83
CA GLU M 107 39.19 57.00 -70.05
C GLU M 107 38.47 56.51 -71.30
N ASN M 108 38.23 57.44 -72.23
CA ASN M 108 37.71 57.12 -73.57
C ASN M 108 36.41 56.33 -73.52
N GLY M 109 35.64 56.50 -72.44
CA GLY M 109 34.38 55.80 -72.35
C GLY M 109 34.49 54.30 -72.13
N SER M 110 35.61 53.83 -71.60
CA SER M 110 35.83 52.40 -71.39
C SER M 110 35.65 51.98 -69.93
N LEU M 111 35.54 52.93 -69.01
CA LEU M 111 35.27 52.63 -67.61
C LEU M 111 34.11 53.47 -67.12
N VAL M 112 33.23 52.87 -66.33
CA VAL M 112 32.05 53.53 -65.81
C VAL M 112 32.09 53.50 -64.29
N GLU M 113 31.93 54.67 -63.68
CA GLU M 113 31.94 54.81 -62.23
C GLU M 113 30.52 55.05 -61.73
N ILE M 114 30.01 54.16 -60.89
CA ILE M 114 28.74 54.34 -60.21
C ILE M 114 29.04 54.61 -58.74
N ARG M 115 28.64 55.80 -58.26
CA ARG M 115 28.99 56.25 -56.91
C ARG M 115 27.94 55.87 -55.88
N ASN M 116 26.78 56.49 -55.97
CA ASN M 116 25.85 56.62 -54.87
C ASN M 116 24.63 55.74 -55.09
N PHE M 117 24.83 54.56 -55.66
CA PHE M 117 23.72 53.65 -55.88
C PHE M 117 23.15 53.20 -54.54
N LEU M 118 21.91 53.60 -54.26
CA LEU M 118 21.23 53.32 -53.00
C LEU M 118 21.97 53.89 -51.80
N GLY M 119 22.81 54.90 -52.02
CA GLY M 119 23.47 55.59 -50.94
C GLY M 119 24.62 54.86 -50.29
N GLU M 120 25.05 53.73 -50.85
CA GLU M 120 26.16 53.01 -50.25
C GLU M 120 27.50 53.59 -50.72
N LYS M 121 28.53 53.33 -49.94
CA LYS M 121 29.84 53.93 -50.17
C LYS M 121 30.73 53.13 -51.10
N TYR M 122 30.33 51.92 -51.47
CA TYR M 122 31.12 51.13 -52.40
C TYR M 122 31.03 51.75 -53.80
N ILE M 123 32.17 51.78 -54.49
CA ILE M 123 32.25 52.34 -55.82
C ILE M 123 32.23 51.21 -56.83
N ARG M 124 31.28 51.25 -57.76
CA ARG M 124 31.17 50.24 -58.80
C ARG M 124 32.01 50.66 -60.00
N ARG M 125 32.93 49.79 -60.41
CA ARG M 125 33.79 50.02 -61.57
C ARG M 125 33.47 48.97 -62.61
N VAL M 126 32.79 49.36 -63.67
CA VAL M 126 32.39 48.47 -64.75
C VAL M 126 33.18 48.85 -65.99
N ARG M 127 33.90 47.88 -66.55
CA ARG M 127 34.70 48.11 -67.73
C ARG M 127 33.92 47.74 -68.99
N MET M 128 33.86 48.68 -69.93
CA MET M 128 33.23 48.41 -71.21
C MET M 128 34.03 47.39 -72.00
N ARG M 129 33.33 46.63 -72.83
CA ARG M 129 34.00 45.70 -73.73
C ARG M 129 34.75 46.48 -74.79
N PRO M 130 35.83 45.90 -75.36
CA PRO M 130 36.58 46.60 -76.39
C PRO M 130 35.69 46.97 -77.58
N GLY M 131 35.90 48.18 -78.10
CA GLY M 131 35.08 48.70 -79.17
C GLY M 131 33.77 49.32 -78.73
N VAL M 132 33.49 49.37 -77.43
CA VAL M 132 32.26 49.96 -76.91
C VAL M 132 32.63 51.20 -76.11
N ALA M 133 31.98 52.32 -76.43
CA ALA M 133 32.22 53.58 -75.76
C ALA M 133 30.97 54.01 -75.02
N CYS M 134 31.12 54.33 -73.74
CA CYS M 134 30.03 54.82 -72.92
C CYS M 134 30.16 56.33 -72.74
N SER M 135 29.02 57.01 -72.66
CA SER M 135 29.01 58.45 -72.49
C SER M 135 27.72 58.86 -71.78
N VAL M 136 27.75 60.06 -71.21
CA VAL M 136 26.59 60.64 -70.54
C VAL M 136 25.91 61.56 -71.54
N SER M 137 24.63 61.31 -71.81
CA SER M 137 23.92 62.08 -72.81
C SER M 137 23.70 63.51 -72.34
N GLN M 138 23.59 64.42 -73.30
CA GLN M 138 23.30 65.82 -73.03
C GLN M 138 21.83 66.16 -73.21
N ALA M 139 21.00 65.19 -73.59
CA ALA M 139 19.57 65.44 -73.80
C ALA M 139 18.77 65.28 -72.51
N GLN M 140 18.85 64.12 -71.89
CA GLN M 140 18.13 63.86 -70.65
C GLN M 140 19.09 63.79 -69.47
N LYS M 141 18.55 64.05 -68.28
CA LYS M 141 19.38 64.20 -67.09
C LYS M 141 20.11 62.91 -66.75
N ASP M 142 19.40 61.78 -66.77
CA ASP M 142 19.94 60.50 -66.34
C ASP M 142 19.92 59.54 -67.53
N GLU M 143 20.88 59.70 -68.44
CA GLU M 143 21.08 58.75 -69.51
C GLU M 143 22.54 58.36 -69.66
N LEU M 144 22.75 57.13 -70.12
CA LEU M 144 24.05 56.64 -70.56
C LEU M 144 23.90 56.15 -71.99
N ILE M 145 24.80 56.58 -72.86
CA ILE M 145 24.78 56.21 -74.26
C ILE M 145 25.93 55.24 -74.50
N LEU M 146 25.60 54.00 -74.87
CA LEU M 146 26.58 53.00 -75.25
C LEU M 146 26.58 52.87 -76.77
N GLU M 147 27.71 53.19 -77.39
CA GLU M 147 27.83 53.16 -78.83
C GLU M 147 28.92 52.20 -79.24
N GLY M 148 28.69 51.48 -80.33
CA GLY M 148 29.66 50.51 -80.82
C GLY M 148 29.17 49.88 -82.09
N ASN M 149 29.99 48.97 -82.61
CA ASN M 149 29.71 48.30 -83.88
C ASN M 149 29.14 46.91 -83.71
N ASP M 150 29.49 46.20 -82.64
CA ASP M 150 29.05 44.84 -82.42
C ASP M 150 27.89 44.85 -81.43
N ILE M 151 26.74 44.30 -81.83
CA ILE M 151 25.59 44.25 -80.95
C ILE M 151 25.86 43.33 -79.77
N GLU M 152 26.57 42.23 -80.01
CA GLU M 152 27.01 41.35 -78.93
C GLU M 152 27.73 42.13 -77.84
N LEU M 153 28.72 42.94 -78.23
CA LEU M 153 29.55 43.64 -77.27
C LEU M 153 28.81 44.81 -76.62
N VAL M 154 28.05 45.57 -77.41
CA VAL M 154 27.34 46.73 -76.87
C VAL M 154 26.28 46.28 -75.88
N SER M 155 25.50 45.26 -76.23
CA SER M 155 24.44 44.79 -75.35
C SER M 155 25.00 44.13 -74.09
N ASN M 156 26.10 43.39 -74.22
CA ASN M 156 26.73 42.79 -73.04
C ASN M 156 27.37 43.84 -72.16
N SER M 157 27.91 44.91 -72.75
CA SER M 157 28.38 46.02 -71.94
C SER M 157 27.24 46.67 -71.18
N ALA M 158 26.09 46.84 -71.83
CA ALA M 158 24.92 47.40 -71.15
C ALA M 158 24.45 46.48 -70.03
N ALA M 159 24.46 45.17 -70.27
CA ALA M 159 24.06 44.21 -69.24
C ALA M 159 25.01 44.25 -68.04
N LEU M 160 26.29 44.50 -68.30
CA LEU M 160 27.24 44.62 -67.19
C LEU M 160 26.90 45.79 -66.28
N ILE M 161 26.52 46.92 -66.87
CA ILE M 161 26.13 48.08 -66.06
C ILE M 161 24.85 47.78 -65.30
N GLN M 162 23.85 47.21 -65.99
CA GLN M 162 22.57 46.96 -65.37
C GLN M 162 22.68 45.97 -64.21
N GLN M 163 23.49 44.92 -64.38
CA GLN M 163 23.62 43.93 -63.33
C GLN M 163 24.52 44.39 -62.21
N ALA M 164 25.36 45.41 -62.44
CA ALA M 164 26.16 45.96 -61.36
C ALA M 164 25.30 46.68 -60.34
N THR M 165 24.30 47.42 -60.80
CA THR M 165 23.40 48.16 -59.91
C THR M 165 22.20 47.28 -59.55
N THR M 166 22.47 46.27 -58.74
CA THR M 166 21.47 45.30 -58.32
C THR M 166 21.21 45.44 -56.83
N VAL M 167 19.94 45.64 -56.47
CA VAL M 167 19.56 45.72 -55.07
C VAL M 167 19.57 44.31 -54.47
N LYS M 168 20.10 44.20 -53.26
CA LYS M 168 20.23 42.91 -52.59
C LYS M 168 19.62 42.98 -51.20
N ASN M 169 19.08 41.85 -50.75
CA ASN M 169 18.48 41.69 -49.43
C ASN M 169 17.31 42.63 -49.19
N LYS M 170 16.67 43.11 -50.25
CA LYS M 170 15.49 43.97 -50.15
C LYS M 170 14.45 43.51 -51.15
N ASP M 171 13.26 44.11 -51.08
CA ASP M 171 12.19 43.79 -52.01
C ASP M 171 12.43 44.54 -53.32
N ILE M 172 12.80 43.79 -54.36
CA ILE M 172 13.11 44.40 -55.65
C ILE M 172 11.89 45.07 -56.28
N ARG M 173 10.68 44.64 -55.91
CA ARG M 173 9.48 45.29 -56.42
C ARG M 173 9.27 46.66 -55.82
N LYS M 174 9.83 46.91 -54.63
CA LYS M 174 9.75 48.21 -53.96
C LYS M 174 10.98 49.06 -54.21
N PHE M 175 12.17 48.47 -54.10
CA PHE M 175 13.42 49.17 -54.34
C PHE M 175 13.78 48.99 -55.81
N LEU M 176 13.22 49.85 -56.65
CA LEU M 176 13.36 49.75 -58.09
C LEU M 176 14.61 50.42 -58.61
N ASP M 177 15.52 50.85 -57.73
CA ASP M 177 16.62 51.70 -58.15
C ASP M 177 17.58 50.92 -59.03
N GLY M 178 18.18 51.60 -60.00
CA GLY M 178 19.16 50.97 -60.86
C GLY M 178 19.27 51.69 -62.19
N ILE M 179 20.14 51.15 -63.03
CA ILE M 179 20.36 51.64 -64.38
C ILE M 179 19.85 50.57 -65.35
N TYR M 180 18.87 50.94 -66.17
CA TYR M 180 18.19 50.00 -67.05
C TYR M 180 18.26 50.46 -68.49
N VAL M 181 18.38 49.52 -69.41
CA VAL M 181 18.39 49.81 -70.83
C VAL M 181 17.02 50.34 -71.24
N SER M 182 16.97 51.61 -71.64
CA SER M 182 15.69 52.22 -72.00
C SER M 182 15.28 51.84 -73.41
N GLU M 183 16.10 52.18 -74.41
CA GLU M 183 15.84 51.76 -75.78
C GLU M 183 17.10 51.23 -76.43
N LYS M 184 16.90 50.44 -77.47
CA LYS M 184 17.95 49.88 -78.29
C LYS M 184 17.80 50.41 -79.72
N GLY M 185 18.85 50.99 -80.25
CA GLY M 185 18.75 51.64 -81.54
C GLY M 185 20.10 51.76 -82.21
N THR M 186 20.14 52.60 -83.24
CA THR M 186 21.34 52.79 -84.05
C THR M 186 21.81 54.23 -83.99
N VAL M 187 22.93 54.48 -84.65
CA VAL M 187 23.40 55.82 -84.90
C VAL M 187 23.08 56.15 -86.35
N GLN M 188 23.10 57.44 -86.69
CA GLN M 188 22.96 57.92 -88.07
C GLN M 188 21.55 57.80 -88.60
N GLN M 189 20.71 57.01 -87.92
CA GLN M 189 19.26 56.96 -88.15
C GLN M 189 18.93 56.77 -89.63
N ALA M 190 19.28 55.61 -90.16
CA ALA M 190 18.97 55.30 -91.55
C ALA M 190 18.76 53.79 -91.74
N GLY N 1 -6.46 5.02 -39.63
CA GLY N 1 -5.88 3.72 -39.28
C GLY N 1 -5.86 2.76 -40.45
N ARG N 2 -6.17 3.26 -41.63
CA ARG N 2 -6.18 2.44 -42.83
C ARG N 2 -4.77 2.30 -43.38
N ARG N 3 -4.45 1.09 -43.84
CA ARG N 3 -3.16 0.83 -44.46
C ARG N 3 -3.06 1.56 -45.80
N PRO N 4 -1.84 1.82 -46.27
CA PRO N 4 -1.69 2.35 -47.64
C PRO N 4 -2.30 1.39 -48.66
N ALA N 5 -2.93 1.97 -49.68
CA ALA N 5 -3.64 1.15 -50.67
C ALA N 5 -2.72 0.23 -51.45
N ARG N 6 -1.40 0.49 -51.45
CA ARG N 6 -0.46 -0.38 -52.13
C ARG N 6 -0.42 -1.78 -51.52
N CYS N 7 -0.84 -1.93 -50.25
CA CYS N 7 -0.82 -3.23 -49.61
C CYS N 7 -1.93 -4.15 -50.12
N TYR N 8 -2.98 -3.59 -50.73
CA TYR N 8 -4.11 -4.38 -51.20
C TYR N 8 -4.42 -4.07 -52.66
N ARG N 9 -3.40 -3.75 -53.45
CA ARG N 9 -3.62 -3.32 -54.82
C ARG N 9 -3.97 -4.48 -55.74
N TYR N 10 -3.33 -5.64 -55.55
CA TYR N 10 -3.41 -6.73 -56.52
C TYR N 10 -4.35 -7.82 -56.04
N CYS N 11 -5.08 -8.41 -56.99
CA CYS N 11 -6.02 -9.49 -56.72
C CYS N 11 -5.22 -10.76 -56.43
N LYS N 12 -4.70 -10.83 -55.20
CA LYS N 12 -3.86 -11.95 -54.81
C LYS N 12 -4.64 -13.11 -54.20
N ASN N 13 -5.81 -12.84 -53.63
CA ASN N 13 -6.63 -13.86 -52.98
C ASN N 13 -7.83 -14.20 -53.85
N LYS N 14 -8.47 -15.32 -53.54
CA LYS N 14 -9.75 -15.63 -54.13
C LYS N 14 -10.79 -14.64 -53.61
N PRO N 15 -11.88 -14.45 -54.34
CA PRO N 15 -12.92 -13.53 -53.86
C PRO N 15 -13.40 -13.91 -52.47
N TYR N 16 -13.56 -12.91 -51.63
CA TYR N 16 -13.87 -13.10 -50.21
C TYR N 16 -15.08 -12.24 -49.87
N PRO N 17 -16.26 -12.64 -50.35
CA PRO N 17 -17.45 -11.79 -50.17
C PRO N 17 -17.95 -11.82 -48.73
N LYS N 18 -18.73 -10.80 -48.39
CA LYS N 18 -19.43 -10.78 -47.12
C LYS N 18 -20.56 -11.80 -47.16
N SER N 19 -20.48 -12.82 -46.32
CA SER N 19 -21.44 -13.91 -46.34
C SER N 19 -21.61 -14.45 -44.92
N ARG N 20 -22.24 -15.62 -44.82
CA ARG N 20 -22.44 -16.24 -43.52
C ARG N 20 -21.14 -16.79 -42.94
N PHE N 21 -20.11 -16.95 -43.75
CA PHE N 21 -18.80 -17.34 -43.26
C PHE N 21 -17.94 -16.14 -42.90
N CYS N 22 -18.06 -15.03 -43.64
CA CYS N 22 -17.31 -13.81 -43.37
C CYS N 22 -18.26 -12.83 -42.70
N ARG N 23 -18.25 -12.84 -41.37
CA ARG N 23 -19.10 -11.97 -40.57
C ARG N 23 -18.26 -10.88 -39.90
N GLY N 24 -18.93 -9.81 -39.50
CA GLY N 24 -18.25 -8.69 -38.88
C GLY N 24 -17.55 -7.76 -39.86
N VAL N 25 -18.05 -7.65 -41.08
CA VAL N 25 -17.42 -6.80 -42.08
C VAL N 25 -17.90 -5.36 -41.87
N PRO N 26 -16.99 -4.40 -41.72
CA PRO N 26 -17.40 -2.99 -41.68
C PRO N 26 -18.03 -2.57 -43.01
N ASP N 27 -18.96 -1.63 -42.93
CA ASP N 27 -19.64 -1.19 -44.15
C ASP N 27 -18.66 -0.46 -45.07
N ALA N 28 -18.93 -0.57 -46.37
CA ALA N 28 -18.09 0.08 -47.37
C ALA N 28 -18.25 1.60 -47.31
N LYS N 29 -17.20 2.28 -47.76
CA LYS N 29 -17.22 3.74 -47.75
C LYS N 29 -18.20 4.31 -48.77
N ILE N 30 -18.40 3.62 -49.89
CA ILE N 30 -19.30 4.11 -50.93
C ILE N 30 -20.66 3.45 -50.73
N ARG N 31 -21.70 4.27 -50.56
CA ARG N 31 -23.07 3.82 -50.42
C ARG N 31 -23.99 4.28 -51.53
N ILE N 32 -23.58 5.27 -52.32
CA ILE N 32 -24.38 5.83 -53.41
C ILE N 32 -23.65 5.55 -54.70
N PHE N 33 -24.36 4.98 -55.68
CA PHE N 33 -23.75 4.63 -56.95
C PHE N 33 -24.33 5.39 -58.14
N ASP N 34 -25.50 6.02 -57.99
CA ASP N 34 -26.03 6.89 -59.04
C ASP N 34 -26.22 8.30 -58.48
N LEU N 35 -25.81 9.29 -59.26
CA LEU N 35 -25.94 10.70 -58.91
C LEU N 35 -26.46 11.46 -60.10
N GLY N 36 -26.65 12.77 -59.92
CA GLY N 36 -27.23 13.58 -60.96
C GLY N 36 -28.71 13.31 -61.11
N ARG N 37 -29.24 13.69 -62.27
CA ARG N 37 -30.65 13.48 -62.57
C ARG N 37 -30.82 12.03 -63.02
N LYS N 38 -31.02 11.14 -62.05
CA LYS N 38 -31.23 9.74 -62.36
C LYS N 38 -32.57 9.49 -63.03
N LYS N 39 -33.53 10.38 -62.84
CA LYS N 39 -34.88 10.21 -63.40
C LYS N 39 -34.98 10.65 -64.85
N ALA N 40 -33.90 11.16 -65.43
CA ALA N 40 -33.94 11.60 -66.82
C ALA N 40 -34.21 10.44 -67.75
N LYS N 41 -35.03 10.69 -68.77
CA LYS N 41 -35.39 9.65 -69.73
C LYS N 41 -34.22 9.37 -70.67
N VAL N 42 -34.39 8.34 -71.52
CA VAL N 42 -33.29 7.88 -72.36
C VAL N 42 -32.93 8.90 -73.42
N ASP N 43 -33.92 9.56 -74.00
CA ASP N 43 -33.68 10.57 -75.02
C ASP N 43 -33.00 11.83 -74.49
N GLU N 44 -33.02 12.06 -73.18
CA GLU N 44 -32.47 13.31 -72.65
C GLU N 44 -30.95 13.31 -72.68
N PHE N 45 -30.32 12.17 -72.42
CA PHE N 45 -28.86 12.07 -72.25
C PHE N 45 -28.33 11.04 -73.25
N PRO N 46 -28.12 11.43 -74.51
CA PRO N 46 -27.68 10.46 -75.52
C PRO N 46 -26.22 10.07 -75.41
N LEU N 47 -25.38 10.98 -74.91
CA LEU N 47 -23.94 10.74 -74.87
C LEU N 47 -23.52 10.06 -73.58
N GLY N 48 -22.68 9.04 -73.72
CA GLY N 48 -22.18 8.29 -72.57
C GLY N 48 -20.68 8.13 -72.58
N GLY N 49 -20.03 8.49 -71.48
CA GLY N 49 -18.59 8.35 -71.33
C GLY N 49 -18.25 7.40 -70.22
N HIS N 50 -17.24 6.56 -70.44
CA HIS N 50 -16.84 5.54 -69.50
C HIS N 50 -15.39 5.76 -69.05
N MET N 51 -15.11 5.37 -67.82
CA MET N 51 -13.74 5.19 -67.35
C MET N 51 -13.44 3.71 -67.35
N VAL N 52 -12.42 3.31 -68.10
CA VAL N 52 -12.10 1.91 -68.33
C VAL N 52 -10.71 1.62 -67.78
N SER N 53 -10.61 0.55 -66.99
CA SER N 53 -9.36 0.17 -66.37
C SER N 53 -8.51 -0.64 -67.35
N ASP N 54 -7.21 -0.34 -67.37
CA ASP N 54 -6.25 -1.15 -68.11
C ASP N 54 -5.57 -2.20 -67.25
N GLU N 55 -5.88 -2.26 -65.95
CA GLU N 55 -5.14 -3.10 -65.03
C GLU N 55 -6.10 -4.02 -64.29
N TYR N 56 -5.68 -5.27 -64.14
CA TYR N 56 -6.37 -6.24 -63.28
C TYR N 56 -5.89 -5.99 -61.87
N GLU N 57 -6.71 -5.30 -61.07
CA GLU N 57 -6.31 -4.88 -59.74
C GLU N 57 -7.55 -4.73 -58.87
N GLN N 58 -7.33 -4.28 -57.64
CA GLN N 58 -8.41 -4.04 -56.69
C GLN N 58 -8.51 -2.55 -56.41
N LEU N 59 -9.73 -2.03 -56.46
CA LEU N 59 -10.01 -0.64 -56.14
C LEU N 59 -10.73 -0.57 -54.80
N SER N 60 -10.18 0.21 -53.87
CA SER N 60 -10.78 0.30 -52.54
C SER N 60 -12.11 1.05 -52.61
N SER N 61 -13.00 0.73 -51.68
CA SER N 61 -14.27 1.44 -51.59
C SER N 61 -14.06 2.91 -51.28
N GLU N 62 -12.98 3.25 -50.57
CA GLU N 62 -12.66 4.65 -50.31
C GLU N 62 -12.29 5.38 -51.60
N ALA N 63 -11.52 4.72 -52.48
CA ALA N 63 -11.15 5.35 -53.75
C ALA N 63 -12.36 5.56 -54.64
N LEU N 64 -13.27 4.60 -54.68
CA LEU N 64 -14.50 4.76 -55.47
C LEU N 64 -15.33 5.91 -54.93
N GLU N 65 -15.39 6.05 -53.60
CA GLU N 65 -16.10 7.16 -52.97
C GLU N 65 -15.44 8.49 -53.35
N ALA N 66 -14.10 8.54 -53.31
CA ALA N 66 -13.39 9.77 -53.63
C ALA N 66 -13.58 10.17 -55.09
N ALA N 67 -13.47 9.19 -56.00
CA ALA N 67 -13.62 9.50 -57.42
C ALA N 67 -15.05 9.87 -57.78
N ARG N 68 -16.02 9.25 -57.11
CA ARG N 68 -17.43 9.61 -57.35
C ARG N 68 -17.70 11.05 -56.94
N ILE N 69 -17.17 11.47 -55.79
CA ILE N 69 -17.36 12.85 -55.34
C ILE N 69 -16.62 13.82 -56.27
N CYS N 70 -15.39 13.47 -56.66
CA CYS N 70 -14.61 14.35 -57.52
C CYS N 70 -15.28 14.58 -58.86
N ALA N 71 -15.81 13.52 -59.46
CA ALA N 71 -16.50 13.67 -60.74
C ALA N 71 -17.80 14.43 -60.57
N ASN N 72 -18.49 14.23 -59.43
CA ASN N 72 -19.77 14.88 -59.22
C ASN N 72 -19.62 16.39 -59.11
N LYS N 73 -18.61 16.85 -58.36
CA LYS N 73 -18.45 18.29 -58.17
C LYS N 73 -18.15 19.00 -59.48
N TYR N 74 -17.31 18.40 -60.32
CA TYR N 74 -16.97 19.05 -61.59
C TYR N 74 -18.16 19.08 -62.53
N MET N 75 -18.92 17.97 -62.62
CA MET N 75 -20.09 17.95 -63.50
C MET N 75 -21.14 18.96 -63.05
N VAL N 76 -21.36 19.07 -61.74
CA VAL N 76 -22.29 20.07 -61.23
C VAL N 76 -21.82 21.46 -61.60
N LYS N 77 -20.53 21.73 -61.45
CA LYS N 77 -19.95 23.00 -61.87
C LYS N 77 -20.10 23.27 -63.36
N SER N 78 -19.85 22.26 -64.21
CA SER N 78 -19.74 22.51 -65.64
C SER N 78 -21.02 22.25 -66.41
N CYS N 79 -21.95 21.47 -65.86
CA CYS N 79 -23.16 21.08 -66.59
C CYS N 79 -24.44 21.32 -65.80
N GLY N 80 -24.37 21.98 -64.64
CA GLY N 80 -25.52 22.13 -63.78
C GLY N 80 -25.77 20.86 -62.99
N ARG N 81 -26.71 20.94 -62.03
CA ARG N 81 -26.91 19.78 -61.18
C ARG N 81 -27.82 18.77 -61.86
N ASP N 82 -28.61 19.19 -62.86
CA ASP N 82 -29.55 18.32 -63.55
C ASP N 82 -29.13 18.06 -64.99
N GLY N 83 -27.89 18.33 -65.32
CA GLY N 83 -27.39 18.17 -66.67
C GLY N 83 -26.65 16.88 -66.95
N PHE N 84 -26.67 15.92 -66.04
CA PHE N 84 -25.88 14.71 -66.18
C PHE N 84 -26.45 13.63 -65.29
N HIS N 85 -25.93 12.42 -65.45
CA HIS N 85 -26.26 11.30 -64.58
C HIS N 85 -25.06 10.37 -64.54
N MET N 86 -24.49 10.17 -63.37
CA MET N 86 -23.31 9.35 -63.19
C MET N 86 -23.68 8.04 -62.52
N ARG N 87 -23.07 6.95 -62.98
CA ARG N 87 -23.30 5.64 -62.41
C ARG N 87 -21.95 4.99 -62.13
N VAL N 88 -21.65 4.75 -60.86
CA VAL N 88 -20.47 3.98 -60.49
C VAL N 88 -20.80 2.52 -60.71
N ARG N 89 -19.96 1.84 -61.49
CA ARG N 89 -20.25 0.50 -61.98
C ARG N 89 -19.35 -0.55 -61.36
N LEU N 90 -18.88 -0.30 -60.15
CA LEU N 90 -18.07 -1.25 -59.39
C LEU N 90 -18.55 -1.25 -57.96
N HIS N 91 -18.89 -2.43 -57.45
CA HIS N 91 -19.35 -2.55 -56.08
C HIS N 91 -18.32 -3.31 -55.26
N PRO N 92 -17.90 -2.78 -54.12
CA PRO N 92 -16.85 -3.43 -53.31
C PRO N 92 -17.35 -4.67 -52.57
N PHE N 93 -17.35 -5.79 -53.28
CA PHE N 93 -17.85 -7.05 -52.74
C PHE N 93 -16.75 -7.94 -52.19
N HIS N 94 -15.49 -7.53 -52.28
CA HIS N 94 -14.37 -8.35 -51.83
C HIS N 94 -13.82 -7.77 -50.55
N VAL N 95 -13.76 -8.58 -49.50
CA VAL N 95 -13.32 -8.14 -48.18
C VAL N 95 -11.83 -8.42 -48.05
N ILE N 96 -11.08 -7.42 -47.62
CA ILE N 96 -9.66 -7.56 -47.34
C ILE N 96 -9.48 -7.70 -45.84
N ARG N 97 -8.43 -8.42 -45.43
CA ARG N 97 -8.20 -8.77 -44.05
C ARG N 97 -6.91 -8.16 -43.55
N ILE N 98 -6.83 -7.98 -42.23
CA ILE N 98 -5.63 -7.47 -41.58
C ILE N 98 -5.27 -8.39 -40.43
N ASN N 99 -3.99 -8.77 -40.36
CA ASN N 99 -3.46 -9.52 -39.21
C ASN N 99 -2.79 -8.49 -38.33
N LYS N 100 -3.55 -7.98 -37.36
CA LYS N 100 -3.15 -6.81 -36.60
C LYS N 100 -2.13 -7.18 -35.52
N MET N 101 -0.97 -6.51 -35.56
CA MET N 101 0.08 -6.69 -34.58
C MET N 101 0.12 -5.48 -33.65
N LEU N 102 0.40 -5.73 -32.37
CA LEU N 102 0.48 -4.63 -31.41
C LEU N 102 1.65 -3.72 -31.75
N SER N 103 1.37 -2.44 -31.99
CA SER N 103 2.40 -1.47 -32.36
C SER N 103 3.08 -0.86 -31.15
N CYS N 104 3.54 -1.72 -30.23
CA CYS N 104 4.27 -1.30 -29.05
C CYS N 104 5.68 -1.88 -29.09
N ALA N 105 6.52 -1.39 -28.17
CA ALA N 105 7.92 -1.82 -28.11
C ALA N 105 8.02 -3.14 -27.34
N GLY N 106 7.49 -4.20 -27.96
CA GLY N 106 7.54 -5.50 -27.36
C GLY N 106 6.81 -6.60 -28.12
N ALA N 107 7.55 -7.65 -28.49
CA ALA N 107 6.94 -8.88 -28.98
C ALA N 107 6.62 -9.86 -27.86
N ASP N 108 7.08 -9.59 -26.64
CA ASP N 108 6.79 -10.46 -25.51
C ASP N 108 5.32 -10.40 -25.11
N ARG N 109 4.65 -9.30 -25.43
CA ARG N 109 3.26 -9.09 -25.02
C ARG N 109 2.30 -9.82 -25.94
N LEU N 110 2.55 -11.11 -26.20
CA LEU N 110 1.69 -11.95 -27.01
C LEU N 110 1.46 -11.37 -28.40
N GLN N 111 2.56 -10.93 -29.03
CA GLN N 111 2.48 -10.64 -30.46
C GLN N 111 2.13 -11.89 -31.25
N THR N 112 2.55 -13.06 -30.76
CA THR N 112 2.21 -14.36 -31.32
C THR N 112 2.88 -14.56 -32.68
N GLY N 113 3.44 -13.49 -33.24
CA GLY N 113 4.09 -13.60 -34.53
C GLY N 113 3.13 -14.01 -35.62
N MET N 114 3.52 -15.00 -36.41
CA MET N 114 2.74 -15.47 -37.54
C MET N 114 1.87 -16.69 -37.19
N ARG N 115 1.59 -16.89 -35.91
CA ARG N 115 0.76 -18.01 -35.47
C ARG N 115 -0.70 -17.57 -35.44
N GLY N 116 -1.56 -18.38 -36.04
CA GLY N 116 -2.97 -18.03 -36.13
C GLY N 116 -3.15 -16.72 -36.87
N ALA N 117 -2.46 -16.59 -38.00
CA ALA N 117 -2.29 -15.30 -38.66
C ALA N 117 -3.49 -14.88 -39.50
N PHE N 118 -4.51 -15.71 -39.64
CA PHE N 118 -5.67 -15.34 -40.45
C PHE N 118 -6.29 -14.05 -39.92
N GLY N 119 -6.43 -13.07 -40.81
CA GLY N 119 -6.82 -11.74 -40.38
C GLY N 119 -8.31 -11.57 -40.19
N LYS N 120 -8.66 -10.40 -39.69
CA LYS N 120 -10.01 -9.93 -39.46
C LYS N 120 -10.44 -9.01 -40.61
N PRO N 121 -11.73 -8.90 -40.89
CA PRO N 121 -12.18 -8.00 -41.97
C PRO N 121 -11.76 -6.57 -41.69
N GLN N 122 -11.13 -5.95 -42.69
CA GLN N 122 -10.55 -4.62 -42.55
C GLN N 122 -11.13 -3.61 -43.51
N GLY N 123 -11.72 -4.08 -44.62
CA GLY N 123 -12.33 -3.19 -45.58
C GLY N 123 -12.87 -4.00 -46.74
N THR N 124 -13.43 -3.27 -47.70
CA THR N 124 -13.95 -3.88 -48.93
C THR N 124 -13.37 -3.18 -50.14
N VAL N 125 -13.05 -3.96 -51.16
CA VAL N 125 -12.49 -3.45 -52.41
C VAL N 125 -13.29 -4.04 -53.55
N ALA N 126 -13.19 -3.39 -54.71
CA ALA N 126 -13.81 -3.86 -55.94
C ALA N 126 -12.73 -4.40 -56.86
N ARG N 127 -12.97 -5.62 -57.37
CA ARG N 127 -12.04 -6.27 -58.27
C ARG N 127 -12.36 -5.85 -59.70
N VAL N 128 -11.41 -5.22 -60.37
CA VAL N 128 -11.64 -4.73 -61.73
C VAL N 128 -10.70 -5.44 -62.68
N HIS N 129 -11.19 -5.68 -63.89
CA HIS N 129 -10.44 -6.36 -64.93
C HIS N 129 -10.05 -5.38 -66.01
N ILE N 130 -9.14 -5.82 -66.90
CA ILE N 130 -8.76 -5.01 -68.04
C ILE N 130 -9.96 -4.90 -68.98
N GLY N 131 -10.31 -3.67 -69.34
CA GLY N 131 -11.46 -3.43 -70.17
C GLY N 131 -12.76 -3.25 -69.42
N GLN N 132 -12.78 -3.41 -68.11
CA GLN N 132 -13.98 -3.22 -67.33
C GLN N 132 -14.24 -1.73 -67.08
N VAL N 133 -15.52 -1.37 -67.07
CA VAL N 133 -15.92 0.02 -66.88
C VAL N 133 -16.02 0.30 -65.39
N ILE N 134 -15.34 1.35 -64.94
CA ILE N 134 -15.38 1.76 -63.54
C ILE N 134 -16.52 2.74 -63.28
N MET N 135 -16.61 3.78 -64.09
CA MET N 135 -17.60 4.83 -63.90
C MET N 135 -18.20 5.22 -65.24
N SER N 136 -19.48 5.59 -65.22
CA SER N 136 -20.19 5.99 -66.42
C SER N 136 -20.94 7.29 -66.17
N ILE N 137 -20.90 8.19 -67.15
CA ILE N 137 -21.61 9.45 -67.10
C ILE N 137 -22.39 9.59 -68.40
N ARG N 138 -23.68 9.90 -68.30
CA ARG N 138 -24.50 10.21 -69.46
C ARG N 138 -25.00 11.64 -69.32
N THR N 139 -25.00 12.36 -70.45
CA THR N 139 -25.44 13.75 -70.45
C THR N 139 -25.77 14.13 -71.88
N LYS N 140 -25.98 15.43 -72.10
CA LYS N 140 -26.30 15.90 -73.44
C LYS N 140 -25.05 15.89 -74.33
N LEU N 141 -25.29 16.10 -75.61
CA LEU N 141 -24.26 15.78 -76.60
C LEU N 141 -23.23 16.91 -76.70
N GLN N 142 -23.56 18.09 -76.17
CA GLN N 142 -22.65 19.23 -76.16
C GLN N 142 -21.76 19.27 -74.93
N ASN N 143 -21.92 18.34 -73.99
CA ASN N 143 -21.10 18.29 -72.79
C ASN N 143 -19.99 17.24 -72.87
N GLU N 144 -19.59 16.87 -74.09
CA GLU N 144 -18.58 15.81 -74.24
C GLU N 144 -17.26 16.20 -73.61
N GLU N 145 -16.82 17.45 -73.80
CA GLU N 145 -15.55 17.88 -73.23
C GLU N 145 -15.62 17.94 -71.72
N HIS N 146 -16.80 18.17 -71.15
CA HIS N 146 -16.93 18.17 -69.69
C HIS N 146 -16.92 16.76 -69.13
N VAL N 147 -17.48 15.79 -69.87
CA VAL N 147 -17.44 14.40 -69.43
C VAL N 147 -16.00 13.91 -69.41
N ILE N 148 -15.23 14.24 -70.45
CA ILE N 148 -13.84 13.79 -70.51
C ILE N 148 -13.02 14.37 -69.37
N GLU N 149 -13.18 15.68 -69.12
CA GLU N 149 -12.41 16.33 -68.07
C GLU N 149 -12.82 15.82 -66.69
N ALA N 150 -14.12 15.63 -66.46
CA ALA N 150 -14.57 15.09 -65.18
C ALA N 150 -14.03 13.70 -64.95
N LEU N 151 -14.06 12.85 -65.99
CA LEU N 151 -13.48 11.51 -65.86
C LEU N 151 -11.97 11.57 -65.75
N ARG N 152 -11.33 12.55 -66.38
CA ARG N 152 -9.88 12.71 -66.25
C ARG N 152 -9.50 13.03 -64.81
N ARG N 153 -10.28 13.89 -64.15
CA ARG N 153 -9.97 14.26 -62.77
C ARG N 153 -10.16 13.09 -61.82
N ALA N 154 -11.19 12.27 -62.06
CA ALA N 154 -11.45 11.13 -61.18
C ALA N 154 -10.39 10.05 -61.33
N LYS N 155 -9.63 10.05 -62.42
CA LYS N 155 -8.59 9.05 -62.60
C LYS N 155 -7.49 9.20 -61.55
N PHE N 156 -7.25 10.42 -61.07
CA PHE N 156 -6.18 10.67 -60.11
C PHE N 156 -6.45 10.07 -58.75
N LYS N 157 -7.67 9.59 -58.50
CA LYS N 157 -8.02 8.96 -57.24
C LYS N 157 -7.87 7.44 -57.28
N PHE N 158 -7.32 6.90 -58.36
CA PHE N 158 -7.25 5.46 -58.54
C PHE N 158 -5.81 4.99 -58.68
N PRO N 159 -5.50 3.76 -58.26
CA PRO N 159 -4.10 3.33 -58.24
C PRO N 159 -3.47 3.16 -59.60
N GLY N 160 -4.13 2.48 -60.52
CA GLY N 160 -3.50 2.05 -61.76
C GLY N 160 -3.73 3.00 -62.91
N ARG N 161 -3.81 2.44 -64.11
CA ARG N 161 -4.00 3.19 -65.35
C ARG N 161 -5.42 3.00 -65.84
N GLN N 162 -6.09 4.10 -66.17
CA GLN N 162 -7.46 4.08 -66.63
C GLN N 162 -7.57 4.89 -67.92
N LYS N 163 -8.47 4.44 -68.80
CA LYS N 163 -8.68 5.09 -70.09
C LYS N 163 -10.09 5.68 -70.14
N ILE N 164 -10.21 6.86 -70.74
CA ILE N 164 -11.50 7.50 -70.97
C ILE N 164 -11.99 7.12 -72.36
N HIS N 165 -13.24 6.69 -72.44
CA HIS N 165 -13.80 6.22 -73.70
C HIS N 165 -15.21 6.78 -73.86
N ILE N 166 -15.48 7.37 -75.02
CA ILE N 166 -16.82 7.83 -75.36
C ILE N 166 -17.51 6.69 -76.11
N SER N 167 -18.47 6.05 -75.46
CA SER N 167 -19.10 4.87 -76.04
C SER N 167 -19.98 5.25 -77.22
N LYS N 168 -20.16 4.28 -78.12
CA LYS N 168 -21.06 4.42 -79.25
C LYS N 168 -22.49 4.02 -78.92
N LYS N 169 -22.75 3.56 -77.70
CA LYS N 169 -24.10 3.27 -77.27
C LYS N 169 -24.84 4.55 -76.92
N TRP N 170 -26.17 4.48 -76.94
CA TRP N 170 -27.01 5.61 -76.59
C TRP N 170 -27.23 5.61 -75.08
N GLY N 171 -26.67 6.60 -74.40
CA GLY N 171 -26.83 6.70 -72.96
C GLY N 171 -26.29 5.48 -72.23
N PHE N 172 -27.07 4.98 -71.29
CA PHE N 172 -26.71 3.81 -70.51
C PHE N 172 -27.27 2.52 -71.11
N THR N 173 -27.90 2.60 -72.28
CA THR N 173 -28.45 1.41 -72.91
C THR N 173 -27.34 0.58 -73.56
N LYS N 174 -27.72 -0.59 -74.05
CA LYS N 174 -26.80 -1.49 -74.73
C LYS N 174 -26.96 -1.46 -76.24
N PHE N 175 -27.69 -0.47 -76.76
CA PHE N 175 -27.95 -0.37 -78.19
C PHE N 175 -27.17 0.80 -78.77
N ASN N 176 -26.74 0.63 -80.02
CA ASN N 176 -25.90 1.63 -80.68
C ASN N 176 -26.68 2.93 -80.86
N ALA N 177 -25.95 4.05 -80.78
CA ALA N 177 -26.58 5.36 -80.89
C ALA N 177 -27.16 5.59 -82.28
N ASP N 178 -26.47 5.13 -83.32
CA ASP N 178 -26.93 5.42 -84.68
C ASP N 178 -28.17 4.61 -85.05
N GLU N 179 -28.36 3.44 -84.43
CA GLU N 179 -29.54 2.63 -84.64
C GLU N 179 -30.61 2.87 -83.59
N PHE N 180 -30.37 3.78 -82.65
CA PHE N 180 -31.28 3.90 -81.51
C PHE N 180 -32.60 4.55 -81.93
N GLU N 181 -32.54 5.63 -82.70
CA GLU N 181 -33.74 6.41 -82.96
C GLU N 181 -34.73 5.64 -83.83
N ASP N 182 -34.26 4.98 -84.89
CA ASP N 182 -35.18 4.24 -85.75
C ASP N 182 -35.72 3.00 -85.07
N MET N 183 -34.94 2.40 -84.16
CA MET N 183 -35.45 1.28 -83.36
C MET N 183 -36.62 1.71 -82.49
N VAL N 184 -36.55 2.91 -81.92
CA VAL N 184 -37.70 3.46 -81.20
C VAL N 184 -38.82 3.78 -82.18
N ALA N 185 -38.48 4.26 -83.38
CA ALA N 185 -39.50 4.60 -84.37
C ALA N 185 -40.32 3.38 -84.77
N LYS N 186 -39.66 2.25 -85.01
CA LYS N 186 -40.34 1.00 -85.35
C LYS N 186 -40.76 0.23 -84.11
N LYS N 187 -40.66 0.83 -82.93
CA LYS N 187 -41.14 0.27 -81.66
C LYS N 187 -40.41 -1.01 -81.27
N CYS N 188 -39.20 -1.24 -81.78
CA CYS N 188 -38.38 -2.31 -81.23
C CYS N 188 -37.94 -1.97 -79.81
N LEU N 189 -37.81 -0.68 -79.50
CA LEU N 189 -37.43 -0.21 -78.18
C LEU N 189 -38.52 0.68 -77.61
N ILE N 190 -38.84 0.46 -76.33
CA ILE N 190 -39.84 1.26 -75.62
C ILE N 190 -39.19 1.85 -74.38
N PRO N 191 -39.25 3.17 -74.18
CA PRO N 191 -38.56 3.79 -73.04
C PRO N 191 -39.25 3.48 -71.72
N ASP N 192 -38.45 3.19 -70.69
CA ASP N 192 -38.94 3.21 -69.32
C ASP N 192 -37.87 3.78 -68.40
N GLY N 193 -38.25 4.77 -67.60
CA GLY N 193 -37.28 5.39 -66.71
C GLY N 193 -36.06 5.90 -67.47
N CYS N 194 -34.88 5.47 -67.01
CA CYS N 194 -33.63 5.82 -67.66
C CYS N 194 -33.15 4.77 -68.66
N GLY N 195 -33.92 3.72 -68.88
CA GLY N 195 -33.56 2.68 -69.82
C GLY N 195 -34.63 2.41 -70.85
N VAL N 196 -34.41 1.41 -71.71
CA VAL N 196 -35.39 1.05 -72.73
C VAL N 196 -35.69 -0.44 -72.60
N LYS N 197 -36.86 -0.82 -73.07
CA LYS N 197 -37.26 -2.22 -73.14
C LYS N 197 -37.20 -2.68 -74.59
N TYR N 198 -36.40 -3.71 -74.85
CA TYR N 198 -36.40 -4.33 -76.16
C TYR N 198 -37.65 -5.17 -76.31
N VAL N 199 -38.40 -4.93 -77.37
CA VAL N 199 -39.62 -5.68 -77.64
C VAL N 199 -39.31 -6.69 -78.75
N PRO N 200 -39.13 -7.97 -78.44
CA PRO N 200 -38.91 -8.96 -79.50
C PRO N 200 -40.19 -9.20 -80.29
N SER N 201 -40.01 -9.63 -81.53
CA SER N 201 -41.15 -9.95 -82.39
C SER N 201 -41.62 -11.38 -82.15
N HIS N 202 -41.81 -11.70 -80.87
CA HIS N 202 -42.40 -12.98 -80.49
C HIS N 202 -43.08 -12.81 -79.14
N GLY N 203 -43.95 -13.77 -78.83
CA GLY N 203 -44.84 -13.66 -77.70
C GLY N 203 -46.26 -13.49 -78.19
N PRO N 204 -47.21 -13.32 -77.27
CA PRO N 204 -48.61 -13.17 -77.69
C PRO N 204 -48.81 -11.91 -78.54
N LEU N 205 -49.69 -12.00 -79.53
CA LEU N 205 -50.04 -10.80 -80.29
C LEU N 205 -50.81 -9.77 -79.47
N ASP N 206 -51.39 -10.15 -78.35
CA ASP N 206 -52.14 -9.17 -77.57
C ASP N 206 -51.22 -8.06 -77.08
N LYS N 207 -49.96 -8.39 -76.79
CA LYS N 207 -48.98 -7.36 -76.46
C LYS N 207 -48.54 -6.62 -77.72
N TRP N 208 -48.61 -7.26 -78.88
CA TRP N 208 -48.28 -6.55 -80.12
C TRP N 208 -49.35 -5.50 -80.44
N ARG N 209 -50.62 -5.80 -80.10
CA ARG N 209 -51.68 -4.86 -80.44
C ARG N 209 -51.87 -3.78 -79.38
N VAL N 210 -51.30 -3.94 -78.18
CA VAL N 210 -51.29 -2.80 -77.26
C VAL N 210 -50.29 -1.75 -77.73
N LEU N 211 -49.15 -2.18 -78.26
CA LEU N 211 -48.40 -1.33 -79.18
C LEU N 211 -49.21 -1.22 -80.46
N HIS N 212 -48.94 -0.16 -81.24
CA HIS N 212 -49.66 0.14 -82.46
C HIS N 212 -51.12 0.46 -82.18
N SER N 213 -51.49 0.70 -80.91
CA SER N 213 -52.84 1.15 -80.56
C SER N 213 -52.76 2.38 -79.68
N LYS O 6 -80.51 -25.78 -72.74
CA LYS O 6 -79.31 -25.21 -73.34
C LYS O 6 -78.05 -25.72 -72.63
N GLU O 7 -78.02 -25.56 -71.32
CA GLU O 7 -76.91 -26.05 -70.53
C GLU O 7 -76.94 -27.57 -70.42
N ASN O 8 -75.77 -28.19 -70.38
CA ASN O 8 -75.72 -29.62 -70.18
C ASN O 8 -76.21 -29.97 -68.78
N PRO O 9 -76.93 -31.07 -68.61
CA PRO O 9 -77.32 -31.47 -67.25
C PRO O 9 -76.15 -31.76 -66.33
N MET O 10 -74.99 -32.08 -66.88
CA MET O 10 -73.81 -32.39 -66.08
C MET O 10 -73.12 -31.15 -65.54
N ARG O 11 -73.62 -29.95 -65.86
CA ARG O 11 -73.06 -28.70 -65.38
C ARG O 11 -73.83 -28.11 -64.21
N GLU O 12 -74.89 -28.76 -63.74
CA GLU O 12 -75.74 -28.16 -62.72
C GLU O 12 -75.01 -28.04 -61.40
N LEU O 13 -75.14 -26.87 -60.77
CA LEU O 13 -74.52 -26.65 -59.47
C LEU O 13 -75.28 -27.39 -58.39
N ARG O 14 -74.54 -27.86 -57.39
CA ARG O 14 -75.14 -28.60 -56.28
C ARG O 14 -74.18 -28.61 -55.10
N ILE O 15 -74.73 -28.91 -53.92
CA ILE O 15 -74.02 -28.80 -52.66
C ILE O 15 -73.16 -30.06 -52.45
N ARG O 16 -71.85 -29.87 -52.39
CA ARG O 16 -70.96 -31.00 -52.12
C ARG O 16 -70.99 -31.37 -50.64
N LYS O 17 -70.80 -30.39 -49.75
CA LYS O 17 -70.80 -30.64 -48.33
C LYS O 17 -71.08 -29.32 -47.60
N LEU O 18 -71.49 -29.42 -46.34
CA LEU O 18 -71.93 -28.21 -45.64
C LEU O 18 -70.95 -27.80 -44.54
N CYS O 19 -70.19 -28.76 -44.01
CA CYS O 19 -69.00 -28.48 -43.20
C CYS O 19 -69.30 -27.57 -42.01
N LEU O 20 -70.12 -28.05 -41.08
CA LEU O 20 -70.38 -27.32 -39.85
C LEU O 20 -69.16 -27.39 -38.93
N ASN O 21 -68.84 -26.26 -38.29
CA ASN O 21 -67.72 -26.20 -37.35
C ASN O 21 -68.07 -25.34 -36.15
N ILE O 22 -67.70 -25.81 -34.96
CA ILE O 22 -67.83 -25.06 -33.72
C ILE O 22 -66.47 -25.06 -33.02
N CYS O 23 -65.95 -23.88 -32.72
CA CYS O 23 -64.68 -23.74 -32.04
C CYS O 23 -64.89 -23.13 -30.67
N VAL O 24 -64.47 -23.84 -29.62
CA VAL O 24 -64.50 -23.33 -28.26
C VAL O 24 -63.07 -23.10 -27.82
N GLY O 25 -62.92 -22.38 -26.71
CA GLY O 25 -61.58 -22.00 -26.27
C GLY O 25 -60.72 -23.20 -25.87
N GLU O 26 -61.28 -24.11 -25.07
CA GLU O 26 -60.48 -25.13 -24.41
C GLU O 26 -61.20 -26.47 -24.42
N SER O 27 -60.42 -27.53 -24.21
CA SER O 27 -60.99 -28.85 -23.97
C SER O 27 -61.69 -28.87 -22.61
N GLY O 28 -62.77 -29.63 -22.53
CA GLY O 28 -63.49 -29.75 -21.27
C GLY O 28 -64.94 -30.15 -21.52
N ASP O 29 -65.76 -29.91 -20.51
CA ASP O 29 -67.19 -30.18 -20.64
C ASP O 29 -67.81 -29.30 -21.73
N ARG O 30 -67.27 -28.10 -21.91
CA ARG O 30 -67.77 -27.20 -22.95
C ARG O 30 -67.63 -27.83 -24.33
N LEU O 31 -66.48 -28.44 -24.61
CA LEU O 31 -66.30 -29.09 -25.90
C LEU O 31 -67.21 -30.31 -26.06
N THR O 32 -67.35 -31.11 -25.00
CA THR O 32 -68.20 -32.29 -25.07
C THR O 32 -69.65 -31.92 -25.32
N ARG O 33 -70.13 -30.87 -24.65
CA ARG O 33 -71.51 -30.43 -24.86
C ARG O 33 -71.67 -29.81 -26.24
N ALA O 34 -70.63 -29.15 -26.74
CA ALA O 34 -70.64 -28.65 -28.12
C ALA O 34 -70.72 -29.79 -29.11
N ALA O 35 -70.06 -30.92 -28.80
CA ALA O 35 -70.15 -32.08 -29.66
C ALA O 35 -71.57 -32.61 -29.75
N LYS O 36 -72.29 -32.60 -28.62
CA LYS O 36 -73.69 -33.03 -28.64
C LYS O 36 -74.54 -32.07 -29.46
N VAL O 37 -74.16 -30.78 -29.48
CA VAL O 37 -74.90 -29.81 -30.29
C VAL O 37 -74.79 -30.15 -31.76
N LEU O 38 -73.59 -30.49 -32.23
CA LEU O 38 -73.44 -30.92 -33.61
C LEU O 38 -74.12 -32.26 -33.85
N GLU O 39 -74.06 -33.15 -32.86
CA GLU O 39 -74.67 -34.47 -33.02
C GLU O 39 -76.18 -34.37 -33.21
N GLN O 40 -76.84 -33.51 -32.44
CA GLN O 40 -78.29 -33.40 -32.56
C GLN O 40 -78.69 -32.75 -33.88
N LEU O 41 -77.95 -31.72 -34.31
CA LEU O 41 -78.28 -31.05 -35.56
C LEU O 41 -78.05 -31.96 -36.77
N THR O 42 -76.92 -32.67 -36.78
CA THR O 42 -76.52 -33.47 -37.93
C THR O 42 -76.93 -34.93 -37.82
N GLY O 43 -77.38 -35.39 -36.66
CA GLY O 43 -77.61 -36.82 -36.49
C GLY O 43 -76.39 -37.64 -36.78
N GLN O 44 -75.21 -37.13 -36.44
CA GLN O 44 -73.95 -37.63 -36.94
C GLN O 44 -72.87 -37.38 -35.89
N THR O 45 -71.99 -38.35 -35.70
CA THR O 45 -70.97 -38.22 -34.68
C THR O 45 -69.98 -37.14 -35.09
N PRO O 46 -69.73 -36.13 -34.25
CA PRO O 46 -68.75 -35.10 -34.60
C PRO O 46 -67.34 -35.57 -34.32
N VAL O 47 -66.38 -34.83 -34.86
CA VAL O 47 -64.96 -35.12 -34.70
C VAL O 47 -64.27 -33.89 -34.12
N PHE O 48 -63.43 -34.12 -33.11
CA PHE O 48 -62.73 -33.04 -32.45
C PHE O 48 -61.45 -32.70 -33.20
N SER O 49 -61.02 -31.44 -33.10
CA SER O 49 -59.81 -30.96 -33.77
C SER O 49 -58.85 -30.39 -32.73
N LYS O 50 -57.61 -30.84 -32.77
CA LYS O 50 -56.59 -30.39 -31.85
C LYS O 50 -55.96 -29.07 -32.32
N ALA O 51 -55.32 -28.38 -31.38
CA ALA O 51 -54.68 -27.11 -31.69
C ALA O 51 -53.29 -27.35 -32.28
N ARG O 52 -53.02 -26.70 -33.42
CA ARG O 52 -51.74 -26.91 -34.10
C ARG O 52 -50.57 -26.42 -33.26
N TYR O 53 -50.70 -25.25 -32.63
CA TYR O 53 -49.63 -24.64 -31.87
C TYR O 53 -50.18 -24.16 -30.53
N THR O 54 -49.27 -23.85 -29.61
CA THR O 54 -49.64 -23.24 -28.35
C THR O 54 -49.65 -21.72 -28.52
N VAL O 55 -50.76 -21.09 -28.14
CA VAL O 55 -50.87 -19.64 -28.18
C VAL O 55 -51.26 -19.20 -26.78
N ARG O 56 -50.37 -18.44 -26.13
CA ARG O 56 -50.66 -17.99 -24.76
C ARG O 56 -51.79 -16.99 -24.74
N SER O 57 -51.89 -16.16 -25.79
CA SER O 57 -52.95 -15.16 -25.84
C SER O 57 -54.34 -15.81 -25.84
N PHE O 58 -54.51 -16.88 -26.60
CA PHE O 58 -55.78 -17.59 -26.64
C PHE O 58 -55.89 -18.64 -25.55
N GLY O 59 -54.83 -18.86 -24.79
CA GLY O 59 -54.85 -19.84 -23.71
C GLY O 59 -55.03 -21.26 -24.18
N ILE O 60 -54.53 -21.59 -25.37
CA ILE O 60 -54.62 -22.93 -25.92
C ILE O 60 -53.22 -23.54 -25.94
N ARG O 61 -53.15 -24.84 -25.66
CA ARG O 61 -51.90 -25.57 -25.69
C ARG O 61 -51.90 -26.50 -26.89
N ARG O 62 -50.72 -26.93 -27.31
CA ARG O 62 -50.59 -27.73 -28.52
C ARG O 62 -51.14 -29.13 -28.29
N ASN O 63 -51.75 -29.70 -29.32
CA ASN O 63 -52.35 -31.03 -29.28
C ASN O 63 -53.54 -31.09 -28.34
N GLU O 64 -54.14 -29.94 -28.03
CA GLU O 64 -55.31 -29.86 -27.15
C GLU O 64 -56.56 -29.73 -27.99
N LYS O 65 -57.57 -30.53 -27.67
CA LYS O 65 -58.84 -30.46 -28.39
C LYS O 65 -59.46 -29.07 -28.19
N ILE O 66 -59.72 -28.38 -29.29
CA ILE O 66 -60.18 -26.99 -29.20
C ILE O 66 -61.54 -26.84 -29.87
N ALA O 67 -61.77 -27.58 -30.95
CA ALA O 67 -62.97 -27.38 -31.75
C ALA O 67 -63.59 -28.72 -32.12
N VAL O 68 -64.87 -28.68 -32.47
CA VAL O 68 -65.61 -29.84 -32.94
C VAL O 68 -66.21 -29.47 -34.29
N HIS O 69 -66.08 -30.36 -35.26
CA HIS O 69 -66.55 -30.08 -36.62
C HIS O 69 -67.16 -31.34 -37.22
N CYS O 70 -68.03 -31.12 -38.20
CA CYS O 70 -68.70 -32.22 -38.90
C CYS O 70 -68.92 -31.80 -40.35
N THR O 71 -68.91 -32.78 -41.24
CA THR O 71 -69.21 -32.58 -42.65
C THR O 71 -70.48 -33.33 -42.99
N VAL O 72 -71.46 -32.63 -43.56
CA VAL O 72 -72.76 -33.19 -43.87
C VAL O 72 -72.95 -33.13 -45.38
N ARG O 73 -73.37 -34.25 -45.96
CA ARG O 73 -73.55 -34.37 -47.40
C ARG O 73 -74.94 -34.93 -47.70
N GLY O 74 -75.42 -34.65 -48.90
CA GLY O 74 -76.70 -35.18 -49.33
C GLY O 74 -77.87 -34.32 -48.90
N ALA O 75 -79.05 -34.96 -48.83
CA ALA O 75 -80.26 -34.25 -48.47
C ALA O 75 -80.18 -33.71 -47.04
N LYS O 76 -79.45 -34.40 -46.17
CA LYS O 76 -79.24 -33.93 -44.81
C LYS O 76 -78.59 -32.55 -44.80
N ALA O 77 -77.60 -32.35 -45.66
CA ALA O 77 -76.96 -31.03 -45.75
C ALA O 77 -77.95 -29.98 -46.22
N GLU O 78 -78.77 -30.30 -47.22
CA GLU O 78 -79.71 -29.33 -47.75
C GLU O 78 -80.71 -28.88 -46.69
N GLU O 79 -81.16 -29.80 -45.84
CA GLU O 79 -82.11 -29.45 -44.80
C GLU O 79 -81.45 -28.61 -43.70
N ILE O 80 -80.19 -28.86 -43.41
CA ILE O 80 -79.49 -28.04 -42.42
C ILE O 80 -79.26 -26.64 -42.96
N LEU O 81 -78.97 -26.53 -44.26
CA LEU O 81 -78.69 -25.23 -44.85
C LEU O 81 -79.91 -24.31 -44.77
N GLU O 82 -81.10 -24.85 -45.05
CA GLU O 82 -82.30 -24.01 -45.04
C GLU O 82 -82.60 -23.48 -43.64
N LYS O 83 -82.33 -24.29 -42.61
CA LYS O 83 -82.49 -23.81 -41.24
C LYS O 83 -81.54 -22.65 -40.96
N GLY O 84 -80.27 -22.79 -41.32
CA GLY O 84 -79.31 -21.72 -41.09
C GLY O 84 -79.60 -20.48 -41.91
N LEU O 85 -79.99 -20.66 -43.17
CA LEU O 85 -80.38 -19.52 -44.00
C LEU O 85 -81.60 -18.82 -43.42
N LYS O 86 -82.51 -19.59 -42.82
CA LYS O 86 -83.68 -18.98 -42.19
C LYS O 86 -83.27 -18.11 -41.02
N VAL O 87 -82.21 -18.48 -40.30
CA VAL O 87 -81.69 -17.62 -39.25
C VAL O 87 -81.21 -16.30 -39.83
N ARG O 88 -80.48 -16.36 -40.94
CA ARG O 88 -80.02 -15.13 -41.58
C ARG O 88 -81.06 -14.53 -42.50
N GLU O 89 -82.29 -15.05 -42.48
CA GLU O 89 -83.40 -14.51 -43.27
C GLU O 89 -83.10 -14.54 -44.76
N TYR O 90 -82.33 -15.55 -45.20
CA TYR O 90 -81.99 -15.74 -46.60
C TYR O 90 -81.31 -14.51 -47.19
N GLU O 91 -80.42 -13.90 -46.40
CA GLU O 91 -79.71 -12.68 -46.79
C GLU O 91 -78.22 -12.90 -46.53
N LEU O 92 -77.45 -13.06 -47.60
CA LEU O 92 -76.01 -13.24 -47.49
C LEU O 92 -75.27 -12.07 -48.13
N ARG O 93 -74.18 -11.66 -47.49
CA ARG O 93 -73.39 -10.54 -47.97
C ARG O 93 -72.47 -11.05 -49.06
N LYS O 94 -72.15 -10.20 -50.05
CA LYS O 94 -71.41 -10.70 -51.19
C LYS O 94 -69.96 -11.04 -50.81
N ASN O 95 -69.44 -10.45 -49.75
CA ASN O 95 -68.10 -10.83 -49.29
C ASN O 95 -68.07 -12.29 -48.82
N ASN O 96 -69.21 -12.81 -48.35
CA ASN O 96 -69.23 -14.17 -47.82
C ASN O 96 -68.92 -15.20 -48.91
N PHE O 97 -69.38 -14.94 -50.14
CA PHE O 97 -69.04 -15.81 -51.25
C PHE O 97 -67.56 -15.67 -51.60
N SER O 98 -66.90 -16.79 -51.89
CA SER O 98 -65.47 -16.82 -52.08
C SER O 98 -65.12 -16.96 -53.56
N ASP O 99 -63.84 -16.73 -53.86
CA ASP O 99 -63.38 -16.80 -55.25
C ASP O 99 -63.47 -18.20 -55.81
N THR O 100 -63.32 -19.22 -54.94
CA THR O 100 -63.37 -20.60 -55.38
C THR O 100 -64.79 -21.07 -55.73
N GLY O 101 -65.81 -20.27 -55.43
CA GLY O 101 -67.18 -20.62 -55.72
C GLY O 101 -67.97 -21.20 -54.58
N ASN O 102 -67.51 -21.04 -53.35
CA ASN O 102 -68.14 -21.62 -52.18
C ASN O 102 -68.27 -20.59 -51.06
N PHE O 103 -69.42 -20.60 -50.39
CA PHE O 103 -69.79 -19.54 -49.45
C PHE O 103 -70.06 -20.11 -48.07
N GLY O 104 -70.11 -19.22 -47.09
CA GLY O 104 -70.37 -19.62 -45.71
C GLY O 104 -71.00 -18.50 -44.91
N PHE O 105 -71.71 -18.90 -43.85
CA PHE O 105 -72.34 -17.97 -42.92
C PHE O 105 -72.23 -18.54 -41.51
N GLY O 106 -72.40 -17.67 -40.52
CA GLY O 106 -72.28 -18.07 -39.11
C GLY O 106 -73.55 -17.77 -38.35
N ILE O 107 -73.89 -18.65 -37.41
CA ILE O 107 -75.10 -18.54 -36.60
C ILE O 107 -74.69 -18.38 -35.15
N GLN O 108 -75.22 -17.34 -34.49
CA GLN O 108 -74.77 -17.01 -33.15
C GLN O 108 -75.35 -17.96 -32.10
N GLU O 109 -76.56 -18.45 -32.30
CA GLU O 109 -77.26 -19.25 -31.29
C GLU O 109 -77.77 -20.54 -31.92
N HIS O 110 -77.34 -21.69 -31.38
CA HIS O 110 -77.80 -22.97 -31.92
C HIS O 110 -79.21 -23.30 -31.47
N ILE O 111 -79.63 -22.77 -30.31
CA ILE O 111 -80.88 -23.17 -29.70
C ILE O 111 -82.07 -22.80 -30.57
N ASP O 112 -81.99 -21.66 -31.27
CA ASP O 112 -83.17 -21.14 -31.95
C ASP O 112 -83.69 -22.11 -33.02
N LEU O 113 -82.80 -22.71 -33.80
CA LEU O 113 -83.20 -23.66 -34.83
C LEU O 113 -83.11 -25.10 -34.35
N GLY O 114 -84.25 -25.77 -34.42
CA GLY O 114 -84.55 -27.12 -34.04
C GLY O 114 -84.51 -27.38 -32.56
N ILE O 115 -83.31 -27.44 -31.99
CA ILE O 115 -83.12 -28.09 -30.70
C ILE O 115 -83.57 -27.19 -29.57
N LYS O 116 -84.39 -27.74 -28.69
CA LYS O 116 -84.72 -27.07 -27.43
C LYS O 116 -83.46 -26.91 -26.59
N TYR O 117 -83.36 -25.77 -25.89
CA TYR O 117 -82.26 -25.62 -24.96
C TYR O 117 -82.41 -26.60 -23.80
N ASP O 118 -81.32 -27.27 -23.46
CA ASP O 118 -81.25 -28.12 -22.30
C ASP O 118 -80.36 -27.47 -21.26
N PRO O 119 -80.73 -27.49 -19.98
CA PRO O 119 -79.87 -26.85 -18.97
C PRO O 119 -78.46 -27.39 -18.99
N SER O 120 -78.30 -28.69 -19.22
CA SER O 120 -76.97 -29.26 -19.39
C SER O 120 -76.29 -28.69 -20.63
N ILE O 121 -77.03 -28.57 -21.73
CA ILE O 121 -76.44 -28.08 -22.98
C ILE O 121 -76.21 -26.57 -22.89
N GLY O 122 -75.18 -26.10 -23.60
CA GLY O 122 -74.77 -24.72 -23.54
C GLY O 122 -75.52 -23.83 -24.52
N ILE O 123 -74.98 -22.63 -24.70
CA ILE O 123 -75.59 -21.61 -25.54
C ILE O 123 -74.83 -21.46 -26.86
N TYR O 124 -74.03 -22.48 -27.24
CA TYR O 124 -73.05 -22.34 -28.31
C TYR O 124 -73.70 -21.97 -29.63
N GLY O 125 -73.00 -21.15 -30.43
CA GLY O 125 -73.32 -20.97 -31.83
C GLY O 125 -72.52 -21.92 -32.71
N LEU O 126 -72.60 -21.68 -34.01
CA LEU O 126 -71.96 -22.58 -34.96
C LEU O 126 -71.65 -21.85 -36.27
N ASP O 127 -70.78 -22.48 -37.07
CA ASP O 127 -70.23 -21.90 -38.29
C ASP O 127 -70.61 -22.79 -39.48
N PHE O 128 -71.20 -22.17 -40.50
CA PHE O 128 -71.60 -22.85 -41.73
C PHE O 128 -70.63 -22.48 -42.83
N TYR O 129 -70.17 -23.49 -43.59
CA TYR O 129 -69.46 -23.24 -44.85
C TYR O 129 -69.83 -24.31 -45.85
N VAL O 130 -70.73 -23.98 -46.76
CA VAL O 130 -71.18 -24.89 -47.81
C VAL O 130 -70.16 -24.87 -48.95
N VAL O 131 -69.92 -26.04 -49.54
CA VAL O 131 -69.03 -26.18 -50.69
C VAL O 131 -69.89 -26.56 -51.88
N LEU O 132 -69.84 -25.75 -52.92
CA LEU O 132 -70.66 -25.93 -54.11
C LEU O 132 -69.84 -26.64 -55.20
N GLY O 133 -70.46 -27.62 -55.86
CA GLY O 133 -69.77 -28.38 -56.88
C GLY O 133 -70.70 -28.77 -58.00
N ARG O 134 -70.08 -29.14 -59.13
CA ARG O 134 -70.75 -29.71 -60.27
C ARG O 134 -70.45 -31.20 -60.35
N PRO O 135 -71.25 -31.98 -61.08
CA PRO O 135 -70.90 -33.38 -61.30
C PRO O 135 -69.54 -33.50 -61.98
N GLY O 136 -68.77 -34.49 -61.55
CA GLY O 136 -67.43 -34.67 -62.04
C GLY O 136 -66.34 -34.01 -61.22
N PHE O 137 -66.71 -33.28 -60.15
CA PHE O 137 -65.70 -32.69 -59.28
C PHE O 137 -64.93 -33.75 -58.51
N SER O 138 -65.44 -34.98 -58.47
CA SER O 138 -64.80 -36.04 -57.69
C SER O 138 -63.50 -36.53 -58.33
N ILE O 139 -63.23 -36.18 -59.59
CA ILE O 139 -62.04 -36.70 -60.27
C ILE O 139 -60.77 -36.24 -59.56
N ALA O 140 -60.82 -35.10 -58.88
CA ALA O 140 -59.66 -34.65 -58.10
C ALA O 140 -59.43 -35.53 -56.89
N ASP O 141 -60.52 -36.03 -56.28
CA ASP O 141 -60.41 -36.83 -55.07
C ASP O 141 -60.00 -38.27 -55.37
N LYS O 142 -60.24 -38.72 -56.59
CA LYS O 142 -60.06 -40.13 -56.95
C LYS O 142 -58.59 -40.55 -56.84
N LYS O 143 -58.37 -41.79 -56.40
CA LYS O 143 -57.01 -42.30 -56.24
C LYS O 143 -56.35 -42.58 -57.58
N ARG O 144 -57.08 -43.21 -58.51
CA ARG O 144 -56.53 -43.62 -59.79
C ARG O 144 -56.93 -42.64 -60.88
N ARG O 145 -55.95 -42.20 -61.67
CA ARG O 145 -56.18 -41.29 -62.79
C ARG O 145 -56.88 -40.01 -62.33
N THR O 146 -56.42 -39.47 -61.21
CA THR O 146 -56.97 -38.20 -60.73
C THR O 146 -56.57 -37.07 -61.67
N GLY O 147 -57.42 -36.05 -61.75
CA GLY O 147 -57.18 -34.93 -62.63
C GLY O 147 -57.89 -33.68 -62.15
N CYS O 148 -57.45 -32.55 -62.69
CA CYS O 148 -58.08 -31.27 -62.39
C CYS O 148 -59.38 -31.12 -63.19
N ILE O 149 -60.29 -30.31 -62.66
CA ILE O 149 -61.65 -30.25 -63.21
C ILE O 149 -61.68 -29.50 -64.54
N GLY O 150 -60.84 -28.50 -64.70
CA GLY O 150 -60.89 -27.72 -65.93
C GLY O 150 -61.60 -26.39 -65.72
N ALA O 151 -61.23 -25.41 -66.56
CA ALA O 151 -61.63 -24.03 -66.31
C ALA O 151 -63.14 -23.83 -66.43
N LYS O 152 -63.73 -24.32 -67.52
CA LYS O 152 -65.17 -24.10 -67.72
C LYS O 152 -65.99 -24.77 -66.64
N HIS O 153 -65.49 -25.89 -66.11
CA HIS O 153 -66.27 -26.65 -65.13
C HIS O 153 -66.15 -26.07 -63.74
N ARG O 154 -65.21 -25.15 -63.53
CA ARG O 154 -65.06 -24.49 -62.23
C ARG O 154 -66.22 -23.54 -61.98
N ILE O 155 -66.50 -23.30 -60.70
CA ILE O 155 -67.59 -22.41 -60.28
C ILE O 155 -67.00 -21.10 -59.82
N SER O 156 -67.49 -19.99 -60.37
CA SER O 156 -67.03 -18.67 -60.00
C SER O 156 -67.87 -18.10 -58.87
N LYS O 157 -67.36 -17.01 -58.27
CA LYS O 157 -68.11 -16.32 -57.23
C LYS O 157 -69.45 -15.82 -57.75
N GLU O 158 -69.49 -15.41 -59.02
CA GLU O 158 -70.73 -14.92 -59.61
C GLU O 158 -71.74 -16.03 -59.79
N GLU O 159 -71.26 -17.22 -60.20
CA GLU O 159 -72.16 -18.35 -60.40
C GLU O 159 -72.78 -18.82 -59.09
N ALA O 160 -71.99 -18.83 -58.01
CA ALA O 160 -72.53 -19.18 -56.70
C ALA O 160 -73.61 -18.20 -56.27
N MET O 161 -73.40 -16.91 -56.56
CA MET O 161 -74.37 -15.90 -56.18
C MET O 161 -75.69 -16.07 -56.93
N ARG O 162 -75.64 -16.46 -58.21
CA ARG O 162 -76.88 -16.78 -58.90
C ARG O 162 -77.58 -17.97 -58.26
N TRP O 163 -76.80 -19.00 -57.91
CA TRP O 163 -77.39 -20.21 -57.35
C TRP O 163 -78.16 -19.90 -56.07
N PHE O 164 -77.60 -19.06 -55.20
CA PHE O 164 -78.34 -18.65 -54.01
C PHE O 164 -79.56 -17.82 -54.38
N GLN O 165 -79.40 -16.91 -55.34
CA GLN O 165 -80.51 -16.04 -55.72
C GLN O 165 -81.64 -16.81 -56.40
N GLN O 166 -81.32 -17.94 -57.04
CA GLN O 166 -82.35 -18.71 -57.72
C GLN O 166 -82.95 -19.81 -56.84
N LYS O 167 -82.12 -20.53 -56.09
CA LYS O 167 -82.62 -21.66 -55.31
C LYS O 167 -83.40 -21.20 -54.07
N TYR O 168 -82.87 -20.22 -53.34
CA TYR O 168 -83.44 -19.82 -52.07
C TYR O 168 -84.09 -18.45 -52.10
N ASP O 169 -84.37 -17.91 -53.28
CA ASP O 169 -84.80 -16.51 -53.47
C ASP O 169 -84.03 -15.58 -52.55
N GLY O 170 -82.72 -15.82 -52.45
CA GLY O 170 -81.90 -15.07 -51.51
C GLY O 170 -81.56 -13.69 -52.01
N ILE O 171 -81.12 -12.85 -51.07
CA ILE O 171 -80.77 -11.47 -51.34
C ILE O 171 -79.30 -11.29 -50.97
N ILE O 172 -78.50 -10.78 -51.90
CA ILE O 172 -77.08 -10.56 -51.68
C ILE O 172 -76.88 -9.06 -51.44
N LEU O 173 -76.83 -8.69 -50.16
CA LEU O 173 -76.67 -7.30 -49.78
C LEU O 173 -75.25 -6.82 -50.13
N PRO O 174 -75.08 -5.53 -50.46
CA PRO O 174 -73.75 -5.05 -50.83
C PRO O 174 -72.82 -4.91 -49.63
N GLY O 175 -72.45 -6.03 -49.04
CA GLY O 175 -71.56 -6.03 -47.89
C GLY O 175 -70.72 -7.30 -47.81
N ALA P 1 17.15 -53.77 -32.61
CA ALA P 1 15.84 -53.61 -33.21
C ALA P 1 15.52 -54.75 -34.17
N PRO P 2 14.26 -55.14 -34.24
CA PRO P 2 13.86 -56.13 -35.24
C PRO P 2 14.09 -55.60 -36.64
N SER P 3 14.48 -56.50 -37.55
CA SER P 3 14.73 -56.14 -38.94
C SER P 3 14.12 -57.20 -39.83
N ARG P 4 13.00 -56.86 -40.47
CA ARG P 4 12.32 -57.75 -41.41
C ARG P 4 11.93 -59.06 -40.73
N ASN P 5 11.77 -60.12 -41.51
CA ASN P 5 11.42 -61.42 -40.93
C ASN P 5 12.60 -62.01 -40.18
N GLY P 6 12.30 -62.72 -39.10
CA GLY P 6 13.33 -63.35 -38.31
C GLY P 6 12.69 -64.08 -37.15
N MET P 7 13.53 -64.77 -36.40
CA MET P 7 13.10 -65.49 -35.21
C MET P 7 13.29 -64.60 -33.99
N VAL P 8 12.24 -64.45 -33.19
CA VAL P 8 12.34 -63.72 -31.94
C VAL P 8 13.29 -64.47 -31.02
N LEU P 9 14.49 -63.93 -30.83
CA LEU P 9 15.55 -64.60 -30.09
C LEU P 9 15.63 -64.06 -28.68
N LYS P 10 15.89 -64.95 -27.73
CA LYS P 10 16.01 -64.59 -26.32
C LYS P 10 17.30 -65.19 -25.77
N PRO P 11 18.45 -64.59 -26.09
CA PRO P 11 19.71 -65.10 -25.55
C PRO P 11 19.79 -64.83 -24.06
N HIS P 12 20.40 -65.77 -23.33
CA HIS P 12 20.55 -65.65 -21.89
C HIS P 12 21.95 -65.15 -21.53
N PHE P 13 22.26 -63.95 -22.01
CA PHE P 13 23.56 -63.35 -21.79
C PHE P 13 23.42 -61.98 -21.11
N HIS P 14 22.59 -61.91 -20.08
CA HIS P 14 22.40 -60.69 -19.31
C HIS P 14 22.99 -60.79 -17.92
N LYS P 15 23.75 -61.83 -17.63
CA LYS P 15 24.04 -62.21 -16.25
C LYS P 15 25.54 -62.32 -15.98
N ASP P 16 26.35 -61.53 -16.68
CA ASP P 16 27.81 -61.54 -16.54
C ASP P 16 28.37 -62.94 -16.74
N TRP P 17 28.09 -63.49 -17.93
CA TRP P 17 28.45 -64.86 -18.23
C TRP P 17 29.96 -65.03 -18.41
N GLN P 18 30.67 -63.98 -18.82
CA GLN P 18 32.09 -64.12 -19.15
C GLN P 18 32.94 -64.46 -17.93
N ARG P 19 32.43 -64.23 -16.73
CA ARG P 19 33.19 -64.58 -15.54
C ARG P 19 33.03 -66.04 -15.15
N ARG P 20 32.07 -66.75 -15.76
CA ARG P 20 31.86 -68.18 -15.52
C ARG P 20 31.79 -68.87 -16.88
N VAL P 21 32.95 -69.07 -17.50
CA VAL P 21 33.05 -69.79 -18.77
C VAL P 21 33.96 -70.99 -18.55
N ALA P 22 33.45 -72.17 -18.91
CA ALA P 22 34.20 -73.41 -18.74
C ALA P 22 34.78 -73.81 -20.09
N THR P 23 36.08 -73.61 -20.27
CA THR P 23 36.76 -74.09 -21.45
C THR P 23 37.12 -75.56 -21.27
N TRP P 24 37.40 -76.22 -22.40
CA TRP P 24 37.65 -77.66 -22.40
C TRP P 24 39.04 -77.99 -22.96
N PHE P 25 40.02 -77.12 -22.71
CA PHE P 25 41.36 -77.38 -23.20
C PHE P 25 42.04 -78.52 -22.45
N ASN P 26 41.53 -78.88 -21.29
CA ASN P 26 42.04 -80.01 -20.53
C ASN P 26 41.30 -81.30 -20.82
N GLN P 27 40.37 -81.28 -21.78
CA GLN P 27 39.66 -82.51 -22.15
C GLN P 27 40.60 -83.60 -22.63
N PRO P 28 41.53 -83.36 -23.57
CA PRO P 28 42.46 -84.43 -23.93
C PRO P 28 43.30 -84.91 -22.76
N ALA P 29 43.71 -84.00 -21.87
CA ALA P 29 44.47 -84.40 -20.70
C ALA P 29 43.61 -85.17 -19.72
N ARG P 30 42.33 -84.80 -19.59
CA ARG P 30 41.43 -85.52 -18.71
C ARG P 30 41.20 -86.96 -19.19
N LYS P 31 41.04 -87.14 -20.49
CA LYS P 31 40.86 -88.49 -21.02
C LYS P 31 42.10 -89.34 -20.79
N ILE P 32 43.28 -88.75 -20.90
CA ILE P 32 44.50 -89.47 -20.62
C ILE P 32 44.57 -89.85 -19.15
N ARG P 33 44.22 -88.92 -18.25
CA ARG P 33 44.35 -89.18 -16.83
C ARG P 33 43.38 -90.26 -16.36
N ARG P 34 42.15 -90.25 -16.86
CA ARG P 34 41.22 -91.31 -16.47
C ARG P 34 41.68 -92.65 -17.00
N ARG P 35 42.29 -92.66 -18.18
CA ARG P 35 42.73 -93.92 -18.77
C ARG P 35 43.91 -94.50 -18.01
N LYS P 36 44.80 -93.64 -17.50
CA LYS P 36 45.86 -94.13 -16.62
C LYS P 36 45.29 -94.72 -15.34
N ALA P 37 44.27 -94.06 -14.77
CA ALA P 37 43.65 -94.58 -13.56
C ALA P 37 42.94 -95.90 -13.83
N ARG P 38 42.29 -96.02 -14.99
CA ARG P 38 41.67 -97.30 -15.35
C ARG P 38 42.70 -98.40 -15.46
N GLN P 39 43.83 -98.11 -16.11
CA GLN P 39 44.88 -99.12 -16.27
C GLN P 39 45.53 -99.46 -14.94
N ALA P 40 45.74 -98.45 -14.08
CA ALA P 40 46.32 -98.71 -12.77
C ALA P 40 45.37 -99.54 -11.91
N LYS P 41 44.07 -99.23 -11.96
CA LYS P 41 43.11 -99.99 -11.18
C LYS P 41 43.04 -101.44 -11.64
N ALA P 42 43.09 -101.67 -12.96
CA ALA P 42 43.04 -103.03 -13.47
C ALA P 42 44.25 -103.84 -13.01
N ARG P 43 45.43 -103.23 -12.99
CA ARG P 43 46.61 -103.92 -12.50
C ARG P 43 46.51 -104.24 -11.02
N ARG P 44 45.91 -103.34 -10.24
CA ARG P 44 45.79 -103.54 -8.80
C ARG P 44 44.91 -104.74 -8.49
N ILE P 45 43.77 -104.86 -9.17
CA ILE P 45 42.91 -106.05 -9.06
C ILE P 45 43.29 -106.95 -10.24
N ALA P 46 44.38 -107.70 -10.07
CA ALA P 46 45.03 -108.33 -11.21
C ALA P 46 44.15 -109.35 -11.91
N PRO P 47 43.55 -110.35 -11.22
CA PRO P 47 42.71 -111.31 -11.94
C PRO P 47 41.24 -110.92 -11.96
N ARG P 48 40.84 -110.05 -11.03
CA ARG P 48 39.46 -109.63 -10.97
C ARG P 48 39.09 -108.81 -12.21
N PRO P 49 37.83 -108.86 -12.64
CA PRO P 49 37.43 -108.14 -13.85
C PRO P 49 37.68 -106.65 -13.72
N ALA P 50 38.14 -106.06 -14.83
CA ALA P 50 38.54 -104.65 -14.81
C ALA P 50 37.35 -103.73 -14.59
N SER P 51 36.21 -104.03 -15.24
CA SER P 51 35.05 -103.16 -15.13
C SER P 51 34.48 -103.14 -13.71
N GLY P 52 34.53 -104.27 -13.01
CA GLY P 52 34.06 -104.32 -11.65
C GLY P 52 33.06 -105.43 -11.41
N PRO P 53 32.16 -105.22 -10.46
CA PRO P 53 31.21 -106.27 -10.08
C PRO P 53 30.20 -106.55 -11.17
N ILE P 54 29.67 -107.77 -11.17
CA ILE P 54 28.55 -108.09 -12.05
C ILE P 54 27.33 -107.31 -11.61
N ARG P 55 26.60 -106.77 -12.58
CA ARG P 55 25.41 -105.97 -12.32
C ARG P 55 24.17 -106.69 -12.83
N PRO P 56 23.01 -106.42 -12.25
CA PRO P 56 21.80 -107.16 -12.61
C PRO P 56 21.17 -106.69 -13.91
N ILE P 57 20.27 -107.52 -14.41
CA ILE P 57 19.44 -107.17 -15.56
C ILE P 57 18.26 -106.34 -15.07
N VAL P 58 18.05 -105.20 -15.70
CA VAL P 58 17.11 -104.18 -15.22
C VAL P 58 16.34 -103.60 -16.39
N ARG P 59 15.02 -103.49 -16.23
CA ARG P 59 14.16 -102.88 -17.23
C ARG P 59 14.00 -101.40 -16.95
N CYS P 60 14.12 -100.59 -18.00
CA CYS P 60 14.09 -99.15 -17.83
C CYS P 60 12.69 -98.68 -17.44
N PRO P 61 12.59 -97.64 -16.61
CA PRO P 61 11.31 -97.34 -15.94
C PRO P 61 10.17 -96.94 -16.85
N THR P 62 10.29 -95.84 -17.60
CA THR P 62 9.12 -95.15 -18.12
C THR P 62 8.59 -95.82 -19.40
N VAL P 63 7.46 -95.31 -19.90
CA VAL P 63 6.80 -95.90 -21.06
C VAL P 63 7.59 -95.64 -22.34
N ARG P 64 8.62 -94.80 -22.27
CA ARG P 64 9.48 -94.58 -23.43
C ARG P 64 10.54 -95.66 -23.54
N TYR P 65 11.00 -96.20 -22.41
CA TYR P 65 12.19 -97.05 -22.38
C TYR P 65 11.89 -98.44 -21.81
N HIS P 66 10.62 -98.78 -21.57
CA HIS P 66 10.31 -100.00 -20.84
C HIS P 66 10.37 -101.23 -21.73
N THR P 67 10.60 -101.04 -23.03
CA THR P 67 10.95 -102.12 -23.94
C THR P 67 12.44 -102.42 -23.94
N LYS P 68 13.24 -101.58 -23.27
CA LYS P 68 14.69 -101.68 -23.27
C LYS P 68 15.17 -102.14 -21.91
N VAL P 69 16.18 -102.99 -21.90
CA VAL P 69 16.76 -103.56 -20.69
C VAL P 69 18.19 -103.04 -20.52
N ARG P 70 18.55 -102.67 -19.30
CA ARG P 70 19.88 -102.15 -19.01
C ARG P 70 20.44 -102.84 -17.77
N ALA P 71 21.63 -102.40 -17.36
CA ALA P 71 22.25 -102.88 -16.13
C ALA P 71 21.85 -102.01 -14.96
N GLY P 72 21.61 -102.64 -13.81
CA GLY P 72 21.21 -101.95 -12.61
C GLY P 72 22.34 -101.78 -11.61
N ARG P 73 21.98 -101.23 -10.45
CA ARG P 73 22.99 -100.95 -9.42
C ARG P 73 23.51 -102.24 -8.78
N GLY P 74 22.61 -103.13 -8.40
CA GLY P 74 23.01 -104.35 -7.73
C GLY P 74 21.87 -105.34 -7.67
N PHE P 75 22.24 -106.59 -7.43
CA PHE P 75 21.24 -107.66 -7.32
C PHE P 75 20.42 -107.49 -6.05
N SER P 76 19.14 -107.82 -6.14
CA SER P 76 18.24 -107.66 -5.01
C SER P 76 18.48 -108.76 -3.97
N LEU P 77 18.06 -108.48 -2.74
CA LEU P 77 18.21 -109.46 -1.67
C LEU P 77 17.36 -110.69 -1.94
N GLU P 78 16.18 -110.52 -2.54
CA GLU P 78 15.38 -111.67 -2.94
C GLU P 78 16.08 -112.48 -4.01
N GLU P 79 16.74 -111.80 -4.96
CA GLU P 79 17.49 -112.51 -5.98
C GLU P 79 18.61 -113.34 -5.37
N LEU P 80 19.31 -112.79 -4.37
CA LEU P 80 20.39 -113.52 -3.73
C LEU P 80 19.86 -114.67 -2.87
N ARG P 81 18.70 -114.50 -2.24
CA ARG P 81 18.16 -115.56 -1.39
C ARG P 81 17.89 -116.84 -2.16
N VAL P 82 17.20 -116.74 -3.29
CA VAL P 82 16.89 -117.94 -4.07
C VAL P 82 18.08 -118.40 -4.89
N ALA P 83 19.10 -117.56 -5.05
CA ALA P 83 20.36 -118.01 -5.65
C ALA P 83 21.28 -118.65 -4.63
N GLY P 84 20.97 -118.55 -3.34
CA GLY P 84 21.77 -119.18 -2.31
C GLY P 84 23.07 -118.48 -1.97
N ILE P 85 23.12 -117.15 -2.12
CA ILE P 85 24.32 -116.37 -1.83
C ILE P 85 24.02 -115.44 -0.67
N HIS P 86 24.88 -115.45 0.34
CA HIS P 86 24.72 -114.54 1.46
C HIS P 86 24.93 -113.10 1.00
N LYS P 87 24.13 -112.19 1.53
CA LYS P 87 24.20 -110.80 1.10
C LYS P 87 25.49 -110.12 1.53
N LYS P 88 26.22 -110.70 2.49
CA LYS P 88 27.50 -110.16 2.90
C LYS P 88 28.68 -110.83 2.23
N VAL P 89 28.49 -112.03 1.69
CA VAL P 89 29.56 -112.72 0.97
C VAL P 89 29.63 -112.25 -0.48
N ALA P 90 28.50 -111.85 -1.04
CA ALA P 90 28.43 -111.56 -2.47
C ALA P 90 29.35 -110.42 -2.87
N ARG P 91 29.44 -109.38 -2.04
CA ARG P 91 30.28 -108.24 -2.40
C ARG P 91 31.75 -108.61 -2.37
N THR P 92 32.12 -109.67 -1.67
CA THR P 92 33.51 -110.13 -1.63
C THR P 92 33.89 -110.95 -2.85
N ILE P 93 32.92 -111.41 -3.64
CA ILE P 93 33.21 -112.22 -4.83
C ILE P 93 32.71 -111.54 -6.10
N GLY P 94 32.56 -110.22 -6.07
CA GLY P 94 32.26 -109.47 -7.28
C GLY P 94 30.80 -109.39 -7.68
N ILE P 95 29.88 -109.65 -6.75
CA ILE P 95 28.45 -109.51 -7.01
C ILE P 95 27.97 -108.22 -6.37
N SER P 96 27.52 -107.27 -7.18
CA SER P 96 26.93 -106.05 -6.65
C SER P 96 25.53 -106.34 -6.15
N VAL P 97 25.18 -105.76 -5.01
CA VAL P 97 23.89 -106.02 -4.39
C VAL P 97 23.27 -104.69 -3.99
N ASP P 98 21.98 -104.54 -4.29
CA ASP P 98 21.22 -103.33 -4.00
C ASP P 98 20.15 -103.67 -2.97
N PRO P 99 20.36 -103.33 -1.70
CA PRO P 99 19.37 -103.72 -0.67
C PRO P 99 18.01 -103.07 -0.86
N ARG P 100 17.92 -101.97 -1.60
CA ARG P 100 16.69 -101.20 -1.70
C ARG P 100 15.90 -101.47 -2.97
N ARG P 101 16.24 -102.50 -3.73
CA ARG P 101 15.48 -102.88 -4.92
C ARG P 101 14.58 -104.07 -4.59
N ARG P 102 13.30 -103.96 -4.91
CA ARG P 102 12.35 -105.06 -4.78
C ARG P 102 11.99 -105.61 -6.15
N ASN P 103 11.49 -106.83 -6.14
CA ASN P 103 11.16 -107.58 -7.36
C ASN P 103 9.63 -107.68 -7.43
N LYS P 104 9.02 -106.85 -8.27
CA LYS P 104 7.56 -106.83 -8.35
C LYS P 104 7.03 -108.02 -9.14
N SER P 105 7.84 -108.61 -10.03
CA SER P 105 7.42 -109.72 -10.86
C SER P 105 8.41 -110.86 -10.74
N THR P 106 7.94 -112.08 -11.04
CA THR P 106 8.81 -113.24 -10.95
C THR P 106 9.77 -113.33 -12.12
N GLU P 107 9.35 -112.88 -13.31
CA GLU P 107 10.20 -112.99 -14.49
C GLU P 107 11.49 -112.21 -14.31
N SER P 108 11.39 -110.97 -13.82
CA SER P 108 12.59 -110.19 -13.54
C SER P 108 13.42 -110.83 -12.44
N LEU P 109 12.77 -111.35 -11.40
CA LEU P 109 13.47 -112.07 -10.35
C LEU P 109 14.13 -113.33 -10.91
N GLN P 110 13.39 -114.07 -11.73
CA GLN P 110 13.89 -115.35 -12.22
C GLN P 110 14.99 -115.18 -13.27
N ALA P 111 14.94 -114.08 -14.04
CA ALA P 111 16.00 -113.82 -15.00
C ALA P 111 17.30 -113.47 -14.32
N ASN P 112 17.24 -112.72 -13.22
CA ASN P 112 18.45 -112.28 -12.54
C ASN P 112 19.12 -113.40 -11.75
N VAL P 113 18.35 -114.38 -11.29
CA VAL P 113 18.95 -115.47 -10.53
C VAL P 113 19.68 -116.44 -11.46
N GLN P 114 19.20 -116.63 -12.69
CA GLN P 114 20.00 -117.38 -13.65
C GLN P 114 21.28 -116.65 -13.98
N ARG P 115 21.22 -115.31 -14.00
CA ARG P 115 22.43 -114.52 -14.17
C ARG P 115 23.40 -114.77 -13.03
N LEU P 116 22.89 -114.89 -11.80
CA LEU P 116 23.75 -115.16 -10.65
C LEU P 116 24.29 -116.58 -10.66
N LYS P 117 23.44 -117.56 -10.92
CA LYS P 117 23.88 -118.96 -10.93
C LYS P 117 24.92 -119.19 -12.02
N GLU P 118 24.67 -118.66 -13.21
CA GLU P 118 25.61 -118.77 -14.32
C GLU P 118 26.91 -118.05 -14.05
N TYR P 119 26.85 -116.86 -13.45
CA TYR P 119 28.07 -116.17 -13.05
C TYR P 119 28.83 -116.97 -12.00
N ARG P 120 28.11 -117.62 -11.08
CA ARG P 120 28.76 -118.43 -10.07
C ARG P 120 29.53 -119.59 -10.69
N SER P 121 28.98 -120.19 -11.75
CA SER P 121 29.68 -121.25 -12.46
C SER P 121 30.92 -120.72 -13.16
N LYS P 122 30.85 -119.53 -13.77
CA LYS P 122 31.98 -118.95 -14.47
C LYS P 122 33.06 -118.44 -13.53
N LEU P 123 32.78 -118.36 -12.23
CA LEU P 123 33.69 -117.74 -11.28
C LEU P 123 34.83 -118.70 -10.91
N ILE P 124 36.05 -118.20 -10.94
CA ILE P 124 37.22 -118.90 -10.42
C ILE P 124 37.61 -118.26 -9.10
N LEU P 125 37.66 -119.06 -8.04
CA LEU P 125 37.94 -118.55 -6.70
C LEU P 125 39.33 -119.01 -6.27
N PHE P 126 40.20 -118.04 -5.97
CA PHE P 126 41.52 -118.35 -5.46
C PHE P 126 41.46 -118.58 -3.95
N PRO P 127 42.16 -119.59 -3.44
CA PRO P 127 42.22 -119.77 -1.99
C PRO P 127 42.93 -118.60 -1.32
N ARG P 128 42.50 -118.29 -0.10
CA ARG P 128 43.10 -117.18 0.64
C ARG P 128 44.57 -117.44 0.90
N LYS P 129 44.91 -118.67 1.27
CA LYS P 129 46.31 -119.09 1.34
C LYS P 129 46.61 -119.98 0.13
N PRO P 130 47.46 -119.54 -0.80
CA PRO P 130 47.73 -120.38 -1.98
C PRO P 130 48.32 -121.73 -1.63
N SER P 131 49.08 -121.83 -0.55
CA SER P 131 49.65 -123.12 -0.15
C SER P 131 48.56 -124.10 0.26
N ALA P 132 47.55 -123.62 0.98
CA ALA P 132 46.48 -124.47 1.51
C ALA P 132 45.14 -124.10 0.91
N PRO P 133 44.65 -124.83 -0.10
CA PRO P 133 43.32 -124.56 -0.66
C PRO P 133 42.24 -125.30 0.13
N LYS P 134 41.35 -124.55 0.77
CA LYS P 134 40.25 -125.16 1.51
C LYS P 134 39.12 -125.56 0.58
N LYS P 135 38.44 -124.57 0.00
CA LYS P 135 37.32 -124.81 -0.89
C LYS P 135 37.30 -123.85 -2.07
N GLY P 136 38.43 -123.25 -2.42
CA GLY P 136 38.49 -122.28 -3.48
C GLY P 136 38.17 -122.86 -4.84
N ASP P 137 39.17 -123.50 -5.46
CA ASP P 137 39.02 -124.07 -6.79
C ASP P 137 40.20 -125.01 -7.04
N SER P 138 40.06 -125.84 -8.06
CA SER P 138 41.15 -126.73 -8.44
C SER P 138 42.29 -125.92 -9.04
N SER P 139 43.52 -126.23 -8.63
CA SER P 139 44.67 -125.49 -9.13
C SER P 139 44.92 -125.73 -10.61
N ALA P 140 44.36 -126.80 -11.18
CA ALA P 140 44.58 -127.09 -12.59
C ALA P 140 44.01 -126.00 -13.48
N GLU P 141 42.80 -125.53 -13.16
CA GLU P 141 42.17 -124.49 -13.97
C GLU P 141 42.36 -123.08 -13.41
N GLU P 142 42.61 -122.93 -12.11
CA GLU P 142 42.81 -121.57 -11.60
C GLU P 142 44.17 -121.02 -12.00
N LEU P 143 45.09 -121.88 -12.43
CA LEU P 143 46.40 -121.40 -12.86
C LEU P 143 46.34 -120.83 -14.27
N LYS P 144 45.90 -121.64 -15.23
CA LYS P 144 45.97 -121.24 -16.63
C LYS P 144 44.75 -120.47 -17.09
N LEU P 145 43.56 -120.76 -16.56
CA LEU P 145 42.35 -120.10 -17.02
C LEU P 145 42.11 -118.76 -16.36
N ALA P 146 42.95 -118.36 -15.40
CA ALA P 146 42.77 -117.11 -14.69
C ALA P 146 43.23 -115.96 -15.58
N THR P 147 42.28 -115.13 -16.00
CA THR P 147 42.57 -114.00 -16.88
C THR P 147 41.64 -112.85 -16.50
N GLN P 148 42.21 -111.64 -16.44
CA GLN P 148 41.42 -110.46 -16.13
C GLN P 148 40.44 -110.20 -17.27
N LEU P 149 39.15 -110.25 -16.98
CA LEU P 149 38.12 -110.02 -17.98
C LEU P 149 37.98 -108.53 -18.24
N THR P 150 37.97 -108.15 -19.51
CA THR P 150 37.80 -106.75 -19.91
C THR P 150 36.36 -106.52 -20.35
N GLY P 151 35.89 -105.29 -20.11
CA GLY P 151 34.53 -104.93 -20.41
C GLY P 151 33.59 -105.35 -19.29
N PRO P 152 32.33 -104.94 -19.38
CA PRO P 152 31.36 -105.32 -18.34
C PRO P 152 31.21 -106.83 -18.25
N VAL P 153 31.03 -107.32 -17.03
CA VAL P 153 30.86 -108.76 -16.81
C VAL P 153 29.50 -109.17 -17.32
N MET P 154 29.48 -110.06 -18.32
CA MET P 154 28.26 -110.56 -18.94
C MET P 154 27.39 -109.39 -19.36
N PRO P 155 27.75 -108.67 -20.42
CA PRO P 155 27.06 -107.41 -20.75
C PRO P 155 25.57 -107.62 -20.97
N VAL P 156 24.78 -106.67 -20.48
CA VAL P 156 23.34 -106.74 -20.60
C VAL P 156 22.94 -106.55 -22.06
N ARG P 157 22.07 -107.43 -22.55
CA ARG P 157 21.89 -107.66 -23.96
C ARG P 157 20.40 -107.72 -24.27
N ASN P 158 19.93 -106.82 -25.13
CA ASN P 158 18.51 -106.76 -25.47
C ASN P 158 18.19 -107.87 -26.47
N VAL P 159 17.38 -108.82 -26.04
CA VAL P 159 17.05 -110.00 -26.85
C VAL P 159 15.65 -109.81 -27.44
N TYR P 160 15.52 -110.10 -28.72
CA TYR P 160 14.25 -110.01 -29.44
C TYR P 160 13.80 -111.40 -29.84
N LYS P 161 12.58 -111.76 -29.45
CA LYS P 161 12.01 -113.05 -29.87
C LYS P 161 11.56 -112.96 -31.31
N LYS P 162 12.07 -113.85 -32.15
CA LYS P 162 11.70 -113.87 -33.56
C LYS P 162 10.37 -114.59 -33.72
N GLU P 163 9.38 -113.88 -34.27
CA GLU P 163 8.05 -114.44 -34.47
C GLU P 163 8.00 -115.14 -35.83
N LYS P 164 7.57 -116.39 -35.82
CA LYS P 164 7.49 -117.18 -37.04
C LYS P 164 6.29 -116.77 -37.87
N ALA P 165 6.51 -116.54 -39.16
CA ALA P 165 5.41 -116.23 -40.06
C ALA P 165 4.39 -117.35 -40.06
N ARG P 166 3.12 -116.99 -39.92
CA ARG P 166 2.06 -117.97 -39.76
C ARG P 166 0.84 -117.53 -40.58
N VAL P 167 -0.10 -118.45 -40.72
CA VAL P 167 -1.34 -118.18 -41.42
C VAL P 167 -2.26 -117.39 -40.51
N ILE P 168 -2.81 -116.29 -41.04
CA ILE P 168 -3.71 -115.45 -40.27
C ILE P 168 -5.05 -116.16 -40.13
N THR P 169 -5.50 -116.32 -38.89
CA THR P 169 -6.80 -116.92 -38.64
C THR P 169 -7.91 -115.90 -38.91
N GLU P 170 -9.12 -116.40 -39.14
CA GLU P 170 -10.25 -115.51 -39.36
C GLU P 170 -10.59 -114.70 -38.11
N GLU P 171 -10.34 -115.27 -36.93
CA GLU P 171 -10.56 -114.53 -35.70
C GLU P 171 -9.63 -113.34 -35.59
N GLU P 172 -8.38 -113.51 -36.02
CA GLU P 172 -7.45 -112.38 -36.05
C GLU P 172 -7.91 -111.33 -37.06
N LYS P 173 -8.45 -111.77 -38.20
CA LYS P 173 -8.88 -110.81 -39.22
C LYS P 173 -10.15 -110.07 -38.82
N ASN P 174 -10.96 -110.65 -37.94
CA ASN P 174 -12.19 -109.99 -37.50
C ASN P 174 -11.97 -109.06 -36.32
N PHE P 175 -10.79 -109.07 -35.70
CA PHE P 175 -10.53 -108.20 -34.57
C PHE P 175 -10.49 -106.75 -35.02
N LYS P 176 -11.16 -105.88 -34.26
CA LYS P 176 -11.25 -104.45 -34.59
C LYS P 176 -10.32 -103.71 -33.64
N ALA P 177 -9.09 -103.47 -34.11
CA ALA P 177 -8.07 -102.85 -33.26
C ALA P 177 -8.44 -101.41 -32.90
N PHE P 178 -8.87 -100.62 -33.88
CA PHE P 178 -9.19 -99.23 -33.61
C PHE P 178 -10.42 -99.10 -32.73
N ALA P 179 -11.45 -99.92 -32.99
CA ALA P 179 -12.67 -99.86 -32.18
C ALA P 179 -12.39 -100.28 -30.74
N SER P 180 -11.54 -101.29 -30.55
CA SER P 180 -11.21 -101.75 -29.20
C SER P 180 -10.51 -100.65 -28.42
N LEU P 181 -9.55 -99.97 -29.05
CA LEU P 181 -8.84 -98.89 -28.37
C LEU P 181 -9.78 -97.75 -28.01
N ARG P 182 -10.67 -97.38 -28.93
CA ARG P 182 -11.62 -96.32 -28.64
C ARG P 182 -12.58 -96.72 -27.54
N MET P 183 -13.04 -97.97 -27.54
CA MET P 183 -13.95 -98.43 -26.51
C MET P 183 -13.24 -98.58 -25.17
N ALA P 184 -11.98 -99.05 -25.19
CA ALA P 184 -11.22 -99.18 -23.95
C ALA P 184 -10.98 -97.83 -23.30
N ARG P 185 -10.67 -96.80 -24.11
CA ARG P 185 -10.50 -95.46 -23.56
C ARG P 185 -11.78 -94.96 -22.93
N ALA P 186 -12.93 -95.20 -23.59
CA ALA P 186 -14.21 -94.78 -23.04
C ALA P 186 -14.54 -95.54 -21.77
N ASN P 187 -14.26 -96.85 -21.74
CA ASN P 187 -14.57 -97.64 -20.55
C ASN P 187 -13.74 -97.18 -19.36
N ALA P 188 -12.47 -96.87 -19.57
CA ALA P 188 -11.63 -96.37 -18.49
C ALA P 188 -12.05 -94.96 -18.08
N ARG P 189 -12.56 -94.17 -19.03
CA ARG P 189 -12.94 -92.79 -18.74
C ARG P 189 -14.24 -92.72 -17.95
N LEU P 190 -15.20 -93.58 -18.24
CA LEU P 190 -16.52 -93.53 -17.63
C LEU P 190 -16.73 -94.60 -16.56
N PHE P 191 -15.67 -95.28 -16.13
CA PHE P 191 -15.84 -96.35 -15.16
C PHE P 191 -16.36 -95.82 -13.82
N GLY P 192 -15.77 -94.73 -13.32
CA GLY P 192 -16.18 -94.20 -12.04
C GLY P 192 -17.59 -93.64 -12.05
N ILE P 193 -17.94 -92.87 -13.09
CA ILE P 193 -19.26 -92.26 -13.12
C ILE P 193 -20.34 -93.31 -13.39
N ARG P 194 -20.00 -94.39 -14.08
CA ARG P 194 -20.97 -95.46 -14.30
C ARG P 194 -21.30 -96.17 -12.99
N ALA P 195 -20.30 -96.37 -12.14
CA ALA P 195 -20.54 -97.00 -10.85
C ALA P 195 -21.42 -96.14 -9.96
N LYS P 196 -21.20 -94.82 -9.97
CA LYS P 196 -22.03 -93.93 -9.17
C LYS P 196 -23.48 -93.96 -9.65
N ARG P 197 -23.69 -93.91 -10.96
CA ARG P 197 -25.05 -93.96 -11.49
C ARG P 197 -25.71 -95.31 -11.21
N ALA P 198 -24.94 -96.39 -11.30
CA ALA P 198 -25.47 -97.70 -10.94
C ALA P 198 -25.84 -97.75 -9.46
N LYS P 199 -25.00 -97.16 -8.61
CA LYS P 199 -25.30 -97.10 -7.19
C LYS P 199 -26.56 -96.26 -6.92
N GLU P 200 -26.66 -95.10 -7.56
CA GLU P 200 -27.82 -94.25 -7.36
C GLU P 200 -29.10 -94.90 -7.88
N ALA P 201 -28.99 -95.71 -8.95
CA ALA P 201 -30.13 -96.51 -9.38
C ALA P 201 -30.43 -97.63 -8.40
N ALA P 202 -29.40 -98.19 -7.77
CA ALA P 202 -29.62 -99.23 -6.76
C ALA P 202 -30.40 -98.68 -5.57
N GLU P 203 -30.08 -97.46 -5.14
CA GLU P 203 -30.84 -96.83 -4.07
C GLU P 203 -32.27 -96.55 -4.50
N GLN P 204 -32.52 -96.35 -5.79
CA GLN P 204 -33.90 -96.19 -6.25
C GLN P 204 -34.64 -97.52 -6.28
N ASP P 205 -33.91 -98.62 -6.50
CA ASP P 205 -34.55 -99.93 -6.58
C ASP P 205 -34.94 -100.48 -5.21
N VAL P 206 -34.18 -100.16 -4.16
CA VAL P 206 -34.47 -100.67 -2.83
C VAL P 206 -35.68 -99.99 -2.19
N GLU P 207 -36.25 -99.02 -2.87
CA GLU P 207 -37.37 -98.19 -2.39
C GLU P 207 -38.29 -97.78 -3.53
N LYS P 208 -38.30 -98.56 -4.61
CA LYS P 208 -39.20 -98.28 -5.72
C LYS P 208 -40.66 -98.40 -5.30
N LYS P 209 -40.97 -99.38 -4.45
CA LYS P 209 -42.33 -99.59 -3.96
C LYS P 209 -42.47 -99.01 -2.56
N LYS P 210 -43.44 -98.14 -2.37
CA LYS P 210 -43.68 -97.50 -1.07
C LYS P 210 -45.15 -97.16 -0.89
N VAL Q 1 30.54 25.85 -101.53
CA VAL Q 1 31.65 24.95 -101.24
C VAL Q 1 31.54 23.70 -102.11
N PHE Q 2 30.33 23.14 -102.16
CA PHE Q 2 30.13 21.88 -102.86
C PHE Q 2 30.07 22.11 -104.38
N ARG Q 3 30.75 21.24 -105.13
CA ARG Q 3 30.79 21.32 -106.57
C ARG Q 3 30.17 20.13 -107.27
N ARG Q 4 30.16 18.95 -106.64
CA ARG Q 4 29.60 17.74 -107.22
C ARG Q 4 28.33 17.39 -106.44
N PHE Q 5 27.25 17.14 -107.17
CA PHE Q 5 25.94 16.96 -106.56
C PHE Q 5 25.29 15.68 -107.06
N VAL Q 6 24.61 14.97 -106.16
CA VAL Q 6 23.74 13.89 -106.60
C VAL Q 6 22.55 14.47 -107.35
N GLU Q 7 22.37 14.04 -108.59
CA GLU Q 7 21.29 14.55 -109.42
C GLU Q 7 21.06 13.56 -110.56
N VAL Q 8 19.96 13.75 -111.26
CA VAL Q 8 19.64 12.90 -112.39
C VAL Q 8 20.65 13.16 -113.51
N GLY Q 9 21.25 12.09 -114.00
CA GLY Q 9 22.27 12.18 -115.02
C GLY Q 9 23.69 12.30 -114.50
N ARG Q 10 23.87 12.44 -113.20
CA ARG Q 10 25.22 12.51 -112.64
C ARG Q 10 25.90 11.15 -112.73
N VAL Q 11 27.11 11.14 -113.27
CA VAL Q 11 27.87 9.91 -113.44
C VAL Q 11 28.69 9.68 -112.17
N ALA Q 12 28.56 8.49 -111.59
CA ALA Q 12 29.26 8.14 -110.37
C ALA Q 12 30.15 6.93 -110.60
N TYR Q 13 31.23 6.85 -109.83
CA TYR Q 13 32.19 5.77 -109.91
C TYR Q 13 31.98 4.86 -108.71
N VAL Q 14 31.88 3.56 -108.95
CA VAL Q 14 31.54 2.61 -107.90
C VAL Q 14 32.82 2.20 -107.20
N SER Q 15 32.90 2.46 -105.90
CA SER Q 15 34.14 2.20 -105.16
C SER Q 15 34.23 0.78 -104.63
N PHE Q 16 33.12 0.18 -104.21
CA PHE Q 16 33.14 -1.19 -103.70
C PHE Q 16 31.78 -1.82 -103.94
N GLY Q 17 31.67 -3.10 -103.59
CA GLY Q 17 30.47 -3.86 -103.84
C GLY Q 17 30.61 -4.74 -105.05
N PRO Q 18 29.50 -5.33 -105.50
CA PRO Q 18 29.56 -6.22 -106.66
C PRO Q 18 29.95 -5.53 -107.96
N HIS Q 19 29.80 -4.21 -108.05
CA HIS Q 19 30.06 -3.47 -109.28
C HIS Q 19 31.24 -2.51 -109.12
N ALA Q 20 32.18 -2.83 -108.26
CA ALA Q 20 33.31 -1.95 -108.00
C ALA Q 20 34.12 -1.72 -109.27
N GLY Q 21 34.59 -0.49 -109.44
CA GLY Q 21 35.39 -0.13 -110.60
C GLY Q 21 34.60 0.24 -111.84
N LYS Q 22 33.27 0.33 -111.74
CA LYS Q 22 32.42 0.64 -112.88
C LYS Q 22 31.94 2.09 -112.79
N LEU Q 23 31.50 2.60 -113.94
CA LEU Q 23 30.84 3.89 -114.03
C LEU Q 23 29.35 3.69 -114.22
N VAL Q 24 28.54 4.45 -113.48
CA VAL Q 24 27.10 4.37 -113.56
C VAL Q 24 26.53 5.78 -113.63
N ALA Q 25 25.30 5.87 -114.13
CA ALA Q 25 24.56 7.12 -114.19
C ALA Q 25 23.40 7.07 -113.21
N ILE Q 26 23.18 8.16 -112.50
CA ILE Q 26 22.11 8.24 -111.51
C ILE Q 26 20.82 8.60 -112.25
N VAL Q 27 19.86 7.69 -112.22
CA VAL Q 27 18.59 7.88 -112.92
C VAL Q 27 17.53 8.46 -112.00
N ASP Q 28 17.49 8.02 -110.75
CA ASP Q 28 16.53 8.53 -109.79
C ASP Q 28 17.10 8.31 -108.38
N VAL Q 29 16.51 9.00 -107.41
CA VAL Q 29 16.96 8.96 -106.02
C VAL Q 29 15.81 8.48 -105.16
N ILE Q 30 16.13 7.65 -104.16
CA ILE Q 30 15.14 7.10 -103.24
C ILE Q 30 15.67 7.22 -101.82
N ASP Q 31 14.83 7.75 -100.92
CA ASP Q 31 15.00 7.65 -99.47
C ASP Q 31 16.41 8.04 -98.99
N GLN Q 32 17.06 8.96 -99.70
CA GLN Q 32 18.27 9.64 -99.19
C GLN Q 32 19.48 8.71 -99.10
N ASN Q 33 19.28 7.41 -99.00
CA ASN Q 33 20.39 6.47 -98.89
C ASN Q 33 20.70 5.73 -100.17
N ARG Q 34 19.75 5.62 -101.08
CA ARG Q 34 19.91 4.81 -102.27
C ARG Q 34 19.48 5.63 -103.49
N ALA Q 35 19.85 5.14 -104.67
CA ALA Q 35 19.51 5.82 -105.90
C ALA Q 35 19.28 4.79 -106.99
N LEU Q 36 18.39 5.13 -107.92
CA LEU Q 36 18.19 4.27 -109.09
C LEU Q 36 19.37 4.47 -110.04
N VAL Q 37 20.06 3.37 -110.34
CA VAL Q 37 21.40 3.40 -110.92
C VAL Q 37 21.41 2.55 -112.17
N ASP Q 38 22.02 3.08 -113.24
CA ASP Q 38 22.01 2.38 -114.52
C ASP Q 38 23.28 2.73 -115.29
N GLY Q 39 24.06 1.71 -115.63
CA GLY Q 39 25.18 1.86 -116.52
C GLY Q 39 25.02 0.96 -117.73
N PRO Q 40 24.41 1.48 -118.79
CA PRO Q 40 24.15 0.65 -119.98
C PRO Q 40 25.38 0.40 -120.83
N CYS Q 41 26.35 1.31 -120.85
CA CYS Q 41 27.59 1.12 -121.59
C CYS Q 41 28.72 0.59 -120.73
N THR Q 42 28.50 0.43 -119.42
CA THR Q 42 29.50 -0.11 -118.53
C THR Q 42 29.05 -1.40 -117.87
N GLN Q 43 28.00 -2.05 -118.39
CA GLN Q 43 27.57 -3.38 -117.97
C GLN Q 43 27.10 -3.38 -116.51
N VAL Q 44 26.28 -2.39 -116.16
CA VAL Q 44 25.60 -2.34 -114.87
C VAL Q 44 24.13 -2.11 -115.16
N ARG Q 45 23.33 -3.17 -115.02
CA ARG Q 45 21.91 -3.04 -115.30
C ARG Q 45 21.21 -2.24 -114.20
N ARG Q 46 20.03 -1.72 -114.53
CA ARG Q 46 19.33 -0.82 -113.62
C ARG Q 46 19.01 -1.53 -112.31
N GLN Q 47 19.29 -0.85 -111.20
CA GLN Q 47 19.13 -1.43 -109.87
C GLN Q 47 19.35 -0.35 -108.83
N ALA Q 48 18.90 -0.63 -107.61
CA ALA Q 48 19.16 0.27 -106.50
C ALA Q 48 20.62 0.18 -106.09
N MET Q 49 21.11 1.25 -105.46
CA MET Q 49 22.50 1.28 -105.09
C MET Q 49 22.72 2.32 -104.00
N PRO Q 50 23.36 1.95 -102.89
CA PRO Q 50 23.60 2.92 -101.82
C PRO Q 50 24.52 4.03 -102.27
N PHE Q 51 24.33 5.21 -101.68
CA PHE Q 51 25.21 6.34 -101.95
C PHE Q 51 26.60 6.15 -101.34
N LYS Q 52 26.78 5.15 -100.48
CA LYS Q 52 28.06 5.00 -99.80
C LYS Q 52 29.12 4.45 -100.74
N CYS Q 53 28.74 3.55 -101.66
CA CYS Q 53 29.69 2.99 -102.60
C CYS Q 53 29.94 3.89 -103.81
N MET Q 54 29.17 4.98 -103.96
CA MET Q 54 29.37 5.89 -105.07
C MET Q 54 30.43 6.92 -104.75
N GLN Q 55 31.15 7.33 -105.79
CA GLN Q 55 32.03 8.50 -105.76
C GLN Q 55 31.72 9.33 -106.98
N LEU Q 56 31.17 10.53 -106.76
CA LEU Q 56 30.69 11.34 -107.86
C LEU Q 56 31.82 11.82 -108.74
N THR Q 57 31.60 11.80 -110.05
CA THR Q 57 32.54 12.33 -111.02
C THR Q 57 32.07 13.72 -111.43
N ASP Q 58 32.71 14.29 -112.46
CA ASP Q 58 32.37 15.60 -112.96
C ASP Q 58 31.46 15.56 -114.18
N PHE Q 59 30.99 14.38 -114.58
CA PHE Q 59 30.19 14.21 -115.78
C PHE Q 59 28.71 14.17 -115.41
N ILE Q 60 27.92 14.98 -116.08
CA ILE Q 60 26.47 15.00 -115.89
C ILE Q 60 25.81 14.77 -117.23
N LEU Q 61 25.01 13.72 -117.34
CA LEU Q 61 24.23 13.45 -118.53
C LEU Q 61 22.88 14.16 -118.44
N LYS Q 62 22.26 14.38 -119.59
CA LYS Q 62 20.97 15.05 -119.67
C LYS Q 62 19.93 14.04 -120.14
N PHE Q 63 19.11 13.57 -119.21
CA PHE Q 63 17.92 12.80 -119.53
C PHE Q 63 16.92 12.98 -118.40
N PRO Q 64 15.63 12.85 -118.68
CA PRO Q 64 14.63 12.97 -117.61
C PRO Q 64 14.77 11.84 -116.60
N HIS Q 65 14.31 12.11 -115.38
CA HIS Q 65 14.40 11.13 -114.31
C HIS Q 65 13.53 9.91 -114.62
N SER Q 66 14.03 8.73 -114.25
CA SER Q 66 13.35 7.46 -114.49
C SER Q 66 13.06 7.23 -115.97
N ALA Q 67 13.92 7.74 -116.84
CA ALA Q 67 13.80 7.42 -118.26
C ALA Q 67 14.29 6.00 -118.51
N HIS Q 68 13.82 5.43 -119.62
CA HIS Q 68 14.20 4.08 -120.01
C HIS Q 68 15.68 3.97 -120.33
N GLN Q 69 16.18 2.74 -120.22
CA GLN Q 69 17.60 2.48 -120.42
C GLN Q 69 18.07 2.92 -121.80
N LYS Q 70 17.19 2.85 -122.80
CA LYS Q 70 17.58 3.25 -124.15
C LYS Q 70 18.01 4.71 -124.19
N TYR Q 71 17.24 5.60 -123.55
CA TYR Q 71 17.58 7.02 -123.57
C TYR Q 71 18.83 7.31 -122.76
N VAL Q 72 19.04 6.59 -121.65
CA VAL Q 72 20.27 6.76 -120.89
C VAL Q 72 21.48 6.35 -121.71
N ARG Q 73 21.35 5.25 -122.46
CA ARG Q 73 22.46 4.80 -123.30
C ARG Q 73 22.75 5.80 -124.41
N GLN Q 74 21.71 6.37 -125.02
CA GLN Q 74 21.92 7.37 -126.07
C GLN Q 74 22.63 8.60 -125.51
N ALA Q 75 22.21 9.06 -124.32
CA ALA Q 75 22.89 10.18 -123.70
C ALA Q 75 24.31 9.81 -123.29
N TRP Q 76 24.52 8.58 -122.83
CA TRP Q 76 25.86 8.12 -122.48
C TRP Q 76 26.75 8.04 -123.71
N GLN Q 77 26.22 7.54 -124.82
CA GLN Q 77 27.04 7.37 -126.02
C GLN Q 77 27.35 8.71 -126.67
N LYS Q 78 26.36 9.59 -126.80
CA LYS Q 78 26.63 10.92 -127.31
C LYS Q 78 27.42 11.70 -126.27
N ALA Q 79 28.52 12.31 -126.71
CA ALA Q 79 29.55 12.81 -125.80
C ALA Q 79 29.96 11.70 -124.82
N ASP Q 80 30.58 10.68 -125.41
CA ASP Q 80 30.75 9.40 -124.72
C ASP Q 80 31.56 9.56 -123.44
N ILE Q 81 31.04 8.96 -122.37
CA ILE Q 81 31.72 9.04 -121.08
C ILE Q 81 32.93 8.12 -121.05
N ASN Q 82 32.89 7.01 -121.78
CA ASN Q 82 33.96 6.00 -121.68
C ASN Q 82 35.31 6.57 -122.10
N THR Q 83 35.34 7.31 -123.20
CA THR Q 83 36.60 7.93 -123.63
C THR Q 83 36.96 9.13 -122.75
N LYS Q 84 35.96 9.94 -122.38
CA LYS Q 84 36.22 11.07 -121.50
C LYS Q 84 36.72 10.60 -120.14
N TRP Q 85 36.14 9.52 -119.61
CA TRP Q 85 36.60 8.98 -118.33
C TRP Q 85 38.05 8.54 -118.42
N ALA Q 86 38.39 7.77 -119.47
CA ALA Q 86 39.74 7.23 -119.60
C ALA Q 86 40.78 8.33 -119.72
N ALA Q 87 40.39 9.54 -120.13
CA ALA Q 87 41.32 10.64 -120.27
C ALA Q 87 41.54 11.43 -118.98
N THR Q 88 40.73 11.20 -117.95
CA THR Q 88 40.88 11.94 -116.71
C THR Q 88 42.07 11.42 -115.92
N ARG Q 89 42.64 12.29 -115.07
CA ARG Q 89 43.67 11.83 -114.14
C ARG Q 89 43.13 10.80 -113.17
N TRP Q 90 41.85 10.88 -112.83
CA TRP Q 90 41.27 9.93 -111.90
C TRP Q 90 41.38 8.50 -112.45
N ALA Q 91 41.02 8.33 -113.72
CA ALA Q 91 41.03 6.99 -114.30
C ALA Q 91 42.44 6.46 -114.50
N LYS Q 92 43.35 7.31 -114.99
CA LYS Q 92 44.70 6.83 -115.25
C LYS Q 92 45.51 6.63 -113.98
N LYS Q 93 45.07 7.18 -112.85
CA LYS Q 93 45.63 6.75 -111.57
C LYS Q 93 45.08 5.40 -111.16
N ILE Q 94 43.81 5.12 -111.48
CA ILE Q 94 43.26 3.79 -111.24
C ILE Q 94 43.99 2.75 -112.09
N GLU Q 95 44.21 3.07 -113.37
CA GLU Q 95 44.92 2.16 -114.26
C GLU Q 95 46.37 1.96 -113.81
N ALA Q 96 47.04 3.05 -113.43
CA ALA Q 96 48.41 2.92 -112.95
C ALA Q 96 48.48 2.09 -111.69
N ARG Q 97 47.52 2.27 -110.78
CA ARG Q 97 47.47 1.46 -109.58
C ARG Q 97 47.22 -0.01 -109.92
N GLU Q 98 46.50 -0.29 -111.00
CA GLU Q 98 46.21 -1.66 -111.37
C GLU Q 98 47.44 -2.35 -111.96
N ARG Q 99 48.16 -1.67 -112.86
CA ARG Q 99 49.31 -2.30 -113.49
C ARG Q 99 50.47 -2.49 -112.52
N LYS Q 100 50.56 -1.63 -111.51
CA LYS Q 100 51.60 -1.81 -110.50
C LYS Q 100 51.33 -3.04 -109.65
N ALA Q 101 50.06 -3.34 -109.38
CA ALA Q 101 49.73 -4.53 -108.62
C ALA Q 101 50.02 -5.81 -109.41
N LYS Q 102 49.79 -5.79 -110.72
CA LYS Q 102 50.01 -6.97 -111.55
C LYS Q 102 51.47 -7.11 -112.00
N MET Q 103 52.33 -6.17 -111.61
CA MET Q 103 53.74 -6.24 -111.97
C MET Q 103 54.38 -7.51 -111.41
N THR Q 104 55.11 -8.22 -112.27
CA THR Q 104 55.71 -9.49 -111.90
C THR Q 104 57.09 -9.26 -111.28
N ASP Q 105 57.76 -10.36 -110.92
CA ASP Q 105 59.07 -10.26 -110.30
C ASP Q 105 60.11 -9.72 -111.27
N PHE Q 106 60.06 -10.12 -112.53
CA PHE Q 106 60.97 -9.59 -113.53
C PHE Q 106 60.74 -8.10 -113.75
N ASP Q 107 59.48 -7.69 -113.83
CA ASP Q 107 59.17 -6.27 -114.00
C ASP Q 107 59.62 -5.46 -112.79
N ARG Q 108 59.48 -6.02 -111.58
CA ARG Q 108 59.98 -5.35 -110.39
C ARG Q 108 61.48 -5.13 -110.47
N PHE Q 109 62.22 -6.11 -110.99
CA PHE Q 109 63.66 -5.96 -111.16
C PHE Q 109 64.00 -4.86 -112.15
N LYS Q 110 63.30 -4.81 -113.29
CA LYS Q 110 63.58 -3.80 -114.29
C LYS Q 110 63.17 -2.41 -113.83
N VAL Q 111 62.08 -2.30 -113.07
CA VAL Q 111 61.70 -1.02 -112.49
C VAL Q 111 62.75 -0.57 -111.48
N MET Q 112 63.28 -1.51 -110.70
CA MET Q 112 64.32 -1.19 -109.74
C MET Q 112 65.57 -0.65 -110.42
N LYS Q 113 65.89 -1.18 -111.60
CA LYS Q 113 67.04 -0.69 -112.36
C LYS Q 113 66.76 0.69 -112.95
N ALA Q 114 65.58 0.87 -113.55
CA ALA Q 114 65.24 2.16 -114.15
C ALA Q 114 65.14 3.26 -113.09
N LYS Q 115 64.52 2.95 -111.95
CA LYS Q 115 64.41 3.93 -110.88
C LYS Q 115 65.77 4.31 -110.34
N LYS Q 116 66.68 3.34 -110.24
CA LYS Q 116 68.04 3.60 -109.77
C LYS Q 116 68.76 4.61 -110.64
N MET Q 117 68.73 4.40 -111.97
CA MET Q 117 69.40 5.33 -112.88
C MET Q 117 68.71 6.69 -112.90
N ARG Q 118 67.38 6.69 -112.94
CA ARG Q 118 66.63 7.94 -112.99
C ARG Q 118 66.90 8.79 -111.75
N ASN Q 119 66.92 8.18 -110.57
CA ASN Q 119 67.17 8.94 -109.35
C ASN Q 119 68.58 9.47 -109.30
N ARG Q 120 69.56 8.73 -109.82
CA ARG Q 120 70.94 9.20 -109.78
C ARG Q 120 71.17 10.36 -110.74
N ILE Q 121 70.52 10.33 -111.91
CA ILE Q 121 70.63 11.44 -112.85
C ILE Q 121 69.92 12.67 -112.31
N ILE Q 122 68.72 12.49 -111.76
CA ILE Q 122 67.98 13.62 -111.19
C ILE Q 122 68.73 14.22 -110.01
N LYS Q 123 69.24 13.36 -109.14
CA LYS Q 123 69.82 13.82 -107.89
C LYS Q 123 71.19 14.44 -108.13
N ASN Q 124 71.86 14.03 -109.22
CA ASN Q 124 73.01 14.77 -109.73
C ASN Q 124 72.63 16.20 -110.10
N GLU Q 125 71.58 16.34 -110.91
CA GLU Q 125 71.20 17.67 -111.39
C GLU Q 125 70.74 18.57 -110.25
N VAL Q 126 70.15 17.98 -109.21
CA VAL Q 126 69.76 18.75 -108.03
C VAL Q 126 70.99 19.34 -107.36
N LYS Q 127 72.04 18.52 -107.22
CA LYS Q 127 73.28 19.03 -106.64
C LYS Q 127 73.87 20.16 -107.46
N LYS Q 128 73.84 20.01 -108.79
CA LYS Q 128 74.36 21.04 -109.67
C LYS Q 128 73.59 22.34 -109.54
N LEU Q 129 72.25 22.25 -109.48
CA LEU Q 129 71.44 23.45 -109.30
C LEU Q 129 71.70 24.09 -107.94
N GLN Q 130 71.80 23.27 -106.89
CA GLN Q 130 72.16 23.77 -105.57
C GLN Q 130 73.49 24.49 -105.59
N LYS Q 131 74.51 23.86 -106.16
CA LYS Q 131 75.84 24.46 -106.20
C LYS Q 131 75.83 25.75 -107.02
N ALA Q 132 75.10 25.77 -108.13
CA ALA Q 132 74.99 26.98 -108.94
C ALA Q 132 74.30 28.09 -108.17
N ALA Q 133 73.15 27.79 -107.57
CA ALA Q 133 72.41 28.79 -106.81
C ALA Q 133 73.15 29.23 -105.57
N LEU Q 134 74.20 28.51 -105.17
CA LEU Q 134 74.98 28.89 -104.00
C LEU Q 134 75.89 30.08 -104.28
N LEU Q 135 76.10 30.43 -105.55
CA LEU Q 135 76.97 31.54 -105.92
C LEU Q 135 76.17 32.85 -105.88
N LYS Q 136 75.81 33.26 -104.66
CA LYS Q 136 75.10 34.52 -104.44
C LYS Q 136 76.00 35.46 -103.66
N ALA Q 137 76.63 36.40 -104.37
CA ALA Q 137 77.49 37.42 -103.78
C ALA Q 137 76.95 38.79 -104.20
N SER Q 138 76.09 39.37 -103.36
CA SER Q 138 75.47 40.65 -103.67
C SER Q 138 74.97 41.27 -102.38
N PRO Q 139 75.06 42.61 -102.24
CA PRO Q 139 74.55 43.31 -101.04
C PRO Q 139 73.03 43.29 -100.96
N GLY R 1 14.94 -98.98 30.17
CA GLY R 1 13.61 -98.61 29.70
C GLY R 1 13.21 -97.22 30.13
N ALA R 2 14.01 -96.63 31.02
CA ALA R 2 13.68 -95.31 31.56
C ALA R 2 13.72 -94.25 30.47
N TYR R 3 14.63 -94.40 29.50
CA TYR R 3 14.78 -93.40 28.45
C TYR R 3 13.53 -93.30 27.60
N LYS R 4 12.86 -94.44 27.36
CA LYS R 4 11.60 -94.43 26.63
C LYS R 4 10.55 -93.60 27.37
N TYR R 5 10.48 -93.75 28.70
CA TYR R 5 9.53 -92.96 29.48
C TYR R 5 9.88 -91.47 29.42
N ILE R 6 11.17 -91.15 29.43
CA ILE R 6 11.56 -89.74 29.51
C ILE R 6 11.23 -89.01 28.21
N GLN R 7 11.47 -89.62 27.05
CA GLN R 7 11.12 -88.90 25.82
C GLN R 7 9.62 -88.78 25.67
N GLU R 8 8.87 -89.81 26.09
CA GLU R 8 7.42 -89.70 26.10
C GLU R 8 6.96 -88.60 27.03
N LEU R 9 7.66 -88.43 28.17
CA LEU R 9 7.36 -87.33 29.07
C LEU R 9 7.61 -85.98 28.40
N TRP R 10 8.73 -85.86 27.69
CA TRP R 10 9.10 -84.58 27.10
C TRP R 10 8.27 -84.25 25.87
N ARG R 11 7.43 -85.17 25.40
CA ARG R 11 6.49 -84.89 24.33
C ARG R 11 5.17 -84.33 24.87
N LYS R 12 5.10 -84.04 26.16
CA LYS R 12 3.92 -83.51 26.82
C LYS R 12 4.23 -82.17 27.47
N LYS R 13 4.76 -81.25 26.68
CA LYS R 13 5.24 -79.99 27.23
C LYS R 13 4.13 -79.11 27.77
N GLN R 14 2.88 -79.41 27.46
CA GLN R 14 1.76 -78.64 28.00
C GLN R 14 1.10 -79.32 29.19
N SER R 15 1.65 -80.43 29.67
CA SER R 15 1.15 -81.04 30.88
C SER R 15 1.51 -80.19 32.10
N ASP R 16 0.79 -80.42 33.20
CA ASP R 16 1.04 -79.66 34.42
C ASP R 16 2.46 -79.87 34.93
N VAL R 17 2.94 -81.11 34.89
CA VAL R 17 4.28 -81.42 35.39
C VAL R 17 5.35 -80.78 34.51
N MET R 18 5.17 -80.85 33.19
CA MET R 18 6.20 -80.31 32.30
C MET R 18 6.12 -78.79 32.19
N ARG R 19 4.92 -78.22 32.27
CA ARG R 19 4.82 -76.76 32.27
C ARG R 19 5.48 -76.17 33.50
N PHE R 20 5.33 -76.82 34.65
CA PHE R 20 6.00 -76.37 35.87
C PHE R 20 7.52 -76.42 35.70
N LEU R 21 8.03 -77.55 35.21
CA LEU R 21 9.48 -77.72 35.11
C LEU R 21 10.09 -76.74 34.11
N LEU R 22 9.43 -76.56 32.96
CA LEU R 22 9.96 -75.63 31.97
C LEU R 22 9.94 -74.19 32.49
N ARG R 23 8.87 -73.80 33.17
CA ARG R 23 8.77 -72.45 33.72
C ARG R 23 9.83 -72.20 34.78
N VAL R 24 10.05 -73.16 35.68
CA VAL R 24 11.03 -72.97 36.74
C VAL R 24 12.44 -72.94 36.17
N ARG R 25 12.75 -73.87 35.26
CA ARG R 25 14.08 -73.91 34.67
C ARG R 25 14.35 -72.69 33.80
N CYS R 26 13.33 -72.23 33.06
CA CYS R 26 13.48 -71.02 32.26
C CYS R 26 13.79 -69.82 33.14
N TRP R 27 13.19 -69.76 34.33
CA TRP R 27 13.54 -68.71 35.28
C TRP R 27 15.00 -68.82 35.71
N GLN R 28 15.46 -70.04 35.99
CA GLN R 28 16.82 -70.22 36.47
C GLN R 28 17.84 -69.88 35.40
N TYR R 29 17.62 -70.34 34.17
CA TYR R 29 18.53 -70.01 33.07
C TYR R 29 18.56 -68.51 32.80
N ARG R 30 17.44 -67.83 33.06
CA ARG R 30 17.36 -66.39 32.84
C ARG R 30 18.27 -65.62 33.78
N GLN R 31 18.61 -66.20 34.93
CA GLN R 31 19.43 -65.52 35.93
C GLN R 31 20.93 -65.69 35.68
N LEU R 32 21.31 -66.43 34.65
CA LEU R 32 22.72 -66.76 34.38
C LEU R 32 23.21 -66.00 33.15
N SER R 33 24.48 -66.21 32.83
CA SER R 33 25.08 -65.58 31.66
C SER R 33 24.57 -66.23 30.37
N ALA R 34 24.73 -65.50 29.27
CA ALA R 34 24.26 -65.98 27.98
C ALA R 34 24.97 -67.27 27.57
N LEU R 35 26.29 -67.33 27.76
CA LEU R 35 27.05 -68.54 27.57
C LEU R 35 27.43 -69.08 28.94
N HIS R 36 26.97 -70.29 29.24
CA HIS R 36 27.18 -70.91 30.54
C HIS R 36 27.49 -72.38 30.32
N ARG R 37 28.47 -72.90 31.06
CA ARG R 37 28.78 -74.32 30.99
C ARG R 37 27.85 -75.09 31.92
N ALA R 38 27.21 -76.10 31.37
CA ALA R 38 26.35 -76.97 32.16
C ALA R 38 27.16 -78.12 32.74
N PRO R 39 27.00 -78.43 34.03
CA PRO R 39 27.72 -79.58 34.60
C PRO R 39 27.32 -80.90 33.96
N ARG R 40 26.10 -81.01 33.46
CA ARG R 40 25.59 -82.22 32.86
C ARG R 40 24.43 -81.86 31.96
N PRO R 41 24.10 -82.70 30.98
CA PRO R 41 22.94 -82.41 30.14
C PRO R 41 21.66 -82.37 30.96
N THR R 42 20.81 -81.38 30.66
CA THR R 42 19.51 -81.29 31.32
C THR R 42 18.56 -82.38 30.83
N ARG R 43 18.77 -82.85 29.59
CA ARG R 43 17.96 -83.89 28.98
C ARG R 43 18.91 -85.01 28.55
N PRO R 44 19.29 -85.90 29.47
CA PRO R 44 20.23 -86.97 29.10
C PRO R 44 19.73 -87.86 27.99
N ASP R 45 18.43 -88.14 27.93
CA ASP R 45 17.89 -88.97 26.87
C ASP R 45 18.01 -88.28 25.51
N LYS R 46 17.71 -86.98 25.45
CA LYS R 46 17.85 -86.25 24.20
C LYS R 46 19.30 -86.06 23.82
N ALA R 47 20.18 -85.90 24.81
CA ALA R 47 21.60 -85.68 24.51
C ALA R 47 22.22 -86.91 23.87
N ARG R 48 22.04 -88.08 24.48
CA ARG R 48 22.63 -89.29 23.93
C ARG R 48 21.98 -89.69 22.60
N ARG R 49 20.71 -89.32 22.42
CA ARG R 49 20.08 -89.49 21.13
C ARG R 49 20.79 -88.67 20.05
N LEU R 50 21.38 -87.55 20.44
CA LEU R 50 22.06 -86.65 19.51
C LEU R 50 23.56 -86.93 19.39
N GLY R 51 24.07 -87.97 20.02
CA GLY R 51 25.47 -88.34 19.91
C GLY R 51 26.27 -88.19 21.19
N TYR R 52 25.70 -87.65 22.25
CA TYR R 52 26.42 -87.47 23.49
C TYR R 52 26.61 -88.80 24.21
N LYS R 53 27.79 -88.97 24.81
CA LYS R 53 28.08 -90.11 25.67
C LYS R 53 28.69 -89.60 26.97
N ALA R 54 28.34 -90.25 28.08
CA ALA R 54 28.77 -89.81 29.41
C ALA R 54 30.20 -90.31 29.67
N LYS R 55 31.14 -89.68 28.97
CA LYS R 55 32.55 -89.98 29.12
C LYS R 55 33.34 -88.68 29.02
N GLN R 56 34.58 -88.72 29.50
CA GLN R 56 35.43 -87.54 29.48
C GLN R 56 35.70 -87.10 28.05
N GLY R 57 35.63 -85.80 27.82
CA GLY R 57 35.74 -85.22 26.50
C GLY R 57 34.44 -84.65 25.97
N TYR R 58 33.30 -85.04 26.54
CA TYR R 58 32.01 -84.48 26.18
C TYR R 58 31.63 -83.43 27.21
N VAL R 59 31.34 -82.22 26.74
CA VAL R 59 30.95 -81.12 27.62
C VAL R 59 29.68 -80.50 27.06
N ILE R 60 28.93 -79.84 27.95
CA ILE R 60 27.66 -79.22 27.62
C ILE R 60 27.75 -77.73 27.95
N TYR R 61 27.34 -76.89 27.01
CA TYR R 61 27.27 -75.45 27.22
C TYR R 61 25.87 -74.98 26.92
N ARG R 62 25.23 -74.33 27.89
CA ARG R 62 23.89 -73.77 27.71
C ARG R 62 24.01 -72.38 27.11
N ILE R 63 23.20 -72.10 26.09
CA ILE R 63 23.29 -70.84 25.35
C ILE R 63 21.92 -70.18 25.33
N ARG R 64 21.90 -68.88 25.65
CA ARG R 64 20.71 -68.05 25.59
C ARG R 64 20.79 -67.14 24.37
N VAL R 65 19.75 -67.17 23.54
CA VAL R 65 19.70 -66.34 22.34
C VAL R 65 18.42 -65.51 22.38
N ARG R 66 18.51 -64.28 21.87
CA ARG R 66 17.35 -63.40 21.84
C ARG R 66 16.43 -63.78 20.68
N ARG R 67 15.14 -63.86 20.98
CA ARG R 67 14.15 -64.32 20.01
C ARG R 67 13.75 -63.19 19.08
N GLY R 68 13.08 -63.56 18.00
CA GLY R 68 12.50 -62.62 17.07
C GLY R 68 13.18 -62.65 15.72
N GLY R 69 12.81 -61.68 14.89
CA GLY R 69 13.33 -61.57 13.55
C GLY R 69 14.62 -60.78 13.51
N ARG R 70 15.01 -60.40 12.30
CA ARG R 70 16.25 -59.69 12.05
C ARG R 70 15.93 -58.30 11.51
N LYS R 71 16.12 -57.28 12.35
CA LYS R 71 16.00 -55.91 11.87
C LYS R 71 17.20 -55.58 10.99
N ARG R 72 16.96 -54.98 9.84
CA ARG R 72 18.05 -54.59 8.97
C ARG R 72 18.86 -53.49 9.62
N PRO R 73 20.17 -53.66 9.82
CA PRO R 73 20.97 -52.69 10.57
C PRO R 73 21.40 -51.50 9.72
N VAL R 74 20.44 -50.64 9.41
CA VAL R 74 20.71 -49.44 8.62
C VAL R 74 20.36 -48.22 9.46
N PRO R 75 21.08 -47.11 9.31
CA PRO R 75 20.79 -45.93 10.14
C PRO R 75 19.43 -45.34 9.80
N LYS R 76 18.59 -45.18 10.83
CA LYS R 76 17.29 -44.54 10.71
C LYS R 76 16.38 -45.29 9.73
N GLY R 77 16.62 -46.58 9.54
CA GLY R 77 15.81 -47.36 8.63
C GLY R 77 15.87 -46.92 7.19
N ALA R 78 16.99 -46.31 6.78
CA ALA R 78 17.15 -45.81 5.42
C ALA R 78 17.94 -46.84 4.62
N THR R 79 17.23 -47.60 3.79
CA THR R 79 17.86 -48.54 2.86
C THR R 79 17.79 -47.91 1.47
N TYR R 80 18.77 -47.06 1.18
CA TYR R 80 18.81 -46.28 -0.05
C TYR R 80 18.77 -47.19 -1.27
N GLY R 81 17.65 -47.20 -1.96
CA GLY R 81 17.51 -48.05 -3.13
C GLY R 81 16.05 -48.13 -3.55
N LYS R 82 15.77 -49.14 -4.36
CA LYS R 82 14.43 -49.32 -4.90
C LYS R 82 13.46 -49.75 -3.80
N PRO R 83 12.17 -49.45 -3.97
CA PRO R 83 11.21 -49.73 -2.89
C PRO R 83 11.12 -51.18 -2.48
N VAL R 84 11.45 -52.12 -3.37
CA VAL R 84 11.40 -53.53 -3.02
C VAL R 84 12.38 -53.87 -1.90
N HIS R 85 13.42 -53.05 -1.72
CA HIS R 85 14.43 -53.29 -0.70
C HIS R 85 14.27 -52.37 0.51
N HIS R 86 13.14 -51.65 0.62
CA HIS R 86 12.93 -50.74 1.72
C HIS R 86 12.62 -51.44 3.04
N GLY R 87 12.44 -52.76 3.03
CA GLY R 87 12.08 -53.46 4.25
C GLY R 87 13.16 -53.33 5.31
N VAL R 88 12.76 -52.88 6.50
CA VAL R 88 13.64 -52.89 7.65
C VAL R 88 13.13 -53.82 8.75
N ASN R 89 11.82 -53.93 8.92
CA ASN R 89 11.21 -54.83 9.89
C ASN R 89 10.47 -55.93 9.16
N GLN R 90 10.05 -56.94 9.91
CA GLN R 90 9.40 -58.16 9.41
C GLN R 90 10.35 -58.92 8.50
N LEU R 91 11.65 -58.66 8.59
CA LEU R 91 12.67 -59.41 7.88
C LEU R 91 13.16 -60.56 8.76
N LYS R 92 13.59 -61.65 8.13
CA LYS R 92 13.92 -62.86 8.85
C LYS R 92 15.29 -63.38 8.45
N PHE R 93 16.06 -63.84 9.45
CA PHE R 93 17.38 -64.40 9.23
C PHE R 93 17.26 -65.78 8.57
N ALA R 94 18.20 -66.09 7.68
CA ALA R 94 18.13 -67.33 6.92
C ALA R 94 18.32 -68.55 7.81
N ARG R 95 19.14 -68.43 8.85
CA ARG R 95 19.44 -69.55 9.74
C ARG R 95 18.60 -69.46 11.01
N SER R 96 18.35 -70.61 11.61
CA SER R 96 17.50 -70.68 12.79
C SER R 96 18.25 -70.16 14.02
N LEU R 97 17.49 -69.92 15.09
CA LEU R 97 18.09 -69.50 16.35
C LEU R 97 18.94 -70.61 16.95
N GLN R 98 18.60 -71.86 16.70
CA GLN R 98 19.41 -72.97 17.17
C GLN R 98 20.79 -72.96 16.52
N SER R 99 20.85 -72.63 15.23
CA SER R 99 22.14 -72.52 14.55
C SER R 99 22.97 -71.39 15.16
N VAL R 100 22.32 -70.27 15.52
CA VAL R 100 23.04 -69.17 16.14
C VAL R 100 23.57 -69.59 17.51
N ALA R 101 22.80 -70.38 18.25
CA ALA R 101 23.28 -70.86 19.55
C ALA R 101 24.50 -71.75 19.39
N GLU R 102 24.49 -72.64 18.40
CA GLU R 102 25.67 -73.46 18.16
C GLU R 102 26.86 -72.62 17.72
N GLU R 103 26.61 -71.60 16.90
CA GLU R 103 27.68 -70.74 16.43
C GLU R 103 28.34 -70.00 17.60
N ARG R 104 27.54 -69.54 18.56
CA ARG R 104 28.11 -68.79 19.68
C ARG R 104 28.85 -69.70 20.63
N ALA R 105 28.36 -70.92 20.84
CA ALA R 105 29.09 -71.88 21.65
C ALA R 105 30.41 -72.28 20.99
N GLY R 106 30.40 -72.49 19.69
CA GLY R 106 31.62 -72.88 19.00
C GLY R 106 32.66 -71.78 18.95
N ARG R 107 32.22 -70.53 18.74
CA ARG R 107 33.17 -69.43 18.63
C ARG R 107 33.88 -69.16 19.95
N HIS R 108 33.15 -69.22 21.06
CA HIS R 108 33.77 -69.03 22.37
C HIS R 108 34.71 -70.19 22.70
N CYS R 109 34.28 -71.42 22.44
CA CYS R 109 35.09 -72.60 22.70
C CYS R 109 35.71 -73.04 21.38
N GLY R 110 36.72 -72.29 20.94
CA GLY R 110 37.34 -72.53 19.66
C GLY R 110 38.15 -73.81 19.58
N ALA R 111 38.55 -74.37 20.72
CA ALA R 111 39.32 -75.60 20.75
C ALA R 111 38.44 -76.84 20.84
N LEU R 112 37.13 -76.68 20.86
CA LEU R 112 36.19 -77.80 20.91
C LEU R 112 35.50 -77.95 19.56
N ARG R 113 34.72 -79.02 19.44
CA ARG R 113 33.99 -79.32 18.22
C ARG R 113 32.52 -79.47 18.56
N VAL R 114 31.69 -78.63 17.92
CA VAL R 114 30.25 -78.72 18.14
C VAL R 114 29.73 -80.00 17.52
N LEU R 115 29.00 -80.79 18.31
CA LEU R 115 28.40 -82.03 17.82
C LEU R 115 26.93 -81.83 17.45
N ASN R 116 26.11 -81.44 18.42
CA ASN R 116 24.70 -81.16 18.19
C ASN R 116 24.21 -80.26 19.31
N SER R 117 22.91 -79.98 19.29
CA SER R 117 22.29 -79.15 20.31
C SER R 117 20.81 -79.46 20.35
N TYR R 118 20.17 -79.11 21.47
CA TYR R 118 18.74 -79.34 21.65
C TYR R 118 18.13 -78.17 22.42
N TRP R 119 16.82 -78.25 22.60
CA TRP R 119 16.01 -77.19 23.17
C TRP R 119 15.69 -77.52 24.62
N VAL R 120 15.88 -76.53 25.50
CA VAL R 120 15.71 -76.77 26.94
C VAL R 120 14.72 -75.77 27.54
N GLY R 121 14.15 -74.91 26.72
CA GLY R 121 13.15 -73.96 27.20
C GLY R 121 13.22 -72.62 26.48
N GLU R 122 12.10 -71.92 26.46
CA GLU R 122 12.04 -70.61 25.83
C GLU R 122 11.19 -69.66 26.67
N ASP R 123 11.56 -68.40 26.60
CA ASP R 123 10.87 -67.26 27.17
C ASP R 123 10.31 -66.44 26.01
N SER R 124 9.51 -65.41 26.30
CA SER R 124 9.04 -64.53 25.24
C SER R 124 10.18 -63.79 24.57
N THR R 125 11.32 -63.63 25.26
CA THR R 125 12.45 -62.89 24.73
C THR R 125 13.71 -63.70 24.59
N TYR R 126 13.77 -64.92 25.12
CA TYR R 126 14.93 -65.78 25.00
C TYR R 126 14.53 -67.21 24.69
N LYS R 127 15.28 -67.84 23.80
CA LYS R 127 15.29 -69.29 23.64
C LYS R 127 16.59 -69.83 24.24
N PHE R 128 16.48 -70.91 24.99
CA PHE R 128 17.62 -71.52 25.65
C PHE R 128 17.93 -72.86 25.00
N PHE R 129 19.20 -73.06 24.64
CA PHE R 129 19.66 -74.30 24.02
C PHE R 129 20.88 -74.81 24.76
N GLU R 130 21.06 -76.13 24.72
CA GLU R 130 22.24 -76.78 25.25
C GLU R 130 23.00 -77.45 24.12
N VAL R 131 24.28 -77.10 23.98
CA VAL R 131 25.10 -77.55 22.87
C VAL R 131 26.06 -78.61 23.36
N ILE R 132 26.15 -79.72 22.63
CA ILE R 132 27.08 -80.80 22.95
C ILE R 132 28.40 -80.50 22.25
N LEU R 133 29.47 -80.43 23.04
CA LEU R 133 30.81 -80.18 22.54
C LEU R 133 31.68 -81.40 22.79
N ILE R 134 32.72 -81.54 21.99
CA ILE R 134 33.69 -82.63 22.13
C ILE R 134 35.09 -82.02 22.13
N ASP R 135 35.91 -82.46 23.09
CA ASP R 135 37.32 -82.09 23.07
C ASP R 135 38.05 -83.04 22.14
N PRO R 136 38.45 -82.59 20.94
CA PRO R 136 39.04 -83.51 19.96
C PRO R 136 40.37 -84.08 20.37
N PHE R 137 41.06 -83.49 21.35
CA PHE R 137 42.40 -83.91 21.72
C PHE R 137 42.44 -84.70 23.03
N HIS R 138 41.29 -85.04 23.58
CA HIS R 138 41.25 -85.92 24.74
C HIS R 138 41.45 -87.37 24.30
N LYS R 139 42.20 -88.12 25.11
CA LYS R 139 42.54 -89.49 24.73
C LYS R 139 41.30 -90.38 24.66
N ALA R 140 40.28 -90.11 25.48
CA ALA R 140 39.05 -90.89 25.41
C ALA R 140 38.34 -90.70 24.08
N ILE R 141 38.46 -89.53 23.47
CA ILE R 141 37.93 -89.30 22.13
C ILE R 141 38.92 -89.75 21.07
N ARG R 142 40.18 -89.44 21.30
CA ARG R 142 41.24 -89.65 20.32
C ARG R 142 41.49 -91.15 20.09
N ARG R 143 41.32 -91.98 21.12
CA ARG R 143 41.61 -93.42 21.03
C ARG R 143 40.40 -94.26 20.65
N ASN R 144 39.22 -93.66 20.49
CA ASN R 144 38.00 -94.41 20.22
C ASN R 144 37.60 -94.25 18.76
N PRO R 145 37.51 -95.32 17.98
CA PRO R 145 36.89 -95.20 16.67
C PRO R 145 35.41 -94.95 16.81
N ASP R 146 34.83 -94.38 15.75
CA ASP R 146 33.49 -93.84 15.62
C ASP R 146 33.37 -92.49 16.31
N THR R 147 34.37 -92.06 17.08
CA THR R 147 34.50 -90.68 17.50
C THR R 147 35.76 -90.04 16.95
N GLN R 148 36.58 -90.81 16.21
CA GLN R 148 37.81 -90.26 15.64
C GLN R 148 37.54 -89.32 14.47
N TRP R 149 36.36 -89.40 13.87
CA TRP R 149 36.05 -88.52 12.74
C TRP R 149 36.03 -87.06 13.17
N ILE R 150 35.48 -86.77 14.35
CA ILE R 150 35.39 -85.39 14.81
C ILE R 150 36.76 -84.78 15.05
N THR R 151 37.79 -85.62 15.20
CA THR R 151 39.15 -85.12 15.40
C THR R 151 39.84 -84.71 14.11
N LYS R 152 39.30 -85.07 12.95
CA LYS R 152 39.95 -84.73 11.70
C LYS R 152 39.89 -83.21 11.45
N PRO R 153 40.89 -82.66 10.78
CA PRO R 153 40.91 -81.20 10.54
C PRO R 153 39.75 -80.70 9.71
N VAL R 154 39.16 -81.55 8.86
CA VAL R 154 38.07 -81.11 8.01
C VAL R 154 36.79 -80.88 8.80
N HIS R 155 36.74 -81.32 10.05
CA HIS R 155 35.54 -81.23 10.87
C HIS R 155 35.62 -80.12 11.91
N LYS R 156 36.56 -79.19 11.78
CA LYS R 156 36.65 -78.09 12.71
C LYS R 156 35.66 -76.99 12.34
N HIS R 157 34.99 -76.44 13.35
CA HIS R 157 33.98 -75.40 13.18
C HIS R 157 32.88 -75.85 12.21
N ARG R 158 32.26 -76.98 12.55
CA ARG R 158 31.14 -77.47 11.75
C ARG R 158 29.97 -76.49 11.78
N GLU R 159 29.70 -75.91 12.96
CA GLU R 159 28.57 -75.02 13.13
C GLU R 159 28.69 -73.73 12.32
N MET R 160 29.90 -73.36 11.90
CA MET R 160 30.10 -72.15 11.12
C MET R 160 30.03 -72.40 9.62
N ARG R 161 29.96 -73.66 9.19
CA ARG R 161 29.78 -74.00 7.79
C ARG R 161 28.48 -74.75 7.54
N GLY R 162 27.57 -74.75 8.51
CA GLY R 162 26.29 -75.40 8.35
C GLY R 162 26.36 -76.91 8.22
N LEU R 163 27.24 -77.56 8.96
CA LEU R 163 27.39 -79.01 8.89
C LEU R 163 26.78 -79.73 10.08
N THR R 164 26.30 -78.99 11.09
CA THR R 164 25.56 -79.61 12.17
C THR R 164 24.09 -79.77 11.76
N SER R 165 23.34 -80.51 12.58
CA SER R 165 21.94 -80.76 12.26
C SER R 165 21.14 -79.47 12.20
N ALA R 166 21.37 -78.57 13.17
CA ALA R 166 20.65 -77.30 13.17
C ALA R 166 21.08 -76.41 12.01
N GLY R 167 22.39 -76.35 11.73
CA GLY R 167 22.87 -75.53 10.64
C GLY R 167 22.56 -76.08 9.26
N ARG R 168 22.32 -77.40 9.16
CA ARG R 168 22.05 -77.99 7.86
C ARG R 168 20.63 -77.71 7.40
N LYS R 169 19.69 -77.50 8.34
CA LYS R 169 18.29 -77.36 7.97
C LYS R 169 18.03 -76.13 7.12
N SER R 170 18.87 -75.11 7.22
CA SER R 170 18.68 -73.88 6.46
C SER R 170 19.25 -73.95 5.06
N ARG R 171 20.04 -74.98 4.74
CA ARG R 171 20.72 -75.04 3.46
C ARG R 171 19.84 -75.55 2.33
N GLY R 172 18.66 -76.08 2.64
CA GLY R 172 17.78 -76.58 1.60
C GLY R 172 18.18 -77.91 1.01
N LEU R 173 19.03 -78.67 1.68
CA LEU R 173 19.42 -79.97 1.17
C LEU R 173 18.30 -80.99 1.35
N GLY R 174 18.37 -82.05 0.57
CA GLY R 174 17.38 -83.10 0.61
C GLY R 174 17.30 -83.80 -0.72
N LYS R 175 16.46 -84.82 -0.76
CA LYS R 175 16.27 -85.62 -1.96
C LYS R 175 14.88 -85.40 -2.53
N GLY R 176 14.81 -85.20 -3.84
CA GLY R 176 13.54 -85.21 -4.53
C GLY R 176 13.18 -83.86 -5.12
N HIS R 177 11.89 -83.77 -5.50
CA HIS R 177 11.42 -82.62 -6.26
C HIS R 177 11.32 -81.35 -5.44
N LYS R 178 11.31 -81.45 -4.12
CA LYS R 178 11.22 -80.26 -3.29
C LYS R 178 12.56 -79.55 -3.11
N PHE R 179 13.67 -80.20 -3.45
CA PHE R 179 15.01 -79.69 -3.15
C PHE R 179 15.87 -79.65 -4.41
N HIS R 180 15.31 -79.12 -5.49
CA HIS R 180 16.08 -78.96 -6.72
C HIS R 180 17.06 -77.80 -6.67
N HIS R 181 16.97 -76.94 -5.66
CA HIS R 181 17.87 -75.79 -5.60
C HIS R 181 19.28 -76.18 -5.18
N THR R 182 19.47 -77.37 -4.61
CA THR R 182 20.74 -77.76 -4.01
C THR R 182 21.32 -79.01 -4.65
N ILE R 183 20.98 -79.29 -5.90
CA ILE R 183 21.61 -80.39 -6.61
C ILE R 183 23.05 -80.01 -6.91
N GLY R 184 23.99 -80.79 -6.39
CA GLY R 184 25.40 -80.44 -6.41
C GLY R 184 26.00 -80.21 -5.04
N GLY R 185 25.19 -80.15 -3.99
CA GLY R 185 25.68 -80.02 -2.63
C GLY R 185 25.31 -78.71 -1.96
N SER R 186 24.91 -77.68 -2.69
CA SER R 186 24.56 -76.40 -2.11
C SER R 186 23.89 -75.55 -3.17
N ARG R 187 23.33 -74.42 -2.72
CA ARG R 187 22.74 -73.48 -3.67
C ARG R 187 23.79 -72.89 -4.60
N ARG R 188 24.97 -72.54 -4.07
CA ARG R 188 26.07 -72.10 -4.91
C ARG R 188 26.44 -73.13 -5.96
N ALA R 189 26.61 -74.39 -5.53
CA ALA R 189 27.04 -75.42 -6.46
C ALA R 189 26.04 -75.59 -7.58
N ALA R 190 24.74 -75.60 -7.26
CA ALA R 190 23.72 -75.66 -8.29
C ALA R 190 23.73 -74.41 -9.15
N TRP R 191 23.86 -73.23 -8.54
CA TRP R 191 23.84 -71.99 -9.29
C TRP R 191 25.03 -71.90 -10.24
N ARG R 192 26.23 -72.26 -9.76
CA ARG R 192 27.41 -72.19 -10.62
C ARG R 192 27.29 -73.14 -11.80
N ARG R 193 26.84 -74.37 -11.55
CA ARG R 193 26.67 -75.34 -12.63
C ARG R 193 25.64 -74.88 -13.65
N ARG R 194 24.52 -74.31 -13.17
CA ARG R 194 23.45 -73.89 -14.06
C ARG R 194 23.74 -72.57 -14.75
N ASN R 195 24.72 -71.80 -14.27
CA ASN R 195 25.03 -70.49 -14.84
C ASN R 195 26.44 -70.45 -15.43
N THR R 196 27.03 -71.60 -15.69
CA THR R 196 28.33 -71.69 -16.34
C THR R 196 28.12 -72.06 -17.79
N LEU R 197 28.75 -71.31 -18.70
CA LEU R 197 28.68 -71.59 -20.12
C LEU R 197 29.78 -72.58 -20.50
N GLN R 198 29.37 -73.81 -20.82
CA GLN R 198 30.32 -74.83 -21.24
C GLN R 198 30.69 -74.60 -22.69
N LEU R 199 31.91 -74.12 -22.93
CA LEU R 199 32.42 -73.89 -24.28
C LEU R 199 33.39 -75.01 -24.61
N HIS R 200 32.85 -76.05 -25.26
CA HIS R 200 33.63 -77.21 -25.64
C HIS R 200 34.67 -76.84 -26.70
N ARG R 201 35.68 -77.69 -26.84
CA ARG R 201 36.68 -77.47 -27.87
C ARG R 201 36.06 -77.52 -29.26
N TYR R 202 35.17 -78.49 -29.49
CA TYR R 202 34.43 -78.60 -30.75
C TYR R 202 32.98 -78.23 -30.49
N ARG R 203 32.49 -77.24 -31.22
CA ARG R 203 31.13 -76.76 -31.01
C ARG R 203 30.32 -76.82 -32.31
N GLU S 1 55.37 -4.16 -85.81
CA GLU S 1 56.66 -4.13 -86.48
C GLU S 1 57.79 -3.97 -85.47
N VAL S 2 59.03 -4.01 -85.95
CA VAL S 2 60.18 -4.04 -85.04
C VAL S 2 60.60 -2.62 -84.66
N GLN S 3 60.21 -1.63 -85.46
CA GLN S 3 60.52 -0.25 -85.14
C GLN S 3 59.48 0.33 -84.19
N VAL S 4 59.83 1.48 -83.59
CA VAL S 4 58.90 2.17 -82.70
C VAL S 4 57.83 2.87 -83.51
N LEU S 5 56.60 2.80 -83.02
CA LEU S 5 55.46 3.49 -83.64
C LEU S 5 55.21 4.78 -82.87
N VAL S 6 55.40 5.92 -83.54
CA VAL S 6 55.21 7.23 -82.92
C VAL S 6 53.88 7.78 -83.42
N LEU S 7 52.94 7.95 -82.49
CA LEU S 7 51.58 8.38 -82.80
C LEU S 7 51.36 9.79 -82.27
N ASP S 8 50.78 10.64 -83.10
CA ASP S 8 50.40 11.98 -82.67
C ASP S 8 49.06 11.93 -81.97
N GLY S 9 49.02 12.45 -80.74
CA GLY S 9 47.80 12.37 -79.95
C GLY S 9 46.75 13.41 -80.27
N ARG S 10 47.07 14.39 -81.11
CA ARG S 10 46.11 15.45 -81.41
C ARG S 10 44.98 14.92 -82.29
N GLY S 11 43.74 15.24 -81.91
CA GLY S 11 42.58 14.83 -82.67
C GLY S 11 42.14 13.40 -82.45
N HIS S 12 42.79 12.67 -81.54
CA HIS S 12 42.48 11.27 -81.30
C HIS S 12 41.62 11.14 -80.05
N LEU S 13 40.60 10.29 -80.12
CA LEU S 13 39.76 10.03 -78.97
C LEU S 13 40.50 9.13 -77.98
N LEU S 14 40.30 9.43 -76.69
CA LEU S 14 41.13 8.83 -75.64
C LEU S 14 41.02 7.32 -75.62
N GLY S 15 39.80 6.81 -75.40
CA GLY S 15 39.63 5.37 -75.28
C GLY S 15 39.90 4.62 -76.56
N ARG S 16 39.47 5.19 -77.69
CA ARG S 16 39.68 4.52 -78.98
C ARG S 16 41.16 4.39 -79.30
N LEU S 17 41.94 5.43 -79.03
CA LEU S 17 43.38 5.36 -79.24
C LEU S 17 44.03 4.39 -78.25
N ALA S 18 43.55 4.37 -77.01
CA ALA S 18 44.13 3.48 -76.01
C ALA S 18 43.90 2.01 -76.35
N ALA S 19 42.74 1.67 -76.93
CA ALA S 19 42.48 0.29 -77.31
C ALA S 19 43.44 -0.18 -78.39
N ILE S 20 43.70 0.67 -79.38
CA ILE S 20 44.65 0.31 -80.43
C ILE S 20 46.05 0.15 -79.85
N VAL S 21 46.47 1.11 -79.02
CA VAL S 21 47.81 1.08 -78.46
C VAL S 21 48.00 -0.13 -77.55
N ALA S 22 46.94 -0.52 -76.83
CA ALA S 22 47.03 -1.65 -75.91
C ALA S 22 47.30 -2.96 -76.65
N LYS S 23 46.63 -3.19 -77.78
CA LYS S 23 46.86 -4.43 -78.51
C LYS S 23 48.23 -4.42 -79.16
N GLN S 24 48.70 -3.24 -79.58
CA GLN S 24 50.02 -3.14 -80.18
C GLN S 24 51.12 -3.52 -79.21
N VAL S 25 51.05 -3.04 -77.97
CA VAL S 25 52.09 -3.35 -77.00
C VAL S 25 52.01 -4.80 -76.57
N LEU S 26 50.81 -5.38 -76.56
CA LEU S 26 50.68 -6.81 -76.28
C LEU S 26 51.25 -7.66 -77.40
N LEU S 27 51.40 -7.11 -78.60
CA LEU S 27 52.00 -7.81 -79.72
C LEU S 27 53.49 -7.54 -79.84
N GLY S 28 54.12 -7.04 -78.78
CA GLY S 28 55.55 -6.81 -78.76
C GLY S 28 56.02 -5.54 -79.43
N ARG S 29 55.12 -4.65 -79.80
CA ARG S 29 55.50 -3.45 -80.53
C ARG S 29 55.71 -2.30 -79.56
N LYS S 30 56.76 -1.51 -79.82
CA LYS S 30 57.06 -0.33 -79.02
C LYS S 30 56.30 0.86 -79.59
N VAL S 31 55.49 1.50 -78.75
CA VAL S 31 54.64 2.60 -79.15
C VAL S 31 55.02 3.84 -78.35
N VAL S 32 55.13 4.97 -79.04
CA VAL S 32 55.35 6.25 -78.41
C VAL S 32 54.21 7.17 -78.81
N VAL S 33 53.53 7.73 -77.82
CA VAL S 33 52.44 8.67 -78.05
C VAL S 33 52.89 10.04 -77.56
N VAL S 34 52.86 11.02 -78.45
CA VAL S 34 53.23 12.39 -78.13
C VAL S 34 52.01 13.27 -78.28
N ARG S 35 52.11 14.49 -77.74
CA ARG S 35 50.99 15.42 -77.71
C ARG S 35 49.74 14.79 -77.09
N CYS S 36 49.91 14.25 -75.89
CA CYS S 36 48.78 13.75 -75.13
C CYS S 36 47.84 14.84 -74.66
N GLU S 37 48.28 16.10 -74.68
CA GLU S 37 47.38 17.20 -74.35
C GLU S 37 46.40 17.51 -75.47
N GLY S 38 46.67 17.06 -76.69
CA GLY S 38 45.76 17.22 -77.80
C GLY S 38 44.74 16.12 -77.95
N ILE S 39 44.74 15.14 -77.04
CA ILE S 39 43.77 14.05 -77.11
C ILE S 39 42.39 14.58 -76.75
N ASN S 40 41.37 14.09 -77.46
CA ASN S 40 40.00 14.50 -77.26
C ASN S 40 39.20 13.40 -76.57
N ILE S 41 38.15 13.80 -75.87
CA ILE S 41 37.20 12.88 -75.26
C ILE S 41 35.80 13.32 -75.67
N SER S 42 34.99 12.38 -76.14
CA SER S 42 33.64 12.70 -76.56
C SER S 42 32.78 13.12 -75.36
N GLY S 43 31.83 14.00 -75.63
CA GLY S 43 31.01 14.61 -74.60
C GLY S 43 31.53 15.98 -74.22
N ASN S 44 30.59 16.85 -73.83
CA ASN S 44 30.98 18.20 -73.42
C ASN S 44 31.98 18.19 -72.28
N PHE S 45 32.69 19.32 -72.13
CA PHE S 45 33.81 19.39 -71.21
C PHE S 45 33.38 19.24 -69.76
N TYR S 46 32.30 19.91 -69.36
CA TYR S 46 31.85 19.87 -67.97
C TYR S 46 31.60 18.43 -67.53
N ARG S 47 30.94 17.67 -68.38
CA ARG S 47 30.66 16.27 -68.11
C ARG S 47 31.92 15.44 -67.93
N ASN S 48 32.92 15.64 -68.79
CA ASN S 48 34.16 14.89 -68.68
C ASN S 48 34.97 15.34 -67.48
N LYS S 49 34.85 16.63 -67.10
CA LYS S 49 35.50 17.08 -65.88
C LYS S 49 34.87 16.45 -64.64
N LEU S 50 33.54 16.29 -64.65
CA LEU S 50 32.87 15.63 -63.54
C LEU S 50 33.36 14.19 -63.38
N LYS S 51 33.64 13.51 -64.49
CA LYS S 51 34.11 12.14 -64.41
C LYS S 51 35.46 12.05 -63.71
N TYR S 52 36.37 12.99 -64.01
CA TYR S 52 37.67 12.96 -63.34
C TYR S 52 37.54 13.41 -61.90
N LEU S 53 36.69 14.39 -61.63
CA LEU S 53 36.47 14.81 -60.25
C LEU S 53 35.90 13.67 -59.41
N ALA S 54 35.02 12.86 -60.00
CA ALA S 54 34.59 11.64 -59.33
C ALA S 54 35.74 10.67 -59.13
N PHE S 55 36.65 10.60 -60.10
CA PHE S 55 37.86 9.80 -59.92
C PHE S 55 38.70 10.33 -58.76
N LEU S 56 38.84 11.66 -58.66
CA LEU S 56 39.58 12.26 -57.57
C LEU S 56 38.99 11.89 -56.21
N ARG S 57 37.68 11.68 -56.15
CA ARG S 57 37.04 11.37 -54.88
C ARG S 57 37.40 9.96 -54.39
N LYS S 58 37.65 9.03 -55.30
CA LYS S 58 38.00 7.67 -54.91
C LYS S 58 39.39 7.65 -54.30
N ARG S 59 39.45 7.51 -52.98
CA ARG S 59 40.73 7.42 -52.29
C ARG S 59 40.54 6.54 -51.05
N MET S 60 41.63 5.93 -50.61
CA MET S 60 41.57 5.08 -49.43
C MET S 60 41.26 5.94 -48.21
N ASN S 61 40.10 5.69 -47.60
CA ASN S 61 39.67 6.50 -46.47
C ASN S 61 40.65 6.38 -45.31
N THR S 62 41.20 5.19 -45.11
CA THR S 62 42.12 4.98 -44.00
C THR S 62 43.46 5.66 -44.24
N ASN S 63 44.00 5.58 -45.45
CA ASN S 63 45.32 6.13 -45.76
C ASN S 63 45.38 6.48 -47.24
N PRO S 64 45.09 7.74 -47.57
CA PRO S 64 45.10 8.14 -48.99
C PRO S 64 46.46 8.01 -49.66
N SER S 65 47.55 8.01 -48.90
CA SER S 65 48.87 7.82 -49.50
C SER S 65 49.02 6.46 -50.15
N ARG S 66 48.23 5.47 -49.73
CA ARG S 66 48.20 4.17 -50.37
C ARG S 66 47.13 4.06 -51.45
N GLY S 67 46.12 4.92 -51.41
CA GLY S 67 44.95 4.78 -52.24
C GLY S 67 45.25 5.01 -53.71
N PRO S 68 44.20 5.12 -54.52
CA PRO S 68 44.39 5.35 -55.96
C PRO S 68 45.21 6.61 -56.19
N TYR S 69 46.18 6.50 -57.09
CA TYR S 69 47.04 7.63 -57.45
C TYR S 69 46.43 8.32 -58.65
N HIS S 70 46.06 9.58 -58.48
CA HIS S 70 45.41 10.36 -59.52
C HIS S 70 46.46 11.20 -60.22
N PHE S 71 46.79 10.84 -61.46
CA PHE S 71 47.80 11.54 -62.22
C PHE S 71 47.14 12.65 -63.02
N ARG S 72 47.72 13.84 -62.98
CA ARG S 72 47.08 15.01 -63.58
C ARG S 72 47.66 15.37 -64.93
N ALA S 73 48.84 14.88 -65.27
CA ALA S 73 49.39 15.15 -66.59
C ALA S 73 48.61 14.41 -67.66
N PRO S 74 48.36 15.02 -68.82
CA PRO S 74 47.64 14.30 -69.88
C PRO S 74 48.34 13.03 -70.33
N SER S 75 49.68 13.03 -70.37
CA SER S 75 50.41 11.83 -70.73
C SER S 75 50.18 10.71 -69.72
N ARG S 76 50.20 11.04 -68.43
CA ARG S 76 49.93 10.02 -67.42
C ARG S 76 48.46 9.62 -67.39
N ILE S 77 47.56 10.55 -67.71
CA ILE S 77 46.14 10.20 -67.81
C ILE S 77 45.93 9.18 -68.92
N PHE S 78 46.52 9.43 -70.09
CA PHE S 78 46.43 8.46 -71.17
C PHE S 78 47.13 7.16 -70.80
N TRP S 79 48.26 7.26 -70.10
CA TRP S 79 48.97 6.06 -69.67
C TRP S 79 48.10 5.19 -68.78
N ARG S 80 47.37 5.80 -67.84
CA ARG S 80 46.49 5.04 -66.97
C ARG S 80 45.33 4.43 -67.74
N THR S 81 44.83 5.15 -68.76
CA THR S 81 43.75 4.60 -69.58
C THR S 81 44.19 3.35 -70.31
N VAL S 82 45.42 3.35 -70.85
CA VAL S 82 45.95 2.15 -71.49
C VAL S 82 46.15 1.05 -70.45
N ARG S 83 46.64 1.41 -69.27
CA ARG S 83 46.86 0.42 -68.22
C ARG S 83 45.57 -0.29 -67.82
N GLY S 84 44.43 0.39 -67.95
CA GLY S 84 43.16 -0.27 -67.71
C GLY S 84 42.74 -1.22 -68.80
N MET S 85 43.48 -1.28 -69.90
CA MET S 85 43.18 -2.16 -71.02
C MET S 85 44.27 -3.21 -71.21
N LEU S 86 45.16 -3.38 -70.23
CA LEU S 86 46.24 -4.35 -70.23
C LEU S 86 46.17 -5.20 -68.97
N PRO S 87 46.64 -6.44 -69.01
CA PRO S 87 46.74 -7.25 -67.78
C PRO S 87 47.96 -6.84 -66.96
N HIS S 88 47.89 -5.64 -66.37
CA HIS S 88 49.07 -5.02 -65.77
C HIS S 88 49.52 -5.71 -64.49
N LYS S 89 48.76 -6.67 -63.96
CA LYS S 89 49.17 -7.41 -62.78
C LYS S 89 49.85 -8.73 -63.11
N THR S 90 50.07 -9.02 -64.39
CA THR S 90 50.85 -10.16 -64.83
C THR S 90 52.14 -9.67 -65.47
N LYS S 91 53.10 -10.59 -65.59
CA LYS S 91 54.39 -10.21 -66.17
C LYS S 91 54.26 -9.86 -67.64
N ARG S 92 53.35 -10.53 -68.37
CA ARG S 92 53.13 -10.18 -69.77
C ARG S 92 52.58 -8.76 -69.91
N GLY S 93 51.61 -8.40 -69.06
CA GLY S 93 51.04 -7.07 -69.11
C GLY S 93 52.00 -5.98 -68.67
N GLN S 94 52.80 -6.24 -67.64
CA GLN S 94 53.81 -5.27 -67.23
C GLN S 94 54.86 -5.08 -68.31
N ALA S 95 55.26 -6.15 -69.00
CA ALA S 95 56.18 -6.01 -70.13
C ALA S 95 55.56 -5.16 -71.23
N ALA S 96 54.28 -5.36 -71.52
CA ALA S 96 53.61 -4.56 -72.54
C ALA S 96 53.52 -3.10 -72.14
N LEU S 97 53.19 -2.84 -70.88
CA LEU S 97 53.07 -1.46 -70.41
C LEU S 97 54.41 -0.73 -70.45
N ASP S 98 55.51 -1.46 -70.28
CA ASP S 98 56.84 -0.86 -70.36
C ASP S 98 57.27 -0.57 -71.79
N ARG S 99 56.54 -1.08 -72.79
CA ARG S 99 56.80 -0.77 -74.18
C ARG S 99 56.09 0.50 -74.64
N LEU S 100 55.32 1.14 -73.77
CA LEU S 100 54.60 2.35 -74.10
C LEU S 100 55.30 3.55 -73.47
N LYS S 101 55.58 4.57 -74.28
CA LYS S 101 56.14 5.82 -73.81
C LYS S 101 55.19 6.95 -74.19
N VAL S 102 54.80 7.75 -73.20
CA VAL S 102 53.80 8.80 -73.39
C VAL S 102 54.45 10.13 -73.02
N PHE S 103 54.09 11.18 -73.78
CA PHE S 103 54.71 12.48 -73.60
C PHE S 103 53.68 13.58 -73.77
N ASP S 104 53.88 14.67 -73.03
CA ASP S 104 53.17 15.92 -73.26
C ASP S 104 54.01 16.77 -74.20
N GLY S 105 53.39 17.30 -75.26
CA GLY S 105 54.19 17.93 -76.27
C GLY S 105 54.97 16.89 -77.06
N ILE S 106 55.98 17.36 -77.78
CA ILE S 106 56.83 16.47 -78.56
C ILE S 106 58.28 16.69 -78.17
N PRO S 107 58.88 15.78 -77.40
CA PRO S 107 60.26 15.98 -76.91
C PRO S 107 61.27 15.82 -78.04
N PRO S 108 62.52 16.22 -77.79
CA PRO S 108 63.54 16.29 -78.87
C PRO S 108 63.79 14.98 -79.59
N PRO S 109 63.70 13.81 -78.93
CA PRO S 109 63.89 12.57 -79.72
C PRO S 109 62.90 12.41 -80.85
N TYR S 110 61.64 12.79 -80.66
CA TYR S 110 60.58 12.52 -81.61
C TYR S 110 60.11 13.76 -82.36
N ASP S 111 60.62 14.94 -82.03
CA ASP S 111 60.18 16.14 -82.73
C ASP S 111 60.68 16.18 -84.16
N LYS S 112 61.81 15.53 -84.43
CA LYS S 112 62.39 15.48 -85.77
C LYS S 112 61.96 14.25 -86.56
N LYS S 113 61.05 13.44 -86.03
CA LYS S 113 60.62 12.22 -86.70
C LYS S 113 59.16 12.33 -87.10
N LYS S 114 58.81 11.66 -88.21
CA LYS S 114 57.44 11.66 -88.70
C LYS S 114 56.53 10.93 -87.71
N ARG S 115 55.31 11.44 -87.55
CA ARG S 115 54.37 10.93 -86.56
C ARG S 115 53.15 10.33 -87.25
N MET S 116 52.75 9.14 -86.81
CA MET S 116 51.66 8.40 -87.43
C MET S 116 50.31 8.86 -86.90
N VAL S 117 49.25 8.35 -87.51
CA VAL S 117 47.88 8.68 -87.16
C VAL S 117 47.03 7.42 -87.23
N VAL S 118 46.12 7.28 -86.27
CA VAL S 118 45.19 6.14 -86.25
C VAL S 118 43.81 6.63 -86.67
N PRO S 119 43.39 6.40 -87.92
CA PRO S 119 42.08 6.89 -88.35
C PRO S 119 40.92 6.32 -87.55
N ALA S 120 41.01 5.07 -87.10
CA ALA S 120 39.91 4.47 -86.37
C ALA S 120 39.69 5.11 -85.00
N ALA S 121 40.61 5.95 -84.53
CA ALA S 121 40.48 6.64 -83.26
C ALA S 121 40.45 8.16 -83.43
N LEU S 122 40.27 8.64 -84.66
CA LEU S 122 40.27 10.08 -84.92
C LEU S 122 38.89 10.67 -84.67
N LYS S 123 38.87 11.88 -84.10
CA LYS S 123 37.61 12.54 -83.79
C LYS S 123 36.84 12.90 -85.05
N VAL S 124 37.53 13.23 -86.13
CA VAL S 124 36.85 13.70 -87.33
C VAL S 124 36.00 12.61 -87.97
N VAL S 125 36.40 11.34 -87.83
CA VAL S 125 35.68 10.27 -88.50
C VAL S 125 34.84 9.48 -87.49
N ARG S 126 35.25 9.46 -86.24
CA ARG S 126 34.57 8.67 -85.23
C ARG S 126 33.47 9.42 -84.50
N LEU S 127 33.38 10.73 -84.67
CA LEU S 127 32.46 11.54 -83.89
C LEU S 127 31.64 12.42 -84.82
N LYS S 128 30.34 12.51 -84.56
CA LYS S 128 29.48 13.36 -85.37
C LYS S 128 29.87 14.81 -85.21
N PRO S 129 29.85 15.60 -86.29
CA PRO S 129 30.36 16.99 -86.20
C PRO S 129 29.56 17.88 -85.26
N THR S 130 28.31 17.55 -84.96
CA THR S 130 27.48 18.35 -84.08
C THR S 130 27.64 18.00 -82.61
N ARG S 131 28.44 16.98 -82.29
CA ARG S 131 28.63 16.56 -80.90
C ARG S 131 29.75 17.36 -80.24
N LYS S 132 29.68 17.43 -78.92
CA LYS S 132 30.65 18.19 -78.15
C LYS S 132 31.73 17.27 -77.61
N PHE S 133 32.94 17.81 -77.49
CA PHE S 133 34.08 17.05 -77.03
C PHE S 133 34.89 17.90 -76.07
N ALA S 134 35.87 17.27 -75.42
CA ALA S 134 36.73 17.94 -74.46
C ALA S 134 38.19 17.70 -74.83
N TYR S 135 39.02 18.68 -74.56
CA TYR S 135 40.46 18.56 -74.75
C TYR S 135 41.09 18.01 -73.48
N LEU S 136 41.96 17.01 -73.64
CA LEU S 136 42.64 16.44 -72.49
C LEU S 136 43.53 17.45 -71.80
N GLY S 137 44.13 18.36 -72.57
CA GLY S 137 44.97 19.39 -71.96
C GLY S 137 44.18 20.33 -71.06
N ARG S 138 43.02 20.79 -71.53
CA ARG S 138 42.18 21.64 -70.69
C ARG S 138 41.67 20.89 -69.47
N LEU S 139 41.23 19.64 -69.67
CA LEU S 139 40.74 18.85 -68.55
C LEU S 139 41.84 18.64 -67.51
N ALA S 140 43.05 18.33 -67.97
CA ALA S 140 44.17 18.13 -67.06
C ALA S 140 44.51 19.43 -66.32
N HIS S 141 44.52 20.55 -67.04
CA HIS S 141 44.93 21.82 -66.43
C HIS S 141 44.00 22.20 -65.28
N GLU S 142 42.70 22.03 -65.47
CA GLU S 142 41.74 22.47 -64.47
C GLU S 142 41.50 21.45 -63.38
N VAL S 143 42.24 20.34 -63.37
CA VAL S 143 42.11 19.35 -62.30
C VAL S 143 43.43 19.14 -61.57
N GLY S 144 44.48 19.87 -61.92
CA GLY S 144 45.69 19.82 -61.14
C GLY S 144 46.99 19.94 -61.92
N TRP S 145 46.92 19.81 -63.24
CA TRP S 145 48.14 19.88 -64.04
C TRP S 145 48.75 21.27 -63.95
N LYS S 146 50.09 21.32 -63.93
CA LYS S 146 50.80 22.56 -63.66
C LYS S 146 51.61 23.07 -64.86
N TYR S 147 51.69 22.33 -65.96
CA TYR S 147 52.61 22.64 -67.03
C TYR S 147 51.90 22.82 -68.36
N GLN S 148 50.70 23.37 -68.31
CA GLN S 148 50.00 23.66 -69.56
C GLN S 148 50.61 24.86 -70.27
N ALA S 149 51.03 25.87 -69.51
CA ALA S 149 51.57 27.08 -70.12
C ALA S 149 52.96 26.85 -70.71
N VAL S 150 53.83 26.17 -69.97
CA VAL S 150 55.18 25.94 -70.46
C VAL S 150 55.18 24.98 -71.65
N THR S 151 54.31 23.97 -71.61
CA THR S 151 54.19 23.07 -72.75
C THR S 151 53.68 23.81 -73.98
N ALA S 152 52.75 24.75 -73.78
CA ALA S 152 52.27 25.54 -74.91
C ALA S 152 53.37 26.40 -75.52
N THR S 153 54.19 27.04 -74.69
CA THR S 153 55.28 27.85 -75.21
C THR S 153 56.31 27.01 -75.94
N LEU S 154 56.65 25.84 -75.39
CA LEU S 154 57.60 24.96 -76.06
C LEU S 154 57.03 24.37 -77.33
N GLU S 155 55.74 24.05 -77.33
CA GLU S 155 55.11 23.58 -78.57
C GLU S 155 55.08 24.66 -79.63
N GLU S 156 54.96 25.93 -79.22
CA GLU S 156 54.99 27.02 -80.19
C GLU S 156 56.39 27.21 -80.74
N LYS S 157 57.41 27.03 -79.90
CA LYS S 157 58.79 27.06 -80.39
C LYS S 157 59.05 25.92 -81.37
N ARG S 158 58.57 24.72 -81.06
CA ARG S 158 58.76 23.57 -81.94
C ARG S 158 58.09 23.80 -83.29
N LYS S 159 56.89 24.39 -83.27
CA LYS S 159 56.17 24.64 -84.51
C LYS S 159 56.89 25.66 -85.40
N GLU S 160 57.52 26.67 -84.79
CA GLU S 160 58.27 27.64 -85.58
C GLU S 160 59.48 26.99 -86.26
N LYS S 161 60.18 26.10 -85.55
CA LYS S 161 61.32 25.42 -86.15
C LYS S 161 60.87 24.42 -87.21
N ALA S 162 59.68 23.84 -87.04
CA ALA S 162 59.17 22.90 -88.04
C ALA S 162 58.81 23.61 -89.34
N LYS S 163 58.29 24.84 -89.24
CA LYS S 163 57.95 25.59 -90.45
C LYS S 163 59.18 25.86 -91.30
N ILE S 164 60.31 26.18 -90.65
CA ILE S 164 61.56 26.40 -91.38
C ILE S 164 61.98 25.12 -92.10
N HIS S 165 61.85 23.98 -91.43
CA HIS S 165 62.17 22.70 -92.07
C HIS S 165 61.27 22.43 -93.27
N TYR S 166 59.98 22.75 -93.14
CA TYR S 166 59.04 22.52 -94.23
C TYR S 166 59.34 23.43 -95.42
N ARG S 167 59.78 24.66 -95.16
CA ARG S 167 60.13 25.55 -96.26
C ARG S 167 61.38 25.07 -96.99
N LYS S 168 62.37 24.57 -96.24
CA LYS S 168 63.53 23.95 -96.87
C LYS S 168 63.14 22.69 -97.65
N LYS S 169 62.25 21.88 -97.08
CA LYS S 169 61.77 20.70 -97.78
C LYS S 169 61.01 21.09 -99.05
N LYS S 170 60.18 22.13 -98.98
CA LYS S 170 59.46 22.58 -100.17
C LYS S 170 60.41 23.19 -101.19
N GLN S 171 61.41 23.94 -100.73
CA GLN S 171 62.39 24.49 -101.65
C GLN S 171 63.18 23.38 -102.33
N LEU S 172 63.52 22.33 -101.59
CA LEU S 172 64.21 21.19 -102.17
C LEU S 172 63.35 20.49 -103.22
N MET S 173 62.06 20.31 -102.92
CA MET S 173 61.16 19.66 -103.86
C MET S 173 60.97 20.49 -105.13
N ARG S 174 60.85 21.81 -104.98
CA ARG S 174 60.77 22.68 -106.16
C ARG S 174 62.01 22.52 -107.02
N LEU S 175 63.18 22.44 -106.39
CA LEU S 175 64.42 22.25 -107.14
C LEU S 175 64.44 20.90 -107.82
N ARG S 176 63.89 19.87 -107.16
CA ARG S 176 63.83 18.55 -107.77
C ARG S 176 62.92 18.54 -108.99
N LYS S 177 61.77 19.19 -108.90
CA LYS S 177 60.88 19.28 -110.05
C LYS S 177 61.54 20.02 -111.20
N GLN S 178 62.25 21.10 -110.90
CA GLN S 178 63.00 21.79 -111.94
C GLN S 178 64.08 20.91 -112.53
N ALA S 179 64.74 20.10 -111.68
CA ALA S 179 65.75 19.18 -112.17
C ALA S 179 65.16 18.17 -113.13
N GLU S 180 63.98 17.63 -112.82
CA GLU S 180 63.35 16.66 -113.70
C GLU S 180 63.08 17.26 -115.08
N LYS S 181 62.62 18.51 -115.13
CA LYS S 181 62.44 19.18 -116.41
C LYS S 181 63.77 19.38 -117.12
N ASN S 182 64.82 19.74 -116.38
CA ASN S 182 66.11 20.01 -116.99
C ASN S 182 66.67 18.75 -117.65
N VAL S 183 66.71 17.64 -116.93
CA VAL S 183 67.17 16.36 -117.49
C VAL S 183 65.93 15.54 -117.80
N GLU S 184 65.38 15.75 -118.99
CA GLU S 184 64.22 15.03 -119.49
C GLU S 184 64.57 14.14 -120.67
N LYS S 185 65.50 14.58 -121.50
CA LYS S 185 65.95 13.79 -122.64
C LYS S 185 66.69 12.52 -122.19
N LYS S 186 67.53 12.66 -121.18
CA LYS S 186 68.29 11.56 -120.62
C LYS S 186 67.55 10.82 -119.52
N ILE S 187 66.27 11.12 -119.34
CA ILE S 187 65.45 10.46 -118.32
C ILE S 187 64.23 9.75 -118.90
N ASP S 188 63.76 10.15 -120.09
CA ASP S 188 62.54 9.57 -120.65
C ASP S 188 62.64 8.07 -120.83
N LYS S 189 63.85 7.54 -121.05
CA LYS S 189 64.01 6.10 -121.19
C LYS S 189 63.59 5.37 -119.92
N TYR S 190 63.99 5.89 -118.76
CA TYR S 190 63.62 5.31 -117.48
C TYR S 190 62.27 5.78 -116.99
N THR S 191 61.84 6.98 -117.39
CA THR S 191 60.48 7.40 -117.11
C THR S 191 59.46 6.47 -117.75
N GLU S 192 59.71 6.08 -119.01
CA GLU S 192 58.76 5.19 -119.69
C GLU S 192 58.63 3.86 -118.98
N VAL S 193 59.74 3.31 -118.49
CA VAL S 193 59.68 2.03 -117.77
C VAL S 193 58.80 2.16 -116.53
N LEU S 194 58.96 3.27 -115.79
CA LEU S 194 58.14 3.49 -114.60
C LEU S 194 56.66 3.60 -114.96
N LYS S 195 56.35 4.31 -116.05
CA LYS S 195 54.95 4.54 -116.41
C LYS S 195 54.26 3.24 -116.83
N THR S 196 54.97 2.36 -117.54
CA THR S 196 54.36 1.12 -117.99
C THR S 196 53.93 0.25 -116.81
N HIS S 197 54.57 0.42 -115.66
CA HIS S 197 54.30 -0.42 -114.50
C HIS S 197 53.60 0.33 -113.37
N GLY S 198 53.00 1.47 -113.65
CA GLY S 198 52.12 2.13 -112.70
C GLY S 198 52.79 3.11 -111.76
N LEU S 199 54.11 3.09 -111.66
CA LEU S 199 54.82 4.15 -110.98
C LEU S 199 54.88 5.38 -111.89
N LEU S 200 54.91 6.56 -111.28
CA LEU S 200 55.09 7.80 -112.03
C LEU S 200 54.09 7.90 -113.18
N VAL S 201 52.82 8.09 -112.84
CA VAL S 201 51.73 8.16 -113.81
C VAL S 201 52.08 9.03 -115.01
N VAL T 1 88.10 -36.60 -36.11
CA VAL T 1 86.66 -36.82 -36.09
C VAL T 1 86.06 -36.26 -37.38
N ARG T 2 84.78 -36.54 -37.63
CA ARG T 2 84.12 -36.12 -38.87
C ARG T 2 83.77 -34.64 -38.77
N TYR T 3 84.45 -33.82 -39.56
CA TYR T 3 84.03 -32.44 -39.80
C TYR T 3 83.18 -32.38 -41.05
N SER T 4 82.26 -31.42 -41.08
CA SER T 4 81.64 -31.04 -42.33
C SER T 4 82.60 -30.13 -43.10
N LEU T 5 82.61 -30.30 -44.43
CA LEU T 5 83.54 -29.57 -45.29
C LEU T 5 84.99 -29.86 -44.89
N ASP T 6 85.48 -31.02 -45.33
CA ASP T 6 86.89 -31.29 -45.15
C ASP T 6 87.71 -30.32 -46.01
N PRO T 7 88.92 -29.96 -45.57
CA PRO T 7 89.71 -28.99 -46.33
C PRO T 7 90.11 -29.53 -47.69
N GLU T 8 90.34 -28.59 -48.61
CA GLU T 8 90.73 -28.96 -49.97
C GLU T 8 92.01 -29.78 -49.99
N ASN T 9 92.91 -29.55 -49.03
CA ASN T 9 94.03 -30.44 -48.80
C ASN T 9 94.44 -30.34 -47.34
N PRO T 10 94.46 -31.45 -46.61
CA PRO T 10 94.69 -31.38 -45.16
C PRO T 10 96.18 -31.33 -44.80
N THR T 11 96.96 -30.64 -45.62
CA THR T 11 98.36 -30.39 -45.31
C THR T 11 98.65 -28.93 -44.99
N LYS T 12 97.87 -28.01 -45.54
CA LYS T 12 97.98 -26.58 -45.24
C LYS T 12 96.81 -26.13 -44.39
N SER T 13 96.23 -27.05 -43.61
CA SER T 13 95.00 -26.80 -42.87
C SER T 13 95.16 -27.28 -41.43
N CYS T 14 94.47 -26.60 -40.53
CA CYS T 14 94.39 -27.00 -39.13
C CYS T 14 92.94 -26.91 -38.68
N LYS T 15 92.58 -27.75 -37.72
CA LYS T 15 91.19 -27.87 -37.28
C LYS T 15 91.08 -27.66 -35.79
N SER T 16 89.93 -27.13 -35.36
CA SER T 16 89.63 -26.97 -33.95
C SER T 16 88.13 -27.16 -33.76
N ARG T 17 87.75 -27.54 -32.53
CA ARG T 17 86.43 -28.08 -32.29
C ARG T 17 86.09 -27.97 -30.81
N GLY T 18 84.80 -27.80 -30.53
CA GLY T 18 84.31 -27.82 -29.17
C GLY T 18 82.88 -28.31 -29.14
N SER T 19 82.53 -29.03 -28.07
CA SER T 19 81.21 -29.63 -27.94
C SER T 19 80.57 -29.19 -26.62
N ASN T 20 79.26 -28.98 -26.67
CA ASN T 20 78.45 -28.68 -25.49
C ASN T 20 78.97 -27.46 -24.74
N LEU T 21 79.28 -26.40 -25.49
CA LEU T 21 79.82 -25.18 -24.90
C LEU T 21 78.69 -24.28 -24.41
N ARG T 22 78.85 -23.74 -23.21
CA ARG T 22 77.82 -22.91 -22.58
C ARG T 22 77.82 -21.49 -23.12
N VAL T 23 77.52 -21.37 -24.41
CA VAL T 23 77.25 -20.08 -25.03
C VAL T 23 75.96 -20.20 -25.84
N HIS T 24 75.25 -19.08 -25.91
CA HIS T 24 73.99 -19.06 -26.65
C HIS T 24 74.25 -19.32 -28.12
N PHE T 25 73.48 -20.25 -28.69
CA PHE T 25 73.71 -20.64 -30.08
C PHE T 25 73.47 -19.47 -31.03
N LYS T 26 72.41 -18.70 -30.78
CA LYS T 26 72.07 -17.61 -31.69
C LYS T 26 73.15 -16.53 -31.71
N ASN T 27 73.66 -16.15 -30.53
CA ASN T 27 74.73 -15.16 -30.49
C ASN T 27 76.00 -15.71 -31.13
N THR T 28 76.31 -16.97 -30.89
CA THR T 28 77.54 -17.55 -31.42
C THR T 28 77.46 -17.72 -32.93
N ARG T 29 76.29 -18.07 -33.45
CA ARG T 29 76.13 -18.22 -34.90
C ARG T 29 76.39 -16.90 -35.62
N GLU T 30 75.87 -15.80 -35.08
CA GLU T 30 76.11 -14.49 -35.68
C GLU T 30 77.58 -14.11 -35.58
N THR T 31 78.21 -14.38 -34.44
CA THR T 31 79.62 -14.04 -34.27
C THR T 31 80.50 -14.85 -35.21
N ALA T 32 80.14 -16.14 -35.43
CA ALA T 32 80.91 -16.97 -36.34
C ALA T 32 80.79 -16.48 -37.78
N GLN T 33 79.61 -16.03 -38.18
CA GLN T 33 79.41 -15.53 -39.54
C GLN T 33 80.24 -14.28 -39.80
N ALA T 34 80.46 -13.47 -38.77
CA ALA T 34 81.24 -12.24 -38.95
C ALA T 34 82.71 -12.56 -39.22
N ILE T 35 83.29 -13.48 -38.45
CA ILE T 35 84.72 -13.77 -38.59
C ILE T 35 85.01 -14.79 -39.68
N LYS T 36 83.99 -15.33 -40.34
CA LYS T 36 84.22 -16.30 -41.40
C LYS T 36 84.90 -15.63 -42.59
N GLY T 37 85.97 -16.27 -43.07
CA GLY T 37 86.77 -15.71 -44.15
C GLY T 37 87.83 -14.72 -43.72
N MET T 38 87.88 -14.37 -42.44
CA MET T 38 88.85 -13.41 -41.96
C MET T 38 90.24 -14.04 -41.85
N HIS T 39 91.27 -13.22 -42.00
CA HIS T 39 92.60 -13.63 -41.61
C HIS T 39 92.65 -13.79 -40.09
N ILE T 40 93.49 -14.72 -39.62
CA ILE T 40 93.48 -15.08 -38.21
C ILE T 40 93.87 -13.89 -37.34
N ARG T 41 94.77 -13.03 -37.83
CA ARG T 41 95.13 -11.86 -37.05
C ARG T 41 94.00 -10.83 -37.06
N LYS T 42 93.31 -10.69 -38.19
CA LYS T 42 92.16 -9.80 -38.24
C LYS T 42 91.04 -10.29 -37.34
N ALA T 43 90.79 -11.61 -37.34
CA ALA T 43 89.72 -12.16 -36.51
C ALA T 43 90.01 -12.00 -35.04
N THR T 44 91.29 -12.09 -34.65
CA THR T 44 91.65 -11.97 -33.24
C THR T 44 91.43 -10.56 -32.72
N LYS T 45 91.88 -9.54 -33.47
CA LYS T 45 91.57 -8.17 -33.09
C LYS T 45 90.08 -7.91 -33.12
N TYR T 46 89.39 -8.39 -34.15
CA TYR T 46 87.97 -8.12 -34.26
C TYR T 46 87.22 -8.70 -33.07
N LEU T 47 87.56 -9.92 -32.67
CA LEU T 47 86.91 -10.52 -31.50
C LEU T 47 87.25 -9.79 -30.22
N LYS T 48 88.48 -9.26 -30.11
CA LYS T 48 88.82 -8.44 -28.95
C LYS T 48 88.05 -7.13 -28.95
N ASP T 49 87.85 -6.55 -30.13
CA ASP T 49 87.10 -5.30 -30.22
C ASP T 49 85.64 -5.50 -29.85
N VAL T 50 85.06 -6.67 -30.16
CA VAL T 50 83.69 -6.95 -29.75
C VAL T 50 83.59 -6.97 -28.24
N THR T 51 84.59 -7.54 -27.57
CA THR T 51 84.61 -7.53 -26.10
C THR T 51 84.69 -6.11 -25.55
N LEU T 52 85.49 -5.26 -26.19
CA LEU T 52 85.63 -3.87 -25.78
C LEU T 52 84.54 -2.97 -26.37
N GLN T 53 83.62 -3.53 -27.15
CA GLN T 53 82.52 -2.78 -27.76
C GLN T 53 83.03 -1.66 -28.67
N LYS T 54 84.14 -1.94 -29.35
CA LYS T 54 84.63 -1.04 -30.39
C LYS T 54 84.23 -1.49 -31.79
N GLN T 55 83.93 -2.77 -31.96
CA GLN T 55 83.37 -3.30 -33.19
C GLN T 55 82.25 -4.26 -32.82
N CYS T 56 81.21 -4.31 -33.64
CA CYS T 56 80.06 -5.15 -33.36
C CYS T 56 79.97 -6.29 -34.36
N VAL T 57 79.18 -7.29 -34.01
CA VAL T 57 78.78 -8.35 -34.93
C VAL T 57 77.38 -8.02 -35.42
N PRO T 58 77.12 -8.07 -36.72
CA PRO T 58 75.75 -7.84 -37.20
C PRO T 58 74.87 -9.05 -36.95
N PHE T 59 73.67 -8.80 -36.41
CA PHE T 59 72.69 -9.84 -36.16
C PHE T 59 71.73 -9.85 -37.35
N ARG T 60 71.91 -10.82 -38.24
CA ARG T 60 71.20 -10.84 -39.51
C ARG T 60 70.00 -11.78 -39.52
N ARG T 61 70.13 -12.99 -38.99
CA ARG T 61 69.04 -13.95 -38.96
C ARG T 61 68.32 -13.96 -37.62
N TYR T 62 69.06 -14.08 -36.52
CA TYR T 62 68.48 -14.11 -35.19
C TYR T 62 68.47 -12.71 -34.59
N ASN T 63 67.64 -11.86 -35.22
CA ASN T 63 67.66 -10.41 -35.00
C ASN T 63 66.42 -9.88 -34.31
N GLY T 64 65.51 -10.75 -33.88
CA GLY T 64 64.28 -10.29 -33.26
C GLY T 64 64.48 -9.50 -31.98
N GLY T 65 64.13 -8.22 -32.01
CA GLY T 65 64.30 -7.37 -30.85
C GLY T 65 65.70 -6.86 -30.62
N VAL T 66 66.65 -7.19 -31.50
CA VAL T 66 68.01 -6.71 -31.35
C VAL T 66 68.05 -5.24 -31.76
N GLY T 67 68.69 -4.42 -30.91
CA GLY T 67 68.71 -3.00 -31.13
C GLY T 67 69.65 -2.57 -32.24
N ARG T 68 69.61 -1.27 -32.53
CA ARG T 68 70.42 -0.67 -33.58
C ARG T 68 71.66 -0.04 -32.97
N CYS T 69 72.75 -0.05 -33.75
CA CYS T 69 74.00 0.56 -33.32
C CYS T 69 74.67 1.22 -34.51
N ALA T 70 75.52 2.20 -34.22
CA ALA T 70 76.26 2.90 -35.27
C ALA T 70 77.29 1.99 -35.91
N GLN T 71 77.92 1.10 -35.14
CA GLN T 71 78.95 0.22 -35.65
C GLN T 71 78.42 -0.84 -36.60
N ALA T 72 77.10 -1.02 -36.68
CA ALA T 72 76.53 -1.97 -37.63
C ALA T 72 76.63 -1.49 -39.07
N LYS T 73 77.05 -0.25 -39.31
CA LYS T 73 77.17 0.28 -40.66
C LYS T 73 78.42 -0.19 -41.38
N GLN T 74 79.45 -0.64 -40.65
CA GLN T 74 80.61 -1.24 -41.30
C GLN T 74 80.17 -2.44 -42.12
N TRP T 75 79.28 -3.24 -41.56
CA TRP T 75 78.57 -4.27 -42.29
C TRP T 75 77.38 -3.59 -42.98
N GLY T 76 76.87 -4.21 -44.03
CA GLY T 76 75.74 -3.61 -44.69
C GLY T 76 74.44 -3.80 -43.94
N TRP T 77 74.43 -3.47 -42.65
CA TRP T 77 73.33 -3.85 -41.77
C TRP T 77 72.98 -2.70 -40.84
N THR T 78 71.95 -2.90 -40.04
CA THR T 78 71.44 -1.91 -39.10
C THR T 78 71.46 -2.40 -37.67
N GLN T 79 71.30 -3.70 -37.45
CA GLN T 79 71.19 -4.29 -36.12
C GLN T 79 72.50 -4.99 -35.76
N GLY T 80 73.03 -4.68 -34.58
CA GLY T 80 74.26 -5.32 -34.13
C GLY T 80 74.36 -5.30 -32.62
N ARG T 81 75.17 -6.22 -32.11
CA ARG T 81 75.38 -6.36 -30.67
C ARG T 81 76.83 -6.72 -30.43
N TRP T 82 77.17 -6.96 -29.16
CA TRP T 82 78.54 -7.22 -28.73
C TRP T 82 78.57 -8.44 -27.83
N PRO T 83 78.31 -9.63 -28.38
CA PRO T 83 78.26 -10.83 -27.54
C PRO T 83 79.61 -11.16 -26.93
N LYS T 84 79.80 -10.76 -25.67
CA LYS T 84 81.10 -10.95 -25.04
C LYS T 84 81.44 -12.42 -24.85
N LYS T 85 80.48 -13.23 -24.37
CA LYS T 85 80.78 -14.63 -24.09
C LYS T 85 81.03 -15.39 -25.39
N SER T 86 80.31 -15.07 -26.45
CA SER T 86 80.57 -15.69 -27.74
C SER T 86 81.95 -15.32 -28.27
N ALA T 87 82.38 -14.08 -28.05
CA ALA T 87 83.70 -13.65 -28.48
C ALA T 87 84.80 -14.41 -27.74
N GLU T 88 84.64 -14.59 -26.42
CA GLU T 88 85.65 -15.31 -25.66
C GLU T 88 85.77 -16.76 -26.12
N PHE T 89 84.63 -17.43 -26.32
CA PHE T 89 84.64 -18.84 -26.70
C PHE T 89 85.28 -19.05 -28.06
N LEU T 90 85.02 -18.13 -29.00
CA LEU T 90 85.68 -18.22 -30.30
C LEU T 90 87.15 -17.83 -30.20
N LEU T 91 87.50 -16.93 -29.28
CA LEU T 91 88.90 -16.58 -29.08
C LEU T 91 89.69 -17.76 -28.52
N HIS T 92 89.10 -18.51 -27.58
CA HIS T 92 89.76 -19.71 -27.07
C HIS T 92 89.94 -20.74 -28.17
N MET T 93 88.93 -20.92 -29.02
CA MET T 93 89.03 -21.90 -30.09
C MET T 93 90.03 -21.48 -31.15
N LEU T 94 90.15 -20.17 -31.40
CA LEU T 94 91.17 -19.69 -32.33
C LEU T 94 92.58 -19.93 -31.79
N LYS T 95 92.78 -19.76 -30.49
CA LYS T 95 94.07 -20.07 -29.89
C LYS T 95 94.37 -21.56 -30.02
N ASN T 96 93.38 -22.41 -29.80
CA ASN T 96 93.59 -23.85 -29.95
C ASN T 96 93.92 -24.21 -31.40
N ALA T 97 93.23 -23.58 -32.35
CA ALA T 97 93.51 -23.84 -33.76
C ALA T 97 94.93 -23.39 -34.13
N GLU T 98 95.35 -22.22 -33.63
CA GLU T 98 96.69 -21.75 -33.93
C GLU T 98 97.76 -22.66 -33.32
N SER T 99 97.49 -23.18 -32.12
CA SER T 99 98.42 -24.14 -31.51
C SER T 99 98.50 -25.41 -32.33
N ASN T 100 97.36 -25.87 -32.86
CA ASN T 100 97.37 -27.04 -33.74
C ASN T 100 98.15 -26.75 -35.02
N ALA T 101 98.03 -25.53 -35.54
CA ALA T 101 98.78 -25.16 -36.74
C ALA T 101 100.28 -25.20 -36.48
N GLU T 102 100.71 -24.73 -35.31
CA GLU T 102 102.14 -24.80 -34.97
C GLU T 102 102.61 -26.24 -34.82
N LEU T 103 101.75 -27.13 -34.34
CA LEU T 103 102.12 -28.53 -34.19
C LEU T 103 102.37 -29.19 -35.54
N LYS T 104 101.59 -28.85 -36.55
CA LYS T 104 101.81 -29.36 -37.89
C LYS T 104 102.88 -28.60 -38.65
N GLY T 105 103.49 -27.59 -38.02
CA GLY T 105 104.59 -26.87 -38.64
C GLY T 105 104.21 -26.05 -39.86
N LEU T 106 103.04 -25.43 -39.83
CA LEU T 106 102.60 -24.53 -40.89
C LEU T 106 102.41 -23.14 -40.29
N ASP T 107 102.93 -22.13 -40.98
CA ASP T 107 103.03 -20.81 -40.38
C ASP T 107 101.65 -20.23 -40.07
N VAL T 108 101.56 -19.51 -38.96
CA VAL T 108 100.27 -19.02 -38.47
C VAL T 108 99.96 -17.61 -38.95
N ASP T 109 100.88 -16.95 -39.63
CA ASP T 109 100.64 -15.60 -40.11
C ASP T 109 99.86 -15.56 -41.42
N SER T 110 99.60 -16.71 -42.03
CA SER T 110 98.84 -16.79 -43.27
C SER T 110 97.55 -17.58 -43.13
N LEU T 111 97.18 -17.98 -41.91
CA LEU T 111 95.93 -18.70 -41.71
C LEU T 111 94.73 -17.83 -42.00
N VAL T 112 93.72 -18.45 -42.62
CA VAL T 112 92.45 -17.81 -42.92
C VAL T 112 91.34 -18.77 -42.55
N ILE T 113 90.31 -18.25 -41.87
CA ILE T 113 89.19 -19.07 -41.42
C ILE T 113 88.32 -19.37 -42.64
N GLU T 114 88.56 -20.52 -43.28
CA GLU T 114 87.78 -20.88 -44.46
C GLU T 114 86.49 -21.59 -44.11
N HIS T 115 86.42 -22.24 -42.96
CA HIS T 115 85.23 -22.95 -42.52
C HIS T 115 85.01 -22.69 -41.04
N ILE T 116 83.77 -22.36 -40.68
CA ILE T 116 83.37 -22.27 -39.28
C ILE T 116 81.88 -22.58 -39.22
N GLN T 117 81.48 -23.35 -38.20
CA GLN T 117 80.10 -23.82 -38.16
C GLN T 117 79.68 -23.92 -36.71
N VAL T 118 78.47 -23.47 -36.41
CA VAL T 118 77.89 -23.56 -35.08
C VAL T 118 76.66 -24.43 -35.16
N ASN T 119 76.60 -25.45 -34.32
CA ASN T 119 75.52 -26.43 -34.32
C ASN T 119 74.82 -26.43 -32.97
N LYS T 120 73.56 -26.82 -32.97
CA LYS T 120 72.82 -26.96 -31.72
C LYS T 120 73.37 -28.15 -30.92
N ALA T 121 73.56 -27.92 -29.63
CA ALA T 121 73.93 -28.96 -28.68
C ALA T 121 72.70 -29.35 -27.86
N PRO T 122 72.70 -30.55 -27.28
CA PRO T 122 71.53 -30.95 -26.47
C PRO T 122 71.25 -29.96 -25.36
N LYS T 123 69.99 -29.55 -25.28
CA LYS T 123 69.57 -28.55 -24.31
C LYS T 123 69.64 -29.12 -22.90
N MET T 124 69.91 -28.24 -21.93
CA MET T 124 69.96 -28.65 -20.54
C MET T 124 68.82 -27.99 -19.78
N ARG T 125 68.22 -28.72 -18.86
CA ARG T 125 66.95 -28.34 -18.28
C ARG T 125 67.14 -27.67 -16.92
N ARG T 126 66.49 -26.53 -16.74
CA ARG T 126 66.30 -25.91 -15.43
C ARG T 126 64.83 -25.55 -15.30
N ARG T 127 64.46 -24.95 -14.17
CA ARG T 127 63.07 -24.71 -13.87
C ARG T 127 62.84 -23.25 -13.53
N THR T 128 61.66 -22.76 -13.87
CA THR T 128 61.19 -21.44 -13.46
C THR T 128 59.77 -21.59 -12.96
N TYR T 129 59.38 -20.68 -12.06
CA TYR T 129 58.12 -20.78 -11.34
C TYR T 129 57.21 -19.64 -11.77
N ARG T 130 55.97 -19.96 -12.13
CA ARG T 130 55.07 -18.99 -12.71
C ARG T 130 53.89 -18.73 -11.76
N ALA T 131 52.89 -18.00 -12.27
CA ALA T 131 51.94 -17.30 -11.41
C ALA T 131 51.07 -18.26 -10.61
N HIS T 132 50.46 -19.24 -11.25
CA HIS T 132 49.42 -19.99 -10.55
C HIS T 132 49.83 -21.43 -10.28
N GLY T 133 50.96 -21.59 -9.58
CA GLY T 133 51.48 -22.92 -9.28
C GLY T 133 51.90 -23.68 -10.52
N ARG T 134 52.50 -23.00 -11.49
CA ARG T 134 52.90 -23.61 -12.74
C ARG T 134 54.42 -23.62 -12.87
N ILE T 135 54.94 -24.68 -13.48
CA ILE T 135 56.36 -24.84 -13.73
C ILE T 135 56.59 -24.67 -15.22
N ASN T 136 57.59 -23.88 -15.58
CA ASN T 136 57.92 -23.72 -17.00
C ASN T 136 59.39 -24.06 -17.24
N PRO T 137 59.72 -24.51 -18.44
CA PRO T 137 61.11 -24.82 -18.76
C PRO T 137 61.98 -23.58 -18.71
N TYR T 138 63.26 -23.78 -18.41
CA TYR T 138 64.19 -22.67 -18.42
C TYR T 138 65.45 -23.13 -19.13
N MET T 139 65.25 -23.59 -20.37
CA MET T 139 66.27 -24.35 -21.09
C MET T 139 67.50 -23.51 -21.40
N SER T 140 68.64 -24.19 -21.49
CA SER T 140 69.86 -23.62 -22.04
C SER T 140 70.01 -24.08 -23.49
N SER T 141 70.78 -23.30 -24.25
CA SER T 141 71.00 -23.58 -25.67
C SER T 141 72.50 -23.60 -25.95
N PRO T 142 73.19 -24.66 -25.54
CA PRO T 142 74.63 -24.76 -25.85
C PRO T 142 74.86 -25.02 -27.32
N CYS T 143 76.12 -25.06 -27.75
CA CYS T 143 76.38 -25.27 -29.17
C CYS T 143 77.68 -26.02 -29.36
N HIS T 144 77.75 -26.77 -30.46
CA HIS T 144 78.99 -27.33 -30.96
C HIS T 144 79.58 -26.38 -31.99
N ILE T 145 80.87 -26.10 -31.88
CA ILE T 145 81.56 -25.22 -32.80
C ILE T 145 82.75 -25.95 -33.40
N GLU T 146 82.93 -25.81 -34.71
CA GLU T 146 84.08 -26.37 -35.40
C GLU T 146 84.58 -25.33 -36.38
N MET T 147 85.87 -25.40 -36.70
CA MET T 147 86.43 -24.47 -37.67
C MET T 147 87.67 -25.08 -38.31
N ILE T 148 87.96 -24.62 -39.52
CA ILE T 148 89.12 -25.06 -40.29
C ILE T 148 89.85 -23.83 -40.78
N LEU T 149 91.14 -23.75 -40.51
CA LEU T 149 91.97 -22.64 -40.93
C LEU T 149 92.98 -23.13 -41.95
N THR T 150 93.13 -22.37 -43.04
CA THR T 150 94.01 -22.74 -44.13
C THR T 150 94.99 -21.61 -44.42
N GLU T 151 96.11 -21.97 -45.03
CA GLU T 151 97.12 -20.99 -45.41
C GLU T 151 96.80 -20.40 -46.77
N LYS T 152 96.82 -19.07 -46.86
CA LYS T 152 96.74 -18.39 -48.15
C LYS T 152 97.28 -16.97 -47.99
N GLU T 153 98.02 -16.52 -48.99
CA GLU T 153 98.59 -15.18 -48.99
C GLU T 153 99.00 -14.76 -50.40
N GLY U 1 25.95 -37.05 -74.51
CA GLY U 1 25.21 -37.89 -73.58
C GLY U 1 24.04 -38.60 -74.21
N VAL U 2 23.79 -39.82 -73.76
CA VAL U 2 22.67 -40.62 -74.26
C VAL U 2 21.73 -40.91 -73.10
N ASP U 3 20.46 -41.12 -73.42
CA ASP U 3 19.41 -41.30 -72.41
C ASP U 3 19.09 -42.79 -72.33
N ILE U 4 19.82 -43.49 -71.47
CA ILE U 4 19.57 -44.89 -71.16
C ILE U 4 19.80 -45.10 -69.67
N ARG U 5 19.36 -46.26 -69.18
CA ARG U 5 19.61 -46.66 -67.80
C ARG U 5 20.55 -47.85 -67.77
N HIS U 6 21.52 -47.80 -66.87
CA HIS U 6 22.60 -48.77 -66.80
C HIS U 6 22.44 -49.76 -65.65
N ASN U 7 21.28 -49.76 -64.98
CA ASN U 7 21.08 -50.64 -63.83
C ASN U 7 20.78 -52.07 -64.21
N LYS U 8 20.42 -52.33 -65.47
CA LYS U 8 20.15 -53.68 -65.94
C LYS U 8 21.12 -54.16 -67.01
N ASP U 9 22.23 -53.45 -67.20
CA ASP U 9 23.18 -53.82 -68.24
C ASP U 9 23.79 -55.18 -67.97
N ARG U 10 24.18 -55.44 -66.73
CA ARG U 10 24.89 -56.66 -66.36
C ARG U 10 23.87 -57.72 -65.96
N LYS U 11 23.64 -58.69 -66.85
CA LYS U 11 22.74 -59.78 -66.53
C LYS U 11 23.37 -60.69 -65.49
N VAL U 12 22.60 -61.03 -64.45
CA VAL U 12 23.08 -61.85 -63.35
C VAL U 12 22.77 -63.29 -63.69
N ARG U 13 23.79 -64.06 -64.06
CA ARG U 13 23.63 -65.46 -64.39
C ARG U 13 24.96 -66.18 -64.24
N ARG U 14 24.88 -67.48 -63.93
CA ARG U 14 26.08 -68.30 -63.79
C ARG U 14 26.70 -68.53 -65.15
N LYS U 15 27.95 -68.08 -65.32
CA LYS U 15 28.71 -68.37 -66.52
C LYS U 15 29.69 -69.52 -66.32
N GLU U 16 29.74 -70.08 -65.13
CA GLU U 16 30.63 -71.18 -64.78
C GLU U 16 30.21 -71.71 -63.41
N PRO U 17 30.62 -72.91 -63.04
CA PRO U 17 30.34 -73.38 -61.69
C PRO U 17 31.20 -72.64 -60.68
N LYS U 18 30.58 -72.21 -59.59
CA LYS U 18 31.35 -71.66 -58.48
C LYS U 18 32.08 -72.75 -57.71
N SER U 19 31.79 -74.02 -57.97
CA SER U 19 32.53 -75.12 -57.37
C SER U 19 33.93 -75.22 -57.97
N GLN U 20 34.87 -75.72 -57.16
CA GLN U 20 36.21 -76.03 -57.61
C GLN U 20 36.41 -77.51 -57.89
N ASP U 21 35.33 -78.28 -57.92
CA ASP U 21 35.39 -79.70 -58.23
C ASP U 21 35.99 -79.90 -59.61
N ILE U 22 37.19 -80.47 -59.65
CA ILE U 22 37.91 -80.62 -60.91
C ILE U 22 37.21 -81.61 -61.83
N TYR U 23 36.49 -82.60 -61.28
CA TYR U 23 35.73 -83.51 -62.13
C TYR U 23 34.51 -82.82 -62.73
N LEU U 24 33.86 -81.95 -61.95
CA LEU U 24 32.76 -81.16 -62.50
C LEU U 24 33.27 -80.19 -63.55
N ARG U 25 34.45 -79.60 -63.32
CA ARG U 25 35.03 -78.69 -64.29
C ARG U 25 35.40 -79.40 -65.58
N LEU U 26 35.79 -80.68 -65.50
CA LEU U 26 36.17 -81.43 -66.69
C LEU U 26 34.96 -81.67 -67.60
N LEU U 27 33.87 -82.15 -67.02
CA LEU U 27 32.64 -82.34 -67.79
C LEU U 27 31.91 -81.04 -68.10
N VAL U 28 32.24 -79.94 -67.44
CA VAL U 28 31.81 -78.63 -67.93
C VAL U 28 32.56 -78.29 -69.22
N LYS U 29 33.86 -78.61 -69.27
CA LYS U 29 34.63 -78.43 -70.49
C LYS U 29 34.06 -79.26 -71.62
N LEU U 30 33.69 -80.52 -71.33
CA LEU U 30 33.13 -81.40 -72.35
C LEU U 30 31.81 -80.85 -72.90
N TYR U 31 30.93 -80.39 -72.02
CA TYR U 31 29.63 -79.91 -72.45
C TYR U 31 29.64 -78.45 -72.87
N ARG U 32 30.69 -77.71 -72.54
CA ARG U 32 30.86 -76.38 -73.14
C ARG U 32 31.20 -76.52 -74.62
N PHE U 33 32.00 -77.53 -74.97
CA PHE U 33 32.29 -77.81 -76.37
C PHE U 33 31.07 -78.35 -77.10
N LEU U 34 30.33 -79.26 -76.47
CA LEU U 34 29.16 -79.85 -77.12
C LEU U 34 28.08 -78.82 -77.38
N ALA U 35 27.84 -77.92 -76.42
CA ALA U 35 26.84 -76.88 -76.63
C ALA U 35 27.25 -75.94 -77.75
N ARG U 36 28.54 -75.62 -77.84
CA ARG U 36 29.00 -74.67 -78.86
C ARG U 36 28.98 -75.31 -80.25
N ARG U 37 29.46 -76.54 -80.37
CA ARG U 37 29.72 -77.15 -81.66
C ARG U 37 28.57 -78.01 -82.17
N THR U 38 27.45 -78.03 -81.47
CA THR U 38 26.25 -78.71 -81.93
C THR U 38 25.09 -77.74 -81.89
N ASN U 39 24.01 -78.10 -82.58
CA ASN U 39 22.76 -77.35 -82.55
C ASN U 39 21.78 -77.91 -81.53
N SER U 40 22.21 -78.88 -80.72
CA SER U 40 21.32 -79.52 -79.76
C SER U 40 21.05 -78.57 -78.60
N THR U 41 19.79 -78.21 -78.41
CA THR U 41 19.40 -77.42 -77.25
C THR U 41 19.47 -78.23 -75.96
N PHE U 42 19.50 -79.55 -76.06
CA PHE U 42 19.67 -80.39 -74.87
C PHE U 42 21.02 -80.12 -74.22
N ASN U 43 22.08 -79.99 -75.02
CA ASN U 43 23.40 -79.72 -74.48
C ASN U 43 23.45 -78.34 -73.81
N GLN U 44 22.72 -77.37 -74.35
CA GLN U 44 22.69 -76.05 -73.74
C GLN U 44 22.05 -76.09 -72.36
N VAL U 45 20.94 -76.82 -72.23
CA VAL U 45 20.26 -76.92 -70.94
C VAL U 45 21.13 -77.66 -69.94
N VAL U 46 21.75 -78.76 -70.37
CA VAL U 46 22.59 -79.54 -69.47
C VAL U 46 23.79 -78.72 -69.02
N LEU U 47 24.40 -77.97 -69.94
CA LEU U 47 25.55 -77.16 -69.58
C LEU U 47 25.20 -76.10 -68.54
N LYS U 48 24.06 -75.42 -68.70
CA LYS U 48 23.72 -74.38 -67.74
C LYS U 48 23.28 -74.97 -66.41
N ARG U 49 22.73 -76.19 -66.41
CA ARG U 49 22.45 -76.85 -65.14
C ARG U 49 23.72 -77.23 -64.41
N LEU U 50 24.78 -77.53 -65.14
CA LEU U 50 26.05 -77.87 -64.49
C LEU U 50 26.63 -76.70 -63.72
N PHE U 51 26.34 -75.47 -64.13
CA PHE U 51 26.78 -74.30 -63.39
C PHE U 51 26.00 -74.12 -62.09
N MET U 52 24.79 -74.68 -62.01
CA MET U 52 23.84 -74.29 -60.99
C MET U 52 24.29 -74.73 -59.60
N SER U 53 23.79 -74.01 -58.60
CA SER U 53 24.09 -74.31 -57.21
C SER U 53 23.35 -75.57 -56.77
N ARG U 54 23.69 -76.06 -55.58
CA ARG U 54 23.08 -77.28 -55.08
C ARG U 54 21.59 -77.10 -54.83
N THR U 55 21.19 -75.93 -54.31
CA THR U 55 19.77 -75.68 -54.11
C THR U 55 19.02 -75.61 -55.44
N ASN U 56 19.70 -75.23 -56.52
CA ASN U 56 19.12 -75.25 -57.85
C ASN U 56 19.29 -76.58 -58.56
N ARG U 57 19.89 -77.57 -57.89
CA ARG U 57 19.98 -78.93 -58.40
C ARG U 57 19.43 -79.87 -57.33
N PRO U 58 18.11 -79.84 -57.10
CA PRO U 58 17.54 -80.64 -56.04
C PRO U 58 17.68 -82.13 -56.35
N PRO U 59 17.75 -82.97 -55.33
CA PRO U 59 17.81 -84.42 -55.58
C PRO U 59 16.52 -84.93 -56.19
N LEU U 60 16.65 -85.96 -57.01
CA LEU U 60 15.53 -86.61 -57.67
C LEU U 60 15.33 -87.98 -57.04
N SER U 61 14.17 -88.18 -56.41
CA SER U 61 13.91 -89.47 -55.79
C SER U 61 13.69 -90.53 -56.86
N LEU U 62 13.88 -91.79 -56.46
CA LEU U 62 13.67 -92.90 -57.37
C LEU U 62 12.20 -92.99 -57.78
N SER U 63 11.29 -92.72 -56.86
CA SER U 63 9.87 -92.79 -57.17
C SER U 63 9.48 -91.78 -58.24
N ARG U 64 9.97 -90.54 -58.11
CA ARG U 64 9.64 -89.51 -59.08
C ARG U 64 10.21 -89.85 -60.45
N MET U 65 11.43 -90.39 -60.49
CA MET U 65 12.03 -90.79 -61.75
C MET U 65 11.25 -91.93 -62.40
N ILE U 66 10.84 -92.92 -61.62
CA ILE U 66 10.06 -94.03 -62.15
C ILE U 66 8.74 -93.52 -62.70
N ARG U 67 8.09 -92.61 -61.98
CA ARG U 67 6.78 -92.12 -62.39
C ARG U 67 6.86 -91.35 -63.70
N LYS U 68 7.92 -90.55 -63.87
CA LYS U 68 8.10 -89.84 -65.14
C LYS U 68 8.53 -90.77 -66.25
N MET U 69 9.27 -91.84 -65.93
CA MET U 69 9.69 -92.80 -66.94
C MET U 69 8.52 -93.67 -67.41
N LYS U 70 7.49 -93.81 -66.59
CA LYS U 70 6.36 -94.67 -66.91
C LYS U 70 5.35 -94.00 -67.84
N LEU U 71 5.52 -92.71 -68.12
CA LEU U 71 4.60 -92.01 -69.01
C LEU U 71 4.70 -92.57 -70.42
N PRO U 72 3.61 -92.53 -71.18
CA PRO U 72 3.60 -93.17 -72.50
C PRO U 72 4.64 -92.59 -73.44
N GLY U 73 5.23 -93.45 -74.25
CA GLY U 73 6.19 -93.05 -75.26
C GLY U 73 7.61 -92.83 -74.77
N ARG U 74 7.89 -93.09 -73.50
CA ARG U 74 9.22 -92.89 -72.95
C ARG U 74 9.97 -94.19 -72.70
N GLU U 75 9.52 -95.28 -73.32
CA GLU U 75 10.23 -96.55 -73.21
C GLU U 75 11.57 -96.47 -73.92
N ASN U 76 12.57 -97.13 -73.35
CA ASN U 76 13.92 -97.20 -73.92
C ASN U 76 14.54 -95.81 -74.07
N LYS U 77 14.17 -94.88 -73.20
CA LYS U 77 14.79 -93.57 -73.18
C LYS U 77 15.64 -93.41 -71.93
N THR U 78 16.70 -92.60 -72.05
CA THR U 78 17.61 -92.38 -70.93
C THR U 78 17.07 -91.28 -70.04
N ALA U 79 17.00 -91.55 -68.74
CA ALA U 79 16.63 -90.54 -67.77
C ALA U 79 17.87 -89.75 -67.39
N VAL U 80 17.85 -88.44 -67.67
CA VAL U 80 18.99 -87.56 -67.42
C VAL U 80 18.59 -86.56 -66.35
N VAL U 81 19.35 -86.54 -65.26
CA VAL U 81 19.19 -85.54 -64.21
C VAL U 81 20.55 -84.95 -63.90
N VAL U 82 20.62 -83.63 -63.81
CA VAL U 82 21.88 -82.94 -63.48
C VAL U 82 21.85 -82.77 -61.96
N GLY U 83 22.16 -83.85 -61.26
CA GLY U 83 22.12 -83.83 -59.81
C GLY U 83 22.14 -85.24 -59.26
N THR U 84 21.70 -85.36 -58.01
CA THR U 84 21.74 -86.61 -57.27
C THR U 84 20.43 -87.38 -57.44
N ILE U 85 20.54 -88.68 -57.69
CA ILE U 85 19.40 -89.57 -57.68
C ILE U 85 19.35 -90.29 -56.34
N THR U 86 18.17 -90.30 -55.74
CA THR U 86 17.97 -90.72 -54.36
C THR U 86 17.06 -91.93 -54.30
N ASP U 87 17.40 -92.88 -53.43
CA ASP U 87 16.52 -94.01 -53.19
C ASP U 87 15.24 -93.57 -52.49
N ASP U 88 14.12 -94.14 -52.93
CA ASP U 88 12.83 -93.94 -52.27
C ASP U 88 12.40 -95.29 -51.72
N VAL U 89 12.40 -95.42 -50.39
CA VAL U 89 12.00 -96.68 -49.76
C VAL U 89 10.50 -96.88 -49.75
N ARG U 90 9.73 -95.93 -50.28
CA ARG U 90 8.29 -96.06 -50.37
C ARG U 90 7.83 -96.87 -51.57
N VAL U 91 8.73 -97.18 -52.50
CA VAL U 91 8.38 -97.99 -53.67
C VAL U 91 8.92 -99.40 -53.46
N GLN U 92 8.22 -100.37 -54.04
CA GLN U 92 8.56 -101.77 -53.90
C GLN U 92 9.01 -102.43 -55.18
N GLU U 93 8.69 -101.87 -56.34
CA GLU U 93 9.05 -102.45 -57.62
C GLU U 93 9.80 -101.42 -58.46
N VAL U 94 11.05 -101.72 -58.76
CA VAL U 94 11.90 -100.87 -59.59
C VAL U 94 12.00 -101.51 -60.96
N PRO U 95 11.56 -100.84 -62.02
CA PRO U 95 11.67 -101.40 -63.37
C PRO U 95 13.08 -101.20 -63.91
N LYS U 96 13.29 -101.66 -65.14
CA LYS U 96 14.56 -101.48 -65.82
C LYS U 96 14.70 -100.04 -66.29
N LEU U 97 15.80 -99.40 -65.91
CA LEU U 97 16.00 -97.98 -66.18
C LEU U 97 17.38 -97.73 -66.74
N LYS U 98 17.44 -96.91 -67.79
CA LYS U 98 18.71 -96.37 -68.28
C LYS U 98 18.82 -94.94 -67.76
N VAL U 99 19.87 -94.69 -66.97
CA VAL U 99 19.95 -93.50 -66.13
C VAL U 99 21.31 -92.85 -66.29
N CYS U 100 21.30 -91.52 -66.47
CA CYS U 100 22.51 -90.70 -66.37
C CYS U 100 22.30 -89.67 -65.27
N ALA U 101 23.24 -89.62 -64.33
CA ALA U 101 23.13 -88.69 -63.21
C ALA U 101 24.52 -88.21 -62.83
N LEU U 102 24.57 -87.02 -62.24
CA LEU U 102 25.82 -86.52 -61.70
C LEU U 102 26.28 -87.39 -60.54
N ARG U 103 25.34 -88.05 -59.86
CA ARG U 103 25.62 -88.68 -58.59
C ARG U 103 24.44 -89.55 -58.20
N VAL U 104 24.72 -90.76 -57.72
CA VAL U 104 23.67 -91.71 -57.36
C VAL U 104 23.95 -92.24 -55.97
N THR U 105 22.92 -92.26 -55.12
CA THR U 105 23.05 -92.81 -53.78
C THR U 105 23.34 -94.30 -53.85
N SER U 106 24.14 -94.80 -52.90
CA SER U 106 24.57 -96.18 -52.92
C SER U 106 23.39 -97.15 -52.91
N ARG U 107 22.39 -96.89 -52.06
CA ARG U 107 21.22 -97.77 -52.03
C ARG U 107 20.41 -97.66 -53.32
N ALA U 108 20.25 -96.44 -53.84
CA ALA U 108 19.56 -96.27 -55.11
C ALA U 108 20.32 -96.94 -56.24
N ARG U 109 21.65 -96.83 -56.24
CA ARG U 109 22.46 -97.46 -57.27
C ARG U 109 22.30 -98.98 -57.23
N SER U 110 22.31 -99.57 -56.04
CA SER U 110 22.15 -101.02 -55.93
C SER U 110 20.78 -101.47 -56.41
N ARG U 111 19.74 -100.68 -56.11
CA ARG U 111 18.39 -101.05 -56.53
C ARG U 111 18.24 -101.00 -58.05
N ILE U 112 18.80 -99.96 -58.68
CA ILE U 112 18.69 -99.81 -60.13
C ILE U 112 19.44 -100.95 -60.82
N LEU U 113 20.66 -101.23 -60.37
CA LEU U 113 21.47 -102.27 -61.01
C LEU U 113 20.87 -103.65 -60.81
N ARG U 114 20.35 -103.93 -59.60
CA ARG U 114 19.73 -105.22 -59.33
C ARG U 114 18.52 -105.47 -60.21
N ALA U 115 17.79 -104.41 -60.58
CA ALA U 115 16.63 -104.52 -61.44
C ALA U 115 17.00 -104.57 -62.92
N GLY U 116 18.27 -104.84 -63.24
CA GLY U 116 18.72 -104.86 -64.61
C GLY U 116 18.96 -103.52 -65.23
N GLY U 117 18.95 -102.45 -64.43
CA GLY U 117 19.14 -101.11 -64.97
C GLY U 117 20.59 -100.80 -65.28
N LYS U 118 20.78 -99.64 -65.90
CA LYS U 118 22.09 -99.16 -66.32
C LYS U 118 22.28 -97.74 -65.81
N ILE U 119 23.46 -97.44 -65.29
CA ILE U 119 23.79 -96.13 -64.75
C ILE U 119 24.94 -95.56 -65.56
N LEU U 120 24.76 -94.32 -66.04
CA LEU U 120 25.79 -93.63 -66.80
C LEU U 120 26.17 -92.34 -66.09
N THR U 121 27.42 -91.92 -66.28
CA THR U 121 27.83 -90.58 -65.93
C THR U 121 27.71 -89.69 -67.16
N PHE U 122 27.95 -88.39 -66.98
CA PHE U 122 27.71 -87.45 -68.06
C PHE U 122 28.77 -87.54 -69.16
N ASP U 123 29.96 -88.07 -68.84
CA ASP U 123 30.94 -88.32 -69.89
C ASP U 123 30.51 -89.49 -70.77
N GLN U 124 29.91 -90.51 -70.17
CA GLN U 124 29.40 -91.65 -70.94
C GLN U 124 28.16 -91.28 -71.72
N LEU U 125 27.34 -90.37 -71.19
CA LEU U 125 26.16 -89.92 -71.92
C LEU U 125 26.54 -89.17 -73.19
N ALA U 126 27.63 -88.40 -73.14
CA ALA U 126 28.10 -87.71 -74.34
C ALA U 126 28.48 -88.70 -75.43
N LEU U 127 29.15 -89.80 -75.06
CA LEU U 127 29.49 -90.81 -76.05
C LEU U 127 28.26 -91.56 -76.53
N ASP U 128 27.28 -91.77 -75.65
CA ASP U 128 26.09 -92.51 -76.03
C ASP U 128 25.17 -91.67 -76.89
N SER U 129 24.81 -90.47 -76.42
CA SER U 129 23.97 -89.54 -77.16
C SER U 129 24.62 -88.16 -77.14
N PRO U 130 25.51 -87.87 -78.08
CA PRO U 130 26.17 -86.55 -78.10
C PRO U 130 25.21 -85.40 -78.20
N LYS U 131 24.11 -85.55 -78.94
CA LYS U 131 23.09 -84.51 -79.03
C LYS U 131 21.98 -84.67 -78.02
N GLY U 132 22.05 -85.68 -77.16
CA GLY U 132 20.98 -85.94 -76.22
C GLY U 132 19.74 -86.55 -76.82
N CYS U 133 19.86 -87.23 -77.96
CA CYS U 133 18.72 -87.87 -78.59
C CYS U 133 18.23 -89.04 -77.74
N GLY U 134 16.91 -89.22 -77.73
CA GLY U 134 16.32 -90.31 -76.98
C GLY U 134 16.53 -90.20 -75.48
N THR U 135 16.40 -88.99 -74.94
CA THR U 135 16.61 -88.76 -73.51
C THR U 135 15.40 -88.04 -72.93
N VAL U 136 15.21 -88.22 -71.63
CA VAL U 136 14.18 -87.51 -70.88
C VAL U 136 14.90 -86.73 -69.79
N LEU U 137 14.95 -85.41 -69.95
CA LEU U 137 15.66 -84.54 -69.01
C LEU U 137 14.74 -84.25 -67.84
N LEU U 138 15.06 -84.80 -66.68
CA LEU U 138 14.25 -84.65 -65.48
C LEU U 138 14.90 -83.70 -64.49
N SER U 139 14.12 -83.25 -63.53
CA SER U 139 14.59 -82.36 -62.48
C SER U 139 13.87 -82.70 -61.19
N GLY U 140 14.59 -82.60 -60.07
CA GLY U 140 14.00 -82.77 -58.78
C GLY U 140 13.11 -81.60 -58.44
N PRO U 141 12.28 -81.74 -57.42
CA PRO U 141 11.40 -80.63 -57.02
C PRO U 141 12.19 -79.43 -56.54
N ARG U 142 12.15 -78.34 -57.32
CA ARG U 142 12.97 -77.17 -57.01
C ARG U 142 12.51 -76.47 -55.76
N LYS U 143 11.20 -76.47 -55.48
CA LYS U 143 10.65 -75.82 -54.30
C LYS U 143 10.37 -76.82 -53.18
N GLY U 144 10.93 -78.03 -53.26
CA GLY U 144 10.82 -78.97 -52.18
C GLY U 144 11.85 -78.70 -51.10
N ARG U 145 11.78 -77.50 -50.50
CA ARG U 145 12.73 -77.09 -49.49
C ARG U 145 12.00 -76.38 -48.37
N GLU U 146 12.57 -76.46 -47.17
CA GLU U 146 11.91 -75.88 -46.01
C GLU U 146 11.83 -74.37 -46.08
N VAL U 147 12.77 -73.74 -46.80
CA VAL U 147 12.80 -72.28 -46.86
C VAL U 147 11.55 -71.74 -47.54
N TYR U 148 11.03 -72.47 -48.53
CA TYR U 148 9.90 -71.99 -49.31
C TYR U 148 8.61 -71.98 -48.51
N ARG U 149 8.56 -72.67 -47.37
CA ARG U 149 7.42 -72.55 -46.48
C ARG U 149 7.38 -71.18 -45.82
N HIS U 150 8.55 -70.58 -45.59
CA HIS U 150 8.62 -69.27 -44.96
C HIS U 150 8.53 -68.13 -45.97
N PHE U 151 8.72 -68.39 -47.25
CA PHE U 151 8.66 -67.35 -48.25
C PHE U 151 7.20 -67.02 -48.61
N GLY U 152 7.01 -65.85 -49.19
CA GLY U 152 5.70 -65.38 -49.59
C GLY U 152 5.28 -64.15 -48.80
N LYS U 153 3.97 -63.98 -48.66
CA LYS U 153 3.45 -62.88 -47.86
C LYS U 153 3.81 -63.10 -46.40
N ALA U 154 3.81 -62.01 -45.65
CA ALA U 154 4.15 -62.09 -44.24
C ALA U 154 3.07 -62.89 -43.48
N PRO U 155 3.48 -63.66 -42.47
CA PRO U 155 2.49 -64.47 -41.73
C PRO U 155 1.39 -63.65 -41.09
N GLY U 156 1.69 -62.42 -40.66
CA GLY U 156 0.70 -61.60 -39.99
C GLY U 156 -0.13 -60.75 -40.95
N THR U 157 -0.41 -61.30 -42.12
CA THR U 157 -1.24 -60.62 -43.10
C THR U 157 -2.39 -61.53 -43.52
N PRO U 158 -3.53 -60.96 -43.91
CA PRO U 158 -4.69 -61.78 -44.27
C PRO U 158 -4.40 -62.68 -45.46
N HIS U 159 -4.97 -63.89 -45.41
CA HIS U 159 -4.90 -64.87 -46.50
C HIS U 159 -3.46 -65.29 -46.81
N SER U 160 -2.60 -65.29 -45.79
CA SER U 160 -1.23 -65.76 -45.93
C SER U 160 -1.06 -67.02 -45.09
N HIS U 161 -0.53 -68.06 -45.70
CA HIS U 161 -0.32 -69.35 -45.04
C HIS U 161 1.16 -69.71 -45.02
N THR U 162 2.00 -68.73 -44.69
CA THR U 162 3.44 -68.92 -44.69
C THR U 162 3.92 -69.21 -43.28
N LYS U 163 4.85 -70.15 -43.16
CA LYS U 163 5.31 -70.58 -41.86
C LYS U 163 6.16 -69.49 -41.20
N PRO U 164 5.82 -69.09 -39.98
CA PRO U 164 6.67 -68.13 -39.27
C PRO U 164 7.91 -68.80 -38.68
N TYR U 165 8.91 -67.97 -38.40
CA TYR U 165 10.12 -68.46 -37.75
C TYR U 165 9.90 -68.46 -36.24
N VAL U 166 9.86 -69.65 -35.65
CA VAL U 166 9.66 -69.83 -34.22
C VAL U 166 10.71 -70.79 -33.70
N ARG U 167 11.27 -70.48 -32.53
CA ARG U 167 12.28 -71.36 -31.94
C ARG U 167 11.66 -72.66 -31.44
N SER U 168 10.36 -72.64 -31.11
CA SER U 168 9.68 -73.81 -30.59
C SER U 168 8.25 -73.79 -31.10
N LYS U 169 7.65 -74.98 -31.17
CA LYS U 169 6.25 -75.11 -31.54
C LYS U 169 5.47 -75.61 -30.33
N GLY U 170 4.45 -74.86 -29.94
CA GLY U 170 3.64 -75.22 -28.78
C GLY U 170 2.58 -74.16 -28.58
N ARG U 171 1.72 -74.42 -27.60
CA ARG U 171 0.60 -73.52 -27.34
C ARG U 171 1.06 -72.15 -26.86
N LYS U 172 2.27 -72.05 -26.31
CA LYS U 172 2.77 -70.78 -25.80
C LYS U 172 3.52 -69.95 -26.82
N PHE U 173 3.75 -70.48 -28.02
CA PHE U 173 4.65 -69.85 -28.99
C PHE U 173 3.84 -69.34 -30.17
N GLU U 174 3.49 -68.05 -30.12
CA GLU U 174 2.88 -67.33 -31.23
C GLU U 174 1.55 -67.94 -31.66
N ARG U 175 0.67 -68.22 -30.69
CA ARG U 175 -0.66 -68.73 -30.96
C ARG U 175 -1.76 -67.86 -30.37
N ALA U 176 -1.43 -66.64 -29.92
CA ALA U 176 -2.41 -65.81 -29.23
C ALA U 176 -2.88 -64.62 -30.07
N ARG U 177 -2.50 -63.41 -29.67
CA ARG U 177 -3.04 -62.21 -30.31
C ARG U 177 -2.59 -62.10 -31.75
N GLY U 178 -3.56 -61.93 -32.66
CA GLY U 178 -3.29 -61.98 -34.07
C GLY U 178 -3.44 -63.35 -34.69
N ARG U 179 -3.70 -64.38 -33.88
CA ARG U 179 -3.93 -65.72 -34.39
C ARG U 179 -5.33 -66.25 -34.11
N ARG U 180 -6.06 -65.67 -33.17
CA ARG U 180 -7.42 -66.10 -32.87
C ARG U 180 -8.28 -64.87 -32.54
N ALA U 181 -9.57 -64.96 -32.85
CA ALA U 181 -10.48 -63.85 -32.64
C ALA U 181 -10.59 -63.50 -31.16
N SER U 182 -10.53 -64.52 -30.30
CA SER U 182 -10.63 -64.26 -28.86
C SER U 182 -9.49 -63.38 -28.37
N ARG U 183 -8.33 -63.46 -29.01
CA ARG U 183 -7.17 -62.68 -28.60
C ARG U 183 -6.95 -61.53 -29.58
N GLY U 184 -7.84 -60.54 -29.50
CA GLY U 184 -7.72 -59.35 -30.31
C GLY U 184 -8.19 -59.49 -31.75
N TYR U 185 -7.44 -60.21 -32.56
CA TYR U 185 -7.79 -60.38 -33.97
C TYR U 185 -7.15 -61.67 -34.47
N LYS U 186 -7.54 -62.08 -35.68
CA LYS U 186 -7.02 -63.30 -36.28
C LYS U 186 -6.39 -63.09 -37.64
N ASN U 187 -7.03 -62.33 -38.52
CA ASN U 187 -6.71 -62.19 -39.95
C ASN U 187 -6.08 -63.44 -40.60
N SER V 1 93.98 -15.67 2.68
CA SER V 1 93.02 -15.86 1.61
C SER V 1 91.59 -15.60 2.08
N MET V 2 91.08 -16.50 2.91
CA MET V 2 89.75 -16.39 3.49
C MET V 2 89.83 -16.49 5.01
N LEU V 3 89.18 -15.56 5.69
CA LEU V 3 89.31 -15.42 7.14
C LEU V 3 87.96 -15.39 7.82
N ARG V 4 86.94 -16.05 7.25
CA ARG V 4 85.64 -16.09 7.90
C ARG V 4 85.70 -16.87 9.20
N LEU V 5 86.45 -17.97 9.24
CA LEU V 5 86.60 -18.74 10.46
C LEU V 5 87.32 -17.93 11.54
N GLN V 6 88.39 -17.22 11.15
CA GLN V 6 89.19 -16.51 12.15
C GLN V 6 88.42 -15.37 12.79
N LYS V 7 87.62 -14.64 12.00
CA LYS V 7 86.83 -13.55 12.58
C LYS V 7 85.77 -14.10 13.53
N ARG V 8 85.20 -15.27 13.22
CA ARG V 8 84.24 -15.88 14.12
C ARG V 8 84.90 -16.31 15.43
N LEU V 9 86.08 -16.92 15.35
CA LEU V 9 86.77 -17.38 16.56
C LEU V 9 87.26 -16.20 17.38
N ALA V 10 87.78 -15.16 16.73
CA ALA V 10 88.23 -13.98 17.45
C ALA V 10 87.07 -13.30 18.18
N SER V 11 85.90 -13.27 17.55
CA SER V 11 84.72 -12.71 18.21
C SER V 11 84.36 -13.49 19.47
N SER V 12 84.40 -14.82 19.39
CA SER V 12 84.07 -15.64 20.55
C SER V 12 85.12 -15.48 21.65
N VAL V 13 86.40 -15.47 21.29
CA VAL V 13 87.46 -15.35 22.29
C VAL V 13 87.44 -13.97 22.94
N LEU V 14 87.28 -12.92 22.14
CA LEU V 14 87.24 -11.56 22.67
C LEU V 14 85.92 -11.23 23.35
N ARG V 15 84.91 -12.11 23.24
CA ARG V 15 83.58 -11.88 23.80
C ARG V 15 82.98 -10.57 23.29
N CYS V 16 83.20 -10.29 22.01
CA CYS V 16 82.61 -9.14 21.34
C CYS V 16 81.96 -9.61 20.05
N GLY V 17 81.31 -8.69 19.35
CA GLY V 17 80.74 -9.01 18.07
C GLY V 17 81.80 -9.00 16.98
N LYS V 18 81.42 -9.54 15.82
CA LYS V 18 82.30 -9.47 14.67
C LYS V 18 82.49 -8.06 14.15
N LYS V 19 81.66 -7.12 14.61
CA LYS V 19 81.87 -5.72 14.29
C LYS V 19 83.21 -5.23 14.82
N LYS V 20 83.56 -5.61 16.04
CA LYS V 20 84.70 -5.06 16.74
C LYS V 20 85.98 -5.86 16.55
N VAL V 21 85.94 -6.96 15.81
CA VAL V 21 87.13 -7.76 15.55
C VAL V 21 87.91 -7.09 14.42
N TRP V 22 89.17 -6.77 14.69
CA TRP V 22 90.06 -6.18 13.71
C TRP V 22 91.15 -7.17 13.37
N LEU V 23 91.19 -7.61 12.12
CA LEU V 23 92.24 -8.49 11.62
C LEU V 23 93.21 -7.67 10.78
N ASP V 24 94.50 -7.78 11.10
CA ASP V 24 95.52 -6.99 10.42
C ASP V 24 95.49 -7.29 8.93
N PRO V 25 95.13 -6.30 8.11
CA PRO V 25 95.04 -6.55 6.65
C PRO V 25 96.37 -6.91 6.02
N ASN V 26 97.48 -6.57 6.64
CA ASN V 26 98.79 -6.87 6.08
C ASN V 26 99.27 -8.27 6.44
N GLU V 27 98.95 -8.76 7.64
CA GLU V 27 99.40 -10.07 8.10
C GLU V 27 98.29 -11.11 7.93
N THR V 28 97.73 -11.14 6.73
CA THR V 28 96.66 -12.10 6.42
C THR V 28 97.15 -13.53 6.49
N ASN V 29 98.36 -13.79 6.00
CA ASN V 29 98.86 -15.17 5.95
C ASN V 29 98.98 -15.77 7.35
N GLU V 30 99.49 -15.00 8.31
CA GLU V 30 99.65 -15.50 9.67
C GLU V 30 98.29 -15.78 10.31
N ILE V 31 97.32 -14.89 10.08
CA ILE V 31 95.99 -15.11 10.63
C ILE V 31 95.34 -16.32 9.96
N ALA V 32 95.57 -16.50 8.67
CA ALA V 32 95.01 -17.65 7.97
C ALA V 32 95.53 -18.96 8.53
N ASN V 33 96.73 -18.96 9.09
CA ASN V 33 97.29 -20.18 9.68
C ASN V 33 96.62 -20.52 11.01
N ALA V 34 95.99 -19.55 11.67
CA ALA V 34 95.37 -19.79 12.97
C ALA V 34 94.04 -20.49 12.78
N ASN V 35 93.97 -21.77 13.15
CA ASN V 35 92.74 -22.55 13.04
C ASN V 35 92.19 -22.97 14.39
N SER V 36 92.74 -22.44 15.49
CA SER V 36 92.34 -22.84 16.82
C SER V 36 92.15 -21.61 17.68
N ARG V 37 91.35 -21.75 18.73
CA ARG V 37 91.13 -20.63 19.64
C ARG V 37 92.41 -20.28 20.40
N GLN V 38 93.26 -21.28 20.65
CA GLN V 38 94.57 -20.99 21.25
C GLN V 38 95.43 -20.15 20.32
N GLN V 39 95.45 -20.48 19.03
CA GLN V 39 96.21 -19.67 18.08
C GLN V 39 95.66 -18.27 17.98
N ILE V 40 94.34 -18.11 18.05
CA ILE V 40 93.73 -16.79 18.03
C ILE V 40 94.16 -15.98 19.25
N ARG V 41 94.22 -16.63 20.42
CA ARG V 41 94.65 -15.95 21.63
C ARG V 41 96.08 -15.44 21.51
N LYS V 42 96.96 -16.26 20.92
CA LYS V 42 98.34 -15.82 20.69
C LYS V 42 98.38 -14.63 19.74
N LEU V 43 97.54 -14.65 18.70
CA LEU V 43 97.47 -13.54 17.78
C LEU V 43 96.91 -12.28 18.44
N ILE V 44 95.95 -12.44 19.35
CA ILE V 44 95.45 -11.31 20.11
C ILE V 44 96.55 -10.73 20.99
N LYS V 45 97.32 -11.60 21.64
CA LYS V 45 98.43 -11.13 22.48
C LYS V 45 99.50 -10.44 21.63
N ASP V 46 99.72 -10.93 20.42
CA ASP V 46 100.75 -10.38 19.54
C ASP V 46 100.29 -9.16 18.76
N GLY V 47 99.06 -8.69 18.98
CA GLY V 47 98.60 -7.48 18.37
C GLY V 47 98.09 -7.60 16.95
N LEU V 48 98.10 -8.81 16.37
CA LEU V 48 97.56 -8.98 15.03
C LEU V 48 96.04 -8.99 15.01
N ILE V 49 95.40 -9.24 16.15
CA ILE V 49 93.95 -9.16 16.29
C ILE V 49 93.65 -8.19 17.42
N ILE V 50 92.77 -7.22 17.16
CA ILE V 50 92.49 -6.14 18.09
C ILE V 50 90.98 -5.99 18.23
N ARG V 51 90.52 -5.78 19.45
CA ARG V 51 89.13 -5.44 19.69
C ARG V 51 88.96 -3.93 19.51
N LYS V 52 88.21 -3.55 18.47
CA LYS V 52 87.98 -2.14 18.21
C LYS V 52 87.08 -1.54 19.29
N PRO V 53 87.27 -0.26 19.61
CA PRO V 53 86.48 0.35 20.69
C PRO V 53 85.04 0.59 20.27
N VAL V 54 84.19 0.76 21.28
CA VAL V 54 82.77 1.01 21.06
C VAL V 54 82.58 2.32 20.33
N THR V 55 81.70 2.32 19.32
CA THR V 55 81.36 3.56 18.63
C THR V 55 80.79 4.57 19.62
N VAL V 56 81.30 5.80 19.55
CA VAL V 56 80.96 6.80 20.56
C VAL V 56 79.51 7.24 20.39
N HIS V 57 78.74 7.14 21.48
CA HIS V 57 77.39 7.68 21.55
C HIS V 57 77.36 8.57 22.80
N SER V 58 77.74 9.83 22.62
CA SER V 58 77.85 10.76 23.73
C SER V 58 76.49 11.19 24.24
N ARG V 59 76.43 11.49 25.54
CA ARG V 59 75.25 12.06 26.17
C ARG V 59 75.44 13.52 26.55
N ALA V 60 76.51 14.16 26.08
CA ALA V 60 76.75 15.55 26.43
C ALA V 60 75.64 16.46 25.93
N ARG V 61 75.11 16.18 24.74
CA ARG V 61 74.00 16.96 24.21
C ARG V 61 72.76 16.83 25.10
N CYS V 62 72.46 15.59 25.53
CA CYS V 62 71.31 15.37 26.40
C CYS V 62 71.51 16.02 27.77
N ARG V 63 72.70 15.89 28.34
CA ARG V 63 72.97 16.50 29.64
C ARG V 63 72.80 18.01 29.59
N LYS V 64 73.29 18.61 28.51
CA LYS V 64 73.16 20.04 28.28
C LYS V 64 71.70 20.46 28.15
N ASN V 65 70.89 19.68 27.42
CA ASN V 65 69.48 19.99 27.29
C ASN V 65 68.74 19.75 28.60
N THR V 66 69.15 18.74 29.36
CA THR V 66 68.53 18.48 30.65
C THR V 66 68.76 19.64 31.62
N LEU V 67 69.96 20.22 31.61
CA LEU V 67 70.24 21.37 32.46
C LEU V 67 69.37 22.56 32.06
N ALA V 68 69.19 22.78 30.75
CA ALA V 68 68.32 23.86 30.30
C ALA V 68 66.88 23.62 30.72
N ARG V 69 66.40 22.37 30.60
CA ARG V 69 65.04 22.06 31.02
C ARG V 69 64.87 22.22 32.52
N ARG V 70 65.93 21.97 33.29
CA ARG V 70 65.88 22.21 34.73
C ARG V 70 65.67 23.68 35.05
N LYS V 71 66.33 24.56 34.31
CA LYS V 71 66.09 25.99 34.46
C LYS V 71 64.70 26.38 33.97
N GLY V 72 64.05 25.53 33.17
CA GLY V 72 62.71 25.79 32.67
C GLY V 72 62.62 25.97 31.17
N ARG V 73 63.70 25.82 30.42
CA ARG V 73 63.65 25.98 28.98
C ARG V 73 63.02 24.75 28.32
N HIS V 74 62.54 24.96 27.09
CA HIS V 74 61.97 23.91 26.25
C HIS V 74 60.75 23.24 26.88
N MET V 75 60.08 23.93 27.81
CA MET V 75 58.83 23.43 28.38
C MET V 75 57.63 24.10 27.74
N GLY V 76 57.46 25.40 27.98
CA GLY V 76 56.47 26.23 27.31
C GLY V 76 55.11 25.61 27.12
N ILE V 77 54.45 25.98 26.02
CA ILE V 77 53.17 25.41 25.62
C ILE V 77 53.29 24.63 24.32
N GLY V 78 54.11 25.11 23.38
CA GLY V 78 54.30 24.44 22.12
C GLY V 78 55.33 23.34 22.19
N LYS V 79 55.69 22.92 23.40
CA LYS V 79 56.57 21.79 23.59
C LYS V 79 55.91 20.65 24.36
N ARG V 80 54.63 20.78 24.70
CA ARG V 80 53.90 19.74 25.41
C ARG V 80 53.01 18.99 24.43
N LYS V 81 53.15 17.67 24.40
CA LYS V 81 52.32 16.82 23.57
C LYS V 81 51.33 15.98 24.35
N GLY V 82 51.65 15.66 25.60
CA GLY V 82 50.73 14.93 26.44
C GLY V 82 49.86 15.83 27.28
N THR V 83 48.76 15.26 27.78
CA THR V 83 47.84 15.99 28.63
C THR V 83 48.55 16.33 29.94
N ALA V 84 48.03 17.37 30.62
CA ALA V 84 48.57 17.73 31.93
C ALA V 84 48.52 16.54 32.88
N ASN V 85 47.44 15.76 32.84
CA ASN V 85 47.37 14.55 33.65
C ASN V 85 48.35 13.49 33.18
N ALA V 86 48.60 13.41 31.88
CA ALA V 86 49.58 12.46 31.36
C ALA V 86 51.01 12.87 31.68
N ARG V 87 51.26 14.16 31.90
CA ARG V 87 52.60 14.63 32.26
C ARG V 87 52.83 14.59 33.77
N MET V 88 51.82 14.97 34.55
CA MET V 88 51.91 14.93 36.01
C MET V 88 50.54 14.50 36.52
N PRO V 89 50.34 13.20 36.77
CA PRO V 89 49.01 12.72 37.14
C PRO V 89 48.50 13.37 38.41
N GLU V 90 47.19 13.66 38.43
CA GLU V 90 46.58 14.28 39.60
C GLU V 90 46.53 13.32 40.79
N LYS V 91 46.41 12.02 40.53
CA LYS V 91 46.43 11.05 41.63
C LYS V 91 47.79 11.05 42.32
N VAL V 92 48.87 11.13 41.55
CA VAL V 92 50.20 11.20 42.15
C VAL V 92 50.38 12.50 42.90
N THR V 93 49.88 13.61 42.34
CA THR V 93 49.94 14.89 43.04
C THR V 93 49.15 14.83 44.34
N TRP V 94 47.98 14.20 44.31
CA TRP V 94 47.18 14.04 45.52
C TRP V 94 47.87 13.11 46.52
N MET V 95 48.50 12.04 46.02
CA MET V 95 49.24 11.13 46.88
C MET V 95 50.32 11.86 47.65
N ARG V 96 51.13 12.66 46.96
CA ARG V 96 52.20 13.39 47.63
C ARG V 96 51.65 14.38 48.64
N ARG V 97 50.58 15.08 48.28
CA ARG V 97 50.01 16.10 49.16
C ARG V 97 49.50 15.48 50.45
N MET V 98 48.79 14.36 50.37
CA MET V 98 48.29 13.70 51.57
C MET V 98 49.43 13.18 52.41
N ARG V 99 50.44 12.58 51.78
CA ARG V 99 51.56 12.02 52.52
C ARG V 99 52.36 13.11 53.22
N ILE V 100 52.52 14.27 52.58
CA ILE V 100 53.23 15.37 53.20
C ILE V 100 52.43 15.93 54.37
N LEU V 101 51.13 16.17 54.15
CA LEU V 101 50.31 16.80 55.19
C LEU V 101 50.06 15.85 56.36
N ARG V 102 49.79 14.57 56.07
CA ARG V 102 49.57 13.61 57.14
C ARG V 102 50.84 13.42 57.98
N ARG V 103 52.00 13.41 57.32
CA ARG V 103 53.26 13.34 58.05
C ARG V 103 53.43 14.54 58.96
N LEU V 104 53.07 15.73 58.46
CA LEU V 104 53.18 16.93 59.28
C LEU V 104 52.27 16.87 60.49
N LEU V 105 51.03 16.41 60.31
CA LEU V 105 50.10 16.31 61.43
C LEU V 105 50.58 15.30 62.47
N ARG V 106 51.11 14.16 62.01
CA ARG V 106 51.61 13.17 62.96
C ARG V 106 52.77 13.73 63.78
N ARG V 107 53.70 14.44 63.13
CA ARG V 107 54.82 14.99 63.87
C ARG V 107 54.38 16.07 64.84
N TYR V 108 53.36 16.85 64.48
CA TYR V 108 52.85 17.84 65.42
C TYR V 108 52.21 17.18 66.63
N ARG V 109 51.55 16.02 66.43
CA ARG V 109 50.89 15.36 67.55
C ARG V 109 51.88 14.75 68.53
N GLU V 110 52.89 14.04 68.02
CA GLU V 110 53.92 13.51 68.92
C GLU V 110 54.90 14.57 69.41
N SER V 111 54.89 15.76 68.84
CA SER V 111 55.61 16.86 69.48
C SER V 111 54.71 17.68 70.39
N LYS V 112 53.44 17.28 70.52
CA LYS V 112 52.47 17.93 71.40
C LYS V 112 52.24 19.40 71.06
N LYS V 113 52.39 19.76 69.78
CA LYS V 113 51.90 21.06 69.34
C LYS V 113 50.39 21.06 69.24
N ILE V 114 49.79 19.92 68.86
CA ILE V 114 48.35 19.75 68.81
C ILE V 114 47.99 18.46 69.54
N ASP V 115 46.75 18.39 69.99
CA ASP V 115 46.29 17.24 70.75
C ASP V 115 45.61 16.22 69.83
N ARG V 116 45.02 15.19 70.44
CA ARG V 116 44.30 14.18 69.69
C ARG V 116 43.14 14.79 68.92
N HIS V 117 42.37 15.65 69.59
CA HIS V 117 41.13 16.14 69.04
C HIS V 117 41.38 17.16 67.93
N MET V 118 42.43 17.97 68.08
CA MET V 118 42.78 18.89 67.00
C MET V 118 43.39 18.13 65.83
N TYR V 119 44.18 17.08 66.10
CA TYR V 119 44.75 16.28 65.03
C TYR V 119 43.65 15.61 64.22
N HIS V 120 42.66 15.02 64.89
CA HIS V 120 41.62 14.30 64.17
C HIS V 120 40.75 15.25 63.36
N SER V 121 40.46 16.43 63.90
CA SER V 121 39.72 17.43 63.15
C SER V 121 40.48 17.87 61.91
N LEU V 122 41.77 18.14 62.06
CA LEU V 122 42.57 18.57 60.91
C LEU V 122 42.82 17.43 59.94
N TYR V 123 42.89 16.19 60.44
CA TYR V 123 43.08 15.04 59.56
C TYR V 123 41.92 14.91 58.59
N LEU V 124 40.69 15.11 59.08
CA LEU V 124 39.53 15.05 58.19
C LEU V 124 39.48 16.26 57.27
N LYS V 125 40.08 17.38 57.67
CA LYS V 125 40.08 18.57 56.84
C LYS V 125 41.06 18.45 55.68
N VAL V 126 42.25 17.86 55.91
CA VAL V 126 43.18 17.67 54.81
C VAL V 126 42.63 16.65 53.82
N LYS V 127 41.94 15.61 54.32
CA LYS V 127 41.27 14.67 53.44
C LYS V 127 40.16 15.36 52.66
N GLY V 128 39.54 16.38 53.23
CA GLY V 128 38.53 17.15 52.56
C GLY V 128 39.06 18.20 51.60
N ASN V 129 40.37 18.30 51.46
CA ASN V 129 41.02 19.20 50.51
C ASN V 129 40.68 20.67 50.83
N VAL V 130 41.16 21.10 52.00
CA VAL V 130 41.06 22.50 52.39
C VAL V 130 42.42 23.15 52.59
N PHE V 131 43.50 22.38 52.50
CA PHE V 131 44.85 22.90 52.63
C PHE V 131 45.63 22.53 51.38
N LYS V 132 46.07 23.54 50.64
CA LYS V 132 46.75 23.30 49.37
C LYS V 132 48.17 22.79 49.55
N ASN V 133 48.82 23.14 50.67
CA ASN V 133 50.21 22.75 50.88
C ASN V 133 50.54 22.84 52.36
N LYS V 134 51.83 22.71 52.66
CA LYS V 134 52.26 22.52 54.05
C LYS V 134 52.18 23.81 54.86
N ARG V 135 52.64 24.94 54.32
CA ARG V 135 52.73 26.14 55.14
C ARG V 135 51.35 26.69 55.50
N ILE V 136 50.38 26.63 54.59
CA ILE V 136 49.07 27.15 54.95
C ILE V 136 48.37 26.24 55.96
N LEU V 137 48.72 24.96 56.00
CA LEU V 137 48.30 24.13 57.12
C LEU V 137 49.00 24.56 58.41
N MET V 138 50.29 24.90 58.31
CA MET V 138 51.01 25.40 59.48
C MET V 138 50.41 26.70 59.99
N GLU V 139 50.10 27.62 59.08
CA GLU V 139 49.53 28.91 59.49
C GLU V 139 48.15 28.72 60.11
N HIS V 140 47.36 27.79 59.58
CA HIS V 140 46.07 27.50 60.17
C HIS V 140 46.21 26.93 61.57
N ILE V 141 47.22 26.07 61.78
CA ILE V 141 47.48 25.52 63.09
C ILE V 141 47.85 26.63 64.08
N HIS V 142 48.72 27.54 63.64
CA HIS V 142 49.11 28.65 64.51
C HIS V 142 47.91 29.52 64.86
N LYS V 143 47.03 29.77 63.89
CA LYS V 143 45.81 30.51 64.16
C LYS V 143 44.93 29.77 65.16
N LEU V 144 44.80 28.46 65.00
CA LEU V 144 44.01 27.68 65.95
C LEU V 144 44.65 27.66 67.33
N LYS V 145 45.98 27.71 67.40
CA LYS V 145 46.65 27.78 68.69
C LYS V 145 46.41 29.12 69.37
N ALA V 146 46.33 30.20 68.58
CA ALA V 146 46.22 31.53 69.16
C ALA V 146 44.90 31.74 69.87
N ASP V 147 43.78 31.44 69.21
CA ASP V 147 42.48 31.68 69.83
C ASP V 147 42.15 30.65 70.90
N LYS V 148 42.67 29.43 70.77
CA LYS V 148 42.50 28.46 71.86
C LYS V 148 43.24 28.92 73.11
N ALA V 149 44.42 29.50 72.95
CA ALA V 149 45.09 30.12 74.08
C ALA V 149 44.31 31.32 74.58
N ARG V 150 43.69 32.07 73.66
CA ARG V 150 42.90 33.23 74.06
C ARG V 150 41.70 32.82 74.90
N LYS V 151 40.99 31.76 74.49
CA LYS V 151 39.86 31.31 75.31
C LYS V 151 40.36 30.67 76.61
N LYS V 152 41.53 30.04 76.58
CA LYS V 152 42.02 29.30 77.73
C LYS V 152 42.29 30.23 78.91
N LEU V 153 42.92 31.39 78.65
CA LEU V 153 43.14 32.35 79.72
C LEU V 153 41.83 32.99 80.17
N LEU V 154 40.91 33.23 79.24
CA LEU V 154 39.61 33.79 79.62
C LEU V 154 38.83 32.81 80.49
N ALA V 155 38.85 31.53 80.15
CA ALA V 155 38.20 30.53 80.98
C ALA V 155 38.91 30.35 82.31
N ASP V 156 40.23 30.51 82.34
CA ASP V 156 40.96 30.34 83.59
C ASP V 156 40.65 31.46 84.58
N GLN V 157 40.72 32.72 84.12
CA GLN V 157 40.39 33.81 85.04
C GLN V 157 38.92 33.79 85.43
N ALA V 158 38.03 33.39 84.53
CA ALA V 158 36.63 33.24 84.90
C ALA V 158 36.46 32.19 85.99
N GLU V 159 37.20 31.08 85.87
CA GLU V 159 37.17 30.06 86.92
C GLU V 159 37.79 30.59 88.21
N ALA V 160 38.82 31.42 88.10
CA ALA V 160 39.48 31.96 89.29
C ALA V 160 38.53 32.82 90.12
N ARG V 161 37.82 33.73 89.46
CA ARG V 161 36.84 34.55 90.17
C ARG V 161 35.67 33.71 90.66
N ARG V 162 35.22 32.75 89.85
CA ARG V 162 34.12 31.89 90.25
C ARG V 162 34.48 31.09 91.49
N SER V 163 35.73 30.60 91.56
CA SER V 163 36.18 29.89 92.76
C SER V 163 36.34 30.86 93.93
N LYS V 164 36.80 32.08 93.66
CA LYS V 164 37.10 33.03 94.73
C LYS V 164 35.86 33.40 95.53
N THR V 165 34.80 33.83 94.83
CA THR V 165 33.59 34.26 95.53
C THR V 165 32.93 33.10 96.27
N LYS V 166 32.86 31.93 95.61
CA LYS V 166 32.30 30.76 96.27
C LYS V 166 33.13 30.33 97.48
N GLU V 167 34.45 30.35 97.36
CA GLU V 167 35.30 30.01 98.49
C GLU V 167 35.12 31.00 99.62
N ALA V 168 35.08 32.29 99.30
CA ALA V 168 34.89 33.31 100.32
C ALA V 168 33.52 33.24 100.97
N ARG V 169 32.57 32.56 100.33
CA ARG V 169 31.21 32.45 100.85
C ARG V 169 30.96 31.19 101.66
N LYS V 170 31.62 30.08 101.30
CA LYS V 170 31.41 28.84 102.05
C LYS V 170 31.85 28.99 103.51
N ARG V 171 33.00 29.62 103.74
CA ARG V 171 33.49 29.84 105.10
C ARG V 171 32.99 31.14 105.70
N ARG V 172 32.35 32.00 104.90
CA ARG V 172 31.72 33.19 105.45
C ARG V 172 30.62 32.79 106.42
N GLU V 173 29.78 31.82 106.01
CA GLU V 173 28.70 31.34 106.85
C GLU V 173 29.17 30.35 107.90
N GLU V 174 30.38 29.80 107.75
CA GLU V 174 30.90 28.91 108.78
C GLU V 174 31.14 29.66 110.09
N ARG V 175 31.71 30.87 110.04
CA ARG V 175 31.78 31.62 111.28
C ARG V 175 30.55 32.49 111.50
N LEU V 176 29.62 32.55 110.55
CA LEU V 176 28.31 33.08 110.87
C LEU V 176 27.53 32.13 111.77
N GLN V 177 27.53 30.83 111.45
CA GLN V 177 26.89 29.87 112.32
C GLN V 177 27.65 29.72 113.64
N ALA V 178 28.97 29.88 113.60
CA ALA V 178 29.74 29.88 114.84
C ALA V 178 29.30 31.01 115.74
N LYS V 179 29.07 32.20 115.18
CA LYS V 179 28.47 33.29 115.95
C LYS V 179 27.06 32.94 116.40
N LYS V 180 26.31 32.17 115.60
CA LYS V 180 24.98 31.79 116.01
C LYS V 180 24.99 30.69 117.07
N GLU V 181 25.96 29.78 117.02
CA GLU V 181 26.00 28.64 117.92
C GLU V 181 27.01 28.78 119.05
N GLU V 182 27.62 29.96 119.21
CA GLU V 182 28.45 30.24 120.37
C GLU V 182 27.64 30.57 121.62
N ILE V 183 26.33 30.78 121.50
CA ILE V 183 25.49 31.02 122.66
C ILE V 183 24.86 29.72 123.16
N ILE V 184 24.35 28.90 122.25
CA ILE V 184 23.70 27.65 122.64
C ILE V 184 24.72 26.69 123.26
N LYS V 185 26.00 26.82 122.90
CA LYS V 185 27.02 25.92 123.44
C LYS V 185 27.32 26.21 124.90
N THR V 186 27.05 27.42 125.37
CA THR V 186 27.18 27.78 126.78
C THR V 186 25.85 28.12 127.43
N LEU V 187 24.74 27.92 126.71
CA LEU V 187 23.38 28.21 127.14
C LEU V 187 23.24 29.71 127.40
N LYS W 1 7.47 -14.08 -85.04
CA LYS W 1 8.05 -14.00 -86.37
C LYS W 1 9.33 -13.15 -86.37
N ALA W 2 10.39 -13.69 -86.97
CA ALA W 2 11.62 -12.93 -87.15
C ALA W 2 11.57 -12.22 -88.51
N SER W 3 12.71 -11.86 -89.07
CA SER W 3 12.73 -11.16 -90.34
C SER W 3 14.02 -11.47 -91.08
N GLY W 4 14.41 -10.57 -91.98
CA GLY W 4 15.52 -10.74 -92.89
C GLY W 4 15.30 -9.77 -94.05
N THR W 5 15.05 -10.31 -95.25
CA THR W 5 14.48 -9.53 -96.35
C THR W 5 13.18 -10.22 -96.74
N LEU W 6 12.05 -9.64 -96.33
CA LEU W 6 10.76 -10.28 -96.48
C LEU W 6 10.40 -10.44 -97.96
N ARG W 7 9.59 -11.45 -98.24
CA ARG W 7 9.04 -11.69 -99.56
C ARG W 7 7.53 -11.71 -99.46
N GLU W 8 6.87 -11.35 -100.56
CA GLU W 8 5.42 -11.40 -100.62
C GLU W 8 4.98 -12.78 -101.07
N TYR W 9 3.96 -13.32 -100.40
CA TYR W 9 3.42 -14.62 -100.71
C TYR W 9 1.92 -14.51 -100.94
N LYS W 10 1.43 -15.19 -101.97
CA LYS W 10 0.01 -15.32 -102.22
C LYS W 10 -0.42 -16.68 -101.69
N VAL W 11 -1.09 -16.69 -100.54
CA VAL W 11 -1.51 -17.91 -99.87
C VAL W 11 -3.01 -18.04 -100.02
N VAL W 12 -3.45 -19.16 -100.58
CA VAL W 12 -4.87 -19.44 -100.77
C VAL W 12 -5.21 -20.69 -99.97
N GLY W 13 -6.24 -20.59 -99.12
CA GLY W 13 -6.65 -21.69 -98.28
C GLY W 13 -8.16 -21.86 -98.29
N ARG W 14 -8.59 -22.97 -97.71
CA ARG W 14 -10.01 -23.29 -97.62
C ARG W 14 -10.21 -24.31 -96.51
N CYS W 15 -11.43 -24.38 -96.01
CA CYS W 15 -11.78 -25.42 -95.06
C CYS W 15 -11.81 -26.78 -95.77
N LEU W 16 -11.66 -27.84 -94.99
CA LEU W 16 -11.79 -29.16 -95.56
C LEU W 16 -13.24 -29.41 -95.96
N PRO W 17 -13.48 -30.05 -97.10
CA PRO W 17 -14.86 -30.35 -97.51
C PRO W 17 -15.52 -31.31 -96.53
N THR W 18 -16.67 -30.90 -96.02
CA THR W 18 -17.46 -31.68 -95.07
C THR W 18 -18.83 -31.97 -95.67
N PRO W 19 -19.51 -33.02 -95.21
CA PRO W 19 -20.87 -33.30 -95.71
C PRO W 19 -21.91 -32.31 -95.19
N LYS W 20 -21.50 -31.07 -95.03
CA LYS W 20 -22.38 -29.93 -94.76
C LYS W 20 -22.33 -28.92 -95.90
N CYS W 21 -21.14 -28.49 -96.29
CA CYS W 21 -20.91 -27.80 -97.55
C CYS W 21 -19.84 -28.56 -98.32
N HIS W 22 -20.18 -28.97 -99.54
CA HIS W 22 -19.26 -29.81 -100.31
C HIS W 22 -18.08 -29.02 -100.87
N THR W 23 -18.31 -27.76 -101.26
CA THR W 23 -17.27 -26.90 -101.81
C THR W 23 -17.16 -25.64 -100.95
N PRO W 24 -16.36 -25.67 -99.90
CA PRO W 24 -16.20 -24.47 -99.08
C PRO W 24 -15.49 -23.38 -99.85
N PRO W 25 -15.71 -22.12 -99.50
CA PRO W 25 -15.12 -21.03 -100.27
C PRO W 25 -13.62 -20.97 -100.12
N LEU W 26 -12.97 -20.43 -101.14
CA LEU W 26 -11.53 -20.23 -101.14
C LEU W 26 -11.21 -18.81 -100.68
N TYR W 27 -10.16 -18.68 -99.87
CA TYR W 27 -9.76 -17.39 -99.34
C TYR W 27 -8.30 -17.14 -99.65
N ARG W 28 -7.98 -15.88 -99.97
CA ARG W 28 -6.66 -15.47 -100.40
C ARG W 28 -6.15 -14.36 -99.51
N MET W 29 -4.86 -14.41 -99.19
CA MET W 29 -4.22 -13.36 -98.41
C MET W 29 -2.84 -13.06 -98.96
N ARG W 30 -2.37 -11.84 -98.70
CA ARG W 30 -1.01 -11.43 -99.01
C ARG W 30 -0.20 -11.49 -97.72
N ILE W 31 0.83 -12.33 -97.71
CA ILE W 31 1.64 -12.54 -96.51
C ILE W 31 3.07 -12.14 -96.82
N PHE W 32 3.64 -11.29 -95.97
CA PHE W 32 5.04 -10.89 -96.08
C PHE W 32 5.83 -11.63 -95.01
N ALA W 33 6.61 -12.61 -95.42
CA ALA W 33 7.29 -13.52 -94.51
C ALA W 33 8.69 -13.79 -95.03
N PRO W 34 9.62 -14.18 -94.15
CA PRO W 34 10.96 -14.57 -94.63
C PRO W 34 10.93 -15.75 -95.57
N ASN W 35 10.00 -16.68 -95.41
CA ASN W 35 9.97 -17.89 -96.21
C ASN W 35 8.55 -18.47 -96.18
N HIS W 36 8.30 -19.42 -97.09
CA HIS W 36 6.95 -19.95 -97.25
C HIS W 36 6.48 -20.72 -96.03
N VAL W 37 7.39 -21.28 -95.22
CA VAL W 37 6.98 -21.96 -94.00
C VAL W 37 6.33 -20.97 -93.04
N VAL W 38 6.96 -19.82 -92.85
CA VAL W 38 6.38 -18.80 -91.99
C VAL W 38 5.12 -18.23 -92.62
N ALA W 39 5.10 -18.09 -93.95
CA ALA W 39 3.94 -17.53 -94.63
C ALA W 39 2.70 -18.39 -94.40
N LYS W 40 2.85 -19.71 -94.48
CA LYS W 40 1.72 -20.59 -94.22
C LYS W 40 1.27 -20.50 -92.77
N SER W 41 2.23 -20.38 -91.85
CA SER W 41 1.87 -20.24 -90.44
C SER W 41 1.13 -18.93 -90.18
N ARG W 42 1.56 -17.84 -90.81
CA ARG W 42 0.89 -16.56 -90.61
C ARG W 42 -0.47 -16.54 -91.28
N PHE W 43 -0.64 -17.28 -92.39
CA PHE W 43 -1.94 -17.36 -93.03
C PHE W 43 -2.97 -17.96 -92.09
N TRP W 44 -2.62 -19.04 -91.40
CA TRP W 44 -3.53 -19.66 -90.45
C TRP W 44 -3.77 -18.75 -89.25
N TYR W 45 -2.79 -17.91 -88.90
CA TYR W 45 -2.99 -16.95 -87.82
C TYR W 45 -4.06 -15.93 -88.16
N PHE W 46 -4.13 -15.51 -89.42
CA PHE W 46 -5.05 -14.46 -89.83
C PHE W 46 -6.44 -14.99 -90.13
N VAL W 47 -6.54 -16.08 -90.89
CA VAL W 47 -7.85 -16.63 -91.22
C VAL W 47 -8.54 -17.15 -89.98
N SER W 48 -7.77 -17.59 -88.98
CA SER W 48 -8.37 -18.00 -87.72
C SER W 48 -8.96 -16.80 -86.99
N GLN W 49 -8.33 -15.63 -87.12
CA GLN W 49 -8.88 -14.42 -86.52
C GLN W 49 -10.13 -13.96 -87.23
N LEU W 50 -10.15 -14.04 -88.56
CA LEU W 50 -11.26 -13.53 -89.36
C LEU W 50 -12.39 -14.54 -89.47
N LYS W 51 -12.08 -15.73 -89.95
CA LYS W 51 -13.06 -16.80 -90.11
C LYS W 51 -12.84 -17.85 -89.03
N LYS W 52 -13.79 -18.78 -88.92
CA LYS W 52 -13.68 -19.83 -87.93
C LYS W 52 -12.99 -21.02 -88.58
N MET W 53 -11.67 -20.91 -88.70
CA MET W 53 -10.84 -21.93 -89.32
C MET W 53 -9.68 -22.30 -88.41
N LYS W 54 -9.19 -23.51 -88.59
CA LYS W 54 -7.95 -23.95 -88.00
C LYS W 54 -7.11 -24.64 -89.06
N LYS W 55 -5.80 -24.74 -88.80
CA LYS W 55 -4.93 -25.51 -89.67
C LYS W 55 -5.38 -26.95 -89.79
N SER W 56 -5.92 -27.51 -88.71
CA SER W 56 -6.38 -28.90 -88.73
C SER W 56 -7.69 -29.07 -89.48
N SER W 57 -8.56 -28.06 -89.47
CA SER W 57 -9.85 -28.15 -90.14
C SER W 57 -9.82 -27.66 -91.58
N GLY W 58 -8.69 -27.12 -92.04
CA GLY W 58 -8.58 -26.61 -93.39
C GLY W 58 -7.31 -27.08 -94.06
N GLU W 59 -7.09 -26.55 -95.27
CA GLU W 59 -5.90 -26.87 -96.04
C GLU W 59 -5.50 -25.65 -96.85
N ILE W 60 -4.22 -25.58 -97.20
CA ILE W 60 -3.69 -24.52 -98.03
C ILE W 60 -3.52 -25.07 -99.44
N VAL W 61 -4.22 -24.47 -100.40
CA VAL W 61 -4.22 -24.98 -101.76
C VAL W 61 -3.15 -24.33 -102.64
N TYR W 62 -2.62 -23.17 -102.23
CA TYR W 62 -1.59 -22.51 -103.01
C TYR W 62 -0.78 -21.60 -102.09
N CYS W 63 0.53 -21.59 -102.29
CA CYS W 63 1.42 -20.68 -101.58
C CYS W 63 2.61 -20.40 -102.50
N GLY W 64 2.53 -19.30 -103.22
CA GLY W 64 3.59 -18.93 -104.15
C GLY W 64 4.03 -17.50 -103.95
N GLN W 65 5.30 -17.25 -104.19
CA GLN W 65 5.85 -15.92 -104.06
C GLN W 65 5.28 -14.99 -105.13
N VAL W 66 4.95 -13.77 -104.74
CA VAL W 66 4.46 -12.75 -105.66
C VAL W 66 5.65 -11.89 -106.05
N PHE W 67 6.15 -12.11 -107.26
CA PHE W 67 7.27 -11.31 -107.75
C PHE W 67 6.82 -9.88 -107.99
N GLU W 68 7.70 -8.94 -107.69
CA GLU W 68 7.40 -7.53 -107.91
C GLU W 68 7.20 -7.27 -109.40
N LYS W 69 6.11 -6.59 -109.75
CA LYS W 69 5.75 -6.39 -111.15
C LYS W 69 6.46 -5.22 -111.80
N SER W 70 7.20 -4.43 -111.03
CA SER W 70 7.98 -3.34 -111.59
C SER W 70 9.14 -3.02 -110.66
N PRO W 71 10.13 -3.91 -110.56
CA PRO W 71 11.26 -3.67 -109.65
C PRO W 71 12.22 -2.60 -110.13
N LEU W 72 12.08 -2.11 -111.36
CA LEU W 72 12.92 -1.04 -111.86
C LEU W 72 12.30 0.34 -111.74
N ARG W 73 11.13 0.44 -111.11
CA ARG W 73 10.40 1.70 -111.04
C ARG W 73 10.27 2.15 -109.60
N VAL W 74 10.59 3.41 -109.35
CA VAL W 74 10.46 4.02 -108.03
C VAL W 74 9.00 4.35 -107.79
N LYS W 75 8.49 3.99 -106.61
CA LYS W 75 7.10 4.24 -106.29
C LYS W 75 6.94 4.42 -104.80
N ASN W 76 5.87 5.11 -104.41
CA ASN W 76 5.56 5.39 -103.02
C ASN W 76 4.58 4.36 -102.50
N PHE W 77 4.89 3.76 -101.36
CA PHE W 77 4.06 2.72 -100.77
C PHE W 77 3.40 3.25 -99.51
N GLY W 78 2.07 3.14 -99.45
CA GLY W 78 1.32 3.42 -98.25
C GLY W 78 0.95 2.11 -97.57
N ILE W 79 1.25 2.02 -96.28
CA ILE W 79 1.04 0.81 -95.51
C ILE W 79 0.12 1.13 -94.34
N TRP W 80 -1.00 0.43 -94.27
CA TRP W 80 -1.90 0.49 -93.11
C TRP W 80 -1.60 -0.71 -92.22
N LEU W 81 -1.46 -0.47 -90.92
CA LEU W 81 -1.10 -1.54 -90.02
C LEU W 81 -1.67 -1.25 -88.64
N ARG W 82 -1.73 -2.29 -87.82
CA ARG W 82 -2.05 -2.17 -86.41
C ARG W 82 -0.94 -2.84 -85.61
N TYR W 83 -0.56 -2.22 -84.49
CA TYR W 83 0.47 -2.80 -83.64
C TYR W 83 0.06 -2.62 -82.19
N ASP W 84 0.56 -3.53 -81.35
CA ASP W 84 0.33 -3.47 -79.91
C ASP W 84 1.52 -2.78 -79.25
N SER W 85 1.26 -1.65 -78.59
CA SER W 85 2.29 -0.97 -77.84
C SER W 85 2.39 -1.61 -76.46
N ARG W 86 3.22 -1.04 -75.58
CA ARG W 86 3.27 -1.53 -74.21
C ARG W 86 1.99 -1.21 -73.44
N SER W 87 1.16 -0.30 -73.94
CA SER W 87 -0.01 0.15 -73.21
C SER W 87 -1.29 0.12 -74.04
N GLY W 88 -1.27 -0.48 -75.23
CA GLY W 88 -2.47 -0.57 -76.02
C GLY W 88 -2.16 -0.96 -77.45
N THR W 89 -3.20 -0.96 -78.27
CA THR W 89 -3.10 -1.28 -79.69
C THR W 89 -3.49 -0.05 -80.51
N HIS W 90 -2.75 0.20 -81.58
CA HIS W 90 -2.92 1.43 -82.35
C HIS W 90 -2.93 1.10 -83.84
N ASN W 91 -3.72 1.86 -84.59
CA ASN W 91 -3.72 1.76 -86.04
C ASN W 91 -2.83 2.85 -86.62
N MET W 92 -1.97 2.47 -87.56
CA MET W 92 -0.99 3.39 -88.13
C MET W 92 -1.03 3.34 -89.64
N TYR W 93 -0.83 4.50 -90.26
CA TYR W 93 -0.60 4.61 -91.69
C TYR W 93 0.79 5.19 -91.91
N ARG W 94 1.61 4.49 -92.67
CA ARG W 94 3.00 4.88 -92.89
C ARG W 94 3.30 4.84 -94.39
N GLU W 95 4.28 5.62 -94.80
CA GLU W 95 4.66 5.73 -96.19
C GLU W 95 6.15 5.45 -96.37
N TYR W 96 6.49 4.82 -97.48
CA TYR W 96 7.87 4.48 -97.78
C TYR W 96 8.07 4.55 -99.29
N ARG W 97 9.32 4.73 -99.68
CA ARG W 97 9.73 4.67 -101.08
C ARG W 97 10.63 3.47 -101.28
N ASP W 98 10.32 2.66 -102.29
CA ASP W 98 11.11 1.48 -102.58
C ASP W 98 10.78 1.00 -103.98
N LEU W 99 11.61 0.10 -104.50
CA LEU W 99 11.39 -0.50 -105.81
C LEU W 99 10.46 -1.69 -105.76
N THR W 100 10.38 -2.38 -104.61
CA THR W 100 9.55 -3.56 -104.47
C THR W 100 8.59 -3.38 -103.30
N THR W 101 7.44 -4.05 -103.40
CA THR W 101 6.49 -4.03 -102.31
C THR W 101 7.06 -4.67 -101.05
N ALA W 102 7.74 -5.80 -101.21
CA ALA W 102 8.33 -6.50 -100.06
C ALA W 102 9.43 -5.67 -99.42
N GLY W 103 10.18 -4.91 -100.22
CA GLY W 103 11.19 -4.02 -99.65
C GLY W 103 10.58 -2.93 -98.78
N ALA W 104 9.44 -2.37 -99.22
CA ALA W 104 8.76 -1.35 -98.43
C ALA W 104 8.25 -1.92 -97.11
N VAL W 105 7.69 -3.13 -97.14
CA VAL W 105 7.19 -3.76 -95.92
C VAL W 105 8.36 -4.07 -94.99
N THR W 106 9.50 -4.49 -95.55
CA THR W 106 10.68 -4.71 -94.73
C THR W 106 11.14 -3.42 -94.08
N GLN W 107 11.10 -2.30 -94.81
CA GLN W 107 11.42 -1.01 -94.20
C GLN W 107 10.49 -0.72 -93.04
N CYS W 108 9.21 -1.02 -93.20
CA CYS W 108 8.24 -0.74 -92.15
C CYS W 108 8.55 -1.53 -90.88
N TYR W 109 8.91 -2.80 -91.03
CA TYR W 109 9.22 -3.62 -89.86
C TYR W 109 10.45 -3.08 -89.12
N ARG W 110 11.47 -2.66 -89.86
CA ARG W 110 12.61 -2.02 -89.22
C ARG W 110 12.23 -0.69 -88.61
N ASP W 111 11.40 0.09 -89.31
CA ASP W 111 11.04 1.42 -88.81
C ASP W 111 10.17 1.33 -87.57
N MET W 112 9.23 0.38 -87.52
CA MET W 112 8.44 0.19 -86.32
C MET W 112 9.30 -0.24 -85.15
N GLY W 113 10.32 -1.07 -85.40
CA GLY W 113 11.25 -1.42 -84.34
C GLY W 113 12.08 -0.25 -83.89
N ALA W 114 12.50 0.61 -84.83
CA ALA W 114 13.37 1.73 -84.48
C ALA W 114 12.62 2.82 -83.73
N ARG W 115 11.42 3.18 -84.18
CA ARG W 115 10.71 4.32 -83.64
C ARG W 115 9.73 3.98 -82.54
N HIS W 116 9.24 2.74 -82.49
CA HIS W 116 8.21 2.37 -81.53
C HIS W 116 8.57 1.10 -80.76
N ARG W 117 9.78 0.58 -80.95
CA ARG W 117 10.23 -0.63 -80.25
C ARG W 117 9.28 -1.79 -80.47
N ALA W 118 8.58 -1.79 -81.61
CA ALA W 118 7.60 -2.82 -81.90
C ALA W 118 8.28 -4.02 -82.56
N ARG W 119 8.13 -5.19 -81.96
CA ARG W 119 8.63 -6.42 -82.53
C ARG W 119 7.65 -6.95 -83.58
N ALA W 120 8.16 -7.84 -84.44
CA ALA W 120 7.38 -8.28 -85.58
C ALA W 120 6.10 -9.00 -85.17
N HIS W 121 6.12 -9.70 -84.04
CA HIS W 121 4.92 -10.40 -83.59
C HIS W 121 3.82 -9.43 -83.14
N SER W 122 4.18 -8.20 -82.78
CA SER W 122 3.18 -7.20 -82.42
C SER W 122 2.60 -6.49 -83.63
N ILE W 123 3.28 -6.52 -84.77
CA ILE W 123 2.89 -5.76 -85.94
C ILE W 123 1.98 -6.60 -86.81
N GLN W 124 0.92 -5.99 -87.32
CA GLN W 124 -0.10 -6.69 -88.09
C GLN W 124 -0.39 -5.85 -89.33
N ILE W 125 0.21 -6.23 -90.45
CA ILE W 125 0.06 -5.51 -91.71
C ILE W 125 -1.28 -5.88 -92.32
N MET W 126 -2.10 -4.86 -92.61
CA MET W 126 -3.46 -5.09 -93.08
C MET W 126 -3.75 -4.51 -94.46
N LYS W 127 -2.88 -3.65 -94.98
CA LYS W 127 -3.05 -3.12 -96.33
C LYS W 127 -1.74 -2.49 -96.80
N VAL W 128 -1.28 -2.92 -97.97
CA VAL W 128 -0.14 -2.32 -98.64
C VAL W 128 -0.59 -1.88 -100.03
N GLU W 129 -0.30 -0.64 -100.38
CA GLU W 129 -0.85 -0.04 -101.59
C GLU W 129 0.13 0.95 -102.18
N GLU W 130 0.33 0.87 -103.49
CA GLU W 130 1.14 1.86 -104.20
C GLU W 130 0.31 3.13 -104.40
N ILE W 131 0.77 4.22 -103.82
CA ILE W 131 0.05 5.48 -103.85
C ILE W 131 0.75 6.44 -104.81
N ALA W 132 -0.04 7.32 -105.42
CA ALA W 132 0.52 8.32 -106.31
C ALA W 132 1.30 9.36 -105.51
N ALA W 133 2.21 10.06 -106.20
CA ALA W 133 3.04 11.05 -105.53
C ALA W 133 2.22 12.21 -104.98
N SER W 134 1.08 12.52 -105.60
CA SER W 134 0.22 13.58 -105.13
C SER W 134 -0.65 13.16 -103.95
N LYS W 135 -0.77 11.86 -103.69
CA LYS W 135 -1.56 11.37 -102.56
C LYS W 135 -0.71 11.12 -101.32
N CYS W 136 0.59 11.37 -101.37
CA CYS W 136 1.44 11.15 -100.22
C CYS W 136 1.16 12.18 -99.13
N ARG W 137 1.28 11.74 -97.88
CA ARG W 137 1.04 12.59 -96.73
C ARG W 137 2.27 12.83 -95.87
N ARG W 138 3.30 12.01 -95.99
CA ARG W 138 4.47 12.14 -95.13
C ARG W 138 5.50 13.05 -95.78
N PRO W 139 5.90 14.14 -95.14
CA PRO W 139 6.86 15.06 -95.78
C PRO W 139 8.21 14.44 -96.10
N ALA W 140 8.63 13.43 -95.34
CA ALA W 140 9.88 12.75 -95.65
C ALA W 140 9.81 12.06 -97.01
N VAL W 141 8.66 11.50 -97.35
CA VAL W 141 8.49 10.89 -98.66
C VAL W 141 8.26 11.96 -99.72
N LYS W 142 7.54 13.03 -99.36
CA LYS W 142 7.16 14.04 -100.36
C LYS W 142 8.35 14.84 -100.86
N GLN W 143 9.37 15.05 -100.02
CA GLN W 143 10.49 15.90 -100.42
C GLN W 143 11.28 15.30 -101.57
N PHE W 144 11.13 14.00 -101.83
CA PHE W 144 11.80 13.35 -102.96
C PHE W 144 10.98 13.43 -104.24
N HIS W 145 9.80 14.04 -104.20
CA HIS W 145 9.00 14.28 -105.41
C HIS W 145 9.44 15.61 -106.02
N ASP W 146 10.66 15.60 -106.56
CA ASP W 146 11.24 16.76 -107.21
C ASP W 146 11.90 16.30 -108.50
N SER W 147 11.43 16.82 -109.64
CA SER W 147 11.99 16.42 -110.92
C SER W 147 13.42 16.93 -111.11
N LYS W 148 13.82 17.93 -110.34
CA LYS W 148 15.17 18.49 -110.40
C LYS W 148 15.87 18.33 -109.06
N ILE W 149 15.70 17.18 -108.43
CA ILE W 149 16.29 16.98 -107.11
C ILE W 149 17.81 16.97 -107.23
N LYS W 150 18.46 17.66 -106.30
CA LYS W 150 19.91 17.85 -106.34
C LYS W 150 20.40 18.04 -104.92
N PHE W 151 21.32 17.18 -104.48
CA PHE W 151 21.88 17.36 -103.16
C PHE W 151 23.32 16.87 -103.11
N PRO W 152 24.19 17.54 -102.36
CA PRO W 152 25.56 17.05 -102.18
C PRO W 152 25.62 15.95 -101.13
N LEU W 153 26.78 15.31 -101.06
CA LEU W 153 27.09 14.38 -99.98
C LEU W 153 28.05 15.07 -99.03
N PRO W 154 27.57 15.64 -97.92
CA PRO W 154 28.34 16.71 -97.26
C PRO W 154 29.60 16.26 -96.53
N HIS W 155 29.50 15.30 -95.61
CA HIS W 155 30.59 15.01 -94.67
C HIS W 155 30.89 13.51 -94.77
N ARG W 156 31.61 13.14 -95.83
CA ARG W 156 31.88 11.73 -96.14
C ARG W 156 32.81 11.15 -95.10
N VAL W 157 32.27 10.28 -94.25
CA VAL W 157 33.06 9.66 -93.19
C VAL W 157 33.85 8.50 -93.76
N LEU W 158 35.14 8.46 -93.46
CA LEU W 158 35.99 7.36 -93.91
C LEU W 158 35.54 6.06 -93.27
N ARG W 159 35.31 5.04 -94.10
CA ARG W 159 34.83 3.75 -93.62
C ARG W 159 35.92 2.69 -93.58
N ARG W 160 36.99 2.82 -94.36
CA ARG W 160 38.14 1.93 -94.26
C ARG W 160 39.12 2.49 -93.23
N GLN W 161 38.68 2.44 -91.98
CA GLN W 161 39.46 3.01 -90.88
C GLN W 161 40.58 2.08 -90.43
N HIS W 162 40.60 0.83 -90.88
CA HIS W 162 41.62 -0.13 -90.46
C HIS W 162 42.47 -0.61 -91.63
N LYS W 163 42.28 -0.06 -92.83
CA LYS W 163 43.09 -0.39 -94.00
C LYS W 163 43.51 0.92 -94.66
N PRO W 164 44.63 1.52 -94.23
CA PRO W 164 45.55 1.08 -93.18
C PRO W 164 45.09 1.46 -91.78
N ARG W 165 45.54 0.73 -90.76
CA ARG W 165 45.22 1.09 -89.38
C ARG W 165 46.08 2.24 -88.88
N PHE W 166 47.33 2.32 -89.34
CA PHE W 166 48.24 3.40 -88.99
C PHE W 166 48.72 4.08 -90.27
N THR W 167 48.65 5.41 -90.30
CA THR W 167 48.99 6.18 -91.49
C THR W 167 49.54 7.53 -91.07
N THR W 168 50.19 8.20 -92.02
CA THR W 168 50.71 9.54 -91.75
C THR W 168 49.66 10.62 -92.03
N LYS W 169 48.90 10.46 -93.11
CA LYS W 169 47.95 11.47 -93.55
C LYS W 169 46.62 11.31 -92.82
N ARG W 170 46.08 12.42 -92.34
CA ARG W 170 44.75 12.40 -91.76
C ARG W 170 43.71 12.38 -92.88
N PRO W 171 42.61 11.66 -92.69
CA PRO W 171 41.66 11.46 -93.79
C PRO W 171 40.97 12.76 -94.20
N ASN W 172 40.60 12.81 -95.48
CA ASN W 172 39.80 13.89 -96.01
C ASN W 172 38.32 13.55 -95.92
N THR W 173 37.49 14.57 -95.72
CA THR W 173 36.05 14.40 -95.60
C THR W 173 35.28 15.11 -96.70
N PHE W 174 35.88 16.10 -97.36
CA PHE W 174 35.24 16.83 -98.45
C PHE W 174 35.62 16.17 -99.77
N PHE W 175 34.64 15.71 -100.51
CA PHE W 175 34.90 15.01 -101.77
C PHE W 175 34.03 15.59 -102.88
N THR X 1 -4.83 -34.19 -42.19
CA THR X 1 -5.68 -33.06 -41.88
C THR X 1 -7.06 -33.24 -42.47
N ASN X 2 -7.10 -33.73 -43.70
CA ASN X 2 -8.37 -34.12 -44.29
C ASN X 2 -8.97 -35.29 -43.53
N THR X 3 -10.29 -35.28 -43.39
CA THR X 3 -10.96 -36.40 -42.75
C THR X 3 -10.92 -37.62 -43.64
N LYS X 4 -11.13 -38.79 -43.04
CA LYS X 4 -11.12 -40.05 -43.75
C LYS X 4 -12.53 -40.57 -44.03
N GLY X 5 -13.53 -39.71 -43.96
CA GLY X 5 -14.90 -40.11 -44.20
C GLY X 5 -15.12 -40.71 -45.57
N LYS X 6 -15.96 -41.74 -45.66
CA LYS X 6 -16.13 -42.47 -46.91
C LYS X 6 -16.70 -41.61 -48.03
N ARG X 7 -17.43 -40.54 -47.71
CA ARG X 7 -18.08 -39.72 -48.72
C ARG X 7 -17.58 -38.28 -48.70
N ARG X 8 -16.39 -38.04 -48.17
CA ARG X 8 -15.82 -36.69 -48.21
C ARG X 8 -15.46 -36.32 -49.64
N GLY X 9 -15.86 -35.12 -50.05
CA GLY X 9 -15.59 -34.65 -51.39
C GLY X 9 -16.52 -35.18 -52.46
N THR X 10 -17.62 -35.83 -52.07
CA THR X 10 -18.59 -36.37 -53.02
C THR X 10 -19.83 -35.51 -53.13
N ARG X 11 -19.71 -34.21 -52.87
CA ARG X 11 -20.86 -33.32 -52.90
C ARG X 11 -21.51 -33.29 -54.28
N TYR X 12 -20.68 -33.16 -55.32
CA TYR X 12 -21.21 -33.07 -56.67
C TYR X 12 -21.19 -34.40 -57.40
N MET X 13 -20.24 -35.27 -57.05
CA MET X 13 -20.07 -36.53 -57.77
C MET X 13 -21.28 -37.44 -57.60
N PHE X 14 -21.78 -37.58 -56.38
CA PHE X 14 -22.91 -38.45 -56.11
C PHE X 14 -24.25 -37.73 -56.22
N SER X 15 -24.24 -36.43 -56.48
CA SER X 15 -25.48 -35.70 -56.67
C SER X 15 -26.12 -36.06 -58.01
N ARG X 16 -27.43 -35.94 -58.08
CA ARG X 16 -28.14 -36.25 -59.31
C ARG X 16 -27.95 -35.13 -60.34
N PRO X 17 -28.02 -35.46 -61.63
CA PRO X 17 -28.00 -34.42 -62.65
C PRO X 17 -29.22 -33.53 -62.55
N PHE X 18 -29.11 -32.32 -63.12
CA PHE X 18 -30.17 -31.34 -63.04
C PHE X 18 -31.46 -31.89 -63.64
N ARG X 19 -32.57 -31.72 -62.90
CA ARG X 19 -33.90 -32.16 -63.29
C ARG X 19 -33.92 -33.65 -63.66
N LYS X 20 -33.13 -34.46 -62.95
CA LYS X 20 -33.18 -35.91 -63.09
C LYS X 20 -33.21 -36.58 -61.73
N HIS X 21 -33.89 -35.99 -60.77
CA HIS X 21 -34.05 -36.57 -59.45
C HIS X 21 -35.22 -37.54 -59.44
N GLY X 22 -35.51 -38.10 -58.27
CA GLY X 22 -36.71 -38.89 -58.08
C GLY X 22 -36.57 -40.37 -58.37
N VAL X 23 -37.61 -40.95 -58.96
CA VAL X 23 -37.66 -42.40 -59.17
C VAL X 23 -36.56 -42.83 -60.13
N VAL X 24 -35.88 -43.91 -59.76
CA VAL X 24 -34.88 -44.48 -60.66
C VAL X 24 -35.60 -45.21 -61.81
N PRO X 25 -35.26 -44.91 -63.07
CA PRO X 25 -35.88 -45.64 -64.17
C PRO X 25 -35.61 -47.13 -64.08
N LEU X 26 -36.60 -47.93 -64.46
CA LEU X 26 -36.57 -49.37 -64.25
C LEU X 26 -35.82 -50.15 -65.30
N ALA X 27 -35.46 -49.54 -66.43
CA ALA X 27 -34.61 -50.25 -67.38
C ALA X 27 -33.22 -50.51 -66.79
N THR X 28 -32.77 -49.66 -65.88
CA THR X 28 -31.50 -49.88 -65.21
C THR X 28 -31.53 -51.12 -64.32
N TYR X 29 -32.73 -51.56 -63.93
CA TYR X 29 -32.85 -52.79 -63.15
C TYR X 29 -33.01 -54.00 -64.04
N MET X 30 -33.47 -53.82 -65.28
CA MET X 30 -33.73 -54.93 -66.19
C MET X 30 -32.50 -55.33 -67.01
N ARG X 31 -31.38 -54.62 -66.87
CA ARG X 31 -30.17 -54.97 -67.60
C ARG X 31 -29.60 -56.30 -67.09
N ILE X 32 -29.02 -57.08 -68.00
CA ILE X 32 -28.49 -58.40 -67.68
C ILE X 32 -26.97 -58.31 -67.62
N TYR X 33 -26.41 -58.73 -66.50
CA TYR X 33 -24.97 -58.67 -66.26
C TYR X 33 -24.44 -60.10 -66.11
N LYS X 34 -23.77 -60.60 -67.14
CA LYS X 34 -23.14 -61.91 -67.07
C LYS X 34 -21.78 -61.82 -66.39
N LYS X 35 -21.14 -62.97 -66.22
CA LYS X 35 -19.76 -62.98 -65.78
C LYS X 35 -18.82 -62.65 -66.92
N GLY X 36 -17.81 -61.84 -66.63
CA GLY X 36 -16.80 -61.50 -67.59
C GLY X 36 -17.13 -60.33 -68.50
N ASP X 37 -18.26 -59.68 -68.31
CA ASP X 37 -18.56 -58.49 -69.10
C ASP X 37 -18.07 -57.23 -68.40
N ILE X 38 -17.89 -56.18 -69.18
CA ILE X 38 -17.22 -54.97 -68.73
C ILE X 38 -18.28 -53.91 -68.43
N VAL X 39 -18.21 -53.34 -67.22
CA VAL X 39 -19.19 -52.38 -66.75
C VAL X 39 -18.49 -51.14 -66.22
N ASP X 40 -19.10 -49.98 -66.45
CA ASP X 40 -18.62 -48.73 -65.88
C ASP X 40 -19.30 -48.48 -64.54
N ILE X 41 -18.53 -48.05 -63.56
CA ILE X 41 -19.03 -47.79 -62.22
C ILE X 41 -19.33 -46.29 -62.13
N LYS X 42 -20.62 -45.94 -62.25
CA LYS X 42 -21.06 -44.56 -62.00
C LYS X 42 -21.14 -44.30 -60.49
N GLY X 43 -22.23 -44.72 -59.86
CA GLY X 43 -22.43 -44.46 -58.44
C GLY X 43 -23.45 -43.38 -58.18
N MET X 44 -24.70 -43.63 -58.54
CA MET X 44 -25.75 -42.65 -58.33
C MET X 44 -26.06 -42.50 -56.85
N GLY X 45 -26.47 -41.30 -56.46
CA GLY X 45 -26.72 -40.97 -55.06
C GLY X 45 -28.11 -41.21 -54.56
N THR X 46 -29.06 -41.51 -55.46
CA THR X 46 -30.42 -41.80 -55.01
C THR X 46 -30.47 -43.07 -54.17
N VAL X 47 -29.69 -44.08 -54.55
CA VAL X 47 -29.63 -45.35 -53.83
C VAL X 47 -28.36 -45.34 -52.97
N GLN X 48 -28.54 -45.41 -51.65
CA GLN X 48 -27.42 -45.37 -50.72
C GLN X 48 -26.88 -46.75 -50.41
N LYS X 49 -27.55 -47.81 -50.83
CA LYS X 49 -27.12 -49.17 -50.55
C LYS X 49 -26.21 -49.67 -51.65
N GLY X 50 -25.17 -50.42 -51.27
CA GLY X 50 -24.25 -50.98 -52.23
C GLY X 50 -23.51 -49.94 -53.06
N MET X 51 -23.27 -48.76 -52.49
CA MET X 51 -22.57 -47.71 -53.22
C MET X 51 -21.09 -48.05 -53.36
N PRO X 52 -20.49 -47.81 -54.52
CA PRO X 52 -19.04 -47.91 -54.63
C PRO X 52 -18.37 -46.75 -53.89
N HIS X 53 -17.13 -46.97 -53.50
CA HIS X 53 -16.37 -45.89 -52.89
C HIS X 53 -16.02 -44.85 -53.94
N LYS X 54 -15.63 -43.66 -53.47
CA LYS X 54 -15.37 -42.54 -54.36
C LYS X 54 -14.21 -42.79 -55.31
N CYS X 55 -13.33 -43.74 -55.01
CA CYS X 55 -12.19 -44.01 -55.86
C CYS X 55 -12.52 -44.91 -57.04
N TYR X 56 -13.74 -45.48 -57.10
CA TYR X 56 -14.14 -46.32 -58.21
C TYR X 56 -15.13 -45.64 -59.14
N HIS X 57 -15.66 -44.49 -58.76
CA HIS X 57 -16.52 -43.73 -59.66
C HIS X 57 -15.74 -43.32 -60.89
N GLY X 58 -16.30 -43.62 -62.07
CA GLY X 58 -15.60 -43.37 -63.31
C GLY X 58 -14.57 -44.41 -63.69
N LYS X 59 -14.51 -45.53 -62.99
CA LYS X 59 -13.63 -46.63 -63.32
C LYS X 59 -14.41 -47.76 -63.98
N THR X 60 -13.69 -48.61 -64.70
CA THR X 60 -14.28 -49.68 -65.46
C THR X 60 -13.66 -51.01 -65.04
N GLY X 61 -14.50 -52.01 -64.81
CA GLY X 61 -14.03 -53.30 -64.37
C GLY X 61 -14.75 -54.45 -65.04
N ARG X 62 -14.45 -55.67 -64.62
CA ARG X 62 -15.03 -56.88 -65.20
C ARG X 62 -15.83 -57.62 -64.13
N VAL X 63 -17.04 -58.03 -64.48
CA VAL X 63 -17.91 -58.72 -63.54
C VAL X 63 -17.43 -60.14 -63.34
N TYR X 64 -17.28 -60.54 -62.06
CA TYR X 64 -16.89 -61.89 -61.72
C TYR X 64 -17.91 -62.63 -60.88
N ASN X 65 -18.91 -61.94 -60.33
CA ASN X 65 -19.89 -62.57 -59.45
C ASN X 65 -21.21 -61.81 -59.56
N VAL X 66 -22.31 -62.55 -59.59
CA VAL X 66 -23.64 -61.98 -59.73
C VAL X 66 -24.50 -62.47 -58.57
N THR X 67 -25.14 -61.54 -57.88
CA THR X 67 -26.03 -61.82 -56.76
C THR X 67 -27.45 -61.36 -57.10
N GLN X 68 -28.33 -61.35 -56.09
CA GLN X 68 -29.70 -60.93 -56.32
C GLN X 68 -29.78 -59.47 -56.78
N HIS X 69 -29.03 -58.58 -56.13
CA HIS X 69 -29.15 -57.16 -56.40
C HIS X 69 -27.86 -56.50 -56.84
N ALA X 70 -26.71 -57.11 -56.60
CA ALA X 70 -25.43 -56.51 -56.90
C ALA X 70 -24.62 -57.43 -57.81
N VAL X 71 -23.42 -56.96 -58.16
CA VAL X 71 -22.45 -57.74 -58.92
C VAL X 71 -21.09 -57.58 -58.26
N GLY X 72 -20.23 -58.56 -58.50
CA GLY X 72 -18.86 -58.51 -58.07
C GLY X 72 -17.98 -58.09 -59.23
N ILE X 73 -17.24 -57.00 -59.05
CA ILE X 73 -16.46 -56.37 -60.11
C ILE X 73 -14.99 -56.41 -59.73
N VAL X 74 -14.16 -56.86 -60.67
CA VAL X 74 -12.71 -56.77 -60.54
C VAL X 74 -12.28 -55.50 -61.27
N VAL X 75 -11.86 -54.49 -60.52
CA VAL X 75 -11.53 -53.18 -61.05
C VAL X 75 -10.13 -52.78 -60.55
N ASN X 76 -9.34 -52.22 -61.45
CA ASN X 76 -7.97 -51.86 -61.12
C ASN X 76 -7.94 -50.54 -60.35
N LYS X 77 -7.20 -50.53 -59.24
CA LYS X 77 -6.95 -49.35 -58.45
C LYS X 77 -5.45 -49.14 -58.34
N GLN X 78 -5.00 -47.90 -58.47
CA GLN X 78 -3.59 -47.57 -58.34
C GLN X 78 -3.35 -46.99 -56.96
N VAL X 79 -2.49 -47.65 -56.19
CA VAL X 79 -2.11 -47.22 -54.85
C VAL X 79 -0.63 -46.91 -54.88
N LYS X 80 -0.27 -45.63 -54.86
CA LYS X 80 1.13 -45.19 -54.94
C LYS X 80 1.71 -45.72 -56.24
N GLY X 81 2.74 -46.57 -56.20
CA GLY X 81 3.36 -47.11 -57.39
C GLY X 81 2.95 -48.51 -57.77
N LYS X 82 1.87 -49.04 -57.20
CA LYS X 82 1.39 -50.37 -57.53
C LYS X 82 -0.06 -50.30 -57.96
N ILE X 83 -0.38 -51.03 -59.03
CA ILE X 83 -1.76 -51.22 -59.47
C ILE X 83 -2.18 -52.62 -59.05
N LEU X 84 -3.26 -52.71 -58.29
CA LEU X 84 -3.74 -53.98 -57.78
C LEU X 84 -5.24 -54.10 -58.01
N ALA X 85 -5.68 -55.31 -58.36
CA ALA X 85 -7.05 -55.54 -58.82
C ALA X 85 -7.95 -55.70 -57.60
N LYS X 86 -8.78 -54.69 -57.35
CA LYS X 86 -9.73 -54.74 -56.25
C LYS X 86 -11.00 -55.43 -56.68
N ARG X 87 -11.64 -56.11 -55.73
CA ARG X 87 -12.92 -56.78 -55.95
C ARG X 87 -13.96 -56.11 -55.06
N ILE X 88 -14.99 -55.53 -55.68
CA ILE X 88 -15.97 -54.71 -54.99
C ILE X 88 -17.37 -55.17 -55.36
N ASN X 89 -18.26 -55.14 -54.37
CA ASN X 89 -19.67 -55.47 -54.58
C ASN X 89 -20.45 -54.17 -54.78
N VAL X 90 -21.10 -54.03 -55.93
CA VAL X 90 -21.82 -52.81 -56.27
C VAL X 90 -23.22 -53.20 -56.75
N ARG X 91 -24.23 -52.55 -56.17
CA ARG X 91 -25.59 -52.75 -56.65
C ARG X 91 -25.73 -52.22 -58.07
N ILE X 92 -26.63 -52.84 -58.83
CA ILE X 92 -26.73 -52.60 -60.27
C ILE X 92 -27.15 -51.18 -60.59
N GLU X 93 -27.65 -50.42 -59.61
CA GLU X 93 -27.98 -49.02 -59.85
C GLU X 93 -26.76 -48.21 -60.23
N HIS X 94 -25.60 -48.56 -59.70
CA HIS X 94 -24.38 -47.77 -59.83
C HIS X 94 -23.50 -48.22 -60.98
N ILE X 95 -23.94 -49.17 -61.79
CA ILE X 95 -23.14 -49.68 -62.90
C ILE X 95 -23.98 -49.66 -64.17
N LYS X 96 -23.28 -49.73 -65.31
CA LYS X 96 -23.92 -49.87 -66.61
C LYS X 96 -22.93 -50.52 -67.55
N HIS X 97 -23.46 -51.14 -68.60
CA HIS X 97 -22.61 -51.83 -69.56
C HIS X 97 -21.70 -50.85 -70.28
N SER X 98 -20.44 -51.25 -70.46
CA SER X 98 -19.46 -50.44 -71.14
C SER X 98 -19.55 -50.68 -72.64
N LYS X 99 -19.71 -49.61 -73.41
CA LYS X 99 -19.87 -49.70 -74.85
C LYS X 99 -18.54 -49.87 -75.58
N SER X 100 -17.41 -49.69 -74.91
CA SER X 100 -16.12 -49.96 -75.53
C SER X 100 -15.99 -51.42 -75.91
N ARG X 101 -16.41 -52.31 -75.01
CA ARG X 101 -16.34 -53.75 -75.27
C ARG X 101 -17.43 -54.18 -76.26
N ASP X 102 -18.58 -53.50 -76.24
CA ASP X 102 -19.65 -53.83 -77.16
C ASP X 102 -19.28 -53.50 -78.61
N SER X 103 -18.63 -52.36 -78.82
CA SER X 103 -18.25 -51.98 -80.18
C SER X 103 -17.19 -52.91 -80.74
N PHE X 104 -16.27 -53.36 -79.89
CA PHE X 104 -15.20 -54.24 -80.35
C PHE X 104 -15.73 -55.62 -80.70
N LEU X 105 -16.69 -56.12 -79.91
CA LEU X 105 -17.37 -57.38 -80.26
C LEU X 105 -18.09 -57.28 -81.59
N LYS X 106 -18.71 -56.14 -81.86
CA LYS X 106 -19.34 -55.96 -83.16
C LYS X 106 -18.28 -56.03 -84.26
N ARG X 107 -17.13 -55.40 -84.05
CA ARG X 107 -16.07 -55.38 -85.05
C ARG X 107 -15.52 -56.78 -85.28
N VAL X 108 -15.39 -57.58 -84.21
CA VAL X 108 -14.93 -58.96 -84.36
C VAL X 108 -15.92 -59.76 -85.22
N LYS X 109 -17.21 -59.58 -84.96
CA LYS X 109 -18.22 -60.28 -85.76
C LYS X 109 -18.16 -59.85 -87.22
N GLU X 110 -17.96 -58.54 -87.46
CA GLU X 110 -17.74 -58.09 -88.83
C GLU X 110 -16.47 -58.68 -89.40
N ASN X 111 -15.38 -58.66 -88.62
CA ASN X 111 -14.10 -59.16 -89.11
C ASN X 111 -14.18 -60.63 -89.48
N ASP X 112 -14.74 -61.45 -88.59
CA ASP X 112 -14.78 -62.89 -88.83
C ASP X 112 -15.70 -63.22 -90.00
N GLN X 113 -16.84 -62.55 -90.10
CA GLN X 113 -17.72 -62.74 -91.24
C GLN X 113 -17.09 -62.22 -92.54
N LYS X 114 -16.43 -61.07 -92.48
CA LYS X 114 -15.79 -60.50 -93.67
C LYS X 114 -14.68 -61.41 -94.18
N LYS X 115 -13.92 -62.02 -93.28
CA LYS X 115 -12.94 -63.01 -93.69
C LYS X 115 -13.60 -64.20 -94.39
N LYS X 116 -14.74 -64.65 -93.85
CA LYS X 116 -15.45 -65.78 -94.44
C LYS X 116 -15.91 -65.47 -95.86
N GLU X 117 -16.54 -64.30 -96.05
CA GLU X 117 -17.00 -63.92 -97.38
C GLU X 117 -15.84 -63.75 -98.34
N ALA X 118 -14.71 -63.23 -97.86
CA ALA X 118 -13.55 -63.02 -98.73
C ALA X 118 -13.02 -64.35 -99.27
N LYS X 119 -12.97 -65.38 -98.40
CA LYS X 119 -12.53 -66.69 -98.86
C LYS X 119 -13.50 -67.28 -99.87
N GLU X 120 -14.80 -67.00 -99.70
CA GLU X 120 -15.81 -67.59 -100.58
C GLU X 120 -15.76 -66.99 -101.98
N LYS X 121 -15.49 -65.69 -102.11
CA LYS X 121 -15.39 -65.08 -103.43
C LYS X 121 -13.95 -64.92 -103.92
N GLY X 122 -12.96 -64.89 -103.04
CA GLY X 122 -11.60 -65.06 -103.53
C GLY X 122 -10.52 -64.08 -103.12
N THR X 123 -10.72 -62.79 -103.34
CA THR X 123 -9.64 -61.82 -103.22
C THR X 123 -9.49 -61.32 -101.79
N TRP X 124 -8.49 -60.47 -101.59
CA TRP X 124 -8.02 -60.07 -100.26
C TRP X 124 -8.59 -58.69 -99.90
N VAL X 125 -8.95 -58.53 -98.63
CA VAL X 125 -9.52 -57.29 -98.12
C VAL X 125 -8.80 -56.91 -96.83
N GLN X 126 -8.79 -55.61 -96.53
CA GLN X 126 -8.08 -55.10 -95.36
C GLN X 126 -8.95 -55.26 -94.12
N LEU X 127 -8.37 -55.84 -93.07
CA LEU X 127 -9.06 -56.07 -91.80
C LEU X 127 -8.64 -55.09 -90.72
N LYS X 128 -7.34 -54.85 -90.58
CA LYS X 128 -6.83 -53.92 -89.59
C LYS X 128 -7.28 -52.50 -89.90
N ARG X 129 -7.49 -51.72 -88.85
CA ARG X 129 -7.80 -50.30 -89.01
C ARG X 129 -6.50 -49.50 -88.96
N GLN X 130 -6.30 -48.69 -89.95
CA GLN X 130 -5.07 -47.93 -90.01
C GLN X 130 -5.26 -46.54 -89.43
N PRO X 131 -4.21 -45.91 -88.92
CA PRO X 131 -4.32 -44.52 -88.49
C PRO X 131 -4.61 -43.64 -89.69
N ALA X 132 -5.29 -42.51 -89.43
CA ALA X 132 -5.70 -41.57 -90.48
C ALA X 132 -4.53 -41.23 -91.38
N PRO X 133 -4.55 -41.67 -92.63
CA PRO X 133 -3.39 -41.47 -93.51
C PRO X 133 -3.27 -40.01 -93.93
N PRO X 134 -2.10 -39.59 -94.42
CA PRO X 134 -1.98 -38.24 -94.98
C PRO X 134 -2.92 -38.08 -96.17
N ARG X 135 -3.45 -36.87 -96.32
CA ARG X 135 -4.36 -36.60 -97.42
C ARG X 135 -3.70 -36.81 -98.77
N GLU X 136 -4.45 -37.44 -99.67
CA GLU X 136 -4.03 -37.68 -101.04
C GLU X 136 -4.10 -36.38 -101.85
N ALA X 137 -3.46 -36.41 -103.01
CA ALA X 137 -3.49 -35.27 -103.91
C ALA X 137 -4.89 -35.10 -104.52
N HIS X 138 -5.28 -33.85 -104.74
CA HIS X 138 -6.58 -33.57 -105.34
C HIS X 138 -6.52 -32.21 -106.01
N PHE X 139 -7.50 -31.95 -106.87
CA PHE X 139 -7.65 -30.68 -107.55
C PHE X 139 -8.77 -29.89 -106.88
N VAL X 140 -8.53 -28.61 -106.62
CA VAL X 140 -9.54 -27.71 -106.09
C VAL X 140 -9.90 -26.73 -107.20
N ARG X 141 -11.18 -26.69 -107.55
CA ARG X 141 -11.65 -25.90 -108.69
C ARG X 141 -12.05 -24.50 -108.23
N THR X 142 -11.61 -23.49 -108.98
CA THR X 142 -12.00 -22.12 -108.68
C THR X 142 -13.44 -21.86 -109.09
N ASN X 143 -13.93 -22.57 -110.10
CA ASN X 143 -15.28 -22.43 -110.63
C ASN X 143 -15.56 -21.05 -111.20
N GLY X 144 -14.53 -20.40 -111.75
CA GLY X 144 -14.71 -19.08 -112.31
C GLY X 144 -14.88 -17.99 -111.27
N LYS X 145 -14.55 -18.27 -110.01
CA LYS X 145 -14.65 -17.29 -108.95
C LYS X 145 -13.27 -17.07 -108.35
N GLU X 146 -12.86 -15.82 -108.29
CA GLU X 146 -11.59 -15.48 -107.67
C GLU X 146 -11.73 -15.62 -106.16
N PRO X 147 -10.81 -16.33 -105.49
CA PRO X 147 -10.91 -16.48 -104.03
C PRO X 147 -10.92 -15.12 -103.35
N GLU X 148 -11.79 -14.99 -102.33
CA GLU X 148 -11.96 -13.70 -101.68
C GLU X 148 -10.71 -13.31 -100.93
N LEU X 149 -10.31 -12.06 -101.08
CA LEU X 149 -9.13 -11.54 -100.41
C LEU X 149 -9.48 -11.10 -98.99
N LEU X 150 -8.87 -11.74 -98.00
CA LEU X 150 -9.07 -11.38 -96.61
C LEU X 150 -8.01 -10.39 -96.14
N GLU X 151 -8.38 -9.57 -95.17
CA GLU X 151 -7.49 -8.55 -94.63
C GLU X 151 -7.76 -8.42 -93.14
N PRO X 152 -6.73 -8.36 -92.30
CA PRO X 152 -6.97 -8.09 -90.88
C PRO X 152 -7.63 -6.73 -90.69
N ILE X 153 -8.56 -6.68 -89.74
CA ILE X 153 -9.38 -5.49 -89.54
C ILE X 153 -8.66 -4.52 -88.62
N PRO X 154 -8.91 -3.21 -88.75
CA PRO X 154 -8.32 -2.26 -87.80
C PRO X 154 -8.90 -2.43 -86.41
N TYR X 155 -8.09 -2.13 -85.41
CA TYR X 155 -8.52 -2.18 -84.03
C TYR X 155 -9.29 -0.94 -83.62
N GLU X 156 -10.40 -1.16 -82.94
CA GLU X 156 -11.15 -0.08 -82.30
C GLU X 156 -11.78 -0.67 -81.04
N PHE X 157 -12.01 0.18 -80.06
CA PHE X 157 -12.19 -0.28 -78.69
C PHE X 157 -13.65 -0.62 -78.42
N MET X 158 -13.88 -1.90 -78.12
CA MET X 158 -15.19 -2.52 -77.93
C MET X 158 -15.97 -1.86 -76.81
N ALA X 159 -15.56 -2.14 -75.58
CA ALA X 159 -16.25 -1.69 -74.38
C ALA X 159 -15.41 -2.04 -73.15
N GLN Y 1 98.15 14.96 53.15
CA GLN Y 1 97.39 16.09 52.61
C GLN Y 1 98.03 16.60 51.33
N VAL Y 2 98.90 15.78 50.77
CA VAL Y 2 99.61 16.08 49.52
C VAL Y 2 99.32 14.94 48.55
N LEU Y 3 98.83 15.28 47.36
CA LEU Y 3 98.52 14.25 46.37
C LEU Y 3 99.78 13.79 45.67
N LYS Y 4 100.53 14.73 45.10
CA LYS Y 4 101.88 14.50 44.59
C LYS Y 4 101.89 13.47 43.45
N PHE Y 5 101.27 13.85 42.33
CA PHE Y 5 101.40 13.06 41.11
C PHE Y 5 102.64 13.50 40.34
N THR Y 6 103.20 12.58 39.56
CA THR Y 6 104.46 12.81 38.86
C THR Y 6 104.35 12.43 37.40
N LEU Y 7 105.11 13.11 36.54
CA LEU Y 7 105.15 12.82 35.12
C LEU Y 7 106.58 12.42 34.75
N ASP Y 8 106.75 11.29 34.08
CA ASP Y 8 108.08 10.76 33.78
C ASP Y 8 108.38 11.01 32.30
N CYS Y 9 109.01 12.15 32.03
CA CYS Y 9 109.42 12.52 30.67
C CYS Y 9 110.90 12.22 30.52
N THR Y 10 111.21 10.95 30.25
CA THR Y 10 112.58 10.49 30.08
C THR Y 10 112.86 9.99 28.66
N HIS Y 11 112.09 9.03 28.18
CA HIS Y 11 112.32 8.49 26.84
C HIS Y 11 112.25 9.54 25.74
N PRO Y 12 111.27 10.46 25.70
CA PRO Y 12 111.28 11.46 24.63
C PRO Y 12 112.37 12.51 24.80
N VAL Y 13 112.74 12.87 26.04
CA VAL Y 13 113.76 13.91 26.20
C VAL Y 13 115.15 13.36 25.89
N GLU Y 14 115.39 12.06 26.07
CA GLU Y 14 116.66 11.48 25.67
C GLU Y 14 116.73 11.22 24.17
N ASP Y 15 115.62 11.33 23.46
CA ASP Y 15 115.63 11.35 22.01
C ASP Y 15 115.53 12.75 21.43
N GLY Y 16 115.48 13.77 22.29
CA GLY Y 16 115.51 15.15 21.86
C GLY Y 16 114.26 15.65 21.18
N ILE Y 17 113.26 14.80 20.96
CA ILE Y 17 112.06 15.21 20.25
C ILE Y 17 111.31 16.28 21.02
N MET Y 18 111.46 16.30 22.35
CA MET Y 18 110.80 17.29 23.19
C MET Y 18 111.61 17.46 24.46
N ASP Y 19 111.50 18.64 25.06
CA ASP Y 19 112.23 18.97 26.26
C ASP Y 19 111.27 19.23 27.42
N ALA Y 20 111.68 18.81 28.61
CA ALA Y 20 110.81 18.91 29.78
C ALA Y 20 110.61 20.36 30.22
N ALA Y 21 111.49 21.27 29.83
CA ALA Y 21 111.33 22.67 30.20
C ALA Y 21 110.06 23.25 29.57
N ASN Y 22 109.78 22.89 28.31
CA ASN Y 22 108.64 23.48 27.64
C ASN Y 22 107.34 22.85 28.14
N PHE Y 23 107.38 21.55 28.46
CA PHE Y 23 106.25 20.89 29.10
C PHE Y 23 105.99 21.47 30.49
N GLU Y 24 107.07 21.75 31.23
CA GLU Y 24 106.95 22.54 32.45
C GLU Y 24 106.32 23.89 32.20
N GLN Y 25 106.80 24.60 31.17
CA GLN Y 25 106.26 25.90 30.85
C GLN Y 25 104.83 25.82 30.33
N PHE Y 26 104.39 24.64 29.88
CA PHE Y 26 103.02 24.47 29.41
C PHE Y 26 102.06 24.16 30.56
N LEU Y 27 102.54 23.55 31.64
CA LEU Y 27 101.63 23.02 32.66
C LEU Y 27 101.22 24.09 33.67
N GLN Y 28 102.18 24.85 34.19
CA GLN Y 28 101.93 25.68 35.37
C GLN Y 28 100.92 26.80 35.12
N GLU Y 29 100.61 27.10 33.85
CA GLU Y 29 99.58 28.09 33.56
C GLU Y 29 98.31 27.49 32.96
N ARG Y 30 98.37 26.28 32.42
CA ARG Y 30 97.18 25.60 31.92
C ARG Y 30 96.45 24.80 32.98
N ILE Y 31 97.05 24.59 34.15
CA ILE Y 31 96.36 23.85 35.20
C ILE Y 31 95.28 24.73 35.81
N LYS Y 32 94.05 24.23 35.82
CA LYS Y 32 92.92 24.95 36.37
C LYS Y 32 92.67 24.50 37.80
N VAL Y 33 92.64 25.46 38.72
CA VAL Y 33 92.23 25.21 40.09
C VAL Y 33 90.95 26.01 40.33
N ASN Y 34 89.89 25.29 40.71
CA ASN Y 34 88.58 25.89 40.96
C ASN Y 34 88.02 26.53 39.70
N GLY Y 35 88.37 26.00 38.53
CA GLY Y 35 87.89 26.51 37.27
C GLY Y 35 88.71 27.62 36.65
N LYS Y 36 89.73 28.13 37.36
CA LYS Y 36 90.56 29.22 36.88
C LYS Y 36 91.95 28.72 36.60
N ALA Y 37 92.46 29.01 35.41
CA ALA Y 37 93.82 28.64 35.04
C ALA Y 37 94.78 29.78 35.33
N GLY Y 38 96.07 29.46 35.29
CA GLY Y 38 97.09 30.44 35.60
C GLY Y 38 97.31 30.59 37.09
N ASN Y 39 98.51 31.04 37.47
CA ASN Y 39 98.93 31.33 38.85
C ASN Y 39 98.81 30.10 39.75
N LEU Y 40 98.41 28.96 39.18
CA LEU Y 40 98.30 27.69 39.90
C LEU Y 40 97.42 27.80 41.13
N GLY Y 41 96.34 28.56 41.04
CA GLY Y 41 95.45 28.75 42.18
C GLY Y 41 96.06 29.56 43.31
N GLY Y 42 97.12 30.31 43.04
CA GLY Y 42 97.78 31.06 44.09
C GLY Y 42 98.75 30.25 44.92
N GLY Y 43 99.53 29.38 44.28
CA GLY Y 43 100.46 28.53 44.99
C GLY Y 43 99.86 27.31 45.64
N VAL Y 44 98.55 27.10 45.50
CA VAL Y 44 97.90 25.94 46.10
C VAL Y 44 98.30 24.64 45.41
N VAL Y 45 98.86 24.72 44.20
CA VAL Y 45 99.42 23.58 43.50
C VAL Y 45 100.87 23.93 43.15
N THR Y 46 101.80 23.07 43.55
CA THR Y 46 103.21 23.34 43.38
C THR Y 46 103.77 22.41 42.30
N ILE Y 47 104.52 22.98 41.37
CA ILE Y 47 105.16 22.26 40.28
C ILE Y 47 106.67 22.43 40.36
N GLU Y 48 107.39 21.31 40.28
CA GLU Y 48 108.84 21.31 40.26
C GLU Y 48 109.32 20.21 39.33
N ARG Y 49 110.62 20.22 39.04
CA ARG Y 49 111.19 19.32 38.05
C ARG Y 49 112.55 18.84 38.52
N SER Y 50 112.91 17.63 38.13
CA SER Y 50 114.22 17.05 38.37
C SER Y 50 114.94 16.78 37.05
N LYS Y 51 114.80 17.72 36.11
CA LYS Y 51 115.47 17.73 34.81
C LYS Y 51 114.98 16.63 33.87
N SER Y 52 114.17 15.72 34.39
CA SER Y 52 113.48 14.74 33.55
C SER Y 52 112.16 14.26 34.13
N LYS Y 53 111.87 14.53 35.40
CA LYS Y 53 110.61 14.17 36.01
C LYS Y 53 109.88 15.42 36.46
N ILE Y 54 108.60 15.50 36.13
CA ILE Y 54 107.74 16.61 36.51
C ILE Y 54 106.75 16.08 37.53
N THR Y 55 106.78 16.62 38.74
CA THR Y 55 105.91 16.19 39.83
C THR Y 55 104.99 17.32 40.23
N VAL Y 56 103.69 17.01 40.35
CA VAL Y 56 102.66 17.99 40.69
C VAL Y 56 102.18 17.68 42.10
N THR Y 57 102.30 18.65 42.99
CA THR Y 57 101.87 18.52 44.37
C THR Y 57 100.66 19.40 44.62
N SER Y 58 99.59 18.81 45.16
CA SER Y 58 98.36 19.55 45.43
C SER Y 58 97.93 19.32 46.86
N GLU Y 59 97.33 20.34 47.44
CA GLU Y 59 96.78 20.30 48.78
C GLU Y 59 95.26 20.42 48.78
N VAL Y 60 94.67 20.69 47.61
CA VAL Y 60 93.24 20.62 47.34
C VAL Y 60 93.00 19.33 46.56
N PRO Y 61 91.77 18.82 46.51
CA PRO Y 61 91.50 17.63 45.69
C PRO Y 61 91.92 17.84 44.25
N PHE Y 62 92.69 16.90 43.72
CA PHE Y 62 93.26 17.00 42.38
C PHE Y 62 93.22 15.64 41.72
N SER Y 63 92.73 15.60 40.49
CA SER Y 63 92.58 14.34 39.76
C SER Y 63 93.87 14.02 39.02
N LYS Y 64 94.35 12.78 39.18
CA LYS Y 64 95.50 12.33 38.40
C LYS Y 64 95.19 12.30 36.92
N ARG Y 65 93.97 11.90 36.55
CA ARG Y 65 93.58 11.85 35.15
C ARG Y 65 93.58 13.22 34.50
N TYR Y 66 93.52 14.29 35.29
CA TYR Y 66 93.66 15.63 34.72
C TYR Y 66 95.04 15.83 34.10
N LEU Y 67 96.08 15.29 34.74
CA LEU Y 67 97.43 15.40 34.19
C LEU Y 67 97.54 14.66 32.86
N LYS Y 68 96.92 13.49 32.76
CA LYS Y 68 96.90 12.78 31.48
C LYS Y 68 96.15 13.57 30.43
N TYR Y 69 95.09 14.27 30.83
CA TYR Y 69 94.37 15.12 29.90
C TYR Y 69 95.24 16.26 29.40
N LEU Y 70 96.01 16.89 30.30
CA LEU Y 70 96.88 17.97 29.88
C LEU Y 70 98.11 17.46 29.14
N THR Y 71 98.65 16.30 29.55
CA THR Y 71 99.80 15.74 28.87
C THR Y 71 99.47 15.38 27.42
N LYS Y 72 98.29 14.78 27.20
CA LYS Y 72 97.86 14.49 25.84
C LYS Y 72 97.58 15.76 25.06
N LYS Y 73 97.11 16.81 25.73
CA LYS Y 73 96.93 18.10 25.08
C LYS Y 73 98.27 18.66 24.61
N TYR Y 74 99.30 18.57 25.46
CA TYR Y 74 100.62 19.05 25.09
C TYR Y 74 101.19 18.25 23.91
N LEU Y 75 101.01 16.94 23.94
CA LEU Y 75 101.56 16.09 22.88
C LEU Y 75 100.90 16.39 21.54
N LYS Y 76 99.59 16.60 21.54
CA LYS Y 76 98.90 16.95 20.30
C LYS Y 76 99.37 18.31 19.78
N LYS Y 77 99.62 19.24 20.70
CA LYS Y 77 100.07 20.57 20.28
C LYS Y 77 101.39 20.51 19.54
N ASN Y 78 102.34 19.73 20.05
CA ASN Y 78 103.65 19.61 19.43
C ASN Y 78 103.72 18.44 18.45
N ASN Y 79 102.57 17.93 18.01
CA ASN Y 79 102.51 16.84 17.03
C ASN Y 79 103.29 15.63 17.52
N LEU Y 80 103.04 15.23 18.76
CA LEU Y 80 103.74 14.10 19.37
C LEU Y 80 102.88 12.89 19.63
N ARG Y 81 101.56 13.05 19.77
CA ARG Y 81 100.69 11.92 20.09
C ARG Y 81 100.66 10.86 19.00
N ASP Y 82 101.44 11.03 17.95
CA ASP Y 82 101.53 9.97 16.96
C ASP Y 82 102.58 8.93 17.28
N TRP Y 83 103.59 9.26 18.09
CA TRP Y 83 104.60 8.26 18.32
C TRP Y 83 104.61 7.88 19.79
N LEU Y 84 104.22 8.84 20.63
CA LEU Y 84 104.26 8.82 22.07
C LEU Y 84 102.91 8.42 22.64
N ARG Y 85 102.92 8.10 23.94
CA ARG Y 85 101.76 7.51 24.59
C ARG Y 85 101.93 7.63 26.09
N VAL Y 86 100.94 8.23 26.75
CA VAL Y 86 100.97 8.43 28.20
C VAL Y 86 100.45 7.16 28.86
N VAL Y 87 101.27 6.55 29.71
CA VAL Y 87 100.94 5.29 30.38
C VAL Y 87 101.17 5.46 31.87
N ALA Y 88 100.28 4.91 32.68
CA ALA Y 88 100.42 4.94 34.13
C ALA Y 88 101.30 3.79 34.56
N ASN Y 89 102.58 4.08 34.86
CA ASN Y 89 103.51 3.06 35.29
C ASN Y 89 103.23 2.57 36.71
N SER Y 90 102.59 3.39 37.53
CA SER Y 90 102.27 3.05 38.91
C SER Y 90 101.20 4.03 39.39
N LYS Y 91 100.91 3.98 40.68
CA LYS Y 91 100.04 5.02 41.23
C LYS Y 91 100.80 6.34 41.29
N GLU Y 92 100.03 7.43 41.41
CA GLU Y 92 100.52 8.80 41.49
C GLU Y 92 101.67 9.07 40.52
N SER Y 93 101.65 8.42 39.35
CA SER Y 93 102.75 8.58 38.40
C SER Y 93 102.29 8.17 37.01
N TYR Y 94 102.55 9.03 36.02
CA TYR Y 94 102.44 8.68 34.61
C TYR Y 94 103.82 8.56 34.01
N GLU Y 95 103.89 7.88 32.88
CA GLU Y 95 105.16 7.72 32.17
C GLU Y 95 104.85 7.59 30.69
N LEU Y 96 105.34 8.52 29.89
CA LEU Y 96 105.05 8.55 28.46
C LEU Y 96 106.15 7.83 27.68
N ARG Y 97 105.74 6.86 26.86
CA ARG Y 97 106.64 6.00 26.11
C ARG Y 97 106.22 5.96 24.65
N TYR Y 98 106.86 5.12 23.84
CA TYR Y 98 106.58 5.04 22.42
C TYR Y 98 105.71 3.83 22.10
N PHE Y 99 104.93 3.93 21.03
CA PHE Y 99 104.22 2.78 20.52
C PHE Y 99 105.22 1.75 20.00
N GLN Y 100 104.87 0.47 20.14
CA GLN Y 100 105.78 -0.62 19.83
C GLN Y 100 105.43 -1.25 18.50
N ILE Y 101 106.40 -1.35 17.60
CA ILE Y 101 106.21 -2.06 16.35
C ILE Y 101 105.98 -3.55 16.65
N SER Z 1 36.68 54.28 -32.73
CA SER Z 1 36.04 53.77 -31.52
C SER Z 1 37.04 53.06 -30.62
N GLY Z 2 37.26 51.78 -30.86
CA GLY Z 2 38.18 51.00 -30.06
C GLY Z 2 37.49 49.95 -29.21
N ALA Z 3 37.76 48.68 -29.50
CA ALA Z 3 37.19 47.57 -28.76
C ALA Z 3 38.14 47.10 -27.67
N LYS Z 4 37.60 46.31 -26.75
CA LYS Z 4 38.41 45.80 -25.65
C LYS Z 4 39.36 44.72 -26.14
N PHE Z 5 40.62 44.81 -25.73
CA PHE Z 5 41.59 43.77 -26.02
C PHE Z 5 41.34 42.55 -25.15
N ARG Z 6 41.85 41.41 -25.60
CA ARG Z 6 41.71 40.18 -24.84
C ARG Z 6 42.50 40.26 -23.54
N ILE Z 7 41.88 39.78 -22.46
CA ILE Z 7 42.53 39.74 -21.15
C ILE Z 7 42.35 38.34 -20.58
N SER Z 8 43.20 38.00 -19.62
CA SER Z 8 43.05 36.74 -18.91
C SER Z 8 41.74 36.74 -18.13
N LEU Z 9 40.98 35.66 -18.28
CA LEU Z 9 39.62 35.62 -17.74
C LEU Z 9 39.64 35.34 -16.23
N GLY Z 10 39.88 34.09 -15.85
CA GLY Z 10 40.10 33.76 -14.45
C GLY Z 10 38.86 33.65 -13.59
N LEU Z 11 37.66 33.88 -14.13
CA LEU Z 11 36.41 33.74 -13.38
C LEU Z 11 35.49 32.82 -14.16
N PRO Z 12 35.60 31.51 -13.98
CA PRO Z 12 34.71 30.57 -14.69
C PRO Z 12 33.31 30.59 -14.10
N VAL Z 13 32.40 29.89 -14.79
CA VAL Z 13 31.05 29.72 -14.28
C VAL Z 13 31.10 28.95 -12.97
N GLY Z 14 30.35 29.43 -11.97
CA GLY Z 14 30.40 28.88 -10.63
C GLY Z 14 31.22 29.69 -9.67
N ALA Z 15 31.88 30.74 -10.14
CA ALA Z 15 32.65 31.62 -9.27
C ALA Z 15 31.69 32.54 -8.51
N VAL Z 16 31.93 32.69 -7.22
CA VAL Z 16 31.15 33.60 -6.38
C VAL Z 16 32.02 34.81 -6.11
N ILE Z 17 31.62 35.96 -6.66
CA ILE Z 17 32.37 37.20 -6.51
C ILE Z 17 31.57 38.14 -5.62
N ASN Z 18 32.29 39.11 -5.05
CA ASN Z 18 31.65 40.09 -4.19
C ASN Z 18 30.86 41.09 -5.03
N CYS Z 19 29.81 41.63 -4.44
CA CYS Z 19 29.01 42.66 -5.08
C CYS Z 19 29.43 44.02 -4.51
N ALA Z 20 29.97 44.88 -5.36
CA ALA Z 20 30.60 46.12 -4.92
C ALA Z 20 29.64 47.31 -4.87
N ASP Z 21 28.37 47.10 -5.21
CA ASP Z 21 27.41 48.19 -5.20
C ASP Z 21 26.59 48.15 -3.92
N ASN Z 22 25.75 49.17 -3.73
CA ASN Z 22 24.88 49.30 -2.57
C ASN Z 22 23.48 48.73 -2.80
N THR Z 23 23.35 47.73 -3.68
CA THR Z 23 22.04 47.15 -3.96
C THR Z 23 21.52 46.30 -2.81
N GLY Z 24 22.36 45.97 -1.83
CA GLY Z 24 22.00 45.05 -0.77
C GLY Z 24 22.50 43.64 -0.96
N ALA Z 25 22.95 43.30 -2.16
CA ALA Z 25 23.56 42.00 -2.41
C ALA Z 25 24.99 41.98 -1.89
N LYS Z 26 25.40 40.84 -1.36
CA LYS Z 26 26.75 40.69 -0.81
C LYS Z 26 27.68 39.92 -1.75
N ASN Z 27 27.16 38.93 -2.46
CA ASN Z 27 27.97 38.14 -3.38
C ASN Z 27 27.18 37.88 -4.66
N LEU Z 28 27.89 37.41 -5.68
CA LEU Z 28 27.30 37.14 -6.99
C LEU Z 28 27.87 35.84 -7.53
N TYR Z 29 26.99 34.90 -7.86
CA TYR Z 29 27.39 33.57 -8.33
C TYR Z 29 27.21 33.56 -9.84
N ILE Z 30 28.32 33.54 -10.58
CA ILE Z 30 28.29 33.63 -12.03
C ILE Z 30 27.71 32.34 -12.60
N ILE Z 31 26.64 32.46 -13.37
CA ILE Z 31 26.02 31.30 -14.00
C ILE Z 31 26.34 31.21 -15.49
N SER Z 32 26.71 32.31 -16.14
CA SER Z 32 27.12 32.30 -17.53
C SER Z 32 27.73 33.65 -17.88
N VAL Z 33 28.39 33.69 -19.03
CA VAL Z 33 29.03 34.90 -19.53
C VAL Z 33 28.44 35.23 -20.89
N LYS Z 34 28.11 36.50 -21.10
CA LYS Z 34 27.53 36.93 -22.37
C LYS Z 34 28.56 36.84 -23.48
N GLY Z 35 28.07 36.51 -24.68
CA GLY Z 35 28.93 36.45 -25.85
C GLY Z 35 29.84 35.25 -25.93
N ILE Z 36 29.55 34.20 -25.17
CA ILE Z 36 30.39 33.01 -25.14
C ILE Z 36 29.76 31.95 -26.03
N LYS Z 37 30.42 31.62 -27.14
CA LYS Z 37 30.00 30.50 -27.96
C LYS Z 37 30.44 29.19 -27.34
N GLY Z 38 31.68 29.11 -26.92
CA GLY Z 38 32.15 27.98 -26.18
C GLY Z 38 32.59 26.82 -27.05
N ARG Z 39 32.68 25.67 -26.40
CA ARG Z 39 33.47 24.55 -26.88
C ARG Z 39 33.28 23.40 -25.91
N LEU Z 40 33.43 22.18 -26.40
CA LEU Z 40 33.14 21.01 -25.59
C LEU Z 40 33.98 21.02 -24.31
N ASN Z 41 33.29 20.87 -23.18
CA ASN Z 41 33.85 20.77 -21.83
C ASN Z 41 34.45 22.06 -21.30
N ARG Z 42 34.49 23.13 -22.09
CA ARG Z 42 35.09 24.37 -21.64
C ARG Z 42 34.09 25.18 -20.83
N LEU Z 43 34.51 25.66 -19.67
CA LEU Z 43 33.66 26.50 -18.83
C LEU Z 43 33.66 27.94 -19.38
N PRO Z 44 32.49 28.55 -19.55
CA PRO Z 44 32.46 29.98 -19.89
C PRO Z 44 33.07 30.81 -18.77
N ALA Z 45 34.10 31.58 -19.12
CA ALA Z 45 34.84 32.36 -18.15
C ALA Z 45 34.78 33.84 -18.51
N ALA Z 46 34.94 34.68 -17.50
CA ALA Z 46 34.79 36.12 -17.65
C ALA Z 46 35.96 36.85 -17.00
N GLY Z 47 36.27 38.02 -17.54
CA GLY Z 47 37.25 38.91 -16.96
C GLY Z 47 36.63 40.24 -16.61
N VAL Z 48 37.44 41.24 -16.26
CA VAL Z 48 36.90 42.55 -15.92
C VAL Z 48 36.33 43.20 -17.18
N GLY Z 49 35.19 43.87 -17.03
CA GLY Z 49 34.48 44.44 -18.14
C GLY Z 49 33.54 43.49 -18.86
N ASP Z 50 33.47 42.24 -18.44
CA ASP Z 50 32.58 41.26 -19.05
C ASP Z 50 31.21 41.30 -18.40
N MET Z 51 30.18 41.20 -19.22
CA MET Z 51 28.80 41.10 -18.73
C MET Z 51 28.46 39.64 -18.46
N VAL Z 52 28.01 39.36 -17.24
CA VAL Z 52 27.69 38.00 -16.84
C VAL Z 52 26.27 37.97 -16.28
N MET Z 53 25.70 36.78 -16.26
CA MET Z 53 24.44 36.52 -15.56
C MET Z 53 24.76 35.87 -14.23
N ALA Z 54 24.20 36.40 -13.16
CA ALA Z 54 24.54 35.95 -11.82
C ALA Z 54 23.30 35.89 -10.95
N THR Z 55 23.38 35.06 -9.91
CA THR Z 55 22.37 34.99 -8.86
C THR Z 55 23.05 35.27 -7.53
N VAL Z 56 22.49 36.19 -6.76
CA VAL Z 56 23.09 36.51 -5.47
C VAL Z 56 22.77 35.39 -4.49
N LYS Z 57 23.79 34.89 -3.82
CA LYS Z 57 23.61 33.77 -2.91
C LYS Z 57 23.23 34.24 -1.51
N LYS Z 58 23.92 35.25 -1.01
CA LYS Z 58 23.56 35.91 0.24
C LYS Z 58 23.42 37.40 -0.03
N GLY Z 59 22.46 38.01 0.65
CA GLY Z 59 22.15 39.41 0.42
C GLY Z 59 20.78 39.77 0.95
N LYS Z 60 19.95 40.37 0.11
CA LYS Z 60 18.59 40.65 0.56
C LYS Z 60 17.60 39.74 -0.15
N PRO Z 61 16.55 39.30 0.54
CA PRO Z 61 15.68 38.25 -0.03
C PRO Z 61 15.04 38.61 -1.36
N GLU Z 62 14.71 39.89 -1.58
CA GLU Z 62 14.07 40.30 -2.82
C GLU Z 62 15.01 40.23 -4.02
N LEU Z 63 16.30 40.02 -3.79
CA LEU Z 63 17.29 39.91 -4.86
C LEU Z 63 17.76 38.48 -5.08
N ARG Z 64 17.40 37.56 -4.19
CA ARG Z 64 18.12 36.29 -4.07
C ARG Z 64 17.81 35.33 -5.20
N LYS Z 65 16.58 34.79 -5.24
CA LYS Z 65 16.25 33.70 -6.14
C LYS Z 65 15.90 34.20 -7.54
N LYS Z 66 16.77 35.03 -8.11
CA LYS Z 66 16.57 35.60 -9.43
C LYS Z 66 17.90 35.61 -10.18
N VAL Z 67 17.82 35.81 -11.48
CA VAL Z 67 18.99 35.92 -12.34
C VAL Z 67 19.19 37.39 -12.68
N HIS Z 68 20.36 37.92 -12.32
CA HIS Z 68 20.65 39.32 -12.55
C HIS Z 68 21.78 39.49 -13.55
N PRO Z 69 21.67 40.43 -14.49
CA PRO Z 69 22.84 40.80 -15.28
C PRO Z 69 23.85 41.53 -14.43
N ALA Z 70 25.12 41.18 -14.59
CA ALA Z 70 26.18 41.77 -13.80
C ALA Z 70 27.42 41.96 -14.66
N VAL Z 71 28.25 42.92 -14.26
CA VAL Z 71 29.47 43.26 -14.97
C VAL Z 71 30.63 43.15 -13.99
N VAL Z 72 31.65 42.38 -14.37
CA VAL Z 72 32.83 42.22 -13.51
C VAL Z 72 33.65 43.50 -13.55
N ILE Z 73 33.95 44.03 -12.36
CA ILE Z 73 34.71 45.28 -12.24
C ILE Z 73 36.09 45.06 -11.65
N ARG Z 74 36.30 44.00 -10.87
CA ARG Z 74 37.60 43.70 -10.32
C ARG Z 74 37.85 42.21 -10.46
N GLN Z 75 39.10 41.85 -10.75
CA GLN Z 75 39.44 40.45 -10.84
C GLN Z 75 40.79 40.22 -10.18
N ARG Z 76 40.94 39.04 -9.64
CA ARG Z 76 42.12 38.62 -8.92
C ARG Z 76 43.14 37.92 -9.81
N LYS Z 77 42.73 37.49 -11.01
CA LYS Z 77 43.68 36.97 -11.99
C LYS Z 77 44.45 38.12 -12.61
N SER Z 78 45.77 37.98 -12.68
CA SER Z 78 46.60 38.99 -13.33
C SER Z 78 46.34 39.01 -14.83
N TYR Z 79 46.30 40.21 -15.40
CA TYR Z 79 46.10 40.36 -16.83
C TYR Z 79 46.97 41.47 -17.38
N ARG Z 80 47.39 41.30 -18.63
CA ARG Z 80 48.29 42.22 -19.30
C ARG Z 80 47.52 43.32 -19.98
N ARG Z 81 48.06 44.54 -19.97
CA ARG Z 81 47.31 45.71 -20.39
C ARG Z 81 47.96 46.40 -21.60
N LYS Z 82 48.47 45.60 -22.55
CA LYS Z 82 49.03 46.11 -23.81
C LYS Z 82 50.26 47.00 -23.64
N ASP Z 83 50.50 47.54 -22.45
CA ASP Z 83 51.68 48.37 -22.23
C ASP Z 83 52.69 47.66 -21.33
N GLY Z 84 52.50 46.38 -21.07
CA GLY Z 84 53.44 45.58 -20.31
C GLY Z 84 53.10 45.36 -18.86
N VAL Z 85 52.14 46.09 -18.31
CA VAL Z 85 51.86 45.96 -16.88
C VAL Z 85 50.90 44.80 -16.67
N PHE Z 86 51.25 43.93 -15.74
CA PHE Z 86 50.39 42.84 -15.30
C PHE Z 86 49.69 43.29 -14.02
N LEU Z 87 48.39 43.55 -14.11
CA LEU Z 87 47.63 44.12 -13.02
C LEU Z 87 46.66 43.08 -12.47
N TYR Z 88 46.56 43.01 -11.15
CA TYR Z 88 45.54 42.19 -10.51
C TYR Z 88 45.07 42.92 -9.25
N PHE Z 89 43.90 42.51 -8.77
CA PHE Z 89 43.23 43.17 -7.66
C PHE Z 89 43.20 42.27 -6.44
N GLU Z 90 42.79 42.85 -5.31
CA GLU Z 90 42.72 42.11 -4.06
C GLU Z 90 41.55 41.15 -4.03
N ASP Z 91 40.51 41.37 -4.82
CA ASP Z 91 39.35 40.49 -4.83
C ASP Z 91 38.69 40.53 -6.19
N ASN Z 92 37.81 39.55 -6.41
CA ASN Z 92 36.92 39.55 -7.57
C ASN Z 92 35.62 40.23 -7.19
N ALA Z 93 35.31 41.34 -7.86
CA ALA Z 93 34.12 42.11 -7.56
C ALA Z 93 33.37 42.43 -8.84
N GLY Z 94 32.05 42.54 -8.72
CA GLY Z 94 31.20 42.92 -9.83
C GLY Z 94 30.01 43.71 -9.31
N VAL Z 95 29.29 44.32 -10.25
CA VAL Z 95 28.12 45.12 -9.92
C VAL Z 95 26.93 44.61 -10.72
N ILE Z 96 25.74 44.81 -10.17
CA ILE Z 96 24.51 44.37 -10.81
C ILE Z 96 24.02 45.48 -11.73
N VAL Z 97 23.77 45.13 -12.99
CA VAL Z 97 23.31 46.06 -13.99
C VAL Z 97 22.07 45.48 -14.67
N ASN Z 98 21.52 46.23 -15.60
CA ASN Z 98 20.46 45.75 -16.48
C ASN Z 98 21.04 45.39 -17.84
N ASN Z 99 20.20 44.83 -18.71
CA ASN Z 99 20.68 44.47 -20.04
C ASN Z 99 21.12 45.70 -20.83
N LYS Z 100 20.59 46.87 -20.48
CA LYS Z 100 20.92 48.11 -21.16
C LYS Z 100 22.30 48.61 -20.76
N GLY Z 101 22.76 48.28 -19.56
CA GLY Z 101 24.07 48.68 -19.08
C GLY Z 101 24.06 49.62 -17.90
N GLU Z 102 22.90 49.92 -17.34
CA GLU Z 102 22.79 50.85 -16.22
C GLU Z 102 22.85 50.07 -14.91
N MET Z 103 23.72 50.52 -14.00
CA MET Z 103 23.85 49.85 -12.72
C MET Z 103 22.61 50.05 -11.87
N LYS Z 104 22.13 48.96 -11.27
CA LYS Z 104 20.95 49.03 -10.42
C LYS Z 104 21.23 49.88 -9.18
N GLY Z 105 22.43 49.77 -8.63
CA GLY Z 105 22.82 50.56 -7.48
C GLY Z 105 23.22 51.97 -7.86
N SER Z 106 23.83 52.65 -6.90
CA SER Z 106 24.23 54.05 -7.08
C SER Z 106 25.68 54.35 -6.75
N ALA Z 107 26.35 53.52 -5.95
CA ALA Z 107 27.74 53.75 -5.59
C ALA Z 107 28.50 52.43 -5.67
N ILE Z 108 29.81 52.54 -5.90
CA ILE Z 108 30.70 51.39 -6.01
C ILE Z 108 31.77 51.50 -4.93
N THR Z 109 31.95 50.42 -4.18
CA THR Z 109 32.99 50.37 -3.16
C THR Z 109 34.26 49.78 -3.77
N GLY Z 110 35.36 50.52 -3.65
CA GLY Z 110 36.63 50.07 -4.16
C GLY Z 110 36.89 50.55 -5.58
N PRO Z 111 38.06 50.22 -6.11
CA PRO Z 111 38.41 50.66 -7.47
C PRO Z 111 37.64 49.88 -8.53
N VAL Z 112 37.75 50.37 -9.76
CA VAL Z 112 37.16 49.73 -10.92
C VAL Z 112 38.24 49.63 -11.99
N ALA Z 113 38.34 48.46 -12.62
CA ALA Z 113 39.31 48.26 -13.68
C ALA Z 113 39.05 49.23 -14.83
N LYS Z 114 40.14 49.70 -15.45
CA LYS Z 114 40.01 50.68 -16.51
C LYS Z 114 39.24 50.12 -17.71
N GLU Z 115 39.42 48.83 -17.99
CA GLU Z 115 38.69 48.21 -19.10
C GLU Z 115 37.19 48.23 -18.84
N CYS Z 116 36.79 47.95 -17.60
CA CYS Z 116 35.37 47.99 -17.26
C CYS Z 116 34.81 49.40 -17.30
N ALA Z 117 35.67 50.41 -17.12
CA ALA Z 117 35.20 51.79 -17.09
C ALA Z 117 34.80 52.27 -18.49
N ASP Z 118 35.76 52.32 -19.40
CA ASP Z 118 35.49 52.85 -20.74
C ASP Z 118 34.58 51.94 -21.54
N LEU Z 119 34.37 50.70 -21.11
CA LEU Z 119 33.39 49.84 -21.75
C LEU Z 119 31.99 50.10 -21.22
N TRP Z 120 31.87 50.51 -19.97
CA TRP Z 120 30.58 50.79 -19.33
C TRP Z 120 30.61 52.18 -18.71
N PRO Z 121 30.20 53.20 -19.45
CA PRO Z 121 30.25 54.57 -18.90
C PRO Z 121 29.40 54.76 -17.66
N ARG Z 122 28.29 54.04 -17.54
CA ARG Z 122 27.45 54.16 -16.34
C ARG Z 122 28.18 53.67 -15.11
N ILE Z 123 28.92 52.57 -15.23
CA ILE Z 123 29.72 52.08 -14.12
C ILE Z 123 30.88 53.03 -13.84
N ALA Z 124 31.45 53.63 -14.89
CA ALA Z 124 32.60 54.50 -14.72
C ALA Z 124 32.25 55.75 -13.91
N SER Z 125 31.06 56.31 -14.15
CA SER Z 125 30.67 57.53 -13.45
C SER Z 125 30.56 57.29 -11.95
N ASN Z 126 30.05 56.13 -11.55
CA ASN Z 126 29.85 55.75 -10.16
C ASN Z 126 31.12 55.22 -9.50
N ALA Z 127 32.20 55.05 -10.26
CA ALA Z 127 33.42 54.49 -9.70
C ALA Z 127 34.17 55.53 -8.87
N GLY Z 128 34.49 55.17 -7.63
CA GLY Z 128 35.27 56.07 -6.79
C GLY Z 128 36.68 56.29 -7.31
N SER Z 129 37.35 55.21 -7.73
CA SER Z 129 38.68 55.29 -8.30
C SER Z 129 38.77 54.31 -9.46
N ILE Z 130 39.76 54.55 -10.32
CA ILE Z 130 39.96 53.73 -11.51
C ILE Z 130 41.38 53.18 -11.49
N ALA Z 131 41.50 51.86 -11.64
CA ALA Z 131 42.80 51.21 -11.67
C ALA Z 131 43.07 50.61 -13.05
N MET AA 1 60.48 54.03 -22.33
CA MET AA 1 60.38 55.47 -22.11
C MET AA 1 59.05 55.84 -21.48
N LYS AA 2 58.36 54.84 -20.92
CA LYS AA 2 57.15 55.09 -20.16
C LYS AA 2 57.51 55.66 -18.80
N VAL AA 3 56.48 55.84 -17.97
CA VAL AA 3 56.69 56.30 -16.60
C VAL AA 3 57.54 55.26 -15.88
N GLU AA 4 58.53 55.73 -15.11
CA GLU AA 4 59.43 54.86 -14.40
C GLU AA 4 58.93 54.69 -12.97
N LEU AA 5 58.73 53.44 -12.56
CA LEU AA 5 58.06 53.15 -11.31
C LEU AA 5 59.10 52.67 -10.29
N CYS AA 6 58.66 52.51 -9.03
CA CYS AA 6 59.51 51.99 -7.98
C CYS AA 6 58.77 50.90 -7.22
N SER AA 7 59.52 49.93 -6.72
CA SER AA 7 58.95 48.70 -6.17
C SER AA 7 58.75 48.81 -4.66
N PHE AA 8 58.37 47.67 -4.06
CA PHE AA 8 58.44 47.45 -2.62
C PHE AA 8 59.85 47.61 -2.08
N SER AA 9 60.86 47.29 -2.89
CA SER AA 9 62.26 47.35 -2.50
C SER AA 9 62.93 48.65 -2.88
N GLY AA 10 62.19 49.61 -3.45
CA GLY AA 10 62.78 50.85 -3.87
C GLY AA 10 63.53 50.79 -5.18
N TYR AA 11 63.60 49.61 -5.80
CA TYR AA 11 64.27 49.46 -7.08
C TYR AA 11 63.42 50.06 -8.19
N LYS AA 12 64.03 50.17 -9.36
CA LYS AA 12 63.44 50.95 -10.43
C LYS AA 12 62.91 49.99 -11.50
N ILE AA 13 61.59 50.02 -11.70
CA ILE AA 13 60.88 49.01 -12.47
C ILE AA 13 60.77 49.48 -13.91
N TYR AA 14 61.54 48.86 -14.80
CA TYR AA 14 61.46 49.20 -16.21
C TYR AA 14 60.19 48.62 -16.83
N PRO AA 15 59.71 49.21 -17.92
CA PRO AA 15 58.46 48.74 -18.53
C PRO AA 15 58.56 47.28 -18.96
N GLY AA 16 57.46 46.56 -18.80
CA GLY AA 16 57.42 45.15 -19.12
C GLY AA 16 57.94 44.23 -18.03
N HIS AA 17 58.16 44.75 -16.83
CA HIS AA 17 58.67 43.95 -15.73
C HIS AA 17 57.74 44.04 -14.53
N GLY AA 18 57.67 42.94 -13.78
CA GLY AA 18 56.92 42.94 -12.54
C GLY AA 18 55.41 42.96 -12.74
N ARG AA 19 54.73 43.21 -11.62
CA ARG AA 19 53.28 43.24 -11.59
C ARG AA 19 52.83 44.47 -10.83
N ARG AA 20 51.56 44.83 -11.00
CA ARG AA 20 51.00 45.96 -10.28
C ARG AA 20 49.82 45.44 -9.46
N TYR AA 21 49.71 45.90 -8.22
CA TYR AA 21 48.73 45.37 -7.28
C TYR AA 21 47.80 46.49 -6.84
N ALA AA 22 46.51 46.34 -7.13
CA ALA AA 22 45.49 47.33 -6.78
C ALA AA 22 44.63 46.75 -5.66
N ARG AA 23 44.75 47.32 -4.47
CA ARG AA 23 43.98 46.85 -3.33
C ARG AA 23 42.56 47.41 -3.38
N THR AA 24 41.68 46.80 -2.58
CA THR AA 24 40.29 47.24 -2.52
C THR AA 24 40.16 48.62 -1.92
N ASP AA 25 41.04 48.98 -0.99
CA ASP AA 25 40.97 50.28 -0.34
C ASP AA 25 41.46 51.43 -1.22
N GLY AA 26 41.87 51.15 -2.46
CA GLY AA 26 42.20 52.18 -3.42
C GLY AA 26 43.68 52.41 -3.64
N LYS AA 27 44.55 51.83 -2.81
CA LYS AA 27 45.98 52.02 -2.99
C LYS AA 27 46.51 51.04 -4.02
N VAL AA 28 47.49 51.49 -4.80
CA VAL AA 28 48.05 50.72 -5.90
C VAL AA 28 49.54 50.55 -5.66
N PHE AA 29 50.03 49.32 -5.81
CA PHE AA 29 51.42 48.99 -5.60
C PHE AA 29 51.98 48.28 -6.83
N GLN AA 30 53.27 48.46 -7.05
CA GLN AA 30 54.00 47.79 -8.12
C GLN AA 30 55.25 47.15 -7.55
N PHE AA 31 55.49 45.89 -7.94
CA PHE AA 31 56.62 45.12 -7.44
C PHE AA 31 57.49 44.69 -8.60
N LEU AA 32 58.80 44.64 -8.37
CA LEU AA 32 59.72 44.32 -9.45
C LEU AA 32 59.65 42.85 -9.83
N ASN AA 33 59.49 41.97 -8.85
CA ASN AA 33 59.44 40.54 -9.10
C ASN AA 33 58.59 39.88 -8.01
N ALA AA 34 58.47 38.55 -8.11
CA ALA AA 34 57.67 37.80 -7.15
C ALA AA 34 58.31 37.79 -5.76
N LYS AA 35 59.63 37.90 -5.68
CA LYS AA 35 60.29 37.96 -4.38
C LYS AA 35 59.86 39.19 -3.59
N CYS AA 36 59.92 40.36 -4.22
CA CYS AA 36 59.47 41.58 -3.55
C CYS AA 36 57.97 41.54 -3.30
N GLU AA 37 57.21 40.98 -4.25
CA GLU AA 37 55.76 40.89 -4.07
C GLU AA 37 55.38 39.98 -2.92
N SER AA 38 56.02 38.81 -2.82
CA SER AA 38 55.69 37.89 -1.74
C SER AA 38 56.08 38.47 -0.39
N ALA AA 39 57.20 39.19 -0.33
CA ALA AA 39 57.59 39.85 0.91
C ALA AA 39 56.57 40.88 1.32
N PHE AA 40 56.06 41.66 0.36
CA PHE AA 40 55.03 42.65 0.67
C PHE AA 40 53.74 41.99 1.14
N LEU AA 41 53.35 40.88 0.49
CA LEU AA 41 52.09 40.24 0.84
C LEU AA 41 52.15 39.61 2.22
N SER AA 42 53.30 39.07 2.62
CA SER AA 42 53.46 38.51 3.95
C SER AA 42 53.67 39.59 5.01
N LYS AA 43 53.52 40.86 4.64
CA LYS AA 43 53.59 42.00 5.57
C LYS AA 43 54.96 42.08 6.24
N ARG AA 44 56.01 41.78 5.47
CA ARG AA 44 57.36 42.01 5.95
C ARG AA 44 57.75 43.46 5.71
N ASN AA 45 58.40 44.07 6.69
CA ASN AA 45 58.78 45.47 6.61
C ASN AA 45 60.08 45.61 5.84
N PRO AA 46 60.11 46.42 4.77
CA PRO AA 46 61.35 46.57 3.98
C PRO AA 46 62.51 47.20 4.73
N ARG AA 47 62.24 48.01 5.76
CA ARG AA 47 63.31 48.48 6.65
C ARG AA 47 64.06 47.39 7.39
N GLN AA 48 63.56 46.17 7.45
CA GLN AA 48 64.29 45.09 8.09
C GLN AA 48 64.91 44.10 7.11
N ILE AA 49 64.67 44.28 5.81
CA ILE AA 49 65.23 43.41 4.80
C ILE AA 49 66.48 44.08 4.24
N ASN AA 50 67.62 43.39 4.32
CA ASN AA 50 68.92 44.03 4.14
C ASN AA 50 69.08 44.61 2.73
N TRP AA 51 68.68 43.87 1.71
CA TRP AA 51 68.94 44.25 0.33
C TRP AA 51 67.98 45.32 -0.19
N THR AA 52 67.17 45.92 0.68
CA THR AA 52 66.17 46.90 0.27
C THR AA 52 66.74 48.31 0.38
N VAL AA 53 66.33 49.17 -0.54
CA VAL AA 53 66.78 50.56 -0.56
C VAL AA 53 66.42 51.26 0.75
N LEU AA 54 65.22 50.99 1.27
CA LEU AA 54 64.81 51.60 2.53
C LEU AA 54 65.73 51.19 3.68
N TYR AA 55 66.11 49.91 3.72
CA TYR AA 55 67.05 49.47 4.75
C TYR AA 55 68.39 50.17 4.61
N ARG AA 56 68.88 50.29 3.37
CA ARG AA 56 70.23 50.80 3.17
C ARG AA 56 70.35 52.27 3.57
N ARG AA 57 69.36 53.10 3.22
CA ARG AA 57 69.40 54.48 3.66
C ARG AA 57 69.05 54.63 5.13
N LYS AA 58 68.26 53.71 5.68
CA LYS AA 58 67.97 53.77 7.11
C LYS AA 58 69.23 53.55 7.95
N HIS AA 59 70.03 52.56 7.56
CA HIS AA 59 71.31 52.29 8.20
C HIS AA 59 72.44 53.08 7.56
N LYS AA 60 72.13 53.88 6.54
CA LYS AA 60 73.10 54.72 5.85
C LYS AA 60 74.26 53.89 5.31
N LYS AA 61 73.90 52.81 4.61
CA LYS AA 61 74.89 51.91 4.04
C LYS AA 61 75.45 52.52 2.76
N GLY AA 62 76.73 52.88 2.79
CA GLY AA 62 77.42 53.41 1.64
C GLY AA 62 77.33 54.91 1.49
N GLN AA 63 76.37 55.56 2.14
CA GLN AA 63 76.20 57.01 2.04
C GLN AA 63 75.90 57.60 3.40
N THR AA 66 78.68 75.39 8.22
CA THR AA 66 79.38 76.36 9.05
C THR AA 66 78.38 77.36 9.64
N ARG AA 67 78.87 78.55 9.99
CA ARG AA 67 78.03 79.64 10.51
C ARG AA 67 78.10 80.81 9.57
N ARG AA 68 76.95 81.42 9.28
CA ARG AA 68 76.87 82.51 8.32
C ARG AA 68 75.77 83.48 8.73
N ALA AA 69 76.03 84.76 8.47
CA ALA AA 69 75.09 85.85 8.75
C ALA AA 69 75.63 87.12 8.13
N VAL AA 70 74.72 87.91 7.56
CA VAL AA 70 75.09 89.19 6.94
C VAL AA 70 73.95 90.16 7.14
N LYS AA 71 74.30 91.41 7.41
CA LYS AA 71 73.33 92.50 7.50
C LYS AA 71 73.82 93.64 6.64
N PHE AA 72 72.92 94.23 5.88
CA PHE AA 72 73.25 95.26 4.90
C PHE AA 72 72.47 96.53 5.21
N GLN AA 73 73.16 97.67 5.18
CA GLN AA 73 72.49 98.95 5.36
C GLN AA 73 71.58 99.26 4.18
N ARG AA 74 70.39 99.77 4.49
CA ARG AA 74 69.41 100.11 3.48
C ARG AA 74 68.89 101.52 3.73
N ALA AA 75 68.41 102.15 2.67
CA ALA AA 75 67.64 103.37 2.84
C ALA AA 75 66.34 103.05 3.57
N ILE AA 76 65.91 103.96 4.43
CA ILE AA 76 64.66 103.82 5.15
C ILE AA 76 63.84 105.07 4.86
N THR AA 77 62.58 104.87 4.48
CA THR AA 77 61.71 105.94 4.01
C THR AA 77 61.81 107.17 4.91
N GLY AA 78 62.23 108.28 4.31
CA GLY AA 78 62.54 109.49 5.04
C GLY AA 78 64.02 109.77 5.17
N ALA AA 79 64.88 108.81 4.85
CA ALA AA 79 66.32 109.00 4.91
C ALA AA 79 67.01 108.05 3.94
N SER AA 80 67.80 108.60 3.02
CA SER AA 80 68.58 107.78 2.12
C SER AA 80 69.79 107.22 2.86
N LEU AA 81 70.44 106.23 2.24
CA LEU AA 81 71.62 105.61 2.85
C LEU AA 81 72.69 106.65 3.14
N ALA AA 82 72.74 107.71 2.31
CA ALA AA 82 73.65 108.81 2.57
C ALA AA 82 73.33 109.50 3.87
N ASP AA 83 72.04 109.76 4.12
CA ASP AA 83 71.65 110.50 5.33
C ASP AA 83 72.03 109.75 6.59
N ILE AA 84 71.74 108.45 6.65
CA ILE AA 84 72.04 107.69 7.85
C ILE AA 84 73.55 107.63 8.06
N MET AA 85 74.31 107.45 6.98
CA MET AA 85 75.76 107.37 7.09
C MET AA 85 76.33 108.66 7.64
N ALA AA 86 75.84 109.81 7.14
CA ALA AA 86 76.29 111.10 7.65
C ALA AA 86 75.93 111.26 9.11
N LYS AA 87 74.72 110.86 9.50
CA LYS AA 87 74.33 110.95 10.90
C LYS AA 87 75.21 110.08 11.79
N ARG AA 88 75.49 108.86 11.36
CA ARG AA 88 76.31 107.98 12.18
C ARG AA 88 77.79 108.27 12.03
N ASN AA 89 78.16 109.15 11.08
CA ASN AA 89 79.53 109.61 10.92
C ASN AA 89 79.76 110.95 11.63
N GLN AA 90 78.78 111.42 12.40
CA GLN AA 90 78.98 112.51 13.34
C GLN AA 90 79.72 112.02 14.59
N LYS AA 91 80.24 110.80 14.56
CA LYS AA 91 80.95 110.23 15.69
C LYS AA 91 82.17 111.05 16.15
N PRO AA 92 83.05 111.61 15.28
CA PRO AA 92 84.28 112.22 15.80
C PRO AA 92 84.03 113.55 16.50
N GLU AA 93 83.42 113.47 17.69
CA GLU AA 93 83.12 114.57 18.60
C GLU AA 93 82.02 115.49 18.07
N VAL AA 94 81.57 115.31 16.82
CA VAL AA 94 80.38 116.02 16.38
C VAL AA 94 79.18 115.57 17.18
N ARG AA 95 79.05 114.26 17.41
CA ARG AA 95 78.01 113.73 18.27
C ARG AA 95 78.09 114.33 19.66
N LYS AA 96 79.28 114.27 20.27
CA LYS AA 96 79.49 114.88 21.58
C LYS AA 96 79.16 116.37 21.53
N ALA AA 97 79.43 117.03 20.41
CA ALA AA 97 79.07 118.43 20.26
C ALA AA 97 77.56 118.61 20.32
N GLN AA 98 76.81 117.67 19.75
CA GLN AA 98 75.35 117.79 19.78
C GLN AA 98 74.77 117.45 21.14
N ARG AA 99 75.35 116.48 21.88
CA ARG AA 99 74.80 116.19 23.20
C ARG AA 99 74.94 117.38 24.13
N GLU AA 100 76.07 118.09 24.07
CA GLU AA 100 76.36 119.11 25.09
C GLU AA 100 75.55 120.38 24.85
N GLN AA 101 75.27 120.73 23.59
CA GLN AA 101 74.47 121.92 23.34
C GLN AA 101 73.02 121.71 23.74
N ALA AA 102 72.54 120.46 23.72
CA ALA AA 102 71.19 120.19 24.16
C ALA AA 102 71.05 120.38 25.67
N ILE AA 103 72.10 120.03 26.43
CA ILE AA 103 72.05 120.20 27.87
C ILE AA 103 71.94 121.68 28.24
N ARG AA 104 72.77 122.52 27.61
CA ARG AA 104 72.66 123.95 27.85
C ARG AA 104 71.40 124.52 27.23
N ALA AA 105 70.89 123.90 26.15
CA ALA AA 105 69.62 124.33 25.57
C ALA AA 105 68.44 123.91 26.42
N ALA AA 106 68.64 122.96 27.34
CA ALA AA 106 67.64 122.65 28.35
C ALA AA 106 67.99 123.23 29.71
N LYS AA 107 69.23 123.68 29.91
CA LYS AA 107 69.62 124.26 31.20
C LYS AA 107 69.00 125.63 31.40
N GLU AA 108 69.03 126.49 30.37
CA GLU AA 108 68.43 127.80 30.53
C GLU AA 108 66.91 127.69 30.58
N ALA AA 109 66.36 126.68 29.91
CA ALA AA 109 64.94 126.38 30.05
C ALA AA 109 64.63 125.91 31.46
N LYS AA 110 65.55 125.15 32.07
CA LYS AA 110 65.39 124.78 33.47
C LYS AA 110 65.42 126.01 34.37
N LYS AA 111 66.28 126.99 34.05
CA LYS AA 111 66.26 128.24 34.78
C LYS AA 111 64.93 128.97 34.60
N ALA AA 112 64.39 128.95 33.38
CA ALA AA 112 63.03 129.44 33.18
C ALA AA 112 62.01 128.52 33.84
N LYS AA 113 62.28 127.21 33.90
CA LYS AA 113 61.36 126.30 34.56
C LYS AA 113 61.37 126.51 36.07
N GLN AA 114 62.52 126.87 36.64
CA GLN AA 114 62.56 127.19 38.07
C GLN AA 114 61.64 128.36 38.39
N ALA AA 115 61.62 129.37 37.53
CA ALA AA 115 60.66 130.46 37.67
C ALA AA 115 59.24 130.02 37.33
N SER AA 116 59.09 128.96 36.53
CA SER AA 116 57.77 128.44 36.23
C SER AA 116 57.31 127.39 37.24
N LYS AA 117 58.22 126.56 37.73
CA LYS AA 117 57.88 125.62 38.81
C LYS AA 117 57.56 126.37 40.09
N LYS AA 118 58.45 127.28 40.49
CA LYS AA 118 58.27 128.09 41.69
C LYS AA 118 57.95 129.53 41.32
N LYS BA 1 28.42 -71.79 66.59
CA LYS BA 1 27.95 -70.64 67.35
C LYS BA 1 28.91 -69.46 67.19
N LYS BA 2 29.93 -69.64 66.35
CA LYS BA 2 30.95 -68.62 66.18
C LYS BA 2 31.12 -68.14 64.74
N LYS BA 3 30.52 -68.82 63.76
CA LYS BA 3 30.60 -68.38 62.36
C LYS BA 3 29.78 -67.12 62.20
N ILE BA 4 30.45 -65.97 62.21
CA ILE BA 4 29.80 -64.67 62.23
C ILE BA 4 30.16 -63.91 60.96
N ARG BA 5 29.27 -62.99 60.57
CA ARG BA 5 29.47 -62.12 59.41
C ARG BA 5 29.24 -60.69 59.88
N THR BA 6 30.32 -60.01 60.26
CA THR BA 6 30.25 -58.62 60.71
C THR BA 6 30.26 -57.63 59.55
N SER BA 7 30.38 -58.10 58.32
CA SER BA 7 30.37 -57.25 57.15
C SER BA 7 29.27 -57.68 56.19
N PRO BA 8 28.52 -56.74 55.61
CA PRO BA 8 27.48 -57.09 54.65
C PRO BA 8 27.99 -57.40 53.26
N THR BA 9 29.30 -57.47 53.07
CA THR BA 9 29.91 -57.76 51.79
C THR BA 9 30.49 -59.16 51.79
N PHE BA 10 30.18 -59.93 50.77
CA PHE BA 10 30.80 -61.23 50.56
C PHE BA 10 32.03 -61.05 49.68
N ARG BA 11 33.17 -61.49 50.16
CA ARG BA 11 34.42 -61.45 49.40
C ARG BA 11 34.84 -62.86 49.04
N ARG BA 12 35.50 -62.99 47.89
CA ARG BA 12 36.00 -64.28 47.46
C ARG BA 12 37.01 -64.81 48.48
N PRO BA 13 36.80 -66.00 49.03
CA PRO BA 13 37.74 -66.51 50.03
C PRO BA 13 39.11 -66.78 49.44
N LYS BA 14 40.12 -66.65 50.27
CA LYS BA 14 41.51 -66.82 49.85
C LYS BA 14 41.86 -68.31 49.81
N THR BA 15 42.17 -68.81 48.63
CA THR BA 15 42.53 -70.20 48.42
C THR BA 15 43.99 -70.28 48.00
N LEU BA 16 44.70 -71.32 48.45
CA LEU BA 16 46.13 -71.37 48.22
C LEU BA 16 46.42 -71.56 46.74
N ARG BA 17 47.52 -70.98 46.28
CA ARG BA 17 47.94 -71.05 44.88
C ARG BA 17 49.28 -71.77 44.83
N LEU BA 18 49.32 -72.91 44.16
CA LEU BA 18 50.54 -73.70 44.08
C LEU BA 18 51.54 -73.08 43.11
N ARG BA 19 52.81 -73.21 43.46
CA ARG BA 19 53.89 -72.83 42.56
C ARG BA 19 54.03 -73.86 41.45
N ARG BA 20 54.35 -73.39 40.25
CA ARG BA 20 54.54 -74.28 39.11
C ARG BA 20 55.61 -75.31 39.40
N GLN BA 21 55.31 -76.57 39.08
CA GLN BA 21 56.26 -77.68 39.22
C GLN BA 21 56.25 -78.45 37.91
N PRO BA 22 56.81 -77.87 36.85
CA PRO BA 22 56.67 -78.48 35.53
C PRO BA 22 57.34 -79.84 35.44
N LYS BA 23 56.73 -80.71 34.62
CA LYS BA 23 57.28 -82.05 34.41
C LYS BA 23 58.39 -82.06 33.37
N TYR BA 24 58.61 -80.95 32.67
CA TYR BA 24 59.70 -80.84 31.70
C TYR BA 24 59.96 -79.37 31.47
N PRO BA 25 61.22 -78.95 31.34
CA PRO BA 25 61.50 -77.57 30.95
C PRO BA 25 61.03 -77.31 29.52
N ARG BA 26 60.42 -76.14 29.32
CA ARG BA 26 59.88 -75.83 28.00
C ARG BA 26 61.00 -75.69 26.97
N LYS BA 27 62.11 -75.10 27.36
CA LYS BA 27 63.32 -75.08 26.55
C LYS BA 27 64.38 -75.93 27.22
N SER BA 28 65.05 -76.77 26.41
CA SER BA 28 65.95 -77.78 26.96
C SER BA 28 67.10 -77.15 27.75
N ALA BA 29 67.64 -76.04 27.25
CA ALA BA 29 68.77 -75.41 27.92
C ALA BA 29 68.64 -73.90 27.83
N PRO BA 30 69.17 -73.17 28.80
CA PRO BA 30 69.18 -71.71 28.70
C PRO BA 30 70.14 -71.24 27.63
N ARG BA 31 69.69 -70.28 26.82
CA ARG BA 31 70.53 -69.72 25.77
C ARG BA 31 71.65 -68.90 26.37
N ARG BA 32 72.84 -68.99 25.79
CA ARG BA 32 73.97 -68.26 26.33
C ARG BA 32 73.77 -66.77 26.12
N ASN BA 33 74.38 -65.97 27.00
CA ASN BA 33 74.28 -64.53 26.93
C ASN BA 33 74.99 -64.01 25.68
N LYS BA 34 74.22 -63.54 24.70
CA LYS BA 34 74.83 -63.01 23.48
C LYS BA 34 75.54 -61.69 23.74
N LEU BA 35 75.06 -60.89 24.69
CA LEU BA 35 75.68 -59.62 25.02
C LEU BA 35 76.78 -59.81 26.05
N ASP BA 36 77.76 -60.63 25.69
CA ASP BA 36 78.95 -60.80 26.51
C ASP BA 36 79.84 -59.58 26.38
N HIS BA 37 80.95 -59.58 27.12
CA HIS BA 37 81.78 -58.38 27.18
C HIS BA 37 82.56 -58.14 25.91
N TYR BA 38 82.79 -59.17 25.09
CA TYR BA 38 83.36 -58.95 23.77
C TYR BA 38 82.33 -58.35 22.82
N ALA BA 39 81.05 -58.68 23.02
CA ALA BA 39 80.00 -58.06 22.24
C ALA BA 39 79.71 -56.63 22.71
N ILE BA 40 79.89 -56.35 24.01
CA ILE BA 40 79.61 -55.03 24.53
C ILE BA 40 80.58 -54.00 23.94
N ILE BA 41 81.87 -54.30 23.98
CA ILE BA 41 82.88 -53.41 23.42
C ILE BA 41 83.17 -53.86 21.99
N LYS BA 42 82.85 -53.01 21.03
CA LYS BA 42 83.06 -53.33 19.62
C LYS BA 42 84.45 -52.91 19.17
N PHE BA 43 84.73 -51.61 19.18
CA PHE BA 43 86.03 -51.08 18.82
C PHE BA 43 86.17 -49.70 19.44
N PRO BA 44 87.39 -49.26 19.73
CA PRO BA 44 87.58 -47.92 20.26
C PRO BA 44 87.72 -46.85 19.18
N LEU BA 45 87.27 -45.65 19.53
CA LEU BA 45 87.33 -44.51 18.62
C LEU BA 45 88.71 -43.90 18.63
N THR BA 46 89.22 -43.53 17.45
CA THR BA 46 90.56 -42.99 17.30
C THR BA 46 90.57 -41.63 16.64
N THR BA 47 89.47 -40.89 16.71
CA THR BA 47 89.41 -39.58 16.08
C THR BA 47 90.26 -38.59 16.86
N GLU BA 48 90.33 -37.36 16.35
CA GLU BA 48 91.07 -36.31 17.05
C GLU BA 48 90.45 -36.02 18.40
N SER BA 49 89.12 -35.99 18.48
CA SER BA 49 88.45 -35.77 19.75
C SER BA 49 88.72 -36.91 20.72
N ALA BA 50 88.73 -38.15 20.21
CA ALA BA 50 89.01 -39.30 21.07
C ALA BA 50 90.43 -39.23 21.62
N MET BA 51 91.40 -38.85 20.80
CA MET BA 51 92.77 -38.68 21.28
C MET BA 51 92.85 -37.55 22.30
N LYS BA 52 92.04 -36.50 22.10
CA LYS BA 52 92.05 -35.39 23.03
C LYS BA 52 91.54 -35.82 24.40
N LYS BA 53 90.53 -36.70 24.43
CA LYS BA 53 90.01 -37.20 25.69
C LYS BA 53 91.02 -38.06 26.42
N ILE BA 54 91.86 -38.81 25.69
CA ILE BA 54 92.79 -39.73 26.33
C ILE BA 54 93.84 -38.98 27.14
N GLU BA 55 94.44 -37.95 26.54
CA GLU BA 55 95.53 -37.24 27.21
C GLU BA 55 95.08 -35.96 27.93
N ASP BA 56 93.79 -35.60 27.85
CA ASP BA 56 93.27 -34.53 28.70
C ASP BA 56 92.52 -35.10 29.90
N ASN BA 57 91.40 -35.77 29.66
CA ASN BA 57 90.51 -36.19 30.74
C ASN BA 57 90.76 -37.60 31.23
N ASN BA 58 91.84 -38.25 30.80
CA ASN BA 58 92.13 -39.62 31.22
C ASN BA 58 90.97 -40.55 30.87
N THR BA 59 90.40 -40.35 29.68
CA THR BA 59 89.18 -41.03 29.26
C THR BA 59 89.43 -41.84 28.00
N LEU BA 60 88.91 -43.06 27.99
CA LEU BA 60 88.93 -43.92 26.81
C LEU BA 60 87.60 -43.84 26.11
N VAL BA 61 87.63 -43.62 24.79
CA VAL BA 61 86.41 -43.54 23.98
C VAL BA 61 86.23 -44.86 23.26
N PHE BA 62 85.04 -45.44 23.38
CA PHE BA 62 84.72 -46.74 22.81
C PHE BA 62 83.43 -46.66 22.02
N ILE BA 63 83.30 -47.55 21.05
CA ILE BA 63 82.04 -47.78 20.36
C ILE BA 63 81.49 -49.09 20.89
N VAL BA 64 80.29 -49.03 21.47
CA VAL BA 64 79.73 -50.15 22.21
C VAL BA 64 78.39 -50.55 21.60
N ASP BA 65 77.90 -51.71 22.03
CA ASP BA 65 76.59 -52.17 21.59
C ASP BA 65 75.50 -51.23 22.09
N VAL BA 66 74.48 -51.03 21.26
CA VAL BA 66 73.43 -50.07 21.59
C VAL BA 66 72.59 -50.55 22.77
N LYS BA 67 72.55 -51.84 23.06
CA LYS BA 67 71.77 -52.36 24.17
C LYS BA 67 72.54 -52.39 25.48
N ALA BA 68 73.84 -52.12 25.46
CA ALA BA 68 74.62 -52.11 26.68
C ALA BA 68 74.41 -50.81 27.44
N ASN BA 69 74.22 -50.93 28.75
CA ASN BA 69 74.06 -49.77 29.61
C ASN BA 69 75.39 -49.43 30.29
N LYS BA 70 75.35 -48.41 31.14
CA LYS BA 70 76.58 -47.93 31.77
C LYS BA 70 77.18 -48.98 32.69
N HIS BA 71 76.34 -49.72 33.42
CA HIS BA 71 76.85 -50.77 34.29
C HIS BA 71 77.56 -51.86 33.48
N GLN BA 72 76.96 -52.26 32.37
CA GLN BA 72 77.54 -53.31 31.55
C GLN BA 72 78.84 -52.86 30.89
N ILE BA 73 78.87 -51.61 30.42
CA ILE BA 73 80.10 -51.07 29.86
C ILE BA 73 81.19 -51.03 30.91
N LYS BA 74 80.83 -50.68 32.15
CA LYS BA 74 81.82 -50.60 33.22
C LYS BA 74 82.45 -51.96 33.49
N GLN BA 75 81.63 -53.02 33.56
CA GLN BA 75 82.16 -54.34 33.81
C GLN BA 75 82.96 -54.86 32.62
N ALA BA 76 82.49 -54.58 31.41
CA ALA BA 76 83.15 -55.09 30.22
C ALA BA 76 84.57 -54.55 30.10
N VAL BA 77 84.74 -53.24 30.27
CA VAL BA 77 86.06 -52.63 30.20
C VAL BA 77 86.95 -53.14 31.33
N LYS BA 78 86.38 -53.39 32.49
CA LYS BA 78 87.18 -53.79 33.65
C LYS BA 78 87.86 -55.13 33.45
N LYS BA 79 87.16 -56.11 32.89
CA LYS BA 79 87.73 -57.46 32.92
C LYS BA 79 88.67 -57.71 31.75
N LEU BA 80 88.34 -57.20 30.57
CA LEU BA 80 89.15 -57.47 29.37
C LEU BA 80 90.22 -56.41 29.11
N TYR BA 81 90.36 -55.42 29.98
CA TYR BA 81 91.52 -54.55 29.97
C TYR BA 81 92.21 -54.44 31.32
N ASP BA 82 91.70 -55.14 32.35
CA ASP BA 82 92.26 -55.10 33.71
C ASP BA 82 92.57 -53.68 34.17
N ILE BA 83 91.57 -52.80 34.05
CA ILE BA 83 91.68 -51.43 34.54
C ILE BA 83 90.46 -51.13 35.39
N ASP BA 84 90.56 -50.09 36.20
CA ASP BA 84 89.46 -49.62 37.02
C ASP BA 84 89.01 -48.27 36.49
N VAL BA 85 87.70 -48.09 36.37
CA VAL BA 85 87.13 -46.91 35.74
C VAL BA 85 86.34 -46.12 36.78
N ALA BA 86 86.34 -44.80 36.62
CA ALA BA 86 85.66 -43.91 37.55
C ALA BA 86 84.19 -43.73 37.19
N LYS BA 87 83.90 -43.35 35.95
CA LYS BA 87 82.53 -43.19 35.50
C LYS BA 87 82.46 -43.43 34.01
N VAL BA 88 81.26 -43.68 33.52
CA VAL BA 88 81.00 -43.95 32.11
C VAL BA 88 79.92 -42.99 31.64
N ASN BA 89 80.23 -42.19 30.62
CA ASN BA 89 79.25 -41.33 29.97
C ASN BA 89 78.92 -41.91 28.59
N THR BA 90 77.65 -41.86 28.24
CA THR BA 90 77.12 -42.58 27.09
C THR BA 90 76.28 -41.67 26.22
N LEU BA 91 76.46 -41.78 24.91
CA LEU BA 91 75.57 -41.15 23.95
C LEU BA 91 75.39 -42.10 22.77
N ILE BA 92 74.32 -41.86 22.02
CA ILE BA 92 74.03 -42.61 20.81
C ILE BA 92 74.27 -41.69 19.62
N ARG BA 93 75.16 -42.10 18.72
CA ARG BA 93 75.58 -41.26 17.63
C ARG BA 93 74.46 -41.10 16.60
N PRO BA 94 74.52 -40.05 15.78
CA PRO BA 94 73.50 -39.89 14.73
C PRO BA 94 73.50 -41.04 13.74
N ASP BA 95 74.62 -41.75 13.59
CA ASP BA 95 74.66 -42.92 12.72
C ASP BA 95 74.05 -44.16 13.36
N GLY BA 96 73.64 -44.08 14.62
CA GLY BA 96 72.98 -45.19 15.29
C GLY BA 96 73.84 -45.96 16.26
N GLU BA 97 75.16 -45.79 16.20
CA GLU BA 97 76.05 -46.50 17.10
C GLU BA 97 76.10 -45.77 18.45
N LYS BA 98 76.39 -46.54 19.50
CA LYS BA 98 76.51 -45.98 20.85
C LYS BA 98 77.97 -45.73 21.16
N LYS BA 99 78.27 -44.57 21.73
CA LYS BA 99 79.62 -44.17 22.08
C LYS BA 99 79.72 -43.99 23.59
N ALA BA 100 80.78 -44.53 24.18
CA ALA BA 100 80.99 -44.48 25.61
C ALA BA 100 82.28 -43.74 25.93
N TYR BA 101 82.19 -42.73 26.79
CA TYR BA 101 83.35 -42.05 27.33
C TYR BA 101 83.65 -42.65 28.70
N VAL BA 102 84.67 -43.48 28.77
CA VAL BA 102 84.99 -44.22 29.98
C VAL BA 102 86.16 -43.51 30.65
N ARG BA 103 85.90 -42.85 31.77
CA ARG BA 103 86.97 -42.19 32.51
C ARG BA 103 87.61 -43.17 33.47
N LEU BA 104 88.92 -43.30 33.39
CA LEU BA 104 89.65 -44.26 34.20
C LEU BA 104 89.87 -43.70 35.60
N ALA BA 105 90.19 -44.60 36.52
CA ALA BA 105 90.49 -44.21 37.89
C ALA BA 105 91.80 -43.40 37.92
N PRO BA 106 91.97 -42.53 38.91
CA PRO BA 106 93.17 -41.67 38.93
C PRO BA 106 94.47 -42.45 38.93
N ASP BA 107 94.52 -43.58 39.63
CA ASP BA 107 95.70 -44.44 39.63
C ASP BA 107 95.97 -45.13 38.29
N TYR BA 108 95.03 -45.11 37.36
CA TYR BA 108 95.28 -45.60 36.00
C TYR BA 108 95.45 -44.42 35.05
N ASP BA 109 96.34 -44.60 34.09
CA ASP BA 109 96.61 -43.61 33.05
C ASP BA 109 95.98 -44.10 31.75
N ALA BA 110 95.23 -43.22 31.08
CA ALA BA 110 94.58 -43.61 29.84
C ALA BA 110 95.55 -43.65 28.66
N LEU BA 111 96.76 -43.14 28.82
CA LEU BA 111 97.69 -43.09 27.69
C LEU BA 111 98.41 -44.42 27.50
N ASP BA 112 98.90 -45.01 28.59
CA ASP BA 112 99.57 -46.32 28.46
C ASP BA 112 98.56 -47.44 28.26
N VAL BA 113 97.35 -47.28 28.78
CA VAL BA 113 96.30 -48.26 28.50
C VAL BA 113 95.96 -48.25 27.01
N ALA BA 114 95.82 -47.06 26.43
CA ALA BA 114 95.61 -46.97 24.99
C ALA BA 114 96.81 -47.48 24.22
N ASN BA 115 98.01 -47.34 24.78
CA ASN BA 115 99.21 -47.85 24.11
C ASN BA 115 99.18 -49.37 24.04
N LYS BA 116 98.88 -50.04 25.15
CA LYS BA 116 98.83 -51.49 25.13
C LYS BA 116 97.56 -52.03 24.49
N ILE BA 117 96.51 -51.23 24.43
CA ILE BA 117 95.33 -51.63 23.65
C ILE BA 117 95.67 -51.61 22.16
N GLY BA 118 96.42 -50.62 21.73
CA GLY BA 118 96.84 -50.50 20.36
C GLY BA 118 96.17 -49.40 19.56
N ILE BA 119 95.68 -48.35 20.22
CA ILE BA 119 94.94 -47.29 19.53
C ILE BA 119 95.66 -45.96 19.69
N ILE BA 120 96.97 -46.00 19.77
CA ILE BA 120 97.75 -44.78 19.87
C ILE BA 120 97.78 -44.08 18.51
N MET CA 1 65.62 -87.47 -31.90
CA MET CA 1 65.58 -86.15 -31.29
C MET CA 1 65.16 -86.28 -29.82
N LYS CA 2 64.98 -85.16 -29.14
CA LYS CA 2 64.64 -85.18 -27.72
C LYS CA 2 63.24 -85.73 -27.52
N PHE CA 3 63.14 -86.76 -26.66
CA PHE CA 3 61.85 -87.35 -26.29
C PHE CA 3 61.49 -87.20 -24.83
N ASN CA 4 62.45 -86.89 -23.96
CA ASN CA 4 62.19 -86.80 -22.54
C ASN CA 4 61.30 -85.58 -22.28
N PRO CA 5 60.11 -85.76 -21.71
CA PRO CA 5 59.20 -84.64 -21.49
C PRO CA 5 59.57 -83.76 -20.31
N PHE CA 6 60.68 -84.02 -19.62
CA PHE CA 6 61.09 -83.22 -18.48
C PHE CA 6 62.35 -82.40 -18.74
N VAL CA 7 62.95 -82.53 -19.92
CA VAL CA 7 64.05 -81.67 -20.34
C VAL CA 7 63.53 -80.78 -21.46
N THR CA 8 63.81 -79.48 -21.36
CA THR CA 8 63.23 -78.49 -22.26
C THR CA 8 64.12 -78.24 -23.45
N SER CA 9 63.49 -77.96 -24.60
CA SER CA 9 64.18 -77.49 -25.78
C SER CA 9 63.95 -76.00 -26.00
N ASP CA 10 63.31 -75.32 -25.04
CA ASP CA 10 63.05 -73.89 -25.16
C ASP CA 10 64.38 -73.14 -25.20
N ARG CA 11 64.49 -72.21 -26.15
CA ARG CA 11 65.73 -71.47 -26.32
C ARG CA 11 65.98 -70.52 -25.16
N SER CA 12 64.94 -69.81 -24.70
CA SER CA 12 65.09 -68.90 -23.58
C SER CA 12 65.49 -69.64 -22.32
N LYS CA 13 64.89 -70.82 -22.08
CA LYS CA 13 65.22 -71.57 -20.88
C LYS CA 13 66.67 -72.08 -20.92
N ASN CA 14 67.08 -72.68 -22.03
CA ASN CA 14 68.45 -73.18 -22.14
C ASN CA 14 69.47 -72.05 -21.99
N ARG CA 15 69.20 -70.90 -22.61
CA ARG CA 15 70.12 -69.77 -22.43
C ARG CA 15 70.13 -69.29 -20.99
N LYS CA 16 68.96 -69.26 -20.34
CA LYS CA 16 68.88 -68.84 -18.95
C LYS CA 16 69.62 -69.81 -18.03
N ARG CA 17 69.48 -71.12 -18.26
CA ARG CA 17 70.25 -72.07 -17.45
C ARG CA 17 71.74 -71.91 -17.68
N HIS CA 18 72.14 -71.54 -18.91
CA HIS CA 18 73.57 -71.48 -19.23
C HIS CA 18 74.25 -70.27 -18.60
N PHE CA 19 73.62 -69.10 -18.66
CA PHE CA 19 74.25 -67.87 -18.16
C PHE CA 19 74.08 -67.68 -16.66
N ASN CA 20 73.15 -68.40 -16.04
CA ASN CA 20 72.94 -68.33 -14.60
C ASN CA 20 73.40 -69.60 -13.92
N ALA CA 21 74.25 -70.38 -14.60
CA ALA CA 21 74.67 -71.66 -14.07
C ALA CA 21 75.58 -71.46 -12.85
N PRO CA 22 75.44 -72.28 -11.81
CA PRO CA 22 76.39 -72.23 -10.71
C PRO CA 22 77.76 -72.74 -11.15
N SER CA 23 78.78 -72.31 -10.40
CA SER CA 23 80.16 -72.58 -10.82
C SER CA 23 80.46 -74.07 -10.88
N HIS CA 24 79.77 -74.89 -10.07
CA HIS CA 24 80.08 -76.31 -10.06
C HIS CA 24 79.61 -77.03 -11.31
N ILE CA 25 78.62 -76.49 -12.03
CA ILE CA 25 78.30 -77.02 -13.35
C ILE CA 25 78.84 -76.13 -14.47
N ARG CA 26 79.23 -74.90 -14.18
CA ARG CA 26 80.00 -74.13 -15.15
C ARG CA 26 81.32 -74.81 -15.46
N ARG CA 27 81.83 -75.58 -14.51
CA ARG CA 27 83.02 -76.40 -14.76
C ARG CA 27 82.76 -77.43 -15.84
N LYS CA 28 81.61 -78.12 -15.78
CA LYS CA 28 81.27 -79.11 -16.80
C LYS CA 28 81.04 -78.45 -18.14
N ILE CA 29 80.39 -77.28 -18.15
CA ILE CA 29 80.17 -76.55 -19.40
C ILE CA 29 81.50 -76.18 -20.03
N MET CA 30 82.47 -75.80 -19.21
CA MET CA 30 83.77 -75.38 -19.70
C MET CA 30 84.72 -76.57 -19.87
N SER CA 31 84.28 -77.53 -20.68
CA SER CA 31 85.08 -78.70 -20.99
C SER CA 31 85.82 -78.51 -22.31
N SER CA 32 86.89 -79.27 -22.47
CA SER CA 32 87.71 -79.19 -23.66
C SER CA 32 88.00 -80.59 -24.20
N PRO CA 33 88.16 -80.72 -25.51
CA PRO CA 33 88.59 -82.01 -26.06
C PRO CA 33 90.04 -82.31 -25.71
N LEU CA 34 90.36 -83.59 -25.65
CA LEU CA 34 91.73 -84.02 -25.48
C LEU CA 34 92.38 -84.21 -26.85
N SER CA 35 93.71 -84.20 -26.85
CA SER CA 35 94.44 -84.46 -28.08
C SER CA 35 94.23 -85.90 -28.53
N LYS CA 36 94.59 -86.18 -29.78
CA LYS CA 36 94.41 -87.52 -30.32
C LYS CA 36 95.21 -88.53 -29.53
N GLU CA 37 96.42 -88.17 -29.11
CA GLU CA 37 97.24 -89.06 -28.30
C GLU CA 37 96.58 -89.32 -26.94
N LEU CA 38 96.05 -88.27 -26.31
CA LEU CA 38 95.38 -88.43 -25.02
C LEU CA 38 94.05 -89.15 -25.19
N ARG CA 39 93.33 -88.87 -26.27
CA ARG CA 39 92.07 -89.57 -26.53
C ARG CA 39 92.30 -91.05 -26.85
N GLN CA 40 93.51 -91.43 -27.22
CA GLN CA 40 93.87 -92.81 -27.49
C GLN CA 40 94.45 -93.48 -26.24
N LYS CA 41 95.26 -92.73 -25.49
CA LYS CA 41 95.81 -93.22 -24.23
C LYS CA 41 94.73 -93.49 -23.19
N TYR CA 42 93.80 -92.55 -23.00
CA TYR CA 42 92.63 -92.74 -22.17
C TYR CA 42 91.43 -92.88 -23.09
N ASN CA 43 90.50 -93.75 -22.71
CA ASN CA 43 89.34 -93.97 -23.58
C ASN CA 43 88.29 -92.89 -23.32
N VAL CA 44 88.70 -91.62 -23.35
CA VAL CA 44 87.80 -90.51 -23.10
C VAL CA 44 87.99 -89.48 -24.21
N ARG CA 45 86.96 -88.68 -24.43
CA ARG CA 45 86.99 -87.67 -25.49
C ARG CA 45 87.22 -86.27 -24.93
N SER CA 46 86.35 -85.82 -24.03
CA SER CA 46 86.41 -84.47 -23.49
C SER CA 46 86.75 -84.51 -22.02
N MET CA 47 87.10 -83.34 -21.47
CA MET CA 47 87.49 -83.20 -20.09
C MET CA 47 87.25 -81.78 -19.63
N PRO CA 48 86.69 -81.57 -18.45
CA PRO CA 48 86.59 -80.19 -17.92
C PRO CA 48 87.97 -79.57 -17.77
N ILE CA 49 88.05 -78.28 -18.12
CA ILE CA 49 89.35 -77.61 -18.13
C ILE CA 49 89.83 -77.41 -16.69
N ARG CA 50 91.15 -77.46 -16.52
CA ARG CA 50 91.78 -77.46 -15.21
C ARG CA 50 92.80 -76.34 -15.15
N LYS CA 51 93.19 -75.98 -13.92
CA LYS CA 51 94.06 -74.83 -13.71
C LYS CA 51 95.41 -74.98 -14.41
N ASP CA 52 96.06 -76.13 -14.25
CA ASP CA 52 97.47 -76.27 -14.61
C ASP CA 52 97.70 -77.32 -15.69
N ASP CA 53 96.78 -77.44 -16.63
CA ASP CA 53 97.02 -78.26 -17.81
C ASP CA 53 97.36 -77.35 -18.98
N GLU CA 54 97.99 -77.93 -19.99
CA GLU CA 54 98.59 -77.14 -21.07
C GLU CA 54 97.96 -77.53 -22.40
N VAL CA 55 97.51 -76.52 -23.14
CA VAL CA 55 96.65 -76.70 -24.31
C VAL CA 55 97.24 -75.92 -25.47
N GLN CA 56 96.68 -76.16 -26.66
CA GLN CA 56 96.96 -75.36 -27.83
C GLN CA 56 95.65 -74.82 -28.40
N VAL CA 57 95.67 -73.55 -28.79
CA VAL CA 57 94.49 -72.91 -29.35
C VAL CA 57 94.32 -73.36 -30.80
N VAL CA 58 93.11 -73.76 -31.15
CA VAL CA 58 92.81 -74.31 -32.47
C VAL CA 58 91.89 -73.43 -33.30
N ARG CA 59 91.35 -72.36 -32.72
CA ARG CA 59 90.50 -71.41 -33.43
C ARG CA 59 90.86 -69.99 -33.00
N GLY CA 60 90.70 -69.05 -33.91
CA GLY CA 60 90.89 -67.63 -33.58
C GLY CA 60 92.23 -67.08 -34.04
N HIS CA 61 92.54 -65.90 -33.49
CA HIS CA 61 93.79 -65.21 -33.85
C HIS CA 61 95.00 -65.97 -33.33
N TYR CA 62 94.87 -66.64 -32.19
CA TYR CA 62 96.00 -67.27 -31.53
C TYR CA 62 96.13 -68.75 -31.87
N LYS CA 63 95.60 -69.18 -33.02
CA LYS CA 63 95.78 -70.57 -33.47
C LYS CA 63 97.26 -70.87 -33.66
N GLY CA 64 97.63 -72.11 -33.38
CA GLY CA 64 98.99 -72.54 -33.65
C GLY CA 64 99.28 -73.86 -32.96
N GLN CA 65 100.51 -74.32 -33.13
CA GLN CA 65 100.96 -75.54 -32.49
C GLN CA 65 101.69 -75.29 -31.17
N GLN CA 66 101.88 -74.04 -30.78
CA GLN CA 66 102.55 -73.74 -29.52
C GLN CA 66 101.70 -74.20 -28.35
N ILE CA 67 102.35 -74.80 -27.36
CA ILE CA 67 101.68 -75.36 -26.20
C ILE CA 67 101.80 -74.36 -25.06
N GLY CA 68 100.66 -73.93 -24.54
CA GLY CA 68 100.62 -72.98 -23.44
C GLY CA 68 99.89 -73.57 -22.24
N LYS CA 69 100.47 -73.35 -21.06
CA LYS CA 69 99.86 -73.83 -19.83
C LYS CA 69 98.73 -72.90 -19.41
N VAL CA 70 97.58 -73.48 -19.05
CA VAL CA 70 96.49 -72.69 -18.52
C VAL CA 70 96.93 -72.02 -17.23
N VAL CA 71 96.58 -70.75 -17.08
CA VAL CA 71 96.97 -70.00 -15.89
C VAL CA 71 95.76 -69.49 -15.10
N GLN CA 72 94.57 -69.52 -15.66
CA GLN CA 72 93.38 -69.05 -14.96
C GLN CA 72 92.16 -69.61 -15.66
N VAL CA 73 91.22 -70.13 -14.87
CA VAL CA 73 89.94 -70.61 -15.38
C VAL CA 73 88.88 -69.68 -14.79
N TYR CA 74 88.47 -68.70 -15.58
CA TYR CA 74 87.66 -67.62 -15.01
C TYR CA 74 86.22 -67.86 -15.43
N ARG CA 75 85.56 -68.68 -14.59
CA ARG CA 75 84.29 -69.31 -14.90
C ARG CA 75 83.16 -68.29 -15.02
N LYS CA 76 83.28 -67.17 -14.33
CA LYS CA 76 82.25 -66.15 -14.43
C LYS CA 76 82.15 -65.60 -15.85
N LYS CA 77 83.25 -65.61 -16.58
CA LYS CA 77 83.28 -65.10 -17.95
C LYS CA 77 83.42 -66.21 -18.98
N TYR CA 78 83.37 -67.48 -18.56
CA TYR CA 78 83.40 -68.63 -19.45
C TYR CA 78 84.64 -68.62 -20.35
N VAL CA 79 85.76 -68.17 -19.79
CA VAL CA 79 87.01 -68.09 -20.53
C VAL CA 79 88.14 -68.63 -19.68
N ILE CA 80 89.23 -68.99 -20.36
CA ILE CA 80 90.46 -69.41 -19.69
C ILE CA 80 91.59 -68.54 -20.20
N TYR CA 81 92.59 -68.35 -19.36
CA TYR CA 81 93.80 -67.61 -19.72
C TYR CA 81 94.95 -68.58 -19.90
N ILE CA 82 95.74 -68.36 -20.95
CA ILE CA 82 96.87 -69.21 -21.29
C ILE CA 82 98.12 -68.35 -21.24
N GLU CA 83 99.29 -68.99 -21.05
CA GLU CA 83 100.54 -68.25 -20.82
C GLU CA 83 100.78 -67.17 -21.87
N ARG CA 84 101.10 -67.56 -23.09
CA ARG CA 84 101.47 -66.64 -24.16
C ARG CA 84 100.33 -66.14 -25.01
N VAL CA 85 99.09 -66.50 -24.68
CA VAL CA 85 97.93 -65.92 -25.34
C VAL CA 85 97.66 -64.61 -24.62
N GLN CA 86 98.28 -63.54 -25.09
CA GLN CA 86 98.15 -62.22 -24.48
C GLN CA 86 98.40 -61.17 -25.53
N ARG CA 87 98.01 -59.93 -25.19
CA ARG CA 87 98.20 -58.79 -26.08
C ARG CA 87 98.67 -57.60 -25.26
N GLU CA 88 99.28 -56.65 -25.96
CA GLU CA 88 99.64 -55.39 -25.35
C GLU CA 88 98.44 -54.46 -25.31
N LYS CA 89 98.31 -53.71 -24.22
CA LYS CA 89 97.33 -52.64 -24.16
C LYS CA 89 98.04 -51.31 -24.40
N ALA CA 90 97.29 -50.21 -24.23
CA ALA CA 90 97.82 -48.90 -24.60
C ALA CA 90 99.06 -48.55 -23.79
N ASN CA 91 98.98 -48.66 -22.47
CA ASN CA 91 100.06 -48.19 -21.60
C ASN CA 91 101.22 -49.18 -21.49
N GLY CA 92 101.27 -50.20 -22.33
CA GLY CA 92 102.45 -51.02 -22.47
C GLY CA 92 102.45 -52.32 -21.68
N THR CA 93 101.51 -52.52 -20.77
CA THR CA 93 101.47 -53.77 -20.04
C THR CA 93 100.72 -54.84 -20.83
N THR CA 94 100.95 -56.09 -20.45
CA THR CA 94 100.30 -57.21 -21.11
C THR CA 94 99.05 -57.63 -20.34
N VAL CA 95 98.04 -58.02 -21.10
CA VAL CA 95 96.80 -58.56 -20.54
C VAL CA 95 96.49 -59.88 -21.23
N HIS CA 96 96.11 -60.87 -20.44
CA HIS CA 96 95.70 -62.14 -21.00
C HIS CA 96 94.42 -61.99 -21.80
N VAL CA 97 94.33 -62.74 -22.90
CA VAL CA 97 93.15 -62.74 -23.75
C VAL CA 97 92.36 -64.01 -23.44
N GLY CA 98 91.15 -63.84 -22.91
CA GLY CA 98 90.33 -64.98 -22.56
C GLY CA 98 89.74 -65.62 -23.79
N ILE CA 99 89.88 -66.94 -23.90
CA ILE CA 99 89.33 -67.69 -25.00
C ILE CA 99 88.50 -68.84 -24.45
N HIS CA 100 87.54 -69.29 -25.24
CA HIS CA 100 86.62 -70.30 -24.78
C HIS CA 100 87.32 -71.67 -24.72
N PRO CA 101 87.09 -72.44 -23.66
CA PRO CA 101 87.76 -73.76 -23.55
C PRO CA 101 87.38 -74.73 -24.65
N SER CA 102 86.25 -74.53 -25.33
CA SER CA 102 85.89 -75.40 -26.43
C SER CA 102 86.75 -75.19 -27.67
N LYS CA 103 87.57 -74.13 -27.69
CA LYS CA 103 88.45 -73.83 -28.82
C LYS CA 103 89.90 -74.19 -28.53
N VAL CA 104 90.15 -75.10 -27.60
CA VAL CA 104 91.48 -75.64 -27.35
C VAL CA 104 91.37 -77.16 -27.28
N VAL CA 105 92.53 -77.81 -27.40
CA VAL CA 105 92.65 -79.23 -27.12
C VAL CA 105 93.70 -79.40 -26.03
N ILE CA 106 93.40 -80.27 -25.07
CA ILE CA 106 94.32 -80.50 -23.95
C ILE CA 106 95.40 -81.48 -24.40
N THR CA 107 96.65 -81.02 -24.40
CA THR CA 107 97.77 -81.86 -24.78
C THR CA 107 98.34 -82.62 -23.60
N ARG CA 108 98.02 -82.20 -22.38
CA ARG CA 108 98.59 -82.74 -21.17
C ARG CA 108 97.69 -82.39 -20.00
N LEU CA 109 97.37 -83.39 -19.19
CA LEU CA 109 96.43 -83.21 -18.09
C LEU CA 109 97.17 -83.04 -16.77
N LYS CA 110 96.77 -82.03 -16.01
CA LYS CA 110 97.21 -81.90 -14.62
C LYS CA 110 96.59 -83.04 -13.82
N LEU CA 111 97.39 -84.05 -13.49
CA LEU CA 111 96.87 -85.30 -12.95
C LEU CA 111 97.04 -85.33 -11.44
N ASP CA 112 95.91 -85.41 -10.73
CA ASP CA 112 95.85 -85.73 -9.32
C ASP CA 112 94.93 -86.93 -9.13
N LYS CA 113 94.68 -87.29 -7.87
CA LYS CA 113 93.84 -88.46 -7.58
C LYS CA 113 92.43 -88.26 -8.13
N ASP CA 114 91.94 -87.03 -8.11
CA ASP CA 114 90.57 -86.79 -8.56
C ASP CA 114 90.43 -86.88 -10.08
N ARG CA 115 91.39 -86.31 -10.84
CA ARG CA 115 91.31 -86.43 -12.29
C ARG CA 115 91.36 -87.88 -12.73
N LYS CA 116 92.28 -88.65 -12.14
CA LYS CA 116 92.41 -90.05 -12.53
C LYS CA 116 91.12 -90.81 -12.26
N LYS CA 117 90.46 -90.49 -11.14
CA LYS CA 117 89.16 -91.10 -10.84
C LYS CA 117 88.14 -90.76 -11.92
N ILE CA 118 88.09 -89.49 -12.32
CA ILE CA 118 87.15 -89.08 -13.37
C ILE CA 118 87.52 -89.70 -14.70
N LEU CA 119 88.83 -89.80 -14.98
CA LEU CA 119 89.28 -90.34 -16.26
C LEU CA 119 88.86 -91.79 -16.43
N GLU CA 120 89.09 -92.63 -15.41
CA GLU CA 120 88.63 -94.02 -15.50
C GLU CA 120 87.11 -94.11 -15.37
N ARG CA 121 86.48 -93.13 -14.72
CA ARG CA 121 85.02 -93.10 -14.69
C ARG CA 121 84.44 -93.00 -16.09
N LYS CA 122 84.94 -92.03 -16.86
CA LYS CA 122 84.44 -91.80 -18.21
C LYS CA 122 84.78 -92.97 -19.12
N ALA CA 123 85.99 -93.51 -19.00
CA ALA CA 123 86.42 -94.61 -19.86
C ALA CA 123 85.57 -95.86 -19.61
N LYS CA 124 85.29 -96.15 -18.34
CA LYS CA 124 84.50 -97.33 -18.02
C LYS CA 124 83.09 -97.23 -18.58
N SER CA 125 82.47 -96.05 -18.49
CA SER CA 125 81.15 -95.87 -19.07
C SER CA 125 81.17 -96.03 -20.58
N ARG CA 126 82.22 -95.49 -21.23
CA ARG CA 126 82.34 -95.65 -22.68
C ARG CA 126 82.53 -97.11 -23.06
N GLN CA 127 83.32 -97.85 -22.28
CA GLN CA 127 83.53 -99.26 -22.57
C GLN CA 127 82.25 -100.06 -22.40
N VAL CA 128 81.44 -99.72 -21.39
CA VAL CA 128 80.13 -100.36 -21.24
C VAL CA 128 79.26 -100.08 -22.44
N GLY CA 129 79.26 -98.84 -22.92
CA GLY CA 129 78.50 -98.51 -24.12
C GLY CA 129 78.99 -99.25 -25.35
N LYS CA 130 80.31 -99.43 -25.47
CA LYS CA 130 80.85 -100.19 -26.59
C LYS CA 130 80.39 -101.64 -26.56
N GLU CA 131 80.41 -102.26 -25.37
CA GLU CA 131 80.03 -103.67 -25.30
C GLU CA 131 78.53 -103.84 -25.28
N LYS CA 132 77.78 -102.76 -25.01
CA LYS CA 132 76.33 -102.82 -25.13
C LYS CA 132 75.90 -102.80 -26.59
N GLY CA 133 76.53 -101.96 -27.40
CA GLY CA 133 76.24 -101.83 -28.81
C GLY CA 133 77.12 -102.68 -29.71
N LYS CA 134 77.83 -103.66 -29.17
CA LYS CA 134 78.69 -104.53 -29.97
C LYS CA 134 77.89 -105.32 -31.00
N GLY DA 1 31.71 -14.52 95.46
CA GLY DA 1 33.02 -14.06 95.86
C GLY DA 1 34.15 -14.67 95.05
N LYS DA 2 35.37 -14.48 95.52
CA LYS DA 2 36.53 -15.05 94.84
C LYS DA 2 36.53 -16.57 94.96
N PHE DA 3 36.82 -17.25 93.84
CA PHE DA 3 36.82 -18.70 93.81
C PHE DA 3 38.17 -19.31 93.46
N MET DA 4 39.06 -18.57 92.82
CA MET DA 4 40.40 -19.06 92.54
C MET DA 4 41.18 -19.24 93.84
N LYS DA 5 41.11 -20.43 94.43
CA LYS DA 5 41.70 -20.73 95.71
C LYS DA 5 42.61 -21.94 95.61
N PRO DA 6 43.54 -22.10 96.56
CA PRO DA 6 44.36 -23.32 96.58
C PRO DA 6 43.49 -24.56 96.69
N GLY DA 7 43.88 -25.62 95.97
CA GLY DA 7 43.14 -26.85 95.93
C GLY DA 7 42.09 -26.93 94.84
N LYS DA 8 41.81 -25.83 94.15
CA LYS DA 8 40.81 -25.83 93.10
C LYS DA 8 41.40 -26.39 91.80
N VAL DA 9 40.63 -27.23 91.12
CA VAL DA 9 41.06 -27.82 89.87
C VAL DA 9 40.77 -26.86 88.73
N VAL DA 10 41.76 -26.60 87.89
CA VAL DA 10 41.63 -25.71 86.75
C VAL DA 10 42.06 -26.46 85.50
N LEU DA 11 41.68 -25.89 84.35
CA LEU DA 11 42.08 -26.40 83.04
C LEU DA 11 43.02 -25.39 82.39
N VAL DA 12 44.15 -25.88 81.89
CA VAL DA 12 45.11 -25.01 81.23
C VAL DA 12 44.64 -24.75 79.81
N LEU DA 13 44.55 -23.47 79.45
CA LEU DA 13 44.02 -23.08 78.16
C LEU DA 13 45.09 -22.77 77.12
N ALA DA 14 46.30 -22.43 77.55
CA ALA DA 14 47.34 -22.00 76.62
C ALA DA 14 48.68 -22.62 77.04
N GLY DA 15 49.61 -22.62 76.09
CA GLY DA 15 50.95 -23.09 76.34
C GLY DA 15 51.14 -24.55 75.94
N ARG DA 16 52.30 -25.08 76.34
CA ARG DA 16 52.61 -26.48 76.06
C ARG DA 16 51.61 -27.42 76.72
N TYR DA 17 51.10 -27.06 77.89
CA TYR DA 17 50.21 -27.93 78.66
C TYR DA 17 48.74 -27.61 78.43
N SER DA 18 48.38 -27.18 77.21
CA SER DA 18 47.00 -26.85 76.92
C SER DA 18 46.10 -28.07 77.08
N GLY DA 19 44.96 -27.87 77.72
CA GLY DA 19 44.01 -28.95 77.91
C GLY DA 19 44.35 -29.93 79.01
N ARG DA 20 45.35 -29.61 79.84
CA ARG DA 20 45.69 -30.45 80.98
C ARG DA 20 44.92 -30.01 82.22
N LYS DA 21 44.63 -30.97 83.09
CA LYS DA 21 44.03 -30.67 84.37
C LYS DA 21 45.10 -30.41 85.41
N ALA DA 22 44.83 -29.45 86.30
CA ALA DA 22 45.83 -28.98 87.24
C ALA DA 22 45.14 -28.44 88.48
N VAL DA 23 45.88 -28.39 89.58
CA VAL DA 23 45.36 -27.93 90.85
C VAL DA 23 46.15 -26.68 91.26
N ILE DA 24 45.44 -25.69 91.78
CA ILE DA 24 46.06 -24.44 92.20
C ILE DA 24 46.78 -24.67 93.51
N VAL DA 25 48.06 -24.33 93.55
CA VAL DA 25 48.84 -24.42 94.78
C VAL DA 25 48.82 -23.09 95.53
N LYS DA 26 49.06 -21.99 94.82
CA LYS DA 26 49.00 -20.66 95.39
C LYS DA 26 48.37 -19.71 94.39
N ASN DA 27 47.50 -18.84 94.87
CA ASN DA 27 46.88 -17.81 94.04
C ASN DA 27 47.37 -16.44 94.51
N ILE DA 28 47.65 -15.57 93.55
CA ILE DA 28 48.15 -14.23 93.83
C ILE DA 28 47.08 -13.17 93.58
N ASP DA 29 46.40 -13.25 92.43
CA ASP DA 29 45.28 -12.39 92.02
C ASP DA 29 45.50 -10.92 92.36
N ASP DA 30 46.76 -10.47 92.39
CA ASP DA 30 47.08 -9.07 92.66
C ASP DA 30 48.30 -8.57 91.92
N GLY DA 31 49.18 -9.45 91.45
CA GLY DA 31 50.44 -9.03 90.87
C GLY DA 31 51.55 -8.96 91.90
N THR DA 32 52.79 -9.03 91.41
CA THR DA 32 53.96 -9.04 92.28
C THR DA 32 55.03 -8.07 91.80
N SER DA 33 54.67 -7.08 91.00
CA SER DA 33 55.56 -6.06 90.42
C SER DA 33 56.56 -6.65 89.43
N ASP DA 34 56.66 -7.98 89.32
CA ASP DA 34 57.29 -8.63 88.19
C ASP DA 34 56.33 -9.46 87.36
N ARG DA 35 55.15 -9.79 87.88
CA ARG DA 35 54.04 -10.31 87.12
C ARG DA 35 52.82 -9.48 87.48
N PRO DA 36 52.68 -8.29 86.90
CA PRO DA 36 51.60 -7.38 87.32
C PRO DA 36 50.20 -7.94 87.13
N TYR DA 37 50.02 -8.91 86.23
CA TYR DA 37 48.72 -9.53 86.04
C TYR DA 37 48.40 -10.47 87.20
N SER DA 38 47.15 -10.93 87.24
CA SER DA 38 46.74 -11.91 88.23
C SER DA 38 47.17 -13.30 87.78
N HIS DA 39 47.97 -13.96 88.61
CA HIS DA 39 48.52 -15.27 88.27
C HIS DA 39 48.36 -16.22 89.45
N ALA DA 40 48.67 -17.49 89.19
CA ALA DA 40 48.56 -18.51 90.22
C ALA DA 40 49.62 -19.58 90.00
N LEU DA 41 50.23 -20.03 91.08
CA LEU DA 41 51.13 -21.17 91.03
C LEU DA 41 50.30 -22.44 90.90
N VAL DA 42 50.67 -23.29 89.94
CA VAL DA 42 49.83 -24.39 89.50
C VAL DA 42 50.65 -25.67 89.42
N ALA DA 43 50.09 -26.76 89.93
CA ALA DA 43 50.69 -28.09 89.79
C ALA DA 43 49.72 -28.98 89.03
N GLY DA 44 50.11 -29.36 87.82
CA GLY DA 44 49.30 -30.23 86.99
C GLY DA 44 50.03 -31.52 86.68
N ILE DA 45 49.44 -32.31 85.80
CA ILE DA 45 50.04 -33.55 85.34
C ILE DA 45 50.30 -33.42 83.84
N ASP DA 46 51.47 -33.86 83.40
CA ASP DA 46 51.78 -33.85 81.98
C ASP DA 46 51.21 -35.09 81.30
N ARG DA 47 51.47 -36.26 81.87
CA ARG DA 47 51.08 -37.53 81.27
C ARG DA 47 50.06 -38.22 82.18
N TYR DA 48 48.87 -38.48 81.64
CA TYR DA 48 47.81 -39.11 82.41
C TYR DA 48 48.11 -40.59 82.60
N PRO DA 49 47.72 -41.16 83.75
CA PRO DA 49 47.83 -42.61 83.92
C PRO DA 49 46.96 -43.34 82.90
N ARG DA 50 47.47 -44.44 82.40
CA ARG DA 50 46.76 -45.20 81.38
C ARG DA 50 45.59 -45.97 81.99
N LYS DA 51 44.64 -46.32 81.14
CA LYS DA 51 43.53 -47.16 81.57
C LYS DA 51 44.04 -48.52 82.01
N VAL DA 52 43.54 -48.98 83.16
CA VAL DA 52 43.91 -50.27 83.72
C VAL DA 52 42.66 -51.12 83.86
N THR DA 53 42.74 -52.36 83.39
CA THR DA 53 41.62 -53.30 83.42
C THR DA 53 41.96 -54.48 84.34
N ALA DA 54 40.95 -55.30 84.60
CA ALA DA 54 41.11 -56.42 85.53
C ALA DA 54 42.12 -57.44 85.01
N ALA DA 55 42.06 -57.74 83.71
CA ALA DA 55 42.94 -58.76 83.12
C ALA DA 55 44.18 -58.09 82.55
N MET DA 56 45.05 -57.65 83.45
CA MET DA 56 46.20 -56.88 83.00
C MET DA 56 47.48 -57.27 83.72
N GLY DA 57 47.43 -57.58 85.00
CA GLY DA 57 48.62 -57.97 85.73
C GLY DA 57 49.17 -56.85 86.59
N LYS DA 58 49.76 -57.22 87.72
CA LYS DA 58 50.19 -56.23 88.71
C LYS DA 58 51.31 -55.34 88.17
N LYS DA 59 52.33 -55.95 87.56
CA LYS DA 59 53.45 -55.17 87.06
C LYS DA 59 53.02 -54.22 85.95
N LYS DA 60 52.18 -54.70 85.03
CA LYS DA 60 51.68 -53.84 83.96
C LYS DA 60 50.76 -52.76 84.52
N ILE DA 61 49.96 -53.09 85.54
CA ILE DA 61 49.11 -52.09 86.18
C ILE DA 61 49.95 -51.01 86.84
N ALA DA 62 51.03 -51.41 87.52
CA ALA DA 62 51.92 -50.44 88.14
C ALA DA 62 52.60 -49.57 87.09
N LYS DA 63 53.05 -50.19 85.99
CA LYS DA 63 53.73 -49.44 84.94
C LYS DA 63 52.78 -48.40 84.33
N ARG DA 64 51.50 -48.76 84.17
CA ARG DA 64 50.50 -47.88 83.58
C ARG DA 64 49.93 -46.86 84.56
N SER DA 65 50.18 -47.03 85.86
CA SER DA 65 49.69 -46.09 86.87
C SER DA 65 50.77 -45.07 87.24
N LYS DA 66 51.45 -44.56 86.23
CA LYS DA 66 52.54 -43.60 86.41
C LYS DA 66 52.11 -42.25 85.88
N ILE DA 67 52.40 -41.20 86.66
CA ILE DA 67 51.97 -39.84 86.34
C ILE DA 67 53.20 -38.97 86.17
N LYS DA 68 53.28 -38.27 85.04
CA LYS DA 68 54.25 -37.21 84.83
C LYS DA 68 53.58 -35.89 85.15
N SER DA 69 54.20 -35.09 86.01
CA SER DA 69 53.60 -33.87 86.50
C SER DA 69 54.41 -32.66 86.05
N PHE DA 70 53.78 -31.49 86.16
CA PHE DA 70 54.44 -30.23 85.89
C PHE DA 70 54.01 -29.21 86.94
N VAL DA 71 54.88 -28.22 87.14
CA VAL DA 71 54.57 -27.07 87.98
C VAL DA 71 54.77 -25.82 87.15
N LYS DA 72 53.78 -24.92 87.18
CA LYS DA 72 53.83 -23.72 86.35
C LYS DA 72 53.16 -22.58 87.09
N VAL DA 73 53.55 -21.36 86.73
CA VAL DA 73 52.87 -20.14 87.15
C VAL DA 73 52.09 -19.64 85.95
N TYR DA 74 50.77 -19.61 86.07
CA TYR DA 74 49.89 -19.30 84.95
C TYR DA 74 49.13 -18.01 85.20
N ASN DA 75 49.03 -17.18 84.18
CA ASN DA 75 48.12 -16.04 84.20
C ASN DA 75 46.69 -16.57 84.25
N TYR DA 76 45.83 -15.85 84.98
CA TYR DA 76 44.43 -16.28 85.12
C TYR DA 76 43.74 -16.41 83.78
N ASN DA 77 44.07 -15.55 82.82
CA ASN DA 77 43.42 -15.59 81.52
C ASN DA 77 43.77 -16.85 80.74
N HIS DA 78 44.78 -17.61 81.15
CA HIS DA 78 45.13 -18.86 80.52
C HIS DA 78 44.66 -20.07 81.31
N LEU DA 79 43.82 -19.87 82.32
CA LEU DA 79 43.30 -20.93 83.16
C LEU DA 79 41.79 -20.96 83.09
N MET DA 80 41.22 -22.15 83.02
CA MET DA 80 39.77 -22.33 83.06
C MET DA 80 39.39 -22.92 84.40
N PRO DA 81 38.80 -22.16 85.31
CA PRO DA 81 38.43 -22.71 86.61
C PRO DA 81 37.30 -23.72 86.47
N THR DA 82 37.33 -24.72 87.35
CA THR DA 82 36.28 -25.74 87.42
C THR DA 82 35.67 -25.70 88.81
N ARG DA 83 34.53 -26.38 88.95
CA ARG DA 83 33.89 -26.48 90.26
C ARG DA 83 34.55 -27.50 91.16
N TYR DA 84 35.41 -28.37 90.62
CA TYR DA 84 35.98 -29.44 91.40
C TYR DA 84 37.19 -28.94 92.20
N SER DA 85 37.55 -29.71 93.22
CA SER DA 85 38.68 -29.39 94.07
C SER DA 85 39.27 -30.67 94.63
N VAL DA 86 40.59 -30.74 94.65
CA VAL DA 86 41.32 -31.87 95.24
C VAL DA 86 42.13 -31.33 96.41
N ASP DA 87 42.03 -32.03 97.54
CA ASP DA 87 42.73 -31.62 98.76
C ASP DA 87 43.99 -32.46 98.94
N ILE DA 88 44.85 -32.43 97.92
CA ILE DA 88 46.11 -33.16 97.92
C ILE DA 88 47.12 -32.35 98.73
N PRO DA 89 47.73 -32.92 99.77
CA PRO DA 89 48.62 -32.13 100.62
C PRO DA 89 49.98 -31.86 99.98
N LEU DA 90 50.02 -30.96 98.99
CA LEU DA 90 51.29 -30.57 98.42
C LEU DA 90 52.12 -29.78 99.43
N ASP DA 91 53.39 -30.14 99.54
CA ASP DA 91 54.31 -29.45 100.43
C ASP DA 91 54.63 -28.07 99.85
N LYS DA 92 54.29 -27.02 100.60
CA LYS DA 92 54.51 -25.67 100.12
C LYS DA 92 55.99 -25.33 100.07
N THR DA 93 56.79 -25.88 100.99
CA THR DA 93 58.21 -25.56 101.01
C THR DA 93 58.92 -26.07 99.77
N VAL DA 94 58.40 -27.14 99.15
CA VAL DA 94 58.99 -27.69 97.94
C VAL DA 94 58.36 -27.08 96.70
N VAL DA 95 57.03 -27.04 96.64
CA VAL DA 95 56.31 -26.47 95.51
C VAL DA 95 55.93 -25.05 95.90
N ASN DA 96 56.79 -24.09 95.56
CA ASN DA 96 56.50 -22.68 95.79
C ASN DA 96 56.99 -21.90 94.59
N LYS DA 97 57.10 -20.58 94.73
CA LYS DA 97 57.37 -19.74 93.57
C LYS DA 97 58.86 -19.55 93.31
N ASP DA 98 59.74 -19.79 94.28
CA ASP DA 98 61.16 -19.61 94.04
C ASP DA 98 61.77 -20.75 93.23
N VAL DA 99 60.95 -21.74 92.87
CA VAL DA 99 61.45 -22.99 92.32
C VAL DA 99 61.81 -22.86 90.86
N PHE DA 100 61.46 -21.75 90.22
CA PHE DA 100 61.65 -21.55 88.79
C PHE DA 100 63.00 -20.93 88.46
N ARG DA 101 63.83 -20.62 89.45
CA ARG DA 101 65.16 -20.12 89.19
C ARG DA 101 66.21 -21.23 89.19
N ASP DA 102 66.08 -22.20 90.11
CA ASP DA 102 67.00 -23.31 90.21
C ASP DA 102 66.38 -24.54 89.58
N PRO DA 103 66.95 -25.07 88.50
CA PRO DA 103 66.37 -26.27 87.87
C PRO DA 103 66.33 -27.48 88.79
N ALA DA 104 67.32 -27.65 89.66
CA ALA DA 104 67.33 -28.81 90.56
C ALA DA 104 66.14 -28.76 91.52
N LEU DA 105 65.81 -27.56 92.02
CA LEU DA 105 64.63 -27.43 92.87
C LEU DA 105 63.36 -27.74 92.08
N LYS DA 106 63.30 -27.31 90.81
CA LYS DA 106 62.11 -27.55 90.01
C LYS DA 106 61.88 -29.04 89.77
N ARG DA 107 62.95 -29.80 89.54
CA ARG DA 107 62.81 -31.25 89.47
C ARG DA 107 62.28 -31.81 90.78
N LYS DA 108 62.77 -31.28 91.90
CA LYS DA 108 62.30 -31.65 93.22
C LYS DA 108 60.83 -31.33 93.42
N ALA DA 109 60.37 -30.18 92.95
CA ALA DA 109 58.95 -29.86 93.05
C ALA DA 109 58.11 -30.79 92.20
N ARG DA 110 58.56 -31.08 90.98
CA ARG DA 110 57.83 -31.99 90.10
C ARG DA 110 57.82 -33.41 90.66
N ARG DA 111 58.95 -33.86 91.19
CA ARG DA 111 59.01 -35.11 91.94
C ARG DA 111 57.98 -35.16 93.06
N GLU DA 112 57.96 -34.14 93.92
CA GLU DA 112 57.05 -34.16 95.05
C GLU DA 112 55.60 -34.13 94.61
N ALA DA 113 55.29 -33.33 93.58
CA ALA DA 113 53.93 -33.29 93.06
C ALA DA 113 53.55 -34.61 92.41
N LYS DA 114 54.52 -35.29 91.79
CA LYS DA 114 54.24 -36.57 91.14
C LYS DA 114 53.79 -37.62 92.16
N VAL DA 115 54.57 -37.81 93.23
CA VAL DA 115 54.29 -38.89 94.17
C VAL DA 115 52.96 -38.66 94.89
N LYS DA 116 52.63 -37.41 95.18
CA LYS DA 116 51.35 -37.12 95.82
C LYS DA 116 50.19 -37.42 94.88
N PHE DA 117 50.35 -37.09 93.60
CA PHE DA 117 49.32 -37.43 92.61
C PHE DA 117 49.15 -38.94 92.49
N GLU DA 118 50.25 -39.69 92.51
CA GLU DA 118 50.17 -41.13 92.31
C GLU DA 118 49.48 -41.81 93.48
N GLU DA 119 49.78 -41.38 94.70
CA GLU DA 119 49.12 -41.98 95.86
C GLU DA 119 47.64 -41.62 95.91
N ARG DA 120 47.27 -40.43 95.41
CA ARG DA 120 45.86 -40.08 95.33
C ARG DA 120 45.18 -40.75 94.15
N TYR DA 121 45.92 -41.04 93.08
CA TYR DA 121 45.35 -41.80 91.98
C TYR DA 121 44.98 -43.21 92.41
N LYS DA 122 45.82 -43.82 93.26
CA LYS DA 122 45.41 -45.03 93.94
C LYS DA 122 44.20 -44.74 94.82
N THR DA 123 43.57 -45.82 95.29
CA THR DA 123 42.32 -45.80 96.07
C THR DA 123 41.14 -45.30 95.26
N GLY DA 124 41.31 -44.99 93.97
CA GLY DA 124 40.20 -44.67 93.11
C GLY DA 124 39.48 -43.38 93.41
N LYS DA 125 40.08 -42.49 94.18
CA LYS DA 125 39.44 -41.22 94.50
C LYS DA 125 39.84 -40.14 93.50
N ASN DA 126 38.99 -39.13 93.37
CA ASN DA 126 39.20 -38.00 92.46
C ASN DA 126 39.44 -38.51 91.04
N LYS DA 127 38.50 -39.33 90.55
CA LYS DA 127 38.66 -39.96 89.26
C LYS DA 127 38.63 -38.94 88.12
N TRP DA 128 37.80 -37.91 88.25
CA TRP DA 128 37.70 -36.91 87.19
C TRP DA 128 39.01 -36.17 86.98
N PHE DA 129 39.76 -35.93 88.06
CA PHE DA 129 41.01 -35.19 87.94
C PHE DA 129 42.04 -35.96 87.12
N PHE DA 130 42.06 -37.28 87.26
CA PHE DA 130 43.11 -38.09 86.66
C PHE DA 130 42.74 -38.64 85.29
N GLN DA 131 41.61 -38.23 84.73
CA GLN DA 131 41.22 -38.63 83.39
C GLN DA 131 41.54 -37.52 82.40
N LYS DA 132 42.10 -37.90 81.26
CA LYS DA 132 42.41 -36.93 80.22
C LYS DA 132 41.13 -36.30 79.67
N LEU DA 133 41.14 -34.98 79.54
CA LEU DA 133 40.05 -34.28 78.90
C LEU DA 133 40.07 -34.58 77.41
N ARG DA 134 38.91 -34.97 76.87
CA ARG DA 134 38.78 -35.32 75.46
C ARG DA 134 38.24 -34.12 74.69
N PHE DA 135 39.02 -33.61 73.76
CA PHE DA 135 38.62 -32.45 72.97
C PHE DA 135 39.30 -32.46 71.61
N PRO EA 1 38.08 -66.57 -41.62
CA PRO EA 1 39.13 -65.72 -42.19
C PRO EA 1 38.74 -64.25 -42.23
N SER EA 2 39.44 -63.42 -41.46
CA SER EA 2 39.14 -61.99 -41.44
C SER EA 2 39.53 -61.29 -42.73
N ARG EA 3 40.36 -61.91 -43.57
CA ARG EA 3 40.77 -61.31 -44.82
C ARG EA 3 39.68 -61.32 -45.89
N LEU EA 4 38.57 -62.03 -45.66
CA LEU EA 4 37.49 -62.12 -46.64
C LEU EA 4 36.31 -61.24 -46.29
N ARG EA 5 36.42 -60.35 -45.31
CA ARG EA 5 35.26 -59.66 -44.80
C ARG EA 5 35.24 -58.19 -45.20
N LYS EA 6 34.06 -57.59 -45.03
CA LYS EA 6 33.83 -56.21 -45.47
C LYS EA 6 34.73 -55.21 -44.77
N THR EA 7 35.21 -55.52 -43.57
CA THR EA 7 36.06 -54.59 -42.84
C THR EA 7 37.34 -54.28 -43.62
N ARG EA 8 37.88 -55.29 -44.30
CA ARG EA 8 39.08 -55.07 -45.09
C ARG EA 8 38.82 -54.15 -46.28
N LYS EA 9 37.57 -54.06 -46.73
CA LYS EA 9 37.21 -53.21 -47.86
C LYS EA 9 36.71 -51.83 -47.44
N LEU EA 10 36.39 -51.65 -46.16
CA LEU EA 10 35.86 -50.39 -45.67
C LEU EA 10 36.94 -49.48 -45.09
N ARG EA 11 38.22 -49.89 -45.16
CA ARG EA 11 39.30 -49.01 -44.75
C ARG EA 11 39.42 -47.85 -45.74
N GLY EA 12 39.58 -46.64 -45.21
CA GLY EA 12 39.62 -45.44 -46.02
C GLY EA 12 38.27 -44.81 -46.28
N HIS EA 13 37.19 -45.47 -45.87
CA HIS EA 13 35.84 -44.96 -46.03
C HIS EA 13 35.38 -44.60 -44.62
N VAL EA 14 35.04 -43.32 -44.41
CA VAL EA 14 35.05 -42.75 -43.07
C VAL EA 14 33.97 -43.37 -42.19
N SER EA 15 32.78 -43.63 -42.75
CA SER EA 15 31.66 -44.05 -41.91
C SER EA 15 31.58 -45.56 -41.75
N HIS EA 16 32.47 -46.32 -42.38
CA HIS EA 16 32.52 -47.78 -42.27
C HIS EA 16 31.19 -48.41 -42.68
N GLY EA 17 30.52 -47.82 -43.67
CA GLY EA 17 29.31 -48.37 -44.22
C GLY EA 17 28.04 -48.07 -43.46
N HIS EA 18 28.13 -47.36 -42.33
CA HIS EA 18 26.93 -47.14 -41.52
C HIS EA 18 26.26 -45.82 -41.86
N GLY EA 19 26.95 -44.95 -42.58
CA GLY EA 19 26.32 -43.74 -43.09
C GLY EA 19 26.68 -42.51 -42.28
N ARG EA 20 26.77 -41.38 -42.97
CA ARG EA 20 27.18 -40.13 -42.33
C ARG EA 20 26.04 -39.52 -41.50
N ILE EA 21 24.81 -39.60 -42.01
CA ILE EA 21 23.69 -38.92 -41.36
C ILE EA 21 23.21 -39.71 -40.16
N GLY EA 22 22.85 -40.98 -40.36
CA GLY EA 22 22.29 -41.75 -39.26
C GLY EA 22 23.35 -42.20 -38.27
N LYS EA 23 24.59 -42.35 -38.74
CA LYS EA 23 25.72 -42.75 -37.90
C LYS EA 23 25.51 -44.17 -37.40
N HIS EA 24 26.48 -44.69 -36.64
CA HIS EA 24 26.30 -45.96 -35.94
C HIS EA 24 26.31 -45.67 -34.45
N ARG EA 25 25.17 -45.82 -33.81
CA ARG EA 25 25.00 -45.47 -32.42
C ARG EA 25 24.66 -46.72 -31.62
N LYS EA 26 24.78 -46.61 -30.31
CA LYS EA 26 24.74 -47.76 -29.41
C LYS EA 26 23.49 -48.61 -29.59
N HIS EA 27 22.32 -48.09 -29.19
CA HIS EA 27 21.07 -48.85 -29.24
C HIS EA 27 19.91 -47.92 -29.55
N PRO EA 28 19.78 -47.50 -30.81
CA PRO EA 28 18.57 -46.75 -31.21
C PRO EA 28 17.41 -47.71 -31.41
N GLY EA 29 16.32 -47.47 -30.68
CA GLY EA 29 15.16 -48.33 -30.71
C GLY EA 29 15.03 -49.25 -29.52
N GLY EA 30 16.04 -49.35 -28.68
CA GLY EA 30 16.00 -50.20 -27.51
C GLY EA 30 16.91 -51.40 -27.65
N ARG EA 31 16.92 -52.20 -26.58
CA ARG EA 31 17.77 -53.39 -26.51
C ARG EA 31 16.91 -54.64 -26.57
N GLY EA 32 17.35 -55.60 -27.39
CA GLY EA 32 16.62 -56.86 -27.50
C GLY EA 32 15.26 -56.65 -28.13
N ASN EA 33 14.26 -57.34 -27.58
CA ASN EA 33 12.89 -57.26 -28.07
C ASN EA 33 12.13 -56.10 -27.42
N ALA EA 34 12.79 -54.96 -27.31
CA ALA EA 34 12.20 -53.79 -26.67
C ALA EA 34 11.12 -53.17 -27.56
N GLY EA 35 10.05 -52.70 -26.92
CA GLY EA 35 9.00 -52.02 -27.64
C GLY EA 35 8.26 -52.87 -28.64
N GLY EA 36 8.10 -54.17 -28.34
CA GLY EA 36 7.36 -55.04 -29.23
C GLY EA 36 5.90 -54.71 -29.37
N LEU EA 37 5.31 -54.04 -28.38
CA LEU EA 37 3.95 -53.54 -28.45
C LEU EA 37 3.87 -52.05 -28.69
N HIS EA 38 5.01 -51.37 -28.89
CA HIS EA 38 5.05 -49.92 -28.98
C HIS EA 38 5.69 -49.53 -30.30
N HIS EA 39 6.97 -49.20 -30.34
CA HIS EA 39 7.57 -48.68 -31.56
C HIS EA 39 8.04 -49.78 -32.50
N HIS EA 40 7.94 -51.05 -32.11
CA HIS EA 40 8.24 -52.17 -32.98
C HIS EA 40 7.00 -53.03 -33.23
N ARG EA 41 5.82 -52.43 -33.09
CA ARG EA 41 4.58 -53.20 -33.16
C ARG EA 41 4.35 -53.79 -34.54
N ILE EA 42 4.66 -53.02 -35.59
CA ILE EA 42 4.36 -53.49 -36.94
C ILE EA 42 5.17 -54.73 -37.27
N ASN EA 43 6.46 -54.75 -36.93
CA ASN EA 43 7.28 -55.92 -37.18
C ASN EA 43 6.77 -57.14 -36.44
N PHE EA 44 6.41 -56.97 -35.17
CA PHE EA 44 5.92 -58.10 -34.39
C PHE EA 44 4.58 -58.60 -34.93
N ASP EA 45 3.70 -57.68 -35.32
CA ASP EA 45 2.41 -58.09 -35.87
C ASP EA 45 2.56 -58.67 -37.26
N LYS EA 46 3.46 -58.12 -38.08
CA LYS EA 46 3.62 -58.58 -39.45
C LYS EA 46 4.26 -59.96 -39.51
N TYR EA 47 5.30 -60.20 -38.73
CA TYR EA 47 6.09 -61.41 -38.87
C TYR EA 47 5.91 -62.41 -37.72
N HIS EA 48 5.37 -61.98 -36.58
CA HIS EA 48 5.17 -62.86 -35.42
C HIS EA 48 3.77 -62.69 -34.85
N PRO EA 49 2.73 -63.07 -35.59
CA PRO EA 49 1.38 -63.04 -35.02
C PRO EA 49 1.24 -64.08 -33.92
N GLY EA 50 0.45 -63.75 -32.90
CA GLY EA 50 0.27 -64.62 -31.76
C GLY EA 50 1.31 -64.46 -30.66
N TYR EA 51 2.30 -63.59 -30.84
CA TYR EA 51 3.40 -63.49 -29.89
C TYR EA 51 2.92 -63.06 -28.51
N PHE EA 52 2.00 -62.11 -28.46
CA PHE EA 52 1.53 -61.53 -27.20
C PHE EA 52 0.23 -62.19 -26.75
N GLY EA 53 0.16 -62.54 -25.47
CA GLY EA 53 -1.03 -63.08 -24.87
C GLY EA 53 -0.89 -64.57 -24.50
N LYS EA 54 -1.81 -65.03 -23.66
CA LYS EA 54 -1.86 -66.42 -23.23
C LYS EA 54 -2.98 -67.16 -23.95
N VAL EA 55 -2.74 -68.43 -24.28
CA VAL EA 55 -3.76 -69.31 -24.83
C VAL EA 55 -3.60 -70.68 -24.18
N GLY EA 56 -4.71 -71.27 -23.75
CA GLY EA 56 -4.71 -72.66 -23.32
C GLY EA 56 -4.51 -72.86 -21.83
N MET EA 57 -4.44 -74.14 -21.46
CA MET EA 57 -4.28 -74.56 -20.08
C MET EA 57 -2.82 -74.89 -19.80
N LYS EA 58 -2.30 -74.38 -18.70
CA LYS EA 58 -0.96 -74.78 -18.30
C LYS EA 58 -0.99 -76.10 -17.55
N HIS EA 59 0.16 -76.78 -17.53
CA HIS EA 59 0.27 -78.09 -16.90
C HIS EA 59 1.62 -78.15 -16.18
N TYR EA 60 1.58 -78.19 -14.87
CA TYR EA 60 2.82 -78.26 -14.09
C TYR EA 60 3.44 -79.64 -14.19
N HIS EA 61 4.76 -79.68 -14.14
CA HIS EA 61 5.53 -80.93 -14.12
C HIS EA 61 5.18 -81.82 -15.30
N LEU EA 62 5.34 -81.26 -16.50
CA LEU EA 62 5.17 -82.04 -17.72
C LEU EA 62 6.29 -83.06 -17.84
N LYS EA 63 5.93 -84.31 -18.09
CA LYS EA 63 6.89 -85.39 -18.30
C LYS EA 63 6.72 -85.89 -19.74
N ARG EA 64 7.67 -85.49 -20.60
CA ARG EA 64 7.66 -85.84 -22.02
C ARG EA 64 7.66 -87.34 -22.29
N ASN EA 65 8.15 -88.15 -21.35
CA ASN EA 65 8.20 -89.59 -21.58
C ASN EA 65 6.81 -90.21 -21.58
N GLN EA 66 5.90 -89.67 -20.77
CA GLN EA 66 4.56 -90.24 -20.68
C GLN EA 66 3.82 -90.13 -22.01
N SER EA 67 4.09 -89.07 -22.77
CA SER EA 67 3.45 -88.83 -24.05
C SER EA 67 4.25 -89.41 -25.22
N PHE EA 68 5.28 -90.19 -24.95
CA PHE EA 68 6.14 -90.73 -25.99
C PHE EA 68 5.36 -91.74 -26.83
N CYS EA 69 5.13 -91.40 -28.10
CA CYS EA 69 4.41 -92.29 -29.02
C CYS EA 69 4.84 -91.99 -30.44
N PRO EA 70 6.03 -92.47 -30.84
CA PRO EA 70 6.46 -92.29 -32.23
C PRO EA 70 5.55 -93.05 -33.19
N THR EA 71 5.40 -92.49 -34.38
CA THR EA 71 4.47 -93.01 -35.37
C THR EA 71 5.20 -93.42 -36.64
N VAL EA 72 4.64 -94.40 -37.32
CA VAL EA 72 5.14 -94.86 -38.61
C VAL EA 72 3.96 -94.99 -39.57
N ASN EA 73 4.17 -94.61 -40.82
CA ASN EA 73 3.12 -94.71 -41.82
C ASN EA 73 3.21 -96.06 -42.54
N LEU EA 74 2.11 -96.42 -43.21
CA LEU EA 74 2.04 -97.71 -43.88
C LEU EA 74 2.99 -97.80 -45.06
N ASP EA 75 3.31 -96.67 -45.70
CA ASP EA 75 4.22 -96.70 -46.84
C ASP EA 75 5.63 -97.11 -46.42
N LYS EA 76 6.03 -96.80 -45.19
CA LYS EA 76 7.33 -97.17 -44.65
C LYS EA 76 7.28 -98.46 -43.84
N LEU EA 77 6.12 -99.14 -43.79
CA LEU EA 77 5.95 -100.27 -42.88
C LEU EA 77 6.87 -101.43 -43.24
N TRP EA 78 7.00 -101.74 -44.52
CA TRP EA 78 7.79 -102.90 -44.92
C TRP EA 78 9.29 -102.66 -44.82
N THR EA 79 9.73 -101.43 -44.55
CA THR EA 79 11.15 -101.17 -44.34
C THR EA 79 11.64 -101.60 -42.97
N LEU EA 80 10.73 -101.97 -42.05
CA LEU EA 80 11.11 -102.38 -40.71
C LEU EA 80 11.61 -103.82 -40.66
N VAL EA 81 11.38 -104.62 -41.70
CA VAL EA 81 11.86 -105.98 -41.76
C VAL EA 81 12.87 -106.08 -42.90
N SER EA 82 13.53 -107.23 -42.98
CA SER EA 82 14.54 -107.44 -44.01
C SER EA 82 13.89 -107.66 -45.36
N GLU EA 83 14.65 -107.38 -46.41
CA GLU EA 83 14.19 -107.62 -47.78
C GLU EA 83 13.94 -109.11 -48.02
N GLN EA 84 14.67 -109.97 -47.33
CA GLN EA 84 14.41 -111.40 -47.40
C GLN EA 84 13.00 -111.72 -46.92
N THR EA 85 12.53 -111.03 -45.89
CA THR EA 85 11.22 -111.33 -45.33
C THR EA 85 10.11 -111.09 -46.34
N ARG EA 86 10.26 -110.08 -47.19
CA ARG EA 86 9.10 -109.67 -47.96
C ARG EA 86 9.03 -110.47 -49.26
N VAL EA 87 10.19 -110.82 -49.82
CA VAL EA 87 10.22 -111.67 -51.01
C VAL EA 87 9.79 -113.09 -50.66
N ASN EA 88 10.18 -113.59 -49.49
CA ASN EA 88 9.78 -114.92 -49.08
C ASN EA 88 8.27 -115.02 -48.92
N ALA EA 89 7.66 -114.00 -48.30
CA ALA EA 89 6.21 -114.00 -48.12
C ALA EA 89 5.49 -113.92 -49.46
N ALA EA 90 5.99 -113.11 -50.38
CA ALA EA 90 5.33 -112.95 -51.68
C ALA EA 90 5.33 -114.24 -52.47
N LYS EA 91 6.47 -114.94 -52.49
CA LYS EA 91 6.59 -116.19 -53.24
C LYS EA 91 6.14 -117.40 -52.43
N ASN EA 92 5.77 -117.21 -51.17
CA ASN EA 92 5.23 -118.31 -50.36
C ASN EA 92 3.90 -118.78 -50.94
N LYS EA 93 3.77 -120.11 -51.05
CA LYS EA 93 2.55 -120.70 -51.59
C LYS EA 93 1.40 -120.63 -50.59
N THR EA 94 1.70 -120.78 -49.31
CA THR EA 94 0.65 -120.85 -48.29
C THR EA 94 0.10 -119.46 -48.02
N GLY EA 95 -0.71 -119.33 -46.98
CA GLY EA 95 -1.21 -118.04 -46.57
C GLY EA 95 -0.40 -117.46 -45.42
N ALA EA 96 0.82 -117.98 -45.23
CA ALA EA 96 1.66 -117.53 -44.13
C ALA EA 96 2.06 -116.08 -44.33
N ALA EA 97 1.75 -115.24 -43.34
CA ALA EA 97 2.09 -113.83 -43.41
C ALA EA 97 3.13 -113.49 -42.36
N PRO EA 98 4.14 -112.70 -42.71
CA PRO EA 98 5.16 -112.31 -41.74
C PRO EA 98 4.60 -111.36 -40.69
N ILE EA 99 5.29 -111.30 -39.56
CA ILE EA 99 4.91 -110.44 -38.45
C ILE EA 99 5.85 -109.25 -38.43
N ILE EA 100 5.29 -108.05 -38.42
CA ILE EA 100 6.05 -106.81 -38.29
C ILE EA 100 5.74 -106.23 -36.91
N ASP EA 101 6.75 -106.18 -36.05
CA ASP EA 101 6.61 -105.65 -34.70
C ASP EA 101 7.19 -104.24 -34.72
N VAL EA 102 6.32 -103.23 -34.85
CA VAL EA 102 6.80 -101.87 -34.95
C VAL EA 102 7.34 -101.37 -33.62
N VAL EA 103 6.90 -101.97 -32.51
CA VAL EA 103 7.44 -101.61 -31.19
C VAL EA 103 8.91 -102.01 -31.12
N ARG EA 104 9.26 -103.16 -31.69
CA ARG EA 104 10.65 -103.57 -31.76
C ARG EA 104 11.49 -102.59 -32.56
N SER EA 105 10.94 -102.07 -33.67
CA SER EA 105 11.65 -101.10 -34.48
C SER EA 105 11.64 -99.70 -33.87
N GLY EA 106 10.91 -99.48 -32.79
CA GLY EA 106 10.91 -98.21 -32.10
C GLY EA 106 9.69 -97.34 -32.30
N TYR EA 107 8.62 -97.85 -32.89
CA TYR EA 107 7.40 -97.09 -33.10
C TYR EA 107 6.26 -97.70 -32.30
N TYR EA 108 5.38 -96.83 -31.81
CA TYR EA 108 4.22 -97.27 -31.03
C TYR EA 108 2.92 -97.23 -31.81
N LYS EA 109 2.70 -96.21 -32.62
CA LYS EA 109 1.46 -96.05 -33.37
C LYS EA 109 1.73 -96.23 -34.86
N VAL EA 110 0.80 -96.92 -35.53
CA VAL EA 110 0.86 -97.12 -36.97
C VAL EA 110 -0.17 -96.21 -37.62
N LEU EA 111 0.31 -95.25 -38.41
CA LEU EA 111 -0.56 -94.33 -39.14
C LEU EA 111 -0.76 -94.86 -40.56
N GLY EA 112 -1.79 -94.32 -41.23
CA GLY EA 112 -2.22 -94.91 -42.48
C GLY EA 112 -1.98 -94.08 -43.72
N LYS EA 113 -0.84 -93.41 -43.83
CA LYS EA 113 -0.50 -92.66 -45.02
C LYS EA 113 0.19 -93.58 -46.02
N GLY EA 114 -0.25 -93.52 -47.27
CA GLY EA 114 0.29 -94.36 -48.31
C GLY EA 114 -0.57 -95.58 -48.59
N LYS EA 115 0.02 -96.53 -49.30
CA LYS EA 115 -0.66 -97.76 -49.66
C LYS EA 115 0.27 -98.94 -49.42
N LEU EA 116 -0.32 -100.10 -49.21
CA LEU EA 116 0.45 -101.31 -48.94
C LEU EA 116 0.54 -102.19 -50.18
N PRO EA 117 1.64 -102.93 -50.34
CA PRO EA 117 1.68 -103.96 -51.38
C PRO EA 117 0.65 -105.05 -51.09
N LYS EA 118 0.14 -105.64 -52.16
CA LYS EA 118 -0.95 -106.62 -52.07
C LYS EA 118 -0.41 -107.94 -51.56
N GLN EA 119 -0.15 -107.99 -50.24
CA GLN EA 119 0.21 -109.26 -49.60
C GLN EA 119 -0.11 -109.16 -48.12
N PRO EA 120 -0.61 -110.22 -47.50
CA PRO EA 120 -1.02 -110.14 -46.10
C PRO EA 120 0.18 -110.00 -45.17
N VAL EA 121 -0.08 -109.39 -44.01
CA VAL EA 121 0.96 -109.18 -43.01
C VAL EA 121 0.29 -109.00 -41.66
N ILE EA 122 0.95 -109.46 -40.60
CA ILE EA 122 0.48 -109.28 -39.24
C ILE EA 122 1.28 -108.14 -38.62
N VAL EA 123 0.60 -107.09 -38.21
CA VAL EA 123 1.25 -105.88 -37.70
C VAL EA 123 0.95 -105.79 -36.21
N LYS EA 124 2.01 -105.65 -35.41
CA LYS EA 124 1.91 -105.55 -33.96
C LYS EA 124 2.28 -104.13 -33.55
N ALA EA 125 1.36 -103.45 -32.89
CA ALA EA 125 1.57 -102.06 -32.48
C ALA EA 125 0.78 -101.79 -31.22
N LYS EA 126 1.18 -100.73 -30.51
CA LYS EA 126 0.39 -100.29 -29.36
C LYS EA 126 -0.92 -99.64 -29.81
N PHE EA 127 -0.85 -98.79 -30.83
CA PHE EA 127 -2.02 -98.08 -31.32
C PHE EA 127 -2.08 -98.16 -32.84
N PHE EA 128 -3.31 -98.13 -33.35
CA PHE EA 128 -3.58 -98.09 -34.78
C PHE EA 128 -4.54 -96.97 -35.07
N SER EA 129 -4.31 -96.25 -36.17
CA SER EA 129 -5.32 -95.32 -36.65
C SER EA 129 -6.40 -96.12 -37.39
N ARG EA 130 -7.56 -95.47 -37.54
CA ARG EA 130 -8.69 -96.15 -38.17
C ARG EA 130 -8.38 -96.53 -39.61
N ARG EA 131 -7.76 -95.62 -40.36
CA ARG EA 131 -7.48 -95.90 -41.77
C ARG EA 131 -6.31 -96.87 -41.93
N ALA EA 132 -5.33 -96.84 -41.03
CA ALA EA 132 -4.25 -97.82 -41.09
C ALA EA 132 -4.79 -99.23 -40.89
N GLU EA 133 -5.74 -99.39 -39.96
CA GLU EA 133 -6.35 -100.70 -39.76
C GLU EA 133 -7.11 -101.15 -41.00
N GLU EA 134 -7.86 -100.22 -41.61
CA GLU EA 134 -8.64 -100.57 -42.79
C GLU EA 134 -7.75 -101.01 -43.95
N LYS EA 135 -6.63 -100.32 -44.16
CA LYS EA 135 -5.75 -100.66 -45.27
C LYS EA 135 -5.05 -101.99 -45.03
N ILE EA 136 -4.69 -102.28 -43.77
CA ILE EA 136 -4.05 -103.56 -43.47
C ILE EA 136 -5.00 -104.72 -43.72
N LYS EA 137 -6.29 -104.54 -43.37
CA LYS EA 137 -7.25 -105.61 -43.62
C LYS EA 137 -7.59 -105.72 -45.10
N SER EA 138 -7.42 -104.64 -45.85
CA SER EA 138 -7.71 -104.68 -47.28
C SER EA 138 -6.75 -105.60 -48.02
N VAL EA 139 -5.51 -105.70 -47.55
CA VAL EA 139 -4.52 -106.56 -48.18
C VAL EA 139 -4.54 -107.93 -47.53
N GLY EA 140 -5.57 -108.19 -46.72
CA GLY EA 140 -5.72 -109.47 -46.06
C GLY EA 140 -4.92 -109.67 -44.79
N GLY EA 141 -4.38 -108.60 -44.21
CA GLY EA 141 -3.60 -108.70 -43.00
C GLY EA 141 -4.46 -108.59 -41.75
N ALA EA 142 -3.77 -108.54 -40.62
CA ALA EA 142 -4.43 -108.41 -39.32
C ALA EA 142 -3.65 -107.44 -38.45
N CYS EA 143 -4.38 -106.77 -37.56
CA CYS EA 143 -3.78 -105.86 -36.59
C CYS EA 143 -3.99 -106.44 -35.20
N VAL EA 144 -2.90 -106.60 -34.46
CA VAL EA 144 -2.96 -107.14 -33.11
C VAL EA 144 -2.25 -106.15 -32.19
N LEU EA 145 -2.85 -105.90 -31.02
CA LEU EA 145 -2.38 -104.88 -30.12
C LEU EA 145 -1.41 -105.46 -29.09
N VAL EA 146 -0.46 -104.62 -28.67
CA VAL EA 146 0.50 -104.97 -27.64
C VAL EA 146 0.55 -103.85 -26.61
N ALA EA 147 1.04 -104.18 -25.43
CA ALA EA 147 1.11 -103.22 -24.35
C ALA EA 147 2.57 -102.91 -23.98
N ALA FA 1 12.83 -27.04 -34.51
CA ALA FA 1 11.52 -27.26 -33.92
C ALA FA 1 10.53 -27.79 -34.95
N LYS FA 2 9.99 -26.89 -35.76
CA LYS FA 2 9.04 -27.29 -36.79
C LYS FA 2 9.78 -27.84 -38.01
N SER FA 3 9.05 -28.63 -38.79
CA SER FA 3 9.60 -29.31 -39.96
C SER FA 3 8.51 -29.40 -41.02
N LYS FA 4 8.85 -30.01 -42.15
CA LYS FA 4 7.87 -30.21 -43.21
C LYS FA 4 6.83 -31.23 -42.77
N ASN FA 5 5.62 -31.09 -43.30
CA ASN FA 5 4.49 -31.90 -42.87
C ASN FA 5 4.17 -33.04 -43.84
N HIS FA 6 4.18 -32.78 -45.14
CA HIS FA 6 3.80 -33.79 -46.11
C HIS FA 6 4.24 -33.34 -47.50
N THR FA 7 4.59 -34.31 -48.34
CA THR FA 7 4.79 -34.04 -49.76
C THR FA 7 4.72 -35.36 -50.51
N THR FA 8 4.28 -35.27 -51.76
CA THR FA 8 4.43 -36.36 -52.72
C THR FA 8 5.51 -36.06 -53.74
N HIS FA 9 6.33 -35.05 -53.48
CA HIS FA 9 7.45 -34.72 -54.34
C HIS FA 9 8.42 -35.90 -54.40
N ASN FA 10 8.86 -36.25 -55.62
CA ASN FA 10 9.78 -37.32 -55.95
C ASN FA 10 9.12 -38.70 -55.84
N GLN FA 11 7.89 -38.79 -55.32
CA GLN FA 11 7.26 -40.09 -55.15
C GLN FA 11 6.93 -40.75 -56.49
N SER FA 12 6.47 -39.96 -57.45
CA SER FA 12 6.17 -40.51 -58.79
C SER FA 12 7.44 -41.04 -59.45
N ARG FA 13 8.56 -40.33 -59.29
CA ARG FA 13 9.82 -40.80 -59.83
C ARG FA 13 10.23 -42.12 -59.21
N LYS FA 14 10.00 -42.26 -57.90
CA LYS FA 14 10.28 -43.54 -57.24
C LYS FA 14 9.37 -44.64 -57.76
N TRP FA 15 8.10 -44.32 -57.99
CA TRP FA 15 7.14 -45.34 -58.44
C TRP FA 15 7.49 -45.87 -59.83
N HIS FA 16 8.03 -45.02 -60.69
CA HIS FA 16 8.26 -45.43 -62.08
C HIS FA 16 9.62 -46.09 -62.27
N ARG FA 17 10.50 -46.02 -61.27
CA ARG FA 17 11.84 -46.57 -61.44
C ARG FA 17 11.80 -48.07 -61.67
N ASN FA 18 11.03 -48.79 -60.87
CA ASN FA 18 10.76 -50.20 -61.14
C ASN FA 18 9.49 -50.37 -61.97
N GLY FA 19 8.88 -49.28 -62.40
CA GLY FA 19 7.68 -49.31 -63.20
C GLY FA 19 6.43 -49.48 -62.36
N ILE FA 20 5.30 -49.08 -62.93
CA ILE FA 20 3.99 -49.32 -62.33
C ILE FA 20 3.36 -50.47 -63.10
N LYS FA 21 3.42 -51.66 -62.53
CA LYS FA 21 2.97 -52.89 -63.17
C LYS FA 21 1.50 -53.16 -62.88
N LYS FA 22 0.72 -53.34 -63.93
CA LYS FA 22 -0.64 -53.80 -63.79
C LYS FA 22 -0.64 -55.25 -63.31
N PRO FA 23 -1.67 -55.67 -62.57
CA PRO FA 23 -1.65 -57.01 -61.98
C PRO FA 23 -1.55 -58.10 -63.03
N ARG FA 24 -0.80 -59.16 -62.70
CA ARG FA 24 -0.56 -60.26 -63.62
C ARG FA 24 -1.86 -61.01 -63.86
N SER FA 25 -2.49 -60.76 -65.01
CA SER FA 25 -3.73 -61.45 -65.37
C SER FA 25 -3.39 -62.74 -66.10
N GLN FA 26 -4.15 -63.79 -65.81
CA GLN FA 26 -3.89 -65.11 -66.36
C GLN FA 26 -5.18 -65.91 -66.40
N ARG FA 27 -5.17 -66.94 -67.24
CA ARG FA 27 -6.33 -67.82 -67.38
C ARG FA 27 -6.71 -68.42 -66.05
N TYR FA 28 -7.98 -68.76 -65.92
CA TYR FA 28 -8.52 -69.44 -64.74
C TYR FA 28 -8.31 -68.57 -63.49
N GLU FA 29 -9.17 -67.56 -63.38
CA GLU FA 29 -9.19 -66.71 -62.20
C GLU FA 29 -9.73 -67.50 -61.00
N SER FA 30 -9.30 -67.11 -59.81
CA SER FA 30 -9.73 -67.79 -58.60
C SER FA 30 -11.22 -67.59 -58.36
N LEU FA 31 -11.83 -68.57 -57.69
CA LEU FA 31 -13.26 -68.55 -57.41
C LEU FA 31 -13.57 -68.00 -56.03
N LYS FA 32 -12.66 -67.24 -55.43
CA LYS FA 32 -12.92 -66.66 -54.13
C LYS FA 32 -13.93 -65.52 -54.24
N GLY FA 33 -14.85 -65.48 -53.27
CA GLY FA 33 -15.86 -64.43 -53.23
C GLY FA 33 -17.09 -64.68 -54.06
N VAL FA 34 -17.13 -65.77 -54.83
CA VAL FA 34 -18.32 -66.07 -55.61
C VAL FA 34 -19.42 -66.58 -54.68
N ASP FA 35 -20.67 -66.50 -55.16
CA ASP FA 35 -21.83 -66.85 -54.37
C ASP FA 35 -21.70 -68.29 -53.87
N PRO FA 36 -21.73 -68.53 -52.55
CA PRO FA 36 -21.58 -69.90 -52.05
C PRO FA 36 -22.64 -70.87 -52.58
N LYS FA 37 -23.89 -70.43 -52.70
CA LYS FA 37 -24.91 -71.33 -53.25
C LYS FA 37 -24.61 -71.67 -54.70
N PHE FA 38 -24.20 -70.68 -55.49
CA PHE FA 38 -23.77 -70.96 -56.86
C PHE FA 38 -22.53 -71.82 -56.88
N LEU FA 39 -21.61 -71.58 -55.94
CA LEU FA 39 -20.34 -72.32 -55.93
C LEU FA 39 -20.54 -73.79 -55.63
N ARG FA 40 -21.41 -74.13 -54.68
CA ARG FA 40 -21.56 -75.53 -54.32
C ARG FA 40 -22.27 -76.33 -55.40
N ASN FA 41 -23.11 -75.68 -56.20
CA ASN FA 41 -23.72 -76.37 -57.33
C ASN FA 41 -22.72 -76.61 -58.45
N MET FA 42 -21.78 -75.70 -58.65
CA MET FA 42 -20.73 -75.93 -59.64
C MET FA 42 -19.91 -77.16 -59.29
N ARG FA 43 -19.62 -77.34 -58.00
CA ARG FA 43 -18.90 -78.55 -57.57
C ARG FA 43 -19.72 -79.80 -57.85
N PHE FA 44 -21.04 -79.73 -57.60
CA PHE FA 44 -21.89 -80.88 -57.91
C PHE FA 44 -21.93 -81.15 -59.41
N ALA FA 45 -21.99 -80.09 -60.23
CA ALA FA 45 -21.92 -80.28 -61.67
C ALA FA 45 -20.58 -80.88 -62.08
N LYS FA 46 -19.49 -80.39 -61.47
CA LYS FA 46 -18.17 -80.94 -61.77
C LYS FA 46 -18.04 -82.38 -61.29
N LYS FA 47 -18.57 -82.68 -60.11
CA LYS FA 47 -18.46 -84.03 -59.56
C LYS FA 47 -19.15 -85.06 -60.44
N HIS FA 48 -20.32 -84.72 -60.97
CA HIS FA 48 -21.12 -85.66 -61.74
C HIS FA 48 -20.84 -85.60 -63.23
N ASN FA 49 -19.77 -84.91 -63.66
CA ASN FA 49 -19.35 -85.03 -65.05
C ASN FA 49 -18.87 -86.43 -65.41
N LYS FA 50 -18.62 -87.28 -64.42
CA LYS FA 50 -18.35 -88.69 -64.71
C LYS FA 50 -19.43 -89.28 -65.61
N LYS FA 51 -20.65 -89.38 -65.09
CA LYS FA 51 -21.74 -89.92 -65.86
C LYS FA 51 -21.99 -89.07 -67.10
N GLY FA 52 -22.47 -89.70 -68.15
CA GLY FA 52 -22.56 -89.06 -69.44
C GLY FA 52 -21.28 -89.07 -70.23
N LEU FA 53 -20.20 -89.62 -69.68
CA LEU FA 53 -18.96 -89.77 -70.45
C LEU FA 53 -19.17 -90.72 -71.62
N LYS FA 54 -19.89 -91.83 -71.40
CA LYS FA 54 -20.18 -92.74 -72.50
C LYS FA 54 -21.05 -92.09 -73.55
N LYS FA 55 -22.06 -91.32 -73.13
CA LYS FA 55 -22.88 -90.62 -74.10
C LYS FA 55 -22.07 -89.55 -74.83
N MET FA 56 -21.10 -88.96 -74.15
CA MET FA 56 -20.33 -87.87 -74.73
C MET FA 56 -19.30 -88.34 -75.74
N GLN FA 57 -18.67 -89.51 -75.52
CA GLN FA 57 -17.72 -90.01 -76.49
C GLN FA 57 -18.39 -90.60 -77.72
N ALA FA 58 -19.58 -91.20 -77.55
CA ALA FA 58 -20.33 -91.69 -78.70
C ALA FA 58 -20.77 -90.53 -79.59
N ASN FA 59 -21.23 -89.43 -78.97
CA ASN FA 59 -21.57 -88.22 -79.71
C ASN FA 59 -20.35 -87.66 -80.43
N ASN FA 60 -19.19 -87.67 -79.77
CA ASN FA 60 -17.96 -87.24 -80.43
C ASN FA 60 -17.59 -88.18 -81.57
N ALA FA 61 -17.79 -89.48 -81.36
CA ALA FA 61 -17.41 -90.46 -82.38
C ALA FA 61 -18.24 -90.30 -83.65
N LYS FA 62 -19.56 -90.14 -83.51
CA LYS FA 62 -20.40 -89.99 -84.69
C LYS FA 62 -20.17 -88.63 -85.35
N ALA FA 63 -19.90 -87.59 -84.56
CA ALA FA 63 -19.57 -86.30 -85.14
C ALA FA 63 -18.24 -86.36 -85.88
N MET FA 64 -17.26 -87.06 -85.31
CA MET FA 64 -15.99 -87.25 -86.00
C MET FA 64 -16.17 -88.06 -87.28
N SER FA 65 -16.98 -89.13 -87.22
CA SER FA 65 -17.22 -89.93 -88.41
C SER FA 65 -17.99 -89.15 -89.46
N ALA FA 66 -19.01 -88.39 -89.04
CA ALA FA 66 -19.79 -87.60 -89.99
C ALA FA 66 -18.93 -86.53 -90.66
N ARG FA 67 -18.08 -85.86 -89.88
CA ARG FA 67 -17.20 -84.85 -90.45
C ARG FA 67 -16.16 -85.49 -91.36
N ALA FA 68 -15.65 -86.67 -90.99
CA ALA FA 68 -14.62 -87.33 -91.78
C ALA FA 68 -15.13 -87.69 -93.16
N GLU FA 69 -16.32 -88.28 -93.25
CA GLU FA 69 -16.85 -88.67 -94.55
C GLU FA 69 -17.29 -87.45 -95.36
N ALA FA 70 -17.74 -86.39 -94.69
CA ALA FA 70 -18.08 -85.16 -95.40
C ALA FA 70 -16.85 -84.56 -96.07
N ILE FA 71 -15.72 -84.54 -95.36
CA ILE FA 71 -14.48 -84.03 -95.95
C ILE FA 71 -13.97 -84.99 -97.01
N LYS FA 72 -13.99 -86.29 -96.72
CA LYS FA 72 -13.48 -87.29 -97.66
C LYS FA 72 -14.38 -87.48 -98.87
N ALA FA 73 -15.58 -86.92 -98.87
CA ALA FA 73 -16.48 -87.01 -100.01
C ALA FA 73 -15.92 -86.20 -101.17
N LEU FA 74 -15.03 -86.81 -101.95
CA LEU FA 74 -14.36 -86.15 -103.07
C LEU FA 74 -15.00 -86.59 -104.38
N VAL FA 75 -15.36 -85.61 -105.22
CA VAL FA 75 -16.02 -85.79 -106.52
C VAL FA 75 -16.93 -87.01 -106.57
N VAL FA 76 4.18 -62.80 -121.00
CA VAL FA 76 5.16 -62.00 -121.73
C VAL FA 76 6.54 -62.16 -121.10
N SER FA 77 7.46 -61.26 -121.44
CA SER FA 77 8.82 -61.37 -120.93
C SER FA 77 8.88 -61.03 -119.44
N ARG FA 78 8.35 -59.85 -119.05
CA ARG FA 78 8.49 -59.32 -117.70
C ARG FA 78 9.93 -59.43 -117.20
N LYS FA 79 10.75 -58.50 -117.68
CA LYS FA 79 12.20 -58.59 -117.45
C LYS FA 79 12.53 -58.69 -115.96
N LEU FA 80 11.96 -57.79 -115.15
CA LEU FA 80 12.35 -57.74 -113.75
C LEU FA 80 11.89 -58.99 -113.00
N ASP FA 81 10.74 -59.55 -113.40
CA ASP FA 81 10.27 -60.75 -112.73
C ASP FA 81 11.00 -61.99 -113.24
N ARG FA 82 11.40 -61.98 -114.51
CA ARG FA 82 12.26 -63.04 -115.04
C ARG FA 82 13.59 -63.08 -114.31
N LEU FA 83 14.21 -61.93 -114.07
CA LEU FA 83 15.52 -61.88 -113.44
C LEU FA 83 15.43 -62.33 -111.99
N ALA FA 84 14.35 -61.98 -111.29
CA ALA FA 84 14.17 -62.47 -109.93
C ALA FA 84 14.03 -63.98 -109.89
N TYR FA 85 13.36 -64.56 -110.89
CA TYR FA 85 13.27 -66.01 -110.99
C TYR FA 85 14.64 -66.64 -111.19
N ILE FA 86 15.46 -66.06 -112.07
CA ILE FA 86 16.78 -66.60 -112.35
C ILE FA 86 17.67 -66.49 -111.12
N ALA FA 87 17.53 -65.41 -110.36
CA ALA FA 87 18.33 -65.20 -109.16
C ALA FA 87 17.92 -66.08 -108.00
N HIS FA 88 16.79 -66.78 -108.09
CA HIS FA 88 16.38 -67.66 -107.01
C HIS FA 88 17.34 -68.83 -106.90
N PRO FA 89 17.85 -69.15 -105.70
CA PRO FA 89 18.85 -70.22 -105.58
C PRO FA 89 18.35 -71.58 -106.05
N LYS FA 90 17.07 -71.89 -105.87
CA LYS FA 90 16.54 -73.18 -106.28
C LYS FA 90 15.78 -73.13 -107.60
N LEU FA 91 14.87 -72.17 -107.76
CA LEU FA 91 13.99 -72.18 -108.92
C LEU FA 91 14.75 -71.79 -110.18
N GLY FA 92 15.84 -71.04 -110.06
CA GLY FA 92 16.58 -70.58 -111.21
C GLY FA 92 17.86 -71.36 -111.46
N LYS FA 93 17.98 -72.55 -110.89
CA LYS FA 93 19.19 -73.35 -111.05
C LYS FA 93 19.39 -73.72 -112.51
N ARG FA 94 18.38 -74.32 -113.13
CA ARG FA 94 18.46 -74.69 -114.54
C ARG FA 94 18.41 -73.48 -115.45
N ALA FA 95 17.73 -72.42 -115.03
CA ALA FA 95 17.63 -71.22 -115.85
C ALA FA 95 18.99 -70.56 -116.06
N ARG FA 96 19.77 -70.44 -114.99
CA ARG FA 96 21.10 -69.84 -115.09
C ARG FA 96 22.17 -70.82 -115.55
N ALA FA 97 21.87 -72.12 -115.55
CA ALA FA 97 22.78 -73.07 -116.17
C ALA FA 97 22.72 -72.97 -117.70
N ARG FA 98 21.54 -72.63 -118.24
CA ARG FA 98 21.40 -72.47 -119.68
C ARG FA 98 22.22 -71.27 -120.17
N ILE FA 99 22.17 -70.15 -119.46
CA ILE FA 99 22.92 -68.98 -119.88
C ILE FA 99 24.42 -69.21 -119.70
N ALA FA 100 24.80 -70.05 -118.73
CA ALA FA 100 26.21 -70.36 -118.54
C ALA FA 100 26.77 -71.13 -119.73
N LYS FA 101 26.02 -72.11 -120.23
CA LYS FA 101 26.50 -72.92 -121.34
C LYS FA 101 26.54 -72.12 -122.64
N GLY FA 102 25.62 -71.17 -122.80
CA GLY FA 102 25.57 -70.40 -124.03
C GLY FA 102 26.80 -69.53 -124.21
N LEU FA 103 27.30 -68.95 -123.12
CA LEU FA 103 28.47 -68.11 -123.19
C LEU FA 103 29.70 -68.91 -123.62
N ARG FA 104 29.78 -70.18 -123.21
CA ARG FA 104 30.96 -70.97 -123.53
C ARG FA 104 30.89 -71.58 -124.92
N LEU FA 105 29.70 -71.96 -125.37
CA LEU FA 105 29.56 -72.73 -126.59
C LEU FA 105 29.00 -71.84 -127.70
N CYS FA 106 29.65 -71.89 -128.87
CA CYS FA 106 29.14 -71.26 -130.09
C CYS FA 106 28.98 -72.34 -131.14
N ARG FA 107 27.76 -72.51 -131.65
CA ARG FA 107 27.46 -73.56 -132.61
C ARG FA 107 26.82 -72.93 -133.84
N PRO FA 108 27.22 -73.32 -135.04
CA PRO FA 108 26.69 -72.69 -136.26
C PRO FA 108 25.23 -73.04 -136.49
N LYS FA 109 24.61 -72.29 -137.39
CA LYS FA 109 23.22 -72.47 -137.78
C LYS FA 109 22.28 -72.28 -136.59
N LYS GA 1 6.23 -4.21 80.30
CA LYS GA 1 6.77 -3.21 81.22
C LYS GA 1 8.18 -3.55 81.65
N SER GA 2 8.49 -4.85 81.73
CA SER GA 2 9.82 -5.27 82.16
C SER GA 2 10.87 -4.91 81.14
N LEU GA 3 10.53 -4.96 79.85
CA LEU GA 3 11.50 -4.65 78.80
C LEU GA 3 11.98 -3.21 78.89
N GLU GA 4 11.06 -2.27 79.15
CA GLU GA 4 11.45 -0.88 79.33
C GLU GA 4 11.94 -0.59 80.74
N SER GA 5 11.62 -1.46 81.70
CA SER GA 5 12.12 -1.26 83.06
C SER GA 5 13.62 -1.53 83.15
N ILE GA 6 14.07 -2.61 82.51
CA ILE GA 6 15.50 -2.94 82.56
C ILE GA 6 16.32 -1.88 81.83
N ASN GA 7 15.82 -1.41 80.68
CA ASN GA 7 16.52 -0.34 79.96
C ASN GA 7 16.57 0.93 80.78
N SER GA 8 15.46 1.30 81.42
CA SER GA 8 15.46 2.47 82.30
C SER GA 8 16.38 2.26 83.49
N ARG GA 9 16.34 1.07 84.09
CA ARG GA 9 17.26 0.77 85.18
C ARG GA 9 18.71 0.76 84.69
N LEU GA 10 18.96 0.15 83.53
CA LEU GA 10 20.31 0.13 82.99
C LEU GA 10 20.84 1.54 82.76
N GLN GA 11 19.96 2.47 82.37
CA GLN GA 11 20.36 3.86 82.24
C GLN GA 11 20.80 4.43 83.60
N LEU GA 12 20.02 4.16 84.65
CA LEU GA 12 20.35 4.71 85.95
C LEU GA 12 21.57 4.02 86.57
N VAL GA 13 21.92 2.83 86.11
CA VAL GA 13 23.22 2.25 86.49
C VAL GA 13 24.35 3.12 85.98
N MET GA 14 24.25 3.53 84.72
CA MET GA 14 25.18 4.51 84.18
C MET GA 14 24.99 5.84 84.93
N LYS GA 15 26.06 6.64 84.94
CA LYS GA 15 26.14 7.96 85.58
C LYS GA 15 25.76 7.95 87.06
N SER GA 16 25.48 6.77 87.61
CA SER GA 16 25.13 6.66 89.02
C SER GA 16 25.65 5.39 89.66
N GLY GA 17 26.39 4.57 88.92
CA GLY GA 17 26.92 3.34 89.46
C GLY GA 17 28.17 2.94 88.71
N LYS GA 18 28.83 1.92 89.23
CA LYS GA 18 30.07 1.44 88.65
C LYS GA 18 29.80 0.18 87.85
N TYR GA 19 30.24 0.18 86.59
CA TYR GA 19 30.01 -0.92 85.68
C TYR GA 19 31.30 -1.18 84.93
N VAL GA 20 31.25 -2.16 84.04
CA VAL GA 20 32.37 -2.46 83.18
C VAL GA 20 31.83 -3.15 81.93
N LEU GA 21 32.34 -2.73 80.78
CA LEU GA 21 31.78 -3.14 79.49
C LEU GA 21 32.80 -3.99 78.74
N GLY GA 22 32.38 -5.14 78.27
CA GLY GA 22 33.24 -5.99 77.46
C GLY GA 22 33.51 -7.35 78.07
N TYR GA 23 33.87 -8.30 77.21
CA TYR GA 23 34.05 -9.68 77.66
C TYR GA 23 35.28 -9.82 78.54
N LYS GA 24 36.42 -9.27 78.11
CA LYS GA 24 37.66 -9.47 78.85
C LYS GA 24 37.58 -8.85 80.24
N GLN GA 25 37.06 -7.63 80.35
CA GLN GA 25 36.93 -7.00 81.65
C GLN GA 25 35.90 -7.72 82.52
N THR GA 26 34.81 -8.19 81.90
CA THR GA 26 33.78 -8.88 82.68
C THR GA 26 34.35 -10.12 83.37
N LEU GA 27 35.10 -10.94 82.63
CA LEU GA 27 35.71 -12.11 83.24
C LEU GA 27 36.67 -11.73 84.36
N LYS GA 28 37.45 -10.66 84.14
CA LYS GA 28 38.37 -10.21 85.18
C LYS GA 28 37.63 -9.78 86.43
N MET GA 29 36.49 -9.10 86.27
CA MET GA 29 35.73 -8.64 87.43
C MET GA 29 35.04 -9.79 88.15
N ILE GA 30 34.58 -10.81 87.42
CA ILE GA 30 33.90 -11.94 88.07
C ILE GA 30 34.87 -12.71 88.95
N ARG GA 31 36.05 -13.05 88.40
CA ARG GA 31 37.01 -13.81 89.18
C ARG GA 31 37.66 -13.00 90.29
N GLN GA 32 37.53 -11.67 90.28
CA GLN GA 32 37.91 -10.87 91.44
C GLN GA 32 36.81 -10.79 92.48
N GLY GA 33 35.63 -11.33 92.19
CA GLY GA 33 34.57 -11.45 93.17
C GLY GA 33 33.77 -10.20 93.45
N LYS GA 34 33.93 -9.16 92.63
CA LYS GA 34 33.21 -7.91 92.85
C LYS GA 34 32.25 -7.58 91.72
N ALA GA 35 31.83 -8.57 90.96
CA ALA GA 35 30.76 -8.41 89.98
C ALA GA 35 29.46 -8.94 90.60
N LYS GA 36 28.38 -8.17 90.42
CA LYS GA 36 27.09 -8.50 91.00
C LYS GA 36 26.07 -8.97 89.98
N LEU GA 37 25.91 -8.23 88.89
CA LEU GA 37 25.03 -8.64 87.80
C LEU GA 37 25.82 -8.60 86.50
N VAL GA 38 25.71 -9.67 85.72
CA VAL GA 38 26.33 -9.78 84.41
C VAL GA 38 25.23 -9.93 83.38
N ILE GA 39 25.24 -9.07 82.37
CA ILE GA 39 24.19 -9.00 81.37
C ILE GA 39 24.76 -9.46 80.04
N LEU GA 40 24.10 -10.44 79.43
CA LEU GA 40 24.49 -11.01 78.14
C LEU GA 40 23.43 -10.72 77.10
N ALA GA 41 23.86 -10.18 75.97
CA ALA GA 41 22.99 -10.09 74.81
C ALA GA 41 22.80 -11.47 74.20
N ASN GA 42 21.61 -11.70 73.64
CA ASN GA 42 21.37 -12.93 72.89
C ASN GA 42 22.24 -13.04 71.64
N ASN GA 43 22.87 -11.96 71.20
CA ASN GA 43 23.86 -12.02 70.13
C ASN GA 43 25.14 -12.74 70.55
N CYS GA 44 25.30 -13.01 71.85
CA CYS GA 44 26.56 -13.53 72.36
C CYS GA 44 26.85 -14.91 71.77
N PRO GA 45 28.11 -15.20 71.45
CA PRO GA 45 28.46 -16.56 71.02
C PRO GA 45 28.10 -17.57 72.10
N ALA GA 46 27.61 -18.74 71.66
CA ALA GA 46 27.08 -19.72 72.60
C ALA GA 46 28.14 -20.21 73.56
N LEU GA 47 29.36 -20.42 73.07
CA LEU GA 47 30.46 -20.82 73.96
C LEU GA 47 30.75 -19.74 74.99
N ARG GA 48 30.73 -18.47 74.56
CA ARG GA 48 30.96 -17.38 75.50
C ARG GA 48 29.82 -17.26 76.50
N LYS GA 49 28.59 -17.53 76.06
CA LYS GA 49 27.45 -17.53 76.98
C LYS GA 49 27.63 -18.56 78.09
N SER GA 50 28.01 -19.79 77.70
CA SER GA 50 28.16 -20.86 78.67
C SER GA 50 29.34 -20.62 79.61
N GLU GA 51 30.44 -20.07 79.09
CA GLU GA 51 31.61 -19.83 79.92
C GLU GA 51 31.29 -18.81 81.02
N ILE GA 52 30.62 -17.72 80.66
CA ILE GA 52 30.29 -16.68 81.63
C ILE GA 52 29.31 -17.22 82.67
N GLU GA 53 28.32 -18.00 82.23
CA GLU GA 53 27.38 -18.60 83.17
C GLU GA 53 28.10 -19.54 84.14
N TYR GA 54 29.06 -20.31 83.65
CA TYR GA 54 29.84 -21.16 84.54
C TYR GA 54 30.68 -20.33 85.51
N TYR GA 55 31.28 -19.24 85.02
CA TYR GA 55 32.01 -18.34 85.89
C TYR GA 55 31.10 -17.74 86.95
N ALA GA 56 29.90 -17.32 86.56
CA ALA GA 56 28.97 -16.73 87.50
C ALA GA 56 28.51 -17.74 88.54
N MET GA 57 28.33 -18.99 88.14
CA MET GA 57 27.96 -20.04 89.09
C MET GA 57 29.05 -20.21 90.15
N LEU GA 58 30.31 -20.18 89.73
CA LEU GA 58 31.41 -20.27 90.69
C LEU GA 58 31.45 -19.05 91.60
N ALA GA 59 31.16 -17.87 91.05
CA ALA GA 59 31.26 -16.62 91.80
C ALA GA 59 29.96 -16.21 92.48
N LYS GA 60 28.89 -16.99 92.31
CA LYS GA 60 27.60 -16.69 92.94
C LYS GA 60 27.07 -15.33 92.52
N THR GA 61 27.02 -15.09 91.22
CA THR GA 61 26.53 -13.84 90.66
C THR GA 61 25.41 -14.12 89.67
N GLY GA 62 24.47 -13.18 89.58
CA GLY GA 62 23.33 -13.36 88.70
C GLY GA 62 23.66 -12.98 87.26
N VAL GA 63 23.10 -13.73 86.33
CA VAL GA 63 23.25 -13.49 84.90
C VAL GA 63 21.88 -13.16 84.33
N HIS GA 64 21.75 -11.98 83.75
CA HIS GA 64 20.54 -11.59 83.05
C HIS GA 64 20.77 -11.70 81.55
N HIS GA 65 19.89 -12.42 80.87
CA HIS GA 65 19.97 -12.58 79.42
C HIS GA 65 19.18 -11.45 78.79
N TYR GA 66 19.90 -10.47 78.24
CA TYR GA 66 19.27 -9.31 77.63
C TYR GA 66 18.48 -9.71 76.41
N SER GA 67 17.35 -9.03 76.19
CA SER GA 67 16.48 -9.27 75.06
C SER GA 67 16.74 -8.30 73.92
N GLY GA 68 17.99 -8.18 73.47
CA GLY GA 68 18.33 -7.30 72.38
C GLY GA 68 19.38 -7.86 71.47
N ASN GA 69 20.57 -7.27 71.50
CA ASN GA 69 21.82 -7.83 70.95
C ASN GA 69 22.90 -6.82 71.30
N ASN GA 70 24.14 -7.09 70.88
CA ASN GA 70 25.24 -6.23 71.26
C ASN GA 70 25.06 -4.80 70.73
N ILE GA 71 24.26 -4.62 69.67
CA ILE GA 71 24.02 -3.28 69.17
C ILE GA 71 23.11 -2.51 70.12
N GLU GA 72 21.89 -3.01 70.32
CA GLU GA 72 20.93 -2.28 71.14
C GLU GA 72 21.17 -2.48 72.64
N LEU GA 73 22.07 -3.37 73.04
CA LEU GA 73 22.59 -3.32 74.40
C LEU GA 73 23.55 -2.15 74.56
N GLY GA 74 24.32 -1.85 73.51
CA GLY GA 74 25.17 -0.67 73.54
C GLY GA 74 24.37 0.61 73.63
N THR GA 75 23.24 0.67 72.94
CA THR GA 75 22.38 1.84 73.03
C THR GA 75 21.75 1.95 74.41
N ALA GA 76 21.40 0.81 75.01
CA ALA GA 76 20.84 0.82 76.36
C ALA GA 76 21.86 1.35 77.37
N CYS GA 77 23.13 1.04 77.17
CA CYS GA 77 24.19 1.57 78.01
C CYS GA 77 24.52 3.03 77.70
N GLY GA 78 23.92 3.60 76.66
CA GLY GA 78 24.23 4.95 76.26
C GLY GA 78 25.48 5.11 75.43
N LYS GA 79 26.03 4.02 74.92
CA LYS GA 79 27.26 4.04 74.15
C LYS GA 79 26.95 3.96 72.65
N TYR GA 80 27.94 4.34 71.84
CA TYR GA 80 27.83 4.28 70.40
C TYR GA 80 28.58 3.08 69.82
N TYR GA 81 28.96 2.12 70.66
CA TYR GA 81 29.62 0.91 70.22
C TYR GA 81 28.85 -0.29 70.75
N ARG GA 82 29.06 -1.43 70.11
CA ARG GA 82 28.40 -2.66 70.54
C ARG GA 82 29.02 -3.17 71.82
N VAL GA 83 28.17 -3.55 72.77
CA VAL GA 83 28.61 -4.25 73.98
C VAL GA 83 27.85 -5.57 74.05
N CYS GA 84 28.60 -6.68 74.07
CA CYS GA 84 28.02 -8.00 74.13
C CYS GA 84 27.92 -8.54 75.55
N THR GA 85 28.82 -8.11 76.44
CA THR GA 85 28.81 -8.51 77.83
C THR GA 85 29.21 -7.32 78.68
N LEU GA 86 28.50 -7.13 79.79
CA LEU GA 86 28.89 -6.13 80.77
C LEU GA 86 28.59 -6.64 82.16
N ALA GA 87 29.27 -6.05 83.14
CA ALA GA 87 29.10 -6.40 84.55
C ALA GA 87 28.86 -5.12 85.34
N ILE GA 88 28.01 -5.24 86.36
CA ILE GA 88 27.70 -4.15 87.27
C ILE GA 88 28.43 -4.39 88.58
N ILE GA 89 29.20 -3.40 89.01
CA ILE GA 89 29.93 -3.49 90.28
C ILE GA 89 29.07 -3.01 91.44
N ASP GA 90 28.44 -1.85 91.30
CA ASP GA 90 27.42 -1.41 92.24
C ASP GA 90 26.25 -0.84 91.45
N PRO GA 91 25.03 -0.90 91.99
CA PRO GA 91 23.86 -0.52 91.18
C PRO GA 91 23.65 0.97 91.07
N GLY GA 92 23.35 1.62 92.19
CA GLY GA 92 22.95 3.01 92.18
C GLY GA 92 21.49 3.18 91.79
N ASP GA 93 20.86 2.07 91.36
CA ASP GA 93 19.48 2.09 90.89
C ASP GA 93 18.59 1.01 91.47
N SER GA 94 19.16 -0.03 92.08
CA SER GA 94 18.45 -1.16 92.68
C SER GA 94 17.89 -2.14 91.65
N ASP GA 95 18.55 -2.32 90.51
CA ASP GA 95 18.21 -3.45 89.66
C ASP GA 95 18.52 -4.75 90.35
N ILE GA 96 19.55 -4.75 91.19
CA ILE GA 96 19.81 -5.81 92.13
C ILE GA 96 19.23 -5.41 93.48
N ILE GA 97 19.05 -6.39 94.37
CA ILE GA 97 18.50 -6.14 95.68
C ILE GA 97 19.51 -6.55 96.74
N ARG GA 98 19.56 -5.78 97.83
CA ARG GA 98 20.49 -6.06 98.91
C ARG GA 98 20.06 -7.31 99.69
N ASN HA 1 108.90 14.31 -19.68
CA ASN HA 1 109.11 13.11 -18.89
C ASN HA 1 107.80 12.33 -18.77
N GLU HA 2 107.88 11.10 -18.23
CA GLU HA 2 106.69 10.27 -18.07
C GLU HA 2 106.44 9.83 -16.63
N VAL HA 3 107.29 10.23 -15.69
CA VAL HA 3 107.03 9.96 -14.28
C VAL HA 3 106.67 11.30 -13.64
N VAL HA 4 105.87 12.09 -14.35
CA VAL HA 4 105.50 13.41 -13.87
C VAL HA 4 104.33 13.30 -12.90
N THR HA 5 104.33 14.18 -11.90
CA THR HA 5 103.22 14.33 -10.99
C THR HA 5 102.70 15.76 -11.03
N ARG HA 6 101.38 15.90 -11.09
CA ARG HA 6 100.73 17.20 -11.20
C ARG HA 6 99.55 17.27 -10.25
N GLU HA 7 99.22 18.48 -9.85
CA GLU HA 7 98.16 18.74 -8.90
C GLU HA 7 97.04 19.53 -9.57
N TYR HA 8 95.84 18.99 -9.54
CA TYR HA 8 94.68 19.58 -10.21
C TYR HA 8 93.59 19.86 -9.18
N THR HA 9 92.63 20.67 -9.60
CA THR HA 9 91.36 20.80 -8.91
C THR HA 9 90.25 20.40 -9.86
N ILE HA 10 89.36 19.52 -9.41
CA ILE HA 10 88.31 18.97 -10.24
C ILE HA 10 86.97 19.55 -9.80
N ASN HA 11 86.22 20.08 -10.75
CA ASN HA 11 84.88 20.60 -10.48
C ASN HA 11 83.94 19.41 -10.44
N ILE HA 12 83.83 18.80 -9.26
CA ILE HA 12 82.91 17.67 -9.08
C ILE HA 12 81.48 18.13 -9.32
N HIS HA 13 81.14 19.34 -8.87
CA HIS HA 13 79.78 19.86 -9.04
C HIS HA 13 79.36 19.85 -10.50
N LYS HA 14 80.26 20.29 -11.39
CA LYS HA 14 79.97 20.31 -12.82
C LYS HA 14 79.72 18.91 -13.37
N ARG HA 15 80.54 17.94 -12.96
CA ARG HA 15 80.47 16.60 -13.54
C ARG HA 15 79.40 15.73 -12.89
N ILE HA 16 78.88 16.13 -11.73
CA ILE HA 16 77.83 15.37 -11.05
C ILE HA 16 76.44 15.93 -11.30
N HIS HA 17 76.34 17.16 -11.81
CA HIS HA 17 75.06 17.83 -11.97
C HIS HA 17 74.08 16.96 -12.74
N GLY HA 18 72.91 16.72 -12.15
CA GLY HA 18 71.86 15.94 -12.74
C GLY HA 18 71.75 14.51 -12.24
N VAL HA 19 72.80 13.99 -11.60
CA VAL HA 19 72.78 12.60 -11.13
C VAL HA 19 71.86 12.49 -9.91
N GLY HA 20 71.16 11.36 -9.81
CA GLY HA 20 70.26 11.14 -8.70
C GLY HA 20 71.00 11.00 -7.37
N PHE HA 21 70.21 11.08 -6.29
CA PHE HA 21 70.77 11.18 -4.96
C PHE HA 21 71.64 9.97 -4.61
N LYS HA 22 71.14 8.76 -4.88
CA LYS HA 22 71.83 7.55 -4.48
C LYS HA 22 73.00 7.20 -5.38
N LYS HA 23 73.35 8.07 -6.32
CA LYS HA 23 74.39 7.77 -7.30
C LYS HA 23 75.42 8.88 -7.43
N ARG HA 24 75.31 9.96 -6.66
CA ARG HA 24 76.19 11.10 -6.85
C ARG HA 24 77.62 10.78 -6.42
N ALA HA 25 77.80 10.27 -5.21
CA ALA HA 25 79.13 9.89 -4.76
C ALA HA 25 79.73 8.76 -5.59
N PRO HA 26 79.02 7.66 -5.89
CA PRO HA 26 79.62 6.65 -6.78
C PRO HA 26 79.98 7.20 -8.15
N ARG HA 27 79.17 8.13 -8.68
CA ARG HA 27 79.49 8.72 -9.98
C ARG HA 27 80.64 9.70 -9.87
N ALA HA 28 80.81 10.35 -8.71
CA ALA HA 28 81.92 11.28 -8.53
C ALA HA 28 83.27 10.60 -8.66
N LEU HA 29 83.38 9.37 -8.17
CA LEU HA 29 84.62 8.62 -8.29
C LEU HA 29 84.84 8.07 -9.69
N LYS HA 30 83.76 7.86 -10.45
CA LYS HA 30 83.91 7.50 -11.86
C LYS HA 30 84.38 8.69 -12.69
N GLU HA 31 83.87 9.88 -12.40
CA GLU HA 31 84.35 11.07 -13.10
C GLU HA 31 85.78 11.41 -12.70
N ILE HA 32 86.14 11.19 -11.44
CA ILE HA 32 87.53 11.39 -11.02
C ILE HA 32 88.44 10.42 -11.75
N ARG HA 33 88.04 9.16 -11.86
CA ARG HA 33 88.82 8.19 -12.63
C ARG HA 33 88.87 8.56 -14.10
N LYS HA 34 87.73 9.00 -14.65
CA LYS HA 34 87.72 9.46 -16.04
C LYS HA 34 88.62 10.67 -16.23
N PHE HA 35 88.63 11.57 -15.24
CA PHE HA 35 89.47 12.76 -15.33
C PHE HA 35 90.95 12.36 -15.38
N ALA HA 36 91.35 11.41 -14.54
CA ALA HA 36 92.75 11.01 -14.50
C ALA HA 36 93.20 10.36 -15.80
N MET HA 37 92.35 9.50 -16.39
CA MET HA 37 92.71 8.85 -17.65
C MET HA 37 92.91 9.88 -18.75
N LYS HA 38 92.19 11.00 -18.67
CA LYS HA 38 92.26 12.01 -19.72
C LYS HA 38 93.57 12.80 -19.65
N GLU HA 39 93.86 13.40 -18.49
CA GLU HA 39 95.07 14.20 -18.36
C GLU HA 39 96.36 13.36 -18.31
N MET HA 40 96.31 12.16 -17.75
CA MET HA 40 97.53 11.37 -17.65
C MET HA 40 97.62 10.27 -18.70
N GLY HA 41 96.57 10.04 -19.48
CA GLY HA 41 96.64 9.09 -20.57
C GLY HA 41 96.93 7.67 -20.15
N THR HA 42 96.50 7.28 -18.96
CA THR HA 42 96.75 5.94 -18.44
C THR HA 42 95.43 5.26 -18.13
N PRO HA 43 95.12 4.11 -18.76
CA PRO HA 43 93.89 3.40 -18.41
C PRO HA 43 93.84 2.95 -16.96
N ASP HA 44 94.98 2.55 -16.40
CA ASP HA 44 95.05 2.09 -15.03
C ASP HA 44 95.14 3.30 -14.10
N VAL HA 45 94.06 3.58 -13.39
CA VAL HA 45 94.01 4.68 -12.42
C VAL HA 45 93.65 4.09 -11.06
N ARG HA 46 94.53 4.30 -10.09
CA ARG HA 46 94.31 3.89 -8.71
C ARG HA 46 93.90 5.11 -7.89
N ILE HA 47 92.81 4.99 -7.15
CA ILE HA 47 92.29 6.09 -6.33
C ILE HA 47 92.66 5.79 -4.88
N ASP HA 48 93.37 6.72 -4.25
CA ASP HA 48 93.76 6.54 -2.86
C ASP HA 48 92.53 6.46 -1.97
N THR HA 49 92.63 5.64 -0.92
CA THR HA 49 91.51 5.49 0.00
C THR HA 49 91.19 6.80 0.72
N ARG HA 50 92.19 7.65 0.93
CA ARG HA 50 91.93 8.94 1.57
C ARG HA 50 91.14 9.86 0.64
N LEU HA 51 91.40 9.78 -0.66
CA LEU HA 51 90.56 10.50 -1.62
C LEU HA 51 89.14 9.93 -1.63
N ASN HA 52 89.01 8.60 -1.51
CA ASN HA 52 87.69 7.99 -1.44
C ASN HA 52 86.92 8.47 -0.22
N LYS HA 53 87.62 8.67 0.91
CA LYS HA 53 86.97 9.26 2.07
C LYS HA 53 86.47 10.67 1.78
N ALA HA 54 87.30 11.48 1.14
CA ALA HA 54 86.96 12.88 0.94
C ALA HA 54 85.71 13.02 0.07
N VAL HA 55 85.59 12.19 -0.96
CA VAL HA 55 84.41 12.22 -1.81
C VAL HA 55 83.18 11.79 -1.02
N TRP HA 56 83.32 10.79 -0.16
CA TRP HA 56 82.23 10.28 0.65
C TRP HA 56 82.11 10.96 2.01
N ALA HA 57 82.82 12.07 2.21
CA ALA HA 57 82.85 12.70 3.53
C ALA HA 57 81.47 13.17 3.96
N LYS HA 58 80.74 13.80 3.05
CA LYS HA 58 79.42 14.37 3.35
C LYS HA 58 78.30 13.47 2.86
N GLY HA 59 78.45 12.16 3.01
CA GLY HA 59 77.41 11.24 2.62
C GLY HA 59 77.42 10.94 1.12
N ILE HA 60 76.31 10.35 0.67
CA ILE HA 60 76.22 9.84 -0.69
C ILE HA 60 75.70 10.88 -1.69
N ARG HA 61 74.93 11.87 -1.25
CA ARG HA 61 74.32 12.82 -2.18
C ARG HA 61 74.90 14.22 -2.10
N ASN HA 62 75.49 14.61 -0.98
CA ASN HA 62 76.05 15.95 -0.84
C ASN HA 62 77.56 15.93 -1.03
N VAL HA 63 77.98 15.55 -2.23
CA VAL HA 63 79.39 15.47 -2.58
C VAL HA 63 79.97 16.88 -2.62
N PRO HA 64 81.22 17.08 -2.19
CA PRO HA 64 81.83 18.40 -2.31
C PRO HA 64 81.85 18.90 -3.75
N TYR HA 65 81.64 20.20 -3.91
CA TYR HA 65 81.60 20.79 -5.25
C TYR HA 65 82.95 20.69 -5.94
N ARG HA 66 84.03 20.96 -5.21
CA ARG HA 66 85.38 20.94 -5.76
C ARG HA 66 86.26 20.07 -4.89
N ILE HA 67 87.25 19.44 -5.52
CA ILE HA 67 88.19 18.57 -4.83
C ILE HA 67 89.57 18.85 -5.43
N ARG HA 68 90.58 18.93 -4.56
CA ARG HA 68 91.96 19.15 -5.00
C ARG HA 68 92.68 17.81 -4.97
N VAL HA 69 93.06 17.32 -6.15
CA VAL HA 69 93.70 16.02 -6.27
C VAL HA 69 95.12 16.22 -6.77
N ARG HA 70 95.89 15.13 -6.72
CA ARG HA 70 97.25 15.11 -7.24
C ARG HA 70 97.43 13.84 -8.06
N LEU HA 71 97.68 14.01 -9.36
CA LEU HA 71 97.86 12.89 -10.27
C LEU HA 71 99.34 12.56 -10.37
N SER HA 72 99.70 11.34 -10.00
CA SER HA 72 101.07 10.86 -10.09
C SER HA 72 101.10 9.72 -11.10
N ARG HA 73 101.75 9.96 -12.24
CA ARG HA 73 101.95 8.92 -13.24
C ARG HA 73 103.26 8.19 -12.91
N LYS HA 74 103.15 6.89 -12.62
CA LYS HA 74 104.28 6.11 -12.16
C LYS HA 74 104.41 4.85 -13.01
N ARG HA 75 105.63 4.30 -13.03
CA ARG HA 75 105.87 3.06 -13.76
C ARG HA 75 105.19 1.88 -13.07
N ASN HA 76 104.65 0.98 -13.88
CA ASN HA 76 104.13 -0.29 -13.41
C ASN HA 76 105.16 -1.41 -13.52
N GLU HA 77 106.45 -1.06 -13.57
CA GLU HA 77 107.52 -2.04 -13.75
C GLU HA 77 107.72 -2.85 -12.46
N ASP HA 78 106.63 -3.52 -12.05
CA ASP HA 78 106.63 -4.40 -10.90
C ASP HA 78 106.14 -5.80 -11.21
N GLU HA 79 105.38 -5.98 -12.29
CA GLU HA 79 104.87 -7.29 -12.68
C GLU HA 79 104.45 -7.21 -14.14
N ASP HA 80 104.18 -8.37 -14.73
CA ASP HA 80 103.73 -8.44 -16.11
C ASP HA 80 102.30 -7.94 -16.22
N SER HA 81 102.13 -6.73 -16.75
CA SER HA 81 100.83 -6.11 -16.90
C SER HA 81 100.71 -5.52 -18.30
N PRO HA 82 99.48 -5.45 -18.84
CA PRO HA 82 99.31 -4.84 -20.17
C PRO HA 82 99.67 -3.36 -20.20
N ASN HA 83 99.68 -2.68 -19.05
CA ASN HA 83 100.00 -1.27 -18.96
C ASN HA 83 101.31 -1.12 -18.19
N LYS HA 84 102.30 -0.46 -18.81
CA LYS HA 84 103.53 -0.18 -18.11
C LYS HA 84 103.44 1.06 -17.23
N LEU HA 85 102.37 1.83 -17.35
CA LEU HA 85 102.21 3.08 -16.61
C LEU HA 85 100.86 3.07 -15.91
N TYR HA 86 100.83 3.63 -14.69
CA TYR HA 86 99.58 3.77 -13.96
C TYR HA 86 99.59 5.11 -13.25
N THR HA 87 98.39 5.63 -12.99
CA THR HA 87 98.21 6.93 -12.35
C THR HA 87 97.61 6.72 -10.97
N LEU HA 88 98.30 7.23 -9.95
CA LEU HA 88 97.79 7.23 -8.59
C LEU HA 88 97.31 8.64 -8.27
N VAL HA 89 96.02 8.78 -8.00
CA VAL HA 89 95.41 10.05 -7.63
C VAL HA 89 95.24 10.07 -6.11
N THR HA 90 95.72 11.13 -5.48
CA THR HA 90 95.66 11.28 -4.03
C THR HA 90 94.91 12.55 -3.68
N TYR HA 91 94.61 12.70 -2.40
CA TYR HA 91 93.82 13.80 -1.88
C TYR HA 91 94.74 14.90 -1.35
N VAL HA 92 94.46 16.14 -1.74
CA VAL HA 92 95.19 17.30 -1.27
C VAL HA 92 94.22 18.21 -0.53
N PRO HA 93 94.25 18.21 0.81
CA PRO HA 93 93.35 19.09 1.56
C PRO HA 93 93.75 20.55 1.37
N VAL HA 94 92.75 21.39 1.10
CA VAL HA 94 92.95 22.82 0.93
C VAL HA 94 91.88 23.56 1.74
N THR HA 95 92.18 24.81 2.07
CA THR HA 95 91.24 25.66 2.78
C THR HA 95 90.38 26.50 1.84
N THR HA 96 90.86 26.76 0.63
CA THR HA 96 90.11 27.53 -0.35
C THR HA 96 90.53 27.10 -1.74
N PHE HA 97 89.59 27.20 -2.68
CA PHE HA 97 89.85 26.87 -4.08
C PHE HA 97 90.06 28.11 -4.95
N LYS HA 98 90.04 29.30 -4.37
CA LYS HA 98 90.19 30.51 -5.15
C LYS HA 98 91.62 30.64 -5.68
N ASN HA 99 91.73 31.01 -6.96
CA ASN HA 99 93.02 31.28 -7.61
C ASN HA 99 93.95 30.07 -7.58
N LEU HA 100 93.39 28.87 -7.59
CA LEU HA 100 94.19 27.65 -7.60
C LEU HA 100 94.36 27.17 -9.04
N GLN HA 101 95.60 27.15 -9.51
CA GLN HA 101 95.92 26.70 -10.86
C GLN HA 101 96.31 25.22 -10.85
N THR HA 102 96.44 24.68 -12.06
CA THR HA 102 97.12 23.40 -12.25
C THR HA 102 98.62 23.63 -12.21
N VAL HA 103 99.29 23.03 -11.23
CA VAL HA 103 100.69 23.29 -10.97
C VAL HA 103 101.47 21.98 -11.04
N ASN HA 104 102.64 22.03 -11.64
CA ASN HA 104 103.57 20.91 -11.61
C ASN HA 104 104.22 20.82 -10.24
N VAL HA 105 104.12 19.66 -9.61
CA VAL HA 105 104.70 19.42 -8.29
C VAL HA 105 105.95 18.58 -8.45
N ASP HA 106 107.01 18.96 -7.72
CA ASP HA 106 108.29 18.27 -7.81
C ASP HA 106 108.22 16.95 -7.05
N GLU HA 107 109.37 16.32 -6.86
CA GLU HA 107 109.43 15.03 -6.17
C GLU HA 107 109.25 15.21 -4.67
N ALA IA 1 75.22 -53.85 -80.96
CA ALA IA 1 75.81 -54.05 -79.64
C ALA IA 1 74.87 -54.86 -78.74
N ALA IA 2 73.92 -54.17 -78.13
CA ALA IA 2 72.98 -54.84 -77.23
C ALA IA 2 72.03 -55.73 -78.02
N LEU IA 3 71.51 -56.74 -77.33
CA LEU IA 3 70.55 -57.65 -77.94
C LEU IA 3 69.24 -56.92 -78.21
N ARG IA 4 68.73 -57.07 -79.40
CA ARG IA 4 67.53 -56.33 -79.78
C ARG IA 4 66.29 -57.18 -79.58
N PRO IA 5 65.17 -56.56 -79.24
CA PRO IA 5 63.91 -57.32 -79.10
C PRO IA 5 63.39 -57.77 -80.45
N LEU IA 6 62.43 -58.69 -80.39
CA LEU IA 6 61.82 -59.20 -81.62
C LEU IA 6 61.15 -58.08 -82.40
N VAL IA 7 60.35 -57.26 -81.72
CA VAL IA 7 59.72 -56.09 -82.32
C VAL IA 7 59.87 -54.92 -81.35
N LYS IA 8 59.95 -53.73 -81.91
CA LYS IA 8 60.10 -52.49 -81.12
C LYS IA 8 59.01 -51.52 -81.55
N PRO IA 9 57.78 -51.70 -81.08
CA PRO IA 9 56.71 -50.75 -81.38
C PRO IA 9 56.92 -49.45 -80.63
N LYS IA 10 56.26 -48.41 -81.12
CA LYS IA 10 56.31 -47.11 -80.45
C LYS IA 10 55.47 -47.16 -79.19
N ILE IA 11 56.10 -46.96 -78.05
CA ILE IA 11 55.42 -47.02 -76.76
C ILE IA 11 54.77 -45.66 -76.49
N VAL IA 12 53.45 -45.66 -76.33
CA VAL IA 12 52.68 -44.46 -76.09
C VAL IA 12 52.22 -44.48 -74.64
N LYS IA 13 52.62 -43.46 -73.89
CA LYS IA 13 52.22 -43.29 -72.50
C LYS IA 13 51.19 -42.18 -72.41
N LYS IA 14 50.00 -42.50 -71.91
CA LYS IA 14 48.96 -41.50 -71.79
C LYS IA 14 49.34 -40.42 -70.79
N ARG IA 15 49.95 -40.81 -69.68
CA ARG IA 15 50.48 -39.86 -68.70
C ARG IA 15 51.89 -40.29 -68.30
N THR IA 16 52.81 -39.33 -68.26
CA THR IA 16 54.20 -39.59 -67.91
C THR IA 16 54.52 -39.15 -66.49
N LYS IA 17 53.58 -38.53 -65.79
CA LYS IA 17 53.81 -38.00 -64.46
C LYS IA 17 53.03 -38.81 -63.43
N LYS IA 18 53.54 -38.81 -62.21
CA LYS IA 18 52.91 -39.54 -61.12
C LYS IA 18 51.64 -38.84 -60.66
N PHE IA 19 50.67 -39.64 -60.22
CA PHE IA 19 49.48 -39.12 -59.55
C PHE IA 19 49.83 -38.90 -58.08
N ILE IA 20 50.06 -37.66 -57.70
CA ILE IA 20 50.40 -37.33 -56.33
C ILE IA 20 49.12 -37.17 -55.52
N ARG IA 21 49.20 -37.53 -54.24
CA ARG IA 21 48.05 -37.41 -53.36
C ARG IA 21 47.70 -35.95 -53.13
N HIS IA 22 46.41 -35.69 -52.95
CA HIS IA 22 45.94 -34.34 -52.64
C HIS IA 22 46.56 -33.84 -51.35
N GLN IA 23 47.08 -32.61 -51.40
CA GLN IA 23 47.70 -31.93 -50.26
C GLN IA 23 48.96 -32.62 -49.75
N SER IA 24 49.53 -33.53 -50.53
CA SER IA 24 50.81 -34.10 -50.16
C SER IA 24 51.94 -33.09 -50.28
N ASP IA 25 51.71 -31.99 -51.00
CA ASP IA 25 52.70 -30.92 -51.09
C ASP IA 25 52.75 -30.07 -49.83
N ARG IA 26 51.64 -30.00 -49.08
CA ARG IA 26 51.54 -29.12 -47.92
C ARG IA 26 51.96 -29.78 -46.61
N TYR IA 27 52.07 -31.11 -46.57
CA TYR IA 27 52.39 -31.80 -45.34
C TYR IA 27 53.44 -32.88 -45.59
N VAL IA 28 54.40 -32.98 -44.67
CA VAL IA 28 55.33 -34.10 -44.69
C VAL IA 28 54.62 -35.39 -44.28
N LYS IA 29 53.68 -35.28 -43.32
CA LYS IA 29 52.98 -36.46 -42.82
C LYS IA 29 52.16 -37.15 -43.91
N ILE IA 30 51.86 -36.47 -45.01
CA ILE IA 30 51.10 -37.03 -46.11
C ILE IA 30 52.06 -37.29 -47.25
N LYS IA 31 52.18 -38.57 -47.62
CA LYS IA 31 53.12 -38.98 -48.65
C LYS IA 31 52.48 -38.89 -50.03
N ARG IA 32 53.31 -38.94 -51.06
CA ARG IA 32 52.83 -38.77 -52.43
C ARG IA 32 52.01 -39.97 -52.91
N ASN IA 33 52.00 -41.08 -52.16
CA ASN IA 33 51.21 -42.24 -52.55
C ASN IA 33 49.75 -41.87 -52.73
N TRP IA 34 49.16 -42.33 -53.82
CA TRP IA 34 47.80 -41.92 -54.15
C TRP IA 34 46.80 -42.46 -53.16
N ARG IA 35 45.88 -41.60 -52.73
CA ARG IA 35 44.72 -42.00 -51.93
C ARG IA 35 43.50 -41.27 -52.47
N LYS IA 36 42.42 -42.02 -52.67
CA LYS IA 36 41.20 -41.44 -53.21
C LYS IA 36 40.61 -40.46 -52.20
N PRO IA 37 40.36 -39.20 -52.58
CA PRO IA 37 39.75 -38.25 -51.65
C PRO IA 37 38.28 -38.57 -51.45
N ARG IA 38 37.86 -38.67 -50.20
CA ARG IA 38 36.49 -39.04 -49.87
C ARG IA 38 35.77 -37.98 -49.05
N GLY IA 39 36.34 -36.79 -48.91
CA GLY IA 39 35.68 -35.75 -48.13
C GLY IA 39 34.43 -35.24 -48.82
N ILE IA 40 33.48 -34.76 -48.01
CA ILE IA 40 32.19 -34.32 -48.55
C ILE IA 40 32.36 -33.10 -49.43
N ASP IA 41 33.30 -32.21 -49.10
CA ASP IA 41 33.49 -30.96 -49.83
C ASP IA 41 34.76 -30.95 -50.67
N ASN IA 42 35.45 -32.09 -50.80
CA ASN IA 42 36.73 -32.11 -51.47
C ASN IA 42 36.57 -31.73 -52.94
N ARG IA 43 37.29 -30.69 -53.37
CA ARG IA 43 37.20 -30.23 -54.75
C ARG IA 43 37.98 -31.11 -55.71
N VAL IA 44 38.98 -31.84 -55.24
CA VAL IA 44 39.69 -32.78 -56.09
C VAL IA 44 38.79 -33.97 -56.42
N ARG IA 45 38.09 -34.50 -55.41
CA ARG IA 45 37.14 -35.59 -55.64
C ARG IA 45 36.02 -35.14 -56.57
N ARG IA 46 35.54 -33.91 -56.40
CA ARG IA 46 34.49 -33.38 -57.26
C ARG IA 46 34.99 -33.05 -58.65
N ARG IA 47 36.31 -33.07 -58.89
CA ARG IA 47 36.90 -32.88 -60.21
C ARG IA 47 36.71 -31.44 -60.71
N PHE IA 48 36.99 -30.48 -59.84
CA PHE IA 48 37.01 -29.09 -60.26
C PHE IA 48 38.22 -28.82 -61.14
N LYS IA 49 38.06 -27.88 -62.07
CA LYS IA 49 39.12 -27.58 -63.01
C LYS IA 49 40.35 -27.00 -62.30
N GLY IA 50 41.53 -27.34 -62.82
CA GLY IA 50 42.77 -26.85 -62.28
C GLY IA 50 43.25 -27.55 -61.02
N GLN IA 51 42.62 -28.66 -60.65
CA GLN IA 51 42.98 -29.37 -59.43
C GLN IA 51 43.83 -30.60 -59.75
N ILE IA 52 44.22 -31.30 -58.69
CA ILE IA 52 44.99 -32.53 -58.84
C ILE IA 52 44.13 -33.59 -59.52
N LEU IA 53 44.66 -34.21 -60.56
CA LEU IA 53 43.90 -35.20 -61.32
C LEU IA 53 43.80 -36.51 -60.55
N MET IA 54 42.71 -37.24 -60.81
CA MET IA 54 42.47 -38.52 -60.18
C MET IA 54 42.76 -39.65 -61.15
N PRO IA 55 43.51 -40.66 -60.72
CA PRO IA 55 43.72 -41.83 -61.59
C PRO IA 55 42.41 -42.55 -61.89
N ASN IA 56 42.28 -43.03 -63.12
CA ASN IA 56 41.13 -43.83 -63.52
C ASN IA 56 41.56 -44.73 -64.67
N ILE IA 57 40.68 -45.65 -65.03
CA ILE IA 57 41.03 -46.70 -65.97
C ILE IA 57 41.29 -46.17 -67.36
N GLY IA 58 40.86 -44.94 -67.67
CA GLY IA 58 41.09 -44.37 -68.99
C GLY IA 58 42.56 -44.12 -69.30
N TYR IA 59 43.39 -43.98 -68.27
CA TYR IA 59 44.83 -43.79 -68.44
C TYR IA 59 45.56 -45.09 -68.71
N GLY IA 60 44.85 -46.21 -68.81
CA GLY IA 60 45.52 -47.49 -68.96
C GLY IA 60 46.35 -47.55 -70.23
N SER IA 61 47.49 -48.20 -70.13
CA SER IA 61 48.39 -48.33 -71.27
C SER IA 61 47.87 -49.36 -72.26
N ASN IA 62 48.31 -49.21 -73.52
CA ASN IA 62 47.98 -50.19 -74.54
C ASN IA 62 48.46 -51.57 -74.13
N LYS IA 63 47.60 -52.58 -74.29
CA LYS IA 63 47.97 -53.92 -73.87
C LYS IA 63 49.14 -54.47 -74.67
N LYS IA 64 49.40 -53.94 -75.85
CA LYS IA 64 50.51 -54.43 -76.66
C LYS IA 64 51.86 -53.95 -76.10
N THR IA 65 51.88 -52.80 -75.43
CA THR IA 65 53.12 -52.22 -74.93
C THR IA 65 53.12 -52.08 -73.41
N LYS IA 66 52.25 -52.79 -72.72
CA LYS IA 66 52.19 -52.68 -71.27
C LYS IA 66 53.34 -53.44 -70.63
N HIS IA 67 53.93 -52.84 -69.59
CA HIS IA 67 55.10 -53.37 -68.88
C HIS IA 67 56.34 -53.47 -69.77
N MET IA 68 56.32 -52.81 -70.92
CA MET IA 68 57.47 -52.84 -71.82
C MET IA 68 58.50 -51.81 -71.38
N LEU IA 69 59.75 -52.25 -71.26
CA LEU IA 69 60.84 -51.34 -70.97
C LEU IA 69 61.11 -50.45 -72.18
N PRO IA 70 61.78 -49.30 -71.97
CA PRO IA 70 62.13 -48.43 -73.10
C PRO IA 70 62.91 -49.13 -74.20
N SER IA 71 63.56 -50.25 -73.86
CA SER IA 71 64.32 -51.03 -74.82
C SER IA 71 63.47 -52.03 -75.58
N GLY IA 72 62.17 -52.10 -75.32
CA GLY IA 72 61.30 -53.02 -76.01
C GLY IA 72 61.19 -54.39 -75.39
N PHE IA 73 61.94 -54.67 -74.33
CA PHE IA 73 61.88 -55.92 -73.62
C PHE IA 73 60.98 -55.80 -72.41
N ARG IA 74 60.57 -56.95 -71.87
CA ARG IA 74 59.93 -57.02 -70.57
C ARG IA 74 60.83 -57.78 -69.61
N LYS IA 75 60.76 -57.45 -68.34
CA LYS IA 75 61.73 -57.93 -67.35
C LYS IA 75 61.17 -59.11 -66.56
N PHE IA 76 62.04 -60.07 -66.28
CA PHE IA 76 61.76 -61.19 -65.39
C PHE IA 76 62.85 -61.23 -64.34
N LEU IA 77 62.46 -61.11 -63.07
CA LEU IA 77 63.44 -61.15 -61.99
C LEU IA 77 63.97 -62.56 -61.81
N VAL IA 78 65.29 -62.68 -61.67
CA VAL IA 78 65.95 -63.97 -61.50
C VAL IA 78 66.82 -63.92 -60.26
N HIS IA 79 66.94 -65.06 -59.58
CA HIS IA 79 67.74 -65.16 -58.36
C HIS IA 79 68.92 -66.10 -58.50
N ASN IA 80 68.94 -66.96 -59.51
CA ASN IA 80 70.04 -67.90 -59.70
C ASN IA 80 70.08 -68.27 -61.18
N VAL IA 81 71.07 -69.10 -61.53
CA VAL IA 81 71.24 -69.50 -62.93
C VAL IA 81 70.07 -70.36 -63.39
N LYS IA 82 69.53 -71.20 -62.50
CA LYS IA 82 68.45 -72.10 -62.88
C LYS IA 82 67.23 -71.33 -63.35
N GLU IA 83 66.88 -70.25 -62.65
CA GLU IA 83 65.75 -69.43 -63.07
C GLU IA 83 66.05 -68.66 -64.35
N LEU IA 84 67.32 -68.56 -64.75
CA LEU IA 84 67.68 -67.87 -65.98
C LEU IA 84 67.32 -68.67 -67.22
N GLU IA 85 67.29 -70.00 -67.14
CA GLU IA 85 67.04 -70.80 -68.32
C GLU IA 85 65.55 -70.88 -68.67
N VAL IA 86 64.67 -70.29 -67.85
CA VAL IA 86 63.28 -70.22 -68.25
C VAL IA 86 63.09 -69.21 -69.38
N LEU IA 87 64.05 -68.31 -69.57
CA LEU IA 87 63.98 -67.29 -70.59
C LEU IA 87 64.72 -67.69 -71.87
N LEU IA 88 65.15 -68.94 -71.98
CA LEU IA 88 65.89 -69.39 -73.14
C LEU IA 88 65.06 -69.25 -74.42
N MET IA 89 63.79 -69.63 -74.36
CA MET IA 89 62.90 -69.55 -75.50
C MET IA 89 62.13 -68.25 -75.55
N CYS IA 90 62.37 -67.34 -74.59
CA CYS IA 90 61.76 -66.03 -74.55
C CYS IA 90 62.82 -64.95 -74.72
N ASN IA 91 63.88 -65.29 -75.47
CA ASN IA 91 65.07 -64.43 -75.55
C ASN IA 91 64.73 -63.07 -76.13
N LYS IA 92 63.92 -63.03 -77.18
CA LYS IA 92 63.70 -61.83 -77.96
C LYS IA 92 62.53 -60.99 -77.46
N SER IA 93 61.83 -61.44 -76.42
CA SER IA 93 60.73 -60.68 -75.84
C SER IA 93 60.92 -60.35 -74.37
N TYR IA 94 61.68 -61.16 -73.63
CA TYR IA 94 61.85 -60.95 -72.19
C TYR IA 94 63.33 -60.87 -71.85
N CYS IA 95 63.67 -59.93 -70.98
CA CYS IA 95 65.02 -59.74 -70.50
C CYS IA 95 65.09 -60.11 -69.03
N ALA IA 96 66.21 -60.70 -68.63
CA ALA IA 96 66.41 -61.04 -67.23
C ALA IA 96 67.02 -59.85 -66.49
N GLU IA 97 66.74 -59.79 -65.19
CA GLU IA 97 67.55 -58.94 -64.33
C GLU IA 97 67.77 -59.68 -63.02
N ILE IA 98 68.88 -59.39 -62.39
CA ILE IA 98 69.32 -60.10 -61.20
C ILE IA 98 68.78 -59.39 -59.96
N ALA IA 99 68.29 -60.17 -59.01
CA ALA IA 99 67.72 -59.61 -57.80
C ALA IA 99 68.80 -58.89 -56.99
N HIS IA 100 68.36 -57.90 -56.21
CA HIS IA 100 69.31 -57.05 -55.49
C HIS IA 100 70.10 -57.81 -54.45
N ASN IA 101 69.52 -58.86 -53.86
CA ASN IA 101 70.18 -59.62 -52.80
C ASN IA 101 71.20 -60.64 -53.31
N VAL IA 102 71.31 -60.85 -54.62
CA VAL IA 102 72.25 -61.84 -55.13
C VAL IA 102 73.68 -61.34 -54.93
N SER IA 103 74.56 -62.26 -54.51
CA SER IA 103 75.94 -61.89 -54.21
C SER IA 103 76.73 -61.56 -55.47
N SER IA 104 77.85 -60.86 -55.26
CA SER IA 104 78.69 -60.47 -56.39
C SER IA 104 79.28 -61.68 -57.11
N LYS IA 105 79.71 -62.69 -56.34
CA LYS IA 105 80.27 -63.88 -56.96
C LYS IA 105 79.22 -64.62 -57.78
N ASN IA 106 77.99 -64.69 -57.28
CA ASN IA 106 76.97 -65.50 -57.94
C ASN IA 106 76.39 -64.80 -59.16
N ARG IA 107 76.24 -63.47 -59.10
CA ARG IA 107 75.70 -62.77 -60.26
C ARG IA 107 76.71 -62.69 -61.40
N LYS IA 108 77.99 -62.92 -61.11
CA LYS IA 108 78.96 -63.06 -62.19
C LYS IA 108 78.65 -64.27 -63.05
N ALA IA 109 78.27 -65.38 -62.43
CA ALA IA 109 77.91 -66.58 -63.19
C ALA IA 109 76.62 -66.37 -63.96
N ILE IA 110 75.67 -65.63 -63.38
CA ILE IA 110 74.41 -65.37 -64.07
C ILE IA 110 74.65 -64.54 -65.33
N VAL IA 111 75.47 -63.49 -65.21
CA VAL IA 111 75.78 -62.65 -66.37
C VAL IA 111 76.51 -63.45 -67.43
N GLU IA 112 77.49 -64.26 -67.01
CA GLU IA 112 78.20 -65.13 -67.94
C GLU IA 112 77.26 -66.10 -68.65
N ARG IA 113 76.36 -66.72 -67.92
CA ARG IA 113 75.42 -67.67 -68.53
C ARG IA 113 74.45 -66.96 -69.47
N ALA IA 114 73.96 -65.78 -69.06
CA ALA IA 114 73.00 -65.06 -69.89
C ALA IA 114 73.62 -64.57 -71.19
N ALA IA 115 74.91 -64.24 -71.18
CA ALA IA 115 75.58 -63.87 -72.42
C ALA IA 115 75.59 -65.05 -73.39
N GLN IA 116 75.79 -66.26 -72.87
CA GLN IA 116 75.74 -67.48 -73.68
C GLN IA 116 74.38 -67.76 -74.28
N LEU IA 117 73.31 -67.59 -73.51
CA LEU IA 117 71.96 -67.90 -73.95
C LEU IA 117 71.31 -66.74 -74.69
N ALA IA 118 72.06 -65.67 -74.94
CA ALA IA 118 71.56 -64.49 -75.64
C ALA IA 118 70.38 -63.85 -74.91
N ILE IA 119 70.37 -63.94 -73.58
CA ILE IA 119 69.36 -63.28 -72.76
C ILE IA 119 69.92 -61.92 -72.36
N ARG IA 120 69.09 -60.88 -72.50
CA ARG IA 120 69.54 -59.55 -72.13
C ARG IA 120 69.36 -59.32 -70.64
N VAL IA 121 70.39 -58.76 -70.00
CA VAL IA 121 70.37 -58.44 -68.59
C VAL IA 121 70.28 -56.93 -68.43
N THR IA 122 69.31 -56.47 -67.64
CA THR IA 122 69.14 -55.03 -67.45
C THR IA 122 70.21 -54.44 -66.55
N ASN IA 123 70.80 -55.24 -65.66
CA ASN IA 123 71.86 -54.78 -64.76
C ASN IA 123 73.02 -55.77 -64.84
N PRO IA 124 73.73 -55.80 -65.97
CA PRO IA 124 74.82 -56.78 -66.11
C PRO IA 124 76.05 -56.44 -65.30
N ASN IA 125 76.33 -55.16 -65.08
CA ASN IA 125 77.51 -54.70 -64.36
C ASN IA 125 77.03 -54.04 -63.07
N ALA IA 126 76.66 -54.87 -62.09
CA ALA IA 126 75.93 -54.39 -60.92
C ALA IA 126 76.66 -54.59 -59.59
N ARG IA 127 77.73 -55.39 -59.52
CA ARG IA 127 78.58 -55.41 -58.32
C ARG IA 127 80.02 -55.64 -58.78
N LEU IA 128 80.69 -54.55 -59.15
CA LEU IA 128 82.03 -54.60 -59.71
C LEU IA 128 82.54 -53.20 -60.06
N SER JA 1 71.42 -13.19 -98.17
CA SER JA 1 71.29 -12.03 -99.04
C SER JA 1 69.87 -11.50 -99.05
N GLY JA 2 69.03 -12.02 -98.15
CA GLY JA 2 67.66 -11.58 -98.07
C GLY JA 2 66.87 -12.24 -96.95
N ARG JA 3 65.74 -11.63 -96.57
CA ARG JA 3 65.01 -12.13 -95.41
C ARG JA 3 64.36 -13.48 -95.70
N LEU JA 4 63.82 -13.65 -96.90
CA LEU JA 4 63.30 -14.94 -97.39
C LEU JA 4 62.21 -15.56 -96.51
N TRP JA 5 61.81 -14.91 -95.42
CA TRP JA 5 60.68 -15.41 -94.63
C TRP JA 5 59.81 -14.24 -94.21
N SER JA 6 58.52 -14.53 -94.00
CA SER JA 6 57.57 -13.51 -93.58
C SER JA 6 57.62 -13.34 -92.07
N LYS JA 7 57.47 -12.10 -91.64
CA LYS JA 7 57.49 -11.78 -90.22
C LYS JA 7 56.13 -12.06 -89.61
N ALA JA 8 56.11 -12.84 -88.52
CA ALA JA 8 54.87 -13.16 -87.83
C ALA JA 8 55.08 -13.04 -86.33
N ILE JA 9 53.97 -12.88 -85.61
CA ILE JA 9 53.98 -12.67 -84.17
C ILE JA 9 53.17 -13.79 -83.51
N PHE JA 10 53.76 -14.42 -82.50
CA PHE JA 10 53.05 -15.41 -81.68
C PHE JA 10 52.17 -14.64 -80.71
N ALA JA 11 50.90 -14.47 -81.06
CA ALA JA 11 49.99 -13.68 -80.23
C ALA JA 11 49.54 -14.45 -78.99
N GLY JA 12 49.35 -15.76 -79.12
CA GLY JA 12 48.90 -16.55 -78.01
C GLY JA 12 48.41 -17.90 -78.48
N TYR JA 13 47.92 -18.68 -77.54
CA TYR JA 13 47.40 -20.00 -77.81
C TYR JA 13 45.93 -19.92 -78.20
N LYS JA 14 45.46 -20.95 -78.92
CA LYS JA 14 44.04 -21.10 -79.12
C LYS JA 14 43.37 -21.30 -77.78
N ARG JA 15 42.31 -20.54 -77.52
CA ARG JA 15 41.79 -20.47 -76.16
C ARG JA 15 40.34 -20.02 -76.17
N GLY JA 16 39.60 -20.45 -75.16
CA GLY JA 16 38.46 -19.71 -74.67
C GLY JA 16 38.93 -18.64 -73.70
N LEU JA 17 37.97 -17.97 -73.08
CA LEU JA 17 38.33 -16.97 -72.08
C LEU JA 17 39.05 -17.62 -70.90
N ARG JA 18 38.58 -18.79 -70.46
CA ARG JA 18 39.05 -19.40 -69.23
C ARG JA 18 39.62 -20.80 -69.46
N ASN JA 19 39.91 -21.15 -70.71
CA ASN JA 19 40.54 -22.43 -71.04
C ASN JA 19 41.53 -22.19 -72.17
N GLN JA 20 42.73 -22.76 -72.02
CA GLN JA 20 43.82 -22.51 -72.94
C GLN JA 20 44.30 -23.84 -73.53
N ARG JA 21 44.31 -23.92 -74.86
CA ARG JA 21 44.72 -25.12 -75.57
C ARG JA 21 46.11 -24.86 -76.15
N GLU JA 22 47.14 -25.31 -75.44
CA GLU JA 22 48.51 -24.93 -75.77
C GLU JA 22 49.08 -25.67 -76.96
N HIS JA 23 48.41 -26.72 -77.45
CA HIS JA 23 48.99 -27.49 -78.54
C HIS JA 23 49.00 -26.73 -79.86
N THR JA 24 48.15 -25.71 -79.99
CA THR JA 24 48.10 -24.91 -81.20
C THR JA 24 48.21 -23.43 -80.86
N ALA JA 25 48.90 -22.68 -81.72
CA ALA JA 25 49.22 -21.29 -81.50
C ALA JA 25 48.59 -20.42 -82.58
N LEU JA 26 48.22 -19.20 -82.18
CA LEU JA 26 47.64 -18.22 -83.10
C LEU JA 26 48.74 -17.24 -83.49
N LEU JA 27 49.03 -17.15 -84.79
CA LEU JA 27 50.09 -16.29 -85.31
C LEU JA 27 49.48 -15.11 -86.05
N LYS JA 28 50.07 -13.94 -85.85
CA LYS JA 28 49.71 -12.75 -86.60
C LYS JA 28 50.80 -12.47 -87.62
N ILE JA 29 50.49 -12.64 -88.89
CA ILE JA 29 51.44 -12.43 -89.97
C ILE JA 29 51.37 -10.97 -90.40
N GLU JA 30 52.53 -10.36 -90.59
CA GLU JA 30 52.60 -8.96 -90.96
C GLU JA 30 52.04 -8.76 -92.38
N GLY JA 31 51.19 -7.76 -92.54
CA GLY JA 31 50.61 -7.44 -93.83
C GLY JA 31 49.37 -8.23 -94.19
N VAL JA 32 49.00 -9.22 -93.38
CA VAL JA 32 47.83 -10.04 -93.65
C VAL JA 32 46.78 -9.72 -92.62
N TYR JA 33 45.84 -8.84 -92.97
CA TYR JA 33 44.86 -8.33 -92.01
C TYR JA 33 43.44 -8.68 -92.41
N ALA JA 34 43.25 -9.68 -93.25
CA ALA JA 34 41.94 -10.19 -93.62
C ALA JA 34 42.03 -11.69 -93.83
N ARG JA 35 40.90 -12.39 -93.63
CA ARG JA 35 40.89 -13.84 -93.71
C ARG JA 35 41.11 -14.33 -95.13
N ASP JA 36 40.64 -13.58 -96.14
CA ASP JA 36 40.77 -14.02 -97.52
C ASP JA 36 42.21 -13.98 -98.02
N GLU JA 37 43.10 -13.31 -97.30
CA GLU JA 37 44.51 -13.22 -97.68
C GLU JA 37 45.37 -14.29 -97.02
N THR JA 38 44.80 -15.12 -96.15
CA THR JA 38 45.56 -16.14 -95.46
C THR JA 38 45.73 -17.40 -96.29
N GLU JA 39 45.12 -17.49 -97.47
CA GLU JA 39 45.20 -18.69 -98.28
C GLU JA 39 46.64 -19.01 -98.65
N PHE JA 40 47.41 -17.97 -98.98
CA PHE JA 40 48.80 -18.18 -99.40
C PHE JA 40 49.61 -18.89 -98.32
N TYR JA 41 49.33 -18.60 -97.06
CA TYR JA 41 50.17 -19.07 -95.97
C TYR JA 41 49.73 -20.41 -95.39
N LEU JA 42 48.62 -20.97 -95.85
CA LEU JA 42 48.17 -22.25 -95.31
C LEU JA 42 49.13 -23.36 -95.72
N GLY JA 43 49.57 -24.15 -94.76
CA GLY JA 43 50.53 -25.20 -94.98
C GLY JA 43 51.97 -24.77 -94.98
N LYS JA 44 52.23 -23.47 -94.92
CA LYS JA 44 53.60 -22.97 -94.94
C LYS JA 44 54.31 -23.32 -93.63
N ARG JA 45 55.58 -23.69 -93.74
CA ARG JA 45 56.38 -24.01 -92.57
C ARG JA 45 56.68 -22.75 -91.77
N CYS JA 46 56.53 -22.84 -90.45
CA CYS JA 46 56.85 -21.74 -89.56
C CYS JA 46 57.86 -22.20 -88.52
N ALA JA 47 58.73 -21.29 -88.12
CA ALA JA 47 59.82 -21.59 -87.20
C ALA JA 47 59.89 -20.55 -86.11
N TYR JA 48 60.05 -21.00 -84.87
CA TYR JA 48 60.36 -20.13 -83.73
C TYR JA 48 61.84 -20.27 -83.44
N VAL JA 49 62.63 -19.28 -83.86
CA VAL JA 49 64.07 -19.32 -83.73
C VAL JA 49 64.48 -18.51 -82.52
N TYR JA 50 65.25 -19.12 -81.63
CA TYR JA 50 65.70 -18.47 -80.40
C TYR JA 50 67.12 -18.91 -80.10
N LYS JA 51 67.71 -18.33 -79.06
CA LYS JA 51 69.06 -18.68 -78.63
C LYS JA 51 69.03 -19.17 -77.20
N ALA JA 52 69.95 -20.09 -76.89
CA ALA JA 52 70.09 -20.59 -75.53
C ALA JA 52 71.53 -20.44 -75.06
N LYS JA 53 71.88 -21.14 -73.98
CA LYS JA 53 73.19 -21.00 -73.37
C LYS JA 53 74.20 -21.99 -73.94
N ASN JA 54 73.83 -23.26 -74.04
CA ASN JA 54 74.73 -24.29 -74.54
C ASN JA 54 74.63 -24.41 -76.06
N ASN JA 55 75.75 -24.77 -76.67
CA ASN JA 55 75.77 -24.97 -78.12
C ASN JA 55 75.00 -26.22 -78.51
N THR JA 56 74.36 -26.15 -79.67
CA THR JA 56 73.67 -27.29 -80.27
C THR JA 56 74.10 -27.41 -81.72
N VAL JA 57 74.02 -28.64 -82.23
CA VAL JA 57 74.48 -28.90 -83.59
C VAL JA 57 73.59 -28.15 -84.59
N THR JA 58 74.24 -27.55 -85.59
CA THR JA 58 73.55 -26.84 -86.64
C THR JA 58 73.64 -27.65 -87.93
N PRO JA 59 72.52 -28.00 -88.55
CA PRO JA 59 72.58 -28.72 -89.84
C PRO JA 59 73.36 -27.91 -90.87
N GLY JA 60 74.42 -28.50 -91.38
CA GLY JA 60 75.28 -27.81 -92.35
C GLY JA 60 76.01 -26.62 -91.77
N GLY JA 61 76.55 -26.75 -90.57
CA GLY JA 61 77.29 -25.66 -89.97
C GLY JA 61 77.84 -26.07 -88.63
N LYS JA 62 78.73 -25.22 -88.09
CA LYS JA 62 79.33 -25.46 -86.80
C LYS JA 62 78.28 -25.26 -85.70
N PRO JA 63 78.41 -25.96 -84.58
CA PRO JA 63 77.46 -25.76 -83.48
C PRO JA 63 77.47 -24.33 -82.98
N ASN JA 64 76.29 -23.82 -82.66
CA ASN JA 64 76.13 -22.47 -82.14
C ASN JA 64 75.03 -22.49 -81.08
N LYS JA 65 74.61 -21.31 -80.66
CA LYS JA 65 73.61 -21.18 -79.61
C LYS JA 65 72.18 -21.08 -80.14
N THR JA 66 71.99 -21.19 -81.45
CA THR JA 66 70.67 -21.05 -82.03
C THR JA 66 69.90 -22.36 -81.94
N ARG JA 67 68.68 -22.27 -81.43
CA ARG JA 67 67.73 -23.38 -81.42
C ARG JA 67 66.48 -22.95 -82.18
N VAL JA 68 65.67 -23.95 -82.55
CA VAL JA 68 64.47 -23.69 -83.33
C VAL JA 68 63.42 -24.74 -82.99
N ILE JA 69 62.17 -24.29 -82.91
CA ILE JA 69 61.01 -25.17 -82.81
C ILE JA 69 60.21 -24.99 -84.09
N TRP JA 70 60.10 -26.06 -84.87
CA TRP JA 70 59.46 -25.97 -86.17
C TRP JA 70 57.96 -26.16 -86.06
N GLY JA 71 57.25 -25.70 -87.07
CA GLY JA 71 55.82 -25.86 -87.12
C GLY JA 71 55.31 -25.60 -88.52
N LYS JA 72 53.98 -25.52 -88.63
CA LYS JA 72 53.37 -25.15 -89.90
C LYS JA 72 52.02 -24.51 -89.64
N VAL JA 73 51.63 -23.63 -90.57
CA VAL JA 73 50.32 -23.00 -90.50
C VAL JA 73 49.25 -24.01 -90.88
N THR JA 74 48.23 -24.14 -90.03
CA THR JA 74 47.17 -25.12 -90.24
C THR JA 74 45.93 -24.52 -90.90
N ARG JA 75 45.44 -23.38 -90.41
CA ARG JA 75 44.19 -22.80 -90.90
C ARG JA 75 44.14 -21.35 -90.46
N ALA JA 76 43.13 -20.63 -90.97
CA ALA JA 76 42.91 -19.24 -90.58
C ALA JA 76 42.12 -19.16 -89.29
N HIS JA 77 42.41 -18.14 -88.49
CA HIS JA 77 41.72 -17.90 -87.23
C HIS JA 77 41.02 -16.54 -87.31
N GLY JA 78 39.71 -16.54 -87.16
CA GLY JA 78 38.98 -15.28 -87.19
C GLY JA 78 38.90 -14.68 -88.59
N ASN JA 79 38.50 -13.42 -88.63
CA ASN JA 79 38.25 -12.70 -89.87
C ASN JA 79 39.32 -11.68 -90.21
N SER JA 80 40.36 -11.54 -89.39
CA SER JA 80 41.29 -10.43 -89.50
C SER JA 80 42.72 -10.88 -89.79
N GLY JA 81 42.90 -12.04 -90.41
CA GLY JA 81 44.21 -12.44 -90.85
C GLY JA 81 45.04 -13.26 -89.88
N MET JA 82 44.50 -13.61 -88.72
CA MET JA 82 45.19 -14.54 -87.85
C MET JA 82 45.18 -15.93 -88.47
N VAL JA 83 46.21 -16.70 -88.14
CA VAL JA 83 46.33 -18.08 -88.59
C VAL JA 83 46.65 -18.94 -87.38
N ARG JA 84 46.23 -20.19 -87.43
CA ARG JA 84 46.58 -21.17 -86.40
C ARG JA 84 47.76 -22.00 -86.88
N ALA JA 85 48.65 -22.33 -85.94
CA ALA JA 85 49.85 -23.09 -86.25
C ALA JA 85 50.03 -24.22 -85.26
N LYS JA 86 50.50 -25.35 -85.75
CA LYS JA 86 50.91 -26.47 -84.91
C LYS JA 86 52.43 -26.63 -85.00
N PHE JA 87 53.07 -26.67 -83.84
CA PHE JA 87 54.50 -26.87 -83.73
C PHE JA 87 54.78 -28.27 -83.18
N ARG JA 88 55.96 -28.81 -83.49
CA ARG JA 88 56.28 -30.14 -82.96
C ARG JA 88 56.25 -30.17 -81.44
N SER JA 89 56.60 -29.08 -80.78
CA SER JA 89 56.43 -28.96 -79.35
C SER JA 89 55.69 -27.66 -79.07
N ASN JA 90 54.84 -27.68 -78.06
CA ASN JA 90 54.04 -26.51 -77.74
C ASN JA 90 54.94 -25.32 -77.47
N LEU JA 91 54.59 -24.18 -78.06
CA LEU JA 91 55.44 -23.00 -77.96
C LEU JA 91 55.53 -22.55 -76.50
N PRO JA 92 56.73 -22.18 -76.04
CA PRO JA 92 56.84 -21.64 -74.68
C PRO JA 92 56.13 -20.30 -74.57
N ALA JA 93 55.60 -20.05 -73.38
CA ALA JA 93 54.83 -18.83 -73.17
C ALA JA 93 55.70 -17.58 -73.17
N LYS JA 94 57.02 -17.74 -73.00
CA LYS JA 94 57.92 -16.59 -73.08
C LYS JA 94 58.02 -16.01 -74.48
N ALA JA 95 57.56 -16.73 -75.49
CA ALA JA 95 57.65 -16.30 -76.88
C ALA JA 95 56.45 -15.48 -77.33
N ILE JA 96 55.48 -15.24 -76.45
CA ILE JA 96 54.31 -14.46 -76.83
C ILE JA 96 54.74 -13.02 -77.12
N GLY JA 97 54.34 -12.52 -78.28
CA GLY JA 97 54.78 -11.19 -78.70
C GLY JA 97 56.14 -11.15 -79.33
N HIS JA 98 56.70 -12.30 -79.71
CA HIS JA 98 58.02 -12.37 -80.32
C HIS JA 98 57.91 -12.89 -81.75
N ARG JA 99 59.06 -13.03 -82.39
CA ARG JA 99 59.11 -13.30 -83.82
C ARG JA 99 58.86 -14.78 -84.12
N ILE JA 100 57.96 -15.02 -85.08
CA ILE JA 100 57.83 -16.31 -85.73
C ILE JA 100 58.05 -16.09 -87.21
N ARG JA 101 58.90 -16.91 -87.83
CA ARG JA 101 59.17 -16.81 -89.25
C ARG JA 101 58.30 -17.80 -90.01
N VAL JA 102 57.76 -17.35 -91.14
CA VAL JA 102 56.99 -18.20 -92.05
C VAL JA 102 57.83 -18.41 -93.30
N MET JA 103 58.11 -19.67 -93.63
CA MET JA 103 59.27 -20.00 -94.45
C MET JA 103 59.04 -19.82 -95.95
N LEU JA 104 57.80 -19.92 -96.41
CA LEU JA 104 57.42 -20.03 -97.82
C LEU JA 104 57.84 -21.36 -98.44
N TYR JA 105 58.44 -22.29 -97.67
CA TYR JA 105 59.01 -23.50 -98.25
C TYR JA 105 57.98 -24.28 -99.07
N PRO JA 106 56.93 -24.88 -98.45
CA PRO JA 106 56.03 -25.71 -99.26
C PRO JA 106 55.21 -24.86 -100.21
N SER JA 107 55.85 -24.38 -101.27
CA SER JA 107 55.24 -23.41 -102.16
C SER JA 107 54.21 -24.09 -103.07
N ARG JA 108 53.04 -23.49 -103.17
CA ARG JA 108 52.01 -23.93 -104.10
C ARG JA 108 51.88 -22.97 -105.29
N ILE JA 109 52.82 -22.05 -105.44
CA ILE JA 109 52.77 -21.07 -106.53
C ILE JA 109 53.95 -21.26 -107.47
N VAL KA 1 72.43 -2.53 27.29
CA VAL KA 1 72.15 -3.51 28.32
C VAL KA 1 72.35 -4.92 27.77
N GLN KA 2 72.84 -5.82 28.62
CA GLN KA 2 73.03 -7.21 28.23
C GLN KA 2 71.71 -7.98 28.41
N ARG KA 3 71.20 -8.52 27.31
CA ARG KA 3 69.91 -9.20 27.29
C ARG KA 3 70.07 -10.68 27.60
N LEU KA 4 68.98 -11.28 28.09
CA LEU KA 4 69.02 -12.60 28.68
C LEU KA 4 68.34 -13.63 27.80
N THR KA 5 68.64 -14.90 28.08
CA THR KA 5 68.02 -16.03 27.43
C THR KA 5 67.65 -17.07 28.47
N TYR KA 6 66.65 -17.89 28.16
CA TYR KA 6 66.35 -19.04 28.99
C TYR KA 6 67.50 -20.04 28.94
N ARG KA 7 67.73 -20.73 30.05
CA ARG KA 7 68.77 -21.74 30.13
C ARG KA 7 68.23 -23.16 29.97
N ARG KA 8 66.92 -23.32 29.81
CA ARG KA 8 66.30 -24.62 29.60
C ARG KA 8 65.44 -24.56 28.35
N ARG KA 9 64.99 -25.73 27.91
CA ARG KA 9 64.23 -25.81 26.66
C ARG KA 9 62.78 -25.40 26.80
N LEU KA 10 62.31 -25.14 28.02
CA LEU KA 10 60.97 -24.59 28.22
C LEU KA 10 61.01 -23.11 27.91
N SER KA 11 60.32 -22.71 26.85
CA SER KA 11 60.41 -21.34 26.33
C SER KA 11 59.17 -20.50 26.64
N TYR KA 12 58.27 -20.99 27.49
CA TYR KA 12 57.03 -20.29 27.76
C TYR KA 12 56.99 -19.81 29.20
N ASN KA 13 56.34 -18.66 29.40
CA ASN KA 13 56.25 -18.05 30.73
C ASN KA 13 55.18 -18.74 31.58
N THR KA 14 55.40 -20.03 31.82
CA THR KA 14 54.48 -20.83 32.60
C THR KA 14 54.82 -20.73 34.09
N ALA KA 15 53.93 -21.28 34.93
CA ALA KA 15 54.12 -21.19 36.37
C ALA KA 15 55.34 -21.96 36.86
N SER KA 16 55.86 -22.89 36.07
CA SER KA 16 57.04 -23.67 36.43
C SER KA 16 58.31 -23.14 35.78
N ASN KA 17 58.24 -21.96 35.14
CA ASN KA 17 59.36 -21.40 34.40
C ASN KA 17 59.75 -20.03 34.94
N LYS KA 18 59.47 -19.77 36.22
CA LYS KA 18 59.76 -18.47 36.80
C LYS KA 18 61.25 -18.34 37.07
N THR KA 19 61.77 -17.13 36.89
CA THR KA 19 63.21 -16.90 36.99
C THR KA 19 63.48 -15.63 37.79
N ARG KA 20 64.70 -15.52 38.28
CA ARG KA 20 65.20 -14.29 38.87
C ARG KA 20 66.58 -13.97 38.31
N LEU KA 21 66.98 -12.71 38.43
CA LEU KA 21 68.23 -12.24 37.88
C LEU KA 21 69.34 -12.40 38.91
N SER KA 22 70.48 -12.94 38.47
CA SER KA 22 71.62 -13.17 39.32
C SER KA 22 72.88 -12.68 38.64
N ARG KA 23 73.76 -12.03 39.40
CA ARG KA 23 75.05 -11.59 38.91
C ARG KA 23 76.11 -12.59 39.39
N THR KA 24 76.80 -13.20 38.44
CA THR KA 24 77.80 -14.22 38.72
C THR KA 24 79.13 -13.59 39.10
N PRO KA 25 80.03 -14.37 39.69
CA PRO KA 25 81.40 -13.88 39.88
C PRO KA 25 82.09 -13.48 38.59
N GLY KA 26 81.64 -14.00 37.45
CA GLY KA 26 82.16 -13.61 36.16
C GLY KA 26 81.62 -12.30 35.64
N ASN KA 27 80.85 -11.59 36.46
CA ASN KA 27 80.30 -10.27 36.10
C ASN KA 27 79.41 -10.35 34.88
N ARG KA 28 78.43 -11.25 34.94
CA ARG KA 28 77.40 -11.33 33.92
C ARG KA 28 76.08 -11.67 34.60
N ILE KA 29 74.99 -11.22 34.00
CA ILE KA 29 73.66 -11.47 34.53
C ILE KA 29 73.10 -12.74 33.91
N VAL KA 30 72.58 -13.63 34.75
CA VAL KA 30 72.00 -14.88 34.30
C VAL KA 30 70.67 -15.11 35.00
N TYR KA 31 69.82 -15.91 34.38
CA TYR KA 31 68.62 -16.44 35.00
C TYR KA 31 68.91 -17.54 36.00
N LEU KA 32 68.34 -17.40 37.19
CA LEU KA 32 68.26 -18.47 38.17
C LEU KA 32 66.80 -18.89 38.31
N TYR KA 33 66.54 -20.18 38.15
CA TYR KA 33 65.18 -20.69 38.17
C TYR KA 33 64.75 -20.86 39.62
N THR KA 34 63.76 -20.08 40.03
CA THR KA 34 63.33 -20.06 41.42
C THR KA 34 62.40 -21.24 41.71
N LYS KA 35 62.16 -21.46 42.99
CA LYS KA 35 61.17 -22.42 43.45
C LYS KA 35 59.87 -21.71 43.77
N LYS KA 36 58.77 -22.45 43.71
CA LYS KA 36 57.48 -21.87 44.01
C LYS KA 36 57.40 -21.45 45.47
N VAL KA 37 56.57 -20.44 45.75
CA VAL KA 37 56.41 -19.95 47.10
C VAL KA 37 55.56 -20.94 47.89
N GLY KA 38 56.10 -21.40 49.02
CA GLY KA 38 55.35 -22.29 49.88
C GLY KA 38 54.38 -21.56 50.78
N LYS KA 39 53.44 -22.32 51.34
CA LYS KA 39 52.43 -21.78 52.22
C LYS KA 39 52.47 -22.50 53.57
N ALA KA 40 52.24 -21.73 54.63
CA ALA KA 40 52.06 -22.31 55.95
C ALA KA 40 50.73 -23.07 55.99
N PRO KA 41 50.59 -24.01 56.91
CA PRO KA 41 49.31 -24.74 57.03
C PRO KA 41 48.18 -23.81 57.43
N LYS KA 42 46.99 -24.10 56.93
CA LYS KA 42 45.78 -23.49 57.44
C LYS KA 42 45.27 -24.29 58.64
N SER KA 43 44.58 -23.59 59.54
CA SER KA 43 44.09 -24.23 60.76
C SER KA 43 43.02 -25.27 60.43
N ALA KA 44 43.04 -26.38 61.17
CA ALA KA 44 42.09 -27.45 60.94
C ALA KA 44 40.66 -27.05 61.28
N CYS KA 45 40.48 -25.98 62.04
CA CYS KA 45 39.14 -25.52 62.38
C CYS KA 45 38.36 -25.11 61.14
N GLY KA 46 39.03 -24.46 60.19
CA GLY KA 46 38.38 -23.98 58.99
C GLY KA 46 37.59 -22.71 59.16
N VAL KA 47 37.72 -22.03 60.31
CA VAL KA 47 36.91 -20.85 60.60
C VAL KA 47 37.75 -19.58 60.61
N CYS KA 48 39.07 -19.67 60.76
CA CYS KA 48 39.91 -18.47 60.82
C CYS KA 48 40.79 -18.38 59.59
N PRO KA 49 40.91 -17.18 58.98
CA PRO KA 49 41.60 -17.07 57.69
C PRO KA 49 43.12 -17.17 57.78
N GLY KA 50 43.71 -16.71 58.88
CA GLY KA 50 45.15 -16.67 58.98
C GLY KA 50 45.76 -18.06 59.01
N ARG KA 51 46.97 -18.16 58.46
CA ARG KA 51 47.69 -19.42 58.45
C ARG KA 51 48.51 -19.59 59.73
N LEU KA 52 48.94 -20.81 59.98
CA LEU KA 52 49.57 -21.16 61.24
C LEU KA 52 50.95 -20.54 61.39
N ARG KA 53 51.32 -20.27 62.64
CA ARG KA 53 52.60 -19.69 62.99
C ARG KA 53 53.54 -20.77 63.52
N GLY KA 54 54.83 -20.48 63.49
CA GLY KA 54 55.84 -21.38 63.98
C GLY KA 54 56.24 -22.51 63.05
N VAL KA 55 55.66 -22.58 61.86
CA VAL KA 55 55.91 -23.66 60.91
C VAL KA 55 56.45 -23.06 59.62
N ARG KA 56 57.52 -23.65 59.10
CA ARG KA 56 58.14 -23.13 57.89
C ARG KA 56 57.23 -23.30 56.69
N ALA KA 57 57.18 -22.28 55.84
CA ALA KA 57 56.36 -22.29 54.63
C ALA KA 57 57.20 -22.76 53.46
N VAL KA 58 57.06 -24.03 53.11
CA VAL KA 58 57.83 -24.65 52.04
C VAL KA 58 56.90 -25.49 51.18
N ARG KA 59 57.43 -25.97 50.05
CA ARG KA 59 56.67 -26.87 49.21
C ARG KA 59 56.48 -28.21 49.91
N PRO KA 60 55.40 -28.93 49.60
CA PRO KA 60 55.06 -30.12 50.40
C PRO KA 60 56.16 -31.18 50.46
N LYS KA 61 56.86 -31.42 49.36
CA LYS KA 61 57.90 -32.44 49.37
C LYS KA 61 59.16 -32.01 50.10
N VAL KA 62 59.31 -30.71 50.39
CA VAL KA 62 60.44 -30.25 51.17
C VAL KA 62 60.26 -30.64 52.64
N LEU KA 63 59.01 -30.78 53.09
CA LEU KA 63 58.75 -31.12 54.49
C LEU KA 63 59.29 -32.49 54.85
N MET KA 64 59.57 -33.35 53.87
CA MET KA 64 60.10 -34.67 54.16
C MET KA 64 61.50 -34.59 54.78
N ARG KA 65 62.30 -33.60 54.37
CA ARG KA 65 63.66 -33.45 54.85
C ARG KA 65 63.81 -32.40 55.94
N LEU KA 66 62.71 -31.83 56.43
CA LEU KA 66 62.77 -30.94 57.58
C LEU KA 66 62.61 -31.73 58.87
N SER KA 67 63.19 -31.19 59.94
CA SER KA 67 63.04 -31.81 61.25
C SER KA 67 61.63 -31.58 61.78
N LYS KA 68 61.26 -32.38 62.79
CA LYS KA 68 59.91 -32.34 63.32
C LYS KA 68 59.57 -30.96 63.88
N THR KA 69 60.52 -30.35 64.59
CA THR KA 69 60.25 -29.09 65.27
C THR KA 69 59.84 -28.00 64.29
N LYS KA 70 60.45 -27.97 63.12
CA LYS KA 70 60.15 -26.95 62.11
C LYS KA 70 58.77 -27.15 61.47
N LYS KA 71 58.06 -28.22 61.81
CA LYS KA 71 56.80 -28.53 61.17
C LYS KA 71 55.63 -28.59 62.16
N HIS KA 72 55.85 -28.26 63.43
CA HIS KA 72 54.75 -28.23 64.39
C HIS KA 72 55.08 -27.26 65.51
N VAL KA 73 54.11 -27.10 66.41
CA VAL KA 73 54.22 -26.22 67.56
C VAL KA 73 53.99 -27.07 68.82
N SER KA 74 54.75 -26.77 69.87
CA SER KA 74 54.71 -27.54 71.12
C SER KA 74 53.43 -27.24 71.89
N ARG KA 75 52.34 -27.84 71.43
CA ARG KA 75 51.03 -27.71 72.04
C ARG KA 75 50.11 -28.73 71.39
N ALA KA 76 49.06 -29.12 72.09
CA ALA KA 76 48.07 -30.02 71.52
C ALA KA 76 47.53 -29.46 70.21
N TYR KA 77 47.46 -30.32 69.19
CA TYR KA 77 47.07 -29.97 67.83
C TYR KA 77 48.04 -28.99 67.19
N GLY KA 78 49.28 -28.90 67.70
CA GLY KA 78 50.23 -27.91 67.19
C GLY KA 78 50.69 -28.25 65.78
N GLY KA 79 50.60 -27.29 64.87
CA GLY KA 79 50.89 -27.52 63.47
C GLY KA 79 49.69 -27.97 62.68
N SER KA 80 48.57 -28.21 63.33
CA SER KA 80 47.31 -28.57 62.69
C SER KA 80 46.18 -27.61 63.02
N MET KA 81 46.15 -27.08 64.24
CA MET KA 81 45.08 -26.18 64.66
C MET KA 81 45.67 -24.95 65.33
N CYS KA 82 45.00 -23.82 65.15
CA CYS KA 82 45.42 -22.57 65.77
C CYS KA 82 45.16 -22.60 67.27
N ALA KA 83 45.90 -21.76 68.00
CA ALA KA 83 45.78 -21.73 69.45
C ALA KA 83 44.38 -21.30 69.89
N LYS KA 84 43.81 -20.30 69.22
CA LYS KA 84 42.51 -19.77 69.63
C LYS KA 84 41.44 -20.85 69.58
N CYS KA 85 41.40 -21.62 68.49
CA CYS KA 85 40.36 -22.64 68.36
C CYS KA 85 40.64 -23.83 69.27
N VAL KA 86 41.91 -24.05 69.64
CA VAL KA 86 42.22 -25.06 70.64
C VAL KA 86 41.67 -24.64 72.00
N ARG KA 87 41.84 -23.37 72.36
CA ARG KA 87 41.27 -22.88 73.62
C ARG KA 87 39.76 -23.00 73.61
N ASP KA 88 39.13 -22.68 72.48
CA ASP KA 88 37.67 -22.78 72.38
C ASP KA 88 37.20 -24.22 72.54
N ARG KA 89 37.92 -25.17 71.94
CA ARG KA 89 37.53 -26.57 72.05
C ARG KA 89 37.76 -27.12 73.44
N ILE KA 90 38.81 -26.67 74.12
CA ILE KA 90 39.02 -27.08 75.51
C ILE KA 90 37.86 -26.61 76.37
N LYS KA 91 37.46 -25.34 76.21
CA LYS KA 91 36.35 -24.81 76.98
C LYS KA 91 35.04 -25.47 76.57
N ARG KA 92 34.83 -25.67 75.28
CA ARG KA 92 33.58 -26.27 74.81
C ARG KA 92 33.45 -27.71 75.28
N ALA KA 93 34.54 -28.48 75.25
CA ALA KA 93 34.47 -29.86 75.72
C ALA KA 93 34.11 -29.91 77.20
N PHE KA 94 34.74 -29.06 78.00
CA PHE KA 94 34.47 -29.06 79.44
C PHE KA 94 33.03 -28.63 79.73
N LEU KA 95 32.58 -27.54 79.10
CA LEU KA 95 31.27 -26.99 79.42
C LEU KA 95 30.14 -27.91 78.95
N ILE KA 96 30.28 -28.51 77.77
CA ILE KA 96 29.24 -29.43 77.30
C ILE KA 96 29.17 -30.66 78.19
N GLU KA 97 30.33 -31.21 78.58
CA GLU KA 97 30.34 -32.36 79.48
C GLU KA 97 29.78 -32.00 80.85
N GLU KA 98 30.08 -30.78 81.34
CA GLU KA 98 29.48 -30.33 82.59
C GLU KA 98 27.97 -30.23 82.47
N GLN KA 99 27.49 -29.78 81.31
CA GLN KA 99 26.05 -29.61 81.10
C GLN KA 99 25.37 -30.98 80.97
N LYS KA 100 26.10 -31.99 80.51
CA LYS KA 100 25.60 -33.36 80.55
C LYS KA 100 25.37 -33.81 81.99
N ILE KA 101 26.25 -33.41 82.90
CA ILE KA 101 26.06 -33.73 84.32
C ILE KA 101 24.82 -33.02 84.85
N VAL KA 102 24.56 -31.81 84.37
CA VAL KA 102 23.39 -31.04 84.83
C VAL KA 102 22.10 -31.78 84.48
N VAL KA 103 21.96 -32.18 83.22
CA VAL KA 103 20.73 -32.86 82.80
C VAL KA 103 20.63 -34.23 83.45
N LYS KA 104 21.76 -34.88 83.73
CA LYS KA 104 21.75 -36.15 84.44
C LYS KA 104 21.26 -35.98 85.87
N VAL KA 105 21.77 -34.97 86.57
CA VAL KA 105 21.31 -34.68 87.92
C VAL KA 105 19.87 -34.21 87.89
N LEU KA 106 19.50 -33.45 86.87
CA LEU KA 106 18.16 -32.88 86.80
C LEU KA 106 17.10 -33.98 86.70
N LYS KA 107 17.34 -35.00 85.89
CA LYS KA 107 16.39 -36.11 85.84
C LYS KA 107 16.47 -36.96 87.10
N ALA KA 108 17.64 -37.00 87.74
CA ALA KA 108 17.80 -37.78 88.96
C ALA KA 108 16.95 -37.20 90.08
N GLN KA 109 16.89 -35.88 90.18
CA GLN KA 109 16.06 -35.24 91.20
C GLN KA 109 14.60 -35.14 90.77
N ALA KA 110 14.33 -35.22 89.46
CA ALA KA 110 12.97 -35.16 88.97
C ALA KA 110 12.28 -36.53 88.96
N GLN KA 111 13.03 -37.62 89.13
CA GLN KA 111 12.46 -38.95 89.15
C GLN KA 111 12.06 -39.40 90.55
N SER KA 112 12.13 -38.49 91.54
CA SER KA 112 11.72 -38.81 92.89
C SER KA 112 10.23 -39.07 93.01
N GLN KA 113 9.44 -38.72 91.99
CA GLN KA 113 8.00 -38.93 91.99
C GLN KA 113 7.66 -40.12 91.10
N LYS KA 114 6.80 -41.00 91.60
CA LYS KA 114 6.39 -42.18 90.84
C LYS KA 114 5.56 -41.80 89.61
N ALA LA 1 96.97 -73.40 9.70
CA ALA LA 1 96.82 -73.19 11.13
C ALA LA 1 95.36 -72.96 11.50
N LYS LA 2 94.46 -73.19 10.54
CA LYS LA 2 93.05 -72.97 10.77
C LYS LA 2 92.47 -74.09 11.64
N ILE LA 3 91.28 -73.85 12.15
CA ILE LA 3 90.56 -74.82 12.97
C ILE LA 3 89.46 -75.45 12.14
N LYS LA 4 89.33 -76.76 12.26
CA LYS LA 4 88.28 -77.51 11.57
C LYS LA 4 87.24 -77.98 12.57
N ALA LA 5 86.09 -78.40 12.04
CA ALA LA 5 85.05 -78.92 12.92
C ALA LA 5 85.33 -80.34 13.40
N ARG LA 6 85.99 -81.16 12.58
CA ARG LA 6 86.18 -82.55 12.92
C ARG LA 6 87.07 -82.71 14.15
N ASP LA 7 88.21 -82.02 14.17
CA ASP LA 7 89.14 -82.14 15.29
C ASP LA 7 88.67 -81.38 16.54
N LEU LA 8 87.60 -80.58 16.43
CA LEU LA 8 87.03 -79.93 17.61
C LEU LA 8 86.12 -80.85 18.41
N ARG LA 9 85.61 -81.92 17.80
CA ARG LA 9 84.56 -82.70 18.44
C ARG LA 9 85.10 -83.61 19.54
N GLY LA 10 86.37 -83.99 19.47
CA GLY LA 10 86.94 -84.79 20.54
C GLY LA 10 87.24 -84.02 21.79
N LYS LA 11 87.23 -82.69 21.72
CA LYS LA 11 87.62 -81.89 22.86
C LYS LA 11 86.45 -81.71 23.82
N LYS LA 12 86.80 -81.42 25.08
CA LYS LA 12 85.81 -81.28 26.11
C LYS LA 12 85.45 -79.80 26.28
N LYS LA 13 84.46 -79.53 27.14
CA LYS LA 13 83.87 -78.19 27.19
C LYS LA 13 84.88 -77.13 27.62
N GLU LA 14 85.82 -77.49 28.48
CA GLU LA 14 86.76 -76.52 29.05
C GLU LA 14 87.66 -75.90 27.98
N GLU LA 15 88.31 -76.73 27.16
CA GLU LA 15 89.19 -76.18 26.13
C GLU LA 15 88.43 -75.63 24.93
N LEU LA 16 87.22 -76.13 24.67
CA LEU LA 16 86.40 -75.49 23.63
C LEU LA 16 86.05 -74.06 24.01
N LEU LA 17 85.68 -73.84 25.27
CA LEU LA 17 85.48 -72.47 25.76
C LEU LA 17 86.78 -71.68 25.75
N LYS LA 18 87.89 -72.33 26.12
CA LYS LA 18 89.19 -71.69 26.03
C LYS LA 18 89.53 -71.32 24.60
N GLN LA 19 89.26 -72.23 23.65
CA GLN LA 19 89.49 -71.94 22.24
C GLN LA 19 88.64 -70.77 21.78
N LEU LA 20 87.38 -70.73 22.21
CA LEU LA 20 86.50 -69.64 21.82
C LEU LA 20 86.98 -68.31 22.38
N ASP LA 21 87.47 -68.30 23.62
CA ASP LA 21 87.93 -67.06 24.23
C ASP LA 21 89.14 -66.49 23.49
N ASP LA 22 90.08 -67.36 23.10
CA ASP LA 22 91.26 -66.89 22.39
C ASP LA 22 90.90 -66.28 21.05
N LEU LA 23 89.90 -66.85 20.37
CA LEU LA 23 89.45 -66.28 19.11
C LEU LA 23 88.79 -64.92 19.33
N LYS LA 24 88.02 -64.77 20.41
CA LYS LA 24 87.34 -63.50 20.67
C LYS LA 24 88.33 -62.38 20.96
N VAL LA 25 89.39 -62.67 21.73
CA VAL LA 25 90.37 -61.62 22.00
C VAL LA 25 91.13 -61.28 20.73
N GLU LA 26 91.33 -62.26 19.84
CA GLU LA 26 92.00 -62.00 18.58
C GLU LA 26 91.14 -61.18 17.64
N LEU LA 27 89.84 -61.47 17.59
CA LEU LA 27 88.94 -60.69 16.75
C LEU LA 27 88.82 -59.25 17.23
N SER LA 28 88.79 -59.05 18.55
CA SER LA 28 88.75 -57.69 19.09
C SER LA 28 90.02 -56.94 18.75
N GLN LA 29 91.18 -57.61 18.81
CA GLN LA 29 92.42 -56.99 18.37
C GLN LA 29 92.39 -56.65 16.89
N LEU LA 30 91.84 -57.55 16.07
CA LEU LA 30 91.72 -57.28 14.64
C LEU LA 30 90.80 -56.10 14.38
N ARG LA 31 89.73 -55.97 15.18
CA ARG LA 31 88.85 -54.82 15.04
C ARG LA 31 89.54 -53.53 15.43
N VAL LA 32 90.45 -53.59 16.41
CA VAL LA 32 91.26 -52.42 16.75
C VAL LA 32 92.16 -52.05 15.58
N ALA LA 33 92.81 -53.05 14.97
CA ALA LA 33 93.69 -52.78 13.85
C ALA LA 33 92.93 -52.22 12.65
N LYS LA 34 91.68 -52.64 12.47
CA LYS LA 34 90.88 -52.11 11.39
C LYS LA 34 90.64 -50.61 11.55
N VAL LA 35 90.39 -50.17 12.78
CA VAL LA 35 90.12 -48.76 13.03
C VAL LA 35 91.39 -47.93 12.86
N THR LA 36 92.53 -48.41 13.36
CA THR LA 36 93.78 -47.67 13.29
C THR LA 36 94.56 -47.95 12.02
N GLY LA 37 93.88 -48.18 10.90
CA GLY LA 37 94.56 -48.46 9.65
C GLY LA 37 94.94 -49.92 9.50
N GLY LA 38 95.90 -50.38 10.29
CA GLY LA 38 96.30 -51.78 10.23
C GLY LA 38 96.93 -52.12 8.90
N ALA LA 39 96.68 -53.35 8.44
CA ALA LA 39 97.22 -53.83 7.19
C ALA LA 39 96.18 -54.71 6.51
N ALA LA 40 96.35 -54.88 5.19
CA ALA LA 40 95.41 -55.71 4.43
C ALA LA 40 95.42 -57.16 4.92
N SER LA 41 96.58 -57.65 5.37
CA SER LA 41 96.64 -59.00 5.92
C SER LA 41 95.81 -59.11 7.19
N LYS LA 42 95.84 -58.08 8.04
CA LYS LA 42 95.05 -58.12 9.27
C LYS LA 42 93.57 -57.90 8.98
N LEU LA 43 93.24 -57.09 7.97
CA LEU LA 43 91.83 -56.90 7.62
C LEU LA 43 91.22 -58.18 7.07
N SER LA 44 91.96 -58.93 6.25
CA SER LA 44 91.43 -60.15 5.68
C SER LA 44 91.29 -61.26 6.70
N LYS LA 45 91.99 -61.15 7.82
CA LYS LA 45 91.88 -62.17 8.86
C LYS LA 45 90.62 -62.01 9.71
N ILE LA 46 89.91 -60.88 9.58
CA ILE LA 46 88.71 -60.66 10.36
C ILE LA 46 87.65 -61.71 10.03
N ARG LA 47 87.47 -61.98 8.74
CA ARG LA 47 86.50 -63.00 8.34
C ARG LA 47 86.93 -64.39 8.80
N VAL LA 48 88.23 -64.68 8.72
CA VAL LA 48 88.72 -66.00 9.10
C VAL LA 48 88.44 -66.28 10.58
N VAL LA 49 88.72 -65.29 11.44
CA VAL LA 49 88.47 -65.46 12.86
C VAL LA 49 86.97 -65.53 13.15
N ARG LA 50 86.18 -64.73 12.41
CA ARG LA 50 84.74 -64.74 12.63
C ARG LA 50 84.14 -66.10 12.32
N LYS LA 51 84.56 -66.73 11.22
CA LYS LA 51 84.06 -68.06 10.89
C LYS LA 51 84.61 -69.11 11.83
N SER LA 52 85.82 -68.90 12.35
CA SER LA 52 86.35 -69.80 13.37
C SER LA 52 85.53 -69.72 14.64
N ILE LA 53 85.10 -68.52 15.03
CA ILE LA 53 84.24 -68.36 16.19
C ILE LA 53 82.92 -69.08 15.96
N ALA LA 54 82.33 -68.91 14.77
CA ALA LA 54 81.11 -69.63 14.44
C ALA LA 54 81.34 -71.15 14.45
N ARG LA 55 82.52 -71.58 14.01
CA ARG LA 55 82.82 -73.00 13.97
C ARG LA 55 82.88 -73.60 15.37
N VAL LA 56 83.54 -72.90 16.29
CA VAL LA 56 83.63 -73.39 17.67
C VAL LA 56 82.25 -73.42 18.31
N LEU LA 57 81.47 -72.34 18.12
CA LEU LA 57 80.18 -72.23 18.79
C LEU LA 57 79.21 -73.31 18.32
N THR LA 58 79.22 -73.63 17.03
CA THR LA 58 78.30 -74.64 16.54
C THR LA 58 78.64 -76.03 17.07
N VAL LA 59 79.94 -76.30 17.32
CA VAL LA 59 80.32 -77.58 17.90
C VAL LA 59 79.86 -77.67 19.34
N ILE LA 60 79.99 -76.57 20.09
CA ILE LA 60 79.51 -76.55 21.47
C ILE LA 60 78.00 -76.73 21.51
N ASN LA 61 77.28 -76.04 20.63
CA ASN LA 61 75.83 -76.14 20.62
C ASN LA 61 75.36 -77.51 20.16
N GLN LA 62 76.02 -78.09 19.15
CA GLN LA 62 75.65 -79.41 18.69
C GLN LA 62 75.95 -80.47 19.75
N THR LA 63 77.09 -80.37 20.42
CA THR LA 63 77.43 -81.34 21.46
C THR LA 63 76.43 -81.26 22.62
N GLN LA 64 76.09 -80.04 23.05
CA GLN LA 64 75.10 -79.87 24.09
C GLN LA 64 73.73 -80.41 23.67
N LYS LA 65 73.30 -80.10 22.45
CA LYS LA 65 72.00 -80.57 21.99
C LYS LA 65 71.97 -82.09 21.89
N GLU LA 66 73.08 -82.70 21.45
CA GLU LA 66 73.16 -84.16 21.35
C GLU LA 66 73.07 -84.81 22.72
N ASN LA 67 73.76 -84.25 23.72
CA ASN LA 67 73.69 -84.81 25.07
C ASN LA 67 72.28 -84.68 25.64
N LEU LA 68 71.63 -83.53 25.40
CA LEU LA 68 70.27 -83.33 25.91
C LEU LA 68 69.29 -84.31 25.26
N ARG LA 69 69.44 -84.56 23.96
CA ARG LA 69 68.59 -85.54 23.29
C ARG LA 69 68.80 -86.92 23.90
N LYS LA 70 70.05 -87.28 24.18
CA LYS LA 70 70.34 -88.56 24.83
C LYS LA 70 69.77 -88.60 26.25
N PHE LA 71 69.87 -87.49 26.99
CA PHE LA 71 69.36 -87.47 28.35
C PHE LA 71 67.85 -87.65 28.39
N TYR LA 72 67.14 -87.03 27.46
CA TYR LA 72 65.69 -87.06 27.45
C TYR LA 72 65.13 -88.22 26.62
N LYS LA 73 65.98 -89.06 26.05
CA LYS LA 73 65.48 -90.19 25.29
C LYS LA 73 64.87 -91.23 26.22
N GLY LA 74 63.65 -91.65 25.89
CA GLY LA 74 62.92 -92.59 26.71
C GLY LA 74 62.02 -91.97 27.76
N LYS LA 75 62.09 -90.65 27.95
CA LYS LA 75 61.25 -89.97 28.93
C LYS LA 75 59.92 -89.57 28.29
N LYS LA 76 58.86 -89.61 29.10
CA LYS LA 76 57.54 -89.31 28.58
C LYS LA 76 57.42 -87.87 28.09
N TYR LA 77 57.93 -86.92 28.87
CA TYR LA 77 57.82 -85.50 28.54
C TYR LA 77 59.19 -84.95 28.17
N LYS LA 78 59.25 -84.25 27.05
CA LYS LA 78 60.49 -83.71 26.52
C LYS LA 78 60.34 -82.22 26.28
N PRO LA 79 61.44 -81.47 26.34
CA PRO LA 79 61.38 -80.04 26.00
C PRO LA 79 60.91 -79.84 24.56
N LEU LA 80 60.22 -78.71 24.34
CA LEU LA 80 59.58 -78.47 23.05
C LEU LA 80 60.59 -78.44 21.92
N ASP LA 81 61.74 -77.82 22.13
CA ASP LA 81 62.80 -77.82 21.14
C ASP LA 81 63.39 -79.20 20.87
N LEU LA 82 63.20 -80.18 21.76
CA LEU LA 82 63.64 -81.54 21.49
C LEU LA 82 62.57 -82.39 20.83
N ARG LA 83 61.32 -81.95 20.85
CA ARG LA 83 60.25 -82.66 20.17
C ARG LA 83 60.32 -82.38 18.67
N PRO LA 84 59.83 -83.30 17.84
CA PRO LA 84 59.86 -83.08 16.38
C PRO LA 84 59.03 -81.87 15.99
N LYS LA 85 59.51 -81.15 14.97
CA LYS LA 85 58.81 -79.99 14.41
C LYS LA 85 58.51 -80.27 12.94
N LYS LA 86 57.66 -81.28 12.71
CA LYS LA 86 57.22 -81.56 11.34
C LYS LA 86 56.47 -80.36 10.76
N THR LA 87 55.29 -80.09 11.30
CA THR LA 87 54.35 -79.08 10.82
C THR LA 87 53.25 -79.02 11.86
N ARG LA 88 52.75 -77.82 12.14
CA ARG LA 88 51.72 -77.69 13.17
C ARG LA 88 50.55 -78.61 12.87
N ALA LA 89 50.12 -78.67 11.61
CA ALA LA 89 49.05 -79.58 11.22
C ALA LA 89 49.46 -81.04 11.38
N MET LA 90 50.70 -81.38 11.05
CA MET LA 90 51.15 -82.77 11.16
C MET LA 90 51.32 -83.21 12.60
N ARG LA 91 51.63 -82.29 13.51
CA ARG LA 91 51.76 -82.64 14.92
C ARG LA 91 50.43 -82.79 15.62
N ARG LA 92 49.33 -82.38 14.98
CA ARG LA 92 48.00 -82.54 15.56
C ARG LA 92 47.28 -83.80 15.10
N ARG LA 93 47.75 -84.45 14.04
CA ARG LA 93 47.03 -85.59 13.49
C ARG LA 93 47.25 -86.83 14.35
N LEU LA 94 46.37 -87.82 14.16
CA LEU LA 94 46.46 -89.09 14.87
C LEU LA 94 47.80 -89.76 14.61
N ASN LA 95 48.37 -90.36 15.65
CA ASN LA 95 49.59 -91.13 15.48
C ASN LA 95 49.29 -92.45 14.79
N LYS LA 96 50.34 -93.23 14.52
CA LYS LA 96 50.16 -94.49 13.79
C LYS LA 96 49.28 -95.47 14.56
N HIS LA 97 49.35 -95.46 15.89
CA HIS LA 97 48.61 -96.44 16.67
C HIS LA 97 47.11 -96.20 16.59
N GLU LA 98 46.65 -94.97 16.84
CA GLU LA 98 45.23 -94.70 16.83
C GLU LA 98 44.68 -94.46 15.43
N GLU LA 99 45.54 -94.38 14.42
CA GLU LA 99 45.10 -94.29 13.04
C GLU LA 99 44.63 -95.62 12.50
N ASN LA 100 45.16 -96.74 13.01
CA ASN LA 100 44.87 -98.05 12.44
C ASN LA 100 44.05 -98.97 13.34
N LEU LA 101 43.84 -98.61 14.60
CA LEU LA 101 43.04 -99.46 15.47
C LEU LA 101 41.57 -99.41 15.06
N LYS LA 102 40.89 -100.54 15.24
CA LYS LA 102 39.53 -100.72 14.74
C LYS LA 102 38.60 -101.15 15.87
N THR LA 103 37.31 -100.92 15.66
CA THR LA 103 36.30 -101.43 16.57
C THR LA 103 36.19 -102.95 16.42
N LYS LA 104 35.70 -103.61 17.49
CA LYS LA 104 35.48 -105.05 17.40
C LYS LA 104 34.45 -105.40 16.34
N LYS LA 105 33.47 -104.53 16.12
CA LYS LA 105 32.52 -104.74 15.04
C LYS LA 105 33.23 -104.75 13.68
N GLN LA 106 34.17 -103.82 13.48
CA GLN LA 106 34.86 -103.70 12.21
C GLN LA 106 35.76 -104.91 11.95
N GLN LA 107 36.52 -105.35 12.95
CA GLN LA 107 37.42 -106.49 12.73
C GLN LA 107 36.66 -107.81 12.68
N ARG LA 108 35.46 -107.89 13.26
CA ARG LA 108 34.65 -109.08 13.09
C ARG LA 108 34.17 -109.20 11.65
N LYS LA 109 33.79 -108.07 11.03
CA LYS LA 109 33.39 -108.10 9.63
C LYS LA 109 34.54 -108.53 8.73
N GLU LA 110 35.74 -108.02 8.99
CA GLU LA 110 36.89 -108.38 8.17
C GLU LA 110 37.25 -109.85 8.32
N ARG LA 111 37.16 -110.37 9.55
CA ARG LA 111 37.45 -111.79 9.76
C ARG LA 111 36.41 -112.67 9.07
N LEU LA 112 35.14 -112.29 9.15
CA LEU LA 112 34.07 -113.13 8.61
C LEU LA 112 33.94 -113.01 7.10
N TYR LA 113 34.14 -111.81 6.55
CA TYR LA 113 33.92 -111.54 5.14
C TYR LA 113 35.14 -110.85 4.55
N PRO LA 114 36.25 -111.58 4.42
CA PRO LA 114 37.45 -110.99 3.84
C PRO LA 114 37.35 -110.91 2.32
N LEU LA 115 38.09 -109.97 1.76
CA LEU LA 115 38.04 -109.75 0.32
C LEU LA 115 38.70 -110.93 -0.37
N ARG LA 116 38.03 -111.51 -1.36
CA ARG LA 116 38.52 -112.72 -2.01
C ARG LA 116 39.12 -112.40 -3.37
N LYS LA 117 40.15 -113.16 -3.73
CA LYS LA 117 40.79 -113.07 -5.04
C LYS LA 117 40.07 -114.01 -5.99
N TYR LA 118 39.56 -113.48 -7.10
CA TYR LA 118 38.71 -114.26 -7.99
C TYR LA 118 38.93 -113.80 -9.42
N ALA LA 119 38.47 -114.64 -10.36
CA ALA LA 119 38.51 -114.31 -11.78
C ALA LA 119 37.26 -114.88 -12.43
N VAL LA 120 36.87 -114.29 -13.56
CA VAL LA 120 35.67 -114.68 -14.27
C VAL LA 120 36.05 -115.05 -15.70
N LYS LA 121 35.53 -116.18 -16.17
CA LYS LA 121 35.75 -116.65 -17.53
C LYS LA 121 34.80 -115.95 -18.50
N ALA LA 122 35.27 -115.74 -19.72
CA ALA LA 122 34.47 -115.09 -20.75
C ALA LA 122 33.42 -116.03 -21.31
N ALA MA 1 -7.27 -112.89 -32.07
CA ALA MA 1 -7.85 -113.26 -30.79
C ALA MA 1 -8.86 -112.21 -30.33
N LEU MA 2 -9.73 -112.60 -29.40
CA LEU MA 2 -10.77 -111.70 -28.93
C LEU MA 2 -10.18 -110.53 -28.14
N ARG MA 3 -9.27 -110.82 -27.21
CA ARG MA 3 -8.68 -109.81 -26.34
C ARG MA 3 -7.16 -109.85 -26.47
N TYR MA 4 -6.55 -108.67 -26.53
CA TYR MA 4 -5.12 -108.49 -26.59
C TYR MA 4 -4.67 -107.57 -25.45
N PRO MA 5 -3.43 -107.69 -24.99
CA PRO MA 5 -2.91 -106.70 -24.04
C PRO MA 5 -2.83 -105.33 -24.70
N MET MA 6 -3.33 -104.32 -23.99
CA MET MA 6 -3.45 -102.98 -24.55
C MET MA 6 -2.77 -101.97 -23.64
N ALA MA 7 -2.35 -100.86 -24.22
CA ALA MA 7 -1.75 -99.78 -23.45
C ALA MA 7 -2.79 -98.85 -22.82
N VAL MA 8 -4.07 -99.05 -23.12
CA VAL MA 8 -5.15 -98.23 -22.59
C VAL MA 8 -6.24 -99.15 -22.06
N GLY MA 9 -7.11 -98.58 -21.24
CA GLY MA 9 -8.25 -99.29 -20.69
C GLY MA 9 -8.07 -99.60 -19.21
N LEU MA 10 -9.06 -100.32 -18.68
CA LEU MA 10 -9.04 -100.67 -17.27
C LEU MA 10 -7.95 -101.70 -16.95
N ASN MA 11 -7.61 -102.54 -17.92
CA ASN MA 11 -6.63 -103.61 -17.72
C ASN MA 11 -5.36 -103.36 -18.54
N LYS MA 12 -4.95 -102.09 -18.62
CA LYS MA 12 -3.80 -101.74 -19.43
C LYS MA 12 -2.51 -102.27 -18.81
N GLY MA 13 -1.52 -102.50 -19.66
CA GLY MA 13 -0.18 -102.87 -19.20
C GLY MA 13 0.32 -104.21 -19.70
N HIS MA 14 1.65 -104.30 -19.82
CA HIS MA 14 2.29 -105.57 -20.13
C HIS MA 14 1.98 -106.59 -19.04
N LYS MA 15 1.57 -107.79 -19.46
CA LYS MA 15 1.15 -108.81 -18.51
C LYS MA 15 2.37 -109.53 -17.95
N VAL MA 16 2.59 -109.38 -16.65
CA VAL MA 16 3.60 -110.13 -15.92
C VAL MA 16 2.92 -110.75 -14.71
N THR MA 17 3.43 -111.89 -14.27
CA THR MA 17 2.90 -112.53 -13.07
C THR MA 17 3.54 -111.89 -11.84
N LYS MA 18 2.70 -111.37 -10.95
CA LYS MA 18 3.19 -110.58 -9.82
C LYS MA 18 3.88 -111.47 -8.80
N ASN MA 19 5.06 -111.04 -8.36
CA ASN MA 19 5.81 -111.73 -7.33
C ASN MA 19 5.27 -111.35 -5.96
N VAL MA 20 4.71 -112.32 -5.24
CA VAL MA 20 4.23 -112.08 -3.89
C VAL MA 20 5.39 -112.29 -2.92
N SER MA 21 5.48 -111.43 -1.92
CA SER MA 21 6.56 -111.50 -0.95
C SER MA 21 6.13 -110.77 0.32
N LYS MA 22 6.82 -111.09 1.41
CA LYS MA 22 6.56 -110.40 2.66
C LYS MA 22 6.96 -108.93 2.52
N PRO MA 23 6.17 -108.01 3.08
CA PRO MA 23 6.52 -106.59 2.99
C PRO MA 23 7.83 -106.30 3.72
N ARG MA 24 8.52 -105.29 3.23
CA ARG MA 24 9.80 -104.90 3.83
C ARG MA 24 9.59 -104.41 5.25
N HIS MA 25 10.64 -104.52 6.06
CA HIS MA 25 10.50 -104.23 7.48
C HIS MA 25 10.25 -102.75 7.74
N SER MA 26 10.72 -101.87 6.87
CA SER MA 26 10.48 -100.44 7.08
C SER MA 26 9.01 -100.08 6.97
N ARG MA 27 8.22 -100.85 6.21
CA ARG MA 27 6.79 -100.60 6.09
C ARG MA 27 6.06 -100.83 7.40
N ARG MA 28 6.69 -101.53 8.32
CA ARG MA 28 6.20 -101.78 9.67
C ARG MA 28 6.27 -100.55 10.58
N ARG MA 29 7.01 -99.52 10.19
CA ARG MA 29 7.18 -98.35 11.03
C ARG MA 29 5.83 -97.74 11.41
N GLY MA 30 5.69 -97.38 12.67
CA GLY MA 30 4.48 -96.78 13.15
C GLY MA 30 3.47 -97.71 13.80
N ARG MA 31 3.67 -99.03 13.71
CA ARG MA 31 2.79 -99.93 14.45
C ARG MA 31 2.94 -99.69 15.93
N LEU MA 32 1.84 -99.83 16.66
CA LEU MA 32 1.84 -99.70 18.10
C LEU MA 32 2.17 -101.06 18.72
N THR MA 33 3.26 -101.13 19.45
CA THR MA 33 3.63 -102.34 20.17
C THR MA 33 3.01 -102.31 21.56
N LYS MA 34 2.99 -103.48 22.21
CA LYS MA 34 2.40 -103.58 23.54
C LYS MA 34 3.17 -102.71 24.54
N HIS MA 35 4.51 -102.81 24.51
CA HIS MA 35 5.31 -102.04 25.45
C HIS MA 35 5.19 -100.54 25.21
N THR MA 36 5.23 -100.13 23.94
CA THR MA 36 5.09 -98.71 23.64
C THR MA 36 3.72 -98.19 24.05
N LYS MA 37 2.67 -98.98 23.82
CA LYS MA 37 1.33 -98.60 24.30
C LYS MA 37 1.31 -98.51 25.81
N PHE MA 38 1.95 -99.45 26.49
CA PHE MA 38 2.01 -99.40 27.95
C PHE MA 38 2.73 -98.15 28.44
N VAL MA 39 3.83 -97.77 27.78
CA VAL MA 39 4.58 -96.60 28.20
C VAL MA 39 3.75 -95.33 28.01
N ARG MA 40 3.06 -95.21 26.88
CA ARG MA 40 2.29 -94.00 26.61
C ARG MA 40 1.13 -93.86 27.58
N ASP MA 41 0.49 -94.99 27.94
CA ASP MA 41 -0.57 -94.92 28.95
C ASP MA 41 -0.02 -94.51 30.31
N MET MA 42 1.18 -94.98 30.63
CA MET MA 42 1.81 -94.60 31.90
C MET MA 42 2.07 -93.10 31.94
N ILE MA 43 2.57 -92.55 30.84
CA ILE MA 43 2.82 -91.10 30.77
C ILE MA 43 1.49 -90.34 30.80
N ARG MA 44 0.45 -90.89 30.19
CA ARG MA 44 -0.85 -90.22 30.16
C ARG MA 44 -1.37 -89.94 31.56
N GLU MA 45 -1.33 -90.94 32.43
CA GLU MA 45 -1.86 -90.75 33.78
C GLU MA 45 -0.91 -89.95 34.66
N VAL MA 46 0.39 -90.00 34.39
CA VAL MA 46 1.33 -89.17 35.14
C VAL MA 46 1.17 -87.71 34.76
N CYS MA 47 1.12 -87.42 33.45
CA CYS MA 47 1.09 -86.05 32.97
C CYS MA 47 -0.32 -85.46 32.96
N GLY MA 48 -1.26 -86.14 32.33
CA GLY MA 48 -2.60 -85.61 32.19
C GLY MA 48 -2.92 -85.22 30.77
N PHE MA 49 -3.57 -84.08 30.58
CA PHE MA 49 -3.96 -83.60 29.26
C PHE MA 49 -3.55 -82.15 29.09
N ALA MA 50 -3.29 -81.76 27.85
CA ALA MA 50 -3.00 -80.38 27.53
C ALA MA 50 -4.26 -79.53 27.72
N PRO MA 51 -4.11 -78.24 28.03
CA PRO MA 51 -5.30 -77.40 28.25
C PRO MA 51 -6.24 -77.34 27.07
N TYR MA 52 -5.73 -77.39 25.84
CA TYR MA 52 -6.64 -77.37 24.70
C TYR MA 52 -7.39 -78.69 24.57
N GLU MA 53 -6.78 -79.79 25.00
CA GLU MA 53 -7.47 -81.08 24.99
C GLU MA 53 -8.60 -81.11 26.00
N ARG MA 54 -8.37 -80.56 27.21
CA ARG MA 54 -9.43 -80.51 28.20
C ARG MA 54 -10.58 -79.64 27.73
N ARG MA 55 -10.28 -78.55 27.04
CA ARG MA 55 -11.34 -77.68 26.56
C ARG MA 55 -12.15 -78.36 25.48
N ALA MA 56 -11.50 -79.18 24.64
CA ALA MA 56 -12.22 -79.95 23.64
C ALA MA 56 -13.11 -81.01 24.29
N MET MA 57 -12.65 -81.61 25.40
CA MET MA 57 -13.48 -82.58 26.09
C MET MA 57 -14.73 -81.91 26.66
N GLU MA 58 -14.60 -80.66 27.11
CA GLU MA 58 -15.76 -79.93 27.60
C GLU MA 58 -16.81 -79.77 26.51
N LEU MA 59 -16.37 -79.47 25.29
CA LEU MA 59 -17.30 -79.40 24.16
C LEU MA 59 -17.91 -80.75 23.86
N LEU MA 60 -17.13 -81.82 23.97
CA LEU MA 60 -17.65 -83.15 23.68
C LEU MA 60 -18.61 -83.63 24.76
N LYS MA 61 -18.44 -83.18 26.00
CA LYS MA 61 -19.38 -83.55 27.05
C LYS MA 61 -20.75 -82.94 26.82
N VAL MA 62 -20.79 -81.69 26.35
CA VAL MA 62 -22.07 -81.02 26.08
C VAL MA 62 -22.53 -81.36 24.67
N SER MA 63 -21.87 -82.34 24.05
CA SER MA 63 -22.26 -82.88 22.74
C SER MA 63 -22.20 -81.84 21.64
N LYS MA 64 -21.19 -80.97 21.66
CA LYS MA 64 -20.95 -80.02 20.57
C LYS MA 64 -19.82 -80.55 19.69
N ASP MA 65 -20.12 -81.66 19.00
CA ASP MA 65 -19.07 -82.35 18.27
C ASP MA 65 -18.54 -81.52 17.11
N LYS MA 66 -19.43 -80.85 16.37
CA LYS MA 66 -18.95 -80.01 15.27
C LYS MA 66 -18.08 -78.87 15.77
N ARG MA 67 -18.50 -78.23 16.87
CA ARG MA 67 -17.68 -77.18 17.47
C ARG MA 67 -16.37 -77.76 18.02
N ALA MA 68 -16.43 -78.95 18.60
CA ALA MA 68 -15.22 -79.59 19.11
C ALA MA 68 -14.23 -79.87 17.98
N LEU MA 69 -14.71 -80.39 16.85
CA LEU MA 69 -13.82 -80.69 15.74
C LEU MA 69 -13.21 -79.41 15.16
N LYS MA 70 -14.00 -78.35 15.05
CA LYS MA 70 -13.48 -77.08 14.55
C LYS MA 70 -12.40 -76.52 15.49
N PHE MA 71 -12.63 -76.64 16.80
CA PHE MA 71 -11.65 -76.16 17.76
C PHE MA 71 -10.36 -76.97 17.68
N ILE MA 72 -10.48 -78.29 17.61
CA ILE MA 72 -9.30 -79.15 17.55
C ILE MA 72 -8.53 -78.90 16.26
N LYS MA 73 -9.25 -78.77 15.14
CA LYS MA 73 -8.60 -78.52 13.86
C LYS MA 73 -7.90 -77.17 13.85
N LYS MA 74 -8.50 -76.15 14.47
CA LYS MA 74 -7.81 -74.88 14.62
C LYS MA 74 -6.56 -75.01 15.46
N ARG MA 75 -6.56 -75.90 16.46
CA ARG MA 75 -5.39 -76.10 17.30
C ARG MA 75 -4.36 -76.98 16.63
N VAL MA 76 -4.73 -78.22 16.29
CA VAL MA 76 -3.76 -79.17 15.76
C VAL MA 76 -3.32 -78.75 14.35
N GLY MA 77 -4.26 -78.43 13.48
CA GLY MA 77 -3.89 -77.92 12.17
C GLY MA 77 -4.64 -78.49 10.98
N THR MA 78 -4.79 -79.81 10.92
CA THR MA 78 -5.38 -80.46 9.75
C THR MA 78 -6.63 -81.23 10.14
N HIS MA 79 -7.49 -81.45 9.15
CA HIS MA 79 -8.74 -82.16 9.37
C HIS MA 79 -8.51 -83.61 9.75
N ILE MA 80 -7.56 -84.28 9.08
CA ILE MA 80 -7.33 -85.70 9.34
C ILE MA 80 -6.74 -85.91 10.72
N ARG MA 81 -5.80 -85.05 11.13
CA ARG MA 81 -5.21 -85.16 12.47
C ARG MA 81 -6.26 -84.83 13.53
N ALA MA 82 -7.11 -83.85 13.26
CA ALA MA 82 -8.14 -83.45 14.22
C ALA MA 82 -9.16 -84.56 14.42
N LYS MA 83 -9.54 -85.26 13.36
CA LYS MA 83 -10.50 -86.36 13.50
C LYS MA 83 -9.94 -87.45 14.39
N ARG MA 84 -8.67 -87.82 14.20
CA ARG MA 84 -8.06 -88.83 15.06
C ARG MA 84 -8.02 -88.36 16.50
N LYS MA 85 -7.70 -87.09 16.72
CA LYS MA 85 -7.62 -86.55 18.08
C LYS MA 85 -9.00 -86.51 18.72
N ARG MA 86 -10.05 -86.17 17.95
CA ARG MA 86 -11.38 -86.05 18.54
C ARG MA 86 -11.91 -87.41 18.98
N GLU MA 87 -11.73 -88.45 18.16
CA GLU MA 87 -12.17 -89.78 18.56
C GLU MA 87 -11.36 -90.29 19.75
N GLU MA 88 -10.07 -89.97 19.76
CA GLU MA 88 -9.20 -90.25 20.91
C GLU MA 88 -9.63 -89.50 22.16
N LEU MA 89 -10.15 -88.27 22.01
CA LEU MA 89 -10.68 -87.58 23.18
C LEU MA 89 -12.06 -88.12 23.57
N SER MA 90 -12.85 -88.59 22.61
CA SER MA 90 -14.14 -89.18 22.94
C SER MA 90 -13.97 -90.52 23.66
N ASN MA 91 -12.94 -91.27 23.29
CA ASN MA 91 -12.71 -92.57 23.93
C ASN MA 91 -12.38 -92.42 25.40
N VAL MA 92 -11.55 -91.42 25.75
CA VAL MA 92 -11.20 -91.23 27.15
C VAL MA 92 -12.41 -90.70 27.93
N LEU MA 93 -13.27 -89.92 27.28
CA LEU MA 93 -14.49 -89.47 27.93
C LEU MA 93 -15.44 -90.64 28.18
N ALA MA 94 -15.54 -91.56 27.22
CA ALA MA 94 -16.35 -92.76 27.43
C ALA MA 94 -15.70 -93.68 28.46
N ALA MA 95 -14.38 -93.72 28.52
CA ALA MA 95 -13.69 -94.57 29.49
C ALA MA 95 -13.98 -94.12 30.91
N MET MA 96 -13.91 -92.81 31.17
CA MET MA 96 -14.20 -92.32 32.50
C MET MA 96 -15.70 -92.34 32.79
N ARG MA 97 -16.52 -92.27 31.75
CA ARG MA 97 -17.97 -92.39 31.95
C ARG MA 97 -18.33 -93.78 32.49
N LYS MA 98 -17.74 -94.83 31.92
CA LYS MA 98 -18.03 -96.18 32.41
C LYS MA 98 -17.32 -96.46 33.73
N ALA MA 99 -16.17 -95.82 33.95
CA ALA MA 99 -15.48 -95.99 35.23
C ALA MA 99 -16.26 -95.37 36.37
N ALA MA 100 -16.80 -94.17 36.15
CA ALA MA 100 -17.58 -93.50 37.19
C ALA MA 100 -18.90 -94.23 37.45
N ALA MA 101 -19.49 -94.84 36.42
CA ALA MA 101 -20.74 -95.55 36.61
C ALA MA 101 -20.59 -96.73 37.56
N LYS MA 102 -19.50 -97.47 37.43
CA LYS MA 102 -19.25 -98.62 38.30
C LYS MA 102 -18.33 -98.24 39.45
N THR NA 1 42.61 -17.21 4.29
CA THR NA 1 42.78 -17.80 2.97
C THR NA 1 42.98 -19.32 3.03
N LYS NA 2 42.13 -20.02 2.28
CA LYS NA 2 42.10 -21.47 2.26
C LYS NA 2 43.31 -22.10 1.58
N GLY NA 3 44.10 -21.32 0.84
CA GLY NA 3 45.18 -21.88 0.05
C GLY NA 3 46.55 -21.81 0.70
N THR NA 4 47.42 -20.95 0.15
CA THR NA 4 48.82 -20.94 0.56
C THR NA 4 48.97 -20.59 2.04
N SER NA 5 48.21 -19.62 2.52
CA SER NA 5 48.34 -19.18 3.91
C SER NA 5 47.97 -20.30 4.88
N SER NA 6 46.92 -21.05 4.58
CA SER NA 6 46.51 -22.14 5.47
C SER NA 6 47.54 -23.27 5.51
N PHE NA 7 48.27 -23.48 4.42
CA PHE NA 7 49.28 -24.53 4.39
C PHE NA 7 50.45 -24.25 5.33
N GLY NA 8 50.59 -23.03 5.84
CA GLY NA 8 51.65 -22.74 6.77
C GLY NA 8 51.42 -23.19 8.18
N LYS NA 9 50.20 -23.62 8.50
CA LYS NA 9 49.83 -23.98 9.86
C LYS NA 9 49.88 -25.47 10.13
N ARG NA 10 50.27 -26.29 9.16
CA ARG NA 10 50.33 -27.73 9.36
C ARG NA 10 51.69 -28.09 9.94
N ARG NA 11 51.71 -28.42 11.23
CA ARG NA 11 52.92 -28.80 11.94
C ARG NA 11 52.62 -29.87 12.98
N ASN NA 12 51.43 -30.47 12.96
CA ASN NA 12 51.02 -31.49 13.92
C ASN NA 12 50.70 -32.77 13.17
N LYS NA 13 51.46 -33.81 13.42
CA LYS NA 13 51.32 -35.05 12.67
C LYS NA 13 50.06 -35.81 13.09
N THR NA 14 49.22 -36.14 12.11
CA THR NA 14 48.09 -37.03 12.36
C THR NA 14 48.52 -38.48 12.50
N HIS NA 15 49.44 -38.93 11.65
CA HIS NA 15 49.82 -40.33 11.61
C HIS NA 15 51.29 -40.50 11.99
N THR NA 16 51.61 -41.69 12.48
CA THR NA 16 52.98 -42.06 12.82
C THR NA 16 53.25 -43.45 12.28
N LEU NA 17 54.51 -43.88 12.37
CA LEU NA 17 54.86 -45.22 11.93
C LEU NA 17 54.17 -46.26 12.80
N CYS NA 18 53.73 -47.35 12.17
CA CYS NA 18 52.94 -48.38 12.83
C CYS NA 18 53.84 -49.55 13.19
N ARG NA 19 53.72 -50.04 14.43
CA ARG NA 19 54.62 -51.09 14.90
C ARG NA 19 54.40 -52.39 14.15
N ARG NA 20 53.15 -52.68 13.77
CA ARG NA 20 52.83 -53.71 12.80
C ARG NA 20 52.80 -53.06 11.43
N CYS NA 21 53.15 -53.81 10.39
CA CYS NA 21 53.17 -53.40 8.98
C CYS NA 21 54.18 -52.28 8.69
N GLY NA 22 54.58 -51.49 9.67
CA GLY NA 22 55.65 -50.50 9.45
C GLY NA 22 55.26 -49.35 8.56
N SER NA 23 53.98 -49.07 8.39
CA SER NA 23 53.52 -47.98 7.57
C SER NA 23 53.20 -46.76 8.42
N LYS NA 24 53.18 -45.60 7.76
CA LYS NA 24 52.92 -44.34 8.45
C LYS NA 24 51.42 -44.00 8.36
N ALA NA 25 50.62 -44.91 8.91
CA ALA NA 25 49.17 -44.78 8.90
C ALA NA 25 48.56 -44.99 10.28
N TYR NA 26 49.40 -44.99 11.33
CA TYR NA 26 48.91 -45.14 12.69
C TYR NA 26 48.36 -43.79 13.17
N HIS NA 27 47.04 -43.70 13.28
CA HIS NA 27 46.40 -42.49 13.77
C HIS NA 27 46.69 -42.35 15.26
N LEU NA 28 47.44 -41.30 15.61
CA LEU NA 28 47.83 -41.12 17.01
C LEU NA 28 46.63 -40.92 17.91
N GLN NA 29 45.66 -40.13 17.45
CA GLN NA 29 44.51 -39.78 18.27
C GLN NA 29 43.49 -40.91 18.33
N LYS NA 30 43.36 -41.70 17.27
CA LYS NA 30 42.49 -42.87 17.29
C LYS NA 30 43.21 -44.14 17.72
N SER NA 31 44.54 -44.14 17.77
CA SER NA 31 45.34 -45.31 18.15
C SER NA 31 45.02 -46.51 17.27
N THR NA 32 44.88 -46.28 15.97
CA THR NA 32 44.57 -47.33 15.01
C THR NA 32 45.30 -47.05 13.71
N CYS NA 33 45.90 -48.10 13.14
CA CYS NA 33 46.54 -47.97 11.84
C CYS NA 33 45.49 -47.95 10.74
N GLY NA 34 45.59 -46.97 9.85
CA GLY NA 34 44.68 -46.89 8.72
C GLY NA 34 44.96 -47.89 7.62
N LYS NA 35 46.10 -48.56 7.66
CA LYS NA 35 46.46 -49.54 6.64
C LYS NA 35 46.21 -50.98 7.08
N CYS NA 36 46.67 -51.35 8.28
CA CYS NA 36 46.51 -52.71 8.75
C CYS NA 36 45.55 -52.84 9.93
N GLY NA 37 45.13 -51.73 10.52
CA GLY NA 37 44.31 -51.79 11.72
C GLY NA 37 45.03 -52.53 12.83
N TYR NA 38 46.18 -52.00 13.27
CA TYR NA 38 47.08 -52.77 14.14
C TYR NA 38 46.43 -53.26 15.42
N PRO NA 39 45.78 -52.44 16.26
CA PRO NA 39 45.27 -52.98 17.52
C PRO NA 39 44.26 -54.09 17.34
N ALA NA 40 43.59 -54.14 16.20
CA ALA NA 40 42.76 -55.29 15.86
C ALA NA 40 43.63 -56.51 15.60
N LYS NA 41 43.15 -57.67 16.06
CA LYS NA 41 43.92 -58.91 15.90
C LYS NA 41 44.12 -59.25 14.44
N ARG NA 42 43.10 -59.07 13.62
CA ARG NA 42 43.13 -59.47 12.22
C ARG NA 42 43.59 -58.32 11.35
N LYS NA 43 44.35 -58.66 10.30
CA LYS NA 43 44.86 -57.65 9.38
C LYS NA 43 43.71 -57.02 8.58
N ARG NA 44 43.80 -55.71 8.38
CA ARG NA 44 42.85 -55.01 7.53
C ARG NA 44 43.11 -55.37 6.07
N LYS NA 45 42.10 -55.94 5.42
CA LYS NA 45 42.23 -56.39 4.04
C LYS NA 45 40.88 -56.31 3.37
N TYR NA 46 40.85 -55.77 2.16
CA TYR NA 46 39.60 -55.55 1.44
C TYR NA 46 39.75 -55.99 0.00
N ASN NA 47 38.68 -56.60 -0.53
CA ASN NA 47 38.71 -57.11 -1.89
C ASN NA 47 38.44 -56.03 -2.93
N TRP NA 48 38.09 -54.81 -2.51
CA TRP NA 48 37.93 -53.73 -3.48
C TRP NA 48 39.26 -53.10 -3.87
N SER NA 49 40.38 -53.55 -3.30
CA SER NA 49 41.71 -53.13 -3.74
C SER NA 49 42.57 -54.37 -3.89
N ALA NA 50 42.50 -55.00 -5.06
CA ALA NA 50 43.41 -56.10 -5.37
C ALA NA 50 44.85 -55.61 -5.47
N LYS NA 51 45.04 -54.34 -5.84
CA LYS NA 51 46.38 -53.80 -5.93
C LYS NA 51 46.99 -53.61 -4.54
N ALA NA 52 46.17 -53.26 -3.55
CA ALA NA 52 46.67 -53.14 -2.19
C ALA NA 52 46.98 -54.50 -1.59
N LYS NA 53 46.20 -55.53 -1.96
CA LYS NA 53 46.48 -56.87 -1.46
C LYS NA 53 47.81 -57.39 -1.99
N ARG NA 54 48.13 -57.14 -3.25
CA ARG NA 54 49.37 -57.71 -3.78
C ARG NA 54 50.59 -57.01 -3.20
N ARG NA 55 50.42 -55.78 -2.69
CA ARG NA 55 51.56 -55.04 -2.16
C ARG NA 55 52.08 -55.67 -0.88
N ASN NA 56 51.20 -56.24 -0.06
CA ASN NA 56 51.58 -56.74 1.25
C ASN NA 56 51.20 -58.20 1.44
N THR NA 57 51.03 -58.96 0.35
CA THR NA 57 50.65 -60.35 0.47
C THR NA 57 51.85 -61.22 0.79
N THR NA 58 51.60 -62.50 0.99
CA THR NA 58 52.68 -63.46 1.21
C THR NA 58 53.55 -63.55 -0.03
N GLY NA 59 54.86 -63.54 0.16
CA GLY NA 59 55.82 -63.53 -0.92
C GLY NA 59 56.40 -62.17 -1.22
N THR NA 60 55.75 -61.10 -0.78
CA THR NA 60 56.30 -59.76 -0.95
C THR NA 60 57.38 -59.45 0.06
N GLY NA 61 57.53 -60.28 1.10
CA GLY NA 61 58.53 -60.04 2.11
C GLY NA 61 59.61 -61.08 2.10
N ARG NA 62 60.09 -61.45 3.29
CA ARG NA 62 61.29 -62.27 3.38
C ARG NA 62 60.95 -63.76 3.32
N MET NA 63 59.79 -64.15 3.86
CA MET NA 63 59.36 -65.55 3.90
C MET NA 63 60.43 -66.46 4.50
N ARG NA 64 60.92 -66.05 5.67
CA ARG NA 64 62.01 -66.78 6.31
C ARG NA 64 61.61 -68.22 6.60
N HIS NA 65 60.46 -68.42 7.25
CA HIS NA 65 60.04 -69.77 7.61
C HIS NA 65 59.48 -70.52 6.41
N LEU NA 66 58.74 -69.83 5.53
CA LEU NA 66 58.03 -70.52 4.45
C LEU NA 66 59.00 -71.08 3.40
N LYS NA 67 60.11 -70.38 3.15
CA LYS NA 67 61.09 -70.90 2.19
C LYS NA 67 61.64 -72.23 2.64
N ILE NA 68 61.90 -72.39 3.94
CA ILE NA 68 62.40 -73.65 4.45
C ILE NA 68 61.32 -74.73 4.36
N VAL NA 69 60.06 -74.36 4.59
CA VAL NA 69 58.97 -75.33 4.48
C VAL NA 69 58.86 -75.86 3.07
N TYR NA 70 58.97 -74.98 2.08
CA TYR NA 70 58.90 -75.42 0.69
C TYR NA 70 60.05 -76.37 0.35
N ARG NA 71 61.25 -76.08 0.87
CA ARG NA 71 62.37 -76.98 0.65
C ARG NA 71 62.20 -78.27 1.45
N ARG NA 72 61.76 -78.17 2.71
CA ARG NA 72 61.62 -79.35 3.54
C ARG NA 72 60.50 -80.27 3.05
N PHE NA 73 59.51 -79.71 2.35
CA PHE NA 73 58.41 -80.52 1.85
C PHE NA 73 58.87 -81.54 0.83
N ARG NA 74 59.89 -81.19 0.03
CA ARG NA 74 60.37 -82.07 -1.03
C ARG NA 74 60.99 -83.36 -0.51
N HIS NA 75 61.30 -83.43 0.78
CA HIS NA 75 61.84 -84.64 1.38
C HIS NA 75 60.94 -85.19 2.48
N GLY NA 76 59.67 -84.77 2.52
CA GLY NA 76 58.73 -85.31 3.46
C GLY NA 76 58.90 -84.86 4.89
N PHE NA 77 59.53 -83.71 5.11
CA PHE NA 77 59.73 -83.14 6.45
C PHE NA 77 60.48 -84.14 7.35
N ARG NA 78 61.63 -84.58 6.86
CA ARG NA 78 62.47 -85.49 7.62
C ARG NA 78 63.17 -84.75 8.76
N GLU NA 79 63.37 -85.45 9.88
CA GLU NA 79 64.01 -84.87 11.04
C GLU NA 79 64.75 -85.95 11.81
N GLY NA 80 65.75 -85.55 12.59
CA GLY NA 80 66.54 -86.50 13.34
C GLY NA 80 67.39 -87.39 12.48
N THR NA 81 67.72 -86.96 11.27
CA THR NA 81 68.54 -87.72 10.36
C THR NA 81 69.62 -86.80 9.81
N THR NA 82 70.73 -87.40 9.41
CA THR NA 82 71.84 -86.68 8.84
C THR NA 82 72.25 -87.40 7.55
N PRO NA 83 72.90 -86.71 6.63
CA PRO NA 83 73.52 -87.42 5.51
C PRO NA 83 74.53 -88.41 6.07
N LYS NA 84 74.63 -89.55 5.39
CA LYS NA 84 75.47 -90.64 5.89
C LYS NA 84 76.92 -90.17 6.01
N PRO NA 85 77.57 -90.40 7.14
CA PRO NA 85 78.91 -89.86 7.35
C PRO NA 85 79.90 -90.39 6.31
N LYS NA 86 80.76 -89.50 5.82
CA LYS NA 86 81.70 -89.86 4.77
C LYS NA 86 82.79 -90.78 5.31
N PRO OA 1 79.95 -24.79 52.10
CA PRO OA 1 81.06 -24.43 53.00
C PRO OA 1 80.59 -24.09 54.41
N ARG OA 2 81.42 -24.39 55.40
CA ARG OA 2 81.12 -24.08 56.78
C ARG OA 2 82.27 -23.26 57.37
N LYS OA 3 81.92 -22.30 58.21
CA LYS OA 3 82.90 -21.43 58.84
C LYS OA 3 83.10 -21.86 60.29
N ILE OA 4 84.36 -22.01 60.68
CA ILE OA 4 84.73 -22.39 62.05
C ILE OA 4 85.21 -21.15 62.77
N GLU OA 5 84.69 -20.91 63.97
CA GLU OA 5 84.94 -19.66 64.67
C GLU OA 5 86.23 -19.68 65.49
N GLU OA 6 86.42 -20.69 66.32
CA GLU OA 6 87.59 -20.74 67.18
C GLU OA 6 88.52 -21.88 66.74
N ILE OA 7 89.53 -22.16 67.56
CA ILE OA 7 90.67 -22.95 67.13
C ILE OA 7 90.45 -24.44 67.35
N LYS OA 8 90.10 -24.85 68.57
CA LYS OA 8 90.19 -26.27 68.91
C LYS OA 8 89.21 -27.11 68.09
N ASP OA 9 88.03 -26.57 67.79
CA ASP OA 9 87.09 -27.33 66.95
C ASP OA 9 87.66 -27.53 65.55
N PHE OA 10 88.46 -26.59 65.06
CA PHE OA 10 89.13 -26.77 63.77
C PHE OA 10 90.13 -27.92 63.82
N LEU OA 11 90.74 -28.16 64.98
CA LEU OA 11 91.75 -29.21 65.07
C LEU OA 11 91.15 -30.60 64.87
N LEU OA 12 90.06 -30.91 65.58
CA LEU OA 12 89.49 -32.24 65.40
C LEU OA 12 88.79 -32.40 64.05
N THR OA 13 88.28 -31.32 63.47
CA THR OA 13 87.84 -31.41 62.08
C THR OA 13 89.02 -31.67 61.16
N ALA OA 14 90.21 -31.17 61.51
CA ALA OA 14 91.40 -31.44 60.73
C ALA OA 14 91.87 -32.87 60.91
N ARG OA 15 91.68 -33.47 62.08
CA ARG OA 15 92.18 -34.83 62.24
C ARG OA 15 91.09 -35.89 62.12
N ARG OA 16 89.89 -35.50 61.71
CA ARG OA 16 88.91 -36.40 61.11
C ARG OA 16 89.54 -37.31 60.06
N LYS OA 17 88.91 -38.47 59.86
CA LYS OA 17 89.40 -39.40 58.84
C LYS OA 17 89.15 -38.85 57.44
N ASP OA 18 88.01 -38.21 57.22
CA ASP OA 18 87.64 -37.76 55.88
C ASP OA 18 88.31 -36.45 55.48
N ALA OA 19 89.08 -35.84 56.36
CA ALA OA 19 89.82 -34.62 56.02
C ALA OA 19 90.88 -34.95 54.98
N LYS OA 20 90.66 -34.49 53.75
CA LYS OA 20 91.58 -34.84 52.66
C LYS OA 20 92.82 -33.96 52.66
N SER OA 21 92.65 -32.65 52.83
CA SER OA 21 93.78 -31.74 52.74
C SER OA 21 93.48 -30.47 53.50
N VAL OA 22 94.53 -29.73 53.82
CA VAL OA 22 94.44 -28.39 54.41
C VAL OA 22 95.10 -27.41 53.46
N LYS OA 23 94.37 -26.35 53.12
CA LYS OA 23 94.89 -25.28 52.27
C LYS OA 23 95.03 -24.02 53.11
N ILE OA 24 96.22 -23.43 53.11
CA ILE OA 24 96.51 -22.23 53.88
C ILE OA 24 96.56 -21.05 52.90
N LYS OA 25 95.71 -20.06 53.15
CA LYS OA 25 95.62 -18.87 52.33
C LYS OA 25 95.97 -17.66 53.17
N LYS OA 26 96.95 -16.88 52.72
CA LYS OA 26 97.34 -15.65 53.39
C LYS OA 26 96.78 -14.46 52.62
N ASN OA 27 95.94 -13.67 53.28
CA ASN OA 27 95.40 -12.45 52.72
C ASN OA 27 96.11 -11.25 53.34
N LYS OA 28 95.67 -10.05 52.96
CA LYS OA 28 96.29 -8.84 53.47
C LYS OA 28 95.93 -8.56 54.93
N ASP OA 29 94.87 -9.20 55.45
CA ASP OA 29 94.44 -8.94 56.80
C ASP OA 29 94.04 -10.18 57.58
N ASN OA 30 94.13 -11.37 57.00
CA ASN OA 30 93.81 -12.59 57.73
C ASN OA 30 94.49 -13.76 57.04
N VAL OA 31 94.54 -14.89 57.77
CA VAL OA 31 95.02 -16.16 57.24
C VAL OA 31 93.90 -17.17 57.38
N LYS OA 32 93.53 -17.81 56.27
CA LYS OA 32 92.42 -18.75 56.24
C LYS OA 32 92.96 -20.17 56.11
N PHE OA 33 92.56 -21.03 57.05
CA PHE OA 33 92.87 -22.45 57.00
C PHE OA 33 91.63 -23.19 56.52
N LYS OA 34 91.73 -23.83 55.36
CA LYS OA 34 90.62 -24.53 54.74
C LYS OA 34 90.93 -26.02 54.72
N VAL OA 35 90.12 -26.79 55.43
CA VAL OA 35 90.25 -28.25 55.46
C VAL OA 35 89.12 -28.84 54.61
N ARG OA 36 89.48 -29.72 53.69
CA ARG OA 36 88.53 -30.32 52.77
C ARG OA 36 88.05 -31.64 53.34
N CYS OA 37 86.84 -31.64 53.89
CA CYS OA 37 86.23 -32.84 54.43
C CYS OA 37 85.33 -33.48 53.38
N SER OA 38 84.61 -34.53 53.77
CA SER OA 38 83.79 -35.27 52.81
C SER OA 38 82.66 -34.41 52.27
N ARG OA 39 81.97 -33.69 53.15
CA ARG OA 39 80.79 -32.93 52.77
C ARG OA 39 81.07 -31.44 52.57
N TYR OA 40 81.70 -30.80 53.54
CA TYR OA 40 81.96 -29.37 53.48
C TYR OA 40 83.45 -29.08 53.44
N LEU OA 41 83.78 -27.86 53.05
CA LEU OA 41 85.09 -27.27 53.23
C LEU OA 41 85.03 -26.32 54.40
N TYR OA 42 85.75 -26.64 55.47
CA TYR OA 42 85.71 -25.84 56.69
C TYR OA 42 86.82 -24.80 56.65
N THR OA 43 86.46 -23.54 56.85
CA THR OA 43 87.40 -22.43 56.82
C THR OA 43 87.47 -21.80 58.21
N LEU OA 44 88.69 -21.67 58.72
CA LEU OA 44 88.95 -20.95 59.97
C LEU OA 44 89.77 -19.72 59.65
N VAL OA 45 89.30 -18.56 60.10
CA VAL OA 45 89.90 -17.27 59.77
C VAL OA 45 90.54 -16.70 61.02
N ILE OA 46 91.84 -16.42 60.94
CA ILE OA 46 92.58 -15.78 62.02
C ILE OA 46 93.14 -14.46 61.49
N THR OA 47 92.81 -13.36 62.16
CA THR OA 47 93.28 -12.06 61.73
C THR OA 47 94.76 -11.84 62.08
N ASP OA 48 95.22 -12.41 63.18
CA ASP OA 48 96.58 -12.18 63.66
C ASP OA 48 97.52 -13.26 63.12
N LYS OA 49 98.77 -12.86 62.87
CA LYS OA 49 99.70 -13.71 62.12
C LYS OA 49 100.39 -14.77 62.98
N GLU OA 50 100.80 -14.42 64.20
CA GLU OA 50 101.54 -15.38 65.01
C GLU OA 50 100.67 -16.57 65.39
N LYS OA 51 99.36 -16.37 65.54
CA LYS OA 51 98.46 -17.49 65.77
C LYS OA 51 98.43 -18.42 64.56
N ALA OA 52 98.45 -17.84 63.36
CA ALA OA 52 98.49 -18.65 62.14
C ALA OA 52 99.77 -19.48 62.07
N GLU OA 53 100.91 -18.88 62.42
CA GLU OA 53 102.15 -19.65 62.48
C GLU OA 53 102.07 -20.73 63.54
N LYS OA 54 101.44 -20.45 64.68
CA LYS OA 54 101.24 -21.45 65.70
C LYS OA 54 100.39 -22.61 65.18
N LEU OA 55 99.30 -22.28 64.47
CA LEU OA 55 98.40 -23.31 63.98
C LEU OA 55 99.07 -24.18 62.93
N LYS OA 56 99.84 -23.57 62.03
CA LYS OA 56 100.52 -24.33 60.99
C LYS OA 56 101.57 -25.27 61.58
N GLN OA 57 102.25 -24.83 62.64
CA GLN OA 57 103.21 -25.71 63.30
C GLN OA 57 102.53 -26.92 63.94
N SER OA 58 101.33 -26.73 64.47
CA SER OA 58 100.64 -27.77 65.23
C SER OA 58 99.63 -28.55 64.41
N LEU OA 59 99.68 -28.43 63.08
CA LEU OA 59 98.77 -29.20 62.24
C LEU OA 59 99.08 -30.70 62.36
N PRO OA 60 98.06 -31.56 62.27
CA PRO OA 60 98.30 -32.99 62.41
C PRO OA 60 99.14 -33.50 61.26
N PRO OA 61 99.99 -34.50 61.51
CA PRO OA 61 100.81 -35.07 60.43
C PRO OA 61 99.99 -36.03 59.58
N GLY OA 62 100.59 -36.44 58.47
CA GLY OA 62 99.93 -37.35 57.56
C GLY OA 62 98.78 -36.74 56.80
N LEU OA 63 98.69 -35.42 56.77
CA LEU OA 63 97.60 -34.71 56.12
C LEU OA 63 98.19 -33.57 55.29
N ALA OA 64 97.69 -33.39 54.08
CA ALA OA 64 98.26 -32.42 53.15
C ALA OA 64 98.16 -31.01 53.72
N VAL OA 65 99.26 -30.27 53.67
CA VAL OA 65 99.31 -28.93 54.24
C VAL OA 65 99.66 -28.00 53.09
N LYS OA 66 98.96 -28.16 51.96
CA LYS OA 66 99.22 -27.34 50.78
C LYS OA 66 99.05 -25.87 51.12
N GLU OA 67 100.02 -25.05 50.70
CA GLU OA 67 99.99 -23.63 51.01
C GLU OA 67 99.84 -22.91 49.67
N LEU OA 68 98.93 -21.95 49.60
CA LEU OA 68 98.50 -21.40 48.32
C LEU OA 68 99.52 -20.46 47.68
N LYS OA 69 100.56 -20.04 48.40
CA LYS OA 69 101.58 -19.18 47.81
C LYS OA 69 102.93 -19.89 47.75
N SER PA 1 62.85 -32.49 15.35
CA SER PA 1 63.13 -31.58 16.47
C SER PA 1 64.28 -32.10 17.32
N SER PA 2 64.63 -31.34 18.35
CA SER PA 2 65.64 -31.81 19.29
C SER PA 2 65.10 -32.94 20.15
N HIS PA 3 63.87 -32.80 20.64
CA HIS PA 3 63.19 -33.89 21.35
C HIS PA 3 62.76 -34.94 20.35
N LYS PA 4 63.40 -36.10 20.38
CA LYS PA 4 63.04 -37.20 19.50
C LYS PA 4 63.03 -38.50 20.28
N THR PA 5 62.21 -39.43 19.82
CA THR PA 5 62.19 -40.77 20.41
C THR PA 5 63.33 -41.61 19.85
N PHE PA 6 63.60 -42.73 20.52
CA PHE PA 6 64.66 -43.62 20.07
C PHE PA 6 64.35 -44.21 18.70
N ARG PA 7 63.09 -44.61 18.48
CA ARG PA 7 62.71 -45.18 17.19
C ARG PA 7 62.89 -44.18 16.07
N ILE PA 8 62.47 -42.93 16.29
CA ILE PA 8 62.62 -41.90 15.26
C ILE PA 8 64.09 -41.66 14.99
N LYS PA 9 64.90 -41.57 16.05
CA LYS PA 9 66.33 -41.34 15.87
C LYS PA 9 67.00 -42.52 15.17
N ARG PA 10 66.61 -43.74 15.53
CA ARG PA 10 67.15 -44.92 14.85
C ARG PA 10 66.72 -44.96 13.39
N PHE PA 11 65.46 -44.56 13.12
CA PHE PA 11 65.00 -44.48 11.74
C PHE PA 11 65.81 -43.46 10.94
N LEU PA 12 66.08 -42.30 11.55
CA LEU PA 12 66.88 -41.29 10.87
C LEU PA 12 68.32 -41.75 10.67
N ALA PA 13 68.83 -42.58 11.58
CA ALA PA 13 70.20 -43.08 11.44
C ALA PA 13 70.35 -43.95 10.20
N LYS PA 14 69.39 -44.84 9.96
CA LYS PA 14 69.48 -45.72 8.79
C LYS PA 14 69.35 -44.92 7.50
N LYS PA 15 68.43 -43.95 7.45
CA LYS PA 15 68.28 -43.13 6.27
C LYS PA 15 69.52 -42.30 5.98
N GLN PA 16 70.38 -42.11 6.97
CA GLN PA 16 71.57 -41.30 6.81
C GLN PA 16 72.73 -42.13 6.28
N LYS PA 17 72.84 -43.39 6.72
CA LYS PA 17 73.93 -44.26 6.28
C LYS PA 17 73.75 -44.70 4.84
N GLN PA 18 72.51 -44.86 4.38
CA GLN PA 18 72.25 -45.33 3.03
C GLN PA 18 72.18 -44.20 2.02
N ASN PA 19 72.39 -42.96 2.43
CA ASN PA 19 72.43 -41.82 1.52
C ASN PA 19 73.87 -41.43 1.20
N ARG PA 20 74.57 -42.34 0.52
CA ARG PA 20 75.98 -42.18 0.20
C ARG PA 20 76.22 -42.59 -1.24
N PRO PA 21 77.29 -42.08 -1.87
CA PRO PA 21 77.59 -42.48 -3.24
C PRO PA 21 78.00 -43.93 -3.33
N ILE PA 22 77.75 -44.53 -4.49
CA ILE PA 22 78.15 -45.93 -4.69
C ILE PA 22 79.68 -46.01 -4.71
N PRO PA 23 80.28 -47.10 -4.22
CA PRO PA 23 81.73 -47.24 -4.30
C PRO PA 23 82.19 -47.35 -5.75
N GLN PA 24 83.38 -46.80 -6.02
CA GLN PA 24 83.88 -46.74 -7.39
C GLN PA 24 84.15 -48.12 -7.97
N TRP PA 25 84.58 -49.06 -7.12
CA TRP PA 25 84.99 -50.37 -7.62
C TRP PA 25 83.80 -51.15 -8.18
N ILE PA 26 82.58 -50.72 -7.87
CA ILE PA 26 81.37 -51.42 -8.31
C ILE PA 26 81.29 -51.42 -9.84
N ARG PA 27 81.57 -50.28 -10.48
CA ARG PA 27 81.58 -50.25 -11.94
C ARG PA 27 82.58 -51.20 -12.57
N MET PA 28 83.63 -51.60 -11.85
CA MET PA 28 84.57 -52.55 -12.44
C MET PA 28 84.07 -53.98 -12.41
N LYS PA 29 83.03 -54.27 -11.63
CA LYS PA 29 82.52 -55.64 -11.54
C LYS PA 29 81.89 -56.07 -12.86
N THR PA 30 82.06 -57.35 -13.19
CA THR PA 30 81.57 -57.87 -14.46
C THR PA 30 80.04 -57.84 -14.50
N GLY PA 31 79.50 -57.33 -15.60
CA GLY PA 31 78.07 -57.17 -15.72
C GLY PA 31 77.47 -56.23 -14.69
N ASN PA 32 78.13 -55.10 -14.44
CA ASN PA 32 77.70 -54.21 -13.37
C ASN PA 32 76.35 -53.58 -13.69
N LYS PA 33 76.27 -52.80 -14.77
CA LYS PA 33 75.04 -52.14 -15.21
C LYS PA 33 74.49 -51.19 -14.16
N ILE PA 34 75.35 -50.65 -13.31
CA ILE PA 34 74.98 -49.62 -12.35
C ILE PA 34 75.91 -48.43 -12.53
N ARG PA 35 75.33 -47.26 -12.72
CA ARG PA 35 76.10 -46.03 -12.96
C ARG PA 35 76.26 -45.19 -11.70
N TYR PA 36 75.17 -44.97 -10.97
CA TYR PA 36 75.19 -44.12 -9.79
C TYR PA 36 74.06 -44.53 -8.87
N ASN PA 37 74.11 -44.05 -7.63
CA ASN PA 37 73.06 -44.32 -6.65
C ASN PA 37 71.82 -43.52 -7.05
N SER PA 38 70.81 -44.22 -7.59
CA SER PA 38 69.59 -43.56 -8.00
C SER PA 38 68.64 -43.28 -6.83
N LYS PA 39 68.96 -43.77 -5.64
CA LYS PA 39 68.15 -43.54 -4.46
C LYS PA 39 68.73 -42.47 -3.53
N ARG PA 40 69.61 -41.63 -4.06
CA ARG PA 40 70.14 -40.51 -3.28
C ARG PA 40 69.03 -39.55 -2.92
N ARG PA 41 69.03 -39.09 -1.67
CA ARG PA 41 68.01 -38.20 -1.16
C ARG PA 41 68.67 -36.97 -0.56
N HIS PA 42 68.20 -35.79 -0.95
CA HIS PA 42 68.65 -34.54 -0.36
C HIS PA 42 67.61 -34.04 0.61
N TRP PA 43 68.07 -33.48 1.73
CA TRP PA 43 67.15 -33.08 2.79
C TRP PA 43 66.21 -31.98 2.33
N ARG PA 44 66.60 -31.19 1.33
CA ARG PA 44 65.78 -30.06 0.94
C ARG PA 44 64.83 -30.37 -0.22
N ARG PA 45 65.24 -31.21 -1.17
CA ARG PA 45 64.34 -31.55 -2.28
C ARG PA 45 63.17 -32.38 -1.79
N THR PA 46 63.46 -33.61 -1.36
CA THR PA 46 62.43 -34.56 -0.97
C THR PA 46 62.54 -34.85 0.52
N LYS PA 47 61.40 -34.83 1.19
CA LYS PA 47 61.33 -35.06 2.62
C LYS PA 47 61.08 -36.53 2.91
N LEU PA 48 61.53 -36.96 4.08
CA LEU PA 48 61.32 -38.34 4.50
C LEU PA 48 59.85 -38.60 4.78
N GLY PA 49 59.49 -39.89 4.80
CA GLY PA 49 58.09 -40.25 4.97
C GLY PA 49 57.52 -39.74 6.28
N LEU PA 50 58.24 -39.94 7.37
CA LEU PA 50 57.72 -39.64 8.70
C LEU PA 50 57.53 -38.13 8.83
N ILE QA 1 9.64 58.73 -55.11
CA ILE QA 1 9.30 59.84 -56.00
C ILE QA 1 9.85 59.60 -57.40
N ILE QA 2 9.73 58.36 -57.88
CA ILE QA 2 10.16 57.99 -59.23
C ILE QA 2 9.05 58.39 -60.19
N GLU QA 3 9.40 59.10 -61.26
CA GLU QA 3 8.37 59.55 -62.19
C GLU QA 3 7.84 58.33 -62.94
N PRO QA 4 6.57 58.32 -63.32
CA PRO QA 4 5.92 57.04 -63.71
C PRO QA 4 6.57 56.32 -64.87
N SER QA 5 7.07 57.03 -65.90
CA SER QA 5 7.60 56.33 -67.06
C SER QA 5 8.84 55.53 -66.71
N LEU QA 6 9.72 56.10 -65.89
CA LEU QA 6 10.87 55.34 -65.39
C LEU QA 6 10.45 54.27 -64.40
N ARG QA 7 9.33 54.46 -63.71
CA ARG QA 7 8.80 53.41 -62.84
C ARG QA 7 8.38 52.19 -63.66
N GLN QA 8 7.78 52.43 -64.82
CA GLN QA 8 7.43 51.33 -65.72
C GLN QA 8 8.68 50.63 -66.24
N LEU QA 9 9.73 51.39 -66.56
CA LEU QA 9 10.95 50.79 -67.07
C LEU QA 9 11.59 49.86 -66.05
N ALA QA 10 11.64 50.29 -64.79
CA ALA QA 10 12.19 49.43 -63.75
C ALA QA 10 11.31 48.21 -63.52
N GLN QA 11 9.99 48.39 -63.54
CA GLN QA 11 9.08 47.27 -63.35
C GLN QA 11 9.18 46.26 -64.48
N LYS QA 12 9.65 46.70 -65.64
CA LYS QA 12 9.85 45.79 -66.76
C LYS QA 12 10.85 44.69 -66.41
N TYR QA 13 11.92 45.05 -65.71
CA TYR QA 13 12.98 44.11 -65.36
C TYR QA 13 12.81 43.50 -63.97
N ASN QA 14 11.92 44.05 -63.14
CA ASN QA 14 11.82 43.63 -61.75
C ASN QA 14 10.49 42.98 -61.40
N CYS QA 15 9.39 43.39 -62.03
CA CYS QA 15 8.08 42.95 -61.60
C CYS QA 15 7.28 42.21 -62.67
N ASP QA 16 7.31 42.69 -63.91
CA ASP QA 16 6.49 42.12 -64.98
C ASP QA 16 7.14 40.82 -65.46
N LYS QA 17 6.94 39.76 -64.69
CA LYS QA 17 7.59 38.49 -64.95
C LYS QA 17 6.73 37.34 -64.43
N MET QA 18 7.04 36.15 -64.92
CA MET QA 18 6.37 34.93 -64.51
C MET QA 18 7.25 34.13 -63.56
N ILE QA 19 6.61 33.43 -62.63
CA ILE QA 19 7.31 32.62 -61.64
C ILE QA 19 6.85 31.17 -61.80
N CYS QA 20 7.82 30.27 -61.91
CA CYS QA 20 7.50 28.84 -61.94
C CYS QA 20 7.05 28.39 -60.55
N ARG QA 21 5.90 27.71 -60.49
CA ARG QA 21 5.39 27.25 -59.21
C ARG QA 21 6.21 26.12 -58.61
N LYS QA 22 7.05 25.44 -59.39
CA LYS QA 22 7.80 24.30 -58.88
C LYS QA 22 9.20 24.67 -58.43
N CYS QA 23 9.88 25.57 -59.14
CA CYS QA 23 11.26 25.91 -58.80
C CYS QA 23 11.49 27.42 -58.67
N TYR QA 24 10.42 28.22 -58.66
CA TYR QA 24 10.49 29.66 -58.36
C TYR QA 24 11.33 30.43 -59.37
N ALA QA 25 11.59 29.85 -60.54
CA ALA QA 25 12.40 30.53 -61.54
C ALA QA 25 11.69 31.79 -62.04
N ARG QA 26 12.48 32.83 -62.28
CA ARG QA 26 11.97 34.11 -62.74
C ARG QA 26 12.00 34.12 -64.27
N LEU QA 27 10.82 34.13 -64.88
CA LEU QA 27 10.69 33.94 -66.32
C LEU QA 27 10.09 35.20 -66.97
N HIS QA 28 10.27 35.30 -68.28
CA HIS QA 28 9.72 36.42 -69.02
C HIS QA 28 8.19 36.36 -68.99
N PRO QA 29 7.52 37.52 -69.13
CA PRO QA 29 6.06 37.55 -68.93
C PRO QA 29 5.28 36.66 -69.88
N ARG QA 30 5.81 36.38 -71.06
CA ARG QA 30 5.10 35.57 -72.04
C ARG QA 30 5.48 34.09 -71.96
N ALA QA 31 6.16 33.67 -70.91
CA ALA QA 31 6.57 32.29 -70.77
C ALA QA 31 5.37 31.37 -70.61
N VAL QA 32 5.45 30.21 -71.24
CA VAL QA 32 4.47 29.15 -71.05
C VAL QA 32 5.05 27.94 -70.33
N ASN QA 33 6.34 27.65 -70.51
CA ASN QA 33 7.02 26.58 -69.83
C ASN QA 33 8.26 27.14 -69.14
N CYS QA 34 8.58 26.59 -67.98
CA CYS QA 34 9.81 27.00 -67.30
C CYS QA 34 11.02 26.51 -68.09
N ARG QA 35 12.09 27.30 -68.05
CA ARG QA 35 13.27 27.04 -68.86
C ARG QA 35 14.27 26.12 -68.17
N LYS QA 36 13.96 25.61 -66.99
CA LYS QA 36 14.94 24.92 -66.16
C LYS QA 36 14.64 23.44 -66.07
N LYS QA 37 15.70 22.63 -66.15
CA LYS QA 37 15.55 21.19 -66.12
C LYS QA 37 15.03 20.69 -64.78
N LYS QA 38 15.44 21.32 -63.68
CA LYS QA 38 15.21 20.76 -62.36
C LYS QA 38 13.73 20.66 -62.01
N CYS QA 39 12.86 21.38 -62.72
CA CYS QA 39 11.42 21.23 -62.58
C CYS QA 39 10.80 20.47 -63.74
N GLY QA 40 11.59 20.08 -64.73
CA GLY QA 40 11.06 19.35 -65.87
C GLY QA 40 10.39 20.21 -66.92
N HIS QA 41 10.77 21.49 -67.01
CA HIS QA 41 10.17 22.42 -67.97
C HIS QA 41 8.65 22.47 -67.81
N THR QA 42 8.19 22.53 -66.57
CA THR QA 42 6.76 22.49 -66.29
C THR QA 42 6.07 23.74 -66.81
N ASN QA 43 4.78 23.61 -67.10
CA ASN QA 43 3.94 24.73 -67.51
C ASN QA 43 3.09 25.25 -66.35
N ASN QA 44 3.46 24.93 -65.12
CA ASN QA 44 2.78 25.44 -63.93
C ASN QA 44 3.42 26.78 -63.57
N LEU QA 45 2.95 27.84 -64.21
CA LEU QA 45 3.49 29.18 -64.01
C LEU QA 45 2.43 30.09 -63.41
N ARG QA 46 2.90 31.08 -62.66
CA ARG QA 46 2.05 32.09 -62.06
C ARG QA 46 2.72 33.44 -62.23
N PRO QA 47 1.94 34.52 -62.29
CA PRO QA 47 2.55 35.85 -62.35
C PRO QA 47 3.30 36.18 -61.08
N LYS QA 48 4.36 36.97 -61.23
CA LYS QA 48 5.04 37.50 -60.05
C LYS QA 48 4.09 38.43 -59.31
N LYS QA 49 3.97 38.22 -58.00
CA LYS QA 49 2.97 38.95 -57.23
C LYS QA 49 3.35 40.42 -57.11
N LYS QA 50 2.34 41.29 -57.25
CA LYS QA 50 2.57 42.72 -57.25
C LYS QA 50 2.58 43.26 -55.82
N VAL QA 51 3.16 44.45 -55.65
CA VAL QA 51 3.11 45.15 -54.38
C VAL QA 51 1.85 45.98 -54.20
N LYS QA 52 0.97 46.02 -55.19
CA LYS QA 52 -0.27 46.77 -55.09
C LYS QA 52 -1.19 46.17 -54.04
N MET RA 1 -22.66 20.81 25.85
CA MET RA 1 -22.22 19.49 26.30
C MET RA 1 -22.19 19.39 27.81
N ARG RA 2 -22.14 18.17 28.31
CA ARG RA 2 -21.78 17.95 29.70
C ARG RA 2 -20.36 18.46 29.94
N ALA RA 3 -20.16 19.14 31.06
CA ALA RA 3 -18.85 19.74 31.34
C ALA RA 3 -17.76 18.68 31.41
N LYS RA 4 -18.10 17.47 31.87
CA LYS RA 4 -17.11 16.40 31.94
C LYS RA 4 -16.70 15.94 30.55
N TRP RA 5 -17.66 15.84 29.61
CA TRP RA 5 -17.31 15.40 28.26
C TRP RA 5 -16.59 16.48 27.47
N ARG RA 6 -16.89 17.76 27.73
CA ARG RA 6 -16.09 18.82 27.14
C ARG RA 6 -14.65 18.75 27.63
N LYS RA 7 -14.46 18.37 28.89
CA LYS RA 7 -13.13 18.14 29.42
C LYS RA 7 -12.44 16.98 28.70
N LYS RA 8 -13.20 15.93 28.39
CA LYS RA 8 -12.64 14.80 27.65
C LYS RA 8 -12.30 15.20 26.22
N ARG RA 9 -13.19 15.96 25.56
CA ARG RA 9 -12.91 16.40 24.19
C ARG RA 9 -11.66 17.27 24.15
N MET RA 10 -11.46 18.08 25.18
CA MET RA 10 -10.27 18.95 25.23
C MET RA 10 -9.01 18.13 25.50
N ARG RA 11 -9.08 17.13 26.38
CA ARG RA 11 -7.91 16.29 26.63
C ARG RA 11 -7.49 15.55 25.37
N ARG RA 12 -8.46 15.02 24.62
CA ARG RA 12 -8.13 14.34 23.38
C ARG RA 12 -7.50 15.31 22.39
N LEU RA 13 -7.98 16.54 22.36
CA LEU RA 13 -7.41 17.54 21.45
C LEU RA 13 -6.00 17.93 21.88
N LYS RA 14 -5.76 18.05 23.19
CA LYS RA 14 -4.43 18.38 23.67
C LYS RA 14 -3.44 17.26 23.36
N ARG RA 15 -3.87 16.01 23.47
CA ARG RA 15 -2.98 14.91 23.14
C ARG RA 15 -2.64 14.89 21.66
N LYS RA 16 -3.61 15.21 20.81
CA LYS RA 16 -3.34 15.31 19.38
C LYS RA 16 -2.34 16.43 19.09
N ARG RA 17 -2.46 17.56 19.80
CA ARG RA 17 -1.57 18.67 19.56
C ARG RA 17 -0.13 18.33 19.97
N ARG RA 18 0.04 17.60 21.08
CA ARG RA 18 1.40 17.22 21.48
C ARG RA 18 2.01 16.26 20.48
N LYS RA 19 1.19 15.37 19.91
CA LYS RA 19 1.69 14.44 18.91
C LYS RA 19 2.20 15.18 17.68
N MET RA 20 1.47 16.20 17.23
CA MET RA 20 1.91 16.94 16.05
C MET RA 20 3.15 17.77 16.35
N ARG RA 21 3.23 18.35 17.55
CA ARG RA 21 4.43 19.08 17.92
C ARG RA 21 5.63 18.16 18.04
N GLN RA 22 5.43 16.97 18.62
CA GLN RA 22 6.52 16.00 18.72
C GLN RA 22 6.96 15.53 17.34
N ARG RA 23 6.02 15.48 16.39
CA ARG RA 23 6.37 15.09 15.03
C ARG RA 23 7.36 16.05 14.40
N SER RA 24 7.25 17.34 14.73
CA SER RA 24 8.17 18.35 14.22
C SER RA 24 9.48 18.31 14.99
N VAL SA 1 -32.34 -44.58 -22.88
CA VAL SA 1 -33.20 -45.35 -23.77
C VAL SA 1 -34.19 -46.17 -22.96
N ASN SA 2 -35.16 -46.76 -23.66
CA ASN SA 2 -36.19 -47.58 -23.02
C ASN SA 2 -36.30 -48.88 -23.79
N VAL SA 3 -36.28 -50.00 -23.07
CA VAL SA 3 -36.51 -51.31 -23.70
C VAL SA 3 -37.54 -52.07 -22.88
N PRO SA 4 -38.43 -52.83 -23.51
CA PRO SA 4 -39.42 -53.59 -22.75
C PRO SA 4 -38.78 -54.71 -21.95
N LYS SA 5 -39.44 -55.08 -20.85
CA LYS SA 5 -38.94 -56.14 -19.99
C LYS SA 5 -39.05 -57.52 -20.63
N THR SA 6 -39.76 -57.65 -21.74
CA THR SA 6 -39.91 -58.91 -22.43
C THR SA 6 -39.77 -58.71 -23.93
N ARG SA 7 -39.26 -59.73 -24.60
CA ARG SA 7 -39.12 -59.68 -26.05
C ARG SA 7 -39.02 -61.10 -26.59
N ARG SA 8 -39.48 -61.28 -27.82
CA ARG SA 8 -39.47 -62.58 -28.50
C ARG SA 8 -38.30 -62.59 -29.47
N THR SA 9 -37.22 -63.28 -29.08
CA THR SA 9 -36.01 -63.34 -29.88
C THR SA 9 -35.52 -64.78 -29.95
N PHE SA 10 -34.47 -64.99 -30.71
CA PHE SA 10 -33.95 -66.33 -30.94
C PHE SA 10 -33.34 -66.89 -29.67
N CYS SA 11 -33.60 -68.18 -29.43
CA CYS SA 11 -33.00 -68.93 -28.33
C CYS SA 11 -32.13 -70.02 -28.92
N LYS SA 12 -30.83 -69.99 -28.58
CA LYS SA 12 -29.90 -70.97 -29.15
C LYS SA 12 -30.18 -72.38 -28.65
N LYS SA 13 -30.62 -72.51 -27.38
CA LYS SA 13 -30.92 -73.83 -26.85
C LYS SA 13 -32.12 -74.44 -27.55
N CYS SA 14 -33.21 -73.68 -27.66
CA CYS SA 14 -34.39 -74.15 -28.38
C CYS SA 14 -34.20 -74.16 -29.88
N GLY SA 15 -33.32 -73.31 -30.41
CA GLY SA 15 -33.13 -73.23 -31.85
C GLY SA 15 -34.23 -72.51 -32.58
N LYS SA 16 -34.94 -71.62 -31.91
CA LYS SA 16 -36.08 -70.91 -32.49
C LYS SA 16 -36.31 -69.64 -31.68
N HIS SA 17 -37.22 -68.80 -32.17
CA HIS SA 17 -37.70 -67.65 -31.42
C HIS SA 17 -38.62 -68.06 -30.28
N GLN SA 18 -38.31 -67.59 -29.08
CA GLN SA 18 -39.07 -67.83 -27.87
C GLN SA 18 -39.17 -66.51 -27.12
N PRO SA 19 -40.21 -66.33 -26.33
CA PRO SA 19 -40.28 -65.14 -25.46
C PRO SA 19 -39.11 -65.15 -24.49
N HIS SA 20 -38.55 -63.96 -24.26
CA HIS SA 20 -37.41 -63.82 -23.40
C HIS SA 20 -37.69 -62.76 -22.36
N LYS SA 21 -37.03 -62.90 -21.22
CA LYS SA 21 -37.26 -62.05 -20.08
C LYS SA 21 -36.04 -61.17 -19.88
N VAL SA 22 -36.23 -59.85 -19.98
CA VAL SA 22 -35.11 -58.91 -20.17
C VAL SA 22 -34.80 -58.25 -18.84
N THR SA 23 -33.54 -58.32 -18.43
CA THR SA 23 -33.04 -57.66 -17.23
C THR SA 23 -31.68 -57.06 -17.54
N GLN SA 24 -31.29 -56.08 -16.73
CA GLN SA 24 -29.98 -55.48 -16.88
C GLN SA 24 -28.92 -56.32 -16.18
N TYR SA 25 -27.80 -56.53 -16.87
CA TYR SA 25 -26.69 -57.30 -16.32
C TYR SA 25 -25.81 -56.41 -15.44
N LYS SA 26 -25.47 -56.92 -14.26
CA LYS SA 26 -24.42 -56.33 -13.44
C LYS SA 26 -23.24 -57.27 -13.29
N LYS SA 27 -22.06 -56.66 -13.25
CA LYS SA 27 -20.84 -57.41 -12.99
C LYS SA 27 -20.93 -58.07 -11.62
N GLY SA 28 -20.57 -59.35 -11.57
CA GLY SA 28 -20.61 -60.09 -10.34
C GLY SA 28 -19.46 -59.71 -9.42
N LYS SA 29 -19.43 -60.37 -8.27
CA LYS SA 29 -18.43 -60.06 -7.28
C LYS SA 29 -17.14 -60.81 -7.58
N ASP SA 30 -16.00 -60.18 -7.30
CA ASP SA 30 -14.72 -60.80 -7.58
C ASP SA 30 -14.50 -62.03 -6.71
N SER SA 31 -13.97 -63.09 -7.32
CA SER SA 31 -13.90 -64.38 -6.65
C SER SA 31 -12.90 -64.41 -5.51
N LEU SA 32 -11.85 -63.59 -5.60
CA LEU SA 32 -10.71 -63.55 -4.68
C LEU SA 32 -9.82 -64.77 -4.94
N TYR SA 33 -10.41 -65.85 -5.44
CA TYR SA 33 -9.68 -67.06 -5.78
C TYR SA 33 -9.53 -67.25 -7.28
N ALA SA 34 -9.84 -66.24 -8.08
CA ALA SA 34 -9.47 -66.27 -9.49
C ALA SA 34 -7.95 -66.23 -9.62
N GLN SA 35 -7.44 -66.88 -10.67
CA GLN SA 35 -5.99 -67.04 -10.79
C GLN SA 35 -5.28 -65.70 -10.87
N GLY SA 36 -5.88 -64.72 -11.56
CA GLY SA 36 -5.28 -63.40 -11.60
C GLY SA 36 -5.29 -62.71 -10.26
N LYS SA 37 -6.38 -62.88 -9.49
CA LYS SA 37 -6.41 -62.33 -8.14
C LYS SA 37 -5.39 -63.02 -7.25
N ARG SA 38 -5.27 -64.34 -7.39
CA ARG SA 38 -4.26 -65.08 -6.62
C ARG SA 38 -2.85 -64.62 -6.98
N ARG SA 39 -2.58 -64.43 -8.27
CA ARG SA 39 -1.27 -63.93 -8.68
C ARG SA 39 -1.04 -62.51 -8.17
N TYR SA 40 -2.08 -61.68 -8.21
CA TYR SA 40 -1.96 -60.31 -7.74
C TYR SA 40 -1.68 -60.25 -6.25
N ASP SA 41 -2.38 -61.07 -5.46
CA ASP SA 41 -2.18 -61.05 -4.01
C ASP SA 41 -0.77 -61.53 -3.64
N ARG SA 42 -0.28 -62.56 -4.33
CA ARG SA 42 1.09 -63.01 -4.11
C ARG SA 42 2.09 -61.91 -4.49
N LYS SA 43 1.84 -61.22 -5.59
CA LYS SA 43 2.77 -60.19 -6.05
C LYS SA 43 2.78 -58.98 -5.12
N GLN SA 44 1.62 -58.65 -4.53
CA GLN SA 44 1.52 -57.47 -3.68
C GLN SA 44 2.06 -57.70 -2.28
N SER SA 45 2.15 -58.95 -1.83
CA SER SA 45 2.64 -59.24 -0.49
C SER SA 45 4.13 -58.92 -0.37
N GLY SA 46 4.52 -58.46 0.80
CA GLY SA 46 5.91 -58.11 1.05
C GLY SA 46 6.17 -56.64 0.78
N TYR SA 47 7.42 -56.36 0.42
CA TYR SA 47 7.87 -55.00 0.13
C TYR SA 47 7.97 -54.79 -1.36
N GLY SA 48 7.82 -53.52 -1.77
CA GLY SA 48 7.85 -53.17 -3.17
C GLY SA 48 6.75 -52.21 -3.54
N GLY SA 49 5.73 -52.12 -2.69
CA GLY SA 49 4.63 -51.22 -2.96
C GLY SA 49 3.69 -51.74 -4.03
N GLN SA 50 3.06 -50.82 -4.73
CA GLN SA 50 2.14 -51.16 -5.80
C GLN SA 50 2.93 -51.75 -6.97
N THR SA 51 2.58 -52.96 -7.37
CA THR SA 51 3.30 -53.69 -8.40
C THR SA 51 2.57 -53.71 -9.74
N LYS SA 52 1.35 -53.21 -9.81
CA LYS SA 52 0.55 -53.18 -11.03
C LYS SA 52 0.00 -51.78 -11.25
N PRO SA 53 -0.26 -51.40 -12.49
CA PRO SA 53 -0.79 -50.06 -12.76
C PRO SA 53 -2.18 -49.85 -12.16
N ILE SA 54 -2.45 -48.60 -11.80
CA ILE SA 54 -3.77 -48.16 -11.34
C ILE SA 54 -4.24 -47.08 -12.29
N PHE SA 55 -5.34 -47.35 -13.01
CA PHE SA 55 -5.74 -46.58 -14.18
C PHE SA 55 -5.81 -45.08 -13.95
N ARG SA 56 -6.76 -44.62 -13.13
CA ARG SA 56 -6.95 -43.21 -12.77
C ARG SA 56 -6.81 -42.20 -13.92
N LYS SA 57 -7.30 -42.56 -15.10
CA LYS SA 57 -7.47 -41.61 -16.20
C LYS SA 57 -8.79 -41.86 -16.91
N LYS SA 58 -9.88 -41.86 -16.16
CA LYS SA 58 -11.20 -42.12 -16.73
C LYS SA 58 -11.56 -41.06 -17.76
N ALA SA 59 -12.09 -41.50 -18.89
CA ALA SA 59 -12.52 -40.59 -19.94
C ALA SA 59 -13.95 -40.85 -20.35
N LYS SA 60 -14.36 -42.12 -20.34
CA LYS SA 60 -15.73 -42.48 -20.68
C LYS SA 60 -16.68 -42.00 -19.59
N THR SA 61 -17.87 -41.57 -20.00
CA THR SA 61 -18.92 -41.18 -19.08
C THR SA 61 -20.10 -42.14 -19.09
N THR SA 62 -20.09 -43.13 -19.99
CA THR SA 62 -21.17 -44.09 -20.11
C THR SA 62 -20.59 -45.51 -20.19
N LYS SA 63 -21.48 -46.49 -20.12
CA LYS SA 63 -21.13 -47.88 -20.32
C LYS SA 63 -22.09 -48.49 -21.34
N LYS SA 64 -21.62 -49.52 -22.03
CA LYS SA 64 -22.50 -50.27 -22.92
C LYS SA 64 -23.44 -51.13 -22.07
N ILE SA 65 -24.73 -50.84 -22.16
CA ILE SA 65 -25.72 -51.58 -21.38
C ILE SA 65 -25.80 -53.01 -21.90
N VAL SA 66 -25.77 -53.97 -20.99
CA VAL SA 66 -25.83 -55.39 -21.33
C VAL SA 66 -27.17 -55.91 -20.83
N LEU SA 67 -27.94 -56.49 -21.74
CA LEU SA 67 -29.23 -57.07 -21.41
C LEU SA 67 -29.09 -58.56 -21.20
N ARG SA 68 -29.65 -59.06 -20.10
CA ARG SA 68 -29.64 -60.47 -19.78
C ARG SA 68 -30.99 -61.07 -20.17
N LEU SA 69 -31.01 -61.82 -21.27
CA LEU SA 69 -32.21 -62.44 -21.79
C LEU SA 69 -32.32 -63.85 -21.22
N GLU SA 70 -33.48 -64.19 -20.68
CA GLU SA 70 -33.74 -65.53 -20.16
C GLU SA 70 -34.94 -66.11 -20.88
N CYS SA 71 -34.75 -67.25 -21.53
CA CYS SA 71 -35.85 -67.94 -22.19
C CYS SA 71 -36.89 -68.35 -21.15
N VAL SA 72 -38.15 -68.01 -21.42
CA VAL SA 72 -39.21 -68.25 -20.45
C VAL SA 72 -39.73 -69.68 -20.49
N GLU SA 73 -39.23 -70.51 -21.40
CA GLU SA 73 -39.85 -71.82 -21.56
C GLU SA 73 -39.28 -72.63 -20.39
N PRO SA 74 -40.10 -73.15 -19.48
CA PRO SA 74 -39.56 -73.64 -18.20
C PRO SA 74 -38.59 -74.81 -18.33
N ASN SA 75 -38.59 -75.55 -19.44
CA ASN SA 75 -37.55 -76.55 -19.64
C ASN SA 75 -36.22 -75.90 -19.97
N CYS SA 76 -36.25 -74.78 -20.69
CA CYS SA 76 -35.06 -74.08 -21.18
C CYS SA 76 -34.96 -72.72 -20.50
N ARG SA 77 -34.06 -72.59 -19.53
CA ARG SA 77 -33.80 -71.32 -18.88
C ARG SA 77 -32.48 -70.72 -19.34
N SER SA 78 -32.08 -71.00 -20.57
CA SER SA 78 -30.80 -70.53 -21.08
C SER SA 78 -30.77 -69.01 -21.14
N LYS SA 79 -29.63 -68.44 -20.78
CA LYS SA 79 -29.45 -67.01 -20.69
C LYS SA 79 -28.44 -66.53 -21.73
N ARG SA 80 -28.67 -65.34 -22.26
CA ARG SA 80 -27.80 -64.74 -23.25
C ARG SA 80 -27.52 -63.29 -22.88
N MET SA 81 -26.38 -62.80 -23.33
CA MET SA 81 -25.96 -61.42 -23.09
C MET SA 81 -26.08 -60.63 -24.38
N LEU SA 82 -26.96 -59.63 -24.39
CA LEU SA 82 -27.07 -58.70 -25.50
C LEU SA 82 -26.56 -57.33 -25.06
N ALA SA 83 -25.68 -56.74 -25.87
CA ALA SA 83 -25.14 -55.42 -25.61
C ALA SA 83 -25.77 -54.42 -26.59
N ILE SA 84 -26.22 -53.30 -26.04
CA ILE SA 84 -26.73 -52.21 -26.86
C ILE SA 84 -25.73 -51.07 -26.80
N LYS SA 85 -26.00 -49.99 -27.54
CA LYS SA 85 -25.05 -48.90 -27.61
C LYS SA 85 -24.97 -48.16 -26.29
N ARG SA 86 -23.96 -47.29 -26.19
CA ARG SA 86 -23.77 -46.50 -24.98
C ARG SA 86 -24.94 -45.54 -24.79
N CYS SA 87 -25.36 -45.38 -23.54
CA CYS SA 87 -26.43 -44.45 -23.22
C CYS SA 87 -26.22 -43.91 -21.81
N LYS SA 88 -26.68 -42.69 -21.59
CA LYS SA 88 -26.54 -42.08 -20.27
C LYS SA 88 -27.67 -42.50 -19.33
N HIS SA 89 -28.89 -42.60 -19.85
CA HIS SA 89 -30.05 -42.98 -19.06
C HIS SA 89 -30.68 -44.21 -19.69
N PHE SA 90 -30.75 -45.30 -18.93
CA PHE SA 90 -31.33 -46.54 -19.38
C PHE SA 90 -32.48 -46.92 -18.46
N GLU SA 91 -33.62 -47.28 -19.05
CA GLU SA 91 -34.79 -47.66 -18.29
C GLU SA 91 -35.34 -48.97 -18.83
N LEU SA 92 -35.84 -49.81 -17.93
CA LEU SA 92 -36.30 -51.15 -18.25
C LEU SA 92 -37.82 -51.18 -18.13
N GLY SA 93 -38.50 -51.30 -19.27
CA GLY SA 93 -39.95 -51.40 -19.27
C GLY SA 93 -40.67 -50.16 -18.78
N GLY SA 94 -40.21 -48.98 -19.19
CA GLY SA 94 -40.86 -47.75 -18.80
C GLY SA 94 -42.12 -47.48 -19.60
N ASP SA 95 -42.79 -46.38 -19.22
CA ASP SA 95 -44.00 -45.98 -19.91
C ASP SA 95 -43.74 -45.63 -21.37
N LYS SA 96 -44.54 -46.22 -22.26
CA LYS SA 96 -44.40 -45.97 -23.68
C LYS SA 96 -44.90 -44.57 -24.02
N LYS SA 97 -44.29 -43.99 -25.04
CA LYS SA 97 -44.62 -42.63 -25.46
C LYS SA 97 -45.79 -42.62 -26.42
N ARG SA 98 -46.62 -41.59 -26.31
CA ARG SA 98 -47.70 -41.34 -27.24
C ARG SA 98 -47.42 -40.07 -28.03
N LYS SA 99 -48.17 -39.89 -29.12
CA LYS SA 99 -47.90 -38.82 -30.07
C LYS SA 99 -48.84 -37.63 -29.91
N GLY SA 100 -50.14 -37.82 -30.15
CA GLY SA 100 -51.07 -36.72 -30.13
C GLY SA 100 -51.53 -36.32 -28.74
N GLN SA 101 -50.59 -36.06 -27.84
CA GLN SA 101 -50.90 -35.75 -26.47
C GLN SA 101 -50.37 -34.38 -26.10
N VAL SA 102 -51.14 -33.67 -25.26
CA VAL SA 102 -50.70 -32.37 -24.76
C VAL SA 102 -49.49 -32.57 -23.85
N ILE SA 103 -48.44 -31.80 -24.10
CA ILE SA 103 -47.32 -31.76 -23.18
C ILE SA 103 -47.78 -31.03 -21.93
N GLN SA 104 -47.60 -31.65 -20.76
CA GLN SA 104 -48.10 -31.10 -19.51
C GLN SA 104 -47.63 -29.65 -19.35
N PHE SA 105 -48.58 -28.72 -19.46
CA PHE SA 105 -48.37 -27.26 -19.41
C PHE SA 105 -47.05 -26.85 -18.77
N ALA TA 1 30.17 16.53 45.17
CA ALA TA 1 28.90 17.03 44.65
C ALA TA 1 28.06 15.88 44.12
N LYS TA 2 26.79 16.15 43.81
CA LYS TA 2 25.93 15.14 43.22
C LYS TA 2 26.33 14.94 41.76
N ARG TA 3 26.99 13.81 41.49
CA ARG TA 3 27.55 13.57 40.16
C ARG TA 3 26.48 13.21 39.15
N THR TA 4 25.45 12.47 39.57
CA THR TA 4 24.37 12.05 38.69
C THR TA 4 23.04 12.44 39.29
N LYS TA 5 22.08 12.76 38.42
CA LYS TA 5 20.77 13.19 38.89
C LYS TA 5 19.92 12.01 39.34
N LYS TA 6 19.88 10.94 38.56
CA LYS TA 6 18.98 9.83 38.87
C LYS TA 6 19.54 8.45 38.59
N VAL TA 7 20.49 8.28 37.67
CA VAL TA 7 20.97 6.94 37.33
C VAL TA 7 21.67 6.30 38.52
N GLY TA 8 22.52 7.05 39.21
CA GLY TA 8 23.18 6.51 40.38
C GLY TA 8 24.17 5.43 40.00
N ILE TA 9 23.91 4.20 40.48
CA ILE TA 9 24.86 3.12 40.31
C ILE TA 9 24.86 2.56 38.88
N VAL TA 10 23.78 2.74 38.13
CA VAL TA 10 23.70 2.15 36.80
C VAL TA 10 24.31 3.12 35.78
N GLY TA 11 25.03 4.13 36.27
CA GLY TA 11 25.75 5.01 35.38
C GLY TA 11 26.87 4.33 34.63
N LYS TA 12 27.31 3.17 35.11
CA LYS TA 12 28.33 2.40 34.40
C LYS TA 12 27.82 1.84 33.09
N TYR TA 13 26.51 1.69 32.94
CA TYR TA 13 25.92 1.14 31.73
C TYR TA 13 25.69 2.18 30.64
N GLY TA 14 25.94 3.45 30.94
CA GLY TA 14 25.83 4.49 29.93
C GLY TA 14 24.41 4.64 29.41
N THR TA 15 24.30 4.81 28.10
CA THR TA 15 23.01 4.92 27.43
C THR TA 15 22.47 3.56 27.01
N ARG TA 16 23.17 2.48 27.33
CA ARG TA 16 22.83 1.17 26.81
C ARG TA 16 21.72 0.51 27.64
N TYR TA 17 20.98 -0.39 26.98
CA TYR TA 17 20.06 -1.38 27.54
C TYR TA 17 18.67 -0.82 27.88
N GLY TA 18 18.42 0.46 27.68
CA GLY TA 18 17.10 1.00 27.95
C GLY TA 18 16.97 1.51 29.38
N ALA TA 19 16.19 2.59 29.52
CA ALA TA 19 16.04 3.22 30.83
C ALA TA 19 15.35 2.30 31.82
N SER TA 20 14.29 1.61 31.39
CA SER TA 20 13.53 0.75 32.30
C SER TA 20 14.38 -0.40 32.81
N LEU TA 21 15.15 -1.03 31.93
CA LEU TA 21 16.01 -2.14 32.35
C LEU TA 21 17.10 -1.64 33.31
N ARG TA 22 17.70 -0.49 33.01
CA ARG TA 22 18.66 0.09 33.94
C ARG TA 22 18.00 0.47 35.26
N LYS TA 23 16.79 1.02 35.19
CA LYS TA 23 16.04 1.32 36.42
C LYS TA 23 15.70 0.06 37.18
N MET TA 24 15.27 -0.99 36.46
CA MET TA 24 14.91 -2.24 37.13
C MET TA 24 16.12 -2.89 37.79
N VAL TA 25 17.26 -2.90 37.10
CA VAL TA 25 18.47 -3.52 37.67
C VAL TA 25 19.11 -2.62 38.72
N LYS TA 26 18.67 -1.37 38.83
CA LYS TA 26 19.31 -0.45 39.76
C LYS TA 26 19.10 -0.87 41.21
N LYS TA 27 17.85 -1.14 41.60
CA LYS TA 27 17.62 -1.54 42.99
C LYS TA 27 18.25 -2.89 43.30
N ILE TA 28 18.32 -3.78 42.32
CA ILE TA 28 18.91 -5.10 42.55
C ILE TA 28 20.40 -4.96 42.79
N GLU TA 29 21.08 -4.14 41.98
CA GLU TA 29 22.53 -4.00 42.13
C GLU TA 29 22.89 -3.28 43.42
N ILE TA 30 22.02 -2.37 43.88
CA ILE TA 30 22.26 -1.71 45.16
C ILE TA 30 22.18 -2.73 46.30
N SER TA 31 21.12 -3.55 46.31
CA SER TA 31 20.98 -4.56 47.35
C SER TA 31 22.07 -5.61 47.24
N GLN TA 32 22.39 -6.01 46.01
CA GLN TA 32 23.40 -7.02 45.75
C GLN TA 32 24.79 -6.65 46.25
N HIS TA 33 25.14 -5.36 46.20
CA HIS TA 33 26.46 -4.90 46.60
C HIS TA 33 26.47 -4.24 47.97
N ALA TA 34 25.34 -4.18 48.65
CA ALA TA 34 25.28 -3.57 49.97
C ALA TA 34 25.90 -4.49 51.01
N LYS TA 35 26.37 -3.88 52.10
CA LYS TA 35 26.87 -4.60 53.26
C LYS TA 35 25.80 -4.58 54.33
N TYR TA 36 25.26 -5.75 54.66
CA TYR TA 36 24.25 -5.87 55.68
C TYR TA 36 24.91 -6.03 57.04
N THR TA 37 24.12 -5.84 58.09
CA THR TA 37 24.60 -6.06 59.44
C THR TA 37 24.49 -7.55 59.76
N CYS TA 38 25.57 -8.12 60.28
CA CYS TA 38 25.56 -9.53 60.64
C CYS TA 38 24.68 -9.75 61.88
N SER TA 39 23.79 -10.73 61.81
CA SER TA 39 22.96 -11.04 62.96
C SER TA 39 23.68 -11.91 63.98
N PHE TA 40 24.88 -12.37 63.67
CA PHE TA 40 25.66 -13.21 64.58
C PHE TA 40 26.70 -12.43 65.37
N CYS TA 41 27.41 -11.50 64.73
CA CYS TA 41 28.42 -10.70 65.40
C CYS TA 41 28.04 -9.23 65.55
N GLY TA 42 27.00 -8.77 64.86
CA GLY TA 42 26.55 -7.41 64.97
C GLY TA 42 27.29 -6.41 64.11
N LYS TA 43 28.25 -6.85 63.30
CA LYS TA 43 29.04 -5.95 62.47
C LYS TA 43 28.42 -5.82 61.08
N THR TA 44 28.69 -4.68 60.44
CA THR TA 44 28.20 -4.42 59.09
C THR TA 44 29.21 -4.94 58.06
N LYS TA 45 29.43 -6.25 58.10
CA LYS TA 45 30.35 -6.92 57.19
C LYS TA 45 29.68 -8.03 56.41
N MET TA 46 28.35 -8.10 56.41
CA MET TA 46 27.63 -9.17 55.77
C MET TA 46 27.48 -8.83 54.29
N LYS TA 47 28.29 -9.45 53.44
CA LYS TA 47 28.30 -9.14 52.02
C LYS TA 47 28.22 -10.40 51.19
N ARG TA 48 27.73 -10.25 49.96
CA ARG TA 48 27.50 -11.38 49.08
C ARG TA 48 28.81 -11.90 48.53
N ARG TA 49 28.98 -13.22 48.56
CA ARG TA 49 30.13 -13.89 47.96
C ARG TA 49 29.81 -14.40 46.56
N ALA TA 50 28.74 -15.18 46.42
CA ALA TA 50 28.21 -15.59 45.13
C ALA TA 50 26.70 -15.45 45.20
N VAL TA 51 26.01 -15.89 44.15
CA VAL TA 51 24.55 -15.80 44.14
C VAL TA 51 23.98 -16.73 45.21
N GLY TA 52 23.22 -16.15 46.13
CA GLY TA 52 22.63 -16.90 47.23
C GLY TA 52 23.55 -17.18 48.39
N ILE TA 53 24.82 -16.80 48.31
CA ILE TA 53 25.80 -17.08 49.36
C ILE TA 53 26.23 -15.76 49.96
N TRP TA 54 26.00 -15.61 51.26
CA TRP TA 54 26.36 -14.39 51.99
C TRP TA 54 27.35 -14.75 53.08
N HIS TA 55 28.43 -13.99 53.15
CA HIS TA 55 29.54 -14.27 54.04
C HIS TA 55 29.90 -13.03 54.83
N CYS TA 56 30.23 -13.22 56.10
CA CYS TA 56 30.68 -12.14 56.98
C CYS TA 56 32.19 -12.19 57.11
N GLY TA 57 32.84 -11.05 56.92
CA GLY TA 57 34.28 -10.99 57.03
C GLY TA 57 34.80 -11.09 58.44
N SER TA 58 33.97 -10.73 59.43
CA SER TA 58 34.44 -10.68 60.81
C SER TA 58 34.40 -12.07 61.46
N CYS TA 59 33.19 -12.59 61.69
CA CYS TA 59 33.03 -13.87 62.34
C CYS TA 59 33.13 -15.05 61.37
N MET TA 60 33.31 -14.78 60.08
CA MET TA 60 33.52 -15.81 59.06
C MET TA 60 32.35 -16.78 59.00
N LYS TA 61 31.15 -16.30 59.28
CA LYS TA 61 29.95 -17.11 59.22
C LYS TA 61 29.30 -16.93 57.84
N THR TA 62 29.21 -18.02 57.09
CA THR TA 62 28.57 -18.03 55.78
C THR TA 62 27.13 -18.51 55.92
N VAL TA 63 26.21 -17.83 55.24
CA VAL TA 63 24.80 -18.17 55.31
C VAL TA 63 24.28 -18.29 53.88
N ALA TA 64 23.19 -19.04 53.74
CA ALA TA 64 22.48 -19.15 52.47
C ALA TA 64 21.32 -18.18 52.47
N GLY TA 65 21.30 -17.26 51.52
CA GLY TA 65 20.29 -16.23 51.44
C GLY TA 65 19.74 -16.10 50.03
N GLY TA 66 19.26 -14.90 49.72
CA GLY TA 66 18.72 -14.62 48.42
C GLY TA 66 19.77 -14.33 47.38
N ALA TA 67 19.33 -14.26 46.12
CA ALA TA 67 20.25 -13.96 45.04
C ALA TA 67 20.83 -12.56 45.17
N TRP TA 68 20.02 -11.58 45.52
CA TRP TA 68 20.42 -10.19 45.56
C TRP TA 68 20.31 -9.56 46.93
N THR TA 69 19.34 -9.97 47.74
CA THR TA 69 19.18 -9.48 49.09
C THR TA 69 19.64 -10.53 50.08
N TYR TA 70 19.90 -10.09 51.32
CA TYR TA 70 20.37 -10.99 52.35
C TYR TA 70 19.35 -12.10 52.61
N ASN TA 71 18.07 -11.73 52.70
CA ASN TA 71 17.00 -12.70 52.82
C ASN TA 71 15.82 -12.25 51.97
N THR TA 72 15.15 -13.22 51.35
CA THR TA 72 13.98 -12.93 50.54
C THR TA 72 12.74 -12.85 51.40
N THR TA 73 11.77 -12.04 50.95
CA THR TA 73 10.54 -11.88 51.72
C THR TA 73 9.80 -13.20 51.84
N SER TA 74 9.86 -14.04 50.80
CA SER TA 74 9.24 -15.35 50.87
C SER TA 74 9.81 -16.18 52.02
N ALA TA 75 11.14 -16.29 52.08
CA ALA TA 75 11.77 -17.12 53.09
C ALA TA 75 11.47 -16.64 54.51
N VAL TA 76 11.31 -15.34 54.71
CA VAL TA 76 11.00 -14.83 56.04
C VAL TA 76 9.64 -15.32 56.50
N THR TA 77 8.64 -15.25 55.63
CA THR TA 77 7.32 -15.77 55.98
C THR TA 77 7.35 -17.29 56.06
N VAL TA 78 8.20 -17.94 55.27
CA VAL TA 78 8.36 -19.39 55.36
C VAL TA 78 8.81 -19.78 56.75
N LYS TA 79 9.84 -19.09 57.26
CA LYS TA 79 10.36 -19.41 58.58
C LYS TA 79 9.33 -19.14 59.67
N SER TA 80 8.58 -18.04 59.55
CA SER TA 80 7.53 -17.74 60.51
C SER TA 80 6.43 -18.81 60.47
N ALA TA 81 6.03 -19.22 59.27
CA ALA TA 81 5.00 -20.25 59.15
C ALA TA 81 5.48 -21.59 59.69
N ILE TA 82 6.72 -21.97 59.37
CA ILE TA 82 7.27 -23.22 59.88
C ILE TA 82 7.36 -23.19 61.39
N ARG TA 83 7.77 -22.06 61.96
CA ARG TA 83 7.78 -21.92 63.41
C ARG TA 83 6.37 -22.09 63.98
N ARG TA 84 5.40 -21.40 63.39
CA ARG TA 84 4.02 -21.49 63.88
C ARG TA 84 3.50 -22.91 63.80
N LEU TA 85 3.79 -23.61 62.70
CA LEU TA 85 3.39 -25.01 62.60
C LEU TA 85 4.08 -25.87 63.63
N LYS TA 86 5.25 -25.44 64.11
CA LYS TA 86 5.96 -26.23 65.11
C LYS TA 86 5.28 -26.15 66.47
N GLU TA 87 4.90 -24.95 66.93
CA GLU TA 87 4.24 -24.93 68.23
C GLU TA 87 2.78 -25.37 68.12
N LEU TA 88 2.22 -25.46 66.91
CA LEU TA 88 0.94 -26.13 66.73
C LEU TA 88 1.09 -27.63 66.90
N LYS TA 89 2.18 -28.19 66.38
CA LYS TA 89 2.42 -29.63 66.46
C LYS TA 89 2.55 -30.10 67.90
N ASP TA 90 3.34 -29.39 68.70
CA ASP TA 90 3.50 -29.71 70.10
C ASP TA 90 2.50 -28.90 70.94
N GLN TA 91 2.48 -29.18 72.23
CA GLN TA 91 1.59 -28.46 73.15
C GLN TA 91 2.29 -28.20 74.48
N SER UA 1 45.10 -89.48 -65.98
CA SER UA 1 44.77 -88.80 -67.22
C SER UA 1 45.41 -87.42 -67.28
N ALA UA 2 45.80 -87.01 -68.48
CA ALA UA 2 46.49 -85.72 -68.64
C ALA UA 2 45.60 -84.56 -68.22
N HIS UA 3 44.33 -84.60 -68.63
CA HIS UA 3 43.42 -83.50 -68.31
C HIS UA 3 43.15 -83.43 -66.81
N LEU UA 4 42.99 -84.58 -66.17
CA LEU UA 4 42.78 -84.60 -64.73
C LEU UA 4 44.02 -84.14 -63.97
N GLN UA 5 45.20 -84.63 -64.36
CA GLN UA 5 46.42 -84.18 -63.70
C GLN UA 5 46.68 -82.71 -63.96
N TRP UA 6 46.24 -82.19 -65.11
CA TRP UA 6 46.40 -80.76 -65.39
C TRP UA 6 45.58 -79.91 -64.43
N MET UA 7 44.34 -80.33 -64.14
CA MET UA 7 43.49 -79.59 -63.20
C MET UA 7 44.07 -79.56 -61.79
N VAL UA 8 45.01 -80.44 -61.47
CA VAL UA 8 45.62 -80.47 -60.15
C VAL UA 8 46.83 -79.54 -60.07
N VAL UA 9 47.62 -79.46 -61.13
CA VAL UA 9 48.90 -78.76 -61.09
C VAL UA 9 48.91 -77.50 -61.95
N ARG UA 10 47.75 -77.10 -62.48
CA ARG UA 10 47.73 -75.90 -63.31
C ARG UA 10 48.10 -74.66 -62.52
N ASN UA 11 47.76 -74.62 -61.24
CA ASN UA 11 48.08 -73.49 -60.37
C ASN UA 11 48.83 -73.89 -59.10
N CYS UA 12 48.98 -75.18 -58.83
CA CYS UA 12 49.66 -75.66 -57.63
C CYS UA 12 50.73 -76.66 -58.05
N SER UA 13 51.97 -76.18 -58.16
CA SER UA 13 53.07 -77.03 -58.60
C SER UA 13 54.37 -76.42 -58.10
N SER UA 14 55.34 -77.29 -57.81
CA SER UA 14 56.65 -76.83 -57.39
C SER UA 14 57.45 -76.25 -58.55
N PHE UA 15 57.12 -76.62 -59.79
CA PHE UA 15 57.78 -76.05 -60.95
C PHE UA 15 57.17 -74.74 -61.41
N LEU UA 16 56.12 -74.27 -60.74
CA LEU UA 16 55.40 -73.08 -61.16
C LEU UA 16 56.13 -71.83 -60.69
N ILE UA 17 56.40 -70.92 -61.62
CA ILE UA 17 56.97 -69.61 -61.29
C ILE UA 17 56.00 -68.56 -61.81
N LYS UA 18 55.54 -67.69 -60.91
CA LYS UA 18 54.57 -66.65 -61.23
C LYS UA 18 55.14 -65.31 -60.76
N ARG UA 19 55.83 -64.61 -61.66
CA ARG UA 19 56.46 -63.35 -61.34
C ARG UA 19 56.32 -62.38 -62.50
N ASN UA 20 56.29 -61.10 -62.18
CA ASN UA 20 56.36 -60.02 -63.18
C ASN UA 20 55.29 -60.15 -64.26
N LYS UA 21 54.07 -60.49 -63.85
CA LYS UA 21 52.94 -60.70 -64.75
C LYS UA 21 53.19 -61.81 -65.76
N GLN UA 22 54.16 -62.69 -65.47
CA GLN UA 22 54.51 -63.79 -66.35
C GLN UA 22 54.41 -65.08 -65.56
N THR UA 23 54.30 -66.19 -66.30
CA THR UA 23 54.22 -67.52 -65.70
C THR UA 23 55.14 -68.46 -66.45
N TYR UA 24 55.96 -69.20 -65.71
CA TYR UA 24 56.90 -70.15 -66.28
C TYR UA 24 56.83 -71.46 -65.52
N SER UA 25 57.22 -72.54 -66.18
CA SER UA 25 57.22 -73.87 -65.59
C SER UA 25 58.57 -74.51 -65.84
N THR UA 26 59.16 -75.09 -64.79
CA THR UA 26 60.53 -75.56 -64.82
C THR UA 26 60.64 -77.09 -64.74
N GLU UA 27 59.60 -77.81 -65.14
CA GLU UA 27 59.69 -79.26 -65.17
C GLU UA 27 60.64 -79.71 -66.28
N PRO UA 28 61.24 -80.91 -66.13
CA PRO UA 28 62.38 -81.27 -67.00
C PRO UA 28 62.08 -81.26 -68.49
N ASN UA 29 60.90 -81.69 -68.93
CA ASN UA 29 60.63 -81.91 -70.34
C ASN UA 29 59.65 -80.90 -70.91
N ASN UA 30 59.75 -79.65 -70.47
CA ASN UA 30 58.86 -78.59 -70.92
C ASN UA 30 59.60 -77.75 -71.96
N LEU UA 31 59.27 -77.97 -73.22
CA LEU UA 31 59.72 -77.08 -74.28
C LEU UA 31 59.05 -75.72 -74.11
N LYS UA 32 59.81 -74.65 -74.33
CA LYS UA 32 59.36 -73.27 -74.13
C LYS UA 32 59.22 -72.92 -72.65
N ALA UA 33 59.23 -73.94 -71.78
CA ALA UA 33 59.21 -73.75 -70.33
C ALA UA 33 58.02 -72.91 -69.88
N ARG UA 34 56.88 -73.07 -70.53
CA ARG UA 34 55.68 -72.31 -70.18
C ARG UA 34 54.67 -73.20 -69.50
N ASN UA 35 53.88 -72.60 -68.62
CA ASN UA 35 52.84 -73.31 -67.89
C ASN UA 35 51.63 -73.47 -68.80
N SER UA 36 51.51 -74.64 -69.42
CA SER UA 36 50.39 -74.90 -70.33
C SER UA 36 50.15 -76.40 -70.40
N PHE UA 37 48.92 -76.75 -70.74
CA PHE UA 37 48.56 -78.16 -70.87
C PHE UA 37 49.32 -78.81 -72.01
N ARG UA 38 49.49 -78.10 -73.12
CA ARG UA 38 50.18 -78.67 -74.28
C ARG UA 38 51.65 -78.93 -73.99
N TYR UA 39 52.31 -78.01 -73.29
CA TYR UA 39 53.75 -78.07 -73.12
C TYR UA 39 54.19 -78.67 -71.79
N ASN UA 40 53.26 -79.06 -70.93
CA ASN UA 40 53.63 -79.66 -69.66
C ASN UA 40 54.35 -80.99 -69.91
N GLY UA 41 55.48 -81.18 -69.24
CA GLY UA 41 56.33 -82.31 -69.51
C GLY UA 41 56.18 -83.46 -68.53
N LEU UA 42 55.06 -83.52 -67.83
CA LEU UA 42 54.87 -84.55 -66.81
C LEU UA 42 53.53 -85.27 -66.95
N ILE UA 43 52.52 -84.58 -67.47
CA ILE UA 43 51.15 -85.09 -67.43
C ILE UA 43 50.77 -85.90 -68.65
N HIS UA 44 51.58 -85.92 -69.70
CA HIS UA 44 51.20 -86.56 -70.95
C HIS UA 44 51.79 -87.95 -71.07
N ARG UA 45 51.07 -88.82 -71.78
CA ARG UA 45 51.55 -90.18 -72.01
C ARG UA 45 52.81 -90.18 -72.85
N LYS UA 46 52.92 -89.27 -73.81
CA LYS UA 46 54.14 -89.10 -74.59
C LYS UA 46 54.55 -87.65 -74.55
N THR UA 47 55.84 -87.42 -74.26
CA THR UA 47 56.42 -86.09 -74.22
C THR UA 47 57.79 -86.15 -74.89
N VAL UA 48 58.27 -84.98 -75.31
CA VAL UA 48 59.60 -84.84 -75.89
C VAL UA 48 60.30 -83.68 -75.19
N GLY UA 49 61.58 -83.88 -74.89
CA GLY UA 49 62.39 -82.84 -74.30
C GLY UA 49 63.73 -82.75 -74.99
N VAL UA 50 64.25 -81.52 -75.09
CA VAL UA 50 65.53 -81.25 -75.70
C VAL UA 50 66.39 -80.53 -74.67
N GLU UA 51 67.54 -81.09 -74.35
CA GLU UA 51 68.46 -80.57 -73.35
C GLU UA 51 69.87 -80.54 -73.93
N PRO UA 52 70.71 -79.64 -73.45
CA PRO UA 52 72.12 -79.68 -73.86
C PRO UA 52 72.78 -80.97 -73.36
N ALA UA 53 73.77 -81.42 -74.11
CA ALA UA 53 74.47 -82.65 -73.75
C ALA UA 53 75.19 -82.46 -72.41
N ALA UA 54 75.64 -83.58 -71.84
CA ALA UA 54 76.35 -83.53 -70.57
C ALA UA 54 77.63 -82.71 -70.70
N ASP UA 55 78.38 -82.90 -71.79
CA ASP UA 55 79.51 -82.05 -72.09
C ASP UA 55 78.98 -80.76 -72.74
N GLY UA 56 79.86 -79.99 -73.36
CA GLY UA 56 79.45 -78.71 -73.90
C GLY UA 56 79.13 -78.71 -75.38
N LYS UA 57 78.62 -79.81 -75.91
CA LYS UA 57 78.46 -79.93 -77.35
C LYS UA 57 77.43 -81.01 -77.66
N GLY UA 58 76.49 -80.68 -78.54
CA GLY UA 58 75.41 -81.57 -78.90
C GLY UA 58 74.17 -81.30 -78.07
N VAL UA 59 73.12 -82.08 -78.39
CA VAL UA 59 71.86 -82.02 -77.69
C VAL UA 59 71.46 -83.43 -77.27
N VAL UA 60 70.59 -83.50 -76.27
CA VAL UA 60 70.00 -84.75 -75.82
C VAL UA 60 68.51 -84.68 -76.09
N VAL UA 61 68.02 -85.58 -76.95
CA VAL UA 61 66.59 -85.69 -77.23
C VAL UA 61 66.04 -86.82 -76.39
N VAL UA 62 65.17 -86.49 -75.45
CA VAL UA 62 64.56 -87.47 -74.57
C VAL UA 62 63.08 -87.57 -74.95
N ILE UA 63 62.62 -88.79 -75.16
CA ILE UA 63 61.21 -89.05 -75.42
C ILE UA 63 60.70 -89.94 -74.30
N LYS UA 64 59.38 -89.92 -74.13
CA LYS UA 64 58.73 -90.76 -73.13
C LYS UA 64 58.12 -91.97 -73.83
N ARG UA 65 58.52 -93.15 -73.38
CA ARG UA 65 57.97 -94.38 -73.93
C ARG UA 65 56.59 -94.63 -73.34
N ARG UA 66 55.85 -95.52 -74.00
CA ARG UA 66 54.42 -95.71 -73.72
C ARG UA 66 54.13 -96.77 -72.67
N SER UA 67 55.11 -97.58 -72.28
CA SER UA 67 54.83 -98.78 -71.48
C SER UA 67 54.78 -98.47 -69.99
N GLY UA 68 55.91 -98.03 -69.42
CA GLY UA 68 55.97 -97.82 -67.99
C GLY UA 68 55.66 -96.41 -67.55
N GLN UA 69 54.39 -96.03 -67.59
CA GLN UA 69 54.01 -94.68 -67.20
C GLN UA 69 54.12 -94.44 -65.70
N ARG UA 70 53.98 -95.49 -64.89
CA ARG UA 70 54.11 -95.40 -63.44
C ARG UA 70 55.49 -95.79 -62.95
N LYS UA 71 56.46 -95.95 -63.87
CA LYS UA 71 57.80 -96.42 -63.55
C LYS UA 71 58.79 -95.38 -64.06
N PRO UA 72 58.99 -94.29 -63.31
CA PRO UA 72 59.80 -93.17 -63.84
C PRO UA 72 61.25 -93.53 -64.09
N ALA UA 73 61.77 -94.60 -63.50
CA ALA UA 73 63.18 -94.93 -63.69
C ALA UA 73 63.47 -95.30 -65.14
N THR UA 74 62.56 -96.01 -65.79
CA THR UA 74 62.77 -96.46 -67.16
C THR UA 74 61.75 -95.85 -68.13
N SER UA 75 61.16 -94.71 -67.77
CA SER UA 75 60.09 -94.14 -68.57
C SER UA 75 60.58 -93.22 -69.68
N TYR UA 76 61.86 -92.85 -69.68
CA TYR UA 76 62.38 -91.88 -70.62
C TYR UA 76 63.57 -92.47 -71.36
N VAL UA 77 63.58 -92.31 -72.68
CA VAL UA 77 64.68 -92.78 -73.53
C VAL UA 77 65.44 -91.56 -74.02
N ARG UA 78 66.72 -91.49 -73.67
CA ARG UA 78 67.55 -90.35 -73.98
C ARG UA 78 68.54 -90.71 -75.08
N THR UA 79 68.56 -89.91 -76.14
CA THR UA 79 69.53 -90.06 -77.21
C THR UA 79 70.31 -88.77 -77.38
N THR UA 80 71.58 -88.89 -77.75
CA THR UA 80 72.47 -87.76 -77.89
C THR UA 80 72.82 -87.57 -79.35
N ILE UA 81 72.64 -86.34 -79.85
CA ILE UA 81 72.94 -85.98 -81.22
C ILE UA 81 74.05 -84.94 -81.18
N ASN UA 82 75.19 -85.26 -81.80
CA ASN UA 82 76.37 -84.41 -81.79
C ASN UA 82 76.93 -84.25 -83.21
N LYS UA 83 76.11 -83.70 -84.10
CA LYS UA 83 76.49 -83.46 -85.47
C LYS UA 83 76.23 -81.99 -85.82
N ASN UA 84 76.30 -81.68 -87.11
CA ASN UA 84 76.10 -80.30 -87.53
C ASN UA 84 74.65 -79.88 -87.30
N ALA UA 85 74.45 -78.56 -87.27
CA ALA UA 85 73.15 -78.02 -86.87
C ALA UA 85 72.04 -78.45 -87.81
N ARG UA 86 72.29 -78.42 -89.12
CA ARG UA 86 71.24 -78.80 -90.07
C ARG UA 86 70.89 -80.27 -89.93
N ALA UA 87 71.89 -81.14 -89.76
CA ALA UA 87 71.61 -82.55 -89.58
C ALA UA 87 70.94 -82.83 -88.24
N THR UA 88 71.32 -82.08 -87.20
CA THR UA 88 70.70 -82.25 -85.90
C THR UA 88 69.22 -81.91 -85.95
N LEU UA 89 68.86 -80.81 -86.61
CA LEU UA 89 67.46 -80.43 -86.73
C LEU UA 89 66.66 -81.45 -87.55
N SER UA 90 67.29 -82.02 -88.57
CA SER UA 90 66.61 -83.04 -89.38
C SER UA 90 66.28 -84.28 -88.55
N SER UA 91 67.21 -84.70 -87.68
CA SER UA 91 66.98 -85.87 -86.84
C SER UA 91 65.81 -85.63 -85.89
N ILE UA 92 65.75 -84.43 -85.29
CA ILE UA 92 64.65 -84.11 -84.39
C ILE UA 92 63.35 -84.00 -85.16
N ARG UA 93 63.39 -83.45 -86.36
CA ARG UA 93 62.20 -83.38 -87.19
C ARG UA 93 61.67 -84.77 -87.54
N HIS UA 94 62.58 -85.69 -87.88
CA HIS UA 94 62.16 -87.04 -88.24
C HIS UA 94 61.65 -87.80 -87.03
N MET UA 95 62.25 -87.58 -85.87
CA MET UA 95 61.80 -88.27 -84.66
C MET UA 95 60.36 -87.89 -84.31
N ILE UA 96 60.00 -86.63 -84.52
CA ILE UA 96 58.68 -86.15 -84.15
C ILE UA 96 57.67 -86.39 -85.26
N ARG UA 97 58.03 -86.04 -86.50
CA ARG UA 97 57.05 -86.09 -87.58
C ARG UA 97 56.87 -87.51 -88.14
N LYS UA 98 57.97 -88.19 -88.45
CA LYS UA 98 57.87 -89.52 -89.04
C LYS UA 98 57.24 -90.52 -88.08
N ASN UA 99 57.56 -90.41 -86.80
CA ASN UA 99 56.96 -91.30 -85.81
C ASN UA 99 55.56 -90.85 -85.41
N LYS UA 100 55.12 -89.67 -85.84
CA LYS UA 100 53.85 -89.09 -85.40
C LYS UA 100 53.80 -89.01 -83.89
N TYR UA 101 54.96 -88.72 -83.30
CA TYR UA 101 55.13 -88.65 -81.85
C TYR UA 101 54.99 -87.19 -81.45
N ARG UA 102 53.76 -86.80 -81.11
CA ARG UA 102 53.43 -85.44 -80.69
C ARG UA 102 53.84 -84.44 -81.75
N PRO UA 103 53.20 -84.44 -82.92
CA PRO UA 103 53.60 -83.51 -83.99
C PRO UA 103 53.39 -82.05 -83.62
N ASP UA 104 52.57 -81.76 -82.62
CA ASP UA 104 52.34 -80.38 -82.21
C ASP UA 104 53.54 -79.76 -81.51
N LEU UA 105 54.55 -80.55 -81.17
CA LEU UA 105 55.76 -80.04 -80.54
C LEU UA 105 56.94 -79.99 -81.51
N ARG UA 106 56.68 -80.12 -82.81
CA ARG UA 106 57.78 -80.23 -83.77
C ARG UA 106 58.62 -78.96 -83.82
N MET UA 107 57.98 -77.80 -84.02
CA MET UA 107 58.76 -76.57 -84.15
C MET UA 107 59.31 -76.12 -82.81
N ALA UA 108 58.60 -76.40 -81.71
CA ALA UA 108 59.11 -76.04 -80.40
C ALA UA 108 60.42 -76.78 -80.09
N ALA UA 109 60.46 -78.07 -80.41
CA ALA UA 109 61.68 -78.84 -80.19
C ALA UA 109 62.79 -78.40 -81.15
N ILE UA 110 62.44 -78.11 -82.40
CA ILE UA 110 63.43 -77.67 -83.37
C ILE UA 110 63.99 -76.30 -82.98
N ARG UA 111 63.11 -75.38 -82.57
CA ARG UA 111 63.57 -74.07 -82.13
C ARG UA 111 64.42 -74.17 -80.88
N ARG UA 112 64.05 -75.03 -79.94
CA ARG UA 112 64.84 -75.19 -78.73
C ARG UA 112 66.20 -75.80 -79.04
N ALA UA 113 66.25 -76.76 -79.97
CA ALA UA 113 67.53 -77.34 -80.36
C ALA UA 113 68.43 -76.28 -80.99
N SER UA 114 67.86 -75.40 -81.81
CA SER UA 114 68.63 -74.32 -82.40
C SER UA 114 69.20 -73.40 -81.32
N ALA UA 115 68.39 -73.08 -80.31
CA ALA UA 115 68.85 -72.21 -79.23
C ALA UA 115 69.98 -72.87 -78.45
N ILE UA 116 69.88 -74.17 -78.19
CA ILE UA 116 70.93 -74.87 -77.45
C ILE UA 116 72.22 -74.89 -78.23
N LEU UA 117 72.14 -75.24 -79.52
CA LEU UA 117 73.33 -75.30 -80.36
C LEU UA 117 73.94 -73.91 -80.55
N ARG UA 118 73.09 -72.90 -80.71
CA ARG UA 118 73.56 -71.53 -80.86
C ARG UA 118 74.28 -71.07 -79.59
N SER UA 119 73.85 -71.56 -78.43
CA SER UA 119 74.52 -71.23 -77.18
C SER UA 119 75.81 -72.00 -76.98
N GLN UA 120 76.00 -73.11 -77.69
CA GLN UA 120 77.18 -73.93 -77.50
C GLN UA 120 78.36 -73.45 -78.33
N LYS UA 121 78.11 -72.82 -79.47
CA LYS UA 121 79.21 -72.30 -80.27
C LYS UA 121 79.88 -71.15 -79.54
N PRO UA 122 81.19 -70.98 -79.71
CA PRO UA 122 81.92 -70.00 -78.89
C PRO UA 122 81.49 -68.57 -79.20
N VAL UA 123 81.57 -67.72 -78.17
CA VAL UA 123 81.27 -66.30 -78.32
C VAL UA 123 82.39 -65.65 -79.11
N MET UA 124 82.14 -64.43 -79.59
CA MET UA 124 83.08 -63.71 -80.44
C MET UA 124 83.65 -62.52 -79.68
N VAL UA 125 84.68 -61.92 -80.26
CA VAL UA 125 85.30 -60.75 -79.65
C VAL UA 125 85.12 -59.53 -80.56
N ASP VA 1 -21.75 28.34 -89.78
CA ASP VA 1 -22.29 29.70 -89.73
C ASP VA 1 -21.43 30.66 -90.52
N ARG VA 2 -20.13 30.38 -90.60
CA ARG VA 2 -19.22 31.25 -91.36
C ARG VA 2 -19.55 31.23 -92.84
N ALA VA 3 -19.86 30.05 -93.38
CA ALA VA 3 -20.27 29.97 -94.78
C ALA VA 3 -21.55 30.75 -95.04
N THR VA 4 -22.54 30.60 -94.16
CA THR VA 4 -23.78 31.35 -94.30
C THR VA 4 -23.55 32.84 -94.14
N TRP VA 5 -22.73 33.22 -93.15
CA TRP VA 5 -22.45 34.63 -92.92
C TRP VA 5 -21.73 35.25 -94.11
N LYS VA 6 -20.76 34.52 -94.69
CA LYS VA 6 -20.07 35.02 -95.86
C LYS VA 6 -21.00 35.10 -97.07
N SER VA 7 -21.84 34.07 -97.26
CA SER VA 7 -22.78 34.08 -98.38
C SER VA 7 -23.81 35.20 -98.21
N ASN VA 8 -24.31 35.38 -96.99
CA ASN VA 8 -25.23 36.48 -96.72
C ASN VA 8 -24.58 37.82 -97.03
N TYR VA 9 -23.29 37.96 -96.71
CA TYR VA 9 -22.58 39.20 -97.04
C TYR VA 9 -22.44 39.39 -98.54
N PHE VA 10 -22.15 38.31 -99.28
CA PHE VA 10 -22.05 38.46 -100.73
C PHE VA 10 -23.38 38.88 -101.34
N LEU VA 11 -24.48 38.28 -100.90
CA LEU VA 11 -25.79 38.69 -101.42
C LEU VA 11 -26.08 40.14 -101.10
N LYS VA 12 -25.70 40.58 -99.91
CA LYS VA 12 -25.95 41.97 -99.50
C LYS VA 12 -25.18 42.97 -100.36
N ILE VA 13 -23.89 42.73 -100.56
CA ILE VA 13 -23.07 43.69 -101.29
C ILE VA 13 -23.47 43.73 -102.76
N ILE VA 14 -23.74 42.58 -103.37
CA ILE VA 14 -24.01 42.55 -104.80
C ILE VA 14 -25.35 43.22 -105.11
N GLN VA 15 -26.35 43.02 -104.26
CA GLN VA 15 -27.64 43.66 -104.50
C GLN VA 15 -27.57 45.15 -104.24
N LEU VA 16 -26.71 45.58 -103.31
CA LEU VA 16 -26.61 47.00 -102.99
C LEU VA 16 -25.82 47.74 -104.06
N LEU VA 17 -24.79 47.10 -104.64
CA LEU VA 17 -24.02 47.76 -105.68
C LEU VA 17 -24.78 47.77 -107.00
N ASP VA 18 -25.63 46.77 -107.26
CA ASP VA 18 -26.49 46.86 -108.43
C ASP VA 18 -27.57 47.91 -108.25
N ASP VA 19 -28.07 48.08 -107.02
CA ASP VA 19 -29.14 49.05 -106.78
C ASP VA 19 -28.62 50.49 -106.92
N TYR VA 20 -27.47 50.78 -106.32
CA TYR VA 20 -26.94 52.14 -106.31
C TYR VA 20 -25.84 52.27 -107.36
N PRO VA 21 -26.01 53.12 -108.36
CA PRO VA 21 -24.97 53.29 -109.39
C PRO VA 21 -23.93 54.35 -109.07
N LYS VA 22 -24.13 55.13 -108.00
CA LYS VA 22 -23.20 56.17 -107.60
C LYS VA 22 -22.80 55.95 -106.15
N CYS VA 23 -21.50 55.96 -105.89
CA CYS VA 23 -20.99 55.65 -104.56
C CYS VA 23 -19.62 56.30 -104.37
N PHE VA 24 -19.27 56.51 -103.10
CA PHE VA 24 -17.95 56.96 -102.71
C PHE VA 24 -17.26 55.85 -101.94
N ILE VA 25 -15.95 55.72 -102.12
CA ILE VA 25 -15.14 54.87 -101.26
C ILE VA 25 -14.50 55.77 -100.22
N VAL VA 26 -14.55 55.37 -98.96
CA VAL VA 26 -14.20 56.22 -97.84
C VAL VA 26 -13.27 55.45 -96.91
N GLY VA 27 -12.23 56.14 -96.41
CA GLY VA 27 -11.31 55.53 -95.48
C GLY VA 27 -11.74 55.72 -94.03
N ALA VA 28 -11.43 54.72 -93.21
CA ALA VA 28 -11.81 54.72 -91.80
C ALA VA 28 -10.55 54.95 -90.96
N ASP VA 29 -10.48 56.10 -90.31
CA ASP VA 29 -9.37 56.39 -89.40
C ASP VA 29 -9.74 55.80 -88.03
N ASN VA 30 -9.11 56.29 -86.95
CA ASN VA 30 -9.42 55.77 -85.61
C ASN VA 30 -10.76 56.33 -85.19
N VAL VA 31 -11.81 55.77 -85.78
CA VAL VA 31 -13.19 56.22 -85.57
C VAL VA 31 -13.87 55.25 -84.63
N GLY VA 32 -14.32 55.74 -83.47
CA GLY VA 32 -14.91 54.89 -82.47
C GLY VA 32 -16.32 54.45 -82.82
N SER VA 33 -16.80 53.44 -82.09
CA SER VA 33 -18.13 52.90 -82.33
C SER VA 33 -19.21 53.94 -82.17
N LYS VA 34 -19.03 54.88 -81.23
CA LYS VA 34 -20.04 55.91 -81.04
C LYS VA 34 -20.14 56.82 -82.25
N GLN VA 35 -19.07 56.92 -83.06
CA GLN VA 35 -19.11 57.78 -84.23
C GLN VA 35 -19.75 57.08 -85.43
N MET VA 36 -19.47 55.79 -85.62
CA MET VA 36 -20.10 55.08 -86.73
C MET VA 36 -21.61 55.04 -86.60
N GLN VA 37 -22.12 54.89 -85.36
CA GLN VA 37 -23.55 55.03 -85.16
C GLN VA 37 -24.02 56.46 -85.45
N GLN VA 38 -23.20 57.44 -85.10
CA GLN VA 38 -23.58 58.84 -85.34
C GLN VA 38 -23.71 59.12 -86.84
N ILE VA 39 -22.74 58.70 -87.63
CA ILE VA 39 -22.83 58.89 -89.08
C ILE VA 39 -23.89 57.98 -89.68
N ARG VA 40 -24.04 56.76 -89.17
CA ARG VA 40 -25.02 55.83 -89.69
C ARG VA 40 -26.44 56.36 -89.49
N MET VA 41 -26.69 57.05 -88.37
CA MET VA 41 -27.98 57.72 -88.19
C MET VA 41 -28.13 58.94 -89.10
N SER VA 42 -27.06 59.74 -89.21
CA SER VA 42 -27.11 60.95 -90.02
C SER VA 42 -27.15 60.67 -91.52
N LEU VA 43 -26.96 59.42 -91.92
CA LEU VA 43 -26.94 59.04 -93.33
C LEU VA 43 -28.09 58.13 -93.74
N ARG VA 44 -28.62 57.31 -92.82
CA ARG VA 44 -29.55 56.26 -93.19
C ARG VA 44 -30.89 56.80 -93.69
N GLY VA 45 -31.20 58.08 -93.43
CA GLY VA 45 -32.47 58.61 -93.87
C GLY VA 45 -32.59 58.67 -95.39
N LYS VA 46 -31.46 58.77 -96.07
CA LYS VA 46 -31.40 58.99 -97.51
C LYS VA 46 -30.30 58.22 -98.23
N ALA VA 47 -29.26 57.76 -97.53
CA ALA VA 47 -28.18 57.01 -98.14
C ALA VA 47 -27.81 55.85 -97.23
N VAL VA 48 -26.92 54.99 -97.73
CA VAL VA 48 -26.46 53.84 -96.96
C VAL VA 48 -24.94 53.75 -97.09
N VAL VA 49 -24.30 53.24 -96.04
CA VAL VA 49 -22.86 53.05 -96.00
C VAL VA 49 -22.58 51.59 -95.69
N LEU VA 50 -21.58 51.03 -96.38
CA LEU VA 50 -21.18 49.65 -96.18
C LEU VA 50 -19.70 49.55 -95.89
N MET VA 51 -19.38 48.79 -94.84
CA MET VA 51 -18.03 48.60 -94.37
C MET VA 51 -17.86 47.13 -93.99
N GLY VA 52 -16.63 46.63 -94.09
CA GLY VA 52 -16.40 45.22 -93.81
C GLY VA 52 -15.03 44.78 -94.29
N LYS VA 53 -14.91 43.48 -94.53
CA LYS VA 53 -13.64 42.91 -94.96
C LYS VA 53 -13.35 43.28 -96.41
N ASN VA 54 -12.17 43.85 -96.64
CA ASN VA 54 -11.81 44.31 -97.98
C ASN VA 54 -11.82 43.16 -98.99
N THR VA 55 -11.47 41.95 -98.56
CA THR VA 55 -11.46 40.81 -99.47
C THR VA 55 -12.87 40.44 -99.90
N MET VA 56 -13.85 40.56 -99.00
CA MET VA 56 -15.23 40.35 -99.40
C MET VA 56 -15.63 41.31 -100.50
N MET VA 57 -15.10 42.54 -100.46
CA MET VA 57 -15.41 43.51 -101.48
C MET VA 57 -14.76 43.16 -102.82
N ARG VA 58 -13.46 42.84 -102.81
CA ARG VA 58 -12.82 42.45 -104.07
C ARG VA 58 -13.45 41.18 -104.65
N LYS VA 59 -13.70 40.17 -103.82
CA LYS VA 59 -14.23 38.92 -104.35
C LYS VA 59 -15.63 39.08 -104.93
N ALA VA 60 -16.47 39.87 -104.26
CA ALA VA 60 -17.83 40.08 -104.78
C ALA VA 60 -17.82 40.84 -106.09
N ILE VA 61 -16.96 41.84 -106.22
CA ILE VA 61 -16.93 42.68 -107.41
C ILE VA 61 -15.93 42.10 -108.42
N ARG VA 62 -15.55 40.84 -108.25
CA ARG VA 62 -14.72 40.16 -109.24
C ARG VA 62 -15.42 38.96 -109.86
N GLY VA 63 -16.22 38.23 -109.10
CA GLY VA 63 -16.93 37.09 -109.62
C GLY VA 63 -18.31 37.44 -110.15
N HIS VA 64 -18.99 38.35 -109.45
CA HIS VA 64 -20.36 38.70 -109.80
C HIS VA 64 -20.45 40.10 -110.39
N LEU VA 65 -19.39 40.53 -111.07
CA LEU VA 65 -19.32 41.79 -111.82
C LEU VA 65 -19.73 41.64 -113.28
N GLU VA 66 -19.44 40.49 -113.90
CA GLU VA 66 -19.55 40.31 -115.34
C GLU VA 66 -20.90 40.75 -115.90
N ASN VA 67 -21.92 40.99 -115.07
CA ASN VA 67 -23.18 41.51 -115.57
C ASN VA 67 -23.05 42.96 -116.06
N ASN VA 68 -22.20 43.76 -115.42
CA ASN VA 68 -21.99 45.12 -115.88
C ASN VA 68 -20.51 45.45 -115.96
N PRO VA 69 -20.09 46.27 -116.91
CA PRO VA 69 -18.68 46.67 -116.99
C PRO VA 69 -18.40 47.95 -116.22
N ALA VA 70 -17.21 48.52 -116.42
CA ALA VA 70 -16.75 49.77 -115.85
C ALA VA 70 -16.61 49.74 -114.34
N LEU VA 71 -16.82 48.59 -113.70
CA LEU VA 71 -16.69 48.49 -112.25
C LEU VA 71 -15.35 47.93 -111.82
N GLU VA 72 -14.56 47.39 -112.77
CA GLU VA 72 -13.24 46.83 -112.48
C GLU VA 72 -12.24 47.88 -112.04
N LYS VA 73 -12.50 49.17 -112.27
CA LYS VA 73 -11.58 50.22 -111.84
C LYS VA 73 -11.45 50.28 -110.32
N LEU VA 74 -12.45 49.78 -109.59
CA LEU VA 74 -12.34 49.78 -108.14
C LEU VA 74 -11.35 48.74 -107.65
N LEU VA 75 -11.16 47.67 -108.40
CA LEU VA 75 -10.28 46.57 -107.97
C LEU VA 75 -8.89 47.03 -107.57
N PRO VA 76 -8.18 47.89 -108.32
CA PRO VA 76 -6.91 48.43 -107.84
C PRO VA 76 -7.04 49.63 -106.93
N HIS VA 77 -8.23 49.92 -106.41
CA HIS VA 77 -8.45 51.10 -105.59
C HIS VA 77 -8.98 50.82 -104.19
N ILE VA 78 -9.57 49.64 -103.95
CA ILE VA 78 -10.09 49.31 -102.63
C ILE VA 78 -8.94 48.67 -101.86
N ARG VA 79 -8.12 49.51 -101.23
CA ARG VA 79 -6.99 49.07 -100.44
C ARG VA 79 -7.04 49.72 -99.06
N GLY VA 80 -6.60 48.98 -98.06
CA GLY VA 80 -6.60 49.48 -96.70
C GLY VA 80 -7.99 49.43 -96.08
N ASN VA 81 -8.10 50.07 -94.91
CA ASN VA 81 -9.34 50.10 -94.15
C ASN VA 81 -10.29 51.12 -94.80
N VAL VA 82 -10.87 50.71 -95.93
CA VAL VA 82 -11.76 51.56 -96.70
C VAL VA 82 -13.04 50.78 -97.02
N GLY VA 83 -14.11 51.53 -97.27
CA GLY VA 83 -15.39 50.95 -97.60
C GLY VA 83 -16.20 51.91 -98.46
N PHE VA 84 -17.39 51.46 -98.83
CA PHE VA 84 -18.27 52.20 -99.73
C PHE VA 84 -19.42 52.85 -98.98
N VAL VA 85 -19.82 54.03 -99.46
CA VAL VA 85 -21.08 54.65 -99.08
C VAL VA 85 -21.90 54.84 -100.34
N PHE VA 86 -23.13 54.36 -100.32
CA PHE VA 86 -24.00 54.39 -101.49
C PHE VA 86 -25.04 55.49 -101.33
N THR VA 87 -25.17 56.32 -102.36
CA THR VA 87 -26.07 57.46 -102.30
C THR VA 87 -26.70 57.69 -103.66
N LYS VA 88 -27.82 58.42 -103.66
CA LYS VA 88 -28.52 58.79 -104.87
C LYS VA 88 -28.59 60.30 -105.08
N GLU VA 89 -27.89 61.08 -104.25
CA GLU VA 89 -27.89 62.52 -104.32
C GLU VA 89 -26.64 63.02 -105.06
N ASP VA 90 -26.48 64.33 -105.13
CA ASP VA 90 -25.34 64.92 -105.82
C ASP VA 90 -24.11 64.92 -104.92
N LEU VA 91 -22.95 65.12 -105.54
CA LEU VA 91 -21.69 64.96 -104.84
C LEU VA 91 -21.50 66.05 -103.79
N THR VA 92 -21.86 67.30 -104.13
CA THR VA 92 -21.60 68.43 -103.24
C THR VA 92 -22.43 68.33 -101.96
N GLU VA 93 -23.70 67.95 -102.08
CA GLU VA 93 -24.57 67.92 -100.90
C GLU VA 93 -24.21 66.81 -99.94
N ILE VA 94 -23.55 65.75 -100.39
CA ILE VA 94 -23.15 64.68 -99.49
C ILE VA 94 -21.74 64.87 -98.96
N ARG VA 95 -20.82 65.42 -99.78
CA ARG VA 95 -19.48 65.66 -99.29
C ARG VA 95 -19.45 66.68 -98.16
N ASP VA 96 -20.15 67.80 -98.34
CA ASP VA 96 -20.04 68.88 -97.36
C ASP VA 96 -20.61 68.46 -96.01
N MET VA 97 -21.72 67.72 -96.01
CA MET VA 97 -22.27 67.25 -94.74
C MET VA 97 -21.41 66.17 -94.13
N LEU VA 98 -20.77 65.33 -94.95
CA LEU VA 98 -19.85 64.32 -94.42
C LEU VA 98 -18.67 64.97 -93.72
N LEU VA 99 -18.14 66.06 -94.28
CA LEU VA 99 -17.08 66.80 -93.61
C LEU VA 99 -17.62 67.63 -92.45
N ALA VA 100 -18.91 67.99 -92.48
CA ALA VA 100 -19.44 68.88 -91.45
C ALA VA 100 -19.64 68.16 -90.13
N ASN VA 101 -20.05 66.89 -90.18
CA ASN VA 101 -20.49 66.16 -88.99
C ASN VA 101 -19.32 65.43 -88.32
N LYS VA 102 -18.23 66.16 -88.14
CA LYS VA 102 -17.07 65.67 -87.42
C LYS VA 102 -17.40 65.51 -85.94
N VAL VA 103 -16.77 64.52 -85.31
CA VAL VA 103 -16.97 64.22 -83.90
C VAL VA 103 -15.67 64.49 -83.17
N PRO VA 104 -15.66 65.33 -82.13
CA PRO VA 104 -14.42 65.60 -81.37
C PRO VA 104 -14.03 64.47 -80.44
N ALA VA 105 -13.38 63.46 -81.00
CA ALA VA 105 -12.96 62.31 -80.22
C ALA VA 105 -11.85 62.68 -79.26
N ALA VA 106 -11.90 62.09 -78.06
CA ALA VA 106 -10.87 62.34 -77.06
C ALA VA 106 -9.57 61.64 -77.44
N ALA VA 107 -8.49 62.06 -76.78
CA ALA VA 107 -7.16 61.48 -77.03
C ALA VA 107 -6.99 60.24 -76.18
N ARG VA 108 -6.93 59.08 -76.83
CA ARG VA 108 -6.69 57.83 -76.13
C ARG VA 108 -5.21 57.67 -75.82
N ALA VA 109 -4.91 56.79 -74.88
CA ALA VA 109 -3.53 56.48 -74.56
C ALA VA 109 -2.91 55.66 -75.67
N GLY VA 110 -1.69 56.02 -76.06
CA GLY VA 110 -1.00 55.32 -77.13
C GLY VA 110 -1.47 55.66 -78.53
N ALA VA 111 -2.02 56.85 -78.73
CA ALA VA 111 -2.50 57.30 -80.03
C ALA VA 111 -1.69 58.52 -80.47
N ILE VA 112 -1.32 58.54 -81.75
CA ILE VA 112 -0.55 59.67 -82.27
C ILE VA 112 -1.46 60.89 -82.41
N ALA VA 113 -0.83 62.06 -82.39
CA ALA VA 113 -1.56 63.33 -82.45
C ALA VA 113 -1.14 64.13 -83.68
N PRO VA 114 -1.89 64.08 -84.77
CA PRO VA 114 -1.53 64.88 -85.94
C PRO VA 114 -1.76 66.37 -85.75
N CYS VA 115 -2.60 66.77 -84.80
CA CYS VA 115 -2.90 68.16 -84.52
C CYS VA 115 -2.20 68.61 -83.25
N GLU VA 116 -1.97 69.92 -83.15
CA GLU VA 116 -1.32 70.51 -81.99
C GLU VA 116 -2.32 71.37 -81.23
N VAL VA 117 -2.46 71.10 -79.94
CA VAL VA 117 -3.36 71.84 -79.06
C VAL VA 117 -2.58 72.35 -77.87
N THR VA 118 -2.80 73.62 -77.51
CA THR VA 118 -2.12 74.27 -76.40
C THR VA 118 -3.15 74.77 -75.41
N VAL VA 119 -2.97 74.42 -74.14
CA VAL VA 119 -3.89 74.88 -73.10
C VAL VA 119 -3.66 76.36 -72.84
N PRO VA 120 -4.70 77.17 -72.70
CA PRO VA 120 -4.51 78.59 -72.38
C PRO VA 120 -4.47 78.82 -70.88
N ALA VA 121 -4.20 80.08 -70.52
CA ALA VA 121 -4.18 80.49 -69.12
C ALA VA 121 -5.57 81.01 -68.76
N GLN VA 122 -6.40 80.15 -68.18
CA GLN VA 122 -7.75 80.53 -67.82
C GLN VA 122 -8.18 79.71 -66.61
N ASN VA 123 -9.21 80.21 -65.93
CA ASN VA 123 -9.75 79.52 -64.75
C ASN VA 123 -10.37 78.20 -65.19
N THR VA 124 -9.71 77.10 -64.80
CA THR VA 124 -10.22 75.78 -65.17
C THR VA 124 -11.59 75.53 -64.55
N GLY VA 125 -11.75 75.85 -63.26
CA GLY VA 125 -13.05 75.80 -62.61
C GLY VA 125 -13.37 74.52 -61.86
N LEU VA 126 -12.54 73.50 -61.94
CA LEU VA 126 -12.81 72.27 -61.20
C LEU VA 126 -12.30 72.40 -59.78
N GLY VA 127 -12.59 71.38 -58.96
CA GLY VA 127 -12.33 71.43 -57.54
C GLY VA 127 -10.85 71.50 -57.21
N PRO VA 128 -10.53 71.94 -55.98
CA PRO VA 128 -9.14 72.05 -55.52
C PRO VA 128 -8.56 70.75 -54.98
N GLU VA 129 -8.82 69.65 -55.70
CA GLU VA 129 -8.31 68.34 -55.33
C GLU VA 129 -7.65 67.62 -56.49
N LYS VA 130 -7.51 68.26 -57.65
CA LYS VA 130 -6.92 67.66 -58.83
C LYS VA 130 -5.55 68.24 -59.16
N THR VA 131 -4.90 68.88 -58.19
CA THR VA 131 -3.58 69.46 -58.43
C THR VA 131 -2.51 68.40 -58.62
N SER VA 132 -2.78 67.14 -58.25
CA SER VA 132 -1.81 66.08 -58.44
C SER VA 132 -1.48 65.88 -59.91
N PHE VA 133 -2.51 65.90 -60.77
CA PHE VA 133 -2.29 65.76 -62.20
C PHE VA 133 -1.50 66.93 -62.76
N PHE VA 134 -1.81 68.15 -62.32
CA PHE VA 134 -1.04 69.32 -62.76
C PHE VA 134 0.40 69.24 -62.27
N GLN VA 135 0.60 68.82 -61.02
CA GLN VA 135 1.95 68.71 -60.49
C GLN VA 135 2.73 67.60 -61.20
N ALA VA 136 2.06 66.48 -61.52
CA ALA VA 136 2.74 65.39 -62.20
C ALA VA 136 3.23 65.82 -63.58
N LEU VA 137 2.40 66.55 -64.32
CA LEU VA 137 2.79 67.03 -65.65
C LEU VA 137 3.70 68.26 -65.59
N GLY VA 138 3.78 68.92 -64.45
CA GLY VA 138 4.65 70.06 -64.28
C GLY VA 138 4.00 71.42 -64.40
N ILE VA 139 2.68 71.49 -64.53
CA ILE VA 139 1.98 72.76 -64.61
C ILE VA 139 1.83 73.31 -63.19
N THR VA 140 2.38 74.51 -62.96
CA THR VA 140 2.24 75.16 -61.67
C THR VA 140 0.91 75.91 -61.60
N THR VA 141 0.12 75.61 -60.56
CA THR VA 141 -1.20 76.19 -60.41
C THR VA 141 -1.38 76.65 -58.96
N LYS VA 142 -2.26 77.63 -58.79
CA LYS VA 142 -2.63 78.13 -57.48
C LYS VA 142 -4.15 78.25 -57.40
N ILE VA 143 -4.67 78.13 -56.19
CA ILE VA 143 -6.12 78.12 -55.99
C ILE VA 143 -6.64 79.55 -56.07
N SER VA 144 -7.67 79.76 -56.88
CA SER VA 144 -8.31 81.07 -57.05
C SER VA 144 -9.81 80.89 -56.96
N ARG VA 145 -10.43 81.58 -55.99
CA ARG VA 145 -11.87 81.52 -55.79
C ARG VA 145 -12.34 80.09 -55.57
N GLY VA 146 -11.52 79.29 -54.88
CA GLY VA 146 -11.84 77.90 -54.66
C GLY VA 146 -11.74 77.03 -55.90
N THR VA 147 -10.99 77.47 -56.91
CA THR VA 147 -10.82 76.71 -58.14
C THR VA 147 -9.36 76.77 -58.56
N ILE VA 148 -9.00 75.87 -59.48
CA ILE VA 148 -7.63 75.78 -60.00
C ILE VA 148 -7.53 76.66 -61.23
N GLU VA 149 -6.51 77.52 -61.27
CA GLU VA 149 -6.35 78.48 -62.34
C GLU VA 149 -4.96 78.35 -62.95
N ILE VA 150 -4.90 78.41 -64.28
CA ILE VA 150 -3.64 78.31 -65.01
C ILE VA 150 -3.05 79.71 -65.13
N LEU VA 151 -1.81 79.89 -64.66
CA LEU VA 151 -1.23 81.23 -64.61
C LEU VA 151 -0.58 81.62 -65.93
N SER VA 152 -0.19 80.65 -66.75
CA SER VA 152 0.42 80.95 -68.04
C SER VA 152 0.20 79.79 -68.99
N ASP VA 153 0.18 80.09 -70.29
CA ASP VA 153 0.05 79.03 -71.29
C ASP VA 153 1.31 78.17 -71.31
N VAL VA 154 1.10 76.85 -71.41
CA VAL VA 154 2.18 75.89 -71.53
C VAL VA 154 1.86 75.02 -72.74
N GLN VA 155 2.90 74.46 -73.36
CA GLN VA 155 2.71 73.83 -74.65
C GLN VA 155 2.45 72.36 -74.36
N LEU VA 156 1.18 71.96 -74.38
CA LEU VA 156 0.80 70.65 -73.82
C LEU VA 156 1.38 69.52 -74.66
N ILE VA 157 1.27 69.62 -75.99
CA ILE VA 157 1.62 68.52 -76.88
C ILE VA 157 2.07 69.11 -78.21
N LYS VA 158 2.81 68.32 -78.96
CA LYS VA 158 3.31 68.65 -80.30
C LYS VA 158 2.56 67.86 -81.36
N THR VA 159 2.91 68.13 -82.61
CA THR VA 159 2.38 67.36 -83.72
C THR VA 159 3.14 66.04 -83.84
N GLY VA 160 2.40 64.94 -83.95
CA GLY VA 160 2.99 63.65 -84.19
C GLY VA 160 3.88 63.10 -83.09
N ASP VA 161 3.44 63.19 -81.84
CA ASP VA 161 4.17 62.63 -80.72
C ASP VA 161 3.25 61.70 -79.95
N LYS VA 162 3.82 60.98 -78.97
CA LYS VA 162 3.07 60.00 -78.21
C LYS VA 162 2.39 60.66 -77.00
N VAL VA 163 1.13 60.31 -76.78
CA VAL VA 163 0.36 60.82 -75.66
C VAL VA 163 0.61 59.94 -74.44
N GLY VA 164 1.04 60.56 -73.34
CA GLY VA 164 1.26 59.82 -72.12
C GLY VA 164 -0.03 59.37 -71.49
N ALA VA 165 0.06 58.28 -70.71
CA ALA VA 165 -1.12 57.76 -70.03
C ALA VA 165 -1.67 58.75 -69.02
N SER VA 166 -0.78 59.40 -68.26
CA SER VA 166 -1.18 60.42 -67.31
C SER VA 166 -1.36 61.79 -67.95
N GLU VA 167 -1.06 61.92 -69.24
CA GLU VA 167 -1.25 63.18 -69.95
C GLU VA 167 -2.62 63.29 -70.59
N ALA VA 168 -3.19 62.17 -71.04
CA ALA VA 168 -4.50 62.21 -71.67
C ALA VA 168 -5.61 62.47 -70.66
N THR VA 169 -5.40 62.10 -69.39
CA THR VA 169 -6.45 62.28 -68.39
C THR VA 169 -6.67 63.76 -68.07
N LEU VA 170 -5.64 64.60 -68.19
CA LEU VA 170 -5.82 66.03 -68.01
C LEU VA 170 -6.66 66.63 -69.13
N LEU VA 171 -6.57 66.07 -70.33
CA LEU VA 171 -7.47 66.49 -71.40
C LEU VA 171 -8.92 66.24 -71.03
N ASN VA 172 -9.21 65.04 -70.50
CA ASN VA 172 -10.60 64.64 -70.27
C ASN VA 172 -11.25 65.48 -69.17
N MET VA 173 -10.52 65.78 -68.10
CA MET VA 173 -11.12 66.56 -67.02
C MET VA 173 -11.28 68.03 -67.39
N LEU VA 174 -10.42 68.55 -68.25
CA LEU VA 174 -10.47 69.95 -68.65
C LEU VA 174 -11.51 70.23 -69.73
N ASN VA 175 -12.02 69.19 -70.40
CA ASN VA 175 -13.12 69.33 -71.36
C ASN VA 175 -12.77 70.27 -72.52
N ILE VA 176 -11.54 70.17 -73.03
CA ILE VA 176 -11.17 70.93 -74.21
C ILE VA 176 -11.17 70.01 -75.42
N SER VA 177 -11.16 70.62 -76.60
CA SER VA 177 -11.17 69.85 -77.84
C SER VA 177 -9.78 69.32 -78.14
N PRO VA 178 -9.59 68.01 -78.26
CA PRO VA 178 -8.28 67.47 -78.64
C PRO VA 178 -8.15 67.36 -80.15
N PHE VA 179 -7.09 66.72 -80.62
CA PHE VA 179 -7.01 66.39 -82.03
C PHE VA 179 -8.14 65.44 -82.40
N SER VA 180 -8.86 65.76 -83.46
CA SER VA 180 -10.08 65.04 -83.82
C SER VA 180 -10.14 64.88 -85.33
N PHE VA 181 -10.93 63.90 -85.77
CA PHE VA 181 -10.81 63.39 -87.12
C PHE VA 181 -11.91 62.36 -87.37
N GLY VA 182 -12.52 62.45 -88.56
CA GLY VA 182 -13.70 61.67 -88.86
C GLY VA 182 -13.58 60.74 -90.04
N LEU VA 183 -14.70 60.47 -90.71
CA LEU VA 183 -14.75 59.53 -91.83
C LEU VA 183 -14.43 60.29 -93.09
N VAL VA 184 -13.14 60.36 -93.44
CA VAL VA 184 -12.66 61.19 -94.54
C VAL VA 184 -12.70 60.40 -95.84
N ILE VA 185 -13.17 61.06 -96.91
CA ILE VA 185 -13.37 60.39 -98.19
C ILE VA 185 -12.02 60.19 -98.86
N GLN VA 186 -11.84 59.06 -99.52
CA GLN VA 186 -10.64 58.83 -100.32
C GLN VA 186 -10.82 59.33 -101.75
N GLN VA 187 -11.90 58.87 -102.41
CA GLN VA 187 -12.20 59.25 -103.78
C GLN VA 187 -13.64 58.84 -104.05
N VAL VA 188 -14.11 59.13 -105.26
CA VAL VA 188 -15.52 58.96 -105.62
C VAL VA 188 -15.62 58.04 -106.83
N PHE VA 189 -16.85 57.60 -107.09
CA PHE VA 189 -17.13 56.72 -108.23
C PHE VA 189 -18.53 57.05 -108.74
N ASP VA 190 -18.61 57.64 -109.92
CA ASP VA 190 -19.89 58.06 -110.52
C ASP VA 190 -20.06 57.33 -111.85
N ASN VA 191 -20.70 56.16 -111.79
CA ASN VA 191 -21.04 55.39 -113.00
C ASN VA 191 -19.80 55.03 -113.82
N GLY VA 192 -18.69 54.80 -113.12
CA GLY VA 192 -17.45 54.46 -113.80
C GLY VA 192 -16.55 55.65 -114.05
N SER VA 193 -16.35 56.46 -113.01
CA SER VA 193 -15.49 57.64 -113.12
C SER VA 193 -14.79 57.86 -111.79
N ILE VA 194 -13.56 58.36 -111.86
CA ILE VA 194 -12.73 58.65 -110.70
C ILE VA 194 -12.43 60.13 -110.64
N TYR VA 195 -12.74 60.75 -109.52
CA TYR VA 195 -12.43 62.13 -109.22
C TYR VA 195 -11.78 62.21 -107.84
N ASN VA 196 -11.52 63.43 -107.38
CA ASN VA 196 -10.91 63.64 -106.08
C ASN VA 196 -11.88 63.28 -104.96
N PRO WA 1 -22.38 78.95 -69.67
CA PRO WA 1 -22.90 77.58 -69.80
C PRO WA 1 -24.33 77.46 -69.27
N ASN WA 2 -25.25 78.21 -69.88
CA ASN WA 2 -26.66 78.23 -69.48
C ASN WA 2 -26.83 78.67 -68.03
N GLU WA 3 -25.90 79.49 -67.54
CA GLU WA 3 -25.88 79.98 -66.16
C GLU WA 3 -25.90 78.90 -65.07
N ILE WA 4 -25.85 77.62 -65.45
CA ILE WA 4 -25.70 76.54 -64.49
C ILE WA 4 -25.42 75.26 -65.25
N LYS WA 5 -24.54 74.42 -64.68
CA LYS WA 5 -24.30 73.08 -65.20
C LYS WA 5 -24.20 72.13 -64.01
N VAL WA 6 -25.30 71.42 -63.75
CA VAL WA 6 -25.40 70.48 -62.64
C VAL WA 6 -25.89 69.16 -63.22
N VAL WA 7 -25.56 68.92 -64.48
CA VAL WA 7 -26.19 67.91 -65.33
C VAL WA 7 -25.98 66.51 -64.74
N TYR WA 8 -25.20 66.41 -63.67
CA TYR WA 8 -24.95 65.12 -63.04
C TYR WA 8 -26.28 64.46 -62.63
N LEU WA 9 -26.36 63.16 -62.88
CA LEU WA 9 -27.59 62.41 -62.68
C LEU WA 9 -27.69 61.90 -61.24
N ARG WA 10 -28.88 61.44 -60.89
CA ARG WA 10 -29.19 60.96 -59.55
C ARG WA 10 -29.99 59.66 -59.67
N CYS WA 11 -29.70 58.73 -58.76
CA CYS WA 11 -30.27 57.39 -58.81
C CYS WA 11 -31.09 57.05 -57.57
N THR WA 12 -32.05 57.90 -57.21
CA THR WA 12 -32.94 57.64 -56.09
C THR WA 12 -34.38 57.86 -56.52
N GLY WA 13 -35.29 57.15 -55.87
CA GLY WA 13 -36.70 57.22 -56.21
C GLY WA 13 -37.54 56.40 -55.27
N GLY WA 14 -38.85 56.44 -55.50
CA GLY WA 14 -39.80 55.71 -54.67
C GLY WA 14 -40.06 56.39 -53.35
N GLU WA 15 -39.63 55.78 -52.25
CA GLU WA 15 -39.72 56.40 -50.94
C GLU WA 15 -38.84 57.65 -50.91
N VAL WA 16 -39.28 58.64 -50.11
CA VAL WA 16 -38.61 59.95 -50.09
C VAL WA 16 -37.13 59.78 -49.78
N GLY WA 17 -36.80 58.94 -48.81
CA GLY WA 17 -35.42 58.68 -48.49
C GLY WA 17 -34.77 59.82 -47.73
N ALA WA 18 -34.60 60.96 -48.40
CA ALA WA 18 -34.05 62.17 -47.79
C ALA WA 18 -32.71 61.88 -47.11
N THR WA 19 -32.74 61.70 -45.79
CA THR WA 19 -31.52 61.39 -45.05
C THR WA 19 -30.93 60.05 -45.48
N SER WA 20 -31.79 59.04 -45.63
CA SER WA 20 -31.31 57.72 -46.05
C SER WA 20 -30.75 57.77 -47.48
N ALA WA 21 -31.14 58.77 -48.26
CA ALA WA 21 -30.61 58.91 -49.60
C ALA WA 21 -29.14 59.32 -49.56
N LEU WA 22 -28.51 59.23 -50.73
CA LEU WA 22 -27.09 59.56 -50.90
C LEU WA 22 -26.88 61.05 -51.20
N ALA WA 23 -27.95 61.84 -51.24
CA ALA WA 23 -27.86 63.25 -51.63
C ALA WA 23 -26.79 64.04 -50.87
N PRO WA 24 -26.62 63.92 -49.55
CA PRO WA 24 -25.53 64.67 -48.90
C PRO WA 24 -24.14 64.29 -49.42
N LYS WA 25 -23.96 63.05 -49.90
CA LYS WA 25 -22.66 62.66 -50.42
C LYS WA 25 -22.32 63.43 -51.69
N ILE WA 26 -23.31 63.66 -52.56
CA ILE WA 26 -23.09 64.34 -53.83
C ILE WA 26 -23.55 65.79 -53.79
N GLY WA 27 -24.10 66.24 -52.66
CA GLY WA 27 -24.56 67.60 -52.52
C GLY WA 27 -23.50 68.68 -52.74
N PRO WA 28 -22.31 68.52 -52.15
CA PRO WA 28 -21.28 69.56 -52.32
C PRO WA 28 -20.80 69.76 -53.75
N LEU WA 29 -21.18 68.91 -54.72
CA LEU WA 29 -20.85 69.20 -56.11
C LEU WA 29 -21.49 70.49 -56.59
N GLY WA 30 -22.74 70.74 -56.19
CA GLY WA 30 -23.40 71.98 -56.55
C GLY WA 30 -23.43 72.97 -55.41
N LEU WA 31 -23.54 72.46 -54.19
CA LEU WA 31 -23.59 73.21 -52.94
C LEU WA 31 -24.83 74.08 -52.80
N SER WA 32 -25.70 74.13 -53.81
CA SER WA 32 -26.93 74.91 -53.76
C SER WA 32 -28.08 74.12 -53.16
N PRO WA 33 -28.34 72.86 -53.59
CA PRO WA 33 -29.53 72.15 -53.07
C PRO WA 33 -29.52 71.94 -51.57
N LYS WA 34 -28.53 71.22 -51.05
CA LYS WA 34 -28.45 70.87 -49.62
C LYS WA 34 -29.70 70.07 -49.25
N LYS WA 35 -30.15 70.16 -48.00
CA LYS WA 35 -31.31 69.38 -47.59
C LYS WA 35 -32.60 69.94 -48.16
N VAL WA 36 -32.71 71.25 -48.30
CA VAL WA 36 -33.90 71.83 -48.93
C VAL WA 36 -33.96 71.44 -50.40
N GLY WA 37 -32.81 71.34 -51.05
CA GLY WA 37 -32.80 70.99 -52.46
C GLY WA 37 -33.25 69.56 -52.73
N ASP WA 38 -32.84 68.61 -51.90
CA ASP WA 38 -33.23 67.23 -52.17
C ASP WA 38 -34.68 66.98 -51.81
N ASP WA 39 -35.25 67.77 -50.90
CA ASP WA 39 -36.68 67.66 -50.62
C ASP WA 39 -37.51 68.08 -51.84
N ILE WA 40 -37.21 69.23 -52.42
CA ILE WA 40 -37.91 69.64 -53.64
C ILE WA 40 -37.52 68.78 -54.83
N ALA WA 41 -36.34 68.17 -54.81
CA ALA WA 41 -35.95 67.22 -55.84
C ALA WA 41 -36.60 65.86 -55.66
N LYS WA 42 -37.31 65.66 -54.55
CA LYS WA 42 -37.98 64.40 -54.27
C LYS WA 42 -39.50 64.52 -54.21
N ALA WA 43 -40.02 65.70 -53.85
CA ALA WA 43 -41.46 65.91 -53.83
C ALA WA 43 -42.06 65.75 -55.23
N THR WA 44 -41.38 66.27 -56.24
CA THR WA 44 -41.81 66.10 -57.62
C THR WA 44 -41.33 64.80 -58.24
N GLY WA 45 -40.37 64.13 -57.62
CA GLY WA 45 -39.79 62.92 -58.18
C GLY WA 45 -40.03 61.66 -57.37
N ASP WA 46 -40.97 61.71 -56.42
CA ASP WA 46 -41.34 60.50 -55.68
C ASP WA 46 -41.83 59.41 -56.61
N TRP WA 47 -42.70 59.76 -57.57
CA TRP WA 47 -43.19 58.81 -58.53
C TRP WA 47 -42.50 59.04 -59.87
N LYS WA 48 -42.93 58.30 -60.89
CA LYS WA 48 -42.34 58.35 -62.24
C LYS WA 48 -40.82 58.12 -62.18
N GLY WA 49 -40.43 56.92 -61.76
CA GLY WA 49 -41.26 55.82 -61.28
C GLY WA 49 -41.16 55.70 -59.77
N LEU WA 50 -41.84 54.71 -59.21
CA LEU WA 50 -41.74 54.40 -57.79
C LEU WA 50 -40.57 53.47 -57.48
N ARG WA 51 -39.59 53.40 -58.37
CA ARG WA 51 -38.46 52.48 -58.25
C ARG WA 51 -37.17 53.27 -58.06
N ILE WA 52 -36.06 52.69 -58.52
CA ILE WA 52 -34.73 53.28 -58.38
C ILE WA 52 -34.72 54.68 -59.00
N THR WA 53 -35.42 54.83 -60.12
CA THR WA 53 -35.70 56.12 -60.74
C THR WA 53 -34.41 56.92 -61.00
N VAL WA 54 -33.63 56.40 -61.95
CA VAL WA 54 -32.47 57.14 -62.43
C VAL WA 54 -32.96 58.34 -63.23
N LYS WA 55 -32.43 59.52 -62.90
CA LYS WA 55 -32.94 60.76 -63.47
C LYS WA 55 -31.80 61.75 -63.61
N LEU WA 56 -32.03 62.75 -64.45
CA LEU WA 56 -31.10 63.86 -64.65
C LEU WA 56 -31.74 65.15 -64.16
N THR WA 57 -30.94 66.01 -63.55
CA THR WA 57 -31.44 67.23 -62.92
C THR WA 57 -30.79 68.46 -63.53
N ILE WA 58 -31.58 69.53 -63.64
CA ILE WA 58 -31.11 70.84 -64.07
C ILE WA 58 -31.47 71.84 -62.98
N GLN WA 59 -30.48 72.59 -62.52
CA GLN WA 59 -30.62 73.51 -61.40
C GLN WA 59 -31.28 74.81 -61.86
N ASN WA 60 -32.05 75.41 -60.95
CA ASN WA 60 -32.72 76.69 -61.16
C ASN WA 60 -32.29 77.68 -60.09
N ARG WA 61 -30.97 77.83 -59.92
CA ARG WA 61 -30.36 78.64 -58.88
C ARG WA 61 -30.73 78.11 -57.50
N GLN WA 62 -32.02 78.11 -57.17
CA GLN WA 62 -32.51 77.52 -55.93
C GLN WA 62 -33.35 76.27 -56.15
N ALA WA 63 -34.18 76.26 -57.19
CA ALA WA 63 -35.04 75.12 -57.49
C ALA WA 63 -34.32 74.14 -58.41
N GLN WA 64 -34.92 72.97 -58.62
CA GLN WA 64 -34.36 71.97 -59.51
C GLN WA 64 -35.48 71.24 -60.23
N ILE WA 65 -35.31 71.05 -61.54
CA ILE WA 65 -36.21 70.22 -62.34
C ILE WA 65 -35.59 68.84 -62.49
N GLU WA 66 -36.42 67.81 -62.55
CA GLU WA 66 -35.91 66.44 -62.63
C GLU WA 66 -36.51 65.80 -63.87
N VAL WA 67 -35.68 65.53 -64.87
CA VAL WA 67 -36.09 64.80 -66.05
C VAL WA 67 -35.67 63.34 -65.86
N VAL WA 68 -36.60 62.42 -66.04
CA VAL WA 68 -36.35 61.00 -65.85
C VAL WA 68 -36.20 60.36 -67.22
N PRO WA 69 -35.00 59.91 -67.61
CA PRO WA 69 -34.85 59.27 -68.93
C PRO WA 69 -35.69 58.01 -69.03
N SER WA 70 -36.15 57.74 -70.26
CA SER WA 70 -37.06 56.63 -70.52
C SER WA 70 -36.28 55.31 -70.55
N ALA WA 71 -35.70 54.98 -69.41
CA ALA WA 71 -34.97 53.72 -69.29
C ALA WA 71 -35.95 52.55 -69.32
N SER WA 72 -35.57 51.49 -70.05
CA SER WA 72 -36.48 50.37 -70.25
C SER WA 72 -36.81 49.68 -68.93
N ALA WA 73 -35.78 49.33 -68.16
CA ALA WA 73 -36.03 48.71 -66.85
C ALA WA 73 -36.72 49.66 -65.90
N LEU WA 74 -36.46 50.96 -66.03
CA LEU WA 74 -37.12 51.95 -65.18
C LEU WA 74 -38.62 51.99 -65.43
N ILE WA 75 -39.03 51.94 -66.69
CA ILE WA 75 -40.44 52.07 -67.02
C ILE WA 75 -41.17 50.74 -67.00
N ILE WA 76 -40.50 49.64 -67.33
CA ILE WA 76 -41.17 48.34 -67.30
C ILE WA 76 -41.41 47.90 -65.86
N LYS WA 77 -40.52 48.25 -64.94
CA LYS WA 77 -40.73 47.91 -63.53
C LYS WA 77 -41.80 48.79 -62.91
N ALA WA 78 -41.88 50.06 -63.32
CA ALA WA 78 -42.96 50.92 -62.84
C ALA WA 78 -44.32 50.41 -63.29
N LEU WA 79 -44.41 49.93 -64.54
CA LEU WA 79 -45.66 49.39 -65.03
C LEU WA 79 -46.02 48.10 -64.32
N LYS WA 80 -45.03 47.27 -63.99
CA LYS WA 80 -45.27 46.03 -63.27
C LYS WA 80 -45.68 46.35 -61.84
N GLU WA 81 -46.83 45.83 -61.42
CA GLU WA 81 -47.35 46.08 -60.09
C GLU WA 81 -47.23 44.84 -59.20
N ILE WA 82 -48.78 37.94 -69.56
CA ILE WA 82 -49.28 39.18 -70.16
C ILE WA 82 -48.48 39.61 -71.38
N THR WA 83 -49.21 39.87 -72.48
CA THR WA 83 -48.59 40.37 -73.70
C THR WA 83 -48.27 41.86 -73.59
N PHE WA 84 -49.19 42.62 -72.99
CA PHE WA 84 -49.06 44.05 -72.68
C PHE WA 84 -48.32 44.81 -73.78
N ASP WA 85 -48.63 44.44 -75.04
CA ASP WA 85 -48.05 45.12 -76.19
C ASP WA 85 -48.58 46.54 -76.31
N GLU WA 86 -49.78 46.80 -75.79
CA GLU WA 86 -50.35 48.13 -75.89
C GLU WA 86 -49.62 49.12 -74.99
N ILE WA 87 -49.24 48.71 -73.78
CA ILE WA 87 -48.61 49.65 -72.86
C ILE WA 87 -47.22 50.02 -73.35
N VAL WA 88 -46.52 49.11 -74.01
CA VAL WA 88 -45.19 49.40 -74.53
C VAL WA 88 -45.28 50.10 -75.90
N ASN WA 89 -46.35 49.85 -76.66
CA ASN WA 89 -46.58 50.55 -77.92
C ASN WA 89 -46.42 52.07 -77.76
N ILE WA 90 -47.24 52.66 -76.89
CA ILE WA 90 -47.26 54.10 -76.69
C ILE WA 90 -46.16 54.59 -75.75
N ALA WA 91 -45.47 53.69 -75.06
CA ALA WA 91 -44.45 54.09 -74.11
C ALA WA 91 -43.08 54.28 -74.75
N ARG WA 92 -42.92 53.93 -76.03
CA ARG WA 92 -41.66 54.11 -76.73
C ARG WA 92 -41.68 55.32 -77.64
N GLN WA 93 -42.62 56.24 -77.44
CA GLN WA 93 -42.87 57.28 -78.42
C GLN WA 93 -42.10 58.54 -78.07
N MET WA 94 -42.17 58.93 -76.79
CA MET WA 94 -41.48 60.07 -76.21
C MET WA 94 -39.99 59.82 -75.95
N ARG WA 95 -39.55 58.57 -75.97
CA ARG WA 95 -38.17 58.27 -75.61
C ARG WA 95 -37.21 58.82 -76.68
N HIS WA 96 -35.93 58.77 -76.37
CA HIS WA 96 -34.92 59.19 -77.35
C HIS WA 96 -35.04 58.37 -78.62
N ARG WA 97 -35.25 57.06 -78.47
CA ARG WA 97 -35.56 56.16 -79.58
C ARG WA 97 -34.49 56.19 -80.66
N SER WA 98 -33.22 56.33 -80.26
CA SER WA 98 -32.11 56.23 -81.19
C SER WA 98 -31.79 54.77 -81.47
N LEU WA 99 -31.24 54.07 -80.48
CA LEU WA 99 -31.07 52.63 -80.49
C LEU WA 99 -30.19 52.13 -81.63
N ALA WA 100 -29.55 53.03 -82.38
CA ALA WA 100 -28.91 52.69 -83.65
C ALA WA 100 -29.89 51.98 -84.56
N ARG WA 101 -31.13 52.50 -84.59
CA ARG WA 101 -32.25 51.86 -85.24
C ARG WA 101 -32.17 52.01 -86.76
N GLU WA 102 -33.01 51.24 -87.44
CA GLU WA 102 -33.34 51.45 -88.84
C GLU WA 102 -34.83 51.65 -89.05
N LEU WA 103 -35.68 50.90 -88.35
CA LEU WA 103 -37.12 51.06 -88.41
C LEU WA 103 -37.66 51.10 -86.99
N SER WA 104 -38.94 51.45 -86.86
CA SER WA 104 -39.58 51.42 -85.55
C SER WA 104 -39.75 50.00 -85.02
N GLY WA 105 -39.72 48.99 -85.91
CA GLY WA 105 -39.80 47.63 -85.45
C GLY WA 105 -38.59 47.21 -84.63
N THR WA 106 -37.46 47.87 -84.83
CA THR WA 106 -36.28 47.59 -84.03
C THR WA 106 -36.51 47.94 -82.56
N ILE WA 107 -37.21 49.03 -82.30
CA ILE WA 107 -37.46 49.46 -80.92
C ILE WA 107 -38.32 48.45 -80.19
N LYS WA 108 -39.43 48.02 -80.80
CA LYS WA 108 -40.33 47.10 -80.12
C LYS WA 108 -39.67 45.75 -79.89
N GLU WA 109 -38.83 45.31 -80.83
CA GLU WA 109 -38.08 44.08 -80.61
C GLU WA 109 -37.08 44.23 -79.47
N ILE WA 110 -36.45 45.41 -79.38
CA ILE WA 110 -35.44 45.64 -78.34
C ILE WA 110 -36.06 45.57 -76.96
N LEU WA 111 -37.16 46.31 -76.75
CA LEU WA 111 -37.79 46.28 -75.44
C LEU WA 111 -38.68 45.05 -75.27
N GLY WA 112 -39.20 44.50 -76.36
CA GLY WA 112 -39.84 43.20 -76.29
C GLY WA 112 -38.89 42.11 -75.88
N THR WA 113 -37.59 42.33 -76.04
CA THR WA 113 -36.55 41.44 -75.54
C THR WA 113 -36.04 41.87 -74.18
N ALA WA 114 -35.97 43.18 -73.94
CA ALA WA 114 -35.52 43.69 -72.65
C ALA WA 114 -36.50 43.33 -71.53
N GLN WA 115 -37.74 42.99 -71.87
CA GLN WA 115 -38.74 42.57 -70.91
C GLN WA 115 -38.61 41.09 -70.52
N SER WA 116 -37.50 40.45 -70.89
CA SER WA 116 -37.29 39.06 -70.53
C SER WA 116 -37.07 38.87 -69.03
N VAL WA 117 -36.86 39.95 -68.29
CA VAL WA 117 -36.68 39.87 -66.84
C VAL WA 117 -38.04 39.70 -66.16
N HIS WA 125 -43.18 33.16 -72.94
CA HIS WA 125 -41.91 33.89 -72.95
C HIS WA 125 -41.87 34.92 -74.07
N PRO WA 126 -41.35 36.13 -73.78
CA PRO WA 126 -41.27 37.19 -74.77
C PRO WA 126 -40.11 37.04 -75.75
N HIS WA 127 -39.95 35.84 -76.29
CA HIS WA 127 -38.91 35.58 -77.29
C HIS WA 127 -39.54 34.98 -78.54
N ASP WA 128 -40.60 34.20 -78.36
CA ASP WA 128 -41.32 33.63 -79.50
C ASP WA 128 -41.98 34.72 -80.34
N ILE WA 129 -42.57 35.72 -79.69
CA ILE WA 129 -43.16 36.85 -80.40
C ILE WA 129 -42.11 37.59 -81.22
N ILE WA 130 -40.89 37.71 -80.68
CA ILE WA 130 -39.84 38.47 -81.35
C ILE WA 130 -39.59 37.94 -82.75
N ASP WA 131 -39.66 36.62 -82.93
CA ASP WA 131 -39.58 36.02 -84.26
C ASP WA 131 -40.75 36.45 -85.14
N ASP WA 132 -41.94 35.92 -84.87
CA ASP WA 132 -43.09 36.11 -85.75
C ASP WA 132 -43.94 37.29 -85.30
N ILE WA 133 -43.32 38.47 -85.28
CA ILE WA 133 -44.02 39.71 -84.94
C ILE WA 133 -44.41 40.41 -86.23
N ASN WA 134 -45.69 40.79 -86.34
CA ASN WA 134 -46.20 41.43 -87.54
C ASN WA 134 -47.28 42.47 -87.27
N SER WA 135 -47.94 42.45 -86.12
CA SER WA 135 -48.96 43.44 -85.81
C SER WA 135 -48.31 44.76 -85.41
N GLY WA 136 -48.81 45.85 -85.99
CA GLY WA 136 -48.31 47.16 -85.66
C GLY WA 136 -46.87 47.42 -86.04
N ALA WA 137 -46.44 46.90 -87.19
CA ALA WA 137 -45.05 47.11 -87.63
C ALA WA 137 -44.80 48.56 -87.97
N VAL WA 138 -45.68 49.17 -88.77
CA VAL WA 138 -45.59 50.60 -89.08
C VAL WA 138 -46.72 51.28 -88.33
N GLU WA 139 -46.77 51.04 -87.02
CA GLU WA 139 -47.80 51.61 -86.15
C GLU WA 139 -47.33 52.87 -85.45
N CYS WA 140 -46.08 52.91 -85.04
CA CYS WA 140 -45.52 54.06 -84.33
C CYS WA 140 -45.31 55.25 -85.25
N PRO WA 141 -44.68 55.09 -86.43
CA PRO WA 141 -44.55 56.30 -87.25
C PRO WA 141 -45.82 56.60 -88.05
N GLY ZA 1 -47.82 43.24 98.06
CA GLY ZA 1 -48.38 43.77 99.29
C GLY ZA 1 -47.54 43.50 100.51
N ALA ZA 2 -46.74 44.51 100.92
CA ALA ZA 2 -45.90 44.36 102.10
C ALA ZA 2 -46.73 44.41 103.38
N LEU ZA 3 -47.92 45.00 103.29
CA LEU ZA 3 -48.76 45.23 104.47
C LEU ZA 3 -49.22 43.93 105.10
N ASP ZA 4 -49.42 43.97 106.42
CA ASP ZA 4 -50.01 42.81 107.10
C ASP ZA 4 -51.45 42.59 106.68
N VAL ZA 5 -52.19 43.68 106.44
CA VAL ZA 5 -53.57 43.55 105.96
C VAL ZA 5 -53.58 42.86 104.60
N LEU ZA 6 -52.60 43.16 103.75
CA LEU ZA 6 -52.46 42.51 102.45
C LEU ZA 6 -51.43 41.38 102.56
N GLN ZA 7 -51.82 40.32 103.26
CA GLN ZA 7 -50.99 39.13 103.42
C GLN ZA 7 -51.83 37.89 103.24
N MET ZA 8 -51.19 36.78 102.89
CA MET ZA 8 -51.87 35.49 102.91
C MET ZA 8 -52.37 35.20 104.32
N LYS ZA 9 -53.50 34.53 104.39
CA LYS ZA 9 -54.05 34.04 105.63
C LYS ZA 9 -54.21 32.53 105.53
N GLU ZA 10 -54.37 31.89 106.69
CA GLU ZA 10 -54.36 30.43 106.74
C GLU ZA 10 -55.46 29.83 105.85
N GLU ZA 11 -56.65 30.43 105.87
CA GLU ZA 11 -57.76 29.89 105.09
C GLU ZA 11 -57.45 29.94 103.60
N ASP ZA 12 -56.79 31.01 103.14
CA ASP ZA 12 -56.39 31.10 101.73
C ASP ZA 12 -55.40 30.00 101.38
N VAL ZA 13 -54.43 29.76 102.25
CA VAL ZA 13 -53.45 28.70 102.03
C VAL ZA 13 -54.15 27.35 101.96
N LEU ZA 14 -55.13 27.12 102.82
CA LEU ZA 14 -55.83 25.85 102.83
C LEU ZA 14 -56.56 25.61 101.52
N LYS ZA 15 -57.18 26.66 100.95
CA LYS ZA 15 -57.86 26.49 99.68
C LYS ZA 15 -56.89 26.35 98.51
N PHE ZA 16 -55.75 27.03 98.56
CA PHE ZA 16 -54.68 26.75 97.60
C PHE ZA 16 -54.26 25.29 97.64
N LEU ZA 17 -53.96 24.78 98.83
CA LEU ZA 17 -53.48 23.40 98.92
C LEU ZA 17 -54.57 22.40 98.55
N ALA ZA 18 -55.82 22.70 98.90
CA ALA ZA 18 -56.92 21.80 98.58
C ALA ZA 18 -57.12 21.67 97.07
N ALA ZA 19 -56.99 22.77 96.34
CA ALA ZA 19 -57.19 22.79 94.90
C ALA ZA 19 -55.93 22.42 94.13
N GLY ZA 20 -54.87 22.03 94.82
CA GLY ZA 20 -53.57 21.85 94.17
C GLY ZA 20 -52.81 23.17 94.09
N THR ZA 21 -52.88 23.81 92.91
CA THR ZA 21 -52.41 25.19 92.73
C THR ZA 21 -50.91 25.34 92.95
N HIS ZA 22 -50.31 24.44 93.74
CA HIS ZA 22 -48.87 24.46 93.99
C HIS ZA 22 -48.12 23.38 93.23
N LEU ZA 23 -48.80 22.46 92.58
CA LEU ZA 23 -48.16 21.37 91.85
C LEU ZA 23 -48.07 21.77 90.39
N GLY ZA 24 -46.86 22.14 89.96
CA GLY ZA 24 -46.63 22.52 88.59
C GLY ZA 24 -46.47 21.33 87.67
N GLY ZA 25 -45.92 21.59 86.50
CA GLY ZA 25 -45.64 20.54 85.55
C GLY ZA 25 -44.29 19.88 85.80
N THR ZA 26 -43.97 18.92 84.93
CA THR ZA 26 -42.68 18.26 84.98
C THR ZA 26 -41.61 19.02 84.20
N ASN ZA 27 -41.98 20.09 83.51
CA ASN ZA 27 -41.06 20.90 82.73
C ASN ZA 27 -40.99 22.29 83.33
N LEU ZA 28 -39.80 22.89 83.32
CA LEU ZA 28 -39.58 24.21 83.88
C LEU ZA 28 -39.09 25.17 82.79
N ASP ZA 29 -39.70 26.35 82.77
CA ASP ZA 29 -39.29 27.43 81.88
C ASP ZA 29 -38.27 28.30 82.62
N PHE ZA 30 -37.22 28.71 81.90
CA PHE ZA 30 -36.16 29.48 82.54
C PHE ZA 30 -36.65 30.82 83.05
N GLN ZA 31 -37.71 31.35 82.46
CA GLN ZA 31 -38.32 32.58 82.99
C GLN ZA 31 -39.06 32.31 84.28
N MET ZA 32 -39.60 31.11 84.45
CA MET ZA 32 -40.39 30.75 85.61
C MET ZA 32 -39.56 30.20 86.76
N GLU ZA 33 -38.24 30.10 86.59
CA GLU ZA 33 -37.40 29.49 87.62
C GLU ZA 33 -37.41 30.30 88.91
N GLN ZA 34 -37.35 31.63 88.80
CA GLN ZA 34 -37.28 32.45 90.01
C GLN ZA 34 -38.59 32.44 90.79
N TYR ZA 35 -39.65 31.88 90.21
CA TYR ZA 35 -40.90 31.68 90.95
C TYR ZA 35 -40.99 30.30 91.61
N ILE ZA 36 -40.16 29.34 91.21
CA ILE ZA 36 -40.33 27.98 91.69
C ILE ZA 36 -39.60 27.82 93.03
N TYR ZA 37 -39.98 26.79 93.78
CA TYR ZA 37 -39.39 26.51 95.09
C TYR ZA 37 -38.49 25.29 95.08
N LYS ZA 38 -39.04 24.13 94.76
CA LYS ZA 38 -38.27 22.90 94.70
C LYS ZA 38 -39.03 21.90 93.84
N ARG ZA 39 -38.31 20.88 93.38
CA ARG ZA 39 -38.88 19.82 92.55
C ARG ZA 39 -38.86 18.51 93.32
N LYS ZA 40 -40.01 17.84 93.38
CA LYS ZA 40 -40.15 16.62 94.14
C LYS ZA 40 -39.54 15.44 93.39
N SER ZA 41 -39.42 14.32 94.08
CA SER ZA 41 -38.93 13.09 93.47
C SER ZA 41 -39.87 12.59 92.37
N ASP ZA 42 -41.16 12.90 92.49
CA ASP ZA 42 -42.10 12.63 91.40
C ASP ZA 42 -41.68 13.37 90.12
N GLY ZA 43 -41.03 14.52 90.26
CA GLY ZA 43 -40.67 15.32 89.12
C GLY ZA 43 -41.55 16.53 88.90
N ILE ZA 44 -42.47 16.80 89.81
CA ILE ZA 44 -43.36 17.96 89.72
C ILE ZA 44 -42.72 19.13 90.45
N TYR ZA 45 -42.64 20.26 89.76
CA TYR ZA 45 -42.10 21.46 90.38
C TYR ZA 45 -43.12 22.08 91.33
N ILE ZA 46 -42.64 22.49 92.50
CA ILE ZA 46 -43.47 23.12 93.52
C ILE ZA 46 -43.27 24.62 93.41
N ILE ZA 47 -44.32 25.34 93.05
CA ILE ZA 47 -44.23 26.79 93.01
C ILE ZA 47 -44.16 27.32 94.44
N ASN ZA 48 -43.66 28.53 94.58
CA ASN ZA 48 -43.65 29.20 95.88
C ASN ZA 48 -44.97 29.95 96.04
N LEU ZA 49 -45.75 29.56 97.05
CA LEU ZA 49 -47.08 30.14 97.23
C LEU ZA 49 -47.00 31.62 97.57
N LYS ZA 50 -46.02 32.02 98.38
CA LYS ZA 50 -45.87 33.44 98.70
C LYS ZA 50 -45.59 34.26 97.45
N ARG ZA 51 -44.73 33.73 96.57
CA ARG ZA 51 -44.47 34.40 95.31
C ARG ZA 51 -45.73 34.48 94.46
N THR ZA 52 -46.53 33.42 94.47
CA THR ZA 52 -47.81 33.44 93.76
C THR ZA 52 -48.74 34.49 94.33
N TRP ZA 53 -48.77 34.62 95.66
CA TRP ZA 53 -49.66 35.60 96.28
C TRP ZA 53 -49.25 37.02 95.91
N GLU ZA 54 -47.95 37.32 95.95
CA GLU ZA 54 -47.48 38.66 95.64
C GLU ZA 54 -47.82 39.04 94.20
N LYS ZA 55 -47.54 38.14 93.26
CA LYS ZA 55 -47.89 38.42 91.87
C LYS ZA 55 -49.40 38.56 91.70
N LEU ZA 56 -50.18 37.80 92.46
CA LEU ZA 56 -51.63 37.95 92.41
C LEU ZA 56 -52.06 39.30 92.98
N LEU ZA 57 -51.40 39.74 94.06
CA LEU ZA 57 -51.65 41.10 94.55
C LEU ZA 57 -51.19 42.15 93.55
N LEU ZA 58 -50.06 41.90 92.89
CA LEU ZA 58 -49.58 42.84 91.89
C LEU ZA 58 -50.54 42.94 90.71
N ALA ZA 59 -51.07 41.80 90.26
CA ALA ZA 59 -52.05 41.81 89.18
C ALA ZA 59 -53.33 42.52 89.61
N ALA ZA 60 -53.78 42.29 90.85
CA ALA ZA 60 -54.96 42.98 91.34
C ALA ZA 60 -54.73 44.49 91.39
N ARG ZA 61 -53.52 44.90 91.75
CA ARG ZA 61 -53.19 46.32 91.81
C ARG ZA 61 -53.27 46.95 90.43
N ALA ZA 62 -52.81 46.23 89.41
CA ALA ZA 62 -52.90 46.75 88.04
C ALA ZA 62 -54.35 46.85 87.57
N ILE ZA 63 -55.18 45.88 87.95
CA ILE ZA 63 -56.57 45.86 87.50
C ILE ZA 63 -57.34 47.02 88.11
N VAL ZA 64 -57.19 47.23 89.43
CA VAL ZA 64 -57.88 48.34 90.08
C VAL ZA 64 -57.31 49.69 89.69
N ALA ZA 65 -56.15 49.71 89.03
CA ALA ZA 65 -55.57 50.96 88.56
C ALA ZA 65 -56.32 51.56 87.39
N ILE ZA 66 -57.29 50.83 86.82
CA ILE ZA 66 -58.07 51.28 85.68
C ILE ZA 66 -59.43 51.74 86.17
N GLU ZA 67 -59.77 52.99 85.88
CA GLU ZA 67 -61.02 53.62 86.29
C GLU ZA 67 -62.25 52.96 85.69
N ASN ZA 68 -62.11 52.32 84.54
CA ASN ZA 68 -63.26 51.77 83.81
C ASN ZA 68 -63.28 50.27 84.01
N PRO ZA 69 -64.21 49.74 84.83
CA PRO ZA 69 -64.26 48.29 85.01
C PRO ZA 69 -64.49 47.52 83.71
N ALA ZA 70 -65.29 48.07 82.80
CA ALA ZA 70 -65.55 47.40 81.52
C ALA ZA 70 -64.37 47.47 80.57
N ASP ZA 71 -63.36 48.28 80.87
CA ASP ZA 71 -62.21 48.41 79.99
C ASP ZA 71 -61.36 47.14 79.98
N VAL ZA 72 -61.04 46.62 81.15
CA VAL ZA 72 -60.20 45.42 81.23
C VAL ZA 72 -60.99 44.23 80.67
N SER ZA 73 -60.36 43.49 79.77
CA SER ZA 73 -60.99 42.37 79.11
C SER ZA 73 -60.32 41.07 79.55
N VAL ZA 74 -61.11 40.17 80.11
CA VAL ZA 74 -60.64 38.87 80.58
C VAL ZA 74 -61.08 37.82 79.57
N ILE ZA 75 -60.17 36.92 79.22
CA ILE ZA 75 -60.36 36.00 78.11
C ILE ZA 75 -59.93 34.61 78.55
N SER ZA 76 -60.44 33.61 77.82
CA SER ZA 76 -60.07 32.22 78.06
C SER ZA 76 -60.61 31.39 76.90
N SER ZA 77 -59.72 30.68 76.21
CA SER ZA 77 -60.10 29.87 75.06
C SER ZA 77 -60.29 28.40 75.43
N ARG ZA 78 -60.24 28.06 76.71
CA ARG ZA 78 -60.39 26.69 77.16
C ARG ZA 78 -61.57 26.58 78.11
N ASN ZA 79 -62.28 25.45 78.02
CA ASN ZA 79 -63.46 25.24 78.85
C ASN ZA 79 -63.11 25.34 80.33
N THR ZA 80 -61.93 24.89 80.72
CA THR ZA 80 -61.47 25.01 82.10
C THR ZA 80 -61.00 26.45 82.32
N GLY ZA 81 -61.98 27.35 82.44
CA GLY ZA 81 -61.68 28.76 82.58
C GLY ZA 81 -62.73 29.67 81.97
N GLN ZA 82 -63.50 29.12 81.03
CA GLN ZA 82 -64.60 29.88 80.44
C GLN ZA 82 -65.62 30.28 81.50
N ARG ZA 83 -65.96 29.38 82.42
CA ARG ZA 83 -66.87 29.75 83.49
C ARG ZA 83 -66.23 30.78 84.41
N ALA ZA 84 -64.93 30.64 84.67
CA ALA ZA 84 -64.26 31.54 85.61
C ALA ZA 84 -64.26 32.99 85.10
N VAL ZA 85 -63.98 33.19 83.81
CA VAL ZA 85 -63.94 34.55 83.28
C VAL ZA 85 -65.34 35.17 83.26
N LEU ZA 86 -66.37 34.38 82.96
CA LEU ZA 86 -67.73 34.91 82.99
C LEU ZA 86 -68.09 35.43 84.37
N LYS ZA 87 -67.79 34.66 85.41
CA LYS ZA 87 -68.04 35.12 86.77
C LYS ZA 87 -67.17 36.30 87.15
N PHE ZA 88 -65.90 36.27 86.73
CA PHE ZA 88 -64.99 37.37 87.03
C PHE ZA 88 -65.48 38.66 86.40
N ALA ZA 89 -65.92 38.58 85.14
CA ALA ZA 89 -66.44 39.77 84.47
C ALA ZA 89 -67.72 40.27 85.13
N ALA ZA 90 -68.60 39.36 85.52
CA ALA ZA 90 -69.83 39.76 86.19
C ALA ZA 90 -69.55 40.44 87.52
N ALA ZA 91 -68.62 39.89 88.30
CA ALA ZA 91 -68.33 40.45 89.61
C ALA ZA 91 -67.56 41.76 89.51
N THR ZA 92 -66.55 41.81 88.65
CA THR ZA 92 -65.67 42.97 88.55
C THR ZA 92 -66.08 43.96 87.48
N GLY ZA 93 -67.13 43.66 86.70
CA GLY ZA 93 -67.53 44.54 85.63
C GLY ZA 93 -66.68 44.48 84.39
N ALA ZA 94 -65.80 43.48 84.28
CA ALA ZA 94 -64.90 43.40 83.14
C ALA ZA 94 -65.65 42.92 81.90
N THR ZA 95 -64.94 42.93 80.76
CA THR ZA 95 -65.51 42.48 79.50
C THR ZA 95 -65.02 41.08 79.21
N PRO ZA 96 -65.90 40.07 79.21
CA PRO ZA 96 -65.45 38.69 79.02
C PRO ZA 96 -65.39 38.28 77.55
N ILE ZA 97 -64.43 37.40 77.27
CA ILE ZA 97 -64.34 36.71 76.00
C ILE ZA 97 -64.14 35.24 76.29
N ALA ZA 98 -65.04 34.40 75.81
CA ALA ZA 98 -65.02 32.98 76.10
C ALA ZA 98 -64.95 32.18 74.80
N GLY ZA 99 -64.29 31.02 74.88
CA GLY ZA 99 -64.24 30.14 73.73
C GLY ZA 99 -63.38 30.71 72.62
N ARG ZA 100 -63.91 30.69 71.41
CA ARG ZA 100 -63.17 31.14 70.24
C ARG ZA 100 -62.89 32.64 70.32
N PHE ZA 101 -61.64 33.01 70.09
CA PHE ZA 101 -61.22 34.40 70.03
C PHE ZA 101 -60.91 34.72 68.58
N THR ZA 102 -61.79 35.46 67.93
CA THR ZA 102 -61.61 35.76 66.51
C THR ZA 102 -60.39 36.65 66.31
N PRO ZA 103 -59.47 36.30 65.41
CA PRO ZA 103 -58.31 37.16 65.18
C PRO ZA 103 -58.73 38.50 64.59
N GLY ZA 104 -57.93 39.52 64.90
CA GLY ZA 104 -58.26 40.88 64.51
C GLY ZA 104 -59.23 41.58 65.43
N THR ZA 105 -59.51 41.00 66.60
CA THR ZA 105 -60.41 41.65 67.55
C THR ZA 105 -59.85 42.98 68.03
N PHE ZA 106 -58.56 43.02 68.35
CA PHE ZA 106 -57.92 44.25 68.80
C PHE ZA 106 -57.26 45.03 67.69
N THR ZA 107 -57.15 44.46 66.48
CA THR ZA 107 -56.42 45.10 65.40
C THR ZA 107 -57.33 45.56 64.27
N ASN ZA 108 -58.18 44.69 63.75
CA ASN ZA 108 -59.12 45.07 62.71
C ASN ZA 108 -60.24 45.90 63.32
N GLN ZA 109 -60.38 47.15 62.88
CA GLN ZA 109 -61.31 48.09 63.46
C GLN ZA 109 -62.62 48.20 62.68
N ILE ZA 110 -62.92 47.21 61.84
CA ILE ZA 110 -64.11 47.23 61.00
C ILE ZA 110 -65.24 46.43 61.60
N GLN ZA 111 -64.98 45.19 61.99
CA GLN ZA 111 -66.07 44.32 62.42
C GLN ZA 111 -66.55 44.71 63.82
N ALA ZA 112 -67.81 44.35 64.11
CA ALA ZA 112 -68.46 44.80 65.34
C ALA ZA 112 -67.81 44.22 66.58
N ALA ZA 113 -67.13 43.06 66.45
CA ALA ZA 113 -66.45 42.46 67.59
C ALA ZA 113 -65.19 43.21 67.99
N PHE ZA 114 -64.77 44.20 67.20
CA PHE ZA 114 -63.56 44.96 67.50
C PHE ZA 114 -63.66 45.66 68.84
N ARG ZA 115 -62.64 45.49 69.67
CA ARG ZA 115 -62.54 46.18 70.96
C ARG ZA 115 -61.09 46.55 71.20
N GLU ZA 116 -60.89 47.59 72.00
CA GLU ZA 116 -59.56 48.14 72.27
C GLU ZA 116 -59.39 48.32 73.78
N PRO ZA 117 -59.21 47.24 74.51
CA PRO ZA 117 -59.07 47.33 75.97
C PRO ZA 117 -57.74 47.96 76.36
N ARG ZA 118 -57.69 48.42 77.62
CA ARG ZA 118 -56.47 48.94 78.21
C ARG ZA 118 -55.71 47.91 79.03
N LEU ZA 119 -56.27 46.71 79.19
CA LEU ZA 119 -55.59 45.67 79.94
C LEU ZA 119 -56.12 44.31 79.51
N LEU ZA 120 -55.22 43.34 79.39
CA LEU ZA 120 -55.57 41.99 78.99
C LEU ZA 120 -55.21 41.01 80.10
N VAL ZA 121 -56.14 40.11 80.42
CA VAL ZA 121 -55.89 39.04 81.37
C VAL ZA 121 -56.13 37.72 80.68
N VAL ZA 122 -55.16 36.82 80.78
CA VAL ZA 122 -55.11 35.60 79.98
C VAL ZA 122 -55.09 34.40 80.91
N THR ZA 123 -55.95 33.41 80.62
CA THR ZA 123 -55.96 32.19 81.42
C THR ZA 123 -54.70 31.36 81.18
N ASP ZA 124 -54.31 31.18 79.92
CA ASP ZA 124 -53.16 30.33 79.58
C ASP ZA 124 -52.40 30.97 78.43
N PRO ZA 125 -51.12 31.32 78.63
CA PRO ZA 125 -50.34 31.91 77.53
C PRO ZA 125 -50.21 31.00 76.32
N ARG ZA 126 -50.08 29.69 76.51
CA ARG ZA 126 -50.00 28.78 75.36
C ARG ZA 126 -51.32 28.72 74.61
N ALA ZA 127 -52.42 28.55 75.33
CA ALA ZA 127 -53.72 28.44 74.67
C ALA ZA 127 -54.17 29.78 74.09
N ASP ZA 128 -53.97 30.86 74.83
CA ASP ZA 128 -54.41 32.19 74.41
C ASP ZA 128 -53.27 32.98 73.77
N HIS ZA 129 -52.55 32.35 72.85
CA HIS ZA 129 -51.42 33.03 72.20
C HIS ZA 129 -51.90 34.11 71.25
N GLN ZA 130 -53.03 33.91 70.59
CA GLN ZA 130 -53.51 34.89 69.61
C GLN ZA 130 -53.79 36.25 70.24
N PRO ZA 131 -54.56 36.37 71.33
CA PRO ZA 131 -54.70 37.70 71.95
C PRO ZA 131 -53.40 38.27 72.48
N LEU ZA 132 -52.50 37.42 72.96
CA LEU ZA 132 -51.20 37.91 73.42
C LEU ZA 132 -50.42 38.53 72.27
N THR ZA 133 -50.43 37.89 71.11
CA THR ZA 133 -49.75 38.44 69.94
C THR ZA 133 -50.37 39.75 69.50
N GLU ZA 134 -51.71 39.81 69.43
CA GLU ZA 134 -52.38 41.02 69.00
C GLU ZA 134 -52.17 42.16 69.99
N ALA ZA 135 -51.94 41.84 71.27
CA ALA ZA 135 -51.68 42.87 72.26
C ALA ZA 135 -50.40 43.64 71.93
N SER ZA 136 -49.41 42.94 71.37
CA SER ZA 136 -48.18 43.61 70.95
C SER ZA 136 -48.46 44.65 69.88
N TYR ZA 137 -49.47 44.41 69.04
CA TYR ZA 137 -49.76 45.33 67.96
C TYR ZA 137 -50.46 46.59 68.47
N VAL ZA 138 -51.04 46.52 69.67
CA VAL ZA 138 -52.01 47.51 70.12
C VAL ZA 138 -51.62 48.15 71.47
N ASN ZA 139 -50.37 48.00 71.88
CA ASN ZA 139 -49.86 48.64 73.11
C ASN ZA 139 -50.62 48.17 74.35
N LEU ZA 140 -50.88 46.87 74.42
CA LEU ZA 140 -51.77 46.37 75.47
C LEU ZA 140 -50.98 45.60 76.52
N PRO ZA 141 -50.99 46.02 77.78
CA PRO ZA 141 -50.39 45.22 78.84
C PRO ZA 141 -51.21 43.97 79.13
N THR ZA 142 -50.51 42.90 79.56
CA THR ZA 142 -51.15 41.61 79.75
C THR ZA 142 -50.80 41.01 81.09
N ILE ZA 143 -51.79 40.29 81.65
CA ILE ZA 143 -51.60 39.41 82.81
C ILE ZA 143 -52.03 38.01 82.41
N ALA ZA 144 -51.23 37.03 82.77
CA ALA ZA 144 -51.51 35.64 82.43
C ALA ZA 144 -51.39 34.76 83.66
N LEU ZA 145 -52.18 33.68 83.68
CA LEU ZA 145 -52.14 32.66 84.72
C LEU ZA 145 -51.21 31.56 84.22
N CYS ZA 146 -49.95 31.64 84.62
CA CYS ZA 146 -48.89 30.87 83.99
C CYS ZA 146 -48.50 29.67 84.84
N ASN ZA 147 -48.17 28.58 84.16
CA ASN ZA 147 -47.63 27.39 84.79
C ASN ZA 147 -46.11 27.36 84.62
N THR ZA 148 -45.48 26.35 85.21
CA THR ZA 148 -44.03 26.27 85.21
C THR ZA 148 -43.43 26.04 83.83
N ASP ZA 149 -44.23 25.68 82.83
CA ASP ZA 149 -43.73 25.43 81.49
C ASP ZA 149 -44.32 26.37 80.45
N SER ZA 150 -44.94 27.46 80.88
CA SER ZA 150 -45.59 28.37 79.93
C SER ZA 150 -44.66 29.50 79.53
N PRO ZA 151 -44.60 29.82 78.24
CA PRO ZA 151 -43.75 30.93 77.79
C PRO ZA 151 -44.26 32.27 78.31
N LEU ZA 152 -43.33 33.20 78.49
CA LEU ZA 152 -43.64 34.54 78.97
C LEU ZA 152 -43.22 35.59 77.96
N ARG ZA 153 -43.46 35.33 76.67
CA ARG ZA 153 -43.00 36.25 75.63
C ARG ZA 153 -43.62 37.63 75.79
N TYR ZA 154 -44.93 37.70 75.96
CA TYR ZA 154 -45.62 38.99 76.02
C TYR ZA 154 -46.38 39.15 77.33
N VAL ZA 155 -45.86 38.57 78.41
CA VAL ZA 155 -46.53 38.56 79.71
C VAL ZA 155 -45.79 39.51 80.65
N ASP ZA 156 -46.55 40.18 81.52
CA ASP ZA 156 -45.95 41.17 82.42
C ASP ZA 156 -46.12 40.84 83.89
N ILE ZA 157 -47.33 40.50 84.33
CA ILE ZA 157 -47.56 40.21 85.74
C ILE ZA 157 -47.98 38.75 85.84
N ALA ZA 158 -47.17 37.87 85.26
CA ALA ZA 158 -47.44 36.44 85.26
C ALA ZA 158 -47.60 35.91 86.68
N ILE ZA 159 -48.74 35.29 86.95
CA ILE ZA 159 -49.00 34.64 88.23
C ILE ZA 159 -48.52 33.19 88.10
N PRO ZA 160 -47.54 32.77 88.88
CA PRO ZA 160 -46.89 31.46 88.69
C PRO ZA 160 -47.54 30.37 89.52
N CYS ZA 161 -48.65 29.83 89.02
CA CYS ZA 161 -49.49 28.94 89.80
C CYS ZA 161 -49.83 27.68 89.04
N ASN ZA 162 -50.87 27.70 88.21
CA ASN ZA 162 -51.33 26.52 87.48
C ASN ZA 162 -52.33 26.99 86.43
N ASN ZA 163 -52.56 26.15 85.43
CA ASN ZA 163 -53.56 26.42 84.41
C ASN ZA 163 -54.03 25.11 83.79
N LYS ZA 164 -53.73 24.00 84.45
CA LYS ZA 164 -54.11 22.66 84.00
C LYS ZA 164 -55.31 22.11 84.74
N GLY ZA 165 -55.35 22.24 86.06
CA GLY ZA 165 -56.46 21.72 86.84
C GLY ZA 165 -57.62 22.70 86.87
N ALA ZA 166 -58.84 22.17 86.69
CA ALA ZA 166 -60.02 23.02 86.75
C ALA ZA 166 -60.21 23.62 88.14
N HIS ZA 167 -59.76 22.91 89.18
CA HIS ZA 167 -59.88 23.44 90.53
C HIS ZA 167 -58.97 24.64 90.72
N SER ZA 168 -57.71 24.54 90.30
CA SER ZA 168 -56.77 25.65 90.47
C SER ZA 168 -57.17 26.85 89.61
N VAL ZA 169 -57.62 26.61 88.38
CA VAL ZA 169 -57.94 27.71 87.48
C VAL ZA 169 -59.10 28.54 88.03
N GLY ZA 170 -60.17 27.87 88.45
CA GLY ZA 170 -61.33 28.59 88.96
C GLY ZA 170 -61.10 29.23 90.31
N LEU ZA 171 -60.23 28.63 91.13
CA LEU ZA 171 -60.00 29.16 92.46
C LEU ZA 171 -59.35 30.54 92.41
N MET ZA 172 -58.41 30.74 91.50
CA MET ZA 172 -57.61 31.97 91.49
C MET ZA 172 -58.26 33.08 90.69
N TRP ZA 173 -59.04 32.76 89.66
CA TRP ZA 173 -59.95 33.74 89.10
C TRP ZA 173 -60.90 34.24 90.18
N TRP ZA 174 -61.35 33.35 91.05
CA TRP ZA 174 -62.09 33.76 92.23
C TRP ZA 174 -61.22 34.57 93.18
N MET ZA 175 -59.97 34.13 93.40
CA MET ZA 175 -59.06 34.88 94.25
C MET ZA 175 -58.79 36.26 93.67
N LEU ZA 176 -58.54 36.34 92.37
CA LEU ZA 176 -58.28 37.63 91.74
C LEU ZA 176 -59.52 38.53 91.81
N ALA ZA 177 -60.70 37.96 91.63
CA ALA ZA 177 -61.93 38.73 91.74
C ALA ZA 177 -62.11 39.27 93.15
N ARG ZA 178 -61.81 38.45 94.16
CA ARG ZA 178 -61.92 38.93 95.53
C ARG ZA 178 -60.95 40.07 95.82
N GLU ZA 179 -59.71 39.95 95.37
CA GLU ZA 179 -58.71 40.97 95.71
C GLU ZA 179 -59.04 42.31 95.05
N VAL ZA 180 -59.43 42.30 93.78
CA VAL ZA 180 -59.77 43.55 93.12
C VAL ZA 180 -61.04 44.15 93.73
N LEU ZA 181 -61.95 43.30 94.20
CA LEU ZA 181 -63.14 43.79 94.89
C LEU ZA 181 -62.80 44.28 96.29
N ARG ZA 182 -61.80 43.68 96.93
CA ARG ZA 182 -61.40 44.16 98.26
C ARG ZA 182 -60.63 45.46 98.19
N MET ZA 183 -59.74 45.60 97.19
CA MET ZA 183 -59.02 46.86 97.02
C MET ZA 183 -59.96 47.99 96.65
N ARG ZA 184 -60.98 47.70 95.85
CA ARG ZA 184 -62.02 48.68 95.58
C ARG ZA 184 -63.02 48.71 96.72
N GLY ZA 185 -63.84 49.76 96.73
CA GLY ZA 185 -64.80 49.94 97.81
C GLY ZA 185 -66.03 49.06 97.70
N THR ZA 186 -65.83 47.75 97.70
CA THR ZA 186 -66.93 46.79 97.63
C THR ZA 186 -66.94 45.82 98.79
N ILE ZA 187 -65.77 45.37 99.24
CA ILE ZA 187 -65.64 44.47 100.37
C ILE ZA 187 -64.76 45.14 101.42
N SER ZA 188 -65.05 44.87 102.69
CA SER ZA 188 -64.42 45.60 103.78
C SER ZA 188 -63.21 44.88 104.39
N ARG ZA 189 -62.74 43.80 103.76
CA ARG ZA 189 -61.64 42.92 104.17
C ARG ZA 189 -61.99 42.01 105.34
N GLU ZA 190 -62.89 42.40 106.24
CA GLU ZA 190 -63.04 41.66 107.49
C GLU ZA 190 -63.82 40.37 107.31
N HIS ZA 191 -65.11 40.46 106.99
CA HIS ZA 191 -65.89 39.25 106.85
C HIS ZA 191 -65.58 38.55 105.53
N PRO ZA 192 -65.65 37.21 105.51
CA PRO ZA 192 -65.31 36.48 104.28
C PRO ZA 192 -66.31 36.76 103.17
N TRP ZA 193 -65.83 36.64 101.94
CA TRP ZA 193 -66.66 36.92 100.77
C TRP ZA 193 -67.80 35.92 100.68
N GLU ZA 194 -69.00 36.44 100.36
CA GLU ZA 194 -70.16 35.57 100.25
C GLU ZA 194 -70.12 34.71 98.99
N VAL ZA 195 -69.49 35.20 97.93
CA VAL ZA 195 -69.37 34.46 96.68
C VAL ZA 195 -68.53 33.22 96.95
N MET ZA 196 -69.13 32.04 96.87
CA MET ZA 196 -68.43 30.84 97.29
C MET ZA 196 -67.54 30.36 96.14
N PRO ZA 197 -66.29 29.96 96.40
CA PRO ZA 197 -65.32 29.83 95.29
C PRO ZA 197 -65.72 28.84 94.21
N ASP ZA 198 -66.56 27.86 94.51
CA ASP ZA 198 -66.85 26.88 93.47
C ASP ZA 198 -67.82 27.43 92.43
N LEU ZA 199 -68.29 28.67 92.60
CA LEU ZA 199 -69.05 29.32 91.55
C LEU ZA 199 -68.20 29.54 90.32
N TYR ZA 200 -66.92 29.88 90.51
CA TYR ZA 200 -65.99 30.02 89.41
C TYR ZA 200 -65.48 28.67 88.89
N PHE ZA 201 -65.72 27.59 89.63
CA PHE ZA 201 -65.29 26.28 89.18
C PHE ZA 201 -65.95 25.90 87.87
N TYR ZA 202 -65.15 25.40 86.93
CA TYR ZA 202 -65.68 24.87 85.68
C TYR ZA 202 -66.15 23.44 85.91
N ARG ZA 203 -67.35 23.12 85.42
CA ARG ZA 203 -67.97 21.83 85.66
C ARG ZA 203 -68.01 21.03 84.37
N ASP ZA 204 -67.51 19.81 84.43
CA ASP ZA 204 -67.54 18.90 83.29
C ASP ZA 204 -68.98 18.69 82.84
N PRO ZA 205 -69.29 18.85 81.55
CA PRO ZA 205 -70.67 18.64 81.08
C PRO ZA 205 -71.18 17.22 81.28
N GLU ZA 206 -70.35 16.30 81.78
CA GLU ZA 206 -70.82 14.97 82.15
C GLU ZA 206 -71.52 14.98 83.50
N GLU ZA 207 -71.05 15.84 84.43
CA GLU ZA 207 -71.73 16.01 85.71
C GLU ZA 207 -72.90 16.97 85.64
N ILE ZA 208 -72.93 17.87 84.64
CA ILE ZA 208 -73.95 18.91 84.59
C ILE ZA 208 -75.34 18.35 84.34
N GLU ZA 209 -75.43 17.10 83.87
CA GLU ZA 209 -76.72 16.50 83.54
C GLU ZA 209 -77.18 15.45 84.54
N LYS ZA 210 -76.35 15.11 85.53
CA LYS ZA 210 -76.74 14.13 86.54
C LYS ZA 210 -76.69 14.66 87.96
N GLU ZA 211 -75.89 15.68 88.24
CA GLU ZA 211 -75.79 16.21 89.60
C GLU ZA 211 -77.03 17.01 89.99
N GLU ZA 212 -77.67 17.69 89.04
CA GLU ZA 212 -78.86 18.46 89.37
C GLU ZA 212 -80.06 17.56 89.62
N GLN ZA 213 -80.16 16.42 88.93
CA GLN ZA 213 -81.27 15.51 89.17
C GLN ZA 213 -81.05 14.71 90.44
N ALA ZA 214 -79.80 14.38 90.75
CA ALA ZA 214 -79.51 13.71 92.02
C ALA ZA 214 -79.87 14.59 93.20
N ALA ZA 215 -79.54 15.89 93.12
CA ALA ZA 215 -79.95 16.83 94.16
C ALA ZA 215 -81.47 16.94 94.23
N ALA ZA 216 -82.12 16.95 93.06
CA ALA ZA 216 -83.59 16.99 93.04
C ALA ZA 216 -84.18 15.75 93.70
N GLU ZA 217 -83.59 14.58 93.44
CA GLU ZA 217 -84.06 13.35 94.07
C GLU ZA 217 -83.85 13.39 95.58
N LYS ZA 218 -82.73 13.95 96.04
CA LYS ZA 218 -82.51 14.08 97.47
C LYS ZA 218 -83.47 15.06 98.11
N ALA ZA 219 -83.81 16.14 97.40
CA ALA ZA 219 -84.73 17.13 97.95
C ALA ZA 219 -86.13 16.54 98.13
N VAL ZA 220 -86.63 15.84 97.11
CA VAL ZA 220 -87.97 15.26 97.20
C VAL ZA 220 -88.00 14.12 98.22
N THR ZA 221 -86.92 13.33 98.28
CA THR ZA 221 -86.85 12.21 99.22
C THR ZA 221 -86.02 12.57 100.44
N VAL AB 1 -39.21 -46.79 32.19
CA VAL AB 1 -40.56 -47.33 32.17
C VAL AB 1 -40.97 -47.77 33.57
N VAL AB 2 -40.31 -48.80 34.08
CA VAL AB 2 -40.56 -49.24 35.45
C VAL AB 2 -40.09 -48.16 36.42
N ASP AB 3 -40.94 -47.84 37.39
CA ASP AB 3 -40.59 -46.76 38.32
C ASP AB 3 -39.44 -47.22 39.20
N PRO AB 4 -38.45 -46.36 39.46
CA PRO AB 4 -37.37 -46.76 40.37
C PRO AB 4 -37.82 -46.97 41.80
N PHE AB 5 -38.99 -46.45 42.17
CA PHE AB 5 -39.45 -46.57 43.55
C PHE AB 5 -39.93 -47.97 43.88
N SER AB 6 -40.21 -48.79 42.87
CA SER AB 6 -40.43 -50.21 43.13
C SER AB 6 -39.16 -50.87 43.65
N LYS AB 7 -37.99 -50.41 43.17
CA LYS AB 7 -36.73 -50.95 43.62
C LYS AB 7 -36.23 -50.28 44.89
N LYS AB 8 -37.01 -49.36 45.47
CA LYS AB 8 -36.61 -48.76 46.73
C LYS AB 8 -37.23 -49.52 47.90
N ASP AB 9 -36.46 -49.63 48.98
CA ASP AB 9 -36.92 -50.27 50.19
C ASP AB 9 -36.75 -49.32 51.37
N TRP AB 10 -37.66 -49.40 52.32
CA TRP AB 10 -37.76 -48.43 53.40
C TRP AB 10 -37.01 -48.91 54.64
N TYR AB 11 -36.32 -47.99 55.28
CA TYR AB 11 -35.65 -48.23 56.54
C TYR AB 11 -36.22 -47.31 57.61
N ASP AB 12 -35.85 -47.57 58.86
CA ASP AB 12 -36.27 -46.76 59.99
C ASP AB 12 -35.06 -46.08 60.60
N VAL AB 13 -35.20 -44.79 60.91
CA VAL AB 13 -34.12 -43.99 61.45
C VAL AB 13 -34.29 -43.87 62.96
N LYS AB 14 -33.25 -44.22 63.71
CA LYS AB 14 -33.29 -44.27 65.16
C LYS AB 14 -32.36 -43.24 65.74
N ALA AB 15 -32.85 -42.47 66.70
CA ALA AB 15 -32.08 -41.49 67.45
C ALA AB 15 -31.42 -42.14 68.66
N PRO AB 16 -30.33 -41.55 69.18
CA PRO AB 16 -29.67 -42.14 70.35
C PRO AB 16 -30.54 -42.11 71.61
N ALA AB 17 -30.03 -42.68 72.70
CA ALA AB 17 -30.78 -42.79 73.93
C ALA AB 17 -30.97 -41.45 74.64
N MET AB 18 -30.18 -40.44 74.28
CA MET AB 18 -30.29 -39.12 74.89
C MET AB 18 -31.62 -38.44 74.58
N PHE AB 19 -32.37 -38.92 73.59
CA PHE AB 19 -33.68 -38.41 73.26
C PHE AB 19 -34.72 -39.47 73.59
N ASN AB 20 -35.75 -39.09 74.34
CA ASN AB 20 -36.81 -40.02 74.70
C ASN AB 20 -37.74 -40.38 73.54
N ILE AB 21 -37.67 -39.69 72.41
CA ILE AB 21 -38.41 -40.08 71.21
C ILE AB 21 -37.41 -40.70 70.25
N ARG AB 22 -37.43 -42.03 70.15
CA ARG AB 22 -36.39 -42.75 69.43
C ARG AB 22 -36.62 -42.76 67.93
N ASN AB 23 -37.87 -42.80 67.50
CA ASN AB 23 -38.20 -43.07 66.09
C ASN AB 23 -38.19 -41.74 65.34
N ILE AB 24 -37.07 -41.44 64.68
CA ILE AB 24 -36.95 -40.17 63.95
C ILE AB 24 -37.90 -40.16 62.75
N GLY AB 25 -37.90 -41.23 61.98
CA GLY AB 25 -38.71 -41.28 60.77
C GLY AB 25 -38.27 -42.44 59.90
N LYS AB 26 -38.58 -42.33 58.62
CA LYS AB 26 -38.28 -43.37 57.65
C LYS AB 26 -37.54 -42.80 56.44
N THR AB 27 -36.69 -43.64 55.86
CA THR AB 27 -35.95 -43.29 54.66
C THR AB 27 -35.92 -44.50 53.73
N LEU AB 28 -35.73 -44.24 52.44
CA LEU AB 28 -35.70 -45.31 51.45
C LEU AB 28 -34.40 -45.23 50.64
N VAL AB 29 -34.06 -46.37 50.05
CA VAL AB 29 -32.88 -46.50 49.19
C VAL AB 29 -33.12 -47.69 48.28
N THR AB 30 -32.40 -47.74 47.17
CA THR AB 30 -32.55 -48.85 46.23
C THR AB 30 -31.94 -50.12 46.82
N ARG AB 31 -32.41 -51.28 46.35
CA ARG AB 31 -31.88 -52.53 46.90
C ARG AB 31 -30.41 -52.69 46.55
N THR AB 32 -29.71 -53.46 47.38
CA THR AB 32 -28.31 -53.77 47.12
C THR AB 32 -28.19 -54.55 45.82
N GLN AB 33 -27.59 -53.93 44.81
CA GLN AB 33 -27.33 -54.60 43.54
C GLN AB 33 -25.92 -54.27 43.09
N GLY AB 34 -25.26 -55.26 42.49
CA GLY AB 34 -23.90 -55.05 41.99
C GLY AB 34 -22.97 -54.63 43.10
N THR AB 35 -22.07 -53.70 42.76
CA THR AB 35 -21.17 -53.14 43.78
C THR AB 35 -21.86 -52.12 44.67
N LYS AB 36 -23.01 -51.59 44.23
CA LYS AB 36 -23.75 -50.61 45.02
C LYS AB 36 -24.47 -51.32 46.16
N ILE AB 37 -24.09 -51.01 47.39
CA ILE AB 37 -24.67 -51.62 48.58
C ILE AB 37 -25.61 -50.61 49.23
N ALA AB 38 -26.80 -51.07 49.61
CA ALA AB 38 -27.75 -50.18 50.28
C ALA AB 38 -27.21 -49.71 51.63
N SER AB 39 -26.30 -50.48 52.23
CA SER AB 39 -25.73 -50.09 53.52
C SER AB 39 -24.94 -48.79 53.42
N ASP AB 40 -23.93 -48.77 52.55
CA ASP AB 40 -23.10 -47.57 52.43
C ASP AB 40 -23.81 -46.44 51.72
N GLY AB 41 -24.87 -46.73 50.97
CA GLY AB 41 -25.70 -45.67 50.44
C GLY AB 41 -26.54 -44.98 51.50
N LEU AB 42 -26.85 -45.67 52.59
CA LEU AB 42 -27.56 -45.07 53.71
C LEU AB 42 -26.64 -44.32 54.65
N LYS AB 43 -25.39 -44.75 54.79
CA LYS AB 43 -24.46 -44.07 55.68
C LYS AB 43 -24.11 -42.69 55.13
N GLY AB 44 -23.89 -41.75 56.04
CA GLY AB 44 -23.59 -40.38 55.65
C GLY AB 44 -24.78 -39.50 55.39
N ARG AB 45 -25.95 -39.87 55.90
CA ARG AB 45 -27.17 -39.09 55.72
C ARG AB 45 -27.46 -38.31 57.00
N VAL AB 46 -27.76 -37.02 56.84
CA VAL AB 46 -28.01 -36.13 57.96
C VAL AB 46 -29.50 -35.84 58.04
N PHE AB 47 -30.04 -35.82 59.26
CA PHE AB 47 -31.48 -35.69 59.50
C PHE AB 47 -31.72 -34.50 60.43
N GLU AB 48 -31.90 -33.31 59.85
CA GLU AB 48 -32.23 -32.13 60.64
C GLU AB 48 -33.61 -32.32 61.26
N VAL AB 49 -33.65 -32.57 62.57
CA VAL AB 49 -34.90 -32.78 63.29
C VAL AB 49 -34.96 -31.82 64.47
N SER AB 50 -36.13 -31.23 64.66
CA SER AB 50 -36.34 -30.29 65.75
C SER AB 50 -36.18 -30.98 67.10
N LEU AB 51 -35.85 -30.19 68.12
CA LEU AB 51 -35.72 -30.78 69.46
C LEU AB 51 -37.08 -31.10 70.04
N ALA AB 52 -38.12 -30.37 69.62
CA ALA AB 52 -39.45 -30.59 70.20
C ALA AB 52 -40.03 -31.94 69.83
N ASP AB 53 -39.70 -32.46 68.65
CA ASP AB 53 -40.20 -33.78 68.27
C ASP AB 53 -39.22 -34.89 68.63
N LEU AB 54 -38.07 -34.52 69.22
CA LEU AB 54 -37.13 -35.47 69.80
C LEU AB 54 -37.33 -35.64 71.31
N GLN AB 55 -37.69 -34.57 72.01
CA GLN AB 55 -38.06 -34.64 73.43
C GLN AB 55 -39.57 -34.56 73.56
N ASN AB 56 -40.03 -34.51 74.82
CA ASN AB 56 -41.46 -34.44 75.08
C ASN AB 56 -41.98 -33.02 74.90
N ASP AB 57 -41.61 -32.12 75.80
CA ASP AB 57 -42.10 -30.74 75.79
C ASP AB 57 -40.94 -29.75 75.76
N GLU AB 58 -39.90 -30.05 74.99
CA GLU AB 58 -38.78 -29.14 74.89
C GLU AB 58 -39.07 -28.06 73.84
N VAL AB 59 -38.12 -27.14 73.67
CA VAL AB 59 -38.30 -26.05 72.72
C VAL AB 59 -38.25 -26.59 71.30
N ALA AB 60 -38.80 -25.82 70.37
CA ALA AB 60 -38.89 -26.23 68.98
C ALA AB 60 -37.88 -25.55 68.07
N PHE AB 61 -37.29 -24.44 68.49
CA PHE AB 61 -36.35 -23.72 67.63
C PHE AB 61 -34.98 -24.36 67.58
N ARG AB 62 -34.71 -25.36 68.41
CA ARG AB 62 -33.42 -26.02 68.43
C ARG AB 62 -33.46 -27.26 67.54
N LYS AB 63 -32.55 -27.35 66.58
CA LYS AB 63 -32.51 -28.44 65.63
C LYS AB 63 -31.24 -29.25 65.82
N PHE AB 64 -31.30 -30.52 65.45
CA PHE AB 64 -30.19 -31.44 65.61
C PHE AB 64 -29.90 -32.14 64.29
N LYS AB 65 -28.62 -32.33 63.99
CA LYS AB 65 -28.23 -32.84 62.67
C LYS AB 65 -28.43 -34.35 62.56
N LEU AB 66 -27.94 -35.13 63.54
CA LEU AB 66 -28.19 -36.57 63.60
C LEU AB 66 -27.75 -37.28 62.31
N ILE AB 67 -26.43 -37.45 62.19
CA ILE AB 67 -25.90 -38.22 61.07
C ILE AB 67 -26.00 -39.70 61.39
N THR AB 68 -26.34 -40.49 60.38
CA THR AB 68 -26.36 -41.94 60.53
C THR AB 68 -24.96 -42.52 60.41
N GLU AB 69 -24.69 -43.53 61.22
CA GLU AB 69 -23.36 -44.14 61.28
C GLU AB 69 -23.35 -45.61 60.89
N ASP AB 70 -24.29 -46.40 61.38
CA ASP AB 70 -24.32 -47.83 61.09
C ASP AB 70 -25.77 -48.26 60.95
N VAL AB 71 -25.98 -49.29 60.13
CA VAL AB 71 -27.29 -49.86 59.85
C VAL AB 71 -27.22 -51.37 60.06
N GLN AB 72 -28.15 -51.90 60.84
CA GLN AB 72 -28.41 -53.33 60.90
C GLN AB 72 -29.90 -53.58 60.73
N GLY AB 73 -30.24 -54.53 59.87
CA GLY AB 73 -31.64 -54.79 59.58
C GLY AB 73 -32.27 -53.62 58.87
N LYS AB 74 -33.45 -53.21 59.36
CA LYS AB 74 -34.19 -52.09 58.80
C LYS AB 74 -33.97 -50.79 59.57
N ASN AB 75 -33.09 -50.79 60.56
CA ASN AB 75 -32.87 -49.63 61.40
C ASN AB 75 -31.54 -48.97 61.03
N CYS AB 76 -31.59 -47.66 60.78
CA CYS AB 76 -30.40 -46.85 60.54
C CYS AB 76 -30.06 -46.13 61.84
N LEU AB 77 -29.00 -46.58 62.51
CA LEU AB 77 -28.60 -45.98 63.77
C LEU AB 77 -27.82 -44.70 63.51
N THR AB 78 -28.16 -43.65 64.24
CA THR AB 78 -27.60 -42.32 64.02
C THR AB 78 -26.79 -41.88 65.22
N ASN AB 79 -26.11 -40.75 65.05
CA ASN AB 79 -25.30 -40.15 66.10
C ASN AB 79 -25.36 -38.64 65.96
N PHE AB 80 -25.09 -37.95 67.06
CA PHE AB 80 -25.10 -36.50 67.06
C PHE AB 80 -24.06 -35.96 66.08
N HIS AB 81 -24.47 -34.97 65.27
CA HIS AB 81 -23.59 -34.41 64.27
C HIS AB 81 -23.50 -32.90 64.40
N GLY AB 82 -24.55 -32.28 64.93
CA GLY AB 82 -24.54 -30.84 65.11
C GLY AB 82 -25.89 -30.35 65.59
N MET AB 83 -25.88 -29.11 66.06
CA MET AB 83 -27.07 -28.44 66.58
C MET AB 83 -27.11 -27.03 66.02
N ASP AB 84 -28.30 -26.55 65.72
CA ASP AB 84 -28.47 -25.21 65.18
C ASP AB 84 -29.85 -24.69 65.52
N LEU AB 85 -29.92 -23.40 65.83
CA LEU AB 85 -31.20 -22.73 66.01
C LEU AB 85 -31.85 -22.48 64.66
N THR AB 86 -33.19 -22.50 64.65
CA THR AB 86 -33.91 -22.24 63.43
C THR AB 86 -33.76 -20.77 63.03
N ARG AB 87 -33.99 -20.51 61.74
CA ARG AB 87 -33.74 -19.16 61.21
C ARG AB 87 -34.67 -18.13 61.84
N ASP AB 88 -35.94 -18.47 62.01
CA ASP AB 88 -36.90 -17.48 62.49
C ASP AB 88 -36.60 -17.06 63.93
N LYS AB 89 -36.16 -18.01 64.76
CA LYS AB 89 -35.69 -17.67 66.09
C LYS AB 89 -34.43 -16.81 66.01
N MET AB 90 -33.54 -17.15 65.07
CA MET AB 90 -32.28 -16.43 64.95
C MET AB 90 -32.51 -14.96 64.59
N CYS AB 91 -33.42 -14.71 63.66
CA CYS AB 91 -33.75 -13.36 63.24
C CYS AB 91 -34.67 -12.64 64.23
N SER AB 92 -35.36 -13.38 65.10
CA SER AB 92 -36.28 -12.76 66.04
C SER AB 92 -35.55 -12.05 67.18
N MET AB 93 -34.35 -12.53 67.53
CA MET AB 93 -33.61 -11.98 68.65
C MET AB 93 -32.76 -10.77 68.28
N VAL AB 94 -32.41 -10.63 67.00
CA VAL AB 94 -31.55 -9.54 66.55
C VAL AB 94 -32.37 -8.26 66.44
N LYS AB 95 -32.41 -7.49 67.52
CA LYS AB 95 -33.10 -6.22 67.57
C LYS AB 95 -32.10 -5.07 67.41
N LYS AB 96 -32.64 -3.88 67.09
CA LYS AB 96 -31.85 -2.67 67.13
C LYS AB 96 -31.78 -2.13 68.56
N TRP AB 97 -30.94 -1.10 68.73
CA TRP AB 97 -30.75 -0.43 70.02
C TRP AB 97 -30.29 -1.40 71.10
N GLN AB 98 -29.49 -2.39 70.70
CA GLN AB 98 -28.89 -3.31 71.63
C GLN AB 98 -27.66 -3.93 70.99
N THR AB 99 -26.79 -4.49 71.82
CA THR AB 99 -25.53 -5.06 71.38
C THR AB 99 -25.62 -6.58 71.46
N MET AB 100 -25.27 -7.26 70.37
CA MET AB 100 -25.15 -8.71 70.39
C MET AB 100 -23.68 -9.06 70.60
N ILE AB 101 -23.43 -10.08 71.39
CA ILE AB 101 -22.07 -10.57 71.65
C ILE AB 101 -21.97 -11.99 71.12
N GLU AB 102 -21.02 -12.21 70.23
CA GLU AB 102 -20.83 -13.51 69.61
C GLU AB 102 -19.46 -14.06 69.96
N ALA AB 103 -19.41 -15.38 70.19
CA ALA AB 103 -18.17 -16.05 70.53
C ALA AB 103 -18.20 -17.47 69.98
N HIS AB 104 -17.03 -17.95 69.58
CA HIS AB 104 -16.86 -19.32 69.10
C HIS AB 104 -15.62 -19.91 69.76
N VAL AB 105 -15.65 -21.22 70.01
CA VAL AB 105 -14.52 -21.89 70.64
C VAL AB 105 -14.33 -23.25 69.98
N ASP AB 106 -13.07 -23.68 69.90
CA ASP AB 106 -12.70 -25.04 69.49
C ASP AB 106 -12.31 -25.83 70.73
N VAL AB 107 -13.12 -26.83 71.06
CA VAL AB 107 -12.92 -27.62 72.27
C VAL AB 107 -13.06 -29.10 71.92
N LYS AB 108 -12.16 -29.91 72.48
CA LYS AB 108 -12.13 -31.35 72.29
C LYS AB 108 -12.75 -32.03 73.49
N THR AB 109 -13.68 -32.94 73.24
CA THR AB 109 -14.26 -33.72 74.32
C THR AB 109 -13.30 -34.82 74.76
N THR AB 110 -13.61 -35.43 75.90
CA THR AB 110 -12.84 -36.60 76.34
C THR AB 110 -13.01 -37.77 75.37
N ASP AB 111 -14.17 -37.85 74.71
CA ASP AB 111 -14.43 -38.92 73.75
C ASP AB 111 -13.54 -38.83 72.52
N GLY AB 112 -12.99 -37.65 72.23
CA GLY AB 112 -12.24 -37.45 71.02
C GLY AB 112 -12.97 -36.71 69.91
N TYR AB 113 -14.21 -36.28 70.16
CA TYR AB 113 -14.93 -35.48 69.19
C TYR AB 113 -14.51 -34.02 69.29
N LEU AB 114 -14.19 -33.41 68.15
CA LEU AB 114 -13.85 -31.98 68.10
C LEU AB 114 -15.07 -31.19 67.66
N LEU AB 115 -15.39 -30.14 68.41
CA LEU AB 115 -16.61 -29.38 68.20
C LEU AB 115 -16.32 -27.88 68.20
N ARG AB 116 -16.95 -27.14 67.30
CA ARG AB 116 -17.04 -25.68 67.39
C ARG AB 116 -18.34 -25.31 68.06
N LEU AB 117 -18.24 -24.65 69.19
CA LEU AB 117 -19.40 -24.14 69.89
C LEU AB 117 -19.55 -22.66 69.56
N PHE AB 118 -20.73 -22.29 69.06
CA PHE AB 118 -21.05 -20.90 68.75
C PHE AB 118 -22.07 -20.40 69.76
N CYS AB 119 -21.77 -19.27 70.40
CA CYS AB 119 -22.64 -18.68 71.40
C CYS AB 119 -23.04 -17.28 70.98
N VAL AB 120 -24.25 -16.88 71.35
CA VAL AB 120 -24.75 -15.54 71.12
C VAL AB 120 -25.37 -15.02 72.41
N GLY AB 121 -25.41 -13.69 72.52
CA GLY AB 121 -26.03 -13.05 73.66
C GLY AB 121 -26.34 -11.61 73.32
N PHE AB 122 -27.43 -11.11 73.88
CA PHE AB 122 -27.90 -9.76 73.61
C PHE AB 122 -28.06 -9.01 74.92
N THR AB 123 -27.71 -7.73 74.90
CA THR AB 123 -27.77 -6.91 76.10
C THR AB 123 -29.23 -6.67 76.52
N LYS AB 124 -29.42 -6.56 77.83
CA LYS AB 124 -30.71 -6.28 78.42
C LYS AB 124 -30.98 -4.78 78.46
N LYS AB 125 -32.27 -4.43 78.45
CA LYS AB 125 -32.71 -3.11 78.86
C LYS AB 125 -33.58 -3.27 80.10
N ARG AB 126 -33.34 -2.42 81.09
CA ARG AB 126 -33.98 -2.60 82.38
C ARG AB 126 -35.46 -2.24 82.31
N ASN AB 127 -36.22 -2.83 83.22
CA ASN AB 127 -37.65 -2.52 83.34
C ASN AB 127 -37.89 -1.03 83.57
N ASN AB 128 -37.02 -0.37 84.33
CA ASN AB 128 -37.17 1.06 84.58
C ASN AB 128 -36.32 1.93 83.66
N GLN AB 129 -35.68 1.34 82.65
CA GLN AB 129 -34.77 2.08 81.80
C GLN AB 129 -35.52 3.08 80.92
N ILE AB 130 -35.09 4.33 80.95
CA ILE AB 130 -35.65 5.35 80.08
C ILE AB 130 -34.77 5.58 78.85
N ARG AB 131 -33.49 5.24 78.91
CA ARG AB 131 -32.64 5.38 77.74
C ARG AB 131 -33.09 4.40 76.65
N LYS AB 132 -33.10 4.89 75.41
CA LYS AB 132 -33.59 4.06 74.30
C LYS AB 132 -32.69 2.87 74.05
N THR AB 133 -31.38 3.09 73.97
CA THR AB 133 -30.44 2.05 73.60
C THR AB 133 -29.81 1.42 74.84
N SER AB 134 -29.44 0.15 74.70
CA SER AB 134 -28.77 -0.60 75.76
C SER AB 134 -27.48 -1.17 75.15
N TYR AB 135 -26.47 -0.32 75.06
CA TYR AB 135 -25.21 -0.68 74.43
C TYR AB 135 -24.15 -0.95 75.49
N ALA AB 136 -23.40 -2.03 75.30
CA ALA AB 136 -22.27 -2.36 76.15
C ALA AB 136 -20.99 -1.78 75.57
N GLN AB 137 -20.13 -1.29 76.44
CA GLN AB 137 -18.85 -0.76 75.98
C GLN AB 137 -17.95 -1.89 75.49
N HIS AB 138 -16.92 -1.53 74.74
CA HIS AB 138 -16.10 -2.53 74.06
C HIS AB 138 -15.39 -3.44 75.06
N GLN AB 139 -14.86 -2.88 76.15
CA GLN AB 139 -14.26 -3.73 77.18
C GLN AB 139 -15.28 -4.64 77.81
N GLN AB 140 -16.49 -4.14 78.06
CA GLN AB 140 -17.53 -4.99 78.64
C GLN AB 140 -17.87 -6.15 77.72
N VAL AB 141 -17.92 -5.89 76.42
CA VAL AB 141 -18.17 -6.96 75.46
C VAL AB 141 -17.04 -7.98 75.48
N ARG AB 142 -15.79 -7.49 75.54
CA ARG AB 142 -14.65 -8.40 75.56
C ARG AB 142 -14.63 -9.25 76.82
N GLN AB 143 -14.97 -8.65 77.97
CA GLN AB 143 -15.07 -9.43 79.21
C GLN AB 143 -16.19 -10.45 79.12
N ILE AB 144 -17.32 -10.06 78.51
CA ILE AB 144 -18.41 -11.01 78.31
C ILE AB 144 -17.99 -12.13 77.38
N ARG AB 145 -17.34 -11.78 76.26
CA ARG AB 145 -16.90 -12.79 75.31
C ARG AB 145 -15.87 -13.72 75.94
N LYS AB 146 -14.92 -13.16 76.70
CA LYS AB 146 -13.96 -13.97 77.43
C LYS AB 146 -14.66 -14.86 78.45
N LYS AB 147 -15.61 -14.30 79.19
CA LYS AB 147 -16.31 -15.08 80.22
C LYS AB 147 -17.12 -16.22 79.60
N MET AB 148 -17.82 -15.95 78.50
CA MET AB 148 -18.69 -16.95 77.91
C MET AB 148 -17.98 -17.86 76.92
N MET AB 149 -16.66 -17.71 76.76
CA MET AB 149 -15.82 -18.71 76.09
C MET AB 149 -15.16 -19.66 77.06
N GLU AB 150 -14.69 -19.18 78.22
CA GLU AB 150 -13.96 -20.07 79.12
C GLU AB 150 -14.90 -20.94 79.95
N ILE AB 151 -16.08 -20.43 80.32
CA ILE AB 151 -17.08 -21.28 80.95
C ILE AB 151 -17.88 -22.08 79.95
N MET AB 152 -17.67 -21.83 78.65
CA MET AB 152 -18.26 -22.62 77.58
C MET AB 152 -17.35 -23.73 77.09
N THR AB 153 -16.04 -23.53 77.15
CA THR AB 153 -15.09 -24.61 76.88
C THR AB 153 -14.84 -25.47 78.10
N ARG AB 154 -15.10 -24.95 79.30
CA ARG AB 154 -14.94 -25.74 80.51
C ARG AB 154 -16.05 -26.78 80.64
N GLU AB 155 -17.27 -26.40 80.25
CA GLU AB 155 -18.39 -27.34 80.36
C GLU AB 155 -18.36 -28.45 79.32
N VAL AB 156 -17.42 -28.41 78.38
CA VAL AB 156 -17.31 -29.45 77.36
C VAL AB 156 -16.04 -30.28 77.53
N GLN AB 157 -14.93 -29.65 77.90
CA GLN AB 157 -13.68 -30.39 78.08
C GLN AB 157 -13.79 -31.44 79.18
N THR AB 158 -14.45 -31.10 80.29
CA THR AB 158 -14.48 -32.00 81.44
C THR AB 158 -15.20 -33.30 81.12
N ASN AB 159 -16.32 -33.23 80.41
CA ASN AB 159 -17.18 -34.39 80.26
C ASN AB 159 -17.11 -34.97 78.85
N ASP AB 160 -17.99 -35.93 78.60
CA ASP AB 160 -18.05 -36.73 77.39
C ASP AB 160 -19.22 -36.32 76.51
N LEU AB 161 -19.17 -36.74 75.24
CA LEU AB 161 -20.18 -36.34 74.26
C LEU AB 161 -21.58 -36.70 74.74
N LYS AB 162 -21.72 -37.78 75.52
CA LYS AB 162 -22.99 -38.09 76.15
C LYS AB 162 -23.46 -36.95 77.04
N GLU AB 163 -22.59 -36.49 77.95
CA GLU AB 163 -22.97 -35.43 78.87
C GLU AB 163 -23.09 -34.09 78.16
N VAL AB 164 -22.36 -33.89 77.07
CA VAL AB 164 -22.44 -32.62 76.35
C VAL AB 164 -23.83 -32.44 75.74
N VAL AB 165 -24.39 -33.50 75.17
CA VAL AB 165 -25.64 -33.36 74.42
C VAL AB 165 -26.81 -33.13 75.37
N ASN AB 166 -27.01 -34.02 76.34
CA ASN AB 166 -28.19 -33.92 77.20
C ASN AB 166 -28.17 -32.68 78.07
N LYS AB 167 -27.01 -32.02 78.23
CA LYS AB 167 -26.97 -30.76 78.94
C LYS AB 167 -27.13 -29.55 78.02
N LEU AB 168 -27.07 -29.74 76.70
CA LEU AB 168 -27.39 -28.65 75.79
C LEU AB 168 -28.81 -28.77 75.24
N ILE AB 169 -29.49 -29.90 75.49
CA ILE AB 169 -30.92 -29.99 75.19
C ILE AB 169 -31.72 -28.93 75.95
N PRO AB 170 -31.52 -28.71 77.24
CA PRO AB 170 -32.09 -27.51 77.88
C PRO AB 170 -31.23 -26.27 77.73
N ASP AB 171 -30.12 -26.38 77.00
CA ASP AB 171 -29.18 -25.27 76.80
C ASP AB 171 -28.74 -24.70 78.14
N SER AB 172 -28.35 -25.60 79.04
CA SER AB 172 -27.87 -25.19 80.36
C SER AB 172 -26.60 -24.36 80.25
N ILE AB 173 -25.84 -24.52 79.16
CA ILE AB 173 -24.66 -23.69 78.95
C ILE AB 173 -25.06 -22.24 78.80
N GLY AB 174 -26.12 -21.97 78.03
CA GLY AB 174 -26.59 -20.60 77.90
C GLY AB 174 -27.11 -20.03 79.20
N LYS AB 175 -27.69 -20.86 80.06
CA LYS AB 175 -28.26 -20.37 81.32
C LYS AB 175 -27.18 -19.87 82.26
N ASP AB 176 -26.12 -20.66 82.46
CA ASP AB 176 -25.06 -20.23 83.37
C ASP AB 176 -24.16 -19.17 82.74
N ILE AB 177 -24.05 -19.15 81.40
CA ILE AB 177 -23.38 -18.05 80.74
C ILE AB 177 -24.10 -16.75 81.01
N GLU AB 178 -25.43 -16.76 80.89
CA GLU AB 178 -26.24 -15.60 81.21
C GLU AB 178 -26.11 -15.22 82.69
N LYS AB 179 -26.09 -16.22 83.58
CA LYS AB 179 -25.98 -15.95 85.00
C LYS AB 179 -24.65 -15.29 85.35
N ALA AB 180 -23.57 -15.75 84.73
CA ALA AB 180 -22.25 -15.23 85.07
C ALA AB 180 -22.07 -13.79 84.58
N CYS AB 181 -22.72 -13.42 83.48
CA CYS AB 181 -22.50 -12.12 82.85
C CYS AB 181 -23.38 -11.01 83.44
N GLN AB 182 -24.27 -11.33 84.38
CA GLN AB 182 -25.15 -10.30 84.93
C GLN AB 182 -24.37 -9.23 85.68
N SER AB 183 -23.19 -9.57 86.18
CA SER AB 183 -22.36 -8.61 86.91
C SER AB 183 -21.50 -7.74 86.00
N ILE AB 184 -21.53 -7.99 84.68
CA ILE AB 184 -20.88 -7.13 83.70
C ILE AB 184 -21.90 -6.28 82.97
N TYR AB 185 -22.86 -6.91 82.30
CA TYR AB 185 -23.94 -6.25 81.61
C TYR AB 185 -25.02 -7.32 81.54
N PRO AB 186 -26.26 -7.00 81.90
CA PRO AB 186 -27.31 -8.03 81.87
C PRO AB 186 -27.59 -8.50 80.44
N LEU AB 187 -27.65 -9.81 80.27
CA LEU AB 187 -28.05 -10.47 79.04
C LEU AB 187 -29.27 -11.33 79.27
N HIS AB 188 -30.09 -11.48 78.25
CA HIS AB 188 -31.33 -12.26 78.33
C HIS AB 188 -31.39 -13.37 77.32
N ASP AB 189 -31.06 -13.10 76.06
CA ASP AB 189 -31.45 -13.97 74.96
C ASP AB 189 -30.23 -14.77 74.51
N VAL AB 190 -29.71 -15.55 75.44
CA VAL AB 190 -28.41 -16.20 75.34
C VAL AB 190 -28.62 -17.70 75.14
N PHE AB 191 -28.11 -18.22 74.04
CA PHE AB 191 -28.10 -19.66 73.78
C PHE AB 191 -26.80 -20.02 73.09
N VAL AB 192 -26.53 -21.32 72.99
CA VAL AB 192 -25.49 -21.79 72.10
C VAL AB 192 -26.05 -21.73 70.68
N ARG AB 193 -25.53 -20.80 69.87
CA ARG AB 193 -26.08 -20.52 68.55
C ARG AB 193 -25.96 -21.74 67.65
N LYS AB 194 -24.82 -22.39 67.67
CA LYS AB 194 -24.51 -23.47 66.74
C LYS AB 194 -23.42 -24.34 67.33
N VAL AB 195 -23.48 -25.64 67.02
CA VAL AB 195 -22.33 -26.51 67.26
C VAL AB 195 -22.15 -27.39 66.03
N LYS AB 196 -20.94 -27.45 65.52
CA LYS AB 196 -20.60 -28.25 64.35
C LYS AB 196 -19.39 -29.12 64.67
N MET AB 197 -19.43 -30.37 64.22
CA MET AB 197 -18.38 -31.31 64.51
C MET AB 197 -17.26 -31.18 63.47
N LEU AB 198 -16.03 -31.14 63.96
CA LEU AB 198 -14.86 -31.01 63.10
C LEU AB 198 -14.22 -32.35 62.80
N LYS AB 199 -14.02 -33.18 63.83
CA LYS AB 199 -13.44 -34.49 63.66
C LYS AB 199 -14.17 -35.47 64.58
N LYS AB 200 -14.15 -36.75 64.21
CA LYS AB 200 -14.78 -37.81 64.96
C LYS AB 200 -13.79 -38.95 65.16
N PRO AB 201 -13.91 -39.70 66.27
CA PRO AB 201 -12.86 -40.67 66.66
C PRO AB 201 -13.08 -42.11 66.22
N LYS AB 202 -12.79 -42.41 64.95
CA LYS AB 202 -12.54 -43.75 64.40
C LYS AB 202 -13.80 -44.61 64.27
N PHE AB 203 -14.97 -44.16 64.72
CA PHE AB 203 -16.22 -44.92 64.59
C PHE AB 203 -16.10 -46.32 65.18
N GLU AB 204 -15.91 -46.39 66.50
CA GLU AB 204 -15.99 -47.67 67.18
C GLU AB 204 -17.45 -48.09 67.27
N LEU AB 205 -17.75 -49.32 66.85
CA LEU AB 205 -19.14 -49.77 66.82
C LEU AB 205 -19.69 -49.92 68.24
N GLY AB 206 -18.86 -50.35 69.19
CA GLY AB 206 -19.33 -50.54 70.55
C GLY AB 206 -19.82 -49.26 71.20
N LYS AB 207 -19.10 -48.16 70.98
CA LYS AB 207 -19.53 -46.88 71.57
C LYS AB 207 -20.85 -46.43 70.97
N LEU AB 208 -21.10 -46.75 69.69
CA LEU AB 208 -22.37 -46.39 69.08
C LEU AB 208 -23.51 -47.19 69.69
N MET AB 209 -23.25 -48.44 70.11
CA MET AB 209 -24.31 -49.26 70.67
C MET AB 209 -24.68 -48.78 72.08
N GLU AB 210 -23.70 -48.38 72.89
CA GLU AB 210 -24.00 -47.95 74.24
C GLU AB 210 -24.67 -46.58 74.27
N LEU AB 211 -24.41 -45.74 73.26
CA LEU AB 211 -25.14 -44.47 73.18
C LEU AB 211 -26.53 -44.67 72.59
N HIS AB 212 -26.71 -45.66 71.72
CA HIS AB 212 -28.04 -46.07 71.28
C HIS AB 212 -28.76 -46.99 72.26
N GLY AB 213 -28.08 -47.49 73.28
CA GLY AB 213 -28.72 -48.36 74.24
C GLY AB 213 -28.43 -48.00 75.67
N GLU AB 214 -28.13 -49.01 76.49
CA GLU AB 214 -27.78 -48.78 77.89
C GLU AB 214 -26.32 -48.37 78.01
N GLU BB 1 -68.37 65.22 58.70
CA GLU BB 1 -69.09 64.02 58.30
C GLU BB 1 -68.29 62.75 58.61
N TRP BB 2 -67.18 62.93 59.32
CA TRP BB 2 -66.30 61.83 59.70
C TRP BB 2 -66.73 61.26 61.05
N MET BB 3 -67.26 60.04 61.02
CA MET BB 3 -67.68 59.35 62.23
C MET BB 3 -66.62 58.32 62.59
N PRO BB 4 -65.81 58.54 63.61
CA PRO BB 4 -64.71 57.62 63.90
C PRO BB 4 -65.14 56.42 64.72
N VAL BB 5 -64.39 55.34 64.56
CA VAL BB 5 -64.55 54.14 65.38
C VAL BB 5 -63.20 53.79 66.01
N THR BB 6 -62.81 54.57 67.01
CA THR BB 6 -61.56 54.38 67.75
C THR BB 6 -61.59 55.32 68.94
N LYS BB 7 -61.04 54.89 70.08
CA LYS BB 7 -60.92 55.82 71.20
C LYS BB 7 -60.03 56.99 70.83
N LEU BB 8 -58.92 56.73 70.12
CA LEU BB 8 -58.07 57.81 69.66
C LEU BB 8 -58.78 58.69 68.63
N GLY BB 9 -59.46 58.07 67.66
CA GLY BB 9 -60.20 58.84 66.69
C GLY BB 9 -61.36 59.59 67.33
N ARG BB 10 -61.93 59.02 68.39
CA ARG BB 10 -63.01 59.68 69.11
C ARG BB 10 -62.54 60.96 69.79
N LEU BB 11 -61.40 60.88 70.50
CA LEU BB 11 -60.92 62.02 71.26
C LEU BB 11 -60.41 63.13 70.36
N VAL BB 12 -59.74 62.78 69.27
CA VAL BB 12 -59.20 63.81 68.38
C VAL BB 12 -60.32 64.57 67.67
N LYS BB 13 -61.45 63.91 67.40
CA LYS BB 13 -62.54 64.57 66.70
C LYS BB 13 -63.10 65.74 67.50
N ASP BB 14 -63.28 65.55 68.80
CA ASP BB 14 -63.88 66.56 69.67
C ASP BB 14 -62.84 67.27 70.55
N MET BB 15 -61.67 67.55 69.97
CA MET BB 15 -60.67 68.49 70.49
C MET BB 15 -60.29 68.17 71.94
N LYS BB 16 -60.11 66.88 72.23
CA LYS BB 16 -59.56 66.49 73.52
C LYS BB 16 -58.04 66.41 73.46
N ILE BB 17 -57.51 65.55 72.59
CA ILE BB 17 -56.08 65.52 72.33
C ILE BB 17 -55.70 66.74 71.51
N LYS BB 18 -54.59 67.39 71.89
CA LYS BB 18 -54.21 68.66 71.30
C LYS BB 18 -53.15 68.57 70.21
N SER BB 19 -52.28 67.56 70.24
CA SER BB 19 -51.18 67.48 69.31
C SER BB 19 -50.95 66.05 68.85
N LEU BB 20 -50.46 65.90 67.61
CA LEU BB 20 -50.03 64.60 67.14
C LEU BB 20 -48.88 64.07 67.97
N GLU BB 21 -48.11 64.97 68.60
CA GLU BB 21 -46.94 64.57 69.36
C GLU BB 21 -47.36 63.84 70.62
N GLU BB 22 -48.52 64.22 71.18
CA GLU BB 22 -49.07 63.53 72.33
C GLU BB 22 -49.36 62.07 71.99
N ILE BB 23 -49.88 61.81 70.80
CA ILE BB 23 -50.09 60.44 70.36
C ILE BB 23 -48.76 59.73 70.14
N TYR BB 24 -47.79 60.44 69.56
CA TYR BB 24 -46.48 59.85 69.31
C TYR BB 24 -45.80 59.44 70.61
N LEU BB 25 -45.93 60.28 71.65
CA LEU BB 25 -45.28 60.02 72.92
C LEU BB 25 -45.68 58.65 73.48
N PHE BB 26 -46.97 58.34 73.41
CA PHE BB 26 -47.47 57.08 73.95
C PHE BB 26 -47.44 55.96 72.93
N SER BB 27 -46.91 56.22 71.74
CA SER BB 27 -46.70 55.21 70.70
C SER BB 27 -48.02 54.56 70.28
N LEU BB 28 -49.12 55.28 70.42
CA LEU BB 28 -50.41 54.76 70.03
C LEU BB 28 -50.48 54.60 68.52
N PRO BB 29 -51.05 53.50 68.03
CA PRO BB 29 -51.16 53.32 66.58
C PRO BB 29 -52.24 54.22 65.99
N ILE BB 30 -51.98 54.71 64.78
CA ILE BB 30 -52.93 55.53 64.05
C ILE BB 30 -53.62 54.63 63.03
N LYS BB 31 -54.93 54.47 63.17
CA LYS BB 31 -55.70 53.63 62.27
C LYS BB 31 -56.75 54.39 61.48
N GLU BB 32 -56.84 55.71 61.66
CA GLU BB 32 -57.74 56.54 60.88
C GLU BB 32 -56.95 57.72 60.33
N SER BB 33 -56.88 57.81 59.00
CA SER BB 33 -56.19 58.93 58.37
C SER BB 33 -56.86 60.26 58.66
N GLU BB 34 -58.13 60.24 59.09
CA GLU BB 34 -58.82 61.47 59.43
C GLU BB 34 -58.25 62.11 60.69
N ILE BB 35 -57.41 61.38 61.44
CA ILE BB 35 -56.81 61.94 62.64
C ILE BB 35 -55.78 63.02 62.28
N ILE BB 36 -54.89 62.71 61.33
CA ILE BB 36 -53.78 63.63 61.08
C ILE BB 36 -54.23 64.87 60.33
N ASP BB 37 -55.06 64.74 59.30
CA ASP BB 37 -55.49 65.93 58.56
C ASP BB 37 -56.31 66.87 59.43
N PHE BB 38 -56.79 66.38 60.58
CA PHE BB 38 -57.25 67.25 61.66
C PHE BB 38 -56.06 68.00 62.25
N PHE BB 39 -55.13 67.27 62.87
CA PHE BB 39 -53.98 67.90 63.50
C PHE BB 39 -53.08 68.55 62.47
N LEU BB 40 -52.73 67.83 61.41
CA LEU BB 40 -51.87 68.30 60.34
C LEU BB 40 -52.72 68.33 59.07
N GLY BB 41 -53.37 69.47 58.83
CA GLY BB 41 -54.16 69.67 57.63
C GLY BB 41 -53.79 71.00 57.00
N ALA BB 42 -53.93 71.05 55.67
CA ALA BB 42 -53.55 72.22 54.88
C ALA BB 42 -52.07 72.57 55.01
N SER BB 43 -51.26 71.62 55.49
CA SER BB 43 -49.82 71.79 55.55
C SER BB 43 -49.06 70.62 54.93
N LEU BB 44 -49.72 69.49 54.69
CA LEU BB 44 -49.07 68.35 54.07
C LEU BB 44 -48.95 68.57 52.56
N LYS BB 45 -47.77 68.36 52.02
CA LYS BB 45 -47.59 68.33 50.58
C LYS BB 45 -47.46 66.88 50.13
N ASP BB 46 -48.27 66.50 49.15
CA ASP BB 46 -48.33 65.15 48.63
C ASP BB 46 -47.54 65.10 47.32
N GLU BB 47 -46.68 64.10 47.19
CA GLU BB 47 -45.97 63.87 45.95
C GLU BB 47 -45.85 62.38 45.64
N VAL BB 48 -46.22 62.01 44.43
CA VAL BB 48 -46.10 60.63 43.97
C VAL BB 48 -44.68 60.39 43.51
N LEU BB 49 -44.06 59.33 44.03
CA LEU BB 49 -42.68 58.98 43.70
C LEU BB 49 -42.57 58.14 42.43
N LYS BB 50 -43.38 57.08 42.32
CA LYS BB 50 -43.27 56.19 41.18
C LYS BB 50 -44.57 55.41 41.03
N ILE BB 51 -44.90 55.10 39.79
CA ILE BB 51 -46.07 54.27 39.47
C ILE BB 51 -45.52 53.03 38.76
N MET BB 52 -45.17 52.02 39.53
CA MET BB 52 -44.64 50.83 38.87
C MET BB 52 -45.76 49.83 38.61
N PRO BB 53 -45.86 49.30 37.40
CA PRO BB 53 -46.93 48.33 37.07
C PRO BB 53 -46.52 46.87 37.25
N VAL BB 54 -46.64 46.38 38.48
CA VAL BB 54 -46.41 44.97 38.74
C VAL BB 54 -47.54 44.15 38.14
N GLN BB 55 -47.21 42.94 37.68
CA GLN BB 55 -48.22 42.11 37.06
C GLN BB 55 -48.01 40.64 37.40
N LYS BB 56 -49.13 39.92 37.41
CA LYS BB 56 -49.23 38.52 37.82
C LYS BB 56 -49.58 37.66 36.61
N GLN BB 57 -48.80 36.61 36.38
CA GLN BB 57 -49.12 35.67 35.32
C GLN BB 57 -50.35 34.86 35.69
N THR BB 58 -51.32 34.79 34.77
CA THR BB 58 -52.53 34.00 35.03
C THR BB 58 -52.78 33.03 33.88
N ARG BB 59 -53.97 32.41 33.87
CA ARG BB 59 -54.33 31.51 32.78
C ARG BB 59 -54.42 32.27 31.46
N ALA BB 60 -55.14 33.38 31.44
CA ALA BB 60 -55.37 34.16 30.23
C ALA BB 60 -54.48 35.40 30.30
N GLY BB 61 -53.22 35.23 29.89
CA GLY BB 61 -52.28 36.33 29.91
C GLY BB 61 -51.91 36.73 31.33
N GLN BB 62 -51.35 37.93 31.44
CA GLN BB 62 -50.99 38.50 32.73
C GLN BB 62 -51.90 39.68 33.05
N ARG BB 63 -52.45 39.68 34.26
CA ARG BB 63 -53.20 40.82 34.77
C ARG BB 63 -52.20 41.85 35.27
N THR BB 64 -52.51 43.12 35.05
CA THR BB 64 -51.61 44.21 35.41
C THR BB 64 -52.22 45.04 36.53
N ARG BB 65 -51.46 45.22 37.59
CA ARG BB 65 -51.85 46.10 38.68
C ARG BB 65 -50.79 47.19 38.85
N PHE BB 66 -51.18 48.26 39.53
CA PHE BB 66 -50.33 49.44 39.63
C PHE BB 66 -50.02 49.71 41.09
N LYS BB 67 -48.73 49.87 41.38
CA LYS BB 67 -48.26 50.19 42.72
C LYS BB 67 -47.80 51.65 42.72
N ALA BB 68 -48.32 52.42 43.68
CA ALA BB 68 -47.98 53.83 43.78
C ALA BB 68 -47.23 54.08 45.09
N PHE BB 69 -46.04 54.66 44.97
CA PHE BB 69 -45.26 55.09 46.12
C PHE BB 69 -45.49 56.58 46.32
N VAL BB 70 -46.11 56.94 47.44
CA VAL BB 70 -46.49 58.31 47.73
C VAL BB 70 -45.80 58.75 49.02
N ALA BB 71 -45.11 59.88 48.96
CA ALA BB 71 -44.44 60.46 50.12
C ALA BB 71 -45.09 61.80 50.45
N ILE BB 72 -45.45 61.98 51.72
CA ILE BB 72 -46.13 63.18 52.18
C ILE BB 72 -45.46 63.65 53.47
N GLY BB 73 -45.86 64.83 53.92
CA GLY BB 73 -45.37 65.37 55.17
C GLY BB 73 -45.12 66.86 55.12
N ASP BB 74 -45.45 67.57 56.21
CA ASP BB 74 -45.18 68.99 56.26
C ASP BB 74 -43.67 69.24 56.42
N TYR BB 75 -43.23 70.40 55.95
CA TYR BB 75 -41.81 70.70 55.96
C TYR BB 75 -41.40 71.26 57.31
N ASN BB 76 -41.82 70.60 58.38
CA ASN BB 76 -41.53 71.08 59.74
C ASN BB 76 -41.13 69.97 60.70
N GLY BB 77 -41.10 68.71 60.27
CA GLY BB 77 -40.66 67.65 61.15
C GLY BB 77 -41.51 66.39 61.08
N HIS BB 78 -42.48 66.37 60.18
CA HIS BB 78 -43.34 65.21 59.99
C HIS BB 78 -43.25 64.75 58.54
N VAL BB 79 -43.05 63.45 58.34
CA VAL BB 79 -42.94 62.87 57.01
C VAL BB 79 -43.61 61.49 57.03
N GLY BB 80 -44.07 61.05 55.88
CA GLY BB 80 -44.69 59.75 55.77
C GLY BB 80 -44.55 59.20 54.37
N LEU BB 81 -44.47 57.87 54.28
CA LEU BB 81 -44.35 57.17 53.01
C LEU BB 81 -45.34 56.04 52.98
N GLY BB 82 -46.13 55.96 51.92
CA GLY BB 82 -47.15 54.94 51.78
C GLY BB 82 -47.06 54.26 50.43
N VAL BB 83 -47.33 52.95 50.44
CA VAL BB 83 -47.28 52.14 49.23
C VAL BB 83 -48.59 51.39 49.11
N LYS BB 84 -49.26 51.54 47.97
CA LYS BB 84 -50.55 50.90 47.72
C LYS BB 84 -50.55 50.31 46.30
N CYS BB 85 -51.05 49.08 46.19
CA CYS BB 85 -51.18 48.40 44.92
C CYS BB 85 -52.65 48.17 44.61
N SER BB 86 -53.11 48.67 43.48
CA SER BB 86 -54.49 48.50 43.04
C SER BB 86 -54.49 48.21 41.55
N LYS BB 87 -55.68 48.07 40.98
CA LYS BB 87 -55.82 47.78 39.56
C LYS BB 87 -56.18 49.01 38.73
N GLU BB 88 -56.42 50.15 39.36
CA GLU BB 88 -56.44 51.44 38.67
C GLU BB 88 -55.37 52.34 39.30
N VAL BB 89 -54.82 53.22 38.48
CA VAL BB 89 -53.84 54.18 39.00
C VAL BB 89 -54.50 55.13 39.98
N ALA BB 90 -55.69 55.63 39.65
CA ALA BB 90 -56.36 56.60 40.51
C ALA BB 90 -56.68 56.02 41.88
N THR BB 91 -57.18 54.78 41.91
CA THR BB 91 -57.44 54.13 43.19
C THR BB 91 -56.16 53.85 43.95
N ALA BB 92 -55.07 53.55 43.24
CA ALA BB 92 -53.79 53.34 43.91
C ALA BB 92 -53.27 54.64 44.51
N ILE BB 93 -53.54 55.77 43.87
CA ILE BB 93 -53.05 57.06 44.37
C ILE BB 93 -53.69 57.37 45.71
N ARG BB 94 -55.01 57.26 45.80
CA ARG BB 94 -55.70 57.61 47.04
C ARG BB 94 -55.36 56.63 48.15
N GLY BB 95 -55.21 55.34 47.81
CA GLY BB 95 -54.82 54.36 48.81
C GLY BB 95 -53.43 54.62 49.34
N ALA BB 96 -52.49 54.98 48.46
CA ALA BB 96 -51.13 55.28 48.90
C ALA BB 96 -51.08 56.56 49.73
N ILE BB 97 -51.94 57.53 49.42
CA ILE BB 97 -52.02 58.74 50.23
C ILE BB 97 -52.46 58.40 51.65
N ILE BB 98 -53.50 57.57 51.77
CA ILE BB 98 -54.03 57.22 53.09
C ILE BB 98 -52.97 56.46 53.89
N LEU BB 99 -52.28 55.51 53.26
CA LEU BB 99 -51.26 54.75 53.96
C LEU BB 99 -50.09 55.64 54.37
N ALA BB 100 -49.69 56.57 53.50
CA ALA BB 100 -48.67 57.54 53.88
C ALA BB 100 -49.16 58.41 55.03
N LYS BB 101 -50.45 58.75 55.02
CA LYS BB 101 -51.04 59.50 56.12
C LYS BB 101 -50.98 58.72 57.42
N LEU BB 102 -51.23 57.40 57.38
CA LEU BB 102 -51.20 56.60 58.59
C LEU BB 102 -49.79 56.49 59.15
N SER BB 103 -48.79 56.34 58.30
CA SER BB 103 -47.42 56.16 58.75
C SER BB 103 -46.66 57.48 58.66
N ILE BB 104 -47.06 58.41 59.53
CA ILE BB 104 -46.39 59.69 59.69
C ILE BB 104 -45.61 59.64 60.99
N VAL BB 105 -44.31 59.93 60.91
CA VAL BB 105 -43.44 59.85 62.08
C VAL BB 105 -42.79 61.21 62.31
N PRO BB 106 -42.50 61.58 63.55
CA PRO BB 106 -41.76 62.82 63.81
C PRO BB 106 -40.28 62.65 63.49
N VAL BB 107 -39.68 63.74 63.04
CA VAL BB 107 -38.28 63.75 62.65
C VAL BB 107 -37.53 64.68 63.59
N ARG BB 108 -36.50 64.15 64.24
CA ARG BB 108 -35.69 64.97 65.14
C ARG BB 108 -34.61 65.68 64.35
N ARG BB 109 -34.55 67.00 64.49
CA ARG BB 109 -33.54 67.81 63.84
C ARG BB 109 -32.49 68.23 64.85
N GLY BB 110 -31.22 68.10 64.46
CA GLY BB 110 -30.13 68.47 65.34
C GLY BB 110 -29.28 69.58 64.78
N TYR BB 111 -28.04 69.69 65.27
CA TYR BB 111 -27.11 70.72 64.83
C TYR BB 111 -25.79 70.09 64.44
N TRP BB 112 -25.21 70.58 63.35
CA TRP BB 112 -23.88 70.14 62.97
C TRP BB 112 -22.85 70.55 64.02
N GLY BB 113 -22.99 71.76 64.55
CA GLY BB 113 -22.09 72.27 65.56
C GLY BB 113 -22.41 73.72 65.86
N ASN BB 114 -22.16 74.16 67.10
CA ASN BB 114 -22.48 75.52 67.55
C ASN BB 114 -23.96 75.82 67.32
N LYS BB 115 -24.77 75.14 68.12
CA LYS BB 115 -26.23 75.24 68.04
C LYS BB 115 -26.72 76.66 68.32
N ILE BB 116 -27.09 77.38 67.26
CA ILE BB 116 -27.48 78.78 67.39
C ILE BB 116 -28.99 78.93 67.35
N GLY BB 117 -29.59 78.63 66.19
CA GLY BB 117 -31.02 78.85 66.01
C GLY BB 117 -31.81 77.58 65.89
N LYS BB 118 -32.72 77.54 64.92
CA LYS BB 118 -33.52 76.34 64.70
C LYS BB 118 -32.63 75.22 64.18
N PRO BB 119 -32.82 73.98 64.65
CA PRO BB 119 -32.02 72.86 64.13
C PRO BB 119 -32.28 72.66 62.65
N HIS BB 120 -31.23 72.22 61.95
CA HIS BB 120 -31.28 72.16 60.49
C HIS BB 120 -30.97 70.77 59.95
N THR BB 121 -30.12 70.02 60.65
CA THR BB 121 -29.64 68.73 60.18
C THR BB 121 -30.06 67.64 61.15
N VAL BB 122 -29.71 66.41 60.79
CA VAL BB 122 -29.99 65.25 61.64
C VAL BB 122 -29.13 65.34 62.89
N PRO BB 123 -29.63 64.88 64.05
CA PRO BB 123 -28.82 64.97 65.27
C PRO BB 123 -27.52 64.18 65.21
N CYS BB 124 -27.53 63.05 64.52
CA CYS BB 124 -26.34 62.21 64.40
C CYS BB 124 -26.52 61.35 63.17
N LYS BB 125 -25.42 60.73 62.73
CA LYS BB 125 -25.49 59.87 61.56
C LYS BB 125 -26.30 58.62 61.86
N VAL BB 126 -27.31 58.36 61.03
CA VAL BB 126 -28.23 57.24 61.20
C VAL BB 126 -28.28 56.47 59.89
N THR BB 127 -28.68 55.21 59.99
CA THR BB 127 -28.70 54.31 58.85
C THR BB 127 -30.06 53.67 58.69
N GLY BB 128 -30.59 53.73 57.47
CA GLY BB 128 -31.80 53.04 57.12
C GLY BB 128 -31.47 51.83 56.26
N ARG BB 129 -32.41 50.89 56.18
CA ARG BB 129 -32.04 49.56 55.76
C ARG BB 129 -33.29 48.81 55.32
N CYS BB 130 -33.39 48.58 54.00
CA CYS BB 130 -34.53 47.87 53.41
C CYS BB 130 -34.06 47.13 52.18
N GLY BB 131 -34.28 45.82 52.15
CA GLY BB 131 -33.70 45.01 51.09
C GLY BB 131 -32.19 45.06 51.16
N SER BB 132 -31.55 45.32 50.02
CA SER BB 132 -30.11 45.53 50.00
C SER BB 132 -29.72 46.99 50.03
N VAL BB 133 -30.69 47.90 50.11
CA VAL BB 133 -30.41 49.33 50.08
C VAL BB 133 -30.06 49.79 51.49
N LEU BB 134 -28.89 50.38 51.64
CA LEU BB 134 -28.44 50.96 52.89
C LEU BB 134 -28.29 52.46 52.68
N VAL BB 135 -29.02 53.25 53.47
CA VAL BB 135 -29.02 54.70 53.35
C VAL BB 135 -28.51 55.27 54.67
N ARG BB 136 -27.46 56.08 54.60
CA ARG BB 136 -26.86 56.71 55.76
C ARG BB 136 -26.99 58.22 55.63
N LEU BB 137 -27.58 58.85 56.64
CA LEU BB 137 -27.74 60.29 56.70
C LEU BB 137 -26.71 60.86 57.67
N ILE BB 138 -25.95 61.85 57.22
CA ILE BB 138 -24.81 62.38 57.95
C ILE BB 138 -25.06 63.85 58.21
N PRO BB 139 -24.87 64.34 59.44
CA PRO BB 139 -25.10 65.77 59.71
C PRO BB 139 -24.19 66.64 58.87
N ALA BB 140 -24.74 67.78 58.43
CA ALA BB 140 -24.03 68.71 57.57
C ALA BB 140 -24.18 70.12 58.12
N PRO BB 141 -23.20 70.99 57.87
CA PRO BB 141 -23.28 72.36 58.37
C PRO BB 141 -24.37 73.17 57.67
N ARG BB 142 -24.63 74.35 58.23
CA ARG BB 142 -25.63 75.27 57.70
C ARG BB 142 -25.35 75.61 56.24
N GLY BB 143 -26.42 75.57 55.43
CA GLY BB 143 -26.35 76.03 54.05
C GLY BB 143 -25.92 75.00 53.03
N THR BB 144 -25.55 73.79 53.45
CA THR BB 144 -25.09 72.79 52.50
C THR BB 144 -26.23 72.22 51.67
N GLY BB 145 -27.47 72.29 52.16
CA GLY BB 145 -28.57 71.68 51.46
C GLY BB 145 -28.55 70.17 51.63
N ILE BB 146 -29.43 69.52 50.87
CA ILE BB 146 -29.54 68.07 50.88
C ILE BB 146 -28.74 67.55 49.69
N VAL BB 147 -27.56 67.00 49.96
CA VAL BB 147 -26.75 66.33 48.95
C VAL BB 147 -27.12 64.85 48.99
N SER BB 148 -27.86 64.40 47.97
CA SER BB 148 -28.40 63.06 47.97
C SER BB 148 -28.97 62.77 46.58
N ALA BB 149 -29.44 61.54 46.41
CA ALA BB 149 -30.11 61.15 45.19
C ALA BB 149 -31.48 61.82 45.11
N PRO BB 150 -32.06 61.92 43.90
CA PRO BB 150 -33.34 62.64 43.78
C PRO BB 150 -34.45 62.11 44.67
N VAL BB 151 -34.53 60.79 44.85
CA VAL BB 151 -35.62 60.19 45.60
C VAL BB 151 -35.47 60.50 47.10
N PRO BB 152 -34.33 60.21 47.74
CA PRO BB 152 -34.18 60.65 49.14
C PRO BB 152 -34.24 62.15 49.31
N LYS BB 153 -33.81 62.93 48.32
CA LYS BB 153 -33.75 64.37 48.49
C LYS BB 153 -35.12 64.95 48.75
N LYS BB 154 -36.13 64.54 47.99
CA LYS BB 154 -37.48 65.05 48.22
C LYS BB 154 -38.07 64.49 49.51
N LEU BB 155 -37.68 63.28 49.90
CA LEU BB 155 -38.16 62.72 51.16
C LEU BB 155 -37.54 63.44 52.36
N LEU BB 156 -36.25 63.74 52.28
CA LEU BB 156 -35.63 64.55 53.33
C LEU BB 156 -36.16 65.98 53.33
N MET BB 157 -36.43 66.54 52.15
CA MET BB 157 -36.92 67.92 52.09
C MET BB 157 -38.27 68.06 52.77
N MET BB 158 -39.22 67.20 52.43
CA MET BB 158 -40.52 67.29 53.07
C MET BB 158 -40.51 66.78 54.50
N ALA BB 159 -39.41 66.17 54.94
CA ALA BB 159 -39.28 65.79 56.35
C ALA BB 159 -38.88 66.98 57.22
N GLY BB 160 -38.48 68.09 56.62
CA GLY BB 160 -38.01 69.25 57.33
C GLY BB 160 -36.51 69.38 57.45
N ILE BB 161 -35.75 68.35 57.07
CA ILE BB 161 -34.30 68.42 57.13
C ILE BB 161 -33.81 69.41 56.08
N ASP BB 162 -33.02 70.37 56.52
CA ASP BB 162 -32.51 71.41 55.63
C ASP BB 162 -31.17 71.03 55.02
N ASP BB 163 -30.27 70.47 55.83
CA ASP BB 163 -28.92 70.14 55.40
C ASP BB 163 -28.61 68.71 55.82
N CYS BB 164 -28.01 67.93 54.92
CA CYS BB 164 -27.72 66.54 55.22
C CYS BB 164 -26.79 65.92 54.18
N TYR BB 165 -25.72 65.27 54.63
CA TYR BB 165 -24.92 64.42 53.76
C TYR BB 165 -25.54 63.04 53.70
N THR BB 166 -25.44 62.40 52.54
CA THR BB 166 -26.07 61.10 52.35
C THR BB 166 -25.10 60.17 51.64
N SER BB 167 -25.10 58.91 52.06
CA SER BB 167 -24.35 57.84 51.40
C SER BB 167 -25.27 56.64 51.26
N ALA BB 168 -25.33 56.07 50.06
CA ALA BB 168 -26.21 54.95 49.77
C ALA BB 168 -25.42 53.79 49.20
N ARG BB 169 -25.83 52.58 49.56
CA ARG BB 169 -25.23 51.36 49.04
C ARG BB 169 -26.35 50.39 48.69
N GLY BB 170 -26.12 49.60 47.66
CA GLY BB 170 -27.08 48.61 47.22
C GLY BB 170 -27.76 49.00 45.92
N CYS BB 171 -28.85 48.28 45.62
CA CYS BB 171 -29.61 48.53 44.40
C CYS BB 171 -30.54 49.72 44.64
N THR BB 172 -29.95 50.92 44.59
CA THR BB 172 -30.73 52.14 44.75
C THR BB 172 -31.75 52.31 43.64
N ALA BB 173 -31.56 51.64 42.51
CA ALA BB 173 -32.53 51.66 41.41
C ALA BB 173 -33.86 51.07 41.81
N THR BB 174 -33.91 50.30 42.90
CA THR BB 174 -35.16 49.84 43.48
C THR BB 174 -35.72 50.98 44.32
N LEU BB 175 -36.59 51.79 43.71
CA LEU BB 175 -37.07 53.00 44.37
C LEU BB 175 -37.78 52.69 45.68
N GLY BB 176 -38.62 51.65 45.68
CA GLY BB 176 -39.37 51.33 46.88
C GLY BB 176 -38.47 51.02 48.06
N ASN BB 177 -37.46 50.17 47.84
CA ASN BB 177 -36.52 49.86 48.91
C ASN BB 177 -35.66 51.08 49.25
N PHE BB 178 -35.26 51.84 48.23
CA PHE BB 178 -34.45 53.04 48.46
C PHE BB 178 -35.22 54.09 49.24
N ALA BB 179 -36.48 54.31 48.89
CA ALA BB 179 -37.30 55.26 49.63
C ALA BB 179 -37.63 54.74 51.02
N LYS BB 180 -37.91 53.44 51.14
CA LYS BB 180 -38.27 52.87 52.44
C LYS BB 180 -37.06 52.84 53.37
N ALA BB 181 -35.86 52.63 52.81
CA ALA BB 181 -34.64 52.72 53.61
C ALA BB 181 -34.40 54.14 54.10
N THR BB 182 -34.63 55.13 53.25
CA THR BB 182 -34.53 56.52 53.69
C THR BB 182 -35.57 56.82 54.77
N PHE BB 183 -36.80 56.35 54.57
CA PHE BB 183 -37.84 56.53 55.58
C PHE BB 183 -37.48 55.79 56.87
N ASP BB 184 -36.82 54.64 56.75
CA ASP BB 184 -36.31 53.93 57.93
C ASP BB 184 -35.28 54.77 58.67
N ALA BB 185 -34.32 55.33 57.94
CA ALA BB 185 -33.29 56.15 58.59
C ALA BB 185 -33.89 57.38 59.24
N ILE BB 186 -34.87 58.00 58.57
CA ILE BB 186 -35.52 59.18 59.12
C ILE BB 186 -36.28 58.84 60.39
N SER BB 187 -36.99 57.70 60.39
CA SER BB 187 -37.86 57.36 61.50
C SER BB 187 -37.07 57.15 62.78
N LYS BB 188 -35.90 56.53 62.69
CA LYS BB 188 -35.12 56.23 63.89
C LYS BB 188 -34.26 57.40 64.36
N THR BB 189 -34.59 58.63 63.95
CA THR BB 189 -33.88 59.79 64.47
C THR BB 189 -34.19 60.02 65.96
N TYR BB 190 -35.47 59.95 66.34
CA TYR BB 190 -35.82 59.78 67.76
C TYR BB 190 -35.56 58.40 68.37
N SER BB 191 -35.45 57.33 67.60
CA SER BB 191 -35.10 56.09 68.28
C SER BB 191 -33.68 56.14 68.86
N TYR BB 192 -32.84 57.00 68.34
CA TYR BB 192 -31.45 57.07 68.79
C TYR BB 192 -31.36 57.76 70.15
N LEU BB 193 -30.60 57.15 71.06
CA LEU BB 193 -30.41 57.71 72.40
C LEU BB 193 -29.21 58.65 72.41
N THR BB 194 -29.39 59.83 72.96
CA THR BB 194 -28.39 60.89 72.89
C THR BB 194 -28.24 61.47 74.29
N PRO BB 195 -27.03 61.92 74.66
CA PRO BB 195 -26.82 62.38 76.04
C PRO BB 195 -27.78 63.47 76.53
N ASP BB 196 -28.31 64.32 75.65
CA ASP BB 196 -29.28 65.29 76.12
C ASP BB 196 -30.63 64.66 76.45
N LEU BB 197 -30.83 63.39 76.13
CA LEU BB 197 -32.02 62.64 76.52
C LEU BB 197 -31.75 61.72 77.71
N TRP BB 198 -30.68 61.97 78.44
CA TRP BB 198 -30.30 61.09 79.55
C TRP BB 198 -31.10 61.37 80.82
N LYS BB 199 -31.77 62.52 80.92
CA LYS BB 199 -32.52 62.83 82.11
C LYS BB 199 -33.68 61.86 82.27
N GLU BB 200 -34.06 61.60 83.51
CA GLU BB 200 -35.10 60.63 83.78
C GLU BB 200 -36.47 61.17 83.38
N THR BB 201 -37.22 60.35 82.65
CA THR BB 201 -38.52 60.76 82.15
C THR BB 201 -39.55 60.82 83.27
N VAL BB 202 -40.45 61.79 83.19
CA VAL BB 202 -41.57 61.90 84.09
C VAL BB 202 -42.81 61.48 83.30
N PHE BB 203 -43.41 60.36 83.69
CA PHE BB 203 -44.56 59.84 82.97
C PHE BB 203 -45.78 60.71 83.23
N THR BB 204 -46.53 60.97 82.17
CA THR BB 204 -47.76 61.75 82.25
C THR BB 204 -48.97 60.83 82.11
N LYS BB 205 -50.16 61.41 82.29
CA LYS BB 205 -51.39 60.63 82.15
C LYS BB 205 -51.55 60.16 80.70
N SER BB 206 -51.89 58.89 80.54
CA SER BB 206 -52.18 58.39 79.22
C SER BB 206 -53.47 59.02 78.69
N PRO BB 207 -53.55 59.27 77.38
CA PRO BB 207 -54.79 59.85 76.83
C PRO BB 207 -56.01 59.00 77.10
N TYR BB 208 -55.86 57.68 77.14
CA TYR BB 208 -57.00 56.81 77.38
C TYR BB 208 -57.47 56.89 78.82
N GLN BB 209 -56.56 56.89 79.79
CA GLN BB 209 -56.98 56.92 81.18
C GLN BB 209 -57.30 58.33 81.68
N GLU BB 210 -56.86 59.36 80.96
CA GLU BB 210 -57.15 60.74 81.34
C GLU BB 210 -58.53 61.21 80.90
N PHE BB 211 -58.99 60.76 79.73
CA PHE BB 211 -60.33 61.07 79.24
C PHE BB 211 -61.22 59.84 79.28
N THR BB 212 -60.98 58.93 80.22
CA THR BB 212 -61.78 57.70 80.28
C THR BB 212 -63.23 57.99 80.62
N ASP BB 213 -63.49 59.05 81.39
CA ASP BB 213 -64.87 59.44 81.67
C ASP BB 213 -65.55 59.96 80.42
N HIS BB 214 -64.83 60.78 79.64
CA HIS BB 214 -65.39 61.29 78.39
C HIS BB 214 -65.63 60.15 77.40
N LEU BB 215 -64.73 59.18 77.35
CA LEU BB 215 -64.87 58.07 76.43
C LEU BB 215 -66.09 57.22 76.74
N VAL BB 216 -66.45 57.12 78.02
CA VAL BB 216 -67.62 56.32 78.39
C VAL BB 216 -68.89 56.93 77.79
N LYS BB 217 -69.04 58.25 77.94
CA LYS BB 217 -70.26 58.91 77.48
C LYS BB 217 -70.35 58.91 75.96
N THR BB 218 -69.24 59.24 75.29
CA THR BB 218 -69.28 59.50 73.86
C THR BB 218 -69.01 58.24 73.05
N HIS BB 219 -67.86 57.59 73.29
CA HIS BB 219 -67.50 56.35 72.61
C HIS BB 219 -68.09 55.18 73.37
N THR BB 220 -69.39 54.98 73.18
CA THR BB 220 -70.13 53.91 73.83
C THR BB 220 -70.37 52.74 72.88
N MET CB 1 -112.65 39.95 9.36
CA MET CB 1 -112.96 39.34 8.07
C MET CB 1 -111.73 39.31 7.18
N ALA CB 2 -111.97 39.30 5.86
CA ALA CB 2 -110.86 39.28 4.91
C ALA CB 2 -109.99 40.52 5.00
N VAL CB 3 -110.63 41.68 5.19
CA VAL CB 3 -109.87 42.94 5.25
C VAL CB 3 -108.92 42.94 6.44
N GLN CB 4 -109.38 42.48 7.59
CA GLN CB 4 -108.55 42.45 8.79
C GLN CB 4 -107.40 41.47 8.63
N ILE CB 5 -106.22 41.86 9.13
CA ILE CB 5 -105.09 40.96 9.16
C ILE CB 5 -105.21 40.03 10.36
N SER CB 6 -104.60 38.85 10.25
CA SER CB 6 -104.70 37.85 11.30
C SER CB 6 -103.96 38.30 12.55
N LYS CB 7 -104.42 37.82 13.71
CA LYS CB 7 -103.83 38.22 14.98
C LYS CB 7 -102.34 37.93 15.02
N LYS CB 8 -101.91 36.80 14.45
CA LYS CB 8 -100.49 36.48 14.42
C LYS CB 8 -99.71 37.52 13.65
N ARG CB 9 -100.16 37.84 12.42
CA ARG CB 9 -99.50 38.92 11.68
C ARG CB 9 -99.75 40.28 12.31
N LYS CB 10 -100.92 40.46 12.93
CA LYS CB 10 -101.26 41.76 13.50
C LYS CB 10 -100.34 42.13 14.64
N PHE CB 11 -100.19 41.24 15.62
CA PHE CB 11 -99.36 41.54 16.78
C PHE CB 11 -97.89 41.66 16.41
N VAL CB 12 -97.46 40.96 15.35
CA VAL CB 12 -96.12 41.15 14.83
C VAL CB 12 -95.98 42.54 14.23
N ALA CB 13 -97.01 43.02 13.55
CA ALA CB 13 -96.97 44.34 12.94
C ALA CB 13 -96.80 45.44 13.99
N ASP CB 14 -97.52 45.33 15.11
CA ASP CB 14 -97.43 46.36 16.14
C ASP CB 14 -96.04 46.37 16.75
N GLY CB 15 -95.45 45.19 16.96
CA GLY CB 15 -94.08 45.13 17.42
C GLY CB 15 -93.11 45.70 16.40
N ILE CB 16 -93.38 45.49 15.11
CA ILE CB 16 -92.56 46.12 14.07
C ILE CB 16 -92.69 47.64 14.14
N PHE CB 17 -93.92 48.14 14.30
CA PHE CB 17 -94.12 49.58 14.35
C PHE CB 17 -93.39 50.19 15.54
N LYS CB 18 -93.47 49.54 16.70
CA LYS CB 18 -92.78 50.07 17.88
C LYS CB 18 -91.26 50.04 17.70
N ALA CB 19 -90.73 48.95 17.14
CA ALA CB 19 -89.29 48.88 16.91
C ALA CB 19 -88.83 49.93 15.90
N GLU CB 20 -89.58 50.10 14.82
CA GLU CB 20 -89.24 51.10 13.82
C GLU CB 20 -89.37 52.51 14.39
N LEU CB 21 -90.42 52.76 15.18
CA LEU CB 21 -90.58 54.07 15.80
C LEU CB 21 -89.47 54.35 16.80
N ASN CB 22 -89.08 53.35 17.59
CA ASN CB 22 -88.01 53.52 18.56
C ASN CB 22 -86.69 53.86 17.85
N GLU CB 23 -86.40 53.15 16.77
CA GLU CB 23 -85.15 53.40 16.05
C GLU CB 23 -85.11 54.81 15.48
N PHE CB 24 -86.23 55.27 14.90
CA PHE CB 24 -86.28 56.63 14.37
C PHE CB 24 -86.11 57.66 15.46
N LEU CB 25 -86.78 57.47 16.61
CA LEU CB 25 -86.64 58.42 17.71
C LEU CB 25 -85.26 58.33 18.34
N THR CB 26 -84.67 57.13 18.38
CA THR CB 26 -83.32 57.00 18.93
C THR CB 26 -82.30 57.81 18.13
N ARG CB 27 -82.40 57.76 16.81
CA ARG CB 27 -81.46 58.52 15.98
C ARG CB 27 -81.72 60.02 16.09
N GLU CB 28 -82.99 60.41 16.22
CA GLU CB 28 -83.33 61.83 16.16
C GLU CB 28 -83.17 62.53 17.50
N LEU CB 29 -83.73 61.97 18.56
CA LEU CB 29 -83.70 62.59 19.87
C LEU CB 29 -82.54 62.08 20.72
N ALA CB 30 -81.46 61.61 20.08
CA ALA CB 30 -80.33 61.05 20.83
C ALA CB 30 -79.68 62.10 21.71
N GLU CB 31 -79.35 63.26 21.14
CA GLU CB 31 -78.71 64.31 21.92
C GLU CB 31 -79.68 65.00 22.87
N ASP CB 32 -80.98 64.77 22.70
CA ASP CB 32 -81.96 65.39 23.57
C ASP CB 32 -82.28 64.54 24.79
N GLY CB 33 -81.64 63.38 24.93
CA GLY CB 33 -81.88 62.51 26.06
C GLY CB 33 -83.03 61.55 25.90
N TYR CB 34 -83.31 61.10 24.68
CA TYR CB 34 -84.42 60.17 24.45
C TYR CB 34 -84.18 58.89 25.22
N SER CB 35 -85.13 58.54 26.10
CA SER CB 35 -85.03 57.37 26.95
C SER CB 35 -85.82 56.19 26.40
N GLY CB 36 -87.07 56.41 26.03
CA GLY CB 36 -87.90 55.34 25.51
C GLY CB 36 -89.19 55.92 24.95
N VAL CB 37 -89.98 55.04 24.36
CA VAL CB 37 -91.25 55.41 23.75
C VAL CB 37 -92.33 54.47 24.29
N GLU CB 38 -93.47 55.04 24.69
CA GLU CB 38 -94.62 54.26 25.11
C GLU CB 38 -95.76 54.54 24.13
N VAL CB 39 -96.37 53.46 23.62
CA VAL CB 39 -97.42 53.56 22.62
C VAL CB 39 -98.69 53.01 23.24
N ARG CB 40 -99.58 53.91 23.66
CA ARG CB 40 -100.91 53.52 24.12
C ARG CB 40 -101.85 53.60 22.92
N VAL CB 41 -101.88 52.54 22.13
CA VAL CB 41 -102.72 52.48 20.95
C VAL CB 41 -104.14 52.09 21.37
N THR CB 42 -105.12 52.84 20.90
CA THR CB 42 -106.52 52.54 21.09
C THR CB 42 -107.19 52.35 19.73
N PRO CB 43 -108.29 51.58 19.67
CA PRO CB 43 -108.96 51.41 18.36
C PRO CB 43 -109.41 52.71 17.73
N THR CB 44 -109.75 53.73 18.54
CA THR CB 44 -110.20 55.00 17.98
C THR CB 44 -109.01 55.81 17.46
N ARG CB 45 -108.12 56.26 18.34
CA ARG CB 45 -106.88 56.86 17.86
C ARG CB 45 -105.75 56.35 18.75
N THR CB 46 -104.57 56.24 18.18
CA THR CB 46 -103.38 55.84 18.91
C THR CB 46 -102.76 57.04 19.61
N GLU CB 47 -101.77 56.80 20.45
CA GLU CB 47 -101.06 57.93 21.02
C GLU CB 47 -99.65 57.47 21.34
N ILE CB 48 -98.68 58.37 21.20
CA ILE CB 48 -97.26 58.06 21.37
C ILE CB 48 -96.69 58.97 22.44
N ILE CB 49 -96.04 58.39 23.44
CA ILE CB 49 -95.39 59.14 24.51
C ILE CB 49 -93.89 58.99 24.35
N ILE CB 50 -93.19 60.11 24.26
CA ILE CB 50 -91.73 60.13 24.14
C ILE CB 50 -91.15 60.41 25.52
N LEU CB 51 -90.24 59.55 25.96
CA LEU CB 51 -89.61 59.67 27.27
C LEU CB 51 -88.22 60.24 27.06
N ALA CB 52 -88.00 61.47 27.49
CA ALA CB 52 -86.71 62.11 27.30
C ALA CB 52 -86.39 62.99 28.50
N THR CB 53 -85.10 63.15 28.77
CA THR CB 53 -84.67 63.94 29.92
C THR CB 53 -84.95 65.42 29.70
N ARG CB 54 -84.70 65.92 28.49
CA ARG CB 54 -84.72 67.35 28.22
C ARG CB 54 -85.94 67.66 27.36
N THR CB 55 -87.09 67.80 28.02
CA THR CB 55 -88.36 67.92 27.32
C THR CB 55 -88.48 69.25 26.57
N GLN CB 56 -87.99 70.33 27.18
CA GLN CB 56 -88.04 71.63 26.51
C GLN CB 56 -87.18 71.67 25.25
N ASN CB 57 -86.45 70.59 24.96
CA ASN CB 57 -85.71 70.44 23.72
C ASN CB 57 -86.43 69.58 22.69
N VAL CB 58 -87.02 68.46 23.12
CA VAL CB 58 -87.81 67.65 22.18
C VAL CB 58 -89.01 68.44 21.69
N LEU CB 59 -89.53 69.34 22.52
CA LEU CB 59 -90.49 70.34 22.09
C LEU CB 59 -89.72 71.62 21.76
N GLY CB 60 -89.62 71.94 20.48
CA GLY CB 60 -88.89 73.12 20.05
C GLY CB 60 -89.62 74.40 20.41
N GLU CB 61 -89.14 75.49 19.81
CA GLU CB 61 -89.78 76.78 19.99
C GLU CB 61 -91.25 76.70 19.59
N LYS CB 62 -92.14 76.99 20.54
CA LYS CB 62 -93.58 76.89 20.34
C LYS CB 62 -93.97 75.49 19.87
N GLY CB 63 -93.22 74.49 20.31
CA GLY CB 63 -93.49 73.12 19.95
C GLY CB 63 -93.42 72.83 18.46
N ARG CB 64 -92.44 73.42 17.76
CA ARG CB 64 -92.28 73.11 16.35
C ARG CB 64 -91.80 71.69 16.14
N ARG CB 65 -90.84 71.24 16.95
CA ARG CB 65 -90.27 69.91 16.77
C ARG CB 65 -91.34 68.84 16.94
N ILE CB 66 -92.15 68.94 18.00
CA ILE CB 66 -93.16 67.91 18.25
C ILE CB 66 -94.19 67.91 17.14
N ARG CB 67 -94.57 69.09 16.65
CA ARG CB 67 -95.51 69.16 15.53
C ARG CB 67 -94.90 68.56 14.28
N GLU CB 68 -93.61 68.82 14.04
CA GLU CB 68 -92.93 68.16 12.93
C GLU CB 68 -92.94 66.64 13.13
N LEU CB 69 -92.46 66.18 14.29
CA LEU CB 69 -92.38 64.74 14.54
C LEU CB 69 -93.76 64.09 14.46
N THR CB 70 -94.80 64.80 14.93
CA THR CB 70 -96.16 64.29 14.79
C THR CB 70 -96.53 64.14 13.32
N ALA CB 71 -96.16 65.12 12.50
CA ALA CB 71 -96.43 65.01 11.07
C ALA CB 71 -95.56 63.94 10.41
N VAL CB 72 -94.31 63.82 10.85
CA VAL CB 72 -93.39 62.89 10.21
C VAL CB 72 -93.85 61.45 10.43
N VAL CB 73 -94.18 61.10 11.67
CA VAL CB 73 -94.68 59.75 11.94
C VAL CB 73 -96.05 59.54 11.34
N GLN CB 74 -96.78 60.62 11.05
CA GLN CB 74 -98.10 60.50 10.42
C GLN CB 74 -97.98 59.98 8.99
N LYS CB 75 -96.98 60.45 8.26
CA LYS CB 75 -96.87 60.09 6.84
C LYS CB 75 -96.21 58.73 6.64
N ARG CB 76 -95.20 58.40 7.46
CA ARG CB 76 -94.50 57.13 7.29
C ARG CB 76 -95.43 55.95 7.51
N PHE CB 77 -96.14 55.94 8.63
CA PHE CB 77 -96.97 54.81 9.01
C PHE CB 77 -98.39 54.90 8.49
N GLY CB 78 -98.68 55.89 7.64
CA GLY CB 78 -100.00 56.00 7.04
C GLY CB 78 -101.11 56.21 8.03
N PHE CB 79 -100.81 56.84 9.17
CA PHE CB 79 -101.83 57.09 10.16
C PHE CB 79 -102.87 58.07 9.62
N PRO CB 80 -104.15 57.83 9.87
CA PRO CB 80 -105.18 58.76 9.39
C PRO CB 80 -105.10 60.11 10.11
N GLU CB 81 -105.65 61.12 9.46
CA GLU CB 81 -105.48 62.50 9.91
C GLU CB 81 -106.05 62.71 11.31
N GLY CB 82 -105.27 63.37 12.16
CA GLY CB 82 -105.72 63.74 13.48
C GLY CB 82 -105.93 62.59 14.44
N SER CB 83 -105.51 61.39 14.09
CA SER CB 83 -105.70 60.22 14.93
C SER CB 83 -104.43 59.79 15.66
N VAL CB 84 -103.40 60.63 15.65
CA VAL CB 84 -102.16 60.33 16.36
C VAL CB 84 -101.65 61.60 17.02
N GLU CB 85 -101.17 61.47 18.25
CA GLU CB 85 -100.58 62.58 18.98
C GLU CB 85 -99.25 62.13 19.58
N LEU CB 86 -98.38 63.11 19.83
CA LEU CB 86 -97.11 62.89 20.51
C LEU CB 86 -97.07 63.71 21.79
N TYR CB 87 -96.83 63.04 22.91
CA TYR CB 87 -96.57 63.68 24.18
C TYR CB 87 -95.11 63.48 24.56
N ALA CB 88 -94.56 64.46 25.26
CA ALA CB 88 -93.19 64.37 25.77
C ALA CB 88 -93.24 64.42 27.29
N GLU CB 89 -92.57 63.47 27.93
CA GLU CB 89 -92.53 63.41 29.39
C GLU CB 89 -91.08 63.36 29.86
N LYS CB 90 -90.82 64.03 30.98
CA LYS CB 90 -89.53 63.94 31.63
C LYS CB 90 -89.41 62.62 32.37
N VAL CB 91 -88.34 61.88 32.10
CA VAL CB 91 -88.12 60.61 32.79
C VAL CB 91 -87.56 60.90 34.17
N ALA CB 92 -88.19 60.32 35.19
CA ALA CB 92 -87.70 60.47 36.55
C ALA CB 92 -86.47 59.60 36.76
N THR CB 93 -85.54 60.10 37.58
CA THR CB 93 -84.28 59.43 37.88
C THR CB 93 -83.55 59.05 36.60
N ARG CB 94 -83.00 60.09 35.95
CA ARG CB 94 -82.29 59.89 34.70
C ARG CB 94 -81.02 59.08 34.88
N GLY CB 95 -80.48 59.02 36.10
CA GLY CB 95 -79.29 58.20 36.33
C GLY CB 95 -79.56 56.71 36.25
N LEU CB 96 -80.83 56.31 36.30
CA LEU CB 96 -81.22 54.90 36.24
C LEU CB 96 -81.76 54.52 34.87
N CYS CB 97 -81.61 55.38 33.87
CA CYS CB 97 -81.99 55.08 32.49
C CYS CB 97 -80.71 54.79 31.72
N ALA CB 98 -80.43 53.50 31.52
CA ALA CB 98 -79.19 53.07 30.87
C ALA CB 98 -79.02 53.76 29.52
N ILE CB 99 -80.13 53.97 28.81
CA ILE CB 99 -80.06 54.66 27.53
C ILE CB 99 -79.61 56.11 27.72
N ALA CB 100 -80.17 56.79 28.74
CA ALA CB 100 -79.79 58.18 28.98
C ALA CB 100 -78.32 58.30 29.37
N GLN CB 101 -77.84 57.41 30.24
CA GLN CB 101 -76.44 57.47 30.66
C GLN CB 101 -75.50 57.11 29.51
N ALA CB 102 -75.87 56.11 28.71
CA ALA CB 102 -75.04 55.75 27.56
C ALA CB 102 -74.97 56.88 26.55
N GLU CB 103 -76.11 57.55 26.31
CA GLU CB 103 -76.10 58.71 25.44
C GLU CB 103 -75.25 59.84 26.03
N SER CB 104 -75.35 60.05 27.34
CA SER CB 104 -74.53 61.07 27.99
C SER CB 104 -73.06 60.76 27.86
N LEU CB 105 -72.68 59.49 28.03
CA LEU CB 105 -71.28 59.11 27.85
C LEU CB 105 -70.85 59.30 26.40
N ARG CB 106 -71.74 59.02 25.45
CA ARG CB 106 -71.42 59.25 24.05
C ARG CB 106 -71.13 60.72 23.78
N TYR CB 107 -71.93 61.61 24.37
CA TYR CB 107 -71.72 63.05 24.18
C TYR CB 107 -70.40 63.50 24.80
N LYS CB 108 -70.09 62.99 26.00
CA LYS CB 108 -68.86 63.38 26.67
C LYS CB 108 -67.63 62.94 25.88
N LEU CB 109 -67.64 61.70 25.39
CA LEU CB 109 -66.51 61.21 24.60
C LEU CB 109 -66.36 61.99 23.30
N LEU CB 110 -67.49 62.30 22.65
CA LEU CB 110 -67.43 63.12 21.44
C LEU CB 110 -66.93 64.52 21.72
N GLY CB 111 -67.16 65.03 22.93
CA GLY CB 111 -66.64 66.34 23.28
C GLY CB 111 -65.12 66.36 23.35
N GLY CB 112 -64.52 65.28 23.84
CA GLY CB 112 -63.08 65.19 23.92
C GLY CB 112 -62.58 64.79 25.29
N LEU CB 113 -63.50 64.48 26.20
CA LEU CB 113 -63.14 64.08 27.55
C LEU CB 113 -62.44 62.72 27.53
N ALA CB 114 -61.52 62.54 28.48
CA ALA CB 114 -60.83 61.27 28.60
C ALA CB 114 -61.79 60.19 29.04
N VAL CB 115 -61.63 58.99 28.45
CA VAL CB 115 -62.56 57.90 28.72
C VAL CB 115 -62.46 57.44 30.16
N ARG CB 116 -61.26 57.46 30.73
CA ARG CB 116 -61.10 57.09 32.13
C ARG CB 116 -61.86 58.03 33.05
N ARG CB 117 -61.81 59.33 32.77
CA ARG CB 117 -62.51 60.30 33.61
C ARG CB 117 -64.00 60.35 33.27
N ALA CB 118 -64.35 60.22 31.99
CA ALA CB 118 -65.76 60.30 31.60
C ALA CB 118 -66.56 59.14 32.17
N CYS CB 119 -66.00 57.92 32.14
CA CYS CB 119 -66.70 56.77 32.67
C CYS CB 119 -66.89 56.88 34.18
N TYR CB 120 -65.89 57.39 34.90
CA TYR CB 120 -66.02 57.56 36.33
C TYR CB 120 -67.13 58.55 36.67
N GLY CB 121 -67.21 59.66 35.93
CA GLY CB 121 -68.30 60.60 36.17
C GLY CB 121 -69.66 59.99 35.91
N VAL CB 122 -69.78 59.19 34.85
CA VAL CB 122 -71.02 58.48 34.58
C VAL CB 122 -71.31 57.49 35.70
N LEU CB 123 -70.27 56.77 36.16
CA LEU CB 123 -70.47 55.79 37.21
C LEU CB 123 -70.93 56.45 38.50
N ARG CB 124 -70.32 57.58 38.86
CA ARG CB 124 -70.67 58.27 40.10
C ARG CB 124 -72.09 58.83 40.04
N PHE CB 125 -72.53 59.29 38.87
CA PHE CB 125 -73.89 59.79 38.74
C PHE CB 125 -74.91 58.69 39.02
N ILE CB 126 -74.66 57.50 38.49
CA ILE CB 126 -75.60 56.38 38.66
C ILE CB 126 -75.70 55.99 40.12
N MET CB 127 -74.56 55.90 40.82
CA MET CB 127 -74.60 55.54 42.23
C MET CB 127 -75.27 56.62 43.06
N GLU CB 128 -75.01 57.89 42.75
CA GLU CB 128 -75.63 58.99 43.50
C GLU CB 128 -77.13 58.99 43.31
N SER CB 129 -77.59 58.72 42.09
CA SER CB 129 -79.03 58.69 41.81
C SER CB 129 -79.75 57.55 42.51
N GLY CB 130 -79.02 56.58 43.06
CA GLY CB 130 -79.65 55.48 43.76
C GLY CB 130 -79.71 54.22 42.94
N ALA CB 131 -78.69 53.37 43.06
CA ALA CB 131 -78.63 52.13 42.31
C ALA CB 131 -77.81 51.12 43.09
N LYS CB 132 -78.26 49.87 43.08
CA LYS CB 132 -77.55 48.81 43.79
C LYS CB 132 -76.17 48.55 43.17
N GLY CB 133 -76.05 48.76 41.87
CA GLY CB 133 -74.78 48.57 41.20
C GLY CB 133 -74.84 49.10 39.79
N CYS CB 134 -73.66 49.18 39.17
CA CYS CB 134 -73.53 49.68 37.82
C CYS CB 134 -72.30 49.07 37.18
N GLU CB 135 -72.25 49.14 35.85
CA GLU CB 135 -71.11 48.63 35.10
C GLU CB 135 -71.10 49.28 33.73
N VAL CB 136 -70.03 50.02 33.42
CA VAL CB 136 -69.83 50.60 32.10
C VAL CB 136 -68.60 49.98 31.48
N VAL CB 137 -68.72 49.55 30.23
CA VAL CB 137 -67.58 48.98 29.50
C VAL CB 137 -67.45 49.68 28.17
N VAL CB 138 -66.50 50.61 28.07
CA VAL CB 138 -66.24 51.33 26.83
C VAL CB 138 -65.08 50.64 26.12
N SER CB 139 -65.38 50.00 24.99
CA SER CB 139 -64.43 49.15 24.29
C SER CB 139 -64.23 49.65 22.87
N GLY CB 140 -62.98 49.71 22.43
CA GLY CB 140 -62.69 50.16 21.08
C GLY CB 140 -61.21 50.42 20.90
N LYS CB 141 -60.91 51.27 19.92
CA LYS CB 141 -59.53 51.64 19.62
C LYS CB 141 -59.06 52.76 20.53
N LEU CB 142 -59.25 52.59 21.84
CA LEU CB 142 -58.69 53.54 22.79
C LEU CB 142 -57.17 53.53 22.68
N ARG CB 143 -56.56 54.68 22.99
CA ARG CB 143 -55.12 54.93 22.83
C ARG CB 143 -54.70 54.48 21.42
N GLY CB 144 -53.79 53.51 21.29
CA GLY CB 144 -53.22 53.19 19.99
C GLY CB 144 -54.10 52.30 19.13
N GLN CB 145 -53.48 51.77 18.07
CA GLN CB 145 -54.20 50.98 17.08
C GLN CB 145 -54.79 49.72 17.69
N ARG CB 146 -54.07 49.09 18.61
CA ARG CB 146 -54.58 47.91 19.28
C ARG CB 146 -55.81 48.26 20.11
N ALA CB 147 -56.81 47.38 20.08
CA ALA CB 147 -58.09 47.66 20.70
C ALA CB 147 -58.19 47.01 22.08
N LYS CB 148 -58.73 47.76 23.04
CA LYS CB 148 -58.85 47.29 24.41
C LYS CB 148 -60.19 47.70 24.99
N SER CB 149 -60.59 47.02 26.07
CA SER CB 149 -61.83 47.28 26.76
C SER CB 149 -61.54 47.73 28.19
N MET CB 150 -62.23 48.78 28.63
CA MET CB 150 -62.12 49.28 29.99
C MET CB 150 -63.44 49.10 30.71
N LYS CB 151 -63.43 48.37 31.81
CA LYS CB 151 -64.64 48.00 32.53
C LYS CB 151 -64.62 48.64 33.91
N PHE CB 152 -65.61 49.49 34.19
CA PHE CB 152 -65.77 50.14 35.49
C PHE CB 152 -67.02 49.56 36.13
N VAL CB 153 -66.84 48.86 37.25
CA VAL CB 153 -67.92 48.14 37.92
C VAL CB 153 -67.85 48.39 39.41
N ASP CB 154 -69.01 48.65 40.01
CA ASP CB 154 -69.13 48.72 41.46
C ASP CB 154 -70.57 48.40 41.84
N GLY CB 155 -70.74 47.89 43.06
CA GLY CB 155 -72.05 47.49 43.54
C GLY CB 155 -72.44 46.12 43.03
N LEU CB 156 -73.65 45.71 43.42
CA LEU CB 156 -74.17 44.41 42.99
C LEU CB 156 -74.52 44.42 41.52
N MET CB 157 -74.26 43.30 40.85
CA MET CB 157 -74.50 43.23 39.41
C MET CB 157 -74.69 41.76 39.04
N ILE CB 158 -75.95 41.32 38.94
CA ILE CB 158 -76.24 39.95 38.56
C ILE CB 158 -76.14 39.78 37.05
N HIS CB 159 -75.97 38.54 36.61
CA HIS CB 159 -75.76 38.27 35.19
C HIS CB 159 -76.67 37.17 34.69
N SER CB 160 -76.95 36.18 35.53
CA SER CB 160 -77.64 34.97 35.13
C SER CB 160 -79.04 34.93 35.72
N GLY CB 161 -79.86 34.02 35.16
CA GLY CB 161 -81.21 33.83 35.63
C GLY CB 161 -82.18 34.81 35.02
N ASP CB 162 -83.45 34.57 35.31
CA ASP CB 162 -84.53 35.47 34.95
C ASP CB 162 -84.45 36.85 35.60
N PRO CB 163 -84.13 36.97 36.90
CA PRO CB 163 -84.21 38.29 37.55
C PRO CB 163 -83.38 39.36 36.89
N VAL CB 164 -82.47 38.98 35.98
CA VAL CB 164 -81.73 39.97 35.21
C VAL CB 164 -82.70 40.80 34.38
N ASN CB 165 -83.84 40.24 34.01
CA ASN CB 165 -84.74 40.93 33.10
C ASN CB 165 -85.45 42.10 33.77
N TYR CB 166 -85.79 41.98 35.05
CA TYR CB 166 -86.53 43.05 35.71
C TYR CB 166 -85.71 43.88 36.69
N TYR CB 167 -84.42 43.57 36.91
CA TYR CB 167 -83.62 44.50 37.70
C TYR CB 167 -82.50 45.24 36.95
N VAL CB 168 -82.08 44.81 35.76
CA VAL CB 168 -80.95 45.47 35.14
C VAL CB 168 -81.44 46.19 33.88
N ASP CB 169 -80.75 47.27 33.53
CA ASP CB 169 -81.07 48.04 32.34
C ASP CB 169 -79.79 48.14 31.52
N THR CB 170 -79.84 47.64 30.28
CA THR CB 170 -78.66 47.55 29.42
C THR CB 170 -78.87 48.43 28.19
N ALA CB 171 -77.87 49.26 27.90
CA ALA CB 171 -77.87 50.09 26.71
C ALA CB 171 -76.51 49.98 26.03
N VAL CB 172 -76.52 49.74 24.73
CA VAL CB 172 -75.29 49.61 23.95
C VAL CB 172 -75.29 50.73 22.91
N ARG CB 173 -74.27 51.57 22.95
CA ARG CB 173 -74.16 52.70 22.05
C ARG CB 173 -72.83 52.70 21.32
N HIS CB 174 -72.82 53.36 20.17
CA HIS CB 174 -71.65 53.45 19.31
C HIS CB 174 -71.20 54.91 19.23
N VAL CB 175 -69.92 55.15 19.48
CA VAL CB 175 -69.33 56.48 19.37
C VAL CB 175 -68.39 56.49 18.18
N LEU CB 176 -68.71 57.31 17.18
CA LEU CB 176 -67.93 57.36 15.94
C LEU CB 176 -66.85 58.42 16.08
N LEU CB 177 -65.75 58.04 16.73
CA LEU CB 177 -64.60 58.92 16.86
C LEU CB 177 -63.76 58.86 15.59
N ARG CB 178 -62.70 59.68 15.55
CA ARG CB 178 -61.89 59.77 14.33
C ARG CB 178 -61.20 58.44 14.03
N GLN CB 179 -60.66 57.78 15.05
CA GLN CB 179 -59.90 56.55 14.80
C GLN CB 179 -60.81 55.41 14.39
N GLY CB 180 -62.06 55.40 14.84
CA GLY CB 180 -62.99 54.34 14.48
C GLY CB 180 -64.27 54.43 15.27
N VAL CB 181 -64.80 53.29 15.71
CA VAL CB 181 -65.98 53.23 16.56
C VAL CB 181 -65.55 52.78 17.94
N LEU CB 182 -66.01 53.50 18.96
CA LEU CB 182 -65.70 53.21 20.35
C LEU CB 182 -67.01 52.83 21.05
N GLY CB 183 -67.20 51.53 21.27
CA GLY CB 183 -68.45 51.04 21.83
C GLY CB 183 -68.64 51.44 23.28
N ILE CB 184 -69.91 51.44 23.69
CA ILE CB 184 -70.29 51.77 25.06
C ILE CB 184 -71.37 50.78 25.50
N LYS CB 185 -71.14 50.12 26.63
CA LYS CB 185 -72.11 49.21 27.22
C LYS CB 185 -72.34 49.63 28.67
N VAL CB 186 -73.58 49.92 29.02
CA VAL CB 186 -73.93 50.38 30.36
C VAL CB 186 -74.99 49.44 30.93
N LYS CB 187 -74.73 48.92 32.12
CA LYS CB 187 -75.68 48.09 32.84
C LYS CB 187 -75.91 48.69 34.21
N ILE CB 188 -77.18 48.95 34.54
CA ILE CB 188 -77.57 49.55 35.81
C ILE CB 188 -78.55 48.60 36.49
N MET CB 189 -78.24 48.18 37.71
CA MET CB 189 -79.16 47.36 38.50
C MET CB 189 -80.08 48.29 39.29
N LEU CB 190 -81.36 48.26 38.96
CA LEU CB 190 -82.30 49.19 39.55
C LEU CB 190 -82.63 48.77 40.98
N PRO CB 191 -82.85 49.73 41.89
CA PRO CB 191 -83.23 49.38 43.26
C PRO CB 191 -84.66 48.87 43.33
N TRP CB 192 -84.89 47.91 44.23
CA TRP CB 192 -86.24 47.39 44.44
C TRP CB 192 -87.11 48.47 45.08
N ASP CB 193 -88.33 48.63 44.58
CA ASP CB 193 -89.25 49.63 45.10
C ASP CB 193 -90.64 49.03 45.20
N PRO CB 194 -91.29 49.09 46.36
CA PRO CB 194 -92.68 48.63 46.44
C PRO CB 194 -93.62 49.42 45.55
N THR CB 195 -93.48 50.74 45.52
CA THR CB 195 -94.25 51.55 44.58
C THR CB 195 -93.88 51.20 43.15
N GLY CB 196 -92.59 51.01 42.89
CA GLY CB 196 -92.11 50.54 41.62
C GLY CB 196 -91.97 51.60 40.54
N LYS CB 197 -92.21 52.87 40.86
CA LYS CB 197 -91.98 53.92 39.89
C LYS CB 197 -90.49 54.05 39.57
N ILE CB 198 -89.64 54.00 40.59
CA ILE CB 198 -88.21 54.19 40.36
C ILE CB 198 -87.57 52.93 39.80
N GLY CB 199 -88.16 51.77 40.06
CA GLY CB 199 -87.57 50.53 39.62
C GLY CB 199 -88.46 49.32 39.84
N PRO CB 200 -87.83 48.15 39.94
CA PRO CB 200 -88.59 46.90 39.99
C PRO CB 200 -89.44 46.79 41.25
N LYS CB 201 -90.56 46.09 41.12
CA LYS CB 201 -91.52 45.90 42.20
C LYS CB 201 -91.40 44.53 42.85
N LYS CB 202 -91.08 43.49 42.08
CA LYS CB 202 -90.80 42.17 42.64
C LYS CB 202 -89.50 42.19 43.42
N PRO CB 203 -89.44 41.55 44.58
CA PRO CB 203 -88.15 41.36 45.25
C PRO CB 203 -87.27 40.42 44.46
N LEU CB 204 -85.97 40.50 44.73
CA LEU CB 204 -85.08 39.48 44.20
C LEU CB 204 -85.54 38.11 44.69
N PRO CB 205 -85.57 37.10 43.82
CA PRO CB 205 -86.19 35.83 44.21
C PRO CB 205 -85.55 35.17 45.41
N ASP CB 206 -84.28 35.42 45.68
CA ASP CB 206 -83.60 34.77 46.80
C ASP CB 206 -83.58 35.62 48.06
N HIS CB 207 -84.20 36.80 48.06
CA HIS CB 207 -84.22 37.63 49.26
C HIS CB 207 -85.39 37.22 50.14
N VAL CB 208 -85.08 36.65 51.31
CA VAL CB 208 -86.08 36.34 52.32
C VAL CB 208 -85.98 37.40 53.40
N SER CB 209 -87.09 38.10 53.64
CA SER CB 209 -87.15 39.12 54.67
C SER CB 209 -88.11 38.67 55.75
N ILE CB 210 -87.65 38.73 57.01
CA ILE CB 210 -88.41 38.23 58.15
C ILE CB 210 -88.89 39.42 58.95
N VAL CB 211 -90.20 39.45 59.23
CA VAL CB 211 -90.76 40.52 60.05
C VAL CB 211 -90.32 40.34 61.50
N GLU CB 212 -90.13 41.46 62.19
CA GLU CB 212 -89.68 41.42 63.58
C GLU CB 212 -90.87 41.24 64.50
N PRO CB 213 -90.91 40.20 65.33
CA PRO CB 213 -92.02 40.03 66.26
C PRO CB 213 -91.88 40.95 67.48
N LYS CB 214 -92.99 41.11 68.17
CA LYS CB 214 -93.01 41.88 69.41
C LYS CB 214 -92.67 40.96 70.57
N ASP CB 215 -92.93 41.40 71.81
CA ASP CB 215 -92.59 40.59 72.96
C ASP CB 215 -93.54 39.40 73.11
N GLU CB 216 -94.84 39.67 73.29
CA GLU CB 216 -95.87 38.65 73.41
C GLU CB 216 -95.48 37.58 74.43
N ILE CB 217 -95.10 38.03 75.63
CA ILE CB 217 -94.58 37.13 76.65
C ILE CB 217 -95.73 36.53 77.46
N LEU CB 218 -96.42 37.39 78.20
CA LEU CB 218 -97.49 37.06 79.15
C LEU CB 218 -96.93 36.00 80.10
N PRO CB 219 -96.23 36.40 81.16
CA PRO CB 219 -95.78 35.41 82.16
C PRO CB 219 -96.56 35.44 83.47
N THR CB 220 -97.68 36.15 83.53
CA THR CB 220 -98.36 36.43 84.79
C THR CB 220 -99.53 35.47 84.99
N THR CB 221 -100.29 35.71 86.05
CA THR CB 221 -101.45 34.89 86.38
C THR CB 221 -102.56 35.09 85.35
N PRO CB 222 -103.33 34.04 85.06
CA PRO CB 222 -104.44 34.18 84.10
C PRO CB 222 -105.63 34.88 84.72
N ILE CB 223 -106.18 35.86 83.99
CA ILE CB 223 -107.37 36.58 84.38
C ILE CB 223 -108.31 36.65 83.19
N SER CB 224 -109.56 37.00 83.46
CA SER CB 224 -110.59 37.15 82.44
C SER CB 224 -110.99 38.62 82.36
N GLU CB 225 -110.92 39.20 81.16
CA GLU CB 225 -111.28 40.59 80.95
C GLU CB 225 -112.67 40.64 80.34
N GLN CB 226 -113.63 41.16 81.11
CA GLN CB 226 -115.03 41.21 80.68
C GLN CB 226 -115.22 42.42 79.78
N LYS CB 227 -115.16 42.19 78.48
CA LYS CB 227 -115.38 43.25 77.49
C LYS CB 227 -116.60 42.94 76.64
N ALA DB 1 26.19 71.94 34.04
CA ALA DB 1 26.87 73.00 33.30
C ALA DB 1 28.36 72.71 33.20
N ARG DB 2 29.04 73.43 32.30
CA ARG DB 2 30.46 73.26 32.08
C ARG DB 2 31.31 74.30 32.78
N GLY DB 3 30.70 75.24 33.51
CA GLY DB 3 31.45 76.27 34.17
C GLY DB 3 30.58 77.16 35.04
N PRO DB 4 31.15 78.27 35.51
CA PRO DB 4 30.39 79.15 36.41
C PRO DB 4 29.16 79.74 35.73
N LYS DB 5 28.08 79.85 36.51
CA LYS DB 5 26.85 80.48 36.04
C LYS DB 5 26.95 81.99 36.25
N LYS DB 6 26.53 82.74 35.25
CA LYS DB 6 26.57 84.21 35.29
C LYS DB 6 25.21 84.80 34.95
N HIS DB 7 24.14 84.06 35.23
CA HIS DB 7 22.79 84.54 35.06
C HIS DB 7 21.99 84.23 36.32
N LEU DB 8 20.93 84.99 36.54
CA LEU DB 8 20.01 84.76 37.65
C LEU DB 8 18.61 85.05 37.16
N LYS DB 9 17.77 84.01 37.10
CA LYS DB 9 16.39 84.20 36.67
C LYS DB 9 15.63 85.04 37.70
N ARG DB 10 14.66 85.81 37.20
CA ARG DB 10 13.91 86.70 38.07
C ARG DB 10 13.17 85.93 39.14
N VAL DB 11 12.59 84.79 38.78
CA VAL DB 11 11.86 83.97 39.76
C VAL DB 11 12.81 83.40 40.79
N ALA DB 12 14.03 83.05 40.39
CA ALA DB 12 14.99 82.42 41.28
C ALA DB 12 15.74 83.42 42.16
N ALA DB 13 15.48 84.72 41.99
CA ALA DB 13 16.13 85.72 42.82
C ALA DB 13 15.65 85.62 44.26
N PRO DB 14 16.47 86.06 45.22
CA PRO DB 14 16.05 86.04 46.62
C PRO DB 14 14.79 86.86 46.85
N LYS DB 15 13.96 86.39 47.78
CA LYS DB 15 12.69 87.04 48.04
C LYS DB 15 12.86 88.44 48.60
N HIS DB 16 13.82 88.64 49.51
CA HIS DB 16 13.99 89.93 50.15
C HIS DB 16 14.42 91.02 49.16
N TRP DB 17 14.87 90.65 47.97
CA TRP DB 17 15.09 91.65 46.92
C TRP DB 17 13.77 92.28 46.49
N MET DB 18 12.65 91.58 46.72
CA MET DB 18 11.30 92.12 46.47
C MET DB 18 11.13 92.55 45.01
N LEU DB 19 11.45 91.64 44.11
CA LEU DB 19 11.31 91.87 42.68
C LEU DB 19 9.99 91.28 42.18
N ASP DB 20 9.44 91.91 41.15
CA ASP DB 20 8.18 91.49 40.56
C ASP DB 20 8.43 90.53 39.40
N LYS DB 21 7.35 90.10 38.75
CA LYS DB 21 7.41 89.01 37.78
C LYS DB 21 7.27 89.45 36.33
N LEU DB 22 7.03 90.73 36.06
CA LEU DB 22 6.64 91.13 34.73
C LEU DB 22 7.64 92.03 34.02
N THR DB 23 8.54 92.68 34.76
CA THR DB 23 9.50 93.58 34.13
C THR DB 23 10.42 92.84 33.18
N GLY DB 24 10.91 91.68 33.60
CA GLY DB 24 11.85 90.94 32.78
C GLY DB 24 12.02 89.54 33.30
N VAL DB 25 12.88 88.79 32.60
CA VAL DB 25 13.08 87.38 32.91
C VAL DB 25 14.27 87.18 33.85
N PHE DB 26 15.24 88.08 33.84
CA PHE DB 26 16.46 87.92 34.60
C PHE DB 26 16.48 88.83 35.81
N ALA DB 27 17.48 88.61 36.65
CA ALA DB 27 17.68 89.32 37.90
C ALA DB 27 19.09 89.88 37.90
N PRO DB 28 19.37 90.91 38.73
CA PRO DB 28 20.68 91.55 38.75
C PRO DB 28 21.88 90.61 38.68
N ARG DB 29 21.78 89.42 39.28
CA ARG DB 29 22.89 88.49 39.39
C ARG DB 29 24.11 89.21 39.94
N PRO DB 30 24.20 89.35 41.27
CA PRO DB 30 25.27 90.17 41.84
C PRO DB 30 26.64 89.56 41.59
N SER DB 31 27.62 90.44 41.43
CA SER DB 31 29.00 89.99 41.25
C SER DB 31 29.53 89.41 42.56
N THR DB 32 30.66 88.70 42.43
CA THR DB 32 31.32 88.17 43.61
C THR DB 32 31.77 89.32 44.51
N GLY DB 33 31.67 89.10 45.83
CA GLY DB 33 32.00 90.15 46.76
C GLY DB 33 32.01 89.68 48.20
N PRO DB 34 32.12 90.64 49.13
CA PRO DB 34 32.28 90.30 50.55
C PRO DB 34 31.12 89.52 51.15
N HIS DB 35 29.96 89.51 50.47
CA HIS DB 35 28.77 88.85 51.00
C HIS DB 35 28.21 87.88 49.98
N LYS DB 36 27.58 86.83 50.49
CA LYS DB 36 26.96 85.83 49.63
C LYS DB 36 25.79 86.44 48.87
N LEU DB 37 25.51 85.89 47.68
CA LEU DB 37 24.52 86.52 46.83
C LEU DB 37 23.10 86.34 47.34
N ARG DB 38 22.85 85.37 48.21
CA ARG DB 38 21.52 85.21 48.79
C ARG DB 38 21.21 86.25 49.85
N GLU DB 39 22.22 86.77 50.54
CA GLU DB 39 21.99 87.79 51.56
C GLU DB 39 22.75 89.07 51.24
N CYS DB 40 22.63 89.55 50.01
CA CYS DB 40 23.23 90.80 49.59
C CYS DB 40 22.24 91.57 48.76
N LEU DB 41 22.41 92.89 48.72
CA LEU DB 41 21.63 93.71 47.79
C LEU DB 41 22.55 94.26 46.71
N PRO DB 42 22.36 93.89 45.46
CA PRO DB 42 23.07 94.59 44.38
C PRO DB 42 22.70 96.06 44.37
N LEU DB 43 23.67 96.90 43.98
CA LEU DB 43 23.42 98.34 43.97
C LEU DB 43 22.30 98.71 43.02
N ILE DB 44 22.07 97.90 41.99
CA ILE DB 44 21.06 98.24 40.99
C ILE DB 44 19.68 98.31 41.62
N ILE DB 45 19.34 97.34 42.48
CA ILE DB 45 18.01 97.37 43.09
C ILE DB 45 17.95 98.46 44.16
N PHE DB 46 19.08 98.73 44.83
CA PHE DB 46 19.06 99.69 45.93
C PHE DB 46 18.79 101.10 45.43
N LEU DB 47 19.26 101.42 44.22
CA LEU DB 47 19.06 102.73 43.64
C LEU DB 47 17.89 102.77 42.67
N ARG DB 48 17.15 101.68 42.50
CA ARG DB 48 16.02 101.64 41.60
C ARG DB 48 14.72 101.24 42.30
N ASN DB 49 14.76 100.25 43.17
CA ASN DB 49 13.56 99.77 43.85
C ASN DB 49 13.48 100.21 45.31
N ARG DB 50 14.59 100.63 45.91
CA ARG DB 50 14.61 101.15 47.27
C ARG DB 50 14.39 102.65 47.31
N LEU DB 51 15.22 103.41 46.60
CA LEU DB 51 15.18 104.87 46.63
C LEU DB 51 14.56 105.47 45.37
N LYS DB 52 14.33 104.67 44.34
CA LYS DB 52 13.71 105.12 43.08
C LYS DB 52 14.50 106.23 42.41
N TYR DB 53 15.80 106.34 42.71
CA TYR DB 53 16.62 107.35 42.06
C TYR DB 53 16.74 107.10 40.57
N ALA DB 54 16.92 105.83 40.18
CA ALA DB 54 17.02 105.44 38.79
C ALA DB 54 15.77 104.67 38.38
N LEU DB 55 15.42 104.77 37.09
CA LEU DB 55 14.24 104.10 36.58
C LEU DB 55 14.56 102.75 35.97
N THR DB 56 15.60 102.67 35.15
CA THR DB 56 15.97 101.44 34.47
C THR DB 56 17.42 101.06 34.79
N GLY DB 57 17.89 99.99 34.15
CA GLY DB 57 19.23 99.50 34.40
C GLY DB 57 20.30 100.45 33.90
N ASP DB 58 20.08 101.08 32.75
CA ASP DB 58 21.09 101.99 32.23
C ASP DB 58 21.13 103.29 33.02
N GLU DB 59 20.01 103.68 33.64
CA GLU DB 59 20.01 104.89 34.46
C GLU DB 59 20.86 104.71 35.72
N VAL DB 60 20.76 103.55 36.36
CA VAL DB 60 21.64 103.27 37.50
C VAL DB 60 23.07 103.02 37.04
N LYS DB 61 23.27 102.74 35.75
CA LYS DB 61 24.62 102.64 35.21
C LYS DB 61 25.29 104.01 35.17
N LYS DB 62 24.56 105.05 34.76
CA LYS DB 62 25.13 106.39 34.68
C LYS DB 62 25.51 106.93 36.05
N ILE DB 63 24.68 106.67 37.06
CA ILE DB 63 24.94 107.25 38.37
C ILE DB 63 26.17 106.60 39.00
N CYS DB 64 26.35 105.29 38.80
CA CYS DB 64 27.54 104.62 39.34
C CYS DB 64 28.80 105.10 38.64
N MET DB 65 28.72 105.37 37.34
CA MET DB 65 29.90 105.85 36.61
C MET DB 65 30.35 107.22 37.08
N GLN DB 66 29.41 108.08 37.46
CA GLN DB 66 29.75 109.43 37.90
C GLN DB 66 30.39 109.46 39.28
N ARG DB 67 30.40 108.32 40.00
CA ARG DB 67 31.21 108.13 41.19
C ARG DB 67 30.78 109.05 42.33
N PHE DB 68 29.52 108.88 42.76
CA PHE DB 68 29.06 109.41 44.03
C PHE DB 68 28.71 108.33 45.03
N ILE DB 69 28.49 107.10 44.57
CA ILE DB 69 28.17 105.99 45.45
C ILE DB 69 29.45 105.50 46.09
N LYS DB 70 29.47 105.44 47.42
CA LYS DB 70 30.68 105.13 48.17
C LYS DB 70 30.30 104.13 49.26
N ILE DB 71 30.61 102.86 49.02
CA ILE DB 71 30.27 101.78 49.93
C ILE DB 71 31.46 101.50 50.84
N ASP DB 72 31.23 101.52 52.15
CA ASP DB 72 32.25 101.16 53.12
C ASP DB 72 33.50 102.01 52.99
N GLY DB 73 33.31 103.28 52.61
CA GLY DB 73 34.40 104.22 52.45
C GLY DB 73 35.08 104.20 51.11
N LYS DB 74 34.64 103.37 50.16
CA LYS DB 74 35.26 103.28 48.85
C LYS DB 74 34.21 103.45 47.77
N VAL DB 75 34.56 104.22 46.74
CA VAL DB 75 33.67 104.38 45.60
C VAL DB 75 33.64 103.09 44.80
N ARG DB 76 32.43 102.64 44.45
CA ARG DB 76 32.25 101.39 43.72
C ARG DB 76 31.47 101.68 42.45
N THR DB 77 32.07 101.37 41.30
CA THR DB 77 31.43 101.57 40.01
C THR DB 77 30.66 100.35 39.54
N ASP DB 78 30.71 99.24 40.29
CA ASP DB 78 30.02 98.04 39.86
C ASP DB 78 28.52 98.19 40.02
N ILE DB 79 27.78 97.97 38.93
CA ILE DB 79 26.33 98.09 38.97
C ILE DB 79 25.70 97.01 39.84
N THR DB 80 26.35 95.86 39.98
CA THR DB 80 25.82 94.72 40.72
C THR DB 80 26.72 94.35 41.88
N TYR DB 81 27.32 95.35 42.52
CA TYR DB 81 28.16 95.07 43.67
C TYR DB 81 27.31 94.55 44.83
N PRO DB 82 27.72 93.48 45.50
CA PRO DB 82 26.95 92.96 46.64
C PRO DB 82 27.16 93.81 47.87
N ALA DB 83 26.15 94.60 48.22
CA ALA DB 83 26.27 95.50 49.37
C ALA DB 83 26.47 94.70 50.66
N GLY DB 84 25.45 93.97 51.09
CA GLY DB 84 25.56 93.12 52.24
C GLY DB 84 24.92 93.70 53.49
N PHE DB 85 25.40 93.23 54.63
CA PHE DB 85 24.83 93.59 55.92
C PHE DB 85 25.66 94.67 56.60
N MET DB 86 24.95 95.59 57.27
CA MET DB 86 25.51 96.76 57.97
C MET DB 86 26.69 97.38 57.27
N ASP DB 87 26.59 97.54 55.95
CA ASP DB 87 27.57 98.27 55.17
C ASP DB 87 27.05 99.69 54.94
N VAL DB 88 27.96 100.66 55.03
CA VAL DB 88 27.59 102.07 54.95
C VAL DB 88 27.56 102.46 53.48
N ILE DB 89 26.37 102.75 52.96
CA ILE DB 89 26.19 103.26 51.60
C ILE DB 89 26.11 104.77 51.72
N SER DB 90 27.21 105.45 51.43
CA SER DB 90 27.30 106.90 51.56
C SER DB 90 27.29 107.53 50.17
N ILE DB 91 26.30 108.40 49.93
CA ILE DB 91 26.22 109.18 48.71
C ILE DB 91 26.44 110.63 49.13
N ASP DB 92 27.66 111.13 48.92
CA ASP DB 92 28.04 112.41 49.49
C ASP DB 92 27.41 113.58 48.76
N LYS DB 93 27.13 113.44 47.46
CA LYS DB 93 26.54 114.54 46.72
C LYS DB 93 25.16 114.90 47.25
N THR DB 94 24.39 113.91 47.70
CA THR DB 94 23.09 114.16 48.30
C THR DB 94 23.15 114.29 49.80
N GLY DB 95 24.26 113.93 50.43
CA GLY DB 95 24.41 114.07 51.86
C GLY DB 95 23.70 113.04 52.70
N GLU DB 96 23.18 111.97 52.09
CA GLU DB 96 22.50 110.93 52.86
C GLU DB 96 23.41 109.73 53.05
N ASN DB 97 23.25 109.07 54.20
CA ASN DB 97 24.05 107.92 54.57
C ASN DB 97 23.13 106.79 54.99
N PHE DB 98 23.39 105.58 54.49
CA PHE DB 98 22.54 104.43 54.73
C PHE DB 98 23.35 103.31 55.35
N ARG DB 99 22.82 102.72 56.43
CA ARG DB 99 23.36 101.51 57.03
C ARG DB 99 22.41 100.37 56.69
N LEU DB 100 22.92 99.35 56.01
CA LEU DB 100 22.06 98.31 55.45
C LEU DB 100 21.78 97.26 56.53
N ILE DB 101 20.57 97.33 57.09
CA ILE DB 101 20.16 96.45 58.19
C ILE DB 101 18.79 95.88 57.87
N TYR DB 102 18.59 94.60 58.18
CA TYR DB 102 17.31 93.96 57.95
C TYR DB 102 16.21 94.64 58.75
N ASP DB 103 15.01 94.68 58.18
CA ASP DB 103 13.86 95.19 58.90
C ASP DB 103 13.30 94.09 59.80
N THR DB 104 12.07 94.27 60.29
CA THR DB 104 11.48 93.30 61.20
C THR DB 104 11.09 92.02 60.47
N LYS DB 105 10.81 92.10 59.17
CA LYS DB 105 10.37 90.96 58.38
C LYS DB 105 11.50 90.29 57.63
N GLY DB 106 12.73 90.40 58.12
CA GLY DB 106 13.85 89.75 57.46
C GLY DB 106 14.22 90.32 56.11
N ARG DB 107 13.93 91.60 55.89
CA ARG DB 107 14.22 92.27 54.61
C ARG DB 107 15.07 93.50 54.89
N PHE DB 108 16.00 93.78 53.99
CA PHE DB 108 16.82 94.98 54.14
C PHE DB 108 15.95 96.22 53.96
N ALA DB 109 16.13 97.20 54.84
CA ALA DB 109 15.31 98.40 54.84
C ALA DB 109 16.20 99.63 54.72
N VAL DB 110 15.62 100.69 54.17
CA VAL DB 110 16.34 101.96 54.03
C VAL DB 110 16.50 102.57 55.41
N HIS DB 111 17.74 102.63 55.88
CA HIS DB 111 18.06 103.15 57.21
C HIS DB 111 18.97 104.37 57.05
N ARG DB 112 18.37 105.55 56.97
CA ARG DB 112 19.15 106.78 56.93
C ARG DB 112 19.85 107.00 58.26
N ILE DB 113 21.13 107.36 58.20
CA ILE DB 113 21.94 107.53 59.39
C ILE DB 113 22.75 108.81 59.29
N THR DB 114 23.22 109.28 60.44
CA THR DB 114 23.97 110.52 60.52
C THR DB 114 25.38 110.35 59.98
N PRO DB 115 25.97 111.42 59.43
CA PRO DB 115 27.32 111.29 58.83
C PRO DB 115 28.38 110.80 59.80
N GLU DB 116 28.37 111.25 61.05
CA GLU DB 116 29.40 110.85 62.00
C GLU DB 116 29.20 109.44 62.52
N GLU DB 117 27.99 108.90 62.40
CA GLU DB 117 27.72 107.52 62.77
C GLU DB 117 27.99 106.58 61.59
N ALA DB 118 28.37 107.12 60.44
CA ALA DB 118 28.79 106.35 59.29
C ALA DB 118 30.30 106.12 59.24
N LYS DB 119 31.06 106.77 60.12
CA LYS DB 119 32.51 106.63 60.11
C LYS DB 119 32.98 105.30 60.71
N TYR DB 120 32.10 104.55 61.36
CA TYR DB 120 32.44 103.26 61.94
C TYR DB 120 31.49 102.20 61.40
N LYS DB 121 31.84 100.94 61.66
CA LYS DB 121 31.05 99.82 61.20
C LYS DB 121 31.30 98.62 62.11
N LEU DB 122 30.25 97.84 62.36
CA LEU DB 122 30.40 96.61 63.11
C LEU DB 122 30.68 95.44 62.17
N CYS DB 123 31.31 94.41 62.74
CA CYS DB 123 31.75 93.26 61.94
C CYS DB 123 31.83 92.04 62.83
N LYS DB 124 31.45 90.88 62.29
CA LYS DB 124 31.52 89.62 63.01
C LYS DB 124 32.75 88.85 62.58
N VAL DB 125 33.68 88.66 63.49
CA VAL DB 125 34.82 87.78 63.27
C VAL DB 125 34.30 86.36 63.08
N ARG DB 126 34.83 85.67 62.07
CA ARG DB 126 34.40 84.32 61.74
C ARG DB 126 35.49 83.29 62.01
N LYS DB 127 36.69 83.55 61.51
CA LYS DB 127 37.84 82.68 61.73
C LYS DB 127 38.97 83.49 62.33
N ILE DB 128 39.59 82.94 63.36
CA ILE DB 128 40.79 83.53 63.96
C ILE DB 128 41.93 82.53 63.75
N PHE DB 129 43.08 83.03 63.30
CA PHE DB 129 44.20 82.15 63.04
C PHE DB 129 45.49 82.97 63.04
N VAL DB 130 46.61 82.27 63.14
CA VAL DB 130 47.93 82.89 63.17
C VAL DB 130 48.64 82.54 61.87
N GLY DB 131 49.28 83.55 61.27
CA GLY DB 131 49.99 83.39 60.02
C GLY DB 131 51.48 83.20 60.21
N THR DB 132 52.21 83.33 59.11
CA THR DB 132 53.66 83.15 59.15
C THR DB 132 54.32 84.19 60.04
N LYS DB 133 55.49 83.85 60.56
CA LYS DB 133 56.21 84.64 61.56
C LYS DB 133 55.42 84.83 62.84
N GLY DB 134 54.39 84.01 63.06
CA GLY DB 134 53.56 84.14 64.24
C GLY DB 134 52.75 85.41 64.31
N ILE DB 135 52.17 85.83 63.19
CA ILE DB 135 51.32 87.01 63.13
C ILE DB 135 49.86 86.55 63.18
N PRO DB 136 49.10 86.92 64.20
CA PRO DB 136 47.68 86.54 64.25
C PRO DB 136 46.86 87.34 63.26
N HIS DB 137 46.01 86.63 62.52
CA HIS DB 137 45.10 87.23 61.55
C HIS DB 137 43.66 87.10 62.04
N LEU DB 138 42.77 87.82 61.37
CA LEU DB 138 41.36 87.84 61.76
C LEU DB 138 40.54 88.15 60.51
N VAL DB 139 39.61 87.26 60.18
CA VAL DB 139 38.69 87.47 59.06
C VAL DB 139 37.29 87.67 59.62
N THR DB 140 36.56 88.60 59.04
CA THR DB 140 35.25 88.98 59.55
C THR DB 140 34.14 88.32 58.75
N HIS DB 141 32.90 88.75 59.00
CA HIS DB 141 31.77 88.26 58.21
C HIS DB 141 31.86 88.77 56.78
N ASP DB 142 32.43 89.95 56.58
CA ASP DB 142 32.85 90.38 55.26
C ASP DB 142 34.11 89.62 54.87
N ALA DB 143 34.51 89.74 53.61
CA ALA DB 143 35.78 89.15 53.19
C ALA DB 143 36.98 89.98 53.63
N ARG DB 144 36.79 90.89 54.58
CA ARG DB 144 37.85 91.76 55.07
C ARG DB 144 38.65 91.04 56.15
N THR DB 145 39.97 91.08 56.01
CA THR DB 145 40.88 90.49 56.97
C THR DB 145 41.82 91.55 57.50
N ILE DB 146 42.17 91.43 58.78
CA ILE DB 146 43.09 92.35 59.43
C ILE DB 146 44.15 91.52 60.14
N ARG DB 147 45.30 92.14 60.38
CA ARG DB 147 46.36 91.53 61.14
C ARG DB 147 46.49 92.21 62.50
N TYR DB 148 47.20 91.52 63.40
CA TYR DB 148 47.50 92.03 64.74
C TYR DB 148 46.24 92.45 65.49
N PRO DB 149 45.32 91.55 65.77
CA PRO DB 149 44.14 91.90 66.56
C PRO DB 149 44.41 91.74 68.06
N ASP DB 150 43.53 92.31 68.85
CA ASP DB 150 43.60 92.16 70.30
C ASP DB 150 43.39 90.69 70.66
N PRO DB 151 44.30 90.07 71.40
CA PRO DB 151 44.18 88.62 71.64
C PRO DB 151 42.91 88.18 72.36
N LEU DB 152 42.10 89.12 72.87
CA LEU DB 152 40.86 88.71 73.54
C LEU DB 152 39.72 88.43 72.59
N ILE DB 153 39.81 88.84 71.32
CA ILE DB 153 38.77 88.52 70.35
C ILE DB 153 38.88 87.06 69.91
N LYS DB 154 37.79 86.33 70.07
CA LYS DB 154 37.63 84.94 69.70
C LYS DB 154 36.71 84.90 68.49
N VAL DB 155 36.32 83.69 68.07
CA VAL DB 155 35.40 83.55 66.95
C VAL DB 155 34.03 84.08 67.34
N ASN DB 156 33.15 84.23 66.34
CA ASN DB 156 31.81 84.79 66.45
C ASN DB 156 31.66 85.83 67.56
N ASP DB 157 32.55 86.82 67.57
CA ASP DB 157 32.40 88.07 68.31
C ASP DB 157 32.11 89.20 67.34
N THR DB 158 32.08 90.42 67.88
CA THR DB 158 31.85 91.61 67.08
C THR DB 158 32.98 92.61 67.34
N ILE DB 159 33.49 93.19 66.27
CA ILE DB 159 34.61 94.13 66.34
C ILE DB 159 34.12 95.49 65.87
N GLN DB 160 34.38 96.52 66.66
CA GLN DB 160 34.07 97.90 66.30
C GLN DB 160 35.14 98.38 65.31
N ILE DB 161 34.74 98.57 64.05
CA ILE DB 161 35.67 98.89 62.97
C ILE DB 161 35.32 100.26 62.41
N ASP DB 162 36.32 101.12 62.30
CA ASP DB 162 36.15 102.45 61.72
C ASP DB 162 36.59 102.43 60.25
N LEU DB 163 35.87 103.21 59.43
CA LEU DB 163 36.18 103.24 58.01
C LEU DB 163 37.40 104.11 57.73
N GLU DB 164 37.92 103.99 56.52
CA GLU DB 164 39.07 104.71 55.99
C GLU DB 164 40.38 104.34 56.68
N THR DB 165 40.37 103.49 57.70
CA THR DB 165 41.60 103.05 58.34
C THR DB 165 41.66 101.54 58.38
N GLY DB 166 40.52 100.89 58.65
CA GLY DB 166 40.47 99.46 58.76
C GLY DB 166 40.90 98.89 60.09
N LYS DB 167 41.24 99.74 61.06
CA LYS DB 167 41.67 99.24 62.36
C LYS DB 167 40.48 98.88 63.23
N ILE DB 168 40.78 98.16 64.32
CA ILE DB 168 39.78 97.80 65.31
C ILE DB 168 39.70 98.94 66.33
N THR DB 169 38.60 99.68 66.31
CA THR DB 169 38.39 100.73 67.30
C THR DB 169 38.02 100.13 68.65
N ASP DB 170 37.17 99.11 68.66
CA ASP DB 170 36.75 98.43 69.88
C ASP DB 170 36.22 97.05 69.49
N PHE DB 171 35.68 96.32 70.45
CA PHE DB 171 35.13 95.01 70.14
C PHE DB 171 34.06 94.64 71.15
N ILE DB 172 33.14 93.77 70.72
CA ILE DB 172 32.06 93.26 71.56
C ILE DB 172 32.28 91.76 71.75
N LYS DB 173 32.34 91.32 73.00
CA LYS DB 173 32.52 89.93 73.31
C LYS DB 173 31.19 89.19 73.24
N PHE DB 174 31.25 87.93 72.80
CA PHE DB 174 30.06 87.09 72.76
C PHE DB 174 29.85 86.47 74.14
N ASP DB 175 28.74 86.86 74.79
CA ASP DB 175 28.47 86.40 76.15
C ASP DB 175 26.98 86.39 76.37
N THR DB 176 26.58 85.70 77.45
CA THR DB 176 25.17 85.66 77.82
C THR DB 176 24.70 87.06 78.23
N GLY DB 177 23.47 87.39 77.85
CA GLY DB 177 22.92 88.67 78.21
C GLY DB 177 23.35 89.83 77.32
N ASN DB 178 23.85 89.55 76.13
CA ASN DB 178 24.29 90.59 75.20
C ASN DB 178 23.25 90.77 74.10
N LEU DB 179 23.01 92.03 73.73
CA LEU DB 179 22.06 92.30 72.66
C LEU DB 179 22.63 91.79 71.34
N CYS DB 180 21.78 91.19 70.51
CA CYS DB 180 22.24 90.67 69.23
C CYS DB 180 21.20 90.95 68.16
N MET DB 181 21.52 90.53 66.94
CA MET DB 181 20.58 90.56 65.83
C MET DB 181 20.72 89.26 65.06
N VAL DB 182 19.58 88.67 64.69
CA VAL DB 182 19.59 87.41 63.95
C VAL DB 182 19.77 87.71 62.46
N THR DB 183 20.72 87.00 61.84
CA THR DB 183 21.08 87.28 60.45
C THR DB 183 20.88 86.06 59.57
N GLY DB 184 19.70 85.45 59.63
CA GLY DB 184 19.42 84.32 58.76
C GLY DB 184 18.36 83.39 59.31
N GLY DB 185 17.44 82.96 58.44
CA GLY DB 185 16.40 82.02 58.81
C GLY DB 185 15.07 82.68 59.08
N ALA DB 186 14.22 81.95 59.81
CA ALA DB 186 12.89 82.45 60.13
C ALA DB 186 12.93 83.67 61.04
N ASN DB 187 13.79 83.63 62.06
CA ASN DB 187 13.91 84.74 63.01
C ASN DB 187 14.83 85.84 62.50
N LEU DB 188 15.14 85.85 61.21
CA LEU DB 188 16.01 86.87 60.64
C LEU DB 188 15.45 88.26 60.88
N GLY DB 189 16.31 89.17 61.35
CA GLY DB 189 15.92 90.54 61.59
C GLY DB 189 15.28 90.81 62.94
N ARG DB 190 15.48 89.95 63.92
CA ARG DB 190 14.90 90.10 65.24
C ARG DB 190 15.98 90.54 66.23
N ILE DB 191 15.74 91.67 66.90
CA ILE DB 191 16.67 92.20 67.89
C ILE DB 191 16.34 91.59 69.24
N GLY DB 192 17.34 91.07 69.93
CA GLY DB 192 17.11 90.46 71.22
C GLY DB 192 18.40 90.27 71.99
N VAL DB 193 18.24 89.73 73.19
CA VAL DB 193 19.34 89.53 74.13
C VAL DB 193 19.59 88.04 74.30
N ILE DB 194 20.87 87.65 74.25
CA ILE DB 194 21.23 86.25 74.46
C ILE DB 194 20.77 85.79 75.83
N THR DB 195 20.09 84.66 75.88
CA THR DB 195 19.68 84.05 77.15
C THR DB 195 20.39 82.75 77.44
N ASN DB 196 20.61 81.93 76.42
CA ASN DB 196 21.24 80.63 76.61
C ASN DB 196 21.94 80.25 75.31
N ARG DB 197 23.13 79.66 75.43
CA ARG DB 197 23.83 79.08 74.29
C ARG DB 197 24.04 77.61 74.59
N GLU DB 198 23.15 76.77 74.05
CA GLU DB 198 23.38 75.34 74.11
C GLU DB 198 24.29 74.93 72.96
N ARG DB 199 25.16 73.96 73.24
CA ARG DB 199 26.16 73.54 72.27
C ARG DB 199 25.99 72.05 71.96
N HIS DB 200 26.28 71.70 70.71
CA HIS DB 200 26.20 70.33 70.25
C HIS DB 200 27.51 69.98 69.55
N PRO DB 201 28.36 69.16 70.15
CA PRO DB 201 29.62 68.79 69.48
C PRO DB 201 29.35 68.11 68.15
N GLY DB 202 30.14 68.47 67.14
CA GLY DB 202 29.99 67.92 65.81
C GLY DB 202 28.87 68.54 65.00
N SER DB 203 28.02 69.36 65.61
CA SER DB 203 26.90 69.98 64.90
C SER DB 203 26.85 71.48 65.20
N PHE DB 204 25.80 72.13 64.73
CA PHE DB 204 25.66 73.58 64.91
C PHE DB 204 25.12 73.88 66.31
N ASP DB 205 25.69 74.91 66.94
CA ASP DB 205 25.17 75.34 68.22
C ASP DB 205 23.83 76.05 68.04
N VAL DB 206 23.01 75.99 69.09
CA VAL DB 206 21.71 76.64 69.13
C VAL DB 206 21.72 77.62 70.30
N VAL DB 207 21.32 78.85 70.03
CA VAL DB 207 21.26 79.89 71.06
C VAL DB 207 19.81 80.29 71.25
N HIS DB 208 19.47 80.73 72.46
CA HIS DB 208 18.13 81.18 72.78
C HIS DB 208 18.17 82.67 73.07
N VAL DB 209 17.28 83.42 72.43
CA VAL DB 209 17.29 84.88 72.48
C VAL DB 209 15.91 85.36 72.88
N LYS DB 210 15.86 86.29 73.83
CA LYS DB 210 14.63 86.92 74.27
C LYS DB 210 14.64 88.39 73.89
N ASP DB 211 13.57 88.85 73.28
CA ASP DB 211 13.48 90.22 72.81
C ASP DB 211 12.98 91.14 73.93
N ALA DB 212 12.75 92.41 73.60
CA ALA DB 212 12.29 93.36 74.61
C ALA DB 212 10.90 93.00 75.13
N ASN DB 213 10.01 92.57 74.25
CA ASN DB 213 8.65 92.24 74.66
C ASN DB 213 8.55 90.93 75.43
N GLY DB 214 9.64 90.17 75.52
CA GLY DB 214 9.65 88.93 76.26
C GLY DB 214 9.54 87.68 75.42
N ASN DB 215 9.28 87.82 74.11
CA ASN DB 215 9.19 86.67 73.24
C ASN DB 215 10.54 85.98 73.14
N SER DB 216 10.56 84.67 73.32
CA SER DB 216 11.78 83.87 73.29
C SER DB 216 11.83 83.06 72.01
N PHE DB 217 12.96 83.13 71.31
CA PHE DB 217 13.16 82.39 70.08
C PHE DB 217 14.58 81.85 70.03
N ALA DB 218 14.77 80.80 69.23
CA ALA DB 218 16.06 80.16 69.08
C ALA DB 218 16.51 80.24 67.62
N THR DB 219 17.81 80.08 67.42
CA THR DB 219 18.40 80.07 66.09
C THR DB 219 19.78 79.45 66.18
N ARG DB 220 20.40 79.26 65.02
CA ARG DB 220 21.75 78.72 64.96
C ARG DB 220 22.78 79.78 65.31
N LEU DB 221 23.96 79.31 65.75
CA LEU DB 221 25.03 80.23 66.12
C LEU DB 221 25.53 81.03 64.93
N SER DB 222 25.48 80.45 63.73
CA SER DB 222 25.93 81.15 62.54
C SER DB 222 25.00 82.28 62.12
N ASN DB 223 23.82 82.40 62.73
CA ASN DB 223 22.88 83.46 62.43
C ASN DB 223 22.84 84.51 63.55
N ILE DB 224 23.80 84.46 64.47
CA ILE DB 224 23.94 85.42 65.55
C ILE DB 224 24.96 86.48 65.19
N PHE DB 225 24.67 87.72 65.56
CA PHE DB 225 25.56 88.82 65.27
C PHE DB 225 25.31 89.94 66.29
N VAL DB 226 26.17 89.94 67.30
CA VAL DB 226 26.03 90.73 68.51
C VAL DB 226 26.30 92.18 68.15
N ILE DB 227 25.32 93.05 68.37
CA ILE DB 227 25.42 94.45 67.99
C ILE DB 227 25.22 95.37 69.19
N GLY DB 228 25.36 94.84 70.40
CA GLY DB 228 25.18 95.66 71.59
C GLY DB 228 25.90 95.05 72.77
N LYS DB 229 26.24 95.93 73.71
CA LYS DB 229 26.90 95.53 74.95
C LYS DB 229 25.83 95.36 76.02
N GLY DB 230 25.40 94.13 76.22
CA GLY DB 230 24.38 93.84 77.21
C GLY DB 230 22.98 94.17 76.76
N ASN DB 231 22.66 95.46 76.73
CA ASN DB 231 21.31 95.92 76.42
C ASN DB 231 21.37 97.05 75.41
N LYS DB 232 22.42 97.88 75.46
CA LYS DB 232 22.47 99.08 74.66
C LYS DB 232 23.03 98.75 73.28
N PRO DB 233 22.24 98.85 72.20
CA PRO DB 233 22.78 98.63 70.87
C PRO DB 233 23.80 99.70 70.49
N TRP DB 234 24.81 99.29 69.74
CA TRP DB 234 25.87 100.19 69.30
C TRP DB 234 25.56 100.88 67.98
N ILE DB 235 24.42 100.57 67.35
CA ILE DB 235 24.03 101.17 66.09
C ILE DB 235 22.60 101.67 66.23
N SER DB 236 22.26 102.69 65.43
CA SER DB 236 20.89 103.20 65.38
C SER DB 236 19.99 102.13 64.76
N LEU DB 237 19.15 101.53 65.60
CA LEU DB 237 18.26 100.48 65.12
C LEU DB 237 17.19 101.06 64.20
N PRO DB 238 16.74 100.28 63.21
CA PRO DB 238 15.72 100.79 62.27
C PRO DB 238 14.36 100.88 62.94
N ARG DB 239 13.43 101.50 62.21
CA ARG DB 239 12.06 101.64 62.69
C ARG DB 239 11.45 100.26 62.95
N GLY DB 240 10.79 100.12 64.09
CA GLY DB 240 10.34 98.83 64.58
C GLY DB 240 11.24 98.22 65.61
N LYS DB 241 12.46 98.72 65.74
CA LYS DB 241 13.43 98.37 66.78
C LYS DB 241 13.81 96.90 66.74
N GLY DB 242 13.62 96.26 65.60
CA GLY DB 242 13.91 94.83 65.48
C GLY DB 242 13.04 93.96 66.35
N ILE DB 243 11.79 94.35 66.54
CA ILE DB 243 10.83 93.58 67.34
C ILE DB 243 9.88 92.88 66.39
N ARG DB 244 9.60 91.62 66.66
CA ARG DB 244 8.71 90.82 65.84
C ARG DB 244 7.30 90.86 66.40
N LEU DB 245 6.33 91.16 65.55
CA LEU DB 245 4.93 91.19 65.91
C LEU DB 245 4.16 90.26 64.99
N THR DB 246 3.23 89.51 65.57
CA THR DB 246 2.49 88.50 64.82
C THR DB 246 1.49 89.18 63.89
N ILE DB 247 0.71 88.36 63.18
CA ILE DB 247 -0.28 88.90 62.24
C ILE DB 247 -1.37 89.68 62.94
N ALA DB 248 -1.54 89.48 64.25
CA ALA DB 248 -2.65 90.11 64.96
C ALA DB 248 -2.47 91.62 65.07
N GLU DB 249 -1.23 92.09 65.26
CA GLU DB 249 -1.10 93.46 65.74
C GLU DB 249 -0.63 94.46 64.69
N GLU DB 250 -0.05 94.01 63.56
CA GLU DB 250 0.18 94.98 62.48
C GLU DB 250 -1.14 95.35 61.83
N ARG DB 251 -2.13 94.46 61.87
CA ARG DB 251 -3.44 94.77 61.30
C ARG DB 251 -4.09 95.92 62.06
N ASP DB 252 -4.18 95.81 63.38
CA ASP DB 252 -4.74 96.90 64.16
C ASP DB 252 -3.86 98.13 64.12
N LYS DB 253 -2.56 97.94 63.85
CA LYS DB 253 -1.68 99.09 63.66
C LYS DB 253 -2.04 99.86 62.39
N ARG DB 254 -2.34 99.15 61.29
CA ARG DB 254 -2.87 99.82 60.12
C ARG DB 254 -4.18 100.53 60.42
N LEU DB 255 -5.11 99.85 61.08
CA LEU DB 255 -6.41 100.46 61.35
C LEU DB 255 -6.24 101.71 62.19
N ALA DB 256 -5.38 101.66 63.21
CA ALA DB 256 -5.10 102.85 64.00
C ALA DB 256 -4.44 103.94 63.17
N ALA DB 257 -3.46 103.55 62.34
CA ALA DB 257 -2.81 104.54 61.49
C ALA DB 257 -3.78 105.10 60.44
N LYS DB 258 -4.59 104.23 59.84
CA LYS DB 258 -5.59 104.70 58.88
C LYS DB 258 -6.62 105.60 59.55
N GLN DB 259 -7.11 105.21 60.72
CA GLN DB 259 -8.13 105.99 61.40
C GLN DB 259 -7.59 107.36 61.78
N SER DB 260 -6.34 107.42 62.27
CA SER DB 260 -5.72 108.69 62.60
C SER DB 260 -5.52 109.55 61.37
N SER DB 261 -5.09 108.94 60.26
CA SER DB 261 -4.89 109.68 59.02
C SER DB 261 -6.18 109.91 58.24
N GLY DB 262 -7.28 109.32 58.67
CA GLY DB 262 -8.56 109.50 57.99
C GLY DB 262 -9.40 110.59 58.62
N ASP EB 1 -102.05 -20.79 35.63
CA ASP EB 1 -103.32 -20.14 35.91
C ASP EB 1 -103.50 -18.88 35.08
N ILE EB 2 -102.38 -18.20 34.80
CA ILE EB 2 -102.45 -16.97 34.02
C ILE EB 2 -102.44 -17.25 32.53
N LYS EB 3 -101.92 -18.42 32.11
CA LYS EB 3 -101.93 -18.88 30.72
C LYS EB 3 -101.34 -17.82 29.78
N LEU EB 4 -100.02 -17.80 29.73
CA LEU EB 4 -99.32 -16.86 28.86
C LEU EB 4 -99.70 -17.16 27.42
N PHE EB 5 -100.15 -16.14 26.70
CA PHE EB 5 -100.73 -16.31 25.36
C PHE EB 5 -101.99 -17.15 25.38
N GLY EB 6 -102.69 -17.22 26.50
CA GLY EB 6 -103.90 -18.01 26.59
C GLY EB 6 -103.68 -19.49 26.80
N LYS EB 7 -102.44 -19.94 26.94
CA LYS EB 7 -102.13 -21.34 27.18
C LYS EB 7 -100.79 -21.40 27.90
N TRP EB 8 -100.22 -22.59 28.02
CA TRP EB 8 -98.89 -22.78 28.58
C TRP EB 8 -98.80 -22.22 30.00
N SER EB 9 -99.34 -22.98 30.94
CA SER EB 9 -99.42 -22.53 32.32
C SER EB 9 -98.03 -22.32 32.90
N THR EB 10 -97.92 -21.34 33.79
CA THR EB 10 -96.65 -20.96 34.39
C THR EB 10 -96.40 -21.62 35.74
N ASP EB 11 -97.43 -22.19 36.37
CA ASP EB 11 -97.31 -22.84 37.65
C ASP EB 11 -96.80 -24.28 37.58
N ASP EB 12 -96.07 -24.65 36.53
CA ASP EB 12 -95.42 -25.94 36.48
C ASP EB 12 -93.94 -25.88 36.11
N VAL EB 13 -93.45 -24.76 35.56
CA VAL EB 13 -92.05 -24.65 35.21
C VAL EB 13 -91.21 -24.53 36.47
N GLN EB 14 -89.92 -24.81 36.34
CA GLN EB 14 -89.01 -24.84 37.48
C GLN EB 14 -87.60 -24.53 37.01
N ILE EB 15 -86.81 -23.97 37.91
CA ILE EB 15 -85.43 -23.59 37.64
C ILE EB 15 -84.53 -24.59 38.36
N ASN EB 16 -83.60 -25.19 37.60
CA ASN EB 16 -82.80 -26.28 38.14
C ASN EB 16 -81.67 -25.83 39.06
N ASP EB 17 -81.31 -24.54 39.05
CA ASP EB 17 -80.25 -24.06 39.92
C ASP EB 17 -80.68 -22.76 40.59
N ILE EB 18 -80.45 -22.69 41.91
CA ILE EB 18 -80.78 -21.50 42.68
C ILE EB 18 -79.95 -20.28 42.32
N SER EB 19 -78.87 -20.44 41.55
CA SER EB 19 -78.07 -19.29 41.14
C SER EB 19 -78.88 -18.34 40.28
N LEU EB 20 -79.70 -18.88 39.37
CA LEU EB 20 -80.49 -18.08 38.45
C LEU EB 20 -81.95 -17.98 38.85
N GLN EB 21 -82.37 -18.58 39.96
CA GLN EB 21 -83.78 -18.64 40.31
C GLN EB 21 -84.40 -17.26 40.53
N ASP EB 22 -83.66 -16.30 41.10
CA ASP EB 22 -84.24 -15.01 41.44
C ASP EB 22 -84.07 -13.94 40.36
N TYR EB 23 -83.40 -14.25 39.26
CA TYR EB 23 -83.35 -13.33 38.13
C TYR EB 23 -84.13 -13.83 36.92
N ILE EB 24 -84.70 -15.03 37.01
CA ILE EB 24 -85.70 -15.51 36.07
C ILE EB 24 -87.07 -15.27 36.69
N ALA EB 25 -88.01 -14.81 35.88
CA ALA EB 25 -89.30 -14.36 36.38
C ALA EB 25 -90.46 -15.05 35.65
N VAL EB 26 -90.49 -16.39 35.73
CA VAL EB 26 -91.58 -17.15 35.11
C VAL EB 26 -92.63 -17.62 36.11
N LYS EB 27 -92.48 -17.31 37.40
CA LYS EB 27 -93.39 -17.86 38.40
C LYS EB 27 -94.70 -17.09 38.43
N GLU EB 28 -95.46 -17.31 39.51
CA GLU EB 28 -96.86 -16.87 39.55
C GLU EB 28 -96.95 -15.35 39.64
N LYS EB 29 -96.06 -14.73 40.42
CA LYS EB 29 -96.10 -13.28 40.58
C LYS EB 29 -95.78 -12.59 39.26
N TYR EB 30 -94.75 -13.05 38.56
CA TYR EB 30 -94.36 -12.49 37.28
C TYR EB 30 -94.94 -13.29 36.11
N ALA EB 31 -96.10 -13.88 36.31
CA ALA EB 31 -96.82 -14.59 35.26
C ALA EB 31 -97.82 -13.63 34.62
N LYS EB 32 -97.67 -13.40 33.32
CA LYS EB 32 -98.49 -12.45 32.61
C LYS EB 32 -99.19 -13.12 31.45
N TYR EB 33 -100.32 -12.54 31.04
CA TYR EB 33 -101.03 -13.04 29.88
C TYR EB 33 -100.23 -12.84 28.60
N LEU EB 34 -99.45 -11.76 28.52
CA LEU EB 34 -98.86 -11.39 27.25
C LEU EB 34 -97.50 -10.78 27.54
N PRO EB 35 -96.50 -11.02 26.68
CA PRO EB 35 -95.17 -10.42 26.87
C PRO EB 35 -95.09 -9.00 26.32
N HIS EB 36 -95.88 -8.09 26.90
CA HIS EB 36 -95.89 -6.70 26.49
C HIS EB 36 -96.40 -5.85 27.64
N SER EB 37 -95.51 -5.05 28.23
CA SER EB 37 -95.89 -4.14 29.29
C SER EB 37 -94.82 -3.08 29.42
N ALA EB 38 -95.20 -1.81 29.23
CA ALA EB 38 -94.26 -0.69 29.37
C ALA EB 38 -94.09 -0.38 30.86
N GLY EB 39 -93.40 -1.29 31.53
CA GLY EB 39 -93.28 -1.28 32.97
C GLY EB 39 -92.12 -0.50 33.55
N ARG EB 40 -91.37 0.24 32.72
CA ARG EB 40 -90.23 1.03 33.18
C ARG EB 40 -89.20 0.14 33.89
N TYR EB 41 -88.74 -0.86 33.17
CA TYR EB 41 -87.83 -1.86 33.72
C TYR EB 41 -86.37 -1.45 33.65
N ALA EB 42 -86.07 -0.28 33.10
CA ALA EB 42 -84.70 0.23 33.03
C ALA EB 42 -84.53 1.48 33.87
N ALA EB 43 -85.49 1.80 34.74
CA ALA EB 43 -85.39 2.98 35.57
C ALA EB 43 -84.22 2.89 36.53
N LYS EB 44 -83.99 1.71 37.10
CA LYS EB 44 -82.98 1.55 38.13
C LYS EB 44 -82.37 0.16 38.00
N ARG EB 45 -81.48 -0.18 38.92
CA ARG EB 45 -80.65 -1.37 38.83
C ARG EB 45 -81.34 -2.53 39.53
N PHE EB 46 -81.31 -3.71 38.90
CA PHE EB 46 -81.97 -4.92 39.38
C PHE EB 46 -83.49 -4.78 39.37
N ARG EB 47 -84.01 -3.90 38.50
CA ARG EB 47 -85.41 -3.90 38.16
C ARG EB 47 -85.71 -4.78 36.95
N LYS EB 48 -84.69 -5.10 36.15
CA LYS EB 48 -84.83 -6.03 35.05
C LYS EB 48 -84.85 -7.47 35.52
N ALA EB 49 -84.66 -7.70 36.81
CA ALA EB 49 -84.85 -9.01 37.42
C ALA EB 49 -86.32 -9.37 37.57
N GLN EB 50 -87.14 -8.42 38.01
CA GLN EB 50 -88.57 -8.64 38.17
C GLN EB 50 -89.34 -8.43 36.87
N CYS EB 51 -88.65 -8.18 35.77
CA CYS EB 51 -89.28 -8.18 34.45
C CYS EB 51 -89.40 -9.61 33.95
N PRO EB 52 -90.59 -10.05 33.53
CA PRO EB 52 -90.76 -11.43 33.07
C PRO EB 52 -89.83 -11.73 31.91
N ILE EB 53 -89.28 -12.95 31.91
CA ILE EB 53 -88.20 -13.27 30.98
C ILE EB 53 -88.71 -13.36 29.55
N VAL EB 54 -89.99 -13.72 29.35
CA VAL EB 54 -90.56 -13.70 28.02
C VAL EB 54 -90.54 -12.29 27.46
N GLU EB 55 -90.89 -11.31 28.30
CA GLU EB 55 -90.69 -9.90 27.98
C GLU EB 55 -89.22 -9.59 27.72
N ARG EB 56 -88.32 -10.15 28.52
CA ARG EB 56 -86.90 -9.93 28.30
C ARG EB 56 -86.44 -10.49 26.96
N LEU EB 57 -86.88 -11.71 26.63
CA LEU EB 57 -86.56 -12.30 25.33
C LEU EB 57 -87.16 -11.48 24.20
N THR EB 58 -88.40 -11.03 24.36
CA THR EB 58 -89.06 -10.24 23.33
C THR EB 58 -88.31 -8.93 23.08
N ASN EB 59 -87.88 -8.27 24.15
CA ASN EB 59 -87.17 -6.99 24.00
C ASN EB 59 -85.84 -7.14 23.32
N SER EB 60 -85.25 -8.34 23.30
CA SER EB 60 -83.94 -8.55 22.71
C SER EB 60 -84.01 -9.00 21.25
N MET EB 61 -85.15 -9.49 20.78
CA MET EB 61 -85.28 -9.92 19.40
C MET EB 61 -85.34 -8.73 18.43
N MET EB 62 -85.77 -7.57 18.91
CA MET EB 62 -85.86 -6.39 18.06
C MET EB 62 -84.49 -5.73 17.90
N MET EB 63 -83.69 -6.22 16.95
CA MET EB 63 -82.32 -5.72 16.82
C MET EB 63 -81.95 -5.65 15.34
N HIS EB 64 -80.75 -5.10 15.08
CA HIS EB 64 -80.26 -4.85 13.72
C HIS EB 64 -81.11 -3.84 12.96
N GLY EB 65 -81.38 -2.71 13.60
CA GLY EB 65 -81.82 -1.51 12.92
C GLY EB 65 -83.18 -1.59 12.26
N ARG EB 66 -83.36 -2.59 11.41
CA ARG EB 66 -84.64 -2.76 10.71
C ARG EB 66 -85.80 -2.84 11.69
N ASN EB 67 -85.57 -3.41 12.86
CA ASN EB 67 -86.61 -3.76 13.81
C ASN EB 67 -86.23 -3.21 15.19
N ASN EB 68 -86.39 -1.91 15.40
CA ASN EB 68 -86.07 -1.33 16.70
C ASN EB 68 -87.27 -1.00 17.58
N GLY EB 69 -88.47 -0.87 17.02
CA GLY EB 69 -89.61 -0.59 17.86
C GLY EB 69 -90.70 -1.62 17.69
N LYS EB 70 -90.46 -2.60 16.81
CA LYS EB 70 -91.53 -3.45 16.34
C LYS EB 70 -91.80 -4.56 17.36
N LYS EB 71 -92.35 -4.19 18.50
CA LYS EB 71 -92.61 -5.17 19.55
C LYS EB 71 -93.75 -6.10 19.19
N LEU EB 72 -94.77 -5.60 18.49
CA LEU EB 72 -95.88 -6.47 18.10
C LEU EB 72 -95.40 -7.55 17.14
N MET EB 73 -94.49 -7.23 16.23
CA MET EB 73 -93.91 -8.27 15.38
C MET EB 73 -93.14 -9.28 16.22
N THR EB 74 -92.41 -8.80 17.23
CA THR EB 74 -91.62 -9.71 18.04
C THR EB 74 -92.50 -10.58 18.92
N VAL EB 75 -93.62 -10.04 19.41
CA VAL EB 75 -94.52 -10.81 20.26
C VAL EB 75 -95.07 -12.01 19.49
N ARG EB 76 -95.49 -11.80 18.24
CA ARG EB 76 -95.95 -12.91 17.44
C ARG EB 76 -94.81 -13.86 17.09
N ILE EB 77 -93.58 -13.35 17.01
CA ILE EB 77 -92.43 -14.22 16.78
C ILE EB 77 -92.22 -15.14 17.97
N VAL EB 78 -92.28 -14.59 19.18
CA VAL EB 78 -92.21 -15.41 20.39
C VAL EB 78 -93.40 -16.35 20.46
N LYS EB 79 -94.58 -15.84 20.10
CA LYS EB 79 -95.79 -16.66 20.10
C LYS EB 79 -95.67 -17.84 19.13
N HIS EB 80 -95.18 -17.57 17.92
CA HIS EB 80 -95.06 -18.63 16.93
C HIS EB 80 -93.93 -19.59 17.29
N ALA EB 81 -92.82 -19.07 17.83
CA ALA EB 81 -91.73 -19.94 18.24
C ALA EB 81 -92.14 -20.84 19.40
N PHE EB 82 -92.92 -20.31 20.34
CA PHE EB 82 -93.38 -21.11 21.47
C PHE EB 82 -94.33 -22.21 21.01
N GLU EB 83 -95.20 -21.91 20.04
CA GLU EB 83 -96.08 -22.94 19.49
C GLU EB 83 -95.29 -24.04 18.80
N ILE EB 84 -94.19 -23.68 18.14
CA ILE EB 84 -93.40 -24.69 17.44
C ILE EB 84 -92.70 -25.61 18.43
N ILE EB 85 -92.06 -25.04 19.46
CA ILE EB 85 -91.26 -25.86 20.36
C ILE EB 85 -92.15 -26.80 21.17
N HIS EB 86 -93.35 -26.38 21.55
CA HIS EB 86 -94.28 -27.30 22.17
C HIS EB 86 -94.68 -28.41 21.20
N LEU EB 87 -94.90 -28.05 19.94
CA LEU EB 87 -95.27 -29.05 18.94
C LEU EB 87 -94.09 -29.92 18.56
N LEU EB 88 -92.89 -29.35 18.50
CA LEU EB 88 -91.72 -30.08 18.03
C LEU EB 88 -91.08 -30.93 19.13
N THR EB 89 -91.27 -30.58 20.40
CA THR EB 89 -90.68 -31.35 21.49
C THR EB 89 -91.72 -32.00 22.39
N GLY EB 90 -92.71 -31.25 22.84
CA GLY EB 90 -93.81 -31.86 23.57
C GLY EB 90 -94.01 -31.42 25.01
N GLU EB 91 -93.20 -30.47 25.47
CA GLU EB 91 -93.30 -29.96 26.84
C GLU EB 91 -93.59 -28.46 26.82
N ASN EB 92 -93.60 -27.88 28.01
CA ASN EB 92 -94.05 -26.50 28.14
C ASN EB 92 -93.02 -25.56 27.51
N PRO EB 93 -93.44 -24.67 26.61
CA PRO EB 93 -92.46 -23.77 25.96
C PRO EB 93 -91.67 -22.92 26.94
N LEU EB 94 -92.29 -22.49 28.03
CA LEU EB 94 -91.55 -21.75 29.06
C LEU EB 94 -90.44 -22.61 29.65
N GLN EB 95 -90.73 -23.89 29.88
CA GLN EB 95 -89.74 -24.79 30.47
C GLN EB 95 -88.51 -24.90 29.57
N VAL EB 96 -88.72 -24.93 28.26
CA VAL EB 96 -87.60 -24.96 27.32
C VAL EB 96 -86.83 -23.63 27.38
N LEU EB 97 -87.53 -22.52 27.54
CA LEU EB 97 -86.88 -21.22 27.63
C LEU EB 97 -85.98 -21.13 28.86
N VAL EB 98 -86.48 -21.54 30.02
CA VAL EB 98 -85.68 -21.47 31.24
C VAL EB 98 -84.46 -22.37 31.13
N ASN EB 99 -84.64 -23.57 30.59
CA ASN EB 99 -83.49 -24.45 30.36
C ASN EB 99 -82.51 -23.83 29.38
N ALA EB 100 -83.03 -23.13 28.36
CA ALA EB 100 -82.15 -22.45 27.41
C ALA EB 100 -81.34 -21.35 28.10
N ILE EB 101 -81.98 -20.56 28.95
CA ILE EB 101 -81.28 -19.49 29.65
C ILE EB 101 -80.26 -20.08 30.62
N ILE EB 102 -80.65 -21.13 31.35
CA ILE EB 102 -79.74 -21.73 32.33
C ILE EB 102 -78.52 -22.31 31.64
N ASN EB 103 -78.74 -23.03 30.54
CA ASN EB 103 -77.68 -23.76 29.87
C ASN EB 103 -76.79 -22.85 29.01
N SER EB 104 -77.26 -21.66 28.65
CA SER EB 104 -76.50 -20.79 27.75
C SER EB 104 -75.69 -19.72 28.47
N GLY EB 105 -76.03 -19.38 29.70
CA GLY EB 105 -75.30 -18.39 30.45
C GLY EB 105 -73.86 -18.82 30.71
N PRO EB 106 -72.90 -18.04 30.22
CA PRO EB 106 -71.48 -18.39 30.42
C PRO EB 106 -71.08 -18.24 31.87
N ARG EB 107 -70.63 -19.34 32.48
CA ARG EB 107 -70.33 -19.32 33.91
C ARG EB 107 -69.14 -18.42 34.23
N GLU EB 108 -68.11 -18.40 33.38
CA GLU EB 108 -67.02 -17.45 33.55
C GLU EB 108 -66.64 -16.80 32.24
N ASP EB 109 -66.02 -15.64 32.37
CA ASP EB 109 -65.52 -14.85 31.26
C ASP EB 109 -64.13 -14.34 31.65
N SER EB 110 -63.51 -13.60 30.74
CA SER EB 110 -62.19 -13.03 30.98
C SER EB 110 -62.21 -11.56 30.65
N THR EB 111 -61.53 -10.76 31.47
CA THR EB 111 -61.50 -9.32 31.25
C THR EB 111 -60.31 -8.71 32.01
N ARG EB 112 -59.66 -7.74 31.37
CA ARG EB 112 -58.59 -6.94 31.95
C ARG EB 112 -58.14 -5.94 30.88
N ILE EB 113 -57.14 -5.14 31.23
CA ILE EB 113 -56.57 -4.17 30.30
C ILE EB 113 -55.10 -4.42 30.03
N GLY EB 114 -54.39 -5.16 30.90
CA GLY EB 114 -53.00 -5.47 30.67
C GLY EB 114 -52.75 -6.26 29.39
N ARG EB 115 -51.50 -6.62 29.15
CA ARG EB 115 -51.13 -7.18 27.86
C ARG EB 115 -51.70 -8.58 27.73
N ALA EB 116 -52.78 -8.71 26.96
CA ALA EB 116 -53.54 -9.96 26.90
C ALA EB 116 -52.79 -11.02 26.11
N GLY EB 117 -53.01 -12.28 26.50
CA GLY EB 117 -52.42 -13.41 25.81
C GLY EB 117 -53.06 -13.64 24.45
N THR EB 118 -54.36 -13.93 24.44
CA THR EB 118 -55.11 -14.10 23.20
C THR EB 118 -56.22 -13.07 23.05
N VAL EB 119 -57.11 -12.96 24.03
CA VAL EB 119 -58.20 -11.99 23.97
C VAL EB 119 -58.15 -11.10 25.21
N ARG EB 120 -58.37 -11.70 26.39
CA ARG EB 120 -58.35 -10.97 27.65
C ARG EB 120 -57.42 -11.67 28.62
N ARG EB 121 -57.04 -10.95 29.68
CA ARG EB 121 -56.01 -11.44 30.60
C ARG EB 121 -56.60 -12.33 31.69
N GLN EB 122 -57.38 -11.76 32.59
CA GLN EB 122 -57.72 -12.39 33.85
C GLN EB 122 -59.10 -13.02 33.78
N ALA EB 123 -59.21 -14.27 34.24
CA ALA EB 123 -60.47 -15.01 34.21
C ALA EB 123 -61.33 -14.60 35.39
N VAL EB 124 -62.56 -14.17 35.11
CA VAL EB 124 -63.46 -13.64 36.13
C VAL EB 124 -64.80 -14.32 35.99
N ASP EB 125 -65.31 -14.87 37.10
CA ASP EB 125 -66.63 -15.47 37.12
C ASP EB 125 -67.70 -14.39 37.02
N VAL EB 126 -68.74 -14.66 36.26
CA VAL EB 126 -69.73 -13.64 35.97
C VAL EB 126 -70.81 -13.66 37.03
N SER EB 127 -71.61 -12.60 37.05
CA SER EB 127 -72.70 -12.47 37.98
C SER EB 127 -73.93 -13.24 37.48
N PRO EB 128 -74.85 -13.61 38.38
CA PRO EB 128 -76.06 -14.30 37.94
C PRO EB 128 -76.93 -13.46 37.02
N LEU EB 129 -76.90 -12.13 37.12
CA LEU EB 129 -77.68 -11.32 36.20
C LEU EB 129 -77.01 -11.21 34.83
N ARG EB 130 -75.67 -11.09 34.80
CA ARG EB 130 -74.96 -11.17 33.53
C ARG EB 130 -75.18 -12.51 32.87
N ARG EB 131 -75.36 -13.57 33.68
CA ARG EB 131 -75.68 -14.89 33.15
C ARG EB 131 -76.95 -14.84 32.31
N VAL EB 132 -78.01 -14.25 32.86
CA VAL EB 132 -79.28 -14.16 32.13
C VAL EB 132 -79.16 -13.18 30.97
N ASN EB 133 -78.47 -12.05 31.20
CA ASN EB 133 -78.32 -11.06 30.14
C ASN EB 133 -77.58 -11.63 28.95
N GLN EB 134 -76.50 -12.38 29.21
CA GLN EB 134 -75.75 -13.00 28.11
C GLN EB 134 -76.55 -14.12 27.47
N ALA EB 135 -77.30 -14.88 28.27
CA ALA EB 135 -78.05 -16.01 27.74
C ALA EB 135 -79.11 -15.54 26.75
N ILE EB 136 -79.85 -14.49 27.09
CA ILE EB 136 -80.87 -13.98 26.20
C ILE EB 136 -80.24 -13.38 24.95
N TRP EB 137 -79.15 -12.62 25.11
CA TRP EB 137 -78.49 -12.00 23.97
C TRP EB 137 -77.92 -13.05 23.02
N LEU EB 138 -77.43 -14.16 23.57
CA LEU EB 138 -76.82 -15.18 22.72
C LEU EB 138 -77.86 -15.96 21.93
N LEU EB 139 -78.99 -16.28 22.57
CA LEU EB 139 -80.05 -16.99 21.85
C LEU EB 139 -80.61 -16.16 20.70
N CYS EB 140 -80.86 -14.87 20.96
CA CYS EB 140 -81.43 -14.01 19.92
C CYS EB 140 -80.46 -13.85 18.75
N THR EB 141 -79.17 -13.67 19.04
CA THR EB 141 -78.19 -13.55 17.96
C THR EB 141 -78.06 -14.85 17.19
N GLY EB 142 -78.20 -15.99 17.88
CA GLY EB 142 -78.15 -17.27 17.19
C GLY EB 142 -79.31 -17.45 16.23
N ALA EB 143 -80.52 -17.12 16.68
CA ALA EB 143 -81.68 -17.19 15.80
C ALA EB 143 -81.58 -16.15 14.70
N ARG EB 144 -81.01 -14.97 15.01
CA ARG EB 144 -80.89 -13.91 14.02
C ARG EB 144 -79.98 -14.33 12.87
N GLU EB 145 -78.80 -14.84 13.20
CA GLU EB 145 -77.84 -15.22 12.17
C GLU EB 145 -78.31 -16.45 11.40
N ALA EB 146 -79.06 -17.33 12.05
CA ALA EB 146 -79.50 -18.56 11.40
C ALA EB 146 -80.55 -18.30 10.32
N ALA EB 147 -81.28 -17.20 10.42
CA ALA EB 147 -82.38 -16.91 9.51
C ALA EB 147 -82.14 -15.69 8.64
N PHE EB 148 -80.87 -15.25 8.50
CA PHE EB 148 -80.62 -14.01 7.79
C PHE EB 148 -80.76 -14.15 6.29
N ARG EB 149 -80.50 -15.33 5.73
CA ARG EB 149 -80.57 -15.50 4.28
C ARG EB 149 -81.01 -16.92 3.93
N ASN EB 150 -82.01 -17.43 4.64
CA ASN EB 150 -82.58 -18.73 4.31
C ASN EB 150 -84.10 -18.66 4.40
N ILE EB 151 -84.75 -19.63 3.76
CA ILE EB 151 -86.21 -19.66 3.74
C ILE EB 151 -86.78 -19.87 5.14
N LYS EB 152 -86.03 -20.52 6.02
CA LYS EB 152 -86.52 -20.78 7.36
C LYS EB 152 -86.82 -19.47 8.08
N THR EB 153 -87.99 -19.41 8.70
CA THR EB 153 -88.47 -18.17 9.30
C THR EB 153 -87.79 -17.93 10.65
N ILE EB 154 -88.03 -16.74 11.19
CA ILE EB 154 -87.45 -16.38 12.48
C ILE EB 154 -88.01 -17.27 13.58
N ALA EB 155 -89.32 -17.54 13.54
CA ALA EB 155 -89.94 -18.37 14.57
C ALA EB 155 -89.31 -19.76 14.63
N GLU EB 156 -89.07 -20.37 13.47
CA GLU EB 156 -88.46 -21.69 13.46
C GLU EB 156 -86.99 -21.62 13.87
N CYS EB 157 -86.27 -20.60 13.41
CA CYS EB 157 -84.87 -20.44 13.82
C CYS EB 157 -84.78 -20.11 15.31
N LEU EB 158 -85.72 -19.32 15.83
CA LEU EB 158 -85.77 -19.12 17.27
C LEU EB 158 -86.16 -20.42 17.98
N ALA EB 159 -87.03 -21.21 17.36
CA ALA EB 159 -87.49 -22.44 17.99
C ALA EB 159 -86.35 -23.42 18.19
N ASP EB 160 -85.58 -23.68 17.14
CA ASP EB 160 -84.50 -24.67 17.25
C ASP EB 160 -83.39 -24.19 18.17
N GLU EB 161 -83.15 -22.87 18.22
CA GLU EB 161 -82.10 -22.34 19.08
C GLU EB 161 -82.40 -22.61 20.55
N LEU EB 162 -83.63 -22.35 20.98
CA LEU EB 162 -84.05 -22.67 22.34
C LEU EB 162 -84.07 -24.16 22.61
N ILE EB 163 -84.52 -24.96 21.64
CA ILE EB 163 -84.54 -26.41 21.84
C ILE EB 163 -83.11 -26.93 21.98
N ASN EB 164 -82.22 -26.50 21.08
CA ASN EB 164 -80.83 -26.96 21.14
C ASN EB 164 -80.14 -26.46 22.41
N ALA EB 165 -80.42 -25.21 22.81
CA ALA EB 165 -79.83 -24.70 24.04
C ALA EB 165 -80.36 -25.42 25.27
N ALA EB 166 -81.64 -25.79 25.28
CA ALA EB 166 -82.22 -26.49 26.41
C ALA EB 166 -81.60 -27.86 26.61
N LYS EB 167 -80.96 -28.42 25.59
CA LYS EB 167 -80.26 -29.70 25.70
C LYS EB 167 -78.75 -29.53 25.71
N GLY EB 168 -78.21 -28.72 24.80
CA GLY EB 168 -76.78 -28.59 24.67
C GLY EB 168 -76.23 -29.63 23.73
N SER EB 169 -76.09 -29.29 22.45
CA SER EB 169 -75.71 -30.27 21.44
C SER EB 169 -74.64 -29.76 20.49
N SER EB 170 -73.91 -28.71 20.86
CA SER EB 170 -72.95 -28.06 19.98
C SER EB 170 -73.59 -27.59 18.67
N ASN EB 171 -74.92 -27.46 18.67
CA ASN EB 171 -75.67 -26.97 17.53
C ASN EB 171 -76.26 -25.59 17.75
N SER EB 172 -76.49 -25.20 19.00
CA SER EB 172 -76.98 -23.86 19.30
C SER EB 172 -75.82 -22.88 19.27
N TYR EB 173 -76.01 -21.76 18.60
CA TYR EB 173 -75.01 -20.71 18.58
C TYR EB 173 -74.71 -20.20 19.97
N ALA EB 174 -75.71 -20.23 20.86
CA ALA EB 174 -75.51 -19.71 22.21
C ALA EB 174 -74.54 -20.57 23.00
N ILE EB 175 -74.75 -21.90 23.03
CA ILE EB 175 -73.88 -22.75 23.82
C ILE EB 175 -72.50 -22.84 23.18
N LYS EB 176 -72.43 -22.78 21.85
CA LYS EB 176 -71.12 -22.75 21.19
C LYS EB 176 -70.33 -21.53 21.62
N LYS EB 177 -71.00 -20.38 21.71
CA LYS EB 177 -70.33 -19.19 22.24
C LYS EB 177 -70.07 -19.32 23.74
N LYS EB 178 -70.93 -20.03 24.46
CA LYS EB 178 -70.69 -20.22 25.89
C LYS EB 178 -69.44 -21.06 26.12
N ASP EB 179 -69.35 -22.21 25.44
CA ASP EB 179 -68.18 -23.07 25.59
C ASP EB 179 -66.91 -22.34 25.21
N GLU EB 180 -66.99 -21.48 24.20
CA GLU EB 180 -65.83 -20.70 23.79
C GLU EB 180 -65.39 -19.74 24.88
N LEU EB 181 -66.36 -19.11 25.55
CA LEU EB 181 -66.02 -18.21 26.66
C LEU EB 181 -65.37 -18.96 27.80
N GLU EB 182 -65.86 -20.16 28.12
CA GLU EB 182 -65.25 -20.95 29.18
C GLU EB 182 -63.81 -21.29 28.85
N ARG EB 183 -63.54 -21.70 27.60
CA ARG EB 183 -62.20 -22.09 27.23
C ARG EB 183 -61.22 -20.93 27.34
N VAL EB 184 -61.63 -19.74 26.90
CA VAL EB 184 -60.76 -18.58 27.01
C VAL EB 184 -60.49 -18.24 28.47
N ALA EB 185 -61.54 -18.25 29.30
CA ALA EB 185 -61.35 -17.99 30.72
C ALA EB 185 -60.48 -19.05 31.35
N LYS EB 186 -60.71 -20.32 31.01
CA LYS EB 186 -59.94 -21.40 31.60
C LYS EB 186 -58.49 -21.33 31.17
N SER EB 187 -58.24 -21.02 29.89
CA SER EB 187 -56.88 -20.84 29.42
C SER EB 187 -56.24 -19.57 29.97
N ASN EB 188 -57.04 -18.62 30.44
CA ASN EB 188 -56.54 -17.35 30.95
C ASN EB 188 -56.79 -17.20 32.45
N ARG EB 189 -56.73 -18.29 33.20
CA ARG EB 189 -56.89 -18.20 34.64
C ARG EB 189 -55.72 -17.51 35.31
N MET FB 1 56.14 76.67 -15.73
CA MET FB 1 56.48 76.81 -14.32
C MET FB 1 57.07 78.18 -14.02
N LYS FB 2 56.53 78.85 -13.02
CA LYS FB 2 56.97 80.18 -12.65
C LYS FB 2 57.99 80.11 -11.50
N LEU FB 3 58.88 81.09 -11.46
CA LEU FB 3 59.89 81.19 -10.42
C LEU FB 3 59.78 82.55 -9.75
N ASN FB 4 59.60 82.56 -8.44
CA ASN FB 4 59.59 83.79 -7.65
C ASN FB 4 61.01 84.06 -7.17
N ILE FB 5 61.60 85.14 -7.68
CA ILE FB 5 62.95 85.55 -7.31
C ILE FB 5 62.90 86.83 -6.51
N SER FB 6 63.55 86.81 -5.35
CA SER FB 6 63.64 87.93 -4.44
C SER FB 6 65.08 88.11 -3.99
N PHE FB 7 65.56 89.34 -4.04
CA PHE FB 7 66.89 89.67 -3.56
C PHE FB 7 66.76 90.54 -2.32
N PRO FB 8 67.03 90.00 -1.12
CA PRO FB 8 66.78 90.77 0.10
C PRO FB 8 67.54 92.08 0.18
N ALA FB 9 68.75 92.13 -0.39
CA ALA FB 9 69.56 93.33 -0.28
C ALA FB 9 68.92 94.51 -0.99
N THR FB 10 68.16 94.26 -2.06
CA THR FB 10 67.54 95.34 -2.82
C THR FB 10 66.03 95.17 -2.93
N GLY FB 11 65.47 94.17 -2.26
CA GLY FB 11 64.05 93.89 -2.42
C GLY FB 11 63.74 93.63 -3.87
N CYS FB 12 62.69 94.28 -4.37
CA CYS FB 12 62.34 94.28 -5.79
C CYS FB 12 62.22 92.86 -6.34
N GLN FB 13 61.47 92.03 -5.63
CA GLN FB 13 61.22 90.68 -6.11
C GLN FB 13 60.40 90.73 -7.39
N LYS FB 14 60.62 89.75 -8.26
CA LYS FB 14 59.91 89.69 -9.52
C LYS FB 14 59.76 88.24 -9.95
N LEU FB 15 58.78 88.00 -10.82
CA LEU FB 15 58.39 86.66 -11.21
C LEU FB 15 59.01 86.30 -12.56
N ILE FB 16 59.57 85.10 -12.65
CA ILE FB 16 60.16 84.58 -13.87
C ILE FB 16 59.33 83.41 -14.35
N GLU FB 17 58.96 83.44 -15.63
CA GLU FB 17 58.20 82.36 -16.27
C GLU FB 17 59.15 81.59 -17.18
N VAL FB 18 59.24 80.28 -16.96
CA VAL FB 18 60.08 79.41 -17.78
C VAL FB 18 59.27 78.20 -18.22
N ASP FB 19 59.53 77.75 -19.44
CA ASP FB 19 58.91 76.54 -19.98
C ASP FB 19 59.95 75.52 -20.40
N ASP FB 20 61.21 75.73 -20.00
CA ASP FB 20 62.32 74.85 -20.34
C ASP FB 20 62.69 74.02 -19.11
N GLU FB 21 62.83 72.71 -19.31
CA GLU FB 21 63.09 71.82 -18.19
C GLU FB 21 64.55 71.92 -17.71
N ARG FB 22 65.48 72.19 -18.63
CA ARG FB 22 66.90 72.09 -18.27
C ARG FB 22 67.32 73.23 -17.35
N LYS FB 23 66.83 74.44 -17.62
CA LYS FB 23 67.10 75.53 -16.69
C LYS FB 23 66.51 75.21 -15.33
N LEU FB 24 65.34 74.56 -15.30
CA LEU FB 24 64.73 74.18 -14.03
C LEU FB 24 65.40 72.98 -13.39
N ARG FB 25 65.89 72.02 -14.19
CA ARG FB 25 66.33 70.76 -13.59
C ARG FB 25 67.57 70.91 -12.70
N THR FB 26 68.30 72.02 -12.78
CA THR FB 26 69.34 72.25 -11.78
C THR FB 26 68.72 72.33 -10.40
N PHE FB 27 67.51 72.89 -10.32
CA PHE FB 27 66.81 73.02 -9.04
C PHE FB 27 66.20 71.69 -8.62
N TYR FB 28 65.81 70.84 -9.58
CA TYR FB 28 65.08 69.61 -9.27
C TYR FB 28 65.88 68.70 -8.34
N GLU FB 29 65.15 67.88 -7.59
CA GLU FB 29 65.71 66.97 -6.59
C GLU FB 29 66.51 67.70 -5.52
N LYS FB 30 66.08 68.89 -5.13
CA LYS FB 30 66.70 69.63 -4.05
C LYS FB 30 65.66 70.01 -3.00
N ARG FB 31 66.09 70.02 -1.75
CA ARG FB 31 65.22 70.38 -0.64
C ARG FB 31 65.20 71.89 -0.45
N MET FB 32 64.44 72.34 0.54
CA MET FB 32 64.39 73.76 0.87
C MET FB 32 65.64 74.18 1.64
N ALA FB 33 65.90 75.48 1.64
CA ALA FB 33 67.02 76.08 2.35
C ALA FB 33 68.36 75.51 1.89
N THR FB 34 68.46 75.14 0.61
CA THR FB 34 69.71 74.72 0.01
C THR FB 34 70.07 75.71 -1.09
N GLU FB 35 71.32 76.13 -1.11
CA GLU FB 35 71.77 77.17 -2.04
C GLU FB 35 72.27 76.55 -3.32
N VAL FB 36 71.71 76.98 -4.44
CA VAL FB 36 72.00 76.43 -5.77
C VAL FB 36 72.35 77.59 -6.69
N ALA FB 37 73.24 77.33 -7.65
CA ALA FB 37 73.71 78.36 -8.57
C ALA FB 37 72.87 78.36 -9.84
N ALA FB 38 72.35 79.53 -10.19
CA ALA FB 38 71.43 79.66 -11.33
C ALA FB 38 72.19 80.03 -12.61
N ASP FB 39 73.27 79.30 -12.87
CA ASP FB 39 74.01 79.50 -14.11
C ASP FB 39 73.32 78.85 -15.30
N ALA FB 40 72.15 78.24 -15.09
CA ALA FB 40 71.46 77.53 -16.16
C ALA FB 40 70.77 78.48 -17.13
N LEU FB 41 70.32 79.64 -16.66
CA LEU FB 41 69.45 80.52 -17.44
C LEU FB 41 70.28 81.54 -18.21
N GLY FB 42 70.46 81.31 -19.50
CA GLY FB 42 71.04 82.32 -20.38
C GLY FB 42 72.50 82.61 -20.07
N GLU FB 43 72.87 83.88 -20.24
CA GLU FB 43 74.19 84.37 -19.87
C GLU FB 43 74.12 85.49 -18.84
N GLU FB 44 72.93 85.76 -18.31
CA GLU FB 44 72.71 86.88 -17.40
C GLU FB 44 72.59 86.46 -15.94
N TRP FB 45 72.32 85.18 -15.67
CA TRP FB 45 72.17 84.67 -14.31
C TRP FB 45 73.46 84.09 -13.76
N LYS FB 46 74.60 84.64 -14.14
CA LYS FB 46 75.89 84.03 -13.86
C LYS FB 46 76.49 84.60 -12.59
N GLY FB 47 77.38 83.83 -11.97
CA GLY FB 47 77.92 84.21 -10.68
C GLY FB 47 76.85 84.37 -9.62
N TYR FB 48 75.72 83.71 -9.79
CA TYR FB 48 74.55 83.85 -8.92
C TYR FB 48 74.23 82.49 -8.32
N VAL FB 49 74.45 82.35 -7.02
CA VAL FB 49 73.97 81.18 -6.26
C VAL FB 49 72.73 81.61 -5.49
N VAL FB 50 71.69 80.79 -5.55
CA VAL FB 50 70.38 81.15 -5.05
C VAL FB 50 69.90 80.06 -4.10
N ARG FB 51 69.12 80.45 -3.10
CA ARG FB 51 68.63 79.56 -2.06
C ARG FB 51 67.15 79.27 -2.29
N ILE FB 52 66.78 78.00 -2.24
CA ILE FB 52 65.38 77.61 -2.36
C ILE FB 52 64.69 77.90 -1.04
N SER FB 53 63.68 78.77 -1.07
CA SER FB 53 62.98 79.17 0.14
C SER FB 53 61.55 78.67 0.23
N GLY FB 54 60.97 78.19 -0.87
CA GLY FB 54 59.62 77.68 -0.84
C GLY FB 54 59.06 77.58 -2.24
N GLY FB 55 57.78 77.23 -2.30
CA GLY FB 55 57.11 77.07 -3.58
C GLY FB 55 55.67 76.67 -3.37
N ASN FB 56 55.02 76.29 -4.47
CA ASN FB 56 53.63 75.86 -4.44
C ASN FB 56 53.43 74.70 -5.40
N ASP FB 57 52.48 73.84 -5.06
CA ASP FB 57 52.11 72.69 -5.85
C ASP FB 57 51.20 73.12 -7.00
N LYS FB 58 51.11 72.26 -8.03
CA LYS FB 58 50.14 72.43 -9.11
C LYS FB 58 48.76 72.80 -8.59
N GLN FB 59 48.36 72.25 -7.45
CA GLN FB 59 47.07 72.56 -6.85
C GLN FB 59 47.11 73.76 -5.90
N GLY FB 60 48.28 74.39 -5.75
CA GLY FB 60 48.40 75.57 -4.92
C GLY FB 60 48.79 75.32 -3.47
N PHE FB 61 48.99 74.07 -3.08
CA PHE FB 61 49.35 73.78 -1.70
C PHE FB 61 50.79 74.22 -1.43
N PRO FB 62 51.05 74.97 -0.36
CA PRO FB 62 52.42 75.38 -0.05
C PRO FB 62 53.27 74.20 0.37
N MET FB 63 54.59 74.36 0.18
CA MET FB 63 55.54 73.34 0.58
C MET FB 63 56.10 73.67 1.96
N LYS FB 64 56.23 72.64 2.79
CA LYS FB 64 56.63 72.79 4.17
C LYS FB 64 58.01 72.19 4.40
N GLN FB 65 58.83 72.90 5.16
CA GLN FB 65 60.18 72.44 5.47
C GLN FB 65 60.12 71.18 6.33
N GLY FB 66 60.97 70.21 6.01
CA GLY FB 66 61.13 69.02 6.83
C GLY FB 66 60.19 67.88 6.53
N VAL FB 67 59.25 68.05 5.59
CA VAL FB 67 58.34 66.97 5.26
C VAL FB 67 59.11 65.80 4.64
N LEU FB 68 60.07 66.09 3.78
CA LEU FB 68 61.03 65.10 3.27
C LEU FB 68 60.34 64.00 2.46
N THR FB 69 59.44 64.41 1.58
CA THR FB 69 58.87 63.51 0.58
C THR FB 69 58.25 64.33 -0.53
N HIS FB 70 58.53 63.97 -1.78
CA HIS FB 70 57.94 64.65 -2.91
C HIS FB 70 56.48 64.23 -3.05
N GLY FB 71 55.57 65.19 -2.94
CA GLY FB 71 54.15 64.93 -2.99
C GLY FB 71 53.44 65.68 -1.89
N ARG FB 72 52.21 65.25 -1.61
CA ARG FB 72 51.34 65.91 -0.65
C ARG FB 72 51.02 64.97 0.50
N VAL FB 73 51.10 65.50 1.72
CA VAL FB 73 50.77 64.77 2.93
C VAL FB 73 49.85 65.64 3.79
N ARG FB 74 49.15 64.99 4.71
CA ARG FB 74 48.24 65.67 5.63
C ARG FB 74 48.87 65.72 7.01
N LEU FB 75 48.94 66.92 7.58
CA LEU FB 75 49.59 67.16 8.86
C LEU FB 75 48.63 67.83 9.82
N LEU FB 76 48.70 67.44 11.09
CA LEU FB 76 47.92 68.09 12.15
C LEU FB 76 48.70 69.33 12.59
N LEU FB 77 48.49 70.43 11.88
CA LEU FB 77 49.23 71.65 12.13
C LEU FB 77 48.68 72.36 13.36
N SER FB 78 49.54 72.59 14.35
CA SER FB 78 49.16 73.32 15.54
C SER FB 78 49.45 74.81 15.35
N LYS FB 79 49.49 75.56 16.45
CA LYS FB 79 49.77 76.98 16.37
C LYS FB 79 51.21 77.22 15.94
N GLY FB 80 51.40 78.15 15.00
CA GLY FB 80 52.73 78.65 14.70
C GLY FB 80 53.66 77.63 14.09
N HIS FB 81 53.12 76.59 13.47
CA HIS FB 81 53.98 75.67 12.71
C HIS FB 81 54.38 76.32 11.38
N SER FB 82 53.47 76.27 10.40
CA SER FB 82 53.61 76.91 9.10
C SER FB 82 52.38 76.52 8.29
N CYS FB 83 52.09 77.32 7.26
CA CYS FB 83 51.02 77.02 6.31
C CYS FB 83 49.66 76.92 6.99
N TYR FB 84 49.49 77.65 8.08
CA TYR FB 84 48.27 77.55 8.89
C TYR FB 84 48.29 78.67 9.92
N ARG FB 85 47.18 79.40 10.04
CA ARG FB 85 47.00 80.24 11.22
C ARG FB 85 45.76 79.79 11.96
N PRO FB 86 45.84 79.60 13.28
CA PRO FB 86 44.68 79.14 14.05
C PRO FB 86 43.60 80.20 14.12
N ARG FB 87 42.34 79.74 14.06
CA ARG FB 87 41.21 80.65 14.21
C ARG FB 87 40.85 80.92 15.66
N ARG FB 88 41.37 80.12 16.60
CA ARG FB 88 41.14 80.34 18.00
C ARG FB 88 42.26 79.67 18.79
N THR FB 89 42.39 80.04 20.06
CA THR FB 89 43.49 79.56 20.87
C THR FB 89 43.43 78.05 21.03
N GLY FB 90 44.55 77.38 20.80
CA GLY FB 90 44.63 75.95 20.96
C GLY FB 90 44.04 75.14 19.83
N GLU FB 91 43.57 75.79 18.77
CA GLU FB 91 42.98 75.06 17.65
C GLU FB 91 44.08 74.43 16.80
N ARG FB 92 43.89 73.16 16.48
CA ARG FB 92 44.76 72.43 15.57
C ARG FB 92 43.90 71.89 14.44
N LYS FB 93 44.40 71.99 13.22
CA LYS FB 93 43.65 71.54 12.06
C LYS FB 93 44.54 70.73 11.14
N ARG FB 94 43.95 69.74 10.49
CA ARG FB 94 44.67 68.88 9.56
C ARG FB 94 44.61 69.49 8.17
N LYS FB 95 45.77 69.80 7.60
CA LYS FB 95 45.87 70.46 6.31
C LYS FB 95 46.82 69.68 5.41
N SER FB 96 46.64 69.86 4.11
CA SER FB 96 47.52 69.25 3.12
C SER FB 96 48.70 70.16 2.83
N VAL FB 97 49.90 69.59 2.85
CA VAL FB 97 51.12 70.34 2.59
C VAL FB 97 51.96 69.58 1.58
N ARG FB 98 52.87 70.30 0.93
CA ARG FB 98 53.76 69.75 -0.07
C ARG FB 98 55.14 69.55 0.54
N GLY FB 99 55.82 68.48 0.14
CA GLY FB 99 57.13 68.19 0.67
C GLY FB 99 58.16 69.21 0.25
N CYS FB 100 59.32 69.16 0.92
CA CYS FB 100 60.36 70.15 0.72
C CYS FB 100 61.23 69.89 -0.49
N ILE FB 101 61.13 68.71 -1.11
CA ILE FB 101 61.90 68.42 -2.31
C ILE FB 101 61.11 68.89 -3.52
N VAL FB 102 61.80 69.54 -4.45
CA VAL FB 102 61.13 70.10 -5.62
C VAL FB 102 61.22 69.11 -6.78
N ASP FB 103 60.25 69.21 -7.68
CA ASP FB 103 60.25 68.39 -8.90
C ASP FB 103 59.50 69.16 -9.98
N ALA FB 104 59.06 68.44 -11.01
CA ALA FB 104 58.38 69.08 -12.13
C ALA FB 104 57.02 69.63 -11.71
N ASN FB 105 56.34 68.95 -10.79
CA ASN FB 105 54.94 69.27 -10.45
C ASN FB 105 54.89 70.35 -9.36
N LEU FB 106 55.44 71.52 -9.68
CA LEU FB 106 55.35 72.68 -8.82
C LEU FB 106 54.93 73.91 -9.61
N SER FB 107 53.96 74.65 -9.07
CA SER FB 107 53.50 75.86 -9.74
C SER FB 107 54.57 76.94 -9.73
N VAL FB 108 55.08 77.28 -8.55
CA VAL FB 108 56.10 78.31 -8.41
C VAL FB 108 57.24 77.77 -7.55
N LEU FB 109 58.31 78.56 -7.47
CA LEU FB 109 59.46 78.22 -6.66
C LEU FB 109 60.09 79.51 -6.16
N ASN FB 110 59.88 79.81 -4.88
CA ASN FB 110 60.41 81.02 -4.28
C ASN FB 110 61.92 80.84 -4.05
N LEU FB 111 62.71 81.74 -4.64
CA LEU FB 111 64.16 81.63 -4.60
C LEU FB 111 64.75 82.95 -4.13
N VAL FB 112 65.83 82.87 -3.36
CA VAL FB 112 66.43 84.03 -2.71
C VAL FB 112 67.91 84.07 -3.07
N ILE FB 113 68.34 85.15 -3.73
CA ILE FB 113 69.76 85.35 -4.01
C ILE FB 113 70.49 85.64 -2.71
N VAL FB 114 71.61 84.96 -2.49
CA VAL FB 114 72.44 85.16 -1.30
C VAL FB 114 73.71 85.92 -1.59
N LYS FB 115 74.13 86.04 -2.85
CA LYS FB 115 75.31 86.82 -3.16
C LYS FB 115 75.23 87.31 -4.60
N LYS FB 116 75.96 88.39 -4.85
CA LYS FB 116 75.93 89.12 -6.11
C LYS FB 116 76.84 88.46 -7.14
N GLY FB 117 76.67 88.84 -8.41
CA GLY FB 117 77.40 88.22 -9.50
C GLY FB 117 78.39 89.14 -10.18
N GLU FB 118 78.18 89.39 -11.48
CA GLU FB 118 79.07 90.24 -12.26
C GLU FB 118 78.43 91.54 -12.72
N LYS FB 119 77.10 91.58 -12.81
CA LYS FB 119 76.37 92.72 -13.34
C LYS FB 119 74.99 92.75 -12.69
N ASP FB 120 74.12 93.63 -13.18
CA ASP FB 120 72.79 93.82 -12.62
C ASP FB 120 71.73 93.16 -13.48
N ILE FB 121 70.85 92.40 -12.85
CA ILE FB 121 69.69 91.83 -13.54
C ILE FB 121 68.72 92.96 -13.87
N PRO FB 122 68.19 93.02 -15.09
CA PRO FB 122 67.28 94.12 -15.45
C PRO FB 122 65.99 94.06 -14.64
N GLY FB 123 65.68 95.17 -13.97
CA GLY FB 123 64.47 95.29 -13.20
C GLY FB 123 64.49 94.60 -11.85
N LEU FB 124 65.62 94.01 -11.45
CA LEU FB 124 65.72 93.29 -10.20
C LEU FB 124 66.80 93.86 -9.30
N THR FB 125 68.03 94.01 -9.79
CA THR FB 125 69.15 94.48 -8.99
C THR FB 125 69.34 95.98 -9.14
N ASP FB 126 68.23 96.71 -9.16
CA ASP FB 126 68.26 98.15 -9.36
C ASP FB 126 66.98 98.74 -8.79
N THR FB 127 67.00 100.06 -8.60
CA THR FB 127 65.90 100.79 -7.96
C THR FB 127 65.56 100.15 -6.62
N THR FB 128 66.56 100.15 -5.73
CA THR FB 128 66.41 99.51 -4.43
C THR FB 128 65.27 100.13 -3.65
N VAL FB 129 64.42 99.29 -3.07
CA VAL FB 129 63.27 99.74 -2.29
C VAL FB 129 63.71 99.99 -0.86
N PRO FB 130 63.36 101.13 -0.27
CA PRO FB 130 63.75 101.39 1.11
C PRO FB 130 62.88 100.62 2.09
N ARG FB 131 63.45 100.36 3.27
CA ARG FB 131 62.65 99.84 4.36
C ARG FB 131 61.53 100.83 4.65
N ARG FB 132 60.30 100.34 4.77
CA ARG FB 132 59.13 101.21 4.81
C ARG FB 132 59.24 102.25 5.91
N LEU FB 133 59.86 101.89 7.03
CA LEU FB 133 59.85 102.72 8.21
C LEU FB 133 60.90 102.26 9.20
N GLY FB 134 61.52 103.22 9.86
CA GLY FB 134 62.73 102.98 10.61
C GLY FB 134 62.48 102.38 11.98
N PRO FB 135 63.54 102.30 12.78
CA PRO FB 135 63.42 101.70 14.10
C PRO FB 135 62.60 102.55 15.05
N LYS FB 136 62.00 101.89 16.03
CA LYS FB 136 61.12 102.52 17.00
C LYS FB 136 61.63 102.43 18.42
N ARG FB 137 62.21 101.30 18.82
CA ARG FB 137 62.66 101.14 20.18
C ARG FB 137 63.86 102.06 20.40
N ALA FB 138 64.00 102.60 21.61
CA ALA FB 138 65.07 103.55 21.86
C ALA FB 138 66.46 102.93 21.77
N SER FB 139 66.57 101.61 21.72
CA SER FB 139 67.85 100.95 21.51
C SER FB 139 68.08 100.52 20.06
N ARG FB 140 67.02 100.21 19.31
CA ARG FB 140 67.18 99.87 17.91
C ARG FB 140 67.55 101.07 17.06
N ILE FB 141 67.30 102.28 17.54
CA ILE FB 141 67.80 103.46 16.84
C ILE FB 141 69.26 103.73 17.20
N ARG FB 142 69.67 103.38 18.43
CA ARG FB 142 71.05 103.61 18.84
C ARG FB 142 72.00 102.68 18.10
N LYS FB 143 71.60 101.43 17.90
CA LYS FB 143 72.43 100.49 17.16
C LYS FB 143 72.56 100.92 15.70
N LEU FB 144 71.47 101.41 15.11
CA LEU FB 144 71.51 101.83 13.71
C LEU FB 144 72.32 103.11 13.53
N PHE FB 145 72.29 104.02 14.52
CA PHE FB 145 72.94 105.31 14.38
C PHE FB 145 74.12 105.52 15.32
N ASN FB 146 74.59 104.48 16.00
CA ASN FB 146 75.76 104.58 16.88
C ASN FB 146 75.58 105.65 17.95
N LEU FB 147 74.38 105.75 18.49
CA LEU FB 147 74.14 106.61 19.65
C LEU FB 147 74.82 106.04 20.87
N SER FB 148 75.53 106.89 21.62
CA SER FB 148 76.24 106.45 22.82
C SER FB 148 75.32 106.55 24.04
N LYS FB 149 75.03 107.77 24.49
CA LYS FB 149 74.07 107.98 25.57
C LYS FB 149 73.62 109.43 25.64
N GLU FB 150 72.32 109.67 25.55
CA GLU FB 150 71.73 111.00 25.69
C GLU FB 150 72.35 111.98 24.68
N ASP FB 151 72.63 111.49 23.48
CA ASP FB 151 73.07 112.35 22.38
C ASP FB 151 71.90 112.81 21.54
N ASP FB 152 70.92 113.45 22.16
CA ASP FB 152 69.75 113.97 21.45
C ASP FB 152 69.02 112.83 20.74
N VAL FB 153 68.70 111.81 21.54
CA VAL FB 153 68.15 110.56 21.01
C VAL FB 153 66.86 110.79 20.24
N ARG FB 154 66.02 111.71 20.75
CA ARG FB 154 64.72 111.95 20.14
C ARG FB 154 64.85 112.43 18.70
N GLN FB 155 65.75 113.38 18.46
CA GLN FB 155 65.81 113.99 17.13
C GLN FB 155 66.40 113.04 16.10
N TYR FB 156 67.27 112.12 16.53
CA TYR FB 156 67.91 111.22 15.58
C TYR FB 156 66.93 110.21 14.99
N VAL FB 157 65.74 110.06 15.59
CA VAL FB 157 64.78 109.10 15.04
C VAL FB 157 64.35 109.58 13.66
N VAL FB 158 64.12 108.62 12.76
CA VAL FB 158 63.78 108.96 11.39
C VAL FB 158 62.39 109.59 11.35
N ARG FB 159 62.28 110.71 10.66
CA ARG FB 159 61.00 111.41 10.51
C ARG FB 159 60.50 111.21 9.09
N LYS FB 160 59.42 110.46 8.95
CA LYS FB 160 58.84 110.14 7.65
C LYS FB 160 58.03 111.33 7.13
N PRO FB 161 58.31 111.80 5.91
CA PRO FB 161 57.51 112.89 5.35
C PRO FB 161 56.31 112.37 4.58
N LEU FB 162 55.20 113.10 4.72
CA LEU FB 162 53.94 112.76 4.05
C LEU FB 162 53.61 113.84 3.03
N ASN FB 163 53.30 113.42 1.80
CA ASN FB 163 53.06 114.35 0.69
C ASN FB 163 51.83 113.91 -0.10
N LYS FB 164 50.67 114.47 0.25
CA LYS FB 164 49.43 114.23 -0.46
C LYS FB 164 48.99 115.49 -1.20
N GLU FB 165 48.44 115.30 -2.40
CA GLU FB 165 48.10 116.43 -3.26
C GLU FB 165 47.02 117.31 -2.64
N GLY FB 166 45.98 116.70 -2.08
CA GLY FB 166 44.88 117.47 -1.53
C GLY FB 166 45.15 117.96 -0.12
N LYS FB 167 46.40 118.19 0.21
CA LYS FB 167 46.78 118.61 1.56
C LYS FB 167 48.12 119.31 1.50
N LYS FB 168 48.42 120.04 2.58
CA LYS FB 168 49.72 120.64 2.76
C LYS FB 168 50.77 119.56 3.04
N PRO FB 169 52.02 119.79 2.66
CA PRO FB 169 53.08 118.85 3.04
C PRO FB 169 53.31 118.86 4.54
N ARG FB 170 53.68 117.69 5.08
CA ARG FB 170 53.95 117.55 6.50
C ARG FB 170 54.70 116.26 6.75
N THR FB 171 55.62 116.29 7.73
CA THR FB 171 56.38 115.12 8.13
C THR FB 171 55.85 114.56 9.44
N LYS FB 172 55.89 113.23 9.58
CA LYS FB 172 55.29 112.52 10.70
C LYS FB 172 56.35 111.72 11.42
N ALA FB 173 56.49 111.93 12.75
CA ALA FB 173 57.43 111.20 13.57
C ALA FB 173 56.71 110.17 14.44
N PRO FB 174 57.34 109.04 14.73
CA PRO FB 174 56.69 108.00 15.53
C PRO FB 174 57.03 108.11 17.01
N LYS FB 175 56.20 107.46 17.83
CA LYS FB 175 56.42 107.39 19.27
C LYS FB 175 57.48 106.35 19.57
N ILE FB 176 58.54 106.76 20.26
CA ILE FB 176 59.68 105.88 20.51
C ILE FB 176 59.53 105.24 21.89
N GLN FB 177 59.66 103.92 21.95
CA GLN FB 177 59.38 103.16 23.17
C GLN FB 177 60.65 102.82 23.93
N ARG FB 178 60.48 102.52 25.23
CA ARG FB 178 61.58 102.27 26.16
C ARG FB 178 62.56 103.42 26.24
N LEU FB 179 62.07 104.53 26.77
CA LEU FB 179 62.86 105.72 27.01
C LEU FB 179 63.12 105.88 28.50
N VAL FB 180 64.03 106.79 28.81
CA VAL FB 180 64.17 107.34 30.15
C VAL FB 180 63.44 108.67 30.15
N THR FB 181 62.31 108.73 30.84
CA THR FB 181 61.40 109.86 30.80
C THR FB 181 61.07 110.29 32.22
N PRO FB 182 60.85 111.59 32.44
CA PRO FB 182 60.40 112.03 33.77
C PRO FB 182 59.17 111.28 34.25
N ARG FB 183 58.26 110.94 33.34
CA ARG FB 183 57.11 110.11 33.72
C ARG FB 183 57.57 108.73 34.18
N VAL FB 184 58.53 108.13 33.48
CA VAL FB 184 59.02 106.82 33.87
C VAL FB 184 59.75 106.89 35.21
N LEU FB 185 60.60 107.91 35.38
CA LEU FB 185 61.27 108.09 36.66
C LEU FB 185 60.28 108.42 37.77
N GLN FB 186 59.23 109.19 37.44
CA GLN FB 186 58.11 109.35 38.35
C GLN FB 186 57.58 108.00 38.82
N HIS FB 187 57.31 107.10 37.86
CA HIS FB 187 56.76 105.80 38.21
C HIS FB 187 57.71 105.00 39.07
N LYS FB 188 59.00 105.01 38.73
CA LYS FB 188 60.00 104.34 39.55
C LYS FB 188 60.08 104.96 40.94
N ARG FB 189 60.05 106.29 41.02
CA ARG FB 189 59.98 106.94 42.32
C ARG FB 189 58.67 106.63 43.02
N ARG FB 190 57.59 106.41 42.25
CA ARG FB 190 56.32 106.09 42.87
C ARG FB 190 56.37 104.72 43.54
N ARG FB 191 56.88 103.70 42.84
CA ARG FB 191 56.81 102.37 43.45
C ARG FB 191 57.85 102.23 44.55
N ILE FB 192 58.98 102.93 44.41
CA ILE FB 192 59.94 102.94 45.51
C ILE FB 192 59.35 103.67 46.69
N ALA FB 193 58.52 104.70 46.44
CA ALA FB 193 57.78 105.33 47.52
C ALA FB 193 56.79 104.36 48.14
N LEU FB 194 56.17 103.49 47.34
CA LEU FB 194 55.27 102.47 47.87
C LEU FB 194 55.98 101.52 48.82
N LYS FB 195 57.28 101.30 48.64
CA LYS FB 195 58.00 100.42 49.55
C LYS FB 195 58.24 101.09 50.90
N LYS FB 196 58.20 102.42 50.95
CA LYS FB 196 58.52 103.14 52.18
C LYS FB 196 57.45 102.93 53.23
N GLN FB 197 56.24 103.43 52.97
CA GLN FB 197 55.17 103.34 53.97
C GLN FB 197 54.78 101.89 54.23
N ARG FB 198 54.87 101.02 53.21
CA ARG FB 198 54.55 99.62 53.41
C ARG FB 198 55.48 99.00 54.45
N THR FB 199 56.78 99.30 54.36
CA THR FB 199 57.69 98.90 55.42
C THR FB 199 57.38 99.62 56.73
N LYS FB 200 57.06 100.92 56.65
CA LYS FB 200 56.74 101.67 57.86
C LYS FB 200 55.43 101.20 58.47
N LYS FB 201 54.42 100.95 57.65
CA LYS FB 201 53.14 100.43 58.17
C LYS FB 201 53.35 99.06 58.81
N ASN FB 202 54.12 98.19 58.16
CA ASN FB 202 54.46 96.92 58.76
C ASN FB 202 55.23 97.13 60.07
N LYS FB 203 56.15 98.09 60.07
CA LYS FB 203 56.96 98.34 61.25
C LYS FB 203 56.14 98.94 62.39
N GLU FB 204 55.22 99.86 62.08
CA GLU FB 204 54.42 100.48 63.13
C GLU FB 204 53.34 99.55 63.66
N GLU FB 205 52.80 98.68 62.81
CA GLU FB 205 51.78 97.74 63.25
C GLU FB 205 52.34 96.73 64.23
N ALA FB 206 53.54 96.20 63.96
CA ALA FB 206 54.16 95.25 64.87
C ALA FB 206 54.49 95.90 66.21
N ALA FB 207 54.98 97.14 66.18
CA ALA FB 207 55.26 97.86 67.42
C ALA FB 207 53.98 98.12 68.20
N GLU FB 208 52.91 98.48 67.50
CA GLU FB 208 51.64 98.74 68.18
C GLU FB 208 51.11 97.48 68.86
N TYR FB 209 51.18 96.34 68.17
CA TYR FB 209 50.73 95.08 68.75
C TYR FB 209 51.64 94.67 69.91
N ALA FB 210 52.95 94.90 69.77
CA ALA FB 210 53.87 94.54 70.85
C ALA FB 210 53.53 95.29 72.13
N LYS FB 211 53.21 96.57 72.02
CA LYS FB 211 52.72 97.32 73.17
C LYS FB 211 51.35 96.82 73.62
N LEU FB 212 50.49 96.45 72.67
CA LEU FB 212 49.15 95.97 73.02
C LEU FB 212 49.22 94.64 73.76
N LEU FB 213 49.95 93.66 73.20
CA LEU FB 213 49.94 92.32 73.77
C LEU FB 213 50.54 92.29 75.16
N ALA FB 214 51.59 93.08 75.39
CA ALA FB 214 52.24 93.11 76.70
C ALA FB 214 51.25 93.47 77.80
N LYS FB 215 50.27 94.32 77.48
CA LYS FB 215 49.29 94.71 78.49
C LYS FB 215 48.35 93.56 78.83
N ARG FB 216 47.85 92.86 77.80
CA ARG FB 216 46.97 91.72 78.05
C ARG FB 216 47.68 90.64 78.86
N MET FB 217 48.88 90.27 78.43
CA MET FB 217 49.59 89.18 79.09
C MET FB 217 49.89 89.53 80.54
N LYS FB 218 50.25 90.79 80.80
CA LYS FB 218 50.49 91.21 82.18
C LYS FB 218 49.22 91.11 83.02
N GLU FB 219 48.07 91.49 82.44
CA GLU FB 219 46.81 91.38 83.16
C GLU FB 219 46.55 89.94 83.58
N ALA FB 220 46.84 88.99 82.68
CA ALA FB 220 46.80 87.58 83.06
C ALA FB 220 47.84 87.28 84.14
N LYS FB 221 49.03 87.87 84.02
CA LYS FB 221 50.04 87.71 85.06
C LYS FB 221 49.57 88.34 86.37
N GLU FB 222 48.96 89.52 86.30
CA GLU FB 222 48.35 90.11 87.49
C GLU FB 222 47.27 89.18 88.04
N LYS FB 223 46.51 88.56 87.14
CA LYS FB 223 45.51 87.58 87.56
C LYS FB 223 46.14 86.47 88.39
N ARG FB 224 47.18 85.84 87.84
CA ARG FB 224 47.81 84.72 88.56
C ARG FB 224 48.47 85.21 89.84
N GLN FB 225 48.92 86.47 89.87
CA GLN FB 225 49.38 87.05 91.11
C GLN FB 225 48.25 87.18 92.12
N GLU FB 226 47.01 87.33 91.66
CA GLU FB 226 45.89 87.46 92.57
C GLU FB 226 45.52 86.12 93.20
N GLN FB 227 45.54 85.04 92.43
CA GLN FB 227 45.31 83.72 93.00
C GLN FB 227 46.45 83.32 93.93
N ILE FB 228 47.67 83.74 93.60
CA ILE FB 228 48.79 83.58 94.52
C ILE FB 228 48.53 84.37 95.80
N ALA FB 229 47.96 85.57 95.68
CA ALA FB 229 47.63 86.35 96.85
C ALA FB 229 46.57 85.66 97.70
N LYS FB 230 45.56 85.07 97.07
CA LYS FB 230 44.49 84.43 97.83
C LYS FB 230 44.99 83.24 98.62
N ARG FB 231 45.82 82.39 98.01
CA ARG FB 231 46.31 81.22 98.71
C ARG FB 231 47.30 81.58 99.82
N ARG FB 232 48.06 82.66 99.64
CA ARG FB 232 49.03 83.09 100.64
C ARG FB 232 48.43 83.97 101.73
N ARG FB 233 47.22 84.48 101.53
CA ARG FB 233 46.56 85.31 102.54
C ARG FB 233 45.58 84.50 103.39
N LEU FB 234 44.78 83.64 102.76
CA LEU FB 234 43.77 82.86 103.47
C LEU FB 234 44.23 81.40 103.48
N SER FB 235 45.11 81.10 104.43
CA SER FB 235 45.64 79.76 104.60
C SER FB 235 45.39 79.15 105.97
N SER FB 236 44.91 79.94 106.94
CA SER FB 236 44.64 79.42 108.28
C SER FB 236 43.31 79.87 108.84
N LEU FB 237 42.49 80.60 108.07
CA LEU FB 237 41.19 81.05 108.55
C LEU FB 237 40.06 80.46 107.72
N SER GB 1 16.52 57.06 131.12
CA SER GB 1 15.92 55.78 130.77
C SER GB 1 16.94 54.82 130.16
N ALA GB 2 16.50 53.60 129.90
CA ALA GB 2 17.31 52.58 129.26
C ALA GB 2 16.75 52.31 127.87
N LYS GB 3 17.65 52.28 126.87
CA LYS GB 3 17.28 52.11 125.47
C LYS GB 3 18.28 51.12 124.88
N ILE GB 4 17.95 49.84 124.94
CA ILE GB 4 18.86 48.77 124.54
C ILE GB 4 18.42 48.11 123.24
N VAL GB 5 17.13 47.78 123.12
CA VAL GB 5 16.63 47.08 121.94
C VAL GB 5 15.72 48.01 121.15
N LYS GB 6 16.32 48.82 120.29
CA LYS GB 6 15.59 49.76 119.44
C LYS GB 6 16.53 50.23 118.33
N PRO GB 7 16.77 49.41 117.30
CA PRO GB 7 17.63 49.86 116.21
C PRO GB 7 16.84 50.25 114.97
N ASN GB 8 17.43 51.10 114.15
CA ASN GB 8 16.86 51.54 112.87
C ASN GB 8 17.89 52.39 112.15
N GLY GB 9 17.50 52.93 110.99
CA GLY GB 9 18.43 53.71 110.20
C GLY GB 9 18.95 54.94 110.92
N GLU GB 10 18.07 55.65 111.61
CA GLU GB 10 18.46 56.78 112.43
C GLU GB 10 18.80 56.30 113.84
N LYS GB 11 19.09 57.27 114.71
CA LYS GB 11 19.43 56.98 116.10
C LYS GB 11 18.35 57.44 117.08
N PRO GB 12 17.76 58.65 116.90
CA PRO GB 12 16.87 59.18 117.95
C PRO GB 12 15.68 58.28 118.25
N ASP GB 13 15.22 58.36 119.50
CA ASP GB 13 14.02 57.70 119.98
C ASP GB 13 13.06 58.74 120.54
N GLU GB 14 11.78 58.63 120.18
CA GLU GB 14 10.75 59.50 120.73
C GLU GB 14 9.44 58.74 120.73
N PHE GB 15 8.84 58.62 121.92
CA PHE GB 15 7.65 57.81 122.17
C PHE GB 15 7.96 56.32 122.03
N GLU GB 16 8.95 55.98 121.21
CA GLU GB 16 9.46 54.62 121.15
C GLU GB 16 10.39 54.32 122.32
N SER GB 17 11.00 55.35 122.90
CA SER GB 17 11.71 55.19 124.17
C SER GB 17 10.79 54.64 125.24
N GLY GB 18 9.55 55.13 125.29
CA GLY GB 18 8.56 54.53 126.16
C GLY GB 18 8.19 53.12 125.73
N ILE GB 19 8.03 52.90 124.43
CA ILE GB 19 7.71 51.56 123.92
C ILE GB 19 8.86 50.60 124.21
N SER GB 20 10.10 51.02 123.90
CA SER GB 20 11.25 50.18 124.18
C SER GB 20 11.43 49.95 125.67
N GLN GB 21 11.19 50.99 126.48
CA GLN GB 21 11.20 50.81 127.93
C GLN GB 21 10.15 49.80 128.36
N ALA GB 22 8.95 49.87 127.76
CA ALA GB 22 7.87 48.97 128.14
C ALA GB 22 8.22 47.52 127.83
N LEU GB 23 8.83 47.28 126.67
CA LEU GB 23 9.17 45.91 126.29
C LEU GB 23 10.41 45.37 127.01
N LEU GB 24 11.27 46.25 127.54
CA LEU GB 24 12.41 45.74 128.30
C LEU GB 24 12.04 45.49 129.76
N GLU GB 25 11.10 46.25 130.31
CA GLU GB 25 10.55 45.91 131.62
C GLU GB 25 9.59 44.73 131.57
N LEU GB 26 9.23 44.28 130.36
CA LEU GB 26 8.48 43.05 130.18
C LEU GB 26 9.28 41.83 130.62
N GLU GB 27 10.59 41.97 130.85
CA GLU GB 27 11.42 40.89 131.37
C GLU GB 27 10.80 40.33 132.65
N MET GB 28 11.14 39.08 132.97
CA MET GB 28 10.45 38.30 134.00
C MET GB 28 8.96 38.15 133.66
N ASN GB 29 8.70 37.55 132.51
CA ASN GB 29 7.34 37.30 132.05
C ASN GB 29 7.09 35.80 131.94
N SER GB 30 5.91 35.46 131.44
CA SER GB 30 5.46 34.06 131.38
C SER GB 30 6.00 33.39 130.12
N ASP GB 31 7.33 33.24 130.10
CA ASP GB 31 8.03 32.52 129.03
C ASP GB 31 7.85 33.18 127.67
N LEU GB 32 7.94 34.50 127.63
CA LEU GB 32 8.01 35.23 126.37
C LEU GB 32 9.39 35.80 126.08
N LYS GB 33 10.15 36.17 127.10
CA LYS GB 33 11.51 36.65 126.90
C LYS GB 33 12.41 35.56 126.32
N ALA GB 34 12.08 34.29 126.56
CA ALA GB 34 12.98 33.20 126.18
C ALA GB 34 13.28 33.22 124.68
N GLN GB 35 12.30 33.58 123.87
CA GLN GB 35 12.45 33.67 122.42
C GLN GB 35 12.24 35.11 121.93
N LEU GB 36 12.63 36.10 122.75
CA LEU GB 36 12.42 37.48 122.40
C LEU GB 36 13.71 38.30 122.37
N ARG GB 37 14.76 37.84 123.03
CA ARG GB 37 16.07 38.50 123.04
C ARG GB 37 16.76 38.50 121.69
N GLU GB 38 16.27 37.70 120.74
CA GLU GB 38 16.83 37.68 119.39
C GLU GB 38 16.14 38.68 118.49
N LEU GB 39 15.26 39.52 119.04
CA LEU GB 39 14.35 40.29 118.23
C LEU GB 39 14.57 41.77 118.54
N ASN GB 40 14.11 42.63 117.63
CA ASN GB 40 14.30 44.06 117.80
C ASN GB 40 13.20 44.83 117.07
N ILE GB 41 13.03 46.09 117.48
CA ILE GB 41 11.96 46.95 116.99
C ILE GB 41 12.57 48.04 116.12
N THR GB 42 12.13 48.13 114.87
CA THR GB 42 12.65 49.16 113.98
C THR GB 42 12.09 50.54 114.33
N ALA GB 43 10.78 50.63 114.55
CA ALA GB 43 10.15 51.91 114.83
C ALA GB 43 8.76 51.66 115.41
N ALA GB 44 8.18 52.71 115.99
CA ALA GB 44 6.83 52.68 116.53
C ALA GB 44 6.17 54.02 116.23
N LYS GB 45 4.84 53.99 116.10
CA LYS GB 45 4.09 55.18 115.75
C LYS GB 45 2.76 55.18 116.48
N GLU GB 46 2.36 56.34 116.98
CA GLU GB 46 1.09 56.55 117.65
C GLU GB 46 0.21 57.43 116.78
N ILE GB 47 -0.89 56.89 116.31
CA ILE GB 47 -1.84 57.61 115.48
C ILE GB 47 -3.23 57.48 116.09
N GLU GB 48 -4.14 58.33 115.61
CA GLU GB 48 -5.52 58.35 116.09
C GLU GB 48 -6.44 57.80 115.01
N VAL GB 49 -7.38 56.95 115.43
CA VAL GB 49 -8.35 56.33 114.54
C VAL GB 49 -9.74 56.75 114.97
N GLY GB 50 -10.52 57.29 114.04
CA GLY GB 50 -11.90 57.63 114.30
C GLY GB 50 -12.10 58.79 115.25
N GLY GB 51 -12.65 58.52 116.43
CA GLY GB 51 -13.02 59.52 117.40
C GLY GB 51 -11.88 59.75 118.38
N GLY GB 52 -11.88 59.01 119.49
CA GLY GB 52 -10.82 59.14 120.47
C GLY GB 52 -9.97 57.88 120.60
N ARG GB 53 -10.02 57.03 119.58
CA ARG GB 53 -9.33 55.76 119.63
C ARG GB 53 -7.88 55.91 119.24
N LYS GB 54 -6.98 55.35 120.05
CA LYS GB 54 -5.55 55.39 119.81
C LYS GB 54 -5.06 54.00 119.44
N ALA GB 55 -4.26 53.92 118.37
CA ALA GB 55 -3.70 52.65 117.91
C ALA GB 55 -2.20 52.83 117.68
N ILE GB 56 -1.42 51.86 118.14
CA ILE GB 56 0.04 51.91 118.00
C ILE GB 56 0.46 50.95 116.89
N ILE GB 57 1.42 51.39 116.09
CA ILE GB 57 1.97 50.58 115.00
C ILE GB 57 3.46 50.43 115.26
N ILE GB 58 3.91 49.18 115.29
CA ILE GB 58 5.30 48.86 115.62
C ILE GB 58 5.91 48.19 114.40
N PHE GB 59 7.02 48.75 113.92
CA PHE GB 59 7.68 48.24 112.73
C PHE GB 59 8.80 47.28 113.12
N VAL GB 60 8.80 46.11 112.51
CA VAL GB 60 9.81 45.08 112.78
C VAL GB 60 10.51 44.74 111.47
N PRO GB 61 11.79 44.34 111.51
CA PRO GB 61 12.50 44.07 110.25
C PRO GB 61 11.92 42.88 109.50
N VAL GB 62 12.04 42.94 108.18
CA VAL GB 62 11.50 41.87 107.33
C VAL GB 62 12.07 40.50 107.67
N PRO GB 63 13.39 40.32 107.81
CA PRO GB 63 13.91 38.97 108.10
C PRO GB 63 13.36 38.39 109.39
N GLN GB 64 12.97 39.22 110.35
CA GLN GB 64 12.44 38.75 111.62
C GLN GB 64 10.91 38.79 111.67
N LEU GB 65 10.25 39.09 110.54
CA LEU GB 65 8.80 39.14 110.53
C LEU GB 65 8.19 37.81 110.96
N LYS GB 66 8.72 36.71 110.43
CA LYS GB 66 8.19 35.39 110.78
C LYS GB 66 8.36 35.12 112.28
N SER GB 67 9.48 35.54 112.85
CA SER GB 67 9.71 35.33 114.27
C SER GB 67 8.68 36.06 115.11
N PHE GB 68 8.38 37.31 114.76
CA PHE GB 68 7.35 38.04 115.47
C PHE GB 68 5.97 37.41 115.28
N GLN GB 69 5.67 36.98 114.06
CA GLN GB 69 4.32 36.49 113.76
C GLN GB 69 4.01 35.21 114.51
N LYS GB 70 4.97 34.29 114.61
CA LYS GB 70 4.68 33.01 115.25
C LYS GB 70 4.36 33.15 116.73
N ILE GB 71 4.62 34.32 117.31
CA ILE GB 71 4.28 34.59 118.70
C ILE GB 71 3.44 35.86 118.78
N GLN GB 72 3.00 36.38 117.63
CA GLN GB 72 2.32 37.67 117.62
C GLN GB 72 1.00 37.59 118.39
N VAL GB 73 0.27 36.50 118.25
CA VAL GB 73 -0.99 36.31 118.98
C VAL GB 73 -0.77 36.46 120.47
N ARG GB 74 0.46 36.23 120.92
CA ARG GB 74 0.74 36.09 122.34
C ARG GB 74 0.96 37.45 123.01
N LEU GB 75 1.94 38.22 122.53
CA LEU GB 75 2.29 39.46 123.22
C LEU GB 75 1.31 40.61 122.98
N VAL GB 76 0.42 40.49 121.98
CA VAL GB 76 -0.49 41.59 121.70
C VAL GB 76 -1.42 41.84 122.88
N ARG GB 77 -1.83 40.79 123.57
CA ARG GB 77 -2.66 40.99 124.77
C ARG GB 77 -1.86 41.67 125.88
N GLU GB 78 -0.56 41.34 125.98
CA GLU GB 78 0.28 42.00 126.99
C GLU GB 78 0.41 43.48 126.72
N LEU GB 79 0.64 43.86 125.45
CA LEU GB 79 0.74 45.27 125.11
C LEU GB 79 -0.58 45.99 125.35
N GLU GB 80 -1.70 45.28 125.25
CA GLU GB 80 -2.99 45.89 125.56
C GLU GB 80 -3.14 46.19 127.03
N LYS GB 81 -2.68 45.27 127.90
CA LYS GB 81 -2.76 45.51 129.34
C LYS GB 81 -1.96 46.73 129.73
N LYS GB 82 -0.73 46.82 129.23
CA LYS GB 82 0.14 47.95 129.49
C LYS GB 82 -0.43 49.26 128.98
N PHE GB 83 -1.06 49.26 127.80
CA PHE GB 83 -1.52 50.50 127.20
C PHE GB 83 -3.00 50.24 126.96
N SER GB 84 -3.82 50.40 128.00
CA SER GB 84 -5.25 50.13 127.85
C SER GB 84 -5.89 51.14 126.90
N GLY GB 85 -6.84 50.66 126.10
CA GLY GB 85 -7.45 51.48 125.08
C GLY GB 85 -6.60 51.69 123.84
N LYS GB 86 -5.51 50.93 123.70
CA LYS GB 86 -4.60 51.05 122.58
C LYS GB 86 -4.55 49.72 121.84
N HIS GB 87 -4.72 49.76 120.52
CA HIS GB 87 -4.58 48.58 119.67
C HIS GB 87 -3.19 48.53 119.04
N VAL GB 88 -2.62 47.33 119.01
CA VAL GB 88 -1.24 47.11 118.58
C VAL GB 88 -1.24 46.22 117.34
N VAL GB 89 -0.44 46.61 116.36
CA VAL GB 89 -0.20 45.82 115.15
C VAL GB 89 1.30 45.81 114.88
N PHE GB 90 1.73 44.85 114.08
CA PHE GB 90 3.14 44.71 113.70
C PHE GB 90 3.25 44.73 112.19
N ILE GB 91 4.05 45.66 111.67
CA ILE GB 91 4.28 45.82 110.24
C ILE GB 91 5.77 45.74 109.99
N ALA GB 92 6.15 45.24 108.82
CA ALA GB 92 7.56 45.16 108.44
C ALA GB 92 7.90 46.34 107.54
N GLN GB 93 9.00 47.02 107.84
CA GLN GB 93 9.49 48.05 106.94
C GLN GB 93 9.99 47.37 105.66
N ARG GB 94 9.47 47.82 104.52
CA ARG GB 94 9.64 47.07 103.27
C ARG GB 94 10.46 47.79 102.22
N ARG GB 95 10.98 48.98 102.51
CA ARG GB 95 11.94 49.65 101.64
C ARG GB 95 11.45 49.72 100.19
N ILE GB 96 10.33 50.43 99.99
CA ILE GB 96 9.85 50.62 98.63
C ILE GB 96 10.87 51.42 97.84
N LEU GB 97 11.22 50.91 96.65
CA LEU GB 97 12.23 51.53 95.83
C LEU GB 97 11.58 52.17 94.61
N PRO GB 98 11.97 53.39 94.24
CA PRO GB 98 11.26 54.12 93.18
C PRO GB 98 11.31 53.41 91.84
N LYS GB 99 10.25 53.61 91.06
CA LYS GB 99 10.20 53.10 89.70
C LYS GB 99 11.23 53.84 88.83
N PRO GB 100 12.00 53.13 88.03
CA PRO GB 100 13.06 53.79 87.25
C PRO GB 100 12.52 54.61 86.09
N THR GB 101 12.62 55.93 86.17
CA THR GB 101 12.25 56.79 85.06
C THR GB 101 13.45 56.93 84.12
N ARG GB 102 13.35 57.84 83.16
CA ARG GB 102 14.45 58.06 82.22
C ARG GB 102 15.41 59.15 82.69
N LYS GB 103 15.18 59.72 83.87
CA LYS GB 103 16.06 60.75 84.41
C LYS GB 103 16.84 60.23 85.61
N LYS GB 104 26.73 56.18 89.95
CA LYS GB 104 25.73 56.35 88.91
C LYS GB 104 25.21 55.00 88.43
N ASN GB 105 25.56 53.94 89.16
CA ASN GB 105 25.18 52.57 88.81
C ASN GB 105 24.02 52.12 89.66
N LYS GB 106 23.04 51.47 89.02
CA LYS GB 106 21.82 51.02 89.68
C LYS GB 106 21.53 49.59 89.29
N GLN GB 107 21.19 48.77 90.28
CA GLN GB 107 20.74 47.40 90.05
C GLN GB 107 19.24 47.32 89.85
N LYS GB 108 18.82 46.26 89.15
CA LYS GB 108 17.41 46.05 88.87
C LYS GB 108 16.60 45.99 90.16
N ARG GB 109 15.48 46.70 90.17
CA ARG GB 109 14.63 46.72 91.35
C ARG GB 109 13.93 45.37 91.51
N PRO GB 110 14.05 44.72 92.66
CA PRO GB 110 13.27 43.50 92.89
C PRO GB 110 11.79 43.79 92.94
N ARG GB 111 11.00 42.84 92.46
CA ARG GB 111 9.55 43.01 92.46
C ARG GB 111 9.02 43.22 93.88
N SER GB 112 9.69 42.64 94.88
CA SER GB 112 9.28 42.84 96.26
C SER GB 112 9.36 44.31 96.65
N ARG GB 113 10.30 45.04 96.06
CA ARG GB 113 10.50 46.44 96.44
C ARG GB 113 9.42 47.33 95.83
N THR GB 114 8.76 46.86 94.77
CA THR GB 114 7.76 47.66 94.09
C THR GB 114 6.64 48.04 95.05
N LEU GB 115 6.08 49.24 94.83
CA LEU GB 115 5.07 49.77 95.73
C LEU GB 115 3.83 48.89 95.77
N THR GB 116 3.43 48.34 94.62
CA THR GB 116 2.26 47.47 94.59
C THR GB 116 2.49 46.19 95.39
N ALA GB 117 3.67 45.59 95.27
CA ALA GB 117 3.96 44.34 95.97
C ALA GB 117 4.19 44.54 97.46
N VAL GB 118 4.21 45.78 97.94
CA VAL GB 118 4.37 46.07 99.35
C VAL GB 118 3.04 46.44 99.99
N HIS GB 119 2.20 47.20 99.29
CA HIS GB 119 0.92 47.60 99.88
C HIS GB 119 0.05 46.38 100.19
N ASP GB 120 0.05 45.38 99.32
CA ASP GB 120 -0.63 44.14 99.65
C ASP GB 120 0.14 43.33 100.68
N ALA GB 121 1.48 43.49 100.72
CA ALA GB 121 2.27 42.80 101.73
C ALA GB 121 2.04 43.39 103.12
N ILE GB 122 2.06 44.72 103.23
CA ILE GB 122 1.77 45.34 104.52
C ILE GB 122 0.31 45.10 104.90
N LEU GB 123 -0.58 45.01 103.91
CA LEU GB 123 -1.96 44.72 104.23
C LEU GB 123 -2.09 43.33 104.84
N GLU GB 124 -1.18 42.42 104.49
CA GLU GB 124 -1.50 41.02 104.68
C GLU GB 124 -1.01 40.59 106.06
N ASP GB 125 0.13 41.14 106.50
CA ASP GB 125 0.62 40.96 107.85
C ASP GB 125 -0.05 41.89 108.85
N LEU GB 126 -0.78 42.89 108.38
CA LEU GB 126 -1.49 43.80 109.27
C LEU GB 126 -2.63 43.10 109.99
N VAL GB 127 -3.10 41.99 109.44
CA VAL GB 127 -4.31 41.31 109.90
C VAL GB 127 -3.97 39.87 110.25
N PHE GB 128 -2.73 39.65 110.70
CA PHE GB 128 -2.15 38.30 110.74
C PHE GB 128 -3.01 37.24 111.41
N PRO GB 129 -3.67 37.48 112.56
CA PRO GB 129 -4.53 36.43 113.13
C PRO GB 129 -5.43 35.76 112.11
N SER GB 130 -5.82 36.46 111.06
CA SER GB 130 -6.51 35.90 109.91
C SER GB 130 -5.66 36.16 108.66
N GLU GB 131 -6.13 35.66 107.52
CA GLU GB 131 -5.45 35.90 106.25
C GLU GB 131 -6.49 36.26 105.20
N ILE GB 132 -6.02 36.96 104.17
CA ILE GB 132 -6.91 37.45 103.13
C ILE GB 132 -7.32 36.29 102.22
N VAL GB 133 -8.62 36.07 102.11
CA VAL GB 133 -9.17 35.06 101.21
C VAL GB 133 -9.77 35.66 99.95
N GLY GB 134 -9.90 36.97 99.88
CA GLY GB 134 -10.46 37.62 98.70
C GLY GB 134 -10.33 39.12 98.77
N LYS GB 135 -9.98 39.75 97.66
CA LYS GB 135 -9.82 41.19 97.58
C LYS GB 135 -10.77 41.74 96.52
N ARG GB 136 -11.44 42.84 96.84
CA ARG GB 136 -12.37 43.50 95.94
C ARG GB 136 -12.11 45.00 95.95
N ILE GB 137 -11.63 45.52 94.83
CA ILE GB 137 -11.51 46.96 94.58
C ILE GB 137 -12.69 47.45 93.76
N ARG GB 138 -13.28 48.55 94.20
CA ARG GB 138 -14.42 49.18 93.55
C ARG GB 138 -14.14 50.67 93.38
N VAL GB 139 -14.39 51.18 92.18
CA VAL GB 139 -14.29 52.61 91.89
C VAL GB 139 -15.62 53.26 92.24
N LYS GB 140 -15.56 54.38 92.96
CA LYS GB 140 -16.76 55.01 93.51
C LYS GB 140 -17.19 56.21 92.66
N LEU GB 141 -17.43 55.94 91.37
CA LEU GB 141 -18.14 56.84 90.48
C LEU GB 141 -17.41 58.16 90.24
N ASP GB 142 -16.22 58.34 90.82
CA ASP GB 142 -15.46 59.55 90.60
C ASP GB 142 -13.96 59.30 90.54
N GLY GB 143 -13.54 58.05 90.35
CA GLY GB 143 -12.15 57.69 90.35
C GLY GB 143 -11.61 57.24 91.69
N SER GB 144 -12.30 57.56 92.79
CA SER GB 144 -11.87 57.10 94.10
C SER GB 144 -12.02 55.59 94.19
N ARG GB 145 -11.05 54.95 94.83
CA ARG GB 145 -10.98 53.50 94.93
C ARG GB 145 -11.21 53.06 96.36
N LEU GB 146 -12.08 52.09 96.56
CA LEU GB 146 -12.33 51.49 97.86
C LEU GB 146 -12.04 50.00 97.77
N ILE GB 147 -11.13 49.52 98.62
CA ILE GB 147 -10.74 48.11 98.66
C ILE GB 147 -11.62 47.41 99.69
N LYS GB 148 -12.31 46.36 99.27
CA LYS GB 148 -12.99 45.45 100.18
C LYS GB 148 -12.15 44.19 100.32
N VAL GB 149 -11.77 43.87 101.56
CA VAL GB 149 -10.91 42.73 101.84
C VAL GB 149 -11.74 41.66 102.53
N HIS GB 150 -11.83 40.49 101.90
CA HIS GB 150 -12.55 39.38 102.48
C HIS GB 150 -11.63 38.62 103.41
N LEU GB 151 -12.04 38.46 104.66
CA LEU GB 151 -11.22 37.83 105.67
C LEU GB 151 -11.65 36.37 105.87
N ASP GB 152 -11.10 35.74 106.90
CA ASP GB 152 -11.21 34.29 107.04
C ASP GB 152 -12.65 33.85 107.26
N LYS GB 153 -13.34 34.48 108.22
CA LYS GB 153 -14.63 34.03 108.74
C LYS GB 153 -14.45 32.76 109.55
N ALA GB 154 -13.32 32.07 109.37
CA ALA GB 154 -13.00 30.91 110.19
C ALA GB 154 -12.80 31.31 111.65
N GLN GB 155 -12.16 32.44 111.89
CA GLN GB 155 -12.01 32.99 113.23
C GLN GB 155 -12.57 34.40 113.25
N GLN GB 156 -13.21 34.77 114.36
CA GLN GB 156 -13.88 36.06 114.47
C GLN GB 156 -13.48 36.83 115.72
N ASN GB 157 -13.37 36.15 116.86
CA ASN GB 157 -13.42 36.80 118.16
C ASN GB 157 -12.39 37.92 118.31
N ASN GB 158 -11.13 37.63 117.98
CA ASN GB 158 -10.06 38.58 118.31
C ASN GB 158 -9.90 39.70 117.28
N VAL GB 159 -10.56 39.60 116.13
CA VAL GB 159 -10.33 40.55 115.03
C VAL GB 159 -11.57 41.39 114.71
N GLU GB 160 -12.72 41.09 115.30
CA GLU GB 160 -13.94 41.82 114.98
C GLU GB 160 -13.81 43.30 115.33
N HIS GB 161 -13.19 43.60 116.47
CA HIS GB 161 -13.12 44.99 116.95
C HIS GB 161 -12.02 45.80 116.27
N LYS GB 162 -11.12 45.16 115.51
CA LYS GB 162 -9.98 45.86 114.93
C LYS GB 162 -10.20 46.27 113.48
N VAL GB 163 -11.37 46.01 112.90
CA VAL GB 163 -11.59 46.33 111.49
C VAL GB 163 -11.47 47.83 111.26
N GLU GB 164 -12.12 48.62 112.13
CA GLU GB 164 -12.02 50.07 112.07
C GLU GB 164 -10.61 50.58 112.37
N THR GB 165 -9.86 49.92 113.25
CA THR GB 165 -8.47 50.31 113.43
C THR GB 165 -7.64 49.92 112.22
N PHE GB 166 -7.94 48.77 111.61
CA PHE GB 166 -7.21 48.34 110.43
C PHE GB 166 -7.38 49.32 109.28
N SER GB 167 -8.59 49.88 109.14
CA SER GB 167 -8.81 50.90 108.12
C SER GB 167 -7.99 52.15 108.40
N GLY GB 168 -7.92 52.56 109.67
CA GLY GB 168 -7.21 53.78 110.01
C GLY GB 168 -5.72 53.69 109.76
N VAL GB 169 -5.11 52.58 110.16
CA VAL GB 169 -3.67 52.40 109.95
C VAL GB 169 -3.34 52.32 108.47
N TYR GB 170 -4.16 51.61 107.69
CA TYR GB 170 -3.89 51.51 106.26
C TYR GB 170 -4.03 52.86 105.58
N LYS GB 171 -5.06 53.63 105.95
CA LYS GB 171 -5.18 54.98 105.41
C LYS GB 171 -4.04 55.87 105.86
N LYS GB 172 -3.37 55.53 106.95
CA LYS GB 172 -2.28 56.37 107.46
C LYS GB 172 -0.99 56.14 106.69
N LEU GB 173 -0.52 54.90 106.63
CA LEU GB 173 0.77 54.59 106.02
C LEU GB 173 0.66 54.12 104.57
N THR GB 174 -0.52 54.11 104.00
CA THR GB 174 -0.66 53.77 102.58
C THR GB 174 -1.44 54.81 101.80
N GLY GB 175 -2.48 55.39 102.39
CA GLY GB 175 -3.20 56.49 101.78
C GLY GB 175 -4.45 56.13 101.01
N LYS GB 176 -4.81 54.85 100.95
CA LYS GB 176 -5.97 54.40 100.21
C LYS GB 176 -6.99 53.77 101.16
N ASP GB 177 -8.27 54.02 100.89
CA ASP GB 177 -9.35 53.56 101.76
C ASP GB 177 -9.54 52.06 101.61
N VAL GB 178 -9.61 51.36 102.73
CA VAL GB 178 -9.83 49.92 102.77
C VAL GB 178 -10.82 49.62 103.88
N ASN GB 179 -11.86 48.84 103.58
CA ASN GB 179 -12.74 48.30 104.60
C ASN GB 179 -12.65 46.79 104.61
N PHE GB 180 -13.11 46.18 105.71
CA PHE GB 180 -12.98 44.76 105.92
C PHE GB 180 -14.35 44.13 106.14
N GLU GB 181 -14.55 42.95 105.57
CA GLU GB 181 -15.78 42.20 105.80
C GLU GB 181 -15.47 40.72 105.76
N PHE GB 182 -16.33 39.94 106.41
CA PHE GB 182 -16.17 38.49 106.47
C PHE GB 182 -17.25 37.83 105.63
N PRO GB 183 -16.89 37.11 104.59
CA PRO GB 183 -17.91 36.49 103.72
C PRO GB 183 -18.50 35.23 104.38
N GLU GB 184 -19.54 34.73 103.74
CA GLU GB 184 -20.20 33.51 104.22
C GLU GB 184 -19.27 32.31 103.98
N PHE GB 185 -19.80 31.11 104.21
CA PHE GB 185 -19.01 29.90 104.05
C PHE GB 185 -18.56 29.75 102.59
N GLN GB 186 -17.31 29.35 102.41
CA GLN GB 186 -16.74 29.21 101.08
C GLN GB 186 -16.54 27.73 100.72
N GLY HB 1 40.10 59.15 27.63
CA GLY HB 1 41.30 58.39 27.90
C GLY HB 1 41.18 57.51 29.13
N ILE HB 2 42.27 57.41 29.89
CA ILE HB 2 42.24 56.66 31.13
C ILE HB 2 41.30 57.37 32.10
N SER HB 3 40.38 56.61 32.69
CA SER HB 3 39.31 57.19 33.49
C SER HB 3 39.42 56.70 34.93
N ARG HB 4 39.21 57.60 35.88
CA ARG HB 4 39.23 57.30 37.30
C ARG HB 4 37.83 57.22 37.90
N ASP HB 5 36.80 57.12 37.08
CA ASP HB 5 35.44 57.17 37.55
C ASP HB 5 35.10 55.94 38.39
N ASN HB 6 34.05 56.07 39.21
CA ASN HB 6 33.52 54.93 39.95
C ASN HB 6 32.32 54.28 39.28
N TRP HB 7 31.77 54.87 38.21
CA TRP HB 7 30.55 54.34 37.64
C TRP HB 7 30.78 53.23 36.63
N HIS HB 8 32.04 52.95 36.25
CA HIS HB 8 32.31 51.82 35.38
C HIS HB 8 32.45 50.52 36.15
N LYS HB 9 32.51 50.57 37.48
CA LYS HB 9 32.62 49.40 38.32
C LYS HB 9 31.24 48.79 38.58
N ARG HB 10 31.25 47.53 39.00
CA ARG HB 10 30.03 46.93 39.52
C ARG HB 10 29.72 47.49 40.90
N ARG HB 11 28.42 47.66 41.15
CA ARG HB 11 27.95 48.07 42.46
C ARG HB 11 28.13 46.95 43.49
N LYS HB 12 27.89 47.31 44.76
CA LYS HB 12 28.28 46.46 45.87
C LYS HB 12 27.59 45.11 45.81
N THR HB 13 26.31 45.08 45.48
CA THR HB 13 25.57 43.84 45.35
C THR HB 13 26.02 43.00 44.16
N GLY HB 14 26.81 43.55 43.25
CA GLY HB 14 27.28 42.82 42.09
C GLY HB 14 26.53 43.10 40.82
N GLY HB 15 25.50 43.95 40.86
CA GLY HB 15 24.79 44.32 39.65
C GLY HB 15 25.59 45.24 38.76
N LYS HB 16 25.19 45.30 37.49
CA LYS HB 16 25.87 46.13 36.52
C LYS HB 16 25.31 47.55 36.54
N ARG HB 17 26.20 48.52 36.43
CA ARG HB 17 25.83 49.93 36.46
C ARG HB 17 25.88 50.50 35.06
N LYS HB 18 24.80 51.14 34.64
CA LYS HB 18 24.73 51.78 33.33
C LYS HB 18 25.15 53.23 33.45
N PRO HB 19 26.15 53.68 32.70
CA PRO HB 19 26.58 55.07 32.79
C PRO HB 19 25.48 56.02 32.31
N TYR HB 20 25.33 57.14 33.00
CA TYR HB 20 24.36 58.16 32.63
C TYR HB 20 25.00 59.33 31.90
N HIS HB 21 26.31 59.29 31.68
CA HIS HB 21 26.99 60.30 30.85
C HIS HB 21 28.28 59.69 30.33
N LYS HB 22 28.84 60.33 29.31
CA LYS HB 22 30.12 59.91 28.77
C LYS HB 22 31.24 60.38 29.71
N LYS HB 23 32.47 60.05 29.35
CA LYS HB 23 33.60 60.39 30.20
C LYS HB 23 33.76 61.90 30.32
N ARG HB 24 34.12 62.34 31.52
CA ARG HB 24 34.34 63.75 31.80
C ARG HB 24 35.83 63.98 32.08
N LYS HB 25 36.29 65.21 31.84
CA LYS HB 25 37.71 65.48 31.97
C LYS HB 25 38.16 65.39 33.43
N TYR HB 26 37.34 65.87 34.37
CA TYR HB 26 37.76 65.89 35.76
C TYR HB 26 38.00 64.49 36.31
N GLU HB 27 37.46 63.46 35.66
CA GLU HB 27 37.71 62.08 36.05
C GLU HB 27 38.64 61.39 35.05
N LEU HB 28 39.80 61.99 34.84
CA LEU HB 28 40.78 61.44 33.92
C LEU HB 28 41.96 60.86 34.69
N GLY HB 29 42.72 60.03 33.99
CA GLY HB 29 43.97 59.51 34.52
C GLY HB 29 45.07 59.63 33.48
N ARG HB 30 46.27 59.86 33.95
CA ARG HB 30 47.42 60.00 33.08
C ARG HB 30 48.33 58.79 33.18
N PRO HB 31 49.14 58.52 32.15
CA PRO HB 31 50.04 57.36 32.19
C PRO HB 31 51.04 57.47 33.33
N ALA HB 32 51.45 56.32 33.84
CA ALA HB 32 52.36 56.27 34.98
C ALA HB 32 53.72 56.85 34.61
N ALA HB 33 54.38 57.43 35.62
CA ALA HB 33 55.69 58.02 35.40
C ALA HB 33 56.73 56.96 35.08
N ASN HB 34 56.73 55.85 35.84
CA ASN HB 34 57.72 54.79 35.71
C ASN HB 34 59.14 55.36 35.81
N THR HB 35 59.38 56.03 36.93
CA THR HB 35 60.65 56.72 37.14
C THR HB 35 61.80 55.74 37.15
N LYS HB 36 62.84 56.04 36.38
CA LYS HB 36 64.03 55.21 36.32
C LYS HB 36 65.19 55.90 37.03
N ILE HB 37 66.34 55.23 37.04
CA ILE HB 37 67.57 55.79 37.59
C ILE HB 37 68.46 56.19 36.43
N GLY HB 38 68.82 57.46 36.37
CA GLY HB 38 69.65 57.97 35.31
C GLY HB 38 69.76 59.48 35.37
N PRO HB 39 70.32 60.08 34.32
CA PRO HB 39 70.44 61.54 34.28
C PRO HB 39 69.07 62.20 34.35
N ARG HB 40 69.02 63.34 35.05
CA ARG HB 40 67.75 64.00 35.37
C ARG HB 40 66.94 64.36 34.14
N ARG HB 41 65.77 63.74 34.00
CA ARG HB 41 64.79 64.11 32.98
C ARG HB 41 63.45 64.27 33.67
N ILE HB 42 63.01 65.52 33.85
CA ILE HB 42 61.77 65.84 34.54
C ILE HB 42 60.85 66.55 33.56
N HIS HB 43 59.63 66.01 33.40
CA HIS HB 43 58.63 66.60 32.54
C HIS HB 43 57.57 67.30 33.38
N THR HB 44 57.06 68.40 32.84
CA THR HB 44 55.99 69.16 33.48
C THR HB 44 54.67 68.89 32.77
N VAL HB 45 53.68 68.46 33.56
CA VAL HB 45 52.32 68.25 33.06
C VAL HB 45 51.42 69.24 33.77
N ARG HB 46 50.55 69.89 33.01
CA ARG HB 46 49.62 70.85 33.59
C ARG HB 46 48.36 70.13 34.08
N VAL HB 47 47.98 70.37 35.33
CA VAL HB 47 46.92 69.60 35.97
C VAL HB 47 45.69 70.46 36.22
N ARG HB 48 44.73 69.94 36.99
CA ARG HB 48 43.47 70.62 37.24
C ARG HB 48 43.74 71.98 37.87
N GLY HB 49 43.07 73.01 37.38
CA GLY HB 49 43.19 74.33 37.97
C GLY HB 49 44.38 75.14 37.53
N GLY HB 50 45.06 74.74 36.46
CA GLY HB 50 46.23 75.46 35.98
C GLY HB 50 47.49 75.21 36.76
N ASN HB 51 47.47 74.31 37.73
CA ASN HB 51 48.66 74.00 38.50
C ASN HB 51 49.61 73.11 37.70
N LYS HB 52 50.76 72.84 38.31
CA LYS HB 52 51.86 72.16 37.64
C LYS HB 52 52.30 70.94 38.44
N LYS HB 53 52.36 69.80 37.78
CA LYS HB 53 52.87 68.57 38.37
C LYS HB 53 54.17 68.19 37.67
N TYR HB 54 55.16 67.78 38.45
CA TYR HB 54 56.49 67.47 37.94
C TYR HB 54 56.60 65.96 37.75
N ARG HB 55 56.50 65.50 36.50
CA ARG HB 55 56.78 64.11 36.14
C ARG HB 55 58.28 63.90 36.19
N ALA HB 56 58.71 62.94 36.98
CA ALA HB 56 60.13 62.62 37.10
C ALA HB 56 60.37 61.29 36.40
N LEU HB 57 60.81 61.35 35.15
CA LEU HB 57 61.09 60.14 34.40
C LEU HB 57 62.40 59.48 34.83
N ARG HB 58 63.41 60.28 35.19
CA ARG HB 58 64.69 59.75 35.61
C ARG HB 58 65.26 60.61 36.71
N LEU HB 59 65.78 59.96 37.75
CA LEU HB 59 66.50 60.67 38.80
C LEU HB 59 67.82 59.96 39.02
N ASP HB 60 68.81 60.71 39.52
CA ASP HB 60 70.06 60.12 39.96
C ASP HB 60 70.53 60.63 41.31
N VAL HB 61 69.99 61.75 41.79
CA VAL HB 61 70.38 62.37 43.05
C VAL HB 61 69.12 62.61 43.87
N GLY HB 62 69.17 62.26 45.16
CA GLY HB 62 68.05 62.45 46.05
C GLY HB 62 68.49 63.13 47.34
N ASN HB 63 67.50 63.53 48.12
CA ASN HB 63 67.73 64.23 49.39
C ASN HB 63 67.24 63.31 50.51
N PHE HB 64 68.18 62.59 51.12
CA PHE HB 64 67.86 61.61 52.14
C PHE HB 64 68.36 62.09 53.50
N SER HB 65 67.59 61.79 54.53
CA SER HB 65 67.86 62.25 55.89
C SER HB 65 68.24 61.07 56.77
N TRP HB 66 69.28 61.27 57.59
CA TRP HB 66 69.66 60.23 58.55
C TRP HB 66 68.56 60.02 59.58
N GLY HB 67 68.01 61.10 60.11
CA GLY HB 67 66.95 61.00 61.09
C GLY HB 67 67.44 60.91 62.52
N SER HB 68 68.11 59.80 62.86
CA SER HB 68 68.65 59.65 64.22
C SER HB 68 69.71 60.68 64.54
N GLU HB 69 70.35 61.26 63.51
CA GLU HB 69 71.33 62.32 63.69
C GLU HB 69 70.82 63.68 63.22
N CYS HB 70 69.59 63.74 62.71
CA CYS HB 70 69.03 64.97 62.15
C CYS HB 70 69.94 65.54 61.06
N CYS HB 71 70.49 64.64 60.25
CA CYS HB 71 71.41 64.98 59.17
C CYS HB 71 70.76 64.63 57.85
N THR HB 72 70.46 65.63 57.02
CA THR HB 72 69.87 65.44 55.71
C THR HB 72 70.86 65.93 54.66
N ARG HB 73 71.20 65.05 53.72
CA ARG HB 73 72.21 65.34 52.72
C ARG HB 73 71.69 64.96 51.34
N LYS HB 74 72.14 65.71 50.34
CA LYS HB 74 71.81 65.46 48.94
C LYS HB 74 72.80 64.44 48.40
N THR HB 75 72.35 63.20 48.25
CA THR HB 75 73.22 62.09 47.87
C THR HB 75 72.70 61.43 46.60
N ARG HB 76 73.48 60.49 46.09
CA ARG HB 76 73.23 59.83 44.81
C ARG HB 76 72.66 58.43 45.06
N ILE HB 77 71.61 58.09 44.31
CA ILE HB 77 71.00 56.77 44.41
C ILE HB 77 71.77 55.81 43.50
N ILE HB 78 72.04 54.61 44.01
CA ILE HB 78 72.71 53.60 43.19
C ILE HB 78 71.70 52.70 42.52
N ASP HB 79 70.94 51.92 43.28
CA ASP HB 79 69.95 51.03 42.68
C ASP HB 79 68.84 50.76 43.68
N VAL HB 80 67.87 49.98 43.22
CA VAL HB 80 66.70 49.61 44.02
C VAL HB 80 66.86 48.14 44.40
N VAL HB 81 66.71 47.83 45.68
CA VAL HB 81 66.93 46.48 46.17
C VAL HB 81 65.65 45.76 46.58
N TYR HB 82 64.63 46.49 47.04
CA TYR HB 82 63.41 45.85 47.49
C TYR HB 82 62.22 46.76 47.21
N ASN HB 83 61.08 46.14 46.92
CA ASN HB 83 59.85 46.87 46.66
C ASN HB 83 58.69 46.03 47.20
N ALA HB 84 57.91 46.60 48.11
CA ALA HB 84 56.83 45.84 48.74
C ALA HB 84 55.68 45.59 47.78
N SER HB 85 55.48 46.48 46.81
CA SER HB 85 54.34 46.36 45.90
C SER HB 85 54.54 45.22 44.92
N ASN HB 86 55.53 45.33 44.04
CA ASN HB 86 55.77 44.33 43.02
C ASN HB 86 57.26 44.01 42.96
N ASN HB 87 57.57 42.76 42.66
CA ASN HB 87 58.97 42.36 42.60
C ASN HB 87 59.59 42.81 41.30
N GLU HB 88 58.75 43.03 40.27
CA GLU HB 88 59.20 43.51 38.97
C GLU HB 88 59.73 44.94 39.01
N LEU HB 89 59.20 45.77 39.92
CA LEU HB 89 59.67 47.15 40.00
C LEU HB 89 61.15 47.22 40.37
N VAL HB 90 61.61 46.31 41.23
CA VAL HB 90 63.04 46.24 41.52
C VAL HB 90 63.82 45.85 40.27
N ARG HB 91 63.29 44.89 39.51
CA ARG HB 91 64.01 44.36 38.36
C ARG HB 91 64.24 45.43 37.30
N THR HB 92 63.25 46.30 37.09
CA THR HB 92 63.38 47.40 36.14
C THR HB 92 63.97 48.66 36.77
N LYS HB 93 64.34 48.62 38.04
CA LYS HB 93 64.97 49.74 38.73
C LYS HB 93 64.11 51.00 38.66
N THR HB 94 62.93 50.90 39.27
CA THR HB 94 61.95 51.97 39.25
C THR HB 94 61.78 52.55 40.65
N LEU HB 95 61.75 53.87 40.74
CA LEU HB 95 61.64 54.58 42.00
C LEU HB 95 60.17 54.94 42.25
N VAL HB 96 59.59 54.34 43.29
CA VAL HB 96 58.23 54.67 43.69
C VAL HB 96 58.27 55.24 45.11
N LYS HB 97 57.09 55.44 45.70
CA LYS HB 97 57.02 56.18 46.96
C LYS HB 97 57.72 55.43 48.09
N ASN HB 98 57.53 54.11 48.18
CA ASN HB 98 57.97 53.37 49.35
C ASN HB 98 59.07 52.36 49.08
N CYS HB 99 59.57 52.25 47.86
CA CYS HB 99 60.65 51.31 47.59
C CYS HB 99 61.94 51.77 48.26
N ILE HB 100 62.70 50.80 48.75
CA ILE HB 100 63.96 51.07 49.44
C ILE HB 100 65.09 50.96 48.43
N VAL HB 101 66.06 51.88 48.54
CA VAL HB 101 67.14 52.01 47.58
C VAL HB 101 68.46 52.18 48.32
N LEU HB 102 69.55 51.84 47.62
CA LEU HB 102 70.89 52.09 48.13
C LEU HB 102 71.33 53.49 47.73
N ILE HB 103 71.90 54.22 48.68
CA ILE HB 103 72.38 55.57 48.44
C ILE HB 103 73.85 55.66 48.86
N ASP HB 104 74.56 56.60 48.25
CA ASP HB 104 75.95 56.82 48.60
C ASP HB 104 76.05 57.46 49.97
N SER HB 105 76.97 56.96 50.78
CA SER HB 105 77.10 57.36 52.17
C SER HB 105 78.20 58.38 52.42
N THR HB 106 78.83 58.89 51.36
CA THR HB 106 79.92 59.84 51.54
C THR HB 106 79.49 61.12 52.26
N PRO HB 107 78.38 61.79 51.89
CA PRO HB 107 78.01 63.01 52.62
C PRO HB 107 77.76 62.78 54.11
N TYR HB 108 77.23 61.62 54.47
CA TYR HB 108 77.05 61.31 55.89
C TYR HB 108 78.39 61.04 56.56
N ARG HB 109 79.32 60.43 55.83
CA ARG HB 109 80.67 60.26 56.36
C ARG HB 109 81.33 61.61 56.61
N GLN HB 110 81.21 62.52 55.65
CA GLN HB 110 81.80 63.85 55.79
C GLN HB 110 81.23 64.57 57.00
N TRP HB 111 79.90 64.52 57.18
CA TRP HB 111 79.29 65.17 58.33
C TRP HB 111 79.71 64.50 59.63
N TYR HB 112 79.83 63.17 59.61
CA TYR HB 112 80.16 62.44 60.83
C TYR HB 112 81.54 62.85 61.34
N GLU HB 113 82.54 62.89 60.45
CA GLU HB 113 83.88 63.27 60.87
C GLU HB 113 83.94 64.73 61.29
N SER HB 114 83.28 65.61 60.55
CA SER HB 114 83.29 67.03 60.89
C SER HB 114 82.45 67.36 62.11
N HIS HB 115 81.66 66.42 62.60
CA HIS HB 115 80.85 66.62 63.80
C HIS HB 115 81.31 65.77 64.97
N TYR HB 116 81.67 64.52 64.73
CA TYR HB 116 82.06 63.61 65.80
C TYR HB 116 83.56 63.41 65.92
N ALA HB 117 84.31 63.57 64.82
CA ALA HB 117 85.77 63.42 64.80
C ALA HB 117 86.19 62.01 65.22
N LEU HB 118 85.40 61.01 64.85
CA LEU HB 118 85.78 59.61 64.98
C LEU HB 118 85.80 58.92 63.63
N PRO HB 119 86.79 58.07 63.36
CA PRO HB 119 86.83 57.32 62.10
C PRO HB 119 85.58 56.47 61.92
N LEU HB 120 84.82 56.77 60.86
CA LEU HB 120 83.69 55.97 60.44
C LEU HB 120 83.86 55.66 58.96
N GLY HB 121 83.50 54.42 58.58
CA GLY HB 121 83.66 53.98 57.22
C GLY HB 121 85.08 53.64 56.83
N ARG HB 122 86.05 53.90 57.69
CA ARG HB 122 87.44 53.60 57.41
C ARG HB 122 87.77 52.17 57.82
N LYS HB 123 88.68 51.55 57.08
CA LYS HB 123 89.08 50.17 57.37
C LYS HB 123 90.31 50.11 58.26
N LYS HB 124 91.41 50.72 57.84
CA LYS HB 124 92.65 50.71 58.62
C LYS HB 124 93.25 52.09 58.86
N GLY HB 125 92.89 53.11 58.09
CA GLY HB 125 93.36 54.45 58.32
C GLY HB 125 94.70 54.76 57.67
N ALA HB 126 95.11 56.02 57.80
CA ALA HB 126 96.35 56.53 57.21
C ALA HB 126 96.39 56.28 55.70
N LYS HB 127 95.28 56.59 55.04
CA LYS HB 127 95.15 56.40 53.60
C LYS HB 127 94.69 57.64 52.85
N LEU HB 128 93.95 58.54 53.49
CA LEU HB 128 93.57 59.82 52.88
C LEU HB 128 94.20 60.94 53.70
N THR HB 129 95.51 60.80 53.96
CA THR HB 129 96.21 61.67 54.90
C THR HB 129 96.08 63.17 54.63
N PRO HB 130 96.16 63.69 53.41
CA PRO HB 130 96.18 65.16 53.23
C PRO HB 130 94.98 65.88 53.82
N GLU HB 131 93.92 65.18 54.21
CA GLU HB 131 92.79 65.82 54.88
C GLU HB 131 92.45 65.19 56.22
N GLU HB 132 92.61 63.87 56.37
CA GLU HB 132 92.15 63.21 57.58
C GLU HB 132 93.08 63.50 58.75
N GLU HB 133 94.38 63.65 58.48
CA GLU HB 133 95.31 64.03 59.54
C GLU HB 133 94.99 65.39 60.13
N GLU HB 134 94.28 66.24 59.39
CA GLU HB 134 93.92 67.58 59.86
C GLU HB 134 92.58 67.58 60.58
N ILE HB 135 91.62 66.78 60.13
CA ILE HB 135 90.30 66.79 60.78
C ILE HB 135 90.37 66.15 62.16
N LEU HB 136 91.22 65.14 62.34
CA LEU HB 136 91.25 64.43 63.62
C LEU HB 136 91.94 65.26 64.69
N ASN HB 137 93.01 65.97 64.32
CA ASN HB 137 93.77 66.75 65.30
C ASN HB 137 93.21 68.17 65.43
N LYS HB 138 93.30 68.96 64.35
CA LYS HB 138 92.85 70.34 64.32
C LYS HB 138 93.60 71.23 65.30
N LYS HB 139 94.49 70.63 66.11
CA LYS HB 139 95.27 71.32 67.14
C LYS HB 139 94.43 72.36 67.90
N ARG HB 140 93.21 71.95 68.23
CA ARG HB 140 92.24 72.89 68.75
C ARG HB 140 92.50 73.18 70.23
N SER HB 141 91.79 74.19 70.74
CA SER HB 141 92.07 74.76 72.05
C SER HB 141 91.42 73.92 73.16
N LYS HB 142 91.42 74.48 74.37
CA LYS HB 142 90.94 73.77 75.55
C LYS HB 142 89.43 73.52 75.46
N LYS HB 143 88.65 74.52 75.05
CA LYS HB 143 87.20 74.43 75.14
C LYS HB 143 86.63 73.67 73.96
N ILE HB 144 87.16 73.93 72.76
CA ILE HB 144 86.70 73.23 71.57
C ILE HB 144 86.97 71.73 71.69
N GLN HB 145 88.17 71.37 72.17
CA GLN HB 145 88.46 69.96 72.43
C GLN HB 145 87.55 69.42 73.53
N LYS HB 146 87.33 70.22 74.57
CA LYS HB 146 86.35 69.86 75.59
C LYS HB 146 84.94 69.86 75.01
N LYS HB 147 84.71 70.60 73.93
CA LYS HB 147 83.43 70.55 73.25
C LYS HB 147 83.31 69.35 72.31
N TYR HB 148 84.43 68.70 71.99
CA TYR HB 148 84.36 67.54 71.11
C TYR HB 148 84.19 66.22 71.86
N ASP HB 149 84.77 66.07 73.05
CA ASP HB 149 84.54 64.84 73.80
C ASP HB 149 83.17 64.81 74.49
N GLU HB 150 82.51 65.96 74.67
CA GLU HB 150 81.12 65.92 75.09
C GLU HB 150 80.21 65.48 73.95
N ARG HB 151 80.71 65.51 72.72
CA ARG HB 151 80.05 64.91 71.58
C ARG HB 151 80.51 63.49 71.33
N LYS HB 152 81.32 62.94 72.23
CA LYS HB 152 81.87 61.59 72.10
C LYS HB 152 81.09 60.55 72.89
N LYS HB 153 80.68 60.86 74.11
CA LYS HB 153 79.96 59.87 74.92
C LYS HB 153 78.64 59.47 74.27
N ASN HB 154 78.02 60.38 73.51
CA ASN HB 154 76.85 60.04 72.71
C ASN HB 154 77.22 59.63 71.30
N ALA HB 155 78.51 59.58 70.98
CA ALA HB 155 78.96 59.19 69.64
C ALA HB 155 79.01 57.67 69.56
N LYS HB 156 78.03 57.08 68.90
CA LYS HB 156 78.00 55.64 68.70
C LYS HB 156 77.05 55.32 67.56
N ILE HB 157 77.45 54.39 66.70
CA ILE HB 157 76.67 54.00 65.54
C ILE HB 157 76.35 52.51 65.65
N SER HB 158 75.13 52.15 65.27
CA SER HB 158 74.70 50.75 65.32
C SER HB 158 75.59 49.89 64.44
N SER HB 159 75.70 48.61 64.80
CA SER HB 159 76.55 47.69 64.07
C SER HB 159 76.08 47.55 62.62
N LEU HB 160 74.78 47.50 62.41
CA LEU HB 160 74.25 47.38 61.05
C LEU HB 160 74.60 48.60 60.21
N LEU HB 161 74.49 49.79 60.79
CA LEU HB 161 74.79 51.02 60.05
C LEU HB 161 76.28 51.11 59.74
N GLU HB 162 77.13 50.90 60.74
CA GLU HB 162 78.58 51.03 60.52
C GLU HB 162 79.09 49.98 59.55
N GLU HB 163 78.46 48.80 59.51
CA GLU HB 163 78.83 47.79 58.51
C GLU HB 163 78.58 48.31 57.10
N GLN HB 164 77.45 48.99 56.89
CA GLN HB 164 77.15 49.53 55.58
C GLN HB 164 78.08 50.69 55.22
N PHE HB 165 78.52 51.46 56.21
CA PHE HB 165 79.51 52.49 55.95
C PHE HB 165 80.82 51.90 55.48
N GLN HB 166 81.15 50.70 55.94
CA GLN HB 166 82.31 49.99 55.39
C GLN HB 166 82.12 49.69 53.91
N GLN HB 167 80.91 49.24 53.54
CA GLN HB 167 80.61 48.96 52.15
C GLN HB 167 80.44 50.22 51.31
N GLY HB 168 80.28 51.38 51.95
CA GLY HB 168 80.13 52.62 51.23
C GLY HB 168 78.75 52.91 50.69
N LYS HB 169 77.78 52.01 50.92
CA LYS HB 169 76.42 52.20 50.44
C LYS HB 169 75.45 51.99 51.59
N LEU HB 170 74.52 52.93 51.75
CA LEU HB 170 73.45 52.82 52.72
C LEU HB 170 72.13 52.61 51.99
N LEU HB 171 71.33 51.67 52.48
CA LEU HB 171 69.98 51.47 51.95
C LEU HB 171 68.98 52.33 52.71
N ALA HB 172 68.13 53.02 51.94
CA ALA HB 172 67.21 54.01 52.48
C ALA HB 172 65.87 53.88 51.78
N CYS HB 173 64.82 54.35 52.45
CA CYS HB 173 63.46 54.29 51.93
C CYS HB 173 63.04 55.66 51.44
N ILE HB 174 62.53 55.73 50.21
CA ILE HB 174 61.98 56.97 49.68
C ILE HB 174 60.75 57.37 50.48
N ALA HB 175 60.58 58.67 50.67
CA ALA HB 175 59.39 59.20 51.33
C ALA HB 175 58.55 60.07 50.43
N SER HB 176 59.11 60.62 49.36
CA SER HB 176 58.37 61.47 48.45
C SER HB 176 57.73 60.61 47.36
N ARG HB 177 57.16 61.29 46.37
CA ARG HB 177 56.39 60.68 45.28
C ARG HB 177 56.91 61.14 43.93
N PRO HB 178 57.92 60.47 43.39
CA PRO HB 178 58.36 60.77 42.02
C PRO HB 178 57.21 60.54 41.04
N GLY HB 179 57.14 61.40 40.04
CA GLY HB 179 55.98 61.46 39.16
C GLY HB 179 54.91 62.43 39.61
N GLN HB 180 54.96 62.87 40.86
CA GLN HB 180 54.09 63.93 41.37
C GLN HB 180 54.88 65.16 41.76
N CYS HB 181 55.86 65.00 42.67
CA CYS HB 181 56.71 66.11 43.07
C CYS HB 181 57.98 66.22 42.23
N GLY HB 182 58.32 65.19 41.46
CA GLY HB 182 59.50 65.26 40.63
C GLY HB 182 60.81 65.13 41.38
N ARG HB 183 60.79 64.58 42.59
CA ARG HB 183 61.99 64.44 43.39
C ARG HB 183 61.86 63.20 44.26
N ALA HB 184 63.00 62.70 44.72
CA ALA HB 184 63.08 61.40 45.38
C ALA HB 184 63.72 61.53 46.77
N ASP HB 185 63.07 62.27 47.65
CA ASP HB 185 63.56 62.38 49.01
C ASP HB 185 63.16 61.16 49.84
N GLY HB 186 63.87 60.95 50.93
CA GLY HB 186 63.61 59.79 51.76
C GLY HB 186 64.38 59.85 53.06
N TYR HB 187 64.42 58.72 53.75
CA TYR HB 187 65.10 58.61 55.03
C TYR HB 187 65.92 57.33 55.05
N VAL HB 188 66.99 57.35 55.84
CA VAL HB 188 67.86 56.19 55.99
C VAL HB 188 67.25 55.20 56.97
N LEU HB 189 67.33 53.92 56.63
CA LEU HB 189 66.76 52.88 57.49
C LEU HB 189 67.63 52.65 58.72
N GLU HB 190 67.00 52.64 59.89
CA GLU HB 190 67.67 52.21 61.11
C GLU HB 190 66.80 51.19 61.83
N GLY HB 191 67.38 50.60 62.88
CA GLY HB 191 66.63 49.87 63.88
C GLY HB 191 65.88 48.66 63.32
N LYS HB 192 64.70 48.43 63.90
CA LYS HB 192 63.92 47.26 63.55
C LYS HB 192 63.51 47.28 62.08
N GLU HB 193 63.17 48.46 61.57
CA GLU HB 193 62.82 48.59 60.16
C GLU HB 193 63.97 48.17 59.27
N LEU HB 194 65.20 48.57 59.63
CA LEU HB 194 66.37 48.14 58.87
C LEU HB 194 66.55 46.63 58.96
N GLU HB 195 66.37 46.05 60.15
CA GLU HB 195 66.49 44.61 60.29
C GLU HB 195 65.40 43.88 59.50
N PHE HB 196 64.19 44.43 59.49
CA PHE HB 196 63.09 43.80 58.77
C PHE HB 196 63.38 43.71 57.28
N TYR HB 197 63.92 44.78 56.69
CA TYR HB 197 64.18 44.78 55.26
C TYR HB 197 65.42 43.97 54.89
N LEU HB 198 66.42 43.95 55.77
CA LEU HB 198 67.58 43.08 55.53
C LEU HB 198 67.17 41.62 55.47
N ARG HB 199 66.26 41.21 56.37
CA ARG HB 199 65.74 39.85 56.33
C ARG HB 199 64.97 39.58 55.05
N LYS HB 200 64.19 40.55 54.59
CA LYS HB 200 63.45 40.40 53.34
C LYS HB 200 64.40 40.26 52.15
N ILE HB 201 65.45 41.07 52.10
CA ILE HB 201 66.43 40.97 51.02
C ILE HB 201 67.16 39.64 51.09
N LYS HB 202 67.53 39.20 52.31
CA LYS HB 202 68.19 37.91 52.47
C LYS HB 202 67.30 36.77 52.00
N ALA HB 203 66.01 36.82 52.36
CA ALA HB 203 65.08 35.79 51.90
C ALA HB 203 64.90 35.85 50.39
N ARG HB 204 65.03 37.04 49.79
CA ARG HB 204 64.93 37.15 48.34
C ARG HB 204 66.07 36.42 47.66
N LYS HB 205 67.31 36.63 48.14
CA LYS HB 205 68.46 35.92 47.58
C LYS HB 205 69.56 35.93 48.64
N GLY HB 206 69.76 34.79 49.28
CA GLY HB 206 70.78 34.66 50.30
C GLY HB 206 70.85 33.26 50.90
N PRO IB 1 12.65 81.57 29.71
CA PRO IB 1 12.20 82.14 28.44
C PRO IB 1 11.31 83.38 28.60
N VAL IB 2 10.02 83.25 28.31
CA VAL IB 2 9.17 84.44 28.29
C VAL IB 2 8.85 84.90 29.71
N ALA IB 3 8.44 86.17 29.83
CA ALA IB 3 8.11 86.81 31.10
C ALA IB 3 6.61 86.96 31.26
N ARG IB 4 5.86 85.93 30.88
CA ARG IB 4 4.41 85.93 30.99
C ARG IB 4 4.00 85.59 32.43
N SER IB 5 2.73 85.31 32.65
CA SER IB 5 2.24 84.93 33.97
C SER IB 5 1.47 83.63 33.98
N TRP IB 6 0.61 83.41 32.99
CA TRP IB 6 -0.26 82.23 32.88
C TRP IB 6 -0.77 81.75 34.23
N VAL IB 7 -1.30 82.70 35.00
CA VAL IB 7 -1.99 82.41 36.25
C VAL IB 7 -3.45 82.78 36.04
N CYS IB 8 -4.28 81.77 35.82
CA CYS IB 8 -5.70 81.96 35.57
C CYS IB 8 -6.49 80.87 36.27
N ARG IB 9 -7.77 81.16 36.53
CA ARG IB 9 -8.65 80.19 37.18
C ARG IB 9 -10.07 80.44 36.71
N LYS IB 10 -10.84 79.36 36.64
CA LYS IB 10 -12.25 79.47 36.28
C LYS IB 10 -13.04 80.05 37.43
N THR IB 11 -14.04 80.87 37.10
CA THR IB 11 -14.84 81.56 38.09
C THR IB 11 -16.20 80.91 38.32
N TYR IB 12 -16.43 79.72 37.75
CA TYR IB 12 -17.72 79.07 37.87
C TYR IB 12 -17.54 77.57 37.78
N VAL IB 13 -18.57 76.84 38.23
CA VAL IB 13 -18.60 75.39 38.16
C VAL IB 13 -19.96 74.96 37.62
N THR IB 14 -19.96 74.13 36.58
CA THR IB 14 -21.19 73.64 36.02
C THR IB 14 -21.83 72.61 36.94
N PRO IB 15 -23.16 72.49 36.93
CA PRO IB 15 -23.82 71.50 37.78
C PRO IB 15 -23.46 70.07 37.38
N ARG IB 16 -23.45 69.19 38.38
CA ARG IB 16 -23.07 67.80 38.16
C ARG IB 16 -24.04 67.09 37.22
N ARG IB 17 -25.33 67.16 37.55
CA ARG IB 17 -26.44 66.61 36.76
C ARG IB 17 -27.02 67.70 35.87
N PRO IB 18 -27.25 67.43 34.60
CA PRO IB 18 -28.06 68.33 33.78
C PRO IB 18 -29.52 67.91 33.75
N PHE IB 19 -30.37 68.87 33.42
CA PHE IB 19 -31.80 68.64 33.18
C PHE IB 19 -32.51 68.16 34.45
N GLU IB 20 -32.48 69.00 35.47
CA GLU IB 20 -33.39 68.88 36.60
C GLU IB 20 -34.46 69.95 36.43
N LYS IB 21 -35.72 69.56 36.57
CA LYS IB 21 -36.78 70.55 36.46
C LYS IB 21 -36.73 71.51 37.64
N SER IB 22 -36.31 71.04 38.81
CA SER IB 22 -36.23 71.91 39.99
C SER IB 22 -35.08 72.91 39.86
N ARG IB 23 -33.90 72.45 39.46
CA ARG IB 23 -32.75 73.34 39.39
C ARG IB 23 -32.89 74.33 38.25
N LEU IB 24 -33.43 73.89 37.12
CA LEU IB 24 -33.59 74.78 35.97
C LEU IB 24 -34.50 75.95 36.30
N ASP IB 25 -35.62 75.69 36.99
CA ASP IB 25 -36.54 76.75 37.35
C ASP IB 25 -35.93 77.68 38.40
N GLN IB 26 -35.21 77.11 39.37
CA GLN IB 26 -34.62 77.92 40.43
C GLN IB 26 -33.61 78.91 39.86
N GLU IB 27 -32.77 78.47 38.92
CA GLU IB 27 -31.82 79.37 38.29
C GLU IB 27 -32.53 80.37 37.38
N LEU IB 28 -33.60 79.94 36.71
CA LEU IB 28 -34.31 80.84 35.81
C LEU IB 28 -35.09 81.89 36.59
N LYS IB 29 -35.56 81.54 37.79
CA LYS IB 29 -36.14 82.54 38.69
C LYS IB 29 -35.13 83.65 38.97
N LEU IB 30 -33.90 83.26 39.33
CA LEU IB 30 -32.89 84.25 39.67
C LEU IB 30 -32.46 85.07 38.47
N ILE IB 31 -32.32 84.42 37.31
CA ILE IB 31 -31.86 85.13 36.11
C ILE IB 31 -32.88 86.18 35.70
N GLY IB 32 -34.17 85.83 35.68
CA GLY IB 32 -35.18 86.80 35.34
C GLY IB 32 -35.33 87.90 36.38
N GLU IB 33 -35.25 87.54 37.67
CA GLU IB 33 -35.43 88.51 38.73
C GLU IB 33 -34.30 89.52 38.77
N TYR IB 34 -33.07 89.09 38.52
CA TYR IB 34 -31.91 89.96 38.57
C TYR IB 34 -31.35 90.30 37.20
N GLY IB 35 -32.06 89.93 36.12
CA GLY IB 35 -31.69 90.38 34.79
C GLY IB 35 -30.35 89.91 34.29
N LEU IB 36 -30.05 88.62 34.43
CA LEU IB 36 -28.74 88.09 34.06
C LEU IB 36 -28.75 87.56 32.63
N ARG IB 37 -27.57 87.60 31.99
CA ARG IB 37 -27.44 87.21 30.59
C ARG IB 37 -27.64 85.71 30.39
N ASN IB 38 -26.97 84.89 31.20
CA ASN IB 38 -26.99 83.44 31.01
C ASN IB 38 -26.83 82.79 32.37
N LYS IB 39 -26.76 81.45 32.36
CA LYS IB 39 -26.63 80.72 33.62
C LYS IB 39 -25.20 80.66 34.12
N ARG IB 40 -24.22 81.15 33.35
CA ARG IB 40 -22.84 81.14 33.84
C ARG IB 40 -22.65 82.10 34.99
N GLU IB 41 -23.33 83.25 34.97
CA GLU IB 41 -23.10 84.24 36.01
C GLU IB 41 -23.92 83.97 37.26
N VAL IB 42 -24.99 83.16 37.15
CA VAL IB 42 -25.60 82.67 38.38
C VAL IB 42 -24.78 81.51 38.95
N TRP IB 43 -24.10 80.76 38.08
CA TRP IB 43 -23.15 79.76 38.56
C TRP IB 43 -21.91 80.41 39.13
N ARG IB 44 -21.51 81.57 38.59
CA ARG IB 44 -20.32 82.26 39.07
C ARG IB 44 -20.50 82.73 40.50
N VAL IB 45 -21.63 83.40 40.78
CA VAL IB 45 -21.90 83.87 42.14
C VAL IB 45 -22.10 82.69 43.08
N LYS IB 46 -22.73 81.62 42.60
CA LYS IB 46 -22.85 80.40 43.39
C LYS IB 46 -21.48 79.83 43.73
N PHE IB 47 -20.57 79.83 42.76
CA PHE IB 47 -19.20 79.39 43.03
C PHE IB 47 -18.52 80.31 44.04
N THR IB 48 -18.78 81.62 43.94
CA THR IB 48 -18.20 82.55 44.90
C THR IB 48 -18.68 82.26 46.31
N LEU IB 49 -19.99 82.00 46.47
CA LEU IB 49 -20.51 81.67 47.79
C LEU IB 49 -19.95 80.36 48.30
N ALA IB 50 -19.82 79.36 47.42
CA ALA IB 50 -19.30 78.07 47.84
C ALA IB 50 -17.86 78.19 48.34
N LYS IB 51 -17.05 79.01 47.68
CA LYS IB 51 -15.69 79.25 48.16
C LYS IB 51 -15.70 79.92 49.53
N ILE IB 52 -16.60 80.87 49.73
CA ILE IB 52 -16.73 81.51 51.03
C ILE IB 52 -17.21 80.51 52.07
N ARG IB 53 -18.21 79.69 51.72
CA ARG IB 53 -18.70 78.67 52.64
C ARG IB 53 -17.61 77.68 52.99
N LYS IB 54 -16.82 77.26 52.00
CA LYS IB 54 -15.73 76.33 52.26
C LYS IB 54 -14.69 76.93 53.21
N ALA IB 55 -14.32 78.18 52.98
CA ALA IB 55 -13.36 78.84 53.86
C ALA IB 55 -13.92 79.02 55.26
N ALA IB 56 -15.18 79.43 55.37
CA ALA IB 56 -15.80 79.61 56.68
C ALA IB 56 -15.94 78.28 57.41
N ARG IB 57 -16.30 77.21 56.69
CA ARG IB 57 -16.45 75.91 57.32
C ARG IB 57 -15.12 75.40 57.87
N GLU IB 58 -14.03 75.61 57.13
CA GLU IB 58 -12.72 75.18 57.59
C GLU IB 58 -12.35 75.87 58.90
N LEU IB 59 -12.61 77.18 58.98
CA LEU IB 59 -12.29 77.92 60.20
C LEU IB 59 -13.12 77.42 61.38
N LEU IB 60 -14.36 77.00 61.13
CA LEU IB 60 -15.22 76.54 62.21
C LEU IB 60 -14.70 75.25 62.83
N THR IB 61 -14.23 74.31 62.00
CA THR IB 61 -13.61 73.10 62.54
C THR IB 61 -12.31 73.40 63.24
N LEU IB 62 -11.65 74.50 62.90
CA LEU IB 62 -10.42 74.89 63.56
C LEU IB 62 -10.70 75.26 65.01
N ASP IB 63 -9.77 74.91 65.89
CA ASP IB 63 -9.97 75.15 67.32
C ASP IB 63 -10.07 76.64 67.61
N GLU IB 64 -10.92 76.98 68.58
CA GLU IB 64 -11.07 78.36 68.98
C GLU IB 64 -9.79 78.84 69.66
N LYS IB 65 -9.55 80.15 69.57
CA LYS IB 65 -8.35 80.84 70.04
C LYS IB 65 -7.13 80.55 69.17
N ASP IB 66 -7.30 79.80 68.09
CA ASP IB 66 -6.23 79.63 67.11
C ASP IB 66 -5.97 80.96 66.43
N PRO IB 67 -4.71 81.42 66.36
CA PRO IB 67 -4.44 82.71 65.69
C PRO IB 67 -4.94 82.76 64.27
N ARG IB 68 -4.82 81.66 63.53
CA ARG IB 68 -5.33 81.66 62.15
C ARG IB 68 -6.83 81.82 62.11
N ARG IB 69 -7.56 81.12 63.00
CA ARG IB 69 -9.00 81.29 63.05
C ARG IB 69 -9.37 82.72 63.43
N LEU IB 70 -8.65 83.30 64.39
CA LEU IB 70 -8.93 84.68 64.79
C LEU IB 70 -8.58 85.66 63.67
N PHE IB 71 -7.37 85.54 63.11
CA PHE IB 71 -6.94 86.50 62.11
C PHE IB 71 -7.77 86.40 60.84
N GLU IB 72 -7.93 85.18 60.30
CA GLU IB 72 -8.70 85.06 59.08
C GLU IB 72 -10.20 85.16 59.35
N GLY IB 73 -10.63 84.89 60.57
CA GLY IB 73 -12.03 85.01 60.92
C GLY IB 73 -12.53 86.42 60.76
N ASN IB 74 -11.83 87.40 61.33
CA ASN IB 74 -12.26 88.78 61.13
C ASN IB 74 -11.87 89.29 59.76
N ALA IB 75 -10.91 88.64 59.10
CA ALA IB 75 -10.51 89.06 57.76
C ALA IB 75 -11.65 88.89 56.77
N LEU IB 76 -12.24 87.69 56.73
CA LEU IB 76 -13.38 87.45 55.85
C LEU IB 76 -14.67 88.07 56.37
N LEU IB 77 -14.84 88.21 57.68
CA LEU IB 77 -15.99 88.94 58.19
C LEU IB 77 -15.90 90.42 57.84
N ARG IB 78 -14.69 91.00 57.89
CA ARG IB 78 -14.52 92.41 57.55
C ARG IB 78 -14.96 92.72 56.14
N ARG IB 79 -14.54 91.91 55.17
CA ARG IB 79 -14.90 92.18 53.79
C ARG IB 79 -16.34 91.80 53.48
N LEU IB 80 -16.93 90.88 54.25
CA LEU IB 80 -18.33 90.54 54.02
C LEU IB 80 -19.25 91.67 54.45
N VAL IB 81 -18.91 92.38 55.53
CA VAL IB 81 -19.70 93.54 55.91
C VAL IB 81 -19.33 94.76 55.07
N ARG IB 82 -18.15 94.77 54.47
CA ARG IB 82 -17.76 95.90 53.61
C ARG IB 82 -18.58 95.93 52.34
N ILE IB 83 -18.69 94.78 51.66
CA ILE IB 83 -19.53 94.71 50.47
C ILE IB 83 -21.00 94.88 50.82
N GLY IB 84 -21.43 94.37 51.97
CA GLY IB 84 -22.76 94.62 52.49
C GLY IB 84 -23.67 93.43 52.64
N VAL IB 85 -23.28 92.22 52.23
CA VAL IB 85 -24.17 91.07 52.35
C VAL IB 85 -24.35 90.62 53.79
N LEU IB 86 -23.50 91.06 54.71
CA LEU IB 86 -23.58 90.67 56.10
C LEU IB 86 -23.87 91.88 56.97
N ASP IB 87 -24.76 91.68 57.95
CA ASP IB 87 -25.10 92.74 58.89
C ASP IB 87 -23.89 93.12 59.75
N GLU IB 88 -23.85 94.41 60.12
CA GLU IB 88 -22.75 94.94 60.93
C GLU IB 88 -22.63 94.20 62.25
N GLY IB 89 -23.76 93.92 62.90
CA GLY IB 89 -23.78 93.19 64.15
C GLY IB 89 -23.80 91.69 64.02
N LYS IB 90 -23.95 91.17 62.80
CA LYS IB 90 -23.97 89.73 62.56
C LYS IB 90 -22.57 89.19 62.30
N MET IB 91 -21.63 89.55 63.17
CA MET IB 91 -20.21 89.24 62.97
C MET IB 91 -19.83 87.94 63.68
N LYS IB 92 -20.38 86.83 63.17
CA LYS IB 92 -20.06 85.51 63.65
C LYS IB 92 -19.82 84.59 62.46
N LEU IB 93 -18.90 83.63 62.63
CA LEU IB 93 -18.61 82.68 61.57
C LEU IB 93 -19.82 81.80 61.24
N ASP IB 94 -20.66 81.55 62.24
CA ASP IB 94 -21.85 80.74 62.02
C ASP IB 94 -22.81 81.40 61.03
N TYR IB 95 -22.99 82.72 61.16
CA TYR IB 95 -23.94 83.43 60.31
C TYR IB 95 -23.53 83.45 58.85
N ILE IB 96 -22.25 83.19 58.56
CA ILE IB 96 -21.80 83.15 57.17
C ILE IB 96 -22.40 81.95 56.46
N LEU IB 97 -22.47 80.80 57.15
CA LEU IB 97 -23.06 79.61 56.54
C LEU IB 97 -24.52 79.81 56.18
N GLY IB 98 -25.20 80.73 56.85
CA GLY IB 98 -26.59 81.04 56.52
C GLY IB 98 -26.79 81.97 55.35
N LEU IB 99 -25.71 82.48 54.77
CA LEU IB 99 -25.83 83.36 53.62
C LEU IB 99 -26.32 82.60 52.40
N LYS IB 100 -27.02 83.31 51.53
CA LYS IB 100 -27.52 82.75 50.28
C LYS IB 100 -26.85 83.47 49.11
N ILE IB 101 -27.43 83.31 47.92
CA ILE IB 101 -26.91 83.97 46.73
C ILE IB 101 -27.73 85.19 46.33
N GLU IB 102 -28.93 85.35 46.87
CA GLU IB 102 -29.75 86.52 46.55
C GLU IB 102 -29.08 87.80 47.02
N ASP IB 103 -28.55 87.78 48.25
CA ASP IB 103 -27.86 88.97 48.77
C ASP IB 103 -26.59 89.26 47.97
N PHE IB 104 -25.84 88.21 47.60
CA PHE IB 104 -24.69 88.40 46.75
C PHE IB 104 -25.07 88.86 45.35
N LEU IB 105 -26.33 88.68 44.95
CA LEU IB 105 -26.79 89.13 43.65
C LEU IB 105 -27.37 90.53 43.68
N GLU IB 106 -27.97 90.94 44.80
CA GLU IB 106 -28.52 92.29 44.86
C GLU IB 106 -27.46 93.35 45.12
N ARG IB 107 -26.25 92.97 45.54
CA ARG IB 107 -25.14 93.92 45.64
C ARG IB 107 -24.56 94.29 44.30
N ARG IB 108 -25.01 93.65 43.22
CA ARG IB 108 -24.53 93.96 41.88
C ARG IB 108 -24.93 95.37 41.47
N LEU IB 109 -24.13 95.96 40.59
CA LEU IB 109 -24.41 97.33 40.16
C LEU IB 109 -25.72 97.40 39.39
N GLN IB 110 -26.00 96.40 38.55
CA GLN IB 110 -27.27 96.37 37.82
C GLN IB 110 -28.45 96.38 38.76
N THR IB 111 -28.36 95.67 39.89
CA THR IB 111 -29.44 95.64 40.85
C THR IB 111 -29.54 96.94 41.63
N GLN IB 112 -28.40 97.48 42.05
CA GLN IB 112 -28.43 98.67 42.90
C GLN IB 112 -28.94 99.90 42.14
N VAL IB 113 -28.57 100.03 40.87
CA VAL IB 113 -29.04 101.19 40.11
C VAL IB 113 -30.55 101.12 39.90
N PHE IB 114 -31.09 99.92 39.69
CA PHE IB 114 -32.53 99.74 39.64
C PHE IB 114 -33.17 100.10 40.98
N LYS IB 115 -32.58 99.61 42.07
CA LYS IB 115 -33.15 99.87 43.40
C LYS IB 115 -32.98 101.34 43.78
N LEU IB 116 -31.88 101.97 43.33
CA LEU IB 116 -31.70 103.39 43.59
C LEU IB 116 -32.68 104.24 42.79
N GLY IB 117 -33.38 103.66 41.83
CA GLY IB 117 -34.33 104.38 41.01
C GLY IB 117 -33.74 105.06 39.80
N LEU IB 118 -32.42 104.97 39.61
CA LEU IB 118 -31.81 105.53 38.41
C LEU IB 118 -32.32 104.84 37.15
N ALA IB 119 -32.67 103.56 37.25
CA ALA IB 119 -33.15 102.77 36.13
C ALA IB 119 -34.60 102.35 36.37
N LYS IB 120 -35.38 102.31 35.27
CA LYS IB 120 -36.79 102.01 35.38
C LYS IB 120 -37.04 100.52 35.59
N SER IB 121 -36.07 99.68 35.19
CA SER IB 121 -36.21 98.24 35.30
C SER IB 121 -34.83 97.63 35.51
N ILE IB 122 -34.82 96.38 35.97
CA ILE IB 122 -33.54 95.67 36.11
C ILE IB 122 -32.89 95.48 34.74
N HIS IB 123 -33.71 95.28 33.70
CA HIS IB 123 -33.16 95.09 32.37
C HIS IB 123 -32.79 96.42 31.73
N HIS IB 124 -33.51 97.49 32.06
CA HIS IB 124 -33.04 98.83 31.70
C HIS IB 124 -31.70 99.13 32.35
N ALA IB 125 -31.50 98.63 33.57
CA ALA IB 125 -30.26 98.91 34.30
C ALA IB 125 -29.06 98.31 33.58
N ARG IB 126 -29.17 97.08 33.10
CA ARG IB 126 -28.03 96.46 32.44
C ARG IB 126 -27.64 97.23 31.18
N VAL IB 127 -28.63 97.59 30.36
CA VAL IB 127 -28.32 98.32 29.14
C VAL IB 127 -27.87 99.74 29.47
N LEU IB 128 -28.40 100.34 30.55
CA LEU IB 128 -27.95 101.66 30.96
C LEU IB 128 -26.49 101.63 31.43
N ILE IB 129 -26.14 100.62 32.24
CA ILE IB 129 -24.76 100.50 32.69
C ILE IB 129 -23.82 100.22 31.53
N ARG IB 130 -24.22 99.31 30.63
CA ARG IB 130 -23.38 98.93 29.51
C ARG IB 130 -23.18 100.10 28.55
N GLN IB 131 -24.14 101.02 28.47
CA GLN IB 131 -24.06 102.16 27.57
C GLN IB 131 -23.27 103.33 28.16
N ARG IB 132 -22.45 103.07 29.18
CA ARG IB 132 -21.54 104.08 29.75
C ARG IB 132 -22.29 105.31 30.24
N HIS IB 133 -23.36 105.07 31.00
CA HIS IB 133 -24.19 106.15 31.51
C HIS IB 133 -24.03 106.37 33.01
N ILE IB 134 -23.82 105.32 33.79
CA ILE IB 134 -23.78 105.41 35.24
C ILE IB 134 -22.33 105.48 35.70
N ARG IB 135 -22.12 106.06 36.89
CA ARG IB 135 -20.79 106.17 37.47
C ARG IB 135 -20.87 105.89 38.96
N VAL IB 136 -19.76 105.38 39.51
CA VAL IB 136 -19.59 105.20 40.95
C VAL IB 136 -18.41 106.05 41.37
N ARG IB 137 -18.60 106.84 42.43
CA ARG IB 137 -17.63 107.87 42.86
C ARG IB 137 -17.41 108.77 41.65
N LYS IB 138 -16.17 108.99 41.23
CA LYS IB 138 -15.84 109.80 40.06
C LYS IB 138 -15.50 108.94 38.85
N GLN IB 139 -15.67 107.62 38.95
CA GLN IB 139 -15.31 106.69 37.90
C GLN IB 139 -16.55 106.15 37.23
N VAL IB 140 -16.58 106.21 35.90
CA VAL IB 140 -17.66 105.57 35.14
C VAL IB 140 -17.37 104.08 35.05
N VAL IB 141 -18.40 103.27 35.29
CA VAL IB 141 -18.29 101.82 35.27
C VAL IB 141 -19.32 101.28 34.29
N ASN IB 142 -18.90 100.38 33.40
CA ASN IB 142 -19.77 99.79 32.41
C ASN IB 142 -19.86 98.27 32.58
N ILE IB 143 -19.70 97.78 33.82
CA ILE IB 143 -19.80 96.36 34.11
C ILE IB 143 -20.98 96.12 35.05
N PRO IB 144 -21.98 95.33 34.67
CA PRO IB 144 -23.11 95.10 35.57
C PRO IB 144 -22.75 94.33 36.83
N SER IB 145 -21.75 93.44 36.77
CA SER IB 145 -21.39 92.61 37.91
C SER IB 145 -20.50 93.31 38.92
N PHE IB 146 -20.29 94.61 38.76
CA PHE IB 146 -19.55 95.40 39.73
C PHE IB 146 -20.26 95.38 41.08
N ILE IB 147 -19.75 94.60 42.03
CA ILE IB 147 -20.31 94.61 43.37
C ILE IB 147 -19.92 95.91 44.06
N VAL IB 148 -20.89 96.51 44.76
CA VAL IB 148 -20.67 97.79 45.41
C VAL IB 148 -20.54 97.57 46.91
N ARG IB 149 -19.74 98.43 47.53
CA ARG IB 149 -19.53 98.40 48.97
C ARG IB 149 -20.48 99.39 49.65
N LEU IB 150 -20.53 99.30 50.98
CA LEU IB 150 -21.42 100.19 51.72
C LEU IB 150 -21.02 101.65 51.54
N ASP IB 151 -19.72 101.93 51.46
CA ASP IB 151 -19.27 103.29 51.24
C ASP IB 151 -19.61 103.79 49.84
N SER IB 152 -19.41 102.95 48.82
CA SER IB 152 -19.64 103.35 47.44
C SER IB 152 -21.11 103.34 47.06
N GLN IB 153 -21.97 102.80 47.92
CA GLN IB 153 -23.39 102.67 47.58
C GLN IB 153 -24.05 104.03 47.41
N LYS IB 154 -23.67 105.02 48.23
CA LYS IB 154 -24.30 106.33 48.14
C LYS IB 154 -23.86 107.10 46.89
N HIS IB 155 -22.64 106.86 46.41
CA HIS IB 155 -22.05 107.73 45.39
C HIS IB 155 -22.60 107.42 43.99
N ILE IB 156 -23.20 106.24 43.82
CA ILE IB 156 -23.69 105.80 42.51
C ILE IB 156 -24.58 106.88 41.90
N ASP IB 157 -24.26 107.31 40.68
CA ASP IB 157 -24.94 108.43 40.03
C ASP IB 157 -24.62 108.39 38.54
N PHE IB 158 -25.25 109.28 37.79
CA PHE IB 158 -25.05 109.36 36.35
C PHE IB 158 -23.71 109.99 36.01
N SER IB 159 -23.11 109.52 34.92
CA SER IB 159 -21.87 110.10 34.43
C SER IB 159 -22.12 111.47 33.83
N LEU IB 160 -21.11 112.33 33.89
CA LEU IB 160 -21.29 113.72 33.50
C LEU IB 160 -21.48 113.84 32.01
N ARG IB 161 -20.79 112.98 31.25
CA ARG IB 161 -20.82 112.98 29.80
C ARG IB 161 -22.12 112.42 29.24
N SER IB 162 -22.84 111.61 30.03
CA SER IB 162 -24.05 110.97 29.55
C SER IB 162 -25.16 112.00 29.36
N PRO IB 163 -26.12 111.73 28.46
CA PRO IB 163 -27.25 112.65 28.27
C PRO IB 163 -28.28 112.56 29.38
N TYR IB 164 -27.82 112.29 30.60
CA TYR IB 164 -28.70 112.30 31.78
C TYR IB 164 -28.17 113.15 32.92
N GLY IB 165 -26.87 113.40 32.99
CA GLY IB 165 -26.33 114.35 33.95
C GLY IB 165 -26.05 115.68 33.28
N GLY IB 166 -24.86 115.84 32.72
CA GLY IB 166 -24.53 117.03 31.98
C GLY IB 166 -25.19 117.04 30.62
N GLY IB 167 -24.77 118.00 29.79
CA GLY IB 167 -25.34 118.17 28.48
C GLY IB 167 -24.84 117.15 27.47
N ARG IB 168 -24.56 117.59 26.25
CA ARG IB 168 -24.08 116.75 25.16
C ARG IB 168 -25.05 115.60 24.92
N PRO IB 169 -26.21 115.87 24.31
CA PRO IB 169 -27.19 114.80 24.08
C PRO IB 169 -26.68 113.79 23.05
N GLY IB 170 -27.42 112.69 22.94
CA GLY IB 170 -27.03 111.62 22.06
C GLY IB 170 -27.14 112.00 20.60
N ARG IB 171 -26.59 111.13 19.75
CA ARG IB 171 -26.57 111.39 18.31
C ARG IB 171 -27.97 111.40 17.72
N VAL IB 172 -28.84 110.50 18.19
CA VAL IB 172 -30.19 110.42 17.62
C VAL IB 172 -30.97 111.69 17.93
N LYS IB 173 -30.76 112.26 19.12
CA LYS IB 173 -31.39 113.54 19.43
C LYS IB 173 -30.85 114.65 18.52
N ARG IB 174 -29.53 114.66 18.30
CA ARG IB 174 -28.95 115.66 17.42
C ARG IB 174 -29.41 115.49 15.98
N LYS IB 175 -29.47 114.25 15.49
CA LYS IB 175 -29.92 114.03 14.13
C LYS IB 175 -31.39 114.39 13.97
N ASN IB 176 -32.20 114.08 14.98
CA ASN IB 176 -33.59 114.52 14.97
C ASN IB 176 -33.68 116.05 15.01
N ALA IB 177 -32.84 116.69 15.82
CA ALA IB 177 -32.86 118.14 15.91
C ALA IB 177 -32.44 118.80 14.61
N LYS IB 178 -31.37 118.30 13.98
CA LYS IB 178 -30.90 118.89 12.73
C LYS IB 178 -31.89 118.65 11.61
N LYS IB 179 -32.64 117.54 11.65
CA LYS IB 179 -33.65 117.30 10.65
C LYS IB 179 -34.84 118.23 10.82
N GLY IB 180 -35.18 118.56 12.08
CA GLY IB 180 -36.28 119.47 12.32
C GLY IB 180 -35.99 120.88 11.82
N GLN IB 181 -34.77 121.37 12.05
CA GLN IB 181 -34.41 122.70 11.57
C GLN IB 181 -34.13 122.72 10.07
N GLY IB 182 -33.89 121.56 9.45
CA GLY IB 182 -33.67 121.50 8.03
C GLY IB 182 -34.95 121.42 7.23
N GLY IB 183 -36.04 121.02 7.90
CA GLY IB 183 -37.34 120.93 7.28
C GLY IB 183 -38.15 122.20 7.27
N ALA IB 184 -37.62 123.29 7.80
CA ALA IB 184 -38.32 124.56 7.83
C ALA IB 184 -37.31 125.69 7.93
N GLY IB 185 -37.78 126.90 7.65
CA GLY IB 185 -36.93 128.08 7.71
C GLY IB 185 -36.47 128.42 9.11
N MET JB 1 -79.84 66.97 -11.72
CA MET JB 1 -81.15 66.35 -11.85
C MET JB 1 -81.98 67.04 -12.92
N LEU JB 2 -82.60 66.24 -13.79
CA LEU JB 2 -83.30 66.74 -14.96
C LEU JB 2 -84.81 66.69 -14.79
N MET JB 3 -85.31 66.87 -13.57
CA MET JB 3 -86.74 66.79 -13.33
C MET JB 3 -87.45 67.99 -13.97
N PRO JB 4 -88.67 67.81 -14.45
CA PRO JB 4 -89.41 68.94 -15.01
C PRO JB 4 -89.81 69.95 -13.94
N LYS JB 5 -90.01 71.20 -14.39
CA LYS JB 5 -90.39 72.28 -13.46
C LYS JB 5 -91.68 71.97 -12.72
N LYS JB 6 -92.67 71.41 -13.41
CA LYS JB 6 -93.94 71.13 -12.74
C LYS JB 6 -93.74 70.15 -11.59
N ASN JB 7 -92.85 69.17 -11.77
CA ASN JB 7 -92.54 68.25 -10.68
C ASN JB 7 -91.76 68.95 -9.57
N ARG JB 8 -90.83 69.83 -9.94
CA ARG JB 8 -90.03 70.52 -8.93
C ARG JB 8 -90.89 71.42 -8.05
N ILE JB 9 -91.81 72.18 -8.66
CA ILE JB 9 -92.69 73.02 -7.85
C ILE JB 9 -93.60 72.16 -6.99
N ALA JB 10 -94.04 71.02 -7.53
CA ALA JB 10 -94.95 70.16 -6.80
C ALA JB 10 -94.31 69.65 -5.52
N ILE JB 11 -93.02 69.31 -5.58
CA ILE JB 11 -92.30 68.90 -4.38
C ILE JB 11 -92.18 70.07 -3.40
N TYR JB 12 -91.91 71.26 -3.91
CA TYR JB 12 -91.61 72.40 -3.04
C TYR JB 12 -92.85 72.85 -2.26
N GLU JB 13 -93.99 73.00 -2.94
CA GLU JB 13 -95.19 73.43 -2.23
C GLU JB 13 -95.66 72.38 -1.23
N LEU JB 14 -95.54 71.09 -1.60
CA LEU JB 14 -95.86 70.04 -0.64
C LEU JB 14 -94.94 70.11 0.57
N LEU JB 15 -93.65 70.33 0.33
CA LEU JB 15 -92.72 70.50 1.44
C LEU JB 15 -93.06 71.74 2.25
N PHE JB 16 -93.52 72.81 1.59
CA PHE JB 16 -93.91 74.00 2.31
C PHE JB 16 -95.24 73.81 3.03
N LYS JB 17 -96.20 73.14 2.39
CA LYS JB 17 -97.55 73.04 2.96
C LYS JB 17 -97.50 72.42 4.35
N GLU JB 18 -96.68 71.39 4.52
CA GLU JB 18 -96.32 70.88 5.84
C GLU JB 18 -94.80 70.73 5.85
N GLY JB 19 -94.15 71.40 6.80
CA GLY JB 19 -92.71 71.55 6.75
C GLY JB 19 -91.90 70.29 6.99
N VAL JB 20 -92.42 69.14 6.57
CA VAL JB 20 -91.72 67.88 6.67
C VAL JB 20 -91.88 67.13 5.36
N MET JB 21 -90.98 66.17 5.14
CA MET JB 21 -91.03 65.33 3.94
C MET JB 21 -90.59 63.92 4.30
N VAL JB 22 -91.38 62.94 3.87
CA VAL JB 22 -91.09 61.53 4.11
C VAL JB 22 -91.07 60.82 2.77
N ALA JB 23 -89.99 60.10 2.50
CA ALA JB 23 -89.85 59.36 1.25
C ALA JB 23 -89.09 58.07 1.51
N LYS JB 24 -89.60 56.98 0.96
CA LYS JB 24 -88.92 55.70 1.07
C LYS JB 24 -87.73 55.66 0.11
N LYS JB 25 -86.61 55.13 0.59
CA LYS JB 25 -85.40 55.04 -0.22
C LYS JB 25 -85.60 53.96 -1.27
N ASP JB 26 -86.20 54.36 -2.40
CA ASP JB 26 -86.44 53.45 -3.51
C ASP JB 26 -86.46 54.28 -4.79
N VAL JB 27 -85.34 54.27 -5.51
CA VAL JB 27 -85.22 55.07 -6.72
C VAL JB 27 -86.05 54.52 -7.87
N HIS JB 28 -86.49 53.27 -7.78
CA HIS JB 28 -87.29 52.65 -8.82
C HIS JB 28 -88.78 52.71 -8.55
N MET JB 29 -89.18 53.34 -7.46
CA MET JB 29 -90.60 53.42 -7.12
C MET JB 29 -91.28 54.40 -8.05
N PRO JB 30 -92.30 53.96 -8.82
CA PRO JB 30 -92.84 54.79 -9.91
C PRO JB 30 -93.35 56.15 -9.47
N LYS JB 31 -94.00 56.22 -8.31
CA LYS JB 31 -94.61 57.46 -7.85
C LYS JB 31 -94.50 57.58 -6.35
N HIS JB 32 -94.34 58.81 -5.88
CA HIS JB 32 -94.42 59.08 -4.45
C HIS JB 32 -95.86 58.90 -3.98
N PRO JB 33 -96.08 58.28 -2.82
CA PRO JB 33 -97.47 58.08 -2.36
C PRO JB 33 -98.25 59.39 -2.30
N GLU JB 34 -97.64 60.41 -1.74
CA GLU JB 34 -98.15 61.77 -1.85
C GLU JB 34 -97.65 62.36 -3.16
N LEU JB 35 -98.48 63.17 -3.81
CA LEU JB 35 -98.22 63.65 -5.17
C LEU JB 35 -98.17 62.54 -6.20
N ALA JB 36 -98.92 61.46 -5.99
CA ALA JB 36 -99.08 60.49 -7.06
C ALA JB 36 -99.81 61.10 -8.25
N ASP JB 37 -100.68 62.08 -7.99
CA ASP JB 37 -101.42 62.72 -9.07
C ASP JB 37 -100.51 63.54 -9.97
N LYS JB 38 -99.49 64.18 -9.39
CA LYS JB 38 -98.52 64.93 -10.19
C LYS JB 38 -97.63 64.02 -11.03
N ASN JB 39 -97.64 62.71 -10.77
CA ASN JB 39 -96.79 61.75 -11.50
C ASN JB 39 -95.32 62.10 -11.36
N VAL JB 40 -94.92 62.56 -10.18
CA VAL JB 40 -93.52 62.79 -9.86
C VAL JB 40 -92.93 61.49 -9.34
N PRO JB 41 -91.88 60.96 -9.97
CA PRO JB 41 -91.30 59.70 -9.48
C PRO JB 41 -90.65 59.88 -8.13
N ASN JB 42 -90.55 58.77 -7.39
CA ASN JB 42 -89.89 58.80 -6.09
C ASN JB 42 -88.44 59.25 -6.21
N LEU JB 43 -87.79 58.95 -7.34
CA LEU JB 43 -86.42 59.40 -7.54
C LEU JB 43 -86.33 60.92 -7.51
N HIS JB 44 -87.28 61.60 -8.16
CA HIS JB 44 -87.25 63.05 -8.17
C HIS JB 44 -87.39 63.62 -6.77
N VAL JB 45 -88.22 63.00 -5.94
CA VAL JB 45 -88.41 63.49 -4.58
C VAL JB 45 -87.12 63.36 -3.77
N MET JB 46 -86.46 62.21 -3.86
CA MET JB 46 -85.23 62.01 -3.09
C MET JB 46 -84.13 62.97 -3.55
N LYS JB 47 -83.96 63.13 -4.85
CA LYS JB 47 -82.87 63.96 -5.36
C LYS JB 47 -83.13 65.44 -5.13
N ALA JB 48 -84.40 65.86 -5.19
CA ALA JB 48 -84.72 67.27 -4.95
C ALA JB 48 -84.37 67.68 -3.53
N MET JB 49 -84.70 66.84 -2.55
CA MET JB 49 -84.38 67.13 -1.16
C MET JB 49 -82.88 67.02 -0.88
N GLN JB 50 -82.18 66.15 -1.60
CA GLN JB 50 -80.72 66.08 -1.45
C GLN JB 50 -80.07 67.39 -1.84
N SER JB 51 -80.58 68.03 -2.90
CA SER JB 51 -80.09 69.35 -3.27
C SER JB 51 -80.37 70.37 -2.18
N LEU JB 52 -81.56 70.31 -1.57
CA LEU JB 52 -81.90 71.23 -0.50
C LEU JB 52 -81.01 71.03 0.72
N LYS JB 53 -80.71 69.78 1.06
CA LYS JB 53 -79.86 69.50 2.20
C LYS JB 53 -78.47 70.10 2.01
N SER JB 54 -77.86 69.86 0.85
CA SER JB 54 -76.51 70.36 0.60
C SER JB 54 -76.47 71.88 0.64
N ARG JB 55 -77.57 72.53 0.26
CA ARG JB 55 -77.63 73.98 0.36
C ARG JB 55 -78.00 74.45 1.75
N GLY JB 56 -78.45 73.53 2.61
CA GLY JB 56 -78.74 73.84 3.99
C GLY JB 56 -80.15 74.26 4.29
N TYR JB 57 -81.06 74.20 3.33
CA TYR JB 57 -82.44 74.60 3.56
C TYR JB 57 -83.28 73.51 4.21
N VAL JB 58 -82.73 72.31 4.39
CA VAL JB 58 -83.46 71.20 5.00
C VAL JB 58 -82.47 70.31 5.73
N LYS JB 59 -82.91 69.71 6.82
CA LYS JB 59 -82.09 68.79 7.60
C LYS JB 59 -82.69 67.40 7.52
N GLU JB 60 -81.83 66.40 7.33
CA GLU JB 60 -82.25 65.06 6.97
C GLU JB 60 -81.96 64.06 8.07
N GLN JB 61 -82.93 63.19 8.34
CA GLN JB 61 -82.76 62.04 9.22
C GLN JB 61 -83.25 60.80 8.51
N PHE JB 62 -82.45 59.74 8.55
CA PHE JB 62 -82.77 58.50 7.87
C PHE JB 62 -83.04 57.41 8.89
N ALA JB 63 -84.19 56.76 8.78
CA ALA JB 63 -84.50 55.60 9.60
C ALA JB 63 -84.07 54.34 8.84
N TRP JB 64 -84.82 53.25 9.01
CA TRP JB 64 -84.51 52.00 8.32
C TRP JB 64 -84.40 52.23 6.82
N ARG JB 65 -85.49 52.69 6.20
CA ARG JB 65 -85.52 52.87 4.76
C ARG JB 65 -86.36 54.08 4.36
N HIS JB 66 -86.44 55.09 5.22
CA HIS JB 66 -87.25 56.27 4.94
C HIS JB 66 -86.50 57.52 5.36
N PHE JB 67 -86.48 58.52 4.48
CA PHE JB 67 -85.94 59.82 4.81
C PHE JB 67 -86.99 60.64 5.53
N TYR JB 68 -86.53 61.56 6.39
CA TYR JB 68 -87.43 62.37 7.21
C TYR JB 68 -86.98 63.82 7.20
N TRP JB 69 -86.97 64.43 6.02
CA TRP JB 69 -86.51 65.80 5.89
C TRP JB 69 -87.44 66.76 6.65
N TYR JB 70 -86.84 67.72 7.35
CA TYR JB 70 -87.56 68.76 8.06
C TYR JB 70 -87.17 70.11 7.50
N LEU JB 71 -88.14 70.89 7.07
CA LEU JB 71 -87.85 72.21 6.52
C LEU JB 71 -87.35 73.13 7.62
N THR JB 72 -86.23 73.80 7.36
CA THR JB 72 -85.60 74.68 8.34
C THR JB 72 -85.98 76.13 8.09
N ASN JB 73 -85.60 77.00 9.04
CA ASN JB 73 -85.80 78.43 8.86
C ASN JB 73 -85.04 78.98 7.67
N GLU JB 74 -83.81 78.51 7.45
CA GLU JB 74 -83.10 78.94 6.25
C GLU JB 74 -83.77 78.47 4.96
N GLY JB 75 -84.68 77.50 5.05
CA GLY JB 75 -85.43 77.07 3.89
C GLY JB 75 -86.79 77.73 3.80
N ILE JB 76 -87.19 78.41 4.88
CA ILE JB 76 -88.50 79.07 4.88
C ILE JB 76 -88.54 80.19 3.84
N GLN JB 77 -87.53 81.07 3.87
CA GLN JB 77 -87.52 82.20 2.95
C GLN JB 77 -87.11 81.78 1.54
N TYR JB 78 -86.31 80.73 1.39
CA TYR JB 78 -85.92 80.29 0.06
C TYR JB 78 -87.12 79.73 -0.71
N LEU JB 79 -87.88 78.83 -0.07
CA LEU JB 79 -89.11 78.37 -0.69
C LEU JB 79 -90.12 79.50 -0.79
N ARG JB 80 -89.96 80.53 0.06
CA ARG JB 80 -90.89 81.67 0.01
C ARG JB 80 -90.69 82.48 -1.26
N ASP JB 81 -89.43 82.71 -1.65
CA ASP JB 81 -89.15 83.53 -2.83
C ASP JB 81 -89.17 82.71 -4.12
N TYR JB 82 -88.84 81.42 -4.04
CA TYR JB 82 -88.94 80.56 -5.20
C TYR JB 82 -90.38 80.49 -5.69
N LEU JB 83 -91.32 80.35 -4.76
CA LEU JB 83 -92.75 80.39 -5.06
C LEU JB 83 -93.30 81.80 -5.00
N HIS JB 84 -92.46 82.80 -4.71
CA HIS JB 84 -92.81 84.21 -4.74
C HIS JB 84 -93.90 84.53 -3.71
N LEU JB 85 -93.52 84.44 -2.44
CA LEU JB 85 -94.43 84.76 -1.35
C LEU JB 85 -93.79 85.78 -0.42
N PRO JB 86 -94.55 86.76 0.06
CA PRO JB 86 -94.07 87.62 1.15
C PRO JB 86 -94.08 86.87 2.47
N PRO JB 87 -93.35 87.37 3.48
CA PRO JB 87 -93.30 86.64 4.76
C PRO JB 87 -94.61 86.66 5.53
N GLU JB 88 -95.61 85.94 5.03
CA GLU JB 88 -96.87 85.80 5.74
C GLU JB 88 -97.35 84.36 5.83
N ILE JB 89 -97.11 83.56 4.79
CA ILE JB 89 -97.57 82.17 4.74
C ILE JB 89 -96.52 81.29 5.41
N VAL JB 90 -96.96 80.43 6.31
CA VAL JB 90 -96.03 79.57 7.04
C VAL JB 90 -96.35 78.12 6.75
N PRO JB 91 -95.39 77.21 6.90
CA PRO JB 91 -95.71 75.79 6.89
C PRO JB 91 -96.56 75.44 8.11
N ALA JB 92 -97.30 74.34 7.99
CA ALA JB 92 -98.20 73.93 9.06
C ALA JB 92 -97.46 73.77 10.38
N THR JB 93 -96.23 73.26 10.33
CA THR JB 93 -95.45 73.08 11.56
C THR JB 93 -95.11 74.42 12.21
N LEU JB 94 -94.82 75.43 11.40
CA LEU JB 94 -94.36 76.71 11.95
C LEU JB 94 -95.44 77.36 12.82
N ARG JB 95 -96.69 77.35 12.36
CA ARG JB 95 -97.80 77.86 13.15
C ARG JB 95 -99.00 76.93 13.04
N ARG JB 96 -99.64 76.67 14.18
CA ARG JB 96 -101.03 76.21 14.20
C ARG JB 96 -101.78 77.21 15.07
N SER JB 97 -102.88 77.75 14.55
CA SER JB 97 -103.81 78.58 15.33
C SER JB 97 -103.11 79.83 15.91
N ARG JB 98 -101.80 79.93 15.75
CA ARG JB 98 -101.03 81.07 16.27
C ARG JB 98 -99.93 81.44 15.29
N ALA KB 1 50.51 36.18 65.16
CA ALA KB 1 51.94 36.48 65.20
C ALA KB 1 52.19 37.92 65.62
N ASP KB 2 53.31 38.49 65.19
CA ASP KB 2 53.62 39.87 65.48
C ASP KB 2 52.90 40.76 64.47
N ILE KB 3 53.34 42.02 64.34
CA ILE KB 3 52.67 42.97 63.46
C ILE KB 3 53.30 43.05 62.07
N GLN KB 4 54.37 42.30 61.82
CA GLN KB 4 55.06 42.30 60.53
C GLN KB 4 54.76 40.97 59.85
N THR KB 5 53.63 40.91 59.14
CA THR KB 5 53.17 39.69 58.48
C THR KB 5 52.82 39.98 57.03
N GLU KB 6 53.71 40.66 56.33
CA GLU KB 6 53.41 41.16 54.98
C GLU KB 6 54.71 41.59 54.32
N ARG KB 7 54.60 42.23 53.15
CA ARG KB 7 55.76 42.60 52.35
C ARG KB 7 56.35 43.95 52.72
N ALA KB 8 55.67 44.74 53.56
CA ALA KB 8 56.15 46.05 53.95
C ALA KB 8 56.30 46.11 55.47
N TYR KB 9 56.75 47.24 55.97
CA TYR KB 9 56.97 47.44 57.40
C TYR KB 9 55.91 48.41 57.92
N GLN KB 10 55.15 47.98 58.93
CA GLN KB 10 54.15 48.83 59.53
C GLN KB 10 54.76 49.66 60.66
N LYS KB 11 54.28 50.88 60.78
CA LYS KB 11 54.67 51.79 61.85
C LYS KB 11 53.74 52.99 61.80
N GLN KB 12 53.50 53.58 62.95
CA GLN KB 12 52.71 54.79 62.99
C GLN KB 12 53.57 55.96 62.52
N PRO KB 13 53.17 56.67 61.46
CA PRO KB 13 54.08 57.64 60.85
C PRO KB 13 54.48 58.78 61.76
N THR KB 14 53.76 58.99 62.86
CA THR KB 14 54.05 60.07 63.78
C THR KB 14 55.09 59.68 64.82
N ILE KB 15 55.57 58.44 64.78
CA ILE KB 15 56.47 57.89 65.79
C ILE KB 15 57.82 57.59 65.15
N PHE KB 16 58.89 58.04 65.79
CA PHE KB 16 60.25 57.75 65.37
C PHE KB 16 60.83 56.70 66.32
N GLN KB 17 61.07 55.48 65.80
CA GLN KB 17 61.56 54.44 66.70
C GLN KB 17 63.01 54.69 67.08
N ASN KB 18 63.81 55.18 66.13
CA ASN KB 18 65.25 55.17 66.23
C ASN KB 18 65.75 56.48 66.83
N LYS KB 19 65.33 56.71 68.08
CA LYS KB 19 65.61 57.97 68.76
C LYS KB 19 66.98 57.97 69.41
N LYS KB 20 67.99 57.55 68.67
CA LYS KB 20 69.39 57.61 69.09
C LYS KB 20 69.57 56.93 70.45
N ARG KB 21 69.38 55.61 70.45
CA ARG KB 21 69.50 54.81 71.68
C ARG KB 21 70.98 54.49 71.88
N VAL KB 22 71.63 55.27 72.75
CA VAL KB 22 73.05 55.07 73.02
C VAL KB 22 73.25 54.72 74.49
N LEU KB 23 74.50 54.70 74.94
CA LEU KB 23 74.84 54.16 76.26
C LEU KB 23 74.18 54.91 77.40
N LEU KB 24 73.82 56.17 77.21
CA LEU KB 24 73.10 56.91 78.24
C LEU KB 24 71.75 56.30 78.59
N GLY KB 25 71.16 55.53 77.69
CA GLY KB 25 69.92 54.83 77.96
C GLY KB 25 70.11 53.33 77.85
N GLU KB 26 69.54 52.59 78.80
CA GLU KB 26 69.66 51.14 78.79
C GLU KB 26 68.92 50.56 77.60
N THR KB 27 69.61 49.74 76.81
CA THR KB 27 69.06 49.12 75.60
C THR KB 27 69.17 47.61 75.73
N GLY KB 28 68.03 46.96 75.96
CA GLY KB 28 66.74 47.59 76.15
C GLY KB 28 66.26 47.54 77.59
N LYS KB 29 64.95 47.59 77.78
CA LYS KB 29 64.00 47.73 76.68
C LYS KB 29 63.35 49.11 76.71
N GLU KB 30 63.68 49.93 75.71
CA GLU KB 30 63.06 51.24 75.54
C GLU KB 30 61.76 51.02 74.77
N LYS KB 31 60.66 50.90 75.50
CA LYS KB 31 59.37 50.70 74.86
C LYS KB 31 59.03 51.88 73.97
N LEU KB 32 58.76 51.59 72.70
CA LEU KB 32 58.42 52.64 71.75
C LEU KB 32 57.10 53.30 72.13
N PRO KB 33 56.99 54.62 71.96
CA PRO KB 33 55.72 55.30 72.23
C PRO KB 33 54.64 54.86 71.25
N ARG KB 34 53.39 55.04 71.68
CA ARG KB 34 52.22 54.70 70.87
C ARG KB 34 51.41 55.95 70.60
N TYR KB 35 51.16 56.23 69.32
CA TYR KB 35 50.28 57.33 68.96
C TYR KB 35 48.83 56.94 69.23
N TYR KB 36 48.11 57.86 69.86
CA TYR KB 36 46.68 57.65 70.11
C TYR KB 36 46.04 59.02 70.27
N LYS KB 37 44.78 59.12 69.83
CA LYS KB 37 44.06 60.38 69.89
C LYS KB 37 42.66 60.13 70.43
N ASN KB 38 42.11 61.16 71.07
CA ASN KB 38 40.70 61.18 71.47
C ASN KB 38 39.89 61.59 70.24
N ILE KB 39 38.93 60.75 69.86
CA ILE KB 39 38.17 61.00 68.64
C ILE KB 39 37.04 62.02 68.84
N GLY KB 40 36.86 62.50 70.06
CA GLY KB 40 35.83 63.49 70.32
C GLY KB 40 34.44 62.87 70.42
N LEU KB 41 33.46 63.76 70.51
CA LEU KB 41 32.04 63.40 70.59
C LEU KB 41 31.73 62.52 71.80
N GLY KB 42 32.55 62.61 72.84
CA GLY KB 42 32.31 61.88 74.07
C GLY KB 42 32.77 60.45 74.09
N PHE KB 43 33.17 59.89 72.95
CA PHE KB 43 33.61 58.51 72.92
C PHE KB 43 34.95 58.36 73.64
N LYS KB 44 35.08 57.25 74.37
CA LYS KB 44 36.27 56.98 75.15
C LYS KB 44 37.16 56.00 74.38
N THR KB 45 38.41 56.38 74.19
CA THR KB 45 39.35 55.51 73.49
C THR KB 45 39.59 54.24 74.31
N PRO KB 46 39.46 53.06 73.71
CA PRO KB 46 39.63 51.83 74.49
C PRO KB 46 41.05 51.65 74.98
N LYS KB 47 41.17 50.96 76.11
CA LYS KB 47 42.49 50.74 76.69
C LYS KB 47 43.36 49.85 75.80
N GLU KB 48 42.74 48.99 75.00
CA GLU KB 48 43.52 48.12 74.12
C GLU KB 48 44.28 48.96 73.09
N ALA KB 49 43.61 49.97 72.53
CA ALA KB 49 44.27 50.85 71.57
C ALA KB 49 45.30 51.77 72.22
N ILE KB 50 45.13 52.11 73.50
CA ILE KB 50 46.11 52.94 74.18
C ILE KB 50 47.45 52.22 74.27
N GLU KB 51 47.43 50.94 74.61
CA GLU KB 51 48.62 50.17 74.92
C GLU KB 51 48.85 48.94 74.04
N GLY KB 52 48.03 48.69 73.05
CA GLY KB 52 48.24 47.58 72.15
C GLY KB 52 49.44 47.81 71.24
N THR KB 53 49.74 46.79 70.45
CA THR KB 53 50.87 46.83 69.53
C THR KB 53 50.46 46.77 68.07
N TYR KB 54 49.17 46.60 67.77
CA TYR KB 54 48.72 46.48 66.40
C TYR KB 54 48.92 47.80 65.64
N ILE KB 55 49.03 47.68 64.33
CA ILE KB 55 49.13 48.84 63.44
C ILE KB 55 47.92 48.84 62.52
N ASP KB 56 47.23 49.97 62.46
CA ASP KB 56 46.02 50.08 61.63
C ASP KB 56 45.88 51.54 61.24
N LYS KB 57 46.21 51.86 59.99
CA LYS KB 57 46.10 53.25 59.53
C LYS KB 57 44.64 53.70 59.46
N LYS KB 58 43.69 52.77 59.43
CA LYS KB 58 42.28 53.10 59.39
C LYS KB 58 41.62 53.05 60.76
N CYS KB 59 42.38 52.78 61.81
CA CYS KB 59 41.81 52.75 63.15
C CYS KB 59 41.38 54.15 63.56
N PRO KB 60 40.21 54.30 64.19
CA PRO KB 60 39.78 55.64 64.62
C PRO KB 60 40.71 56.27 65.64
N PHE KB 61 41.40 55.45 66.43
CA PHE KB 61 42.21 55.94 67.55
C PHE KB 61 43.69 55.98 67.26
N THR KB 62 44.22 54.96 66.57
CA THR KB 62 45.65 54.86 66.28
C THR KB 62 45.95 55.03 64.79
N GLY KB 63 45.01 55.59 64.03
CA GLY KB 63 45.18 55.76 62.60
C GLY KB 63 44.91 57.19 62.16
N ASN KB 64 45.00 57.38 60.85
CA ASN KB 64 44.79 58.70 60.25
C ASN KB 64 43.40 58.80 59.62
N VAL KB 65 42.38 58.68 60.48
CA VAL KB 65 41.00 58.85 60.09
C VAL KB 65 40.31 59.76 61.10
N SER KB 66 39.49 60.68 60.60
CA SER KB 66 38.75 61.61 61.44
C SER KB 66 37.27 61.32 61.30
N ILE KB 67 36.60 61.09 62.43
CA ILE KB 67 35.16 60.88 62.45
C ILE KB 67 34.44 62.23 62.44
N ARG KB 68 33.60 62.41 61.44
CA ARG KB 68 32.81 63.62 61.23
C ARG KB 68 31.62 63.26 60.35
N GLY KB 69 30.47 63.85 60.68
CA GLY KB 69 29.23 63.53 59.98
C GLY KB 69 28.22 62.83 60.87
N ARG KB 70 27.63 61.75 60.35
CA ARG KB 70 26.56 61.06 61.05
C ARG KB 70 27.11 59.95 61.94
N ILE KB 71 26.55 59.85 63.15
CA ILE KB 71 26.84 58.77 64.07
C ILE KB 71 25.60 57.90 64.19
N LEU KB 72 25.76 56.60 64.00
CA LEU KB 72 24.61 55.71 63.95
C LEU KB 72 25.04 54.33 64.40
N SER KB 73 24.05 53.49 64.73
CA SER KB 73 24.28 52.19 65.32
C SER KB 73 23.79 51.08 64.39
N GLY KB 74 24.22 49.86 64.70
CA GLY KB 74 23.84 48.70 63.91
C GLY KB 74 24.13 47.43 64.67
N VAL KB 75 23.79 46.30 64.04
CA VAL KB 75 23.95 44.98 64.62
C VAL KB 75 24.93 44.20 63.76
N VAL KB 76 25.96 43.63 64.39
CA VAL KB 76 26.97 42.86 63.66
C VAL KB 76 26.32 41.62 63.05
N THR KB 77 26.59 41.39 61.77
CA THR KB 77 25.99 40.28 61.04
C THR KB 77 27.03 39.25 60.60
N LYS KB 78 28.10 39.67 59.95
CA LYS KB 78 29.19 38.79 59.58
C LYS KB 78 30.52 39.41 60.00
N MET KB 79 31.51 38.54 60.25
CA MET KB 79 32.85 38.96 60.61
C MET KB 79 33.87 38.14 59.84
N LYS KB 80 33.63 37.94 58.54
CA LYS KB 80 34.47 37.09 57.70
C LYS KB 80 35.27 37.91 56.69
N MET KB 81 35.73 39.09 57.11
CA MET KB 81 36.67 39.90 56.33
C MET KB 81 37.74 40.43 57.25
N GLN KB 82 38.83 40.91 56.65
CA GLN KB 82 39.98 41.37 57.42
C GLN KB 82 39.78 42.82 57.87
N ARG KB 83 39.78 43.04 59.18
CA ARG KB 83 39.70 44.37 59.78
C ARG KB 83 38.43 45.12 59.41
N THR KB 84 37.41 44.39 58.94
CA THR KB 84 36.16 45.03 58.54
C THR KB 84 35.03 44.02 58.66
N ILE KB 85 33.87 44.52 59.12
CA ILE KB 85 32.70 43.70 59.36
C ILE KB 85 31.51 44.37 58.69
N VAL KB 86 30.46 43.59 58.48
CA VAL KB 86 29.21 44.08 57.93
C VAL KB 86 28.17 44.08 59.04
N ILE KB 87 27.42 45.17 59.14
CA ILE KB 87 26.37 45.30 60.14
C ILE KB 87 25.05 45.54 59.43
N ARG KB 88 23.98 45.11 60.07
CA ARG KB 88 22.63 45.25 59.53
C ARG KB 88 21.85 46.26 60.36
N ARG KB 89 21.19 47.19 59.68
CA ARG KB 89 20.40 48.23 60.31
C ARG KB 89 18.93 48.02 59.95
N ASP KB 90 18.09 47.86 60.96
CA ASP KB 90 16.66 47.68 60.74
C ASP KB 90 15.93 48.99 61.06
N TYR KB 91 15.00 49.35 60.18
CA TYR KB 91 14.18 50.54 60.37
C TYR KB 91 12.82 50.26 59.76
N LEU KB 92 11.86 51.14 60.04
CA LEU KB 92 10.52 51.03 59.52
C LEU KB 92 10.26 52.17 58.53
N HIS KB 93 9.74 51.82 57.36
CA HIS KB 93 9.38 52.79 56.33
C HIS KB 93 7.87 53.00 56.36
N TYR KB 94 7.45 54.26 56.47
CA TYR KB 94 6.05 54.60 56.57
C TYR KB 94 5.42 54.70 55.18
N ILE KB 95 4.23 54.12 55.04
CA ILE KB 95 3.43 54.26 53.83
C ILE KB 95 2.13 54.96 54.20
N ARG KB 96 1.91 56.11 53.58
CA ARG KB 96 0.76 56.99 53.85
C ARG KB 96 -0.55 56.37 53.44
N LYS KB 97 -0.59 55.68 52.31
CA LYS KB 97 -1.85 55.12 51.82
C LYS KB 97 -2.46 54.17 52.85
N TYR KB 98 -1.66 53.24 53.36
CA TYR KB 98 -2.15 52.26 54.32
C TYR KB 98 -1.93 52.67 55.77
N ASN KB 99 -1.33 53.83 56.00
CA ASN KB 99 -1.08 54.35 57.35
C ASN KB 99 -0.30 53.36 58.21
N ARG KB 100 0.42 52.45 57.56
CA ARG KB 100 1.15 51.40 58.25
C ARG KB 100 2.62 51.47 57.85
N PHE KB 101 3.45 50.75 58.59
CA PHE KB 101 4.88 50.76 58.36
C PHE KB 101 5.30 49.53 57.57
N GLU KB 102 6.56 49.55 57.14
CA GLU KB 102 7.12 48.48 56.33
C GLU KB 102 8.57 48.28 56.76
N LYS KB 103 8.87 47.06 57.18
CA LYS KB 103 10.17 46.77 57.75
C LYS KB 103 11.22 46.64 56.65
N ARG KB 104 12.28 47.43 56.74
CA ARG KB 104 13.36 47.44 55.75
C ARG KB 104 14.70 47.39 56.45
N HIS KB 105 15.72 46.93 55.74
CA HIS KB 105 17.07 46.84 56.30
C HIS KB 105 18.09 47.26 55.27
N LYS KB 106 19.23 47.77 55.74
CA LYS KB 106 20.37 48.09 54.89
C LYS KB 106 21.64 47.57 55.55
N ASN KB 107 22.40 46.76 54.81
CA ASN KB 107 23.68 46.28 55.28
C ASN KB 107 24.76 47.31 55.02
N MET KB 108 25.62 47.51 56.02
CA MET KB 108 26.73 48.44 55.91
C MET KB 108 28.02 47.72 56.26
N SER KB 109 29.03 47.86 55.42
CA SER KB 109 30.35 47.33 55.69
C SER KB 109 31.15 48.40 56.43
N VAL KB 110 31.58 48.09 57.64
CA VAL KB 110 32.28 49.05 58.48
C VAL KB 110 33.63 48.48 58.86
N HIS KB 111 34.60 49.37 59.09
CA HIS KB 111 35.93 48.96 59.48
C HIS KB 111 35.98 48.70 60.99
N LEU KB 112 36.47 47.54 61.37
CA LEU KB 112 36.57 47.14 62.77
C LEU KB 112 38.04 47.16 63.17
N SER KB 113 38.40 48.10 64.04
CA SER KB 113 39.76 48.20 64.52
C SER KB 113 40.12 46.99 65.39
N PRO KB 114 41.39 46.57 65.39
CA PRO KB 114 41.79 45.45 66.25
C PRO KB 114 41.66 45.74 67.74
N CYS KB 115 41.46 47.00 68.15
CA CYS KB 115 41.28 47.28 69.57
C CYS KB 115 40.03 46.61 70.13
N PHE KB 116 39.02 46.39 69.29
CA PHE KB 116 37.80 45.70 69.71
C PHE KB 116 37.97 44.21 69.47
N ARG KB 117 38.72 43.57 70.37
CA ARG KB 117 38.95 42.13 70.24
C ARG KB 117 37.69 41.34 70.56
N ASP KB 118 36.91 41.81 71.53
CA ASP KB 118 35.77 41.06 72.06
C ASP KB 118 34.52 41.43 71.27
N VAL KB 119 34.45 40.94 70.03
CA VAL KB 119 33.31 41.20 69.16
C VAL KB 119 32.83 39.89 68.57
N GLN KB 120 31.58 39.52 68.87
CA GLN KB 120 30.92 38.37 68.30
C GLN KB 120 29.91 38.82 67.24
N ILE KB 121 29.10 37.89 66.78
CA ILE KB 121 28.01 38.20 65.85
C ILE KB 121 26.74 38.44 66.65
N GLY KB 122 26.07 39.55 66.36
CA GLY KB 122 24.85 39.94 67.05
C GLY KB 122 25.00 41.10 68.00
N ASP KB 123 26.17 41.71 68.10
CA ASP KB 123 26.38 42.77 69.06
C ASP KB 123 25.93 44.10 68.49
N ILE KB 124 25.72 45.07 69.36
CA ILE KB 124 25.35 46.43 68.95
C ILE KB 124 26.62 47.26 68.87
N VAL KB 125 26.83 47.89 67.72
CA VAL KB 125 28.03 48.70 67.48
C VAL KB 125 27.60 50.08 67.00
N THR KB 126 28.20 51.11 67.56
CA THR KB 126 27.99 52.48 67.10
C THR KB 126 29.11 52.84 66.16
N VAL KB 127 28.76 53.33 64.97
CA VAL KB 127 29.75 53.65 63.95
C VAL KB 127 29.65 55.12 63.61
N GLY KB 128 30.79 55.69 63.24
CA GLY KB 128 30.86 57.09 62.86
C GLY KB 128 31.35 57.22 61.42
N GLU KB 129 30.79 58.19 60.71
CA GLU KB 129 31.16 58.39 59.32
C GLU KB 129 32.56 58.98 59.21
N CYS KB 130 33.35 58.43 58.29
CA CYS KB 130 34.69 58.93 58.01
C CYS KB 130 34.89 59.04 56.51
N ARG KB 131 36.11 59.35 56.07
CA ARG KB 131 36.38 59.38 54.65
C ARG KB 131 36.30 57.96 54.09
N PRO KB 132 36.00 57.82 52.79
CA PRO KB 132 35.92 56.48 52.19
C PRO KB 132 37.18 55.65 52.41
N LEU KB 133 37.05 54.56 53.17
CA LEU KB 133 38.18 53.67 53.44
C LEU KB 133 38.35 52.63 52.35
N SER KB 134 37.25 52.12 51.80
CA SER KB 134 37.29 51.15 50.73
C SER KB 134 36.22 51.53 49.70
N LYS KB 135 35.93 50.61 48.79
CA LYS KB 135 34.91 50.89 47.78
C LYS KB 135 33.55 51.11 48.42
N THR KB 136 33.21 50.30 49.42
CA THR KB 136 31.89 50.35 50.05
C THR KB 136 31.95 50.62 51.54
N VAL KB 137 33.08 51.07 52.07
CA VAL KB 137 33.26 51.28 53.50
C VAL KB 137 33.42 52.78 53.73
N ARG KB 138 32.53 53.34 54.56
CA ARG KB 138 32.60 54.75 54.91
C ARG KB 138 32.39 55.00 56.39
N PHE KB 139 32.18 53.95 57.19
CA PHE KB 139 31.94 54.09 58.61
C PHE KB 139 32.94 53.25 59.38
N ASN KB 140 33.26 53.69 60.58
CA ASN KB 140 34.30 53.08 61.38
C ASN KB 140 33.72 52.80 62.76
N VAL KB 141 34.04 51.63 63.32
CA VAL KB 141 33.42 51.20 64.56
C VAL KB 141 34.00 52.01 65.72
N LEU KB 142 33.12 52.62 66.50
CA LEU KB 142 33.51 53.49 67.61
C LEU KB 142 33.29 52.88 68.98
N LYS KB 143 32.22 52.12 69.17
CA LYS KB 143 31.93 51.50 70.45
C LYS KB 143 31.22 50.18 70.22
N VAL KB 144 31.54 49.19 71.05
CA VAL KB 144 30.95 47.86 70.99
C VAL KB 144 30.22 47.60 72.30
N THR KB 145 28.96 47.20 72.20
CA THR KB 145 28.16 46.83 73.36
C THR KB 145 27.71 45.39 73.20
N LYS KB 146 27.77 44.62 74.28
CA LYS KB 146 27.40 43.21 74.21
C LYS KB 146 25.89 43.05 74.04
N ALA KB 147 25.50 41.92 73.48
CA ALA KB 147 24.09 41.64 73.18
C ALA KB 147 23.53 40.71 74.26
N ALA KB 148 23.18 41.31 75.40
CA ALA KB 148 22.55 40.61 76.52
C ALA KB 148 23.37 39.39 76.96
N GLY KB 149 24.69 39.52 76.93
CA GLY KB 149 25.56 38.41 77.28
C GLY KB 149 26.51 38.72 78.41
N THR KB 150 27.78 38.97 78.07
CA THR KB 150 28.87 39.23 79.01
C THR KB 150 29.17 38.04 79.92
N LYS KB 151 28.33 37.01 79.87
CA LYS KB 151 28.61 35.73 80.52
C LYS KB 151 28.39 34.64 79.50
N LYS KB 152 29.32 33.69 79.45
CA LYS KB 152 29.24 32.56 78.53
C LYS KB 152 29.33 31.27 79.33
N GLN KB 153 28.43 30.34 79.04
CA GLN KB 153 28.40 29.06 79.72
C GLN KB 153 29.22 28.03 78.97
N VAL LB 1 -93.85 107.48 -22.17
CA VAL LB 1 -94.04 106.04 -22.09
C VAL LB 1 -93.88 105.56 -20.65
N MET LB 2 -93.67 106.48 -19.70
CA MET LB 2 -93.20 106.03 -18.39
C MET LB 2 -94.23 105.16 -17.69
N ASP LB 3 -95.51 105.56 -17.71
CA ASP LB 3 -96.54 104.66 -17.22
C ASP LB 3 -96.53 103.35 -17.99
N VAL LB 4 -96.48 103.43 -19.33
CA VAL LB 4 -96.44 102.20 -20.12
C VAL LB 4 -95.16 101.43 -19.81
N ASN LB 5 -94.03 102.12 -19.74
CA ASN LB 5 -92.76 101.45 -19.46
C ASN LB 5 -92.77 100.80 -18.09
N THR LB 6 -93.30 101.51 -17.08
CA THR LB 6 -93.45 100.90 -15.76
C THR LB 6 -94.58 99.89 -15.73
N ALA LB 7 -95.50 99.94 -16.70
CA ALA LB 7 -96.64 99.03 -16.68
C ALA LB 7 -96.24 97.63 -17.13
N LEU LB 8 -95.60 97.52 -18.31
CA LEU LB 8 -95.28 96.19 -18.80
C LEU LB 8 -94.20 95.54 -17.94
N GLN LB 9 -93.47 96.34 -17.15
CA GLN LB 9 -92.52 95.80 -16.19
C GLN LB 9 -93.21 94.87 -15.20
N GLU LB 10 -94.28 95.34 -14.56
CA GLU LB 10 -94.99 94.47 -13.63
C GLU LB 10 -95.77 93.41 -14.39
N VAL LB 11 -96.26 93.75 -15.58
CA VAL LB 11 -96.93 92.76 -16.43
C VAL LB 11 -96.00 91.58 -16.66
N LEU LB 12 -94.77 91.87 -17.06
CA LEU LB 12 -93.75 90.84 -17.13
C LEU LB 12 -93.45 90.27 -15.74
N LYS LB 13 -93.40 91.13 -14.73
CA LYS LB 13 -93.11 90.65 -13.38
C LYS LB 13 -94.22 89.74 -12.86
N THR LB 14 -95.48 90.13 -13.07
CA THR LB 14 -96.58 89.23 -12.74
C THR LB 14 -96.50 87.96 -13.58
N ALA LB 15 -96.13 88.11 -14.85
CA ALA LB 15 -95.90 86.94 -15.68
C ALA LB 15 -94.78 86.07 -15.11
N LEU LB 16 -93.72 86.71 -14.59
CA LEU LB 16 -92.61 85.95 -14.01
C LEU LB 16 -93.07 85.12 -12.81
N ILE LB 17 -93.98 85.67 -12.01
CA ILE LB 17 -94.56 84.89 -10.92
C ILE LB 17 -95.28 83.67 -11.47
N HIS LB 18 -95.99 83.84 -12.59
CA HIS LB 18 -96.67 82.74 -13.25
C HIS LB 18 -95.74 82.13 -14.29
N ASP LB 19 -96.28 81.44 -15.29
CA ASP LB 19 -95.48 80.72 -16.28
C ASP LB 19 -95.72 81.23 -17.70
N GLY LB 20 -96.17 82.46 -17.84
CA GLY LB 20 -96.53 82.99 -19.14
C GLY LB 20 -95.46 83.80 -19.84
N LEU LB 21 -94.18 83.57 -19.54
CA LEU LB 21 -93.15 84.45 -20.07
C LEU LB 21 -92.99 84.24 -21.57
N ALA LB 22 -92.93 82.97 -21.99
CA ALA LB 22 -92.80 82.59 -23.40
C ALA LB 22 -91.63 83.34 -24.06
N ARG LB 23 -90.48 83.26 -23.42
CA ARG LB 23 -89.29 84.01 -23.80
C ARG LB 23 -88.48 83.22 -24.82
N GLY LB 24 -88.31 83.79 -26.01
CA GLY LB 24 -87.60 83.10 -27.08
C GLY LB 24 -88.53 82.67 -28.19
N ILE LB 25 -88.09 82.83 -29.44
CA ILE LB 25 -88.97 82.66 -30.60
C ILE LB 25 -89.62 81.28 -30.62
N ARG LB 26 -88.83 80.25 -30.31
CA ARG LB 26 -89.35 78.88 -30.41
C ARG LB 26 -90.58 78.70 -29.53
N GLU LB 27 -90.61 79.36 -28.37
CA GLU LB 27 -91.83 79.43 -27.59
C GLU LB 27 -92.69 80.62 -27.95
N ALA LB 28 -92.07 81.76 -28.31
CA ALA LB 28 -92.84 82.95 -28.63
C ALA LB 28 -93.70 82.74 -29.87
N ALA LB 29 -93.10 82.19 -30.93
CA ALA LB 29 -93.88 81.90 -32.13
C ALA LB 29 -94.83 80.71 -31.91
N LYS LB 30 -94.46 79.79 -31.02
CA LYS LB 30 -95.35 78.68 -30.68
C LYS LB 30 -96.64 79.18 -30.04
N ALA LB 31 -96.53 80.18 -29.17
CA ALA LB 31 -97.73 80.78 -28.60
C ALA LB 31 -98.48 81.61 -29.63
N LEU LB 32 -97.73 82.32 -30.48
CA LEU LB 32 -98.35 83.22 -31.45
C LEU LB 32 -99.19 82.43 -32.45
N ASP LB 33 -98.60 81.42 -33.09
CA ASP LB 33 -99.35 80.67 -34.11
C ASP LB 33 -100.48 79.88 -33.49
N LYS LB 34 -100.34 79.50 -32.21
CA LYS LB 34 -101.46 78.88 -31.50
C LYS LB 34 -102.52 79.91 -31.14
N ARG LB 35 -102.21 81.20 -31.24
CA ARG LB 35 -102.97 82.30 -30.65
C ARG LB 35 -103.21 82.16 -29.16
N GLN LB 36 -102.38 81.42 -28.44
CA GLN LB 36 -102.36 81.47 -26.97
C GLN LB 36 -101.48 82.63 -26.54
N ALA LB 37 -101.81 83.83 -27.04
CA ALA LB 37 -100.98 85.01 -26.85
C ALA LB 37 -101.86 86.21 -26.52
N HIS LB 38 -101.27 87.18 -25.83
CA HIS LB 38 -102.01 88.42 -25.58
C HIS LB 38 -101.19 89.65 -25.93
N LEU LB 39 -99.86 89.51 -26.01
CA LEU LB 39 -98.99 90.63 -26.29
C LEU LB 39 -97.59 90.11 -26.58
N CYS LB 40 -96.80 90.92 -27.31
CA CYS LB 40 -95.44 90.55 -27.70
C CYS LB 40 -94.54 91.77 -27.64
N VAL LB 41 -93.46 91.67 -26.86
CA VAL LB 41 -92.49 92.75 -26.71
C VAL LB 41 -91.26 92.37 -27.51
N LEU LB 42 -91.26 92.69 -28.80
CA LEU LB 42 -90.05 92.53 -29.60
C LEU LB 42 -89.05 93.62 -29.27
N ALA LB 43 -87.78 93.24 -29.13
CA ALA LB 43 -86.74 94.22 -28.88
C ALA LB 43 -86.64 95.17 -30.07
N SER LB 44 -86.51 96.46 -29.77
CA SER LB 44 -86.47 97.45 -30.85
C SER LB 44 -85.29 97.20 -31.78
N ASN LB 45 -84.13 96.84 -31.23
CA ASN LB 45 -82.93 96.63 -32.02
C ASN LB 45 -82.51 95.17 -31.98
N CYS LB 46 -82.67 94.49 -33.10
CA CYS LB 46 -82.01 93.23 -33.40
C CYS LB 46 -81.23 93.37 -34.69
N ASP LB 47 -80.02 92.81 -34.71
CA ASP LB 47 -79.18 92.97 -35.90
C ASP LB 47 -79.59 92.01 -37.01
N GLU LB 48 -80.33 90.95 -36.67
CA GLU LB 48 -80.70 89.99 -37.71
C GLU LB 48 -82.06 90.40 -38.26
N PRO LB 49 -82.18 90.69 -39.56
CA PRO LB 49 -83.42 91.28 -40.08
C PRO LB 49 -84.59 90.33 -40.12
N MET LB 50 -84.38 89.07 -40.51
CA MET LB 50 -85.49 88.12 -40.56
C MET LB 50 -86.11 87.95 -39.19
N TYR LB 51 -85.37 88.28 -38.13
CA TYR LB 51 -85.84 88.05 -36.77
C TYR LB 51 -86.82 89.11 -36.32
N VAL LB 52 -86.52 90.38 -36.58
CA VAL LB 52 -87.55 91.40 -36.40
C VAL LB 52 -88.65 91.25 -37.43
N LYS LB 53 -88.30 90.80 -38.65
CA LYS LB 53 -89.32 90.54 -39.67
C LYS LB 53 -90.29 89.47 -39.22
N LEU LB 54 -89.78 88.38 -38.62
CA LEU LB 54 -90.63 87.26 -38.26
C LEU LB 54 -91.62 87.64 -37.16
N VAL LB 55 -91.17 88.42 -36.18
CA VAL LB 55 -92.01 88.74 -35.03
C VAL LB 55 -93.21 89.59 -35.48
N GLU LB 56 -92.94 90.77 -36.04
CA GLU LB 56 -94.03 91.65 -36.45
C GLU LB 56 -94.91 91.03 -37.51
N ALA LB 57 -94.38 90.11 -38.32
CA ALA LB 57 -95.21 89.41 -39.30
C ALA LB 57 -96.25 88.55 -38.59
N LEU LB 58 -95.80 87.55 -37.82
CA LEU LB 58 -96.74 86.70 -37.09
C LEU LB 58 -97.59 87.52 -36.13
N CYS LB 59 -96.98 88.55 -35.52
CA CYS LB 59 -97.75 89.44 -34.65
C CYS LB 59 -98.81 90.21 -35.42
N ALA LB 60 -98.51 90.59 -36.68
CA ALA LB 60 -99.49 91.34 -37.46
C ALA LB 60 -100.43 90.41 -38.22
N GLU LB 61 -99.92 89.28 -38.70
CA GLU LB 61 -100.77 88.32 -39.40
C GLU LB 61 -101.90 87.85 -38.49
N HIS LB 62 -101.55 87.38 -37.30
CA HIS LB 62 -102.54 87.25 -36.24
C HIS LB 62 -102.83 88.62 -35.66
N GLN LB 63 -103.89 88.73 -34.86
CA GLN LB 63 -104.22 90.01 -34.26
C GLN LB 63 -103.56 90.09 -32.88
N ILE LB 64 -102.37 90.70 -32.84
CA ILE LB 64 -101.54 90.71 -31.63
C ILE LB 64 -100.89 92.09 -31.46
N ASN LB 65 -100.67 92.47 -30.20
CA ASN LB 65 -99.97 93.70 -29.86
C ASN LB 65 -98.47 93.57 -30.08
N LEU LB 66 -97.82 94.71 -30.29
CA LEU LB 66 -96.36 94.76 -30.38
C LEU LB 66 -95.83 96.04 -29.75
N ILE LB 67 -95.06 95.86 -28.68
CA ILE LB 67 -94.37 96.93 -27.97
C ILE LB 67 -92.86 96.68 -28.13
N LYS LB 68 -92.10 97.74 -28.35
CA LYS LB 68 -90.67 97.60 -28.63
C LYS LB 68 -89.86 98.14 -27.45
N VAL LB 69 -89.11 97.26 -26.81
CA VAL LB 69 -88.20 97.64 -25.73
C VAL LB 69 -86.92 98.21 -26.34
N ASP LB 70 -86.27 99.12 -25.62
CA ASP LB 70 -85.11 99.82 -26.19
C ASP LB 70 -83.97 98.85 -26.50
N ASP LB 71 -83.73 97.87 -25.64
CA ASP LB 71 -82.61 96.97 -25.83
C ASP LB 71 -83.01 95.55 -25.42
N ASN LB 72 -82.27 94.57 -25.97
CA ASN LB 72 -82.53 93.17 -25.64
C ASN LB 72 -82.03 92.83 -24.24
N LYS LB 73 -80.87 93.35 -23.84
CA LYS LB 73 -80.39 93.13 -22.48
C LYS LB 73 -81.36 93.71 -21.48
N LYS LB 74 -81.88 94.91 -21.77
CA LYS LB 74 -82.90 95.52 -20.92
C LYS LB 74 -84.14 94.63 -20.83
N LEU LB 75 -84.56 94.05 -21.95
CA LEU LB 75 -85.69 93.12 -21.92
C LEU LB 75 -85.35 91.84 -21.20
N GLY LB 76 -84.10 91.38 -21.31
CA GLY LB 76 -83.70 90.14 -20.66
C GLY LB 76 -83.76 90.22 -19.15
N GLU LB 77 -83.38 91.38 -18.60
CA GLU LB 77 -83.49 91.56 -17.15
C GLU LB 77 -84.95 91.59 -16.71
N TRP LB 78 -85.80 92.25 -17.48
CA TRP LB 78 -87.20 92.41 -17.10
C TRP LB 78 -88.01 91.13 -17.29
N VAL LB 79 -87.52 90.19 -18.11
CA VAL LB 79 -88.11 88.86 -18.18
C VAL LB 79 -87.53 87.93 -17.11
N GLY LB 80 -86.56 88.40 -16.34
CA GLY LB 80 -85.97 87.62 -15.27
C GLY LB 80 -84.83 86.72 -15.68
N LEU LB 81 -84.40 86.77 -16.94
CA LEU LB 81 -83.35 85.89 -17.43
C LEU LB 81 -81.97 86.40 -17.06
N CYS LB 82 -81.77 86.72 -15.79
CA CYS LB 82 -80.48 87.13 -15.26
C CYS LB 82 -80.11 86.23 -14.08
N LYS LB 83 -78.96 86.51 -13.47
CA LYS LB 83 -78.60 85.80 -12.24
C LYS LB 83 -79.55 86.17 -11.10
N ILE LB 84 -80.28 87.28 -11.24
CA ILE LB 84 -81.30 87.71 -10.29
C ILE LB 84 -80.64 87.92 -8.93
N ASP LB 85 -79.50 88.61 -8.92
CA ASP LB 85 -78.81 88.99 -7.69
C ASP LB 85 -78.49 90.47 -7.78
N ARG LB 86 -79.54 91.30 -7.82
CA ARG LB 86 -79.40 92.74 -8.07
C ARG LB 86 -78.39 93.37 -7.12
N GLU LB 87 -78.52 93.11 -5.82
CA GLU LB 87 -77.57 93.64 -4.84
C GLU LB 87 -76.19 93.05 -5.06
N GLY LB 88 -76.13 91.75 -5.35
CA GLY LB 88 -74.83 91.11 -5.52
C GLY LB 88 -74.16 91.44 -6.84
N LYS LB 89 -74.96 91.70 -7.88
CA LYS LB 89 -74.43 91.85 -9.22
C LYS LB 89 -75.49 92.53 -10.08
N PRO LB 90 -75.09 93.22 -11.15
CA PRO LB 90 -76.06 93.49 -12.21
C PRO LB 90 -76.59 92.20 -12.80
N ARG LB 91 -75.87 91.09 -12.56
CA ARG LB 91 -76.20 89.74 -12.94
C ARG LB 91 -75.87 89.51 -14.41
N LYS LB 92 -74.96 88.57 -14.68
CA LYS LB 92 -74.75 88.12 -16.05
C LYS LB 92 -76.10 87.73 -16.63
N VAL LB 93 -76.59 88.56 -17.55
CA VAL LB 93 -77.95 88.44 -18.07
C VAL LB 93 -77.88 88.11 -19.56
N VAL LB 94 -78.73 87.19 -19.98
CA VAL LB 94 -78.87 86.86 -21.40
C VAL LB 94 -79.91 87.80 -22.01
N GLY LB 95 -79.57 88.38 -23.16
CA GLY LB 95 -80.44 89.35 -23.78
C GLY LB 95 -81.59 88.77 -24.57
N CYS LB 96 -82.74 88.63 -23.94
CA CYS LB 96 -83.94 88.21 -24.67
C CYS LB 96 -84.48 89.37 -25.49
N SER LB 97 -85.14 89.03 -26.59
CA SER LB 97 -85.66 90.05 -27.49
C SER LB 97 -87.10 89.80 -27.92
N CYS LB 98 -87.76 88.79 -27.37
CA CYS LB 98 -89.13 88.46 -27.78
C CYS LB 98 -89.81 87.68 -26.66
N VAL LB 99 -90.79 88.31 -26.03
CA VAL LB 99 -91.52 87.74 -24.91
C VAL LB 99 -93.01 87.81 -25.23
N VAL LB 100 -93.71 86.68 -25.12
CA VAL LB 100 -95.14 86.61 -25.35
C VAL LB 100 -95.82 86.44 -24.00
N VAL LB 101 -96.59 87.45 -23.60
CA VAL LB 101 -97.23 87.42 -22.28
C VAL LB 101 -98.56 86.70 -22.40
N LYS LB 102 -98.51 85.37 -22.41
CA LYS LB 102 -99.73 84.58 -22.55
C LYS LB 102 -100.54 84.55 -21.25
N ASP LB 103 -99.86 84.55 -20.10
CA ASP LB 103 -100.54 84.23 -18.86
C ASP LB 103 -101.53 85.30 -18.44
N TYR LB 104 -101.11 86.57 -18.43
CA TYR LB 104 -101.83 87.61 -17.68
C TYR LB 104 -102.40 87.05 -16.38
N GLY LB 105 -101.55 86.46 -15.55
CA GLY LB 105 -102.01 85.86 -14.31
C GLY LB 105 -102.78 86.84 -13.44
N LYS LB 106 -102.09 87.86 -12.95
CA LYS LB 106 -102.70 88.91 -12.14
C LYS LB 106 -102.66 90.22 -12.91
N GLU LB 107 -103.81 90.87 -13.05
CA GLU LB 107 -103.93 92.10 -13.83
C GLU LB 107 -103.98 93.30 -12.88
N SER LB 108 -102.99 94.19 -13.00
CA SER LB 108 -102.94 95.40 -12.19
C SER LB 108 -102.66 96.61 -13.06
N GLN LB 109 -101.42 96.78 -13.51
CA GLN LB 109 -101.09 97.76 -14.52
C GLN LB 109 -101.31 97.21 -15.94
N ALA LB 110 -101.83 95.99 -16.04
CA ALA LB 110 -102.15 95.42 -17.35
C ALA LB 110 -103.15 96.30 -18.09
N LYS LB 111 -104.13 96.86 -17.37
CA LYS LB 111 -105.10 97.74 -17.98
C LYS LB 111 -104.41 98.93 -18.65
N ASP LB 112 -103.44 99.52 -17.97
CA ASP LB 112 -102.67 100.62 -18.56
C ASP LB 112 -102.11 100.23 -19.91
N VAL LB 113 -101.46 99.07 -20.00
CA VAL LB 113 -100.99 98.56 -21.28
C VAL LB 113 -102.16 98.27 -22.21
N ILE LB 114 -103.22 97.67 -21.68
CA ILE LB 114 -104.41 97.39 -22.47
C ILE LB 114 -105.04 98.70 -22.97
N GLU LB 115 -105.12 99.70 -22.09
CA GLU LB 115 -105.55 101.02 -22.54
C GLU LB 115 -104.57 101.59 -23.55
N GLU LB 116 -103.26 101.36 -23.36
CA GLU LB 116 -102.29 101.72 -24.38
C GLU LB 116 -102.50 100.90 -25.65
N TYR LB 117 -102.83 99.61 -25.52
CA TYR LB 117 -103.20 98.81 -26.67
C TYR LB 117 -104.45 99.38 -27.34
N PHE LB 118 -105.45 99.77 -26.53
CA PHE LB 118 -106.62 100.43 -27.08
C PHE LB 118 -106.24 101.73 -27.78
N LYS LB 119 -105.34 102.51 -27.16
CA LYS LB 119 -104.75 103.65 -27.84
C LYS LB 119 -103.98 103.22 -29.08
N CYS LB 120 -103.22 102.13 -28.98
CA CYS LB 120 -102.42 101.68 -30.10
C CYS LB 120 -103.29 101.27 -31.28
N LYS LB 121 -104.41 100.57 -31.01
CA LYS LB 121 -105.29 100.14 -32.10
C LYS LB 121 -106.11 101.28 -32.66
N LYS LB 122 -106.27 102.37 -31.92
CA LYS LB 122 -107.00 103.54 -32.43
C LYS LB 122 -106.12 104.33 -33.40
N GLY MB 1 -6.39 26.07 71.93
CA GLY MB 1 -6.54 24.64 71.73
C GLY MB 1 -5.20 23.92 71.67
N ARG MB 2 -5.24 22.62 71.42
CA ARG MB 2 -4.01 21.84 71.35
C ARG MB 2 -3.16 22.28 70.16
N MET MB 3 -1.84 22.31 70.37
CA MET MB 3 -0.94 22.78 69.33
C MET MB 3 -0.98 21.90 68.09
N HIS MB 4 -1.00 20.58 68.28
CA HIS MB 4 -0.90 19.64 67.17
C HIS MB 4 -2.07 18.67 67.14
N ALA MB 5 -3.25 19.12 67.57
CA ALA MB 5 -4.43 18.27 67.58
C ALA MB 5 -5.66 19.17 67.67
N PRO MB 6 -6.78 18.76 67.05
CA PRO MB 6 -8.01 19.53 67.22
C PRO MB 6 -8.67 19.20 68.53
N GLY MB 7 -8.37 19.99 69.57
CA GLY MB 7 -8.91 19.74 70.88
C GLY MB 7 -8.87 20.97 71.75
N LYS MB 8 -9.97 21.28 72.42
CA LYS MB 8 -10.05 22.50 73.20
C LYS MB 8 -10.40 22.18 74.64
N GLY MB 9 -9.68 21.23 75.22
CA GLY MB 9 -9.94 20.84 76.59
C GLY MB 9 -9.54 21.93 77.57
N LEU MB 10 -10.33 22.06 78.63
CA LEU MB 10 -10.08 23.02 79.70
C LEU MB 10 -9.55 22.35 80.96
N SER MB 11 -9.08 21.10 80.85
CA SER MB 11 -8.62 20.35 82.00
C SER MB 11 -7.29 20.92 82.48
N GLN MB 12 -7.35 21.71 83.55
CA GLN MB 12 -6.17 22.35 84.13
C GLN MB 12 -6.26 22.32 85.65
N SER MB 13 -5.11 22.34 86.30
CA SER MB 13 -5.08 22.48 87.75
C SER MB 13 -5.43 23.91 88.15
N ALA MB 14 -6.20 24.05 89.23
CA ALA MB 14 -6.60 25.36 89.72
C ALA MB 14 -5.97 25.60 91.09
N LEU MB 15 -5.02 26.52 91.13
CA LEU MB 15 -4.33 26.81 92.39
C LEU MB 15 -5.26 27.59 93.32
N PRO MB 16 -5.19 27.33 94.63
CA PRO MB 16 -5.99 28.11 95.57
C PRO MB 16 -5.51 29.54 95.68
N TYR MB 17 -6.45 30.44 95.98
CA TYR MB 17 -6.10 31.84 96.20
C TYR MB 17 -5.22 32.00 97.44
N ARG MB 18 -5.39 31.12 98.41
CA ARG MB 18 -4.60 31.17 99.65
C ARG MB 18 -3.16 30.78 99.34
N ARG MB 19 -2.26 31.76 99.33
CA ARG MB 19 -0.85 31.48 99.17
C ARG MB 19 -0.22 30.93 100.45
N SER MB 20 -0.90 31.08 101.58
CA SER MB 20 -0.33 30.67 102.86
C SER MB 20 -0.23 29.15 102.94
N VAL MB 21 0.85 28.69 103.58
CA VAL MB 21 1.01 27.25 103.84
C VAL MB 21 -0.09 26.80 104.78
N PRO MB 22 -0.71 25.64 104.56
CA PRO MB 22 -1.71 25.15 105.52
C PRO MB 22 -1.08 24.96 106.90
N THR MB 23 -1.86 25.30 107.92
CA THR MB 23 -1.32 25.28 109.28
C THR MB 23 -1.05 23.85 109.75
N TRP MB 24 -1.70 22.87 109.13
CA TRP MB 24 -1.49 21.49 109.55
C TRP MB 24 -0.16 20.94 109.06
N LEU MB 25 0.34 21.46 107.93
CA LEU MB 25 1.62 21.01 107.42
C LEU MB 25 2.73 21.29 108.44
N LYS MB 26 3.40 20.24 108.87
CA LYS MB 26 4.46 20.35 109.86
C LYS MB 26 5.86 20.28 109.27
N LEU MB 27 6.00 19.83 108.02
CA LEU MB 27 7.29 19.89 107.37
C LEU MB 27 7.70 21.34 107.15
N THR MB 28 8.94 21.66 107.49
CA THR MB 28 9.45 23.01 107.29
C THR MB 28 10.16 23.07 105.94
N SER MB 29 10.74 24.24 105.63
CA SER MB 29 11.31 24.45 104.31
C SER MB 29 12.45 23.49 104.03
N ASP MB 30 13.37 23.31 104.99
CA ASP MB 30 14.49 22.42 104.78
C ASP MB 30 14.02 20.97 104.66
N ASP MB 31 12.92 20.62 105.32
CA ASP MB 31 12.45 19.23 105.26
C ASP MB 31 11.94 18.90 103.87
N VAL MB 32 11.27 19.84 103.23
CA VAL MB 32 10.86 19.66 101.84
C VAL MB 32 12.09 19.54 100.95
N LYS MB 33 13.13 20.33 101.25
CA LYS MB 33 14.34 20.32 100.43
C LYS MB 33 15.02 18.95 100.46
N GLU MB 34 15.20 18.38 101.65
CA GLU MB 34 15.87 17.09 101.75
C GLU MB 34 15.02 15.93 101.23
N GLN MB 35 13.69 15.99 101.42
CA GLN MB 35 12.83 15.07 100.67
C GLN MB 35 13.02 15.22 99.17
N ILE MB 36 13.05 16.47 98.69
CA ILE MB 36 13.24 16.71 97.26
C ILE MB 36 14.61 16.21 96.83
N TYR MB 37 15.65 16.47 97.63
CA TYR MB 37 16.98 15.98 97.30
C TYR MB 37 17.02 14.47 97.26
N LYS MB 38 16.35 13.82 98.21
CA LYS MB 38 16.31 12.36 98.25
C LYS MB 38 15.66 11.78 97.01
N LEU MB 39 14.46 12.26 96.66
CA LEU MB 39 13.74 11.70 95.53
C LEU MB 39 14.44 12.02 94.21
N ALA MB 40 15.10 13.17 94.13
CA ALA MB 40 15.86 13.48 92.92
C ALA MB 40 17.03 12.51 92.73
N LYS MB 41 17.73 12.18 93.81
CA LYS MB 41 18.80 11.19 93.71
C LYS MB 41 18.24 9.81 93.36
N LYS MB 42 17.01 9.51 93.77
CA LYS MB 42 16.37 8.27 93.37
C LYS MB 42 16.16 8.19 91.87
N GLY MB 43 16.12 9.34 91.18
CA GLY MB 43 16.02 9.35 89.74
C GLY MB 43 14.65 9.76 89.25
N LEU MB 44 14.02 10.71 89.94
CA LEU MB 44 12.67 11.14 89.61
C LEU MB 44 12.70 12.54 89.03
N THR MB 45 11.86 12.76 88.02
CA THR MB 45 11.74 14.06 87.39
C THR MB 45 11.08 15.05 88.34
N PRO MB 46 11.34 16.35 88.15
CA PRO MB 46 10.70 17.35 89.04
C PRO MB 46 9.20 17.26 89.07
N SER MB 47 8.57 16.95 87.94
CA SER MB 47 7.12 16.75 87.95
C SER MB 47 6.72 15.55 88.78
N GLN MB 48 7.54 14.49 88.75
CA GLN MB 48 7.25 13.32 89.56
C GLN MB 48 7.52 13.57 91.04
N ILE MB 49 8.43 14.48 91.36
CA ILE MB 49 8.68 14.82 92.76
C ILE MB 49 7.49 15.57 93.34
N GLY MB 50 6.93 16.51 92.58
CA GLY MB 50 5.82 17.30 93.09
C GLY MB 50 4.59 16.46 93.39
N VAL MB 51 4.30 15.47 92.54
CA VAL MB 51 3.10 14.65 92.73
C VAL MB 51 3.25 13.75 93.95
N ILE MB 52 4.43 13.14 94.14
CA ILE MB 52 4.64 12.30 95.32
C ILE MB 52 4.57 13.12 96.59
N LEU MB 53 5.17 14.31 96.59
CA LEU MB 53 5.07 15.18 97.77
C LEU MB 53 3.62 15.53 98.06
N ARG MB 54 2.86 15.87 97.01
CA ARG MB 54 1.47 16.26 97.21
C ARG MB 54 0.61 15.10 97.69
N ASP MB 55 0.81 13.91 97.10
CA ASP MB 55 -0.06 12.78 97.40
C ASP MB 55 0.23 12.15 98.75
N SER MB 56 1.47 12.22 99.22
CA SER MB 56 1.84 11.50 100.44
C SER MB 56 2.25 12.41 101.59
N HIS MB 57 3.00 13.48 101.33
CA HIS MB 57 3.52 14.32 102.39
C HIS MB 57 2.70 15.58 102.62
N GLY MB 58 1.62 15.79 101.87
CA GLY MB 58 0.70 16.85 102.17
C GLY MB 58 1.17 18.26 101.87
N VAL MB 59 2.13 18.42 100.97
CA VAL MB 59 2.54 19.75 100.52
C VAL MB 59 1.82 20.01 99.20
N ALA MB 60 0.96 21.02 99.20
CA ALA MB 60 0.18 21.32 97.99
C ALA MB 60 1.03 22.01 96.94
N GLN MB 61 1.96 22.86 97.37
CA GLN MB 61 2.88 23.55 96.48
C GLN MB 61 4.23 23.65 97.17
N VAL MB 62 5.28 23.21 96.48
CA VAL MB 62 6.62 23.33 97.04
C VAL MB 62 7.03 24.79 97.12
N ARG MB 63 6.71 25.57 96.08
CA ARG MB 63 7.04 26.99 96.08
C ARG MB 63 6.34 27.73 97.22
N PHE MB 64 5.14 27.28 97.61
CA PHE MB 64 4.42 27.96 98.68
C PHE MB 64 5.10 27.76 100.02
N VAL MB 65 5.67 26.57 100.25
CA VAL MB 65 6.27 26.27 101.55
C VAL MB 65 7.75 26.65 101.59
N THR MB 66 8.48 26.42 100.50
CA THR MB 66 9.91 26.71 100.48
C THR MB 66 10.23 28.08 99.90
N GLY MB 67 9.31 28.69 99.17
CA GLY MB 67 9.58 29.95 98.50
C GLY MB 67 10.30 29.83 97.19
N ASN MB 68 10.56 28.61 96.72
CA ASN MB 68 11.31 28.41 95.49
C ASN MB 68 10.78 27.19 94.78
N LYS MB 69 10.96 27.15 93.46
CA LYS MB 69 10.40 26.10 92.63
C LYS MB 69 11.29 24.86 92.68
N ILE MB 70 10.72 23.73 92.26
CA ILE MB 70 11.41 22.45 92.41
C ILE MB 70 12.67 22.41 91.56
N LEU MB 71 12.56 22.82 90.30
CA LEU MB 71 13.73 22.78 89.41
C LEU MB 71 14.81 23.75 89.88
N ARG MB 72 14.40 24.90 90.41
CA ARG MB 72 15.38 25.82 90.99
C ARG MB 72 16.10 25.19 92.16
N ILE MB 73 15.38 24.40 92.96
CA ILE MB 73 16.00 23.72 94.09
C ILE MB 73 17.03 22.70 93.61
N LEU MB 74 16.68 21.91 92.58
CA LEU MB 74 17.61 20.91 92.08
C LEU MB 74 18.85 21.56 91.47
N LYS MB 75 18.66 22.60 90.66
CA LYS MB 75 19.81 23.23 90.02
C LYS MB 75 20.71 23.92 91.04
N SER MB 76 20.12 24.46 92.13
CA SER MB 76 20.92 25.11 93.15
C SER MB 76 21.87 24.12 93.82
N LYS MB 77 21.35 22.95 94.19
CA LYS MB 77 22.22 21.90 94.71
C LYS MB 77 23.15 21.37 93.63
N GLY MB 78 22.66 21.27 92.41
CA GLY MB 78 23.46 20.83 91.30
C GLY MB 78 23.13 19.45 90.75
N LEU MB 79 21.98 18.87 91.12
CA LEU MB 79 21.58 17.55 90.65
C LEU MB 79 20.43 17.61 89.65
N ALA MB 80 20.20 18.77 89.03
CA ALA MB 80 19.20 18.88 87.99
C ALA MB 80 19.73 18.27 86.69
N PRO MB 81 18.87 17.60 85.91
CA PRO MB 81 19.32 17.05 84.64
C PRO MB 81 19.68 18.13 83.63
N ASP MB 82 20.61 17.80 82.74
CA ASP MB 82 21.00 18.74 81.70
C ASP MB 82 19.89 18.93 80.68
N LEU MB 83 19.32 17.83 80.21
CA LEU MB 83 18.16 17.92 79.33
C LEU MB 83 16.92 18.34 80.13
N PRO MB 84 16.19 19.35 79.69
CA PRO MB 84 14.96 19.72 80.39
C PRO MB 84 13.95 18.57 80.36
N GLU MB 85 13.14 18.50 81.42
CA GLU MB 85 12.28 17.35 81.65
C GLU MB 85 11.28 17.17 80.52
N ASP MB 86 10.67 18.26 80.06
CA ASP MB 86 9.73 18.18 78.96
C ASP MB 86 10.42 17.88 77.62
N LEU MB 87 11.60 18.47 77.39
CA LEU MB 87 12.33 18.16 76.16
C LEU MB 87 12.83 16.72 76.17
N TYR MB 88 13.25 16.23 77.33
CA TYR MB 88 13.70 14.84 77.45
C TYR MB 88 12.60 13.87 77.09
N HIS MB 89 11.38 14.12 77.54
CA HIS MB 89 10.28 13.20 77.30
C HIS MB 89 9.80 13.23 75.85
N LEU MB 90 9.97 14.36 75.16
CA LEU MB 90 9.60 14.42 73.75
C LEU MB 90 10.55 13.59 72.90
N ILE MB 91 11.85 13.63 73.20
CA ILE MB 91 12.80 12.79 72.47
C ILE MB 91 12.53 11.32 72.76
N LYS MB 92 12.14 11.01 73.99
CA LYS MB 92 11.82 9.63 74.35
C LYS MB 92 10.67 9.10 73.50
N LYS MB 93 9.63 9.92 73.32
CA LYS MB 93 8.50 9.51 72.50
C LYS MB 93 8.90 9.40 71.03
N ALA MB 94 9.75 10.32 70.55
CA ALA MB 94 10.19 10.26 69.16
C ALA MB 94 11.02 9.01 68.89
N VAL MB 95 11.89 8.64 69.82
CA VAL MB 95 12.69 7.43 69.65
C VAL MB 95 11.80 6.20 69.62
N ALA MB 96 10.79 6.15 70.49
CA ALA MB 96 9.90 4.99 70.53
C ALA MB 96 9.14 4.83 69.23
N VAL MB 97 8.67 5.94 68.64
CA VAL MB 97 7.95 5.87 67.38
C VAL MB 97 8.88 5.42 66.26
N ARG MB 98 10.07 6.03 66.18
CA ARG MB 98 11.12 5.58 65.26
C ARG MB 98 11.42 4.09 65.41
N LYS MB 99 11.55 3.61 66.64
CA LYS MB 99 11.78 2.18 66.82
C LYS MB 99 10.61 1.36 66.32
N HIS MB 100 9.39 1.80 66.59
CA HIS MB 100 8.21 1.11 66.08
C HIS MB 100 8.11 1.24 64.56
N LEU MB 101 8.49 2.40 64.03
CA LEU MB 101 8.23 2.69 62.63
C LEU MB 101 9.13 1.85 61.72
N GLU MB 102 10.35 1.55 62.14
CA GLU MB 102 11.22 0.73 61.31
C GLU MB 102 10.76 -0.73 61.27
N ARG MB 103 10.09 -1.21 62.31
CA ARG MB 103 9.52 -2.55 62.26
C ARG MB 103 8.29 -2.59 61.36
N ASN MB 104 7.52 -1.51 61.34
CA ASN MB 104 6.23 -1.45 60.64
C ASN MB 104 6.29 -0.29 59.66
N ARG MB 105 6.77 -0.57 58.45
CA ARG MB 105 6.92 0.49 57.45
C ARG MB 105 5.58 1.03 56.97
N LYS MB 106 4.54 0.19 56.97
CA LYS MB 106 3.26 0.60 56.39
C LYS MB 106 2.43 1.48 57.31
N ASP MB 107 2.94 1.82 58.50
CA ASP MB 107 2.19 2.62 59.46
C ASP MB 107 2.35 4.10 59.08
N LYS MB 108 1.60 4.48 58.04
CA LYS MB 108 1.62 5.88 57.59
C LYS MB 108 1.16 6.81 58.70
N ASP MB 109 0.23 6.35 59.54
CA ASP MB 109 -0.20 7.11 60.71
C ASP MB 109 0.96 7.34 61.67
N ALA MB 110 1.74 6.30 61.96
CA ALA MB 110 2.87 6.46 62.87
C ALA MB 110 3.88 7.46 62.31
N LYS MB 111 4.07 7.44 60.98
CA LYS MB 111 4.92 8.45 60.36
C LYS MB 111 4.35 9.85 60.54
N PHE MB 112 3.03 9.99 60.42
CA PHE MB 112 2.41 11.31 60.59
C PHE MB 112 2.61 11.83 62.00
N ARG MB 113 2.42 10.98 63.01
CA ARG MB 113 2.63 11.41 64.38
C ARG MB 113 4.09 11.73 64.66
N LEU MB 114 5.00 11.05 63.97
CA LEU MB 114 6.43 11.30 64.16
C LEU MB 114 6.79 12.72 63.77
N ILE MB 115 6.22 13.20 62.65
CA ILE MB 115 6.51 14.56 62.20
C ILE MB 115 5.97 15.56 63.21
N LEU MB 116 4.81 15.28 63.80
CA LEU MB 116 4.25 16.17 64.81
C LEU MB 116 5.15 16.22 66.05
N ILE MB 117 5.66 15.07 66.47
CA ILE MB 117 6.50 15.03 67.67
C ILE MB 117 7.80 15.78 67.44
N GLU MB 118 8.45 15.54 66.29
CA GLU MB 118 9.73 16.18 66.05
C GLU MB 118 9.56 17.67 65.80
N SER MB 119 8.39 18.08 65.29
CA SER MB 119 8.08 19.50 65.20
C SER MB 119 8.03 20.14 66.57
N ARG MB 120 7.45 19.44 67.56
CA ARG MB 120 7.43 19.97 68.92
C ARG MB 120 8.82 19.96 69.54
N ILE MB 121 9.66 18.99 69.17
CA ILE MB 121 11.02 18.96 69.69
C ILE MB 121 11.80 20.18 69.24
N HIS MB 122 11.71 20.51 67.95
CA HIS MB 122 12.47 21.64 67.42
C HIS MB 122 11.96 22.97 67.98
N ARG MB 123 10.63 23.13 68.08
CA ARG MB 123 10.07 24.36 68.62
C ARG MB 123 10.47 24.54 70.08
N LEU MB 124 10.41 23.48 70.88
CA LEU MB 124 10.85 23.56 72.26
C LEU MB 124 12.35 23.82 72.34
N ALA MB 125 13.13 23.20 71.45
CA ALA MB 125 14.58 23.40 71.44
C ALA MB 125 14.94 24.85 71.12
N ARG MB 126 14.20 25.47 70.21
CA ARG MB 126 14.44 26.87 69.89
C ARG MB 126 14.23 27.76 71.11
N TYR MB 127 13.17 27.47 71.87
CA TYR MB 127 12.93 28.24 73.09
C TYR MB 127 14.07 28.07 74.09
N TYR MB 128 14.56 26.83 74.26
CA TYR MB 128 15.62 26.57 75.22
C TYR MB 128 16.92 27.20 74.78
N LYS MB 129 17.17 27.24 73.47
CA LYS MB 129 18.34 27.96 72.96
C LYS MB 129 18.23 29.45 73.27
N THR MB 130 17.04 30.03 73.09
CA THR MB 130 16.86 31.45 73.34
C THR MB 130 17.09 31.78 74.82
N LYS MB 131 16.57 30.94 75.72
CA LYS MB 131 16.83 31.13 77.14
C LYS MB 131 18.22 30.69 77.56
N ARG MB 132 19.03 30.19 76.63
CA ARG MB 132 20.39 29.72 76.88
C ARG MB 132 20.42 28.55 77.86
N VAL MB 133 19.32 27.81 77.97
CA VAL MB 133 19.35 26.56 78.71
C VAL MB 133 20.19 25.52 77.98
N LEU MB 134 20.00 25.42 76.69
CA LEU MB 134 20.71 24.50 75.81
C LEU MB 134 21.88 25.20 75.13
N PRO MB 135 22.90 24.44 74.73
CA PRO MB 135 24.00 25.04 73.97
C PRO MB 135 23.51 25.58 72.67
N PRO MB 136 24.11 26.67 72.16
CA PRO MB 136 23.63 27.28 70.92
C PRO MB 136 23.75 26.38 69.71
N ASN MB 137 24.60 25.35 69.74
CA ASN MB 137 24.77 24.43 68.64
C ASN MB 137 24.09 23.09 68.89
N TRP MB 138 23.20 23.02 69.87
CA TRP MB 138 22.51 21.78 70.21
C TRP MB 138 21.52 21.43 69.11
N LYS MB 139 21.75 20.34 68.41
CA LYS MB 139 20.84 19.86 67.39
C LYS MB 139 20.26 18.51 67.82
N TYR MB 140 18.99 18.29 67.50
CA TYR MB 140 18.36 17.01 67.71
C TYR MB 140 18.57 16.17 66.45
N GLU MB 141 19.45 15.19 66.53
CA GLU MB 141 19.71 14.28 65.42
C GLU MB 141 18.85 13.04 65.57
N SER MB 142 18.17 12.68 64.49
CA SER MB 142 17.31 11.50 64.50
C SER MB 142 18.09 10.23 64.81
N SER MB 143 19.35 10.16 64.39
CA SER MB 143 20.13 8.94 64.58
C SER MB 143 20.72 8.88 65.99
N THR MB 144 21.31 9.97 66.46
CA THR MB 144 22.02 9.96 67.73
C THR MB 144 21.10 10.09 68.94
N ALA MB 145 19.81 10.39 68.73
CA ALA MB 145 18.90 10.59 69.86
C ALA MB 145 18.64 9.29 70.61
N SER MB 146 18.75 8.15 69.93
CA SER MB 146 18.43 6.87 70.57
C SER MB 146 19.33 6.59 71.77
N ALA MB 147 20.55 7.12 71.76
CA ALA MB 147 21.44 6.98 72.90
C ALA MB 147 21.37 8.18 73.83
N LEU MB 148 21.01 9.37 73.30
CA LEU MB 148 20.86 10.54 74.15
C LEU MB 148 19.76 10.34 75.18
N VAL MB 149 18.65 9.76 74.77
CA VAL MB 149 17.56 9.38 75.67
C VAL MB 149 17.67 7.88 75.93
N ALA MB 150 17.26 7.47 77.13
CA ALA MB 150 17.27 6.07 77.52
C ALA MB 150 18.66 5.44 77.37
N ILE NB 4 -46.75 -54.55 47.24
CA ILE NB 4 -46.51 -53.41 46.36
C ILE NB 4 -46.85 -52.12 47.13
N SER NB 5 -47.56 -51.18 46.48
CA SER NB 5 -47.97 -49.89 47.06
C SER NB 5 -46.79 -48.94 47.21
N LEU NB 6 -45.56 -49.46 47.06
CA LEU NB 6 -44.36 -48.64 46.99
C LEU NB 6 -44.17 -47.78 48.24
N GLY NB 7 -44.74 -48.21 49.35
CA GLY NB 7 -44.69 -47.45 50.58
C GLY NB 7 -44.28 -48.27 51.77
N PRO NB 8 -43.95 -47.59 52.87
CA PRO NB 8 -43.54 -48.30 54.08
C PRO NB 8 -44.75 -48.88 54.80
N GLN NB 9 -44.46 -49.69 55.82
CA GLN NB 9 -45.49 -50.31 56.64
C GLN NB 9 -45.77 -49.39 57.82
N VAL NB 10 -46.97 -48.82 57.85
CA VAL NB 10 -47.35 -47.85 58.86
C VAL NB 10 -48.71 -48.23 59.44
N ALA NB 11 -49.11 -47.53 60.50
CA ALA NB 11 -50.39 -47.74 61.15
C ALA NB 11 -51.36 -46.64 60.75
N GLU NB 12 -52.55 -46.67 61.37
CA GLU NB 12 -53.59 -45.70 61.05
C GLU NB 12 -53.53 -44.46 61.93
N GLY NB 13 -53.15 -44.60 63.20
CA GLY NB 13 -53.11 -43.48 64.11
C GLY NB 13 -51.94 -42.55 63.96
N GLU NB 14 -51.00 -42.86 63.08
CA GLU NB 14 -49.81 -42.04 62.86
C GLU NB 14 -49.61 -41.83 61.36
N ASN NB 15 -48.64 -40.97 61.04
CA ASN NB 15 -48.38 -40.56 59.67
C ASN NB 15 -46.88 -40.50 59.42
N VAL NB 16 -46.51 -40.57 58.15
CA VAL NB 16 -45.13 -40.57 57.70
C VAL NB 16 -44.79 -39.19 57.14
N PHE NB 17 -43.56 -38.76 57.37
CA PHE NB 17 -43.14 -37.39 57.08
C PHE NB 17 -42.12 -37.35 55.96
N GLY NB 18 -42.29 -36.37 55.06
CA GLY NB 18 -41.29 -36.02 54.08
C GLY NB 18 -40.96 -34.54 54.18
N VAL NB 19 -39.99 -34.12 53.37
CA VAL NB 19 -39.55 -32.74 53.33
C VAL NB 19 -39.81 -32.19 51.93
N CYS NB 20 -40.51 -31.06 51.87
CA CYS NB 20 -40.86 -30.43 50.60
C CYS NB 20 -40.13 -29.10 50.50
N HIS NB 21 -38.99 -29.10 49.82
CA HIS NB 21 -38.23 -27.87 49.58
C HIS NB 21 -38.93 -27.08 48.47
N ILE NB 22 -39.68 -26.06 48.85
CA ILE NB 22 -40.32 -25.19 47.87
C ILE NB 22 -39.42 -23.98 47.64
N PHE NB 23 -38.96 -23.83 46.41
CA PHE NB 23 -38.03 -22.77 46.04
C PHE NB 23 -38.81 -21.81 45.14
N ALA NB 24 -39.51 -20.88 45.77
CA ALA NB 24 -40.39 -19.95 45.09
C ALA NB 24 -39.64 -18.64 44.86
N SER NB 25 -38.92 -18.58 43.75
CA SER NB 25 -38.29 -17.34 43.32
C SER NB 25 -39.23 -16.63 42.35
N PHE NB 26 -38.73 -15.58 41.72
CA PHE NB 26 -39.39 -15.09 40.53
C PHE NB 26 -38.92 -15.90 39.32
N ASN NB 27 -39.72 -15.86 38.26
CA ASN NB 27 -39.49 -16.56 37.00
C ASN NB 27 -39.75 -18.06 37.10
N ASP NB 28 -39.92 -18.60 38.31
CA ASP NB 28 -40.19 -20.03 38.46
C ASP NB 28 -40.56 -20.33 39.90
N THR NB 29 -40.97 -21.57 40.14
CA THR NB 29 -41.30 -22.05 41.46
C THR NB 29 -41.08 -23.55 41.50
N PHE NB 30 -40.44 -24.04 42.56
CA PHE NB 30 -40.20 -25.45 42.78
C PHE NB 30 -41.05 -25.95 43.95
N VAL NB 31 -41.53 -27.18 43.85
CA VAL NB 31 -42.24 -27.82 44.94
C VAL NB 31 -41.56 -29.17 45.19
N HIS NB 32 -40.24 -29.18 45.11
CA HIS NB 32 -39.46 -30.39 45.27
C HIS NB 32 -39.69 -31.03 46.64
N VAL NB 33 -39.97 -32.33 46.65
CA VAL NB 33 -40.16 -33.08 47.89
C VAL NB 33 -39.19 -34.26 47.91
N THR NB 34 -38.51 -34.42 49.04
CA THR NB 34 -37.53 -35.49 49.23
C THR NB 34 -37.86 -36.28 50.50
N ASP NB 35 -36.95 -37.16 50.92
CA ASP NB 35 -37.12 -37.86 52.18
C ASP NB 35 -36.68 -36.96 53.33
N LEU NB 36 -36.64 -37.52 54.55
CA LEU NB 36 -36.20 -36.74 55.70
C LEU NB 36 -34.76 -36.30 55.58
N SER NB 37 -33.88 -37.17 55.07
CA SER NB 37 -32.48 -36.81 54.94
C SER NB 37 -32.26 -35.77 53.84
N GLY NB 38 -33.17 -35.68 52.87
CA GLY NB 38 -32.99 -34.79 51.75
C GLY NB 38 -32.16 -35.36 50.63
N LYS NB 39 -31.46 -36.48 50.87
CA LYS NB 39 -30.65 -37.10 49.84
C LYS NB 39 -31.49 -37.82 48.80
N GLU NB 40 -32.65 -38.33 49.20
CA GLU NB 40 -33.47 -39.17 48.35
C GLU NB 40 -34.75 -38.44 48.00
N THR NB 41 -35.03 -38.31 46.71
CA THR NB 41 -36.11 -37.46 46.22
C THR NB 41 -37.31 -38.31 45.83
N ILE NB 42 -38.49 -37.73 45.99
CA ILE NB 42 -39.74 -38.40 45.66
C ILE NB 42 -40.25 -37.92 44.32
N CYS NB 43 -40.53 -36.63 44.21
CA CYS NB 43 -40.98 -36.05 42.95
C CYS NB 43 -40.72 -34.55 42.97
N ARG NB 44 -40.15 -34.04 41.88
CA ARG NB 44 -39.90 -32.61 41.72
C ARG NB 44 -40.67 -32.12 40.51
N VAL NB 45 -41.64 -31.25 40.75
CA VAL NB 45 -42.39 -30.59 39.68
C VAL NB 45 -42.37 -29.09 39.92
N THR NB 46 -42.10 -28.35 38.86
CA THR NB 46 -41.98 -26.90 38.91
C THR NB 46 -43.21 -26.26 38.26
N GLY NB 47 -43.27 -24.93 38.32
CA GLY NB 47 -44.29 -24.22 37.58
C GLY NB 47 -44.03 -24.14 36.09
N GLY NB 48 -42.80 -24.45 35.68
CA GLY NB 48 -42.44 -24.36 34.27
C GLY NB 48 -42.99 -25.46 33.40
N MET NB 49 -43.44 -26.56 34.01
CA MET NB 49 -44.04 -27.64 33.26
C MET NB 49 -45.56 -27.67 33.36
N LYS NB 50 -46.14 -27.02 34.37
CA LYS NB 50 -47.59 -26.93 34.47
C LYS NB 50 -48.16 -25.79 33.63
N VAL NB 51 -47.32 -24.86 33.18
CA VAL NB 51 -47.74 -23.78 32.29
C VAL NB 51 -46.75 -23.71 31.14
N LYS NB 52 -47.25 -23.42 29.94
CA LYS NB 52 -46.39 -23.36 28.77
C LYS NB 52 -46.47 -21.98 28.13
N ALA NB 53 -46.29 -20.94 28.95
CA ALA NB 53 -46.33 -19.56 28.49
C ALA NB 53 -45.05 -18.78 28.75
N ASP NB 54 -44.16 -19.28 29.61
CA ASP NB 54 -42.89 -18.65 29.95
C ASP NB 54 -43.06 -17.37 30.78
N ARG NB 55 -44.24 -16.76 30.72
CA ARG NB 55 -44.55 -15.64 31.61
C ARG NB 55 -45.05 -16.09 32.96
N ASP NB 56 -45.76 -17.22 33.01
CA ASP NB 56 -46.50 -17.65 34.17
C ASP NB 56 -45.77 -18.74 34.96
N GLU NB 57 -44.48 -18.96 34.67
CA GLU NB 57 -43.73 -19.98 35.39
C GLU NB 57 -43.71 -19.70 36.89
N SER NB 58 -43.77 -18.42 37.28
CA SER NB 58 -43.81 -18.02 38.68
C SER NB 58 -45.21 -17.60 39.11
N SER NB 59 -46.22 -17.82 38.28
CA SER NB 59 -47.56 -17.37 38.61
C SER NB 59 -48.13 -18.22 39.75
N PRO NB 60 -49.01 -17.63 40.57
CA PRO NB 60 -49.64 -18.43 41.63
C PRO NB 60 -50.40 -19.64 41.11
N TYR NB 61 -51.04 -19.51 39.95
CA TYR NB 61 -51.78 -20.64 39.39
C TYR NB 61 -50.86 -21.79 39.02
N ALA NB 62 -49.73 -21.49 38.36
CA ALA NB 62 -48.79 -22.55 38.01
C ALA NB 62 -48.20 -23.21 39.24
N ALA NB 63 -47.99 -22.45 40.31
CA ALA NB 63 -47.56 -23.06 41.56
C ALA NB 63 -48.65 -23.93 42.15
N MET NB 64 -49.91 -23.49 42.07
CA MET NB 64 -51.03 -24.29 42.56
C MET NB 64 -51.14 -25.60 41.79
N LEU NB 65 -51.00 -25.55 40.47
CA LEU NB 65 -51.07 -26.77 39.67
C LEU NB 65 -49.90 -27.71 40.01
N ALA NB 66 -48.70 -27.15 40.16
CA ALA NB 66 -47.55 -27.97 40.50
C ALA NB 66 -47.69 -28.58 41.90
N ALA NB 67 -48.22 -27.81 42.85
CA ALA NB 67 -48.37 -28.32 44.20
C ALA NB 67 -49.36 -29.49 44.24
N GLN NB 68 -50.39 -29.44 43.39
CA GLN NB 68 -51.34 -30.55 43.35
C GLN NB 68 -50.69 -31.82 42.82
N ASP NB 69 -49.80 -31.71 41.84
CA ASP NB 69 -49.12 -32.89 41.33
C ASP NB 69 -48.20 -33.51 42.37
N VAL NB 70 -47.56 -32.69 43.20
CA VAL NB 70 -46.79 -33.22 44.33
C VAL NB 70 -47.71 -33.97 45.27
N ALA NB 71 -48.88 -33.40 45.57
CA ALA NB 71 -49.78 -34.01 46.54
C ALA NB 71 -50.26 -35.37 46.07
N GLN NB 72 -50.64 -35.49 44.80
CA GLN NB 72 -51.13 -36.77 44.29
C GLN NB 72 -50.02 -37.80 44.23
N ARG NB 73 -48.83 -37.40 43.77
CA ARG NB 73 -47.72 -38.34 43.67
C ARG NB 73 -47.23 -38.76 45.05
N CYS NB 74 -47.19 -37.83 46.00
CA CYS NB 74 -46.74 -38.16 47.35
C CYS NB 74 -47.70 -39.13 48.03
N LYS NB 75 -49.00 -38.92 47.88
CA LYS NB 75 -49.97 -39.80 48.54
C LYS NB 75 -49.96 -41.21 47.97
N GLU NB 76 -49.50 -41.39 46.74
CA GLU NB 76 -49.49 -42.73 46.15
C GLU NB 76 -48.20 -43.49 46.44
N LEU NB 77 -47.12 -42.81 46.81
CA LEU NB 77 -45.93 -43.45 47.35
C LEU NB 77 -45.97 -43.58 48.87
N GLY NB 78 -47.07 -43.23 49.51
CA GLY NB 78 -47.19 -43.41 50.93
C GLY NB 78 -46.45 -42.36 51.73
N ILE NB 79 -46.71 -41.09 51.44
CA ILE NB 79 -46.20 -39.97 52.22
C ILE NB 79 -47.38 -39.06 52.53
N THR NB 80 -47.70 -38.90 53.81
CA THR NB 80 -48.93 -38.23 54.23
C THR NB 80 -48.72 -36.91 54.95
N ALA NB 81 -47.48 -36.55 55.29
CA ALA NB 81 -47.19 -35.29 55.94
C ALA NB 81 -45.92 -34.72 55.37
N LEU NB 82 -45.77 -33.39 55.46
CA LEU NB 82 -44.64 -32.71 54.85
C LEU NB 82 -44.03 -31.71 55.81
N HIS NB 83 -42.71 -31.77 55.96
CA HIS NB 83 -41.95 -30.63 56.46
C HIS NB 83 -41.64 -29.71 55.29
N ILE NB 84 -41.79 -28.41 55.51
CA ILE NB 84 -41.72 -27.43 54.43
C ILE NB 84 -40.51 -26.53 54.66
N LYS NB 85 -39.74 -26.30 53.61
CA LYS NB 85 -38.53 -25.50 53.66
C LYS NB 85 -38.61 -24.43 52.56
N LEU NB 86 -39.22 -23.29 52.87
CA LEU NB 86 -39.18 -22.18 51.93
C LEU NB 86 -37.77 -21.71 51.65
N ARG NB 87 -37.61 -21.16 50.45
CA ARG NB 87 -36.31 -20.75 49.96
C ARG NB 87 -36.52 -19.73 48.85
N ALA NB 88 -35.94 -18.55 49.03
CA ALA NB 88 -35.91 -17.55 47.96
C ALA NB 88 -34.65 -17.78 47.13
N THR NB 89 -34.35 -16.86 46.22
CA THR NB 89 -33.15 -16.99 45.41
C THR NB 89 -31.90 -16.95 46.29
N GLY NB 90 -31.87 -16.04 47.26
CA GLY NB 90 -30.78 -16.00 48.20
C GLY NB 90 -29.50 -15.41 47.64
N GLY NB 91 -28.41 -15.63 48.38
CA GLY NB 91 -27.12 -15.08 47.98
C GLY NB 91 -27.11 -13.57 48.07
N ASN NB 92 -26.42 -12.94 47.13
CA ASN NB 92 -26.44 -11.49 47.02
C ASN NB 92 -27.71 -10.97 46.35
N ARG NB 93 -28.63 -11.86 45.99
CA ARG NB 93 -29.86 -11.49 45.32
C ARG NB 93 -31.02 -11.53 46.30
N THR NB 94 -32.25 -11.53 45.78
CA THR NB 94 -33.42 -11.27 46.62
C THR NB 94 -33.62 -12.36 47.66
N LYS NB 95 -34.18 -11.96 48.80
CA LYS NB 95 -34.51 -12.88 49.88
C LYS NB 95 -36.01 -13.02 50.10
N THR NB 96 -36.83 -12.17 49.49
CA THR NB 96 -38.27 -12.33 49.54
C THR NB 96 -38.71 -13.47 48.63
N PRO NB 97 -39.50 -14.42 49.12
CA PRO NB 97 -39.99 -15.50 48.26
C PRO NB 97 -40.91 -14.95 47.18
N GLY NB 98 -40.92 -15.65 46.04
CA GLY NB 98 -41.72 -15.23 44.93
C GLY NB 98 -43.20 -15.41 45.18
N PRO NB 99 -44.01 -15.04 44.18
CA PRO NB 99 -45.46 -15.18 44.34
C PRO NB 99 -45.93 -16.62 44.42
N GLY NB 100 -45.12 -17.58 43.99
CA GLY NB 100 -45.55 -18.96 43.97
C GLY NB 100 -45.55 -19.65 45.32
N ALA NB 101 -44.90 -19.05 46.32
CA ALA NB 101 -44.80 -19.70 47.63
C ALA NB 101 -46.17 -19.84 48.27
N GLN NB 102 -46.96 -18.77 48.28
CA GLN NB 102 -48.19 -18.76 49.04
C GLN NB 102 -49.24 -19.68 48.43
N SER NB 103 -49.35 -19.70 47.10
CA SER NB 103 -50.33 -20.57 46.45
C SER NB 103 -49.91 -22.04 46.51
N ALA NB 104 -48.64 -22.33 46.19
CA ALA NB 104 -48.17 -23.71 46.21
C ALA NB 104 -48.16 -24.30 47.60
N LEU NB 105 -47.96 -23.48 48.63
CA LEU NB 105 -48.06 -23.96 49.99
C LEU NB 105 -49.51 -24.28 50.34
N ARG NB 106 -50.42 -23.39 49.94
CA ARG NB 106 -51.81 -23.50 50.33
C ARG NB 106 -52.50 -24.63 49.58
N ALA NB 107 -52.07 -24.88 48.33
CA ALA NB 107 -52.60 -26.02 47.57
C ALA NB 107 -52.20 -27.34 48.21
N LEU NB 108 -50.97 -27.43 48.71
CA LEU NB 108 -50.51 -28.66 49.37
C LEU NB 108 -51.38 -28.97 50.59
N ALA NB 109 -51.72 -27.95 51.37
CA ALA NB 109 -52.48 -28.17 52.59
C ALA NB 109 -53.91 -28.63 52.29
N ARG NB 110 -54.60 -27.93 51.39
CA ARG NB 110 -56.00 -28.24 51.13
C ARG NB 110 -56.17 -29.42 50.20
N SER NB 111 -55.10 -29.92 49.58
CA SER NB 111 -55.18 -31.12 48.77
C SER NB 111 -55.42 -32.37 49.61
N GLY NB 112 -55.26 -32.29 50.93
CA GLY NB 112 -55.49 -33.42 51.80
C GLY NB 112 -54.21 -34.02 52.34
N MET NB 113 -53.20 -33.19 52.56
CA MET NB 113 -51.93 -33.65 53.11
C MET NB 113 -51.56 -32.80 54.31
N LYS NB 114 -50.89 -33.43 55.26
CA LYS NB 114 -50.61 -32.82 56.55
C LYS NB 114 -49.41 -31.87 56.47
N ILE NB 115 -49.43 -30.88 57.35
CA ILE NB 115 -48.40 -29.85 57.40
C ILE NB 115 -47.63 -29.99 58.71
N GLY NB 116 -46.31 -30.10 58.60
CA GLY NB 116 -45.47 -30.17 59.77
C GLY NB 116 -44.79 -28.86 60.07
N ARG NB 117 -43.47 -28.87 60.19
CA ARG NB 117 -42.71 -27.67 60.44
C ARG NB 117 -42.44 -26.94 59.14
N ILE NB 118 -42.56 -25.61 59.17
CA ILE NB 118 -42.27 -24.76 58.01
C ILE NB 118 -41.16 -23.82 58.41
N GLU NB 119 -40.14 -23.71 57.56
CA GLU NB 119 -38.92 -23.01 57.95
C GLU NB 119 -38.27 -22.48 56.68
N ASP NB 120 -37.47 -21.43 56.83
CA ASP NB 120 -36.89 -20.72 55.70
C ASP NB 120 -35.42 -21.08 55.57
N VAL NB 121 -35.01 -21.51 54.37
CA VAL NB 121 -33.64 -21.93 54.13
C VAL NB 121 -33.00 -21.06 53.06
N THR NB 122 -33.44 -19.81 52.97
CA THR NB 122 -32.87 -18.88 52.01
C THR NB 122 -31.39 -18.68 52.33
N PRO NB 123 -30.49 -18.82 51.36
CA PRO NB 123 -29.06 -18.64 51.62
C PRO NB 123 -28.75 -17.18 51.94
N ILE NB 124 -28.35 -16.91 53.18
CA ILE NB 124 -28.10 -15.56 53.64
C ILE NB 124 -26.59 -15.41 53.86
N PRO NB 125 -25.89 -14.61 53.07
CA PRO NB 125 -24.45 -14.46 53.24
C PRO NB 125 -24.11 -13.68 54.49
N SER NB 126 -23.09 -14.14 55.22
CA SER NB 126 -22.48 -13.26 56.22
C SER NB 126 -21.95 -12.01 55.54
N ASP NB 127 -21.13 -12.17 54.51
CA ASP NB 127 -20.86 -11.10 53.57
C ASP NB 127 -20.55 -11.73 52.22
N SER NB 128 -20.82 -10.96 51.17
CA SER NB 128 -21.07 -11.55 49.86
C SER NB 128 -20.12 -10.98 48.82
N THR NB 129 -20.06 -11.68 47.71
CA THR NB 129 -19.42 -11.21 46.49
C THR NB 129 -20.28 -10.13 45.84
N ARG NB 130 -19.65 -9.33 44.99
CA ARG NB 130 -20.33 -8.19 44.39
C ARG NB 130 -21.55 -8.63 43.58
N ARG NB 131 -22.68 -7.98 43.83
CA ARG NB 131 -23.91 -8.29 43.12
C ARG NB 131 -23.85 -7.75 41.70
N LYS NB 132 -24.48 -8.47 40.79
CA LYS NB 132 -24.53 -8.08 39.39
C LYS NB 132 -25.37 -6.83 39.19
N GLY NB 133 -24.87 -5.91 38.36
CA GLY NB 133 -25.64 -4.74 38.00
C GLY NB 133 -24.85 -3.45 37.87
N GLY NB 134 -23.69 -3.39 38.51
CA GLY NB 134 -22.91 -2.18 38.58
C GLY NB 134 -23.38 -1.27 39.69
N ARG NB 135 -22.61 -0.20 39.92
CA ARG NB 135 -22.95 0.72 41.00
C ARG NB 135 -24.13 1.61 40.64
N ARG NB 136 -24.42 1.79 39.36
CA ARG NB 136 -25.59 2.55 38.95
C ARG NB 136 -26.83 1.68 38.83
N GLY NB 137 -26.70 0.38 39.06
CA GLY NB 137 -27.85 -0.50 39.11
C GLY NB 137 -28.40 -0.86 37.74
N ARG NB 138 -29.59 -1.46 37.76
CA ARG NB 138 -30.31 -1.85 36.56
C ARG NB 138 -31.27 -0.72 36.18
N ARG NB 139 -30.91 0.03 35.15
CA ARG NB 139 -31.67 1.22 34.75
C ARG NB 139 -32.86 0.79 33.90
N LEU NB 140 -34.07 1.02 34.41
CA LEU NB 140 -35.29 0.68 33.68
C LEU NB 140 -36.17 1.90 33.49
N THR OB 1 -88.42 14.35 -41.79
CA THR OB 1 -89.69 13.89 -41.24
C THR OB 1 -89.68 14.00 -39.72
N TYR OB 2 -90.42 14.97 -39.19
CA TYR OB 2 -90.44 15.18 -37.75
C TYR OB 2 -91.26 14.12 -37.02
N ARG OB 3 -92.57 14.14 -37.21
CA ARG OB 3 -93.42 13.12 -36.59
C ARG OB 3 -94.11 12.30 -37.68
N GLY OB 4 -93.32 11.77 -38.62
CA GLY OB 4 -93.89 11.16 -39.81
C GLY OB 4 -94.31 12.16 -40.86
N VAL OB 5 -94.03 13.44 -40.64
CA VAL OB 5 -94.39 14.51 -41.56
C VAL OB 5 -93.12 15.27 -41.92
N ASP OB 6 -92.91 15.47 -43.22
CA ASP OB 6 -91.66 16.04 -43.70
C ASP OB 6 -91.77 17.56 -43.80
N LEU OB 7 -90.70 18.18 -44.31
CA LEU OB 7 -90.50 19.62 -44.12
C LEU OB 7 -91.49 20.44 -44.95
N ASP OB 8 -91.91 19.93 -46.12
CA ASP OB 8 -92.70 20.74 -47.03
C ASP OB 8 -94.03 21.14 -46.41
N GLN OB 9 -94.71 20.22 -45.74
CA GLN OB 9 -95.93 20.58 -45.03
C GLN OB 9 -95.67 20.96 -43.58
N LEU OB 10 -94.41 20.89 -43.12
CA LEU OB 10 -94.07 21.53 -41.85
C LEU OB 10 -93.97 23.04 -42.00
N LEU OB 11 -93.69 23.52 -43.21
CA LEU OB 11 -93.46 24.95 -43.43
C LEU OB 11 -94.78 25.72 -43.54
N ASP OB 12 -95.69 25.27 -44.41
CA ASP OB 12 -96.96 25.95 -44.58
C ASP OB 12 -97.90 25.73 -43.40
N MET OB 13 -97.54 24.85 -42.48
CA MET OB 13 -98.41 24.52 -41.36
C MET OB 13 -98.28 25.59 -40.28
N SER OB 14 -99.41 25.94 -39.65
CA SER OB 14 -99.44 27.04 -38.70
C SER OB 14 -98.90 26.58 -37.34
N TYR OB 15 -98.85 27.52 -36.39
CA TYR OB 15 -98.32 27.22 -35.06
C TYR OB 15 -99.22 26.26 -34.30
N GLU OB 16 -100.54 26.42 -34.43
CA GLU OB 16 -101.47 25.67 -33.59
C GLU OB 16 -101.31 24.17 -33.80
N GLN OB 17 -101.07 23.75 -35.04
CA GLN OB 17 -100.96 22.33 -35.30
C GLN OB 17 -99.50 21.90 -35.43
N LEU OB 18 -98.55 22.84 -35.36
CA LEU OB 18 -97.19 22.48 -34.94
C LEU OB 18 -97.15 22.02 -33.50
N MET OB 19 -98.02 22.56 -32.65
CA MET OB 19 -97.99 22.19 -31.24
C MET OB 19 -98.24 20.70 -31.07
N GLN OB 20 -99.28 20.17 -31.71
CA GLN OB 20 -99.57 18.75 -31.59
C GLN OB 20 -98.40 17.90 -32.05
N LEU OB 21 -97.52 18.46 -32.87
CA LEU OB 21 -96.31 17.75 -33.29
C LEU OB 21 -95.18 17.91 -32.29
N TYR OB 22 -95.09 19.07 -31.64
CA TYR OB 22 -93.99 19.35 -30.72
C TYR OB 22 -94.15 18.50 -29.46
N SER OB 23 -93.07 18.46 -28.68
CA SER OB 23 -93.09 17.76 -27.40
C SER OB 23 -93.82 18.61 -26.35
N ALA OB 24 -93.86 18.10 -25.12
CA ALA OB 24 -94.65 18.76 -24.08
C ALA OB 24 -94.11 20.15 -23.76
N ARG OB 25 -92.78 20.26 -23.62
CA ARG OB 25 -92.17 21.54 -23.25
C ARG OB 25 -92.36 22.57 -24.35
N GLN OB 26 -92.16 22.18 -25.61
CA GLN OB 26 -92.28 23.14 -26.71
C GLN OB 26 -93.72 23.62 -26.86
N ARG OB 27 -94.69 22.73 -26.64
CA ARG OB 27 -96.09 23.14 -26.73
C ARG OB 27 -96.41 24.19 -25.70
N ARG OB 28 -95.96 23.99 -24.47
CA ARG OB 28 -96.30 24.90 -23.39
C ARG OB 28 -95.70 26.28 -23.63
N ARG OB 29 -94.45 26.32 -24.14
CA ARG OB 29 -93.85 27.61 -24.49
C ARG OB 29 -94.58 28.25 -25.65
N LEU OB 30 -94.96 27.46 -26.66
CA LEU OB 30 -95.72 28.01 -27.78
C LEU OB 30 -97.12 28.39 -27.36
N ASN OB 31 -97.73 27.63 -26.44
CA ASN OB 31 -99.05 27.97 -25.96
C ASN OB 31 -99.03 29.29 -25.20
N ARG OB 32 -97.99 29.50 -24.39
CA ARG OB 32 -97.73 30.81 -23.83
C ARG OB 32 -97.24 31.76 -24.94
N GLY OB 33 -97.28 33.06 -24.64
CA GLY OB 33 -96.90 34.03 -25.64
C GLY OB 33 -95.44 33.89 -26.05
N LEU OB 34 -95.21 33.93 -27.36
CA LEU OB 34 -93.86 34.01 -27.90
C LEU OB 34 -93.54 35.50 -28.00
N ARG OB 35 -92.55 35.95 -27.24
CA ARG OB 35 -92.41 37.38 -26.98
C ARG OB 35 -91.99 38.14 -28.23
N ARG OB 36 -91.89 39.45 -28.03
CA ARG OB 36 -91.42 40.36 -29.07
C ARG OB 36 -89.99 40.07 -29.49
N LYS OB 37 -89.11 39.81 -28.53
CA LYS OB 37 -87.69 39.63 -28.85
C LYS OB 37 -87.46 38.40 -29.73
N GLN OB 38 -88.15 37.29 -29.45
CA GLN OB 38 -88.06 36.15 -30.36
C GLN OB 38 -88.63 36.49 -31.73
N HIS OB 39 -89.74 37.23 -31.75
CA HIS OB 39 -90.35 37.67 -33.01
C HIS OB 39 -89.39 38.52 -33.83
N SER OB 40 -88.58 39.35 -33.17
CA SER OB 40 -87.59 40.14 -33.90
C SER OB 40 -86.54 39.25 -34.55
N LEU OB 41 -86.16 38.16 -33.87
CA LEU OB 41 -85.17 37.24 -34.44
C LEU OB 41 -85.73 36.52 -35.67
N LEU OB 42 -86.95 36.00 -35.57
CA LEU OB 42 -87.59 35.38 -36.73
C LEU OB 42 -87.72 36.36 -37.87
N LYS OB 43 -87.89 37.64 -37.55
CA LYS OB 43 -88.01 38.65 -38.58
C LYS OB 43 -86.67 38.90 -39.27
N ARG OB 44 -85.58 38.88 -38.50
CA ARG OB 44 -84.25 38.94 -39.11
C ARG OB 44 -83.94 37.66 -39.88
N LEU OB 45 -84.36 36.51 -39.35
CA LEU OB 45 -84.07 35.25 -40.03
C LEU OB 45 -84.82 35.15 -41.35
N ARG OB 46 -86.07 35.61 -41.38
CA ARG OB 46 -86.77 35.72 -42.66
C ARG OB 46 -86.09 36.75 -43.57
N LYS OB 47 -85.65 37.88 -42.98
CA LYS OB 47 -84.85 38.83 -43.74
C LYS OB 47 -83.62 38.14 -44.33
N ALA OB 48 -82.87 37.42 -43.50
CA ALA OB 48 -81.61 36.82 -43.94
C ALA OB 48 -81.83 35.80 -45.05
N LYS OB 49 -82.97 35.13 -45.07
CA LYS OB 49 -83.20 34.09 -46.06
C LYS OB 49 -83.55 34.67 -47.43
N LYS OB 50 -84.22 35.82 -47.47
CA LYS OB 50 -84.80 36.29 -48.73
C LYS OB 50 -83.78 37.03 -49.62
N GLU OB 51 -82.89 37.84 -49.05
CA GLU OB 51 -81.89 38.51 -49.87
C GLU OB 51 -80.57 37.75 -49.94
N ALA OB 52 -80.50 36.57 -49.33
CA ALA OB 52 -79.31 35.74 -49.50
C ALA OB 52 -79.17 35.35 -50.96
N PRO OB 53 -77.96 35.35 -51.51
CA PRO OB 53 -77.80 34.97 -52.90
C PRO OB 53 -78.26 33.53 -53.12
N PRO OB 54 -78.80 33.23 -54.30
CA PRO OB 54 -79.33 31.88 -54.53
C PRO OB 54 -78.22 30.84 -54.50
N MET OB 55 -78.60 29.63 -54.07
CA MET OB 55 -77.67 28.50 -53.97
C MET OB 55 -76.54 28.76 -53.00
N GLU OB 56 -76.79 29.51 -51.93
CA GLU OB 56 -75.76 29.84 -50.96
C GLU OB 56 -76.40 30.01 -49.59
N LYS OB 57 -75.64 29.63 -48.56
CA LYS OB 57 -76.09 29.82 -47.19
C LYS OB 57 -76.24 31.31 -46.89
N PRO OB 58 -77.23 31.70 -46.09
CA PRO OB 58 -77.42 33.12 -45.78
C PRO OB 58 -76.32 33.63 -44.87
N GLU OB 59 -76.27 34.95 -44.74
CA GLU OB 59 -75.31 35.59 -43.85
C GLU OB 59 -75.62 35.24 -42.40
N VAL OB 60 -74.57 35.26 -41.57
CA VAL OB 60 -74.73 34.88 -40.18
C VAL OB 60 -75.59 35.92 -39.45
N VAL OB 61 -76.44 35.44 -38.55
CA VAL OB 61 -77.25 36.29 -37.68
C VAL OB 61 -76.89 35.97 -36.25
N LYS OB 62 -76.56 37.00 -35.47
CA LYS OB 62 -76.10 36.84 -34.11
C LYS OB 62 -77.24 37.10 -33.14
N THR OB 63 -77.21 36.41 -32.01
CA THR OB 63 -78.25 36.53 -31.00
C THR OB 63 -77.71 36.14 -29.63
N HIS OB 64 -78.09 36.91 -28.60
CA HIS OB 64 -77.89 36.46 -27.23
C HIS OB 64 -78.94 35.47 -26.76
N LEU OB 65 -80.18 35.62 -27.19
CA LEU OB 65 -81.25 34.79 -26.66
C LEU OB 65 -81.10 33.39 -27.24
N ARG OB 66 -80.93 32.42 -26.34
CA ARG OB 66 -80.61 31.06 -26.70
C ARG OB 66 -81.64 30.07 -26.18
N ASP OB 67 -82.81 30.57 -25.79
CA ASP OB 67 -83.94 29.74 -25.40
C ASP OB 67 -84.94 29.62 -26.53
N MET OB 68 -84.61 30.13 -27.71
CA MET OB 68 -85.51 30.10 -28.84
C MET OB 68 -85.63 28.68 -29.37
N ILE OB 69 -86.87 28.20 -29.49
CA ILE OB 69 -87.12 26.85 -29.99
C ILE OB 69 -86.99 26.85 -31.50
N ILE OB 70 -86.34 25.84 -32.05
CA ILE OB 70 -86.10 25.80 -33.49
C ILE OB 70 -87.42 25.49 -34.19
N LEU OB 71 -87.88 26.41 -34.98
CA LEU OB 71 -89.10 26.29 -35.73
C LEU OB 71 -88.83 25.64 -37.09
N PRO OB 72 -89.82 24.99 -37.69
CA PRO OB 72 -89.59 24.37 -39.01
C PRO OB 72 -89.27 25.37 -40.10
N GLU OB 73 -89.63 26.66 -39.94
CA GLU OB 73 -89.26 27.63 -40.96
C GLU OB 73 -87.83 28.11 -40.80
N MET OB 74 -87.20 27.83 -39.65
CA MET OB 74 -85.84 28.26 -39.39
C MET OB 74 -84.80 27.33 -40.00
N VAL OB 75 -85.23 26.28 -40.70
CA VAL OB 75 -84.29 25.37 -41.35
C VAL OB 75 -83.52 26.12 -42.42
N GLY OB 76 -82.20 25.89 -42.45
CA GLY OB 76 -81.34 26.58 -43.39
C GLY OB 76 -80.85 27.93 -42.91
N SER OB 77 -81.40 28.45 -41.82
CA SER OB 77 -80.92 29.70 -41.27
C SER OB 77 -79.53 29.53 -40.67
N MET OB 78 -78.79 30.62 -40.62
CA MET OB 78 -77.42 30.61 -40.11
C MET OB 78 -77.37 31.56 -38.92
N VAL OB 79 -77.35 31.00 -37.72
CA VAL OB 79 -77.54 31.74 -36.48
C VAL OB 79 -76.25 31.71 -35.68
N GLY OB 80 -75.90 32.85 -35.08
CA GLY OB 80 -74.78 32.92 -34.16
C GLY OB 80 -75.25 32.97 -32.73
N VAL OB 81 -75.11 31.86 -32.02
CA VAL OB 81 -75.61 31.75 -30.65
C VAL OB 81 -74.53 32.20 -29.69
N TYR OB 82 -74.87 33.11 -28.80
CA TYR OB 82 -73.94 33.53 -27.76
C TYR OB 82 -73.84 32.45 -26.69
N ASN OB 83 -72.61 32.16 -26.27
CA ASN OB 83 -72.37 31.22 -25.19
C ASN OB 83 -71.73 31.90 -23.98
N GLY OB 84 -71.86 33.22 -23.88
CA GLY OB 84 -71.23 33.96 -22.82
C GLY OB 84 -70.05 34.76 -23.31
N LYS OB 85 -69.27 34.17 -24.22
CA LYS OB 85 -68.08 34.82 -24.77
C LYS OB 85 -68.18 35.05 -26.27
N THR OB 86 -68.37 34.00 -27.05
CA THR OB 86 -68.34 34.08 -28.51
C THR OB 86 -69.68 33.67 -29.10
N PHE OB 87 -69.97 34.20 -30.28
CA PHE OB 87 -71.18 33.84 -31.02
C PHE OB 87 -70.87 32.58 -31.81
N ASN OB 88 -71.26 31.43 -31.26
CA ASN OB 88 -70.95 30.16 -31.90
C ASN OB 88 -71.70 30.03 -33.23
N GLN OB 89 -71.01 29.47 -34.22
CA GLN OB 89 -71.54 29.30 -35.56
C GLN OB 89 -72.38 28.03 -35.59
N VAL OB 90 -73.69 28.16 -35.82
CA VAL OB 90 -74.56 27.00 -35.94
C VAL OB 90 -75.40 27.12 -37.19
N GLU OB 91 -75.49 26.01 -37.93
CA GLU OB 91 -76.38 25.88 -39.09
C GLU OB 91 -77.54 24.98 -38.72
N ILE OB 92 -78.75 25.51 -38.82
CA ILE OB 92 -79.97 24.79 -38.42
C ILE OB 92 -80.35 23.84 -39.54
N LYS OB 93 -79.95 22.58 -39.40
CA LYS OB 93 -80.34 21.53 -40.31
C LYS OB 93 -81.72 20.99 -39.92
N PRO OB 94 -82.43 20.35 -40.87
CA PRO OB 94 -83.90 20.25 -40.71
C PRO OB 94 -84.37 19.37 -39.58
N GLU OB 95 -83.52 18.56 -38.97
CA GLU OB 95 -83.93 17.67 -37.89
C GLU OB 95 -83.39 18.12 -36.54
N MET OB 96 -83.50 19.42 -36.26
CA MET OB 96 -83.23 19.99 -34.94
C MET OB 96 -84.45 20.69 -34.39
N ILE OB 97 -85.65 20.37 -34.92
CA ILE OB 97 -86.83 21.19 -34.66
C ILE OB 97 -87.20 21.16 -33.19
N GLY OB 98 -87.27 19.97 -32.61
CA GLY OB 98 -87.64 19.87 -31.21
C GLY OB 98 -86.49 20.12 -30.27
N HIS OB 99 -85.81 21.26 -30.42
CA HIS OB 99 -84.63 21.56 -29.63
C HIS OB 99 -84.51 23.06 -29.44
N TYR OB 100 -83.75 23.43 -28.41
CA TYR OB 100 -83.47 24.83 -28.12
C TYR OB 100 -82.25 25.29 -28.88
N LEU OB 101 -82.28 26.55 -29.30
CA LEU OB 101 -81.20 27.15 -30.08
C LEU OB 101 -79.92 27.34 -29.26
N GLY OB 102 -79.99 27.21 -27.94
CA GLY OB 102 -78.80 27.22 -27.11
C GLY OB 102 -78.18 25.88 -26.85
N GLU OB 103 -78.86 24.79 -27.22
CA GLU OB 103 -78.35 23.45 -27.03
C GLU OB 103 -77.24 23.09 -28.02
N PHE OB 104 -76.90 24.00 -28.93
CA PHE OB 104 -75.89 23.76 -29.95
C PHE OB 104 -74.72 24.73 -29.85
N SER OB 105 -74.63 25.50 -28.77
CA SER OB 105 -73.50 26.40 -28.51
C SER OB 105 -73.07 26.14 -27.08
N ILE OB 106 -72.04 25.30 -26.91
CA ILE OB 106 -71.60 24.94 -25.57
C ILE OB 106 -71.02 26.16 -24.87
N THR OB 107 -71.31 26.28 -23.58
CA THR OB 107 -70.86 27.39 -22.76
C THR OB 107 -69.53 27.12 -22.07
N TYR OB 108 -69.07 25.88 -22.07
CA TYR OB 108 -67.84 25.51 -21.41
C TYR OB 108 -67.05 24.60 -22.35
N LYS OB 109 -65.76 24.81 -22.41
CA LYS OB 109 -64.94 23.84 -23.12
C LYS OB 109 -64.67 22.64 -22.21
N PRO OB 110 -64.77 21.42 -22.73
CA PRO OB 110 -64.76 20.22 -21.87
C PRO OB 110 -63.48 20.09 -21.06
N VAL OB 111 -63.58 19.51 -19.87
CA VAL OB 111 -62.46 19.42 -18.95
C VAL OB 111 -61.47 18.38 -19.48
N LYS OB 112 -60.21 18.79 -19.59
CA LYS OB 112 -59.10 17.88 -19.84
C LYS OB 112 -58.23 17.91 -18.60
N HIS OB 113 -58.25 16.83 -17.83
CA HIS OB 113 -57.68 16.87 -16.49
C HIS OB 113 -56.17 16.97 -16.53
N GLY OB 114 -55.62 17.76 -15.60
CA GLY OB 114 -54.19 17.86 -15.43
C GLY OB 114 -53.78 17.28 -14.10
N ARG OB 115 -52.47 17.17 -13.92
CA ARG OB 115 -51.94 16.52 -12.72
C ARG OB 115 -52.36 17.29 -11.47
N PRO OB 116 -52.87 16.61 -10.45
CA PRO OB 116 -53.32 17.31 -9.25
C PRO OB 116 -52.16 17.98 -8.53
N GLY OB 117 -52.48 19.06 -7.81
CA GLY OB 117 -51.49 19.81 -7.07
C GLY OB 117 -51.43 19.48 -5.60
N ILE OB 118 -51.45 20.51 -4.75
CA ILE OB 118 -51.34 20.31 -3.30
C ILE OB 118 -52.53 19.52 -2.76
N GLY OB 119 -53.72 19.73 -3.32
CA GLY OB 119 -54.89 19.02 -2.86
C GLY OB 119 -54.84 17.56 -3.23
N ALA OB 120 -55.76 16.79 -2.63
CA ALA OB 120 -55.78 15.34 -2.76
C ALA OB 120 -54.45 14.75 -2.32
N THR OB 121 -54.25 14.72 -1.01
CA THR OB 121 -52.98 14.30 -0.41
C THR OB 121 -52.66 12.83 -0.73
N SER PB 1 -135.79 -0.34 40.96
CA SER PB 1 -135.96 -1.16 39.76
C SER PB 1 -135.57 -0.38 38.52
N LYS PB 2 -135.84 0.92 38.52
CA LYS PB 2 -135.52 1.81 37.41
C LYS PB 2 -134.88 3.10 37.92
N GLY PB 3 -133.89 2.95 38.81
CA GLY PB 3 -133.18 4.09 39.35
C GLY PB 3 -132.13 4.60 38.40
N PRO PB 4 -132.32 5.83 37.90
CA PRO PB 4 -131.38 6.37 36.91
C PRO PB 4 -130.25 7.16 37.57
N LEU PB 5 -129.45 7.83 36.74
CA LEU PB 5 -128.38 8.72 37.21
C LEU PB 5 -127.38 7.97 38.07
N GLN PB 6 -127.07 6.74 37.69
CA GLN PB 6 -126.06 5.92 38.37
C GLN PB 6 -124.96 5.65 37.37
N SER PB 7 -124.04 6.61 37.25
CA SER PB 7 -123.00 6.56 36.23
C SER PB 7 -121.79 7.35 36.69
N VAL PB 8 -120.63 6.96 36.19
CA VAL PB 8 -119.40 7.71 36.40
C VAL PB 8 -118.69 7.83 35.06
N GLN PB 9 -117.73 8.76 35.01
CA GLN PB 9 -116.94 8.99 33.80
C GLN PB 9 -115.50 9.16 34.23
N VAL PB 10 -114.68 8.14 34.01
CA VAL PB 10 -113.29 8.12 34.44
C VAL PB 10 -112.40 7.89 33.24
N PHE PB 11 -111.36 8.70 33.11
CA PHE PB 11 -110.46 8.66 31.97
C PHE PB 11 -109.20 7.86 32.29
N GLY PB 12 -108.43 7.57 31.25
CA GLY PB 12 -107.13 6.95 31.36
C GLY PB 12 -106.23 7.44 30.24
N ARG PB 13 -104.93 7.59 30.50
CA ARG PB 13 -104.10 8.30 29.55
C ARG PB 13 -102.70 7.70 29.51
N LYS PB 14 -102.21 7.42 28.30
CA LYS PB 14 -100.84 6.98 28.09
C LYS PB 14 -100.28 7.64 26.83
N LYS PB 15 -99.21 8.41 27.00
CA LYS PB 15 -98.51 9.05 25.88
C LYS PB 15 -99.48 9.85 25.00
N THR PB 16 -100.20 10.79 25.61
CA THR PB 16 -101.06 11.75 24.93
C THR PB 16 -102.31 11.06 24.37
N ALA PB 17 -102.55 9.80 24.71
CA ALA PB 17 -103.74 9.07 24.30
C ALA PB 17 -104.69 8.99 25.48
N THR PB 18 -105.87 9.59 25.34
CA THR PB 18 -106.85 9.67 26.42
C THR PB 18 -108.08 8.85 26.07
N ALA PB 19 -108.57 8.09 27.05
CA ALA PB 19 -109.74 7.24 26.87
C ALA PB 19 -110.66 7.43 28.07
N VAL PB 20 -111.88 7.90 27.83
CA VAL PB 20 -112.85 8.10 28.90
C VAL PB 20 -113.84 6.95 28.86
N ALA PB 21 -113.94 6.23 29.97
CA ALA PB 21 -114.85 5.10 30.11
C ALA PB 21 -116.11 5.58 30.80
N HIS PB 22 -117.26 5.42 30.14
CA HIS PB 22 -118.55 5.78 30.71
C HIS PB 22 -119.13 4.54 31.39
N CYS PB 23 -119.14 4.56 32.72
CA CYS PB 23 -119.68 3.47 33.51
C CYS PB 23 -121.15 3.75 33.81
N LYS PB 24 -121.92 2.69 34.04
CA LYS PB 24 -123.36 2.84 34.01
C LYS PB 24 -124.00 1.56 34.53
N ARG PB 25 -125.20 1.69 35.10
CA ARG PB 25 -125.93 0.54 35.62
C ARG PB 25 -126.69 -0.14 34.49
N GLY PB 26 -126.28 -1.35 34.14
CA GLY PB 26 -126.98 -2.12 33.13
C GLY PB 26 -126.35 -3.49 33.00
N ASN PB 27 -126.98 -4.32 32.16
CA ASN PB 27 -126.40 -5.61 31.86
C ASN PB 27 -125.02 -5.43 31.23
N GLY PB 28 -124.09 -6.29 31.63
CA GLY PB 28 -122.69 -6.14 31.26
C GLY PB 28 -122.43 -5.93 29.79
N LEU PB 29 -122.04 -4.71 29.43
CA LEU PB 29 -121.63 -4.39 28.06
C LEU PB 29 -120.41 -3.49 28.15
N ILE PB 30 -119.30 -3.93 27.58
CA ILE PB 30 -118.08 -3.14 27.51
C ILE PB 30 -117.79 -2.89 26.03
N LYS PB 31 -117.82 -1.63 25.63
CA LYS PB 31 -117.65 -1.27 24.24
C LYS PB 31 -116.75 -0.04 24.12
N VAL PB 32 -115.92 -0.04 23.10
CA VAL PB 32 -115.00 1.06 22.85
C VAL PB 32 -115.28 1.62 21.46
N ASN PB 33 -115.54 2.93 21.40
CA ASN PB 33 -115.86 3.63 20.15
C ASN PB 33 -116.99 2.93 19.40
N GLY PB 34 -117.92 2.34 20.16
CA GLY PB 34 -119.05 1.64 19.58
C GLY PB 34 -118.78 0.22 19.14
N ARG PB 35 -117.55 -0.24 19.26
CA ARG PB 35 -117.25 -1.60 18.85
C ARG PB 35 -117.09 -2.51 20.05
N PRO PB 36 -117.37 -3.80 19.91
CA PRO PB 36 -117.11 -4.73 21.02
C PRO PB 36 -115.63 -4.79 21.33
N LEU PB 37 -115.32 -5.01 22.61
CA LEU PB 37 -113.93 -5.00 23.06
C LEU PB 37 -113.09 -6.03 22.31
N GLU PB 38 -113.69 -7.16 21.94
CA GLU PB 38 -112.97 -8.17 21.17
C GLU PB 38 -112.61 -7.66 19.79
N MET PB 39 -113.53 -6.92 19.15
CA MET PB 39 -113.27 -6.33 17.83
C MET PB 39 -112.47 -5.05 18.03
N ILE PB 40 -111.15 -5.22 18.09
CA ILE PB 40 -110.25 -4.08 18.27
C ILE PB 40 -109.12 -4.17 17.27
N GLU PB 41 -108.39 -3.06 17.12
CA GLU PB 41 -107.46 -2.94 16.00
C GLU PB 41 -106.23 -3.85 16.14
N PRO PB 42 -105.33 -3.67 17.15
CA PRO PB 42 -104.16 -4.55 17.11
C PRO PB 42 -104.40 -5.77 18.00
N ARG PB 43 -104.96 -6.83 17.41
CA ARG PB 43 -105.34 -8.00 18.19
C ARG PB 43 -104.15 -8.69 18.82
N THR PB 44 -102.94 -8.40 18.38
CA THR PB 44 -101.75 -8.96 19.01
C THR PB 44 -101.70 -8.60 20.49
N LEU PB 45 -102.23 -7.44 20.86
CA LEU PB 45 -102.31 -7.01 22.25
C LEU PB 45 -103.74 -7.05 22.78
N GLN PB 46 -104.53 -8.03 22.30
CA GLN PB 46 -105.92 -8.13 22.74
C GLN PB 46 -106.02 -8.43 24.22
N TYR PB 47 -105.12 -9.28 24.74
CA TYR PB 47 -105.20 -9.67 26.14
C TYR PB 47 -105.04 -8.47 27.07
N LYS PB 48 -104.29 -7.45 26.64
CA LYS PB 48 -104.16 -6.26 27.46
C LYS PB 48 -105.50 -5.57 27.68
N LEU PB 49 -106.36 -5.59 26.66
CA LEU PB 49 -107.68 -5.00 26.82
C LEU PB 49 -108.58 -5.88 27.68
N LEU PB 50 -108.52 -7.20 27.48
CA LEU PB 50 -109.29 -8.13 28.29
C LEU PB 50 -108.65 -8.39 29.66
N GLU PB 51 -107.43 -7.92 29.87
CA GLU PB 51 -106.73 -8.15 31.13
C GLU PB 51 -107.47 -7.65 32.36
N PRO PB 52 -108.08 -6.47 32.38
CA PRO PB 52 -108.81 -6.06 33.59
C PRO PB 52 -109.98 -6.98 33.94
N VAL PB 53 -110.81 -7.33 32.97
CA VAL PB 53 -112.01 -8.12 33.26
C VAL PB 53 -111.63 -9.52 33.71
N LEU PB 54 -110.54 -10.06 33.17
CA LEU PB 54 -110.12 -11.41 33.54
C LEU PB 54 -109.68 -11.46 35.00
N LEU PB 55 -108.95 -10.44 35.46
CA LEU PB 55 -108.46 -10.43 36.84
C LEU PB 55 -109.60 -10.23 37.84
N LEU PB 56 -110.44 -9.22 37.62
CA LEU PB 56 -111.51 -8.94 38.57
C LEU PB 56 -112.62 -9.95 38.47
N GLY PB 57 -113.03 -10.30 37.25
CA GLY PB 57 -114.11 -11.25 37.07
C GLY PB 57 -115.27 -10.67 36.30
N LYS PB 58 -115.90 -11.50 35.47
CA LYS PB 58 -117.03 -11.05 34.66
C LYS PB 58 -118.21 -10.66 35.55
N GLU PB 59 -118.37 -11.36 36.67
CA GLU PB 59 -119.51 -11.11 37.55
C GLU PB 59 -119.48 -9.70 38.13
N ARG PB 60 -118.29 -9.21 38.48
CA ARG PB 60 -118.19 -7.85 39.01
C ARG PB 60 -118.64 -6.83 37.98
N PHE PB 61 -118.29 -7.06 36.71
CA PHE PB 61 -118.69 -6.13 35.64
C PHE PB 61 -120.18 -6.30 35.30
N ALA PB 62 -120.78 -7.44 35.65
CA ALA PB 62 -122.08 -7.84 35.14
C ALA PB 62 -123.17 -6.80 35.38
N GLY PB 63 -123.07 -6.05 36.47
CA GLY PB 63 -124.04 -4.99 36.73
C GLY PB 63 -123.71 -3.66 36.08
N VAL PB 64 -122.68 -3.62 35.23
CA VAL PB 64 -122.13 -2.38 34.70
C VAL PB 64 -122.11 -2.43 33.18
N ASP PB 65 -122.56 -1.33 32.55
CA ASP PB 65 -122.51 -1.16 31.11
C ASP PB 65 -121.48 -0.06 30.80
N ILE PB 66 -120.32 -0.46 30.27
CA ILE PB 66 -119.21 0.45 30.01
C ILE PB 66 -119.18 0.82 28.54
N ARG PB 67 -118.93 2.10 28.25
CA ARG PB 67 -118.67 2.56 26.88
C ARG PB 67 -117.52 3.54 26.94
N VAL PB 68 -116.40 3.16 26.34
CA VAL PB 68 -115.19 3.97 26.38
C VAL PB 68 -115.05 4.73 25.07
N ARG PB 69 -114.73 6.02 25.17
CA ARG PB 69 -114.39 6.84 24.01
C ARG PB 69 -112.90 7.15 24.04
N VAL PB 70 -112.23 6.87 22.93
CA VAL PB 70 -110.77 7.02 22.83
C VAL PB 70 -110.47 7.90 21.63
N LYS PB 71 -109.56 8.85 21.81
CA LYS PB 71 -109.30 9.81 20.74
C LYS PB 71 -107.96 10.52 20.90
N GLY PB 72 -106.86 9.75 20.88
CA GLY PB 72 -105.53 10.32 20.92
C GLY PB 72 -104.47 9.26 20.82
N GLY PB 73 -103.25 9.70 20.53
CA GLY PB 73 -102.11 8.81 20.52
C GLY PB 73 -102.09 7.87 19.32
N GLY PB 74 -101.34 6.78 19.47
CA GLY PB 74 -101.14 5.79 18.44
C GLY PB 74 -101.98 4.54 18.64
N HIS PB 75 -101.46 3.40 18.18
CA HIS PB 75 -102.19 2.14 18.22
C HIS PB 75 -102.13 1.50 19.61
N VAL PB 76 -100.93 1.09 20.03
CA VAL PB 76 -100.79 0.45 21.34
C VAL PB 76 -101.04 1.44 22.47
N ALA PB 77 -100.60 2.69 22.29
CA ALA PB 77 -100.78 3.69 23.34
C ALA PB 77 -102.25 3.87 23.67
N GLN PB 78 -103.13 3.72 22.68
CA GLN PB 78 -104.56 3.75 22.95
C GLN PB 78 -104.99 2.58 23.82
N ILE PB 79 -104.47 1.39 23.56
CA ILE PB 79 -104.88 0.21 24.32
C ILE PB 79 -104.62 0.40 25.80
N TYR PB 80 -103.43 0.92 26.14
CA TYR PB 80 -103.13 1.17 27.55
C TYR PB 80 -104.08 2.19 28.15
N ALA PB 81 -104.62 3.09 27.33
CA ALA PB 81 -105.62 4.03 27.81
C ALA PB 81 -106.98 3.36 28.00
N ILE PB 82 -107.34 2.44 27.10
CA ILE PB 82 -108.64 1.78 27.22
C ILE PB 82 -108.70 0.92 28.46
N ARG PB 83 -107.64 0.12 28.71
CA ARG PB 83 -107.61 -0.70 29.91
C ARG PB 83 -107.57 0.15 31.17
N GLN PB 84 -106.79 1.24 31.13
CA GLN PB 84 -106.72 2.13 32.28
C GLN PB 84 -108.05 2.80 32.56
N SER PB 85 -108.83 3.08 31.51
CA SER PB 85 -110.15 3.67 31.71
C SER PB 85 -111.13 2.67 32.29
N ILE PB 86 -111.17 1.45 31.74
CA ILE PB 86 -112.12 0.45 32.20
C ILE PB 86 -111.82 0.06 33.64
N SER PB 87 -110.55 -0.20 33.95
CA SER PB 87 -110.18 -0.58 35.30
C SER PB 87 -110.46 0.54 36.30
N LYS PB 88 -110.14 1.78 35.93
CA LYS PB 88 -110.38 2.90 36.84
C LYS PB 88 -111.85 3.27 36.94
N ALA PB 89 -112.65 2.98 35.92
CA ALA PB 89 -114.07 3.27 35.99
C ALA PB 89 -114.76 2.37 37.01
N LEU PB 90 -114.50 1.06 36.95
CA LEU PB 90 -115.17 0.14 37.85
C LEU PB 90 -114.77 0.40 39.30
N VAL PB 91 -113.50 0.69 39.55
CA VAL PB 91 -113.09 1.01 40.91
C VAL PB 91 -113.79 2.28 41.37
N ALA PB 92 -114.00 3.24 40.46
CA ALA PB 92 -114.75 4.44 40.82
C ALA PB 92 -116.23 4.14 41.01
N TYR PB 93 -116.81 3.32 40.14
CA TYR PB 93 -118.21 2.94 40.29
C TYR PB 93 -118.44 2.18 41.59
N TYR PB 94 -117.57 1.23 41.89
CA TYR PB 94 -117.64 0.53 43.17
C TYR PB 94 -117.31 1.47 44.32
N GLN PB 95 -116.49 2.49 44.07
CA GLN PB 95 -116.12 3.42 45.14
C GLN PB 95 -117.33 4.23 45.60
N LYS PB 96 -118.06 4.81 44.65
CA LYS PB 96 -119.09 5.80 44.96
C LYS PB 96 -120.51 5.25 44.89
N TYR PB 97 -120.68 3.94 44.68
CA TYR PB 97 -122.01 3.37 44.65
C TYR PB 97 -122.18 2.12 45.51
N VAL PB 98 -121.10 1.48 45.95
CA VAL PB 98 -121.16 0.48 46.99
C VAL PB 98 -120.07 0.80 48.02
N ASP PB 99 -119.95 -0.04 49.03
CA ASP PB 99 -118.93 0.17 50.05
C ASP PB 99 -117.54 0.05 49.44
N GLU PB 100 -116.61 0.86 49.97
CA GLU PB 100 -115.23 0.79 49.53
C GLU PB 100 -114.50 -0.45 50.04
N ALA PB 101 -115.09 -1.22 50.96
CA ALA PB 101 -114.56 -2.55 51.22
C ALA PB 101 -114.64 -3.41 49.96
N SER PB 102 -115.66 -3.18 49.13
CA SER PB 102 -115.67 -3.75 47.78
C SER PB 102 -114.68 -3.03 46.88
N LYS PB 103 -114.56 -1.71 47.03
CA LYS PB 103 -113.54 -0.96 46.31
C LYS PB 103 -112.14 -1.40 46.73
N LYS PB 104 -111.98 -1.83 47.98
CA LYS PB 104 -110.67 -2.29 48.40
C LYS PB 104 -110.27 -3.58 47.70
N GLU PB 105 -111.22 -4.51 47.52
CA GLU PB 105 -110.86 -5.80 46.92
C GLU PB 105 -110.67 -5.69 45.41
N ILE PB 106 -111.38 -4.79 44.73
CA ILE PB 106 -111.14 -4.60 43.30
C ILE PB 106 -109.81 -3.88 43.08
N LYS PB 107 -109.49 -2.92 43.94
CA LYS PB 107 -108.28 -2.12 43.72
C LYS PB 107 -107.01 -2.94 43.91
N ASP PB 108 -106.96 -3.81 44.92
CA ASP PB 108 -105.72 -4.52 45.21
C ASP PB 108 -105.37 -5.51 44.10
N ILE PB 109 -106.38 -6.17 43.52
CA ILE PB 109 -106.12 -7.11 42.43
C ILE PB 109 -105.47 -6.40 41.25
N LEU PB 110 -105.98 -5.23 40.89
CA LEU PB 110 -105.44 -4.49 39.76
C LEU PB 110 -104.11 -3.85 40.11
N ILE PB 111 -103.97 -3.32 41.33
CA ILE PB 111 -102.75 -2.61 41.68
C ILE PB 111 -101.58 -3.58 41.83
N GLN PB 112 -101.84 -4.81 42.24
CA GLN PB 112 -100.77 -5.79 42.40
C GLN PB 112 -100.32 -6.32 41.04
N TYR PB 113 -101.26 -6.56 40.13
CA TYR PB 113 -100.91 -7.19 38.85
C TYR PB 113 -100.18 -6.21 37.95
N ASP PB 114 -100.67 -4.97 37.87
CA ASP PB 114 -100.05 -3.96 37.02
C ASP PB 114 -100.62 -2.62 37.47
N ARG PB 115 -99.77 -1.79 38.10
CA ARG PB 115 -100.25 -0.53 38.66
C ARG PB 115 -100.78 0.40 37.58
N THR PB 116 -100.33 0.22 36.34
CA THR PB 116 -100.75 1.09 35.24
C THR PB 116 -102.23 0.96 34.94
N LEU PB 117 -102.89 -0.07 35.46
CA LEU PB 117 -104.34 -0.18 35.39
C LEU PB 117 -105.04 0.79 36.33
N LEU PB 118 -104.29 1.51 37.16
CA LEU PB 118 -104.87 2.46 38.10
C LEU PB 118 -104.08 3.75 38.25
N VAL PB 119 -102.78 3.76 37.96
CA VAL PB 119 -101.95 4.97 38.02
C VAL PB 119 -101.26 5.12 36.67
N ALA PB 120 -101.34 6.31 36.09
CA ALA PB 120 -100.87 6.56 34.73
C ALA PB 120 -99.36 6.61 34.64
N ASP PB 121 -98.84 6.30 33.46
CA ASP PB 121 -97.41 6.41 33.19
C ASP PB 121 -97.07 7.88 32.94
N PRO PB 122 -96.20 8.50 33.74
CA PRO PB 122 -95.99 9.94 33.60
C PRO PB 122 -95.05 10.36 32.49
N ARG PB 123 -94.32 9.42 31.87
CA ARG PB 123 -93.37 9.80 30.84
C ARG PB 123 -94.09 10.11 29.53
N ARG PB 124 -93.70 11.22 28.88
CA ARG PB 124 -94.31 11.68 27.63
C ARG PB 124 -93.37 11.52 26.45
N CYS PB 125 -92.53 12.52 26.20
CA CYS PB 125 -91.52 12.51 25.16
C CYS PB 125 -90.37 13.37 25.65
N GLU PB 126 -89.55 13.85 24.72
CA GLU PB 126 -88.49 14.79 25.04
C GLU PB 126 -88.27 15.70 23.84
N SER PB 127 -87.85 16.92 24.12
CA SER PB 127 -87.70 17.93 23.08
C SER PB 127 -86.41 17.70 22.30
N LYS PB 128 -86.51 17.78 20.98
CA LYS PB 128 -85.32 17.74 20.14
C LYS PB 128 -84.47 18.98 20.37
N LYS PB 129 -83.16 18.81 20.34
CA LYS PB 129 -82.23 19.92 20.49
C LYS PB 129 -81.62 20.28 19.14
N PHE PB 130 -81.02 21.48 19.09
CA PHE PB 130 -80.52 22.02 17.85
C PHE PB 130 -79.11 21.53 17.55
N GLY PB 131 -78.78 20.32 18.02
CA GLY PB 131 -77.46 19.79 17.79
C GLY PB 131 -77.46 18.37 17.27
N GLY PB 132 -78.62 17.72 17.25
CA GLY PB 132 -78.71 16.35 16.84
C GLY PB 132 -80.08 15.98 16.29
N PRO PB 133 -80.18 14.80 15.69
CA PRO PB 133 -81.47 14.37 15.12
C PRO PB 133 -82.57 14.21 16.15
N GLY PB 134 -82.23 13.90 17.40
CA GLY PB 134 -83.24 13.63 18.41
C GLY PB 134 -83.03 14.40 19.70
N ALA PB 135 -83.64 13.91 20.78
CA ALA PB 135 -83.57 14.61 22.06
C ALA PB 135 -82.15 14.62 22.62
N ARG PB 136 -81.45 13.48 22.57
CA ARG PB 136 -80.10 13.38 23.08
C ARG PB 136 -79.06 13.02 22.04
N ALA PB 137 -79.44 12.38 20.94
CA ALA PB 137 -78.47 12.06 19.92
C ALA PB 137 -77.87 13.33 19.33
N ARG PB 138 -76.67 13.20 18.79
CA ARG PB 138 -75.95 14.32 18.22
C ARG PB 138 -75.48 13.93 16.82
N TYR PB 139 -75.40 14.92 15.94
CA TYR PB 139 -74.86 14.68 14.62
C TYR PB 139 -73.39 14.26 14.70
N GLN PB 140 -72.99 13.38 13.80
CA GLN PB 140 -71.63 12.87 13.80
C GLN PB 140 -70.66 14.03 13.56
N LYS PB 141 -69.61 14.08 14.37
CA LYS PB 141 -68.61 15.13 14.27
C LYS PB 141 -67.31 14.56 13.73
N SER PB 142 -66.62 15.36 12.92
CA SER PB 142 -65.40 14.93 12.24
C SER PB 142 -64.30 15.95 12.52
N TYR PB 143 -63.10 15.45 12.76
CA TYR PB 143 -61.95 16.30 13.05
C TYR PB 143 -61.04 16.49 11.85
N ARG PB 144 -61.24 15.75 10.76
CA ARG PB 144 -60.52 16.00 9.52
C ARG PB 144 -61.50 16.03 8.36
N MET QB 1 -78.42 11.91 46.89
CA MET QB 1 -77.36 12.76 46.35
C MET QB 1 -77.94 14.10 45.89
N GLY QB 2 -77.16 15.16 46.02
CA GLY QB 2 -77.54 16.46 45.50
C GLY QB 2 -78.79 17.05 46.10
N ARG QB 3 -78.96 16.96 47.41
CA ARG QB 3 -80.02 17.69 48.10
C ARG QB 3 -79.45 18.52 49.25
N VAL QB 4 -78.20 18.98 49.10
CA VAL QB 4 -77.66 19.91 50.07
C VAL QB 4 -78.44 21.21 50.00
N ARG QB 5 -78.74 21.76 51.17
CA ARG QB 5 -79.52 22.99 51.27
C ARG QB 5 -78.56 24.18 51.25
N THR QB 6 -78.78 25.09 50.31
CA THR QB 6 -77.91 26.24 50.09
C THR QB 6 -77.87 27.10 51.36
N LYS QB 7 -76.97 28.09 51.38
CA LYS QB 7 -76.93 29.03 52.50
C LYS QB 7 -78.32 29.62 52.76
N THR QB 8 -78.97 30.11 51.70
CA THR QB 8 -80.18 30.91 51.86
C THR QB 8 -81.25 30.15 52.64
N VAL QB 9 -81.54 28.92 52.21
CA VAL QB 9 -82.53 28.11 52.91
C VAL QB 9 -82.09 27.82 54.34
N LYS QB 10 -80.80 27.54 54.56
CA LYS QB 10 -80.32 27.33 55.91
C LYS QB 10 -80.26 28.64 56.68
N LYS QB 11 -79.75 29.69 56.06
CA LYS QB 11 -79.57 30.97 56.75
C LYS QB 11 -80.92 31.58 57.14
N ALA QB 12 -81.92 31.48 56.26
CA ALA QB 12 -83.26 31.92 56.62
C ALA QB 12 -83.86 31.05 57.71
N ALA QB 13 -83.57 29.75 57.68
CA ALA QB 13 -84.15 28.84 58.66
C ALA QB 13 -83.73 29.21 60.07
N ARG QB 14 -82.45 29.52 60.26
CA ARG QB 14 -81.95 29.84 61.59
C ARG QB 14 -82.58 31.11 62.13
N VAL QB 15 -82.78 32.11 61.27
CA VAL QB 15 -83.37 33.38 61.72
C VAL QB 15 -84.79 33.17 62.22
N ILE QB 16 -85.58 32.36 61.50
CA ILE QB 16 -86.98 32.19 61.89
C ILE QB 16 -87.16 31.18 63.01
N ILE QB 17 -86.10 30.48 63.41
CA ILE QB 17 -86.15 29.62 64.59
C ILE QB 17 -85.68 30.33 65.84
N GLU QB 18 -85.05 31.51 65.70
CA GLU QB 18 -84.75 32.36 66.84
C GLU QB 18 -85.77 33.48 67.00
N LYS QB 19 -86.22 34.08 65.89
CA LYS QB 19 -87.35 35.01 65.93
C LYS QB 19 -88.61 34.33 66.45
N TYR QB 20 -88.90 33.12 65.97
CA TYR QB 20 -90.21 32.50 66.17
C TYR QB 20 -90.06 31.02 66.55
N TYR QB 21 -89.43 30.74 67.70
CA TYR QB 21 -89.31 29.35 68.13
C TYR QB 21 -90.64 28.79 68.61
N THR QB 22 -91.37 29.57 69.42
CA THR QB 22 -92.57 29.06 70.07
C THR QB 22 -93.65 28.70 69.06
N ARG QB 23 -93.85 29.56 68.06
CA ARG QB 23 -94.91 29.33 67.07
C ARG QB 23 -94.64 28.08 66.24
N LEU QB 24 -93.39 27.84 65.89
CA LEU QB 24 -93.04 26.74 65.01
C LEU QB 24 -93.12 25.41 65.76
N GLY QB 25 -93.03 24.32 65.00
CA GLY QB 25 -93.13 22.98 65.55
C GLY QB 25 -92.29 22.00 64.77
N ASN QB 26 -92.71 20.73 64.76
CA ASN QB 26 -92.03 19.67 64.03
C ASN QB 26 -92.85 19.16 62.85
N ASP QB 27 -93.85 19.91 62.41
CA ASP QB 27 -94.66 19.56 61.26
C ASP QB 27 -94.20 20.41 60.07
N PHE QB 28 -93.96 19.76 58.93
CA PHE QB 28 -93.56 20.50 57.74
C PHE QB 28 -94.66 21.47 57.30
N HIS QB 29 -95.92 21.08 57.47
CA HIS QB 29 -97.03 21.86 56.95
C HIS QB 29 -97.38 23.02 57.87
N THR QB 30 -97.47 22.78 59.17
CA THR QB 30 -97.73 23.87 60.09
C THR QB 30 -96.64 24.93 60.01
N ASN QB 31 -95.40 24.50 59.94
CA ASN QB 31 -94.30 25.45 59.83
C ASN QB 31 -94.29 26.16 58.47
N LYS QB 32 -94.59 25.42 57.40
CA LYS QB 32 -94.63 26.03 56.07
C LYS QB 32 -95.72 27.08 55.94
N ARG QB 33 -96.69 27.11 56.86
CA ARG QB 33 -97.69 28.16 56.86
C ARG QB 33 -97.31 29.34 57.73
N VAL QB 34 -96.62 29.11 58.85
CA VAL QB 34 -96.08 30.22 59.62
C VAL QB 34 -95.09 31.01 58.78
N CYS QB 35 -94.21 30.31 58.06
CA CYS QB 35 -93.29 30.95 57.13
C CYS QB 35 -94.00 31.74 56.05
N GLU QB 36 -95.33 31.67 55.97
CA GLU QB 36 -96.10 32.48 55.03
C GLU QB 36 -96.60 33.78 55.65
N GLU QB 37 -96.70 33.87 56.99
CA GLU QB 37 -97.00 35.17 57.59
C GLU QB 37 -95.80 35.83 58.26
N ILE QB 38 -94.72 35.10 58.53
CA ILE QB 38 -93.56 35.71 59.20
C ILE QB 38 -92.51 36.19 58.22
N ALA QB 39 -92.61 35.81 56.94
CA ALA QB 39 -91.58 36.19 55.99
C ALA QB 39 -92.22 36.45 54.63
N ILE QB 40 -91.56 37.30 53.85
CA ILE QB 40 -91.95 37.56 52.47
C ILE QB 40 -90.96 36.76 51.63
N ILE QB 41 -91.33 35.52 51.33
CA ILE QB 41 -90.47 34.59 50.58
C ILE QB 41 -90.91 34.62 49.12
N PRO QB 42 -90.04 35.04 48.20
CA PRO QB 42 -90.47 35.22 46.81
C PRO QB 42 -90.97 33.94 46.12
N SER QB 43 -90.40 32.79 46.44
CA SER QB 43 -90.70 31.56 45.71
C SER QB 43 -91.31 30.51 46.62
N LYS QB 44 -92.22 29.71 46.05
CA LYS QB 44 -92.80 28.60 46.79
C LYS QB 44 -91.80 27.48 47.02
N LYS QB 45 -90.99 27.17 46.00
CA LYS QB 45 -89.95 26.16 46.17
C LYS QB 45 -88.94 26.60 47.21
N LEU QB 46 -88.92 27.89 47.55
CA LEU QB 46 -87.99 28.36 48.58
C LEU QB 46 -88.57 28.17 49.98
N ARG QB 47 -89.84 28.53 50.19
CA ARG QB 47 -90.39 28.35 51.53
C ARG QB 47 -90.43 26.87 51.93
N ASN QB 48 -90.84 25.99 51.01
CA ASN QB 48 -90.90 24.58 51.39
C ASN QB 48 -89.51 24.07 51.71
N LYS QB 49 -88.50 24.51 50.97
CA LYS QB 49 -87.12 24.21 51.34
C LYS QB 49 -86.78 24.82 52.70
N ILE QB 50 -87.14 26.09 52.90
CA ILE QB 50 -86.90 26.73 54.20
C ILE QB 50 -87.68 26.02 55.29
N ALA QB 51 -88.95 25.70 55.02
CA ALA QB 51 -89.75 24.97 56.01
C ALA QB 51 -89.17 23.60 56.28
N GLY QB 52 -88.61 22.94 55.26
CA GLY QB 52 -88.05 21.62 55.44
C GLY QB 52 -86.86 21.61 56.37
N TYR QB 53 -85.93 22.54 56.19
CA TYR QB 53 -84.75 22.58 57.05
C TYR QB 53 -85.07 23.10 58.43
N VAL QB 54 -86.15 23.89 58.56
CA VAL QB 54 -86.59 24.33 59.88
C VAL QB 54 -86.97 23.14 60.75
N THR QB 55 -87.70 22.19 60.17
CA THR QB 55 -88.02 20.98 60.92
C THR QB 55 -86.76 20.23 61.34
N HIS QB 56 -85.78 20.14 60.45
CA HIS QB 56 -84.54 19.46 60.82
C HIS QB 56 -83.89 20.15 62.01
N LEU QB 57 -83.92 21.47 62.04
CA LEU QB 57 -83.40 22.18 63.22
C LEU QB 57 -84.36 22.08 64.40
N MET QB 58 -85.67 22.22 64.16
CA MET QB 58 -86.61 22.15 65.27
C MET QB 58 -86.66 20.75 65.87
N LYS QB 59 -86.54 19.70 65.04
CA LYS QB 59 -86.36 18.36 65.58
C LYS QB 59 -85.05 18.26 66.34
N ARG QB 60 -83.99 18.86 65.81
CA ARG QB 60 -82.68 18.77 66.46
C ARG QB 60 -82.59 19.69 67.67
N ILE QB 61 -83.23 20.86 67.61
CA ILE QB 61 -83.10 21.81 68.72
C ILE QB 61 -83.89 21.34 69.94
N GLN QB 62 -84.87 20.44 69.74
CA GLN QB 62 -85.58 19.88 70.88
C GLN QB 62 -84.64 19.07 71.75
N ARG QB 63 -83.62 18.46 71.14
CA ARG QB 63 -82.68 17.61 71.85
C ARG QB 63 -81.41 18.40 72.17
N GLY QB 64 -80.57 18.61 71.15
CA GLY QB 64 -79.32 19.30 71.32
C GLY QB 64 -79.48 20.80 71.24
N PRO QB 65 -78.46 21.53 71.66
CA PRO QB 65 -78.46 22.98 71.49
C PRO QB 65 -77.75 23.38 70.20
N VAL QB 66 -78.51 23.57 69.14
CA VAL QB 66 -77.96 23.99 67.86
C VAL QB 66 -77.47 25.43 68.02
N ARG QB 67 -76.61 25.88 67.10
CA ARG QB 67 -76.00 27.20 67.24
C ARG QB 67 -77.04 28.31 67.24
N GLY QB 68 -78.17 28.10 66.57
CA GLY QB 68 -79.28 29.02 66.69
C GLY QB 68 -79.75 29.12 68.12
N ILE QB 69 -79.88 30.33 68.65
CA ILE QB 69 -80.11 30.52 70.07
C ILE QB 69 -81.57 30.22 70.42
N SER QB 70 -81.86 30.30 71.72
CA SER QB 70 -83.21 30.13 72.24
C SER QB 70 -83.21 30.57 73.71
N ILE QB 71 -84.22 31.34 74.10
CA ILE QB 71 -84.25 31.91 75.44
C ILE QB 71 -84.35 30.81 76.50
N LYS QB 72 -85.23 29.82 76.27
CA LYS QB 72 -85.46 28.81 77.30
C LYS QB 72 -84.24 27.93 77.49
N LEU QB 73 -83.45 27.72 76.44
CA LEU QB 73 -82.19 27.00 76.60
C LEU QB 73 -81.12 27.91 77.22
N GLN QB 74 -81.11 29.18 76.84
CA GLN QB 74 -80.10 30.09 77.37
C GLN QB 74 -80.29 30.35 78.85
N GLU QB 75 -81.54 30.33 79.33
CA GLU QB 75 -81.74 30.56 80.75
C GLU QB 75 -81.24 29.36 81.57
N GLU QB 76 -81.31 28.16 81.00
CA GLU QB 76 -80.74 27.01 81.69
C GLU QB 76 -79.23 26.98 81.59
N GLU QB 77 -78.66 27.43 80.47
CA GLU QB 77 -77.21 27.64 80.45
C GLU QB 77 -76.81 28.57 81.58
N ARG QB 78 -77.60 29.62 81.79
CA ARG QB 78 -77.37 30.50 82.93
C ARG QB 78 -77.53 29.75 84.25
N GLU QB 79 -78.66 29.03 84.44
CA GLU QB 79 -78.95 28.51 85.78
C GLU QB 79 -77.91 27.49 86.20
N ARG QB 80 -77.43 26.66 85.27
CA ARG QB 80 -76.45 25.65 85.62
C ARG QB 80 -75.07 26.26 85.83
N ARG QB 81 -74.71 27.25 84.99
CA ARG QB 81 -73.43 27.91 85.17
C ARG QB 81 -73.41 28.78 86.42
N ASP QB 82 -74.49 29.54 86.67
CA ASP QB 82 -74.49 30.52 87.75
C ASP QB 82 -74.98 29.93 89.08
N ASN QB 83 -75.54 28.73 89.07
CA ASN QB 83 -75.98 28.13 90.32
C ASN QB 83 -75.48 26.69 90.38
N TYR QB 84 -76.29 25.81 90.98
CA TYR QB 84 -75.82 24.52 91.49
C TYR QB 84 -74.53 24.71 92.28
N VAL QB 85 -74.48 25.78 93.07
CA VAL QB 85 -73.40 26.03 94.00
C VAL QB 85 -73.49 24.95 95.06
N PRO QB 86 -72.49 24.06 95.18
CA PRO QB 86 -72.57 23.01 96.20
C PRO QB 86 -72.65 23.64 97.58
N GLU QB 87 -73.52 23.08 98.42
CA GLU QB 87 -73.67 23.62 99.77
C GLU QB 87 -72.37 23.48 100.56
N VAL QB 88 -71.65 22.39 100.33
CA VAL QB 88 -70.31 22.21 100.87
C VAL QB 88 -69.32 22.38 99.71
N SER QB 89 -68.37 23.28 99.89
CA SER QB 89 -67.42 23.58 98.84
C SER QB 89 -66.48 22.39 98.62
N ALA QB 90 -65.98 22.27 97.38
CA ALA QB 90 -64.99 21.24 97.11
C ALA QB 90 -63.65 21.57 97.74
N LEU QB 91 -63.33 22.86 97.88
CA LEU QB 91 -62.04 23.30 98.42
C LEU QB 91 -62.06 23.45 99.93
N ASP QB 92 -62.83 22.63 100.65
CA ASP QB 92 -62.80 22.64 102.11
C ASP QB 92 -62.48 21.26 102.64
N GLN QB 93 -61.50 20.61 102.03
CA GLN QB 93 -61.13 19.25 102.43
C GLN QB 93 -60.75 19.22 103.90
N GLU QB 94 -61.31 18.24 104.62
CA GLU QB 94 -61.03 18.11 106.05
C GLU QB 94 -59.55 17.84 106.30
N ILE QB 95 -58.95 16.98 105.50
CA ILE QB 95 -57.52 16.66 105.58
C ILE QB 95 -56.90 16.95 104.23
N ILE QB 96 -55.77 17.66 104.23
CA ILE QB 96 -55.08 18.07 103.01
C ILE QB 96 -53.81 17.24 102.90
N GLU QB 97 -53.74 16.36 101.91
CA GLU QB 97 -52.56 15.54 101.72
C GLU QB 97 -51.38 16.41 101.27
N VAL QB 98 -50.24 16.22 101.91
CA VAL QB 98 -49.11 17.13 101.83
C VAL QB 98 -47.83 16.36 101.55
N ASP QB 99 -47.14 16.73 100.46
CA ASP QB 99 -45.80 16.23 100.21
C ASP QB 99 -44.85 16.82 101.24
N PRO QB 100 -43.77 16.10 101.58
CA PRO QB 100 -42.81 16.68 102.54
C PRO QB 100 -42.28 18.03 102.10
N ASP QB 101 -41.99 18.20 100.80
CA ASP QB 101 -41.42 19.45 100.33
C ASP QB 101 -42.41 20.60 100.48
N THR QB 102 -43.69 20.37 100.19
CA THR QB 102 -44.68 21.43 100.36
C THR QB 102 -44.78 21.83 101.83
N LYS QB 103 -44.72 20.85 102.74
CA LYS QB 103 -44.71 21.16 104.16
C LYS QB 103 -43.47 21.97 104.53
N GLU QB 104 -42.32 21.64 103.93
CA GLU QB 104 -41.13 22.47 104.12
C GLU QB 104 -41.36 23.88 103.59
N MET QB 105 -41.98 23.99 102.41
CA MET QB 105 -42.25 25.30 101.84
C MET QB 105 -43.24 26.08 102.69
N LEU QB 106 -44.32 25.43 103.13
CA LEU QB 106 -45.28 26.09 104.00
C LEU QB 106 -44.63 26.50 105.31
N LYS QB 107 -43.66 25.73 105.77
CA LYS QB 107 -42.92 26.09 106.99
C LYS QB 107 -42.17 27.39 106.80
N LEU QB 108 -41.55 27.59 105.62
CA LEU QB 108 -40.84 28.84 105.35
C LEU QB 108 -41.81 30.02 105.32
N LEU QB 109 -43.01 29.82 104.77
CA LEU QB 109 -44.04 30.85 104.78
C LEU QB 109 -44.54 31.15 106.18
N ASP QB 110 -44.18 30.33 107.16
CA ASP QB 110 -44.59 30.27 108.57
C ASP QB 110 -46.06 29.90 108.71
N PHE QB 111 -46.72 29.53 107.62
CA PHE QB 111 -48.07 28.98 107.66
C PHE QB 111 -48.07 27.46 107.73
N GLY QB 112 -46.90 26.84 107.89
CA GLY QB 112 -46.84 25.42 108.10
C GLY QB 112 -47.37 25.05 109.47
N SER QB 113 -47.34 23.74 109.76
CA SER QB 113 -47.80 23.14 111.00
C SER QB 113 -49.30 23.29 111.23
N LEU QB 114 -50.08 23.59 110.18
CA LEU QB 114 -51.52 23.58 110.31
C LEU QB 114 -52.02 22.15 110.49
N SER QB 115 -53.04 21.99 111.35
CA SER QB 115 -53.52 20.65 111.68
C SER QB 115 -54.16 19.98 110.47
N ASN QB 116 -54.89 20.75 109.65
CA ASN QB 116 -55.56 20.16 108.49
C ASN QB 116 -54.56 19.54 107.53
N LEU QB 117 -53.32 20.03 107.53
CA LEU QB 117 -52.29 19.51 106.64
C LEU QB 117 -51.76 18.19 107.18
N GLN QB 118 -51.71 17.17 106.33
CA GLN QB 118 -51.16 15.87 106.69
C GLN QB 118 -50.05 15.51 105.72
N VAL QB 119 -48.85 15.29 106.26
CA VAL QB 119 -47.71 14.94 105.41
C VAL QB 119 -47.92 13.55 104.83
N THR QB 120 -47.45 13.35 103.60
CA THR QB 120 -47.54 12.08 102.91
C THR QB 120 -46.15 11.48 102.73
N GLN QB 121 -46.09 10.15 102.68
CA GLN QB 121 -44.83 9.48 102.43
C GLN QB 121 -44.33 9.86 101.04
N PRO QB 122 -43.08 10.30 100.89
CA PRO QB 122 -42.57 10.65 99.56
C PRO QB 122 -42.45 9.42 98.68
N THR QB 123 -42.68 9.62 97.38
CA THR QB 123 -42.51 8.53 96.43
C THR QB 123 -41.03 8.20 96.25
N VAL QB 124 -40.78 6.96 95.85
CA VAL QB 124 -39.42 6.45 95.72
C VAL QB 124 -39.26 5.84 94.33
N GLY QB 125 -38.04 5.91 93.81
CA GLY QB 125 -37.71 5.34 92.53
C GLY QB 125 -37.41 6.37 91.45
N MET QB 126 -38.01 7.55 91.55
CA MET QB 126 -37.84 8.60 90.56
C MET QB 126 -38.05 8.04 89.16
N ASN QB 127 -39.11 7.23 89.04
CA ASN QB 127 -39.44 6.51 87.82
C ASN QB 127 -40.29 7.34 86.87
N PHE QB 128 -40.42 8.63 87.11
CA PHE QB 128 -41.11 9.50 86.17
C PHE QB 128 -40.36 9.55 84.84
N LYS QB 129 -40.93 10.29 83.89
CA LYS QB 129 -40.52 10.31 82.49
C LYS QB 129 -41.00 9.07 81.76
N THR QB 130 -41.11 9.14 80.44
CA THR QB 130 -41.53 8.05 79.60
C THR QB 130 -40.33 7.45 78.87
N PRO QB 131 -40.34 6.15 78.60
CA PRO QB 131 -39.21 5.54 77.87
C PRO QB 131 -38.99 6.24 76.54
N ARG QB 132 -37.75 6.66 76.31
CA ARG QB 132 -37.46 7.50 75.15
C ARG QB 132 -37.45 6.68 73.87
N GLY QB 133 -37.77 7.36 72.76
CA GLY QB 133 -37.84 6.74 71.47
C GLY QB 133 -39.06 5.84 71.35
N PRO QB 134 -39.30 5.28 70.18
CA PRO QB 134 -40.29 4.21 70.07
C PRO QB 134 -39.75 2.97 70.78
N VAL QB 135 -40.68 2.06 71.12
CA VAL QB 135 -40.42 0.90 71.98
C VAL QB 135 -40.26 1.36 73.42
N MET RB 1 -102.79 -28.37 -9.64
CA MET RB 1 -103.06 -29.39 -8.64
C MET RB 1 -101.76 -29.66 -7.85
N SER RB 2 -100.74 -28.85 -8.11
CA SER RB 2 -99.42 -29.00 -7.50
C SER RB 2 -98.92 -30.43 -7.70
N LEU RB 3 -99.02 -30.87 -8.94
CA LEU RB 3 -98.77 -32.24 -9.38
C LEU RB 3 -97.36 -32.38 -9.95
N VAL RB 4 -97.12 -33.54 -10.57
CA VAL RB 4 -95.87 -33.78 -11.27
C VAL RB 4 -95.71 -32.70 -12.33
N ILE RB 5 -94.47 -32.39 -12.68
CA ILE RB 5 -94.24 -31.36 -13.69
C ILE RB 5 -94.92 -31.79 -14.99
N PRO RB 6 -95.67 -30.91 -15.65
CA PRO RB 6 -96.36 -31.31 -16.89
C PRO RB 6 -95.36 -31.78 -17.92
N GLU RB 7 -95.79 -32.76 -18.73
CA GLU RB 7 -94.87 -33.39 -19.67
C GLU RB 7 -94.33 -32.37 -20.68
N LYS RB 8 -95.19 -31.48 -21.16
CA LYS RB 8 -94.76 -30.40 -22.05
C LYS RB 8 -94.43 -29.16 -21.23
N PHE RB 9 -93.37 -29.28 -20.44
CA PHE RB 9 -92.86 -28.18 -19.64
C PHE RB 9 -91.51 -27.74 -20.21
N GLN RB 10 -91.40 -26.46 -20.54
CA GLN RB 10 -90.17 -25.90 -21.08
C GLN RB 10 -89.48 -25.12 -19.97
N HIS RB 11 -88.28 -25.56 -19.59
CA HIS RB 11 -87.58 -24.90 -18.51
C HIS RB 11 -87.15 -23.49 -18.89
N ILE RB 12 -86.79 -23.28 -20.16
CA ILE RB 12 -86.70 -21.94 -20.71
C ILE RB 12 -87.46 -21.91 -22.02
N LEU RB 13 -87.91 -20.74 -22.41
CA LEU RB 13 -88.62 -20.52 -23.66
C LEU RB 13 -87.69 -19.80 -24.63
N ARG RB 14 -88.21 -19.50 -25.83
CA ARG RB 14 -87.48 -18.68 -26.79
C ARG RB 14 -88.50 -17.76 -27.44
N VAL RB 15 -88.79 -16.64 -26.78
CA VAL RB 15 -89.71 -15.63 -27.28
C VAL RB 15 -88.90 -14.53 -27.93
N LEU RB 16 -89.35 -14.10 -29.11
CA LEU RB 16 -88.63 -13.10 -29.91
C LEU RB 16 -87.21 -13.60 -30.19
N ASN RB 17 -86.21 -12.93 -29.63
CA ASN RB 17 -84.82 -13.37 -29.74
C ASN RB 17 -84.14 -13.45 -28.38
N THR RB 18 -84.92 -13.60 -27.31
CA THR RB 18 -84.40 -13.75 -25.97
C THR RB 18 -85.06 -14.96 -25.30
N ASN RB 19 -84.28 -15.67 -24.49
CA ASN RB 19 -84.80 -16.82 -23.76
C ASN RB 19 -85.26 -16.39 -22.38
N ILE RB 20 -86.40 -16.92 -21.95
CA ILE RB 20 -86.99 -16.58 -20.67
C ILE RB 20 -87.14 -17.86 -19.84
N ASP RB 21 -86.85 -17.75 -18.55
CA ASP RB 21 -86.93 -18.90 -17.66
C ASP RB 21 -88.38 -19.33 -17.50
N GLY RB 22 -88.64 -20.62 -17.72
CA GLY RB 22 -89.97 -21.16 -17.55
C GLY RB 22 -90.32 -21.59 -16.15
N ARG RB 23 -89.36 -21.60 -15.23
CA ARG RB 23 -89.62 -21.98 -13.86
C ARG RB 23 -90.26 -20.87 -13.05
N ARG RB 24 -90.20 -19.64 -13.52
CA ARG RB 24 -90.73 -18.50 -12.76
C ARG RB 24 -92.14 -18.14 -13.25
N LYS RB 25 -92.77 -17.26 -12.49
CA LYS RB 25 -94.15 -16.88 -12.75
C LYS RB 25 -94.24 -16.17 -14.10
N ILE RB 26 -95.33 -16.40 -14.82
CA ILE RB 26 -95.46 -15.90 -16.19
C ILE RB 26 -95.31 -14.38 -16.28
N ALA RB 27 -96.01 -13.63 -15.40
CA ALA RB 27 -95.87 -12.18 -15.48
C ALA RB 27 -94.48 -11.71 -15.09
N PHE RB 28 -93.75 -12.51 -14.33
CA PHE RB 28 -92.39 -12.19 -13.96
C PHE RB 28 -91.37 -12.95 -14.79
N ALA RB 29 -91.82 -13.63 -15.85
CA ALA RB 29 -90.95 -14.33 -16.78
C ALA RB 29 -90.67 -13.47 -18.02
N ILE RB 30 -91.73 -12.99 -18.68
CA ILE RB 30 -91.56 -12.15 -19.85
C ILE RB 30 -90.90 -10.81 -19.52
N THR RB 31 -90.71 -10.51 -18.23
CA THR RB 31 -89.88 -9.37 -17.84
C THR RB 31 -88.43 -9.56 -18.25
N ALA RB 32 -88.00 -10.77 -18.56
CA ALA RB 32 -86.66 -11.00 -19.09
C ALA RB 32 -86.50 -10.42 -20.48
N ILE RB 33 -87.57 -10.02 -21.13
CA ILE RB 33 -87.51 -9.41 -22.45
C ILE RB 33 -87.21 -7.92 -22.29
N LYS RB 34 -86.29 -7.41 -23.10
CA LYS RB 34 -86.08 -5.97 -23.15
C LYS RB 34 -87.36 -5.28 -23.58
N GLY RB 35 -87.65 -4.15 -22.96
CA GLY RB 35 -88.85 -3.40 -23.27
C GLY RB 35 -90.10 -3.84 -22.57
N VAL RB 36 -90.08 -4.99 -21.89
CA VAL RB 36 -91.22 -5.48 -21.12
C VAL RB 36 -90.86 -5.40 -19.65
N GLY RB 37 -91.68 -4.68 -18.88
CA GLY RB 37 -91.48 -4.58 -17.45
C GLY RB 37 -92.56 -5.31 -16.69
N ARG RB 38 -92.55 -5.14 -15.37
CA ARG RB 38 -93.57 -5.78 -14.54
C ARG RB 38 -94.96 -5.28 -14.92
N ARG RB 39 -95.09 -3.96 -15.11
CA ARG RB 39 -96.38 -3.36 -15.41
C ARG RB 39 -96.92 -3.84 -16.75
N TYR RB 40 -96.12 -3.73 -17.80
CA TYR RB 40 -96.56 -4.07 -19.14
C TYR RB 40 -96.87 -5.55 -19.26
N ALA RB 41 -96.15 -6.39 -18.51
CA ALA RB 41 -96.42 -7.82 -18.54
C ALA RB 41 -97.82 -8.12 -18.00
N HIS RB 42 -98.22 -7.44 -16.93
CA HIS RB 42 -99.51 -7.75 -16.33
C HIS RB 42 -100.66 -7.31 -17.24
N VAL RB 43 -100.52 -6.16 -17.90
CA VAL RB 43 -101.64 -5.70 -18.74
C VAL RB 43 -101.80 -6.59 -19.95
N VAL RB 44 -100.68 -7.05 -20.54
CA VAL RB 44 -100.77 -7.89 -21.74
C VAL RB 44 -101.38 -9.24 -21.36
N LEU RB 45 -100.89 -9.84 -20.28
CA LEU RB 45 -101.45 -11.10 -19.82
C LEU RB 45 -102.89 -10.93 -19.36
N ARG RB 46 -103.20 -9.76 -18.79
CA ARG RB 46 -104.60 -9.47 -18.44
C ARG RB 46 -105.47 -9.45 -19.68
N LYS RB 47 -104.96 -8.89 -20.77
CA LYS RB 47 -105.73 -8.79 -22.01
C LYS RB 47 -105.53 -9.98 -22.93
N ALA RB 48 -104.61 -10.88 -22.60
CA ALA RB 48 -104.46 -12.13 -23.33
C ALA RB 48 -105.26 -13.26 -22.71
N ASP RB 49 -105.96 -13.01 -21.61
CA ASP RB 49 -106.75 -14.01 -20.89
C ASP RB 49 -105.94 -15.27 -20.61
N ILE RB 50 -104.83 -15.10 -19.89
CA ILE RB 50 -104.10 -16.25 -19.39
C ILE RB 50 -104.20 -16.25 -17.88
N ASP RB 51 -104.06 -17.43 -17.29
CA ASP RB 51 -104.08 -17.54 -15.83
C ASP RB 51 -102.88 -16.82 -15.24
N LEU RB 52 -103.12 -16.12 -14.13
CA LEU RB 52 -102.03 -15.46 -13.43
C LEU RB 52 -101.31 -16.36 -12.44
N THR RB 53 -101.94 -17.39 -11.91
CA THR RB 53 -101.30 -18.16 -10.85
C THR RB 53 -100.39 -19.25 -11.38
N LYS RB 54 -100.25 -19.40 -12.70
CA LYS RB 54 -99.49 -20.50 -13.28
C LYS RB 54 -98.16 -20.00 -13.83
N ARG RB 55 -97.16 -20.88 -13.78
CA ARG RB 55 -95.80 -20.54 -14.18
C ARG RB 55 -95.66 -20.50 -15.69
N ALA RB 56 -94.51 -20.00 -16.15
CA ALA RB 56 -94.29 -19.83 -17.58
C ALA RB 56 -94.13 -21.15 -18.31
N GLY RB 57 -93.57 -22.17 -17.64
CA GLY RB 57 -93.32 -23.43 -18.31
C GLY RB 57 -94.60 -24.11 -18.77
N GLU RB 58 -95.67 -23.99 -17.98
CA GLU RB 58 -96.90 -24.70 -18.26
C GLU RB 58 -97.83 -23.96 -19.22
N LEU RB 59 -97.46 -22.77 -19.70
CA LEU RB 59 -98.20 -22.17 -20.79
C LEU RB 59 -98.02 -22.99 -22.06
N THR RB 60 -99.09 -23.08 -22.84
CA THR RB 60 -99.09 -23.87 -24.07
C THR RB 60 -98.66 -23.00 -25.25
N GLU RB 61 -98.27 -23.68 -26.34
CA GLU RB 61 -97.71 -22.99 -27.49
C GLU RB 61 -98.69 -21.95 -28.06
N ASP RB 62 -99.99 -22.25 -28.02
CA ASP RB 62 -100.97 -21.29 -28.51
C ASP RB 62 -101.09 -20.09 -27.57
N GLU RB 63 -100.94 -20.33 -26.26
CA GLU RB 63 -101.00 -19.22 -25.31
C GLU RB 63 -99.78 -18.34 -25.41
N VAL RB 64 -98.61 -18.93 -25.69
CA VAL RB 64 -97.39 -18.14 -25.83
C VAL RB 64 -97.34 -17.37 -27.15
N GLU RB 65 -98.10 -17.79 -28.16
CA GLU RB 65 -98.24 -16.97 -29.35
C GLU RB 65 -99.33 -15.93 -29.22
N ARG RB 66 -100.33 -16.16 -28.38
CA ARG RB 66 -101.26 -15.09 -28.02
C ARG RB 66 -100.56 -14.02 -27.21
N VAL RB 67 -99.63 -14.42 -26.32
CA VAL RB 67 -98.89 -13.44 -25.53
C VAL RB 67 -98.02 -12.57 -26.42
N ILE RB 68 -97.32 -13.17 -27.38
CA ILE RB 68 -96.41 -12.40 -28.23
C ILE RB 68 -97.18 -11.38 -29.06
N THR RB 69 -98.28 -11.81 -29.67
CA THR RB 69 -99.00 -10.90 -30.57
C THR RB 69 -99.66 -9.75 -29.81
N ILE RB 70 -99.98 -9.94 -28.53
CA ILE RB 70 -100.41 -8.81 -27.71
C ILE RB 70 -99.27 -7.81 -27.57
N MET RB 71 -98.08 -8.30 -27.24
CA MET RB 71 -96.94 -7.42 -27.00
C MET RB 71 -96.54 -6.68 -28.27
N GLN RB 72 -96.52 -7.38 -29.41
CA GLN RB 72 -96.13 -6.74 -30.66
C GLN RB 72 -97.13 -5.68 -31.09
N ASN RB 73 -98.42 -5.95 -30.90
CA ASN RB 73 -99.50 -5.09 -31.38
C ASN RB 73 -100.39 -4.73 -30.19
N PRO RB 74 -99.95 -3.80 -29.35
CA PRO RB 74 -100.75 -3.44 -28.17
C PRO RB 74 -101.85 -2.45 -28.48
N ARG RB 75 -101.65 -1.63 -29.51
CA ARG RB 75 -102.65 -0.63 -29.87
C ARG RB 75 -103.96 -1.27 -30.27
N GLN RB 76 -103.89 -2.35 -31.05
CA GLN RB 76 -105.08 -3.04 -31.54
C GLN RB 76 -105.80 -3.79 -30.43
N TYR RB 77 -105.17 -3.95 -29.26
CA TYR RB 77 -105.70 -4.77 -28.19
C TYR RB 77 -106.09 -3.96 -26.96
N LYS RB 78 -106.48 -2.71 -27.17
CA LYS RB 78 -107.03 -1.82 -26.14
C LYS RB 78 -106.05 -1.45 -25.05
N ILE RB 79 -104.79 -1.87 -25.13
CA ILE RB 79 -103.80 -1.34 -24.19
C ILE RB 79 -103.61 0.15 -24.46
N PRO RB 80 -103.68 1.00 -23.43
CA PRO RB 80 -103.73 2.45 -23.66
C PRO RB 80 -102.43 2.99 -24.22
N ASP RB 81 -102.53 4.20 -24.76
CA ASP RB 81 -101.41 4.80 -25.47
C ASP RB 81 -100.44 5.49 -24.52
N TRP RB 82 -100.74 5.50 -23.22
CA TRP RB 82 -99.86 6.05 -22.20
C TRP RB 82 -99.08 4.97 -21.48
N PHE RB 83 -99.01 3.78 -22.06
CA PHE RB 83 -98.46 2.60 -21.39
C PHE RB 83 -97.45 1.90 -22.30
N LEU RB 84 -96.94 2.62 -23.30
CA LEU RB 84 -95.96 2.16 -24.28
C LEU RB 84 -94.63 2.87 -24.03
N ASN RB 85 -93.65 2.57 -24.88
CA ASN RB 85 -92.31 3.15 -24.77
C ASN RB 85 -92.07 4.23 -25.81
N ARG RB 86 -91.98 3.86 -27.08
CA ARG RB 86 -91.72 4.83 -28.14
C ARG RB 86 -93.04 5.50 -28.55
N GLN RB 87 -93.59 6.27 -27.62
CA GLN RB 87 -94.75 7.09 -27.91
C GLN RB 87 -94.32 8.32 -28.70
N LYS RB 88 -95.10 8.66 -29.73
CA LYS RB 88 -94.87 9.87 -30.51
C LYS RB 88 -93.43 9.92 -31.01
N ASP RB 89 -93.12 8.98 -31.91
CA ASP RB 89 -91.75 8.77 -32.34
C ASP RB 89 -91.18 10.03 -33.00
N VAL RB 90 -89.90 10.28 -32.74
CA VAL RB 90 -89.21 11.45 -33.28
C VAL RB 90 -88.90 11.31 -34.77
N LYS RB 91 -89.15 10.15 -35.35
CA LYS RB 91 -88.89 9.94 -36.77
C LYS RB 91 -90.14 9.65 -37.58
N ASP RB 92 -91.02 8.76 -37.11
CA ASP RB 92 -92.24 8.44 -37.84
C ASP RB 92 -93.52 8.89 -37.14
N GLY RB 93 -93.48 9.13 -35.84
CA GLY RB 93 -94.61 9.71 -35.13
C GLY RB 93 -95.63 8.72 -34.60
N LYS RB 94 -95.60 7.47 -35.06
CA LYS RB 94 -96.57 6.50 -34.59
C LYS RB 94 -96.20 5.98 -33.21
N TYR RB 95 -97.23 5.65 -32.42
CA TYR RB 95 -97.03 5.15 -31.07
C TYR RB 95 -96.87 3.63 -31.11
N SER RB 96 -95.86 3.13 -30.40
CA SER RB 96 -95.57 1.71 -30.43
C SER RB 96 -94.83 1.32 -29.16
N GLN RB 97 -94.72 0.00 -28.95
CA GLN RB 97 -93.97 -0.58 -27.85
C GLN RB 97 -92.91 -1.50 -28.44
N VAL RB 98 -91.64 -1.21 -28.13
CA VAL RB 98 -90.51 -1.90 -28.77
C VAL RB 98 -89.86 -2.82 -27.75
N LEU RB 99 -89.50 -4.03 -28.20
CA LEU RB 99 -89.37 -5.18 -27.31
C LEU RB 99 -88.11 -6.02 -27.48
N ALA RB 100 -87.18 -5.65 -28.36
CA ALA RB 100 -86.08 -6.56 -28.63
C ALA RB 100 -84.85 -5.76 -29.05
N ASN RB 101 -83.98 -6.40 -29.84
CA ASN RB 101 -82.90 -5.67 -30.51
C ASN RB 101 -83.39 -4.43 -31.23
N GLY RB 102 -84.69 -4.35 -31.54
CA GLY RB 102 -85.26 -3.09 -31.99
C GLY RB 102 -85.16 -2.00 -30.95
N LEU RB 103 -85.24 -2.36 -29.67
CA LEU RB 103 -85.06 -1.35 -28.62
C LEU RB 103 -83.60 -0.92 -28.54
N ASP RB 104 -82.67 -1.84 -28.77
CA ASP RB 104 -81.26 -1.50 -28.64
C ASP RB 104 -80.81 -0.61 -29.79
N ASN RB 105 -81.39 -0.79 -30.97
CA ASN RB 105 -81.04 0.04 -32.11
C ASN RB 105 -81.86 1.34 -32.18
N LYS RB 106 -83.07 1.36 -31.62
CA LYS RB 106 -83.76 2.64 -31.48
C LYS RB 106 -83.05 3.55 -30.50
N LEU RB 107 -82.53 2.98 -29.40
CA LEU RB 107 -81.72 3.77 -28.48
C LEU RB 107 -80.46 4.26 -29.18
N ARG RB 108 -79.84 3.39 -29.98
CA ARG RB 108 -78.67 3.80 -30.76
C ARG RB 108 -79.04 4.79 -31.85
N GLU RB 109 -80.22 4.61 -32.47
CA GLU RB 109 -80.66 5.55 -33.50
C GLU RB 109 -80.86 6.94 -32.93
N ASP RB 110 -81.53 7.05 -31.79
CA ASP RB 110 -81.69 8.35 -31.17
C ASP RB 110 -80.37 8.86 -30.59
N LEU RB 111 -79.46 7.94 -30.23
CA LEU RB 111 -78.17 8.37 -29.71
C LEU RB 111 -77.32 8.99 -30.81
N GLU RB 112 -77.32 8.40 -32.00
CA GLU RB 112 -76.63 9.05 -33.11
C GLU RB 112 -77.39 10.27 -33.61
N ARG RB 113 -78.70 10.33 -33.41
CA ARG RB 113 -79.45 11.49 -33.85
C ARG RB 113 -79.01 12.74 -33.11
N LEU RB 114 -78.80 12.62 -31.79
CA LEU RB 114 -78.26 13.73 -31.02
C LEU RB 114 -76.83 14.05 -31.40
N LYS RB 115 -76.02 13.03 -31.68
CA LYS RB 115 -74.64 13.28 -32.08
C LYS RB 115 -74.55 13.96 -33.44
N LYS RB 116 -75.46 13.62 -34.35
CA LYS RB 116 -75.34 14.08 -35.72
C LYS RB 116 -75.62 15.58 -35.80
N ILE RB 117 -76.58 16.07 -35.02
CA ILE RB 117 -76.77 17.51 -34.83
C ILE RB 117 -75.90 18.07 -33.74
N ARG RB 118 -75.05 17.25 -33.12
CA ARG RB 118 -74.15 17.59 -32.02
C ARG RB 118 -74.82 18.55 -31.02
N ALA RB 119 -75.96 18.11 -30.51
CA ALA RB 119 -76.57 18.78 -29.37
C ALA RB 119 -75.75 18.49 -28.10
N HIS RB 120 -76.05 19.23 -27.03
CA HIS RB 120 -75.27 19.06 -25.81
C HIS RB 120 -75.44 17.66 -25.25
N ARG RB 121 -76.66 17.13 -25.29
CA ARG RB 121 -76.89 15.78 -24.77
C ARG RB 121 -76.12 14.74 -25.57
N GLY RB 122 -76.07 14.91 -26.90
CA GLY RB 122 -75.25 14.02 -27.71
C GLY RB 122 -73.77 14.14 -27.40
N LEU RB 123 -73.29 15.37 -27.18
CA LEU RB 123 -71.89 15.56 -26.81
C LEU RB 123 -71.59 14.93 -25.45
N ARG RB 124 -72.50 15.07 -24.49
CA ARG RB 124 -72.31 14.43 -23.19
C ARG RB 124 -72.31 12.91 -23.34
N HIS RB 125 -73.20 12.38 -24.17
CA HIS RB 125 -73.22 10.95 -24.42
C HIS RB 125 -71.94 10.47 -25.09
N PHE RB 126 -71.44 11.24 -26.06
CA PHE RB 126 -70.23 10.86 -26.77
C PHE RB 126 -69.02 10.89 -25.85
N TRP RB 127 -68.95 11.88 -24.96
CA TRP RB 127 -67.84 11.99 -24.01
C TRP RB 127 -67.99 11.04 -22.83
N GLY RB 128 -69.12 10.35 -22.72
CA GLY RB 128 -69.30 9.41 -21.63
C GLY RB 128 -69.62 10.04 -20.29
N LEU RB 129 -70.12 11.27 -20.28
CA LEU RB 129 -70.47 11.96 -19.04
C LEU RB 129 -71.97 11.93 -18.82
N ARG RB 130 -72.38 12.44 -17.67
CA ARG RB 130 -73.81 12.49 -17.35
C ARG RB 130 -74.53 13.41 -18.32
N VAL RB 131 -75.76 13.04 -18.67
CA VAL RB 131 -76.57 13.81 -19.62
C VAL RB 131 -77.77 14.46 -18.97
N ARG RB 132 -78.13 14.06 -17.75
CA ARG RB 132 -79.27 14.67 -17.05
C ARG RB 132 -78.86 15.82 -16.16
N GLY RB 133 -77.67 16.39 -16.38
CA GLY RB 133 -77.26 17.60 -15.71
C GLY RB 133 -76.88 17.47 -14.26
N GLN RB 134 -76.65 16.25 -13.77
CA GLN RB 134 -76.28 16.15 -12.36
C GLN RB 134 -74.80 16.40 -12.17
N HIS RB 135 -74.45 16.74 -10.93
CA HIS RB 135 -73.08 17.06 -10.56
C HIS RB 135 -72.14 15.89 -10.83
N THR RB 136 -71.05 16.16 -11.55
CA THR RB 136 -70.00 15.19 -11.79
C THR RB 136 -68.80 15.41 -10.88
N LYS RB 137 -68.93 16.29 -9.90
CA LYS RB 137 -67.81 16.61 -9.02
C LYS RB 137 -67.32 15.40 -8.23
N THR RB 138 -68.24 14.70 -7.56
CA THR RB 138 -67.87 13.69 -6.58
C THR RB 138 -68.58 12.36 -6.79
N THR RB 139 -69.13 12.12 -7.97
CA THR RB 139 -69.83 10.87 -8.24
C THR RB 139 -69.48 10.38 -9.64
N GLY RB 140 -69.80 9.12 -9.90
CA GLY RB 140 -69.48 8.52 -11.17
C GLY RB 140 -68.01 8.22 -11.37
N ARG RB 141 -67.25 8.07 -10.29
CA ARG RB 141 -65.82 7.84 -10.41
C ARG RB 141 -65.51 6.42 -10.87
N ARG RB 142 -66.37 5.46 -10.54
CA ARG RB 142 -66.07 4.05 -10.84
C ARG RB 142 -65.96 3.81 -12.34
N GLY RB 143 -66.84 4.44 -13.13
CA GLY RB 143 -66.80 4.26 -14.57
C GLY RB 143 -65.54 4.77 -15.22
N ARG RB 144 -64.74 5.56 -14.51
CA ARG RB 144 -63.50 6.12 -15.03
C ARG RB 144 -62.27 5.43 -14.47
N THR RB 145 -62.27 5.10 -13.18
CA THR RB 145 -61.19 4.34 -12.58
C THR RB 145 -61.74 3.17 -11.77
N PRO SB 1 -130.63 -9.80 19.77
CA PRO SB 1 -129.58 -10.39 18.92
C PRO SB 1 -129.49 -9.79 17.52
N GLY SB 2 -129.78 -8.49 17.40
CA GLY SB 2 -129.52 -7.78 16.16
C GLY SB 2 -128.03 -7.57 15.96
N VAL SB 3 -127.67 -7.15 14.75
CA VAL SB 3 -126.27 -7.03 14.37
C VAL SB 3 -126.05 -5.74 13.60
N THR SB 4 -124.92 -5.08 13.88
CA THR SB 4 -124.48 -3.90 13.14
C THR SB 4 -123.01 -4.10 12.77
N VAL SB 5 -122.60 -3.50 11.65
CA VAL SB 5 -121.27 -3.77 11.09
C VAL SB 5 -120.16 -3.42 12.08
N LYS SB 6 -120.40 -2.45 12.96
CA LYS SB 6 -119.39 -2.14 13.97
C LYS SB 6 -119.20 -3.29 14.96
N ASP SB 7 -120.07 -4.31 14.89
CA ASP SB 7 -120.01 -5.44 15.82
C ASP SB 7 -119.37 -6.67 15.19
N VAL SB 8 -118.82 -6.55 13.98
CA VAL SB 8 -118.28 -7.68 13.24
C VAL SB 8 -116.86 -7.34 12.81
N ASN SB 9 -116.15 -8.35 12.32
CA ASN SB 9 -114.79 -8.15 11.81
C ASN SB 9 -114.85 -7.35 10.53
N GLN SB 10 -114.20 -6.18 10.53
CA GLN SB 10 -114.26 -5.31 9.37
C GLN SB 10 -113.59 -5.94 8.16
N GLN SB 11 -112.53 -6.72 8.39
CA GLN SB 11 -111.76 -7.25 7.27
C GLN SB 11 -112.52 -8.36 6.56
N GLU SB 12 -113.21 -9.21 7.32
CA GLU SB 12 -114.09 -10.21 6.72
C GLU SB 12 -115.39 -9.60 6.21
N PHE SB 13 -115.86 -8.52 6.84
CA PHE SB 13 -117.08 -7.86 6.37
C PHE SB 13 -116.91 -7.32 4.96
N VAL SB 14 -115.82 -6.57 4.72
CA VAL SB 14 -115.59 -6.01 3.39
C VAL SB 14 -115.42 -7.13 2.37
N ARG SB 15 -114.85 -8.27 2.79
CA ARG SB 15 -114.77 -9.42 1.91
C ARG SB 15 -116.16 -9.95 1.58
N ALA SB 16 -117.06 -9.96 2.57
CA ALA SB 16 -118.43 -10.42 2.33
C ALA SB 16 -119.19 -9.45 1.45
N LEU SB 17 -119.03 -8.14 1.66
CA LEU SB 17 -119.79 -7.17 0.90
C LEU SB 17 -119.35 -7.16 -0.56
N ALA SB 18 -118.05 -7.29 -0.80
CA ALA SB 18 -117.54 -7.33 -2.17
C ALA SB 18 -118.10 -8.53 -2.92
N ALA SB 19 -118.23 -9.67 -2.23
CA ALA SB 19 -118.86 -10.83 -2.84
C ALA SB 19 -120.33 -10.55 -3.16
N PHE SB 20 -121.02 -9.86 -2.26
CA PHE SB 20 -122.43 -9.51 -2.51
C PHE SB 20 -122.55 -8.60 -3.72
N LEU SB 21 -121.66 -7.61 -3.84
CA LEU SB 21 -121.69 -6.74 -5.01
C LEU SB 21 -121.40 -7.51 -6.28
N LYS SB 22 -120.50 -8.50 -6.20
CA LYS SB 22 -120.09 -9.22 -7.40
C LYS SB 22 -121.22 -10.08 -7.95
N LYS SB 23 -121.87 -10.89 -7.10
CA LYS SB 23 -122.91 -11.77 -7.66
C LYS SB 23 -124.12 -10.95 -8.08
N SER SB 24 -124.43 -9.87 -7.36
CA SER SB 24 -125.53 -8.98 -7.70
C SER SB 24 -124.95 -7.89 -8.58
N GLY SB 25 -124.65 -8.28 -9.83
CA GLY SB 25 -123.88 -7.45 -10.73
C GLY SB 25 -124.64 -6.30 -11.37
N LYS SB 26 -124.65 -5.15 -10.70
CA LYS SB 26 -125.13 -3.92 -11.34
C LYS SB 26 -124.09 -2.82 -11.19
N LEU SB 27 -122.93 -3.12 -10.62
CA LEU SB 27 -122.00 -2.07 -10.25
C LEU SB 27 -121.29 -1.60 -11.52
N LYS SB 28 -121.25 -0.28 -11.73
CA LYS SB 28 -120.77 0.29 -12.98
C LYS SB 28 -119.24 0.24 -12.99
N VAL SB 29 -118.71 -0.92 -13.37
CA VAL SB 29 -117.26 -1.14 -13.39
C VAL SB 29 -116.67 -0.39 -14.59
N PRO SB 30 -115.67 0.47 -14.38
CA PRO SB 30 -115.09 1.19 -15.51
C PRO SB 30 -114.29 0.28 -16.42
N GLU SB 31 -114.10 0.75 -17.65
CA GLU SB 31 -113.40 -0.04 -18.67
C GLU SB 31 -111.91 -0.15 -18.41
N TRP SB 32 -111.36 0.59 -17.44
CA TRP SB 32 -109.92 0.60 -17.23
C TRP SB 32 -109.50 -0.11 -15.93
N VAL SB 33 -110.37 -0.98 -15.40
CA VAL SB 33 -110.02 -1.67 -14.16
C VAL SB 33 -108.81 -2.57 -14.36
N ASP SB 34 -108.64 -3.10 -15.57
CA ASP SB 34 -107.55 -4.02 -15.82
C ASP SB 34 -106.20 -3.29 -15.94
N THR SB 35 -106.22 -2.04 -16.40
CA THR SB 35 -104.97 -1.37 -16.75
C THR SB 35 -104.42 -0.50 -15.63
N VAL SB 36 -105.27 0.24 -14.93
CA VAL SB 36 -104.78 1.32 -14.06
C VAL SB 36 -104.19 0.75 -12.78
N LYS SB 37 -103.47 1.60 -12.06
CA LYS SB 37 -103.03 1.33 -10.69
C LYS SB 37 -103.85 2.18 -9.75
N LEU SB 38 -104.09 1.67 -8.55
CA LEU SB 38 -105.06 2.30 -7.67
C LEU SB 38 -104.51 3.54 -6.98
N ALA SB 39 -103.21 3.81 -7.09
CA ALA SB 39 -102.65 5.05 -6.58
C ALA SB 39 -101.29 5.30 -7.22
N LYS SB 40 -100.82 6.53 -7.09
CA LYS SB 40 -99.56 6.93 -7.71
C LYS SB 40 -98.36 6.26 -7.05
N HIS SB 41 -98.46 5.96 -5.75
CA HIS SB 41 -97.34 5.44 -4.98
C HIS SB 41 -97.22 3.93 -5.03
N LYS SB 42 -97.89 3.27 -5.97
CA LYS SB 42 -97.92 1.82 -6.05
C LYS SB 42 -97.13 1.37 -7.28
N GLU SB 43 -96.15 0.48 -7.06
CA GLU SB 43 -95.25 0.12 -8.14
C GLU SB 43 -95.92 -0.83 -9.13
N LEU SB 44 -96.84 -1.66 -8.65
CA LEU SB 44 -97.53 -2.63 -9.49
C LEU SB 44 -99.03 -2.55 -9.25
N ALA SB 45 -99.79 -3.07 -10.22
CA ALA SB 45 -101.24 -3.00 -10.25
C ALA SB 45 -101.87 -4.00 -9.28
N PRO SB 46 -103.14 -3.79 -8.90
CA PRO SB 46 -103.77 -4.70 -7.93
C PRO SB 46 -103.86 -6.13 -8.42
N TYR SB 47 -103.68 -7.08 -7.49
CA TYR SB 47 -103.66 -8.49 -7.85
C TYR SB 47 -105.04 -9.01 -8.20
N ASP SB 48 -106.06 -8.68 -7.41
CA ASP SB 48 -107.38 -9.26 -7.57
C ASP SB 48 -108.08 -8.61 -8.77
N GLU SB 49 -108.62 -9.45 -9.66
CA GLU SB 49 -109.39 -8.97 -10.79
C GLU SB 49 -110.51 -8.05 -10.31
N ASN SB 50 -111.13 -8.42 -9.20
CA ASN SB 50 -112.31 -7.72 -8.69
C ASN SB 50 -111.94 -6.70 -7.62
N TRP SB 51 -110.98 -5.83 -7.94
CA TRP SB 51 -110.59 -4.79 -6.97
C TRP SB 51 -111.65 -3.70 -6.89
N PHE SB 52 -112.32 -3.40 -8.00
CA PHE SB 52 -113.37 -2.38 -7.98
C PHE SB 52 -114.51 -2.78 -7.05
N TYR SB 53 -114.79 -4.08 -6.95
CA TYR SB 53 -115.83 -4.52 -6.02
C TYR SB 53 -115.34 -4.45 -4.58
N THR SB 54 -114.03 -4.53 -4.36
CA THR SB 54 -113.53 -4.50 -2.99
C THR SB 54 -113.34 -3.07 -2.48
N ARG SB 55 -112.85 -2.14 -3.32
CA ARG SB 55 -112.87 -0.73 -2.88
C ARG SB 55 -114.30 -0.29 -2.59
N ALA SB 56 -115.22 -0.62 -3.50
CA ALA SB 56 -116.61 -0.20 -3.33
C ALA SB 56 -117.17 -0.75 -2.03
N ALA SB 57 -116.91 -2.03 -1.75
CA ALA SB 57 -117.26 -2.59 -0.45
C ALA SB 57 -116.55 -1.84 0.66
N SER SB 58 -115.26 -1.56 0.48
CA SER SB 58 -114.50 -0.84 1.48
C SER SB 58 -115.02 0.58 1.67
N THR SB 59 -115.28 1.29 0.56
CA THR SB 59 -115.72 2.67 0.70
C THR SB 59 -117.15 2.76 1.19
N ALA SB 60 -118.01 1.81 0.82
CA ALA SB 60 -119.37 1.81 1.34
C ALA SB 60 -119.36 1.65 2.86
N ARG SB 61 -118.44 0.82 3.36
CA ARG SB 61 -118.19 0.69 4.79
C ARG SB 61 -117.69 1.99 5.42
N HIS SB 62 -116.76 2.69 4.75
CA HIS SB 62 -116.24 3.93 5.32
C HIS SB 62 -117.31 5.00 5.44
N LEU SB 63 -118.18 5.11 4.43
CA LEU SB 63 -119.26 6.09 4.53
C LEU SB 63 -120.21 5.78 5.67
N TYR SB 64 -120.25 4.53 6.13
CA TYR SB 64 -121.01 4.19 7.32
C TYR SB 64 -120.38 4.77 8.57
N LEU SB 65 -119.06 4.57 8.73
CA LEU SB 65 -118.39 5.04 9.94
C LEU SB 65 -118.44 6.56 10.03
N ARG SB 66 -118.23 7.26 8.92
CA ARG SB 66 -118.38 8.70 8.90
C ARG SB 66 -118.78 9.14 7.50
N GLY SB 67 -119.81 9.98 7.43
CA GLY SB 67 -120.32 10.47 6.17
C GLY SB 67 -119.72 11.80 5.76
N GLY SB 68 -120.28 12.38 4.71
CA GLY SB 68 -119.79 13.64 4.20
C GLY SB 68 -118.46 13.56 3.50
N ALA SB 69 -117.97 12.36 3.21
CA ALA SB 69 -116.68 12.20 2.56
C ALA SB 69 -116.82 12.36 1.06
N GLY SB 70 -115.88 13.11 0.47
CA GLY SB 70 -115.81 13.29 -0.95
C GLY SB 70 -114.65 12.53 -1.58
N VAL SB 71 -114.35 12.90 -2.82
CA VAL SB 71 -113.23 12.28 -3.52
C VAL SB 71 -111.91 12.60 -2.81
N GLY SB 72 -111.77 13.85 -2.36
CA GLY SB 72 -110.53 14.23 -1.68
C GLY SB 72 -110.33 13.48 -0.37
N SER SB 73 -111.42 13.15 0.32
CA SER SB 73 -111.31 12.36 1.54
C SER SB 73 -111.00 10.90 1.21
N MET SB 74 -111.59 10.37 0.14
CA MET SB 74 -111.33 8.99 -0.24
C MET SB 74 -109.88 8.77 -0.62
N THR SB 75 -109.31 9.69 -1.42
CA THR SB 75 -107.91 9.56 -1.79
C THR SB 75 -106.98 9.75 -0.60
N LYS SB 76 -107.44 10.39 0.47
CA LYS SB 76 -106.67 10.44 1.70
C LYS SB 76 -106.75 9.12 2.48
N ILE SB 77 -107.95 8.55 2.57
CA ILE SB 77 -108.12 7.28 3.27
C ILE SB 77 -107.28 6.20 2.62
N TYR SB 78 -107.30 6.16 1.30
CA TYR SB 78 -106.62 5.13 0.52
C TYR SB 78 -105.19 5.52 0.14
N GLY SB 79 -104.75 6.72 0.53
CA GLY SB 79 -103.38 7.10 0.28
C GLY SB 79 -102.41 6.30 1.13
N GLY SB 80 -101.15 6.33 0.72
CA GLY SB 80 -100.16 5.54 1.42
C GLY SB 80 -98.75 5.99 1.13
N ARG SB 81 -97.82 5.14 1.55
CA ARG SB 81 -96.40 5.44 1.44
C ARG SB 81 -95.94 5.45 -0.01
N GLN SB 82 -95.09 6.42 -0.35
CA GLN SB 82 -94.38 6.46 -1.62
C GLN SB 82 -92.89 6.35 -1.33
N ARG SB 83 -92.28 5.24 -1.75
CA ARG SB 83 -90.90 4.98 -1.38
C ARG SB 83 -89.89 5.80 -2.18
N ASN SB 84 -90.30 6.37 -3.31
CA ASN SB 84 -89.56 7.44 -3.99
C ASN SB 84 -88.14 7.04 -4.38
N GLY SB 85 -87.86 5.74 -4.43
CA GLY SB 85 -86.51 5.31 -4.80
C GLY SB 85 -85.49 5.76 -3.77
N VAL SB 86 -84.47 6.49 -4.23
CA VAL SB 86 -83.40 6.91 -3.35
C VAL SB 86 -83.83 8.09 -2.47
N MET SB 87 -84.91 8.77 -2.84
CA MET SB 87 -85.46 9.80 -1.99
C MET SB 87 -85.92 9.19 -0.67
N PRO SB 88 -85.89 9.96 0.42
CA PRO SB 88 -86.62 9.55 1.62
C PRO SB 88 -88.10 9.46 1.31
N SER SB 89 -88.75 8.48 1.94
CA SER SB 89 -90.15 8.20 1.65
C SER SB 89 -91.05 9.34 2.14
N HIS SB 90 -92.26 9.37 1.58
CA HIS SB 90 -93.25 10.38 1.94
C HIS SB 90 -94.64 9.74 1.84
N PHE SB 91 -95.65 10.55 2.13
CA PHE SB 91 -97.04 10.12 2.03
C PHE SB 91 -97.64 10.63 0.73
N SER SB 92 -98.32 9.74 0.02
CA SER SB 92 -98.94 10.04 -1.26
C SER SB 92 -100.41 9.67 -1.21
N ARG SB 93 -101.27 10.58 -1.66
CA ARG SB 93 -102.68 10.30 -1.69
C ARG SB 93 -103.00 9.31 -2.81
N GLY SB 94 -104.20 8.77 -2.76
CA GLY SB 94 -104.65 7.76 -3.72
C GLY SB 94 -105.03 8.37 -5.05
N SER SB 95 -105.83 7.62 -5.79
CA SER SB 95 -106.28 8.04 -7.12
C SER SB 95 -107.66 8.65 -7.03
N LYS SB 96 -107.80 9.87 -7.56
CA LYS SB 96 -109.09 10.54 -7.54
C LYS SB 96 -110.07 9.89 -8.51
N SER SB 97 -109.59 9.43 -9.67
CA SER SB 97 -110.47 8.82 -10.66
C SER SB 97 -111.05 7.51 -10.15
N VAL SB 98 -110.20 6.65 -9.57
CA VAL SB 98 -110.72 5.43 -8.97
C VAL SB 98 -111.73 5.77 -7.88
N ALA SB 99 -111.36 6.69 -7.00
CA ALA SB 99 -112.27 7.08 -5.92
C ALA SB 99 -113.56 7.67 -6.48
N ARG SB 100 -113.46 8.51 -7.50
CA ARG SB 100 -114.64 9.18 -8.02
C ARG SB 100 -115.62 8.19 -8.66
N ARG SB 101 -115.13 7.25 -9.48
CA ARG SB 101 -116.07 6.38 -10.16
C ARG SB 101 -116.61 5.31 -9.23
N VAL SB 102 -115.82 4.89 -8.24
CA VAL SB 102 -116.35 3.99 -7.21
C VAL SB 102 -117.55 4.63 -6.53
N LEU SB 103 -117.41 5.91 -6.15
CA LEU SB 103 -118.55 6.63 -5.59
C LEU SB 103 -119.65 6.79 -6.63
N GLN SB 104 -119.30 7.14 -7.87
CA GLN SB 104 -120.30 7.29 -8.92
C GLN SB 104 -121.01 5.97 -9.20
N ALA SB 105 -120.30 4.84 -9.11
CA ALA SB 105 -120.94 3.55 -9.23
C ALA SB 105 -121.91 3.31 -8.09
N LEU SB 106 -121.68 3.95 -6.94
CA LEU SB 106 -122.51 3.69 -5.77
C LEU SB 106 -123.81 4.48 -5.78
N GLU SB 107 -123.82 5.72 -6.28
CA GLU SB 107 -125.12 6.37 -6.49
C GLU SB 107 -125.94 5.59 -7.50
N GLY SB 108 -125.30 5.11 -8.57
CA GLY SB 108 -126.00 4.33 -9.57
C GLY SB 108 -126.62 3.08 -9.00
N LEU SB 109 -126.04 2.54 -7.93
CA LEU SB 109 -126.59 1.40 -7.23
C LEU SB 109 -127.62 1.80 -6.18
N LYS SB 110 -127.84 3.10 -6.00
CA LYS SB 110 -128.85 3.65 -5.09
C LYS SB 110 -128.57 3.29 -3.64
N MET SB 111 -127.30 3.09 -3.28
CA MET SB 111 -126.92 2.92 -1.89
C MET SB 111 -126.16 4.11 -1.32
N VAL SB 112 -125.78 5.07 -2.16
CA VAL SB 112 -125.07 6.27 -1.73
C VAL SB 112 -125.71 7.46 -2.42
N GLU SB 113 -125.94 8.54 -1.67
CA GLU SB 113 -126.51 9.75 -2.22
C GLU SB 113 -125.75 10.94 -1.65
N LYS SB 114 -125.82 12.06 -2.38
CA LYS SB 114 -125.07 13.24 -1.98
C LYS SB 114 -125.70 13.91 -0.77
N ASP SB 115 -124.87 14.66 -0.05
CA ASP SB 115 -125.31 15.39 1.14
C ASP SB 115 -125.84 16.77 0.77
N GLN SB 116 -126.54 17.38 1.73
CA GLN SB 116 -126.86 18.80 1.60
C GLN SB 116 -125.61 19.66 1.56
N ASP SB 117 -124.53 19.24 2.22
CA ASP SB 117 -123.24 19.88 2.00
C ASP SB 117 -122.43 19.04 1.02
N GLY SB 118 -121.14 19.36 0.91
CA GLY SB 118 -120.28 18.62 0.01
C GLY SB 118 -120.11 17.17 0.43
N GLY SB 119 -119.73 16.35 -0.54
CA GLY SB 119 -119.59 14.94 -0.29
C GLY SB 119 -120.92 14.23 -0.38
N ARG SB 120 -120.90 12.97 0.05
CA ARG SB 120 -122.03 12.07 -0.14
C ARG SB 120 -122.03 11.03 0.96
N LYS SB 121 -123.22 10.50 1.26
CA LYS SB 121 -123.42 9.59 2.38
C LYS SB 121 -124.19 8.38 1.90
N LEU SB 122 -124.51 7.47 2.84
CA LEU SB 122 -125.28 6.29 2.53
C LEU SB 122 -126.77 6.57 2.64
N THR SB 123 -127.52 6.07 1.65
CA THR SB 123 -128.97 6.14 1.72
C THR SB 123 -129.50 5.15 2.74
N PRO SB 124 -130.74 5.33 3.21
CA PRO SB 124 -131.34 4.29 4.06
C PRO SB 124 -131.37 2.92 3.39
N GLN SB 125 -131.55 2.88 2.08
CA GLN SB 125 -131.45 1.62 1.35
C GLN SB 125 -130.06 1.01 1.50
N GLY SB 126 -129.03 1.83 1.25
CA GLY SB 126 -127.67 1.33 1.40
C GLY SB 126 -127.33 0.99 2.84
N GLN SB 127 -127.76 1.83 3.78
CA GLN SB 127 -127.57 1.52 5.19
C GLN SB 127 -128.28 0.23 5.58
N ARG SB 128 -129.42 -0.06 4.94
CA ARG SB 128 -130.08 -1.34 5.17
C ARG SB 128 -129.21 -2.50 4.70
N ASP SB 129 -128.58 -2.35 3.54
CA ASP SB 129 -127.83 -3.46 2.96
C ASP SB 129 -126.54 -3.71 3.73
N LEU SB 130 -125.82 -2.63 4.08
CA LEU SB 130 -124.63 -2.74 4.92
C LEU SB 130 -124.88 -3.54 6.18
N ASP SB 131 -126.01 -3.34 6.84
CA ASP SB 131 -126.20 -3.97 8.12
C ASP SB 131 -126.81 -5.37 8.03
N ARG SB 132 -127.50 -5.71 6.94
CA ARG SB 132 -127.91 -7.10 6.77
C ARG SB 132 -126.70 -7.98 6.50
N ILE SB 133 -125.82 -7.54 5.60
CA ILE SB 133 -124.57 -8.27 5.36
C ILE SB 133 -123.82 -8.44 6.68
N ALA SB 134 -123.81 -7.38 7.48
CA ALA SB 134 -123.29 -7.48 8.85
C ALA SB 134 -124.00 -8.58 9.62
N GLY SB 135 -125.30 -8.73 9.40
CA GLY SB 135 -126.05 -9.78 10.09
C GLY SB 135 -125.58 -11.18 9.68
N GLN SB 136 -125.37 -11.40 8.39
CA GLN SB 136 -124.96 -12.72 7.92
C GLN SB 136 -123.46 -12.94 8.05
N VAL SB 137 -122.66 -11.88 8.25
CA VAL SB 137 -121.24 -12.08 8.45
C VAL SB 137 -120.95 -12.45 9.91
N ALA SB 138 -121.87 -12.13 10.82
CA ALA SB 138 -121.72 -12.56 12.21
C ALA SB 138 -122.22 -13.98 12.40
N ALA SB 139 -123.32 -14.34 11.74
CA ALA SB 139 -123.84 -15.70 11.84
C ALA SB 139 -122.84 -16.71 11.27
N ALA SB 140 -122.23 -16.39 10.14
CA ALA SB 140 -121.20 -17.27 9.58
C ALA SB 140 -120.00 -17.38 10.51
N ASN SB 141 -119.58 -16.26 11.08
CA ASN SB 141 -118.45 -16.29 12.02
C ASN SB 141 -118.83 -17.06 13.29
N LYS SB 142 -120.03 -16.81 13.82
CA LYS SB 142 -120.46 -17.53 15.01
C LYS SB 142 -120.55 -19.03 14.73
N LYS SB 143 -121.42 -19.43 13.81
CA LYS SB 143 -121.45 -20.81 13.35
C LYS SB 143 -121.08 -20.91 11.87
CA ALA TB 1 -133.52 47.78 22.43
C ALA TB 1 -133.04 46.45 22.99
N ILE TB 2 -132.93 45.44 22.12
CA ILE TB 2 -132.45 44.12 22.48
C ILE TB 2 -131.12 43.91 21.76
N HIS TB 3 -130.08 43.56 22.52
CA HIS TB 3 -128.76 43.40 21.93
C HIS TB 3 -127.99 42.30 22.66
N ARG TB 4 -127.02 41.72 21.94
CA ARG TB 4 -126.07 40.76 22.46
C ARG TB 4 -124.73 41.03 21.80
N ILE TB 5 -123.70 41.25 22.60
CA ILE TB 5 -122.41 41.69 22.09
C ILE TB 5 -121.30 40.75 22.57
N ARG TB 6 -120.42 40.37 21.64
CA ARG TB 6 -119.29 39.51 21.92
C ARG TB 6 -118.04 40.37 21.99
N ILE TB 7 -117.43 40.45 23.16
CA ILE TB 7 -116.21 41.22 23.37
C ILE TB 7 -115.03 40.27 23.36
N THR TB 8 -114.12 40.46 22.40
CA THR TB 8 -112.91 39.65 22.29
C THR TB 8 -111.71 40.49 22.65
N LEU TB 9 -110.88 39.97 23.55
CA LEU TB 9 -109.67 40.64 24.02
C LEU TB 9 -108.47 39.80 23.64
N THR TB 10 -107.40 40.46 23.19
CA THR TB 10 -106.20 39.74 22.81
C THR TB 10 -105.00 40.57 23.23
N SER TB 11 -104.00 39.93 23.84
CA SER TB 11 -102.82 40.64 24.31
C SER TB 11 -101.63 39.68 24.27
N ARG TB 12 -100.54 40.08 24.91
CA ARG TB 12 -99.32 39.28 24.98
C ARG TB 12 -99.00 38.81 26.39
N ASN TB 13 -99.22 39.65 27.41
CA ASN TB 13 -98.99 39.27 28.79
C ASN TB 13 -100.32 38.90 29.44
N VAL TB 14 -100.31 37.79 30.18
CA VAL TB 14 -101.54 37.28 30.77
C VAL TB 14 -102.05 38.21 31.87
N LYS TB 15 -101.12 38.80 32.63
CA LYS TB 15 -101.52 39.56 33.82
C LYS TB 15 -102.42 40.73 33.45
N SER TB 16 -102.05 41.50 32.43
CA SER TB 16 -102.90 42.60 31.99
C SER TB 16 -104.20 42.08 31.40
N LEU TB 17 -104.12 41.04 30.56
CA LEU TB 17 -105.33 40.51 29.94
C LEU TB 17 -106.29 39.94 30.97
N GLU TB 18 -105.75 39.25 31.99
CA GLU TB 18 -106.60 38.77 33.06
C GLU TB 18 -107.17 39.92 33.88
N LYS TB 19 -106.41 41.01 34.02
CA LYS TB 19 -106.92 42.18 34.72
C LYS TB 19 -108.10 42.79 33.97
N VAL TB 20 -107.92 43.04 32.67
CA VAL TB 20 -108.96 43.71 31.90
C VAL TB 20 -110.19 42.82 31.76
N CYS TB 21 -110.01 41.50 31.76
CA CYS TB 21 -111.17 40.62 31.79
C CYS TB 21 -111.98 40.79 33.05
N ALA TB 22 -111.35 41.25 34.14
CA ALA TB 22 -112.04 41.32 35.43
C ALA TB 22 -112.98 42.52 35.49
N ASP TB 23 -112.50 43.71 35.17
CA ASP TB 23 -113.31 44.91 35.40
C ASP TB 23 -114.48 45.02 34.42
N LEU TB 24 -114.41 44.40 33.24
CA LEU TB 24 -115.58 44.41 32.37
C LEU TB 24 -116.70 43.56 32.97
N ILE TB 25 -116.36 42.33 33.37
CA ILE TB 25 -117.37 41.45 33.95
C ILE TB 25 -117.81 41.98 35.31
N ARG TB 26 -116.87 42.50 36.10
CA ARG TB 26 -117.22 43.05 37.41
C ARG TB 26 -118.05 44.32 37.26
N GLY TB 27 -117.73 45.13 36.27
CA GLY TB 27 -118.56 46.30 35.99
C GLY TB 27 -119.96 45.93 35.54
N ALA TB 28 -120.07 44.84 34.77
CA ALA TB 28 -121.37 44.42 34.26
C ALA TB 28 -122.27 43.88 35.37
N LYS TB 29 -121.69 43.17 36.34
CA LYS TB 29 -122.48 42.67 37.46
C LYS TB 29 -123.12 43.82 38.22
N GLU TB 30 -122.37 44.89 38.45
CA GLU TB 30 -122.95 46.10 39.06
C GLU TB 30 -124.00 46.70 38.14
N LYS TB 31 -123.78 46.63 36.83
CA LYS TB 31 -124.74 47.06 35.83
C LYS TB 31 -125.83 46.04 35.60
N ASN TB 32 -125.86 44.96 36.39
CA ASN TB 32 -126.84 43.87 36.33
C ASN TB 32 -127.09 43.40 34.90
N LEU TB 33 -126.00 43.25 34.16
CA LEU TB 33 -126.00 42.60 32.85
C LEU TB 33 -125.77 41.10 33.03
N LYS TB 34 -126.23 40.31 32.07
CA LYS TB 34 -125.87 38.90 32.08
C LYS TB 34 -124.48 38.78 31.47
N VAL TB 35 -123.64 37.92 32.03
CA VAL TB 35 -122.25 37.79 31.59
C VAL TB 35 -121.90 36.30 31.48
N LYS TB 36 -121.83 35.79 30.24
CA LYS TB 36 -121.14 34.52 30.04
C LYS TB 36 -119.67 34.66 30.38
N GLY TB 37 -119.13 33.65 31.05
CA GLY TB 37 -117.78 33.69 31.56
C GLY TB 37 -116.76 33.90 30.47
N PRO TB 38 -115.60 34.45 30.85
CA PRO TB 38 -114.55 34.70 29.86
C PRO TB 38 -113.99 33.40 29.29
N VAL TB 39 -114.31 33.11 28.04
CA VAL TB 39 -113.81 31.90 27.39
C VAL TB 39 -112.34 32.12 27.05
N ARG TB 40 -111.48 31.18 27.44
CA ARG TB 40 -110.04 31.30 27.19
C ARG TB 40 -109.72 30.48 25.94
N MET TB 41 -109.44 31.18 24.84
CA MET TB 41 -109.03 30.49 23.63
C MET TB 41 -107.61 29.97 23.80
N PRO TB 42 -107.24 28.90 23.09
CA PRO TB 42 -105.88 28.36 23.21
C PRO TB 42 -104.84 29.41 22.85
N THR TB 43 -103.78 29.46 23.65
CA THR TB 43 -102.73 30.44 23.42
C THR TB 43 -101.96 30.11 22.16
N LYS TB 44 -101.75 31.13 21.32
CA LYS TB 44 -100.96 30.99 20.10
C LYS TB 44 -99.51 31.28 20.41
N THR TB 45 -98.63 30.34 20.09
CA THR TB 45 -97.21 30.48 20.27
C THR TB 45 -96.56 30.67 18.90
N LEU TB 46 -96.01 31.87 18.67
CA LEU TB 46 -95.26 32.17 17.47
C LEU TB 46 -93.79 31.90 17.76
N ARG TB 47 -93.20 30.95 17.05
CA ARG TB 47 -91.87 30.49 17.42
C ARG TB 47 -90.95 30.69 16.22
N ILE TB 48 -89.96 31.56 16.39
CA ILE TB 48 -88.98 31.87 15.36
C ILE TB 48 -87.62 31.49 15.89
N THR TB 49 -86.99 30.52 15.26
CA THR TB 49 -85.69 30.01 15.70
C THR TB 49 -84.63 30.45 14.70
N THR TB 50 -83.79 31.37 15.12
CA THR TB 50 -82.76 31.97 14.27
C THR TB 50 -81.39 31.59 14.80
N ARG TB 51 -80.48 31.30 13.88
CA ARG TB 51 -79.11 30.98 14.25
C ARG TB 51 -78.49 32.16 14.99
N LYS TB 52 -77.86 31.87 16.13
CA LYS TB 52 -77.37 32.94 17.00
C LYS TB 52 -76.30 33.79 16.32
N THR TB 53 -75.44 33.17 15.52
CA THR TB 53 -74.33 33.89 14.90
C THR TB 53 -74.82 34.79 13.77
N PRO TB 54 -74.16 35.92 13.55
CA PRO TB 54 -74.32 36.68 12.30
C PRO TB 54 -73.30 36.34 11.22
N CYS TB 55 -72.32 35.49 11.54
CA CYS TB 55 -71.23 35.14 10.64
C CYS TB 55 -71.44 33.84 9.87
N GLY TB 56 -72.08 32.85 10.46
CA GLY TB 56 -72.07 31.51 9.91
C GLY TB 56 -70.93 30.64 10.39
N GLU TB 57 -70.00 31.20 11.16
CA GLU TB 57 -68.95 30.43 11.81
C GLU TB 57 -69.31 30.25 13.27
N GLY TB 58 -69.17 29.03 13.77
CA GLY TB 58 -69.47 28.77 15.16
C GLY TB 58 -69.72 27.31 15.44
N SER TB 59 -70.58 27.04 16.43
CA SER TB 59 -70.88 25.67 16.83
C SER TB 59 -72.34 25.32 16.58
N LYS TB 60 -72.97 25.95 15.58
CA LYS TB 60 -74.35 25.66 15.18
C LYS TB 60 -75.33 25.91 16.33
N THR TB 61 -75.16 27.02 17.03
CA THR TB 61 -76.10 27.43 18.05
C THR TB 61 -77.30 28.10 17.42
N TRP TB 62 -78.48 27.79 17.93
CA TRP TB 62 -79.73 28.33 17.42
C TRP TB 62 -80.47 29.03 18.55
N ASP TB 63 -81.06 30.18 18.23
CA ASP TB 63 -81.74 31.00 19.22
C ASP TB 63 -83.25 30.87 19.04
N ARG TB 64 -83.92 30.44 20.11
CA ARG TB 64 -85.37 30.21 20.08
C ARG TB 64 -86.08 31.45 20.62
N PHE TB 65 -86.89 32.07 19.76
CA PHE TB 65 -87.70 33.22 20.15
C PHE TB 65 -89.17 32.81 20.14
N GLN TB 66 -89.86 33.06 21.24
CA GLN TB 66 -91.26 32.72 21.38
C GLN TB 66 -92.09 33.97 21.60
N MET TB 67 -93.29 33.96 21.01
CA MET TB 67 -94.27 35.02 21.18
C MET TB 67 -95.60 34.38 21.56
N ARG TB 68 -96.09 34.71 22.75
CA ARG TB 68 -97.34 34.16 23.25
C ARG TB 68 -98.46 35.15 23.01
N ILE TB 69 -99.53 34.69 22.35
CA ILE TB 69 -100.71 35.49 22.09
C ILE TB 69 -101.87 34.85 22.83
N HIS TB 70 -102.53 35.62 23.69
CA HIS TB 70 -103.62 35.13 24.53
C HIS TB 70 -104.91 35.82 24.12
N LYS TB 71 -105.95 35.03 23.87
CA LYS TB 71 -107.24 35.56 23.45
C LYS TB 71 -108.31 35.17 24.47
N ARG TB 72 -109.22 36.10 24.75
CA ARG TB 72 -110.31 35.86 25.67
C ARG TB 72 -111.59 36.50 25.13
N LEU TB 73 -112.72 35.85 25.40
CA LEU TB 73 -114.01 36.26 24.87
C LEU TB 73 -114.97 36.49 26.03
N ILE TB 74 -115.64 37.64 26.02
CA ILE TB 74 -116.65 37.96 27.02
C ILE TB 74 -117.93 38.35 26.29
N ASP TB 75 -119.04 37.72 26.66
CA ASP TB 75 -120.31 37.85 25.94
C ASP TB 75 -121.31 38.59 26.83
N LEU TB 76 -121.46 39.89 26.59
CA LEU TB 76 -122.36 40.69 27.42
C LEU TB 76 -123.72 40.67 26.74
N HIS TB 77 -124.74 40.11 27.40
CA HIS TB 77 -126.03 39.87 26.75
C HIS TB 77 -127.17 40.31 27.67
N SER TB 78 -127.28 41.61 27.92
CA SER TB 78 -128.38 42.11 28.73
C SER TB 78 -129.66 42.21 27.90
N PRO TB 79 -130.83 42.19 28.55
CA PRO TB 79 -132.07 42.36 27.79
C PRO TB 79 -132.17 43.72 27.11
N SER TB 80 -131.90 44.79 27.84
CA SER TB 80 -131.95 46.12 27.25
C SER TB 80 -130.73 46.36 26.38
N GLU TB 81 -130.77 47.47 25.65
CA GLU TB 81 -129.65 47.90 24.83
C GLU TB 81 -128.38 47.91 25.68
N ILE TB 82 -127.25 47.59 25.05
CA ILE TB 82 -126.01 47.40 25.78
C ILE TB 82 -124.95 48.44 25.45
N VAL TB 83 -124.93 48.94 24.20
CA VAL TB 83 -123.86 49.85 23.78
C VAL TB 83 -123.83 51.09 24.67
N LYS TB 84 -125.01 51.67 24.95
CA LYS TB 84 -125.07 52.82 25.85
C LYS TB 84 -124.75 52.41 27.28
N GLN TB 85 -125.19 51.22 27.70
CA GLN TB 85 -124.90 50.76 29.05
C GLN TB 85 -123.42 50.52 29.26
N ILE TB 86 -122.74 49.91 28.28
CA ILE TB 86 -121.30 49.73 28.33
C ILE TB 86 -120.69 50.66 27.29
N THR TB 87 -120.41 51.89 27.68
CA THR TB 87 -119.75 52.86 26.81
C THR TB 87 -118.24 52.92 27.02
N SER TB 88 -117.70 52.02 27.84
CA SER TB 88 -116.28 52.05 28.18
C SER TB 88 -115.68 50.66 28.01
N ILE TB 89 -114.38 50.65 27.70
CA ILE TB 89 -113.62 49.41 27.66
C ILE TB 89 -112.57 49.34 28.77
N SER TB 90 -112.11 50.47 29.29
CA SER TB 90 -111.16 50.56 30.40
C SER TB 90 -109.99 49.59 30.20
N ILE TB 91 -109.21 49.82 29.15
CA ILE TB 91 -108.13 48.94 28.80
C ILE TB 91 -106.84 49.43 29.44
N GLU TB 92 -105.78 48.68 29.24
CA GLU TB 92 -104.41 49.07 29.51
C GLU TB 92 -103.58 48.77 28.27
N PRO TB 93 -102.47 49.47 28.07
CA PRO TB 93 -101.64 49.23 26.88
C PRO TB 93 -101.24 47.76 26.77
N GLY TB 94 -101.32 47.23 25.55
CA GLY TB 94 -100.94 45.87 25.26
C GLY TB 94 -102.09 44.95 24.90
N VAL TB 95 -103.32 45.31 25.26
CA VAL TB 95 -104.49 44.47 24.98
C VAL TB 95 -105.34 45.16 23.92
N GLU TB 96 -105.81 44.38 22.96
CA GLU TB 96 -106.65 44.86 21.87
C GLU TB 96 -108.07 44.36 22.09
N VAL TB 97 -109.05 45.25 21.90
CA VAL TB 97 -110.44 44.90 22.06
C VAL TB 97 -111.16 45.08 20.73
N GLU TB 98 -112.21 44.30 20.54
CA GLU TB 98 -113.02 44.33 19.31
C GLU TB 98 -114.47 44.04 19.67
N VAL TB 99 -115.26 45.12 19.82
CA VAL TB 99 -116.68 44.98 20.08
C VAL TB 99 -117.35 44.34 18.86
N THR TB 100 -118.25 43.41 19.12
CA THR TB 100 -118.86 42.65 18.05
C THR TB 100 -120.20 42.11 18.50
N ILE TB 101 -121.20 42.27 17.64
CA ILE TB 101 -122.54 41.78 17.89
C ILE TB 101 -122.71 40.40 17.27
N ALA TB 102 -123.87 39.79 17.51
CA ALA TB 102 -124.12 38.43 17.03
C ALA TB 102 -124.20 38.33 15.52
N ASP TB 103 -124.46 39.44 14.83
CA ASP TB 103 -124.57 39.39 13.37
C ASP TB 103 -123.26 38.97 12.72
N ALA TB 104 -122.14 39.49 13.22
CA ALA TB 104 -120.83 39.12 12.69
C ALA TB 104 -120.44 37.73 13.17
N MET UB 1 -31.69 68.86 72.26
CA MET UB 1 -32.41 70.11 72.43
C MET UB 1 -31.58 71.11 73.22
N GLN UB 2 -32.20 72.24 73.55
CA GLN UB 2 -31.64 73.24 74.46
C GLN UB 2 -30.33 73.80 73.90
N ASN UB 3 -30.48 74.62 72.86
CA ASN UB 3 -29.34 75.33 72.30
C ASN UB 3 -28.84 76.38 73.28
N ASP UB 4 -27.77 77.07 72.90
CA ASP UB 4 -27.11 78.00 73.81
C ASP UB 4 -28.05 79.12 74.27
N ALA UB 5 -29.08 79.44 73.49
CA ALA UB 5 -30.07 80.40 73.94
C ALA UB 5 -30.90 79.86 75.11
N GLY UB 6 -30.90 78.54 75.31
CA GLY UB 6 -31.51 77.92 76.47
C GLY UB 6 -32.89 77.34 76.22
N GLU UB 7 -33.57 77.76 75.16
CA GLU UB 7 -34.91 77.28 74.90
C GLU UB 7 -34.88 75.83 74.42
N PHE UB 8 -35.89 75.05 74.82
CA PHE UB 8 -35.98 73.64 74.44
C PHE UB 8 -36.63 73.57 73.07
N VAL UB 9 -35.82 73.31 72.04
CA VAL UB 9 -36.31 73.24 70.68
C VAL UB 9 -36.39 71.76 70.29
N ASP UB 10 -37.56 71.18 70.53
CA ASP UB 10 -37.83 69.78 70.21
C ASP UB 10 -39.31 69.51 70.37
N LEU UB 11 -39.95 68.97 69.34
CA LEU UB 11 -41.42 68.94 69.33
C LEU UB 11 -42.00 67.95 70.33
N TYR UB 12 -41.23 66.94 70.76
CA TYR UB 12 -41.65 66.15 71.91
C TYR UB 12 -40.44 65.39 72.43
N VAL UB 13 -40.48 65.04 73.71
CA VAL UB 13 -39.43 64.27 74.36
C VAL UB 13 -39.93 62.83 74.53
N PRO UB 14 -39.31 61.85 73.88
CA PRO UB 14 -39.79 60.47 73.98
C PRO UB 14 -39.56 59.88 75.36
N ARG UB 15 -40.34 58.84 75.66
CA ARG UB 15 -40.14 58.14 76.92
C ARG UB 15 -38.97 57.17 76.82
N LYS UB 16 -38.53 56.70 77.98
CA LYS UB 16 -37.49 55.68 78.07
C LYS UB 16 -38.04 54.50 78.86
N CYS UB 17 -37.72 53.30 78.38
CA CYS UB 17 -38.10 52.09 79.09
C CYS UB 17 -37.54 52.10 80.50
N SER UB 18 -38.40 51.86 81.48
CA SER UB 18 -37.96 51.87 82.87
C SER UB 18 -37.16 50.64 83.26
N ALA UB 19 -36.90 49.73 82.32
CA ALA UB 19 -36.11 48.53 82.58
C ALA UB 19 -34.79 48.51 81.83
N SER UB 20 -34.75 49.02 80.60
CA SER UB 20 -33.54 49.02 79.79
C SER UB 20 -33.07 50.41 79.39
N ASN UB 21 -33.78 51.45 79.80
CA ASN UB 21 -33.41 52.83 79.50
C ASN UB 21 -33.27 53.07 78.00
N ARG UB 22 -34.18 52.51 77.21
CA ARG UB 22 -34.15 52.71 75.77
C ARG UB 22 -35.29 53.62 75.36
N ILE UB 23 -35.10 54.31 74.24
CA ILE UB 23 -36.12 55.22 73.74
C ILE UB 23 -37.31 54.41 73.23
N ILE UB 24 -38.51 54.81 73.66
CA ILE UB 24 -39.75 54.25 73.15
C ILE UB 24 -40.06 54.96 71.84
N GLY UB 25 -39.96 54.25 70.72
CA GLY UB 25 -40.22 54.86 69.44
C GLY UB 25 -41.68 55.20 69.25
N ALA UB 26 -41.94 56.14 68.33
CA ALA UB 26 -43.31 56.53 68.03
C ALA UB 26 -44.10 55.38 67.43
N LYS UB 27 -43.43 54.43 66.78
CA LYS UB 27 -44.08 53.30 66.14
C LYS UB 27 -43.83 51.99 66.88
N ASP UB 28 -43.34 52.05 68.12
CA ASP UB 28 -43.13 50.86 68.93
C ASP UB 28 -44.45 50.49 69.60
N HIS UB 29 -45.29 49.78 68.85
CA HIS UB 29 -46.62 49.45 69.35
C HIS UB 29 -46.57 48.34 70.38
N ALA UB 30 -45.49 47.56 70.41
CA ALA UB 30 -45.34 46.56 71.46
C ALA UB 30 -45.16 47.20 72.83
N SER UB 31 -44.54 48.38 72.86
CA SER UB 31 -44.26 49.06 74.12
C SER UB 31 -45.55 49.33 74.89
N ILE UB 32 -45.48 49.17 76.20
CA ILE UB 32 -46.61 49.42 77.08
C ILE UB 32 -46.19 50.44 78.14
N GLN UB 33 -47.16 51.19 78.63
CA GLN UB 33 -47.03 51.95 79.86
C GLN UB 33 -48.19 51.55 80.77
N MET UB 34 -47.88 51.06 81.96
CA MET UB 34 -48.95 50.58 82.83
C MET UB 34 -48.79 51.18 84.20
N ASN UB 35 -49.90 51.21 84.93
CA ASN UB 35 -49.97 51.84 86.25
C ASN UB 35 -50.26 50.77 87.30
N VAL UB 36 -49.55 50.85 88.42
CA VAL UB 36 -49.77 49.97 89.56
C VAL UB 36 -50.34 50.80 90.70
N ALA UB 37 -51.50 50.39 91.20
CA ALA UB 37 -52.23 51.16 92.20
C ALA UB 37 -51.84 50.67 93.59
N GLU UB 38 -51.11 51.48 94.33
CA GLU UB 38 -50.73 51.15 95.70
C GLU UB 38 -51.89 51.43 96.65
N VAL UB 39 -51.86 50.77 97.80
CA VAL UB 39 -52.91 50.86 98.79
C VAL UB 39 -52.42 51.69 99.97
N ASP UB 40 -53.33 52.00 100.88
CA ASP UB 40 -52.95 52.76 102.07
C ASP UB 40 -52.43 51.82 103.15
N LYS UB 41 -51.98 52.41 104.26
CA LYS UB 41 -51.28 51.63 105.28
C LYS UB 41 -52.22 50.76 106.09
N VAL UB 42 -53.40 51.26 106.42
CA VAL UB 42 -54.22 50.59 107.44
C VAL UB 42 -55.20 49.58 106.84
N THR UB 43 -56.05 50.01 105.91
CA THR UB 43 -57.12 49.17 105.40
C THR UB 43 -56.83 48.55 104.04
N GLY UB 44 -55.65 48.79 103.47
CA GLY UB 44 -55.31 48.22 102.18
C GLY UB 44 -56.28 48.63 101.09
N ARG UB 45 -56.59 49.91 101.03
CA ARG UB 45 -57.59 50.42 100.11
C ARG UB 45 -56.93 51.32 99.08
N PHE UB 46 -57.46 51.29 97.86
CA PHE UB 46 -56.94 52.13 96.78
C PHE UB 46 -57.09 53.60 97.15
N ASN UB 47 -55.96 54.29 97.32
CA ASN UB 47 -55.94 55.66 97.83
C ASN UB 47 -55.85 56.70 96.73
N GLY UB 48 -56.33 56.39 95.53
CA GLY UB 48 -56.41 57.39 94.49
C GLY UB 48 -55.26 57.40 93.49
N GLN UB 49 -54.06 57.77 93.95
CA GLN UB 49 -52.96 57.91 93.01
C GLN UB 49 -52.27 56.55 92.85
N PHE UB 50 -51.19 56.54 92.08
CA PHE UB 50 -50.72 55.30 91.49
C PHE UB 50 -49.33 55.56 90.91
N LYS UB 51 -48.62 54.50 90.58
CA LYS UB 51 -47.28 54.63 90.02
C LYS UB 51 -47.18 53.81 88.76
N THR UB 52 -46.44 54.33 87.79
CA THR UB 52 -46.47 53.84 86.43
C THR UB 52 -45.09 53.42 85.96
N TYR UB 53 -45.06 52.39 85.13
CA TYR UB 53 -43.84 51.86 84.53
C TYR UB 53 -44.01 51.79 83.03
N ALA UB 54 -42.90 51.93 82.31
CA ALA UB 54 -42.89 51.81 80.85
C ALA UB 54 -41.90 50.73 80.46
N ILE UB 55 -42.34 49.81 79.62
CA ILE UB 55 -41.52 48.70 79.15
C ILE UB 55 -41.44 48.79 77.63
N CYS UB 56 -40.22 48.75 77.10
CA CYS UB 56 -40.04 48.82 75.66
C CYS UB 56 -40.49 47.52 75.01
N GLY UB 57 -40.77 47.60 73.71
CA GLY UB 57 -41.22 46.42 72.99
C GLY UB 57 -40.20 45.31 72.97
N ALA UB 58 -38.92 45.65 72.83
CA ALA UB 58 -37.89 44.63 72.76
C ALA UB 58 -37.78 43.84 74.06
N ILE UB 59 -37.82 44.54 75.20
CA ILE UB 59 -37.71 43.84 76.48
C ILE UB 59 -38.92 42.93 76.70
N ARG UB 60 -40.12 43.42 76.41
CA ARG UB 60 -41.31 42.62 76.59
C ARG UB 60 -41.59 41.71 75.40
N ARG UB 61 -40.64 41.56 74.49
CA ARG UB 61 -40.71 40.55 73.44
C ARG UB 61 -39.75 39.41 73.64
N MET UB 62 -38.59 39.67 74.23
CA MET UB 62 -37.68 38.61 74.65
C MET UB 62 -38.16 37.88 75.90
N GLY UB 63 -39.21 38.38 76.55
CA GLY UB 63 -39.80 37.71 77.69
C GLY UB 63 -39.35 38.19 79.05
N GLU UB 64 -38.64 39.32 79.12
CA GLU UB 64 -38.11 39.80 80.39
C GLU UB 64 -38.97 40.90 81.00
N SER UB 65 -40.15 41.17 80.45
CA SER UB 65 -41.04 42.15 81.05
C SER UB 65 -41.53 41.70 82.42
N ASP UB 66 -41.83 40.40 82.55
CA ASP UB 66 -42.30 39.88 83.83
C ASP UB 66 -41.27 40.09 84.93
N ASP UB 67 -40.03 39.70 84.66
CA ASP UB 67 -38.97 39.89 85.65
C ASP UB 67 -38.71 41.36 85.90
N SER UB 68 -38.77 42.18 84.85
CA SER UB 68 -38.51 43.61 85.00
C SER UB 68 -39.57 44.27 85.87
N ILE UB 69 -40.84 44.04 85.55
CA ILE UB 69 -41.94 44.74 86.23
C ILE UB 69 -41.90 44.47 87.74
N LEU UB 70 -41.75 43.21 88.12
CA LEU UB 70 -41.62 42.88 89.53
C LEU UB 70 -40.39 43.53 90.14
N ARG UB 71 -39.33 43.70 89.35
CA ARG UB 71 -38.08 44.19 89.90
C ARG UB 71 -38.20 45.69 90.18
N LEU UB 72 -38.96 46.40 89.34
CA LEU UB 72 -39.29 47.80 89.64
C LEU UB 72 -40.18 47.87 90.87
N ALA UB 73 -41.10 46.91 91.02
CA ALA UB 73 -42.03 46.91 92.14
C ALA UB 73 -41.30 46.84 93.47
N LYS UB 74 -40.21 46.06 93.54
CA LYS UB 74 -39.39 46.06 94.75
C LYS UB 74 -38.78 47.43 95.00
N ALA UB 75 -38.23 48.05 93.96
CA ALA UB 75 -37.55 49.33 94.13
C ALA UB 75 -38.51 50.41 94.62
N ASP UB 76 -39.69 50.48 94.02
CA ASP UB 76 -40.68 51.46 94.46
C ASP UB 76 -41.26 51.10 95.82
N GLY UB 77 -41.45 49.81 96.09
CA GLY UB 77 -41.90 49.35 97.39
C GLY UB 77 -43.17 48.53 97.37
N ILE UB 78 -43.72 48.27 96.18
CA ILE UB 78 -45.00 47.58 96.09
C ILE UB 78 -44.88 46.13 96.53
N VAL UB 79 -43.82 45.44 96.11
CA VAL UB 79 -43.63 44.02 96.43
C VAL UB 79 -42.68 43.90 97.61
N SER UB 80 -43.04 43.04 98.55
CA SER UB 80 -42.24 42.86 99.75
C SER UB 80 -40.87 42.29 99.42
N LYS UB 81 -39.88 42.64 100.25
CA LYS UB 81 -38.52 42.17 100.05
C LYS UB 81 -38.43 40.66 100.17
N ASN UB 82 -39.34 40.05 100.94
CA ASN UB 82 -39.23 38.63 101.24
C ASN UB 82 -39.68 37.78 100.05
N PHE UB 83 -40.27 38.40 99.03
CA PHE UB 83 -40.63 37.71 97.79
C PHE UB 83 -39.51 36.80 97.35
N VAL VB 1 -5.37 32.80 69.45
CA VAL VB 1 -5.38 33.10 70.87
C VAL VB 1 -5.77 34.55 71.12
N ARG VB 2 -5.92 34.90 72.40
CA ARG VB 2 -6.28 36.28 72.75
C ARG VB 2 -5.05 37.16 72.59
N MET VB 3 -5.19 38.24 71.82
CA MET VB 3 -4.07 39.13 71.57
C MET VB 3 -4.35 40.55 72.01
N ASN VB 4 -5.58 41.03 71.87
CA ASN VB 4 -5.98 42.36 72.34
C ASN VB 4 -6.97 42.15 73.49
N VAL VB 5 -6.49 42.33 74.72
CA VAL VB 5 -7.34 42.14 75.88
C VAL VB 5 -8.39 43.24 75.95
N LEU VB 6 -8.02 44.47 75.62
CA LEU VB 6 -8.97 45.58 75.62
C LEU VB 6 -10.07 45.36 74.59
N ALA VB 7 -9.72 44.85 73.41
CA ALA VB 7 -10.72 44.60 72.37
C ALA VB 7 -11.77 43.62 72.85
N ASP VB 8 -11.36 42.63 73.65
CA ASP VB 8 -12.30 41.62 74.11
C ASP VB 8 -13.24 42.18 75.17
N ALA VB 9 -12.71 43.01 76.07
CA ALA VB 9 -13.55 43.61 77.11
C ALA VB 9 -14.59 44.54 76.49
N LEU VB 10 -14.20 45.35 75.51
CA LEU VB 10 -15.12 46.27 74.88
C LEU VB 10 -16.23 45.54 74.14
N LYS VB 11 -15.88 44.47 73.42
CA LYS VB 11 -16.89 43.69 72.72
C LYS VB 11 -17.87 43.06 73.70
N SER VB 12 -17.37 42.60 74.84
CA SER VB 12 -18.23 41.94 75.82
C SER VB 12 -19.27 42.90 76.39
N ILE VB 13 -18.86 44.11 76.75
CA ILE VB 13 -19.83 45.04 77.34
C ILE VB 13 -20.74 45.61 76.26
N ASN VB 14 -20.29 45.62 75.01
CA ASN VB 14 -21.17 46.03 73.92
C ASN VB 14 -22.26 45.02 73.67
N ASN VB 15 -21.91 43.72 73.65
CA ASN VB 15 -22.91 42.68 73.46
C ASN VB 15 -23.88 42.62 74.64
N ALA VB 16 -23.37 42.77 75.86
CA ALA VB 16 -24.24 42.75 77.03
C ALA VB 16 -25.18 43.95 77.04
N GLU VB 17 -24.69 45.12 76.64
CA GLU VB 17 -25.55 46.30 76.56
C GLU VB 17 -26.63 46.13 75.50
N LYS VB 18 -26.29 45.51 74.37
CA LYS VB 18 -27.30 45.27 73.34
C LYS VB 18 -28.40 44.35 73.86
N ARG VB 19 -28.02 43.29 74.58
CA ARG VB 19 -29.01 42.36 75.09
C ARG VB 19 -29.87 43.01 76.18
N GLY VB 20 -29.31 43.98 76.89
CA GLY VB 20 -30.00 44.64 77.96
C GLY VB 20 -29.62 44.20 79.36
N LYS VB 21 -28.47 43.55 79.53
CA LYS VB 21 -28.06 43.07 80.85
C LYS VB 21 -27.74 44.24 81.76
N ARG VB 22 -28.09 44.09 83.05
CA ARG VB 22 -27.76 45.11 84.03
C ARG VB 22 -26.27 45.11 84.34
N GLN VB 23 -25.64 43.94 84.33
CA GLN VB 23 -24.22 43.82 84.67
C GLN VB 23 -23.53 42.95 83.64
N VAL VB 24 -22.23 43.18 83.48
CA VAL VB 24 -21.40 42.41 82.56
C VAL VB 24 -20.07 42.10 83.24
N LEU VB 25 -19.59 40.88 83.05
CA LEU VB 25 -18.30 40.46 83.57
C LEU VB 25 -17.32 40.30 82.42
N ILE VB 26 -16.25 41.08 82.46
CA ILE VB 26 -15.14 40.96 81.52
C ILE VB 26 -14.03 40.19 82.24
N ARG VB 27 -13.53 39.15 81.58
CA ARG VB 27 -12.67 38.22 82.30
C ARG VB 27 -11.24 38.72 82.49
N PRO VB 28 -10.49 39.06 81.43
CA PRO VB 28 -9.11 39.50 81.66
C PRO VB 28 -9.03 41.00 81.92
N CYS VB 29 -8.70 41.38 83.15
CA CYS VB 29 -8.50 42.77 83.49
C CYS VB 29 -7.07 43.20 83.17
N SER VB 30 -6.89 44.51 82.98
CA SER VB 30 -5.59 45.08 82.74
C SER VB 30 -5.66 46.56 83.09
N LYS VB 31 -4.49 47.19 83.19
CA LYS VB 31 -4.44 48.61 83.55
C LYS VB 31 -5.12 49.45 82.49
N VAL VB 32 -4.92 49.14 81.21
CA VAL VB 32 -5.55 49.92 80.15
C VAL VB 32 -7.06 49.79 80.21
N ILE VB 33 -7.55 48.60 80.58
CA ILE VB 33 -8.99 48.39 80.67
C ILE VB 33 -9.59 49.27 81.77
N VAL VB 34 -8.94 49.31 82.93
CA VAL VB 34 -9.46 50.09 84.05
C VAL VB 34 -9.50 51.57 83.71
N ARG VB 35 -8.43 52.09 83.09
CA ARG VB 35 -8.42 53.49 82.69
C ARG VB 35 -9.49 53.76 81.64
N PHE VB 36 -9.67 52.83 80.70
CA PHE VB 36 -10.70 52.99 79.68
C PHE VB 36 -12.09 52.93 80.29
N LEU VB 37 -12.31 52.06 81.28
CA LEU VB 37 -13.58 52.08 81.99
C LEU VB 37 -13.75 53.35 82.81
N THR VB 38 -12.64 53.92 83.29
CA THR VB 38 -12.73 55.12 84.11
C THR VB 38 -13.22 56.32 83.31
N VAL VB 39 -12.71 56.49 82.09
CA VAL VB 39 -13.12 57.64 81.28
C VAL VB 39 -14.59 57.51 80.88
N MET VB 40 -15.08 56.28 80.71
CA MET VB 40 -16.51 56.09 80.43
C MET VB 40 -17.36 56.46 81.63
N MET VB 41 -16.89 56.14 82.83
CA MET VB 41 -17.64 56.50 84.03
C MET VB 41 -17.66 58.01 84.24
N LYS VB 42 -16.52 58.68 84.09
CA LYS VB 42 -16.48 60.12 84.30
C LYS VB 42 -17.36 60.86 83.31
N HIS VB 43 -17.64 60.26 82.15
CA HIS VB 43 -18.60 60.80 81.21
C HIS VB 43 -19.99 60.19 81.38
N GLY VB 44 -20.16 59.31 82.36
CA GLY VB 44 -21.47 58.81 82.72
C GLY VB 44 -22.01 57.70 81.86
N TYR VB 45 -21.24 57.18 80.90
CA TYR VB 45 -21.75 56.17 80.00
C TYR VB 45 -21.94 54.81 80.65
N ILE VB 46 -21.20 54.52 81.73
CA ILE VB 46 -21.36 53.28 82.47
C ILE VB 46 -21.41 53.60 83.96
N GLY VB 47 -21.95 52.67 84.73
CA GLY VB 47 -22.07 52.82 86.17
C GLY VB 47 -20.83 52.39 86.91
N GLU VB 48 -21.02 52.00 88.16
CA GLU VB 48 -19.91 51.50 88.97
C GLU VB 48 -19.34 50.23 88.35
N PHE VB 49 -18.03 50.05 88.48
CA PHE VB 49 -17.43 48.76 88.16
C PHE VB 49 -16.50 48.36 89.29
N GLU VB 50 -16.42 47.06 89.51
CA GLU VB 50 -15.61 46.47 90.58
C GLU VB 50 -14.66 45.42 90.00
N ILE VB 51 -13.40 45.52 90.38
CA ILE VB 51 -12.35 44.64 89.90
C ILE VB 51 -12.20 43.52 90.91
N ILE VB 52 -12.54 42.30 90.48
CA ILE VB 52 -12.41 41.14 91.35
C ILE VB 52 -10.96 40.66 91.29
N ASP VB 53 -10.31 40.61 92.43
CA ASP VB 53 -8.88 40.33 92.52
C ASP VB 53 -8.69 38.84 92.81
N ASP VB 54 -8.30 38.09 91.78
CA ASP VB 54 -7.63 36.82 91.98
C ASP VB 54 -6.15 37.01 91.68
N HIS VB 55 -5.34 36.04 92.07
CA HIS VB 55 -3.90 36.21 91.94
C HIS VB 55 -3.43 36.25 90.49
N ARG VB 56 -4.30 35.86 89.55
CA ARG VB 56 -4.04 36.02 88.13
C ARG VB 56 -4.57 37.37 87.66
N ALA VB 57 -4.62 37.57 86.34
CA ALA VB 57 -5.30 38.74 85.80
C ALA VB 57 -6.75 38.71 86.25
N GLY VB 58 -7.13 39.67 87.09
CA GLY VB 58 -8.42 39.65 87.75
C GLY VB 58 -9.57 39.83 86.78
N LYS VB 59 -10.77 39.73 87.33
CA LYS VB 59 -11.99 39.93 86.58
C LYS VB 59 -12.63 41.26 86.99
N ILE VB 60 -13.51 41.76 86.14
CA ILE VB 60 -14.18 43.04 86.36
C ILE VB 60 -15.67 42.88 86.10
N VAL VB 61 -16.48 43.37 87.03
CA VAL VB 61 -17.93 43.42 86.85
C VAL VB 61 -18.34 44.88 86.73
N VAL VB 62 -19.03 45.20 85.63
CA VAL VB 62 -19.43 46.57 85.32
C VAL VB 62 -20.94 46.67 85.37
N ASN VB 63 -21.44 47.73 85.99
CA ASN VB 63 -22.87 48.01 86.03
C ASN VB 63 -23.23 48.85 84.81
N LEU VB 64 -23.89 48.24 83.84
CA LEU VB 64 -24.30 48.95 82.64
C LEU VB 64 -25.52 49.81 82.91
N THR VB 65 -25.46 51.08 82.54
CA THR VB 65 -26.54 52.02 82.77
C THR VB 65 -27.54 52.06 81.62
N GLY VB 66 -27.27 51.37 80.52
CA GLY VB 66 -28.18 51.32 79.40
C GLY VB 66 -28.15 52.53 78.49
N ARG VB 67 -27.30 53.52 78.77
CA ARG VB 67 -27.20 54.73 77.97
C ARG VB 67 -26.03 54.70 76.99
N LEU VB 68 -25.42 53.53 76.80
CA LEU VB 68 -24.36 53.35 75.83
C LEU VB 68 -24.94 52.89 74.49
N ASN VB 69 -24.24 53.20 73.42
CA ASN VB 69 -24.61 52.76 72.08
C ASN VB 69 -23.57 51.85 71.45
N LYS VB 70 -22.30 52.25 71.47
CA LYS VB 70 -21.22 51.47 70.87
C LYS VB 70 -19.93 51.82 71.60
N CYS VB 71 -19.15 50.81 71.93
CA CYS VB 71 -17.87 50.98 72.61
C CYS VB 71 -16.79 50.16 71.91
N GLY VB 72 -16.62 50.42 70.62
CA GLY VB 72 -15.67 49.66 69.83
C GLY VB 72 -14.23 50.02 70.14
N VAL VB 73 -13.33 49.27 69.51
CA VAL VB 73 -11.90 49.44 69.68
C VAL VB 73 -11.27 49.61 68.31
N ILE VB 74 -10.16 50.32 68.26
CA ILE VB 74 -9.36 50.48 67.06
C ILE VB 74 -8.10 49.65 67.27
N SER VB 75 -8.13 48.42 66.77
CA SER VB 75 -7.14 47.42 67.18
C SER VB 75 -5.71 47.80 66.82
N PRO VB 76 -5.37 48.18 65.57
CA PRO VB 76 -4.02 48.69 65.33
C PRO VB 76 -3.88 50.08 65.93
N ARG VB 77 -3.13 50.18 67.03
CA ARG VB 77 -3.04 51.43 67.77
C ARG VB 77 -2.27 52.45 66.95
N PHE VB 78 -2.99 53.09 66.04
CA PHE VB 78 -2.40 54.09 65.17
C PHE VB 78 -1.92 55.29 65.98
N ASP VB 79 -0.80 55.87 65.56
CA ASP VB 79 -0.33 57.11 66.14
C ASP VB 79 -1.15 58.26 65.57
N VAL VB 80 -1.83 59.00 66.45
CA VAL VB 80 -2.66 60.12 66.05
C VAL VB 80 -2.00 61.40 66.53
N GLN VB 81 -1.77 62.33 65.61
CA GLN VB 81 -1.26 63.64 65.96
C GLN VB 81 -2.42 64.59 66.22
N LEU VB 82 -2.11 65.83 66.57
CA LEU VB 82 -3.16 66.81 66.82
C LEU VB 82 -3.74 67.38 65.54
N LYS VB 83 -3.11 67.14 64.40
CA LYS VB 83 -3.57 67.67 63.12
C LYS VB 83 -4.52 66.73 62.39
N ASP VB 84 -4.45 65.42 62.67
CA ASP VB 84 -5.35 64.45 62.06
C ASP VB 84 -6.38 63.93 63.05
N LEU VB 85 -6.46 64.51 64.24
CA LEU VB 85 -7.44 64.04 65.23
C LEU VB 85 -8.86 64.29 64.76
N GLU VB 86 -9.11 65.44 64.12
CA GLU VB 86 -10.46 65.75 63.66
C GLU VB 86 -10.88 64.80 62.54
N LYS VB 87 -9.92 64.28 61.77
CA LYS VB 87 -10.24 63.31 60.72
C LYS VB 87 -10.64 61.97 61.33
N TRP VB 88 -10.09 61.64 62.50
CA TRP VB 88 -10.59 60.49 63.24
C TRP VB 88 -11.92 60.80 63.92
N GLN VB 89 -12.13 62.06 64.31
CA GLN VB 89 -13.37 62.41 65.01
C GLN VB 89 -14.58 62.23 64.11
N ASN VB 90 -14.55 62.79 62.91
CA ASN VB 90 -15.70 62.69 62.02
C ASN VB 90 -15.81 61.32 61.37
N ASN VB 91 -14.71 60.54 61.33
CA ASN VB 91 -14.79 59.20 60.78
C ASN VB 91 -15.45 58.22 61.74
N LEU VB 92 -15.24 58.40 63.04
CA LEU VB 92 -15.72 57.46 64.05
C LEU VB 92 -16.93 57.98 64.83
N LEU VB 93 -16.83 59.18 65.38
CA LEU VB 93 -17.88 59.68 66.26
C LEU VB 93 -19.17 59.94 65.47
N PRO VB 94 -20.33 59.65 66.05
CA PRO VB 94 -21.59 59.89 65.33
C PRO VB 94 -21.84 61.35 65.02
N SER VB 95 -21.40 62.27 65.87
CA SER VB 95 -21.63 63.69 65.64
C SER VB 95 -20.62 64.49 66.46
N ARG VB 96 -20.60 65.79 66.20
CA ARG VB 96 -19.72 66.71 66.92
C ARG VB 96 -20.26 67.08 68.30
N GLN VB 97 -21.52 66.77 68.59
CA GLN VB 97 -22.10 67.16 69.87
C GLN VB 97 -21.71 66.19 70.98
N PHE VB 98 -21.85 64.89 70.71
CA PHE VB 98 -21.53 63.86 71.70
C PHE VB 98 -20.60 62.84 71.06
N GLY VB 99 -20.27 61.80 71.83
CA GLY VB 99 -19.34 60.79 71.37
C GLY VB 99 -17.91 61.13 71.78
N PHE VB 100 -17.14 60.11 72.14
CA PHE VB 100 -15.79 60.34 72.65
C PHE VB 100 -14.82 59.37 72.01
N ILE VB 101 -13.64 59.87 71.67
CA ILE VB 101 -12.53 59.07 71.18
C ILE VB 101 -11.48 59.03 72.28
N VAL VB 102 -11.09 57.82 72.68
CA VAL VB 102 -10.11 57.63 73.75
C VAL VB 102 -8.80 57.21 73.13
N LEU VB 103 -7.75 57.93 73.48
CA LEU VB 103 -6.41 57.70 72.98
C LEU VB 103 -5.44 57.75 74.15
N THR VB 104 -4.43 56.89 74.10
CA THR VB 104 -3.40 56.87 75.12
C THR VB 104 -2.28 57.83 74.71
N THR VB 105 -2.06 58.85 75.54
CA THR VB 105 -1.03 59.84 75.32
C THR VB 105 0.00 59.75 76.43
N SER VB 106 1.07 60.54 76.30
CA SER VB 106 2.10 60.55 77.33
C SER VB 106 1.60 61.13 78.64
N ALA VB 107 0.47 61.82 78.65
CA ALA VB 107 -0.13 62.33 79.88
C ALA VB 107 -1.14 61.36 80.48
N GLY VB 108 -1.29 60.18 79.89
CA GLY VB 108 -2.21 59.17 80.37
C GLY VB 108 -3.27 58.84 79.34
N ILE VB 109 -4.26 58.07 79.78
CA ILE VB 109 -5.37 57.66 78.94
C ILE VB 109 -6.53 58.62 79.17
N MET VB 110 -7.05 59.21 78.10
CA MET VB 110 -8.07 60.24 78.22
C MET VB 110 -8.78 60.39 76.87
N ASP VB 111 -9.80 61.24 76.85
CA ASP VB 111 -10.61 61.44 75.66
C ASP VB 111 -9.97 62.49 74.75
N HIS VB 112 -10.52 62.63 73.55
CA HIS VB 112 -9.93 63.52 72.54
C HIS VB 112 -10.09 64.99 72.92
N GLU VB 113 -11.22 65.37 73.52
CA GLU VB 113 -11.42 66.77 73.89
C GLU VB 113 -10.36 67.22 74.88
N GLU VB 114 -10.19 66.45 75.96
CA GLU VB 114 -9.15 66.72 76.95
C GLU VB 114 -7.74 66.59 76.39
N ALA VB 115 -7.51 65.60 75.51
CA ALA VB 115 -6.18 65.45 74.92
C ALA VB 115 -5.78 66.70 74.14
N ARG VB 116 -6.71 67.23 73.37
CA ARG VB 116 -6.55 68.51 72.68
C ARG VB 116 -6.45 69.70 73.63
N ARG VB 117 -7.11 69.64 74.79
CA ARG VB 117 -7.07 70.75 75.73
C ARG VB 117 -5.66 70.95 76.28
N LYS VB 118 -4.96 69.86 76.58
CA LYS VB 118 -3.58 69.95 77.05
C LYS VB 118 -2.57 69.79 75.91
N HIS VB 119 -3.04 69.78 74.66
CA HIS VB 119 -2.18 69.87 73.48
C HIS VB 119 -1.18 68.72 73.42
N THR VB 120 -1.70 67.52 73.26
CA THR VB 120 -0.85 66.33 73.12
C THR VB 120 -1.58 65.27 72.31
N GLY VB 121 -0.88 64.70 71.33
CA GLY VB 121 -1.36 63.55 70.60
C GLY VB 121 -0.96 62.27 71.30
N GLY VB 122 -1.23 61.15 70.62
CA GLY VB 122 -0.87 59.87 71.18
C GLY VB 122 -1.25 58.70 70.30
N LYS VB 123 -1.62 57.60 70.92
CA LYS VB 123 -1.99 56.38 70.23
C LYS VB 123 -3.48 56.11 70.43
N ILE VB 124 -4.18 55.82 69.34
CA ILE VB 124 -5.61 55.60 69.41
C ILE VB 124 -5.87 54.31 70.17
N LEU VB 125 -6.87 54.33 71.05
CA LEU VB 125 -7.29 53.15 71.79
C LEU VB 125 -8.66 52.67 71.33
N GLY VB 126 -9.67 53.52 71.43
CA GLY VB 126 -11.00 53.14 71.04
C GLY VB 126 -11.92 54.33 71.04
N PHE VB 127 -13.22 54.05 71.06
CA PHE VB 127 -14.22 55.09 71.03
C PHE VB 127 -15.47 54.57 71.73
N PHE VB 128 -16.32 55.50 72.15
CA PHE VB 128 -17.61 55.13 72.70
C PHE VB 128 -18.57 56.30 72.55
N PHE VB 129 -19.84 55.97 72.35
CA PHE VB 129 -20.89 56.98 72.22
C PHE VB 129 -22.25 56.36 72.54
N GLY WB 1 -10.12 36.98 56.90
CA GLY WB 1 -10.10 38.43 56.87
C GLY WB 1 -8.77 38.99 56.41
N LYS WB 2 -8.69 40.32 56.33
CA LYS WB 2 -7.46 40.98 55.92
C LYS WB 2 -6.59 41.31 57.12
N CYS WB 3 -5.28 41.34 56.89
CA CYS WB 3 -4.34 41.69 57.94
C CYS WB 3 -4.46 43.16 58.30
N ARG WB 4 -4.27 43.45 59.60
CA ARG WB 4 -4.39 44.83 60.08
C ARG WB 4 -3.22 45.25 60.96
N GLY WB 5 -2.08 44.60 60.87
CA GLY WB 5 -0.96 44.94 61.73
C GLY WB 5 -0.37 46.29 61.39
N LEU WB 6 0.46 46.78 62.32
CA LEU WB 6 1.07 48.09 62.14
C LEU WB 6 2.14 48.09 61.05
N ARG WB 7 2.84 46.97 60.87
CA ARG WB 7 3.90 46.88 59.87
C ARG WB 7 3.58 45.83 58.82
N THR WB 8 2.33 45.84 58.34
CA THR WB 8 1.90 44.98 57.24
C THR WB 8 1.67 45.79 55.97
N ALA WB 9 2.22 47.00 55.88
CA ALA WB 9 2.00 47.82 54.70
C ALA WB 9 2.57 47.16 53.45
N ARG WB 10 3.72 46.50 53.58
CA ARG WB 10 4.32 45.83 52.42
C ARG WB 10 3.41 44.74 51.89
N LYS WB 11 2.82 43.93 52.77
CA LYS WB 11 1.89 42.91 52.32
C LYS WB 11 0.65 43.52 51.69
N LEU WB 12 0.13 44.59 52.28
CA LEU WB 12 -1.09 45.20 51.78
C LEU WB 12 -0.89 45.76 50.37
N ARG WB 13 0.24 46.43 50.12
CA ARG WB 13 0.46 47.02 48.80
C ARG WB 13 0.81 45.95 47.78
N SER WB 14 1.60 44.95 48.18
CA SER WB 14 1.93 43.86 47.25
C SER WB 14 0.69 43.07 46.87
N HIS WB 15 -0.19 42.81 47.83
CA HIS WB 15 -1.43 42.13 47.51
C HIS WB 15 -2.33 43.00 46.64
N ARG WB 16 -2.31 44.32 46.85
CA ARG WB 16 -3.15 45.20 46.06
C ARG WB 16 -2.74 45.19 44.60
N ARG WB 17 -1.45 45.37 44.33
CA ARG WB 17 -1.01 45.46 42.94
C ARG WB 17 -1.05 44.10 42.24
N ASP WB 18 -1.03 43.01 42.99
CA ASP WB 18 -1.25 41.70 42.38
C ASP WB 18 -2.72 41.53 42.00
N GLN WB 19 -3.63 42.02 42.83
CA GLN WB 19 -5.06 41.91 42.52
C GLN WB 19 -5.52 42.96 41.54
N LYS WB 20 -4.75 44.03 41.33
CA LYS WB 20 -5.12 45.04 40.35
C LYS WB 20 -5.04 44.52 38.92
N TRP WB 21 -4.42 43.37 38.70
CA TRP WB 21 -4.32 42.79 37.37
C TRP WB 21 -5.55 41.99 36.98
N HIS WB 22 -6.54 41.88 37.87
CA HIS WB 22 -7.69 41.01 37.65
C HIS WB 22 -8.92 41.74 37.14
N ASP WB 23 -8.84 43.05 36.92
CA ASP WB 23 -9.94 43.78 36.29
C ASP WB 23 -9.49 44.23 34.91
N LYS WB 24 -10.42 44.22 33.96
CA LYS WB 24 -10.06 44.40 32.55
C LYS WB 24 -9.47 45.77 32.29
N GLN WB 25 -9.99 46.80 32.95
CA GLN WB 25 -9.53 48.16 32.67
C GLN WB 25 -8.06 48.34 33.01
N TYR WB 26 -7.62 47.80 34.15
CA TYR WB 26 -6.22 47.92 34.52
C TYR WB 26 -5.34 47.03 33.66
N LYS WB 27 -5.77 45.78 33.44
CA LYS WB 27 -5.03 44.88 32.55
C LYS WB 27 -4.89 45.49 31.15
N LYS WB 28 -5.96 46.10 30.63
CA LYS WB 28 -5.93 46.64 29.27
C LYS WB 28 -4.97 47.81 29.14
N ALA WB 29 -4.95 48.70 30.13
CA ALA WB 29 -4.17 49.93 30.04
C ALA WB 29 -2.74 49.78 30.52
N HIS WB 30 -2.35 48.62 31.02
CA HIS WB 30 -1.02 48.44 31.57
C HIS WB 30 -0.28 47.21 31.03
N LEU WB 31 -0.91 46.42 30.17
CA LEU WB 31 -0.23 45.26 29.61
C LEU WB 31 0.47 45.58 28.30
N GLY WB 32 -0.13 46.43 27.47
CA GLY WB 32 0.44 46.82 26.20
C GLY WB 32 -0.04 46.01 25.02
N THR WB 33 -0.58 44.82 25.26
CA THR WB 33 -1.11 44.01 24.15
C THR WB 33 -2.30 44.69 23.49
N ALA WB 34 -3.16 45.31 24.28
CA ALA WB 34 -4.29 46.05 23.72
C ALA WB 34 -3.81 47.24 22.90
N LEU WB 35 -2.77 47.91 23.36
CA LEU WB 35 -2.21 49.03 22.60
C LEU WB 35 -1.66 48.56 21.26
N LYS WB 36 -0.96 47.43 21.25
CA LYS WB 36 -0.44 46.91 19.99
C LYS WB 36 -1.56 46.40 19.09
N ALA WB 37 -2.58 45.79 19.68
CA ALA WB 37 -3.70 45.27 18.88
C ALA WB 37 -4.60 46.39 18.37
N ASN WB 38 -4.56 47.56 18.98
CA ASN WB 38 -5.37 48.68 18.51
C ASN WB 38 -4.89 49.12 17.14
N PRO WB 39 -5.74 49.11 16.12
CA PRO WB 39 -5.30 49.59 14.80
C PRO WB 39 -4.82 51.03 14.81
N PHE WB 40 -5.43 51.87 15.63
CA PHE WB 40 -5.07 53.28 15.70
C PHE WB 40 -3.77 53.52 16.46
N GLY WB 41 -3.33 52.57 17.27
CA GLY WB 41 -2.12 52.74 18.06
C GLY WB 41 -2.21 53.81 19.12
N GLY WB 42 -3.34 53.89 19.83
CA GLY WB 42 -3.52 54.87 20.86
C GLY WB 42 -3.88 56.26 20.39
N ALA WB 43 -4.27 56.41 19.12
CA ALA WB 43 -4.62 57.69 18.55
C ALA WB 43 -6.14 57.86 18.51
N SER WB 44 -6.59 59.10 18.69
CA SER WB 44 -8.02 59.38 18.61
C SER WB 44 -8.55 59.17 17.20
N HIS WB 45 -7.78 59.61 16.19
CA HIS WB 45 -8.19 59.51 14.80
C HIS WB 45 -7.05 58.90 13.98
N ALA WB 46 -7.36 58.59 12.72
CA ALA WB 46 -6.38 58.04 11.80
C ALA WB 46 -6.83 58.34 10.38
N LYS WB 47 -5.91 58.79 9.54
CA LYS WB 47 -6.21 58.92 8.12
C LYS WB 47 -6.02 57.57 7.42
N GLY WB 48 -6.72 57.41 6.31
CA GLY WB 48 -6.63 56.17 5.56
C GLY WB 48 -7.14 56.36 4.15
N ILE WB 49 -6.91 55.34 3.32
CA ILE WB 49 -7.28 55.37 1.91
C ILE WB 49 -8.40 54.37 1.70
N VAL WB 50 -9.50 54.81 1.10
CA VAL WB 50 -10.67 53.96 0.91
C VAL WB 50 -10.30 52.83 -0.04
N LEU WB 51 -10.30 51.60 0.48
CA LEU WB 51 -9.96 50.44 -0.32
C LEU WB 51 -11.17 49.89 -1.08
N GLU WB 52 -12.37 50.03 -0.51
CA GLU WB 52 -13.57 49.49 -1.13
C GLU WB 52 -14.77 50.05 -0.39
N LYS WB 53 -15.95 49.88 -0.98
CA LYS WB 53 -17.22 50.21 -0.35
C LYS WB 53 -18.00 48.92 -0.14
N VAL WB 54 -18.34 48.64 1.12
CA VAL WB 54 -18.95 47.37 1.50
C VAL WB 54 -20.21 47.64 2.32
N GLY WB 55 -21.08 46.64 2.36
CA GLY WB 55 -22.31 46.74 3.13
C GLY WB 55 -22.43 45.63 4.15
N VAL WB 56 -22.75 45.98 5.39
CA VAL WB 56 -22.77 45.04 6.49
C VAL WB 56 -24.20 44.83 6.94
N GLU WB 57 -24.56 43.57 7.16
CA GLU WB 57 -25.89 43.21 7.64
C GLU WB 57 -26.04 43.57 9.11
N ALA WB 58 -27.24 43.99 9.48
CA ALA WB 58 -27.55 44.29 10.87
C ALA WB 58 -27.69 43.00 11.67
N LYS WB 59 -27.98 43.14 12.95
CA LYS WB 59 -28.12 41.98 13.82
C LYS WB 59 -29.48 41.31 13.58
N GLN WB 60 -29.83 40.37 14.47
CA GLN WB 60 -31.05 39.59 14.25
C GLN WB 60 -32.32 40.42 14.38
N PRO WB 61 -32.56 41.14 15.49
CA PRO WB 61 -33.83 41.87 15.61
C PRO WB 61 -33.96 43.05 14.67
N ASN WB 62 -32.89 43.43 13.98
CA ASN WB 62 -32.92 44.48 12.97
C ASN WB 62 -32.76 43.86 11.58
N SER WB 63 -32.97 44.68 10.56
CA SER WB 63 -32.83 44.24 9.18
C SER WB 63 -32.52 45.46 8.33
N ALA WB 64 -31.24 45.67 8.06
CA ALA WB 64 -30.79 46.80 7.26
C ALA WB 64 -29.39 46.53 6.75
N ILE WB 65 -28.97 47.33 5.79
CA ILE WB 65 -27.61 47.29 5.25
C ILE WB 65 -26.89 48.54 5.74
N ARG WB 66 -25.81 48.33 6.50
CA ARG WB 66 -25.00 49.43 7.00
C ARG WB 66 -23.87 49.70 6.01
N LYS WB 67 -23.85 50.91 5.46
CA LYS WB 67 -22.90 51.26 4.40
C LYS WB 67 -21.58 51.66 5.05
N CYS WB 68 -20.60 50.76 4.96
CA CYS WB 68 -19.27 51.00 5.49
C CYS WB 68 -18.26 51.03 4.35
N VAL WB 69 -17.02 51.37 4.70
CA VAL WB 69 -15.92 51.42 3.74
C VAL WB 69 -14.72 50.71 4.36
N ARG WB 70 -14.07 49.86 3.58
CA ARG WB 70 -12.83 49.23 4.01
C ARG WB 70 -11.67 50.18 3.75
N VAL WB 71 -10.88 50.46 4.79
CA VAL WB 71 -9.89 51.52 4.76
C VAL WB 71 -8.56 50.96 5.26
N GLN WB 72 -7.48 51.38 4.61
CA GLN WB 72 -6.12 51.04 5.01
C GLN WB 72 -5.46 52.28 5.60
N LEU WB 73 -5.01 52.17 6.85
CA LEU WB 73 -4.41 53.31 7.54
C LEU WB 73 -3.05 53.64 6.92
N ILE WB 74 -2.81 54.92 6.68
CA ILE WB 74 -1.57 55.33 6.02
C ILE WB 74 -0.37 55.00 6.89
N LYS WB 75 -0.50 55.16 8.21
CA LYS WB 75 0.48 54.61 9.14
C LYS WB 75 0.08 53.17 9.43
N ASN WB 76 1.08 52.30 9.60
CA ASN WB 76 1.02 50.88 9.92
C ASN WB 76 0.27 50.04 8.86
N GLY WB 77 -0.40 50.66 7.90
CA GLY WB 77 -0.94 49.91 6.76
C GLY WB 77 -1.95 48.84 7.15
N LYS WB 78 -2.71 49.07 8.21
CA LYS WB 78 -3.70 48.09 8.66
C LYS WB 78 -5.05 48.37 8.01
N LYS WB 79 -5.79 47.30 7.76
CA LYS WB 79 -7.08 47.38 7.08
C LYS WB 79 -8.20 47.25 8.10
N ILE WB 80 -9.09 48.25 8.14
CA ILE WB 80 -10.19 48.30 9.09
C ILE WB 80 -11.46 48.68 8.35
N THR WB 81 -12.59 48.40 8.98
CA THR WB 81 -13.90 48.72 8.43
C THR WB 81 -14.46 49.93 9.18
N ALA WB 82 -14.78 50.99 8.44
CA ALA WB 82 -15.28 52.23 9.02
C ALA WB 82 -16.70 52.48 8.54
N PHE WB 83 -17.60 52.71 9.49
CA PHE WB 83 -18.99 53.02 9.17
C PHE WB 83 -19.11 54.44 8.63
N VAL WB 84 -20.09 54.64 7.76
CA VAL WB 84 -20.41 55.95 7.21
C VAL WB 84 -21.70 56.43 7.87
N PRO WB 85 -21.63 57.40 8.79
CA PRO WB 85 -22.77 57.67 9.69
C PRO WB 85 -23.69 58.79 9.21
N ASN WB 86 -24.38 58.55 8.10
CA ASN WB 86 -25.42 59.45 7.62
C ASN WB 86 -26.29 58.70 6.61
N ASP WB 87 -27.25 59.41 6.01
CA ASP WB 87 -28.22 58.77 5.13
C ASP WB 87 -27.66 58.57 3.72
N GLY WB 88 -26.99 59.58 3.18
CA GLY WB 88 -26.51 59.48 1.80
C GLY WB 88 -25.06 59.88 1.64
N CYS WB 89 -24.26 59.68 2.69
CA CYS WB 89 -22.86 60.07 2.62
C CYS WB 89 -21.98 59.02 1.97
N LEU WB 90 -22.50 57.81 1.72
CA LEU WB 90 -21.73 56.84 0.95
C LEU WB 90 -21.54 57.31 -0.49
N ASN WB 91 -22.57 57.93 -1.07
CA ASN WB 91 -22.42 58.51 -2.39
C ASN WB 91 -21.37 59.62 -2.39
N PHE WB 92 -21.22 60.32 -1.27
CA PHE WB 92 -20.15 61.31 -1.15
C PHE WB 92 -18.78 60.65 -1.11
N ILE WB 93 -18.72 59.34 -0.88
CA ILE WB 93 -17.48 58.59 -0.81
C ILE WB 93 -17.25 57.91 -2.15
N GLU WB 94 -16.06 58.11 -2.72
CA GLU WB 94 -15.63 57.37 -3.89
C GLU WB 94 -14.37 56.57 -3.55
N GLU WB 95 -13.72 56.04 -4.58
CA GLU WB 95 -12.61 55.12 -4.39
C GLU WB 95 -11.29 55.88 -4.22
N ASN WB 96 -10.45 55.36 -3.33
CA ASN WB 96 -9.09 55.87 -3.11
C ASN WB 96 -9.09 57.33 -2.70
N ASP WB 97 -9.63 57.59 -1.51
CA ASP WB 97 -9.63 58.93 -0.94
C ASP WB 97 -9.08 58.89 0.48
N GLU WB 98 -8.54 60.02 0.93
CA GLU WB 98 -8.17 60.15 2.33
C GLU WB 98 -9.42 60.36 3.17
N VAL WB 99 -9.58 59.54 4.21
CA VAL WB 99 -10.70 59.64 5.13
C VAL WB 99 -10.15 59.65 6.55
N LEU WB 100 -10.62 60.60 7.35
CA LEU WB 100 -10.26 60.66 8.76
C LEU WB 100 -11.24 59.78 9.53
N VAL WB 101 -10.82 58.58 9.86
CA VAL WB 101 -11.67 57.67 10.62
C VAL WB 101 -11.42 57.88 12.09
N ALA WB 102 -12.49 57.74 12.88
CA ALA WB 102 -12.42 57.89 14.33
C ALA WB 102 -13.11 56.70 14.97
N GLY WB 103 -12.88 56.52 16.27
CA GLY WB 103 -13.57 55.49 17.01
C GLY WB 103 -15.07 55.68 16.95
N PHE WB 104 -15.80 54.58 17.10
CA PHE WB 104 -17.24 54.72 16.93
C PHE WB 104 -17.91 55.30 18.18
N GLY WB 105 -17.39 55.00 19.38
CA GLY WB 105 -17.94 55.58 20.59
C GLY WB 105 -17.55 54.92 21.89
N ARG WB 106 -17.31 53.61 21.89
CA ARG WB 106 -17.09 52.93 23.15
C ARG WB 106 -15.82 52.08 23.15
N LYS WB 107 -14.71 52.68 22.71
CA LYS WB 107 -13.36 52.19 23.01
C LYS WB 107 -13.10 50.82 22.38
N GLY WB 108 -13.16 50.80 21.05
CA GLY WB 108 -12.86 49.57 20.33
C GLY WB 108 -13.92 48.51 20.42
N HIS WB 109 -15.11 48.83 20.93
CA HIS WB 109 -16.21 47.89 21.03
C HIS WB 109 -17.23 48.16 19.93
N ALA WB 110 -17.86 47.10 19.45
CA ALA WB 110 -18.90 47.25 18.43
C ALA WB 110 -20.08 48.03 18.99
N VAL WB 111 -20.68 48.88 18.17
CA VAL WB 111 -21.76 49.76 18.58
C VAL WB 111 -23.02 49.39 17.82
N GLY WB 112 -24.12 49.27 18.56
CA GLY WB 112 -25.40 49.03 17.93
C GLY WB 112 -25.48 47.66 17.28
N ASP WB 113 -26.25 47.59 16.19
CA ASP WB 113 -26.47 46.34 15.48
C ASP WB 113 -25.40 46.08 14.42
N ILE WB 114 -24.43 46.96 14.26
CA ILE WB 114 -23.35 46.76 13.29
C ILE WB 114 -22.34 45.78 13.87
N PRO WB 115 -22.13 44.62 13.25
CA PRO WB 115 -21.22 43.63 13.83
C PRO WB 115 -19.77 43.90 13.43
N GLY WB 116 -18.90 43.95 14.44
CA GLY WB 116 -17.47 44.00 14.20
C GLY WB 116 -16.94 45.32 13.69
N VAL WB 117 -17.74 46.38 13.68
CA VAL WB 117 -17.32 47.69 13.22
C VAL WB 117 -17.14 48.59 14.44
N ARG WB 118 -15.93 49.11 14.63
CA ARG WB 118 -15.62 49.97 15.76
C ARG WB 118 -15.13 51.34 15.34
N PHE WB 119 -15.24 51.69 14.05
CA PHE WB 119 -14.77 52.97 13.55
C PHE WB 119 -15.83 53.59 12.65
N LYS WB 120 -15.82 54.92 12.60
CA LYS WB 120 -16.70 55.65 11.71
C LYS WB 120 -15.88 56.75 11.02
N VAL WB 121 -16.31 57.09 9.81
CA VAL WB 121 -15.61 58.10 9.02
C VAL WB 121 -16.08 59.49 9.42
N VAL WB 122 -15.13 60.42 9.51
CA VAL WB 122 -15.40 61.80 9.93
C VAL WB 122 -15.26 62.77 8.76
N LYS WB 123 -14.11 62.73 8.07
CA LYS WB 123 -13.86 63.59 6.93
C LYS WB 123 -13.47 62.73 5.73
N VAL WB 124 -13.74 63.26 4.54
CA VAL WB 124 -13.32 62.64 3.29
C VAL WB 124 -12.74 63.72 2.40
N ALA WB 125 -11.63 63.40 1.72
CA ALA WB 125 -10.96 64.34 0.82
C ALA WB 125 -10.69 65.67 1.53
N ASN WB 126 -10.40 65.58 2.82
CA ASN WB 126 -10.04 66.71 3.68
C ASN WB 126 -11.17 67.74 3.77
N VAL WB 127 -12.41 67.31 3.56
CA VAL WB 127 -13.60 68.11 3.82
C VAL WB 127 -14.55 67.30 4.69
N SER WB 128 -15.17 67.95 5.67
CA SER WB 128 -15.97 67.24 6.66
C SER WB 128 -17.19 66.58 6.02
N LEU WB 129 -17.52 65.39 6.52
CA LEU WB 129 -18.71 64.69 6.05
C LEU WB 129 -19.99 65.39 6.51
N LEU WB 130 -19.93 66.07 7.67
CA LEU WB 130 -21.08 66.85 8.12
C LEU WB 130 -21.32 68.05 7.21
N ALA WB 131 -20.26 68.74 6.80
CA ALA WB 131 -20.41 69.88 5.91
C ALA WB 131 -20.99 69.46 4.57
N LEU WB 132 -20.53 68.32 4.04
CA LEU WB 132 -21.09 67.81 2.79
C LEU WB 132 -22.55 67.42 2.96
N TYR WB 133 -22.88 66.78 4.09
CA TYR WB 133 -24.25 66.36 4.34
C TYR WB 133 -25.19 67.55 4.42
N LYS WB 134 -24.76 68.61 5.13
CA LYS WB 134 -25.59 69.79 5.29
C LYS WB 134 -25.46 70.77 4.13
N GLY WB 135 -24.61 70.48 3.15
CA GLY WB 135 -24.45 71.36 2.02
C GLY WB 135 -23.65 72.62 2.29
N LYS WB 136 -22.94 72.68 3.41
CA LYS WB 136 -22.16 73.87 3.74
C LYS WB 136 -21.07 74.11 2.70
N LYS WB 137 -20.40 73.05 2.27
CA LYS WB 137 -19.41 73.14 1.20
C LYS WB 137 -19.47 71.85 0.40
N GLU WB 138 -19.10 71.96 -0.88
CA GLU WB 138 -19.29 70.90 -1.84
C GLU WB 138 -17.96 70.19 -2.14
N ARG WB 139 -18.04 69.11 -2.90
CA ARG WB 139 -16.87 68.34 -3.28
C ARG WB 139 -15.88 69.19 -4.05
N PRO WB 140 -14.58 68.91 -3.93
CA PRO WB 140 -13.55 69.63 -4.72
C PRO WB 140 -13.53 69.17 -6.17
N ARG WB 141 -14.62 69.45 -6.88
CA ARG WB 141 -14.74 69.06 -8.28
C ARG WB 141 -14.06 70.07 -9.18
N ASN XB 1 -7.86 124.09 26.54
CA ASN XB 1 -7.17 125.22 27.17
C ASN XB 1 -8.03 125.84 28.25
N ASP XB 2 -9.35 125.85 28.02
CA ASP XB 2 -10.27 126.46 28.98
C ASP XB 2 -10.27 125.69 30.30
N THR XB 3 -10.34 124.36 30.24
CA THR XB 3 -10.39 123.51 31.43
C THR XB 3 -9.39 122.38 31.25
N VAL XB 4 -8.11 122.67 31.50
CA VAL XB 4 -7.05 121.67 31.54
C VAL XB 4 -6.11 122.08 32.66
N THR XB 5 -6.05 121.27 33.72
CA THR XB 5 -5.23 121.56 34.88
C THR XB 5 -4.21 120.43 35.09
N ILE XB 6 -3.03 120.82 35.58
CA ILE XB 6 -1.92 119.90 35.78
C ILE XB 6 -1.62 119.82 37.27
N ARG XB 7 -1.56 118.61 37.80
CA ARG XB 7 -1.24 118.35 39.19
C ARG XB 7 -0.03 117.43 39.24
N THR XB 8 0.82 117.61 40.25
CA THR XB 8 1.99 116.78 40.42
C THR XB 8 1.97 116.12 41.80
N ARG XB 9 2.64 114.97 41.88
CA ARG XB 9 2.70 114.19 43.11
C ARG XB 9 3.90 113.28 43.03
N LYS XB 10 4.28 112.71 44.19
CA LYS XB 10 5.51 111.93 44.32
C LYS XB 10 6.74 112.71 43.86
N PHE XB 11 6.72 114.03 44.07
CA PHE XB 11 7.83 114.86 43.66
C PHE XB 11 9.02 114.64 44.58
N MET XB 12 10.20 114.51 43.98
CA MET XB 12 11.44 114.40 44.75
C MET XB 12 12.59 114.83 43.86
N THR XB 13 13.54 115.54 44.46
CA THR XB 13 14.73 115.99 43.75
C THR XB 13 15.86 115.00 43.94
N ASN XB 14 16.61 114.75 42.88
CA ASN XB 14 17.80 113.92 42.95
C ASN XB 14 18.88 114.59 42.09
N ARG XB 15 19.83 115.21 42.76
CA ARG XB 15 21.04 115.70 42.10
C ARG XB 15 21.96 114.58 41.67
N LEU XB 16 21.49 113.33 41.77
CA LEU XB 16 22.28 112.22 41.26
C LEU XB 16 22.42 112.39 39.75
N LEU XB 17 21.32 112.75 39.09
CA LEU XB 17 21.27 113.11 37.69
C LEU XB 17 20.91 114.58 37.50
N GLN XB 18 21.04 115.38 38.55
CA GLN XB 18 20.76 116.82 38.51
C GLN XB 18 19.36 117.09 38.00
N ARG XB 19 18.40 116.37 38.56
CA ARG XB 19 17.02 116.44 38.10
C ARG XB 19 16.07 116.34 39.30
N LYS XB 20 14.81 116.64 39.04
CA LYS XB 20 13.75 116.47 40.01
C LYS XB 20 12.66 115.63 39.38
N GLN XB 21 12.28 114.55 40.06
CA GLN XB 21 11.37 113.56 39.52
C GLN XB 21 9.98 113.74 40.11
N MET XB 22 8.96 113.53 39.29
CA MET XB 22 7.58 113.61 39.74
C MET XB 22 6.70 112.81 38.79
N VAL XB 23 5.54 112.40 39.31
CA VAL XB 23 4.48 111.80 38.51
C VAL XB 23 3.31 112.78 38.47
N ILE XB 24 2.88 113.13 37.27
CA ILE XB 24 1.87 114.15 37.03
C ILE XB 24 0.61 113.49 36.51
N ASP XB 25 -0.53 114.02 36.91
CA ASP XB 25 -1.84 113.58 36.44
C ASP XB 25 -2.58 114.77 35.85
N VAL XB 26 -2.98 114.63 34.58
CA VAL XB 26 -3.65 115.72 33.89
C VAL XB 26 -5.15 115.55 34.11
N LEU XB 27 -5.91 116.61 33.88
CA LEU XB 27 -7.37 116.57 34.03
C LEU XB 27 -7.99 117.18 32.77
N HIS XB 28 -8.14 116.36 31.75
CA HIS XB 28 -8.84 116.74 30.54
C HIS XB 28 -10.29 116.25 30.65
N PRO XB 29 -11.21 117.09 31.13
CA PRO XB 29 -12.56 116.58 31.47
C PRO XB 29 -13.32 116.03 30.28
N GLY XB 30 -13.37 116.76 29.17
CA GLY XB 30 -14.08 116.30 28.00
C GLY XB 30 -13.20 116.30 26.76
N LYS XB 31 -11.89 116.25 26.97
CA LYS XB 31 -10.92 116.38 25.90
C LYS XB 31 -10.08 115.13 25.80
N ALA XB 32 -9.53 114.90 24.61
CA ALA XB 32 -8.61 113.79 24.40
C ALA XB 32 -7.41 113.92 25.32
N THR XB 33 -6.62 112.85 25.40
CA THR XB 33 -5.37 112.91 26.13
C THR XB 33 -4.56 114.11 25.63
N VAL XB 34 -4.32 115.06 26.52
CA VAL XB 34 -3.68 116.31 26.12
C VAL XB 34 -2.29 116.01 25.58
N PRO XB 35 -1.89 116.61 24.46
CA PRO XB 35 -0.59 116.30 23.87
C PRO XB 35 0.55 116.66 24.82
N LYS XB 36 1.65 115.90 24.73
CA LYS XB 36 2.75 116.08 25.67
C LYS XB 36 3.33 117.48 25.60
N THR XB 37 3.28 118.11 24.42
CA THR XB 37 3.86 119.43 24.26
C THR XB 37 3.17 120.45 25.17
N GLU XB 38 1.84 120.37 25.27
CA GLU XB 38 1.10 121.28 26.15
C GLU XB 38 1.42 121.02 27.62
N ILE XB 39 1.58 119.75 28.00
CA ILE XB 39 1.97 119.43 29.37
C ILE XB 39 3.35 119.98 29.66
N ARG XB 40 4.27 119.83 28.70
CA ARG XB 40 5.65 120.30 28.85
C ARG XB 40 5.68 121.79 29.14
N GLU XB 41 4.90 122.57 28.40
CA GLU XB 41 4.94 124.02 28.51
C GLU XB 41 4.19 124.50 29.75
N LYS XB 42 3.14 123.78 30.16
CA LYS XB 42 2.46 124.11 31.41
C LYS XB 42 3.29 123.70 32.62
N LEU XB 43 3.86 122.49 32.59
CA LEU XB 43 4.71 122.06 33.70
C LEU XB 43 5.93 122.96 33.85
N ALA XB 44 6.40 123.54 32.74
CA ALA XB 44 7.48 124.50 32.81
C ALA XB 44 7.04 125.78 33.51
N LYS XB 45 5.80 126.23 33.26
CA LYS XB 45 5.33 127.45 33.88
C LYS XB 45 5.11 127.24 35.38
N MET XB 46 4.71 126.04 35.78
CA MET XB 46 4.55 125.74 37.20
C MET XB 46 5.90 125.76 37.92
N TYR XB 47 6.98 125.41 37.22
CA TYR XB 47 8.31 125.32 37.81
C TYR XB 47 9.26 126.38 37.30
N LYS XB 48 8.77 127.33 36.49
CA LYS XB 48 9.55 128.46 36.01
C LYS XB 48 10.82 128.01 35.29
N THR XB 49 10.61 127.34 34.16
CA THR XB 49 11.72 126.84 33.35
C THR XB 49 11.35 126.98 31.89
N THR XB 50 12.38 127.07 31.05
CA THR XB 50 12.15 127.07 29.61
C THR XB 50 11.59 125.73 29.15
N PRO XB 51 10.63 125.73 28.20
CA PRO XB 51 9.94 124.50 27.79
C PRO XB 51 10.68 123.70 26.72
N ASP XB 52 11.99 123.54 26.90
CA ASP XB 52 12.80 122.69 26.03
C ASP XB 52 13.59 121.64 26.80
N VAL XB 53 13.63 121.73 28.13
CA VAL XB 53 14.33 120.75 28.95
C VAL XB 53 13.34 119.81 29.66
N ILE XB 54 12.07 120.19 29.76
CA ILE XB 54 11.09 119.35 30.43
C ILE XB 54 10.89 118.06 29.64
N PHE XB 55 10.89 116.94 30.33
CA PHE XB 55 10.69 115.63 29.72
C PHE XB 55 9.51 114.94 30.38
N VAL XB 56 8.57 114.46 29.57
CA VAL XB 56 7.38 113.78 30.06
C VAL XB 56 7.10 112.57 29.17
N PHE XB 57 6.57 111.51 29.78
CA PHE XB 57 6.32 110.25 29.08
C PHE XB 57 5.38 109.41 29.94
N GLY XB 58 5.02 108.24 29.42
CA GLY XB 58 4.21 107.28 30.15
C GLY XB 58 2.82 107.78 30.51
N PHE XB 59 2.12 108.35 29.53
CA PHE XB 59 0.82 108.96 29.77
C PHE XB 59 -0.27 107.93 29.47
N ARG XB 60 -0.95 107.46 30.51
CA ARG XB 60 -2.04 106.51 30.39
C ARG XB 60 -3.35 107.17 30.81
N THR XB 61 -4.33 107.13 29.91
CA THR XB 61 -5.64 107.73 30.17
C THR XB 61 -6.53 106.74 30.90
N HIS XB 62 -7.13 107.20 32.00
CA HIS XB 62 -8.01 106.34 32.78
C HIS XB 62 -9.29 106.06 32.01
N PHE XB 63 -9.98 104.99 32.42
CA PHE XB 63 -11.22 104.60 31.76
C PHE XB 63 -12.28 105.66 31.99
N GLY XB 64 -12.90 106.10 30.90
CA GLY XB 64 -13.90 107.14 30.95
C GLY XB 64 -13.39 108.56 30.83
N GLY XB 65 -12.15 108.74 30.40
CA GLY XB 65 -11.62 110.07 30.23
C GLY XB 65 -11.31 110.75 31.55
N GLY XB 66 -11.01 112.04 31.45
CA GLY XB 66 -10.71 112.83 32.63
C GLY XB 66 -9.25 112.79 33.02
N LYS XB 67 -8.90 111.91 33.97
CA LYS XB 67 -7.54 111.84 34.48
C LYS XB 67 -6.67 111.00 33.55
N THR XB 68 -5.46 111.50 33.30
CA THR XB 68 -4.40 110.75 32.63
C THR XB 68 -3.12 110.93 33.43
N THR XB 69 -2.47 109.82 33.78
CA THR XB 69 -1.30 109.83 34.63
C THR XB 69 -0.05 109.66 33.79
N GLY XB 70 0.95 110.52 34.02
CA GLY XB 70 2.20 110.46 33.30
C GLY XB 70 3.37 110.75 34.21
N PHE XB 71 4.56 110.47 33.69
CA PHE XB 71 5.81 110.64 34.43
C PHE XB 71 6.50 111.91 33.98
N GLY XB 72 7.00 112.69 34.94
CA GLY XB 72 7.63 113.96 34.64
C GLY XB 72 9.11 114.01 34.96
N MET XB 73 9.90 114.50 34.00
CA MET XB 73 11.33 114.68 34.15
C MET XB 73 11.67 116.14 33.88
N ILE XB 74 12.36 116.78 34.81
CA ILE XB 74 12.87 118.13 34.63
C ILE XB 74 14.35 118.14 34.95
N TYR XB 75 15.08 119.08 34.36
CA TYR XB 75 16.51 119.16 34.57
C TYR XB 75 16.94 120.61 34.77
N ASP XB 76 18.06 120.77 35.46
CA ASP XB 76 18.61 122.10 35.72
C ASP XB 76 19.28 122.72 34.50
N SER XB 77 19.64 121.90 33.51
CA SER XB 77 20.32 122.40 32.33
C SER XB 77 20.08 121.45 31.16
N LEU XB 78 19.98 122.02 29.96
CA LEU XB 78 19.87 121.19 28.76
C LEU XB 78 21.15 120.42 28.51
N ASP XB 79 22.30 120.97 28.92
CA ASP XB 79 23.56 120.23 28.86
C ASP XB 79 23.43 118.88 29.57
N TYR XB 80 22.93 118.88 30.80
CA TYR XB 80 22.73 117.63 31.52
C TYR XB 80 21.67 116.77 30.85
N ALA XB 81 20.67 117.39 30.21
CA ALA XB 81 19.63 116.63 29.53
C ALA XB 81 20.22 115.78 28.41
N LYS XB 82 21.14 116.34 27.62
CA LYS XB 82 21.82 115.55 26.60
C LYS XB 82 22.72 114.50 27.22
N LYS XB 83 23.16 114.72 28.46
CA LYS XB 83 24.12 113.81 29.09
C LYS XB 83 23.45 112.51 29.51
N ASN XB 84 22.45 112.59 30.38
CA ASN XB 84 21.83 111.41 30.98
C ASN XB 84 20.33 111.40 30.70
N GLU XB 85 19.99 110.96 29.48
CA GLU XB 85 18.60 110.76 29.07
C GLU XB 85 18.57 109.68 28.01
N PRO XB 86 17.54 108.83 28.00
CA PRO XB 86 17.41 107.86 26.92
C PRO XB 86 17.25 108.56 25.58
N LYS XB 87 17.75 107.92 24.54
CA LYS XB 87 17.92 108.59 23.25
C LYS XB 87 16.60 108.77 22.52
N HIS XB 88 15.58 107.96 22.83
CA HIS XB 88 14.29 108.12 22.18
C HIS XB 88 13.63 109.43 22.60
N ARG XB 89 13.70 109.78 23.88
CA ARG XB 89 13.13 111.05 24.33
C ARG XB 89 13.87 112.23 23.72
N LEU XB 90 15.20 112.15 23.63
CA LEU XB 90 15.95 113.18 22.92
C LEU XB 90 15.56 113.22 21.44
N ALA XB 91 15.33 112.04 20.84
CA ALA XB 91 14.86 112.01 19.47
C ALA XB 91 13.41 112.48 19.37
N ARG XB 92 12.61 112.24 20.41
CA ARG XB 92 11.23 112.72 20.41
C ARG XB 92 11.18 114.24 20.37
N HIS XB 93 12.06 114.90 21.10
CA HIS XB 93 12.13 116.35 21.10
C HIS XB 93 13.08 116.90 20.03
N GLY XB 94 13.72 116.03 19.26
CA GLY XB 94 14.48 116.44 18.09
C GLY XB 94 15.94 116.74 18.32
N LEU XB 95 16.46 116.58 19.53
CA LEU XB 95 17.84 116.93 19.83
C LEU XB 95 18.81 115.79 19.54
N TYR XB 96 18.31 114.61 19.19
CA TYR XB 96 19.14 113.47 18.81
C TYR XB 96 18.56 112.77 17.59
N GLU XB 97 19.44 112.40 16.67
CA GLU XB 97 19.03 111.90 15.37
C GLU XB 97 19.54 110.47 15.25
N LYS XB 98 18.69 109.56 14.81
CA LYS XB 98 19.06 108.16 14.65
C LYS XB 98 18.95 107.75 13.20
N LYS XB 99 19.63 108.50 12.33
CA LYS XB 99 19.53 108.32 10.89
C LYS XB 99 20.49 107.19 10.48
N LYS XB 100 20.07 105.97 10.80
CA LYS XB 100 20.91 104.79 10.62
C LYS XB 100 20.22 103.79 9.69
N THR XB 101 20.84 102.63 9.54
CA THR XB 101 20.30 101.53 8.76
C THR XB 101 19.69 100.47 9.67
N SER XB 102 18.91 99.59 9.07
CA SER XB 102 18.26 98.54 9.85
C SER XB 102 19.28 97.52 10.35
N ARG XB 103 18.92 96.87 11.45
CA ARG XB 103 19.85 95.95 12.12
C ARG XB 103 20.21 94.75 11.25
N LYS XB 104 19.32 94.36 10.33
CA LYS XB 104 19.57 93.19 9.51
C LYS XB 104 20.76 93.41 8.59
N GLN XB 105 20.88 94.62 8.02
CA GLN XB 105 22.02 94.94 7.17
C GLN XB 105 23.30 95.05 7.97
N ARG XB 106 23.22 95.59 9.19
CA ARG XB 106 24.42 95.72 10.02
C ARG XB 106 25.02 94.37 10.35
N LYS XB 107 24.17 93.37 10.62
CA LYS XB 107 24.68 92.02 10.85
C LYS XB 107 25.33 91.45 9.59
N GLU XB 108 24.72 91.66 8.43
CA GLU XB 108 25.29 91.16 7.19
C GLU XB 108 26.64 91.82 6.89
N ARG XB 109 26.73 93.13 7.13
CA ARG XB 109 28.00 93.82 6.97
C ARG XB 109 29.06 93.23 7.89
N LYS XB 110 28.71 92.93 9.14
CA LYS XB 110 29.67 92.37 10.08
C LYS XB 110 30.14 90.99 9.66
N ASN XB 111 29.21 90.14 9.22
CA ASN XB 111 29.59 88.80 8.75
C ASN XB 111 30.46 88.88 7.51
N ARG XB 112 30.19 89.85 6.65
CA ARG XB 112 30.93 89.98 5.40
C ARG XB 112 32.33 90.55 5.66
N MET XB 113 32.48 91.36 6.72
CA MET XB 113 33.82 91.77 7.15
C MET XB 113 34.56 90.62 7.84
N LYS XB 114 33.83 89.62 8.33
CA LYS XB 114 34.48 88.46 8.93
C LYS XB 114 35.14 87.58 7.87
N LYS XB 115 34.57 87.56 6.66
CA LYS XB 115 35.12 86.74 5.58
C LYS XB 115 36.47 87.29 5.10
N VAL XB 116 36.63 88.61 5.09
CA VAL XB 116 37.85 89.27 4.62
C VAL XB 116 38.74 89.55 5.82
N ARG XB 117 40.03 89.24 5.69
CA ARG XB 117 41.00 89.30 6.77
C ARG XB 117 41.95 90.47 6.56
N GLY XB 118 42.12 91.28 7.60
CA GLY XB 118 43.20 92.25 7.66
C GLY XB 118 43.09 93.44 6.72
N THR XB 119 43.13 93.18 5.41
CA THR XB 119 43.24 94.24 4.41
C THR XB 119 42.17 95.30 4.59
N ALA XB 120 42.58 96.50 5.04
CA ALA XB 120 41.62 97.56 5.33
C ALA XB 120 40.86 97.98 4.08
N LYS XB 121 41.55 98.02 2.94
CA LYS XB 121 40.91 98.40 1.68
C LYS XB 121 39.74 97.50 1.33
N ALA XB 122 39.89 96.18 1.53
CA ALA XB 122 38.76 95.28 1.30
C ALA XB 122 37.88 95.17 2.53
N ASN XB 123 38.42 95.43 3.71
CA ASN XB 123 37.60 95.34 4.91
C ASN XB 123 36.60 96.49 4.95
N VAL XB 124 37.01 97.67 4.46
CA VAL XB 124 36.07 98.77 4.29
C VAL XB 124 35.36 98.70 2.95
N GLY XB 125 35.88 97.91 2.01
CA GLY XB 125 35.25 97.70 0.72
C GLY XB 125 34.39 96.46 0.62
N ALA XB 126 34.06 95.82 1.75
CA ALA XB 126 33.26 94.61 1.71
C ALA XB 126 31.82 94.89 1.35
N GLY XB 127 31.28 96.04 1.77
CA GLY XB 127 29.90 96.39 1.54
C GLY XB 127 29.63 97.33 0.39
N LYS XB 128 30.61 97.57 -0.48
CA LYS XB 128 30.40 98.48 -1.60
C LYS XB 128 29.62 97.80 -2.73
N LYS XB 129 30.18 96.74 -3.29
CA LYS XB 129 29.51 96.04 -4.39
C LYS XB 129 28.19 95.42 -3.98
N PRO XB 130 28.09 94.66 -2.88
CA PRO XB 130 26.76 94.10 -2.53
C PRO XB 130 25.92 95.11 -1.76
N LYS XB 131 25.43 96.12 -2.49
CA LYS XB 131 24.61 97.17 -1.91
C LYS XB 131 23.19 96.69 -1.64
N ARG YB 1 -72.90 -25.46 -0.76
CA ARG YB 1 -73.71 -24.26 -0.54
C ARG YB 1 -73.39 -23.20 -1.59
N ASP YB 2 -73.88 -23.43 -2.81
CA ASP YB 2 -73.75 -22.46 -3.89
C ASP YB 2 -75.11 -21.97 -4.36
N LYS YB 3 -75.94 -22.85 -4.92
CA LYS YB 3 -77.31 -22.51 -5.30
C LYS YB 3 -78.17 -23.76 -5.14
N LEU YB 4 -79.44 -23.54 -4.78
CA LEU YB 4 -80.28 -24.65 -4.35
C LEU YB 4 -81.08 -25.29 -5.47
N ASN YB 5 -81.33 -24.55 -6.55
CA ASN YB 5 -82.19 -24.95 -7.67
C ASN YB 5 -83.32 -25.89 -7.24
N ASN YB 6 -84.15 -25.38 -6.33
CA ASN YB 6 -85.27 -26.14 -5.81
C ASN YB 6 -86.31 -26.39 -6.91
N LEU YB 7 -87.08 -27.45 -6.71
CA LEU YB 7 -88.18 -27.75 -7.63
C LEU YB 7 -89.26 -26.68 -7.53
N VAL YB 8 -89.79 -26.28 -8.69
CA VAL YB 8 -90.88 -25.31 -8.71
C VAL YB 8 -92.19 -26.06 -8.93
N LEU YB 9 -92.10 -27.21 -9.59
CA LEU YB 9 -93.20 -28.14 -9.72
C LEU YB 9 -92.69 -29.53 -9.38
N PHE YB 10 -93.57 -30.34 -8.78
CA PHE YB 10 -93.16 -31.66 -8.34
C PHE YB 10 -92.76 -32.54 -9.51
N ASP YB 11 -91.90 -33.51 -9.23
CA ASP YB 11 -91.75 -34.68 -10.08
C ASP YB 11 -92.35 -35.86 -9.33
N LYS YB 12 -92.54 -36.97 -10.05
CA LYS YB 12 -93.20 -38.13 -9.44
C LYS YB 12 -92.47 -38.58 -8.19
N ALA YB 13 -91.13 -38.59 -8.24
CA ALA YB 13 -90.34 -39.10 -7.12
C ALA YB 13 -90.55 -38.29 -5.85
N THR YB 14 -90.69 -36.98 -5.99
CA THR YB 14 -90.85 -36.13 -4.81
C THR YB 14 -92.32 -36.05 -4.38
N TYR YB 15 -93.25 -36.29 -5.31
CA TYR YB 15 -94.66 -36.10 -4.98
C TYR YB 15 -95.18 -37.18 -4.03
N ASP YB 16 -94.87 -38.45 -4.32
CA ASP YB 16 -95.24 -39.50 -3.37
C ASP YB 16 -94.43 -39.37 -2.09
N LYS YB 17 -93.17 -38.95 -2.21
CA LYS YB 17 -92.34 -38.62 -1.06
C LYS YB 17 -93.06 -37.66 -0.12
N LEU YB 18 -93.73 -36.66 -0.68
CA LEU YB 18 -94.55 -35.77 0.11
C LEU YB 18 -95.66 -36.53 0.82
N CYS YB 19 -96.43 -37.33 0.06
CA CYS YB 19 -97.67 -37.90 0.57
C CYS YB 19 -97.45 -39.04 1.54
N LYS YB 20 -96.25 -39.61 1.60
CA LYS YB 20 -96.02 -40.80 2.42
C LYS YB 20 -95.38 -40.50 3.77
N GLU YB 21 -94.51 -39.50 3.85
CA GLU YB 21 -93.78 -39.24 5.09
C GLU YB 21 -93.87 -37.82 5.60
N VAL YB 22 -94.25 -36.85 4.77
CA VAL YB 22 -94.47 -35.49 5.27
C VAL YB 22 -95.56 -35.44 6.34
N PRO YB 23 -96.73 -36.09 6.16
CA PRO YB 23 -97.74 -36.05 7.24
C PRO YB 23 -97.44 -37.04 8.35
N ASN YB 24 -96.17 -37.16 8.75
CA ASN YB 24 -95.78 -38.11 9.78
C ASN YB 24 -94.91 -37.52 10.87
N TYR YB 25 -94.48 -36.28 10.75
CA TYR YB 25 -93.52 -35.69 11.67
C TYR YB 25 -94.01 -34.33 12.14
N LYS YB 26 -93.68 -34.03 13.39
CA LYS YB 26 -94.50 -33.13 14.21
C LYS YB 26 -94.55 -31.73 13.61
N LEU YB 27 -93.39 -31.14 13.35
CA LEU YB 27 -93.31 -29.78 12.84
C LEU YB 27 -93.30 -29.82 11.32
N ILE YB 28 -94.41 -29.45 10.71
CA ILE YB 28 -94.53 -29.33 9.26
C ILE YB 28 -94.94 -27.90 8.93
N THR YB 29 -93.98 -27.13 8.42
CA THR YB 29 -94.16 -25.77 7.96
C THR YB 29 -93.60 -25.67 6.55
N PRO YB 30 -94.06 -24.68 5.77
CA PRO YB 30 -93.54 -24.55 4.39
C PRO YB 30 -92.03 -24.42 4.32
N ALA YB 31 -91.41 -23.74 5.30
CA ALA YB 31 -89.96 -23.65 5.32
C ALA YB 31 -89.32 -25.02 5.54
N VAL YB 32 -89.89 -25.82 6.44
CA VAL YB 32 -89.30 -27.12 6.76
C VAL YB 32 -89.39 -28.06 5.57
N VAL YB 33 -90.57 -28.16 4.95
CA VAL YB 33 -90.74 -29.04 3.81
C VAL YB 33 -89.96 -28.56 2.59
N SER YB 34 -89.72 -27.25 2.49
CA SER YB 34 -88.91 -26.73 1.39
C SER YB 34 -87.46 -27.20 1.47
N GLU YB 35 -86.88 -27.15 2.66
CA GLU YB 35 -85.49 -27.51 2.89
C GLU YB 35 -85.30 -29.00 3.15
N ARG YB 36 -86.38 -29.77 3.14
CA ARG YB 36 -86.34 -31.22 3.26
C ARG YB 36 -86.69 -31.94 1.97
N LEU YB 37 -87.64 -31.43 1.19
CA LEU YB 37 -88.01 -32.02 -0.08
C LEU YB 37 -87.46 -31.25 -1.28
N LYS YB 38 -86.66 -30.22 -1.04
CA LYS YB 38 -86.04 -29.41 -2.11
C LYS YB 38 -87.08 -28.76 -3.02
N ILE YB 39 -88.26 -28.45 -2.48
CA ILE YB 39 -89.24 -27.70 -3.22
C ILE YB 39 -89.04 -26.22 -2.94
N ARG YB 40 -89.53 -25.38 -3.86
CA ARG YB 40 -89.13 -23.98 -3.88
C ARG YB 40 -89.68 -23.23 -2.66
N GLY YB 41 -90.96 -23.37 -2.36
CA GLY YB 41 -91.53 -22.70 -1.20
C GLY YB 41 -92.95 -22.25 -1.45
N SER YB 42 -93.19 -21.66 -2.61
CA SER YB 42 -94.57 -21.46 -3.07
C SER YB 42 -95.26 -22.80 -3.28
N LEU YB 43 -94.52 -23.77 -3.82
CA LEU YB 43 -95.02 -25.13 -3.89
C LEU YB 43 -95.25 -25.72 -2.51
N ALA YB 44 -94.39 -25.36 -1.55
CA ALA YB 44 -94.54 -25.86 -0.18
C ALA YB 44 -95.84 -25.38 0.43
N ARG YB 45 -96.12 -24.08 0.36
CA ARG YB 45 -97.41 -23.59 0.83
C ARG YB 45 -98.55 -24.19 0.04
N ALA YB 46 -98.36 -24.36 -1.27
CA ALA YB 46 -99.36 -25.02 -2.11
C ALA YB 46 -99.60 -26.45 -1.63
N ALA YB 47 -98.55 -27.28 -1.68
CA ALA YB 47 -98.72 -28.70 -1.35
C ALA YB 47 -99.26 -28.89 0.06
N LEU YB 48 -98.89 -28.02 1.01
CA LEU YB 48 -99.33 -28.19 2.38
C LEU YB 48 -100.83 -27.94 2.52
N GLN YB 49 -101.35 -26.95 1.79
CA GLN YB 49 -102.76 -26.61 1.95
C GLN YB 49 -103.66 -27.54 1.16
N GLU YB 50 -103.12 -28.23 0.14
CA GLU YB 50 -103.86 -29.33 -0.47
C GLU YB 50 -103.98 -30.49 0.51
N LEU YB 51 -102.89 -30.80 1.20
CA LEU YB 51 -102.92 -31.87 2.20
C LEU YB 51 -103.85 -31.54 3.35
N LEU YB 52 -104.04 -30.25 3.64
CA LEU YB 52 -105.01 -29.90 4.66
C LEU YB 52 -106.41 -30.26 4.19
N SER YB 53 -106.72 -29.94 2.93
CA SER YB 53 -108.07 -30.17 2.39
C SER YB 53 -108.40 -31.65 2.41
N LYS YB 54 -107.43 -32.51 2.14
CA LYS YB 54 -107.65 -33.94 2.25
C LYS YB 54 -107.81 -34.39 3.70
N GLY YB 55 -107.36 -33.58 4.65
CA GLY YB 55 -107.55 -33.87 6.05
C GLY YB 55 -106.48 -34.72 6.69
N LEU YB 56 -105.40 -35.05 5.99
CA LEU YB 56 -104.35 -35.86 6.57
C LEU YB 56 -103.31 -35.02 7.31
N ILE YB 57 -103.48 -33.71 7.39
CA ILE YB 57 -102.61 -32.83 8.16
C ILE YB 57 -103.48 -31.82 8.89
N LYS YB 58 -103.12 -31.55 10.15
CA LYS YB 58 -103.87 -30.64 11.02
C LYS YB 58 -103.18 -29.29 11.07
N LEU YB 59 -103.96 -28.22 10.95
CA LEU YB 59 -103.47 -26.86 11.06
C LEU YB 59 -103.58 -26.36 12.50
N VAL YB 60 -102.65 -25.50 12.90
CA VAL YB 60 -102.64 -24.97 14.26
C VAL YB 60 -102.51 -23.46 14.27
N SER YB 61 -101.63 -22.90 13.43
CA SER YB 61 -101.29 -21.49 13.50
C SER YB 61 -102.10 -20.65 12.50
N LYS YB 62 -101.82 -20.79 11.21
CA LYS YB 62 -102.43 -20.00 10.15
C LYS YB 62 -102.26 -18.50 10.45
N HIS YB 63 -101.04 -18.04 10.18
CA HIS YB 63 -100.69 -16.63 10.25
C HIS YB 63 -100.01 -16.24 8.95
N ARG YB 64 -100.01 -14.93 8.67
CA ARG YB 64 -99.47 -14.45 7.40
C ARG YB 64 -98.00 -14.79 7.24
N ALA YB 65 -97.20 -14.58 8.30
CA ALA YB 65 -95.76 -14.78 8.19
C ALA YB 65 -95.33 -16.19 8.56
N GLN YB 66 -96.11 -16.90 9.37
CA GLN YB 66 -95.79 -18.27 9.73
C GLN YB 66 -97.06 -19.10 9.78
N VAL YB 67 -97.15 -20.11 8.93
CA VAL YB 67 -98.23 -21.08 8.96
C VAL YB 67 -97.65 -22.42 9.41
N ILE YB 68 -98.23 -22.97 10.47
CA ILE YB 68 -97.73 -24.17 11.12
C ILE YB 68 -98.80 -25.24 11.07
N TYR YB 69 -98.39 -26.47 10.76
CA TYR YB 69 -99.28 -27.62 10.78
C TYR YB 69 -98.69 -28.69 11.69
N THR YB 70 -99.39 -29.82 11.77
CA THR YB 70 -98.95 -30.95 12.56
C THR YB 70 -99.58 -32.22 12.01
N ARG YB 71 -98.98 -33.36 12.35
CA ARG YB 71 -99.53 -34.63 11.92
C ARG YB 71 -100.79 -34.96 12.70
N ASN YB 72 -101.56 -35.91 12.16
CA ASN YB 72 -102.77 -36.36 12.84
C ASN YB 72 -102.42 -37.12 14.11
N THR YB 73 -103.32 -37.07 15.08
CA THR YB 73 -103.13 -37.77 16.34
C THR YB 73 -103.14 -39.28 16.11
N LYS YB 74 -102.35 -39.98 16.92
CA LYS YB 74 -102.24 -41.43 16.84
C LYS YB 74 -102.84 -42.06 18.09
N GLY YB 75 -103.63 -43.11 17.90
CA GLY YB 75 -104.26 -43.80 19.01
C GLY YB 75 -105.73 -43.45 19.17
N THR ZB 1 -30.25 25.66 45.45
CA THR ZB 1 -30.78 25.72 46.80
C THR ZB 1 -30.60 24.39 47.52
N LYS ZB 2 -30.16 24.47 48.78
CA LYS ZB 2 -30.01 23.29 49.62
C LYS ZB 2 -31.38 22.80 50.05
N LYS ZB 3 -31.79 21.64 49.52
CA LYS ZB 3 -33.13 21.15 49.80
C LYS ZB 3 -33.24 20.61 51.23
N ARG ZB 4 -32.17 20.02 51.75
CA ARG ZB 4 -32.19 19.37 53.06
C ARG ZB 4 -30.94 19.74 53.84
N ARG ZB 5 -31.14 20.16 55.10
CA ARG ZB 5 -30.01 20.34 56.00
C ARG ZB 5 -29.28 19.01 56.24
N ASN ZB 6 -30.06 17.93 56.32
CA ASN ZB 6 -29.53 16.59 56.45
C ASN ZB 6 -28.68 16.19 55.24
N ASN ZB 7 -28.82 16.90 54.12
CA ASN ZB 7 -28.22 16.58 52.84
C ASN ZB 7 -28.76 15.27 52.28
N GLY ZB 8 -29.86 14.76 52.84
CA GLY ZB 8 -30.44 13.51 52.43
C GLY ZB 8 -29.89 12.28 53.11
N ARG ZB 9 -29.04 12.45 54.13
CA ARG ZB 9 -28.33 11.31 54.70
C ARG ZB 9 -27.97 11.61 56.15
N ALA ZB 10 -27.88 10.54 56.94
CA ALA ZB 10 -27.56 10.66 58.37
C ALA ZB 10 -26.07 10.71 58.64
N LYS ZB 11 -25.27 11.33 57.76
CA LYS ZB 11 -23.83 11.43 57.92
C LYS ZB 11 -23.54 12.74 58.63
N LYS ZB 12 -22.94 12.65 59.82
CA LYS ZB 12 -22.74 13.87 60.60
C LYS ZB 12 -21.32 14.02 61.15
N GLY ZB 13 -20.71 12.94 61.63
CA GLY ZB 13 -19.37 13.02 62.18
C GLY ZB 13 -18.33 12.27 61.37
N ARG ZB 14 -18.80 11.53 60.37
CA ARG ZB 14 -18.02 10.74 59.43
C ARG ZB 14 -17.49 11.55 58.26
N GLY ZB 15 -16.61 10.89 57.51
CA GLY ZB 15 -16.21 11.32 56.19
C GLY ZB 15 -16.66 10.34 55.13
N HIS ZB 16 -16.79 9.06 55.49
CA HIS ZB 16 -17.19 8.04 54.53
C HIS ZB 16 -18.06 7.00 55.21
N VAL ZB 17 -19.06 6.51 54.48
CA VAL ZB 17 -19.95 5.46 54.94
C VAL ZB 17 -19.95 4.36 53.89
N GLN ZB 18 -19.81 3.11 54.34
CA GLN ZB 18 -19.72 1.99 53.42
C GLN ZB 18 -21.02 1.85 52.63
N PRO ZB 19 -20.94 1.65 51.32
CA PRO ZB 19 -22.15 1.56 50.50
C PRO ZB 19 -22.86 0.22 50.69
N ILE ZB 20 -24.09 0.19 50.18
CA ILE ZB 20 -24.92 -1.01 50.12
C ILE ZB 20 -25.51 -1.09 48.73
N ARG ZB 21 -26.19 -2.19 48.44
CA ARG ZB 21 -26.83 -2.39 47.15
C ARG ZB 21 -28.34 -2.42 47.32
N CYS ZB 22 -29.05 -1.65 46.49
CA CYS ZB 22 -30.49 -1.60 46.53
C CYS ZB 22 -31.07 -2.97 46.24
N THR ZB 23 -32.01 -3.42 47.09
CA THR ZB 23 -32.60 -4.73 46.93
C THR ZB 23 -33.52 -4.84 45.72
N ASN ZB 24 -33.80 -3.72 45.05
CA ASN ZB 24 -34.67 -3.72 43.88
C ASN ZB 24 -33.93 -3.55 42.57
N CYS ZB 25 -32.77 -2.88 42.57
CA CYS ZB 25 -32.04 -2.63 41.34
C CYS ZB 25 -30.53 -2.76 41.48
N ALA ZB 26 -30.02 -3.12 42.66
CA ALA ZB 26 -28.59 -3.31 42.91
C ALA ZB 26 -27.78 -2.03 42.70
N ARG ZB 27 -28.36 -0.88 43.02
CA ARG ZB 27 -27.61 0.36 42.96
C ARG ZB 27 -26.77 0.55 44.23
N CYS ZB 28 -25.53 0.98 44.05
CA CYS ZB 28 -24.68 1.30 45.19
C CYS ZB 28 -25.18 2.57 45.86
N VAL ZB 29 -25.72 2.43 47.06
CA VAL ZB 29 -26.23 3.55 47.83
C VAL ZB 29 -25.46 3.61 49.15
N PRO ZB 30 -25.08 4.78 49.63
CA PRO ZB 30 -24.53 4.86 50.99
C PRO ZB 30 -25.53 4.33 52.00
N LYS ZB 31 -25.02 3.65 53.02
CA LYS ZB 31 -25.90 2.98 53.98
C LYS ZB 31 -26.82 3.97 54.68
N ASP ZB 32 -26.32 5.18 54.95
CA ASP ZB 32 -27.13 6.19 55.62
C ASP ZB 32 -28.22 6.73 54.71
N LYS ZB 33 -27.90 6.95 53.44
CA LYS ZB 33 -28.85 7.52 52.49
C LYS ZB 33 -30.01 6.58 52.18
N ALA ZB 34 -29.81 5.28 52.35
CA ALA ZB 34 -30.78 4.30 51.89
C ALA ZB 34 -32.04 4.30 52.75
N ILE ZB 35 -33.20 4.30 52.08
CA ILE ZB 35 -34.45 4.01 52.78
C ILE ZB 35 -34.47 2.55 53.17
N LYS ZB 36 -34.73 2.30 54.45
CA LYS ZB 36 -34.71 0.96 55.01
C LYS ZB 36 -36.10 0.54 55.42
N LYS ZB 37 -36.47 -0.68 55.02
CA LYS ZB 37 -37.71 -1.32 55.44
C LYS ZB 37 -37.36 -2.57 56.22
N PHE ZB 38 -38.06 -2.81 57.32
CA PHE ZB 38 -37.94 -4.07 58.06
C PHE ZB 38 -39.33 -4.65 58.16
N VAL ZB 39 -39.63 -5.65 57.34
CA VAL ZB 39 -40.96 -6.24 57.25
C VAL ZB 39 -40.98 -7.53 58.03
N ILE ZB 40 -41.92 -7.63 58.98
CA ILE ZB 40 -42.14 -8.85 59.75
C ILE ZB 40 -43.41 -9.47 59.18
N ARG ZB 41 -43.27 -10.23 58.11
CA ARG ZB 41 -44.39 -10.86 57.45
C ARG ZB 41 -44.64 -12.25 58.01
N ASN ZB 42 -45.90 -12.55 58.31
CA ASN ZB 42 -46.27 -13.95 58.50
C ASN ZB 42 -45.97 -14.75 57.25
N ILE ZB 43 -45.43 -15.95 57.45
CA ILE ZB 43 -44.98 -16.76 56.34
C ILE ZB 43 -46.15 -17.30 55.53
N VAL ZB 44 -47.37 -17.07 55.99
CA VAL ZB 44 -48.59 -17.40 55.26
C VAL ZB 44 -49.40 -16.14 55.07
N GLU ZB 45 -50.13 -16.06 53.96
CA GLU ZB 45 -51.04 -14.95 53.75
C GLU ZB 45 -52.11 -14.94 54.84
N ALA ZB 46 -52.71 -13.77 55.05
CA ALA ZB 46 -53.75 -13.64 56.06
C ALA ZB 46 -54.99 -14.46 55.73
N ALA ZB 47 -55.12 -14.94 54.49
CA ALA ZB 47 -56.24 -15.77 54.09
C ALA ZB 47 -55.99 -17.26 54.29
N ALA ZB 48 -54.73 -17.68 54.39
CA ALA ZB 48 -54.38 -19.08 54.56
C ALA ZB 48 -54.16 -19.47 56.01
N VAL ZB 49 -54.43 -18.56 56.94
CA VAL ZB 49 -54.23 -18.86 58.36
C VAL ZB 49 -55.16 -19.97 58.83
N ARG ZB 50 -56.27 -20.17 58.13
CA ARG ZB 50 -57.23 -21.20 58.50
C ARG ZB 50 -56.90 -22.57 57.89
N ASP ZB 51 -56.66 -22.63 56.58
CA ASP ZB 51 -56.42 -23.92 55.94
C ASP ZB 51 -55.15 -24.57 56.46
N ILE ZB 52 -54.12 -23.78 56.74
CA ILE ZB 52 -52.91 -24.32 57.34
C ILE ZB 52 -53.17 -24.84 58.75
N SER ZB 53 -53.93 -24.07 59.54
CA SER ZB 53 -54.20 -24.49 60.91
C SER ZB 53 -54.92 -25.82 60.96
N GLU ZB 54 -55.81 -26.08 59.99
CA GLU ZB 54 -56.52 -27.35 59.98
C GLU ZB 54 -55.59 -28.49 59.58
N ALA ZB 55 -54.74 -28.28 58.57
CA ALA ZB 55 -53.85 -29.32 58.10
C ALA ZB 55 -52.64 -29.53 59.00
N SER ZB 56 -52.40 -28.66 59.97
CA SER ZB 56 -51.24 -28.80 60.84
C SER ZB 56 -51.43 -29.95 61.81
N VAL ZB 57 -50.40 -30.80 61.91
CA VAL ZB 57 -50.45 -31.92 62.85
C VAL ZB 57 -50.35 -31.48 64.29
N PHE ZB 58 -49.90 -30.26 64.55
CA PHE ZB 58 -49.82 -29.72 65.91
C PHE ZB 58 -51.01 -28.81 66.18
N ASP ZB 59 -51.58 -28.94 67.38
CA ASP ZB 59 -52.76 -28.16 67.73
C ASP ZB 59 -52.39 -26.70 68.01
N ALA ZB 60 -51.61 -26.46 69.06
CA ALA ZB 60 -51.21 -25.09 69.42
C ALA ZB 60 -49.86 -24.77 68.78
N TYR ZB 61 -49.91 -24.60 67.46
CA TYR ZB 61 -48.72 -24.34 66.65
C TYR ZB 61 -48.69 -22.86 66.27
N VAL ZB 62 -47.79 -22.10 66.91
CA VAL ZB 62 -47.55 -20.73 66.51
C VAL ZB 62 -46.90 -20.73 65.12
N LEU ZB 63 -47.26 -19.75 64.31
CA LEU ZB 63 -46.83 -19.90 62.93
C LEU ZB 63 -45.65 -18.98 62.65
N PRO ZB 64 -44.62 -19.49 61.96
CA PRO ZB 64 -43.37 -18.73 61.82
C PRO ZB 64 -43.56 -17.45 61.02
N LYS ZB 65 -42.60 -16.54 61.20
CA LYS ZB 65 -42.60 -15.25 60.53
C LYS ZB 65 -41.34 -15.12 59.67
N LEU ZB 66 -41.39 -14.18 58.74
CA LEU ZB 66 -40.31 -13.94 57.80
C LEU ZB 66 -39.70 -12.58 58.07
N TYR ZB 67 -38.38 -12.56 58.26
CA TYR ZB 67 -37.65 -11.35 58.65
C TYR ZB 67 -36.74 -10.96 57.49
N VAL ZB 68 -37.10 -9.87 56.81
CA VAL ZB 68 -36.34 -9.37 55.67
C VAL ZB 68 -36.10 -7.89 55.87
N LYS ZB 69 -34.85 -7.45 55.70
CA LYS ZB 69 -34.50 -6.05 55.76
C LYS ZB 69 -34.26 -5.54 54.34
N LEU ZB 70 -35.06 -4.57 53.91
CA LEU ZB 70 -35.00 -4.03 52.57
C LEU ZB 70 -34.26 -2.71 52.56
N HIS ZB 71 -33.45 -2.50 51.52
CA HIS ZB 71 -32.73 -1.25 51.30
C HIS ZB 71 -33.14 -0.70 49.95
N TYR ZB 72 -33.56 0.55 49.91
CA TYR ZB 72 -34.03 1.20 48.69
C TYR ZB 72 -33.17 2.41 48.37
N CYS ZB 73 -32.77 2.53 47.11
CA CYS ZB 73 -32.38 3.82 46.59
C CYS ZB 73 -33.62 4.69 46.46
N VAL ZB 74 -33.42 6.01 46.57
CA VAL ZB 74 -34.58 6.90 46.57
C VAL ZB 74 -35.32 6.81 45.25
N SER ZB 75 -34.60 6.50 44.16
CA SER ZB 75 -35.25 6.31 42.86
C SER ZB 75 -36.22 5.14 42.92
N CYS ZB 76 -35.78 4.01 43.46
CA CYS ZB 76 -36.67 2.87 43.62
C CYS ZB 76 -37.70 3.11 44.72
N ALA ZB 77 -37.34 3.86 45.76
CA ALA ZB 77 -38.27 4.09 46.86
C ALA ZB 77 -39.49 4.88 46.40
N ILE ZB 78 -39.28 5.95 45.62
CA ILE ZB 78 -40.39 6.77 45.17
C ILE ZB 78 -41.23 6.02 44.14
N HIS ZB 79 -40.58 5.30 43.22
CA HIS ZB 79 -41.33 4.60 42.18
C HIS ZB 79 -42.19 3.49 42.77
N SER ZB 80 -41.70 2.83 43.82
CA SER ZB 80 -42.47 1.80 44.51
C SER ZB 80 -43.45 2.37 45.53
N LYS ZB 81 -43.46 3.69 45.70
CA LYS ZB 81 -44.44 4.38 46.55
C LYS ZB 81 -44.33 3.95 48.01
N VAL ZB 82 -43.11 3.81 48.50
CA VAL ZB 82 -42.90 3.63 49.94
C VAL ZB 82 -42.67 4.97 50.62
N VAL ZB 83 -41.95 5.88 49.97
CA VAL ZB 83 -41.85 7.27 50.40
C VAL ZB 83 -42.53 8.13 49.36
N ARG ZB 84 -43.06 9.26 49.81
CA ARG ZB 84 -43.81 10.17 48.95
C ARG ZB 84 -43.28 11.58 49.13
N ASN ZB 85 -43.29 12.34 48.03
CA ASN ZB 85 -42.90 13.75 48.12
C ASN ZB 85 -43.90 14.49 49.00
N ARG ZB 86 -43.38 15.42 49.80
CA ARG ZB 86 -44.18 16.13 50.79
C ARG ZB 86 -43.98 17.62 50.61
N SER ZB 87 -44.92 18.39 51.16
CA SER ZB 87 -44.83 19.85 51.10
C SER ZB 87 -43.55 20.33 51.75
N ARG ZB 88 -43.16 21.59 51.48
CA ARG ZB 88 -41.88 22.09 51.96
C ARG ZB 88 -41.80 22.03 53.49
N GLU ZB 89 -42.89 22.40 54.16
CA GLU ZB 89 -42.94 22.26 55.61
C GLU ZB 89 -42.97 20.80 56.03
N ALA ZB 90 -43.82 20.00 55.39
CA ALA ZB 90 -43.99 18.60 55.79
C ALA ZB 90 -42.76 17.75 55.53
N ARG ZB 91 -41.79 18.24 54.75
CA ARG ZB 91 -40.56 17.48 54.55
C ARG ZB 91 -39.77 17.37 55.84
N LYS ZB 92 -40.01 18.29 56.78
CA LYS ZB 92 -39.15 18.41 57.96
C LYS ZB 92 -39.38 17.28 58.95
N ASP ZB 93 -40.65 16.93 59.21
CA ASP ZB 93 -40.94 16.01 60.30
C ASP ZB 93 -40.36 14.62 60.03
N ARG ZB 94 -39.80 14.02 61.07
CA ARG ZB 94 -39.14 12.73 60.97
C ARG ZB 94 -39.92 11.61 61.65
N THR ZB 95 -41.10 11.90 62.19
CA THR ZB 95 -41.91 10.86 62.79
C THR ZB 95 -42.52 9.98 61.71
N PRO ZB 96 -42.55 8.65 61.92
CA PRO ZB 96 -43.07 7.76 60.88
C PRO ZB 96 -44.59 7.80 60.84
N PRO ZB 97 -45.20 7.33 59.75
CA PRO ZB 97 -46.65 7.28 59.70
C PRO ZB 97 -47.18 6.31 60.74
N PRO ZB 98 -48.39 6.55 61.25
CA PRO ZB 98 -48.93 5.70 62.31
C PRO ZB 98 -49.21 4.29 61.82
N ARG ZB 99 -49.18 3.34 62.76
CA ARG ZB 99 -49.46 1.95 62.43
C ARG ZB 99 -50.93 1.68 62.15
N PHE ZB 100 -51.82 2.64 62.42
CA PHE ZB 100 -53.27 2.46 62.28
C PHE ZB 100 -53.73 1.24 63.07
N ARG ZB 101 -53.44 1.29 64.36
CA ARG ZB 101 -53.77 0.17 65.25
C ARG ZB 101 -55.27 0.06 65.54
N PRO ZB 102 -56.08 1.14 65.49
CA PRO ZB 102 -57.52 0.82 65.47
C PRO ZB 102 -58.01 0.52 64.05
N PRO AC 1 -32.95 36.39 82.50
CA PRO AC 1 -32.73 37.34 83.59
C PRO AC 1 -31.69 38.39 83.24
N LEU AC 2 -32.12 39.63 83.08
CA LEU AC 2 -31.22 40.72 82.74
C LEU AC 2 -30.51 41.32 83.94
N ALA AC 3 -30.95 41.01 85.16
CA ALA AC 3 -30.43 41.63 86.36
C ALA AC 3 -29.83 40.59 87.31
N LYS AC 4 -29.11 39.63 86.75
CA LYS AC 4 -28.38 38.68 87.58
C LYS AC 4 -27.29 39.40 88.36
N ASP AC 5 -27.12 39.02 89.63
CA ASP AC 5 -26.12 39.65 90.48
C ASP AC 5 -24.81 38.88 90.33
N LEU AC 6 -23.97 39.35 89.40
CA LEU AC 6 -22.70 38.69 89.13
C LEU AC 6 -21.67 38.95 90.23
N LEU AC 7 -21.85 40.02 91.00
CA LEU AC 7 -20.87 40.37 92.02
C LEU AC 7 -20.97 39.49 93.27
N HIS AC 8 -22.18 39.20 93.72
CA HIS AC 8 -22.41 38.40 94.92
C HIS AC 8 -23.34 37.23 94.60
N PRO AC 9 -22.84 36.25 93.86
CA PRO AC 9 -23.65 35.03 93.64
C PRO AC 9 -23.48 34.07 94.82
N SER AC 10 -24.57 33.37 95.13
CA SER AC 10 -24.65 32.58 96.34
C SER AC 10 -23.77 31.33 96.22
N PRO AC 11 -23.48 30.66 97.36
CA PRO AC 11 -22.52 29.54 97.31
C PRO AC 11 -22.89 28.41 96.35
N GLU AC 12 -24.17 28.04 96.27
CA GLU AC 12 -24.51 26.78 95.59
C GLU AC 12 -24.39 26.87 94.07
N GLU AC 13 -24.45 28.07 93.50
CA GLU AC 13 -24.10 28.21 92.09
C GLU AC 13 -22.60 28.06 91.87
N GLU AC 14 -21.80 28.56 92.82
CA GLU AC 14 -20.35 28.42 92.71
C GLU AC 14 -19.92 26.97 92.70
N LYS AC 15 -20.40 26.19 93.69
CA LYS AC 15 -20.06 24.78 93.70
C LYS AC 15 -20.58 24.06 92.47
N ARG AC 16 -21.62 24.59 91.83
CA ARG AC 16 -22.08 24.01 90.58
C ARG AC 16 -21.13 24.30 89.41
N LYS AC 17 -20.56 25.51 89.35
CA LYS AC 17 -19.74 25.88 88.21
C LYS AC 17 -18.37 25.19 88.22
N HIS AC 18 -17.74 25.23 87.06
CA HIS AC 18 -16.40 24.68 86.87
C HIS AC 18 -15.40 25.46 87.72
N LYS AC 19 -14.34 24.77 88.15
CA LYS AC 19 -13.31 25.42 88.94
C LYS AC 19 -12.81 26.70 88.28
N LYS AC 20 -12.58 26.66 86.97
CA LYS AC 20 -11.96 27.79 86.28
C LYS AC 20 -12.97 28.91 86.06
N LYS AC 21 -14.23 28.57 85.85
CA LYS AC 21 -15.27 29.53 85.51
C LYS AC 21 -15.91 30.18 86.73
N ARG AC 22 -15.52 29.78 87.93
CA ARG AC 22 -16.01 30.46 89.12
C ARG AC 22 -15.42 31.87 89.19
N LEU AC 23 -16.03 32.72 90.03
CA LEU AC 23 -15.62 34.12 90.07
C LEU AC 23 -14.15 34.25 90.46
N VAL AC 24 -13.72 33.46 91.45
CA VAL AC 24 -12.31 33.28 91.77
C VAL AC 24 -12.02 31.79 91.73
N GLN AC 25 -10.93 31.41 91.07
CA GLN AC 25 -10.59 30.00 90.95
C GLN AC 25 -10.51 29.34 92.32
N SER AC 26 -11.10 28.16 92.41
CA SER AC 26 -11.11 27.40 93.64
C SER AC 26 -10.86 25.94 93.30
N PRO AC 27 -10.01 25.26 94.08
CA PRO AC 27 -9.74 23.84 93.82
C PRO AC 27 -10.79 22.94 94.46
N ASN AC 28 -11.34 22.00 93.67
CA ASN AC 28 -12.32 21.07 94.21
C ASN AC 28 -11.67 20.05 95.14
N SER AC 29 -10.41 19.72 94.88
CA SER AC 29 -9.73 18.67 95.63
C SER AC 29 -9.38 19.13 97.04
N TYR AC 30 -9.11 18.16 97.91
CA TYR AC 30 -8.85 18.40 99.31
C TYR AC 30 -7.81 17.41 99.84
N PHE AC 31 -7.23 17.73 100.99
CA PHE AC 31 -6.31 16.86 101.70
C PHE AC 31 -6.99 16.33 102.95
N MET AC 32 -6.72 15.07 103.31
CA MET AC 32 -7.49 14.42 104.36
C MET AC 32 -6.62 13.55 105.26
N ASP AC 33 -6.90 13.61 106.56
CA ASP AC 33 -6.31 12.68 107.52
C ASP AC 33 -6.83 11.27 107.26
N VAL AC 34 -5.94 10.32 107.06
CA VAL AC 34 -6.32 8.93 106.79
C VAL AC 34 -5.84 8.06 107.95
N LYS AC 35 -6.76 7.30 108.54
CA LYS AC 35 -6.48 6.41 109.66
C LYS AC 35 -6.84 4.99 109.25
N CYS AC 36 -5.83 4.24 108.81
CA CYS AC 36 -6.04 2.84 108.47
C CYS AC 36 -6.09 2.00 109.76
N PRO AC 37 -6.84 0.90 109.75
CA PRO AC 37 -6.91 0.07 110.96
C PRO AC 37 -5.57 -0.61 111.25
N GLY AC 38 -5.26 -0.74 112.52
CA GLY AC 38 -4.04 -1.41 112.92
C GLY AC 38 -2.78 -0.58 112.86
N CYS AC 39 -2.87 0.72 113.17
CA CYS AC 39 -1.70 1.58 113.29
C CYS AC 39 -1.95 2.61 114.37
N TYR AC 40 -1.00 3.55 114.48
CA TYR AC 40 -1.09 4.65 115.43
C TYR AC 40 -1.08 6.03 114.79
N LYS AC 41 -0.58 6.14 113.56
CA LYS AC 41 -0.28 7.43 112.96
C LYS AC 41 -1.36 7.84 111.97
N ILE AC 42 -1.29 9.10 111.56
CA ILE AC 42 -2.26 9.70 110.65
C ILE AC 42 -1.52 10.13 109.39
N THR AC 43 -2.05 9.74 108.23
CA THR AC 43 -1.40 9.98 106.95
C THR AC 43 -2.18 11.04 106.18
N THR AC 44 -1.47 11.97 105.56
CA THR AC 44 -2.09 13.01 104.75
C THR AC 44 -2.13 12.53 103.30
N VAL AC 45 -3.34 12.44 102.73
CA VAL AC 45 -3.54 11.91 101.39
C VAL AC 45 -4.33 12.92 100.57
N PHE AC 46 -3.84 13.21 99.38
CA PHE AC 46 -4.58 14.02 98.42
C PHE AC 46 -5.85 13.30 97.99
N SER AC 47 -6.95 14.05 97.87
CA SER AC 47 -8.22 13.43 97.49
C SER AC 47 -8.16 12.84 96.09
N HIS AC 48 -7.34 13.43 95.22
CA HIS AC 48 -7.19 12.97 93.84
C HIS AC 48 -5.78 12.43 93.61
N ALA AC 49 -5.30 11.62 94.56
CA ALA AC 49 -3.94 11.11 94.48
C ALA AC 49 -3.77 10.19 93.29
N GLN AC 50 -2.70 10.40 92.52
CA GLN AC 50 -2.38 9.57 91.37
C GLN AC 50 -1.50 8.38 91.73
N THR AC 51 -0.91 8.37 92.92
CA THR AC 51 -0.01 7.31 93.34
C THR AC 51 -0.71 6.43 94.37
N VAL AC 52 -0.02 5.35 94.75
CA VAL AC 52 -0.54 4.40 95.71
C VAL AC 52 0.20 4.66 97.01
N VAL AC 53 -0.40 5.45 97.90
CA VAL AC 53 0.31 5.81 99.13
C VAL AC 53 0.45 4.58 100.02
N LEU AC 54 1.48 4.60 100.85
CA LEU AC 54 1.81 3.49 101.73
C LEU AC 54 2.28 4.01 103.07
N CYS AC 55 1.87 3.33 104.13
CA CYS AC 55 2.42 3.63 105.45
C CYS AC 55 3.86 3.13 105.52
N VAL AC 56 4.77 4.00 105.95
CA VAL AC 56 6.15 3.58 106.12
C VAL AC 56 6.35 2.66 107.32
N GLY AC 57 5.31 2.48 108.14
CA GLY AC 57 5.36 1.56 109.25
C GLY AC 57 4.64 0.26 108.97
N CYS AC 58 3.48 0.34 108.33
CA CYS AC 58 2.67 -0.83 108.02
C CYS AC 58 2.57 -1.01 106.50
N SER AC 59 2.66 -2.25 106.06
CA SER AC 59 2.77 -2.57 104.63
C SER AC 59 1.40 -2.88 104.03
N THR AC 60 0.49 -1.90 104.13
CA THR AC 60 -0.80 -1.97 103.45
C THR AC 60 -1.06 -0.66 102.73
N VAL AC 61 -1.63 -0.77 101.54
CA VAL AC 61 -1.95 0.42 100.74
C VAL AC 61 -3.18 1.09 101.30
N LEU AC 62 -3.28 2.40 101.11
CA LEU AC 62 -4.41 3.18 101.59
C LEU AC 62 -5.36 3.59 100.49
N CYS AC 63 -4.85 4.20 99.42
CA CYS AC 63 -5.68 4.64 98.31
C CYS AC 63 -5.17 4.06 96.99
N GLN AC 64 -6.12 3.76 96.10
CA GLN AC 64 -5.80 3.30 94.76
C GLN AC 64 -6.17 4.38 93.76
N PRO AC 65 -5.26 4.76 92.86
CA PRO AC 65 -5.57 5.83 91.92
C PRO AC 65 -6.66 5.41 90.94
N THR AC 66 -7.61 6.31 90.73
CA THR AC 66 -8.68 6.07 89.77
C THR AC 66 -8.73 7.20 88.76
N GLY AC 67 -9.84 7.33 88.04
CA GLY AC 67 -9.99 8.38 87.07
C GLY AC 67 -9.96 9.77 87.67
N GLY AC 68 -10.73 9.97 88.75
CA GLY AC 68 -10.87 11.30 89.32
C GLY AC 68 -10.42 11.43 90.76
N LYS AC 69 -11.00 10.65 91.66
CA LYS AC 69 -10.69 10.74 93.09
C LYS AC 69 -10.01 9.46 93.56
N ALA AC 70 -9.17 9.59 94.58
CA ALA AC 70 -8.47 8.43 95.12
C ALA AC 70 -9.47 7.47 95.77
N ARG AC 71 -9.13 6.19 95.72
CA ARG AC 71 -10.02 5.11 96.18
C ARG AC 71 -9.42 4.52 97.46
N LEU AC 72 -9.89 5.02 98.61
CA LEU AC 72 -9.41 4.52 99.89
C LEU AC 72 -9.80 3.06 100.11
N THR AC 73 -8.86 2.31 100.67
CA THR AC 73 -9.10 0.92 101.00
C THR AC 73 -10.13 0.81 102.13
N GLU AC 74 -10.81 -0.34 102.18
CA GLU AC 74 -11.88 -0.52 103.14
C GLU AC 74 -11.34 -0.54 104.56
N GLY AC 75 -12.06 0.13 105.46
CA GLY AC 75 -11.67 0.20 106.86
C GLY AC 75 -10.86 1.41 107.23
N CYS AC 76 -10.66 2.36 106.32
CA CYS AC 76 -9.82 3.52 106.57
C CYS AC 76 -10.69 4.76 106.79
N SER AC 77 -10.43 5.46 107.88
CA SER AC 77 -11.16 6.67 108.21
C SER AC 77 -10.56 7.87 107.47
N PHE AC 78 -11.35 8.94 107.34
CA PHE AC 78 -10.86 10.14 106.69
C PHE AC 78 -11.58 11.37 107.21
N ARG AC 79 -10.81 12.43 107.46
CA ARG AC 79 -11.30 13.71 107.95
C ARG AC 79 -10.82 14.84 107.04
N ARG AC 80 -11.69 15.82 106.81
CA ARG AC 80 -11.27 17.02 106.09
C ARG AC 80 -10.44 17.92 107.01
N LYS AC 81 -9.69 18.83 106.39
CA LYS AC 81 -8.82 19.75 107.12
C LYS AC 81 -9.20 21.18 106.74
N GLN AC 82 -9.66 21.94 107.75
CA GLN AC 82 -10.00 23.38 107.61
C GLN AC 82 -10.74 23.71 106.32
N HIS AC 83 -11.50 22.76 105.79
CA HIS AC 83 -12.21 22.96 104.53
C HIS AC 83 -11.28 23.40 103.39
N ARG BC 1 -61.11 -36.58 39.19
CA ARG BC 1 -59.91 -35.77 39.41
C ARG BC 1 -60.25 -34.29 39.45
N VAL BC 2 -61.09 -33.87 38.51
CA VAL BC 2 -61.43 -32.47 38.38
C VAL BC 2 -62.29 -32.02 39.56
N GLN BC 3 -61.96 -30.87 40.11
CA GLN BC 3 -62.76 -30.29 41.19
C GLN BC 3 -64.14 -29.94 40.66
N PRO BC 4 -65.21 -30.38 41.32
CA PRO BC 4 -66.55 -30.19 40.77
C PRO BC 4 -67.07 -28.77 40.96
N ILE BC 5 -67.88 -28.34 40.00
CA ILE BC 5 -68.48 -27.00 40.05
C ILE BC 5 -69.44 -26.94 41.23
N LYS BC 6 -69.54 -25.76 41.83
CA LYS BC 6 -70.19 -25.54 43.11
C LYS BC 6 -70.85 -24.18 43.11
N LEU BC 7 -71.41 -23.81 44.27
CA LEU BC 7 -72.23 -22.62 44.38
C LEU BC 7 -71.86 -21.87 45.66
N ALA BC 8 -71.64 -20.55 45.52
CA ALA BC 8 -71.23 -19.70 46.62
C ALA BC 8 -72.12 -18.47 46.68
N ARG BC 9 -72.26 -17.91 47.89
CA ARG BC 9 -73.19 -16.83 48.15
C ARG BC 9 -72.43 -15.57 48.59
N VAL BC 10 -72.93 -14.41 48.18
CA VAL BC 10 -72.25 -13.13 48.41
C VAL BC 10 -72.71 -12.58 49.75
N THR BC 11 -71.78 -12.52 50.71
CA THR BC 11 -72.09 -11.91 52.00
C THR BC 11 -71.98 -10.38 51.93
N LYS BC 12 -70.99 -9.87 51.21
CA LYS BC 12 -70.77 -8.44 51.09
C LYS BC 12 -70.05 -8.15 49.78
N VAL BC 13 -70.23 -6.95 49.26
CA VAL BC 13 -69.57 -6.50 48.04
C VAL BC 13 -68.46 -5.54 48.43
N LEU BC 14 -67.21 -5.93 48.15
CA LEU BC 14 -66.07 -5.13 48.59
C LEU BC 14 -65.95 -3.83 47.81
N GLY BC 15 -66.17 -3.88 46.50
CA GLY BC 15 -66.04 -2.69 45.67
C GLY BC 15 -65.54 -3.00 44.27
N ARG BC 16 -65.48 -1.98 43.43
CA ARG BC 16 -65.08 -2.14 42.04
C ARG BC 16 -63.57 -2.30 41.92
N THR BC 17 -63.15 -2.95 40.83
CA THR BC 17 -61.74 -3.16 40.54
C THR BC 17 -61.57 -3.32 39.04
N GLY BC 18 -60.32 -3.55 38.63
CA GLY BC 18 -59.99 -3.68 37.23
C GLY BC 18 -59.61 -2.39 36.54
N SER BC 19 -59.63 -1.26 37.26
CA SER BC 19 -59.24 0.05 36.76
C SER BC 19 -60.12 0.55 35.62
N GLN BC 20 -61.13 -0.23 35.23
CA GLN BC 20 -62.22 0.28 34.41
C GLN BC 20 -63.58 0.08 35.06
N GLY BC 21 -63.64 -0.51 36.25
CA GLY BC 21 -64.90 -0.70 36.94
C GLY BC 21 -65.74 -1.86 36.47
N GLN BC 22 -65.22 -2.69 35.57
CA GLN BC 22 -66.00 -3.82 35.06
C GLN BC 22 -66.11 -4.95 36.07
N CYS BC 23 -65.17 -5.06 37.01
CA CYS BC 23 -65.15 -6.14 37.98
C CYS BC 23 -65.39 -5.59 39.38
N THR BC 24 -66.15 -6.36 40.17
CA THR BC 24 -66.46 -6.02 41.55
C THR BC 24 -65.94 -7.12 42.45
N GLN BC 25 -65.11 -6.76 43.43
CA GLN BC 25 -64.66 -7.73 44.42
C GLN BC 25 -65.78 -8.00 45.41
N VAL BC 26 -66.04 -9.29 45.65
CA VAL BC 26 -67.11 -9.71 46.55
C VAL BC 26 -66.57 -10.74 47.52
N ARG BC 27 -67.29 -10.92 48.62
CA ARG BC 27 -66.95 -11.91 49.64
C ARG BC 27 -67.94 -13.05 49.55
N VAL BC 28 -67.54 -14.16 48.92
CA VAL BC 28 -68.44 -15.29 48.71
C VAL BC 28 -68.23 -16.30 49.83
N GLU BC 29 -69.33 -16.77 50.41
CA GLU BC 29 -69.29 -17.86 51.37
C GLU BC 29 -69.86 -19.10 50.68
N PHE BC 30 -69.16 -20.23 50.81
CA PHE BC 30 -69.61 -21.44 50.17
C PHE BC 30 -70.83 -22.00 50.90
N MET BC 31 -71.86 -22.35 50.15
CA MET BC 31 -73.07 -22.89 50.78
C MET BC 31 -72.83 -24.29 51.32
N ASP BC 32 -71.95 -25.06 50.67
CA ASP BC 32 -71.64 -26.40 51.15
C ASP BC 32 -71.06 -26.37 52.56
N ASP BC 33 -70.35 -25.28 52.88
CA ASP BC 33 -69.71 -25.10 54.18
C ASP BC 33 -69.63 -23.62 54.48
N THR BC 34 -70.46 -23.16 55.42
CA THR BC 34 -70.53 -21.73 55.73
C THR BC 34 -69.19 -21.19 56.22
N SER BC 35 -68.35 -22.05 56.80
CA SER BC 35 -67.09 -21.58 57.37
C SER BC 35 -66.16 -21.04 56.29
N ARG BC 36 -66.11 -21.70 55.13
CA ARG BC 36 -65.18 -21.33 54.06
C ARG BC 36 -65.77 -20.15 53.29
N SER BC 37 -65.20 -18.97 53.52
CA SER BC 37 -65.59 -17.75 52.81
C SER BC 37 -64.36 -17.16 52.14
N ILE BC 38 -64.40 -17.04 50.82
CA ILE BC 38 -63.26 -16.53 50.06
C ILE BC 38 -63.68 -15.28 49.32
N ILE BC 39 -62.70 -14.47 48.95
CA ILE BC 39 -62.94 -13.23 48.23
C ILE BC 39 -62.69 -13.47 46.75
N ARG BC 40 -63.65 -13.10 45.91
CA ARG BC 40 -63.51 -13.20 44.47
C ARG BC 40 -63.84 -11.86 43.83
N ASN BC 41 -63.55 -11.79 42.53
CA ASN BC 41 -63.89 -10.65 41.70
C ASN BC 41 -64.80 -11.12 40.58
N VAL BC 42 -65.95 -10.45 40.43
CA VAL BC 42 -66.97 -10.86 39.48
C VAL BC 42 -67.28 -9.70 38.57
N LYS BC 43 -67.80 -10.02 37.39
CA LYS BC 43 -68.19 -9.04 36.40
C LYS BC 43 -69.70 -9.06 36.20
N GLY BC 44 -70.28 -7.87 36.01
CA GLY BC 44 -71.71 -7.76 35.84
C GLY BC 44 -72.40 -7.21 37.07
N PRO BC 45 -73.71 -7.05 37.01
CA PRO BC 45 -74.45 -6.52 38.16
C PRO BC 45 -74.48 -7.50 39.31
N VAL BC 46 -74.21 -6.99 40.51
CA VAL BC 46 -74.07 -7.80 41.73
C VAL BC 46 -74.81 -7.14 42.87
N ARG BC 47 -75.36 -7.95 43.76
CA ARG BC 47 -75.91 -7.45 45.01
C ARG BC 47 -75.82 -8.53 46.07
N GLU BC 48 -75.89 -8.10 47.33
CA GLU BC 48 -75.75 -9.05 48.43
C GLU BC 48 -76.88 -10.08 48.40
N GLY BC 49 -76.53 -11.31 48.76
CA GLY BC 49 -77.46 -12.40 48.86
C GLY BC 49 -77.52 -13.28 47.63
N ASP BC 50 -77.22 -12.74 46.45
CA ASP BC 50 -77.31 -13.56 45.25
C ASP BC 50 -76.22 -14.62 45.26
N VAL BC 51 -76.53 -15.78 44.70
CA VAL BC 51 -75.60 -16.89 44.60
C VAL BC 51 -75.09 -17.00 43.18
N LEU BC 52 -73.76 -17.08 43.05
CA LEU BC 52 -73.07 -17.25 41.79
C LEU BC 52 -72.40 -18.62 41.81
N THR BC 53 -72.19 -19.19 40.63
CA THR BC 53 -71.54 -20.49 40.55
C THR BC 53 -70.05 -20.33 40.28
N LEU BC 54 -69.25 -21.25 40.82
CA LEU BC 54 -67.80 -21.20 40.74
C LEU BC 54 -67.29 -22.43 40.01
N LEU BC 55 -66.67 -22.22 38.85
CA LEU BC 55 -66.10 -23.35 38.11
C LEU BC 55 -64.95 -23.99 38.88
N GLU BC 56 -64.29 -23.23 39.75
CA GLU BC 56 -63.17 -23.72 40.54
C GLU BC 56 -62.97 -22.76 41.71
N SER BC 57 -62.53 -23.31 42.84
CA SER BC 57 -62.64 -22.59 44.11
C SER BC 57 -61.63 -21.45 44.22
N GLU BC 58 -60.33 -21.78 44.20
CA GLU BC 58 -59.30 -20.85 44.67
C GLU BC 58 -58.41 -20.41 43.50
N ARG BC 59 -58.57 -19.16 43.08
CA ARG BC 59 -57.72 -18.57 42.05
C ARG BC 59 -56.84 -17.47 42.61
N GLU BC 60 -57.44 -16.38 43.07
CA GLU BC 60 -56.69 -15.18 43.43
C GLU BC 60 -57.43 -14.45 44.54
N ALA BC 61 -56.68 -13.68 45.31
CA ALA BC 61 -57.23 -12.87 46.38
C ALA BC 61 -56.30 -11.70 46.63
N ARG BC 62 -56.88 -10.54 46.94
CA ARG BC 62 -56.10 -9.34 47.17
C ARG BC 62 -56.95 -8.31 47.89
N ARG BC 63 -56.33 -7.59 48.81
CA ARG BC 63 -57.00 -6.50 49.50
C ARG BC 63 -56.88 -5.21 48.70
N LEU BC 64 -57.94 -4.41 48.70
CA LEU BC 64 -57.94 -3.15 47.99
C LEU BC 64 -57.65 -1.98 48.93
N GLY CC 1 -80.65 53.62 -18.02
CA GLY CC 1 -80.78 53.84 -19.45
C GLY CC 1 -82.10 54.47 -19.82
N HIS CC 2 -82.56 54.24 -21.05
CA HIS CC 2 -83.83 54.80 -21.46
C HIS CC 2 -84.95 54.05 -20.74
N GLN CC 3 -86.10 54.72 -20.60
CA GLN CC 3 -87.12 54.34 -19.63
C GLN CC 3 -87.64 52.92 -19.81
N GLN CC 4 -87.18 52.18 -20.81
CA GLN CC 4 -87.74 50.88 -21.14
C GLN CC 4 -86.75 49.74 -20.93
N LEU CC 5 -85.61 49.99 -20.27
CA LEU CC 5 -84.78 48.87 -19.85
C LEU CC 5 -84.11 49.10 -18.51
N TYR CC 6 -84.22 50.27 -17.90
CA TYR CC 6 -83.52 50.54 -16.64
C TYR CC 6 -83.97 49.55 -15.56
N TRP CC 7 -85.28 49.32 -15.47
CA TRP CC 7 -85.84 48.40 -14.50
C TRP CC 7 -86.65 47.32 -15.21
N SER CC 8 -86.28 47.00 -16.45
CA SER CC 8 -87.10 46.16 -17.30
C SER CC 8 -87.23 44.75 -16.76
N HIS CC 9 -86.19 44.25 -16.10
CA HIS CC 9 -86.20 42.85 -15.69
C HIS CC 9 -87.33 42.60 -14.70
N PRO CC 10 -88.13 41.54 -14.91
CA PRO CC 10 -89.26 41.28 -14.01
C PRO CC 10 -88.77 40.79 -12.66
N ARG CC 11 -89.31 41.38 -11.59
CA ARG CC 11 -88.95 41.01 -10.22
C ARG CC 11 -90.24 40.88 -9.41
N LYS CC 12 -91.11 39.97 -9.86
CA LYS CC 12 -92.35 39.67 -9.15
C LYS CC 12 -92.17 38.56 -8.11
N PHE CC 13 -91.02 37.90 -8.10
CA PHE CC 13 -90.80 36.74 -7.27
C PHE CC 13 -89.30 36.54 -7.12
N GLY CC 14 -88.92 35.72 -6.13
CA GLY CC 14 -87.53 35.35 -5.93
C GLY CC 14 -86.85 36.22 -4.90
N GLN CC 15 -85.55 35.94 -4.73
CA GLN CC 15 -84.75 36.68 -3.75
C GLN CC 15 -84.64 38.15 -4.12
N GLY CC 16 -84.60 38.45 -5.42
CA GLY CC 16 -84.49 39.83 -5.84
C GLY CC 16 -85.70 40.66 -5.45
N SER CC 17 -86.87 40.04 -5.43
CA SER CC 17 -88.09 40.77 -5.10
C SER CC 17 -88.11 41.21 -3.65
N ARG CC 18 -87.51 40.41 -2.76
CA ARG CC 18 -87.65 40.61 -1.32
C ARG CC 18 -86.34 41.13 -0.73
N SER CC 19 -86.45 42.13 0.15
CA SER CC 19 -85.30 42.70 0.84
C SER CC 19 -85.66 42.94 2.29
N CYS CC 20 -84.62 42.99 3.13
CA CYS CC 20 -84.82 43.29 4.55
C CYS CC 20 -85.43 44.67 4.71
N ARG CC 21 -86.47 44.76 5.55
CA ARG CC 21 -87.17 46.01 5.76
C ARG CC 21 -86.34 47.00 6.57
N VAL CC 22 -85.20 46.58 7.12
CA VAL CC 22 -84.34 47.43 7.93
C VAL CC 22 -83.08 47.83 7.18
N CYS CC 23 -82.34 46.84 6.67
CA CYS CC 23 -81.02 47.08 6.09
C CYS CC 23 -80.97 46.87 4.58
N SER CC 24 -82.12 46.63 3.95
CA SER CC 24 -82.20 46.45 2.49
C SER CC 24 -81.32 45.31 2.00
N ASN CC 25 -81.15 44.27 2.82
CA ASN CC 25 -80.37 43.11 2.42
C ASN CC 25 -81.30 41.99 1.96
N ARG CC 26 -80.76 41.08 1.15
CA ARG CC 26 -81.55 40.07 0.47
C ARG CC 26 -81.23 38.66 0.95
N HIS CC 27 -80.42 38.53 2.00
CA HIS CC 27 -79.93 37.23 2.44
C HIS CC 27 -80.35 36.97 3.88
N GLY CC 28 -80.79 35.74 4.13
CA GLY CC 28 -81.26 35.38 5.46
C GLY CC 28 -82.51 36.11 5.88
N LEU CC 29 -83.46 36.27 4.97
CA LEU CC 29 -84.68 36.98 5.30
C LEU CC 29 -85.65 36.07 6.06
N ILE CC 30 -86.51 36.69 6.86
CA ILE CC 30 -87.53 36.00 7.62
C ILE CC 30 -88.88 36.55 7.17
N ARG CC 31 -89.55 35.84 6.27
CA ARG CC 31 -90.84 36.26 5.78
C ARG CC 31 -92.00 35.70 6.59
N LYS CC 32 -91.71 34.93 7.64
CA LYS CC 32 -92.75 34.37 8.48
C LYS CC 32 -93.43 35.45 9.29
N TYR CC 33 -94.74 35.28 9.51
CA TYR CC 33 -95.56 36.20 10.30
C TYR CC 33 -95.54 37.62 9.75
N GLY CC 34 -95.13 37.80 8.50
CA GLY CC 34 -95.06 39.13 7.91
C GLY CC 34 -93.93 39.98 8.43
N LEU CC 35 -92.84 39.36 8.91
CA LEU CC 35 -91.70 40.15 9.39
C LEU CC 35 -90.98 40.83 8.24
N ASN CC 36 -90.60 40.07 7.22
CA ASN CC 36 -89.79 40.56 6.10
C ASN CC 36 -88.51 41.22 6.60
N MET CC 37 -87.86 40.58 7.58
CA MET CC 37 -86.68 41.15 8.20
C MET CC 37 -85.48 40.21 8.09
N CYS CC 38 -84.32 40.84 8.23
CA CYS CC 38 -83.03 40.18 8.11
C CYS CC 38 -82.80 39.21 9.26
N ARG CC 39 -82.03 38.15 8.98
CA ARG CC 39 -81.68 37.18 10.02
C ARG CC 39 -80.98 37.86 11.19
N GLN CC 40 -80.02 38.73 10.87
CA GLN CC 40 -79.28 39.48 11.87
C GLN CC 40 -80.07 40.63 12.46
N CYS CC 41 -80.91 41.29 11.64
CA CYS CC 41 -81.69 42.42 12.13
C CYS CC 41 -82.75 41.97 13.12
N PHE CC 42 -83.33 40.79 12.89
CA PHE CC 42 -84.36 40.30 13.80
C PHE CC 42 -83.81 40.06 15.19
N ARG CC 43 -82.61 39.49 15.28
CA ARG CC 43 -81.98 39.31 16.58
C ARG CC 43 -81.78 40.64 17.29
N GLN CC 44 -81.57 41.72 16.53
CA GLN CC 44 -81.38 43.03 17.13
C GLN CC 44 -82.68 43.59 17.69
N TYR CC 45 -83.78 43.46 16.95
CA TYR CC 45 -85.05 44.06 17.32
C TYR CC 45 -86.03 43.06 17.90
N ALA CC 46 -85.57 41.86 18.27
CA ALA CC 46 -86.49 40.84 18.77
C ALA CC 46 -87.18 41.29 20.05
N LYS CC 47 -86.44 41.93 20.96
CA LYS CC 47 -87.03 42.39 22.21
C LYS CC 47 -88.09 43.45 21.97
N ASP CC 48 -87.80 44.41 21.08
CA ASP CC 48 -88.75 45.48 20.81
C ASP CC 48 -90.02 44.95 20.16
N ILE CC 49 -89.89 44.00 19.24
CA ILE CC 49 -91.06 43.44 18.58
C ILE CC 49 -91.94 42.72 19.59
N GLY CC 50 -91.32 41.93 20.47
CA GLY CC 50 -92.07 41.19 21.46
C GLY CC 50 -91.62 39.75 21.57
N PHE CC 51 -90.73 39.33 20.67
CA PHE CC 51 -90.20 37.97 20.67
C PHE CC 51 -89.19 37.84 21.81
N ILE CC 52 -89.66 37.33 22.93
CA ILE CC 52 -88.82 37.10 24.09
C ILE CC 52 -88.29 35.67 24.02
N LYS CC 53 -87.35 35.36 24.92
CA LYS CC 53 -86.71 34.05 24.96
C LYS CC 53 -87.13 33.34 26.24
N LEU CC 54 -87.86 32.24 26.09
CA LEU CC 54 -88.27 31.41 27.22
C LEU CC 54 -87.39 30.17 27.36
N ASP CC 55 -87.26 29.39 26.29
CA ASP CC 55 -86.40 28.20 26.32
C ASP CC 55 -85.62 28.07 25.02
N VAL DC 1 -19.17 41.23 -1.57
CA VAL DC 1 -20.27 42.04 -1.06
C VAL DC 1 -21.54 41.76 -1.86
N HIS DC 2 -22.69 41.88 -1.20
CA HIS DC 2 -23.97 41.64 -1.84
C HIS DC 2 -24.29 42.67 -2.93
N GLY DC 3 -23.61 43.81 -2.93
CA GLY DC 3 -23.90 44.85 -3.91
C GLY DC 3 -25.27 45.48 -3.72
N SER DC 4 -25.71 45.63 -2.47
CA SER DC 4 -26.98 46.27 -2.15
C SER DC 4 -26.81 47.74 -1.82
N LEU DC 5 -25.67 48.32 -2.18
CA LEU DC 5 -25.32 49.69 -1.82
C LEU DC 5 -25.93 50.71 -2.76
N ALA DC 6 -26.67 50.28 -3.78
CA ALA DC 6 -27.27 51.19 -4.74
C ALA DC 6 -28.40 52.02 -4.15
N ARG DC 7 -28.87 51.70 -2.95
CA ARG DC 7 -29.97 52.42 -2.33
C ARG DC 7 -29.52 53.48 -1.33
N ALA DC 8 -28.23 53.81 -1.31
CA ALA DC 8 -27.74 54.84 -0.41
C ALA DC 8 -28.39 56.18 -0.74
N GLY DC 9 -28.85 56.87 0.31
CA GLY DC 9 -29.53 58.14 0.11
C GLY DC 9 -30.89 58.04 -0.52
N LYS DC 10 -31.59 56.92 -0.32
CA LYS DC 10 -32.89 56.73 -0.96
C LYS DC 10 -33.94 57.70 -0.43
N VAL DC 11 -34.24 57.60 0.87
CA VAL DC 11 -35.33 58.38 1.45
C VAL DC 11 -35.07 59.87 1.31
N ARG DC 12 -33.85 60.31 1.63
CA ARG DC 12 -33.51 61.71 1.51
C ARG DC 12 -33.63 62.22 0.07
N GLY DC 13 -33.49 61.36 -0.93
CA GLY DC 13 -33.80 61.76 -2.29
C GLY DC 13 -35.29 61.91 -2.52
N GLN DC 14 -36.07 61.00 -1.96
CA GLN DC 14 -37.52 60.98 -2.16
C GLN DC 14 -38.25 62.11 -1.45
N THR DC 15 -37.69 62.61 -0.36
CA THR DC 15 -38.38 63.58 0.48
C THR DC 15 -38.65 64.87 -0.28
N PRO DC 16 -39.89 65.34 -0.37
CA PRO DC 16 -40.15 66.61 -1.04
C PRO DC 16 -39.43 67.76 -0.35
N LYS DC 17 -38.98 68.71 -1.16
CA LYS DC 17 -38.17 69.83 -0.67
C LYS DC 17 -39.09 71.01 -0.38
N VAL DC 18 -39.45 71.17 0.89
CA VAL DC 18 -40.23 72.31 1.35
C VAL DC 18 -39.28 73.29 2.01
N ALA DC 19 -39.35 74.56 1.60
CA ALA DC 19 -38.43 75.57 2.09
C ALA DC 19 -38.86 76.07 3.46
N LYS DC 20 -37.88 76.47 4.26
CA LYS DC 20 -38.16 77.05 5.57
C LYS DC 20 -38.91 78.37 5.40
N GLN DC 21 -39.99 78.54 6.15
CA GLN DC 21 -40.70 79.82 6.13
C GLN DC 21 -39.87 80.88 6.84
N GLU DC 22 -39.92 82.10 6.31
CA GLU DC 22 -39.21 83.20 6.94
C GLU DC 22 -39.90 83.60 8.23
N LYS DC 23 -39.11 83.91 9.25
CA LYS DC 23 -39.64 84.19 10.58
C LYS DC 23 -38.89 85.36 11.19
N LYS DC 24 -39.54 86.00 12.16
CA LYS DC 24 -38.92 87.12 12.86
C LYS DC 24 -37.64 86.66 13.55
N LYS DC 25 -36.65 87.55 13.59
CA LYS DC 25 -35.40 87.23 14.28
C LYS DC 25 -35.67 86.98 15.75
N LYS DC 26 -35.12 85.89 16.28
CA LYS DC 26 -35.34 85.50 17.66
C LYS DC 26 -34.41 86.27 18.58
N LYS DC 27 -34.98 86.87 19.63
CA LYS DC 27 -34.19 87.57 20.62
C LYS DC 27 -33.17 86.61 21.25
N THR DC 28 -31.94 87.10 21.41
CA THR DC 28 -30.85 86.28 21.93
C THR DC 28 -30.22 86.96 23.13
N GLY DC 29 -29.73 86.15 24.07
CA GLY DC 29 -29.02 86.65 25.22
C GLY DC 29 -29.90 86.87 26.45
N ARG DC 30 -29.69 87.99 27.13
CA ARG DC 30 -30.51 88.33 28.28
C ARG DC 30 -31.98 88.48 27.89
N ALA DC 31 -32.23 89.02 26.69
CA ALA DC 31 -33.60 89.18 26.22
C ALA DC 31 -34.28 87.82 26.00
N LYS DC 32 -33.55 86.83 25.50
CA LYS DC 32 -34.11 85.50 25.35
C LYS DC 32 -34.47 84.92 26.72
N ARG DC 33 -33.61 85.13 27.71
CA ARG DC 33 -33.93 84.72 29.08
C ARG DC 33 -35.12 85.52 29.61
N ARG DC 34 -35.21 86.80 29.26
CA ARG DC 34 -36.36 87.60 29.64
C ARG DC 34 -37.66 87.00 29.10
N MET DC 35 -37.64 86.62 27.81
CA MET DC 35 -38.85 86.08 27.19
C MET DC 35 -39.31 84.80 27.87
N GLN DC 36 -38.39 83.86 28.07
CA GLN DC 36 -38.78 82.57 28.65
C GLN DC 36 -39.07 82.68 30.15
N TYR DC 37 -38.44 83.62 30.84
CA TYR DC 37 -38.79 83.86 32.24
C TYR DC 37 -40.20 84.43 32.35
N ASN DC 38 -40.53 85.40 31.49
CA ASN DC 38 -41.87 85.96 31.48
C ASN DC 38 -42.90 84.92 31.05
N ARG DC 39 -42.54 84.08 30.08
CA ARG DC 39 -43.49 83.11 29.53
C ARG DC 39 -43.92 82.08 30.56
N ARG DC 40 -42.97 81.54 31.33
CA ARG DC 40 -43.25 80.38 32.17
C ARG DC 40 -43.43 80.70 33.63
N PHE DC 41 -43.14 81.93 34.07
CA PHE DC 41 -43.17 82.23 35.50
C PHE DC 41 -44.18 83.31 35.85
N VAL DC 42 -44.18 84.44 35.16
CA VAL DC 42 -45.11 85.53 35.46
C VAL DC 42 -46.25 85.43 34.45
N ASN DC 43 -47.21 84.55 34.76
CA ASN DC 43 -48.40 84.36 33.95
C ASN DC 43 -49.40 83.48 34.69
N VAL DC 44 -50.69 83.73 34.51
CA VAL DC 44 -51.74 82.93 35.12
C VAL DC 44 -52.69 82.49 34.01
N VAL DC 45 -52.86 81.18 33.86
CA VAL DC 45 -53.73 80.60 32.85
C VAL DC 45 -55.00 80.09 33.54
N PRO DC 46 -56.17 80.69 33.27
CA PRO DC 46 -57.40 80.18 33.88
C PRO DC 46 -57.87 78.85 33.30
N THR DC 47 -57.43 78.50 32.10
CA THR DC 47 -57.87 77.28 31.46
C THR DC 47 -57.23 76.07 32.14
N PHE DC 48 -57.99 74.98 32.24
CA PHE DC 48 -57.49 73.76 32.86
C PHE DC 48 -56.68 72.98 31.82
N GLY DC 49 -56.30 71.75 32.17
CA GLY DC 49 -55.50 70.95 31.27
C GLY DC 49 -54.43 70.14 31.99
N LYS DC 50 -54.43 70.21 33.32
CA LYS DC 50 -53.50 69.46 34.16
C LYS DC 50 -52.04 69.76 33.81
N LYS DC 51 -51.74 71.05 33.64
CA LYS DC 51 -50.38 71.55 33.43
C LYS DC 51 -49.73 70.87 32.22
N LYS DC 52 -50.30 71.15 31.06
CA LYS DC 52 -49.79 70.61 29.81
C LYS DC 52 -48.42 71.26 29.49
N GLY DC 53 -47.61 70.51 28.75
CA GLY DC 53 -46.25 70.90 28.47
C GLY DC 53 -46.11 72.09 27.54
N PRO DC 54 -44.89 72.62 27.43
CA PRO DC 54 -44.68 73.82 26.59
C PRO DC 54 -44.93 73.60 25.11
N ASN DC 55 -44.85 72.38 24.62
CA ASN DC 55 -45.08 72.09 23.21
C ASN DC 55 -46.36 71.27 23.02
N ALA DC 56 -47.45 71.71 23.67
CA ALA DC 56 -48.72 71.03 23.54
C ALA DC 56 -49.20 71.03 22.10
N ASN DC 57 -49.59 69.86 21.60
CA ASN DC 57 -50.15 69.74 20.26
C ASN DC 57 -51.65 69.48 20.34
N SER DC 58 -52.35 70.41 20.98
CA SER DC 58 -53.79 70.33 21.12
C SER DC 58 -54.48 70.94 19.91
N TYR EC 1 -58.19 45.73 -18.24
CA TYR EC 1 -58.88 46.65 -19.14
C TYR EC 1 -58.51 46.36 -20.60
N THR EC 2 -57.99 47.37 -21.28
CA THR EC 2 -57.58 47.25 -22.68
C THR EC 2 -58.73 46.67 -23.50
N THR EC 3 -59.90 47.26 -23.31
CA THR EC 3 -61.12 46.72 -23.88
C THR EC 3 -61.05 46.80 -25.41
N PRO EC 4 -61.41 45.73 -26.14
CA PRO EC 4 -61.23 45.75 -27.60
C PRO EC 4 -61.98 46.86 -28.30
N LYS EC 5 -63.24 47.13 -27.94
CA LYS EC 5 -63.97 48.20 -28.61
C LYS EC 5 -63.33 49.54 -28.29
N LYS EC 6 -63.18 50.37 -29.32
CA LYS EC 6 -62.75 51.73 -29.09
C LYS EC 6 -63.82 52.47 -28.30
N ASN EC 7 -63.39 53.42 -27.47
CA ASN EC 7 -64.34 54.15 -26.62
C ASN EC 7 -65.44 54.75 -27.49
N LYS EC 8 -66.68 54.39 -27.18
CA LYS EC 8 -67.80 54.76 -28.02
C LYS EC 8 -67.95 56.28 -28.06
N HIS EC 9 -68.13 56.81 -29.27
CA HIS EC 9 -68.35 58.23 -29.41
C HIS EC 9 -69.77 58.58 -28.96
N LYS EC 10 -69.85 59.50 -28.00
CA LYS EC 10 -71.14 59.99 -27.52
C LYS EC 10 -71.52 61.22 -28.32
N ARG EC 11 -72.81 61.41 -28.50
CA ARG EC 11 -73.26 62.37 -29.49
C ARG EC 11 -73.10 63.81 -29.00
N LYS EC 12 -72.54 64.66 -29.87
CA LYS EC 12 -72.52 66.10 -29.66
C LYS EC 12 -73.57 66.69 -30.60
N LYS EC 13 -74.58 67.34 -30.03
CA LYS EC 13 -75.64 67.90 -30.85
C LYS EC 13 -75.06 68.96 -31.79
N VAL EC 14 -75.67 69.07 -32.97
CA VAL EC 14 -75.05 69.81 -34.08
C VAL EC 14 -74.87 71.27 -33.73
N LYS EC 15 -75.68 71.80 -32.81
CA LYS EC 15 -75.79 73.23 -32.54
C LYS EC 15 -76.34 73.95 -33.77
N LEU EC 16 -77.66 73.92 -33.94
CA LEU EC 16 -78.30 74.53 -35.08
C LEU EC 16 -78.64 75.99 -34.80
N ALA EC 17 -78.61 76.82 -35.84
CA ALA EC 17 -79.02 78.20 -35.73
C ALA EC 17 -80.54 78.30 -35.56
N VAL EC 18 -81.02 79.53 -35.39
CA VAL EC 18 -82.43 79.74 -35.12
C VAL EC 18 -83.27 79.18 -36.26
N LEU EC 19 -84.46 78.66 -35.91
CA LEU EC 19 -85.30 77.93 -36.85
C LEU EC 19 -85.51 78.70 -38.15
N LYS EC 20 -86.26 79.80 -38.12
CA LYS EC 20 -86.60 80.59 -39.30
C LYS EC 20 -87.07 79.71 -40.46
N TYR EC 21 -87.86 78.68 -40.18
CA TYR EC 21 -88.42 77.86 -41.24
C TYR EC 21 -89.89 78.16 -41.50
N TYR EC 22 -90.19 79.44 -41.73
CA TYR EC 22 -91.37 79.84 -42.50
C TYR EC 22 -91.15 81.26 -43.00
N LYS EC 23 -91.49 81.50 -44.27
CA LYS EC 23 -91.18 82.73 -44.99
C LYS EC 23 -92.49 83.40 -45.41
N VAL EC 24 -92.38 84.64 -45.90
CA VAL EC 24 -93.52 85.40 -46.37
C VAL EC 24 -93.26 85.85 -47.80
N ASP EC 25 -94.19 86.64 -48.34
CA ASP EC 25 -94.04 87.23 -49.66
C ASP EC 25 -94.76 88.58 -49.69
N GLU EC 26 -94.34 89.43 -50.65
CA GLU EC 26 -94.85 90.77 -50.88
C GLU EC 26 -95.31 91.47 -49.60
N ASN EC 27 -94.34 91.88 -48.77
CA ASN EC 27 -94.52 92.62 -47.53
C ASN EC 27 -95.16 91.80 -46.41
N GLY EC 28 -95.44 90.51 -46.63
CA GLY EC 28 -95.78 89.65 -45.52
C GLY EC 28 -97.13 88.96 -45.52
N LYS EC 29 -97.17 87.77 -46.10
CA LYS EC 29 -98.27 86.82 -45.93
C LYS EC 29 -97.68 85.52 -45.42
N ILE EC 30 -98.25 84.98 -44.35
CA ILE EC 30 -97.66 83.84 -43.67
C ILE EC 30 -97.70 82.60 -44.57
N SER EC 31 -96.61 81.84 -44.57
CA SER EC 31 -96.53 80.59 -45.34
C SER EC 31 -95.56 79.66 -44.64
N ARG EC 32 -96.10 78.76 -43.81
CA ARG EC 32 -95.31 77.73 -43.16
C ARG EC 32 -94.64 76.85 -44.21
N LEU EC 33 -93.31 76.76 -44.18
CA LEU EC 33 -92.59 75.94 -45.13
C LEU EC 33 -92.32 74.53 -44.59
N ARG EC 34 -93.00 74.14 -43.51
CA ARG EC 34 -92.96 72.76 -43.05
C ARG EC 34 -94.38 72.24 -42.86
N ARG EC 35 -94.49 71.18 -42.07
CA ARG EC 35 -95.72 70.43 -41.88
C ARG EC 35 -96.22 70.59 -40.46
N GLU EC 36 -97.54 70.66 -40.31
CA GLU EC 36 -98.18 70.75 -39.01
C GLU EC 36 -98.41 69.37 -38.42
N CYS EC 37 -98.12 69.23 -37.12
CA CYS EC 37 -98.42 67.99 -36.41
C CYS EC 37 -99.92 67.96 -36.11
N PRO EC 38 -100.67 67.00 -36.66
CA PRO EC 38 -102.13 67.07 -36.60
C PRO EC 38 -102.73 66.59 -35.29
N SER EC 39 -101.94 65.97 -34.42
CA SER EC 39 -102.50 65.41 -33.19
C SER EC 39 -102.98 66.52 -32.26
N ASP EC 40 -103.81 66.13 -31.31
CA ASP EC 40 -104.38 67.09 -30.36
C ASP EC 40 -103.31 67.72 -29.48
N GLU EC 41 -102.34 66.92 -29.02
CA GLU EC 41 -101.37 67.46 -28.08
C GLU EC 41 -100.18 68.12 -28.78
N CYS EC 42 -99.81 67.70 -29.99
CA CYS EC 42 -98.89 68.52 -30.78
C CYS EC 42 -99.49 69.90 -31.06
N GLY EC 43 -100.70 69.94 -31.61
CA GLY EC 43 -101.31 71.24 -31.88
C GLY EC 43 -100.58 72.01 -32.99
N ALA EC 44 -100.98 73.28 -33.11
CA ALA EC 44 -100.44 74.11 -34.18
C ALA EC 44 -99.03 74.59 -33.88
N GLY EC 45 -98.70 74.79 -32.59
CA GLY EC 45 -97.45 75.45 -32.26
C GLY EC 45 -96.23 74.72 -32.75
N VAL EC 46 -96.28 73.39 -32.78
CA VAL EC 46 -95.14 72.58 -33.17
C VAL EC 46 -95.27 72.24 -34.64
N PHE EC 47 -94.16 71.87 -35.26
CA PHE EC 47 -94.12 71.50 -36.66
C PHE EC 47 -93.56 70.09 -36.81
N MET EC 48 -93.73 69.52 -38.00
CA MET EC 48 -93.29 68.17 -38.27
C MET EC 48 -92.00 68.18 -39.08
N ALA EC 49 -91.30 67.05 -39.05
CA ALA EC 49 -90.04 66.90 -39.75
C ALA EC 49 -90.27 66.81 -41.26
N SER EC 50 -89.18 66.95 -42.01
CA SER EC 50 -89.22 66.93 -43.47
C SER EC 50 -88.14 65.99 -43.99
N HIS EC 51 -88.17 64.74 -43.52
CA HIS EC 51 -87.20 63.76 -43.97
C HIS EC 51 -87.41 63.47 -45.47
N PHE EC 52 -86.49 62.67 -45.99
CA PHE EC 52 -86.41 62.45 -47.44
C PHE EC 52 -87.56 61.59 -47.93
N ASP EC 53 -88.30 60.97 -47.01
CA ASP EC 53 -89.46 60.17 -47.38
C ASP EC 53 -90.64 60.25 -46.42
N ARG EC 54 -90.48 60.75 -45.20
CA ARG EC 54 -91.63 60.85 -44.29
C ARG EC 54 -91.59 62.20 -43.58
N HIS EC 55 -92.71 62.52 -42.91
CA HIS EC 55 -92.83 63.69 -42.06
C HIS EC 55 -93.06 63.22 -40.62
N TYR EC 56 -92.35 63.81 -39.67
CA TYR EC 56 -92.28 63.35 -38.28
C TYR EC 56 -92.51 64.46 -37.26
N CYS EC 57 -93.40 64.20 -36.29
CA CYS EC 57 -93.76 65.17 -35.25
C CYS EC 57 -92.85 64.92 -34.05
N GLY EC 58 -92.14 65.96 -33.61
CA GLY EC 58 -91.16 65.78 -32.55
C GLY EC 58 -91.77 65.29 -31.25
N LYS EC 59 -92.99 65.72 -30.95
CA LYS EC 59 -93.70 65.31 -29.74
C LYS EC 59 -94.66 64.16 -30.00
N CYS EC 60 -95.62 64.37 -30.91
CA CYS EC 60 -96.63 63.36 -31.18
C CYS EC 60 -96.08 62.12 -31.84
N CYS EC 61 -94.84 62.15 -32.33
CA CYS EC 61 -94.17 60.99 -32.93
C CYS EC 61 -94.92 60.45 -34.14
N LEU EC 62 -95.88 61.20 -34.68
CA LEU EC 62 -96.57 60.78 -35.88
C LEU EC 62 -95.62 60.83 -37.07
N THR EC 63 -95.76 59.86 -37.96
CA THR EC 63 -94.93 59.78 -39.16
C THR EC 63 -95.81 59.51 -40.38
N TYR EC 64 -95.53 60.26 -41.44
CA TYR EC 64 -96.33 60.26 -42.66
C TYR EC 64 -95.40 60.06 -43.85
N CYS EC 65 -95.25 58.82 -44.28
CA CYS EC 65 -94.42 58.52 -45.45
C CYS EC 65 -95.26 58.58 -46.72
N PHE EC 66 -94.70 59.21 -47.74
CA PHE EC 66 -95.32 59.26 -49.07
C PHE EC 66 -94.61 58.22 -49.93
N ASN EC 67 -95.27 57.09 -50.13
CA ASN EC 67 -94.66 55.99 -50.88
C ASN EC 67 -95.17 55.98 -52.32
N THR FC 1 -112.85 -0.74 89.11
CA THR FC 1 -112.75 -1.65 87.97
C THR FC 1 -112.91 -0.94 86.64
N GLU FC 2 -113.27 0.34 86.67
CA GLU FC 2 -113.51 1.10 85.45
C GLU FC 2 -112.23 1.86 85.07
N GLN FC 3 -111.49 1.27 84.14
CA GLN FC 3 -110.27 1.85 83.60
C GLN FC 3 -110.28 1.66 82.09
N MET FC 4 -110.04 2.75 81.36
CA MET FC 4 -110.09 2.68 79.90
C MET FC 4 -109.04 1.72 79.35
N THR FC 5 -109.45 0.89 78.40
CA THR FC 5 -108.56 -0.08 77.78
C THR FC 5 -108.78 -0.07 76.27
N LEU FC 6 -107.74 -0.44 75.54
CA LEU FC 6 -107.83 -0.48 74.08
C LEU FC 6 -108.74 -1.60 73.64
N ARG FC 7 -109.67 -1.27 72.74
CA ARG FC 7 -110.58 -2.25 72.16
C ARG FC 7 -110.17 -2.69 70.76
N GLY FC 8 -109.47 -1.83 70.02
CA GLY FC 8 -109.03 -2.17 68.69
C GLY FC 8 -108.51 -0.94 67.97
N THR FC 9 -108.30 -1.09 66.68
CA THR FC 9 -107.79 -0.03 65.82
C THR FC 9 -108.76 0.20 64.67
N LEU FC 10 -108.46 1.23 63.87
CA LEU FC 10 -109.23 1.51 62.65
C LEU FC 10 -108.26 2.05 61.60
N LYS FC 11 -107.99 1.22 60.60
CA LYS FC 11 -107.12 1.51 59.46
C LYS FC 11 -107.93 1.99 58.26
N GLY FC 12 -107.21 2.61 57.33
CA GLY FC 12 -107.83 3.07 56.08
C GLY FC 12 -107.31 4.40 55.60
N HIS FC 13 -107.07 5.32 56.54
CA HIS FC 13 -106.59 6.65 56.18
C HIS FC 13 -105.13 6.60 55.74
N ASN FC 14 -104.74 7.57 54.92
CA ASN FC 14 -103.38 7.69 54.42
C ASN FC 14 -102.75 9.02 54.83
N GLY FC 15 -103.16 9.54 55.99
CA GLY FC 15 -102.62 10.79 56.48
C GLY FC 15 -102.97 10.96 57.95
N TRP FC 16 -102.54 12.08 58.51
CA TRP FC 16 -102.89 12.40 59.89
C TRP FC 16 -104.40 12.46 60.04
N VAL FC 17 -104.91 11.77 61.06
CA VAL FC 17 -106.35 11.74 61.32
C VAL FC 17 -106.65 13.00 62.14
N THR FC 18 -107.04 14.07 61.45
CA THR FC 18 -107.16 15.38 62.09
C THR FC 18 -108.39 15.51 62.98
N GLN FC 19 -109.45 14.75 62.73
CA GLN FC 19 -110.66 14.94 63.52
C GLN FC 19 -111.50 13.67 63.49
N ILE FC 20 -112.12 13.36 64.63
CA ILE FC 20 -113.12 12.32 64.76
C ILE FC 20 -114.40 12.98 65.24
N ALA FC 21 -115.52 12.63 64.61
CA ALA FC 21 -116.81 13.16 65.02
C ALA FC 21 -117.81 12.01 65.15
N THR FC 22 -118.65 12.08 66.18
CA THR FC 22 -119.58 11.01 66.50
C THR FC 22 -120.97 11.59 66.72
N THR FC 23 -121.99 10.78 66.41
CA THR FC 23 -123.37 11.22 66.48
C THR FC 23 -124.15 10.37 67.48
N PRO FC 24 -125.16 10.96 68.14
CA PRO FC 24 -125.98 10.19 69.08
C PRO FC 24 -126.98 9.28 68.36
N GLN FC 25 -127.63 9.81 67.34
CA GLN FC 25 -128.69 9.07 66.66
C GLN FC 25 -128.18 7.80 66.01
N PHE FC 26 -126.92 7.74 65.59
CA PHE FC 26 -126.38 6.57 64.91
C PHE FC 26 -125.19 6.08 65.73
N PRO FC 27 -125.43 5.27 66.76
CA PRO FC 27 -124.31 4.79 67.60
C PRO FC 27 -123.26 4.02 66.82
N ASP FC 28 -123.66 3.32 65.77
CA ASP FC 28 -122.78 2.38 65.09
C ASP FC 28 -122.05 3.01 63.91
N MET FC 29 -122.17 4.32 63.73
CA MET FC 29 -121.59 5.00 62.57
C MET FC 29 -120.80 6.21 63.04
N ILE FC 30 -119.54 6.30 62.59
CA ILE FC 30 -118.68 7.46 62.83
C ILE FC 30 -117.97 7.80 61.52
N LEU FC 31 -117.34 8.97 61.51
CA LEU FC 31 -116.55 9.41 60.36
C LEU FC 31 -115.39 10.25 60.85
N SER FC 32 -114.32 10.27 60.05
CA SER FC 32 -113.03 10.81 60.48
C SER FC 32 -112.42 11.64 59.37
N ALA FC 33 -112.08 12.88 59.70
CA ALA FC 33 -111.32 13.73 58.78
C ALA FC 33 -109.84 13.37 58.85
N SER FC 34 -109.17 13.44 57.71
CA SER FC 34 -107.78 13.02 57.60
C SER FC 34 -107.01 13.94 56.66
N ARG FC 35 -105.69 13.85 56.73
CA ARG FC 35 -104.79 14.60 55.87
C ARG FC 35 -104.61 13.95 54.51
N ASP FC 36 -105.47 13.01 54.14
CA ASP FC 36 -105.49 12.44 52.80
C ASP FC 36 -106.60 13.04 51.94
N LYS FC 37 -107.09 14.22 52.31
CA LYS FC 37 -108.17 14.90 51.59
C LYS FC 37 -109.43 14.05 51.53
N THR FC 38 -109.68 13.25 52.56
CA THR FC 38 -110.78 12.31 52.55
C THR FC 38 -111.43 12.29 53.94
N ILE FC 39 -112.73 12.03 53.97
CA ILE FC 39 -113.49 11.89 55.22
C ILE FC 39 -114.14 10.52 55.19
N ILE FC 40 -113.46 9.52 55.75
CA ILE FC 40 -113.95 8.15 55.70
C ILE FC 40 -115.00 7.96 56.79
N MET FC 41 -116.23 7.66 56.38
CA MET FC 41 -117.26 7.29 57.33
C MET FC 41 -117.24 5.78 57.54
N TRP FC 42 -117.40 5.37 58.79
CA TRP FC 42 -117.15 3.99 59.19
C TRP FC 42 -118.44 3.28 59.57
N LYS FC 43 -118.47 1.98 59.31
CA LYS FC 43 -119.51 1.08 59.81
C LYS FC 43 -118.86 0.27 60.93
N LEU FC 44 -119.30 0.52 62.17
CA LEU FC 44 -118.59 0.01 63.34
C LEU FC 44 -119.12 -1.38 63.67
N THR FC 45 -118.72 -2.36 62.85
CA THR FC 45 -119.07 -3.76 63.11
C THR FC 45 -118.19 -4.25 64.25
N ARG FC 46 -118.69 -4.12 65.47
CA ARG FC 46 -117.89 -4.40 66.66
C ARG FC 46 -117.65 -5.90 66.84
N ASP FC 47 -116.86 -6.50 65.96
CA ASP FC 47 -116.49 -7.91 66.05
C ASP FC 47 -115.01 -8.04 66.36
N GLU FC 48 -114.55 -9.30 66.40
CA GLU FC 48 -113.16 -9.57 66.73
C GLU FC 48 -112.21 -9.22 65.58
N THR FC 49 -112.68 -9.33 64.34
CA THR FC 49 -111.79 -9.08 63.20
C THR FC 49 -111.43 -7.61 63.09
N ASN FC 50 -112.44 -6.77 62.89
CA ASN FC 50 -112.25 -5.34 62.76
C ASN FC 50 -113.25 -4.67 63.68
N TYR FC 51 -112.82 -3.69 64.46
CA TYR FC 51 -113.80 -2.97 65.27
C TYR FC 51 -114.79 -2.22 64.39
N GLY FC 52 -114.33 -1.74 63.23
CA GLY FC 52 -115.19 -1.07 62.27
C GLY FC 52 -114.59 -1.17 60.89
N ILE FC 53 -115.40 -0.82 59.91
CA ILE FC 53 -114.98 -0.84 58.51
C ILE FC 53 -115.50 0.41 57.80
N PRO FC 54 -114.73 0.92 56.84
CA PRO FC 54 -115.21 2.06 56.07
C PRO FC 54 -116.50 1.74 55.33
N GLN FC 55 -117.38 2.72 55.25
CA GLN FC 55 -118.66 2.57 54.56
C GLN FC 55 -118.78 3.48 53.34
N ARG FC 56 -118.39 4.75 53.46
CA ARG FC 56 -118.37 5.66 52.33
C ARG FC 56 -117.18 6.58 52.47
N ALA FC 57 -116.39 6.70 51.41
CA ALA FC 57 -115.19 7.55 51.39
C ALA FC 57 -115.57 8.89 50.77
N LEU FC 58 -115.89 9.86 51.62
CA LEU FC 58 -116.29 11.18 51.15
C LEU FC 58 -115.10 11.93 50.60
N ARG FC 59 -115.24 12.50 49.40
CA ARG FC 59 -114.10 13.05 48.68
C ARG FC 59 -114.52 14.35 48.04
N GLY FC 60 -113.58 15.26 47.87
CA GLY FC 60 -113.87 16.48 47.15
C GLY FC 60 -113.07 17.68 47.60
N HIS FC 61 -112.40 17.55 48.74
CA HIS FC 61 -111.59 18.64 49.26
C HIS FC 61 -110.21 18.61 48.61
N SER FC 62 -109.75 19.78 48.17
CA SER FC 62 -108.47 19.89 47.49
C SER FC 62 -107.29 19.63 48.40
N HIS FC 63 -107.41 19.93 49.70
CA HIS FC 63 -106.25 19.82 50.57
C HIS FC 63 -106.67 19.10 51.85
N PHE FC 64 -105.86 19.23 52.91
CA PHE FC 64 -106.13 18.50 54.14
C PHE FC 64 -107.45 18.95 54.76
N VAL FC 65 -108.23 17.99 55.24
CA VAL FC 65 -109.47 18.27 55.94
C VAL FC 65 -109.16 18.43 57.42
N SER FC 66 -109.57 19.56 58.01
CA SER FC 66 -109.22 19.87 59.39
C SER FC 66 -110.27 19.37 60.37
N ASP FC 67 -111.52 19.79 60.20
CA ASP FC 67 -112.57 19.47 61.16
C ASP FC 67 -113.80 18.97 60.42
N VAL FC 68 -114.51 18.02 61.04
CA VAL FC 68 -115.75 17.49 60.50
C VAL FC 68 -116.75 17.35 61.66
N VAL FC 69 -118.00 17.70 61.42
CA VAL FC 69 -119.05 17.69 62.43
C VAL FC 69 -120.33 17.15 61.80
N ILE FC 70 -120.98 16.21 62.48
CA ILE FC 70 -122.27 15.69 62.01
C ILE FC 70 -123.37 16.65 62.45
N SER FC 71 -124.41 16.75 61.65
CA SER FC 71 -125.60 17.48 62.05
C SER FC 71 -126.30 16.74 63.19
N SER FC 72 -127.24 17.44 63.82
CA SER FC 72 -127.95 16.86 64.97
C SER FC 72 -128.77 15.64 64.54
N ASP FC 73 -129.43 15.70 63.39
CA ASP FC 73 -130.22 14.57 62.93
C ASP FC 73 -129.33 13.37 62.60
N GLY FC 74 -128.15 13.62 62.04
CA GLY FC 74 -127.24 12.57 61.66
C GLY FC 74 -127.17 12.28 60.18
N GLN FC 75 -127.70 13.15 59.33
CA GLN FC 75 -127.70 12.93 57.89
C GLN FC 75 -126.71 13.80 57.14
N PHE FC 76 -126.19 14.85 57.77
CA PHE FC 76 -125.32 15.81 57.10
C PHE FC 76 -124.04 15.99 57.91
N ALA FC 77 -122.97 16.38 57.22
CA ALA FC 77 -121.67 16.57 57.85
C ALA FC 77 -120.99 17.79 57.24
N LEU FC 78 -120.70 18.78 58.07
CA LEU FC 78 -119.87 19.90 57.66
C LEU FC 78 -118.40 19.50 57.74
N SER FC 79 -117.58 20.16 56.92
CA SER FC 79 -116.16 19.86 56.91
C SER FC 79 -115.40 21.05 56.34
N GLY FC 80 -114.52 21.63 57.14
CA GLY FC 80 -113.61 22.67 56.68
C GLY FC 80 -112.25 22.04 56.36
N SER FC 81 -111.64 22.52 55.29
CA SER FC 81 -110.37 21.99 54.83
C SER FC 81 -109.41 23.12 54.52
N TRP FC 82 -108.15 22.77 54.29
CA TRP FC 82 -107.13 23.76 53.98
C TRP FC 82 -107.32 24.39 52.61
N ASP FC 83 -108.21 23.86 51.78
CA ASP FC 83 -108.48 24.50 50.49
C ASP FC 83 -109.24 25.80 50.63
N GLY FC 84 -109.54 26.25 51.85
CA GLY FC 84 -110.28 27.47 52.07
C GLY FC 84 -111.77 27.35 51.92
N THR FC 85 -112.29 26.14 51.71
CA THR FC 85 -113.71 25.92 51.48
C THR FC 85 -114.28 24.99 52.54
N LEU FC 86 -115.57 25.18 52.83
CA LEU FC 86 -116.32 24.28 53.69
C LEU FC 86 -117.36 23.57 52.85
N ARG FC 87 -117.38 22.25 52.93
CA ARG FC 87 -118.30 21.43 52.14
C ARG FC 87 -119.32 20.77 53.05
N LEU FC 88 -120.60 20.94 52.70
CA LEU FC 88 -121.68 20.26 53.40
C LEU FC 88 -121.92 18.95 52.65
N TRP FC 89 -121.79 17.83 53.33
CA TRP FC 89 -122.01 16.54 52.72
C TRP FC 89 -123.34 15.96 53.18
N ASP FC 90 -123.98 15.19 52.31
CA ASP FC 90 -125.12 14.38 52.69
C ASP FC 90 -124.63 12.96 52.94
N LEU FC 91 -125.04 12.38 54.07
CA LEU FC 91 -124.52 11.06 54.41
C LEU FC 91 -125.21 9.95 53.62
N THR FC 92 -126.38 10.22 53.04
CA THR FC 92 -127.08 9.21 52.27
C THR FC 92 -126.32 8.85 51.00
N THR FC 93 -125.82 9.84 50.27
CA THR FC 93 -125.13 9.61 49.02
C THR FC 93 -123.64 9.95 49.06
N GLY FC 94 -123.21 10.79 50.00
CA GLY FC 94 -121.82 11.20 50.04
C GLY FC 94 -121.45 12.28 49.05
N THR FC 95 -122.41 13.13 48.67
CA THR FC 95 -122.19 14.17 47.67
C THR FC 95 -122.21 15.54 48.34
N THR FC 96 -121.32 16.42 47.90
CA THR FC 96 -121.24 17.77 48.43
C THR FC 96 -122.46 18.56 47.97
N THR FC 97 -123.46 18.68 48.83
CA THR FC 97 -124.67 19.40 48.50
C THR FC 97 -124.52 20.91 48.60
N ARG FC 98 -123.41 21.41 49.16
CA ARG FC 98 -123.22 22.84 49.35
C ARG FC 98 -121.75 23.09 49.61
N ARG FC 99 -121.23 24.18 49.03
CA ARG FC 99 -119.80 24.51 49.11
C ARG FC 99 -119.67 25.94 49.65
N PHE FC 100 -119.29 26.04 50.93
CA PHE FC 100 -119.11 27.34 51.55
C PHE FC 100 -117.74 27.90 51.15
N VAL FC 101 -117.74 29.11 50.60
CA VAL FC 101 -116.52 29.76 50.15
C VAL FC 101 -116.50 31.21 50.61
N GLY FC 102 -115.30 31.76 50.73
CA GLY FC 102 -115.13 33.13 51.17
C GLY FC 102 -113.82 33.36 51.90
N HIS FC 103 -113.34 32.33 52.59
CA HIS FC 103 -112.07 32.45 53.30
C HIS FC 103 -110.90 32.48 52.32
N THR FC 104 -109.86 33.23 52.70
CA THR FC 104 -108.72 33.43 51.82
C THR FC 104 -107.60 32.43 52.05
N LYS FC 105 -107.57 31.75 53.20
CA LYS FC 105 -106.51 30.80 53.49
C LYS FC 105 -107.11 29.55 54.13
N ASP FC 106 -106.25 28.76 54.77
CA ASP FC 106 -106.62 27.44 55.26
C ASP FC 106 -107.71 27.56 56.32
N VAL FC 107 -108.76 26.76 56.19
CA VAL FC 107 -109.79 26.65 57.22
C VAL FC 107 -109.38 25.58 58.21
N LEU FC 108 -109.38 25.93 59.50
CA LEU FC 108 -108.88 25.04 60.53
C LEU FC 108 -109.95 24.46 61.44
N SER FC 109 -111.13 25.06 61.50
CA SER FC 109 -112.15 24.59 62.41
C SER FC 109 -113.54 24.96 61.89
N VAL FC 110 -114.50 24.09 62.16
CA VAL FC 110 -115.89 24.33 61.80
C VAL FC 110 -116.77 23.83 62.95
N ALA FC 111 -117.79 24.61 63.28
CA ALA FC 111 -118.75 24.20 64.29
C ALA FC 111 -120.15 24.42 63.75
N PHE FC 112 -121.13 23.88 64.45
CA PHE FC 112 -122.45 23.67 63.90
C PHE FC 112 -123.48 23.85 64.99
N SER FC 113 -124.40 24.81 64.79
CA SER FC 113 -125.23 25.34 65.86
C SER FC 113 -126.08 24.25 66.51
N SER FC 114 -126.59 24.56 67.70
CA SER FC 114 -127.38 23.59 68.45
C SER FC 114 -128.63 23.17 67.70
N ASP FC 115 -129.31 24.14 67.07
CA ASP FC 115 -130.47 23.85 66.24
C ASP FC 115 -130.09 23.54 64.81
N ASN FC 116 -128.79 23.46 64.51
CA ASN FC 116 -128.30 23.16 63.17
C ASN FC 116 -128.73 24.22 62.15
N ARG FC 117 -128.87 25.46 62.62
CA ARG FC 117 -129.29 26.57 61.78
C ARG FC 117 -128.13 27.48 61.36
N GLN FC 118 -127.03 27.47 62.11
CA GLN FC 118 -125.90 28.35 61.84
C GLN FC 118 -124.63 27.53 61.75
N ILE FC 119 -123.71 27.99 60.91
CA ILE FC 119 -122.41 27.37 60.73
C ILE FC 119 -121.34 28.44 60.93
N VAL FC 120 -120.37 28.14 61.79
CA VAL FC 120 -119.27 29.06 62.06
C VAL FC 120 -117.98 28.41 61.56
N SER FC 121 -117.04 29.25 61.13
CA SER FC 121 -115.78 28.78 60.57
C SER FC 121 -114.63 29.61 61.10
N GLY FC 122 -113.52 28.94 61.40
CA GLY FC 122 -112.30 29.61 61.80
C GLY FC 122 -111.14 29.20 60.92
N SER FC 123 -110.55 30.16 60.22
CA SER FC 123 -109.50 29.89 59.24
C SER FC 123 -108.23 30.63 59.61
N ARG FC 124 -107.15 30.34 58.87
CA ARG FC 124 -105.89 31.00 59.08
C ARG FC 124 -105.91 32.46 58.63
N ASP FC 125 -106.98 32.90 57.97
CA ASP FC 125 -107.15 34.30 57.59
C ASP FC 125 -107.41 35.21 58.79
N LYS FC 126 -107.31 34.66 59.99
CA LYS FC 126 -107.46 35.40 61.25
C LYS FC 126 -108.85 36.00 61.42
N THR FC 127 -109.84 35.48 60.69
CA THR FC 127 -111.21 35.95 60.78
C THR FC 127 -112.14 34.79 61.11
N ILE FC 128 -113.18 35.10 61.87
CA ILE FC 128 -114.22 34.13 62.22
C ILE FC 128 -115.49 34.53 61.47
N LYS FC 129 -116.07 33.58 60.74
CA LYS FC 129 -117.19 33.86 59.85
C LYS FC 129 -118.41 33.03 60.24
N LEU FC 130 -119.59 33.59 59.99
CA LEU FC 130 -120.86 32.94 60.27
C LEU FC 130 -121.57 32.65 58.95
N TRP FC 131 -122.15 31.45 58.85
CA TRP FC 131 -122.76 30.99 57.61
C TRP FC 131 -124.16 30.47 57.89
N ASN FC 132 -125.03 30.61 56.89
CA ASN FC 132 -126.34 29.98 56.91
C ASN FC 132 -126.24 28.59 56.29
N THR FC 133 -127.37 27.90 56.21
CA THR FC 133 -127.38 26.59 55.57
C THR FC 133 -127.12 26.70 54.07
N LEU FC 134 -127.62 27.77 53.45
CA LEU FC 134 -127.50 27.95 52.00
C LEU FC 134 -126.08 28.27 51.55
N GLY FC 135 -125.10 28.31 52.46
CA GLY FC 135 -123.74 28.57 52.05
C GLY FC 135 -123.40 30.02 51.83
N VAL FC 136 -124.07 30.93 52.52
CA VAL FC 136 -123.83 32.37 52.39
C VAL FC 136 -123.25 32.87 53.71
N CYS FC 137 -122.11 33.56 53.62
CA CYS FC 137 -121.47 34.15 54.79
C CYS FC 137 -122.21 35.44 55.13
N LYS FC 138 -123.04 35.38 56.18
CA LYS FC 138 -123.84 36.54 56.56
C LYS FC 138 -123.00 37.60 57.24
N TYR FC 139 -122.00 37.19 58.02
CA TYR FC 139 -121.18 38.13 58.78
C TYR FC 139 -119.78 37.59 58.96
N THR FC 140 -118.80 38.48 58.91
CA THR FC 140 -117.41 38.18 59.21
C THR FC 140 -117.02 39.01 60.41
N VAL FC 141 -116.41 38.37 61.41
CA VAL FC 141 -115.90 39.10 62.57
C VAL FC 141 -114.45 39.50 62.30
N GLN FC 142 -114.26 40.51 61.46
CA GLN FC 142 -112.94 41.04 61.19
C GLN FC 142 -112.46 42.02 62.26
N ASP FC 143 -113.36 42.51 63.10
CA ASP FC 143 -113.04 43.46 64.16
C ASP FC 143 -113.07 42.73 65.49
N GLU FC 144 -112.07 43.00 66.34
CA GLU FC 144 -111.90 42.44 67.68
C GLU FC 144 -111.49 40.97 67.62
N SER FC 145 -111.24 40.42 66.43
CA SER FC 145 -110.91 39.02 66.29
C SER FC 145 -109.44 38.76 66.65
N HIS FC 146 -109.09 37.48 66.72
CA HIS FC 146 -107.72 37.08 67.02
C HIS FC 146 -106.76 37.66 66.00
N SER FC 147 -105.72 38.34 66.48
CA SER FC 147 -104.74 38.93 65.58
C SER FC 147 -103.89 37.89 64.88
N GLU FC 148 -103.99 36.63 65.28
CA GLU FC 148 -103.28 35.53 64.64
C GLU FC 148 -104.30 34.49 64.15
N TRP FC 149 -103.79 33.30 63.85
CA TRP FC 149 -104.63 32.23 63.35
C TRP FC 149 -105.73 31.87 64.35
N VAL FC 150 -106.92 31.60 63.84
CA VAL FC 150 -108.01 31.05 64.64
C VAL FC 150 -108.03 29.54 64.42
N SER FC 151 -107.86 28.79 65.50
CA SER FC 151 -107.65 27.35 65.40
C SER FC 151 -108.85 26.52 65.79
N CYS FC 152 -109.77 27.03 66.61
CA CYS FC 152 -110.92 26.24 67.02
C CYS FC 152 -112.07 27.16 67.41
N VAL FC 153 -113.27 26.82 66.94
CA VAL FC 153 -114.51 27.49 67.31
C VAL FC 153 -115.55 26.42 67.57
N ARG FC 154 -116.24 26.51 68.72
CA ARG FC 154 -117.22 25.50 69.12
C ARG FC 154 -118.46 26.15 69.70
N PHE FC 155 -119.62 25.75 69.18
CA PHE FC 155 -120.90 26.28 69.63
C PHE FC 155 -121.26 25.70 70.99
N SER FC 156 -122.22 26.34 71.64
CA SER FC 156 -122.66 25.91 72.95
C SER FC 156 -123.89 25.04 72.84
N PRO FC 157 -123.90 23.86 73.45
CA PRO FC 157 -125.13 23.05 73.50
C PRO FC 157 -126.24 23.74 74.29
N ASN FC 158 -125.90 24.70 75.15
CA ASN FC 158 -126.90 25.43 75.91
C ASN FC 158 -127.78 26.25 74.97
N SER FC 159 -129.09 26.01 75.04
CA SER FC 159 -130.02 26.80 74.24
C SER FC 159 -130.04 28.25 74.69
N SER FC 160 -130.01 28.49 76.00
CA SER FC 160 -129.98 29.84 76.52
C SER FC 160 -128.61 30.46 76.28
N ASN FC 161 -128.57 31.80 76.32
CA ASN FC 161 -127.41 32.65 76.06
C ASN FC 161 -126.54 32.08 74.94
N PRO FC 162 -126.94 32.23 73.69
CA PRO FC 162 -126.17 31.66 72.58
C PRO FC 162 -124.75 32.24 72.55
N ILE FC 163 -123.76 31.34 72.63
CA ILE FC 163 -122.36 31.70 72.76
C ILE FC 163 -121.50 30.83 71.85
N ILE FC 164 -120.65 31.48 71.06
CA ILE FC 164 -119.57 30.82 70.31
C ILE FC 164 -118.25 31.15 71.00
N VAL FC 165 -117.47 30.12 71.27
CA VAL FC 165 -116.15 30.28 71.86
C VAL FC 165 -115.12 30.13 70.75
N SER FC 166 -113.97 30.76 70.94
CA SER FC 166 -112.93 30.75 69.91
C SER FC 166 -111.56 30.84 70.56
N CYS FC 167 -110.69 29.91 70.22
CA CYS FC 167 -109.29 29.95 70.61
C CYS FC 167 -108.43 30.13 69.36
N GLY FC 168 -107.33 30.87 69.51
CA GLY FC 168 -106.47 31.17 68.40
C GLY FC 168 -105.00 31.17 68.81
N TRP FC 169 -104.15 31.42 67.83
CA TRP FC 169 -102.71 31.52 68.06
C TRP FC 169 -102.30 32.86 68.64
N ASP FC 170 -103.27 33.67 69.06
CA ASP FC 170 -102.99 34.93 69.75
C ASP FC 170 -102.89 34.74 71.26
N LYS FC 171 -102.86 33.50 71.73
CA LYS FC 171 -102.71 33.18 73.15
C LYS FC 171 -103.86 33.79 73.96
N LEU FC 172 -105.07 33.74 73.41
CA LEU FC 172 -106.22 34.38 74.03
C LEU FC 172 -107.48 33.66 73.58
N VAL FC 173 -108.35 33.35 74.55
CA VAL FC 173 -109.62 32.67 74.28
C VAL FC 173 -110.72 33.72 74.36
N LYS FC 174 -111.40 33.95 73.24
CA LYS FC 174 -112.48 34.93 73.16
C LYS FC 174 -113.81 34.21 73.01
N VAL FC 175 -114.80 34.63 73.79
CA VAL FC 175 -116.14 34.07 73.68
C VAL FC 175 -117.04 35.16 73.09
N TRP FC 176 -117.70 34.83 71.98
CA TRP FC 176 -118.51 35.78 71.23
C TRP FC 176 -119.98 35.41 71.36
N ASN FC 177 -120.81 36.36 71.80
CA ASN FC 177 -122.24 36.13 71.86
C ASN FC 177 -122.82 36.06 70.45
N LEU FC 178 -123.78 35.15 70.26
CA LEU FC 178 -124.35 34.95 68.93
C LEU FC 178 -125.47 35.94 68.63
N ALA FC 179 -126.14 36.47 69.66
CA ALA FC 179 -127.31 37.30 69.45
C ALA FC 179 -126.97 38.55 68.65
N ASN FC 180 -125.86 39.21 68.99
CA ASN FC 180 -125.41 40.39 68.27
C ASN FC 180 -124.05 40.19 67.60
N CYS FC 181 -123.45 39.01 67.74
CA CYS FC 181 -122.14 38.71 67.17
C CYS FC 181 -121.09 39.69 67.70
N LYS FC 182 -121.00 39.78 69.02
CA LYS FC 182 -120.03 40.64 69.67
C LYS FC 182 -119.40 39.90 70.84
N LEU FC 183 -118.25 40.42 71.27
CA LEU FC 183 -117.44 39.75 72.28
C LEU FC 183 -118.06 39.91 73.67
N LYS FC 184 -117.90 38.88 74.49
CA LYS FC 184 -118.35 38.90 75.88
C LYS FC 184 -117.21 39.12 76.86
N THR FC 185 -116.15 38.34 76.75
CA THR FC 185 -114.99 38.47 77.62
C THR FC 185 -113.78 37.84 76.96
N ASN FC 186 -112.59 38.29 77.38
CA ASN FC 186 -111.33 37.80 76.84
C ASN FC 186 -110.58 37.07 77.93
N HIS FC 187 -110.32 35.79 77.70
CA HIS FC 187 -109.63 34.94 78.67
C HIS FC 187 -108.18 34.78 78.25
N ILE FC 188 -107.28 35.39 79.01
CA ILE FC 188 -105.85 35.28 78.78
C ILE FC 188 -105.26 34.31 79.79
N GLY FC 189 -104.00 33.96 79.58
CA GLY FC 189 -103.29 33.10 80.50
C GLY FC 189 -102.41 32.08 79.80
N HIS FC 190 -102.77 31.73 78.57
CA HIS FC 190 -102.00 30.75 77.82
C HIS FC 190 -100.64 31.32 77.44
N THR FC 191 -99.58 30.54 77.65
CA THR FC 191 -98.23 30.91 77.29
C THR FC 191 -97.80 30.31 75.96
N GLY FC 192 -98.75 30.05 75.07
CA GLY FC 192 -98.45 29.46 73.78
C GLY FC 192 -99.71 29.43 72.93
N TYR FC 193 -99.53 29.06 71.67
CA TYR FC 193 -100.66 29.05 70.76
C TYR FC 193 -101.66 27.98 71.17
N LEU FC 194 -102.89 28.16 70.72
CA LEU FC 194 -104.01 27.31 71.12
C LEU FC 194 -104.48 26.45 69.96
N ASN FC 195 -104.75 25.18 70.24
CA ASN FC 195 -105.19 24.23 69.24
C ASN FC 195 -106.65 23.84 69.38
N THR FC 196 -107.15 23.67 70.61
CA THR FC 196 -108.49 23.17 70.81
C THR FC 196 -109.14 23.84 72.01
N VAL FC 197 -110.39 24.26 71.83
CA VAL FC 197 -111.26 24.68 72.93
C VAL FC 197 -112.55 23.89 72.79
N THR FC 198 -112.99 23.28 73.90
CA THR FC 198 -114.19 22.46 73.89
C THR FC 198 -115.11 22.89 75.02
N VAL FC 199 -116.39 23.01 74.71
CA VAL FC 199 -117.38 23.44 75.69
C VAL FC 199 -117.93 22.22 76.42
N SER FC 200 -118.43 22.46 77.62
CA SER FC 200 -119.03 21.40 78.41
C SER FC 200 -120.46 21.13 77.95
N PRO FC 201 -120.96 19.92 78.20
CA PRO FC 201 -122.36 19.63 77.81
C PRO FC 201 -123.38 20.56 78.42
N ASP FC 202 -123.15 21.01 79.65
CA ASP FC 202 -124.05 21.96 80.30
C ASP FC 202 -123.73 23.41 79.96
N GLY FC 203 -122.74 23.65 79.12
CA GLY FC 203 -122.34 25.01 78.80
C GLY FC 203 -121.75 25.78 79.96
N SER FC 204 -120.98 25.10 80.81
CA SER FC 204 -120.37 25.73 81.96
C SER FC 204 -118.85 25.73 81.93
N LEU FC 205 -118.23 24.80 81.20
CA LEU FC 205 -116.78 24.73 81.10
C LEU FC 205 -116.37 24.81 79.63
N CYS FC 206 -115.36 25.65 79.36
CA CYS FC 206 -114.79 25.81 78.01
C CYS FC 206 -113.30 25.52 78.05
N ALA FC 207 -112.95 24.29 78.42
CA ALA FC 207 -111.55 23.93 78.54
C ALA FC 207 -110.81 24.16 77.23
N SER FC 208 -109.61 24.75 77.33
CA SER FC 208 -108.79 25.04 76.17
C SER FC 208 -107.34 24.70 76.50
N GLY FC 209 -106.60 24.31 75.46
CA GLY FC 209 -105.21 23.97 75.62
C GLY FC 209 -104.46 24.17 74.32
N GLY FC 210 -103.14 24.03 74.39
CA GLY FC 210 -102.31 24.20 73.21
C GLY FC 210 -100.85 23.96 73.44
N LYS FC 211 -100.01 24.83 72.87
CA LYS FC 211 -98.56 24.66 72.98
C LYS FC 211 -98.07 24.81 74.42
N ASP FC 212 -98.79 25.58 75.23
CA ASP FC 212 -98.34 25.87 76.59
C ASP FC 212 -98.14 24.60 77.41
N GLY FC 213 -98.90 23.55 77.11
CA GLY FC 213 -98.73 22.27 77.78
C GLY FC 213 -99.67 22.05 78.96
N GLN FC 214 -100.49 23.02 79.30
CA GLN FC 214 -101.47 22.87 80.37
C GLN FC 214 -102.83 23.37 79.90
N ALA FC 215 -103.87 22.66 80.28
CA ALA FC 215 -105.24 23.01 79.91
C ALA FC 215 -105.93 23.69 81.08
N MET FC 216 -106.63 24.78 80.79
CA MET FC 216 -107.30 25.57 81.81
C MET FC 216 -108.81 25.43 81.67
N LEU FC 217 -109.48 25.36 82.83
CA LEU FC 217 -110.93 25.22 82.88
C LEU FC 217 -111.51 26.60 83.15
N TRP FC 218 -112.11 27.21 82.13
CA TRP FC 218 -112.77 28.49 82.30
C TRP FC 218 -114.29 28.30 82.33
N ASP FC 219 -114.97 29.33 82.83
CA ASP FC 219 -116.41 29.29 83.06
C ASP FC 219 -117.13 30.17 82.04
N LEU FC 220 -118.39 29.83 81.77
CA LEU FC 220 -119.17 30.54 80.77
C LEU FC 220 -120.28 31.36 81.40
N ASN FC 221 -120.96 30.80 82.41
CA ASN FC 221 -122.10 31.47 83.02
C ASN FC 221 -121.68 32.77 83.69
N GLU FC 222 -120.58 32.73 84.44
CA GLU FC 222 -120.03 33.93 85.06
C GLU FC 222 -118.86 34.48 84.26
N GLY FC 223 -117.86 33.65 83.98
CA GLY FC 223 -116.72 34.07 83.20
C GLY FC 223 -115.49 34.36 84.05
N LYS FC 224 -114.69 33.34 84.33
CA LYS FC 224 -113.49 33.47 85.13
C LYS FC 224 -112.73 32.15 85.05
N HIS FC 225 -111.53 32.14 85.63
CA HIS FC 225 -110.75 30.92 85.74
C HIS FC 225 -111.28 30.06 86.88
N LEU FC 226 -111.29 28.75 86.68
CA LEU FC 226 -111.70 27.80 87.69
C LEU FC 226 -110.54 26.94 88.21
N TYR FC 227 -109.76 26.39 87.30
CA TYR FC 227 -108.69 25.43 87.60
C TYR FC 227 -107.77 25.26 86.41
N THR FC 228 -106.47 25.25 86.69
CA THR FC 228 -105.42 24.99 85.71
C THR FC 228 -104.96 23.56 85.87
N LEU FC 229 -104.99 22.80 84.78
CA LEU FC 229 -104.54 21.42 84.77
C LEU FC 229 -103.34 21.30 83.86
N ASP FC 230 -102.27 20.68 84.37
CA ASP FC 230 -101.02 20.60 83.63
C ASP FC 230 -100.91 19.28 82.88
N GLY FC 231 -100.18 19.33 81.76
CA GLY FC 231 -99.90 18.13 81.00
C GLY FC 231 -98.44 18.09 80.60
N GLY FC 232 -98.01 16.92 80.13
CA GLY FC 232 -96.63 16.71 79.75
C GLY FC 232 -96.16 17.62 78.64
N ASP FC 233 -96.74 17.45 77.45
CA ASP FC 233 -96.37 18.26 76.29
C ASP FC 233 -97.65 18.89 75.73
N ILE FC 234 -97.57 19.31 74.47
CA ILE FC 234 -98.65 19.98 73.74
C ILE FC 234 -99.99 19.26 73.90
N ILE FC 235 -101.06 20.03 73.93
CA ILE FC 235 -102.43 19.53 73.87
C ILE FC 235 -103.01 19.97 72.54
N ASN FC 236 -103.27 19.01 71.66
CA ASN FC 236 -103.82 19.27 70.34
C ASN FC 236 -105.25 18.77 70.19
N ALA FC 237 -105.86 18.27 71.26
CA ALA FC 237 -107.24 17.83 71.21
C ALA FC 237 -107.82 17.87 72.63
N LEU FC 238 -109.15 17.87 72.69
CA LEU FC 238 -109.87 18.06 73.94
C LEU FC 238 -111.31 17.66 73.72
N CYS FC 239 -111.95 17.17 74.80
CA CYS FC 239 -113.38 16.86 74.78
C CYS FC 239 -113.81 16.42 76.16
N PHE FC 240 -115.02 16.83 76.56
CA PHE FC 240 -115.64 16.38 77.79
C PHE FC 240 -116.46 15.12 77.51
N SER FC 241 -116.35 14.13 78.37
CA SER FC 241 -117.22 12.97 78.26
C SER FC 241 -118.66 13.39 78.53
N PRO FC 242 -119.63 12.95 77.72
CA PRO FC 242 -121.02 13.34 78.01
C PRO FC 242 -121.60 12.66 79.23
N ASN FC 243 -121.30 11.37 79.44
CA ASN FC 243 -121.91 10.64 80.55
C ASN FC 243 -121.33 11.08 81.90
N ARG FC 244 -120.03 11.36 81.94
CA ARG FC 244 -119.35 11.69 83.19
C ARG FC 244 -118.85 13.13 83.13
N TYR FC 245 -118.32 13.59 84.26
CA TYR FC 245 -117.72 14.92 84.30
C TYR FC 245 -116.31 14.92 83.74
N TRP FC 246 -115.81 13.76 83.37
CA TRP FC 246 -114.38 13.60 83.08
C TRP FC 246 -113.98 14.41 81.86
N LEU FC 247 -112.77 14.95 81.90
CA LEU FC 247 -112.18 15.65 80.77
C LEU FC 247 -110.96 14.88 80.31
N CYS FC 248 -110.80 14.75 79.00
CA CYS FC 248 -109.63 14.10 78.43
C CYS FC 248 -108.97 14.98 77.38
N ALA FC 249 -107.64 14.88 77.32
CA ALA FC 249 -106.82 15.64 76.38
C ALA FC 249 -105.88 14.70 75.65
N ALA FC 250 -105.58 15.05 74.40
CA ALA FC 250 -104.59 14.31 73.62
C ALA FC 250 -103.20 14.90 73.84
N THR FC 251 -102.76 14.86 75.10
CA THR FC 251 -101.47 15.41 75.46
C THR FC 251 -100.34 14.63 74.81
N GLY FC 252 -99.88 15.10 73.65
CA GLY FC 252 -98.81 14.46 72.94
C GLY FC 252 -99.19 13.07 72.43
N PRO FC 253 -98.34 12.08 72.71
CA PRO FC 253 -98.57 10.74 72.18
C PRO FC 253 -99.37 9.87 73.12
N SER FC 254 -100.12 10.48 74.04
CA SER FC 254 -100.82 9.72 75.06
C SER FC 254 -102.06 10.46 75.52
N ILE FC 255 -103.22 9.80 75.43
CA ILE FC 255 -104.44 10.37 75.99
C ILE FC 255 -104.35 10.36 77.51
N LYS FC 256 -104.79 11.46 78.12
CA LYS FC 256 -104.86 11.54 79.58
C LYS FC 256 -106.27 12.00 79.97
N ILE FC 257 -106.90 11.25 80.87
CA ILE FC 257 -108.26 11.51 81.31
C ILE FC 257 -108.20 11.95 82.77
N TRP FC 258 -108.94 13.02 83.09
CA TRP FC 258 -108.95 13.56 84.45
C TRP FC 258 -110.38 13.75 84.91
N ASP FC 259 -110.63 13.41 86.17
CA ASP FC 259 -111.89 13.75 86.83
C ASP FC 259 -111.88 15.20 87.26
N LEU FC 260 -112.88 15.97 86.82
CA LEU FC 260 -112.93 17.38 87.16
C LEU FC 260 -113.10 17.59 88.66
N GLU FC 261 -113.94 16.77 89.30
CA GLU FC 261 -114.17 16.92 90.73
C GLU FC 261 -112.91 16.65 91.53
N GLY FC 262 -112.18 15.59 91.19
CA GLY FC 262 -111.00 15.23 91.93
C GLY FC 262 -109.73 15.89 91.44
N LYS FC 263 -109.74 16.38 90.20
CA LYS FC 263 -108.57 17.00 89.58
C LYS FC 263 -107.37 16.05 89.62
N ILE FC 264 -107.63 14.77 89.35
CA ILE FC 264 -106.62 13.73 89.40
C ILE FC 264 -106.59 13.03 88.05
N ILE FC 265 -105.47 12.37 87.78
CA ILE FC 265 -105.32 11.60 86.55
C ILE FC 265 -106.03 10.26 86.76
N VAL FC 266 -107.22 10.12 86.16
CA VAL FC 266 -107.97 8.87 86.26
C VAL FC 266 -107.17 7.75 85.64
N ASP FC 267 -106.79 7.93 84.38
CA ASP FC 267 -105.97 6.96 83.66
C ASP FC 267 -105.21 7.69 82.56
N GLU FC 268 -104.14 7.04 82.09
CA GLU FC 268 -103.35 7.58 80.99
C GLU FC 268 -103.12 6.46 79.97
N LEU FC 269 -103.43 6.74 78.71
CA LEU FC 269 -103.37 5.76 77.64
C LEU FC 269 -102.17 6.07 76.75
N LYS FC 270 -101.19 5.16 76.72
CA LYS FC 270 -99.92 5.39 76.04
C LYS FC 270 -99.82 4.63 74.73
N GLN FC 271 -100.94 4.51 74.00
CA GLN FC 271 -100.97 3.88 72.68
C GLN FC 271 -100.50 2.43 72.69
N GLU FC 272 -100.11 1.92 73.86
CA GLU FC 272 -99.57 0.57 74.00
C GLU FC 272 -98.41 0.34 73.04
N VAL FC 273 -97.56 1.36 72.90
CA VAL FC 273 -96.41 1.31 72.00
C VAL FC 273 -95.17 0.94 72.81
N ILE FC 274 -94.37 0.03 72.27
CA ILE FC 274 -93.14 -0.41 72.91
C ILE FC 274 -91.96 -0.38 71.93
N SER FC 275 -92.05 0.47 70.90
CA SER FC 275 -91.00 0.51 69.88
C SER FC 275 -89.66 0.95 70.49
N THR FC 276 -89.71 1.92 71.41
CA THR FC 276 -88.52 2.49 72.07
C THR FC 276 -87.32 2.58 71.14
N SER FC 277 -87.58 3.05 69.92
CA SER FC 277 -86.52 3.11 68.91
C SER FC 277 -85.45 4.13 69.29
N SER FC 278 -85.84 5.20 70.00
CA SER FC 278 -84.99 6.33 70.34
C SER FC 278 -84.51 7.08 69.11
N LYS FC 279 -85.07 6.80 67.94
CA LYS FC 279 -84.75 7.48 66.70
C LYS FC 279 -85.92 8.27 66.13
N ALA FC 280 -87.15 7.96 66.54
CA ALA FC 280 -88.34 8.62 66.02
C ALA FC 280 -89.34 8.84 67.16
N GLU FC 281 -90.06 9.94 67.07
CA GLU FC 281 -91.09 10.23 68.07
C GLU FC 281 -92.28 9.28 67.87
N PRO FC 282 -92.96 8.90 68.95
CA PRO FC 282 -94.10 7.99 68.80
C PRO FC 282 -95.26 8.68 68.14
N PRO FC 283 -96.19 7.93 67.55
CA PRO FC 283 -97.38 8.56 66.93
C PRO FC 283 -98.09 9.50 67.89
N GLN FC 284 -98.39 10.70 67.41
CA GLN FC 284 -98.95 11.76 68.25
C GLN FC 284 -100.46 11.77 68.10
N CYS FC 285 -101.17 11.72 69.23
CA CYS FC 285 -102.61 11.83 69.21
C CYS FC 285 -103.02 13.22 68.72
N THR FC 286 -103.95 13.27 67.78
CA THR FC 286 -104.38 14.53 67.18
C THR FC 286 -105.85 14.83 67.39
N SER FC 287 -106.72 13.84 67.28
CA SER FC 287 -108.16 14.01 67.44
C SER FC 287 -108.62 13.31 68.71
N LEU FC 288 -109.89 13.52 69.06
CA LEU FC 288 -110.41 12.92 70.28
C LEU FC 288 -111.93 13.10 70.32
N ALA FC 289 -112.68 12.01 70.39
CA ALA FC 289 -114.13 12.10 70.30
C ALA FC 289 -114.79 10.96 71.09
N TRP FC 290 -115.84 11.29 71.83
CA TRP FC 290 -116.58 10.32 72.63
C TRP FC 290 -117.75 9.77 71.81
N SER FC 291 -118.64 9.04 72.48
CA SER FC 291 -119.87 8.58 71.87
C SER FC 291 -121.01 8.79 72.86
N ALA FC 292 -122.23 8.90 72.33
CA ALA FC 292 -123.38 9.14 73.19
C ALA FC 292 -123.52 8.07 74.26
N ASP FC 293 -123.12 6.83 73.95
CA ASP FC 293 -123.13 5.77 74.95
C ASP FC 293 -122.11 6.02 76.04
N GLY FC 294 -121.10 6.83 75.77
CA GLY FC 294 -120.09 7.14 76.78
C GLY FC 294 -119.30 5.94 77.23
N GLN FC 295 -119.27 4.89 76.42
CA GLN FC 295 -118.50 3.69 76.69
C GLN FC 295 -117.24 3.58 75.87
N THR FC 296 -117.09 4.40 74.84
CA THR FC 296 -115.98 4.30 73.90
C THR FC 296 -115.48 5.68 73.51
N LEU FC 297 -114.16 5.82 73.49
CA LEU FC 297 -113.49 7.07 73.11
C LEU FC 297 -112.65 6.82 71.87
N PHE FC 298 -112.81 7.67 70.86
CA PHE FC 298 -112.11 7.52 69.59
C PHE FC 298 -111.07 8.62 69.47
N ALA FC 299 -109.86 8.25 69.04
CA ALA FC 299 -108.75 9.18 68.93
C ALA FC 299 -107.92 8.90 67.69
N GLY FC 300 -107.62 9.95 66.92
CA GLY FC 300 -106.77 9.84 65.76
C GLY FC 300 -105.32 10.09 66.08
N TYR FC 301 -104.43 9.58 65.22
CA TYR FC 301 -103.00 9.66 65.45
C TYR FC 301 -102.30 9.93 64.12
N THR FC 302 -101.01 10.27 64.21
CA THR FC 302 -100.21 10.55 63.04
C THR FC 302 -99.78 9.30 62.28
N ASP FC 303 -100.14 8.12 62.78
CA ASP FC 303 -99.84 6.86 62.12
C ASP FC 303 -100.87 6.51 61.06
N ASN FC 304 -101.67 7.48 60.63
CA ASN FC 304 -102.76 7.25 59.66
C ASN FC 304 -103.76 6.23 60.18
N LEU FC 305 -103.89 6.17 61.50
CA LEU FC 305 -104.74 5.20 62.17
C LEU FC 305 -105.43 5.85 63.36
N VAL FC 306 -106.64 5.39 63.64
CA VAL FC 306 -107.44 5.90 64.75
C VAL FC 306 -107.75 4.74 65.69
N ARG FC 307 -107.46 4.93 66.98
CA ARG FC 307 -107.58 3.89 67.99
C ARG FC 307 -108.84 4.09 68.81
N VAL FC 308 -109.45 2.98 69.21
CA VAL FC 308 -110.69 3.00 69.99
C VAL FC 308 -110.39 2.51 71.39
N TRP FC 309 -110.75 3.31 72.39
CA TRP FC 309 -110.50 3.00 73.78
C TRP FC 309 -111.83 2.73 74.48
N GLN FC 310 -111.92 1.59 75.17
CA GLN FC 310 -113.14 1.13 75.81
C GLN FC 310 -112.98 1.12 77.32
N VAL FC 311 -114.00 1.59 78.03
CA VAL FC 311 -113.99 1.56 79.49
C VAL FC 311 -114.11 0.11 79.95
N THR FC 312 -113.31 -0.25 80.96
CA THR FC 312 -113.41 -1.60 81.51
C THR FC 312 -114.70 -1.74 82.32
N ILE FC 313 -115.41 -2.83 82.08
CA ILE FC 313 -116.70 -3.07 82.73
C ILE FC 313 -116.48 -3.66 84.12
#